data_9P7L
#
_entry.id   9P7L
#
_cell.length_a   1.00
_cell.length_b   1.00
_cell.length_c   1.00
_cell.angle_alpha   90.00
_cell.angle_beta   90.00
_cell.angle_gamma   90.00
#
_symmetry.space_group_name_H-M   'P 1'
#
loop_
_entity.id
_entity.type
_entity.pdbx_description
1 polymer 'Transcription factor BTF3'
2 polymer 'P site tRNA'
3 polymer '28S rRNA'
4 polymer '5S rRNA'
5 polymer '5.8S rRNA'
6 polymer '60S ribosomal protein L8'
7 polymer 'Large ribosomal subunit protein uL3'
8 polymer '60S ribosomal protein L4'
9 polymer 'Large ribosomal subunit protein uL18'
10 polymer 'Large ribosomal subunit protein eL6'
11 polymer '60S ribosomal protein L7'
12 polymer '60S ribosomal protein L7a'
13 polymer '60S ribosomal protein L9'
14 polymer 'Ribosomal protein uL16-like'
15 polymer '60S ribosomal protein L11'
16 polymer 'Large ribosomal subunit protein eL13'
17 polymer '60S ribosomal protein L14'
18 polymer '60S ribosomal protein L15'
19 polymer '60S ribosomal protein L13a'
20 polymer '60S ribosomal protein L17'
21 polymer '60S ribosomal protein L18'
22 polymer '60S ribosomal protein L19'
23 polymer '60S ribosomal protein L18a'
24 polymer '60S ribosomal protein L21'
25 polymer 'Heparin-binding protein HBp15'
26 polymer '60S ribosomal protein L23'
27 polymer 'Ribosomal protein L24'
28 polymer '60S ribosomal protein L23a'
29 polymer '60S ribosomal protein L26'
30 polymer '60S ribosomal protein L27'
31 polymer '60S ribosomal protein L27a'
32 polymer 'Large ribosomal subunit protein eL29'
33 polymer '60S ribosomal protein L30'
34 polymer '60S ribosomal protein L31'
35 polymer '60S ribosomal protein L32'
36 polymer '60S ribosomal protein L35a'
37 polymer '60S ribosomal protein L34'
38 polymer '60S ribosomal protein L35'
39 polymer '60S ribosomal protein L36'
40 polymer '60S ribosomal protein L37'
41 polymer '60S ribosomal protein L38'
42 polymer '60S ribosomal protein L39'
43 polymer 'Large ribosomal subunit protein eL40'
44 polymer '60S ribosomal protein L41'
45 polymer '60S ribosomal protein L36a'
46 polymer '60S ribosomal protein L37a'
47 polymer '60S ribosomal protein L28'
48 polymer '60S acidic ribosomal protein P0'
49 polymer 'Large ribosomal subunit protein uL11'
50 polymer 'Small ribosomal subunit protein uS3'
51 polymer '40S ribosomal protein S5'
52 polymer '40S ribosomal protein S10'
53 polymer 'Small ribosomal subunit protein eS12'
54 polymer 'Small ribosomal subunit protein uS19'
55 polymer 'Small ribosomal subunit protein uS9'
56 polymer 'Small ribosomal subunit protein eS17'
57 polymer '40S ribosomal protein S18'
58 polymer '40S ribosomal protein S19'
59 polymer '40S ribosomal protein S20'
60 polymer 'Small ribosomal subunit protein eS25'
61 polymer '40S ribosomal protein S28'
62 polymer '40S ribosomal protein S29'
63 polymer 'Ubiquitin-40S ribosomal protein S27a'
64 polymer 'Receptor of activated protein C kinase 1'
65 polymer '40S ribosomal protein SA'
66 polymer '40S ribosomal protein S3a'
67 polymer '40S ribosomal protein S2'
68 polymer 'Small ribosomal subunit protein eS4, X isoform'
69 polymer '40S ribosomal protein S6'
70 polymer 'Small ribosomal subunit protein eS7'
71 polymer '40S ribosomal protein S8'
72 polymer '40S ribosomal protein S9'
73 polymer '40S ribosomal protein S11'
74 polymer '40S ribosomal protein S13'
75 polymer 'Small ribosomal subunit protein uS11'
76 polymer 'Small ribosomal subunit protein eS21'
77 polymer '40S ribosomal protein S15a'
78 polymer '40S ribosomal protein S23'
79 polymer '40S ribosomal protein S24'
80 polymer '40S ribosomal protein S26'
81 polymer 'Small ribosomal subunit protein eS27'
82 polymer 'Small ribosomal subunit protein eS30'
83 polymer '18S rRNA'
84 polymer 'A/T site tRNA'
85 polymer 'Elongation factor 1-alpha 1'
86 non-polymer 'MAGNESIUM ION'
87 non-polymer SPERMINE
88 non-polymer SPERMIDINE
89 non-polymer 'ZINC ION'
#
loop_
_entity_poly.entity_id
_entity_poly.type
_entity_poly.pdbx_seq_one_letter_code
_entity_poly.pdbx_strand_id
1 'polypeptide(L)' IMNQEKLAKLQAQVRIGGKGTARRKKKVVHR CI
2 'polyribonucleotide' GUCUCCGUAGUGUAGGGUAUCACGUUCGCCUAACACGCGAAAGGUCCUCGGUUCGAAACCGGGCGGAAACACCA Pt
3 'polyribonucleotide'
;CGCGACCUCAGAUCAGACGUGGCGACCCGCUGAAUUUAAGCAUAUUAGUCAGCGGAGGAGAAGAAACUAACCAGGAUUCC
CUCAGUAACGGCGAGUGAACAGGGAAGAGCCCAGCGCCGAAUCCCCGCCCCGCGGCGGGGCGCGGGACAUGUGGCGUACG
GAAGACCCGCUCCCCGGCGCCGCUCGUGGGGGGCCCAAGUCCUUCUGAUCGAGGCCCAGCCCGUGGACGGUGUGAGGCCG
GUAGCGGCCCCCGGCGCGCCGGGCCCGGGUCUUCCCGGAGUCGGGUUGCUUGGGAAUGCAGCCCAAAGCGGGUGGUAAAC
UCCAUCUAAGGCUAAAUACCGGCACGAGACCGAUAGUCAACAAGUACCGUAAGGGAAAGUUGAAAAGAACUUUGAAG
(A2M)G(A2M)GAGUUCAAGAGGGCGUGAAACCGUUAAGAGGUAAACGGGUGGGGUCCGCGCAGUCCGCCCGGAGGAUUC
AACCCGGCGGCGGGUCCGGCCGUGUCGGCGGCCCGGCGGAUCUUUCCCGCGCGGGGGACCGUCCCCCGACCGGCGACCGG
CCGCCGCCGGGCGCAUUUCCACCGCGGCGGUGCGCCGCGACCGGCUCCGGGACGGCUGGGAAGGCCCGGCGGGGAAGGUG
GCUCGGGGGCCCCCGAGUGUUACAGCCCCCCCGGCAGCAGCACUCGCCGAAUCCCGGGGCCGAGGGAGCGAGACCCGUCG
CCGCGCUCUCCCCCCUCGGGGGGGCCGGGCCACCCCUCCCACGGCGCGACCGCUCGGGGCGGACUGUCCCCAGUGCGCCC
CGGGCGGGUCGCGCCGUCGGGCCCGGGGGAGGCCACGCGCGCGUCCCCCGAAGAGGGGGACGGCGGAGCGAGCGCACGGG
GUCGGCGGCGACGUCGGCUACCCACCCGACCC(OMG)UCUUG(1MA)(A2M)AC(A2M)CGGACCAAGGAGU(OMC)UAA
CACGUGCGCGAGUCGGGGGCUCGCACGAAAGCCGCCGUGGCGCAAUGAAGGUGAAGGCCGGCGCGCUCGCCGGCCGAGGU
GGGAUCCCGAGGCCUCUCCAGUCCGCCGAGGGCGCACCACCGGCCCGUCUCGCCCGCCGCGCCGGGGAGGUGGAGCACGA
GCGCACGUGUUAGGACCC(OMG)A(A2M)AGAUGGUGA(A2M)C(PSU)AUGCCUGGGCAGGGCGAAGCCAGAGGAAACU
CUGGUGGAGGUCCG(PSU)AGCGGUCCUGACGUGCAAAUCGGUCGUCCGACCUGGGUAUAG(OMG)GGCGAAAGACUAAU
CGAACCAUCUAGUAGCUGGUUCCCUCCGAAGUUUCCC(PSU)CAGGA(PSU)AGCUGGCGCUCUCGCAGACCCGAGCCAC
GCAGUUUUAUCCGGUAAAGCGAA(PSU)GAUUAGAGGUCUUGGGGCCGAAACGAUCUCAACCUA(PSU)(PSU)CUCAAA
CUU(PSU)AAAUGGGUAAGAAGCCCGGCUCGCUGGCGUGGAGCCGGGCGUGGAAUGCGAGUGCCUAGUGGGCCAC(PSU)
U(PSU)UGGUAAGC(A2M)GAACUGGCGCUGCGGGAUGAACCGAACGCCGGGUUAAGGCGCCCGAUGCCGACGCUCAUCA
GACCCCAGAAAAGGUGUUGGUUGAUAUAGACAGCAGGACGGUGGCCAUGGAAGUCGGAAUCCGCUAAGGAGUGUGUAACA
ACUCACCUGCCGAAUCAACUAGCCCUGAAAAUGGAUGGCGCUGGAGCGUCGGGCCCAUACCCGGCCGUCGCCGGCAGUCG
AGAGUGGACGGGAGCGGCGGCCGGAGCCCCGCGGACGCUACGCCGCGACGAGUAGGAGGGCCGCUGCGGUGAGCCUUGAA
GCCUAGGGCGCGGGCCCGGGUGGAGCCGCCGCAGGUGCAGAU(OMC)UUGGUGGUAGU(A2M)(OMG)(OMC)AAAUAUU
CAAACGAGAACUUUGAAGGCCGAAGUGG(A2M)GAAGGGUUCCAUGUGAACAG(OMC)A(OMG)UUGAACAUGGGUCAGU
CGGUCCUGAGAGAUGGGCGAGCGCCGUUCCGAAGGGACGGGCGAUGGCCUCCGUUGCCCUCGGCCGAUCGAAAGGGAGUC
GGGUUCAGAUCCCCGAAUCCGGAGUGGCGGAGAUGGGCGCCGCGAGGCGUCCAGUGCGGUAACGCGACCGAUCCCGGAGA
AGCCGGCGGGAGCCCCGGGGAGAGUUCUCUU(PSU)UCUUUGUGAAGGGCAGGGCGCCCUGGAAUGGGUUCGCCCCGAGA
GAGGGGCCCGUGCCUUGGAAAGCGUCGCGGUUCCGGCGGCGUCCGGUGAGCUCUCGCUGGCCCUUGAAAAUCCGGGGGAG
AGGGUGUAAAUCUCGCGCCGGGCCGUACCC(A2M)UAUCCGCAGCAGGUCU(OMC)CAAGGUGAAC(A2M)GCCUCUGG
(OMC)AUGUUGGAACAA(OMU)G(PSU)AGGUAAGGGAAGUCGGCAAGC(OMC)GGAUCCGUAACUUC(OMG)GGAUAAG
GAUUGGCUCUAAGGGCUGGGUCGGUCGCGGCCGGCGCCUAGCAGCCGACUUAGAACUGGUGCGGACCAGG(OMG)GAAUC
CGAC(PSU)G(PSU)UUAAUUAAAACAAAGCAUCGCGAAGGCCCGCGGCGGGUGUUGACGCGAUGUGAUU(PSU)CUGCC
(OMC)AGUGCUCUGAAUGUCA(A2M)AGUGAAGAAAUUCAAUGAAGCGCGG(OMG)UAAACGGCGGGAGUAACUAUGACU
CUCUUAAGGUAGC(5MC)AA(A2M)UGCCUC(OMG)UCAUCUAAUUAGUGA(OMC)GCGCAUGAA(UY1)GGA(PSU)GA
(A2M)CGAG(A2M)UUCCCACUGU(OMC)CC(PSU)ACCUAC(PSU)A(PSU)CCAGCGAAACCAC(A2M)G(OMC)CAA
GGGAACGGGCU(PSU)GG(OMC)GGAAUCAGCGG(OMG)GAAAGAAGACCCUGUUGAGC(PSU)UGAC(OMU)CUAGUCU
GGCACGGUGAAGAGACAUGAGAACUCUGAUCGUUUUUUCACUGACCCGGUGAGGCGGGGGGGCGAGCCCCGAGGGGCUCU
CGCUUCUGGCGCCAAGCGCCCGGCCGCGCGCCGGCCGGGCGCGACCCGCUCCGGGGACAGUGCCAGGUGGGGAGUUUGAC
UG(OMG)GGCGGUACACCUGUCAAACGGUA(6MZ)CGCAGG(OMU)(OMG)UCCUAAGGCGAGCUCAGGGAGGACAGAAA
CCUCCCGUGGAGCAGAAGGGCAAAAGCUCGCUUGA(PSU)CU(PSU)GA(PSU)UUUCAG(OMU)ACGAA(PSU)ACAGA
CCGUGAAAGCGGGGCCUCACGAUCCUUCUGACCUU(PSU)UGGGUUU(PSU)AAGCAGGA(OMG)GUGUCAGAAAAGUUA
CCACAG(OMG)GAUAACUGGC(PSU)UGUGGCGGCCAAGCGUUCAUAGCGACG(PSU)CGCUUUUUGA(PSU)CCUU
(5MC)GAUGUCGG(OMC)(PSU)CUUCCUAUCAUUG(PSU)GAAGCAGAAUUCACCAAGCGU(PSU)(OMG)GAU(OMU)
(OMG)(PSU)UCACCCACUAAUAGGGAACG(PSU)G(A2M)GCUGGG(UR3)U(PSU)AGA(OMC)CGUCGUGAGACAGG
U(PSU)AGUUUUACCCUACUGAUG(A2M)UGUG(PSU)UG(PSU)UGCCAUGGUA(A2M)UCCUGCUCAGUACGAGAGGA
ACCGCAG(OMG)U(OMU)CA(OMG)ACAU(PSU)UGGUGUA(PSU)(OMG)UGCUUGGCUGAGGAGCCAAUGGGGCGAAG
CUACCA(PSU)CUGUGGGAUUAUGAC(PSU)GAACGCCUCUAAGUCAGAAUCCCGCCCAGGCGGAACGAUACGGCAGCGC
CGCGGAGCCUCGGUUGGCCUCGGAUAGCCGGUCCCCCGCCGGGGUCCGGUGCGGAGUGCCCUUCGUCCUGGGAAACGGGG
CGCGGCCGGAGAGGCGGCCGCCCCCUCGCCCGUCACGCACCGCACGUUCGUGGGGAACCUGGCGCUAAACCA(PSU)
(PSU)CGUAGACGACCUGCUUCUGGGUCGGGG(PSU)UUCGUACG(PSU)AGCAGAGCAGCUCCCUCGCUGCGAUCUAUU
GAAAGUCAGCCCUCGACACAAGGGUUUGU
;
L5
4 'polyribonucleotide'
;GUCUACGGCCAUACCACCCUGAACGCGCCCGAUCUCGUCUGAUCUCGGAAGCUAAGCAGGGUCGGGCCUGGUUAGUACUU
GGAUGGGAGACCGCCUGGGAAUACCGGGUGCUGUAGGCUU
;
L7
5 'polyribonucleotide'
;CGACUCUUAGCGGUGGAUCACUCGGCUCGUGCGUCGAUGAAGAACGCAGCUAGC(PSU)GCGAGAAUUAAUG(PSU)GAA
UU(OMG)CAGGACACAUUGAUCAUCGACACUUCGAACGCACUUGCGGCCCCGGGUUCCUCCCGGGGCUACGCCUGUCUGA
GCGUCGCU
;
L8
6 'polypeptide(L)'
;GRVIRGQRKGAGSVFRAHVKHRKGAARLRAVDFAERHGYIKGIVKDIIHDPGRGAPLAKVVFRDPYRFKKRTELFIAAEG
IHTGQFVYCGKKAQLNIGNVLPVGTMPEGTIVCCLEEKPGDRGKLARASGNYATVISHNPETKKTRVKLPSGSKKVISSA
NRAVVGVVAGGGRIDKPILKAGRAYHKYKAKRNCWPRVRGVAMNPVEHPFGGGNHQHIGKPSTIRRDAPAGRKVGLIAAR
RTGRLRGT
;
LA
7 'polypeptide(L)'
;SHRKFSAPRHGSLGFLPRKRSSRHRGKVKSFPKDDPSKPVHLTAFLGYKAGMTHIVREVDRPGSKVNKKEVVEAVTIVET
PPMVVVGIVGYVETPRGLRTFKTVFAEHISDECKRRFYKNWHKSKKKAFTKYCKKWQDEDGKKQLEKDFSSMKKYCQVIR
VIAHTQMRLLPLRQKKAHLMEIQVNGGTVAEKLDWARERLEQQVPVNQVFGQDEMIDVIGVTKGKGYKGVTSRWHTKKLP
RKTHRGLRKVACIGAWHPARVAFSVARAGQKGYHHRTEINKKIYKIGQGYLIKDGKLIKNNASTDYDLSDKSINPLGGFV
HYGEVTNDFVMLKGCVVGTKKRVLTLRKSLLVQTKRRALEKIDLKFIDTTSKFGHGRFQTMEEKKAFMGPLKKDRIAKEE
GA
;
LB
8 'polypeptide(L)'
;MACARPLISVYSEKGESSGKNVTLPAVFKAPIRPDIVNFVHTNLRKNNRQPYAVSELAGHQTSAESWGTGRAVARIPRVR
GGGTHRSGQGAFGNMCRGGRMFAPTKTWRRWHRRVNTTQKRYAICSALAASALPALVMSKGHRIEEVPELPLVVEDKVEG
YKKTKEAVLLLKKLKAWNDIKKVYASQRMRAGKGKMRNRRRIQRRGPCIIYNEDNGIIKAFRNIPGITLLNVSKLNILKL
APGGHVGRFCIWTESAFRKLDELYGTWRKAASLKSNYNLPMHKMINTDLSRILKSPEIQRALRAPRKKIHRRVLKKNPLK
NLRIMLKLNPYAKTMRRNTILRQARNHKLRVDKAAAAAAALQAKSDEK
;
LC
9 'polypeptide(L)'
;GFVKVVKNKAYFKRYQVKFRRRREGKTDYYARKRLVIQDKNKYNTPKYRMIVRVTNRDIICQIAYARIEGDMIVCAAYAH
ELPKYGVKVGLTNYAAAYCTGLLLARRLLNRFGMDKIYEGQVEVTGDEYNVESIDGQPGAFTCYLDAGLARTTTGNKVFG
ALKGAVDGGLSIPHSTKRFPGYDSESKEFNAEVHRKHIMGQNVADYMRYLMEEDEDAYKKQFSQYIKNSVTPDMMEEMYK
KAHAAIRENPVYEKKPKKEVKKKRWNRPKMSLAQKKDRVAQKKASFLRAQERA
;
LD
10 'polypeptide(L)'
;KGKPHCSRNPVLVRGIGRYSRSAMYSRKAMYKRKYSAAKSKVEKKKKEKVLATVTKPVGGDKNGGTRVVKLRKMPRYYPT
EDVPRKLLSHGKKPFSQHVRKLRASITPGTILIILTGRHRGKRVVFLKQLASGLLLVTGPLVLNRVPLRRTHQKFVIATS
TKIDISNVKIPKHLTDAYFKKKKLRKPRHQEGEIFDTEKEKYEITEQRKIDQKAVDSQILPKIKAIPQLQGYLRSVFALT
NGIYPHKLVF
;
LE
11 'polypeptide(L)'
;NFAELKIKRLRKKFAQKMLRKARRKLIYEKAKHYHKEYRQMYRTEIRMARMARKAGNFYVPAEPKLAFVIRIRGINGVSP
KVRKVLQLLRLRQIFNGTFVKLNKASINMLRIVEPYIAWGYPNLKSVNELIYKRGYGKINKKRIALTDNALIARSLGKYG
IICMEDLIHEIYTVGKRFKEANNFLWPFKLSSPRGGMKKKTTHFVEGGDAGNREDQINRLIRRMN
;
LF
12 'polypeptide(L)'
;KVVNPLFEKRPKNFGIGQDIQPKRDLTRFVKWPRYIRLQRQRAILYKRLKVPPAINQFTQALDRQTATQLLKLAHKYRPE
TKQEKKQRLLARAEKKAAGKGDVPTKRPPVLRAGVNTVTTLVENKKAQLVVIAHDVDPIELVVFLPALCRKMGVPYCIIK
GKARLGRLVHRKTCTTVAFTQVNSEDKGALAKLVEAIRTNYNDRYDEIRRHWGGNVLGPKSVARIAKLEKAKAKELATKL
G
;
LG
13 'polypeptide(L)'
;MKTILSNQTVDIPENVDITLKGRTVIVKGPRGTLRRDFNHINVELSLLGKKKKRLRVDKWWGNRKELATVRTICSHVQNM
IKGVTLGFRYKMRSVYAHFPINVVIQENGSLVEIRNFLGEKYIRRVRMRPGVACSVSQAQKDELILEGNDIELVSNSAAL
IQQATTVKNKDIRKFLDGIYVSEKGTVQQA
;
LH
14 'polypeptide(L)'
;GRRPARCYRYCKNKPYPKSRFCRGVPDAKIRIFDLGRKKAKVDEFPLGGHMVSDEYEQLSSEALEAARICANKYMVKSCG
RDGFHMRVRLHPFHVIRINKMLSCAGADRLQTGMRGAFGKPQGTVARVHIGQVIMSIRTKLQNEEHVIEALRRAKFKFPG
RQKIHISKKWGFTKFNADEFEDMVAKKCLIPDGCGVKYVPSHGPLDKWRVLHS
;
LI
15 'polypeptide(L)'
;QDQGEKENPMRELRIRKLCLNICVGESGDRLTRAAKVLEQLTGQTPVFSKARYTVRSFGIRRNEKIAVHCTVRGAKAEEI
LEKGLKVREYELRKNNFSDTGNFGFGIQEHIDLGIKYDPSIGIYGLDFYVVLGRPGFSIADKKRRTGCIGAKHRISKEEA
MRWFQQKYDGIILPGK
;
LJ
16 'polypeptide(L)'
;APSRNGMVLKPHFHKDWQRRVATWFNQPARKIRRRKARQAKARRIAPRPASGPIRPIVRCPTVRYHTKVRAGRGFSLEEL
RVAGIHKKVARTIGISVDPRRRNKSTESLQANVQRLKEYRSKLILFPRKPSAPKKGDSSAEELKLATQLTGPVMPVRNVY
KKEKARVITEEEKNFKAFASLRMARANARLFGIRAKRAKEAAEQDVEKKK
;
LL
17 'polypeptide(L)'
;VFRRFVEVGRVAYVSFGPHAGKLVAIVDVIDQNRALVDGPCTQVRRQAMPFKCMQLTDFILKFPHSAHQKYVRQAWQKAD
INTKWAATRWAKKIEARERKAKMTDFDRFKVMKAKKMRNRIIKNEVKKLQKAALLKASP
;
LM
18 'polypeptide(L)'
;GAYKYIQELWRKKQSDVMRFLLRVRCWQYRQLSALHRAPRPTRPDKARRLGYKAKQGYVIYRIRVRRGGRKRPVPKGATY
GKPVHHGVNQLKFARSLQSVAEERAGRHCGALRVLNSYWVGEDSTYKFFEVILIDPFHKAIRRNPDTQWITKPVHKHREM
RGLTSAGRKSRGLGKGHKFHHTIGGSRRAAWRRRNTLQLHRYR
;
LN
19 'polypeptide(L)'
;EVQVLVLDGRGHLLGRLAAIVAKQVLLGRKVVVVRCEGINISGNFYRNKLKYLAFLRKRMNTNPSRGPYHFRAPSRIFWR
TVRGMLPHKTKRGQAALDRLKVFDGIPPPYDKKKRMVVPAALKVVRLKPTRKFAYLGRLAHEVGWKYQAVTATLEEKRKE
KAKIHYRKKKQLMRLRKQAEKNVEKKIDKYTEVLKTHGLLV
;
LO
20 'polypeptide(L)'
;VRYSLDPENPTKSCKSRGSNLRVHFKNTRETAQAIKGMHIRKATKYLKDVTLQKQCVPFRRYNGGVGRCAQAKQWGWTQG
RWPKKSAEFLLHMLKNAESNAELKGLDVDSLVIEHIQVNKAPKMRRRTYRAHGRINPYMSSPCHIEMILTEKE
;
LP
21 'polypeptide(L)'
;GVDIRHNKDRKVRRKEPKSQDIYLRLLVKLYRFLARRTNSTFNQVVLKRLFMSRTNRPPLSLSRMIRKMKLPGRENKTAV
VVGTITDDVRVQEVPKLKVCALRVTSRARSRILRAGGKILTFDQLALDSPKGCGTVLLSGPRKGREVYRHFGKAPGTPHS
HTKPYVRSKGRKFERARGRRASRGYKN
;
LQ
22 'polypeptide(L)'
;SMLRLQKRLASSVLRCGKKKVWLDPNETNEIANANSRQQIRKLIKDGLIIRKPVTVHSRARCRKNTLARRKGRHMGIGKR
KGTANARMPEKVTWMRRMRILRRLLRRYRESKKIDRHMYHSLYLKVKGNVFKNKRILMEHIHKLKADKARKKLLADQAEA
RRSKTKEARKRREERLQAKKEEIIKTL
;
LR
23 'polypeptide(L)'
;KASGTLREYKVVGRCLPTPKCHTPPLYRMRIFAPNHVVAKSRFWYFVSQLKKMKKSSGEIVYCGQVFEKSPLRVKNFGIW
LRYDSRSGTHNMYREYRDLTTAGAVTQCYRDMGARHRARAHSIQIMKVEEIAASKCRRPAVKQFHDSKIKFPLPHRVLRR
QHKPRFTTKRPNTFF
;
LS
24 'polypeptide(L)'
;TNTKGKRRGTRYMFSRPFRKHGVVPLATYMRIYKKGDIVDIKGMGTVQKGMPHKCYHGKTGRVYNVTQHAVGIVVNKQVK
GKILAKRINVRIEHIKHSKSRDSFLKRVKENDQKKKEAKEKGTWVQLKRQPAPPREAHFVRTNGKEPELLEPIPYEFMA
;
LT
25 'polypeptide(L)'
;QVLKFTLDCTHPVEDGIMDAANFEQFLQERIKVNGKAGNLGGGVVTIERSKSKITVTSEVPFSKRYLKYLTKKYLKKNNL
RDWLRVVANSKESYELRYFQI
;
LU
26 'polypeptide(L)'
;SGAKFRISLGLPVGAVINCADNTGAKNLYIISVKGIKGRLNRLPAAGVGDMVMATVKKGKPELRKKVHPAVVIRQRKSYR
RKDGVFLYFEDNAGVIVNNKGEMKGSAITGPVAKECADLWPRIASNAGSIA
;
LV
27 'polypeptide(L)'
;MKVELCSFSGYKIYPGHGRRYARTDGKVFQFLNAKCESAFLSKRNPRQINWTVLYRRKHKKGQSEEIQKKRTRRAVKFQR
AITGASLADIMAKRNQKPEVRKAQREQAIRAAKEAKKAKQASKK
;
LW
28 'polypeptide(L)'
;KKKIRTSPTFRRPKTLRLRRQPKYPRKSAPRRNKLDHYAIIKFPLTTESAMKKIEDNNTLVFIVDVKANKHQIKQAVKKL
YDIDVAKVNTLIRPDGEKKAYVRLAPDYDALDVANKIGII
;
LX
29 'polypeptide(L)'
;MKFNPFVTSDRSKNRKRHFNAPSHIRRKIMSSPLSKELRQKYNVRSMPIRKDDEVQVVRGHYKGQQIGKVVQVYRKKYVI
YIERVQREKANGTTVHVGIHPSKVVITRLKLDKDRKKILERKAKSRQVGKEKGK
;
LY
30 'polypeptide(L)'
;GKFMKPGKVVLVLAGRYSGRKAVIVKNIDDGTSDRPYSHALVAGIDRYPRKVTAAMGKKKIAKRSKIKSFVKVYNYNHLM
PTRYSVDIPLDKTVVNKDVFRDPALKRKARREAKVKFEERYKTGKNKWFFQKLRF
;
LZ
31 'polypeptide(L)'
;PSRLRKTRKLRGHVSHGHGRIGKHRKHPGGRGNAGGLHHHRINFDKYHPGYFGKVGMKHYHLKRNQSFCPTVNLDKLWTL
VSEQTRVNAAKNKTGAAPIIDVVRSGYYKVLGKGKLPKQPVIVKAKFFSRRAEEKIKSVGGACVLVA
;
La
32 'polypeptide(L)'
;AKSKNHTTHNQSRKWHRNGIKKPRSQRYESLKGVDPKFLRNMRFAKKHNKKGLKKMQANNAKAMSARAEAIKALVKPKEV
KPKIPKGVSRKLDRLAYIAHPKLGKRARARIAKGLRLCRPK
;
Lb
33 'polypeptide(L)'
;KSLESINSRLQLVMKSGKYVLGYKQTLKMIRQGKAKLVILANNCPALRKSEIEYYAMLAKTGVHHYSGNNIELGTACGKY
YRVCTLAIIDPGDSDIIR
;
Lc
34 'polypeptide(L)'
;NEVVTREYTINIHKRIHGVGFKKRAPRALKEIRKFAMKEMGTPDVRIDTRLNKAVWAKGIRNVPYRIRVRLSRKRNEDED
SPNKLYTLVTYVPVTTFKNLQTVNVDE
;
Ld
35 'polypeptide(L)'
;AALRPLVKPKIVKKRTKKFIRHQSDRYVKIKRNWRKPRGIDNRVRRRFKGQILMPNIGYGSNKKTKHMLPSGFRKFLVHN
VKELEVLLMCNKSYCAEIAHNVSSKNRKAIVERAAQLAIRVTNPNARL
;
Le
36 'polypeptide(L)'
;SGRLWSKAIFAGYKRGLRNQREHTALLKIEGVYARDETEFYLGKRCAYVYKAKNNTVTPGGKPNKTRVIWGKVTRAHGNS
GMVRAKFRSNLPAKAIGHRIRVMLYPSRI
;
Lf
37 'polypeptide(L)'
;VQRLTYRRRLSYNTASNKTRLSRTPGNRIVYLYTKKVGKAPKSACGVCPGRLRGVRAVRPKVLMRLSKTKKHVSRAYGGS
MCAKCVRDRIKRAFLIEEQKIVVKVLKAQAQSQK
;
Lg
38 'polypeptide(L)'
;AKIKARDLRGKKKEELLKQLDDLKVELSQLRVAKVTGGAASKLSKIRVVRKSIARVLTVINQTQKENLRKFYKGKKYKPL
DLRPKKTRAMRRRLNKHEENLKTKKQQRKERLYPLRKYAVKA
;
Lh
39 'polypeptide(L)'
;ALRYPMAVGLNKGHKVTKNVSKPRHSRRRGRLTKHTKFVRDMIREVCGFAPYERRAMELLKVSKDKRALKFIKKRVGTHI
RAKRKREELSNVLAAMRKAAAK
;
Li
40 'polypeptide(L)'
;TKGTSSFGKRRNKTHTLCRRCGSKAYHLQKSTCGKCGYPAKRKRKYNWSAKAKRRNTTGTGRMRHLKIVYRRFRHGFREG
TTPKPK
;
Lj
41 'polypeptide(L)' PRKIEEIKDFLLTARRKDAKSVKIKKNKDNVKFKVRCSRYLYTLVITDKEKAEKLKQSLPPGLAVKELK Lk
42 'polypeptide(L)' SSHKTFRIKRFLAKKQKQNRPIPQWIRMKTGNKIRYNSKRRHWRRTKLGL Ll
43 'polypeptide(L)' IIEPSLRQLAQKYNCDKMICRKCYARLHPRAVNCRKKKCGHTNNLRPKKKVK Lm
44 'polypeptide(L)' MRAKWRKKRMRRLKRKRRKMRQRS Ln
45 'polypeptide(L)'
;VNVPKTRRTFCKKCGKHQPHKVTQYKKGKDSLYAQGKRRYDRKQSGYGGQTKPIFRKKAKTTKKIVLRLECVEPNCRSKR
MLAIKRCKHFELGGDKKRKGQVIQF
;
Lo
46 'polypeptide(L)'
;AKRTKKVGIVGKYGTRYGASLRKMVKKIEISQHAKYTCSFCGKTKMKRRAVGIWHCGSCMKTVAGGAWTYNTTSAVTVKS
AIRRLKELKDQ
;
Lp
47 'polypeptide(L)'
;SAHLQWMVVRNCSSFLIKRNKQTYSTEPNNLKARNSFRYNGLIHRKTVGVEPAADGKGVVVVIKRRSGQRKPATSYVRTT
INKNARATLSSIRHMIRKNKYRPDLRMAAIRRASAILRSQKPVMV
;
Lr
48 'polypeptide(L)'
;DRATWKSNYFLKIIQLLDDYPKCFIVGADNVGSKQMQQIRMSLRGKAVVLMGKNTMMRKAIRGHLENNPALEKLLPHIRG
NVGFVFTKEDLTEIRDMLLANKVPAAARAGAIAPCEVTVPAQNTGLGPEKTSFFQALGITTKISRGTIEILSDVQLIKTG
DKVGASEATLLNMLNISPFSFGLVIQQVFDNGSIYN
;
Ls
49 'polypeptide(L)'
;PNEIKVVYLRCTGGEVGATSALAPKIGPLGLSPKKVGDDIAKATGDWKGLRITVKLTIQNRQAQIEVVPSASALIIKALK
EPPRDRKKQKNIKHSGNITFDEIVNIARQMRHRSLARELSGTIKEILGTAQSVGCNVDGRHPHDIIDDINSGAVECP
;
Lt
50 'polypeptide(L)'
;MAVQISKKRKFVADGIFKAELNEFLTRELAEDGYSGVEVRVTPTRTEIIILATRTQNVLGEKGRRIRELTAVVQKRFGFP
EGSVELYAEKVATRGLCAIAQAESLRYKLLGGLAVRRACYGVLRFIMESGAKGCEVVVSGKLRGQRAKSMKFVDGLMIHS
GDPVNYYVDTAVRHVLLRQGVLGIKVKIMLPWDPTGKIGPKKPLPDHVSIVEPKDEILPTTPISEQK
;
SD
51 'polypeptide(L)'
;DIKLFGKWSTDDVQINDISLQDYIAVKEKYAKYLPHSAGRYAAKRFRKAQCPIVERLTNSMMMHGRNNGKKLMTVRIVKH
AFEIIHLLTGENPLQVLVNAIINSGPREDSTRIGRAGTVRRQAVDVSPLRRVNQAIWLLCTGAREAAFRNIKTIAECLAD
ELINAAKGSSNSYAIKKKDELERVAKSNR
;
SF
52 'polypeptide(L)'
;MLMPKKNRIAIYELLFKEGVMVAKKDVHMPKHPELADKNVPNLHVMKAMQSLKSRGYVKEQFAWRHFYWYLTNEGIQYLR
DYLHLPPEIVPATLRRSR
;
SK
53 'polypeptide(L)'
;VMDVNTALQEVLKTALIHDGLARGIREAAKALDKRQAHLCVLASNCDEPMYVKLVEALCAEHQINLIKVDDNKKLGEWVG
LCKIDREGKPRKVVGCSCVVVKDYGKESQAKDVIEEYFKCKK
;
SM
54 'polypeptide(L)'
;TYRGVDLDQLLDMSYEQLMQLYSARQRRRLNRGLRRKQHSLLKRLRKAKKEAPPMEKPEVVKTHLRDMIILPEMVGSMVG
VYNGKTFNQVEIKPEMIGHYLGEFSITYKPVKHGRPGIGAT
;
SP
55 'polypeptide(L)'
;SKGPLQSVQVFGRKKTATAVAHCKRGNGLIKVNGRPLEMIEPRTLQYKLLEPVLLLGKERFAGVDIRVRVKGGGHVAQIY
AIRQSISKALVAYYQKYVDEASKKEIKDILIQYDRTLLVADPRRCESKKFGGPGARARYQKSYR
;
SQ
56 'polypeptide(L)'
;MGRVRTKTVKKAARVIIEKYYTRLGNDFHTNKRVCEEIAIIPSKKLRNKIAGYVTHLMKRIQRGPVRGISIKLQEEERER
RDNYVPEVSALDQEIIEVDPDTKEMLKLLDFGSLSNLQVTQPTVGMNFKTPRGPV
;
SR
57 'polypeptide(L)'
;MSLVIPEKFQHILRVLNTNIDGRRKIAFAITAIKGVGRRYAHVVLRKADIDLTKRAGELTEDEVERVITIMQNPRQYKIP
DWFLNRQKDVKDGKYSQVLANGLDNKLREDLERLKKIRAHRGLRHFWGLRVRGQHTKTTGRRGRT
;
SS
58 'polypeptide(L)'
;PGVTVKDVNQQEFVRALAAFLKKSGKLKVPEWVDTVKLAKHKELAPYDENWFYTRAASTARHLYLRGGAGVGSMTKIYGG
RQRNGVMPSHFSRGSKSVARRVLQALEGLKMVEKDQDGGRKLTPQGQRDLDRIAGQVAAANKK
;
ST
59 'polypeptide(L)'
;AIHRIRITLTSRNVKSLEKVCADLIRGAKEKNLKVKGPVRMPTKTLRITTRKTPCGEGSKTWDRFQMRIHKRLIDLHSPS
EIVKQITSISIEPGVEVEVTIADA
;
SU
60 'polypeptide(L)' RDKLNNLVLFDKATYDKLCKEVPNYKLITPAVVSERLKIRGSLARAALQELLSKGLIKLVSKHRAQVIYTRNTKG SZ
61 'polypeptide(L)' RVQPIKLARVTKVLGRTGSQGQCTQVRVEFMDDTSRSIIRNVKGPVREGDVLTLLESEREARRL Sc
62 'polypeptide(L)' GHQQLYWSHPRKFGQGSRSCRVCSNRHGLIRKYGLNMCRQCFRQYAKDIGFIKLD Sd
63 'polypeptide(L)' YTTPKKNKHKRKKVKLAVLKYYKVDENGKISRLRRECPSDECGAGVFMASHFDRHYCGKCCLTYCFN Sf
64 'polypeptide(L)'
;TEQMTLRGTLKGHNGWVTQIATTPQFPDMILSASRDKTIIMWKLTRDETNYGIPQRALRGHSHFVSDVVISSDGQFALSG
SWDGTLRLWDLTTGTTTRRFVGHTKDVLSVAFSSDNRQIVSGSRDKTIKLWNTLGVCKYTVQDESHSEWVSCVRFSPNSS
NPIIVSCGWDKLVKVWNLANCKLKTNHIGHTGYLNTVTVSPDGSLCASGGKDGQAMLWDLNEGKHLYTLDGGDIINALCF
SPNRYWLCAATGPSIKIWDLEGKIIVDELKQEVISTSSKAEPPQCTSLAWSADGQTLFAGYTDNLVRVWQVTI
;
Sg
65 'polypeptide(L)'
;GALDVLQMKEEDVLKFLAAGTHLGGTNLDFQMEQYIYKRKSDGIYIINLKRTWEKLLLAARAIVAIENPADVSVISSRNT
GQRAVLKFAAATGATPIAGRFTPGTFTNQIQAAFREPRLLVVTDPRADHQPLTEASYVNLPTIALCNTDSPLRYVDIAIP
CNNKGAHSVGLMWWMLAREVLRMRGTISREHPWEVMPDLYFYRDPEEIEKEEQAAAEKAVT
;
SA
66 'polypeptide(L)'
;VVDPFSKKDWYDVKAPAMFNIRNIGKTLVTRTQGTKIASDGLKGRVFEVSLADLQNDEVAFRKFKLITEDVQGKNCLTNF
HGMDLTRDKMCSMVKKWQTMIEAHVDVKTTDGYLLRLFCVGFTKKRNNQIRKTSYAQHQQVRQIRKKMMEIMTREVQTND
LKEVVNKLIPDSIGKDIEKACQSIYPLHDVFVRKVKMLKKPKFELGKLMELHGE
;
SB
67 'polypeptide(L)'
;EWMPVTKLGRLVKDMKIKSLEEIYLFSLPIKESEIIDFFLGASLKDEVLKIMPVQKQTRAGQRTRFKAFVAIGDYNGHVG
LGVKCSKEVATAIRGAIILAKLSIVPVRRGYWGNKIGKPHTVPCKVTGRCGSVLVRLIPAPRGTGIVSAPVPKKLLMMAG
IDDCYTSARGCTATLGNFAKATFDAISKTYSYLTPDLWKETVFTKSPYQEFTDHLVKTHTRV
;
SC
68 'polypeptide(L)'
;ARGPKKHLKRVAAPKHWMLDKLTGVFAPRPSTGPHKLRECLPLIIFLRNRLKYALTGDEVKKICMQRFIKIDGKVRTDIT
YPAGFMDVISIDKTGENFRLIYDTKGRFAVHRITPEEAKYKLCKVRKIFVGTKGIPHLVTHDARTIRYPDPLIKVNDTIQ
IDLETGKITDFIKFDTGNLCMVTGGANLGRIGVITNRERHPGSFDVVHVKDANGNSFATRLSNIFVIGKGNKPWISLPRG
KGIRLTIAEERDKRLAAKQSSG
;
SE
69 'polypeptide(L)'
;MKLNISFPATGCQKLIEVDDERKLRTFYEKRMATEVAADALGEEWKGYVVRISGGNDKQGFPMKQGVLTHGRVRLLLSKG
HSCYRPRRTGERKRKSVRGCIVDANLSVLNLVIVKKGEKDIPGLTDTTVPRRLGPKRASRIRKLFNLSKEDDVRQYVVRK
PLNKEGKKPRTKAPKIQRLVTPRVLQHKRRRIALKKQRTKKNKEEAAEYAKLLAKRMKEAKEKRQEQIAKRRRLSSL
;
SG
70 'polypeptide(L)'
;SAKIVKPNGEKPDEFESGISQALLELEMNSDLKAQLRELNITAAKEIEVGGGRKAIIIFVPVPQLKSFQKIQVRLVRELE
KKFSGKHVVFIAQRRILPKPTRKSRTKNKQKRPRSRTLTAVHDAILEDLVFPSEIVGKRIRVKLDGSRLIKVHLDKAQQN
NVEHKVETFSGVYKKLTGKDVNFEFPEFQ
;
SH
71 'polypeptide(L)'
;GISRDNWHKRRKTGGKRKPYHKKRKYELGRPAANTKIGPRRIHTVRVRGGNKKYRALRLDVGNFSWGSECCTRKTRIIDV
VYNASNNELVRTKTLVKNCIVLIDSTPYRQWYESHYALPLGRKKGAKLTPEEEEILNKKRSKKIQKKYDERKKNAKISSL
LEEQFQQGKLLACIASRPGQCGRADGYVLEGKELEFYLRKIKARKG
;
SI
72 'polypeptide(L)'
;PVARSWVCRKTYVTPRRPFEKSRLDQELKLIGEYGLRNKREVWRVKFTLAKIRKAARELLTLDEKDPRRLFEGNALLRRL
VRIGVLDEGKMKLDYILGLKIEDFLERRLQTQVFKLGLAKSIHHARVLIRQRHIRVRKQVVNIPSFIVRLDSQKHIDFSL
RSPYGGGRPGRVKRKNAKKGQGGAG
;
SJ
73 'polypeptide(L)'
;ADIQTERAYQKQPTIFQNKKRVLLGETGKEKLPRYYKNIGLGFKTPKEAIEGTYIDKKCPFTGNVSIRGRILSGVVTKMK
MQRTIVIRRDYLHYIRKYNRFEKRHKNMSVHLSPCFRDVQIGDIVTVGECRPLSKTVRFNVLKVTKAAGTKKQ
;
SL
74 'polypeptide(L)'
;GRMHAPGKGLSQSALPYRRSVPTWLKLTSDDVKEQIYKLAKKGLTPSQIGVILRDSHGVAQVRFVTGNKILRILKSKGLA
PDLPEDLYHLIKKAVAVRKHLERNRKDKDAKFRLILIESRIHRLARYYKTKRVLPPNWKYESSTASALVA
;
SN
75 'polypeptide(L)'
;EQVISLGPQVAEGENVFGVCHIFASFNDTFVHVTDLSGKETICRVTGGMKVKADRDESSPYAAMLAAQDVAQRCKELGIT
ALHIKLRATGGNRTKTPGPGAQSALRALARSGMKIGRIEDVTPIPSDSTRRKGGRRGRRL
;
SO
76 'polypeptide(L)'
;MQNDAGEFVDLYVPRKCSASNRIIGAKDHASIQMNVAEVDKVTGRFNGQFKTYAICGAIRRMGESDDSILRLAKADGIVS
KNF
;
SV
77 'polypeptide(L)'
;VRMNVLADALKSINNAEKRGKRQVLIRPCSKVIVRFLTVMMKHGYIGEFEIIDDHRAGKIVVNLTGRLNKCGVISPRFDV
QLKDLEKWQNNLLPSRQFGFIVLTTSAGIMDHEEARRKHTGGKILGFFF
;
SW
78 'polypeptide(L)'
;GKCRGLRTARKLRSHRRDQKWHDKQYKKAHLGTALKANPFGGASHAKGIVLEKVGVEAKQPNSAIRKCVRVQLIKNGKKI
TAFVPNDGCLNFIEENDEVLVAGFGRKGHAVGDIPGVRFKVVKVANVSLLALYKGKKERPR
;
SX
79 'polypeptide(L)'
;NDTVTIRTRKFMTNRLLQRKQMVIDVLHPGKATVPKTEIREKLAKMYKTTPDVIFVFGFRTHFGGGKTTGFGMIYDSLDY
AKKNEPKHRLARHGLYEKKKTSRKQRKERKNRMKKVRGTAKANVGAGKKPK
;
SY
80 'polypeptide(L)'
;TKKRRNNGRAKKGRGHVQPIRCTNCARCVPKDKAIKKFVIRNIVEAAAVRDISEASVFDAYVLPKLYVKLHYCVSCAIHS
KVVRNRSREARKDRTPPPRFRP
;
Sa
81 'polypeptide(L)'
;PLAKDLLHPSPEEEKRKHKKKRLVQSPNSYFMDVKCPGCYKITTVFSHAQTVVLCVGCSTVLCQPTGGKARLTEGCSFRR
KQH
;
Sb
82 'polypeptide(L)' VHGSLARAGKVRGQTPKVAKQEKKKKKTGRAKRRMQYNRRFVNVVPTFGKKKGPNANS Se
83 'polyribonucleotide'
;UACCUGGUUGAUCCUGCCAGUAGCAU(A2M)UGCUUGUCUCAAAGAUUAAGCCAUGCAUGUCUAAGUACGCACGGCCGGU
ACAGUGAAACUGCGAA(PSU)GGCUC(A2M)UUAAA(PSU)CAG(PSU)UAUGGU(OMU)CCUU(OMU)GGUCGCUCGCU
CCUCUCCCACUUGGAUAACUGUGGUA(A2M)UUCUAG(A2M)GCUAA(OMU)A(OMC)AUGCCGACGGGCGCUGACCCCC
UUCGCGGGGGGGAUGCGUGCAUUUAUCAGUGGUGACUCUAGAUAACCUCGGGCCGAUCGCACGCCCCCCGUGGCGGCGAC
GACCCAUUCGAACGUC(OMU)GCCCUAUCAACUUUCGAUGGUAGUCGCCGUGCCUACCAUGGUGACCACGGG(PSU)GAC
GGGGAAUCAGGGUUCGAU(OMU)CCGGAGA(OMG)GGAGCCUGAGAAACGGCUACCACAU(OMC)CAAGG(A2M)AGGCA
GCAGGCGCGC(A2M)AAUUACCCACUCCCGACCCGGGGA(OMG)GUAGUGA(OMC)GAAAAAUAACAAUACAGGACUCUU
UCGAGGCCCUGUAAUUGGAAUGAGUCCACUUUAA(A2M)UCCUUUAACGAGGAUCCAUUGGAG(OMG)GCAAGUCUGGUG
CCAGCAGCCGCGG(OMU)AAUUCCAGCUCCAAUA(OMG)CGUA(PSU)A(PSU)UAAAGUUGCUGCAGUU(A2M)AAAAG
CUCGUAG(PSU)U(OMG)GA(PSU)CUUGGGAGCGGGCGUCCCCGCCCUCUCGGCCGGGGCCCGAAGCG(OMU)U(PSU)
ACUUUGAAAAAA(PSU)UAGAGUGUUCAAAGCAGGCCCGAGCCGCCUGGAUACCGCAGCUAGGAA(PSU)AA(PSU)
(OMG)GAAUAGGACCGCGGUUCUAUUUUGUUGGUUUUCGGAACUGAGGCCAUGAUUAAGAGGGACGGCCGGGGGCAUUCG
UAUUGCGCCGCUAGAGGUGAAAU(PSU)CUUGGACCGGCGCAAGACGGACCAGAGCGAAAGCAUU(PSU)GCCAAGAAUG
UUUUCAUUAAUCAAGA(A2M)CGAAAGUCGGAGG(PSU)(PSU)CGAAGACGA(PSU)CAGAUACCGUCGUAGUUCCGAC
CA(PSU)AAACGAUGCCGACCGGCGAUGCGGCGGCGUUAUUCCCAUGACCCGCCGGGCAGCUUCCGGGAAACCAAAGUCU
UUGGGUUCCGGGGGGAGUA(PSU)GG(PSU)UGCAAAGCUGAAACUUAAAGGAAUUGACGGAAGGGCACCACCAGGAGUG
GAGCC(PSU)GCGGCUUAAUU(PSU)GAC(B8N)CAACACGGGAAACCUCACCCGGC(OMC)CGGACACGGACAGGA
(OMU)UGACAGAUUGAUAGCUCUUUCUCGAUUCCGUGGGUGG(OMU)G(OMG)UGCAUGGC(4AC)GUUCUUAGUUGGUG
GAGCGAUUUGUCUGG(PSU)UAAUUCCGAUAACGA(A2M)CGAGACU(OMC)UGGCAUGCUAACUAGUUACGCGACCCCC
GAGCGGUCGGCGUCCCCCAACU(OMU)CUUAGAGGGACAAGUGGCGUUCAGCCACCCGAGAUUGAGCAAUAACA(OMG)G
UCUGUGAUGCCCUUAGAUGUCCGGGGCUGCACGCGCGCUACACUGACUGGCUCAGCGUGUGCCUACCCUACGCCGGCAGG
CGCGGGUAACCCGUUGAACCCCAUUCGUGAUGGGGAUCGGGGAUUGCAAUUAUUCCCCAUGAACGAG(G7M)AAUUCCCA
GUAAGUGCGGGUCAUAAGCUUGCGUUGAUUAAGUCCCUGCCCUUUGUACACACCG(OMC)CCGUCGCUACUACCGAUUGG
AUGGUUUAGUGAGGCCCUCGGAUCGGCCCCGCCGGGGUCGGCCCACGGCCCUGGCGGAGCGCUGAGAAGACGGUCGAACU
UGACUAUCUAGAGGAAGUAAAAGUCGUA(6MZ)CAAGGUUUC(4AC)GUAGGUG(MA6)(MA6)CCUGCGGAAGGAUCAU
UA
;
S2
84 'polyribonucleotide' GUCUCCGUAGUGUAGCGGUUAUCACGUUCGCCUAACACGCGAAAGGUCCUCGGUUCGAAACCGGGCGGAAACACCA AT
85 'polypeptide(L)'
;EKTHINIVVIGHVDSGKSTTTGHLIYKCGGIDKRTIEKFEKEAAEMGKGSFKYAWVLDKLKAERERGITIDISLWKFETS
KYYVTIIDAPGHRDFIKNMITGTSQADCAVLIVAAGVGEFEAGISKNGQTREHALLAYTLGVKQLIVGVNKMDSTEPPY
(SEP)QKRYEEIVKEVSTYIKKIGYNPDTVAFVPISGWNGDNMLEPSANMPWFKGWKVTRKDGNASGTTLLEALDCILPP
TRPTDKPLRLPLQDVYKIGGIGTVPVGRVETGVLKPGMVVTFAPVNVTTEVKSVEMHHEALSEALPGDNVGFNVKNVSVK
DVRRGNVAGDSKNDPPMEAAGFTAQVIILNHPGQISAGYAPVLDCHTAHIACKFAELKEKIDRRSGKKLEDGPKFLKSGD
AAIVDMVPGKPMCVESFSDYPPLGRFAVRDMRQTVAVGVIKAVDKK
;
CF
#
loop_
_chem_comp.id
_chem_comp.type
_chem_comp.name
_chem_comp.formula
1MA RNA linking 6-HYDRO-1-METHYLADENOSINE-5'-MONOPHOSPHATE 'C11 H16 N5 O7 P'
4AC RNA linking N(4)-ACETYLCYTIDINE-5'-MONOPHOSPHATE 'C11 H16 N3 O9 P'
5MC RNA linking 5-METHYLCYTIDINE-5'-MONOPHOSPHATE 'C10 H16 N3 O8 P'
6MZ RNA linking N6-METHYLADENOSINE-5'-MONOPHOSPHATE 'C11 H16 N5 O7 P'
A RNA linking ADENOSINE-5'-MONOPHOSPHATE 'C10 H14 N5 O7 P'
A2M RNA linking '2'-O-methyladenosine 5'-(dihydrogen phosphate)' 'C11 H16 N5 O7 P'
B8N RNA linking '(2~{R})-2-azanyl-4-[5-[(2~{S},3~{R},4~{S},5~{R})-3,4-bis(oxidanyl)-5-(phosphonooxymethyl)oxolan-2-yl]-3-methyl-2,6-bis(oxidanylidene)pyrimidin-1-yl]butanoic acid' 'C14 H22 N3 O11 P'
C RNA linking CYTIDINE-5'-MONOPHOSPHATE 'C9 H14 N3 O8 P'
G RNA linking GUANOSINE-5'-MONOPHOSPHATE 'C10 H14 N5 O8 P'
G7M RNA linking N7-METHYL-GUANOSINE-5'-MONOPHOSPHATE 'C11 H17 N5 O8 P 1'
MA6 RNA linking 6N-DIMETHYLADENOSINE-5'-MONOPHOSHATE 'C12 H18 N5 O7 P'
MG non-polymer 'MAGNESIUM ION' 'Mg 2'
OMC RNA linking O2'-METHYLYCYTIDINE-5'-MONOPHOSPHATE 'C10 H16 N3 O8 P'
OMG RNA linking O2'-METHYLGUANOSINE-5'-MONOPHOSPHATE 'C11 H16 N5 O8 P'
OMU RNA linking 'O2'-METHYLURIDINE 5'-MONOPHOSPHATE' 'C10 H15 N2 O9 P'
PSU RNA linking PSEUDOURIDINE-5'-MONOPHOSPHATE 'C9 H13 N2 O9 P'
SPD non-polymer SPERMIDINE 'C7 H19 N3'
SPM non-polymer SPERMINE 'C10 H26 N4'
U RNA linking URIDINE-5'-MONOPHOSPHATE 'C9 H13 N2 O9 P'
UR3 RNA linking 3-METHYLURIDINE-5'-MONOPHOSHATE 'C10 H15 N2 O9 P'
UY1 RNA linking 2'-O-methylpseudouridine-5'-monophosphate 'C10 H15 N2 O9 P'
ZN non-polymer 'ZINC ION' 'Zn 2'
#
# COMPACT_ATOMS: atom_id res chain seq x y z
N ILE A 1 77.08 51.00 -72.59
CA ILE A 1 75.92 51.43 -73.37
C ILE A 1 75.06 50.23 -73.74
N MET A 2 73.85 50.48 -74.20
CA MET A 2 72.89 49.43 -74.50
C MET A 2 72.74 49.29 -76.00
N ASN A 3 72.83 48.05 -76.49
CA ASN A 3 72.45 47.72 -77.85
C ASN A 3 71.39 46.62 -77.80
N GLN A 4 70.94 46.20 -78.99
CA GLN A 4 69.82 45.27 -79.08
C GLN A 4 70.14 43.93 -78.43
N GLU A 5 71.37 43.44 -78.61
CA GLU A 5 71.76 42.18 -78.00
C GLU A 5 71.77 42.28 -76.48
N LYS A 6 72.27 43.40 -75.95
CA LYS A 6 72.34 43.59 -74.51
C LYS A 6 70.96 43.76 -73.90
N LEU A 7 70.06 44.47 -74.60
CA LEU A 7 68.72 44.70 -74.08
C LEU A 7 67.91 43.41 -73.99
N ALA A 8 67.97 42.58 -75.04
CA ALA A 8 67.13 41.39 -75.10
C ALA A 8 67.48 40.39 -74.00
N LYS A 9 68.73 40.36 -73.58
CA LYS A 9 69.13 39.48 -72.48
C LYS A 9 68.98 40.16 -71.13
N LEU A 10 69.03 41.50 -71.09
CA LEU A 10 68.81 42.22 -69.85
C LEU A 10 67.41 41.99 -69.30
N GLN A 11 66.41 41.89 -70.19
CA GLN A 11 65.05 41.61 -69.77
C GLN A 11 64.97 40.34 -68.93
N ALA A 12 65.82 39.37 -69.22
CA ALA A 12 65.78 38.12 -68.47
C ALA A 12 66.26 38.32 -67.03
N GLN A 13 67.42 38.94 -66.85
CA GLN A 13 68.03 38.96 -65.52
C GLN A 13 67.25 39.85 -64.55
N VAL A 14 66.61 40.91 -65.05
CA VAL A 14 65.87 41.79 -64.15
C VAL A 14 64.58 41.14 -63.67
N ARG A 15 64.06 40.15 -64.38
CA ARG A 15 62.86 39.43 -63.98
C ARG A 15 63.27 38.24 -63.12
N ILE A 16 62.96 38.31 -61.83
CA ILE A 16 63.24 37.21 -60.90
C ILE A 16 61.96 36.58 -60.39
N GLY A 17 60.85 36.80 -61.10
CA GLY A 17 59.59 36.22 -60.68
C GLY A 17 58.50 36.56 -61.69
N GLY A 18 57.32 36.05 -61.42
CA GLY A 18 56.17 36.28 -62.25
C GLY A 18 55.59 37.67 -62.06
N LYS A 19 54.42 37.87 -62.65
CA LYS A 19 53.74 39.16 -62.57
C LYS A 19 53.40 39.49 -61.13
N GLY A 20 53.72 40.71 -60.72
CA GLY A 20 53.44 41.16 -59.37
C GLY A 20 54.59 41.04 -58.40
N THR A 21 55.80 40.77 -58.87
CA THR A 21 56.98 40.71 -58.02
C THR A 21 57.95 41.81 -58.40
N ALA A 22 58.71 42.27 -57.41
CA ALA A 22 59.65 43.37 -57.64
C ALA A 22 60.76 42.95 -58.59
N ARG A 23 61.22 43.91 -59.38
CA ARG A 23 62.29 43.65 -60.33
C ARG A 23 63.64 43.69 -59.64
N ARG A 24 64.59 42.95 -60.20
CA ARG A 24 65.96 42.99 -59.72
C ARG A 24 66.59 44.34 -60.03
N LYS A 25 67.30 44.89 -59.04
CA LYS A 25 67.88 46.20 -59.21
C LYS A 25 69.28 46.14 -59.81
N LYS A 26 70.14 45.25 -59.29
CA LYS A 26 71.51 45.19 -59.74
C LYS A 26 72.09 43.81 -59.45
N LYS A 27 73.17 43.50 -60.17
CA LYS A 27 74.00 42.33 -59.86
C LYS A 27 75.44 42.74 -60.15
N VAL A 28 76.14 43.21 -59.13
CA VAL A 28 77.46 43.79 -59.27
C VAL A 28 78.48 42.86 -58.62
N VAL A 29 79.54 42.57 -59.35
CA VAL A 29 80.67 41.81 -58.82
C VAL A 29 81.80 42.78 -58.52
N HIS A 30 82.43 42.62 -57.35
CA HIS A 30 83.56 43.43 -56.95
C HIS A 30 84.47 42.59 -56.07
N ARG A 31 85.75 42.57 -56.40
CA ARG A 31 86.71 41.81 -55.61
C ARG A 31 87.62 42.77 -54.84
P A2M C 398 83.29 -4.28 -44.31
OP1 A2M C 398 83.52 -4.92 -42.98
O5' A2M C 398 82.93 -5.42 -45.67
C5' A2M C 398 81.84 -6.20 -45.53
C4' A2M C 398 81.22 -6.41 -46.90
O4' A2M C 398 81.37 -5.22 -47.65
C3' A2M C 398 81.91 -7.50 -47.69
O3' A2M C 398 81.59 -8.73 -47.12
C2' A2M C 398 81.48 -7.16 -49.11
O2' A2M C 398 80.13 -7.41 -49.37
C1' A2M C 398 81.70 -5.64 -48.96
CM' A2M C 398 79.79 -6.92 -50.64
N9 A2M C 398 83.02 -5.18 -49.27
C8 A2M C 398 84.14 -4.85 -48.50
N7 A2M C 398 85.19 -4.47 -49.23
C5 A2M C 398 84.72 -4.55 -50.52
C6 A2M C 398 85.28 -4.29 -51.75
N6 A2M C 398 86.58 -3.86 -51.87
N1 A2M C 398 84.60 -4.46 -52.91
C2 A2M C 398 83.33 -4.89 -52.78
N3 A2M C 398 82.63 -5.17 -51.68
C4 A2M C 398 83.38 -4.99 -50.58
OP2 A2M C 398 84.45 -3.68 -45.05
P A2M C 400 85.80 -13.50 -51.85
OP1 A2M C 400 85.36 -14.87 -51.45
O5' A2M C 400 86.64 -13.39 -53.44
C5' A2M C 400 85.87 -13.57 -54.53
C4' A2M C 400 86.72 -13.34 -55.76
O4' A2M C 400 86.86 -11.96 -55.93
C3' A2M C 400 88.09 -13.93 -55.55
O3' A2M C 400 87.98 -15.27 -55.87
C2' A2M C 400 88.97 -13.04 -56.40
O2' A2M C 400 88.92 -13.31 -57.76
C1' A2M C 400 88.23 -11.72 -56.11
CM' A2M C 400 89.54 -12.29 -58.49
N9 A2M C 400 88.70 -10.91 -55.01
C8 A2M C 400 88.28 -10.78 -53.70
N7 A2M C 400 89.01 -9.89 -53.00
C5 A2M C 400 89.94 -9.46 -53.92
C6 A2M C 400 90.97 -8.55 -53.87
N6 A2M C 400 91.27 -7.87 -52.72
N1 A2M C 400 91.76 -8.28 -54.94
C2 A2M C 400 91.46 -8.96 -56.07
N3 A2M C 400 90.50 -9.87 -56.30
C4 A2M C 400 89.77 -10.07 -55.18
OP2 A2M C 400 86.93 -12.85 -51.12
P OMG C 902 52.18 -41.37 -21.14
OP1 OMG C 902 53.22 -42.37 -20.68
OP2 OMG C 902 50.71 -41.78 -21.28
O5' OMG C 902 52.24 -40.09 -20.20
C5' OMG C 902 53.49 -39.63 -19.70
C4' OMG C 902 53.33 -38.37 -18.89
O4' OMG C 902 52.81 -37.31 -19.73
C3' OMG C 902 52.33 -38.43 -17.75
O3' OMG C 902 52.82 -39.10 -16.61
C2' OMG C 902 52.03 -36.97 -17.52
O2' OMG C 902 53.12 -36.34 -16.85
CM2 OMG C 902 52.94 -34.95 -16.69
C1' OMG C 902 52.01 -36.45 -18.95
N9 OMG C 902 50.66 -36.43 -19.52
C8 OMG C 902 50.13 -37.30 -20.44
N7 OMG C 902 48.91 -37.00 -20.75
C5 OMG C 902 48.61 -35.90 -19.99
C6 OMG C 902 47.42 -35.13 -19.90
O6 OMG C 902 46.37 -35.29 -20.49
N1 OMG C 902 47.57 -34.08 -18.99
C2 OMG C 902 48.70 -33.81 -18.28
N2 OMG C 902 48.66 -32.76 -17.45
N3 OMG C 902 49.79 -34.52 -18.37
C4 OMG C 902 49.69 -35.53 -19.22
P 1MA C 908 40.80 -43.94 -18.18
OP1 1MA C 908 41.72 -44.94 -18.87
OP2 1MA C 908 41.22 -43.32 -16.87
O5' 1MA C 908 40.49 -42.77 -19.19
C5' 1MA C 908 40.03 -43.04 -20.50
C4' 1MA C 908 40.49 -41.98 -21.47
O4' 1MA C 908 39.90 -40.72 -21.09
C3' 1MA C 908 42.00 -41.77 -21.53
O3' 1MA C 908 42.40 -41.56 -22.88
C2' 1MA C 908 42.19 -40.48 -20.73
O2' 1MA C 908 43.33 -39.73 -21.10
C1' 1MA C 908 40.90 -39.73 -21.04
N9 1MA C 908 40.51 -38.76 -20.01
C8 1MA C 908 41.10 -38.54 -18.81
N7 1MA C 908 40.49 -37.60 -18.15
C5 1MA C 908 39.48 -37.19 -18.95
C6 1MA C 908 38.49 -36.18 -18.74
N6 1MA C 908 38.42 -35.47 -17.69
N1 1MA C 908 37.62 -36.10 -19.84
CM1 1MA C 908 36.57 -35.12 -19.76
C2 1MA C 908 37.73 -36.86 -20.94
N3 1MA C 908 38.62 -37.77 -21.15
C4 1MA C 908 39.47 -37.90 -20.11
P A2M C 909 42.84 -42.81 -23.78
OP1 A2M C 909 41.80 -43.89 -23.77
O5' A2M C 909 43.23 -42.12 -25.39
C5' A2M C 909 44.25 -41.25 -25.42
C4' A2M C 909 43.92 -40.14 -26.42
O4' A2M C 909 43.14 -40.69 -27.42
C3' A2M C 909 43.13 -39.04 -25.74
O3' A2M C 909 44.05 -38.22 -25.12
C2' A2M C 909 42.27 -38.50 -26.88
O2' A2M C 909 42.94 -37.62 -27.74
C1' A2M C 909 42.04 -39.82 -27.60
CM' A2M C 909 42.09 -36.61 -28.19
N9 A2M C 909 40.82 -40.55 -27.38
C8 A2M C 909 40.56 -41.84 -26.93
N7 A2M C 909 39.26 -42.13 -26.88
C5 A2M C 909 38.65 -40.97 -27.34
C6 A2M C 909 37.35 -40.59 -27.54
N6 A2M C 909 36.29 -41.45 -27.28
N1 A2M C 909 37.01 -39.37 -28.01
C2 A2M C 909 38.04 -38.53 -28.25
N3 A2M C 909 39.35 -38.73 -28.13
C4 A2M C 909 39.61 -39.98 -27.65
OP2 A2M C 909 44.28 -43.17 -23.51
P A2M C 912 35.66 -32.23 -22.18
OP1 A2M C 912 36.08 -33.61 -22.57
O5' A2M C 912 37.34 -31.78 -21.70
C5' A2M C 912 37.58 -30.50 -21.39
C4' A2M C 912 38.26 -30.44 -20.04
O4' A2M C 912 38.26 -31.73 -19.50
C3' A2M C 912 39.69 -29.96 -20.12
O3' A2M C 912 39.63 -28.58 -20.13
C2' A2M C 912 40.33 -30.65 -18.93
O2' A2M C 912 40.07 -30.02 -17.72
C1' A2M C 912 39.53 -31.96 -18.99
CM' A2M C 912 40.36 -30.84 -16.63
N9 A2M C 912 40.12 -33.06 -19.68
C8 A2M C 912 39.86 -33.64 -20.91
N7 A2M C 912 40.65 -34.69 -21.17
C5 A2M C 912 41.45 -34.78 -20.04
C6 A2M C 912 42.46 -35.61 -19.64
N6 A2M C 912 42.90 -36.65 -20.45
N1 A2M C 912 43.10 -35.49 -18.47
C2 A2M C 912 42.67 -34.48 -17.69
N3 A2M C 912 41.71 -33.58 -17.90
C4 A2M C 912 41.13 -33.78 -19.11
OP2 A2M C 912 34.60 -32.05 -21.14
N1 OMC C 926 70.88 -33.56 5.74
C2 OMC C 926 70.02 -32.96 6.66
N3 OMC C 926 68.76 -33.40 6.74
C4 OMC C 926 68.32 -34.36 5.98
C5 OMC C 926 69.14 -35.00 5.02
C6 OMC C 926 70.39 -34.55 4.95
O2 OMC C 926 70.44 -32.07 7.39
N4 OMC C 926 67.05 -34.75 6.11
C1' OMC C 926 72.28 -33.15 5.56
C2' OMC C 926 73.18 -33.66 6.68
O2' OMC C 926 74.23 -32.73 6.88
CM2 OMC C 926 73.79 -31.43 7.21
C3' OMC C 926 73.73 -34.94 6.03
C4' OMC C 926 73.92 -34.51 4.60
O4' OMC C 926 72.77 -33.66 4.34
O3' OMC C 926 74.91 -35.43 6.65
C5' OMC C 926 73.95 -35.62 3.59
O5' OMC C 926 72.82 -36.47 3.72
P OMC C 926 72.33 -37.39 2.52
OP1 OMC C 926 73.53 -38.19 2.01
OP2 OMC C 926 71.07 -38.12 2.96
P OMG C 1108 58.29 -21.04 -3.50
OP1 OMG C 1108 58.82 -19.64 -3.27
OP2 OMG C 1108 58.53 -22.11 -2.45
O5' OMG C 1108 56.73 -20.95 -3.74
C5' OMG C 1108 56.20 -20.20 -4.81
C4' OMG C 1108 54.70 -20.36 -4.90
O4' OMG C 1108 54.35 -21.74 -5.12
C3' OMG C 1108 53.92 -20.01 -3.66
O3' OMG C 1108 53.82 -18.61 -3.45
C2' OMG C 1108 52.60 -20.72 -3.89
O2' OMG C 1108 51.80 -20.00 -4.81
CM2 OMG C 1108 50.43 -20.31 -4.70
C1' OMG C 1108 53.08 -22.00 -4.58
N9 OMG C 1108 53.19 -23.11 -3.62
C8 OMG C 1108 54.28 -23.46 -2.85
N7 OMG C 1108 54.02 -24.48 -2.09
C5 OMG C 1108 52.73 -24.81 -2.34
C6 OMG C 1108 51.90 -25.83 -1.81
O6 OMG C 1108 52.18 -26.67 -0.97
N1 OMG C 1108 50.63 -25.79 -2.37
C2 OMG C 1108 50.21 -24.91 -3.31
N2 OMG C 1108 48.93 -25.03 -3.72
N3 OMG C 1108 50.96 -23.97 -3.80
C4 OMG C 1108 52.19 -23.96 -3.29
P A2M C 1110 50.11 -13.43 -0.85
OP1 A2M C 1110 50.96 -12.48 -1.62
O5' A2M C 1110 48.45 -12.90 -0.51
C5' A2M C 1110 47.51 -13.36 -1.33
C4' A2M C 1110 46.22 -13.52 -0.57
O4' A2M C 1110 46.13 -14.81 -0.06
C3' A2M C 1110 46.22 -12.60 0.63
O3' A2M C 1110 46.08 -11.32 0.14
C2' A2M C 1110 45.15 -13.22 1.50
O2' A2M C 1110 43.87 -12.69 1.28
C1' A2M C 1110 45.21 -14.68 0.98
CM' A2M C 1110 43.37 -12.15 2.47
N9 A2M C 1110 45.43 -15.68 1.99
C8 A2M C 1110 44.57 -16.56 2.61
N7 A2M C 1110 45.17 -17.33 3.52
C5 A2M C 1110 46.48 -16.91 3.48
C6 A2M C 1110 47.61 -17.27 4.16
N6 A2M C 1110 47.60 -18.27 5.12
N1 A2M C 1110 48.81 -16.69 3.93
C2 A2M C 1110 48.82 -15.73 2.99
N3 A2M C 1110 47.82 -15.23 2.25
C4 A2M C 1110 46.66 -15.87 2.54
OP2 A2M C 1110 50.41 -13.68 0.61
P A2M C 1120 53.89 17.50 -3.12
OP1 A2M C 1120 55.30 17.60 -2.61
O5' A2M C 1120 54.34 16.23 -4.35
C5' A2M C 1120 55.56 16.32 -4.90
C4' A2M C 1120 55.46 16.76 -6.36
O4' A2M C 1120 56.76 16.76 -6.90
C3' A2M C 1120 54.63 15.81 -7.19
O3' A2M C 1120 54.15 16.60 -8.22
C2' A2M C 1120 55.64 14.74 -7.57
O2' A2M C 1120 55.33 14.07 -8.75
C1' A2M C 1120 56.81 15.70 -7.83
CM' A2M C 1120 54.23 13.23 -8.55
N9 A2M C 1120 58.12 15.16 -7.81
C8 A2M C 1120 58.85 14.50 -6.83
N7 A2M C 1120 60.07 14.14 -7.21
C5 A2M C 1120 60.13 14.61 -8.51
C6 A2M C 1120 61.10 14.57 -9.49
N6 A2M C 1120 62.33 13.99 -9.25
N1 A2M C 1120 60.93 15.11 -10.71
C2 A2M C 1120 59.72 15.68 -10.92
N3 A2M C 1120 58.68 15.80 -10.10
C4 A2M C 1120 58.94 15.23 -8.90
OP2 A2M C 1120 53.22 18.73 -3.66
N1 PSU C 1122 48.58 15.56 -4.79
C2 PSU C 1122 48.80 15.12 -3.51
N3 PSU C 1122 48.06 14.11 -2.98
C4 PSU C 1122 47.06 13.53 -3.73
C5 PSU C 1122 46.82 13.98 -5.01
C6 PSU C 1122 47.60 15.00 -5.52
O2 PSU C 1122 49.69 15.65 -2.85
O4 PSU C 1122 46.40 12.62 -3.24
C1' PSU C 1122 45.76 13.37 -5.88
C2' PSU C 1122 44.37 13.78 -5.39
O2' PSU C 1122 43.46 12.76 -5.76
C3' PSU C 1122 44.12 15.03 -6.21
C4' PSU C 1122 44.74 14.67 -7.54
O3' PSU C 1122 42.77 15.39 -6.31
O4' PSU C 1122 45.90 13.89 -7.18
C5' PSU C 1122 45.13 15.84 -8.39
O5' PSU C 1122 46.22 15.53 -9.22
P PSU C 1122 47.36 16.61 -9.50
OP1 PSU C 1122 46.85 17.49 -10.57
OP2 PSU C 1122 47.85 17.21 -8.25
N1 PSU C 1168 33.28 31.88 -22.11
C2 PSU C 1168 34.06 32.88 -21.57
N3 PSU C 1168 34.89 33.62 -22.38
C4 PSU C 1168 34.93 33.36 -23.73
C5 PSU C 1168 34.13 32.36 -24.26
C6 PSU C 1168 33.32 31.63 -23.42
O2 PSU C 1168 34.02 33.11 -20.37
O4 PSU C 1168 35.66 34.03 -24.45
C1' PSU C 1168 34.16 32.07 -25.73
C2' PSU C 1168 35.44 31.36 -26.13
O2' PSU C 1168 35.77 31.75 -27.45
C3' PSU C 1168 35.02 29.90 -26.09
C4' PSU C 1168 33.57 29.97 -26.56
O3' PSU C 1168 35.81 29.05 -26.89
O4' PSU C 1168 33.08 31.22 -26.02
C5' PSU C 1168 32.69 28.84 -26.10
O5' PSU C 1168 31.35 29.07 -26.46
P PSU C 1168 30.19 28.11 -25.94
OP1 PSU C 1168 30.22 26.84 -26.66
OP2 PSU C 1168 30.24 28.12 -24.46
P OMG C 1211 50.11 1.12 10.31
OP1 OMG C 1211 51.27 1.57 11.18
OP2 OMG C 1211 50.14 -0.23 9.63
O5' OMG C 1211 48.78 1.18 11.18
C5' OMG C 1211 48.55 2.25 12.09
C4' OMG C 1211 47.12 2.72 12.04
O4' OMG C 1211 46.51 2.23 10.82
C3' OMG C 1211 46.24 2.24 13.18
O3' OMG C 1211 45.25 3.23 13.45
C2' OMG C 1211 45.57 1.00 12.60
O2' OMG C 1211 44.31 0.70 13.18
CM2 OMG C 1211 44.39 0.20 14.49
C1' OMG C 1211 45.41 1.39 11.13
N9 OMG C 1211 45.45 0.26 10.21
C8 OMG C 1211 46.42 0.01 9.28
N7 OMG C 1211 46.20 -1.07 8.60
C5 OMG C 1211 45.02 -1.55 9.10
C6 OMG C 1211 44.29 -2.70 8.75
O6 OMG C 1211 44.55 -3.54 7.90
N1 OMG C 1211 43.14 -2.83 9.53
C2 OMG C 1211 42.75 -1.96 10.50
N2 OMG C 1211 41.61 -2.25 11.15
N3 OMG C 1211 43.43 -0.90 10.82
C4 OMG C 1211 44.55 -0.75 10.11
N1 PSU C 1263 34.71 -36.94 14.10
C2 PSU C 1263 33.75 -37.86 13.73
N3 PSU C 1263 33.72 -38.35 12.44
C4 PSU C 1263 34.66 -37.91 11.54
C5 PSU C 1263 35.62 -36.99 11.91
C6 PSU C 1263 35.63 -36.51 13.21
O2 PSU C 1263 32.93 -38.24 14.55
O4 PSU C 1263 34.64 -38.34 10.40
C1' PSU C 1263 36.63 -36.52 10.92
C2' PSU C 1263 36.52 -35.03 10.67
O2' PSU C 1263 35.52 -34.74 9.72
C3' PSU C 1263 37.93 -34.70 10.20
C4' PSU C 1263 38.79 -35.62 11.04
O3' PSU C 1263 38.07 -35.07 8.83
O4' PSU C 1263 37.92 -36.70 11.48
C5' PSU C 1263 39.44 -34.98 12.24
O5' PSU C 1263 38.76 -33.80 12.63
P PSU C 1263 39.56 -32.54 13.14
OP1 PSU C 1263 40.20 -32.88 14.42
OP2 PSU C 1263 40.39 -32.10 12.00
N1 PSU C 1269 45.48 -47.02 10.30
C2 PSU C 1269 44.45 -47.34 9.46
N3 PSU C 1269 43.33 -47.98 9.95
C4 PSU C 1269 43.26 -48.29 11.28
C5 PSU C 1269 44.31 -47.96 12.13
C6 PSU C 1269 45.41 -47.33 11.61
O2 PSU C 1269 44.53 -47.07 8.27
O4 PSU C 1269 42.26 -48.86 11.72
C1' PSU C 1269 44.24 -48.29 13.59
C2' PSU C 1269 44.57 -49.77 13.79
O2' PSU C 1269 43.90 -50.22 14.96
C3' PSU C 1269 46.07 -49.70 14.04
C4' PSU C 1269 46.19 -48.45 14.88
O3' PSU C 1269 46.61 -50.85 14.65
O4' PSU C 1269 45.21 -47.55 14.30
C5' PSU C 1269 47.53 -47.79 14.88
O5' PSU C 1269 47.93 -47.45 13.57
P PSU C 1269 49.22 -46.55 13.31
OP1 PSU C 1269 50.27 -47.16 14.13
OP2 PSU C 1269 49.37 -46.37 11.87
N1 PSU C 1321 -4.09 -64.51 14.09
C2 PSU C 1321 -3.57 -64.09 12.89
N3 PSU C 1321 -2.68 -63.04 12.85
C4 PSU C 1321 -2.33 -62.41 14.01
C5 PSU C 1321 -2.86 -62.82 15.21
C6 PSU C 1321 -3.75 -63.88 15.23
O2 PSU C 1321 -3.90 -64.66 11.85
O4 PSU C 1321 -1.54 -61.46 13.98
C1' PSU C 1321 -2.46 -62.13 16.48
C2' PSU C 1321 -3.25 -60.84 16.71
O2' PSU C 1321 -2.40 -59.92 17.39
C3' PSU C 1321 -4.35 -61.34 17.63
C4' PSU C 1321 -3.65 -62.37 18.48
O3' PSU C 1321 -4.95 -60.31 18.40
O4' PSU C 1321 -2.71 -63.00 17.57
C5' PSU C 1321 -4.56 -63.42 19.06
O5' PSU C 1321 -5.46 -63.90 18.08
P PSU C 1321 -6.75 -64.73 18.49
OP1 PSU C 1321 -7.29 -64.05 19.68
OP2 PSU C 1321 -7.57 -64.90 17.27
N1 PSU C 1358 -18.08 -69.86 8.39
C2 PSU C 1358 -18.41 -68.81 7.57
N3 PSU C 1358 -19.04 -69.05 6.37
C4 PSU C 1358 -19.33 -70.34 6.00
C5 PSU C 1358 -18.97 -71.40 6.84
C6 PSU C 1358 -18.34 -71.12 8.04
O2 PSU C 1358 -18.17 -67.66 7.90
O4 PSU C 1358 -19.89 -70.52 4.93
C1' PSU C 1358 -19.25 -72.83 6.50
C2' PSU C 1358 -18.54 -73.23 5.21
O2' PSU C 1358 -19.29 -74.25 4.58
C3' PSU C 1358 -17.24 -73.79 5.77
C4' PSU C 1358 -17.72 -74.53 6.99
O3' PSU C 1358 -16.54 -74.60 4.85
O4' PSU C 1358 -18.78 -73.68 7.52
C5' PSU C 1358 -16.69 -74.78 8.06
O5' PSU C 1358 -17.04 -75.88 8.87
P PSU C 1358 -16.52 -76.00 10.38
OP1 PSU C 1358 -15.63 -77.17 10.50
OP2 PSU C 1358 -16.07 -74.67 10.82
N1 PSU C 1359 -15.73 -69.28 5.90
C2 PSU C 1359 -15.54 -67.94 6.12
N3 PSU C 1359 -15.90 -67.01 5.17
C4 PSU C 1359 -16.43 -67.43 3.98
C5 PSU C 1359 -16.62 -68.78 3.75
C6 PSU C 1359 -16.26 -69.69 4.73
O2 PSU C 1359 -15.06 -67.56 7.19
O4 PSU C 1359 -16.74 -66.60 3.14
C1' PSU C 1359 -17.22 -69.26 2.46
C2' PSU C 1359 -16.15 -69.18 1.37
O2' PSU C 1359 -16.80 -68.93 0.14
C3' PSU C 1359 -15.58 -70.59 1.41
C4' PSU C 1359 -16.83 -71.42 1.64
O3' PSU C 1359 -14.87 -70.97 0.26
O4' PSU C 1359 -17.61 -70.62 2.57
C5' PSU C 1359 -16.59 -72.79 2.23
O5' PSU C 1359 -15.76 -72.71 3.38
P PSU C 1359 -15.24 -74.02 4.10
OP1 PSU C 1359 -14.82 -75.01 3.08
OP2 PSU C 1359 -14.28 -73.59 5.14
N1 PSU C 1369 5.22 -72.88 10.75
C2 PSU C 1369 5.50 -72.33 9.53
N3 PSU C 1369 5.34 -73.07 8.39
C4 PSU C 1369 4.89 -74.36 8.47
C5 PSU C 1369 4.61 -74.91 9.71
C6 PSU C 1369 4.78 -74.15 10.84
O2 PSU C 1369 5.90 -71.17 9.46
O4 PSU C 1369 4.74 -75.01 7.44
C1' PSU C 1369 4.10 -76.32 9.85
C2' PSU C 1369 5.18 -77.34 9.49
O2' PSU C 1369 4.54 -78.49 8.96
C3' PSU C 1369 5.77 -77.64 10.86
C4' PSU C 1369 4.54 -77.62 11.74
O3' PSU C 1369 6.46 -78.87 10.90
O4' PSU C 1369 3.74 -76.56 11.19
C5' PSU C 1369 4.80 -77.37 13.21
O5' PSU C 1369 5.21 -76.04 13.46
P PSU C 1369 5.35 -75.49 14.94
OP1 PSU C 1369 5.85 -76.52 15.86
OP2 PSU C 1369 6.07 -74.20 14.86
N1 PSU C 1437 22.05 -59.82 -9.39
C2 PSU C 1437 22.84 -59.59 -8.28
N3 PSU C 1437 23.07 -60.60 -7.38
C4 PSU C 1437 22.51 -61.83 -7.58
C5 PSU C 1437 21.72 -62.06 -8.69
C6 PSU C 1437 21.51 -61.02 -9.59
O2 PSU C 1437 23.34 -58.48 -8.12
O4 PSU C 1437 22.71 -62.73 -6.77
C1' PSU C 1437 21.12 -63.41 -8.90
C2' PSU C 1437 19.77 -63.51 -8.19
O2' PSU C 1437 19.59 -64.85 -7.76
C3' PSU C 1437 18.82 -63.19 -9.33
C4' PSU C 1437 19.47 -63.86 -10.50
O3' PSU C 1437 17.49 -63.61 -9.10
O4' PSU C 1437 20.89 -63.65 -10.27
C5' PSU C 1437 19.09 -63.33 -11.86
O5' PSU C 1437 19.35 -61.94 -11.94
P PSU C 1437 19.32 -61.19 -13.34
OP1 PSU C 1437 18.08 -61.57 -14.03
OP2 PSU C 1437 19.62 -59.76 -13.07
N1 PSU C 1439 17.13 -57.13 -6.15
C2 PSU C 1439 17.77 -55.99 -6.56
N3 PSU C 1439 18.27 -55.11 -5.64
C4 PSU C 1439 18.13 -55.37 -4.30
C5 PSU C 1439 17.47 -56.51 -3.88
C6 PSU C 1439 16.98 -57.40 -4.84
O2 PSU C 1439 17.91 -55.76 -7.76
O4 PSU C 1439 18.59 -54.57 -3.49
C1' PSU C 1439 17.31 -56.81 -2.43
C2' PSU C 1439 16.26 -55.87 -1.82
O2' PSU C 1439 16.61 -55.63 -0.47
C3' PSU C 1439 15.02 -56.74 -1.90
C4' PSU C 1439 15.57 -58.11 -1.56
O3' PSU C 1439 14.00 -56.34 -1.02
O4' PSU C 1439 16.85 -58.13 -2.23
C5' PSU C 1439 14.73 -59.28 -2.00
O5' PSU C 1439 14.64 -59.37 -3.41
P PSU C 1439 14.04 -60.68 -4.09
OP1 PSU C 1439 12.84 -61.07 -3.35
OP2 PSU C 1439 13.98 -60.42 -5.55
P A2M C 1448 24.12 -42.80 -8.66
OP1 A2M C 1448 25.46 -42.13 -8.67
O5' A2M C 1448 23.37 -43.00 -7.04
C5' A2M C 1448 23.17 -41.88 -6.34
C4' A2M C 1448 22.41 -42.20 -5.05
O4' A2M C 1448 21.08 -42.47 -5.36
C3' A2M C 1448 22.96 -43.43 -4.35
O3' A2M C 1448 24.17 -43.12 -3.80
C2' A2M C 1448 21.79 -43.74 -3.45
O2' A2M C 1448 21.60 -42.77 -2.45
C1' A2M C 1448 20.75 -43.56 -4.53
CM' A2M C 1448 20.73 -43.23 -1.47
N9 A2M C 1448 20.53 -44.70 -5.36
C8 A2M C 1448 20.91 -45.03 -6.66
N7 A2M C 1448 20.46 -46.23 -7.04
C5 A2M C 1448 19.78 -46.68 -5.93
C6 A2M C 1448 19.09 -47.82 -5.63
N6 A2M C 1448 18.96 -48.85 -6.55
N1 A2M C 1448 18.50 -48.04 -4.45
C2 A2M C 1448 18.61 -47.03 -3.56
N3 A2M C 1448 19.24 -45.87 -3.67
C4 A2M C 1448 19.81 -45.74 -4.88
OP2 A2M C 1448 24.03 -44.26 -8.95
N1 OMC C 1792 60.19 -25.64 -15.67
C2 OMC C 1792 61.60 -25.72 -15.62
N3 OMC C 1792 62.22 -26.43 -16.57
C4 OMC C 1792 61.58 -27.06 -17.51
C5 OMC C 1792 60.16 -27.02 -17.59
C6 OMC C 1792 59.54 -26.30 -16.65
O2 OMC C 1792 62.26 -25.15 -14.76
N4 OMC C 1792 62.27 -27.74 -18.41
C1' OMC C 1792 59.31 -24.92 -14.72
C2' OMC C 1792 59.73 -23.48 -14.45
O2' OMC C 1792 59.35 -23.12 -13.14
CM2 OMC C 1792 59.61 -24.06 -12.12
C3' OMC C 1792 58.89 -22.72 -15.46
C4' OMC C 1792 57.60 -23.52 -15.48
O4' OMC C 1792 58.01 -24.89 -15.27
O3' OMC C 1792 58.69 -21.37 -15.10
C5' OMC C 1792 56.80 -23.42 -16.74
O5' OMC C 1792 56.35 -22.10 -16.97
P OMC C 1792 55.66 -21.70 -18.33
OP1 OMC C 1792 55.31 -20.22 -18.26
OP2 OMC C 1792 56.55 -22.22 -19.44
P A2M C 1804 48.42 -7.51 -44.75
OP1 A2M C 1804 47.21 -7.34 -45.59
O5' A2M C 1804 48.22 -7.03 -43.02
C5' A2M C 1804 47.05 -7.34 -42.45
C4' A2M C 1804 47.12 -7.08 -40.96
O4' A2M C 1804 48.26 -7.72 -40.46
C3' A2M C 1804 47.24 -5.60 -40.65
O3' A2M C 1804 45.96 -5.09 -40.69
C2' A2M C 1804 47.97 -5.61 -39.33
O2' A2M C 1804 47.14 -5.87 -38.23
C1' A2M C 1804 48.87 -6.82 -39.57
CM' A2M C 1804 47.25 -4.83 -37.29
N9 A2M C 1804 50.21 -6.56 -40.01
C8 A2M C 1804 50.91 -6.88 -41.17
N7 A2M C 1804 52.17 -6.44 -41.16
C5 A2M C 1804 52.28 -5.84 -39.93
C6 A2M C 1804 53.31 -5.19 -39.29
N6 A2M C 1804 54.55 -5.04 -39.85
N1 A2M C 1804 53.16 -4.65 -38.06
C2 A2M C 1804 51.94 -4.79 -37.51
N3 A2M C 1804 50.85 -5.38 -37.98
C4 A2M C 1804 51.08 -5.89 -39.20
OP2 A2M C 1804 49.59 -6.60 -44.96
P OMG C 1805 45.61 -3.89 -41.69
OP1 OMG C 1805 44.28 -3.27 -41.25
OP2 OMG C 1805 45.76 -4.40 -43.11
O5' OMG C 1805 46.75 -2.82 -41.44
C5' OMG C 1805 46.78 -2.03 -40.26
C4' OMG C 1805 48.19 -1.80 -39.80
O4' OMG C 1805 49.01 -2.91 -40.18
C3' OMG C 1805 48.90 -0.60 -40.41
O3' OMG C 1805 48.55 0.62 -39.78
C2' OMG C 1805 50.37 -0.97 -40.26
O2' OMG C 1805 50.84 -0.61 -38.96
CM2 OMG C 1805 52.07 -1.18 -38.60
C1' OMG C 1805 50.34 -2.48 -40.36
N9 OMG C 1805 50.83 -3.01 -41.64
C8 OMG C 1805 50.09 -3.73 -42.54
N7 OMG C 1805 50.78 -4.09 -43.58
C5 OMG C 1805 52.03 -3.60 -43.35
C6 OMG C 1805 53.20 -3.69 -44.15
O6 OMG C 1805 53.35 -4.23 -45.22
N1 OMG C 1805 54.27 -3.04 -43.54
C2 OMG C 1805 54.23 -2.41 -42.34
N2 OMG C 1805 55.38 -1.85 -41.93
N3 OMG C 1805 53.15 -2.33 -41.61
C4 OMG C 1805 52.09 -2.93 -42.15
N1 OMC C 1806 53.35 1.59 -42.78
C2 OMC C 1806 54.32 1.22 -43.71
N3 OMC C 1806 53.98 0.34 -44.66
C4 OMC C 1806 52.77 -0.16 -44.73
C5 OMC C 1806 51.76 0.19 -43.81
C6 OMC C 1806 52.11 1.06 -42.86
O2 OMC C 1806 55.43 1.70 -43.62
N4 OMC C 1806 52.50 -1.02 -45.71
C1' OMC C 1806 53.67 2.55 -41.70
C2' OMC C 1806 53.43 4.00 -42.12
O2' OMC C 1806 54.37 4.82 -41.45
CM2 OMC C 1806 55.62 4.88 -42.10
C3' OMC C 1806 52.03 4.24 -41.58
C4' OMC C 1806 52.04 3.45 -40.29
O4' OMC C 1806 52.84 2.29 -40.59
O3' OMC C 1806 51.73 5.61 -41.40
C5' OMC C 1806 50.68 3.00 -39.80
O5' OMC C 1806 49.94 2.41 -40.85
P OMC C 1806 48.43 1.97 -40.62
OP1 OMC C 1806 47.78 3.01 -39.74
OP2 OMC C 1806 47.82 1.63 -41.97
P A2M C 1842 62.75 34.69 -30.76
OP1 A2M C 1842 64.19 35.00 -31.07
O5' A2M C 1842 62.84 35.43 -29.12
C5' A2M C 1842 62.25 34.75 -28.14
C4' A2M C 1842 62.02 35.64 -26.96
O4' A2M C 1842 60.66 35.98 -26.94
C3' A2M C 1842 62.34 34.94 -25.66
O3' A2M C 1842 63.72 35.05 -25.45
C2' A2M C 1842 61.34 35.56 -24.70
O2' A2M C 1842 61.67 36.85 -24.29
C1' A2M C 1842 60.19 35.62 -25.67
CM' A2M C 1842 61.25 37.05 -22.97
N9 A2M C 1842 59.43 34.42 -25.79
C8 A2M C 1842 59.31 33.45 -26.79
N7 A2M C 1842 58.47 32.47 -26.48
C5 A2M C 1842 58.04 32.83 -25.20
C6 A2M C 1842 57.16 32.26 -24.31
N6 A2M C 1842 56.51 31.08 -24.58
N1 A2M C 1842 56.89 32.81 -23.11
C2 A2M C 1842 57.54 33.97 -22.85
N3 A2M C 1842 58.41 34.64 -23.59
C4 A2M C 1842 58.62 34.02 -24.77
OP2 A2M C 1842 62.30 33.27 -30.78
N1 OMC C 1863 60.30 6.16 -45.68
C2 OMC C 1863 60.48 7.30 -46.49
N3 OMC C 1863 60.29 8.51 -45.94
C4 OMC C 1863 59.93 8.63 -44.69
C5 OMC C 1863 59.72 7.51 -43.83
C6 OMC C 1863 59.93 6.32 -44.39
O2 OMC C 1863 60.81 7.19 -47.65
N4 OMC C 1863 59.75 9.86 -44.21
C1' OMC C 1863 60.47 4.78 -46.19
C2' OMC C 1863 61.93 4.43 -46.47
O2' OMC C 1863 61.97 3.59 -47.62
CM2 OMC C 1863 61.69 4.26 -48.82
C3' OMC C 1863 62.31 3.64 -45.23
C4' OMC C 1863 61.03 2.91 -44.90
O4' OMC C 1863 60.00 3.88 -45.21
O3' OMC C 1863 63.40 2.77 -45.44
C5' OMC C 1863 60.88 2.44 -43.49
O5' OMC C 1863 61.59 3.27 -42.59
P OMC C 1863 62.30 2.66 -41.31
OP1 OMC C 1863 62.78 1.26 -41.65
OP2 OMC C 1863 63.32 3.70 -40.86
P OMG C 1865 69.38 6.24 -47.60
OP1 OMG C 1865 70.43 5.62 -48.51
OP2 OMG C 1865 69.23 5.79 -46.16
O5' OMG C 1865 69.61 7.82 -47.59
C5' OMG C 1865 69.60 8.57 -48.78
C4' OMG C 1865 69.48 10.03 -48.47
O4' OMG C 1865 68.16 10.28 -47.91
C3' OMG C 1865 70.46 10.55 -47.44
O3' OMG C 1865 71.67 10.99 -48.03
C2' OMG C 1865 69.69 11.67 -46.75
O2' OMG C 1865 69.75 12.88 -47.51
CM2 OMG C 1865 68.95 13.92 -46.99
C1' OMG C 1865 68.26 11.14 -46.81
N9 OMG C 1865 67.88 10.40 -45.59
C8 OMG C 1865 68.08 9.08 -45.29
N7 OMG C 1865 67.59 8.77 -44.13
C5 OMG C 1865 67.03 9.92 -43.66
C6 OMG C 1865 66.34 10.20 -42.46
O6 OMG C 1865 66.09 9.44 -41.54
N1 OMG C 1865 65.94 11.54 -42.41
C2 OMG C 1865 66.17 12.47 -43.37
N2 OMG C 1865 65.71 13.70 -43.14
N3 OMG C 1865 66.80 12.21 -44.47
C4 OMG C 1865 67.20 10.95 -44.56
N1 PSU C 2073 49.18 56.63 -58.08
C2 PSU C 2073 50.14 55.69 -58.38
N3 PSU C 2073 49.81 54.37 -58.52
C4 PSU C 2073 48.50 53.99 -58.36
C5 PSU C 2073 47.53 54.92 -58.05
C6 PSU C 2073 47.90 56.26 -57.93
O2 PSU C 2073 51.31 56.05 -58.52
O4 PSU C 2073 48.21 52.80 -58.48
C1' PSU C 2073 46.09 54.54 -57.89
C2' PSU C 2073 45.74 53.79 -56.61
O2' PSU C 2073 44.77 52.80 -56.93
C3' PSU C 2073 45.11 54.89 -55.76
C4' PSU C 2073 44.41 55.75 -56.80
O3' PSU C 2073 44.22 54.40 -54.78
O4' PSU C 2073 45.29 55.70 -57.95
C5' PSU C 2073 44.18 57.18 -56.39
O5' PSU C 2073 45.23 57.66 -55.58
P PSU C 2073 45.75 59.16 -55.72
OP1 PSU C 2073 44.56 60.03 -55.87
OP2 PSU C 2073 46.74 59.45 -54.66
P A2M C 2228 56.57 27.12 -26.28
OP1 A2M C 2228 57.60 27.85 -27.09
O5' A2M C 2228 56.51 25.75 -27.44
C5' A2M C 2228 55.84 24.67 -27.01
C4' A2M C 2228 56.29 23.44 -27.78
O4' A2M C 2228 57.47 22.94 -27.21
C3' A2M C 2228 55.23 22.35 -27.75
O3' A2M C 2228 54.43 22.52 -28.87
C2' A2M C 2228 56.01 21.04 -27.56
O2' A2M C 2228 56.36 20.28 -28.73
C1' A2M C 2228 57.25 21.59 -26.84
CM' A2M C 2228 57.37 20.84 -29.53
N9 A2M C 2228 57.17 21.53 -25.42
C8 A2M C 2228 56.10 21.34 -24.56
N7 A2M C 2228 56.46 21.35 -23.28
C5 A2M C 2228 57.82 21.57 -23.32
C6 A2M C 2228 58.78 21.69 -22.38
N6 A2M C 2228 58.48 21.60 -21.04
N1 A2M C 2228 60.08 21.90 -22.68
C2 A2M C 2228 60.37 21.99 -23.99
N3 A2M C 2228 59.55 21.90 -25.05
C4 A2M C 2228 58.28 21.69 -24.65
OP2 A2M C 2228 55.26 27.77 -26.01
N1 OMC C 2245 53.72 36.70 -22.18
C2 OMC C 2245 54.57 36.53 -23.28
N3 OMC C 2245 54.43 35.41 -24.01
C4 OMC C 2245 53.54 34.50 -23.70
C5 OMC C 2245 52.66 34.64 -22.60
C6 OMC C 2245 52.81 35.76 -21.87
O2 OMC C 2245 55.40 37.37 -23.55
N4 OMC C 2245 53.45 33.42 -24.47
C1' OMC C 2245 53.81 37.90 -21.31
C2' OMC C 2245 53.16 39.13 -21.94
O2' OMC C 2245 53.93 40.26 -21.57
CM2 OMC C 2245 55.07 40.44 -22.38
C3' OMC C 2245 51.81 39.16 -21.26
C4' OMC C 2245 52.12 38.63 -19.88
O4' OMC C 2245 53.12 37.62 -20.11
O3' OMC C 2245 51.23 40.45 -21.22
C5' OMC C 2245 50.95 38.00 -19.16
O5' OMC C 2245 50.31 37.04 -19.99
P OMC C 2245 49.22 36.05 -19.39
OP1 OMC C 2245 48.14 36.91 -18.77
OP2 OMC C 2245 48.85 35.04 -20.47
P A2M C 2256 37.61 36.24 -31.58
OP1 A2M C 2256 38.21 35.01 -32.18
O5' A2M C 2256 36.25 35.32 -30.84
C5' A2M C 2256 36.46 34.02 -30.59
C4' A2M C 2256 35.18 33.25 -30.88
O4' A2M C 2256 34.11 34.15 -30.93
C3' A2M C 2256 35.26 32.53 -32.22
O3' A2M C 2256 35.98 31.36 -32.00
C2' A2M C 2256 33.81 32.46 -32.65
O2' A2M C 2256 33.10 31.40 -32.07
C1' A2M C 2256 33.33 33.80 -32.05
CM' A2M C 2256 31.72 31.61 -32.14
N9 A2M C 2256 33.20 34.96 -32.90
C8 A2M C 2256 33.68 36.26 -32.78
N7 A2M C 2256 33.32 37.06 -33.80
C5 A2M C 2256 32.56 36.22 -34.60
C6 A2M C 2256 31.89 36.40 -35.79
N6 A2M C 2256 31.88 37.61 -36.45
N1 A2M C 2256 31.19 35.40 -36.40
C2 A2M C 2256 31.21 34.22 -35.75
N3 A2M C 2256 31.80 33.87 -34.61
C4 A2M C 2256 32.46 34.92 -34.06
OP2 A2M C 2256 37.21 37.37 -32.45
N1 OMC C 2265 55.71 26.60 -42.91
C2 OMC C 2265 54.66 26.58 -43.84
N3 OMC C 2265 54.65 27.51 -44.81
C4 OMC C 2265 55.59 28.42 -44.91
C5 OMC C 2265 56.67 28.48 -43.98
C6 OMC C 2265 56.66 27.56 -43.01
O2 OMC C 2265 53.80 25.74 -43.75
N4 OMC C 2265 55.53 29.31 -45.89
C1' OMC C 2265 55.80 25.65 -41.78
C2' OMC C 2265 56.34 24.28 -42.16
O2' OMC C 2265 55.67 23.31 -41.39
CM2 OMC C 2265 54.27 23.31 -41.50
C3' OMC C 2265 57.80 24.40 -41.73
C4' OMC C 2265 57.70 25.26 -40.49
O4' OMC C 2265 56.64 26.19 -40.80
O3' OMC C 2265 58.41 23.15 -41.47
C5' OMC C 2265 58.95 26.01 -40.13
O5' OMC C 2265 59.32 26.91 -41.16
P OMC C 2265 60.36 28.07 -40.90
OP1 OMC C 2265 61.67 27.44 -40.44
OP2 OMC C 2265 60.32 28.97 -42.14
N1 OMU C 2278 33.83 -3.02 -46.30
C2 OMU C 2278 35.02 -2.33 -45.71
N3 OMU C 2278 35.72 -1.25 -46.50
C4 OMU C 2278 35.22 -0.89 -47.81
C5 OMU C 2278 34.02 -1.57 -48.37
C6 OMU C 2278 33.34 -2.63 -47.60
O2 OMU C 2278 35.45 -2.63 -44.62
O4 OMU C 2278 35.74 -0.07 -48.40
C1' OMU C 2278 33.14 -4.08 -45.52
C2' OMU C 2278 32.36 -3.48 -44.36
O2' OMU C 2278 32.24 -4.46 -43.35
CM2 OMU C 2278 33.42 -4.70 -42.65
C3' OMU C 2278 31.02 -3.24 -45.03
C4' OMU C 2278 30.87 -4.50 -45.86
O3' OMU C 2278 29.96 -3.02 -44.11
O4' OMU C 2278 32.20 -4.73 -46.36
C5' OMU C 2278 29.88 -4.43 -47.00
O5' OMU C 2278 30.06 -3.25 -47.75
P OMU C 2278 29.36 -3.08 -49.17
OP1 OMU C 2278 27.90 -3.38 -49.02
OP2 OMU C 2278 29.82 -1.78 -49.76
N1 PSU C 2280 33.09 4.38 -43.14
C2 PSU C 2280 33.46 5.22 -44.16
N3 PSU C 2280 34.51 6.10 -43.98
C4 PSU C 2280 35.19 6.11 -42.78
C5 PSU C 2280 34.81 5.25 -41.77
C6 PSU C 2280 33.75 4.38 -41.97
O2 PSU C 2280 32.85 5.21 -45.22
O4 PSU C 2280 36.11 6.88 -42.63
C1' PSU C 2280 35.54 5.24 -40.45
C2' PSU C 2280 35.13 6.40 -39.55
O2' PSU C 2280 36.24 6.75 -38.75
C3' PSU C 2280 34.04 5.75 -38.70
C4' PSU C 2280 34.57 4.34 -38.51
O3' PSU C 2280 33.81 6.43 -37.48
O4' PSU C 2280 35.23 4.04 -39.77
C5' PSU C 2280 33.52 3.30 -38.23
O5' PSU C 2280 32.48 3.37 -39.19
P PSU C 2280 31.41 2.19 -39.31
OP1 PSU C 2280 30.85 1.94 -37.97
OP2 PSU C 2280 30.51 2.50 -40.43
N1 OMC C 2302 15.76 25.21 -34.95
C2 OMC C 2302 16.69 25.26 -33.91
N3 OMC C 2302 17.84 24.57 -34.04
C4 OMC C 2302 18.09 23.85 -35.10
C5 OMC C 2302 17.17 23.75 -36.17
C6 OMC C 2302 16.03 24.44 -36.04
O2 OMC C 2302 16.45 25.93 -32.92
N4 OMC C 2302 19.24 23.19 -35.15
C1' OMC C 2302 14.44 25.88 -34.92
C2' OMC C 2302 14.52 27.41 -34.98
O2' OMC C 2302 13.50 27.93 -34.15
CM2 OMC C 2302 13.55 27.51 -32.81
C3' OMC C 2302 14.20 27.69 -36.44
C4' OMC C 2302 13.23 26.57 -36.80
O4' OMC C 2302 13.68 25.45 -36.02
O3' OMC C 2302 13.64 28.97 -36.63
C5' OMC C 2302 13.20 26.19 -38.25
O5' OMC C 2302 14.46 25.67 -38.66
P OMC C 2302 14.65 25.00 -40.08
OP1 OMC C 2302 13.97 25.89 -41.10
OP2 OMC C 2302 16.13 24.65 -40.24
P OMG C 2317 7.41 41.98 -7.53
OP1 OMG C 2317 7.41 42.51 -6.10
OP2 OMG C 2317 6.90 42.84 -8.66
O5' OMG C 2317 8.91 41.54 -7.89
C5' OMG C 2317 9.22 40.95 -9.15
C4' OMG C 2317 10.48 40.12 -9.04
O4' OMG C 2317 10.33 39.18 -7.97
C3' OMG C 2317 10.82 39.24 -10.24
O3' OMG C 2317 11.50 39.96 -11.26
C2' OMG C 2317 11.67 38.14 -9.63
O2' OMG C 2317 13.03 38.54 -9.55
CM2 OMG C 2317 13.89 37.84 -10.40
C1' OMG C 2317 11.12 38.05 -8.20
N9 OMG C 2317 10.31 36.84 -7.97
C8 OMG C 2317 10.62 35.83 -7.10
N7 OMG C 2317 9.72 34.91 -7.08
C5 OMG C 2317 8.76 35.32 -7.98
C6 OMG C 2317 7.55 34.70 -8.37
O6 OMG C 2317 7.08 33.64 -7.99
N1 OMG C 2317 6.89 35.48 -9.32
C2 OMG C 2317 7.32 36.67 -9.81
N2 OMG C 2317 6.53 37.28 -10.72
N3 OMG C 2317 8.43 37.22 -9.45
C4 OMG C 2317 9.11 36.52 -8.54
P OMG C 2395 13.51 24.29 -27.24
OP1 OMG C 2395 13.97 25.46 -26.38
OP2 OMG C 2395 13.75 22.86 -26.77
O5' OMG C 2395 11.94 24.44 -27.49
C5' OMG C 2395 11.34 25.73 -27.53
C4' OMG C 2395 9.88 25.63 -27.92
O4' OMG C 2395 9.72 24.65 -28.96
C3' OMG C 2395 8.94 25.15 -26.82
O3' OMG C 2395 8.59 26.15 -25.89
C2' OMG C 2395 7.77 24.61 -27.62
O2' OMG C 2395 6.98 25.68 -28.13
CM2 OMG C 2395 5.81 25.23 -28.78
C1' OMG C 2395 8.49 23.97 -28.79
N9 OMG C 2395 8.77 22.54 -28.53
C8 OMG C 2395 9.97 21.95 -28.27
N7 OMG C 2395 9.85 20.68 -28.08
C5 OMG C 2395 8.52 20.42 -28.23
C6 OMG C 2395 7.80 19.20 -28.13
O6 OMG C 2395 8.22 18.08 -27.90
N1 OMG C 2395 6.44 19.41 -28.36
C2 OMG C 2395 5.85 20.61 -28.63
N2 OMG C 2395 4.53 20.61 -28.82
N3 OMG C 2395 6.52 21.72 -28.71
C4 OMG C 2395 7.83 21.57 -28.50
N1 PSU C 2405 23.08 24.68 -5.08
C2 PSU C 2405 24.07 24.79 -4.13
N3 PSU C 2405 25.01 25.77 -4.21
C4 PSU C 2405 24.96 26.66 -5.24
C5 PSU C 2405 23.97 26.56 -6.19
C6 PSU C 2405 23.02 25.56 -6.10
O2 PSU C 2405 24.12 24.01 -3.19
O4 PSU C 2405 25.82 27.54 -5.29
C1' PSU C 2405 23.95 27.53 -7.35
C2' PSU C 2405 25.11 27.06 -8.23
O2' PSU C 2405 25.67 28.18 -8.87
C3' PSU C 2405 24.39 26.18 -9.23
C4' PSU C 2405 23.10 26.93 -9.44
O3' PSU C 2405 25.12 25.96 -10.43
O4' PSU C 2405 22.77 27.43 -8.12
C5' PSU C 2405 21.94 26.14 -9.98
O5' PSU C 2405 21.80 24.91 -9.29
P PSU C 2405 20.62 23.91 -9.67
OP1 PSU C 2405 20.60 23.73 -11.13
OP2 PSU C 2405 20.76 22.75 -8.78
N1 PSU C 2407 27.61 18.96 -7.55
C2 PSU C 2407 26.92 17.80 -7.32
N3 PSU C 2407 27.33 16.93 -6.34
C4 PSU C 2407 28.45 17.22 -5.60
C5 PSU C 2407 29.15 18.39 -5.85
C6 PSU C 2407 28.70 19.25 -6.84
O2 PSU C 2407 25.92 17.53 -7.97
O4 PSU C 2407 28.84 16.45 -4.73
C1' PSU C 2407 30.36 18.74 -5.05
C2' PSU C 2407 31.57 17.87 -5.37
O2' PSU C 2407 32.33 17.73 -4.18
C3' PSU C 2407 32.32 18.75 -6.36
C4' PSU C 2407 32.06 20.15 -5.83
O3' PSU C 2407 33.69 18.46 -6.46
O4' PSU C 2407 30.71 20.08 -5.32
C5' PSU C 2407 32.17 21.26 -6.83
O5' PSU C 2407 31.25 21.08 -7.89
P PSU C 2407 31.01 22.25 -8.94
OP1 PSU C 2407 32.32 22.57 -9.52
OP2 PSU C 2407 29.88 21.85 -9.80
N1 PSU C 2463 5.22 24.72 6.25
C2 PSU C 2463 5.65 23.42 6.19
N3 PSU C 2463 4.75 22.39 6.13
C4 PSU C 2463 3.40 22.66 6.14
C5 PSU C 2463 2.97 23.98 6.21
C6 PSU C 2463 3.89 25.00 6.26
O2 PSU C 2463 6.85 23.19 6.18
O4 PSU C 2463 2.59 21.75 6.08
C1' PSU C 2463 1.50 24.30 6.20
C2' PSU C 2463 0.82 24.18 7.56
O2' PSU C 2463 -0.50 23.71 7.35
C3' PSU C 2463 0.79 25.64 8.00
C4' PSU C 2463 0.59 26.39 6.70
O3' PSU C 2463 -0.22 25.93 8.95
O4' PSU C 2463 1.34 25.62 5.74
C5' PSU C 2463 1.08 27.81 6.72
O5' PSU C 2463 2.33 27.90 7.39
P PSU C 2463 3.19 29.24 7.33
OP1 PSU C 2463 2.34 30.29 7.94
OP2 PSU C 2463 4.53 28.95 7.87
N1 OMC C 2469 9.62 7.66 27.79
C2 OMC C 2469 9.12 8.96 27.52
N3 OMC C 2469 9.81 9.75 26.67
C4 OMC C 2469 10.92 9.35 26.09
C5 OMC C 2469 11.45 8.06 26.33
C6 OMC C 2469 10.76 7.29 27.17
O2 OMC C 2469 8.10 9.41 28.01
N4 OMC C 2469 11.54 10.19 25.27
C1' OMC C 2469 9.09 6.59 28.65
C2' OMC C 2469 8.18 7.03 29.80
O2' OMC C 2469 8.91 7.49 30.91
CM2 OMC C 2469 8.29 8.56 31.58
C3' OMC C 2469 7.37 5.76 30.06
C4' OMC C 2469 7.27 5.13 28.68
O4' OMC C 2469 8.29 5.74 27.85
O3' OMC C 2469 8.07 4.90 30.94
C5' OMC C 2469 5.94 5.30 28.00
O5' OMC C 2469 5.02 5.96 28.85
P OMC C 2469 3.88 6.88 28.25
OP1 OMC C 2469 2.82 7.08 29.33
OP2 OMC C 2469 4.53 8.09 27.61
P A2M C 2486 39.36 -7.87 48.64
OP1 A2M C 2486 40.36 -8.98 48.62
O5' A2M C 2486 40.63 -6.58 48.58
C5' A2M C 2486 41.64 -6.77 47.70
C4' A2M C 2486 42.45 -5.48 47.57
O4' A2M C 2486 41.63 -4.50 46.98
C3' A2M C 2486 42.90 -4.95 48.91
O3' A2M C 2486 43.96 -5.75 49.33
C2' A2M C 2486 43.14 -3.49 48.58
O2' A2M C 2486 44.28 -3.29 47.79
C1' A2M C 2486 41.88 -3.31 47.70
CM' A2M C 2486 44.30 -2.01 47.24
N9 A2M C 2486 40.66 -2.92 48.38
C8 A2M C 2486 39.51 -3.61 48.71
N7 A2M C 2486 38.60 -2.86 49.35
C5 A2M C 2486 39.23 -1.64 49.44
C6 A2M C 2486 38.86 -0.43 49.98
N6 A2M C 2486 37.63 -0.25 50.60
N1 A2M C 2486 39.66 0.65 49.94
C2 A2M C 2486 40.85 0.47 49.33
N3 A2M C 2486 41.37 -0.63 48.76
C4 A2M C 2486 40.50 -1.65 48.84
OP2 A2M C 2486 38.38 -7.77 49.78
P OMG C 2512 8.13 10.65 35.64
OP1 OMG C 2512 6.71 11.22 35.62
OP2 OMG C 2512 8.38 9.20 35.29
O5' OMG C 2512 9.04 11.55 34.70
C5' OMG C 2512 9.30 12.90 35.03
C4' OMG C 2512 10.50 13.42 34.30
O4' OMG C 2512 11.70 12.73 34.75
C3' OMG C 2512 10.51 13.19 32.81
O3' OMG C 2512 9.69 14.10 32.11
C2' OMG C 2512 11.99 13.32 32.47
O2' OMG C 2512 12.37 14.69 32.43
CM2 OMG C 2512 13.73 14.91 32.17
C1' OMG C 2512 12.64 12.69 33.70
N9 OMG C 2512 13.02 11.29 33.48
C8 OMG C 2512 12.43 10.16 33.99
N7 OMG C 2512 13.03 9.07 33.60
C5 OMG C 2512 14.06 9.50 32.82
C6 OMG C 2512 15.06 8.77 32.12
O6 OMG C 2512 15.23 7.57 32.07
N1 OMG C 2512 15.92 9.63 31.44
C2 OMG C 2512 15.84 10.98 31.42
N2 OMG C 2512 16.76 11.64 30.70
N3 OMG C 2512 14.92 11.65 32.06
C4 OMG C 2512 14.07 10.87 32.74
P 5MC C 2550 -2.64 11.28 -3.29
OP1 5MC C 2550 -2.49 12.00 -4.62
OP2 5MC C 2550 -3.97 11.28 -2.55
O5' 5MC C 2550 -2.22 9.76 -3.48
C5' 5MC C 2550 -1.01 9.41 -4.11
C4' 5MC C 2550 -0.66 7.97 -3.85
O4' 5MC C 2550 -0.87 7.67 -2.47
C3' 5MC C 2550 -1.50 6.94 -4.58
O3' 5MC C 2550 -1.10 6.76 -5.93
C2' 5MC C 2550 -1.31 5.69 -3.72
O2' 5MC C 2550 -0.11 5.02 -4.08
C1' 5MC C 2550 -1.13 6.29 -2.32
N1 5MC C 2550 -2.31 6.11 -1.47
C2 5MC C 2550 -2.63 4.86 -0.92
O2 5MC C 2550 -1.91 3.89 -1.16
N3 5MC C 2550 -3.72 4.77 -0.15
C4 5MC C 2550 -4.47 5.81 0.09
N4 5MC C 2550 -5.54 5.65 0.87
C5 5MC C 2550 -4.19 7.10 -0.43
C6 5MC C 2550 -3.10 7.18 -1.21
CM5 5MC C 2550 -5.07 8.28 -0.15
P A2M C 2553 5.62 5.05 -9.71
OP1 A2M C 2553 6.34 5.73 -10.83
O5' A2M C 2553 7.15 4.51 -8.95
C5' A2M C 2553 8.07 5.44 -8.71
C4' A2M C 2553 9.22 4.81 -7.96
O4' A2M C 2553 10.26 5.74 -7.85
C3' A2M C 2553 8.79 4.36 -6.55
O3' A2M C 2553 8.82 2.97 -6.50
C2' A2M C 2553 9.69 5.17 -5.63
O2' A2M C 2553 10.19 4.45 -4.55
C1' A2M C 2553 10.81 5.46 -6.62
CM' A2M C 2553 10.04 5.18 -3.37
N9 A2M C 2553 11.72 6.47 -6.20
C8 A2M C 2553 11.55 7.69 -5.57
N7 A2M C 2553 12.70 8.32 -5.34
C5 A2M C 2553 13.64 7.44 -5.83
C6 A2M C 2553 15.02 7.47 -5.90
N6 A2M C 2553 15.72 8.52 -5.41
N1 A2M C 2553 15.74 6.47 -6.44
C2 A2M C 2553 15.02 5.43 -6.91
N3 A2M C 2553 13.70 5.24 -6.93
C4 A2M C 2553 13.06 6.28 -6.37
OP2 A2M C 2553 4.65 3.96 -10.03
P OMG C 2560 -3.21 -4.05 -12.88
OP1 OMG C 2560 -4.37 -3.14 -13.27
OP2 OMG C 2560 -1.91 -3.41 -12.45
O5' OMG C 2560 -3.69 -4.99 -11.70
C5' OMG C 2560 -4.84 -5.81 -11.85
C4' OMG C 2560 -5.80 -5.61 -10.71
O4' OMG C 2560 -5.14 -4.88 -9.64
C3' OMG C 2560 -7.02 -4.77 -11.02
O3' OMG C 2560 -8.03 -5.52 -11.67
C2' OMG C 2560 -7.44 -4.28 -9.64
O2' OMG C 2560 -8.20 -5.27 -8.96
CM2 OMG C 2560 -8.72 -4.82 -7.75
C1' OMG C 2560 -6.10 -4.12 -8.93
N9 OMG C 2560 -5.61 -2.74 -8.87
C8 OMG C 2560 -4.37 -2.32 -9.25
N7 OMG C 2560 -4.18 -1.06 -9.08
C5 OMG C 2560 -5.35 -0.59 -8.55
C6 OMG C 2560 -5.72 0.71 -8.16
O6 OMG C 2560 -5.05 1.73 -8.21
N1 OMG C 2560 -7.02 0.75 -7.67
C2 OMG C 2560 -7.84 -0.33 -7.57
N2 OMG C 2560 -9.07 -0.09 -7.07
N3 OMG C 2560 -7.51 -1.54 -7.92
C4 OMG C 2560 -6.26 -1.62 -8.40
N1 OMC C 2576 -9.81 4.58 -5.44
C2 OMC C 2576 -9.26 3.28 -5.49
N3 OMC C 2576 -8.03 3.13 -5.98
C4 OMC C 2576 -7.31 4.15 -6.40
C5 OMC C 2576 -7.83 5.47 -6.37
C6 OMC C 2576 -9.08 5.62 -5.89
O2 OMC C 2576 -9.91 2.33 -5.10
N4 OMC C 2576 -6.10 3.93 -6.87
C1' OMC C 2576 -11.18 4.87 -4.96
C2' OMC C 2576 -11.35 4.69 -3.45
O2' OMC C 2576 -12.58 4.02 -3.23
CM2 OMC C 2576 -12.49 2.62 -3.23
C3' OMC C 2576 -11.43 6.13 -2.96
C4' OMC C 2576 -12.06 6.85 -4.13
O4' OMC C 2576 -11.48 6.21 -5.28
O3' OMC C 2576 -12.18 6.28 -1.77
C5' OMC C 2576 -11.79 8.33 -4.18
O5' OMC C 2576 -10.40 8.59 -4.11
P OMC C 2576 -9.84 10.07 -4.31
OP1 OMC C 2576 -10.52 10.95 -3.28
OP2 OMC C 2576 -8.33 9.99 -4.37
C1' UY1 C 2586 13.67 7.68 10.85
C2 UY1 C 2586 9.79 5.36 11.07
C2' UY1 C 2586 14.04 8.12 9.43
C3' UY1 C 2586 13.70 9.61 9.46
C4 UY1 C 2586 12.35 5.40 11.09
C4' UY1 C 2586 13.98 9.99 10.90
C5 UY1 C 2586 12.33 6.88 10.92
C5' UY1 C 2586 13.27 11.20 11.41
C6 UY1 C 2586 11.03 7.60 10.84
CM2 UY1 C 2586 15.74 6.62 8.96
N1 UY1 C 2586 9.78 6.87 10.91
N3 UY1 C 2586 11.09 4.63 11.16
O2 UY1 C 2586 8.79 4.78 11.13
O2' UY1 C 2586 15.43 7.92 9.25
O3' UY1 C 2586 14.45 10.39 8.54
O4 UY1 C 2586 13.37 4.84 11.15
O4' UY1 C 2586 13.56 8.84 11.65
O5' UY1 C 2586 13.73 11.58 12.70
OP1 UY1 C 2586 15.10 12.90 14.33
OP2 UY1 C 2586 15.98 12.33 11.98
P UY1 C 2586 14.84 12.69 12.87
N1 PSU C 2590 5.99 19.21 -0.79
C2 PSU C 2590 6.79 20.27 -0.41
N3 PSU C 2590 6.25 21.52 -0.24
C4 PSU C 2590 4.90 21.71 -0.46
C5 PSU C 2590 4.10 20.65 -0.87
C6 PSU C 2590 4.67 19.39 -1.01
O2 PSU C 2590 7.98 20.10 -0.21
O4 PSU C 2590 4.43 22.83 -0.30
C1' PSU C 2590 2.63 20.80 -1.08
C2' PSU C 2590 2.18 21.71 -2.24
O2' PSU C 2590 1.15 22.56 -1.76
C3' PSU C 2590 1.62 20.70 -3.22
C4' PSU C 2590 1.09 19.58 -2.34
O3' PSU C 2590 0.61 21.23 -4.06
O4' PSU C 2590 2.02 19.55 -1.24
C5' PSU C 2590 1.01 18.24 -2.98
O5' PSU C 2590 0.62 17.23 -2.06
P PSU C 2590 1.40 15.85 -2.01
OP1 PSU C 2590 0.84 14.96 -3.04
OP2 PSU C 2590 2.83 16.17 -2.01
P A2M C 2593 7.85 27.72 -12.81
OP1 A2M C 2593 7.32 28.10 -14.15
O5' A2M C 2593 9.56 28.15 -12.52
C5' A2M C 2593 9.86 29.45 -12.52
C4' A2M C 2593 11.30 29.63 -12.10
O4' A2M C 2593 11.37 29.57 -10.70
C3' A2M C 2593 12.18 28.54 -12.67
O3' A2M C 2593 12.45 28.88 -13.99
C2' A2M C 2593 13.29 28.49 -11.64
O2' A2M C 2593 14.19 29.55 -11.76
C1' A2M C 2593 12.42 28.70 -10.41
CM' A2M C 2593 15.08 29.56 -10.69
N9 A2M C 2593 11.88 27.52 -9.79
C8 A2M C 2593 10.60 26.99 -9.74
N7 A2M C 2593 10.54 25.85 -9.05
C5 A2M C 2593 11.84 25.66 -8.63
C6 A2M C 2593 12.47 24.69 -7.89
N6 A2M C 2593 11.78 23.61 -7.37
N1 A2M C 2593 13.79 24.71 -7.62
C2 A2M C 2593 14.46 25.77 -8.13
N3 A2M C 2593 14.02 26.79 -8.85
C4 A2M C 2593 12.69 26.68 -9.08
OP2 A2M C 2593 8.09 26.28 -12.50
P A2M C 2598 17.68 10.36 -17.19
OP1 A2M C 2598 18.45 9.46 -18.10
O5' A2M C 2598 16.22 9.62 -16.45
C5' A2M C 2598 16.40 8.46 -15.82
C4' A2M C 2598 15.07 7.93 -15.33
O4' A2M C 2598 14.69 8.67 -14.19
C3' A2M C 2598 13.97 8.10 -16.36
O3' A2M C 2598 14.14 7.11 -17.32
C2' A2M C 2598 12.74 8.09 -15.47
O2' A2M C 2598 12.48 6.83 -14.92
C1' A2M C 2598 13.33 9.00 -14.40
CM' A2M C 2598 11.21 6.82 -14.29
N9 A2M C 2598 13.23 10.41 -14.65
C8 A2M C 2598 14.17 11.38 -14.97
N7 A2M C 2598 13.62 12.60 -15.12
C5 A2M C 2598 12.27 12.37 -14.87
C6 A2M C 2598 11.15 13.17 -14.84
N6 A2M C 2598 11.22 14.52 -15.11
N1 A2M C 2598 9.92 12.70 -14.57
C2 A2M C 2598 9.86 11.38 -14.31
N3 A2M C 2598 10.82 10.46 -14.29
C4 A2M C 2598 12.02 11.02 -14.57
OP2 A2M C 2598 16.89 11.50 -17.77
N1 OMC C 2609 11.89 3.86 -41.44
C2 OMC C 2609 10.92 4.63 -42.08
N3 OMC C 2609 11.30 5.76 -42.71
C4 OMC C 2609 12.55 6.15 -42.73
C5 OMC C 2609 13.57 5.41 -42.07
C6 OMC C 2609 13.18 4.29 -41.45
O2 OMC C 2609 9.76 4.27 -42.07
N4 OMC C 2609 12.86 7.27 -43.36
C1' OMC C 2609 11.56 2.63 -40.71
C2' OMC C 2609 11.40 1.41 -41.61
O2' OMC C 2609 10.41 0.56 -41.04
CM2 OMC C 2609 9.13 1.14 -40.98
C3' OMC C 2609 12.77 0.76 -41.50
C4' OMC C 2609 13.15 1.03 -40.05
O4' OMC C 2609 12.60 2.35 -39.79
O3' OMC C 2609 12.77 -0.62 -41.81
C5' OMC C 2609 14.63 1.06 -39.76
O5' OMC C 2609 15.25 2.18 -40.36
P OMC C 2609 16.81 2.42 -40.26
OP1 OMC C 2609 17.49 1.06 -40.21
OP2 OMC C 2609 17.19 3.43 -41.33
N1 PSU C 2612 18.20 2.46 -46.68
C2 PSU C 2612 18.38 3.77 -47.02
N3 PSU C 2612 18.10 4.19 -48.30
C4 PSU C 2612 17.64 3.29 -49.23
C5 PSU C 2612 17.46 1.96 -48.88
C6 PSU C 2612 17.74 1.58 -47.58
O2 PSU C 2612 18.79 4.58 -46.19
O4 PSU C 2612 17.39 3.69 -50.37
C1' PSU C 2612 16.96 0.94 -49.87
C2' PSU C 2612 18.04 0.68 -50.91
O2' PSU C 2612 17.41 0.20 -52.08
C3' PSU C 2612 18.82 -0.42 -50.24
C4' PSU C 2612 17.72 -1.26 -49.62
O3' PSU C 2612 19.67 -1.15 -51.11
O4' PSU C 2612 16.74 -0.27 -49.19
C5' PSU C 2612 18.12 -2.11 -48.44
O5' PSU C 2612 17.07 -2.98 -48.05
P PSU C 2612 16.28 -2.74 -46.69
OP1 PSU C 2612 15.46 -3.95 -46.53
OP2 PSU C 2612 17.25 -2.36 -45.65
N1 PSU C 2619 39.81 3.83 -48.87
C2 PSU C 2619 38.71 2.99 -48.78
N3 PSU C 2619 38.52 2.22 -47.66
C4 PSU C 2619 39.41 2.28 -46.62
C5 PSU C 2619 40.52 3.12 -46.72
C6 PSU C 2619 40.68 3.89 -47.85
O2 PSU C 2619 37.91 2.93 -49.70
O4 PSU C 2619 39.23 1.59 -45.62
C1' PSU C 2619 41.51 3.24 -45.60
C2' PSU C 2619 42.34 1.98 -45.32
O2' PSU C 2619 42.46 1.84 -43.92
C3' PSU C 2619 43.68 2.36 -45.94
C4' PSU C 2619 43.77 3.85 -45.71
O3' PSU C 2619 44.78 1.66 -45.36
O4' PSU C 2619 42.40 4.30 -45.86
C5' PSU C 2619 44.66 4.61 -46.64
O5' PSU C 2619 44.98 5.88 -46.11
P PSU C 2619 45.08 7.15 -47.05
OP1 PSU C 2619 46.49 7.61 -47.11
OP2 PSU C 2619 44.36 6.84 -48.30
N1 PSU C 2621 44.26 -0.55 -50.53
C2 PSU C 2621 44.82 0.21 -51.53
N3 PSU C 2621 44.84 -0.27 -52.82
C4 PSU C 2621 44.31 -1.50 -53.10
C5 PSU C 2621 43.77 -2.27 -52.08
C6 PSU C 2621 43.74 -1.75 -50.80
O2 PSU C 2621 45.28 1.31 -51.27
O4 PSU C 2621 44.34 -1.91 -54.25
C1' PSU C 2621 43.16 -3.61 -52.33
C2' PSU C 2621 44.15 -4.66 -52.82
O2' PSU C 2621 43.47 -5.52 -53.71
C3' PSU C 2621 44.48 -5.39 -51.53
C4' PSU C 2621 43.17 -5.36 -50.78
O3' PSU C 2621 44.97 -6.70 -51.74
O4' PSU C 2621 42.59 -4.09 -51.13
C5' PSU C 2621 43.29 -5.49 -49.30
O5' PSU C 2621 44.28 -4.61 -48.80
P PSU C 2621 44.78 -4.71 -47.29
OP1 PSU C 2621 45.03 -6.12 -46.96
OP2 PSU C 2621 45.85 -3.71 -47.26
P A2M C 2635 52.34 -30.46 -37.22
OP1 A2M C 2635 53.69 -30.33 -37.83
O5' A2M C 2635 50.97 -30.73 -38.38
C5' A2M C 2635 49.82 -30.09 -38.11
C4' A2M C 2635 48.65 -31.05 -38.34
O4' A2M C 2635 48.16 -31.43 -37.09
C3' A2M C 2635 47.52 -30.40 -39.11
O3' A2M C 2635 47.73 -30.73 -40.45
C2' A2M C 2635 46.28 -30.94 -38.45
O2' A2M C 2635 45.94 -32.21 -38.93
C1' A2M C 2635 46.82 -31.07 -37.04
CM' A2M C 2635 45.02 -32.85 -38.08
N9 A2M C 2635 46.69 -29.94 -36.16
C8 A2M C 2635 47.58 -28.98 -35.70
N7 A2M C 2635 47.02 -28.09 -34.85
C5 A2M C 2635 45.70 -28.52 -34.79
C6 A2M C 2635 44.59 -28.07 -34.11
N6 A2M C 2635 44.64 -26.97 -33.29
N1 A2M C 2635 43.39 -28.68 -34.22
C2 A2M C 2635 43.35 -29.77 -35.02
N3 A2M C 2635 44.32 -30.33 -35.74
C4 A2M C 2635 45.48 -29.66 -35.59
OP2 A2M C 2635 51.69 -29.26 -36.60
N1 OMC C 2637 36.79 -33.77 -44.96
C2 OMC C 2637 35.95 -34.85 -45.29
N3 OMC C 2637 36.30 -36.08 -44.88
C4 OMC C 2637 37.39 -36.29 -44.19
C5 OMC C 2637 38.26 -35.23 -43.82
C6 OMC C 2637 37.91 -34.01 -44.24
O2 OMC C 2637 34.94 -34.65 -45.94
N4 OMC C 2637 37.68 -37.53 -43.81
C1' OMC C 2637 36.46 -32.39 -45.37
C2' OMC C 2637 35.39 -31.77 -44.46
O2' OMC C 2637 34.69 -30.80 -45.21
CM2 OMC C 2637 33.30 -30.98 -45.15
C3' OMC C 2637 36.26 -31.10 -43.41
C4' OMC C 2637 37.40 -30.55 -44.25
O4' OMC C 2637 37.62 -31.58 -45.24
O3' OMC C 2637 35.59 -30.12 -42.65
C5' OMC C 2637 38.68 -30.29 -43.50
O5' OMC C 2637 39.05 -31.41 -42.73
P OMC C 2637 40.54 -31.95 -42.75
OP1 OMC C 2637 40.53 -33.42 -42.35
OP2 OMC C 2637 41.17 -31.52 -44.07
N1 PSU C 2652 34.18 -45.55 -40.08
C2 PSU C 2652 33.54 -44.34 -40.19
N3 PSU C 2652 32.18 -44.31 -40.43
C4 PSU C 2652 31.48 -45.47 -40.57
C5 PSU C 2652 32.14 -46.67 -40.47
C6 PSU C 2652 33.50 -46.69 -40.21
O2 PSU C 2652 34.17 -43.30 -40.07
O4 PSU C 2652 30.29 -45.45 -40.78
C1' PSU C 2652 31.37 -47.95 -40.59
C2' PSU C 2652 31.17 -48.36 -42.05
O2' PSU C 2652 29.94 -49.06 -42.15
C3' PSU C 2652 32.34 -49.32 -42.24
C4' PSU C 2652 32.38 -50.03 -40.90
O3' PSU C 2652 32.17 -50.20 -43.33
O4' PSU C 2652 32.06 -49.00 -39.95
C5' PSU C 2652 33.70 -50.67 -40.54
O5' PSU C 2652 34.76 -49.73 -40.69
P PSU C 2652 36.24 -50.11 -40.26
OP1 PSU C 2652 36.57 -51.43 -40.83
OP2 PSU C 2652 37.03 -48.91 -40.59
N1 OMC C 2655 35.79 -40.63 -50.78
C2 OMC C 2655 37.06 -40.82 -50.22
N3 OMC C 2655 37.84 -41.78 -50.72
C4 OMC C 2655 37.45 -42.52 -51.73
C5 OMC C 2655 36.18 -42.37 -52.34
C6 OMC C 2655 35.39 -41.40 -51.82
O2 OMC C 2655 37.42 -40.13 -49.29
N4 OMC C 2655 38.28 -43.45 -52.18
C1' OMC C 2655 34.87 -39.59 -50.28
C2' OMC C 2655 35.33 -38.19 -50.69
O2' OMC C 2655 34.89 -37.27 -49.72
CM2 OMC C 2655 35.91 -36.90 -48.81
C3' OMC C 2655 34.58 -38.01 -51.99
C4' OMC C 2655 33.23 -38.64 -51.67
O4' OMC C 2655 33.59 -39.78 -50.86
O3' OMC C 2655 34.48 -36.66 -52.41
C5' OMC C 2655 32.43 -39.09 -52.86
O5' OMC C 2655 31.10 -39.43 -52.50
P OMC C 2655 30.60 -40.93 -52.52
OP1 OMC C 2655 29.79 -41.17 -53.78
OP2 OMC C 2655 31.80 -41.82 -52.19
P OMG C 2667 29.57 -21.43 -34.20
OP1 OMG C 2667 28.85 -21.31 -32.88
OP2 OMG C 2667 30.85 -20.64 -34.41
O5' OMG C 2667 29.88 -22.96 -34.48
C5' OMG C 2667 30.73 -23.70 -33.64
C4' OMG C 2667 31.65 -24.59 -34.41
O4' OMG C 2667 31.86 -24.07 -35.75
C3' OMG C 2667 33.05 -24.70 -33.86
O3' OMG C 2667 33.12 -25.54 -32.74
C2' OMG C 2667 33.82 -25.22 -35.06
O2' OMG C 2667 33.56 -26.59 -35.27
CM2 OMG C 2667 34.47 -27.22 -36.13
C1' OMG C 2667 33.16 -24.43 -36.18
N9 OMG C 2667 33.90 -23.19 -36.50
C8 OMG C 2667 33.40 -21.92 -36.45
N7 OMG C 2667 34.27 -21.03 -36.80
C5 OMG C 2667 35.39 -21.75 -37.11
C6 OMG C 2667 36.66 -21.31 -37.56
O6 OMG C 2667 37.03 -20.17 -37.77
N1 OMG C 2667 37.52 -22.39 -37.75
C2 OMG C 2667 37.21 -23.69 -37.55
N2 OMG C 2667 38.18 -24.59 -37.79
N3 OMG C 2667 36.05 -24.09 -37.14
C4 OMG C 2667 35.18 -23.09 -36.94
N1 PSU C 2688 32.87 -6.21 13.62
C2 PSU C 2688 32.67 -7.47 14.16
N3 PSU C 2688 31.40 -7.94 14.35
C4 PSU C 2688 30.33 -7.15 14.01
C5 PSU C 2688 30.53 -5.88 13.48
C6 PSU C 2688 31.83 -5.44 13.29
O2 PSU C 2688 33.63 -8.16 14.45
O4 PSU C 2688 29.19 -7.57 14.19
C1' PSU C 2688 29.37 -5.02 13.09
C2' PSU C 2688 28.66 -4.41 14.29
O2' PSU C 2688 27.27 -4.33 13.97
C3' PSU C 2688 29.27 -3.03 14.34
C4' PSU C 2688 29.47 -2.70 12.87
O3' PSU C 2688 28.46 -2.08 15.01
O4' PSU C 2688 29.82 -3.96 12.28
C5' PSU C 2688 30.54 -1.68 12.59
O5' PSU C 2688 31.81 -2.13 13.02
P PSU C 2688 33.13 -1.31 12.69
OP1 PSU C 2688 33.02 0.07 13.24
OP2 PSU C 2688 34.19 -2.22 13.15
N1 OMU C 2693 38.56 -12.17 25.26
C2 OMU C 2693 39.29 -11.24 24.34
N3 OMU C 2693 38.54 -10.17 23.61
C4 OMU C 2693 37.11 -10.06 23.81
C5 OMU C 2693 36.40 -10.99 24.72
C6 OMU C 2693 37.15 -12.04 25.44
O2 OMU C 2693 40.50 -11.34 24.19
O4 OMU C 2693 36.53 -9.25 23.26
C1' OMU C 2693 39.33 -13.23 25.96
C2' OMU C 2693 39.94 -12.70 27.27
O2' OMU C 2693 41.19 -13.34 27.46
CM2 OMU C 2693 42.12 -13.05 26.47
C3' OMU C 2693 38.93 -13.22 28.29
C4' OMU C 2693 38.54 -14.56 27.71
O3' OMU C 2693 39.43 -13.30 29.61
O4' OMU C 2693 38.46 -14.29 26.29
C5' OMU C 2693 37.23 -15.13 28.20
O5' OMU C 2693 36.21 -14.16 28.20
P OMU C 2693 34.70 -14.55 28.49
OP1 OMU C 2693 34.66 -15.31 29.78
OP2 OMU C 2693 33.86 -13.32 28.30
P OMG C 2863 21.68 -32.35 -3.53
OP1 OMG C 2863 20.42 -31.80 -2.90
OP2 OMG C 2863 21.96 -32.11 -5.02
O5' OMG C 2863 22.92 -31.81 -2.69
C5' OMG C 2863 24.24 -32.14 -3.06
C4' OMG C 2863 25.12 -30.90 -3.13
O4' OMG C 2863 24.71 -30.09 -4.25
C3' OMG C 2863 25.03 -29.97 -1.94
O3' OMG C 2863 25.80 -30.41 -0.85
C2' OMG C 2863 25.49 -28.65 -2.53
O2' OMG C 2863 26.90 -28.62 -2.60
CM2 OMG C 2863 27.44 -27.55 -3.36
C1' OMG C 2863 24.93 -28.73 -3.95
N9 OMG C 2863 23.66 -28.00 -4.12
C8 OMG C 2863 22.47 -28.54 -4.49
N7 OMG C 2863 21.53 -27.65 -4.57
C5 OMG C 2863 22.14 -26.47 -4.25
C6 OMG C 2863 21.61 -25.16 -4.18
O6 OMG C 2863 20.47 -24.79 -4.38
N1 OMG C 2863 22.60 -24.25 -3.81
C2 OMG C 2863 23.89 -24.55 -3.56
N2 OMG C 2863 24.69 -23.53 -3.23
N3 OMG C 2863 24.38 -25.75 -3.63
C4 OMG C 2863 23.47 -26.67 -3.97
C2 6MZ C 2887 17.33 -47.81 1.44
C4 6MZ C 2887 18.85 -46.90 2.96
C5 6MZ C 2887 18.52 -47.81 3.85
O1P 6MZ C 2887 22.27 -46.66 7.72
O2P 6MZ C 2887 23.82 -44.75 8.05
N9 6MZ C 2887 19.78 -46.13 3.51
N3 6MZ C 2887 18.26 -46.89 1.75
N1 6MZ C 2887 16.99 -48.74 2.35
C6 6MZ C 2887 17.56 -48.75 3.53
N6 6MZ C 2887 17.14 -49.80 4.48
C9 6MZ C 2887 16.20 -50.81 4.01
N7 6MZ C 2887 19.23 -47.60 4.95
C8 6MZ C 2887 20.02 -46.55 4.73
O5' 6MZ C 2887 22.30 -44.88 5.89
C5' 6MZ C 2887 22.99 -44.09 4.88
C4' 6MZ C 2887 22.10 -43.78 3.88
O4' 6MZ C 2887 21.72 -45.05 3.08
C1' 6MZ C 2887 20.43 -45.00 2.87
C2' 6MZ C 2887 19.90 -43.61 3.54
O2' 6MZ C 2887 19.88 -42.59 2.55
C3' 6MZ C 2887 20.76 -43.30 4.47
O3' 6MZ C 2887 20.77 -41.83 4.70
P 6MZ C 2887 23.20 -45.72 7.03
N1 OMU C 2894 16.05 -42.40 24.48
C2 OMU C 2894 17.43 -42.11 23.95
N3 OMU C 2894 17.59 -41.37 22.67
C4 OMU C 2894 16.42 -40.92 21.94
C5 OMU C 2894 15.05 -41.22 22.47
C6 OMU C 2894 14.90 -41.96 23.75
O2 OMU C 2894 18.41 -42.47 24.58
O4 OMU C 2894 16.54 -40.36 20.97
C1' OMU C 2894 15.89 -43.14 25.75
C2' OMU C 2894 16.05 -42.22 26.96
O2' OMU C 2894 16.70 -42.96 27.99
CM2 OMU C 2894 18.05 -43.17 27.76
C3' OMU C 2894 14.61 -41.94 27.34
C4' OMU C 2894 13.93 -43.25 27.02
O3' OMU C 2894 14.43 -41.57 28.69
O4' OMU C 2894 14.59 -43.67 25.80
C5' OMU C 2894 12.44 -43.18 26.79
O5' OMU C 2894 12.11 -42.21 25.82
P OMU C 2894 10.59 -41.89 25.46
OP1 OMU C 2894 9.86 -41.59 26.72
OP2 OMU C 2894 10.59 -40.92 24.31
P OMG C 2895 14.20 -40.03 29.07
OP1 OMG C 2895 12.90 -39.94 29.86
OP2 OMG C 2895 14.38 -39.21 27.81
O5' OMG C 2895 15.39 -39.71 30.07
C5' OMG C 2895 16.38 -40.69 30.34
C4' OMG C 2895 17.73 -40.07 30.63
O4' OMG C 2895 18.51 -40.05 29.40
C3' OMG C 2895 17.71 -38.64 31.12
O3' OMG C 2895 18.85 -38.41 31.95
C2' OMG C 2895 17.88 -37.85 29.83
O2' OMG C 2895 18.36 -36.53 30.01
CM2 OMG C 2895 17.33 -35.57 30.01
C1' OMG C 2895 18.89 -38.72 29.11
N9 OMG C 2895 18.92 -38.55 27.65
C8 OMG C 2895 17.88 -38.24 26.81
N7 OMG C 2895 18.28 -38.17 25.57
C5 OMG C 2895 19.62 -38.46 25.61
C6 OMG C 2895 20.58 -38.53 24.58
O6 OMG C 2895 20.44 -38.37 23.38
N1 OMG C 2895 21.83 -38.86 25.09
C2 OMG C 2895 22.13 -39.08 26.40
N2 OMG C 2895 23.40 -39.38 26.69
N3 OMG C 2895 21.25 -39.00 27.35
C4 OMG C 2895 20.03 -38.69 26.90
N1 PSU C 2960 27.24 -56.47 48.81
C2 PSU C 2960 27.76 -57.43 49.63
N3 PSU C 2960 28.06 -57.14 50.94
C4 PSU C 2960 27.84 -55.87 51.41
C5 PSU C 2960 27.33 -54.90 50.57
C6 PSU C 2960 27.03 -55.22 49.26
O2 PSU C 2960 27.96 -58.56 49.21
O4 PSU C 2960 28.11 -55.59 52.57
C1' PSU C 2960 27.10 -53.53 51.12
C2' PSU C 2960 28.40 -52.73 51.04
O2' PSU C 2960 28.44 -51.84 52.14
C3' PSU C 2960 28.19 -51.97 49.74
C4' PSU C 2960 26.71 -51.63 49.81
O3' PSU C 2960 29.01 -50.83 49.61
O4' PSU C 2960 26.12 -52.82 50.39
C5' PSU C 2960 26.06 -51.33 48.49
O5' PSU C 2960 26.10 -52.47 47.64
P PSU C 2960 25.82 -52.33 46.08
OP1 PSU C 2960 26.61 -51.19 45.59
OP2 PSU C 2960 25.97 -53.65 45.45
N1 PSU C 2963 37.20 -58.96 43.39
C2 PSU C 2963 36.86 -60.23 42.98
N3 PSU C 2963 37.81 -61.23 42.96
C4 PSU C 2963 39.10 -60.95 43.34
C5 PSU C 2963 39.44 -59.68 43.75
C6 PSU C 2963 38.47 -58.69 43.77
O2 PSU C 2963 35.71 -60.47 42.63
O4 PSU C 2963 39.95 -61.85 43.31
C1' PSU C 2963 40.85 -59.38 44.17
C2' PSU C 2963 41.70 -59.10 42.94
O2' PSU C 2963 43.02 -59.54 43.19
C3' PSU C 2963 41.66 -57.58 42.89
C4' PSU C 2963 41.71 -57.22 44.36
O3' PSU C 2963 42.69 -56.99 42.14
O4' PSU C 2963 40.90 -58.23 44.99
C5' PSU C 2963 41.20 -55.84 44.71
O5' PSU C 2963 40.03 -55.53 43.97
P PSU C 2963 39.10 -54.33 44.43
OP1 PSU C 2963 39.76 -53.04 44.16
OP2 PSU C 2963 37.75 -54.59 43.89
N1 PSU C 2966 36.31 -60.52 32.52
C2 PSU C 2966 35.17 -59.78 32.63
N3 PSU C 2966 33.97 -60.30 32.21
C4 PSU C 2966 33.92 -61.56 31.67
C5 PSU C 2966 35.09 -62.30 31.55
C6 PSU C 2966 36.28 -61.76 31.99
O2 PSU C 2966 35.20 -58.65 33.11
O4 PSU C 2966 32.85 -62.01 31.30
C1' PSU C 2966 35.08 -63.69 30.97
C2' PSU C 2966 34.76 -63.68 29.48
O2' PSU C 2966 34.04 -64.87 29.19
C3' PSU C 2966 36.15 -63.74 28.87
C4' PSU C 2966 36.89 -64.63 29.85
O3' PSU C 2966 36.18 -64.22 27.55
O4' PSU C 2966 36.35 -64.28 31.14
C5' PSU C 2966 38.40 -64.47 29.86
O5' PSU C 2966 38.76 -63.13 30.12
P PSU C 2966 40.22 -62.75 30.64
OP1 PSU C 2966 41.19 -63.12 29.59
OP2 PSU C 2966 40.15 -61.37 31.15
N1 OMU C 2973 40.35 -50.60 22.48
C2 OMU C 2973 39.70 -49.24 22.59
N3 OMU C 2973 38.39 -48.99 21.92
C4 OMU C 2973 37.75 -50.06 21.17
C5 OMU C 2973 38.41 -51.39 21.08
C6 OMU C 2973 39.71 -51.63 21.74
O2 OMU C 2973 40.24 -48.35 23.22
O4 OMU C 2973 36.76 -49.87 20.66
C1' OMU C 2973 41.65 -50.84 23.15
C2' OMU C 2973 41.49 -50.97 24.65
O2' OMU C 2973 42.69 -50.55 25.27
CM2 OMU C 2973 42.86 -49.18 25.28
C3' OMU C 2973 41.32 -52.48 24.79
C4' OMU C 2973 42.30 -53.00 23.75
O3' OMU C 2973 41.59 -52.96 26.09
O4' OMU C 2973 42.18 -52.06 22.66
C5' OMU C 2973 42.04 -54.39 23.24
O5' OMU C 2973 43.05 -54.78 22.32
P OMU C 2973 43.35 -56.31 22.02
OP1 OMU C 2973 44.37 -56.36 20.93
OP2 OMU C 2973 43.60 -57.01 23.32
N1 PSU C 2979 29.03 -60.60 35.00
C2 PSU C 2979 30.36 -60.92 35.13
N3 PSU C 2979 30.87 -62.06 34.54
C4 PSU C 2979 30.04 -62.87 33.81
C5 PSU C 2979 28.70 -62.54 33.68
C6 PSU C 2979 28.23 -61.39 34.28
O2 PSU C 2979 31.10 -60.20 35.79
O4 PSU C 2979 30.49 -63.87 33.29
C1' PSU C 2979 27.78 -63.41 32.89
C2' PSU C 2979 27.42 -64.67 33.68
O2' PSU C 2979 27.18 -65.71 32.74
C3' PSU C 2979 26.14 -64.25 34.36
C4' PSU C 2979 25.47 -63.41 33.29
O3' PSU C 2979 25.34 -65.32 34.80
O4' PSU C 2979 26.58 -62.72 32.65
C5' PSU C 2979 24.46 -62.41 33.77
O5' PSU C 2979 25.00 -61.59 34.79
P PSU C 2979 24.24 -60.28 35.26
OP1 PSU C 2979 22.97 -60.70 35.87
OP2 PSU C 2979 25.17 -59.44 36.03
N1 PSU C 3020 56.14 -34.62 55.79
C2 PSU C 3020 55.00 -34.02 56.25
N3 PSU C 3020 54.54 -32.85 55.72
C4 PSU C 3020 55.24 -32.26 54.70
C5 PSU C 3020 56.40 -32.85 54.24
C6 PSU C 3020 56.83 -34.04 54.79
O2 PSU C 3020 54.38 -34.57 57.17
O4 PSU C 3020 54.84 -31.20 54.21
C1' PSU C 3020 57.15 -32.20 53.12
C2' PSU C 3020 58.08 -31.11 53.66
O2' PSU C 3020 58.07 -30.03 52.74
C3' PSU C 3020 59.42 -31.82 53.63
C4' PSU C 3020 59.32 -32.70 52.41
O3' PSU C 3020 60.53 -30.94 53.57
O4' PSU C 3020 57.94 -33.13 52.41
C5' PSU C 3020 60.22 -33.91 52.40
O5' PSU C 3020 60.03 -34.69 53.57
P PSU C 3020 60.89 -36.01 53.82
OP1 PSU C 3020 62.29 -35.79 53.44
OP2 PSU C 3020 60.53 -36.49 55.16
N1 PSU C 3028 50.33 -30.43 57.71
C2 PSU C 3028 51.42 -30.93 57.04
N3 PSU C 3028 52.02 -30.19 56.05
C4 PSU C 3028 51.52 -28.95 55.73
C5 PSU C 3028 50.44 -28.46 56.42
C6 PSU C 3028 49.85 -29.22 57.41
O2 PSU C 3028 51.86 -32.04 57.31
O4 PSU C 3028 52.07 -28.29 54.86
C1' PSU C 3028 49.89 -27.09 56.10
C2' PSU C 3028 49.15 -27.11 54.77
O2' PSU C 3028 49.32 -25.84 54.16
C3' PSU C 3028 47.71 -27.28 55.23
C4' PSU C 3028 47.68 -26.46 56.51
O3' PSU C 3028 46.76 -26.86 54.28
O4' PSU C 3028 48.98 -26.68 57.10
C5' PSU C 3028 46.61 -26.84 57.49
O5' PSU C 3028 46.72 -28.21 57.84
P PSU C 3028 45.94 -28.79 59.10
OP1 PSU C 3028 44.52 -28.50 58.92
OP2 PSU C 3028 46.39 -30.19 59.29
P OMG C 3037 28.62 -36.89 39.40
OP1 OMG C 3037 27.19 -36.85 38.93
OP2 OMG C 3037 29.66 -37.72 38.63
O5' OMG C 3037 29.14 -35.40 39.51
C5' OMG C 3037 28.43 -34.42 40.25
C4' OMG C 3037 29.12 -33.09 40.23
O4' OMG C 3037 30.34 -33.16 41.01
C3' OMG C 3037 29.59 -32.60 38.87
O3' OMG C 3037 28.55 -32.01 38.12
C2' OMG C 3037 30.69 -31.63 39.24
O2' OMG C 3037 30.14 -30.40 39.69
CM2 OMG C 3037 30.67 -29.28 39.00
C1' OMG C 3037 31.32 -32.33 40.44
N9 OMG C 3037 32.45 -33.18 40.04
C8 OMG C 3037 32.46 -34.54 39.84
N7 OMG C 3037 33.63 -34.96 39.48
C5 OMG C 3037 34.42 -33.86 39.43
C6 OMG C 3037 35.79 -33.71 39.09
O6 OMG C 3037 36.59 -34.57 38.77
N1 OMG C 3037 36.18 -32.38 39.18
C2 OMG C 3037 35.38 -31.33 39.54
N2 OMG C 3037 35.95 -30.12 39.55
N3 OMG C 3037 34.12 -31.47 39.84
C4 OMG C 3037 33.70 -32.74 39.77
P OMG C 3059 41.65 -28.48 -8.59
OP1 OMG C 3059 42.31 -29.74 -9.10
OP2 OMG C 3059 41.44 -27.29 -9.52
O5' OMG C 3059 40.22 -28.89 -8.02
C5' OMG C 3059 40.08 -29.94 -7.08
C4' OMG C 3059 38.64 -30.07 -6.67
O4' OMG C 3059 38.23 -28.85 -6.01
C3' OMG C 3059 37.65 -30.22 -7.81
O3' OMG C 3059 37.54 -31.56 -8.26
C2' OMG C 3059 36.37 -29.67 -7.21
O2' OMG C 3059 35.76 -30.62 -6.37
CM2 OMG C 3059 34.39 -30.37 -6.17
C1' OMG C 3059 36.90 -28.53 -6.34
N9 OMG C 3059 36.89 -27.24 -7.04
C8 OMG C 3059 37.91 -26.66 -7.75
N7 OMG C 3059 37.58 -25.51 -8.24
C5 OMG C 3059 36.29 -25.31 -7.84
C6 OMG C 3059 35.41 -24.24 -8.07
O6 OMG C 3059 35.60 -23.21 -8.70
N1 OMG C 3059 34.17 -24.45 -7.47
C2 OMG C 3059 33.83 -25.54 -6.75
N2 OMG C 3059 32.59 -25.57 -6.25
N3 OMG C 3059 34.65 -26.54 -6.53
C4 OMG C 3059 35.85 -26.38 -7.09
N1 PSU C 3070 15.78 -38.41 -18.92
C2 PSU C 3070 15.29 -37.28 -18.30
N3 PSU C 3070 14.40 -37.39 -17.26
C4 PSU C 3070 14.00 -38.63 -16.84
C5 PSU C 3070 14.48 -39.76 -17.48
C6 PSU C 3070 15.39 -39.64 -18.51
O2 PSU C 3070 15.66 -36.18 -18.67
O4 PSU C 3070 13.20 -38.74 -15.91
C1' PSU C 3070 14.09 -41.12 -16.99
C2' PSU C 3070 12.68 -41.64 -17.30
O2' PSU C 3070 12.16 -42.20 -16.10
C3' PSU C 3070 12.96 -42.74 -18.31
C4' PSU C 3070 14.33 -43.25 -17.93
O3' PSU C 3070 11.99 -43.78 -18.28
O4' PSU C 3070 15.02 -42.07 -17.46
C5' PSU C 3070 15.12 -43.87 -19.05
O5' PSU C 3070 15.38 -42.94 -20.07
P PSU C 3070 16.13 -43.36 -21.40
OP1 PSU C 3070 15.65 -44.72 -21.75
OP2 PSU C 3070 16.01 -42.25 -22.36
N1 PSU C 3098 -6.61 -45.76 -18.50
C2 PSU C 3098 -6.45 -45.10 -19.70
N3 PSU C 3098 -6.21 -45.78 -20.86
C4 PSU C 3098 -6.14 -47.15 -20.83
C5 PSU C 3098 -6.29 -47.83 -19.62
C6 PSU C 3098 -6.54 -47.10 -18.47
O2 PSU C 3098 -6.52 -43.87 -19.72
O4 PSU C 3098 -5.93 -47.76 -21.86
C1' PSU C 3098 -6.21 -49.32 -19.56
C2' PSU C 3098 -4.76 -49.79 -19.70
O2' PSU C 3098 -4.77 -51.06 -20.34
C3' PSU C 3098 -4.35 -49.91 -18.25
C4' PSU C 3098 -5.60 -50.47 -17.61
O3' PSU C 3098 -3.21 -50.73 -18.04
O4' PSU C 3098 -6.68 -49.78 -18.31
C5' PSU C 3098 -5.74 -50.26 -16.12
O5' PSU C 3098 -5.56 -48.90 -15.77
P PSU C 3098 -6.19 -48.32 -14.44
OP1 PSU C 3098 -5.58 -48.90 -13.23
OP2 PSU C 3098 -6.25 -46.85 -14.57
N1 PSU C 3109 18.65 -33.86 -12.05
C2 PSU C 3109 19.39 -33.61 -13.20
N3 PSU C 3109 20.30 -34.53 -13.65
C4 PSU C 3109 20.48 -35.71 -12.97
C5 PSU C 3109 19.75 -35.94 -11.81
C6 PSU C 3109 18.83 -35.00 -11.38
O2 PSU C 3109 19.22 -32.56 -13.81
O4 PSU C 3109 21.29 -36.52 -13.38
C1' PSU C 3109 19.88 -37.24 -11.06
C2' PSU C 3109 21.22 -37.51 -10.37
O2' PSU C 3109 21.58 -38.85 -10.66
C3' PSU C 3109 20.87 -37.37 -8.90
C4' PSU C 3109 19.41 -37.78 -8.84
O3' PSU C 3109 21.68 -38.16 -8.06
O4' PSU C 3109 18.86 -37.32 -10.09
C5' PSU C 3109 18.62 -37.18 -7.71
O5' PSU C 3109 18.62 -35.77 -7.78
P PSU C 3109 17.50 -34.92 -7.04
OP1 PSU C 3109 17.68 -35.17 -5.60
OP2 PSU C 3109 17.47 -33.54 -7.54
P 5MC C 3114 37.24 -27.83 -15.85
OP1 5MC C 3114 38.58 -27.28 -16.33
OP2 5MC C 3114 37.15 -29.23 -15.26
O5' 5MC C 3114 36.67 -26.81 -14.77
C5' 5MC C 3114 36.45 -25.46 -15.12
C4' 5MC C 3114 36.22 -24.60 -13.90
O4' 5MC C 3114 34.96 -24.92 -13.31
C3' 5MC C 3114 37.23 -24.79 -12.75
O3' 5MC C 3114 38.27 -23.83 -12.77
C2' 5MC C 3114 36.39 -24.75 -11.46
O2' 5MC C 3114 36.76 -23.63 -10.68
C1' 5MC C 3114 34.97 -24.49 -11.98
N1 5MC C 3114 33.93 -25.22 -11.22
C2 5MC C 3114 32.64 -24.70 -11.26
O2 5MC C 3114 32.43 -23.69 -11.90
N3 5MC C 3114 31.68 -25.34 -10.58
C4 5MC C 3114 31.94 -26.42 -9.89
N4 5MC C 3114 30.94 -27.01 -9.24
C5 5MC C 3114 33.24 -27.00 -9.83
C6 5MC C 3114 34.20 -26.35 -10.53
CM5 5MC C 3114 33.47 -28.23 -9.04
N1 OMC C 3123 17.51 -9.49 -33.94
C2 OMC C 3123 18.79 -9.98 -34.25
N3 OMC C 3123 19.15 -11.17 -33.75
C4 OMC C 3123 18.36 -11.86 -32.98
C5 OMC C 3123 17.06 -11.40 -32.64
C6 OMC C 3123 16.70 -10.22 -33.14
O2 OMC C 3123 19.53 -9.35 -34.97
N4 OMC C 3123 18.78 -13.03 -32.50
C1' OMC C 3123 16.98 -8.20 -34.42
C2' OMC C 3123 16.77 -8.17 -35.93
O2' OMC C 3123 17.12 -6.88 -36.40
CM2 OMC C 3123 18.50 -6.75 -36.57
C3' OMC C 3123 15.27 -8.40 -36.04
C4' OMC C 3123 14.73 -7.72 -34.80
O4' OMC C 3123 15.74 -7.97 -33.80
O3' OMC C 3123 14.72 -7.86 -37.24
C5' OMC C 3123 13.42 -8.26 -34.32
O5' OMC C 3123 13.51 -9.66 -34.06
P OMC C 3123 12.34 -10.44 -33.35
OP1 OMC C 3123 11.06 -10.13 -34.11
OP2 OMC C 3123 12.78 -11.88 -33.15
N1 PSU C 3124 17.02 -12.31 -36.22
C2 PSU C 3124 17.78 -13.39 -35.84
N3 PSU C 3124 18.99 -13.63 -36.42
C4 PSU C 3124 19.45 -12.79 -37.40
C5 PSU C 3124 18.69 -11.70 -37.79
C6 PSU C 3124 17.48 -11.48 -37.18
O2 PSU C 3124 17.36 -14.15 -34.96
O4 PSU C 3124 20.54 -13.00 -37.91
C1' PSU C 3124 19.20 -10.74 -38.83
C2' PSU C 3124 19.02 -11.17 -40.28
O2' PSU C 3124 20.13 -10.72 -41.02
C3' PSU C 3124 17.76 -10.38 -40.68
C4' PSU C 3124 17.90 -9.09 -39.88
O3' PSU C 3124 17.67 -10.15 -42.07
O4' PSU C 3124 18.53 -9.51 -38.65
C5' PSU C 3124 16.61 -8.41 -39.58
O5' PSU C 3124 15.66 -9.32 -39.04
P PSU C 3124 14.28 -8.83 -38.43
OP1 PSU C 3124 13.65 -8.01 -39.48
OP2 PSU C 3124 13.59 -10.01 -37.87
N1 PSU C 3138 -9.64 -33.94 -50.57
C2 PSU C 3138 -9.40 -34.18 -49.24
N3 PSU C 3138 -8.99 -35.41 -48.81
C4 PSU C 3138 -8.81 -36.42 -49.72
C5 PSU C 3138 -9.07 -36.19 -51.07
C6 PSU C 3138 -9.47 -34.93 -51.47
O2 PSU C 3138 -9.56 -33.28 -48.42
O4 PSU C 3138 -8.45 -37.53 -49.34
C1' PSU C 3138 -8.87 -37.27 -52.09
C2' PSU C 3138 -9.99 -38.31 -52.01
O2' PSU C 3138 -9.48 -39.55 -52.46
C3' PSU C 3138 -10.99 -37.75 -53.01
C4' PSU C 3138 -10.08 -37.20 -54.09
O3' PSU C 3138 -11.91 -38.70 -53.49
O4' PSU C 3138 -8.94 -36.68 -53.37
C5' PSU C 3138 -10.67 -36.12 -54.95
O5' PSU C 3138 -10.04 -36.06 -56.21
P PSU C 3138 -9.91 -34.68 -56.98
OP1 PSU C 3138 -10.63 -34.80 -58.27
OP2 PSU C 3138 -10.24 -33.60 -56.03
N1 PSU C 3160 -0.11 -12.27 -39.10
C2 PSU C 3160 -1.09 -11.36 -38.78
N3 PSU C 3160 -1.21 -10.20 -39.50
C4 PSU C 3160 -0.36 -9.95 -40.55
C5 PSU C 3160 0.63 -10.87 -40.87
C6 PSU C 3160 0.73 -12.03 -40.13
O2 PSU C 3160 -1.85 -11.57 -37.84
O4 PSU C 3160 -0.49 -8.91 -41.18
C1' PSU C 3160 1.56 -10.63 -42.01
C2' PSU C 3160 2.52 -9.49 -41.66
O2' PSU C 3160 2.87 -8.83 -42.86
C3' PSU C 3160 3.70 -10.25 -41.10
C4' PSU C 3160 3.75 -11.47 -42.02
O3' PSU C 3160 4.90 -9.51 -41.08
O4' PSU C 3160 2.36 -11.78 -42.26
C5' PSU C 3160 4.48 -12.68 -41.48
O5' PSU C 3160 3.93 -13.10 -40.25
P PSU C 3160 3.79 -14.66 -39.93
OP1 PSU C 3160 5.04 -15.32 -40.32
OP2 PSU C 3160 3.28 -14.84 -38.56
P OMG C 3161 5.24 -8.57 -39.83
OP1 OMG C 3161 6.67 -8.08 -39.97
OP2 OMG C 3161 4.79 -9.28 -38.56
O5' OMG C 3161 4.29 -7.30 -40.02
C5' OMG C 3161 4.41 -6.45 -41.15
C4' OMG C 3161 3.47 -5.28 -41.02
O4' OMG C 3161 2.10 -5.73 -41.10
C3' OMG C 3161 3.55 -4.53 -39.71
O3' OMG C 3161 4.58 -3.58 -39.69
C2' OMG C 3161 2.16 -3.92 -39.59
O2' OMG C 3161 2.03 -2.78 -40.40
CM2 OMG C 3161 1.56 -1.66 -39.70
C1' OMG C 3161 1.30 -5.03 -40.18
N9 OMG C 3161 0.85 -5.98 -39.16
C8 OMG C 3161 1.36 -7.23 -38.90
N7 OMG C 3161 0.75 -7.81 -37.92
C5 OMG C 3161 -0.20 -6.92 -37.52
C6 OMG C 3161 -1.16 -7.01 -36.49
O6 OMG C 3161 -1.37 -7.94 -35.73
N1 OMG C 3161 -1.94 -5.86 -36.43
C2 OMG C 3161 -1.81 -4.77 -37.22
N2 OMG C 3161 -2.65 -3.75 -37.00
N3 OMG C 3161 -0.92 -4.68 -38.17
C4 OMG C 3161 -0.15 -5.77 -38.27
N1 OMU C 3165 5.20 -5.13 -23.17
C2 OMU C 3165 5.15 -6.50 -23.79
N3 OMU C 3165 5.24 -6.66 -25.26
C4 OMU C 3165 5.39 -5.48 -26.10
C5 OMU C 3165 5.43 -4.12 -25.48
C6 OMU C 3165 5.34 -3.97 -24.01
O2 OMU C 3165 5.04 -7.47 -23.07
O4 OMU C 3165 5.46 -5.59 -27.23
C1' OMU C 3165 5.11 -4.98 -21.70
C2' OMU C 3165 6.46 -5.11 -21.01
O2' OMU C 3165 6.25 -5.71 -19.75
CM2 OMU C 3165 7.01 -6.86 -19.53
C3' OMU C 3165 6.86 -3.66 -20.85
C4' OMU C 3165 5.53 -3.00 -20.55
O3' OMU C 3165 7.82 -3.45 -19.83
O4' OMU C 3165 4.60 -3.69 -21.41
C5' OMU C 3165 5.46 -1.52 -20.80
O5' OMU C 3165 5.81 -1.20 -22.15
P OMU C 3165 5.19 0.06 -22.86
OP1 OMU C 3165 5.57 1.28 -22.09
OP2 OMU C 3165 5.53 -0.04 -24.33
P OMG C 3166 9.22 -2.74 -20.18
OP1 OMG C 3166 10.06 -2.75 -18.92
OP2 OMG C 3166 8.93 -1.43 -20.89
O5' OMG C 3166 9.88 -3.73 -21.23
C5' OMG C 3166 11.03 -3.33 -21.97
C4' OMG C 3166 11.87 -4.51 -22.35
O4' OMG C 3166 12.50 -5.07 -21.16
C3' OMG C 3166 11.15 -5.69 -22.96
O3' OMG C 3166 10.84 -5.51 -24.33
C2' OMG C 3166 12.11 -6.84 -22.69
O2' OMG C 3166 13.21 -6.78 -23.58
CM2 OMG C 3166 13.52 -8.04 -24.15
C1' OMG C 3166 12.61 -6.47 -21.30
N9 OMG C 3166 11.82 -7.11 -20.23
C8 OMG C 3166 10.57 -6.75 -19.79
N7 OMG C 3166 10.15 -7.51 -18.82
C5 OMG C 3166 11.17 -8.39 -18.61
C6 OMG C 3166 11.28 -9.46 -17.67
O6 OMG C 3166 10.47 -9.82 -16.84
N1 OMG C 3166 12.51 -10.10 -17.81
C2 OMG C 3166 13.47 -9.79 -18.72
N2 OMG C 3166 14.59 -10.53 -18.69
N3 OMG C 3166 13.37 -8.81 -19.57
C4 OMG C 3166 12.21 -8.16 -19.48
N1 PSU C 3167 6.56 -10.34 -20.12
C2 PSU C 3167 6.89 -11.20 -19.10
N3 PSU C 3167 8.17 -11.71 -19.00
C4 PSU C 3167 9.12 -11.34 -19.91
C5 PSU C 3167 8.79 -10.48 -20.94
C6 PSU C 3167 7.49 -9.99 -21.03
O2 PSU C 3167 6.03 -11.52 -18.28
O4 PSU C 3167 10.26 -11.77 -19.83
C1' PSU C 3167 9.82 -10.07 -21.95
C2' PSU C 3167 9.86 -11.01 -23.15
O2' PSU C 3167 11.21 -11.11 -23.58
C3' PSU C 3167 9.03 -10.25 -24.17
C4' PSU C 3167 9.37 -8.81 -23.86
O3' PSU C 3167 9.30 -10.60 -25.50
O4' PSU C 3167 9.52 -8.78 -22.42
C5' PSU C 3167 8.37 -7.77 -24.27
O5' PSU C 3167 8.91 -6.87 -25.22
P PSU C 3167 9.32 -5.39 -24.80
OP1 PSU C 3167 9.23 -4.54 -26.00
OP2 PSU C 3167 8.53 -5.05 -23.61
N1 PSU C 3188 19.47 -17.55 -31.42
C2 PSU C 3188 18.60 -16.74 -32.09
N3 PSU C 3188 18.95 -16.19 -33.30
C4 PSU C 3188 20.18 -16.46 -33.83
C5 PSU C 3188 21.07 -17.28 -33.14
C6 PSU C 3188 20.69 -17.81 -31.92
O2 PSU C 3188 17.49 -16.50 -31.62
O4 PSU C 3188 20.51 -15.98 -34.90
C1' PSU C 3188 22.42 -17.56 -33.73
C2' PSU C 3188 23.43 -16.48 -33.38
O2' PSU C 3188 24.31 -16.32 -34.48
C3' PSU C 3188 24.18 -17.11 -32.21
C4' PSU C 3188 24.19 -18.58 -32.58
O3' PSU C 3188 25.47 -16.59 -32.02
O4' PSU C 3188 22.92 -18.79 -33.25
C5' PSU C 3188 24.31 -19.56 -31.45
O5' PSU C 3188 23.26 -19.39 -30.52
P PSU C 3188 22.89 -20.53 -29.47
OP1 PSU C 3188 24.19 -20.86 -28.87
OP2 PSU C 3188 21.75 -20.10 -28.65
P A2M C 3190 30.40 -14.12 -30.85
OP1 A2M C 3190 29.88 -15.35 -31.51
O5' A2M C 3190 31.78 -13.33 -31.68
C5' A2M C 3190 31.81 -11.99 -31.57
C4' A2M C 3190 33.19 -11.48 -31.90
O4' A2M C 3190 34.14 -12.23 -31.21
C3' A2M C 3190 33.52 -11.61 -33.36
O3' A2M C 3190 32.72 -10.70 -34.04
C2' A2M C 3190 35.00 -11.41 -33.31
O2' A2M C 3190 35.37 -10.11 -32.97
C1' A2M C 3190 35.23 -12.32 -32.10
CM' A2M C 3190 36.52 -9.77 -33.68
N9 A2M C 3190 35.47 -13.68 -32.41
C8 A2M C 3190 34.66 -14.80 -32.49
N7 A2M C 3190 35.32 -15.90 -32.83
C5 A2M C 3190 36.63 -15.46 -32.98
C6 A2M C 3190 37.82 -16.07 -33.31
N6 A2M C 3190 37.89 -17.42 -33.59
N1 A2M C 3190 38.98 -15.40 -33.39
C2 A2M C 3190 38.91 -14.08 -33.11
N3 A2M C 3190 37.86 -13.34 -32.78
C4 A2M C 3190 36.74 -14.09 -32.72
OP2 A2M C 3190 31.15 -14.23 -29.55
P UR3 C 3197 16.41 -6.14 -13.55
OP1 UR3 C 3197 15.55 -5.84 -12.40
OP2 UR3 C 3197 17.50 -5.17 -13.97
O5' UR3 C 3197 17.11 -7.54 -13.29
C5' UR3 C 3197 16.32 -8.71 -13.07
C4' UR3 C 3197 17.15 -9.95 -13.24
O4' UR3 C 3197 17.58 -10.06 -14.62
C1' UR3 C 3197 18.85 -10.65 -14.68
N1 UR3 C 3197 19.77 -9.71 -15.35
C6 UR3 C 3197 19.46 -8.32 -15.43
C2 UR3 C 3197 21.02 -10.22 -15.94
O2 UR3 C 3197 21.27 -11.36 -15.87
N3 UR3 C 3197 21.97 -9.28 -16.63
C3U UR3 C 3197 23.23 -9.82 -17.23
C4 UR3 C 3197 21.65 -7.89 -16.71
O4 UR3 C 3197 22.42 -7.14 -17.26
C5 UR3 C 3197 20.39 -7.37 -16.11
C2' UR3 C 3197 19.29 -10.97 -13.25
O2' UR3 C 3197 18.92 -12.31 -12.95
C3' UR3 C 3197 18.44 -10.00 -12.44
O3' UR3 C 3197 18.24 -10.39 -11.10
N1 PSU C 3199 28.74 -4.32 -12.38
C2 PSU C 3199 29.89 -3.57 -12.43
N3 PSU C 3199 30.86 -3.73 -11.47
C4 PSU C 3199 30.67 -4.65 -10.46
C5 PSU C 3199 29.51 -5.40 -10.41
C6 PSU C 3199 28.55 -5.22 -11.40
O2 PSU C 3199 30.05 -2.75 -13.33
O4 PSU C 3199 31.54 -4.79 -9.61
C1' PSU C 3199 29.30 -6.40 -9.32
C2' PSU C 3199 28.95 -5.67 -8.03
O2' PSU C 3199 29.44 -6.43 -6.94
C3' PSU C 3199 27.43 -5.73 -8.07
C4' PSU C 3199 27.18 -7.11 -8.65
O3' PSU C 3199 26.82 -5.53 -6.81
O4' PSU C 3199 28.22 -7.26 -9.63
C5' PSU C 3199 25.84 -7.30 -9.30
O5' PSU C 3199 25.57 -6.28 -10.23
P PSU C 3199 24.17 -6.20 -10.94
OP1 PSU C 3199 23.17 -6.06 -9.86
OP2 PSU C 3199 24.27 -5.18 -12.01
N1 OMC C 3203 16.69 4.38 -2.99
C2 OMC C 3203 15.80 3.37 -3.39
N3 OMC C 3203 16.28 2.12 -3.49
C4 OMC C 3203 17.53 1.83 -3.23
C5 OMC C 3203 18.46 2.82 -2.83
C6 OMC C 3203 17.98 4.07 -2.74
O2 OMC C 3203 14.64 3.63 -3.62
N4 OMC C 3203 17.92 0.56 -3.35
C1' OMC C 3203 16.27 5.80 -2.85
C2' OMC C 3203 15.37 6.00 -1.65
O2' OMC C 3203 14.51 7.10 -1.93
CM2 OMC C 3203 13.29 6.74 -2.52
C3' OMC C 3203 16.38 6.40 -0.59
C4' OMC C 3203 17.32 7.28 -1.39
O4' OMC C 3203 17.42 6.59 -2.66
O3' OMC C 3203 15.81 7.06 0.54
C5' OMC C 3203 18.69 7.48 -0.80
O5' OMC C 3203 19.32 6.25 -0.50
P OMC C 3203 20.82 6.21 0.00
OP1 OMC C 3203 20.92 7.19 1.16
OP2 OMC C 3203 21.23 4.75 0.18
N1 PSU C 3219 17.32 1.06 -10.40
C2 PSU C 3219 18.54 0.85 -9.79
N3 PSU C 3219 19.44 1.87 -9.65
C4 PSU C 3219 19.12 3.12 -10.13
C5 PSU C 3219 17.89 3.33 -10.74
C6 PSU C 3219 17.01 2.28 -10.86
O2 PSU C 3219 18.81 -0.27 -9.37
O4 PSU C 3219 19.93 4.03 -10.01
C1' PSU C 3219 17.52 4.69 -11.26
C2' PSU C 3219 18.16 4.99 -12.60
O2' PSU C 3219 18.44 6.39 -12.66
C3' PSU C 3219 17.04 4.64 -13.56
C4' PSU C 3219 15.81 5.11 -12.80
O3' PSU C 3219 17.17 5.24 -14.83
O4' PSU C 3219 16.12 4.80 -11.41
C5' PSU C 3219 14.51 4.47 -13.18
O5' PSU C 3219 14.60 3.05 -13.15
P PSU C 3219 13.35 2.15 -13.52
OP1 PSU C 3219 12.73 2.78 -14.71
OP2 PSU C 3219 13.78 0.74 -13.55
P A2M C 3238 47.79 -23.84 -65.15
OP1 A2M C 3238 48.81 -23.63 -66.23
O5' A2M C 3238 48.02 -25.28 -64.11
C5' A2M C 3238 48.93 -25.17 -63.14
C4' A2M C 3238 48.77 -26.32 -62.17
O4' A2M C 3238 47.69 -26.05 -61.32
C3' A2M C 3238 48.46 -27.60 -62.92
O3' A2M C 3238 49.66 -28.05 -63.44
C2' A2M C 3238 47.71 -28.40 -61.87
O2' A2M C 3238 48.54 -28.94 -60.88
C1' A2M C 3238 46.91 -27.21 -61.29
CM' A2M C 3238 47.83 -29.83 -60.08
N9 A2M C 3238 45.67 -26.92 -61.91
C8 A2M C 3238 45.29 -25.97 -62.86
N7 A2M C 3238 43.98 -26.04 -63.18
C5 A2M C 3238 43.52 -27.07 -62.39
C6 A2M C 3238 42.29 -27.67 -62.22
N6 A2M C 3238 41.17 -27.24 -62.92
N1 A2M C 3238 42.07 -28.69 -61.36
C2 A2M C 3238 43.17 -29.11 -60.67
N3 A2M C 3238 44.44 -28.66 -60.71
C4 A2M C 3238 44.54 -27.63 -61.59
OP2 A2M C 3238 46.40 -24.23 -65.53
N1 PSU C 3243 49.85 -29.81 -79.55
C2 PSU C 3243 49.38 -29.19 -80.69
N3 PSU C 3243 49.81 -27.92 -81.00
C4 PSU C 3243 50.70 -27.29 -80.18
C5 PSU C 3243 51.17 -27.91 -79.04
C6 PSU C 3243 50.73 -29.19 -78.74
O2 PSU C 3243 48.58 -29.77 -81.41
O4 PSU C 3243 51.09 -26.16 -80.46
C1' PSU C 3243 52.17 -27.27 -78.13
C2' PSU C 3243 51.62 -26.09 -77.32
O2' PSU C 3243 52.67 -25.16 -77.13
C3' PSU C 3243 51.25 -26.78 -76.01
C4' PSU C 3243 52.34 -27.83 -75.86
O3' PSU C 3243 51.21 -25.89 -74.90
O4' PSU C 3243 52.62 -28.25 -77.22
C5' PSU C 3243 51.96 -29.03 -75.04
O5' PSU C 3243 50.82 -29.68 -75.59
P PSU C 3243 50.19 -30.97 -74.90
OP1 PSU C 3243 50.05 -30.68 -73.46
OP2 PSU C 3243 48.99 -31.35 -75.69
N1 PSU C 3246 39.43 -24.61 -79.34
C2 PSU C 3246 38.96 -25.82 -79.78
N3 PSU C 3246 38.21 -25.89 -80.93
C4 PSU C 3246 37.94 -24.76 -81.65
C5 PSU C 3246 38.41 -23.54 -81.20
C6 PSU C 3246 39.16 -23.50 -80.03
O2 PSU C 3246 39.20 -26.85 -79.14
O4 PSU C 3246 37.27 -24.83 -82.67
C1' PSU C 3246 38.13 -22.29 -81.97
C2' PSU C 3246 36.68 -21.84 -81.77
O2' PSU C 3246 36.27 -21.20 -82.97
C3' PSU C 3246 36.84 -20.82 -80.66
C4' PSU C 3246 38.16 -20.15 -81.00
O3' PSU C 3246 35.77 -19.91 -80.57
O4' PSU C 3246 38.97 -21.25 -81.52
C5' PSU C 3246 38.87 -19.49 -79.86
O5' PSU C 3246 39.06 -20.38 -78.79
P PSU C 3246 40.09 -20.03 -77.62
OP1 PSU C 3246 39.66 -18.79 -76.95
OP2 PSU C 3246 40.28 -21.27 -76.82
P A2M C 3257 9.50 -24.18 -61.92
OP1 A2M C 3257 10.04 -25.57 -61.86
O5' A2M C 3257 7.78 -23.98 -61.41
C5' A2M C 3257 7.34 -22.73 -61.25
C4' A2M C 3257 7.50 -22.34 -59.79
O4' A2M C 3257 8.29 -21.18 -59.72
C3' A2M C 3257 6.17 -22.02 -59.13
O3' A2M C 3257 5.58 -23.23 -58.82
C2' A2M C 3257 6.62 -21.12 -58.00
O2' A2M C 3257 7.31 -21.81 -57.00
C1' A2M C 3257 7.62 -20.32 -58.83
CM' A2M C 3257 8.06 -20.93 -56.21
N9 A2M C 3257 7.11 -19.21 -59.58
C8 A2M C 3257 6.93 -18.98 -60.93
N7 A2M C 3257 6.42 -17.76 -61.19
C5 A2M C 3257 6.28 -17.20 -59.93
C6 A2M C 3257 5.83 -15.99 -59.47
N6 A2M C 3257 5.37 -15.01 -60.31
N1 A2M C 3257 5.80 -15.68 -58.16
C2 A2M C 3257 6.25 -16.64 -57.33
N3 A2M C 3257 6.72 -17.86 -57.60
C4 A2M C 3257 6.71 -18.09 -58.92
OP2 A2M C 3257 9.25 -23.54 -63.24
P OMG C 3285 -1.51 -6.09 -63.05
OP1 OMG C 3285 -0.69 -4.90 -63.51
OP2 OMG C 3285 -0.89 -7.48 -63.06
O5' OMG C 3285 -2.02 -5.80 -61.58
C5' OMG C 3285 -1.20 -6.09 -60.47
C4' OMG C 3285 -2.01 -6.64 -59.32
O4' OMG C 3285 -2.87 -7.70 -59.79
C3' OMG C 3285 -1.20 -7.28 -58.22
O3' OMG C 3285 -0.64 -6.33 -57.34
C2' OMG C 3285 -2.22 -8.20 -57.58
O2' OMG C 3285 -3.10 -7.47 -56.73
CM2 OMG C 3285 -3.41 -8.14 -55.54
C1' OMG C 3285 -3.00 -8.69 -58.79
N9 OMG C 3285 -2.49 -9.96 -59.32
C8 OMG C 3285 -2.14 -10.19 -60.63
N7 OMG C 3285 -1.73 -11.41 -60.82
C5 OMG C 3285 -1.80 -12.00 -59.59
C6 OMG C 3285 -1.49 -13.32 -59.19
O6 OMG C 3285 -1.06 -14.24 -59.87
N1 OMG C 3285 -1.72 -13.51 -57.83
C2 OMG C 3285 -2.21 -12.56 -56.98
N2 OMG C 3285 -2.37 -12.92 -55.70
N3 OMG C 3285 -2.50 -11.35 -57.35
C4 OMG C 3285 -2.29 -11.12 -58.65
N1 OMU C 3287 4.72 -12.86 -53.70
C2 OMU C 3287 5.13 -13.99 -54.58
N3 OMU C 3287 5.04 -13.86 -56.06
C4 OMU C 3287 4.55 -12.63 -56.65
C5 OMU C 3287 4.14 -11.51 -55.76
C6 OMU C 3287 4.24 -11.64 -54.30
O2 OMU C 3287 5.56 -15.03 -54.09
O4 OMU C 3287 4.47 -12.52 -57.78
C1' OMU C 3287 4.81 -13.00 -52.22
C2' OMU C 3287 6.25 -12.87 -51.73
O2' OMU C 3287 6.36 -13.57 -50.51
CM2 OMU C 3287 5.95 -14.89 -50.54
C3' OMU C 3287 6.31 -11.37 -51.49
C4' OMU C 3287 4.95 -11.11 -50.85
O3' OMU C 3287 7.40 -10.95 -50.71
O4' OMU C 3287 4.07 -11.97 -51.61
C5' OMU C 3287 4.46 -9.70 -50.91
O5' OMU C 3287 4.60 -9.17 -52.22
P OMU C 3287 3.88 -7.83 -52.64
OP1 OMU C 3287 4.30 -6.76 -51.68
OP2 OMU C 3287 4.12 -7.66 -54.12
P OMG C 3290 17.59 -13.70 -57.62
OP1 OMG C 3290 18.84 -14.27 -56.98
OP2 OMG C 3290 16.94 -12.42 -57.09
O5' OMG C 3290 17.87 -13.50 -59.17
C5' OMG C 3290 17.90 -14.62 -60.03
C4' OMG C 3290 17.72 -14.21 -61.46
O4' OMG C 3290 16.31 -14.07 -61.77
C3' OMG C 3290 18.29 -12.86 -61.83
O3' OMG C 3290 19.69 -12.88 -62.00
C2' OMG C 3290 17.51 -12.54 -63.10
O2' OMG C 3290 17.99 -13.31 -64.19
CM2 OMG C 3290 17.23 -13.17 -65.37
C1' OMG C 3290 16.13 -13.05 -62.73
N9 OMG C 3290 15.30 -11.99 -62.13
C8 OMG C 3290 15.17 -11.66 -60.81
N7 OMG C 3290 14.35 -10.68 -60.63
C5 OMG C 3290 13.91 -10.36 -61.89
C6 OMG C 3290 12.99 -9.35 -62.31
O6 OMG C 3290 12.38 -8.55 -61.64
N1 OMG C 3290 12.84 -9.38 -63.69
C2 OMG C 3290 13.48 -10.22 -64.55
N2 OMG C 3290 13.21 -10.09 -65.84
N3 OMG C 3290 14.32 -11.14 -64.16
C4 OMG C 3290 14.49 -11.15 -62.83
N1 PSU C 3295 13.13 4.65 -68.34
C2 PSU C 3295 12.73 4.09 -67.15
N3 PSU C 3295 11.50 4.38 -66.61
C4 PSU C 3295 10.66 5.24 -67.27
C5 PSU C 3295 11.07 5.82 -68.47
C6 PSU C 3295 12.31 5.49 -68.98
O2 PSU C 3295 13.49 3.31 -66.56
O4 PSU C 3295 9.57 5.51 -66.79
C1' PSU C 3295 10.20 6.74 -69.24
C2' PSU C 3295 9.96 8.08 -68.54
O2' PSU C 3295 8.62 8.48 -68.76
C3' PSU C 3295 10.93 9.00 -69.28
C4' PSU C 3295 10.95 8.43 -70.68
O3' PSU C 3295 10.54 10.36 -69.25
O4' PSU C 3295 10.80 7.00 -70.49
C5' PSU C 3295 12.18 8.72 -71.48
O5' PSU C 3295 13.33 8.21 -70.83
P PSU C 3295 14.76 8.27 -71.52
OP1 PSU C 3295 14.76 9.64 -72.06
OP2 PSU C 3295 15.78 7.82 -70.56
N1 PSU C 3303 36.24 22.87 -58.41
C2 PSU C 3303 35.82 23.48 -57.25
N3 PSU C 3303 34.60 23.17 -56.72
C4 PSU C 3303 33.81 22.23 -57.34
C5 PSU C 3303 34.25 21.61 -58.49
C6 PSU C 3303 35.48 21.96 -59.04
O2 PSU C 3303 36.53 24.31 -56.71
O4 PSU C 3303 32.72 21.93 -56.87
C1' PSU C 3303 33.35 20.60 -59.16
C2' PSU C 3303 33.01 21.04 -60.60
O2' PSU C 3303 31.62 20.88 -60.78
C3' PSU C 3303 33.79 20.03 -61.43
C4' PSU C 3303 33.81 18.79 -60.56
O3' PSU C 3303 33.20 19.78 -62.69
O4' PSU C 3303 33.91 19.32 -59.22
C5' PSU C 3303 34.94 17.82 -60.82
O5' PSU C 3303 34.97 17.44 -62.18
P PSU C 3303 35.10 15.92 -62.62
OP1 PSU C 3303 36.33 15.75 -63.41
OP2 PSU C 3303 34.89 15.08 -61.41
P OMG C 3304 33.70 20.58 -63.99
OP1 OMG C 3304 34.92 19.87 -64.53
OP2 OMG C 3304 33.76 22.07 -63.65
O5' OMG C 3304 32.52 20.35 -65.03
C5' OMG C 3304 32.56 20.97 -66.31
C4' OMG C 3304 31.18 21.29 -66.80
O4' OMG C 3304 30.20 20.44 -66.15
C3' OMG C 3304 30.68 22.68 -66.49
O3' OMG C 3304 31.22 23.66 -67.36
C2' OMG C 3304 29.16 22.52 -66.62
O2' OMG C 3304 28.78 22.55 -67.99
CM2 OMG C 3304 27.41 22.32 -68.16
C1' OMG C 3304 28.96 21.10 -66.10
N9 OMG C 3304 28.46 21.07 -64.72
C8 OMG C 3304 29.15 20.69 -63.60
N7 OMG C 3304 28.42 20.77 -62.53
C5 OMG C 3304 27.20 21.22 -62.96
C6 OMG C 3304 26.01 21.49 -62.24
O6 OMG C 3304 25.80 21.38 -61.05
N1 OMG C 3304 24.99 21.93 -63.09
C2 OMG C 3304 25.11 22.09 -64.44
N2 OMG C 3304 24.02 22.53 -65.07
N3 OMG C 3304 26.21 21.83 -65.10
C4 OMG C 3304 27.21 21.41 -64.32
N1 PSU C 3340 10.00 -1.54 -63.14
C2 PSU C 3340 10.95 -2.52 -63.01
N3 PSU C 3340 11.56 -3.03 -64.14
C4 PSU C 3340 11.23 -2.55 -65.38
C5 PSU C 3340 10.26 -1.57 -65.50
C6 PSU C 3340 9.66 -1.08 -64.36
O2 PSU C 3340 11.25 -2.94 -61.91
O4 PSU C 3340 11.78 -3.01 -66.37
C1' PSU C 3340 9.87 -1.02 -66.84
C2' PSU C 3340 9.06 -2.03 -67.64
O2' PSU C 3340 9.31 -1.80 -69.02
C3' PSU C 3340 7.64 -1.62 -67.29
C4' PSU C 3340 7.75 -0.11 -67.22
O3' PSU C 3340 6.67 -2.05 -68.22
O4' PSU C 3340 9.07 0.12 -66.65
C5' PSU C 3340 6.71 0.57 -66.37
O5' PSU C 3340 6.64 -0.01 -65.08
P PSU C 3340 5.94 0.73 -63.87
OP1 PSU C 3340 4.51 0.88 -64.20
OP2 PSU C 3340 6.34 0.04 -62.65
N1 PSU C 3356 -12.05 -56.32 -62.01
C2 PSU C 3356 -10.97 -56.75 -61.27
N3 PSU C 3356 -10.03 -57.58 -61.82
C4 PSU C 3356 -10.17 -58.01 -63.11
C5 PSU C 3356 -11.26 -57.60 -63.85
C6 PSU C 3356 -12.19 -56.75 -63.26
O2 PSU C 3356 -10.84 -56.36 -60.12
O4 PSU C 3356 -9.33 -58.76 -63.60
C1' PSU C 3356 -11.43 -58.04 -65.26
C2' PSU C 3356 -12.01 -59.44 -65.33
O2' PSU C 3356 -11.51 -60.07 -66.49
C3' PSU C 3356 -13.49 -59.16 -65.48
C4' PSU C 3356 -13.49 -57.94 -66.37
O3' PSU C 3356 -14.22 -60.24 -66.01
O4' PSU C 3356 -12.34 -57.18 -65.93
C5' PSU C 3356 -14.72 -57.07 -66.30
O5' PSU C 3356 -14.99 -56.67 -64.97
P PSU C 3356 -16.00 -55.48 -64.67
OP1 PSU C 3356 -17.24 -55.69 -65.45
OP2 PSU C 3356 -16.06 -55.29 -63.21
N1 PSU C 3558 50.10 -4.74 -73.59
C2 PSU C 3558 49.15 -5.23 -74.46
N3 PSU C 3558 48.83 -4.54 -75.61
C4 PSU C 3558 49.45 -3.35 -75.88
C5 PSU C 3558 50.40 -2.85 -75.01
C6 PSU C 3558 50.72 -3.57 -73.86
O2 PSU C 3558 48.59 -6.30 -74.21
O4 PSU C 3558 49.17 -2.74 -76.91
C1' PSU C 3558 51.11 -1.57 -75.30
C2' PSU C 3558 50.20 -0.38 -75.03
O2' PSU C 3558 50.57 0.67 -75.92
C3' PSU C 3558 50.55 -0.01 -73.61
C4' PSU C 3558 52.05 -0.29 -73.57
O3' PSU C 3558 50.22 1.31 -73.26
O4' PSU C 3558 52.21 -1.45 -74.42
C5' PSU C 3558 52.63 -0.57 -72.22
O5' PSU C 3558 51.87 -1.53 -71.51
P PSU C 3558 52.33 -2.05 -70.08
OP1 PSU C 3558 52.66 -0.88 -69.23
OP2 PSU C 3558 51.35 -3.04 -69.61
N1 PSU C 3559 46.71 -2.78 -73.11
C2 PSU C 3559 45.94 -3.90 -73.32
N3 PSU C 3559 45.09 -3.97 -74.39
C4 PSU C 3559 45.00 -2.91 -75.25
C5 PSU C 3559 45.77 -1.77 -75.04
C6 PSU C 3559 46.63 -1.74 -73.96
O2 PSU C 3559 46.02 -4.85 -72.54
O4 PSU C 3559 44.24 -2.97 -76.20
C1' PSU C 3559 45.69 -0.63 -75.99
C2' PSU C 3559 44.49 0.28 -75.76
O2' PSU C 3559 44.05 0.76 -77.02
C3' PSU C 3559 45.09 1.40 -74.94
C4' PSU C 3559 46.49 1.52 -75.53
O3' PSU C 3559 44.37 2.61 -75.02
O4' PSU C 3559 46.86 0.17 -75.86
C5' PSU C 3559 47.53 2.12 -74.61
O5' PSU C 3559 47.72 1.31 -73.47
P PSU C 3559 48.88 1.61 -72.43
OP1 PSU C 3559 48.86 3.03 -72.06
OP2 PSU C 3559 48.73 0.56 -71.41
N1 PSU C 3587 25.44 19.10 -79.88
C2 PSU C 3587 26.30 19.10 -78.80
N3 PSU C 3587 26.28 18.07 -77.91
C4 PSU C 3587 25.41 17.03 -78.07
C5 PSU C 3587 24.54 17.03 -79.15
C6 PSU C 3587 24.58 18.08 -80.05
O2 PSU C 3587 27.09 20.03 -78.66
O4 PSU C 3587 25.39 16.11 -77.27
C1' PSU C 3587 23.58 15.89 -79.38
C2' PSU C 3587 22.38 15.89 -78.42
O2' PSU C 3587 22.01 14.54 -78.20
C3' PSU C 3587 21.34 16.60 -79.25
C4' PSU C 3587 21.63 16.09 -80.65
O3' PSU C 3587 20.01 16.34 -78.85
O4' PSU C 3587 23.07 15.97 -80.69
C5' PSU C 3587 21.17 16.98 -81.77
O5' PSU C 3587 21.78 18.25 -81.68
P PSU C 3587 21.80 19.23 -82.93
OP1 PSU C 3587 20.40 19.45 -83.34
OP2 PSU C 3587 22.69 20.37 -82.61
N1 PSU C 3596 28.69 47.08 -73.53
C2 PSU C 3596 27.42 46.64 -73.84
N3 PSU C 3596 26.96 46.72 -75.13
C4 PSU C 3596 27.76 47.25 -76.11
C5 PSU C 3596 29.03 47.71 -75.79
C6 PSU C 3596 29.48 47.60 -74.49
O2 PSU C 3596 26.72 46.16 -72.96
O4 PSU C 3596 27.34 47.33 -77.26
C1' PSU C 3596 29.92 48.28 -76.86
C2' PSU C 3596 29.53 49.71 -77.20
O2' PSU C 3596 29.84 49.93 -78.56
C3' PSU C 3596 30.48 50.50 -76.31
C4' PSU C 3596 31.75 49.67 -76.35
O3' PSU C 3596 30.70 51.83 -76.74
O4' PSU C 3596 31.25 48.30 -76.39
C5' PSU C 3596 32.68 49.83 -75.19
O5' PSU C 3596 32.06 49.45 -73.97
P PSU C 3596 32.94 49.18 -72.67
OP1 PSU C 3596 33.88 50.32 -72.61
OP2 PSU C 3596 32.05 48.85 -71.53
N1 PSU E 55 91.12 5.04 -11.20
C2 PSU E 55 92.08 5.99 -11.50
N3 PSU E 55 93.40 5.67 -11.39
C4 PSU E 55 93.78 4.42 -10.99
C5 PSU E 55 92.82 3.47 -10.68
C6 PSU E 55 91.48 3.81 -10.79
O2 PSU E 55 91.75 7.11 -11.86
O4 PSU E 55 94.97 4.16 -10.90
C1' PSU E 55 93.20 2.08 -10.23
C2' PSU E 55 93.85 2.15 -8.85
O2' PSU E 55 94.79 1.09 -8.76
C3' PSU E 55 92.65 1.88 -7.96
C4' PSU E 55 91.89 0.84 -8.76
O3' PSU E 55 93.00 1.44 -6.65
O4' PSU E 55 92.06 1.27 -10.13
C5' PSU E 55 90.43 0.69 -8.44
O5' PSU E 55 89.73 1.90 -8.69
P PSU E 55 88.14 1.96 -8.61
OP1 PSU E 55 87.79 1.19 -7.40
OP2 PSU E 55 87.72 3.37 -8.74
N1 PSU E 69 118.54 1.10 -4.52
C2 PSU E 69 117.99 1.84 -5.55
N3 PSU E 69 117.30 1.21 -6.56
C4 PSU E 69 117.15 -0.15 -6.55
C5 PSU E 69 117.73 -0.90 -5.53
C6 PSU E 69 118.40 -0.24 -4.51
O2 PSU E 69 118.12 3.06 -5.55
O4 PSU E 69 116.54 -0.70 -7.45
C1' PSU E 69 117.56 -2.39 -5.45
C2' PSU E 69 118.21 -3.25 -6.54
O2' PSU E 69 117.25 -4.19 -6.98
C3' PSU E 69 119.31 -3.96 -5.75
C4' PSU E 69 118.75 -4.07 -4.36
O3' PSU E 69 119.64 -5.23 -6.29
O4' PSU E 69 117.97 -2.87 -4.20
C5' PSU E 69 119.78 -4.15 -3.26
O5' PSU E 69 120.50 -2.94 -3.12
P PSU E 69 121.28 -2.59 -1.79
OP1 PSU E 69 122.23 -3.70 -1.54
OP2 PSU E 69 121.75 -1.19 -1.88
P OMG E 75 102.52 -1.01 -23.90
OP1 OMG E 75 101.02 -1.18 -23.68
OP2 OMG E 75 103.44 -2.19 -23.65
O5' OMG E 75 102.75 -0.49 -25.38
C5' OMG E 75 101.92 -0.91 -26.44
C4' OMG E 75 101.49 0.26 -27.28
O4' OMG E 75 100.37 0.94 -26.66
C3' OMG E 75 102.52 1.36 -27.46
O3' OMG E 75 103.50 1.04 -28.44
C2' OMG E 75 101.65 2.54 -27.85
O2' OMG E 75 101.22 2.43 -29.20
CM2 OMG E 75 100.21 3.34 -29.58
C1' OMG E 75 100.43 2.32 -26.94
N9 OMG E 75 100.56 3.04 -25.67
C8 OMG E 75 100.77 2.51 -24.43
N7 OMG E 75 100.84 3.42 -23.51
C5 OMG E 75 100.63 4.60 -24.17
C6 OMG E 75 100.59 5.93 -23.69
O6 OMG E 75 100.72 6.33 -22.54
N1 OMG E 75 100.37 6.84 -24.72
C2 OMG E 75 100.22 6.51 -26.03
N2 OMG E 75 100.02 7.52 -26.89
N3 OMG E 75 100.26 5.29 -26.47
C4 OMG E 75 100.47 4.38 -25.52
N GLY F 1 37.56 0.99 12.04
CA GLY F 1 38.97 0.94 12.35
C GLY F 1 39.70 2.19 11.95
N ARG F 2 38.95 3.18 11.47
CA ARG F 2 39.51 4.44 11.00
C ARG F 2 39.16 5.56 11.97
N VAL F 3 40.13 6.44 12.23
CA VAL F 3 39.92 7.56 13.12
C VAL F 3 38.83 8.47 12.56
N ILE F 4 37.82 8.75 13.37
CA ILE F 4 36.67 9.52 12.90
C ILE F 4 37.00 11.00 12.88
N ARG F 5 36.17 11.77 12.19
CA ARG F 5 36.32 13.22 12.20
C ARG F 5 35.92 13.75 13.58
N GLY F 6 36.59 14.80 14.02
CA GLY F 6 36.40 15.29 15.36
C GLY F 6 37.48 14.74 16.26
N GLN F 7 37.79 13.45 16.09
CA GLN F 7 39.01 12.90 16.66
C GLN F 7 40.23 13.51 15.98
N ARG F 8 40.14 13.74 14.66
CA ARG F 8 41.23 14.32 13.91
C ARG F 8 41.38 15.81 14.17
N LYS F 9 40.42 16.44 14.84
CA LYS F 9 40.51 17.86 15.12
C LYS F 9 41.48 18.20 16.24
N GLY F 10 41.71 17.27 17.16
CA GLY F 10 42.62 17.56 18.26
C GLY F 10 44.06 17.72 17.80
N ALA F 11 44.48 16.95 16.81
CA ALA F 11 45.83 17.07 16.29
C ALA F 11 46.07 18.45 15.68
N GLY F 12 45.07 18.98 14.98
CA GLY F 12 45.15 20.31 14.45
C GLY F 12 46.13 20.52 13.31
N SER F 13 46.26 19.56 12.40
CA SER F 13 47.05 19.81 11.21
C SER F 13 46.34 20.75 10.27
N VAL F 14 45.05 20.52 10.06
CA VAL F 14 44.24 21.32 9.17
C VAL F 14 43.25 22.20 9.92
N PHE F 15 42.90 21.85 11.15
CA PHE F 15 41.84 22.50 11.88
C PHE F 15 42.31 23.62 12.80
N ARG F 16 43.53 24.10 12.64
CA ARG F 16 43.96 25.28 13.40
C ARG F 16 43.18 26.51 12.96
N ALA F 17 43.06 27.45 13.88
CA ALA F 17 42.37 28.70 13.59
C ALA F 17 43.15 29.52 12.57
N HIS F 18 42.43 30.15 11.65
CA HIS F 18 43.04 30.97 10.60
C HIS F 18 43.31 32.34 11.21
N VAL F 19 44.48 32.49 11.80
CA VAL F 19 44.81 33.68 12.57
C VAL F 19 45.80 34.58 11.82
N LYS F 20 45.83 34.49 10.50
CA LYS F 20 46.80 35.27 9.74
C LYS F 20 46.50 36.75 9.80
N HIS F 21 45.24 37.13 9.57
CA HIS F 21 44.87 38.53 9.46
C HIS F 21 44.17 39.05 10.71
N ARG F 22 44.21 38.30 11.80
CA ARG F 22 43.64 38.79 13.04
C ARG F 22 44.51 39.91 13.61
N LYS F 23 43.87 40.85 14.27
CA LYS F 23 44.50 42.10 14.68
C LYS F 23 45.19 42.02 16.03
N GLY F 24 45.15 40.88 16.71
CA GLY F 24 45.77 40.72 18.00
C GLY F 24 44.80 40.20 19.03
N ALA F 25 45.35 39.82 20.17
CA ALA F 25 44.55 39.32 21.27
C ALA F 25 43.82 40.47 21.95
N ALA F 26 42.50 40.42 21.94
CA ALA F 26 41.68 41.48 22.52
C ALA F 26 41.64 41.30 24.04
N ARG F 27 42.23 42.24 24.76
CA ARG F 27 42.36 42.12 26.20
C ARG F 27 42.28 43.49 26.85
N LEU F 28 41.90 43.51 28.11
CA LEU F 28 42.06 44.71 28.92
C LEU F 28 43.52 44.92 29.27
N ARG F 29 43.85 46.13 29.70
CA ARG F 29 45.22 46.38 30.10
C ARG F 29 45.51 45.71 31.43
N ALA F 30 46.79 45.46 31.68
CA ALA F 30 47.20 44.78 32.90
C ALA F 30 46.94 45.67 34.11
N VAL F 31 46.49 45.05 35.20
CA VAL F 31 46.22 45.80 36.42
C VAL F 31 47.54 46.27 37.03
N ASP F 32 47.58 47.55 37.41
CA ASP F 32 48.77 48.14 37.98
C ASP F 32 48.34 49.10 39.09
N PHE F 33 49.29 49.93 39.54
CA PHE F 33 48.99 50.83 40.65
C PHE F 33 47.90 51.83 40.30
N ALA F 34 47.96 52.40 39.10
CA ALA F 34 46.94 53.36 38.69
C ALA F 34 45.57 52.70 38.61
N GLU F 35 45.51 51.48 38.08
CA GLU F 35 44.26 50.73 38.08
C GLU F 35 43.81 50.40 39.49
N ARG F 36 44.75 50.01 40.35
CA ARG F 36 44.40 49.48 41.66
C ARG F 36 43.94 50.57 42.62
N HIS F 37 44.44 51.80 42.48
CA HIS F 37 44.15 52.85 43.43
C HIS F 37 43.40 54.03 42.86
N GLY F 38 43.48 54.28 41.56
CA GLY F 38 42.79 55.41 40.97
C GLY F 38 42.20 55.09 39.62
N TYR F 39 42.50 55.91 38.62
CA TYR F 39 42.12 55.64 37.25
C TYR F 39 43.19 56.19 36.34
N ILE F 40 43.24 55.67 35.13
CA ILE F 40 44.13 56.18 34.09
C ILE F 40 43.31 56.46 32.85
N LYS F 41 43.52 57.63 32.26
CA LYS F 41 42.71 58.07 31.12
C LYS F 41 43.32 57.57 29.82
N GLY F 42 42.49 56.94 28.99
CA GLY F 42 42.91 56.53 27.68
C GLY F 42 41.97 57.11 26.64
N ILE F 43 42.46 57.13 25.40
CA ILE F 43 41.71 57.67 24.27
C ILE F 43 41.49 56.56 23.26
N VAL F 44 40.29 56.50 22.70
CA VAL F 44 39.97 55.51 21.68
C VAL F 44 40.45 56.06 20.34
N LYS F 45 41.53 55.48 19.81
CA LYS F 45 42.10 56.01 18.57
C LYS F 45 41.40 55.49 17.34
N ASP F 46 41.00 54.23 17.31
CA ASP F 46 40.31 53.71 16.14
C ASP F 46 39.56 52.44 16.51
N ILE F 47 38.54 52.12 15.73
CA ILE F 47 37.73 50.92 15.92
C ILE F 47 37.86 50.08 14.65
N ILE F 48 38.28 48.82 14.82
CA ILE F 48 38.65 47.98 13.70
C ILE F 48 37.79 46.73 13.69
N HIS F 49 37.88 45.99 12.58
CA HIS F 49 37.18 44.73 12.39
C HIS F 49 38.19 43.59 12.47
N ASP F 50 38.14 42.84 13.56
CA ASP F 50 39.01 41.68 13.69
C ASP F 50 38.40 40.54 12.90
N PRO F 51 39.10 39.98 11.91
CA PRO F 51 38.54 38.85 11.18
C PRO F 51 38.29 37.65 12.08
N GLY F 52 37.18 36.96 11.82
CA GLY F 52 36.82 35.79 12.56
C GLY F 52 35.88 36.04 13.73
N ARG F 53 35.79 37.26 14.21
CA ARG F 53 34.86 37.61 15.28
C ARG F 53 33.94 38.72 14.81
N GLY F 54 32.74 38.75 15.36
CA GLY F 54 31.76 39.75 14.97
C GLY F 54 31.89 41.04 15.76
N ALA F 55 32.52 40.97 16.92
CA ALA F 55 32.65 42.14 17.77
C ALA F 55 33.74 43.06 17.22
N PRO F 56 33.47 44.35 17.07
CA PRO F 56 34.54 45.29 16.72
C PRO F 56 35.53 45.42 17.86
N LEU F 57 36.78 45.71 17.50
CA LEU F 57 37.84 45.92 18.46
C LEU F 57 38.19 47.39 18.52
N ALA F 58 38.31 47.92 19.74
CA ALA F 58 38.65 49.32 19.95
C ALA F 58 40.13 49.44 20.25
N LYS F 59 40.81 50.29 19.50
CA LYS F 59 42.23 50.54 19.67
C LYS F 59 42.39 51.74 20.60
N VAL F 60 42.76 51.49 21.84
CA VAL F 60 42.82 52.50 22.88
C VAL F 60 44.28 52.73 23.27
N VAL F 61 44.68 54.01 23.33
CA VAL F 61 46.06 54.38 23.60
C VAL F 61 46.13 55.04 24.97
N PHE F 62 46.94 54.48 25.85
CA PHE F 62 47.17 55.00 27.20
C PHE F 62 48.56 55.61 27.29
N ARG F 63 48.83 56.22 28.44
CA ARG F 63 50.15 56.71 28.78
C ARG F 63 50.81 55.76 29.76
N ASP F 64 52.10 55.52 29.57
CA ASP F 64 52.83 54.69 30.52
C ASP F 64 53.11 55.51 31.78
N PRO F 65 52.64 55.08 32.95
CA PRO F 65 52.80 55.90 34.15
C PRO F 65 54.21 55.86 34.75
N TYR F 66 55.13 55.13 34.14
CA TYR F 66 56.47 54.99 34.70
C TYR F 66 57.57 55.43 33.77
N ARG F 67 57.39 55.30 32.46
CA ARG F 67 58.38 55.78 31.50
C ARG F 67 57.67 56.52 30.38
N PHE F 68 58.42 57.38 29.72
CA PHE F 68 57.87 58.22 28.67
C PHE F 68 57.54 57.37 27.44
N LYS F 69 56.30 56.91 27.35
CA LYS F 69 55.91 56.03 26.25
C LYS F 69 54.40 56.01 26.18
N LYS F 70 53.88 55.68 25.01
CA LYS F 70 52.46 55.55 24.77
C LYS F 70 52.12 54.07 24.64
N ARG F 71 51.23 53.60 25.49
CA ARG F 71 50.80 52.20 25.48
C ARG F 71 49.47 52.09 24.77
N THR F 72 49.39 51.18 23.81
CA THR F 72 48.16 50.91 23.11
C THR F 72 47.64 49.54 23.48
N GLU F 73 46.32 49.41 23.55
CA GLU F 73 45.66 48.15 23.79
C GLU F 73 44.54 47.95 22.76
N LEU F 74 43.87 46.81 22.87
CA LEU F 74 42.94 46.30 21.88
C LEU F 74 41.62 45.94 22.53
N PHE F 75 41.05 46.89 23.27
CA PHE F 75 39.82 46.64 24.02
C PHE F 75 38.71 46.17 23.11
N ILE F 76 37.88 45.27 23.61
CA ILE F 76 36.67 44.89 22.91
C ILE F 76 35.67 46.03 23.02
N ALA F 77 35.21 46.52 21.88
CA ALA F 77 34.45 47.76 21.84
C ALA F 77 33.04 47.55 22.38
N ALA F 78 32.74 48.17 23.53
CA ALA F 78 31.37 48.23 24.00
C ALA F 78 30.56 49.14 23.08
N GLU F 79 29.32 48.75 22.81
CA GLU F 79 28.57 49.44 21.76
C GLU F 79 28.15 50.82 22.22
N GLY F 80 28.43 51.82 21.39
CA GLY F 80 28.20 53.21 21.71
C GLY F 80 29.45 54.06 21.72
N ILE F 81 30.62 53.45 21.93
CA ILE F 81 31.84 54.23 22.00
C ILE F 81 32.27 54.67 20.60
N HIS F 82 33.05 55.75 20.55
CA HIS F 82 33.45 56.35 19.29
C HIS F 82 34.90 56.79 19.38
N THR F 83 35.50 57.02 18.22
CA THR F 83 36.89 57.46 18.18
C THR F 83 37.04 58.84 18.79
N GLY F 84 38.15 59.05 19.48
CA GLY F 84 38.38 60.29 20.19
C GLY F 84 37.73 60.36 21.55
N GLN F 85 36.94 59.36 21.93
CA GLN F 85 36.37 59.32 23.26
C GLN F 85 37.43 58.99 24.28
N PHE F 86 37.36 59.65 25.43
CA PHE F 86 38.21 59.30 26.56
C PHE F 86 37.55 58.17 27.34
N VAL F 87 38.31 57.11 27.59
CA VAL F 87 37.86 56.00 28.41
C VAL F 87 38.72 55.96 29.67
N TYR F 88 38.06 55.90 30.82
CA TYR F 88 38.74 55.95 32.10
C TYR F 88 38.69 54.58 32.73
N CYS F 89 39.86 53.99 32.95
CA CYS F 89 39.99 52.59 33.34
C CYS F 89 40.71 52.56 34.69
N GLY F 90 39.94 52.30 35.74
CA GLY F 90 40.52 52.26 37.07
C GLY F 90 39.45 52.08 38.12
N LYS F 91 39.93 51.99 39.37
CA LYS F 91 39.01 51.82 40.50
C LYS F 91 38.12 53.03 40.68
N LYS F 92 38.69 54.23 40.57
CA LYS F 92 37.94 55.46 40.78
C LYS F 92 37.24 55.95 39.53
N ALA F 93 37.16 55.12 38.49
CA ALA F 93 36.46 55.52 37.28
C ALA F 93 34.97 55.63 37.54
N GLN F 94 34.28 56.34 36.66
CA GLN F 94 32.85 56.54 36.78
C GLN F 94 32.10 55.60 35.84
N LEU F 95 30.80 55.47 36.07
CA LEU F 95 29.95 54.58 35.27
C LEU F 95 29.62 55.23 33.94
N ASN F 96 30.57 55.20 33.02
CA ASN F 96 30.31 55.59 31.66
C ASN F 96 30.53 54.38 30.77
N ILE F 97 29.84 54.37 29.63
CA ILE F 97 29.94 53.25 28.72
C ILE F 97 31.36 53.17 28.18
N GLY F 98 32.00 52.03 28.38
CA GLY F 98 33.36 51.81 27.94
C GLY F 98 34.39 51.94 29.04
N ASN F 99 34.04 52.55 30.16
CA ASN F 99 34.96 52.64 31.28
C ASN F 99 35.17 51.26 31.90
N VAL F 100 36.35 51.07 32.49
CA VAL F 100 36.70 49.81 33.13
C VAL F 100 36.91 50.07 34.62
N LEU F 101 36.19 49.33 35.45
CA LEU F 101 36.28 49.52 36.89
C LEU F 101 35.85 48.22 37.56
N PRO F 102 36.30 47.96 38.79
CA PRO F 102 36.04 46.66 39.40
C PRO F 102 34.56 46.45 39.68
N VAL F 103 34.18 45.18 39.73
CA VAL F 103 32.78 44.84 39.98
C VAL F 103 32.34 45.28 41.37
N GLY F 104 33.23 45.18 42.36
CA GLY F 104 32.87 45.56 43.71
C GLY F 104 32.53 47.03 43.86
N THR F 105 32.88 47.85 42.87
CA THR F 105 32.60 49.27 42.89
C THR F 105 31.42 49.66 42.01
N MET F 106 30.66 48.70 41.51
CA MET F 106 29.52 48.98 40.66
C MET F 106 28.20 48.55 41.32
N PRO F 107 27.08 49.20 40.96
CA PRO F 107 25.82 48.94 41.65
C PRO F 107 25.23 47.55 41.39
N GLU F 108 24.06 47.31 41.95
CA GLU F 108 23.47 45.97 41.99
C GLU F 108 22.74 45.61 40.71
N GLY F 109 22.66 46.51 39.73
CA GLY F 109 21.95 46.20 38.51
C GLY F 109 22.72 46.53 37.27
N THR F 110 23.97 46.95 37.43
CA THR F 110 24.79 47.32 36.28
C THR F 110 25.11 46.08 35.46
N ILE F 111 25.39 46.30 34.19
CA ILE F 111 25.70 45.22 33.27
C ILE F 111 26.99 45.56 32.53
N VAL F 112 27.81 44.54 32.30
CA VAL F 112 29.20 44.72 31.93
C VAL F 112 29.49 43.95 30.66
N CYS F 113 30.67 44.21 30.10
CA CYS F 113 31.04 43.70 28.78
C CYS F 113 32.13 42.65 28.84
N CYS F 114 33.29 42.94 29.41
CA CYS F 114 34.44 42.04 29.34
C CYS F 114 34.88 41.71 30.76
N LEU F 115 34.24 40.70 31.34
CA LEU F 115 34.55 40.31 32.71
C LEU F 115 35.85 39.54 32.80
N GLU F 116 36.63 39.83 33.82
CA GLU F 116 37.72 38.97 34.23
C GLU F 116 37.15 37.80 35.02
N GLU F 117 37.49 36.58 34.61
CA GLU F 117 37.08 35.43 35.40
C GLU F 117 37.82 35.40 36.73
N LYS F 118 39.10 35.68 36.71
CA LYS F 118 39.95 35.70 37.89
C LYS F 118 40.37 37.13 38.20
N PRO F 119 40.56 37.45 39.47
CA PRO F 119 40.93 38.84 39.81
C PRO F 119 42.37 39.13 39.46
N GLY F 120 42.63 39.47 38.21
CA GLY F 120 43.97 39.83 37.82
C GLY F 120 44.32 39.54 36.37
N ASP F 121 43.60 38.63 35.73
CA ASP F 121 43.85 38.36 34.32
C ASP F 121 43.17 39.44 33.49
N ARG F 122 43.07 39.24 32.19
CA ARG F 122 42.31 40.15 31.36
C ARG F 122 40.89 39.61 31.20
N GLY F 123 40.09 40.27 30.38
CA GLY F 123 38.69 39.89 30.28
C GLY F 123 38.51 38.50 29.67
N LYS F 124 37.52 37.78 30.17
CA LYS F 124 37.22 36.44 29.69
C LYS F 124 35.76 36.17 29.39
N LEU F 125 34.83 36.91 29.97
CA LEU F 125 33.42 36.58 29.86
C LEU F 125 32.67 37.66 29.08
N ALA F 126 31.60 37.22 28.41
CA ALA F 126 30.69 38.09 27.65
C ALA F 126 31.42 38.86 26.56
N ARG F 127 32.36 38.20 25.89
CA ARG F 127 33.17 38.84 24.87
C ARG F 127 32.56 38.74 23.47
N ALA F 128 31.74 37.72 23.21
CA ALA F 128 31.15 37.56 21.89
C ALA F 128 30.12 38.64 21.65
N SER F 129 29.97 39.02 20.38
CA SER F 129 29.22 40.21 20.01
C SER F 129 27.77 40.14 20.46
N GLY F 130 27.28 41.26 20.99
CA GLY F 130 25.92 41.38 21.45
C GLY F 130 25.69 40.96 22.89
N ASN F 131 26.63 40.25 23.48
CA ASN F 131 26.44 39.64 24.79
C ASN F 131 26.85 40.58 25.91
N TYR F 132 26.48 40.21 27.13
CA TYR F 132 26.82 40.99 28.32
C TYR F 132 26.58 40.12 29.54
N ALA F 133 27.07 40.61 30.68
CA ALA F 133 26.82 39.98 31.96
C ALA F 133 26.28 41.02 32.92
N THR F 134 25.50 40.57 33.88
CA THR F 134 24.83 41.44 34.84
C THR F 134 25.43 41.25 36.22
N VAL F 135 25.82 42.35 36.85
CA VAL F 135 26.22 42.32 38.26
C VAL F 135 24.97 42.32 39.12
N ILE F 136 24.78 41.26 39.90
CA ILE F 136 23.54 41.11 40.67
C ILE F 136 23.71 41.56 42.11
N SER F 137 24.58 40.89 42.85
CA SER F 137 24.65 41.04 44.29
C SER F 137 26.07 41.26 44.74
N HIS F 138 26.22 42.00 45.83
CA HIS F 138 27.52 42.24 46.44
C HIS F 138 27.47 41.87 47.92
N ASN F 139 28.63 41.51 48.45
CA ASN F 139 28.81 41.44 49.88
C ASN F 139 30.20 41.95 50.22
N PRO F 140 30.31 43.02 51.00
CA PRO F 140 31.63 43.52 51.41
C PRO F 140 32.45 42.49 52.15
N GLU F 141 31.81 41.60 52.90
CA GLU F 141 32.51 40.46 53.46
C GLU F 141 32.92 39.50 52.34
N THR F 142 34.04 38.80 52.58
CA THR F 142 34.70 37.81 51.72
C THR F 142 34.94 38.31 50.29
N LYS F 143 34.78 39.61 50.05
CA LYS F 143 35.18 40.27 48.81
C LYS F 143 34.68 39.54 47.56
N LYS F 144 33.41 39.15 47.58
CA LYS F 144 32.83 38.40 46.48
C LYS F 144 31.69 39.18 45.85
N THR F 145 31.27 38.73 44.69
CA THR F 145 30.11 39.29 44.01
C THR F 145 29.55 38.21 43.09
N ARG F 146 28.24 38.29 42.83
CA ARG F 146 27.55 37.29 42.02
C ARG F 146 27.10 37.94 40.72
N VAL F 147 27.38 37.28 39.60
CA VAL F 147 27.10 37.81 38.28
C VAL F 147 26.26 36.82 37.50
N LYS F 148 25.56 37.33 36.49
CA LYS F 148 24.69 36.52 35.63
C LYS F 148 25.31 36.47 34.24
N LEU F 149 25.80 35.30 33.86
CA LEU F 149 26.48 35.14 32.59
C LEU F 149 25.49 35.11 31.42
N PRO F 150 25.98 35.32 30.20
CA PRO F 150 25.09 35.23 29.03
C PRO F 150 24.33 33.93 28.93
N SER F 151 24.92 32.82 29.38
CA SER F 151 24.20 31.56 29.39
C SER F 151 23.07 31.53 30.40
N GLY F 152 22.99 32.53 31.27
CA GLY F 152 21.99 32.55 32.31
C GLY F 152 22.44 31.95 33.62
N SER F 153 23.58 31.28 33.64
CA SER F 153 24.09 30.71 34.88
C SER F 153 24.61 31.82 35.79
N LYS F 154 24.38 31.65 37.08
CA LYS F 154 24.86 32.60 38.08
C LYS F 154 26.26 32.18 38.51
N LYS F 155 27.20 33.12 38.49
CA LYS F 155 28.56 32.86 38.92
C LYS F 155 28.97 33.84 40.00
N VAL F 156 29.66 33.34 41.01
CA VAL F 156 30.24 34.17 42.05
C VAL F 156 31.72 34.32 41.76
N ILE F 157 32.21 35.56 41.83
CA ILE F 157 33.59 35.88 41.52
C ILE F 157 34.09 36.91 42.54
N SER F 158 35.39 37.17 42.49
CA SER F 158 35.98 38.15 43.38
C SER F 158 35.52 39.56 43.03
N SER F 159 35.41 40.40 44.05
CA SER F 159 34.98 41.78 43.86
C SER F 159 36.03 42.63 43.15
N ALA F 160 37.24 42.12 42.95
CA ALA F 160 38.31 42.88 42.32
C ALA F 160 38.37 42.69 40.81
N ASN F 161 37.50 41.86 40.24
CA ASN F 161 37.54 41.63 38.80
C ASN F 161 37.10 42.88 38.05
N ARG F 162 37.82 43.20 36.99
CA ARG F 162 37.52 44.38 36.18
C ARG F 162 36.61 43.99 35.02
N ALA F 163 35.87 44.98 34.53
CA ALA F 163 34.94 44.76 33.42
C ALA F 163 34.65 46.09 32.75
N VAL F 164 34.15 46.00 31.52
CA VAL F 164 33.77 47.16 30.73
C VAL F 164 32.28 47.40 30.87
N VAL F 165 31.90 48.62 31.23
CA VAL F 165 30.48 48.95 31.35
C VAL F 165 29.86 49.04 29.95
N GLY F 166 28.73 48.38 29.78
CA GLY F 166 28.01 48.39 28.52
C GLY F 166 27.95 47.00 27.91
N VAL F 167 27.28 46.93 26.78
CA VAL F 167 27.18 45.70 26.02
C VAL F 167 28.17 45.76 24.88
N VAL F 168 28.74 44.60 24.55
CA VAL F 168 29.67 44.52 23.43
C VAL F 168 28.93 44.81 22.12
N ALA F 169 29.61 45.49 21.21
CA ALA F 169 29.04 45.88 19.94
C ALA F 169 28.84 44.64 19.06
N GLY F 170 28.37 44.88 17.84
CA GLY F 170 28.08 43.80 16.94
C GLY F 170 26.63 43.38 16.93
N GLY F 171 25.84 43.81 17.91
CA GLY F 171 24.40 43.72 17.97
C GLY F 171 23.86 42.34 17.67
N GLY F 172 22.62 42.30 17.21
CA GLY F 172 22.00 41.04 16.84
C GLY F 172 22.49 40.54 15.51
N ARG F 173 23.75 40.11 15.46
CA ARG F 173 24.34 39.64 14.21
C ARG F 173 23.68 38.35 13.74
N ILE F 174 23.28 37.47 14.67
CA ILE F 174 22.69 36.19 14.30
C ILE F 174 21.28 36.32 13.76
N ASP F 175 20.73 37.52 13.68
CA ASP F 175 19.36 37.69 13.22
C ASP F 175 19.25 37.52 11.71
N LYS F 176 20.23 38.02 10.97
CA LYS F 176 20.17 37.93 9.51
C LYS F 176 20.37 36.48 9.07
N PRO F 177 19.47 35.93 8.26
CA PRO F 177 19.75 34.62 7.66
C PRO F 177 20.96 34.69 6.74
N ILE F 178 21.77 33.63 6.78
CA ILE F 178 22.96 33.58 5.94
C ILE F 178 22.57 33.47 4.47
N LEU F 179 21.54 32.66 4.18
CA LEU F 179 20.84 32.56 2.90
C LEU F 179 21.63 31.89 1.79
N LYS F 180 22.92 31.63 1.99
CA LYS F 180 23.73 31.14 0.90
C LYS F 180 24.81 30.24 1.45
N ALA F 181 25.10 29.17 0.71
CA ALA F 181 26.24 28.34 1.06
C ALA F 181 27.54 29.12 0.90
N GLY F 182 27.56 30.10 -0.01
CA GLY F 182 28.75 30.90 -0.17
C GLY F 182 29.01 31.82 1.01
N ARG F 183 27.95 32.40 1.57
CA ARG F 183 28.13 33.27 2.73
C ARG F 183 28.63 32.48 3.93
N ALA F 184 28.12 31.27 4.11
CA ALA F 184 28.65 30.39 5.16
C ALA F 184 30.09 30.00 4.86
N TYR F 185 30.41 29.78 3.59
CA TYR F 185 31.79 29.46 3.21
C TYR F 185 32.73 30.59 3.57
N HIS F 186 32.35 31.83 3.28
CA HIS F 186 33.20 32.96 3.60
C HIS F 186 33.25 33.22 5.09
N LYS F 187 32.17 32.96 5.82
CA LYS F 187 32.16 33.17 7.25
C LYS F 187 33.17 32.28 7.94
N TYR F 188 33.16 30.99 7.62
CA TYR F 188 34.05 30.02 8.25
C TYR F 188 35.41 29.95 7.59
N LYS F 189 35.60 30.60 6.45
CA LYS F 189 36.92 30.69 5.85
C LYS F 189 37.88 31.47 6.75
N ALA F 190 37.37 32.45 7.48
CA ALA F 190 38.18 33.29 8.34
C ALA F 190 38.27 32.78 9.77
N LYS F 191 37.67 31.64 10.08
CA LYS F 191 37.70 31.11 11.44
C LYS F 191 38.56 29.86 11.55
N ARG F 192 38.23 28.80 10.82
CA ARG F 192 38.90 27.51 10.90
C ARG F 192 38.20 26.59 9.91
N ASN F 193 38.82 25.44 9.65
CA ASN F 193 38.27 24.48 8.71
C ASN F 193 37.27 23.61 9.45
N CYS F 194 36.02 24.06 9.48
CA CYS F 194 34.98 23.28 10.14
C CYS F 194 33.65 23.23 9.39
N TRP F 195 33.47 24.00 8.33
CA TRP F 195 32.11 24.26 7.88
C TRP F 195 31.42 23.13 7.11
N PRO F 196 31.97 22.63 5.99
CA PRO F 196 31.18 21.64 5.24
C PRO F 196 31.09 20.36 6.04
N ARG F 197 29.90 20.11 6.58
CA ARG F 197 29.72 19.12 7.64
C ARG F 197 28.91 17.96 7.08
N VAL F 198 29.53 16.79 7.00
CA VAL F 198 28.89 15.60 6.48
C VAL F 198 28.24 14.87 7.63
N ARG F 199 26.97 14.51 7.45
CA ARG F 199 26.25 13.76 8.49
C ARG F 199 26.86 12.38 8.66
N GLY F 200 26.94 11.94 9.90
CA GLY F 200 27.56 10.65 10.18
C GLY F 200 26.77 9.48 9.64
N VAL F 201 25.45 9.64 9.50
CA VAL F 201 24.63 8.57 8.93
C VAL F 201 24.98 8.34 7.47
N ALA F 202 25.43 9.39 6.78
CA ALA F 202 25.81 9.27 5.38
C ALA F 202 27.17 8.61 5.19
N MET F 203 27.97 8.52 6.26
CA MET F 203 29.30 7.96 6.14
C MET F 203 29.24 6.44 6.15
N ASN F 204 30.39 5.82 5.98
CA ASN F 204 30.57 4.38 6.07
C ASN F 204 30.84 3.99 7.50
N PRO F 205 30.61 2.72 7.87
CA PRO F 205 30.78 2.33 9.28
C PRO F 205 32.19 2.48 9.79
N VAL F 206 33.18 2.57 8.91
CA VAL F 206 34.55 2.55 9.40
C VAL F 206 34.99 3.91 9.93
N GLU F 207 34.43 5.01 9.42
CA GLU F 207 34.83 6.32 9.91
C GLU F 207 33.77 6.99 10.78
N HIS F 208 32.69 6.28 11.16
CA HIS F 208 31.74 6.88 12.07
C HIS F 208 30.91 5.82 12.77
N PRO F 209 30.57 6.01 14.05
CA PRO F 209 29.67 5.05 14.72
C PRO F 209 28.29 4.96 14.11
N PHE F 210 27.85 5.99 13.39
CA PHE F 210 26.51 5.98 12.81
C PHE F 210 26.50 5.54 11.35
N GLY F 211 27.66 5.23 10.78
CA GLY F 211 27.74 4.98 9.37
C GLY F 211 27.18 3.62 8.97
N GLY F 212 26.88 3.49 7.69
CA GLY F 212 26.47 2.22 7.14
C GLY F 212 24.98 2.00 7.16
N GLY F 213 24.61 0.82 6.69
CA GLY F 213 23.21 0.44 6.62
C GLY F 213 22.60 0.75 5.26
N ASN F 214 21.61 -0.05 4.89
CA ASN F 214 20.97 0.16 3.60
C ASN F 214 20.01 1.34 3.62
N HIS F 215 19.58 1.78 4.80
CA HIS F 215 18.85 3.03 4.97
C HIS F 215 19.65 3.94 5.87
N GLN F 216 19.58 5.25 5.61
CA GLN F 216 20.31 6.23 6.41
C GLN F 216 19.61 6.38 7.75
N HIS F 217 19.91 5.46 8.65
CA HIS F 217 19.40 5.48 10.00
C HIS F 217 20.55 5.32 10.98
N ILE F 218 20.35 5.81 12.20
CA ILE F 218 21.40 5.71 13.22
C ILE F 218 21.57 4.27 13.67
N GLY F 219 20.46 3.61 14.02
CA GLY F 219 20.49 2.23 14.42
C GLY F 219 20.74 1.98 15.88
N LYS F 220 21.20 2.97 16.63
CA LYS F 220 21.46 2.87 18.05
C LYS F 220 21.05 4.19 18.68
N PRO F 221 20.77 4.19 19.99
CA PRO F 221 20.39 5.45 20.65
C PRO F 221 21.46 6.51 20.49
N SER F 222 21.06 7.66 19.95
CA SER F 222 22.01 8.72 19.65
C SER F 222 22.53 9.40 20.90
N THR F 223 21.84 9.27 22.03
CA THR F 223 22.34 9.81 23.28
C THR F 223 23.47 8.94 23.80
N ILE F 224 24.65 9.52 23.93
CA ILE F 224 25.85 8.78 24.30
C ILE F 224 26.33 9.27 25.65
N ARG F 225 26.85 8.34 26.45
CA ARG F 225 27.18 8.63 27.84
C ARG F 225 28.39 9.55 27.94
N ARG F 226 28.54 10.15 29.12
CA ARG F 226 29.58 11.15 29.32
C ARG F 226 30.97 10.56 29.21
N ASP F 227 31.20 9.40 29.84
CA ASP F 227 32.53 8.80 29.89
C ASP F 227 32.78 7.84 28.75
N ALA F 228 32.06 7.98 27.64
CA ALA F 228 32.32 7.13 26.49
C ALA F 228 33.72 7.42 25.94
N PRO F 229 34.37 6.42 25.36
CA PRO F 229 35.69 6.66 24.77
C PRO F 229 35.60 7.62 23.59
N ALA F 230 36.69 8.37 23.38
CA ALA F 230 36.77 9.20 22.19
C ALA F 230 36.76 8.32 20.95
N GLY F 231 36.12 8.81 19.90
CA GLY F 231 35.83 7.99 18.74
C GLY F 231 34.52 7.26 18.84
N ARG F 232 33.87 7.30 19.99
CA ARG F 232 32.54 6.75 20.19
C ARG F 232 31.52 7.82 20.54
N LYS F 233 31.86 8.76 21.41
CA LYS F 233 30.89 9.76 21.85
C LYS F 233 30.68 10.77 20.73
N VAL F 234 29.76 10.41 19.84
CA VAL F 234 29.18 11.32 18.87
C VAL F 234 27.69 11.33 19.08
N GLY F 235 27.03 12.34 18.53
CA GLY F 235 25.62 12.50 18.77
C GLY F 235 25.37 13.39 19.96
N LEU F 236 24.30 13.13 20.70
CA LEU F 236 23.96 13.96 21.84
C LEU F 236 24.76 13.49 23.05
N ILE F 237 25.75 14.28 23.44
CA ILE F 237 26.72 13.87 24.45
C ILE F 237 26.16 14.16 25.83
N ALA F 238 25.96 13.10 26.62
CA ALA F 238 25.51 13.19 28.00
C ALA F 238 24.24 14.01 28.12
N ALA F 239 23.28 13.70 27.27
CA ALA F 239 22.06 14.50 27.16
C ALA F 239 21.13 14.22 28.34
N ARG F 240 20.78 15.27 29.08
CA ARG F 240 19.84 15.11 30.18
C ARG F 240 18.43 14.85 29.67
N ARG F 241 18.08 15.42 28.52
CA ARG F 241 16.77 15.23 27.92
C ARG F 241 16.93 15.49 26.43
N THR F 242 15.93 15.06 25.67
CA THR F 242 15.87 15.33 24.23
C THR F 242 14.47 15.79 23.88
N GLY F 243 14.27 16.20 22.64
CA GLY F 243 12.93 16.50 22.19
C GLY F 243 12.77 17.86 21.57
N ARG F 244 11.79 18.62 22.06
CA ARG F 244 11.46 19.90 21.45
C ARG F 244 11.56 21.07 22.42
N LEU F 245 11.75 20.81 23.72
CA LEU F 245 11.93 21.86 24.74
C LEU F 245 10.70 22.76 24.83
N ARG F 246 9.60 22.14 25.25
CA ARG F 246 8.35 22.84 25.50
C ARG F 246 8.25 23.19 26.98
N GLY F 247 8.13 24.49 27.28
CA GLY F 247 7.83 24.91 28.62
C GLY F 247 8.82 25.88 29.24
N THR F 248 10.11 25.64 29.04
CA THR F 248 11.14 26.50 29.61
C THR F 248 12.50 26.21 28.97
N SER G 1 16.09 -23.18 -31.81
CA SER G 1 14.66 -23.01 -31.89
C SER G 1 14.28 -22.34 -33.20
N HIS G 2 13.00 -22.43 -33.54
CA HIS G 2 12.50 -21.86 -34.79
C HIS G 2 12.64 -20.34 -34.78
N ARG G 3 12.72 -19.78 -35.98
CA ARG G 3 12.64 -18.33 -36.10
C ARG G 3 11.24 -17.87 -35.77
N LYS G 4 11.13 -16.71 -35.13
CA LYS G 4 9.86 -16.30 -34.54
C LYS G 4 8.81 -15.98 -35.60
N PHE G 5 9.21 -15.35 -36.69
CA PHE G 5 8.32 -15.00 -37.77
C PHE G 5 8.82 -15.60 -39.08
N SER G 6 7.89 -16.13 -39.87
CA SER G 6 8.25 -16.70 -41.15
C SER G 6 8.60 -15.61 -42.16
N ALA G 7 9.54 -15.92 -43.05
CA ALA G 7 9.92 -15.01 -44.10
C ALA G 7 10.44 -15.81 -45.27
N PRO G 8 10.11 -15.44 -46.51
CA PRO G 8 10.64 -16.15 -47.66
C PRO G 8 12.14 -15.91 -47.81
N ARG G 9 12.78 -16.86 -48.49
CA ARG G 9 14.24 -16.84 -48.63
C ARG G 9 14.67 -15.70 -49.55
N HIS G 10 15.80 -15.09 -49.21
CA HIS G 10 16.38 -14.04 -50.04
C HIS G 10 17.20 -14.68 -51.16
N GLY G 11 16.75 -14.54 -52.39
CA GLY G 11 17.51 -15.02 -53.53
C GLY G 11 17.18 -16.46 -53.88
N SER G 12 17.38 -16.79 -55.15
CA SER G 12 17.09 -18.12 -55.67
C SER G 12 18.33 -19.00 -55.59
N LEU G 13 18.12 -20.27 -55.27
CA LEU G 13 19.18 -21.26 -55.33
C LEU G 13 19.31 -21.89 -56.69
N GLY G 14 18.53 -21.45 -57.68
CA GLY G 14 18.64 -21.96 -59.02
C GLY G 14 19.77 -21.38 -59.83
N PHE G 15 20.41 -20.33 -59.33
CA PHE G 15 21.53 -19.68 -59.98
C PHE G 15 22.73 -19.61 -59.05
N LEU G 16 22.97 -20.69 -58.29
CA LEU G 16 23.87 -20.62 -57.14
C LEU G 16 25.31 -20.26 -57.47
N PRO G 17 25.98 -20.82 -58.48
CA PRO G 17 27.35 -20.38 -58.74
C PRO G 17 27.33 -18.95 -59.23
N ARG G 18 27.11 -18.02 -58.31
CA ARG G 18 26.96 -16.61 -58.65
C ARG G 18 28.32 -16.05 -59.01
N LYS G 19 28.85 -16.49 -60.15
CA LYS G 19 30.22 -16.26 -60.56
C LYS G 19 30.23 -15.62 -61.94
N ARG G 20 31.39 -15.11 -62.31
CA ARG G 20 31.59 -14.60 -63.66
C ARG G 20 31.38 -15.72 -64.66
N SER G 21 30.65 -15.42 -65.74
CA SER G 21 30.39 -16.42 -66.75
C SER G 21 31.67 -16.86 -67.42
N SER G 22 31.78 -18.16 -67.70
CA SER G 22 32.95 -18.69 -68.37
C SER G 22 33.01 -18.31 -69.84
N ARG G 23 31.95 -17.69 -70.36
CA ARG G 23 31.89 -17.28 -71.74
C ARG G 23 31.35 -15.86 -71.81
N HIS G 24 31.62 -15.21 -72.94
CA HIS G 24 31.11 -13.87 -73.19
C HIS G 24 29.91 -13.86 -74.12
N ARG G 25 29.85 -14.78 -75.07
CA ARG G 25 28.78 -14.79 -76.06
C ARG G 25 27.45 -15.18 -75.44
N GLY G 26 27.43 -16.25 -74.66
CA GLY G 26 26.18 -16.76 -74.15
C GLY G 26 25.68 -17.88 -75.04
N LYS G 27 25.79 -19.12 -74.57
CA LYS G 27 25.51 -20.28 -75.40
C LYS G 27 24.09 -20.75 -75.20
N VAL G 28 23.58 -21.44 -76.22
CA VAL G 28 22.15 -21.76 -76.30
C VAL G 28 21.76 -22.78 -75.23
N LYS G 29 22.51 -23.87 -75.14
CA LYS G 29 22.37 -24.93 -74.13
C LYS G 29 21.12 -25.77 -74.31
N SER G 30 20.20 -25.36 -75.19
CA SER G 30 19.00 -26.16 -75.47
C SER G 30 18.39 -25.63 -76.75
N PHE G 31 18.41 -26.42 -77.78
CA PHE G 31 17.76 -26.02 -79.01
C PHE G 31 16.34 -26.57 -79.06
N PRO G 32 15.46 -25.97 -79.86
CA PRO G 32 14.09 -26.47 -79.93
C PRO G 32 14.04 -27.90 -80.45
N LYS G 33 13.04 -28.65 -79.97
CA LYS G 33 12.83 -30.02 -80.43
C LYS G 33 12.61 -30.05 -81.93
N ASP G 34 13.29 -30.97 -82.60
CA ASP G 34 13.27 -31.05 -84.05
C ASP G 34 12.20 -32.02 -84.50
N ASP G 35 11.37 -31.59 -85.45
CA ASP G 35 10.37 -32.44 -86.06
C ASP G 35 10.53 -32.38 -87.57
N PRO G 36 10.66 -33.51 -88.25
CA PRO G 36 10.83 -33.48 -89.71
C PRO G 36 9.62 -32.92 -90.45
N SER G 37 8.46 -32.83 -89.80
CA SER G 37 7.27 -32.32 -90.47
C SER G 37 7.45 -30.87 -90.90
N LYS G 38 8.08 -30.06 -90.06
CA LYS G 38 8.33 -28.67 -90.40
C LYS G 38 9.30 -28.57 -91.56
N PRO G 39 9.26 -27.49 -92.32
CA PRO G 39 10.29 -27.26 -93.34
C PRO G 39 11.61 -26.88 -92.69
N VAL G 40 12.69 -27.00 -93.46
CA VAL G 40 14.02 -26.72 -92.95
C VAL G 40 14.14 -25.25 -92.60
N HIS G 41 14.68 -24.97 -91.41
CA HIS G 41 14.81 -23.60 -90.94
C HIS G 41 15.87 -23.55 -89.86
N LEU G 42 16.36 -22.34 -89.58
CA LEU G 42 17.28 -22.12 -88.49
C LEU G 42 16.53 -21.71 -87.23
N THR G 43 17.21 -21.83 -86.10
CA THR G 43 16.58 -21.64 -84.80
C THR G 43 17.25 -20.60 -83.92
N ALA G 44 18.31 -19.95 -84.38
CA ALA G 44 19.02 -19.01 -83.52
C ALA G 44 19.74 -17.98 -84.38
N PHE G 45 20.13 -16.89 -83.73
CA PHE G 45 20.77 -15.76 -84.40
C PHE G 45 21.55 -14.98 -83.37
N LEU G 46 22.45 -14.12 -83.85
CA LEU G 46 23.28 -13.29 -82.99
C LEU G 46 22.97 -11.82 -83.24
N GLY G 47 22.76 -11.07 -82.16
CA GLY G 47 22.52 -9.65 -82.25
C GLY G 47 23.34 -8.90 -81.22
N TYR G 48 23.25 -7.57 -81.30
CA TYR G 48 24.01 -6.69 -80.43
C TYR G 48 23.07 -5.65 -79.84
N LYS G 49 23.12 -5.50 -78.52
CA LYS G 49 22.20 -4.62 -77.82
C LYS G 49 22.55 -3.17 -78.13
N ALA G 50 21.84 -2.58 -79.09
CA ALA G 50 22.11 -1.20 -79.48
C ALA G 50 21.65 -0.24 -78.38
N GLY G 51 20.45 -0.43 -77.87
CA GLY G 51 19.93 0.48 -76.87
C GLY G 51 18.45 0.25 -76.66
N MET G 52 17.84 1.20 -75.96
CA MET G 52 16.43 1.12 -75.63
C MET G 52 15.70 2.38 -76.07
N THR G 53 14.41 2.22 -76.28
CA THR G 53 13.50 3.34 -76.56
C THR G 53 12.09 2.87 -76.21
N HIS G 54 11.10 3.70 -76.54
CA HIS G 54 9.72 3.33 -76.27
C HIS G 54 8.87 3.60 -77.50
N ILE G 55 7.72 2.96 -77.55
CA ILE G 55 6.83 2.99 -78.70
C ILE G 55 5.42 3.34 -78.23
N VAL G 56 4.53 3.52 -79.19
CA VAL G 56 3.12 3.75 -78.94
C VAL G 56 2.33 2.87 -79.89
N ARG G 57 1.33 2.16 -79.36
CA ARG G 57 0.52 1.27 -80.18
C ARG G 57 -0.84 1.10 -79.51
N GLU G 58 -1.81 0.65 -80.31
CA GLU G 58 -3.13 0.32 -79.79
C GLU G 58 -3.23 -1.18 -79.50
N VAL G 59 -3.87 -1.50 -78.39
CA VAL G 59 -3.89 -2.86 -77.86
C VAL G 59 -5.09 -3.60 -78.42
N ASP G 60 -4.91 -4.89 -78.69
CA ASP G 60 -5.96 -5.74 -79.24
C ASP G 60 -6.29 -6.85 -78.25
N ARG G 61 -6.47 -6.48 -76.99
CA ARG G 61 -6.74 -7.43 -75.93
C ARG G 61 -8.16 -7.24 -75.42
N PRO G 62 -9.12 -8.04 -75.85
CA PRO G 62 -10.48 -7.91 -75.35
C PRO G 62 -10.58 -8.25 -73.87
N GLY G 63 -11.55 -7.63 -73.20
CA GLY G 63 -11.76 -7.87 -71.79
C GLY G 63 -10.83 -7.14 -70.86
N SER G 64 -10.01 -6.22 -71.38
CA SER G 64 -9.04 -5.49 -70.59
C SER G 64 -9.36 -4.01 -70.56
N LYS G 65 -8.82 -3.31 -69.56
CA LYS G 65 -8.99 -1.87 -69.48
C LYS G 65 -8.28 -1.13 -70.60
N VAL G 66 -7.34 -1.78 -71.28
CA VAL G 66 -6.60 -1.15 -72.37
C VAL G 66 -7.12 -1.62 -73.73
N ASN G 67 -8.36 -2.08 -73.80
CA ASN G 67 -8.93 -2.51 -75.06
C ASN G 67 -9.09 -1.31 -75.99
N LYS G 68 -8.47 -1.40 -77.17
CA LYS G 68 -8.55 -0.36 -78.20
C LYS G 68 -8.07 0.99 -77.68
N LYS G 69 -7.15 0.98 -76.72
CA LYS G 69 -6.52 2.18 -76.19
C LYS G 69 -5.04 2.19 -76.54
N GLU G 70 -4.40 3.31 -76.28
CA GLU G 70 -2.99 3.49 -76.55
C GLU G 70 -2.17 3.13 -75.32
N VAL G 71 -1.00 2.55 -75.55
CA VAL G 71 -0.04 2.27 -74.49
C VAL G 71 1.34 2.73 -74.94
N VAL G 72 2.19 3.01 -73.97
CA VAL G 72 3.59 3.33 -74.20
C VAL G 72 4.41 2.19 -73.61
N GLU G 73 5.21 1.55 -74.46
CA GLU G 73 5.93 0.35 -74.07
C GLU G 73 7.40 0.49 -74.42
N ALA G 74 8.27 0.23 -73.45
CA ALA G 74 9.70 0.27 -73.68
C ALA G 74 10.11 -0.88 -74.57
N VAL G 75 11.03 -0.60 -75.50
CA VAL G 75 11.54 -1.61 -76.42
C VAL G 75 13.05 -1.54 -76.46
N THR G 76 13.67 -2.65 -76.84
CA THR G 76 15.11 -2.75 -76.96
C THR G 76 15.47 -3.00 -78.41
N ILE G 77 16.43 -2.25 -78.92
CA ILE G 77 16.92 -2.42 -80.28
C ILE G 77 18.10 -3.39 -80.25
N VAL G 78 18.03 -4.41 -81.09
CA VAL G 78 19.12 -5.37 -81.23
C VAL G 78 19.53 -5.36 -82.70
N GLU G 79 20.69 -4.77 -82.98
CA GLU G 79 21.18 -4.73 -84.35
C GLU G 79 21.59 -6.13 -84.79
N THR G 80 21.04 -6.58 -85.91
CA THR G 80 21.28 -7.93 -86.42
C THR G 80 21.68 -7.87 -87.89
N PRO G 81 22.95 -7.62 -88.18
CA PRO G 81 23.44 -7.79 -89.54
C PRO G 81 23.45 -9.26 -89.92
N PRO G 82 23.37 -9.58 -91.21
CA PRO G 82 23.23 -10.98 -91.62
C PRO G 82 24.42 -11.84 -91.21
N MET G 83 24.13 -13.04 -90.73
CA MET G 83 25.14 -14.02 -90.41
C MET G 83 25.74 -14.56 -91.70
N VAL G 84 26.93 -15.16 -91.60
CA VAL G 84 27.59 -15.82 -92.73
C VAL G 84 27.89 -17.25 -92.32
N VAL G 85 27.42 -18.21 -93.11
CA VAL G 85 27.59 -19.62 -92.82
C VAL G 85 28.95 -20.08 -93.36
N VAL G 86 29.76 -20.70 -92.51
CA VAL G 86 31.13 -21.05 -92.88
C VAL G 86 31.41 -22.53 -92.65
N GLY G 87 30.51 -23.22 -91.96
CA GLY G 87 30.78 -24.61 -91.65
C GLY G 87 29.52 -25.38 -91.34
N ILE G 88 29.67 -26.70 -91.36
CA ILE G 88 28.61 -27.63 -91.01
C ILE G 88 29.15 -28.62 -89.99
N VAL G 89 28.40 -28.84 -88.92
CA VAL G 89 28.80 -29.77 -87.86
C VAL G 89 27.73 -30.86 -87.78
N GLY G 90 28.17 -32.11 -87.72
CA GLY G 90 27.27 -33.24 -87.55
C GLY G 90 27.44 -33.85 -86.17
N TYR G 91 26.32 -34.20 -85.55
CA TYR G 91 26.32 -34.82 -84.24
C TYR G 91 25.69 -36.20 -84.33
N VAL G 92 26.21 -37.13 -83.54
CA VAL G 92 25.67 -38.48 -83.48
C VAL G 92 25.27 -38.79 -82.04
N GLU G 93 24.12 -39.41 -81.87
CA GLU G 93 23.61 -39.71 -80.53
C GLU G 93 24.27 -40.98 -80.00
N THR G 94 24.84 -40.88 -78.82
CA THR G 94 25.50 -41.98 -78.15
C THR G 94 24.83 -42.21 -76.81
N PRO G 95 24.97 -43.40 -76.20
CA PRO G 95 24.44 -43.60 -74.85
C PRO G 95 25.15 -42.77 -73.81
N ARG G 96 26.22 -42.07 -74.21
CA ARG G 96 26.90 -41.11 -73.36
C ARG G 96 26.53 -39.67 -73.70
N GLY G 97 25.58 -39.46 -74.58
CA GLY G 97 25.17 -38.13 -74.99
C GLY G 97 25.60 -37.82 -76.41
N LEU G 98 25.28 -36.61 -76.84
CA LEU G 98 25.70 -36.16 -78.16
C LEU G 98 27.20 -35.98 -78.21
N ARG G 99 27.81 -36.39 -79.32
CA ARG G 99 29.23 -36.14 -79.55
C ARG G 99 29.44 -35.62 -80.96
N THR G 100 30.44 -34.78 -81.11
CA THR G 100 30.74 -34.16 -82.40
C THR G 100 31.27 -35.23 -83.35
N PHE G 101 30.58 -35.43 -84.47
CA PHE G 101 30.95 -36.49 -85.38
C PHE G 101 31.95 -36.02 -86.43
N LYS G 102 31.59 -35.02 -87.21
CA LYS G 102 32.47 -34.52 -88.26
C LYS G 102 32.12 -33.06 -88.55
N THR G 103 33.15 -32.26 -88.79
CA THR G 103 33.00 -30.85 -89.08
C THR G 103 33.60 -30.57 -90.45
N VAL G 104 32.84 -29.89 -91.30
CA VAL G 104 33.29 -29.50 -92.63
C VAL G 104 33.17 -27.98 -92.73
N PHE G 105 34.29 -27.33 -93.02
CA PHE G 105 34.32 -25.88 -93.17
C PHE G 105 34.34 -25.49 -94.63
N ALA G 106 33.68 -24.39 -94.93
CA ALA G 106 33.60 -23.93 -96.31
C ALA G 106 34.92 -23.32 -96.76
N GLU G 107 35.07 -23.18 -98.06
CA GLU G 107 36.15 -22.41 -98.62
C GLU G 107 35.92 -20.92 -98.35
N HIS G 108 36.98 -20.13 -98.50
CA HIS G 108 36.91 -18.68 -98.41
C HIS G 108 36.26 -18.20 -97.12
N ILE G 109 36.88 -18.57 -96.00
CA ILE G 109 36.41 -18.07 -94.71
C ILE G 109 36.71 -16.58 -94.63
N SER G 110 35.72 -15.80 -94.18
CA SER G 110 35.84 -14.36 -94.17
C SER G 110 36.97 -13.92 -93.25
N ASP G 111 37.58 -12.78 -93.59
CA ASP G 111 38.76 -12.32 -92.89
C ASP G 111 38.45 -12.01 -91.43
N GLU G 112 37.30 -11.39 -91.17
CA GLU G 112 36.90 -11.14 -89.79
C GLU G 112 36.57 -12.43 -89.06
N CYS G 113 36.12 -13.46 -89.77
CA CYS G 113 35.85 -14.74 -89.13
C CYS G 113 37.14 -15.42 -88.69
N LYS G 114 38.18 -15.34 -89.51
CA LYS G 114 39.46 -15.95 -89.14
C LYS G 114 40.09 -15.28 -87.94
N ARG G 115 39.68 -14.05 -87.62
CA ARG G 115 40.26 -13.35 -86.48
C ARG G 115 39.88 -14.00 -85.16
N ARG G 116 38.80 -14.77 -85.13
CA ARG G 116 38.40 -15.46 -83.91
C ARG G 116 39.44 -16.47 -83.45
N PHE G 117 40.16 -17.09 -84.39
CA PHE G 117 41.05 -18.19 -84.09
C PHE G 117 42.35 -17.76 -83.44
N TYR G 118 42.72 -16.48 -83.50
CA TYR G 118 43.99 -16.01 -82.96
C TYR G 118 43.77 -15.08 -81.77
N LYS G 119 44.58 -15.29 -80.74
CA LYS G 119 44.57 -14.37 -79.60
C LYS G 119 45.34 -13.09 -79.88
N ASN G 120 46.17 -13.08 -80.93
CA ASN G 120 46.86 -11.87 -81.36
C ASN G 120 46.88 -11.92 -82.88
N TRP G 121 45.93 -11.22 -83.51
CA TRP G 121 45.85 -11.17 -84.95
C TRP G 121 46.93 -10.27 -85.56
N HIS G 122 47.44 -9.32 -84.78
CA HIS G 122 48.41 -8.37 -85.32
C HIS G 122 49.73 -9.05 -85.66
N LYS G 123 50.26 -9.83 -84.73
CA LYS G 123 51.51 -10.55 -84.94
C LYS G 123 51.32 -11.82 -85.75
N SER G 124 50.08 -12.18 -86.06
CA SER G 124 49.78 -13.44 -86.72
C SER G 124 50.34 -13.49 -88.14
N LYS G 125 50.53 -14.71 -88.62
CA LYS G 125 50.85 -14.96 -90.01
C LYS G 125 49.60 -15.22 -90.84
N LYS G 126 48.43 -15.20 -90.22
CA LYS G 126 47.15 -15.36 -90.91
C LYS G 126 47.07 -16.71 -91.63
N LYS G 127 47.49 -17.76 -90.93
CA LYS G 127 47.64 -19.07 -91.55
C LYS G 127 46.47 -20.01 -91.35
N ALA G 128 45.48 -19.64 -90.53
CA ALA G 128 44.40 -20.57 -90.21
C ALA G 128 43.59 -20.91 -91.47
N PHE G 129 43.30 -22.20 -91.62
CA PHE G 129 42.52 -22.74 -92.72
C PHE G 129 43.15 -22.50 -94.08
N THR G 130 44.45 -22.20 -94.13
CA THR G 130 45.11 -21.99 -95.42
C THR G 130 45.32 -23.31 -96.14
N LYS G 131 45.75 -24.34 -95.42
CA LYS G 131 45.94 -25.65 -96.05
C LYS G 131 44.64 -26.43 -96.14
N TYR G 132 43.67 -26.14 -95.28
CA TYR G 132 42.40 -26.85 -95.33
C TYR G 132 41.63 -26.50 -96.58
N CYS G 133 41.51 -25.20 -96.89
CA CYS G 133 40.74 -24.76 -98.04
C CYS G 133 41.37 -25.22 -99.35
N LYS G 134 42.61 -25.68 -99.32
CA LYS G 134 43.23 -26.28 -100.49
C LYS G 134 42.54 -27.56 -100.90
N LYS G 135 41.88 -28.25 -99.97
CA LYS G 135 41.23 -29.51 -100.30
C LYS G 135 39.91 -29.33 -101.01
N TRP G 136 39.38 -28.11 -101.06
CA TRP G 136 38.18 -27.86 -101.85
C TRP G 136 38.47 -27.84 -103.34
N GLN G 137 39.75 -27.80 -103.73
CA GLN G 137 40.15 -27.66 -105.12
C GLN G 137 40.60 -28.97 -105.73
N ASP G 138 41.54 -29.68 -105.10
CA ASP G 138 42.00 -30.94 -105.65
C ASP G 138 40.93 -32.01 -105.48
N GLU G 139 40.99 -33.03 -106.34
CA GLU G 139 39.92 -34.01 -106.36
C GLU G 139 40.03 -35.00 -105.21
N ASP G 140 41.23 -35.24 -104.67
CA ASP G 140 41.34 -36.04 -103.45
C ASP G 140 40.59 -35.37 -102.31
N GLY G 141 40.77 -34.06 -102.15
CA GLY G 141 40.07 -33.34 -101.11
C GLY G 141 38.57 -33.35 -101.31
N LYS G 142 38.11 -33.21 -102.56
CA LYS G 142 36.68 -33.23 -102.80
C LYS G 142 36.09 -34.61 -102.56
N LYS G 143 36.81 -35.67 -102.91
CA LYS G 143 36.32 -37.01 -102.60
C LYS G 143 36.23 -37.22 -101.10
N GLN G 144 37.22 -36.74 -100.34
CA GLN G 144 37.15 -36.84 -98.90
C GLN G 144 35.98 -36.03 -98.33
N LEU G 145 35.73 -34.85 -98.91
CA LEU G 145 34.60 -34.04 -98.46
C LEU G 145 33.28 -34.72 -98.76
N GLU G 146 33.18 -35.38 -99.92
CA GLU G 146 31.97 -36.13 -100.24
C GLU G 146 31.79 -37.30 -99.28
N LYS G 147 32.88 -37.98 -98.93
CA LYS G 147 32.78 -39.05 -97.94
C LYS G 147 32.34 -38.52 -96.59
N ASP G 148 32.84 -37.35 -96.20
CA ASP G 148 32.43 -36.74 -94.93
C ASP G 148 30.95 -36.38 -94.94
N PHE G 149 30.48 -35.80 -96.05
CA PHE G 149 29.06 -35.46 -96.14
C PHE G 149 28.18 -36.69 -96.16
N SER G 150 28.63 -37.76 -96.83
CA SER G 150 27.87 -39.01 -96.81
C SER G 150 27.82 -39.61 -95.41
N SER G 151 28.94 -39.55 -94.69
CA SER G 151 28.96 -40.05 -93.32
C SER G 151 28.02 -39.25 -92.43
N MET G 152 27.98 -37.93 -92.61
CA MET G 152 27.01 -37.12 -91.89
C MET G 152 25.59 -37.50 -92.27
N LYS G 153 25.36 -37.78 -93.55
CA LYS G 153 24.03 -38.10 -94.03
C LYS G 153 23.52 -39.40 -93.45
N LYS G 154 24.39 -40.39 -93.31
CA LYS G 154 23.95 -41.73 -92.93
C LYS G 154 24.27 -42.11 -91.50
N TYR G 155 24.97 -41.27 -90.74
CA TYR G 155 25.18 -41.58 -89.32
C TYR G 155 24.70 -40.49 -88.38
N CYS G 156 24.79 -39.22 -88.76
CA CYS G 156 24.42 -38.14 -87.87
C CYS G 156 22.92 -38.02 -87.76
N GLN G 157 22.46 -37.56 -86.59
CA GLN G 157 21.03 -37.30 -86.37
C GLN G 157 20.71 -35.82 -86.47
N VAL G 158 21.45 -34.97 -85.76
CA VAL G 158 21.24 -33.54 -85.77
C VAL G 158 22.48 -32.86 -86.32
N ILE G 159 22.29 -31.88 -87.19
CA ILE G 159 23.40 -31.13 -87.76
C ILE G 159 23.24 -29.67 -87.32
N ARG G 160 24.37 -28.97 -87.31
CA ARG G 160 24.38 -27.54 -87.01
C ARG G 160 25.27 -26.83 -88.01
N VAL G 161 24.90 -25.60 -88.33
CA VAL G 161 25.70 -24.75 -89.19
C VAL G 161 26.55 -23.85 -88.30
N ILE G 162 27.77 -23.59 -88.73
CA ILE G 162 28.64 -22.63 -88.07
C ILE G 162 28.51 -21.29 -88.78
N ALA G 163 28.08 -20.28 -88.05
CA ALA G 163 27.87 -18.95 -88.62
C ALA G 163 28.57 -17.92 -87.77
N HIS G 164 28.96 -16.82 -88.42
CA HIS G 164 29.67 -15.74 -87.75
C HIS G 164 29.02 -14.41 -88.12
N THR G 165 29.22 -13.43 -87.24
CA THR G 165 28.67 -12.11 -87.46
C THR G 165 29.59 -11.28 -88.36
N GLN G 166 28.98 -10.35 -89.09
CA GLN G 166 29.70 -9.40 -89.94
C GLN G 166 29.96 -8.16 -89.10
N MET G 167 31.14 -8.08 -88.49
CA MET G 167 31.44 -6.97 -87.60
C MET G 167 32.03 -5.78 -88.33
N ARG G 168 32.26 -5.87 -89.63
CA ARG G 168 32.64 -4.69 -90.39
C ARG G 168 31.47 -3.75 -90.59
N LEU G 169 30.25 -4.23 -90.37
CA LEU G 169 29.05 -3.44 -90.53
C LEU G 169 28.58 -2.82 -89.22
N LEU G 170 29.37 -2.94 -88.15
CA LEU G 170 28.96 -2.45 -86.85
C LEU G 170 29.90 -1.34 -86.39
N PRO G 171 29.41 -0.37 -85.61
CA PRO G 171 30.26 0.75 -85.22
C PRO G 171 31.14 0.45 -84.01
N LEU G 172 31.31 -0.83 -83.70
CA LEU G 172 32.10 -1.18 -82.53
C LEU G 172 33.58 -1.10 -82.86
N ARG G 173 34.40 -1.07 -81.81
CA ARG G 173 35.84 -1.16 -82.01
C ARG G 173 36.22 -2.52 -82.56
N GLN G 174 35.56 -3.57 -82.07
CA GLN G 174 36.01 -4.93 -82.30
C GLN G 174 35.82 -5.33 -83.76
N LYS G 175 36.86 -5.90 -84.35
CA LYS G 175 36.82 -6.43 -85.69
C LYS G 175 36.70 -7.94 -85.71
N LYS G 176 36.62 -8.57 -84.55
CA LYS G 176 36.63 -10.02 -84.42
C LYS G 176 35.19 -10.54 -84.47
N ALA G 177 34.93 -11.47 -85.38
CA ALA G 177 33.59 -12.01 -85.52
C ALA G 177 33.25 -12.93 -84.36
N HIS G 178 31.96 -13.23 -84.23
CA HIS G 178 31.46 -14.14 -83.21
C HIS G 178 31.00 -15.42 -83.89
N LEU G 179 31.77 -16.49 -83.73
CA LEU G 179 31.37 -17.77 -84.29
C LEU G 179 30.29 -18.40 -83.42
N MET G 180 29.40 -19.16 -84.06
CA MET G 180 28.28 -19.76 -83.36
C MET G 180 27.75 -20.94 -84.15
N GLU G 181 27.44 -22.02 -83.44
CA GLU G 181 26.73 -23.15 -84.03
C GLU G 181 25.23 -22.91 -83.91
N ILE G 182 24.53 -23.01 -85.03
CA ILE G 182 23.07 -22.83 -85.06
C ILE G 182 22.46 -24.14 -85.54
N GLN G 183 21.58 -24.71 -84.72
CA GLN G 183 20.96 -25.99 -85.07
C GLN G 183 19.97 -25.81 -86.20
N VAL G 184 20.04 -26.69 -87.18
CA VAL G 184 19.08 -26.73 -88.27
C VAL G 184 17.98 -27.71 -87.90
N ASN G 185 16.73 -27.28 -88.01
CA ASN G 185 15.59 -28.08 -87.63
C ASN G 185 14.60 -28.19 -88.78
N GLY G 186 13.73 -29.19 -88.69
CA GLY G 186 12.66 -29.34 -89.64
C GLY G 186 12.97 -30.13 -90.89
N GLY G 187 13.35 -31.38 -90.74
CA GLY G 187 13.54 -32.24 -91.90
C GLY G 187 14.41 -33.42 -91.57
N THR G 188 14.54 -34.31 -92.54
CA THR G 188 15.45 -35.43 -92.39
C THR G 188 16.89 -34.93 -92.51
N VAL G 189 17.83 -35.82 -92.20
CA VAL G 189 19.24 -35.45 -92.23
C VAL G 189 19.66 -35.06 -93.63
N ALA G 190 19.14 -35.78 -94.64
CA ALA G 190 19.52 -35.48 -96.02
C ALA G 190 19.09 -34.09 -96.44
N GLU G 191 17.83 -33.73 -96.15
CA GLU G 191 17.33 -32.43 -96.58
C GLU G 191 18.07 -31.29 -95.90
N LYS G 192 18.30 -31.40 -94.59
CA LYS G 192 18.99 -30.31 -93.91
C LYS G 192 20.45 -30.24 -94.31
N LEU G 193 21.08 -31.37 -94.63
CA LEU G 193 22.45 -31.31 -95.13
C LEU G 193 22.51 -30.65 -96.49
N ASP G 194 21.56 -30.96 -97.37
CA ASP G 194 21.51 -30.28 -98.67
C ASP G 194 21.28 -28.78 -98.49
N TRP G 195 20.38 -28.42 -97.58
CA TRP G 195 20.07 -27.03 -97.30
C TRP G 195 21.28 -26.29 -96.77
N ALA G 196 22.02 -26.90 -95.84
CA ALA G 196 23.20 -26.27 -95.27
C ALA G 196 24.32 -26.15 -96.29
N ARG G 197 24.51 -27.19 -97.11
CA ARG G 197 25.53 -27.14 -98.14
C ARG G 197 25.22 -26.08 -99.17
N GLU G 198 23.94 -25.84 -99.45
CA GLU G 198 23.57 -24.76 -100.34
C GLU G 198 23.94 -23.41 -99.75
N ARG G 199 23.84 -23.26 -98.44
CA ARG G 199 24.06 -21.99 -97.77
C ARG G 199 25.53 -21.71 -97.47
N LEU G 200 26.44 -22.60 -97.85
CA LEU G 200 27.84 -22.39 -97.53
C LEU G 200 28.39 -21.16 -98.23
N GLU G 201 29.13 -20.34 -97.47
CA GLU G 201 29.66 -19.04 -97.84
C GLU G 201 28.59 -17.97 -97.98
N GLN G 202 27.32 -18.32 -97.84
CA GLN G 202 26.24 -17.37 -98.10
C GLN G 202 25.84 -16.66 -96.82
N GLN G 203 24.95 -15.68 -96.98
CA GLN G 203 24.43 -14.91 -95.86
C GLN G 203 23.02 -15.34 -95.52
N VAL G 204 22.68 -15.25 -94.25
CA VAL G 204 21.34 -15.51 -93.76
C VAL G 204 20.83 -14.25 -93.07
N PRO G 205 19.97 -13.47 -93.71
CA PRO G 205 19.40 -12.30 -93.05
C PRO G 205 18.45 -12.71 -91.94
N VAL G 206 18.28 -11.81 -90.97
CA VAL G 206 17.54 -12.15 -89.76
C VAL G 206 16.07 -12.42 -90.04
N ASN G 207 15.53 -11.91 -91.14
CA ASN G 207 14.14 -12.17 -91.46
C ASN G 207 13.89 -13.59 -91.96
N GLN G 208 14.94 -14.32 -92.32
CA GLN G 208 14.80 -15.73 -92.67
C GLN G 208 14.84 -16.64 -91.45
N VAL G 209 15.27 -16.15 -90.31
CA VAL G 209 15.31 -16.94 -89.07
C VAL G 209 14.11 -16.65 -88.20
N PHE G 210 13.81 -15.38 -87.98
CA PHE G 210 12.70 -14.94 -87.15
C PHE G 210 11.66 -14.23 -88.00
N GLY G 211 10.54 -13.90 -87.36
CA GLY G 211 9.45 -13.22 -88.04
C GLY G 211 8.84 -12.14 -87.15
N GLN G 212 7.78 -11.53 -87.67
CA GLN G 212 7.07 -10.52 -86.93
C GLN G 212 6.35 -11.14 -85.74
N ASP G 213 6.25 -10.35 -84.67
CA ASP G 213 5.43 -10.60 -83.45
C ASP G 213 5.36 -12.07 -83.04
N GLU G 214 6.53 -12.70 -83.01
CA GLU G 214 6.69 -13.99 -82.37
C GLU G 214 7.55 -13.82 -81.13
N MET G 215 7.33 -14.66 -80.13
CA MET G 215 8.00 -14.51 -78.85
C MET G 215 9.18 -15.46 -78.80
N ILE G 216 10.37 -14.90 -78.60
CA ILE G 216 11.62 -15.63 -78.68
C ILE G 216 12.33 -15.55 -77.34
N ASP G 217 13.40 -16.32 -77.22
CA ASP G 217 14.24 -16.33 -76.03
C ASP G 217 15.51 -15.55 -76.27
N VAL G 218 15.88 -14.72 -75.32
CA VAL G 218 17.09 -13.90 -75.40
C VAL G 218 18.09 -14.44 -74.40
N ILE G 219 19.28 -14.80 -74.88
CA ILE G 219 20.33 -15.41 -74.07
C ILE G 219 21.55 -14.50 -74.13
N GLY G 220 22.09 -14.18 -72.95
CA GLY G 220 23.25 -13.32 -72.91
C GLY G 220 23.83 -13.26 -71.51
N VAL G 221 24.85 -12.44 -71.37
CA VAL G 221 25.56 -12.26 -70.10
C VAL G 221 25.22 -10.88 -69.56
N THR G 222 24.82 -10.82 -68.29
CA THR G 222 24.34 -9.58 -67.70
C THR G 222 25.49 -8.61 -67.48
N LYS G 223 25.15 -7.40 -67.03
CA LYS G 223 26.15 -6.38 -66.76
C LYS G 223 26.95 -6.74 -65.52
N GLY G 224 28.26 -6.51 -65.57
CA GLY G 224 29.12 -6.82 -64.44
C GLY G 224 29.09 -5.71 -63.41
N LYS G 225 28.90 -6.10 -62.15
CA LYS G 225 28.87 -5.15 -61.05
C LYS G 225 30.05 -5.27 -60.11
N GLY G 226 30.96 -6.20 -60.36
CA GLY G 226 32.11 -6.34 -59.52
C GLY G 226 31.81 -7.05 -58.22
N TYR G 227 32.76 -6.97 -57.30
CA TYR G 227 32.67 -7.67 -56.04
C TYR G 227 31.68 -6.93 -55.16
N LYS G 228 30.57 -7.57 -54.79
CA LYS G 228 29.50 -6.89 -54.09
C LYS G 228 29.17 -7.59 -52.78
N GLY G 229 28.69 -6.81 -51.82
CA GLY G 229 28.30 -7.33 -50.53
C GLY G 229 26.91 -7.92 -50.55
N VAL G 230 26.51 -8.47 -49.40
CA VAL G 230 25.28 -9.25 -49.34
C VAL G 230 24.05 -8.37 -49.58
N THR G 231 24.08 -7.12 -49.15
CA THR G 231 22.90 -6.27 -49.28
C THR G 231 22.62 -5.93 -50.74
N SER G 232 23.65 -5.81 -51.56
CA SER G 232 23.43 -5.57 -52.99
C SER G 232 23.40 -6.84 -53.80
N ARG G 233 24.03 -7.91 -53.33
CA ARG G 233 24.09 -9.16 -54.08
C ARG G 233 22.87 -10.03 -53.84
N TRP G 234 22.45 -10.17 -52.59
CA TRP G 234 21.29 -11.00 -52.25
C TRP G 234 20.12 -10.18 -51.73
N HIS G 235 20.27 -8.86 -51.63
CA HIS G 235 19.19 -7.96 -51.23
C HIS G 235 18.64 -8.33 -49.86
N THR G 236 19.52 -8.64 -48.93
CA THR G 236 19.11 -8.94 -47.57
C THR G 236 18.81 -7.64 -46.82
N LYS G 237 18.26 -7.80 -45.62
CA LYS G 237 17.85 -6.65 -44.82
C LYS G 237 19.06 -5.97 -44.20
N LYS G 238 19.15 -4.65 -44.37
CA LYS G 238 20.20 -3.88 -43.73
C LYS G 238 20.01 -3.89 -42.23
N LEU G 239 21.11 -4.12 -41.50
CA LEU G 239 21.07 -4.13 -40.06
C LEU G 239 20.90 -2.70 -39.52
N PRO G 240 20.45 -2.57 -38.28
CA PRO G 240 20.22 -1.22 -37.74
C PRO G 240 21.49 -0.41 -37.61
N ARG G 241 21.31 0.90 -37.48
CA ARG G 241 22.41 1.85 -37.44
C ARG G 241 23.30 1.62 -36.22
N LYS G 242 22.75 1.13 -35.12
CA LYS G 242 23.54 0.95 -33.90
C LYS G 242 24.51 -0.22 -33.99
N THR G 243 24.58 -0.93 -35.10
CA THR G 243 25.46 -2.07 -35.22
C THR G 243 26.92 -1.65 -35.14
N HIS G 244 27.72 -2.42 -34.42
CA HIS G 244 29.11 -2.04 -34.15
C HIS G 244 29.98 -2.22 -35.39
N ARG G 245 30.12 -3.45 -35.86
CA ARG G 245 31.12 -3.77 -36.86
C ARG G 245 30.61 -3.58 -38.29
N GLY G 246 29.38 -3.15 -38.47
CA GLY G 246 28.88 -2.91 -39.81
C GLY G 246 27.50 -3.45 -40.03
N LEU G 247 26.67 -2.72 -40.77
CA LEU G 247 25.28 -3.08 -40.93
C LEU G 247 24.95 -3.67 -42.29
N ARG G 248 25.81 -3.50 -43.28
CA ARG G 248 25.55 -4.11 -44.60
C ARG G 248 26.06 -5.53 -44.67
N LYS G 249 25.65 -6.35 -43.69
CA LYS G 249 26.10 -7.72 -43.58
C LYS G 249 24.91 -8.59 -43.19
N VAL G 250 25.12 -9.89 -43.21
CA VAL G 250 24.14 -10.84 -42.70
C VAL G 250 24.53 -11.20 -41.27
N ALA G 251 23.60 -11.03 -40.34
CA ALA G 251 23.93 -11.13 -38.93
C ALA G 251 24.33 -12.56 -38.56
N CYS G 252 23.51 -13.53 -38.90
CA CYS G 252 23.79 -14.93 -38.58
C CYS G 252 23.97 -15.72 -39.87
N ILE G 253 25.07 -16.45 -39.96
CA ILE G 253 25.36 -17.23 -41.14
C ILE G 253 25.23 -18.73 -40.87
N GLY G 254 24.51 -19.10 -39.83
CA GLY G 254 24.24 -20.49 -39.55
C GLY G 254 24.20 -20.77 -38.06
N ALA G 255 23.64 -21.91 -37.71
CA ALA G 255 23.53 -22.31 -36.32
C ALA G 255 24.87 -22.86 -35.83
N TRP G 256 24.90 -23.26 -34.56
CA TRP G 256 26.08 -23.94 -34.03
C TRP G 256 26.30 -25.25 -34.76
N HIS G 257 25.23 -26.00 -35.02
CA HIS G 257 25.34 -27.17 -35.86
C HIS G 257 24.45 -26.97 -37.08
N PRO G 258 24.84 -27.46 -38.26
CA PRO G 258 25.90 -28.43 -38.60
C PRO G 258 27.36 -27.98 -38.56
N ALA G 259 27.76 -26.96 -37.79
CA ALA G 259 29.17 -26.60 -37.58
C ALA G 259 29.87 -26.20 -38.86
N ARG G 260 29.11 -25.78 -39.86
CA ARG G 260 29.67 -25.33 -41.13
C ARG G 260 28.74 -24.26 -41.69
N VAL G 261 29.28 -23.45 -42.58
CA VAL G 261 28.47 -22.48 -43.30
C VAL G 261 27.87 -23.19 -44.49
N ALA G 262 26.54 -23.12 -44.62
CA ALA G 262 25.88 -23.82 -45.70
C ALA G 262 26.04 -23.07 -47.01
N PHE G 263 25.87 -23.80 -48.11
CA PHE G 263 25.86 -23.20 -49.44
C PHE G 263 24.68 -22.27 -49.66
N SER G 264 23.67 -22.31 -48.80
CA SER G 264 22.45 -21.53 -48.96
C SER G 264 22.49 -20.20 -48.22
N VAL G 265 23.61 -19.86 -47.59
CA VAL G 265 23.72 -18.63 -46.84
C VAL G 265 24.24 -17.53 -47.75
N ALA G 266 23.60 -16.37 -47.71
CA ALA G 266 23.96 -15.25 -48.56
C ALA G 266 25.33 -14.71 -48.16
N ARG G 267 26.26 -14.63 -49.11
CA ARG G 267 27.61 -14.18 -48.82
C ARG G 267 28.14 -13.34 -49.97
N ALA G 268 29.11 -12.49 -49.64
CA ALA G 268 29.61 -11.50 -50.57
C ALA G 268 30.45 -12.15 -51.66
N GLY G 269 30.52 -11.48 -52.80
CA GLY G 269 31.30 -11.98 -53.92
C GLY G 269 30.94 -11.25 -55.19
N GLN G 270 31.21 -11.92 -56.31
CA GLN G 270 30.94 -11.37 -57.62
C GLN G 270 29.45 -11.18 -57.84
N LYS G 271 29.07 -10.05 -58.42
CA LYS G 271 27.70 -9.77 -58.82
C LYS G 271 27.67 -9.39 -60.28
N GLY G 272 26.69 -9.93 -61.00
CA GLY G 272 26.55 -9.61 -62.41
C GLY G 272 27.53 -10.38 -63.26
N TYR G 273 27.49 -10.09 -64.56
CA TYR G 273 28.23 -10.84 -65.57
C TYR G 273 27.92 -12.33 -65.47
N HIS G 274 26.64 -12.64 -65.28
CA HIS G 274 26.17 -14.00 -65.20
C HIS G 274 25.46 -14.36 -66.49
N HIS G 275 25.66 -15.60 -66.95
CA HIS G 275 24.91 -16.10 -68.09
C HIS G 275 23.45 -16.27 -67.72
N ARG G 276 22.56 -15.67 -68.49
CA ARG G 276 21.14 -15.77 -68.20
C ARG G 276 20.36 -15.99 -69.48
N THR G 277 19.23 -16.69 -69.34
CA THR G 277 18.33 -16.96 -70.45
C THR G 277 16.95 -16.42 -70.11
N GLU G 278 16.45 -15.51 -70.92
CA GLU G 278 15.13 -14.92 -70.73
C GLU G 278 14.22 -15.38 -71.85
N ILE G 279 13.06 -15.92 -71.49
CA ILE G 279 12.13 -16.47 -72.44
C ILE G 279 11.02 -15.45 -72.69
N ASN G 280 10.25 -15.67 -73.76
CA ASN G 280 9.04 -14.90 -74.06
C ASN G 280 9.34 -13.41 -74.20
N LYS G 281 10.15 -13.08 -75.20
CA LYS G 281 10.41 -11.70 -75.60
C LYS G 281 9.80 -11.51 -76.98
N LYS G 282 8.73 -10.72 -77.05
CA LYS G 282 8.03 -10.54 -78.31
C LYS G 282 8.81 -9.62 -79.25
N ILE G 283 8.68 -9.87 -80.54
CA ILE G 283 9.40 -9.14 -81.58
C ILE G 283 8.45 -8.10 -82.13
N TYR G 284 8.60 -6.84 -81.72
CA TYR G 284 7.67 -5.82 -82.18
C TYR G 284 7.93 -5.39 -83.60
N LYS G 285 9.18 -5.40 -84.05
CA LYS G 285 9.50 -4.93 -85.39
C LYS G 285 10.83 -5.52 -85.82
N ILE G 286 10.94 -5.84 -87.10
CA ILE G 286 12.20 -6.21 -87.73
C ILE G 286 12.52 -5.12 -88.76
N GLY G 287 13.50 -4.28 -88.45
CA GLY G 287 13.82 -3.18 -89.32
C GLY G 287 14.51 -3.62 -90.59
N GLN G 288 14.29 -2.84 -91.64
CA GLN G 288 14.83 -3.16 -92.97
C GLN G 288 16.28 -2.73 -93.13
N GLY G 289 16.79 -1.91 -92.23
CA GLY G 289 18.16 -1.46 -92.35
C GLY G 289 18.28 -0.37 -93.39
N TYR G 290 19.51 0.08 -93.61
CA TYR G 290 19.74 1.13 -94.59
C TYR G 290 19.89 0.52 -95.98
N LEU G 291 19.51 1.29 -96.99
CA LEU G 291 19.59 0.81 -98.36
C LEU G 291 19.74 2.02 -99.27
N ILE G 292 20.39 1.80 -100.42
CA ILE G 292 20.58 2.85 -101.42
C ILE G 292 20.23 2.28 -102.78
N LYS G 293 19.29 2.93 -103.47
CA LYS G 293 19.00 2.66 -104.87
C LYS G 293 19.21 3.87 -105.75
N ASP G 294 18.64 5.01 -105.37
CA ASP G 294 18.99 6.31 -105.93
C ASP G 294 19.54 7.21 -104.83
N GLY G 295 18.80 7.37 -103.74
CA GLY G 295 19.28 8.04 -102.55
C GLY G 295 19.34 7.08 -101.38
N LYS G 296 19.66 7.64 -100.22
CA LYS G 296 19.81 6.85 -99.01
C LYS G 296 18.44 6.64 -98.37
N LEU G 297 18.07 5.39 -98.14
CA LEU G 297 16.78 5.04 -97.56
C LEU G 297 16.92 4.86 -96.06
N ILE G 298 16.40 5.82 -95.30
CA ILE G 298 16.40 5.75 -93.84
C ILE G 298 15.00 5.62 -93.26
N LYS G 299 13.96 5.81 -94.08
CA LYS G 299 12.59 5.81 -93.56
C LYS G 299 12.14 4.42 -93.18
N ASN G 300 12.73 3.38 -93.76
CA ASN G 300 12.28 2.01 -93.54
C ASN G 300 12.62 1.50 -92.16
N ASN G 301 13.09 2.35 -91.24
CA ASN G 301 13.46 1.92 -89.90
C ASN G 301 12.45 2.37 -88.85
N ALA G 302 12.08 3.64 -88.82
CA ALA G 302 11.23 4.17 -87.78
C ALA G 302 9.89 4.72 -88.27
N SER G 303 9.69 4.83 -89.57
CA SER G 303 8.42 5.33 -90.09
C SER G 303 7.40 4.22 -90.08
N THR G 304 6.32 4.42 -89.32
CA THR G 304 5.25 3.44 -89.21
C THR G 304 4.16 3.77 -90.23
N ASP G 305 3.04 3.07 -90.13
CA ASP G 305 1.92 3.36 -91.02
C ASP G 305 1.31 4.72 -90.71
N TYR G 306 1.30 5.11 -89.43
CA TYR G 306 0.66 6.34 -89.00
C TYR G 306 1.62 7.51 -88.85
N ASP G 307 2.87 7.25 -88.48
CA ASP G 307 3.84 8.33 -88.34
C ASP G 307 4.27 8.85 -89.70
N LEU G 308 4.84 7.96 -90.54
CA LEU G 308 5.26 8.29 -91.90
C LEU G 308 6.26 9.44 -91.94
N SER G 309 7.14 9.51 -90.96
CA SER G 309 8.19 10.52 -90.90
C SER G 309 9.50 9.91 -91.37
N ASP G 310 10.20 10.62 -92.25
CA ASP G 310 11.42 10.11 -92.86
C ASP G 310 12.54 10.13 -91.83
N LYS G 311 12.51 9.14 -90.93
CA LYS G 311 13.51 9.05 -89.88
C LYS G 311 13.87 7.59 -89.65
N SER G 312 15.06 7.39 -89.10
CA SER G 312 15.56 6.06 -88.79
C SER G 312 15.44 5.78 -87.30
N ILE G 313 15.74 4.53 -86.94
CA ILE G 313 15.64 4.12 -85.55
C ILE G 313 16.69 4.79 -84.68
N ASN G 314 17.74 5.33 -85.26
CA ASN G 314 18.78 5.99 -84.49
C ASN G 314 18.23 7.25 -83.86
N PRO G 315 18.40 7.44 -82.56
CA PRO G 315 17.88 8.65 -81.91
C PRO G 315 18.67 9.88 -82.32
N LEU G 316 18.19 11.04 -81.88
CA LEU G 316 18.86 12.29 -82.18
C LEU G 316 20.22 12.32 -81.50
N GLY G 317 21.27 12.44 -82.29
CA GLY G 317 22.62 12.37 -81.75
C GLY G 317 23.17 10.97 -81.60
N GLY G 318 22.48 9.96 -82.12
CA GLY G 318 22.95 8.60 -82.09
C GLY G 318 22.64 7.88 -80.80
N PHE G 319 22.81 6.57 -80.82
CA PHE G 319 22.62 5.75 -79.62
C PHE G 319 23.76 6.03 -78.65
N VAL G 320 23.40 6.26 -77.39
CA VAL G 320 24.41 6.56 -76.37
C VAL G 320 25.23 5.31 -76.10
N HIS G 321 26.56 5.46 -76.13
CA HIS G 321 27.56 4.45 -75.84
C HIS G 321 27.55 3.30 -76.84
N TYR G 322 26.76 3.36 -77.90
CA TYR G 322 26.76 2.29 -78.90
C TYR G 322 27.24 2.76 -80.26
N GLY G 323 26.59 3.74 -80.86
CA GLY G 323 26.92 4.17 -82.20
C GLY G 323 25.68 4.30 -83.04
N GLU G 324 25.87 4.20 -84.35
CA GLU G 324 24.78 4.32 -85.32
C GLU G 324 24.38 2.94 -85.81
N VAL G 325 23.08 2.70 -85.88
CA VAL G 325 22.52 1.41 -86.29
C VAL G 325 22.17 1.53 -87.77
N THR G 326 22.90 0.78 -88.61
CA THR G 326 22.73 0.87 -90.05
C THR G 326 22.21 -0.42 -90.67
N ASN G 327 22.26 -1.53 -89.96
CA ASN G 327 21.90 -2.83 -90.51
C ASN G 327 20.50 -3.20 -90.06
N ASP G 328 20.09 -4.43 -90.38
CA ASP G 328 18.80 -4.93 -89.90
C ASP G 328 18.80 -4.99 -88.38
N PHE G 329 17.65 -4.71 -87.79
CA PHE G 329 17.54 -4.74 -86.34
C PHE G 329 16.24 -5.41 -85.94
N VAL G 330 16.20 -5.87 -84.70
CA VAL G 330 15.03 -6.47 -84.09
C VAL G 330 14.60 -5.61 -82.93
N MET G 331 13.32 -5.25 -82.90
CA MET G 331 12.75 -4.44 -81.83
C MET G 331 12.02 -5.36 -80.86
N LEU G 332 12.73 -5.80 -79.81
CA LEU G 332 12.14 -6.64 -78.79
C LEU G 332 11.33 -5.78 -77.83
N LYS G 333 10.57 -6.45 -76.97
CA LYS G 333 9.73 -5.77 -75.98
C LYS G 333 10.37 -5.86 -74.60
N GLY G 334 10.56 -4.71 -73.97
CA GLY G 334 11.08 -4.67 -72.62
C GLY G 334 12.59 -4.69 -72.58
N CYS G 335 13.11 -5.09 -71.43
CA CYS G 335 14.55 -5.07 -71.19
C CYS G 335 15.18 -6.38 -71.66
N VAL G 336 16.50 -6.31 -71.88
CA VAL G 336 17.30 -7.43 -72.33
C VAL G 336 18.63 -7.39 -71.58
N VAL G 337 19.10 -8.56 -71.12
CA VAL G 337 20.32 -8.62 -70.33
C VAL G 337 21.51 -8.06 -71.12
N GLY G 338 22.51 -7.58 -70.39
CA GLY G 338 23.75 -7.15 -70.99
C GLY G 338 23.84 -5.64 -71.14
N THR G 339 25.06 -5.16 -71.33
CA THR G 339 25.35 -3.74 -71.48
C THR G 339 25.00 -3.31 -72.90
N LYS G 340 25.38 -2.08 -73.26
CA LYS G 340 25.37 -1.71 -74.65
C LYS G 340 26.42 -2.49 -75.41
N LYS G 341 26.20 -2.62 -76.72
CA LYS G 341 27.03 -3.38 -77.65
C LYS G 341 27.48 -4.74 -77.12
N ARG G 342 26.62 -5.37 -76.33
CA ARG G 342 26.87 -6.71 -75.81
C ARG G 342 26.16 -7.71 -76.69
N VAL G 343 26.88 -8.75 -77.12
CA VAL G 343 26.33 -9.73 -78.02
C VAL G 343 25.24 -10.52 -77.33
N LEU G 344 24.14 -10.75 -78.04
CA LEU G 344 23.00 -11.49 -77.52
C LEU G 344 22.67 -12.64 -78.45
N THR G 345 22.19 -13.73 -77.87
CA THR G 345 21.73 -14.88 -78.64
C THR G 345 20.21 -14.89 -78.62
N LEU G 346 19.60 -14.83 -79.80
CA LEU G 346 18.16 -14.90 -79.95
C LEU G 346 17.79 -16.29 -80.43
N ARG G 347 16.95 -16.98 -79.67
CA ARG G 347 16.63 -18.37 -79.92
C ARG G 347 15.13 -18.54 -80.08
N LYS G 348 14.71 -19.45 -80.95
CA LYS G 348 13.30 -19.78 -81.07
C LYS G 348 12.78 -20.35 -79.77
N SER G 349 11.53 -20.04 -79.46
CA SER G 349 10.95 -20.46 -78.19
C SER G 349 10.78 -21.97 -78.16
N LEU G 350 11.23 -22.59 -77.06
CA LEU G 350 11.06 -24.03 -76.89
C LEU G 350 9.61 -24.41 -76.57
N LEU G 351 8.78 -23.45 -76.19
CA LEU G 351 7.40 -23.71 -75.83
C LEU G 351 6.48 -23.51 -77.04
N VAL G 352 5.23 -23.92 -76.87
CA VAL G 352 4.19 -23.69 -77.87
C VAL G 352 3.36 -22.51 -77.42
N GLN G 353 3.34 -21.46 -78.24
CA GLN G 353 2.71 -20.19 -77.86
C GLN G 353 1.24 -20.23 -78.26
N THR G 354 0.38 -20.40 -77.26
CA THR G 354 -1.06 -20.42 -77.48
C THR G 354 -1.82 -19.39 -76.65
N LYS G 355 -1.16 -18.73 -75.71
CA LYS G 355 -1.79 -17.69 -74.91
C LYS G 355 -2.12 -16.49 -75.80
N ARG G 356 -3.13 -15.73 -75.39
CA ARG G 356 -3.53 -14.58 -76.18
C ARG G 356 -2.54 -13.42 -76.03
N ARG G 357 -1.73 -13.43 -74.98
CA ARG G 357 -0.58 -12.52 -74.92
C ARG G 357 0.38 -12.81 -76.05
N ALA G 358 0.63 -14.09 -76.34
CA ALA G 358 1.32 -14.47 -77.55
C ALA G 358 0.34 -14.43 -78.72
N LEU G 359 0.87 -14.66 -79.92
CA LEU G 359 0.09 -14.71 -81.17
C LEU G 359 -0.84 -13.52 -81.32
N GLU G 360 -0.49 -12.39 -80.70
CA GLU G 360 -1.25 -11.15 -80.82
C GLU G 360 -0.53 -10.23 -81.80
N LYS G 361 -1.27 -9.69 -82.76
CA LYS G 361 -0.70 -8.79 -83.74
C LYS G 361 -0.19 -7.53 -83.08
N ILE G 362 0.92 -7.00 -83.58
CA ILE G 362 1.51 -5.77 -83.08
C ILE G 362 1.50 -4.74 -84.20
N ASP G 363 0.90 -3.58 -83.93
CA ASP G 363 0.73 -2.53 -84.92
C ASP G 363 1.22 -1.22 -84.31
N LEU G 364 2.46 -0.84 -84.62
CA LEU G 364 3.03 0.37 -84.06
C LEU G 364 2.38 1.60 -84.65
N LYS G 365 2.16 2.61 -83.80
CA LYS G 365 1.72 3.92 -84.24
C LYS G 365 2.78 4.99 -84.13
N PHE G 366 3.76 4.80 -83.25
CA PHE G 366 4.80 5.80 -83.06
C PHE G 366 6.02 5.13 -82.42
N ILE G 367 7.20 5.53 -82.87
CA ILE G 367 8.46 5.08 -82.30
C ILE G 367 9.22 6.31 -81.83
N ASP G 368 9.65 6.29 -80.58
CA ASP G 368 10.35 7.44 -80.01
C ASP G 368 11.77 7.52 -80.55
N THR G 369 12.14 8.70 -81.04
CA THR G 369 13.48 8.95 -81.57
C THR G 369 14.12 10.18 -80.95
N THR G 370 13.63 10.62 -79.79
CA THR G 370 14.26 11.74 -79.12
C THR G 370 15.64 11.36 -78.61
N SER G 371 16.44 12.35 -78.32
CA SER G 371 17.81 12.10 -77.87
C SER G 371 17.80 11.47 -76.49
N LYS G 372 18.53 10.37 -76.35
CA LYS G 372 18.66 9.69 -75.07
C LYS G 372 19.87 10.16 -74.29
N PHE G 373 20.66 11.07 -74.86
CA PHE G 373 21.81 11.66 -74.19
C PHE G 373 21.37 12.86 -73.36
N GLY G 374 20.37 12.67 -72.52
CA GLY G 374 19.75 13.74 -71.77
C GLY G 374 18.26 13.69 -71.96
N HIS G 375 17.59 14.79 -71.63
CA HIS G 375 16.15 14.89 -71.81
C HIS G 375 15.88 15.42 -73.21
N GLY G 376 15.99 14.52 -74.19
CA GLY G 376 15.70 14.90 -75.56
C GLY G 376 14.25 15.30 -75.72
N ARG G 377 14.01 16.27 -76.59
CA ARG G 377 12.68 16.80 -76.76
C ARG G 377 12.30 17.02 -78.23
N PHE G 378 13.10 16.54 -79.17
CA PHE G 378 12.83 16.67 -80.59
C PHE G 378 13.02 15.32 -81.26
N GLN G 379 12.08 14.95 -82.12
CA GLN G 379 12.17 13.66 -82.80
C GLN G 379 13.22 13.68 -83.90
N THR G 380 13.28 14.73 -84.70
CA THR G 380 14.19 14.81 -85.83
C THR G 380 14.92 16.13 -85.82
N MET G 381 16.03 16.18 -86.55
CA MET G 381 16.77 17.43 -86.70
C MET G 381 15.94 18.47 -87.43
N GLU G 382 15.21 18.05 -88.47
CA GLU G 382 14.38 18.99 -89.23
C GLU G 382 13.30 19.59 -88.36
N GLU G 383 12.69 18.78 -87.49
CA GLU G 383 11.71 19.32 -86.55
C GLU G 383 12.36 20.30 -85.58
N LYS G 384 13.58 19.99 -85.11
CA LYS G 384 14.26 20.89 -84.20
C LYS G 384 14.56 22.23 -84.87
N LYS G 385 15.01 22.21 -86.12
CA LYS G 385 15.29 23.45 -86.83
C LYS G 385 14.01 24.19 -87.17
N ALA G 386 12.91 23.47 -87.41
CA ALA G 386 11.63 24.13 -87.64
C ALA G 386 11.15 24.85 -86.38
N PHE G 387 11.29 24.21 -85.23
CA PHE G 387 10.78 24.80 -83.99
C PHE G 387 11.66 25.91 -83.46
N MET G 388 12.98 25.74 -83.54
CA MET G 388 13.88 26.74 -82.97
C MET G 388 14.31 27.81 -83.96
N GLY G 389 14.12 27.58 -85.25
CA GLY G 389 14.48 28.57 -86.25
C GLY G 389 15.97 28.70 -86.41
N PRO G 390 16.40 29.77 -87.07
CA PRO G 390 17.84 29.97 -87.29
C PRO G 390 18.57 30.31 -86.00
N LEU G 391 19.86 30.02 -85.98
CA LEU G 391 20.71 30.28 -84.82
C LEU G 391 21.90 31.14 -85.24
N LYS G 392 22.70 31.52 -84.24
CA LYS G 392 23.85 32.38 -84.50
C LYS G 392 24.87 31.70 -85.40
N LYS G 393 25.15 30.42 -85.13
CA LYS G 393 26.10 29.69 -85.96
C LYS G 393 25.58 29.54 -87.40
N ASP G 394 24.27 29.34 -87.55
CA ASP G 394 23.69 29.30 -88.88
C ASP G 394 23.83 30.65 -89.58
N ARG G 395 23.67 31.74 -88.84
CA ARG G 395 23.84 33.07 -89.44
C ARG G 395 25.28 33.30 -89.87
N ILE G 396 26.25 32.85 -89.06
CA ILE G 396 27.65 32.97 -89.45
C ILE G 396 27.94 32.12 -90.69
N ALA G 397 27.38 30.91 -90.74
CA ALA G 397 27.56 30.06 -91.91
C ALA G 397 26.97 30.69 -93.16
N LYS G 398 25.79 31.31 -93.03
CA LYS G 398 25.18 32.01 -94.15
C LYS G 398 26.02 33.21 -94.58
N GLU G 399 26.59 33.93 -93.62
CA GLU G 399 27.43 35.09 -93.94
C GLU G 399 28.69 34.66 -94.67
N GLU G 400 29.32 33.56 -94.25
CA GLU G 400 30.55 33.12 -94.91
C GLU G 400 30.28 32.46 -96.26
N GLY G 401 29.19 31.71 -96.39
CA GLY G 401 28.84 31.05 -97.63
C GLY G 401 27.84 31.77 -98.49
N ALA G 402 27.52 33.03 -98.19
CA ALA G 402 26.60 33.85 -98.96
C ALA G 402 25.22 33.20 -99.12
N MET H 1 101.10 -74.41 10.87
CA MET H 1 101.59 -73.21 10.21
C MET H 1 101.85 -72.07 11.18
N ALA H 2 100.78 -71.58 11.81
CA ALA H 2 100.90 -70.44 12.72
C ALA H 2 101.77 -70.78 13.92
N CYS H 3 101.73 -72.03 14.36
CA CYS H 3 102.57 -72.45 15.49
C CYS H 3 104.05 -72.50 15.13
N ALA H 4 104.38 -72.46 13.84
CA ALA H 4 105.76 -72.53 13.37
C ALA H 4 106.20 -71.17 12.85
N ARG H 5 107.36 -70.72 13.30
CA ARG H 5 107.92 -69.46 12.84
C ARG H 5 109.34 -69.70 12.33
N PRO H 6 109.68 -69.22 11.14
CA PRO H 6 111.02 -69.45 10.61
C PRO H 6 112.03 -68.44 11.11
N LEU H 7 113.24 -68.49 10.56
CA LEU H 7 114.27 -67.49 10.82
C LEU H 7 114.53 -66.72 9.53
N ILE H 8 114.63 -65.40 9.65
CA ILE H 8 114.86 -64.52 8.53
C ILE H 8 116.26 -63.94 8.64
N SER H 9 117.04 -64.08 7.58
CA SER H 9 118.37 -63.49 7.56
C SER H 9 118.28 -61.97 7.48
N VAL H 10 119.23 -61.31 8.12
CA VAL H 10 119.37 -59.86 8.03
C VAL H 10 120.42 -59.55 7.00
N TYR H 11 120.09 -58.66 6.07
CA TYR H 11 120.96 -58.35 4.95
C TYR H 11 121.77 -57.09 5.22
N SER H 12 123.03 -57.13 4.82
CA SER H 12 123.91 -55.99 4.93
C SER H 12 123.49 -54.91 3.94
N GLU H 13 124.22 -53.79 3.97
CA GLU H 13 123.95 -52.73 3.00
C GLU H 13 124.34 -53.14 1.59
N LYS H 14 125.14 -54.19 1.45
CA LYS H 14 125.53 -54.72 0.14
C LYS H 14 124.53 -55.72 -0.42
N GLY H 15 123.43 -55.98 0.30
CA GLY H 15 122.42 -56.89 -0.18
C GLY H 15 122.67 -58.35 0.15
N GLU H 16 123.76 -58.67 0.83
CA GLU H 16 124.12 -60.04 1.15
C GLU H 16 123.90 -60.31 2.63
N SER H 17 123.60 -61.57 2.96
CA SER H 17 123.24 -61.95 4.31
C SER H 17 124.42 -61.75 5.26
N SER H 18 124.19 -60.98 6.31
CA SER H 18 125.23 -60.73 7.30
C SER H 18 125.48 -61.92 8.21
N GLY H 19 124.65 -62.95 8.14
CA GLY H 19 124.74 -64.07 9.05
C GLY H 19 123.88 -63.93 10.29
N LYS H 20 123.26 -62.78 10.50
CA LYS H 20 122.35 -62.59 11.62
C LYS H 20 120.95 -63.03 11.23
N ASN H 21 120.32 -63.82 12.09
CA ASN H 21 118.98 -64.32 11.85
C ASN H 21 118.05 -63.80 12.92
N VAL H 22 116.91 -63.27 12.51
CA VAL H 22 115.86 -62.83 13.41
C VAL H 22 114.66 -63.73 13.19
N THR H 23 114.13 -64.30 14.27
CA THR H 23 112.95 -65.13 14.16
C THR H 23 111.76 -64.31 13.70
N LEU H 24 110.84 -64.96 13.01
CA LEU H 24 109.70 -64.25 12.47
C LEU H 24 108.82 -63.76 13.59
N PRO H 25 108.48 -62.47 13.65
CA PRO H 25 107.52 -62.00 14.63
C PRO H 25 106.17 -62.66 14.46
N ALA H 26 105.48 -62.87 15.59
CA ALA H 26 104.20 -63.53 15.57
C ALA H 26 103.13 -62.73 14.87
N VAL H 27 103.32 -61.42 14.72
CA VAL H 27 102.33 -60.59 14.04
C VAL H 27 102.25 -60.93 12.57
N PHE H 28 103.29 -61.53 12.00
CA PHE H 28 103.28 -61.93 10.60
C PHE H 28 102.49 -63.20 10.36
N LYS H 29 102.01 -63.84 11.41
CA LYS H 29 101.14 -65.00 11.28
C LYS H 29 99.72 -64.68 11.73
N ALA H 30 99.41 -63.41 11.94
CA ALA H 30 98.07 -62.98 12.30
C ALA H 30 97.12 -63.21 11.12
N PRO H 31 95.82 -63.35 11.40
CA PRO H 31 94.87 -63.59 10.31
C PRO H 31 94.84 -62.45 9.31
N ILE H 32 94.82 -62.79 8.04
CA ILE H 32 94.72 -61.80 6.97
C ILE H 32 93.25 -61.59 6.68
N ARG H 33 92.79 -60.35 6.84
CA ARG H 33 91.37 -60.01 6.76
C ARG H 33 91.20 -58.81 5.85
N PRO H 34 91.16 -59.02 4.54
CA PRO H 34 91.02 -57.88 3.61
C PRO H 34 89.74 -57.09 3.81
N ASP H 35 88.67 -57.73 4.29
CA ASP H 35 87.42 -57.00 4.52
C ASP H 35 87.55 -56.01 5.66
N ILE H 36 88.17 -56.43 6.77
CA ILE H 36 88.37 -55.52 7.89
C ILE H 36 89.37 -54.45 7.54
N VAL H 37 90.40 -54.80 6.77
CA VAL H 37 91.35 -53.80 6.31
C VAL H 37 90.65 -52.76 5.45
N ASN H 38 89.78 -53.21 4.54
CA ASN H 38 89.04 -52.27 3.70
C ASN H 38 88.12 -51.38 4.53
N PHE H 39 87.44 -51.96 5.52
CA PHE H 39 86.54 -51.18 6.37
C PHE H 39 87.30 -50.12 7.15
N VAL H 40 88.41 -50.52 7.78
CA VAL H 40 89.20 -49.59 8.57
C VAL H 40 89.82 -48.52 7.70
N HIS H 41 90.32 -48.90 6.53
CA HIS H 41 90.90 -47.93 5.61
C HIS H 41 89.85 -46.95 5.09
N THR H 42 88.65 -47.47 4.77
CA THR H 42 87.57 -46.61 4.31
C THR H 42 87.17 -45.60 5.35
N ASN H 43 87.04 -46.03 6.60
CA ASN H 43 86.58 -45.11 7.64
C ASN H 43 87.69 -44.18 8.12
N LEU H 44 88.94 -44.60 8.08
CA LEU H 44 90.02 -43.73 8.52
C LEU H 44 90.55 -42.81 7.43
N ARG H 45 90.15 -43.03 6.18
CA ARG H 45 90.48 -42.07 5.13
C ARG H 45 89.58 -40.86 5.13
N LYS H 46 88.47 -40.90 5.87
CA LYS H 46 87.61 -39.75 5.99
C LYS H 46 88.09 -38.78 7.05
N ASN H 47 88.97 -39.22 7.94
CA ASN H 47 89.35 -38.39 9.09
C ASN H 47 90.31 -37.27 8.73
N ASN H 48 91.02 -37.38 7.62
CA ASN H 48 91.91 -36.31 7.19
C ASN H 48 91.23 -35.34 6.25
N ARG H 49 89.93 -35.50 6.04
CA ARG H 49 89.21 -34.65 5.10
C ARG H 49 89.02 -33.25 5.67
N GLN H 50 88.65 -32.32 4.79
CA GLN H 50 88.53 -30.91 5.11
C GLN H 50 87.15 -30.44 4.65
N PRO H 51 86.41 -29.74 5.50
CA PRO H 51 85.01 -29.43 5.18
C PRO H 51 84.86 -28.48 4.00
N TYR H 52 83.78 -28.70 3.25
CA TYR H 52 83.38 -27.81 2.18
C TYR H 52 81.88 -27.58 2.26
N ALA H 53 81.45 -26.39 1.88
CA ALA H 53 80.05 -26.03 1.90
C ALA H 53 79.84 -24.80 1.05
N VAL H 54 78.64 -24.68 0.50
CA VAL H 54 78.26 -23.48 -0.23
C VAL H 54 77.87 -22.41 0.77
N SER H 55 77.95 -21.16 0.34
CA SER H 55 77.57 -20.06 1.22
C SER H 55 76.09 -20.14 1.54
N GLU H 56 75.75 -19.85 2.80
CA GLU H 56 74.35 -19.91 3.22
C GLU H 56 73.54 -18.71 2.75
N LEU H 57 74.19 -17.67 2.24
CA LEU H 57 73.50 -16.55 1.62
C LEU H 57 73.39 -16.71 0.11
N ALA H 58 73.89 -17.80 -0.45
CA ALA H 58 73.95 -17.95 -1.90
C ALA H 58 72.56 -18.12 -2.47
N GLY H 59 72.15 -17.19 -3.33
CA GLY H 59 70.86 -17.25 -3.96
C GLY H 59 69.71 -16.75 -3.13
N HIS H 60 69.96 -16.30 -1.90
CA HIS H 60 68.91 -15.86 -1.01
C HIS H 60 69.11 -14.42 -0.57
N GLN H 61 69.73 -13.61 -1.42
CA GLN H 61 69.92 -12.20 -1.16
C GLN H 61 69.37 -11.39 -2.33
N THR H 62 68.13 -11.72 -2.69
CA THR H 62 67.44 -11.16 -3.83
C THR H 62 66.21 -10.32 -3.46
N SER H 63 65.55 -10.64 -2.34
CA SER H 63 64.29 -10.01 -1.95
C SER H 63 63.22 -10.21 -3.01
N ALA H 64 63.23 -11.36 -3.67
CA ALA H 64 62.24 -11.67 -4.69
C ALA H 64 60.94 -12.12 -4.05
N GLU H 65 59.85 -11.99 -4.80
CA GLU H 65 58.54 -12.43 -4.36
C GLU H 65 57.69 -12.72 -5.57
N SER H 66 56.78 -13.67 -5.42
CA SER H 66 56.03 -14.21 -6.54
C SER H 66 55.06 -13.17 -7.10
N TRP H 67 54.89 -13.21 -8.42
CA TRP H 67 53.99 -12.28 -9.09
C TRP H 67 52.52 -12.57 -8.82
N GLY H 68 52.21 -13.76 -8.33
CA GLY H 68 50.83 -14.15 -8.16
C GLY H 68 50.44 -15.22 -9.15
N THR H 69 49.14 -15.43 -9.26
CA THR H 69 48.60 -16.51 -10.06
C THR H 69 47.91 -16.06 -11.34
N GLY H 70 47.77 -14.75 -11.56
CA GLY H 70 46.99 -14.30 -12.69
C GLY H 70 47.74 -13.48 -13.72
N ARG H 71 48.99 -13.83 -14.02
CA ARG H 71 49.76 -13.08 -14.99
C ARG H 71 50.43 -13.97 -16.03
N ALA H 72 49.89 -15.19 -16.24
CA ALA H 72 50.33 -16.09 -17.30
C ALA H 72 51.80 -16.47 -17.19
N VAL H 73 52.34 -16.45 -15.97
CA VAL H 73 53.69 -16.89 -15.69
C VAL H 73 53.65 -17.82 -14.49
N ALA H 74 54.69 -18.62 -14.34
CA ALA H 74 54.77 -19.57 -13.24
C ALA H 74 54.86 -18.83 -11.91
N ARG H 75 54.39 -19.48 -10.85
CA ARG H 75 54.28 -18.88 -9.54
C ARG H 75 55.60 -18.83 -8.78
N ILE H 76 56.73 -18.99 -9.47
CA ILE H 76 58.05 -18.89 -8.86
C ILE H 76 58.28 -17.46 -8.43
N PRO H 77 59.03 -17.19 -7.35
CA PRO H 77 59.34 -15.80 -7.00
C PRO H 77 60.16 -15.12 -8.07
N ARG H 78 59.90 -13.82 -8.25
CA ARG H 78 60.55 -13.02 -9.28
C ARG H 78 61.24 -11.83 -8.65
N VAL H 79 62.36 -11.43 -9.26
CA VAL H 79 63.13 -10.30 -8.76
C VAL H 79 62.32 -9.02 -8.95
N ARG H 80 62.47 -8.10 -8.00
CA ARG H 80 61.63 -6.91 -7.99
C ARG H 80 62.24 -5.83 -8.90
N GLY H 81 61.49 -4.75 -9.08
CA GLY H 81 62.00 -3.59 -9.77
C GLY H 81 62.04 -3.79 -11.28
N GLY H 82 62.81 -2.91 -11.92
CA GLY H 82 62.96 -2.94 -13.37
C GLY H 82 64.25 -2.30 -13.83
N GLY H 83 64.39 -2.12 -15.14
CA GLY H 83 65.54 -1.44 -15.70
C GLY H 83 66.78 -2.28 -15.85
N THR H 84 66.73 -3.55 -15.47
CA THR H 84 67.87 -4.44 -15.60
C THR H 84 67.38 -5.79 -16.08
N HIS H 85 68.31 -6.59 -16.64
CA HIS H 85 67.95 -7.91 -17.12
C HIS H 85 67.43 -8.79 -16.01
N ARG H 86 67.91 -8.58 -14.80
CA ARG H 86 67.57 -9.44 -13.66
C ARG H 86 66.11 -9.29 -13.25
N SER H 87 65.49 -8.14 -13.50
CA SER H 87 64.13 -7.91 -13.06
C SER H 87 63.15 -8.85 -13.75
N GLY H 88 62.21 -9.39 -12.98
CA GLY H 88 61.25 -10.31 -13.53
C GLY H 88 61.78 -11.68 -13.86
N GLN H 89 62.88 -12.08 -13.24
CA GLN H 89 63.44 -13.42 -13.42
C GLN H 89 63.22 -14.25 -12.18
N GLY H 90 63.15 -15.56 -12.36
CA GLY H 90 62.90 -16.45 -11.23
C GLY H 90 64.05 -16.43 -10.24
N ALA H 91 63.72 -16.75 -8.98
CA ALA H 91 64.70 -16.72 -7.91
C ALA H 91 64.31 -17.71 -6.82
N PHE H 92 65.27 -18.00 -5.95
CA PHE H 92 65.13 -18.77 -4.72
C PHE H 92 64.92 -20.26 -4.95
N GLY H 93 64.73 -20.67 -6.19
CA GLY H 93 64.43 -22.05 -6.49
C GLY H 93 65.66 -22.77 -7.00
N ASN H 94 65.72 -24.07 -6.75
CA ASN H 94 66.82 -24.84 -7.32
C ASN H 94 66.71 -24.92 -8.83
N MET H 95 65.49 -24.85 -9.37
CA MET H 95 65.32 -24.85 -10.81
C MET H 95 65.73 -23.53 -11.43
N CYS H 96 65.76 -22.45 -10.66
CA CYS H 96 66.04 -21.13 -11.21
C CYS H 96 67.53 -20.94 -11.41
N ARG H 97 67.88 -20.28 -12.52
CA ARG H 97 69.25 -19.84 -12.71
C ARG H 97 69.57 -18.72 -11.73
N GLY H 98 70.68 -18.85 -11.02
CA GLY H 98 70.99 -17.92 -9.97
C GLY H 98 70.30 -18.22 -8.66
N GLY H 99 69.53 -19.30 -8.58
CA GLY H 99 68.82 -19.63 -7.38
C GLY H 99 69.63 -20.52 -6.45
N ARG H 100 69.04 -20.77 -5.28
CA ARG H 100 69.69 -21.57 -4.26
C ARG H 100 69.65 -23.05 -4.62
N MET H 101 70.77 -23.73 -4.44
CA MET H 101 70.85 -25.15 -4.73
C MET H 101 70.02 -25.94 -3.73
N PHE H 102 69.47 -27.06 -4.18
CA PHE H 102 68.64 -27.89 -3.31
C PHE H 102 69.46 -28.46 -2.18
N ALA H 103 68.97 -28.26 -0.96
CA ALA H 103 69.62 -28.76 0.26
C ALA H 103 71.08 -28.34 0.24
N PRO H 104 71.38 -27.07 0.49
CA PRO H 104 72.76 -26.60 0.39
C PRO H 104 73.68 -27.40 1.30
N THR H 105 74.85 -27.72 0.77
CA THR H 105 75.82 -28.49 1.54
C THR H 105 76.27 -27.68 2.74
N LYS H 106 76.45 -28.35 3.87
CA LYS H 106 76.73 -27.67 5.11
C LYS H 106 77.96 -28.27 5.77
N THR H 107 78.62 -27.45 6.60
CA THR H 107 79.89 -27.86 7.16
C THR H 107 79.74 -28.99 8.17
N TRP H 108 78.62 -29.04 8.88
CA TRP H 108 78.42 -30.10 9.87
C TRP H 108 77.87 -31.37 9.21
N ARG H 109 78.69 -31.93 8.32
CA ARG H 109 78.31 -33.11 7.56
C ARG H 109 78.68 -34.41 8.26
N ARG H 110 79.39 -34.35 9.39
CA ARG H 110 80.01 -35.53 10.02
C ARG H 110 81.02 -36.17 9.05
N TRP H 111 82.09 -35.42 8.80
CA TRP H 111 83.15 -35.88 7.92
C TRP H 111 83.94 -37.02 8.53
N HIS H 112 84.06 -37.06 9.85
CA HIS H 112 84.98 -37.98 10.51
C HIS H 112 84.23 -39.19 11.06
N ARG H 113 84.81 -40.37 10.82
CA ARG H 113 84.34 -41.60 11.42
C ARG H 113 85.36 -42.08 12.43
N ARG H 114 84.88 -42.52 13.59
CA ARG H 114 85.74 -43.09 14.60
C ARG H 114 85.64 -44.61 14.54
N VAL H 115 86.77 -45.27 14.70
CA VAL H 115 86.85 -46.72 14.60
C VAL H 115 87.36 -47.26 15.92
N ASN H 116 86.90 -48.45 16.29
CA ASN H 116 87.35 -49.08 17.52
C ASN H 116 88.85 -49.32 17.47
N THR H 117 89.51 -49.15 18.62
CA THR H 117 90.96 -49.32 18.69
C THR H 117 91.35 -50.75 18.36
N THR H 118 90.60 -51.72 18.87
CA THR H 118 90.93 -53.12 18.62
C THR H 118 90.80 -53.45 17.15
N GLN H 119 89.81 -52.89 16.47
CA GLN H 119 89.68 -53.11 15.04
C GLN H 119 90.86 -52.52 14.26
N LYS H 120 91.33 -51.34 14.66
CA LYS H 120 92.47 -50.74 13.99
C LYS H 120 93.73 -51.58 14.20
N ARG H 121 93.94 -52.08 15.41
CA ARG H 121 95.07 -52.96 15.66
C ARG H 121 94.94 -54.25 14.87
N TYR H 122 93.72 -54.78 14.75
CA TYR H 122 93.47 -55.98 13.98
C TYR H 122 93.82 -55.75 12.52
N ALA H 123 93.45 -54.59 11.99
CA ALA H 123 93.75 -54.25 10.60
C ALA H 123 95.24 -54.10 10.38
N ILE H 124 95.94 -53.49 11.33
CA ILE H 124 97.40 -53.38 11.19
C ILE H 124 98.03 -54.76 11.19
N CYS H 125 97.56 -55.66 12.07
CA CYS H 125 98.08 -57.01 12.10
C CYS H 125 97.81 -57.75 10.79
N SER H 126 96.63 -57.54 10.21
CA SER H 126 96.33 -58.15 8.92
C SER H 126 97.23 -57.60 7.82
N ALA H 127 97.48 -56.29 7.82
CA ALA H 127 98.32 -55.70 6.80
C ALA H 127 99.77 -56.17 6.91
N LEU H 128 100.27 -56.30 8.14
CA LEU H 128 101.64 -56.80 8.33
C LEU H 128 101.77 -58.24 7.88
N ALA H 129 100.76 -59.07 8.15
CA ALA H 129 100.82 -60.47 7.77
C ALA H 129 100.87 -60.63 6.25
N ALA H 130 100.07 -59.83 5.54
CA ALA H 130 100.03 -59.90 4.10
C ALA H 130 101.26 -59.29 3.43
N SER H 131 102.07 -58.55 4.17
CA SER H 131 103.30 -58.02 3.60
C SER H 131 104.40 -59.07 3.50
N ALA H 132 104.21 -60.24 4.10
CA ALA H 132 105.20 -61.30 4.06
C ALA H 132 104.81 -62.44 3.14
N LEU H 133 103.75 -62.28 2.35
CA LEU H 133 103.32 -63.30 1.41
C LEU H 133 103.59 -62.82 -0.01
N PRO H 134 104.51 -63.44 -0.74
CA PRO H 134 104.90 -62.90 -2.06
C PRO H 134 103.77 -62.82 -3.07
N ALA H 135 102.80 -63.73 -3.03
CA ALA H 135 101.69 -63.64 -3.98
C ALA H 135 100.86 -62.38 -3.73
N LEU H 136 100.59 -62.06 -2.47
CA LEU H 136 99.81 -60.87 -2.15
C LEU H 136 100.57 -59.60 -2.49
N VAL H 137 101.88 -59.59 -2.25
CA VAL H 137 102.66 -58.39 -2.55
C VAL H 137 102.81 -58.19 -4.05
N MET H 138 103.06 -59.27 -4.79
CA MET H 138 103.13 -59.15 -6.23
C MET H 138 101.79 -58.77 -6.83
N SER H 139 100.68 -59.21 -6.23
CA SER H 139 99.37 -58.80 -6.71
C SER H 139 99.11 -57.33 -6.51
N LYS H 140 99.91 -56.65 -5.68
CA LYS H 140 99.91 -55.20 -5.64
C LYS H 140 100.84 -54.60 -6.69
N GLY H 141 101.47 -55.44 -7.52
CA GLY H 141 102.34 -55.00 -8.58
C GLY H 141 103.61 -54.35 -8.10
N HIS H 142 104.32 -54.99 -7.17
CA HIS H 142 105.48 -54.37 -6.53
C HIS H 142 106.82 -54.84 -7.10
N ARG H 143 106.81 -55.70 -8.11
CA ARG H 143 108.03 -56.04 -8.87
C ARG H 143 109.12 -56.62 -7.96
N ILE H 144 108.72 -57.43 -6.99
CA ILE H 144 109.69 -58.12 -6.13
C ILE H 144 109.93 -59.49 -6.76
N GLU H 145 110.78 -59.53 -7.77
CA GLU H 145 111.09 -60.81 -8.38
C GLU H 145 112.46 -61.34 -8.00
N GLU H 146 113.44 -60.47 -7.83
CA GLU H 146 114.77 -60.88 -7.39
C GLU H 146 115.12 -60.30 -6.03
N VAL H 147 114.11 -60.00 -5.23
CA VAL H 147 114.31 -59.62 -3.83
C VAL H 147 114.62 -60.88 -3.03
N PRO H 148 115.66 -60.89 -2.18
CA PRO H 148 116.05 -62.16 -1.54
C PRO H 148 115.04 -62.68 -0.53
N GLU H 149 114.55 -61.84 0.37
CA GLU H 149 113.54 -62.23 1.34
C GLU H 149 112.39 -61.25 1.24
N LEU H 150 111.17 -61.74 1.43
CA LEU H 150 110.04 -60.79 1.45
C LEU H 150 109.91 -60.11 2.80
N PRO H 151 109.98 -60.79 3.95
CA PRO H 151 110.16 -60.03 5.19
C PRO H 151 111.58 -59.48 5.21
N LEU H 152 111.82 -58.44 4.41
CA LEU H 152 113.16 -57.97 4.13
C LEU H 152 113.69 -57.18 5.30
N VAL H 153 114.77 -57.67 5.90
CA VAL H 153 115.37 -57.04 7.08
C VAL H 153 116.77 -56.59 6.70
N VAL H 154 117.05 -55.32 6.95
CA VAL H 154 118.35 -54.73 6.64
C VAL H 154 118.97 -54.27 7.95
N GLU H 155 120.30 -54.28 8.01
CA GLU H 155 120.95 -54.03 9.29
C GLU H 155 120.78 -52.56 9.68
N ASP H 156 121.09 -52.28 10.94
CA ASP H 156 120.68 -51.02 11.55
C ASP H 156 121.58 -49.84 11.21
N LYS H 157 122.71 -50.06 10.53
CA LYS H 157 123.49 -48.90 10.11
C LYS H 157 122.87 -48.20 8.91
N VAL H 158 121.81 -48.76 8.35
CA VAL H 158 121.01 -48.05 7.35
C VAL H 158 120.31 -46.86 7.99
N GLU H 159 119.88 -46.99 9.25
CA GLU H 159 119.20 -45.90 9.94
C GLU H 159 120.10 -44.68 10.12
N GLY H 160 121.41 -44.83 9.99
CA GLY H 160 122.34 -43.73 10.04
C GLY H 160 122.71 -43.13 8.71
N TYR H 161 121.98 -43.45 7.64
CA TYR H 161 122.26 -42.88 6.33
C TYR H 161 121.97 -41.39 6.31
N LYS H 162 122.73 -40.67 5.51
CA LYS H 162 122.60 -39.22 5.41
C LYS H 162 122.32 -38.72 4.01
N LYS H 163 122.99 -39.26 3.00
CA LYS H 163 122.84 -38.80 1.63
C LYS H 163 121.84 -39.65 0.88
N THR H 164 121.40 -39.13 -0.26
CA THR H 164 120.45 -39.85 -1.10
C THR H 164 121.14 -40.83 -2.04
N LYS H 165 122.40 -40.57 -2.39
CA LYS H 165 123.14 -41.50 -3.23
C LYS H 165 123.29 -42.85 -2.56
N GLU H 166 123.59 -42.86 -1.26
CA GLU H 166 123.74 -44.13 -0.57
C GLU H 166 122.40 -44.84 -0.39
N ALA H 167 121.30 -44.09 -0.26
CA ALA H 167 119.98 -44.71 -0.24
C ALA H 167 119.67 -45.37 -1.58
N VAL H 168 120.00 -44.69 -2.68
CA VAL H 168 119.77 -45.29 -4.00
C VAL H 168 120.63 -46.53 -4.18
N LEU H 169 121.89 -46.46 -3.74
CA LEU H 169 122.76 -47.63 -3.85
C LEU H 169 122.22 -48.80 -3.03
N LEU H 170 121.72 -48.52 -1.82
CA LEU H 170 121.14 -49.57 -1.00
C LEU H 170 119.92 -50.19 -1.65
N LEU H 171 119.04 -49.35 -2.22
CA LEU H 171 117.87 -49.89 -2.91
C LEU H 171 118.26 -50.70 -4.12
N LYS H 172 119.37 -50.36 -4.76
CA LYS H 172 119.85 -51.16 -5.89
C LYS H 172 120.39 -52.50 -5.42
N LYS H 173 121.22 -52.50 -4.37
CA LYS H 173 121.84 -53.73 -3.90
C LYS H 173 120.84 -54.68 -3.24
N LEU H 174 119.71 -54.16 -2.76
CA LEU H 174 118.65 -55.02 -2.25
C LEU H 174 117.72 -55.51 -3.34
N LYS H 175 117.99 -55.14 -4.60
CA LYS H 175 117.18 -55.50 -5.75
C LYS H 175 115.73 -55.03 -5.60
N ALA H 176 115.53 -53.92 -4.90
CA ALA H 176 114.24 -53.27 -4.80
C ALA H 176 114.13 -52.04 -5.69
N TRP H 177 115.18 -51.72 -6.45
CA TRP H 177 115.18 -50.54 -7.29
C TRP H 177 114.17 -50.63 -8.43
N ASN H 178 113.79 -51.84 -8.83
CA ASN H 178 112.85 -52.00 -9.92
C ASN H 178 111.49 -51.39 -9.58
N ASP H 179 111.09 -51.45 -8.32
CA ASP H 179 109.82 -50.82 -7.94
C ASP H 179 109.91 -49.30 -8.03
N ILE H 180 111.07 -48.73 -7.70
CA ILE H 180 111.24 -47.29 -7.87
C ILE H 180 111.24 -46.91 -9.34
N LYS H 181 111.85 -47.73 -10.20
CA LYS H 181 111.77 -47.45 -11.63
C LYS H 181 110.34 -47.59 -12.14
N LYS H 182 109.55 -48.49 -11.55
CA LYS H 182 108.13 -48.57 -11.90
C LYS H 182 107.38 -47.32 -11.48
N VAL H 183 107.72 -46.78 -10.30
CA VAL H 183 107.13 -45.51 -9.87
C VAL H 183 107.51 -44.39 -10.82
N TYR H 184 108.78 -44.36 -11.24
CA TYR H 184 109.23 -43.35 -12.20
C TYR H 184 108.48 -43.48 -13.52
N ALA H 185 108.25 -44.70 -13.97
CA ALA H 185 107.54 -44.93 -15.22
C ALA H 185 106.06 -44.58 -15.14
N SER H 186 105.53 -44.34 -13.94
CA SER H 186 104.11 -44.09 -13.76
C SER H 186 103.79 -42.65 -13.42
N GLN H 187 104.73 -41.72 -13.62
CA GLN H 187 104.49 -40.33 -13.24
C GLN H 187 103.76 -39.65 -14.39
N ARG H 188 102.48 -40.00 -14.52
CA ARG H 188 101.63 -39.39 -15.53
C ARG H 188 100.83 -38.25 -14.91
N MET H 189 99.90 -37.72 -15.68
CA MET H 189 99.15 -36.52 -15.30
C MET H 189 97.73 -36.91 -14.97
N ARG H 190 97.25 -36.45 -13.81
CA ARG H 190 95.92 -36.84 -13.35
C ARG H 190 94.84 -36.29 -14.28
N ALA H 191 93.72 -37.02 -14.36
CA ALA H 191 92.61 -36.64 -15.21
C ALA H 191 91.54 -35.96 -14.38
N GLY H 192 91.14 -34.76 -14.79
CA GLY H 192 90.00 -34.11 -14.17
C GLY H 192 90.29 -32.81 -13.47
N LYS H 193 89.39 -32.41 -12.56
CA LYS H 193 89.51 -31.16 -11.84
C LYS H 193 90.61 -31.18 -10.79
N GLY H 194 91.13 -32.36 -10.47
CA GLY H 194 92.23 -32.42 -9.51
C GLY H 194 93.44 -31.66 -9.97
N LYS H 195 93.63 -31.53 -11.28
CA LYS H 195 94.67 -30.67 -11.82
C LYS H 195 94.47 -29.23 -11.39
N MET H 196 93.22 -28.75 -11.44
CA MET H 196 92.92 -27.39 -11.02
C MET H 196 92.93 -27.25 -9.51
N ARG H 197 92.81 -28.36 -8.78
CA ARG H 197 92.70 -28.34 -7.33
C ARG H 197 93.95 -28.85 -6.65
N ASN H 198 95.11 -28.52 -7.21
CA ASN H 198 96.45 -28.75 -6.66
C ASN H 198 96.83 -30.21 -6.55
N ARG H 199 96.00 -31.14 -7.00
CA ARG H 199 96.40 -32.55 -7.10
C ARG H 199 96.80 -32.86 -8.54
N ARG H 200 97.85 -32.17 -8.97
CA ARG H 200 98.19 -32.14 -10.38
C ARG H 200 98.78 -33.45 -10.88
N ARG H 201 99.71 -34.03 -10.12
CA ARG H 201 100.45 -35.20 -10.56
C ARG H 201 100.08 -36.41 -9.72
N ILE H 202 100.15 -37.59 -10.33
CA ILE H 202 99.91 -38.85 -9.65
C ILE H 202 101.02 -39.82 -10.02
N GLN H 203 101.22 -40.82 -9.17
CA GLN H 203 102.28 -41.79 -9.40
C GLN H 203 102.01 -43.06 -8.61
N ARG H 204 102.74 -44.10 -8.98
CA ARG H 204 102.72 -45.41 -8.31
C ARG H 204 103.29 -45.30 -6.91
N ARG H 205 102.77 -46.14 -6.01
CA ARG H 205 103.31 -46.22 -4.66
C ARG H 205 104.53 -47.15 -4.63
N GLY H 206 105.53 -46.74 -3.87
CA GLY H 206 106.77 -47.49 -3.80
C GLY H 206 106.88 -48.33 -2.55
N PRO H 207 108.05 -48.91 -2.32
CA PRO H 207 108.27 -49.70 -1.11
C PRO H 207 108.22 -48.85 0.14
N CYS H 208 107.83 -49.47 1.24
CA CYS H 208 107.71 -48.80 2.53
C CYS H 208 108.90 -49.16 3.41
N ILE H 209 109.61 -48.15 3.90
CA ILE H 209 110.77 -48.36 4.75
C ILE H 209 110.34 -48.13 6.19
N ILE H 210 110.59 -49.11 7.05
CA ILE H 210 110.18 -49.04 8.45
C ILE H 210 111.41 -49.07 9.32
N TYR H 211 111.59 -48.01 10.11
CA TYR H 211 112.73 -47.83 10.99
C TYR H 211 112.24 -47.79 12.44
N ASN H 212 113.19 -47.80 13.36
CA ASN H 212 112.88 -47.67 14.78
C ASN H 212 113.27 -46.31 15.33
N GLU H 213 114.52 -45.89 15.14
CA GLU H 213 114.96 -44.56 15.51
C GLU H 213 115.61 -43.89 14.30
N ASP H 214 115.49 -42.57 14.24
CA ASP H 214 115.95 -41.80 13.10
C ASP H 214 117.34 -41.24 13.40
N ASN H 215 118.27 -41.46 12.49
CA ASN H 215 119.59 -40.83 12.52
C ASN H 215 119.91 -40.21 11.18
N GLY H 216 118.89 -39.70 10.48
CA GLY H 216 119.02 -39.25 9.12
C GLY H 216 118.37 -40.17 8.11
N ILE H 217 117.70 -41.23 8.56
CA ILE H 217 117.08 -42.17 7.63
C ILE H 217 116.00 -41.50 6.78
N ILE H 218 115.29 -40.54 7.36
CA ILE H 218 114.24 -39.86 6.59
C ILE H 218 114.85 -38.97 5.51
N LYS H 219 115.93 -38.26 5.85
CA LYS H 219 116.52 -37.35 4.88
C LYS H 219 117.28 -38.08 3.78
N ALA H 220 117.86 -39.24 4.09
CA ALA H 220 118.53 -40.03 3.06
C ALA H 220 117.54 -40.47 1.99
N PHE H 221 116.43 -41.04 2.40
CA PHE H 221 115.28 -41.28 1.55
C PHE H 221 114.49 -39.99 1.44
N ARG H 222 113.22 -40.09 1.04
CA ARG H 222 112.19 -39.05 0.93
C ARG H 222 112.38 -38.17 -0.30
N ASN H 223 113.49 -38.29 -1.03
CA ASN H 223 113.58 -37.74 -2.36
C ASN H 223 113.40 -38.80 -3.43
N ILE H 224 113.22 -40.05 -3.02
CA ILE H 224 112.95 -41.15 -3.93
C ILE H 224 111.45 -41.25 -4.08
N PRO H 225 110.90 -41.13 -5.29
CA PRO H 225 109.44 -41.17 -5.46
C PRO H 225 108.88 -42.52 -5.03
N GLY H 226 107.71 -42.49 -4.42
CA GLY H 226 107.03 -43.69 -3.99
C GLY H 226 107.47 -44.18 -2.63
N ILE H 227 108.71 -43.87 -2.25
CA ILE H 227 109.25 -44.36 -0.98
C ILE H 227 108.52 -43.70 0.17
N THR H 228 107.99 -44.51 1.08
CA THR H 228 107.27 -44.04 2.26
C THR H 228 107.97 -44.57 3.50
N LEU H 229 108.29 -43.67 4.42
CA LEU H 229 108.94 -44.06 5.66
C LEU H 229 107.92 -44.09 6.79
N LEU H 230 108.14 -45.00 7.73
CA LEU H 230 107.16 -45.24 8.78
C LEU H 230 107.87 -45.70 10.03
N ASN H 231 107.71 -44.96 11.12
CA ASN H 231 108.24 -45.38 12.40
C ASN H 231 107.49 -46.62 12.89
N VAL H 232 108.23 -47.60 13.40
CA VAL H 232 107.62 -48.86 13.78
C VAL H 232 106.66 -48.66 14.94
N SER H 233 106.91 -47.68 15.79
CA SER H 233 106.05 -47.41 16.92
C SER H 233 104.76 -46.69 16.53
N LYS H 234 104.67 -46.23 15.28
CA LYS H 234 103.55 -45.42 14.81
C LYS H 234 103.06 -45.92 13.47
N LEU H 235 102.82 -47.24 13.38
CA LEU H 235 102.37 -47.82 12.13
C LEU H 235 101.05 -47.24 11.69
N ASN H 236 100.93 -46.97 10.39
CA ASN H 236 99.77 -46.32 9.80
C ASN H 236 99.12 -47.28 8.83
N ILE H 237 97.80 -47.47 8.96
CA ILE H 237 97.10 -48.31 8.00
C ILE H 237 96.95 -47.62 6.66
N LEU H 238 97.03 -46.29 6.63
CA LEU H 238 96.93 -45.57 5.37
C LEU H 238 98.21 -45.67 4.55
N LYS H 239 99.30 -46.16 5.14
CA LYS H 239 100.54 -46.36 4.42
C LYS H 239 100.89 -47.82 4.23
N LEU H 240 100.41 -48.71 5.10
CA LEU H 240 100.65 -50.13 4.92
C LEU H 240 99.75 -50.73 3.86
N ALA H 241 98.52 -50.25 3.75
CA ALA H 241 97.56 -50.70 2.74
C ALA H 241 97.05 -49.45 2.04
N PRO H 242 97.81 -48.94 1.06
CA PRO H 242 97.52 -47.60 0.52
C PRO H 242 96.14 -47.44 -0.07
N GLY H 243 95.62 -48.44 -0.77
CA GLY H 243 94.34 -48.27 -1.40
C GLY H 243 93.26 -49.11 -0.76
N GLY H 244 93.50 -49.51 0.48
CA GLY H 244 92.65 -50.49 1.12
C GLY H 244 93.00 -51.92 0.78
N HIS H 245 93.99 -52.14 -0.07
CA HIS H 245 94.42 -53.47 -0.45
C HIS H 245 95.72 -53.81 0.27
N VAL H 246 95.76 -54.97 0.88
CA VAL H 246 96.94 -55.40 1.63
C VAL H 246 98.02 -55.84 0.66
N GLY H 247 99.26 -55.75 1.09
CA GLY H 247 100.35 -56.28 0.29
C GLY H 247 101.36 -55.26 -0.21
N ARG H 248 101.59 -54.20 0.55
CA ARG H 248 102.62 -53.24 0.17
C ARG H 248 104.00 -53.77 0.53
N PHE H 249 104.93 -53.63 -0.40
CA PHE H 249 106.30 -54.03 -0.17
C PHE H 249 106.92 -53.20 0.94
N CYS H 250 107.29 -53.87 2.04
CA CYS H 250 107.81 -53.20 3.22
C CYS H 250 109.23 -53.67 3.49
N ILE H 251 110.16 -52.73 3.62
CA ILE H 251 111.54 -53.01 3.98
C ILE H 251 111.73 -52.66 5.44
N TRP H 252 112.28 -53.59 6.21
CA TRP H 252 112.38 -53.45 7.65
C TRP H 252 113.82 -53.26 8.06
N THR H 253 114.04 -52.41 9.05
CA THR H 253 115.30 -52.39 9.76
C THR H 253 115.27 -53.45 10.85
N GLU H 254 116.46 -53.91 11.25
CA GLU H 254 116.54 -55.03 12.19
C GLU H 254 115.90 -54.69 13.53
N SER H 255 116.15 -53.48 14.03
CA SER H 255 115.59 -53.08 15.33
C SER H 255 114.07 -53.04 15.29
N ALA H 256 113.49 -52.52 14.21
CA ALA H 256 112.04 -52.52 14.07
C ALA H 256 111.50 -53.94 14.00
N PHE H 257 112.19 -54.80 13.24
CA PHE H 257 111.76 -56.18 13.09
C PHE H 257 111.71 -56.89 14.43
N ARG H 258 112.74 -56.70 15.26
CA ARG H 258 112.72 -57.36 16.56
C ARG H 258 111.87 -56.63 17.58
N LYS H 259 111.52 -55.38 17.31
CA LYS H 259 110.63 -54.65 18.22
C LYS H 259 109.16 -54.94 17.96
N LEU H 260 108.85 -55.55 16.82
CA LEU H 260 107.46 -55.91 16.53
C LEU H 260 106.86 -56.82 17.60
N ASP H 261 107.65 -57.75 18.14
CA ASP H 261 107.13 -58.65 19.17
C ASP H 261 106.73 -57.90 20.43
N GLU H 262 107.51 -56.91 20.84
CA GLU H 262 107.10 -56.10 21.97
C GLU H 262 105.90 -55.22 21.61
N LEU H 263 105.82 -54.76 20.37
CA LEU H 263 104.73 -53.86 20.00
C LEU H 263 103.39 -54.58 19.97
N TYR H 264 103.34 -55.77 19.39
CA TYR H 264 102.06 -56.45 19.18
C TYR H 264 101.92 -57.75 19.93
N GLY H 265 102.98 -58.28 20.51
CA GLY H 265 102.88 -59.48 21.31
C GLY H 265 102.86 -60.74 20.47
N THR H 266 103.15 -61.85 21.14
CA THR H 266 103.01 -63.18 20.56
C THR H 266 101.57 -63.62 20.82
N TRP H 267 101.25 -64.88 20.52
CA TRP H 267 100.03 -65.43 21.09
C TRP H 267 100.26 -65.90 22.53
N ARG H 268 101.50 -66.23 22.86
CA ARG H 268 101.89 -66.66 24.19
C ARG H 268 102.17 -65.48 25.12
N LYS H 269 102.56 -64.33 24.55
CA LYS H 269 102.81 -63.11 25.31
C LYS H 269 101.92 -61.99 24.82
N ALA H 270 101.37 -61.23 25.76
CA ALA H 270 100.66 -60.01 25.42
C ALA H 270 101.64 -58.92 25.01
N ALA H 271 101.12 -57.85 24.44
CA ALA H 271 101.95 -56.75 24.00
C ALA H 271 102.55 -56.03 25.20
N SER H 272 103.88 -55.92 25.21
CA SER H 272 104.56 -55.22 26.29
C SER H 272 104.63 -53.72 26.07
N LEU H 273 104.12 -53.22 24.93
CA LEU H 273 104.08 -51.80 24.65
C LEU H 273 102.68 -51.29 24.40
N LYS H 274 101.66 -52.08 24.71
CA LYS H 274 100.27 -51.66 24.55
C LYS H 274 99.39 -51.97 25.76
N SER H 275 99.87 -52.79 26.69
CA SER H 275 99.34 -52.91 28.05
C SER H 275 97.97 -53.58 28.14
N ASN H 276 97.30 -53.75 27.01
CA ASN H 276 95.99 -54.41 26.99
C ASN H 276 95.76 -55.26 25.76
N TYR H 277 96.74 -55.41 24.87
CA TYR H 277 96.51 -56.00 23.57
C TYR H 277 97.20 -57.35 23.45
N ASN H 278 96.53 -58.26 22.75
CA ASN H 278 97.11 -59.54 22.36
C ASN H 278 96.73 -59.79 20.92
N LEU H 279 97.51 -60.65 20.26
CA LEU H 279 97.24 -60.95 18.87
C LEU H 279 95.87 -61.63 18.73
N PRO H 280 95.15 -61.38 17.65
CA PRO H 280 93.85 -62.02 17.46
C PRO H 280 94.00 -63.50 17.14
N MET H 281 92.90 -64.21 17.33
CA MET H 281 92.89 -65.66 17.19
C MET H 281 92.25 -66.05 15.86
N HIS H 282 92.81 -67.08 15.24
CA HIS H 282 92.24 -67.63 14.02
C HIS H 282 90.95 -68.36 14.32
N LYS H 283 90.02 -68.34 13.36
CA LYS H 283 88.87 -69.23 13.41
C LYS H 283 89.02 -70.41 12.47
N MET H 284 90.20 -70.56 11.86
CA MET H 284 90.50 -71.71 11.01
C MET H 284 92.02 -71.88 11.04
N ILE H 285 92.48 -72.86 11.82
CA ILE H 285 93.92 -73.00 12.05
C ILE H 285 94.63 -73.44 10.77
N ASN H 286 94.08 -74.42 10.08
CA ASN H 286 94.64 -74.92 8.83
C ASN H 286 93.78 -74.41 7.69
N THR H 287 94.31 -73.48 6.90
CA THR H 287 93.59 -72.92 5.76
C THR H 287 93.88 -73.67 4.48
N ASP H 288 94.60 -74.78 4.54
CA ASP H 288 94.95 -75.56 3.37
C ASP H 288 93.83 -76.54 3.11
N LEU H 289 92.88 -76.16 2.26
CA LEU H 289 91.75 -77.04 1.96
C LEU H 289 92.18 -78.24 1.12
N SER H 290 93.25 -78.11 0.34
CA SER H 290 93.66 -79.20 -0.53
C SER H 290 94.09 -80.42 0.28
N ARG H 291 94.85 -80.20 1.35
CA ARG H 291 95.27 -81.33 2.18
C ARG H 291 94.20 -81.73 3.18
N ILE H 292 93.26 -80.85 3.51
CA ILE H 292 92.14 -81.26 4.36
C ILE H 292 91.23 -82.19 3.58
N LEU H 293 90.84 -81.80 2.37
CA LEU H 293 89.92 -82.61 1.59
C LEU H 293 90.54 -83.93 1.18
N LYS H 294 91.83 -83.94 0.87
CA LYS H 294 92.52 -85.17 0.49
C LYS H 294 93.04 -85.94 1.69
N SER H 295 92.77 -85.50 2.91
CA SER H 295 93.25 -86.19 4.08
C SER H 295 92.63 -87.58 4.17
N PRO H 296 93.38 -88.60 4.58
CA PRO H 296 92.85 -89.97 4.56
C PRO H 296 91.64 -90.18 5.44
N GLU H 297 91.56 -89.49 6.58
CA GLU H 297 90.46 -89.73 7.51
C GLU H 297 89.19 -88.97 7.16
N ILE H 298 89.19 -88.20 6.07
CA ILE H 298 87.94 -87.69 5.52
C ILE H 298 87.50 -88.51 4.32
N GLN H 299 88.46 -88.94 3.49
CA GLN H 299 88.11 -89.70 2.28
C GLN H 299 87.48 -91.03 2.63
N ARG H 300 87.76 -91.58 3.81
CA ARG H 300 87.12 -92.82 4.21
C ARG H 300 85.66 -92.60 4.58
N ALA H 301 85.27 -91.37 4.89
CA ALA H 301 83.91 -91.07 5.33
C ALA H 301 83.01 -90.60 4.20
N LEU H 302 83.53 -90.38 3.00
CA LEU H 302 82.74 -89.86 1.90
C LEU H 302 82.04 -90.98 1.14
N ARG H 303 80.91 -90.63 0.54
CA ARG H 303 80.27 -91.53 -0.40
C ARG H 303 80.92 -91.41 -1.77
N ALA H 304 80.61 -92.36 -2.65
CA ALA H 304 81.21 -92.35 -3.97
C ALA H 304 80.62 -91.23 -4.81
N PRO H 305 81.44 -90.55 -5.61
CA PRO H 305 80.92 -89.44 -6.42
C PRO H 305 79.99 -89.93 -7.52
N ARG H 306 79.03 -89.08 -7.86
CA ARG H 306 78.08 -89.36 -8.95
C ARG H 306 78.53 -88.57 -10.17
N LYS H 307 79.45 -89.17 -10.93
CA LYS H 307 80.14 -88.46 -11.99
C LYS H 307 79.55 -88.72 -13.37
N LYS H 308 78.34 -89.26 -13.46
CA LYS H 308 77.67 -89.46 -14.74
C LYS H 308 76.57 -88.43 -14.91
N ILE H 309 76.58 -87.74 -16.04
CA ILE H 309 75.54 -86.78 -16.37
C ILE H 309 74.35 -87.51 -16.97
N HIS H 310 73.17 -87.25 -16.43
CA HIS H 310 71.93 -87.86 -16.91
C HIS H 310 71.11 -86.77 -17.59
N ARG H 311 71.39 -86.55 -18.87
CA ARG H 311 70.64 -85.56 -19.61
C ARG H 311 69.23 -86.06 -19.89
N ARG H 312 68.36 -85.15 -20.33
CA ARG H 312 66.97 -85.49 -20.52
C ARG H 312 66.81 -86.50 -21.65
N VAL H 313 65.80 -87.36 -21.51
CA VAL H 313 65.49 -88.37 -22.49
C VAL H 313 64.35 -87.85 -23.35
N LEU H 314 64.58 -87.76 -24.66
CA LEU H 314 63.51 -87.38 -25.57
C LEU H 314 62.46 -88.48 -25.59
N LYS H 315 61.25 -88.15 -25.17
CA LYS H 315 60.19 -89.15 -25.02
C LYS H 315 59.73 -89.59 -26.39
N LYS H 316 60.30 -90.68 -26.89
CA LYS H 316 59.74 -91.32 -28.07
C LYS H 316 58.41 -91.95 -27.72
N ASN H 317 57.46 -91.82 -28.64
CA ASN H 317 56.12 -92.31 -28.39
C ASN H 317 56.09 -93.83 -28.54
N PRO H 318 55.71 -94.58 -27.51
CA PRO H 318 55.23 -95.93 -27.75
C PRO H 318 53.88 -95.84 -28.45
N LEU H 319 53.37 -96.98 -28.89
CA LEU H 319 52.18 -97.10 -29.72
C LEU H 319 52.46 -96.60 -31.13
N LYS H 320 53.64 -96.05 -31.39
CA LYS H 320 54.20 -95.66 -32.68
C LYS H 320 55.58 -96.25 -32.90
N ASN H 321 56.38 -96.38 -31.84
CA ASN H 321 57.72 -96.95 -31.87
C ASN H 321 57.67 -98.32 -31.23
N LEU H 322 58.12 -99.34 -31.97
CA LEU H 322 57.97 -100.71 -31.49
C LEU H 322 58.94 -101.02 -30.35
N ARG H 323 60.20 -100.62 -30.51
CA ARG H 323 61.22 -100.99 -29.52
C ARG H 323 61.01 -100.26 -28.20
N ILE H 324 60.50 -99.02 -28.24
CA ILE H 324 60.13 -98.34 -27.01
C ILE H 324 59.01 -99.08 -26.31
N MET H 325 58.02 -99.53 -27.07
CA MET H 325 56.91 -100.30 -26.51
C MET H 325 57.42 -101.59 -25.88
N LEU H 326 58.39 -102.24 -26.52
CA LEU H 326 58.92 -103.48 -25.95
C LEU H 326 59.79 -103.21 -24.73
N LYS H 327 60.47 -102.07 -24.70
CA LYS H 327 61.18 -101.68 -23.49
C LYS H 327 60.21 -101.51 -22.33
N LEU H 328 59.09 -100.84 -22.58
CA LEU H 328 58.11 -100.64 -21.52
C LEU H 328 57.33 -101.91 -21.24
N ASN H 329 56.92 -102.62 -22.29
CA ASN H 329 56.09 -103.81 -22.17
C ASN H 329 56.62 -104.89 -23.11
N PRO H 330 57.42 -105.83 -22.60
CA PRO H 330 57.97 -106.88 -23.46
C PRO H 330 56.91 -107.73 -24.12
N TYR H 331 55.76 -107.93 -23.48
CA TYR H 331 54.75 -108.83 -23.99
C TYR H 331 54.00 -108.25 -25.17
N ALA H 332 54.17 -106.97 -25.47
CA ALA H 332 53.51 -106.38 -26.63
C ALA H 332 54.01 -106.95 -27.95
N LYS H 333 55.19 -107.58 -27.95
CA LYS H 333 55.66 -108.21 -29.17
C LYS H 333 54.85 -109.46 -29.50
N THR H 334 54.58 -110.29 -28.49
CA THR H 334 53.82 -111.51 -28.76
C THR H 334 52.36 -111.19 -29.07
N MET H 335 51.79 -110.19 -28.40
CA MET H 335 50.44 -109.76 -28.76
C MET H 335 50.39 -109.29 -30.21
N ARG H 336 51.37 -108.49 -30.61
CA ARG H 336 51.39 -107.97 -31.98
C ARG H 336 51.57 -109.09 -33.00
N ARG H 337 52.50 -110.01 -32.74
CA ARG H 337 52.71 -111.11 -33.66
C ARG H 337 51.48 -112.00 -33.76
N ASN H 338 50.85 -112.28 -32.62
CA ASN H 338 49.64 -113.11 -32.63
C ASN H 338 48.52 -112.42 -33.38
N THR H 339 48.39 -111.10 -33.20
CA THR H 339 47.38 -110.36 -33.94
C THR H 339 47.62 -110.42 -35.44
N ILE H 340 48.87 -110.26 -35.85
CA ILE H 340 49.20 -110.28 -37.28
C ILE H 340 48.90 -111.65 -37.87
N LEU H 341 49.33 -112.71 -37.19
CA LEU H 341 49.09 -114.05 -37.69
C LEU H 341 47.60 -114.38 -37.72
N ARG H 342 46.85 -113.96 -36.70
CA ARG H 342 45.42 -114.21 -36.67
C ARG H 342 44.71 -113.47 -37.79
N GLN H 343 45.10 -112.22 -38.03
CA GLN H 343 44.50 -111.45 -39.12
C GLN H 343 44.79 -112.09 -40.46
N ALA H 344 46.03 -112.54 -40.66
CA ALA H 344 46.38 -113.18 -41.93
C ALA H 344 45.58 -114.46 -42.12
N ARG H 345 45.44 -115.26 -41.06
CA ARG H 345 44.68 -116.49 -41.16
C ARG H 345 43.22 -116.22 -41.50
N ASN H 346 42.61 -115.25 -40.83
CA ASN H 346 41.21 -114.95 -41.10
C ASN H 346 41.03 -114.37 -42.50
N HIS H 347 41.98 -113.57 -42.95
CA HIS H 347 41.89 -113.02 -44.31
C HIS H 347 41.99 -114.12 -45.36
N LYS H 348 42.94 -115.05 -45.21
CA LYS H 348 43.05 -116.13 -46.18
C LYS H 348 41.81 -117.01 -46.13
N LEU H 349 41.26 -117.23 -44.93
CA LEU H 349 40.05 -118.05 -44.80
C LEU H 349 38.89 -117.40 -45.53
N ARG H 350 38.70 -116.09 -45.35
CA ARG H 350 37.59 -115.42 -45.99
C ARG H 350 37.78 -115.33 -47.51
N VAL H 351 39.00 -115.09 -47.98
CA VAL H 351 39.17 -115.00 -49.42
C VAL H 351 38.99 -116.36 -50.07
N ASP H 352 39.43 -117.43 -49.41
CA ASP H 352 39.19 -118.76 -49.94
C ASP H 352 37.71 -119.11 -49.91
N LYS H 353 37.00 -118.68 -48.86
CA LYS H 353 35.57 -118.91 -48.77
C LYS H 353 34.81 -118.18 -49.87
N ALA H 354 35.21 -116.94 -50.17
CA ALA H 354 34.62 -116.21 -51.28
C ALA H 354 34.92 -116.87 -52.62
N ALA H 355 36.15 -117.37 -52.78
CA ALA H 355 36.49 -118.10 -54.00
C ALA H 355 35.64 -119.36 -54.15
N ALA H 356 35.41 -120.07 -53.03
CA ALA H 356 34.57 -121.26 -53.08
C ALA H 356 33.12 -120.91 -53.43
N ALA H 357 32.61 -119.82 -52.87
CA ALA H 357 31.25 -119.39 -53.21
C ALA H 357 31.14 -119.01 -54.69
N ALA H 358 32.15 -118.29 -55.20
CA ALA H 358 32.16 -117.94 -56.61
C ALA H 358 32.23 -119.18 -57.49
N ALA H 359 33.04 -120.17 -57.09
CA ALA H 359 33.15 -121.40 -57.86
C ALA H 359 31.84 -122.18 -57.85
N ALA H 360 31.18 -122.24 -56.70
CA ALA H 360 29.88 -122.93 -56.64
C ALA H 360 28.85 -122.23 -57.51
N LEU H 361 28.85 -120.89 -57.50
CA LEU H 361 27.92 -120.15 -58.36
C LEU H 361 28.23 -120.38 -59.83
N GLN H 362 29.51 -120.40 -60.19
CA GLN H 362 29.89 -120.65 -61.58
C GLN H 362 29.49 -122.06 -62.02
N ALA H 363 29.63 -123.03 -61.12
CA ALA H 363 29.21 -124.39 -61.43
C ALA H 363 27.70 -124.47 -61.61
N LYS H 364 26.94 -123.79 -60.76
CA LYS H 364 25.49 -123.86 -60.85
C LYS H 364 24.92 -122.98 -61.97
N SER H 365 25.72 -122.08 -62.54
CA SER H 365 25.23 -121.23 -63.62
C SER H 365 25.34 -121.92 -64.98
N ASP H 366 26.50 -122.51 -65.28
CA ASP H 366 26.73 -123.15 -66.57
C ASP H 366 26.91 -124.65 -66.41
N GLU H 367 26.05 -125.27 -65.59
CA GLU H 367 26.15 -126.70 -65.34
C GLU H 367 25.84 -127.54 -66.58
N LYS H 368 25.23 -126.96 -67.60
CA LYS H 368 24.84 -127.66 -68.83
C LYS H 368 23.99 -128.89 -68.56
N GLY I 1 -27.17 -70.32 23.65
CA GLY I 1 -25.74 -70.06 23.79
C GLY I 1 -25.28 -68.88 22.95
N PHE I 2 -25.06 -67.75 23.61
CA PHE I 2 -24.65 -66.52 22.93
C PHE I 2 -23.26 -66.08 23.32
N VAL I 3 -22.57 -66.82 24.16
CA VAL I 3 -21.18 -66.56 24.49
C VAL I 3 -20.32 -67.30 23.48
N LYS I 4 -19.19 -66.68 23.09
CA LYS I 4 -18.19 -67.41 22.35
C LYS I 4 -17.76 -68.65 23.12
N VAL I 5 -17.77 -69.80 22.47
CA VAL I 5 -17.35 -71.03 23.14
C VAL I 5 -15.85 -70.92 23.37
N VAL I 6 -15.45 -70.73 24.63
CA VAL I 6 -14.05 -70.51 24.95
C VAL I 6 -13.24 -71.77 24.69
N LYS I 7 -13.81 -72.94 24.96
CA LYS I 7 -13.11 -74.20 24.74
C LYS I 7 -13.49 -74.78 23.39
N ASN I 8 -13.24 -73.99 22.35
CA ASN I 8 -13.51 -74.39 20.98
C ASN I 8 -12.30 -75.17 20.44
N LYS I 9 -12.28 -75.40 19.13
CA LYS I 9 -11.20 -76.16 18.52
C LYS I 9 -9.87 -75.45 18.67
N ALA I 10 -9.86 -74.13 18.48
CA ALA I 10 -8.63 -73.36 18.54
C ALA I 10 -8.04 -73.35 19.95
N TYR I 11 -8.89 -73.40 20.97
CA TYR I 11 -8.39 -73.44 22.34
C TYR I 11 -7.60 -74.71 22.61
N PHE I 12 -8.11 -75.84 22.13
CA PHE I 12 -7.41 -77.10 22.33
C PHE I 12 -6.19 -77.21 21.43
N LYS I 13 -6.23 -76.56 20.26
CA LYS I 13 -5.08 -76.64 19.37
C LYS I 13 -3.87 -75.90 19.90
N ARG I 14 -4.05 -74.97 20.84
CA ARG I 14 -2.94 -74.23 21.41
C ARG I 14 -2.70 -74.53 22.88
N TYR I 15 -3.52 -75.39 23.48
CA TYR I 15 -3.38 -75.69 24.90
C TYR I 15 -2.10 -76.48 25.14
N GLN I 16 -1.27 -75.98 26.06
CA GLN I 16 -0.08 -76.69 26.51
C GLN I 16 -0.35 -77.22 27.90
N VAL I 17 -0.41 -78.54 28.02
CA VAL I 17 -0.64 -79.15 29.32
C VAL I 17 0.57 -78.91 30.21
N LYS I 18 0.33 -78.81 31.51
CA LYS I 18 1.42 -78.77 32.46
C LYS I 18 1.98 -80.18 32.64
N PHE I 19 2.99 -80.30 33.48
CA PHE I 19 3.60 -81.60 33.73
C PHE I 19 2.59 -82.51 34.42
N ARG I 20 2.73 -83.81 34.20
CA ARG I 20 1.71 -84.75 34.64
C ARG I 20 1.52 -84.69 36.15
N ARG I 21 2.61 -84.67 36.90
CA ARG I 21 2.49 -84.58 38.34
C ARG I 21 2.08 -83.19 38.81
N ARG I 22 2.23 -82.17 37.97
CA ARG I 22 1.65 -80.87 38.27
C ARG I 22 0.15 -80.87 38.04
N ARG I 23 -0.33 -81.50 36.96
CA ARG I 23 -1.77 -81.61 36.76
C ARG I 23 -2.39 -82.47 37.84
N GLU I 24 -1.69 -83.53 38.27
CA GLU I 24 -2.17 -84.35 39.37
C GLU I 24 -2.20 -83.60 40.69
N GLY I 25 -1.52 -82.47 40.78
CA GLY I 25 -1.42 -81.75 42.03
C GLY I 25 -0.64 -82.48 43.10
N LYS I 26 0.50 -83.06 42.73
CA LYS I 26 1.35 -83.78 43.66
C LYS I 26 2.73 -83.19 43.83
N THR I 27 3.28 -82.55 42.80
CA THR I 27 4.67 -82.11 42.78
C THR I 27 4.73 -80.60 42.58
N ASP I 28 5.49 -79.92 43.43
CA ASP I 28 5.84 -78.51 43.25
C ASP I 28 7.20 -78.48 42.60
N TYR I 29 7.24 -78.19 41.31
CA TYR I 29 8.51 -78.24 40.59
C TYR I 29 9.40 -77.05 40.92
N TYR I 30 8.80 -75.94 41.34
CA TYR I 30 9.58 -74.77 41.73
C TYR I 30 10.49 -75.11 42.91
N ALA I 31 9.95 -75.79 43.92
CA ALA I 31 10.76 -76.22 45.05
C ALA I 31 11.61 -77.42 44.70
N ARG I 32 11.11 -78.31 43.83
CA ARG I 32 11.88 -79.51 43.50
C ARG I 32 13.17 -79.15 42.79
N LYS I 33 13.14 -78.18 41.89
CA LYS I 33 14.36 -77.77 41.19
C LYS I 33 15.41 -77.26 42.16
N ARG I 34 14.99 -76.51 43.18
CA ARG I 34 15.91 -76.05 44.20
C ARG I 34 16.34 -77.17 45.14
N LEU I 35 15.54 -78.23 45.26
CA LEU I 35 15.76 -79.24 46.28
C LEU I 35 16.61 -80.41 45.79
N VAL I 36 16.41 -80.89 44.56
CA VAL I 36 16.98 -82.17 44.15
C VAL I 36 18.15 -82.03 43.19
N ILE I 37 18.56 -80.82 42.85
CA ILE I 37 19.58 -80.60 41.85
C ILE I 37 20.91 -80.30 42.53
N GLN I 38 21.92 -81.10 42.23
CA GLN I 38 23.24 -80.98 42.84
C GLN I 38 24.10 -80.02 42.02
N ASP I 39 25.05 -79.39 42.71
CA ASP I 39 25.99 -78.49 42.06
C ASP I 39 26.78 -79.23 40.99
N LYS I 40 27.01 -78.55 39.86
CA LYS I 40 27.69 -79.20 38.74
C LYS I 40 29.11 -79.62 39.11
N ASN I 41 29.84 -78.78 39.83
CA ASN I 41 31.19 -79.16 40.21
C ASN I 41 31.24 -80.22 41.32
N LYS I 42 30.08 -80.76 41.73
CA LYS I 42 30.04 -81.92 42.59
C LYS I 42 29.74 -83.21 41.85
N TYR I 43 29.35 -83.11 40.57
CA TYR I 43 29.31 -84.24 39.64
C TYR I 43 28.32 -85.29 40.14
N ASN I 44 28.71 -86.54 40.31
CA ASN I 44 27.80 -87.62 40.63
C ASN I 44 27.54 -87.77 42.12
N THR I 45 27.79 -86.75 42.91
CA THR I 45 27.50 -86.84 44.33
C THR I 45 26.00 -86.78 44.54
N PRO I 46 25.37 -87.80 45.10
CA PRO I 46 23.92 -87.75 45.31
C PRO I 46 23.53 -86.70 46.32
N LYS I 47 22.37 -86.09 46.10
CA LYS I 47 21.83 -85.06 46.98
C LYS I 47 20.62 -85.67 47.69
N TYR I 48 20.89 -86.34 48.81
CA TYR I 48 19.84 -87.05 49.51
C TYR I 48 18.85 -86.09 50.14
N ARG I 49 17.56 -86.41 50.03
CA ARG I 49 16.52 -85.67 50.70
C ARG I 49 15.57 -86.64 51.36
N MET I 50 15.00 -86.24 52.49
CA MET I 50 14.03 -87.05 53.22
C MET I 50 12.64 -86.58 52.83
N ILE I 51 11.94 -87.41 52.07
CA ILE I 51 10.59 -87.11 51.63
C ILE I 51 9.63 -87.56 52.73
N VAL I 52 8.89 -86.63 53.29
CA VAL I 52 7.89 -86.92 54.31
C VAL I 52 6.52 -86.60 53.75
N ARG I 53 5.64 -87.58 53.75
CA ARG I 53 4.29 -87.43 53.21
C ARG I 53 3.31 -87.97 54.23
N VAL I 54 2.52 -87.08 54.82
CA VAL I 54 1.48 -87.46 55.76
C VAL I 54 0.19 -87.68 54.99
N THR I 55 -0.40 -88.86 55.15
CA THR I 55 -1.59 -89.26 54.44
C THR I 55 -2.74 -89.36 55.43
N ASN I 56 -3.96 -89.55 54.92
CA ASN I 56 -5.14 -89.60 55.78
C ASN I 56 -5.05 -90.69 56.83
N ARG I 57 -4.44 -91.83 56.48
CA ARG I 57 -4.33 -92.95 57.43
C ARG I 57 -2.92 -93.50 57.52
N ASP I 58 -1.91 -92.75 57.06
CA ASP I 58 -0.56 -93.26 57.05
C ASP I 58 0.41 -92.09 57.00
N ILE I 59 1.68 -92.38 57.29
CA ILE I 59 2.78 -91.48 57.07
C ILE I 59 3.85 -92.24 56.30
N ILE I 60 4.36 -91.64 55.22
CA ILE I 60 5.40 -92.23 54.39
C ILE I 60 6.64 -91.36 54.51
N CYS I 61 7.76 -91.98 54.84
CA CYS I 61 9.05 -91.31 54.92
C CYS I 61 10.04 -92.02 54.01
N GLN I 62 10.66 -91.27 53.10
CA GLN I 62 11.58 -91.85 52.13
C GLN I 62 12.81 -90.96 52.01
N ILE I 63 13.98 -91.59 51.90
CA ILE I 63 15.22 -90.90 51.59
C ILE I 63 15.63 -91.27 50.18
N ALA I 64 15.76 -90.27 49.32
CA ALA I 64 16.00 -90.54 47.91
C ALA I 64 16.92 -89.49 47.32
N TYR I 65 17.56 -89.85 46.22
CA TYR I 65 18.37 -88.92 45.43
C TYR I 65 17.95 -89.02 43.97
N ALA I 66 17.88 -87.88 43.31
CA ALA I 66 17.31 -87.82 41.97
C ALA I 66 18.30 -88.33 40.93
N ARG I 67 17.76 -88.95 39.89
CA ARG I 67 18.50 -89.35 38.71
C ARG I 67 17.69 -88.97 37.47
N ILE I 68 18.30 -89.14 36.30
CA ILE I 68 17.65 -88.73 35.07
C ILE I 68 16.42 -89.58 34.79
N GLU I 69 16.52 -90.90 35.02
CA GLU I 69 15.38 -91.78 34.79
C GLU I 69 14.35 -91.70 35.90
N GLY I 70 14.65 -91.02 37.01
CA GLY I 70 13.71 -90.92 38.10
C GLY I 70 14.39 -91.04 39.43
N ASP I 71 13.69 -90.71 40.52
CA ASP I 71 14.30 -90.69 41.83
C ASP I 71 14.65 -92.10 42.28
N MET I 72 15.84 -92.24 42.87
CA MET I 72 16.29 -93.50 43.43
C MET I 72 16.12 -93.45 44.93
N ILE I 73 15.30 -94.35 45.47
CA ILE I 73 15.02 -94.39 46.90
C ILE I 73 15.96 -95.40 47.54
N VAL I 74 16.65 -94.97 48.59
CA VAL I 74 17.58 -95.85 49.28
C VAL I 74 16.96 -96.49 50.52
N CYS I 75 15.92 -95.90 51.10
CA CYS I 75 15.33 -96.42 52.32
C CYS I 75 13.98 -95.77 52.53
N ALA I 76 13.02 -96.54 53.02
CA ALA I 76 11.66 -96.05 53.27
C ALA I 76 11.15 -96.63 54.57
N ALA I 77 10.42 -95.82 55.33
CA ALA I 77 9.77 -96.25 56.55
C ALA I 77 8.35 -95.73 56.57
N TYR I 78 7.43 -96.56 57.03
CA TYR I 78 6.01 -96.26 57.02
C TYR I 78 5.46 -96.29 58.43
N ALA I 79 4.33 -95.61 58.62
CA ALA I 79 3.66 -95.69 59.90
C ALA I 79 2.79 -96.93 60.03
N HIS I 80 2.48 -97.60 58.92
CA HIS I 80 1.64 -98.79 59.00
C HIS I 80 2.41 -100.02 59.43
N GLU I 81 3.74 -99.98 59.40
CA GLU I 81 4.55 -101.07 59.90
C GLU I 81 4.89 -100.89 61.37
N LEU I 82 4.55 -99.76 61.96
CA LEU I 82 4.69 -99.58 63.40
C LEU I 82 3.90 -100.61 64.22
N PRO I 83 2.65 -100.96 63.90
CA PRO I 83 1.92 -101.91 64.77
C PRO I 83 2.56 -103.27 64.93
N LYS I 84 3.63 -103.58 64.20
CA LYS I 84 4.30 -104.86 64.44
C LYS I 84 5.02 -104.87 65.78
N TYR I 85 5.46 -103.71 66.26
CA TYR I 85 6.08 -103.60 67.57
C TYR I 85 5.56 -102.36 68.29
N GLY I 86 5.15 -102.54 69.52
CA GLY I 86 4.71 -101.41 70.33
C GLY I 86 3.43 -100.75 69.87
N VAL I 87 3.53 -99.49 69.45
CA VAL I 87 2.35 -98.70 69.15
C VAL I 87 1.64 -99.27 67.93
N LYS I 88 0.33 -99.41 68.03
CA LYS I 88 -0.48 -99.99 66.97
C LYS I 88 -1.74 -99.21 66.63
N VAL I 89 -2.24 -98.37 67.53
CA VAL I 89 -3.39 -97.54 67.25
C VAL I 89 -2.96 -96.09 67.41
N GLY I 90 -3.68 -95.19 66.76
CA GLY I 90 -3.30 -93.79 66.79
C GLY I 90 -2.07 -93.53 65.96
N LEU I 91 -2.07 -94.06 64.74
CA LEU I 91 -1.02 -93.74 63.78
C LEU I 91 -1.28 -92.34 63.23
N THR I 92 -0.50 -91.95 62.22
CA THR I 92 -0.61 -90.68 61.48
C THR I 92 -0.75 -89.45 62.40
N ASN I 93 -0.32 -89.55 63.65
CA ASN I 93 -0.27 -88.40 64.54
C ASN I 93 1.18 -87.97 64.72
N TYR I 94 1.40 -86.95 65.56
CA TYR I 94 2.74 -86.40 65.71
C TYR I 94 3.70 -87.40 66.31
N ALA I 95 3.24 -88.17 67.30
CA ALA I 95 4.10 -89.17 67.93
C ALA I 95 4.47 -90.25 66.93
N ALA I 96 3.51 -90.70 66.12
CA ALA I 96 3.84 -91.67 65.08
C ALA I 96 4.76 -91.07 64.03
N ALA I 97 4.65 -89.77 63.77
CA ALA I 97 5.56 -89.11 62.85
C ALA I 97 6.99 -89.16 63.38
N TYR I 98 7.17 -88.86 64.67
CA TYR I 98 8.48 -89.00 65.29
C TYR I 98 8.97 -90.43 65.21
N CYS I 99 8.08 -91.38 65.49
CA CYS I 99 8.48 -92.78 65.51
C CYS I 99 8.92 -93.25 64.13
N THR I 100 8.20 -92.87 63.08
CA THR I 100 8.58 -93.32 61.75
C THR I 100 9.81 -92.59 61.24
N GLY I 101 10.02 -91.33 61.64
CA GLY I 101 11.27 -90.68 61.31
C GLY I 101 12.46 -91.36 61.97
N LEU I 102 12.30 -91.72 63.26
CA LEU I 102 13.34 -92.47 63.95
C LEU I 102 13.57 -93.83 63.30
N LEU I 103 12.50 -94.50 62.89
CA LEU I 103 12.64 -95.80 62.25
C LEU I 103 13.39 -95.69 60.93
N LEU I 104 13.07 -94.67 60.13
CA LEU I 104 13.80 -94.45 58.89
C LEU I 104 15.26 -94.17 59.16
N ALA I 105 15.55 -93.35 60.17
CA ALA I 105 16.93 -93.04 60.53
C ALA I 105 17.69 -94.30 60.91
N ARG I 106 17.12 -95.09 61.82
CA ARG I 106 17.80 -96.29 62.28
C ARG I 106 17.95 -97.32 61.16
N ARG I 107 16.93 -97.46 60.32
CA ARG I 107 16.99 -98.43 59.23
C ARG I 107 18.06 -98.05 58.22
N LEU I 108 18.12 -96.77 57.83
CA LEU I 108 19.15 -96.34 56.90
C LEU I 108 20.53 -96.50 57.49
N LEU I 109 20.70 -96.13 58.76
CA LEU I 109 22.00 -96.25 59.39
C LEU I 109 22.42 -97.70 59.53
N ASN I 110 21.45 -98.61 59.68
CA ASN I 110 21.77 -100.03 59.78
C ASN I 110 22.15 -100.60 58.42
N ARG I 111 21.46 -100.15 57.36
CA ARG I 111 21.87 -100.58 56.02
C ARG I 111 23.27 -100.09 55.68
N PHE I 112 23.59 -98.86 56.05
CA PHE I 112 24.92 -98.32 55.76
C PHE I 112 25.98 -98.80 56.74
N GLY I 113 25.60 -99.45 57.83
CA GLY I 113 26.57 -99.94 58.77
C GLY I 113 27.09 -98.91 59.75
N MET I 114 26.34 -97.84 59.99
CA MET I 114 26.72 -96.83 60.98
C MET I 114 25.69 -96.87 62.11
N ASP I 115 25.89 -97.79 63.05
CA ASP I 115 24.98 -97.94 64.17
C ASP I 115 25.67 -97.72 65.51
N LYS I 116 26.80 -98.37 65.74
CA LYS I 116 27.55 -98.11 66.96
C LYS I 116 28.02 -96.66 66.99
N ILE I 117 28.46 -96.16 65.87
CA ILE I 117 28.68 -94.72 65.70
C ILE I 117 27.39 -94.10 65.20
N TYR I 118 27.18 -92.83 65.54
CA TYR I 118 25.94 -92.10 65.25
C TYR I 118 24.73 -92.82 65.85
N GLU I 119 24.75 -92.96 67.18
CA GLU I 119 23.59 -93.46 67.88
C GLU I 119 22.52 -92.41 68.09
N GLY I 120 22.84 -91.13 67.88
CA GLY I 120 21.86 -90.09 68.04
C GLY I 120 21.52 -89.85 69.50
N GLN I 121 20.39 -89.19 69.69
CA GLN I 121 19.88 -88.85 71.03
C GLN I 121 18.91 -89.94 71.47
N VAL I 122 19.44 -90.95 72.15
CA VAL I 122 18.60 -92.07 72.57
C VAL I 122 17.60 -91.61 73.62
N GLU I 123 18.06 -90.92 74.66
CA GLU I 123 17.15 -90.38 75.66
C GLU I 123 16.44 -89.17 75.08
N VAL I 124 15.13 -89.31 74.87
CA VAL I 124 14.38 -88.34 74.09
C VAL I 124 14.04 -87.13 74.95
N THR I 125 14.49 -85.96 74.52
CA THR I 125 14.00 -84.69 75.03
C THR I 125 13.79 -83.77 73.85
N GLY I 126 12.88 -82.82 74.00
CA GLY I 126 12.52 -81.96 72.91
C GLY I 126 13.59 -80.95 72.51
N ASP I 127 14.69 -80.88 73.25
CA ASP I 127 15.75 -79.94 72.98
C ASP I 127 16.36 -80.25 71.61
N GLU I 128 16.90 -79.21 70.98
CA GLU I 128 17.55 -79.37 69.69
C GLU I 128 18.77 -80.27 69.80
N TYR I 129 19.00 -81.05 68.75
CA TYR I 129 20.15 -81.93 68.67
C TYR I 129 20.59 -82.00 67.22
N ASN I 130 21.91 -82.05 67.02
CA ASN I 130 22.48 -82.14 65.67
C ASN I 130 23.76 -82.95 65.78
N VAL I 131 23.76 -84.14 65.19
CA VAL I 131 24.93 -85.01 65.32
C VAL I 131 26.09 -84.45 64.52
N GLU I 132 27.28 -84.52 65.11
CA GLU I 132 28.51 -84.07 64.45
C GLU I 132 29.29 -85.29 64.00
N SER I 133 29.79 -85.25 62.76
CA SER I 133 30.57 -86.34 62.23
C SER I 133 31.84 -86.53 63.05
N ILE I 134 32.12 -87.77 63.40
CA ILE I 134 33.28 -88.09 64.23
C ILE I 134 34.49 -88.29 63.33
N ASP I 135 35.58 -87.61 63.66
CA ASP I 135 36.82 -87.80 62.93
C ASP I 135 37.37 -89.20 63.13
N GLY I 136 37.99 -89.74 62.09
CA GLY I 136 38.45 -91.10 62.10
C GLY I 136 37.39 -92.13 61.82
N GLN I 137 36.15 -91.70 61.62
CA GLN I 137 35.02 -92.55 61.31
C GLN I 137 34.30 -91.96 60.11
N PRO I 138 33.55 -92.78 59.37
CA PRO I 138 32.82 -92.24 58.22
C PRO I 138 31.85 -91.15 58.65
N GLY I 139 31.70 -90.15 57.78
CA GLY I 139 30.90 -89.00 58.13
C GLY I 139 29.43 -89.33 58.26
N ALA I 140 28.74 -88.51 59.04
CA ALA I 140 27.32 -88.72 59.28
C ALA I 140 26.53 -88.52 58.00
N PHE I 141 25.39 -89.19 57.92
CA PHE I 141 24.55 -89.07 56.75
C PHE I 141 23.82 -87.73 56.78
N THR I 142 23.87 -87.00 55.67
CA THR I 142 23.27 -85.68 55.56
C THR I 142 22.16 -85.72 54.52
N CYS I 143 20.97 -85.29 54.91
CA CYS I 143 19.83 -85.23 54.01
C CYS I 143 19.02 -84.00 54.35
N TYR I 144 18.05 -83.71 53.50
CA TYR I 144 17.24 -82.50 53.61
C TYR I 144 15.75 -82.86 53.60
N LEU I 145 14.97 -82.06 54.30
CA LEU I 145 13.55 -82.31 54.41
C LEU I 145 12.83 -81.90 53.12
N ASP I 146 11.97 -82.78 52.64
CA ASP I 146 11.09 -82.48 51.50
C ASP I 146 9.68 -82.43 52.07
N ALA I 147 9.22 -81.22 52.38
CA ALA I 147 7.90 -81.07 52.99
C ALA I 147 6.79 -81.36 51.99
N GLY I 148 7.03 -81.11 50.70
CA GLY I 148 6.02 -81.31 49.69
C GLY I 148 5.11 -80.09 49.55
N LEU I 149 3.82 -80.32 49.38
CA LEU I 149 2.86 -79.24 49.33
C LEU I 149 2.28 -78.90 50.70
N ALA I 150 2.73 -79.56 51.75
CA ALA I 150 2.23 -79.30 53.09
C ALA I 150 2.67 -77.92 53.56
N ARG I 151 1.78 -77.24 54.28
CA ARG I 151 2.10 -75.93 54.82
C ARG I 151 3.00 -76.09 56.03
N THR I 152 4.15 -75.41 56.01
CA THR I 152 5.15 -75.56 57.06
C THR I 152 4.96 -74.47 58.12
N THR I 153 3.90 -74.65 58.91
CA THR I 153 3.69 -73.86 60.11
C THR I 153 4.15 -74.64 61.34
N THR I 154 4.22 -73.94 62.46
CA THR I 154 4.73 -74.53 63.69
C THR I 154 3.81 -75.63 64.18
N GLY I 155 4.37 -76.81 64.43
CA GLY I 155 3.59 -77.94 64.86
C GLY I 155 3.23 -78.93 63.78
N ASN I 156 3.77 -78.77 62.58
CA ASN I 156 3.47 -79.71 61.50
C ASN I 156 4.12 -81.06 61.78
N LYS I 157 3.49 -82.12 61.26
CA LYS I 157 3.99 -83.46 61.52
C LYS I 157 5.25 -83.79 60.72
N VAL I 158 5.49 -83.09 59.61
CA VAL I 158 6.74 -83.30 58.88
C VAL I 158 7.92 -82.91 59.76
N PHE I 159 7.76 -81.90 60.60
CA PHE I 159 8.84 -81.54 61.51
C PHE I 159 8.99 -82.55 62.64
N GLY I 160 7.90 -83.23 63.00
CA GLY I 160 8.04 -84.35 63.93
C GLY I 160 8.83 -85.49 63.32
N ALA I 161 8.60 -85.79 62.05
CA ALA I 161 9.40 -86.78 61.36
C ALA I 161 10.86 -86.36 61.29
N LEU I 162 11.12 -85.08 61.02
CA LEU I 162 12.48 -84.58 61.00
C LEU I 162 13.14 -84.71 62.37
N LYS I 163 12.40 -84.40 63.43
CA LYS I 163 12.94 -84.56 64.77
C LYS I 163 13.30 -86.00 65.06
N GLY I 164 12.42 -86.93 64.66
CA GLY I 164 12.73 -88.33 64.83
C GLY I 164 13.97 -88.74 64.07
N ALA I 165 14.12 -88.26 62.84
CA ALA I 165 15.28 -88.63 62.03
C ALA I 165 16.57 -88.07 62.61
N VAL I 166 16.55 -86.81 63.06
CA VAL I 166 17.78 -86.22 63.61
C VAL I 166 18.10 -86.81 64.97
N ASP I 167 17.10 -87.32 65.69
CA ASP I 167 17.39 -88.07 66.91
C ASP I 167 17.90 -89.46 66.59
N GLY I 168 17.59 -89.99 65.40
CA GLY I 168 18.09 -91.30 65.03
C GLY I 168 19.54 -91.31 64.64
N GLY I 169 20.09 -90.18 64.21
CA GLY I 169 21.49 -90.12 63.86
C GLY I 169 21.80 -89.55 62.49
N LEU I 170 20.84 -88.88 61.88
CA LEU I 170 21.05 -88.20 60.61
C LEU I 170 21.22 -86.70 60.83
N SER I 171 22.00 -86.09 59.95
CA SER I 171 22.29 -84.66 60.01
C SER I 171 21.36 -83.97 59.01
N ILE I 172 20.29 -83.37 59.54
CA ILE I 172 19.35 -82.59 58.73
C ILE I 172 19.42 -81.15 59.22
N PRO I 173 19.83 -80.21 58.38
CA PRO I 173 19.87 -78.80 58.81
C PRO I 173 18.46 -78.29 59.09
N HIS I 174 18.27 -77.74 60.27
CA HIS I 174 16.96 -77.22 60.65
C HIS I 174 17.12 -76.25 61.81
N SER I 175 16.02 -75.61 62.17
CA SER I 175 15.93 -74.76 63.34
C SER I 175 14.64 -75.08 64.08
N THR I 176 14.62 -74.76 65.37
CA THR I 176 13.50 -75.10 66.23
C THR I 176 12.33 -74.13 66.12
N LYS I 177 12.30 -73.31 65.07
CA LYS I 177 11.22 -72.35 64.91
C LYS I 177 9.90 -73.03 64.55
N ARG I 178 9.94 -74.29 64.12
CA ARG I 178 8.75 -74.97 63.64
C ARG I 178 8.29 -76.10 64.54
N PHE I 179 9.06 -76.47 65.55
CA PHE I 179 8.66 -77.51 66.48
C PHE I 179 7.53 -77.01 67.37
N PRO I 180 6.68 -77.92 67.88
CA PRO I 180 5.53 -77.49 68.69
C PRO I 180 5.90 -76.73 69.95
N GLY I 181 7.12 -76.86 70.45
CA GLY I 181 7.49 -76.10 71.63
C GLY I 181 7.73 -74.63 71.39
N TYR I 182 7.89 -74.22 70.14
CA TYR I 182 8.23 -72.84 69.84
C TYR I 182 7.06 -71.91 70.16
N ASP I 183 7.37 -70.77 70.75
CA ASP I 183 6.39 -69.75 71.06
C ASP I 183 6.49 -68.59 70.08
N SER I 184 5.34 -68.17 69.54
CA SER I 184 5.34 -67.14 68.51
C SER I 184 5.65 -65.77 69.09
N GLU I 185 5.01 -65.40 70.19
CA GLU I 185 5.15 -64.03 70.68
C GLU I 185 6.48 -63.81 71.38
N SER I 186 6.95 -64.78 72.16
CA SER I 186 8.20 -64.63 72.89
C SER I 186 9.41 -65.14 72.13
N LYS I 187 9.19 -65.83 71.00
CA LYS I 187 10.26 -66.35 70.15
C LYS I 187 11.24 -67.21 70.94
N GLU I 188 10.70 -68.06 71.80
CA GLU I 188 11.53 -68.96 72.60
C GLU I 188 10.97 -70.37 72.52
N PHE I 189 11.89 -71.35 72.50
CA PHE I 189 11.54 -72.75 72.33
C PHE I 189 11.48 -73.42 73.69
N ASN I 190 10.30 -73.94 74.05
CA ASN I 190 10.13 -74.57 75.36
C ASN I 190 10.97 -75.83 75.48
N ALA I 191 10.98 -76.67 74.44
CA ALA I 191 11.65 -77.97 74.41
C ALA I 191 11.13 -78.93 75.47
N GLU I 192 10.02 -78.62 76.10
CA GLU I 192 9.35 -79.53 77.04
C GLU I 192 7.97 -79.93 76.58
N VAL I 193 7.15 -78.98 76.15
CA VAL I 193 5.89 -79.33 75.51
C VAL I 193 6.15 -80.02 74.18
N HIS I 194 7.27 -79.70 73.52
CA HIS I 194 7.66 -80.44 72.33
C HIS I 194 7.96 -81.90 72.66
N ARG I 195 8.63 -82.14 73.79
CA ARG I 195 8.86 -83.51 74.24
C ARG I 195 7.53 -84.21 74.50
N LYS I 196 6.56 -83.50 75.07
CA LYS I 196 5.25 -84.10 75.31
C LYS I 196 4.54 -84.45 74.01
N HIS I 197 4.66 -83.57 73.00
CA HIS I 197 4.11 -83.89 71.69
C HIS I 197 4.82 -85.06 71.05
N ILE I 198 6.11 -85.23 71.31
CA ILE I 198 6.80 -86.45 70.89
C ILE I 198 6.20 -87.65 71.60
N MET I 199 5.93 -87.52 72.90
CA MET I 199 5.27 -88.55 73.68
C MET I 199 3.76 -88.57 73.47
N GLY I 200 3.24 -87.67 72.64
CA GLY I 200 1.81 -87.65 72.37
C GLY I 200 0.96 -87.30 73.57
N GLN I 201 1.45 -86.43 74.45
CA GLN I 201 0.70 -86.09 75.64
C GLN I 201 -0.50 -85.20 75.33
N ASN I 202 -0.51 -84.54 74.17
CA ASN I 202 -1.70 -83.81 73.76
C ASN I 202 -2.86 -84.76 73.53
N VAL I 203 -2.59 -85.92 72.94
CA VAL I 203 -3.65 -86.90 72.70
C VAL I 203 -4.15 -87.49 74.02
N ALA I 204 -3.24 -87.77 74.94
CA ALA I 204 -3.65 -88.25 76.26
C ALA I 204 -4.48 -87.21 77.00
N ASP I 205 -4.06 -85.94 76.89
CA ASP I 205 -4.84 -84.86 77.50
C ASP I 205 -6.21 -84.76 76.87
N TYR I 206 -6.31 -84.95 75.56
CA TYR I 206 -7.61 -84.94 74.91
C TYR I 206 -8.49 -86.09 75.39
N MET I 207 -7.90 -87.27 75.56
CA MET I 207 -8.67 -88.41 76.05
C MET I 207 -9.18 -88.16 77.46
N ARG I 208 -8.30 -87.67 78.34
CA ARG I 208 -8.69 -87.36 79.70
C ARG I 208 -9.67 -86.20 79.78
N TYR I 209 -9.60 -85.28 78.82
CA TYR I 209 -10.54 -84.17 78.76
C TYR I 209 -11.91 -84.61 78.27
N LEU I 210 -11.95 -85.57 77.35
CA LEU I 210 -13.22 -86.07 76.85
C LEU I 210 -13.90 -87.00 77.85
N MET I 211 -13.13 -87.78 78.61
CA MET I 211 -13.76 -88.71 79.55
C MET I 211 -14.50 -87.99 80.67
N GLU I 212 -13.99 -86.84 81.12
CA GLU I 212 -14.61 -86.16 82.25
C GLU I 212 -15.85 -85.38 81.89
N GLU I 213 -16.07 -85.08 80.61
CA GLU I 213 -17.16 -84.20 80.20
C GLU I 213 -18.24 -84.93 79.40
N ASP I 214 -17.87 -85.59 78.31
CA ASP I 214 -18.83 -86.31 77.47
C ASP I 214 -18.22 -87.68 77.16
N GLU I 215 -18.64 -88.69 77.91
CA GLU I 215 -18.06 -90.02 77.77
C GLU I 215 -18.35 -90.61 76.40
N ASP I 216 -19.55 -90.37 75.87
CA ASP I 216 -19.90 -90.89 74.55
C ASP I 216 -19.08 -90.22 73.46
N ALA I 217 -18.75 -88.93 73.63
CA ALA I 217 -17.84 -88.28 72.70
C ALA I 217 -16.46 -88.93 72.73
N TYR I 218 -16.01 -89.30 73.93
CA TYR I 218 -14.74 -90.01 74.04
C TYR I 218 -14.81 -91.36 73.36
N LYS I 219 -15.96 -92.04 73.48
CA LYS I 219 -16.14 -93.34 72.84
C LYS I 219 -16.11 -93.20 71.32
N LYS I 220 -16.77 -92.18 70.77
CA LYS I 220 -16.81 -92.04 69.32
C LYS I 220 -15.51 -91.52 68.75
N GLN I 221 -14.77 -90.71 69.51
CA GLN I 221 -13.51 -90.18 69.01
C GLN I 221 -12.42 -91.25 69.01
N PHE I 222 -12.08 -91.76 70.19
CA PHE I 222 -11.04 -92.76 70.34
C PHE I 222 -11.64 -94.17 70.37
N SER I 223 -12.36 -94.51 69.31
CA SER I 223 -13.07 -95.79 69.27
C SER I 223 -12.11 -96.96 69.17
N GLN I 224 -11.11 -96.86 68.28
CA GLN I 224 -10.15 -97.93 68.15
C GLN I 224 -9.10 -97.91 69.26
N TYR I 225 -8.98 -96.80 69.98
CA TYR I 225 -8.17 -96.78 71.19
C TYR I 225 -8.76 -97.69 72.25
N ILE I 226 -10.08 -97.69 72.38
CA ILE I 226 -10.75 -98.57 73.34
C ILE I 226 -10.46 -100.02 72.99
N LYS I 227 -10.47 -100.35 71.71
CA LYS I 227 -9.96 -101.64 71.26
C LYS I 227 -8.49 -101.75 71.63
N ASN I 228 -8.12 -102.92 72.15
CA ASN I 228 -6.77 -103.23 72.64
C ASN I 228 -6.43 -102.43 73.89
N SER I 229 -7.35 -101.58 74.33
CA SER I 229 -7.28 -100.88 75.61
C SER I 229 -5.98 -100.08 75.75
N VAL I 230 -5.83 -99.09 74.88
CA VAL I 230 -4.72 -98.15 74.98
C VAL I 230 -5.21 -96.97 75.82
N THR I 231 -4.77 -96.92 77.07
CA THR I 231 -5.23 -95.95 78.03
C THR I 231 -4.42 -94.67 77.93
N PRO I 232 -4.97 -93.53 78.36
CA PRO I 232 -4.19 -92.29 78.35
C PRO I 232 -2.94 -92.35 79.21
N ASP I 233 -2.94 -93.18 80.26
CA ASP I 233 -1.84 -93.16 81.21
C ASP I 233 -0.59 -93.81 80.63
N MET I 234 -0.73 -94.95 79.99
CA MET I 234 0.43 -95.77 79.62
C MET I 234 0.96 -95.48 78.22
N MET I 235 0.36 -94.55 77.48
CA MET I 235 0.77 -94.39 76.09
C MET I 235 2.16 -93.78 75.98
N GLU I 236 2.58 -92.99 76.96
CA GLU I 236 3.94 -92.47 76.96
C GLU I 236 4.95 -93.60 77.13
N GLU I 237 4.66 -94.53 78.04
CA GLU I 237 5.50 -95.72 78.16
C GLU I 237 5.46 -96.54 76.88
N MET I 238 4.29 -96.60 76.24
CA MET I 238 4.17 -97.30 74.96
C MET I 238 5.07 -96.67 73.90
N TYR I 239 5.12 -95.35 73.85
CA TYR I 239 5.95 -94.69 72.86
C TYR I 239 7.44 -94.87 73.17
N LYS I 240 7.81 -94.84 74.46
CA LYS I 240 9.21 -95.05 74.79
C LYS I 240 9.66 -96.47 74.45
N LYS I 241 8.83 -97.47 74.76
CA LYS I 241 9.22 -98.84 74.42
C LYS I 241 9.16 -99.07 72.92
N ALA I 242 8.30 -98.34 72.21
CA ALA I 242 8.32 -98.39 70.76
C ALA I 242 9.63 -97.85 70.21
N HIS I 243 10.12 -96.75 70.78
CA HIS I 243 11.42 -96.22 70.36
C HIS I 243 12.54 -97.21 70.65
N ALA I 244 12.49 -97.85 71.82
CA ALA I 244 13.50 -98.86 72.14
C ALA I 244 13.43 -100.03 71.17
N ALA I 245 12.22 -100.44 70.80
CA ALA I 245 12.07 -101.52 69.83
C ALA I 245 12.60 -101.11 68.46
N ILE I 246 12.44 -99.84 68.10
CA ILE I 246 13.00 -99.33 66.86
C ILE I 246 14.52 -99.40 66.90
N ARG I 247 15.11 -98.97 68.01
CA ARG I 247 16.56 -98.96 68.12
C ARG I 247 17.15 -100.36 68.12
N GLU I 248 16.48 -101.31 68.77
CA GLU I 248 17.07 -102.64 68.90
C GLU I 248 16.98 -103.44 67.60
N ASN I 249 16.03 -103.15 66.73
CA ASN I 249 15.87 -103.91 65.48
C ASN I 249 15.17 -103.03 64.46
N PRO I 250 15.92 -102.32 63.62
CA PRO I 250 15.31 -101.47 62.60
C PRO I 250 15.14 -102.10 61.23
N VAL I 251 15.57 -103.35 61.03
CA VAL I 251 15.56 -103.91 59.68
C VAL I 251 14.13 -104.21 59.26
N TYR I 252 13.90 -104.16 57.96
CA TYR I 252 12.62 -104.47 57.36
C TYR I 252 12.78 -105.67 56.44
N GLU I 253 11.92 -106.66 56.60
CA GLU I 253 11.85 -107.82 55.73
C GLU I 253 10.53 -107.80 54.96
N LYS I 254 10.61 -108.10 53.66
CA LYS I 254 9.43 -108.04 52.83
C LYS I 254 8.53 -109.23 53.08
N LYS I 255 7.28 -109.09 52.67
CA LYS I 255 6.36 -110.19 52.94
C LYS I 255 6.16 -111.05 51.70
N PRO I 256 6.04 -112.37 51.88
CA PRO I 256 5.97 -113.27 50.71
C PRO I 256 4.57 -113.45 50.17
N LYS I 257 4.39 -113.22 48.87
CA LYS I 257 3.10 -113.49 48.23
C LYS I 257 3.37 -113.76 46.74
N LYS I 258 3.40 -115.03 46.37
CA LYS I 258 3.56 -115.43 44.97
C LYS I 258 2.48 -116.38 44.50
N GLU I 259 1.62 -116.87 45.39
CA GLU I 259 0.56 -117.81 45.06
C GLU I 259 -0.72 -117.09 44.62
N VAL I 260 -0.55 -116.20 43.65
CA VAL I 260 -1.65 -115.41 43.10
C VAL I 260 -1.87 -115.85 41.66
N LYS I 261 -3.08 -116.30 41.34
CA LYS I 261 -3.41 -116.59 39.96
C LYS I 261 -3.60 -115.30 39.18
N LYS I 262 -3.40 -115.39 37.86
CA LYS I 262 -3.48 -114.22 37.00
C LYS I 262 -4.94 -113.93 36.71
N LYS I 263 -5.44 -112.84 37.26
CA LYS I 263 -6.81 -112.40 37.02
C LYS I 263 -6.81 -110.91 36.67
N ARG I 264 -7.71 -110.52 35.79
CA ARG I 264 -7.79 -109.15 35.30
C ARG I 264 -9.13 -108.55 35.69
N TRP I 265 -9.09 -107.46 36.46
CA TRP I 265 -10.29 -106.81 36.97
C TRP I 265 -10.68 -105.58 36.17
N ASN I 266 -9.98 -105.28 35.09
CA ASN I 266 -10.25 -104.10 34.27
C ASN I 266 -10.63 -104.54 32.86
N ARG I 267 -11.62 -103.87 32.29
CA ARG I 267 -11.99 -104.18 30.91
C ARG I 267 -10.84 -103.81 29.99
N PRO I 268 -10.42 -104.72 29.11
CA PRO I 268 -9.36 -104.38 28.16
C PRO I 268 -9.85 -103.38 27.13
N LYS I 269 -8.90 -102.67 26.53
CA LYS I 269 -9.23 -101.68 25.53
C LYS I 269 -9.82 -102.36 24.30
N MET I 270 -10.95 -101.83 23.83
CA MET I 270 -11.70 -102.47 22.76
C MET I 270 -10.98 -102.31 21.44
N SER I 271 -11.04 -103.36 20.60
CA SER I 271 -10.28 -103.41 19.38
C SER I 271 -10.94 -102.57 18.28
N LEU I 272 -10.19 -102.37 17.19
CA LEU I 272 -10.67 -101.56 16.08
C LEU I 272 -11.85 -102.22 15.38
N ALA I 273 -11.74 -103.52 15.10
CA ALA I 273 -12.82 -104.22 14.41
C ALA I 273 -14.09 -104.22 15.25
N GLN I 274 -13.95 -104.33 16.57
CA GLN I 274 -15.11 -104.27 17.45
C GLN I 274 -15.79 -102.91 17.37
N LYS I 275 -15.02 -101.84 17.35
CA LYS I 275 -15.60 -100.50 17.26
C LYS I 275 -16.31 -100.30 15.93
N LYS I 276 -15.71 -100.77 14.83
CA LYS I 276 -16.33 -100.64 13.52
C LYS I 276 -17.61 -101.46 13.45
N ASP I 277 -17.59 -102.67 14.03
CA ASP I 277 -18.81 -103.48 14.11
C ASP I 277 -19.88 -102.79 14.92
N ARG I 278 -19.49 -102.16 16.03
CA ARG I 278 -20.47 -101.46 16.87
C ARG I 278 -21.11 -100.31 16.10
N VAL I 279 -20.31 -99.56 15.36
CA VAL I 279 -20.86 -98.45 14.56
C VAL I 279 -21.80 -98.99 13.49
N ALA I 280 -21.40 -100.07 12.81
CA ALA I 280 -22.27 -100.65 11.79
C ALA I 280 -23.59 -101.13 12.38
N GLN I 281 -23.53 -101.79 13.54
CA GLN I 281 -24.75 -102.25 14.19
C GLN I 281 -25.64 -101.09 14.59
N LYS I 282 -25.05 -100.02 15.12
CA LYS I 282 -25.86 -98.87 15.51
C LYS I 282 -26.54 -98.23 14.31
N LYS I 283 -25.82 -98.10 13.20
CA LYS I 283 -26.42 -97.56 11.98
C LYS I 283 -27.55 -98.46 11.49
N ALA I 284 -27.32 -99.78 11.49
CA ALA I 284 -28.36 -100.70 11.02
C ALA I 284 -29.58 -100.65 11.91
N SER I 285 -29.38 -100.57 13.23
CA SER I 285 -30.49 -100.48 14.16
C SER I 285 -31.29 -99.20 13.95
N PHE I 286 -30.60 -98.08 13.72
CA PHE I 286 -31.33 -96.83 13.50
C PHE I 286 -32.12 -96.86 12.20
N LEU I 287 -31.51 -97.38 11.13
CA LEU I 287 -32.22 -97.47 9.86
C LEU I 287 -33.42 -98.41 9.97
N ARG I 288 -33.25 -99.53 10.69
CA ARG I 288 -34.36 -100.45 10.87
C ARG I 288 -35.46 -99.82 11.72
N ALA I 289 -35.09 -98.99 12.70
CA ALA I 289 -36.10 -98.30 13.48
C ALA I 289 -36.87 -97.32 12.62
N GLN I 290 -36.18 -96.68 11.67
CA GLN I 290 -36.89 -95.83 10.71
C GLN I 290 -37.86 -96.63 9.85
N GLU I 291 -37.42 -97.80 9.36
CA GLU I 291 -38.28 -98.54 8.45
C GLU I 291 -39.46 -99.19 9.16
N ARG I 292 -39.31 -99.52 10.45
CA ARG I 292 -40.49 -99.89 11.24
C ARG I 292 -41.42 -98.70 11.40
N ALA I 293 -40.86 -97.52 11.60
CA ALA I 293 -41.62 -96.27 11.74
C ALA I 293 -42.66 -96.37 12.87
N LYS J 1 84.74 -124.21 -37.43
CA LYS J 1 83.79 -123.18 -37.86
C LYS J 1 82.80 -123.78 -38.85
N GLY J 2 81.53 -123.37 -38.75
CA GLY J 2 80.48 -123.87 -39.61
C GLY J 2 80.01 -122.79 -40.58
N LYS J 3 79.39 -123.25 -41.65
CA LYS J 3 78.88 -122.34 -42.66
C LYS J 3 77.79 -121.46 -42.07
N PRO J 4 77.73 -120.17 -42.44
CA PRO J 4 76.60 -119.35 -42.01
C PRO J 4 75.29 -119.88 -42.58
N HIS J 5 74.24 -119.83 -41.76
CA HIS J 5 72.92 -120.27 -42.16
C HIS J 5 72.05 -119.08 -42.53
N CYS J 6 70.90 -119.37 -43.15
CA CYS J 6 69.89 -118.35 -43.38
C CYS J 6 69.29 -117.90 -42.06
N SER J 7 68.37 -116.94 -42.14
CA SER J 7 67.83 -116.32 -40.94
C SER J 7 67.04 -117.32 -40.09
N ARG J 8 66.31 -118.23 -40.72
CA ARG J 8 65.41 -119.17 -40.04
C ARG J 8 64.31 -118.47 -39.26
N ASN J 9 64.24 -117.14 -39.35
CA ASN J 9 63.20 -116.35 -38.71
C ASN J 9 62.49 -115.57 -39.80
N PRO J 10 61.44 -116.13 -40.39
CA PRO J 10 60.75 -115.44 -41.49
C PRO J 10 60.17 -114.13 -41.02
N VAL J 11 60.65 -113.03 -41.61
CA VAL J 11 60.11 -111.73 -41.27
C VAL J 11 58.70 -111.62 -41.84
N LEU J 12 57.79 -111.08 -41.05
CA LEU J 12 56.44 -110.78 -41.51
C LEU J 12 56.06 -109.33 -41.33
N VAL J 13 56.56 -108.66 -40.30
CA VAL J 13 56.51 -107.22 -40.17
C VAL J 13 57.90 -106.76 -39.75
N ARG J 14 58.35 -105.63 -40.29
CA ARG J 14 59.69 -105.14 -39.99
C ARG J 14 59.90 -105.04 -38.49
N GLY J 15 60.91 -105.74 -38.00
CA GLY J 15 61.20 -105.78 -36.59
C GLY J 15 60.51 -106.89 -35.82
N ILE J 16 59.64 -107.67 -36.45
CA ILE J 16 58.92 -108.73 -35.76
C ILE J 16 59.13 -110.03 -36.52
N GLY J 17 59.64 -111.05 -35.83
CA GLY J 17 59.78 -112.36 -36.41
C GLY J 17 58.52 -113.17 -36.29
N ARG J 18 58.39 -114.17 -37.14
CA ARG J 18 57.15 -114.93 -37.21
C ARG J 18 57.13 -116.10 -36.22
N TYR J 19 58.26 -116.40 -35.60
CA TYR J 19 58.36 -117.46 -34.60
C TYR J 19 58.84 -116.88 -33.27
N SER J 20 58.33 -117.45 -32.18
CA SER J 20 58.57 -116.92 -30.85
C SER J 20 59.94 -117.37 -30.35
N ARG J 21 60.23 -117.07 -29.09
CA ARG J 21 61.53 -117.38 -28.51
C ARG J 21 61.72 -118.89 -28.37
N SER J 22 60.73 -119.57 -27.80
CA SER J 22 60.82 -121.02 -27.61
C SER J 22 60.83 -121.74 -28.95
N ALA J 23 60.06 -121.25 -29.91
CA ALA J 23 60.07 -121.86 -31.24
C ALA J 23 61.46 -121.80 -31.85
N MET J 24 62.19 -120.72 -31.58
CA MET J 24 63.56 -120.60 -32.09
C MET J 24 64.53 -121.46 -31.31
N TYR J 25 64.38 -121.52 -29.99
CA TYR J 25 65.22 -122.41 -29.19
C TYR J 25 65.05 -123.85 -29.63
N SER J 26 63.87 -124.21 -30.12
CA SER J 26 63.68 -125.52 -30.73
C SER J 26 64.30 -125.57 -32.13
N ARG J 27 64.11 -124.51 -32.93
CA ARG J 27 64.58 -124.53 -34.31
C ARG J 27 66.09 -124.42 -34.39
N LYS J 28 66.68 -123.60 -33.53
CA LYS J 28 68.13 -123.49 -33.50
C LYS J 28 68.80 -124.71 -32.89
N ALA J 29 68.03 -125.58 -32.23
CA ALA J 29 68.58 -126.69 -31.44
C ALA J 29 69.55 -126.18 -30.38
N MET J 30 69.20 -125.08 -29.73
CA MET J 30 70.02 -124.54 -28.66
C MET J 30 70.05 -125.45 -27.43
N TYR J 31 69.18 -126.46 -27.38
CA TYR J 31 69.23 -127.42 -26.28
C TYR J 31 70.49 -128.27 -26.31
N LYS J 32 71.08 -128.48 -27.49
CA LYS J 32 72.31 -129.25 -27.58
C LYS J 32 73.54 -128.41 -27.89
N ARG J 33 73.37 -127.16 -28.31
CA ARG J 33 74.50 -126.26 -28.58
C ARG J 33 74.79 -125.41 -27.34
N LYS J 34 75.16 -126.10 -26.26
CA LYS J 34 75.40 -125.46 -24.98
C LYS J 34 76.90 -125.42 -24.71
N TYR J 35 77.40 -124.24 -24.36
CA TYR J 35 78.82 -124.00 -24.20
C TYR J 35 79.08 -123.39 -22.83
N SER J 36 80.16 -123.82 -22.18
CA SER J 36 80.51 -123.36 -20.84
C SER J 36 81.80 -122.59 -20.79
N ALA J 37 82.87 -123.10 -21.40
CA ALA J 37 84.17 -122.44 -21.36
C ALA J 37 84.86 -122.68 -22.70
N ALA J 38 86.16 -122.39 -22.74
CA ALA J 38 86.95 -122.55 -23.96
C ALA J 38 87.09 -124.00 -24.36
N LYS J 49 98.60 -106.92 -30.20
CA LYS J 49 98.30 -107.45 -31.52
C LYS J 49 99.12 -106.75 -32.59
N VAL J 50 98.70 -105.53 -32.94
CA VAL J 50 99.45 -104.72 -33.89
C VAL J 50 100.71 -104.18 -33.22
N LEU J 51 101.84 -104.34 -33.91
CA LEU J 51 103.11 -103.86 -33.38
C LEU J 51 103.25 -102.38 -33.68
N ALA J 52 103.20 -101.55 -32.62
CA ALA J 52 103.34 -100.11 -32.80
C ALA J 52 104.80 -99.69 -32.92
N THR J 53 105.73 -100.55 -32.55
CA THR J 53 107.16 -100.31 -32.71
C THR J 53 107.78 -101.46 -33.49
N VAL J 54 108.72 -101.12 -34.37
CA VAL J 54 109.45 -102.10 -35.17
C VAL J 54 110.94 -101.87 -34.96
N THR J 55 111.68 -102.96 -34.79
CA THR J 55 113.12 -102.89 -34.54
C THR J 55 113.87 -102.94 -35.87
N LYS J 56 114.71 -101.93 -36.12
CA LYS J 56 115.46 -101.83 -37.36
C LYS J 56 116.94 -101.62 -37.09
N PRO J 57 117.82 -102.36 -37.76
CA PRO J 57 119.26 -102.09 -37.64
C PRO J 57 119.62 -100.79 -38.34
N VAL J 58 120.11 -99.83 -37.58
CA VAL J 58 120.38 -98.50 -38.11
C VAL J 58 121.54 -98.52 -39.09
N GLY J 59 122.55 -99.35 -38.82
CA GLY J 59 123.75 -99.36 -39.63
C GLY J 59 124.77 -98.33 -39.16
N GLY J 60 125.98 -98.47 -39.70
CA GLY J 60 127.09 -97.65 -39.25
C GLY J 60 127.67 -98.20 -37.97
N ASP J 61 128.99 -98.16 -37.84
CA ASP J 61 129.63 -98.75 -36.67
C ASP J 61 129.30 -97.97 -35.40
N LYS J 62 129.26 -98.70 -34.29
CA LYS J 62 128.98 -98.22 -32.93
C LYS J 62 127.86 -97.19 -32.86
N ASN J 63 126.84 -97.36 -33.69
CA ASN J 63 125.55 -96.69 -33.52
C ASN J 63 124.62 -97.50 -32.63
N GLY J 64 125.17 -98.39 -31.82
CA GLY J 64 124.35 -99.38 -31.15
C GLY J 64 124.02 -100.51 -32.11
N GLY J 65 123.32 -101.51 -31.57
CA GLY J 65 122.93 -102.62 -32.39
C GLY J 65 121.90 -102.25 -33.43
N THR J 66 120.70 -101.91 -32.97
CA THR J 66 119.59 -101.58 -33.86
C THR J 66 118.91 -100.34 -33.28
N ARG J 67 117.73 -100.03 -33.81
CA ARG J 67 116.89 -98.97 -33.29
C ARG J 67 115.49 -99.50 -33.03
N VAL J 68 114.91 -99.10 -31.90
CA VAL J 68 113.52 -99.40 -31.60
C VAL J 68 112.72 -98.24 -32.15
N VAL J 69 112.37 -98.33 -33.43
CA VAL J 69 111.65 -97.25 -34.11
C VAL J 69 110.17 -97.52 -33.98
N LYS J 70 109.46 -96.56 -33.41
CA LYS J 70 108.02 -96.69 -33.22
C LYS J 70 107.28 -96.17 -34.44
N LEU J 71 106.03 -96.60 -34.56
CA LEU J 71 105.13 -96.11 -35.58
C LEU J 71 104.20 -95.08 -34.97
N ARG J 72 103.74 -94.14 -35.80
CA ARG J 72 102.77 -93.12 -35.39
C ARG J 72 103.30 -92.30 -34.21
N LYS J 73 104.34 -91.53 -34.52
CA LYS J 73 104.92 -90.63 -33.54
C LYS J 73 103.89 -89.61 -33.06
N MET J 74 104.16 -89.03 -31.90
CA MET J 74 103.21 -88.12 -31.29
C MET J 74 103.18 -86.79 -32.05
N PRO J 75 102.08 -86.04 -31.93
CA PRO J 75 101.97 -84.78 -32.69
C PRO J 75 103.04 -83.78 -32.32
N ARG J 76 103.51 -83.04 -33.33
CA ARG J 76 104.45 -81.95 -33.13
C ARG J 76 103.77 -80.69 -32.62
N TYR J 77 102.46 -80.57 -32.80
CA TYR J 77 101.72 -79.37 -32.50
C TYR J 77 100.36 -79.71 -31.92
N TYR J 78 99.99 -78.99 -30.88
CA TYR J 78 98.65 -79.08 -30.30
C TYR J 78 97.98 -77.73 -30.46
N PRO J 79 96.81 -77.64 -31.09
CA PRO J 79 96.11 -76.36 -31.16
C PRO J 79 95.72 -75.87 -29.78
N THR J 80 95.48 -74.56 -29.69
CA THR J 80 95.29 -73.92 -28.39
C THR J 80 94.09 -74.50 -27.64
N GLU J 81 93.06 -74.96 -28.36
CA GLU J 81 92.02 -75.76 -27.74
C GLU J 81 91.32 -76.58 -28.81
N ASP J 82 90.71 -77.68 -28.37
CA ASP J 82 90.04 -78.64 -29.24
C ASP J 82 88.53 -78.58 -29.05
N VAL J 83 87.83 -79.46 -29.76
CA VAL J 83 86.37 -79.56 -29.72
C VAL J 83 86.02 -80.93 -29.14
N PRO J 84 85.11 -81.01 -28.17
CA PRO J 84 84.75 -82.32 -27.62
C PRO J 84 84.08 -83.20 -28.65
N ARG J 85 84.29 -84.51 -28.51
CA ARG J 85 83.73 -85.46 -29.44
C ARG J 85 82.22 -85.56 -29.28
N LYS J 86 81.56 -86.01 -30.34
CA LYS J 86 80.12 -86.09 -30.34
C LYS J 86 79.64 -87.26 -29.51
N LEU J 87 78.35 -87.23 -29.17
CA LEU J 87 77.69 -88.40 -28.61
C LEU J 87 77.35 -89.37 -29.74
N LEU J 88 76.79 -90.52 -29.38
CA LEU J 88 76.51 -91.57 -30.34
C LEU J 88 75.01 -91.60 -30.65
N SER J 89 74.68 -91.87 -31.92
CA SER J 89 73.33 -91.66 -32.41
C SER J 89 72.61 -92.91 -32.89
N HIS J 90 73.22 -94.09 -32.79
CA HIS J 90 72.59 -95.40 -33.01
C HIS J 90 71.90 -95.51 -34.37
N GLY J 91 72.30 -94.69 -35.34
CA GLY J 91 71.69 -94.74 -36.64
C GLY J 91 72.43 -93.86 -37.62
N LYS J 92 71.68 -93.10 -38.43
CA LYS J 92 72.22 -92.10 -39.34
C LYS J 92 73.28 -92.72 -40.27
N LYS J 93 72.81 -93.65 -41.09
CA LYS J 93 73.68 -94.36 -41.99
C LYS J 93 74.20 -93.43 -43.09
N PRO J 94 75.35 -93.75 -43.67
CA PRO J 94 75.83 -92.96 -44.82
C PRO J 94 74.96 -93.20 -46.03
N PHE J 95 75.07 -92.28 -47.00
CA PHE J 95 74.19 -92.32 -48.15
C PHE J 95 74.35 -93.59 -48.97
N SER J 96 75.56 -94.15 -49.00
CA SER J 96 75.79 -95.37 -49.76
C SER J 96 75.15 -96.59 -49.13
N GLN J 97 74.66 -96.49 -47.90
CA GLN J 97 73.99 -97.61 -47.24
C GLN J 97 72.50 -97.42 -47.12
N HIS J 98 71.95 -96.32 -47.60
CA HIS J 98 70.51 -96.09 -47.52
C HIS J 98 69.76 -97.08 -48.41
N VAL J 99 68.55 -97.41 -48.00
CA VAL J 99 67.67 -98.24 -48.81
C VAL J 99 67.07 -97.40 -49.91
N ARG J 100 67.02 -97.96 -51.11
CA ARG J 100 66.56 -97.23 -52.29
C ARG J 100 65.11 -97.61 -52.58
N LYS J 101 64.23 -96.61 -52.58
CA LYS J 101 62.81 -96.81 -52.83
C LYS J 101 62.46 -96.34 -54.23
N LEU J 102 61.58 -97.08 -54.90
CA LEU J 102 61.15 -96.75 -56.24
C LEU J 102 59.63 -96.67 -56.28
N ARG J 103 59.11 -95.59 -56.85
CA ARG J 103 57.67 -95.42 -56.99
C ARG J 103 57.10 -96.52 -57.88
N ALA J 104 55.97 -97.09 -57.44
CA ALA J 104 55.41 -98.26 -58.10
C ALA J 104 54.99 -97.98 -59.54
N SER J 105 54.71 -96.73 -59.87
CA SER J 105 54.34 -96.39 -61.24
C SER J 105 55.53 -96.42 -62.19
N ILE J 106 56.74 -96.50 -61.69
CA ILE J 106 57.94 -96.55 -62.51
C ILE J 106 58.44 -97.99 -62.52
N THR J 107 58.28 -98.67 -63.66
CA THR J 107 58.75 -100.01 -63.93
C THR J 107 59.60 -99.99 -65.19
N PRO J 108 60.55 -100.92 -65.34
CA PRO J 108 61.46 -100.88 -66.50
C PRO J 108 60.70 -100.93 -67.82
N GLY J 109 60.88 -99.87 -68.61
CA GLY J 109 60.14 -99.69 -69.84
C GLY J 109 59.08 -98.61 -69.80
N THR J 110 58.79 -98.06 -68.62
CA THR J 110 57.82 -96.99 -68.52
C THR J 110 58.33 -95.74 -69.21
N ILE J 111 57.44 -95.02 -69.87
CA ILE J 111 57.77 -93.74 -70.48
C ILE J 111 57.62 -92.65 -69.43
N LEU J 112 58.67 -91.86 -69.25
CA LEU J 112 58.70 -90.82 -68.24
C LEU J 112 58.80 -89.46 -68.90
N ILE J 113 58.32 -88.44 -68.19
CA ILE J 113 58.39 -87.06 -68.66
C ILE J 113 59.38 -86.32 -67.78
N ILE J 114 60.41 -85.76 -68.39
CA ILE J 114 61.43 -85.02 -67.65
C ILE J 114 60.88 -83.64 -67.30
N LEU J 115 61.08 -83.24 -66.05
CA LEU J 115 60.58 -81.96 -65.56
C LEU J 115 61.66 -80.92 -65.33
N THR J 116 62.94 -81.28 -65.45
CA THR J 116 64.03 -80.38 -65.17
C THR J 116 65.10 -80.52 -66.25
N GLY J 117 66.11 -79.66 -66.17
CA GLY J 117 67.26 -79.75 -67.04
C GLY J 117 67.00 -79.20 -68.42
N ARG J 118 68.02 -79.34 -69.27
CA ARG J 118 67.89 -78.91 -70.65
C ARG J 118 66.94 -79.79 -71.44
N HIS J 119 66.66 -80.99 -70.95
CA HIS J 119 65.68 -81.89 -71.57
C HIS J 119 64.31 -81.76 -70.92
N ARG J 120 63.97 -80.55 -70.49
CA ARG J 120 62.73 -80.30 -69.77
C ARG J 120 61.54 -80.57 -70.66
N GLY J 121 60.57 -81.32 -70.15
CA GLY J 121 59.35 -81.60 -70.87
C GLY J 121 59.44 -82.73 -71.87
N LYS J 122 60.61 -83.33 -72.07
CA LYS J 122 60.75 -84.40 -73.02
C LYS J 122 60.25 -85.71 -72.42
N ARG J 123 59.95 -86.66 -73.30
CA ARG J 123 59.49 -87.98 -72.90
C ARG J 123 60.57 -89.00 -73.23
N VAL J 124 60.98 -89.76 -72.21
CA VAL J 124 62.12 -90.67 -72.32
C VAL J 124 61.67 -92.08 -71.97
N VAL J 125 62.59 -93.04 -72.05
CA VAL J 125 62.33 -94.44 -71.74
C VAL J 125 63.13 -94.83 -70.52
N PHE J 126 62.45 -95.38 -69.52
CA PHE J 126 63.10 -95.81 -68.29
C PHE J 126 63.64 -97.22 -68.46
N LEU J 127 64.93 -97.41 -68.18
CA LEU J 127 65.55 -98.72 -68.28
C LEU J 127 65.69 -99.41 -66.92
N LYS J 128 66.35 -98.76 -65.97
CA LYS J 128 66.58 -99.38 -64.68
C LYS J 128 66.91 -98.30 -63.67
N GLN J 129 66.79 -98.65 -62.40
CA GLN J 129 67.24 -97.81 -61.31
C GLN J 129 68.69 -98.13 -60.98
N LEU J 130 69.49 -97.09 -60.78
CA LEU J 130 70.89 -97.28 -60.47
C LEU J 130 71.08 -97.37 -58.96
N ALA J 131 72.32 -97.66 -58.55
CA ALA J 131 72.59 -97.95 -57.14
C ALA J 131 72.35 -96.74 -56.24
N SER J 132 72.44 -95.53 -56.77
CA SER J 132 72.14 -94.32 -56.01
C SER J 132 70.66 -94.02 -55.97
N GLY J 133 69.83 -94.82 -56.60
CA GLY J 133 68.42 -94.54 -56.72
C GLY J 133 68.06 -93.66 -57.89
N LEU J 134 69.05 -93.13 -58.60
CA LEU J 134 68.79 -92.33 -59.78
C LEU J 134 68.37 -93.23 -60.93
N LEU J 135 67.26 -92.88 -61.58
CA LEU J 135 66.78 -93.68 -62.69
C LEU J 135 67.70 -93.51 -63.90
N LEU J 136 67.94 -94.60 -64.58
CA LEU J 136 68.68 -94.57 -65.84
C LEU J 136 67.67 -94.58 -66.98
N VAL J 137 67.67 -93.51 -67.76
CA VAL J 137 66.69 -93.35 -68.83
C VAL J 137 67.43 -93.07 -70.13
N THR J 138 66.76 -93.41 -71.23
CA THR J 138 67.22 -93.00 -72.55
C THR J 138 66.02 -92.90 -73.48
N GLY J 139 65.56 -91.67 -73.69
CA GLY J 139 64.70 -91.39 -74.81
C GLY J 139 65.60 -91.42 -76.02
N PRO J 140 65.44 -92.43 -76.88
CA PRO J 140 66.49 -92.80 -77.81
C PRO J 140 67.01 -91.62 -78.63
N LEU J 141 68.33 -91.51 -78.71
CA LEU J 141 68.98 -90.31 -79.23
C LEU J 141 68.58 -90.01 -80.66
N VAL J 142 68.16 -91.02 -81.42
CA VAL J 142 67.62 -90.79 -82.74
C VAL J 142 66.24 -90.17 -82.72
N LEU J 143 65.59 -90.12 -81.56
CA LEU J 143 64.21 -89.63 -81.47
C LEU J 143 64.12 -88.24 -80.85
N ASN J 144 64.67 -88.04 -79.65
CA ASN J 144 64.52 -86.75 -79.01
C ASN J 144 65.82 -86.22 -78.40
N ARG J 145 66.97 -86.69 -78.87
CA ARG J 145 68.28 -86.16 -78.47
C ARG J 145 68.51 -86.26 -76.96
N VAL J 146 68.07 -87.34 -76.35
CA VAL J 146 68.31 -87.56 -74.94
C VAL J 146 69.17 -88.81 -74.79
N PRO J 147 70.45 -88.68 -74.46
CA PRO J 147 71.32 -89.85 -74.44
C PRO J 147 71.07 -90.71 -73.22
N LEU J 148 71.88 -91.77 -73.05
CA LEU J 148 71.85 -92.52 -71.80
C LEU J 148 72.23 -91.58 -70.68
N ARG J 149 71.28 -91.24 -69.82
CA ARG J 149 71.46 -90.15 -68.88
C ARG J 149 70.74 -90.50 -67.58
N ARG J 150 71.34 -90.13 -66.46
CA ARG J 150 70.70 -90.35 -65.18
C ARG J 150 69.62 -89.31 -64.94
N THR J 151 68.70 -89.63 -64.03
CA THR J 151 67.66 -88.70 -63.63
C THR J 151 67.16 -89.09 -62.26
N HIS J 152 66.51 -88.14 -61.60
CA HIS J 152 65.96 -88.34 -60.27
C HIS J 152 64.49 -88.70 -60.38
N GLN J 153 64.06 -89.72 -59.63
CA GLN J 153 62.66 -90.16 -59.71
C GLN J 153 61.70 -89.14 -59.12
N LYS J 154 62.20 -88.18 -58.35
CA LYS J 154 61.33 -87.13 -57.85
C LYS J 154 60.92 -86.18 -58.95
N PHE J 155 61.78 -85.98 -59.95
CA PHE J 155 61.59 -84.95 -60.95
C PHE J 155 61.17 -85.53 -62.30
N VAL J 156 60.38 -86.60 -62.29
CA VAL J 156 59.81 -87.17 -63.50
C VAL J 156 58.33 -87.44 -63.27
N ILE J 157 57.60 -87.59 -64.36
CA ILE J 157 56.20 -88.01 -64.34
C ILE J 157 56.11 -89.35 -65.06
N ALA J 158 55.63 -90.37 -64.36
CA ALA J 158 55.55 -91.72 -64.92
C ALA J 158 54.25 -91.87 -65.69
N THR J 159 54.32 -91.82 -67.01
CA THR J 159 53.13 -92.00 -67.82
C THR J 159 52.72 -93.47 -67.84
N SER J 160 51.44 -93.69 -68.15
CA SER J 160 50.89 -95.04 -68.14
C SER J 160 51.33 -95.86 -69.34
N THR J 161 51.77 -95.22 -70.41
CA THR J 161 52.27 -95.96 -71.56
C THR J 161 53.59 -96.64 -71.23
N LYS J 162 53.77 -97.83 -71.80
CA LYS J 162 54.87 -98.69 -71.43
C LYS J 162 55.22 -99.63 -72.58
N ILE J 163 56.51 -99.87 -72.77
CA ILE J 163 57.00 -100.88 -73.69
C ILE J 163 57.66 -101.99 -72.87
N ASP J 164 57.67 -103.20 -73.44
CA ASP J 164 58.26 -104.35 -72.76
C ASP J 164 59.73 -104.43 -73.12
N ILE J 165 60.58 -103.90 -72.25
CA ILE J 165 62.02 -103.90 -72.49
C ILE J 165 62.67 -105.00 -71.67
N SER J 166 61.91 -106.04 -71.35
CA SER J 166 62.51 -107.23 -70.77
C SER J 166 63.46 -107.87 -71.78
N ASN J 167 64.26 -108.82 -71.28
CA ASN J 167 65.29 -109.56 -72.00
C ASN J 167 66.04 -108.73 -73.05
N VAL J 168 66.38 -107.49 -72.68
CA VAL J 168 67.37 -106.71 -73.42
C VAL J 168 68.60 -106.58 -72.53
N LYS J 169 69.75 -106.42 -73.16
CA LYS J 169 71.02 -106.45 -72.45
C LYS J 169 71.47 -105.01 -72.17
N ILE J 170 71.26 -104.56 -70.94
CA ILE J 170 71.87 -103.32 -70.49
C ILE J 170 73.30 -103.66 -70.08
N PRO J 171 74.31 -103.01 -70.66
CA PRO J 171 75.69 -103.33 -70.31
C PRO J 171 75.96 -103.09 -68.84
N LYS J 172 76.79 -103.96 -68.26
CA LYS J 172 76.96 -103.98 -66.82
C LYS J 172 77.86 -102.86 -66.31
N HIS J 173 78.53 -102.13 -67.20
CA HIS J 173 79.34 -101.01 -66.75
C HIS J 173 78.54 -99.72 -66.63
N LEU J 174 77.24 -99.76 -66.92
CA LEU J 174 76.38 -98.59 -66.79
C LEU J 174 75.98 -98.46 -65.32
N THR J 175 76.89 -97.89 -64.53
CA THR J 175 76.68 -97.70 -63.10
C THR J 175 76.84 -96.23 -62.77
N ASP J 176 76.75 -95.90 -61.48
CA ASP J 176 76.83 -94.51 -61.05
C ASP J 176 78.20 -93.92 -61.37
N ALA J 177 79.27 -94.70 -61.17
CA ALA J 177 80.60 -94.20 -61.48
C ALA J 177 80.76 -93.92 -62.96
N TYR J 178 80.01 -94.62 -63.80
CA TYR J 178 80.10 -94.40 -65.24
C TYR J 178 79.59 -93.02 -65.62
N PHE J 179 78.48 -92.58 -65.02
CA PHE J 179 77.85 -91.32 -65.38
C PHE J 179 78.29 -90.16 -64.51
N LYS J 180 79.19 -90.36 -63.56
CA LYS J 180 79.55 -89.29 -62.65
C LYS J 180 80.31 -88.20 -63.38
N LYS J 181 80.02 -86.95 -63.03
CA LYS J 181 80.68 -85.82 -63.68
C LYS J 181 82.16 -85.79 -63.34
N LYS J 182 82.98 -85.55 -64.36
CA LYS J 182 84.41 -85.42 -64.19
C LYS J 182 84.78 -83.94 -64.15
N LYS J 183 86.07 -83.69 -63.91
CA LYS J 183 86.56 -82.32 -63.89
C LYS J 183 88.06 -82.31 -64.16
N LEU J 184 88.57 -81.14 -64.54
CA LEU J 184 89.99 -80.93 -64.74
C LEU J 184 90.61 -79.99 -63.70
N ARG J 185 89.89 -78.94 -63.32
CA ARG J 185 90.40 -77.99 -62.33
C ARG J 185 90.34 -78.60 -60.93
N LYS J 186 91.31 -78.22 -60.09
CA LYS J 186 92.42 -77.30 -60.34
C LYS J 186 93.70 -77.70 -59.60
N PRO J 187 94.44 -78.66 -60.14
CA PRO J 187 95.79 -78.92 -59.62
C PRO J 187 96.78 -77.96 -60.23
N ARG J 188 97.99 -77.93 -59.64
CA ARG J 188 99.15 -77.13 -60.09
C ARG J 188 98.78 -75.70 -60.47
N HIS J 189 97.74 -75.15 -59.85
CA HIS J 189 97.22 -73.83 -60.21
C HIS J 189 96.45 -73.29 -59.03
N GLN J 190 96.93 -72.18 -58.46
CA GLN J 190 96.32 -71.59 -57.27
C GLN J 190 95.82 -70.17 -57.52
N GLU J 191 96.64 -69.32 -58.15
CA GLU J 191 96.28 -67.94 -58.41
C GLU J 191 95.94 -67.77 -59.89
N GLY J 192 94.81 -67.13 -60.17
CA GLY J 192 94.32 -67.05 -61.54
C GLY J 192 94.63 -65.77 -62.28
N GLU J 193 95.57 -65.84 -63.22
CA GLU J 193 95.84 -64.73 -64.12
C GLU J 193 95.84 -65.22 -65.57
N ILE J 194 96.22 -66.48 -65.78
CA ILE J 194 96.04 -67.14 -67.07
C ILE J 194 94.70 -67.85 -67.05
N PHE J 195 93.88 -67.59 -68.06
CA PHE J 195 92.51 -68.07 -68.04
C PHE J 195 92.45 -69.59 -68.25
N ASP J 196 91.72 -70.26 -67.37
CA ASP J 196 91.57 -71.72 -67.38
C ASP J 196 90.27 -72.13 -68.05
N THR J 197 89.86 -71.43 -69.11
CA THR J 197 88.64 -71.72 -69.84
C THR J 197 88.74 -73.00 -70.66
N GLU J 198 89.88 -73.65 -70.69
CA GLU J 198 90.04 -74.89 -71.42
C GLU J 198 89.22 -76.01 -70.78
N LYS J 199 88.97 -77.05 -71.58
CA LYS J 199 88.25 -78.27 -71.19
C LYS J 199 86.76 -77.97 -70.97
N GLU J 200 86.38 -76.69 -71.02
CA GLU J 200 84.99 -76.32 -70.80
C GLU J 200 84.06 -76.95 -71.82
N LYS J 201 84.59 -77.34 -72.98
CA LYS J 201 83.81 -78.08 -73.96
C LYS J 201 83.88 -79.56 -73.57
N TYR J 202 82.85 -80.03 -72.87
CA TYR J 202 82.76 -81.45 -72.56
C TYR J 202 82.70 -82.25 -73.84
N GLU J 203 83.53 -83.28 -73.93
CA GLU J 203 83.69 -84.04 -75.15
C GLU J 203 83.15 -85.44 -74.94
N ILE J 204 82.25 -85.87 -75.83
CA ILE J 204 81.62 -87.18 -75.69
C ILE J 204 82.67 -88.26 -75.96
N THR J 205 82.91 -89.10 -74.96
CA THR J 205 83.79 -90.25 -75.15
C THR J 205 83.15 -91.21 -76.16
N GLU J 206 84.00 -91.81 -77.00
CA GLU J 206 83.49 -92.77 -77.97
C GLU J 206 82.89 -93.99 -77.28
N GLN J 207 83.30 -94.26 -76.04
CA GLN J 207 82.65 -95.32 -75.27
C GLN J 207 81.17 -95.00 -75.05
N ARG J 208 80.87 -93.73 -74.76
CA ARG J 208 79.47 -93.35 -74.57
C ARG J 208 78.68 -93.49 -75.85
N LYS J 209 79.29 -93.14 -76.99
CA LYS J 209 78.61 -93.32 -78.26
C LYS J 209 78.35 -94.80 -78.55
N ILE J 210 79.34 -95.66 -78.26
CA ILE J 210 79.17 -97.09 -78.49
C ILE J 210 78.06 -97.63 -77.61
N ASP J 211 78.04 -97.23 -76.34
CA ASP J 211 77.01 -97.71 -75.41
C ASP J 211 75.63 -97.24 -75.83
N GLN J 212 75.51 -95.97 -76.22
CA GLN J 212 74.23 -95.43 -76.65
C GLN J 212 73.72 -96.15 -77.88
N LYS J 213 74.59 -96.38 -78.86
CA LYS J 213 74.18 -97.11 -80.06
C LYS J 213 73.78 -98.54 -79.71
N ALA J 214 74.54 -99.20 -78.84
CA ALA J 214 74.26 -100.58 -78.50
C ALA J 214 72.90 -100.71 -77.82
N VAL J 215 72.59 -99.81 -76.89
CA VAL J 215 71.30 -99.89 -76.20
C VAL J 215 70.16 -99.49 -77.15
N ASP J 216 70.35 -98.42 -77.91
CA ASP J 216 69.26 -97.90 -78.73
C ASP J 216 68.94 -98.82 -79.90
N SER J 217 69.93 -99.55 -80.41
CA SER J 217 69.69 -100.44 -81.54
C SER J 217 68.69 -101.55 -81.19
N GLN J 218 68.58 -101.90 -79.92
CA GLN J 218 67.60 -102.88 -79.49
C GLN J 218 66.40 -102.27 -78.80
N ILE J 219 66.51 -101.03 -78.30
CA ILE J 219 65.32 -100.33 -77.81
C ILE J 219 64.41 -99.96 -78.97
N LEU J 220 64.99 -99.52 -80.09
CA LEU J 220 64.21 -98.97 -81.18
C LEU J 220 63.18 -99.93 -81.78
N PRO J 221 63.50 -101.20 -82.12
CA PRO J 221 62.47 -102.05 -82.72
C PRO J 221 61.25 -102.25 -81.86
N LYS J 222 61.42 -102.23 -80.54
CA LYS J 222 60.25 -102.34 -79.66
C LYS J 222 59.43 -101.07 -79.66
N ILE J 223 60.06 -99.92 -79.86
CA ILE J 223 59.31 -98.67 -79.98
C ILE J 223 58.54 -98.63 -81.29
N LYS J 224 59.18 -99.02 -82.40
CA LYS J 224 58.51 -99.03 -83.68
C LYS J 224 57.47 -100.13 -83.80
N ALA J 225 57.43 -101.08 -82.85
CA ALA J 225 56.46 -102.16 -82.92
C ALA J 225 55.04 -101.64 -82.79
N ILE J 226 54.81 -100.70 -81.87
CA ILE J 226 53.47 -100.20 -81.63
C ILE J 226 53.27 -98.92 -82.43
N PRO J 227 52.05 -98.66 -82.91
CA PRO J 227 51.83 -97.52 -83.80
C PRO J 227 52.09 -96.19 -83.11
N GLN J 228 52.66 -95.25 -83.88
CA GLN J 228 52.94 -93.86 -83.53
C GLN J 228 53.37 -93.66 -82.07
N LEU J 229 54.31 -94.48 -81.60
CA LEU J 229 54.99 -94.20 -80.36
C LEU J 229 56.25 -93.38 -80.55
N GLN J 230 56.96 -93.57 -81.67
CA GLN J 230 58.11 -92.73 -81.92
C GLN J 230 57.71 -91.28 -82.14
N GLY J 231 56.55 -91.04 -82.74
CA GLY J 231 56.02 -89.69 -82.79
C GLY J 231 55.67 -89.16 -81.42
N TYR J 232 55.20 -90.03 -80.52
CA TYR J 232 54.97 -89.63 -79.15
C TYR J 232 56.26 -89.19 -78.48
N LEU J 233 57.33 -89.95 -78.68
CA LEU J 233 58.58 -89.65 -78.01
C LEU J 233 59.28 -88.43 -78.62
N ARG J 234 59.06 -88.18 -79.91
CA ARG J 234 59.66 -87.00 -80.52
C ARG J 234 59.12 -85.71 -79.92
N SER J 235 57.82 -85.66 -79.64
CA SER J 235 57.21 -84.44 -79.14
C SER J 235 57.60 -84.21 -77.68
N VAL J 236 57.32 -82.99 -77.21
CA VAL J 236 57.56 -82.61 -75.83
C VAL J 236 56.23 -82.40 -75.15
N PHE J 237 56.25 -82.41 -73.82
CA PHE J 237 55.05 -82.22 -73.03
C PHE J 237 54.85 -80.75 -72.72
N ALA J 238 53.59 -80.32 -72.72
CA ALA J 238 53.25 -78.92 -72.51
C ALA J 238 51.93 -78.84 -71.78
N LEU J 239 51.69 -77.70 -71.15
CA LEU J 239 50.42 -77.43 -70.48
C LEU J 239 49.62 -76.44 -71.32
N THR J 240 48.58 -76.94 -71.98
CA THR J 240 47.60 -76.11 -72.65
C THR J 240 46.84 -75.29 -71.61
N ASN J 241 46.26 -74.19 -72.05
CA ASN J 241 45.51 -73.32 -71.14
C ASN J 241 44.34 -74.04 -70.50
N GLY J 242 43.67 -74.91 -71.24
CA GLY J 242 42.48 -75.54 -70.71
C GLY J 242 42.70 -76.78 -69.88
N ILE J 243 43.92 -77.27 -69.78
CA ILE J 243 44.18 -78.52 -69.10
C ILE J 243 44.83 -78.24 -67.75
N TYR J 244 44.53 -79.10 -66.77
CA TYR J 244 45.01 -78.93 -65.42
C TYR J 244 45.64 -80.24 -64.96
N PRO J 245 46.85 -80.20 -64.38
CA PRO J 245 47.59 -81.45 -64.13
C PRO J 245 46.91 -82.41 -63.18
N HIS J 246 46.13 -81.92 -62.22
CA HIS J 246 45.55 -82.81 -61.22
C HIS J 246 44.48 -83.72 -61.83
N LYS J 247 43.76 -83.25 -62.84
CA LYS J 247 42.75 -84.06 -63.48
C LYS J 247 43.28 -84.80 -64.70
N LEU J 248 44.56 -84.64 -65.03
CA LEU J 248 45.16 -85.37 -66.14
C LEU J 248 45.56 -86.77 -65.69
N VAL J 249 45.21 -87.76 -66.50
CA VAL J 249 45.67 -89.13 -66.28
C VAL J 249 46.97 -89.31 -67.05
N PHE J 250 48.01 -89.72 -66.34
CA PHE J 250 49.31 -89.89 -66.97
C PHE J 250 49.61 -91.36 -67.16
N ASN K 1 97.29 -108.90 -7.93
CA ASN K 1 95.99 -109.23 -7.39
C ASN K 1 94.90 -108.96 -8.42
N PHE K 2 95.30 -108.76 -9.66
CA PHE K 2 94.37 -108.28 -10.69
C PHE K 2 93.36 -109.34 -11.07
N ALA K 3 93.76 -110.61 -11.07
CA ALA K 3 92.90 -111.68 -11.56
C ALA K 3 91.64 -111.84 -10.72
N GLU K 4 91.79 -111.86 -9.39
CA GLU K 4 90.63 -112.11 -8.56
C GLU K 4 89.69 -110.91 -8.50
N LEU K 5 90.22 -109.68 -8.60
CA LEU K 5 89.33 -108.54 -8.68
C LEU K 5 88.60 -108.49 -10.01
N LYS K 6 89.26 -108.91 -11.10
CA LYS K 6 88.57 -109.06 -12.38
C LYS K 6 87.45 -110.08 -12.25
N ILE K 7 87.72 -111.20 -11.59
CA ILE K 7 86.70 -112.23 -11.39
C ILE K 7 85.54 -111.68 -10.57
N LYS K 8 85.85 -110.89 -9.54
CA LYS K 8 84.81 -110.25 -8.74
C LYS K 8 83.92 -109.36 -9.59
N ARG K 9 84.52 -108.52 -10.43
CA ARG K 9 83.72 -107.64 -11.27
C ARG K 9 82.89 -108.44 -12.27
N LEU K 10 83.46 -109.50 -12.84
CA LEU K 10 82.71 -110.34 -13.78
C LEU K 10 81.52 -111.00 -13.09
N ARG K 11 81.72 -111.50 -11.87
CA ARG K 11 80.64 -112.17 -11.16
C ARG K 11 79.55 -111.18 -10.77
N LYS K 12 79.93 -109.98 -10.33
CA LYS K 12 78.94 -108.97 -9.99
C LYS K 12 78.14 -108.55 -11.21
N LYS K 13 78.81 -108.35 -12.35
CA LYS K 13 78.11 -107.99 -13.58
C LYS K 13 77.17 -109.11 -14.02
N PHE K 14 77.63 -110.35 -13.94
CA PHE K 14 76.81 -111.48 -14.34
C PHE K 14 75.57 -111.61 -13.46
N ALA K 15 75.74 -111.43 -12.14
CA ALA K 15 74.60 -111.51 -11.24
C ALA K 15 73.61 -110.39 -11.51
N GLN K 16 74.13 -109.17 -11.77
CA GLN K 16 73.24 -108.06 -12.10
C GLN K 16 72.44 -108.35 -13.36
N LYS K 17 73.10 -108.91 -14.38
CA LYS K 17 72.42 -109.21 -15.63
C LYS K 17 71.38 -110.31 -15.45
N MET K 18 71.68 -111.32 -14.63
CA MET K 18 70.70 -112.37 -14.36
C MET K 18 69.49 -111.82 -13.61
N LEU K 19 69.73 -110.93 -12.66
CA LEU K 19 68.61 -110.28 -11.97
C LEU K 19 67.75 -109.49 -12.94
N ARG K 20 68.39 -108.75 -13.84
CA ARG K 20 67.66 -108.01 -14.86
C ARG K 20 66.81 -108.94 -15.72
N LYS K 21 67.37 -110.07 -16.13
CA LYS K 21 66.64 -111.02 -16.96
C LYS K 21 65.44 -111.59 -16.22
N ALA K 22 65.62 -111.94 -14.94
CA ALA K 22 64.51 -112.48 -14.16
C ALA K 22 63.39 -111.46 -14.00
N ARG K 23 63.76 -110.20 -13.74
CA ARG K 23 62.74 -109.16 -13.63
C ARG K 23 62.00 -108.94 -14.94
N ARG K 24 62.72 -108.97 -16.06
CA ARG K 24 62.07 -108.83 -17.35
C ARG K 24 61.10 -109.97 -17.62
N LYS K 25 61.49 -111.19 -17.25
CA LYS K 25 60.60 -112.33 -17.43
C LYS K 25 59.35 -112.19 -16.57
N LEU K 26 59.52 -111.70 -15.33
CA LEU K 26 58.37 -111.45 -14.47
C LEU K 26 57.42 -110.43 -15.10
N ILE K 27 57.98 -109.36 -15.67
CA ILE K 27 57.15 -108.34 -16.31
C ILE K 27 56.38 -108.93 -17.47
N TYR K 28 57.04 -109.74 -18.29
CA TYR K 28 56.38 -110.38 -19.43
C TYR K 28 55.22 -111.25 -18.97
N GLU K 29 55.46 -112.10 -17.96
CA GLU K 29 54.40 -113.00 -17.51
C GLU K 29 53.25 -112.23 -16.88
N LYS K 30 53.55 -111.15 -16.13
CA LYS K 30 52.49 -110.35 -15.54
C LYS K 30 51.62 -109.69 -16.60
N ALA K 31 52.25 -109.19 -17.67
CA ALA K 31 51.47 -108.62 -18.75
C ALA K 31 50.58 -109.67 -19.41
N LYS K 32 51.10 -110.87 -19.60
CA LYS K 32 50.29 -111.94 -20.17
C LYS K 32 49.08 -112.25 -19.28
N HIS K 33 49.31 -112.34 -17.97
CA HIS K 33 48.22 -112.63 -17.05
C HIS K 33 47.19 -111.51 -17.05
N TYR K 34 47.65 -110.26 -17.15
CA TYR K 34 46.72 -109.13 -17.22
C TYR K 34 45.87 -109.19 -18.48
N HIS K 35 46.46 -109.59 -19.59
CA HIS K 35 45.69 -109.78 -20.82
C HIS K 35 44.60 -110.82 -20.61
N LYS K 36 44.95 -111.93 -19.98
CA LYS K 36 43.97 -112.97 -19.70
C LYS K 36 42.83 -112.45 -18.83
N GLU K 37 43.18 -111.69 -17.79
CA GLU K 37 42.16 -111.15 -16.88
C GLU K 37 41.24 -110.17 -17.60
N TYR K 38 41.81 -109.32 -18.45
CA TYR K 38 40.98 -108.35 -19.17
C TYR K 38 40.00 -109.06 -20.09
N ARG K 39 40.45 -110.07 -20.83
CA ARG K 39 39.49 -110.73 -21.71
C ARG K 39 38.44 -111.49 -20.90
N GLN K 40 38.82 -112.02 -19.73
CA GLN K 40 37.82 -112.64 -18.86
C GLN K 40 36.75 -111.66 -18.43
N MET K 41 37.15 -110.45 -18.03
CA MET K 41 36.17 -109.44 -17.63
C MET K 41 35.23 -109.10 -18.79
N TYR K 42 35.81 -108.83 -19.95
CA TYR K 42 35.02 -108.40 -21.09
C TYR K 42 34.04 -109.48 -21.53
N ARG K 43 34.49 -110.74 -21.54
CA ARG K 43 33.58 -111.82 -21.91
C ARG K 43 32.57 -112.10 -20.82
N THR K 44 32.93 -111.86 -19.56
CA THR K 44 32.02 -112.12 -18.46
C THR K 44 30.83 -111.18 -18.50
N GLU K 45 31.06 -109.91 -18.82
CA GLU K 45 29.93 -108.98 -18.94
C GLU K 45 28.96 -109.44 -20.02
N ILE K 46 29.49 -109.84 -21.18
CA ILE K 46 28.66 -110.32 -22.27
C ILE K 46 27.89 -111.57 -21.86
N ARG K 47 28.56 -112.51 -21.18
CA ARG K 47 27.91 -113.75 -20.78
C ARG K 47 26.79 -113.49 -19.78
N MET K 48 27.03 -112.60 -18.81
CA MET K 48 26.00 -112.27 -17.84
C MET K 48 24.79 -111.65 -18.51
N ALA K 49 25.03 -110.72 -19.43
CA ALA K 49 23.91 -110.12 -20.17
C ALA K 49 23.16 -111.18 -20.95
N ARG K 50 23.88 -112.11 -21.57
CA ARG K 50 23.25 -113.12 -22.40
C ARG K 50 22.39 -114.08 -21.58
N MET K 51 22.87 -114.50 -20.41
CA MET K 51 22.05 -115.40 -19.61
C MET K 51 20.84 -114.68 -19.02
N ALA K 52 20.99 -113.40 -18.67
CA ALA K 52 19.83 -112.64 -18.22
C ALA K 52 18.79 -112.50 -19.33
N ARG K 53 19.24 -112.22 -20.55
CA ARG K 53 18.31 -112.10 -21.66
C ARG K 53 17.68 -113.44 -22.02
N LYS K 54 18.42 -114.53 -21.89
CA LYS K 54 17.84 -115.85 -22.07
C LYS K 54 16.74 -116.10 -21.05
N ALA K 55 16.96 -115.71 -19.80
CA ALA K 55 15.94 -115.88 -18.78
C ALA K 55 14.78 -114.90 -18.91
N GLY K 56 14.90 -113.91 -19.78
CA GLY K 56 13.88 -112.89 -19.88
C GLY K 56 14.00 -111.78 -18.84
N ASN K 57 15.05 -111.79 -18.04
CA ASN K 57 15.26 -110.79 -17.01
C ASN K 57 16.17 -109.68 -17.53
N PHE K 58 16.57 -108.79 -16.64
CA PHE K 58 17.46 -107.68 -16.97
C PHE K 58 18.72 -107.81 -16.13
N TYR K 59 19.88 -107.63 -16.77
CA TYR K 59 21.16 -107.62 -16.07
C TYR K 59 21.62 -106.18 -15.97
N VAL K 60 21.65 -105.65 -14.75
CA VAL K 60 22.16 -104.32 -14.49
C VAL K 60 23.65 -104.43 -14.21
N PRO K 61 24.51 -103.90 -15.06
CA PRO K 61 25.95 -103.96 -14.78
C PRO K 61 26.29 -103.10 -13.59
N ALA K 62 27.36 -103.47 -12.90
CA ALA K 62 27.90 -102.62 -11.85
C ALA K 62 28.31 -101.30 -12.46
N GLU K 63 27.79 -100.20 -11.91
CA GLU K 63 28.18 -98.90 -12.43
C GLU K 63 29.66 -98.67 -12.17
N PRO K 64 30.35 -97.99 -13.08
CA PRO K 64 31.82 -98.05 -13.08
C PRO K 64 32.44 -97.42 -11.84
N LYS K 65 33.57 -97.98 -11.44
CA LYS K 65 34.34 -97.50 -10.31
C LYS K 65 35.43 -96.53 -10.72
N LEU K 66 35.59 -96.27 -12.01
CA LEU K 66 36.65 -95.39 -12.52
C LEU K 66 36.04 -94.36 -13.44
N ALA K 67 36.53 -93.12 -13.33
CA ALA K 67 36.11 -92.05 -14.21
C ALA K 67 37.33 -91.25 -14.66
N PHE K 68 37.24 -90.66 -15.84
CA PHE K 68 38.23 -89.74 -16.35
C PHE K 68 37.62 -88.36 -16.45
N VAL K 69 38.21 -87.39 -15.77
CA VAL K 69 37.68 -86.04 -15.69
C VAL K 69 38.60 -85.11 -16.47
N ILE K 70 38.01 -84.33 -17.38
CA ILE K 70 38.73 -83.37 -18.19
C ILE K 70 38.19 -81.98 -17.90
N ARG K 71 39.06 -81.05 -17.55
CA ARG K 71 38.64 -79.67 -17.35
C ARG K 71 38.55 -78.97 -18.70
N ILE K 72 37.39 -78.38 -18.98
CA ILE K 72 37.14 -77.82 -20.31
C ILE K 72 37.06 -76.30 -20.31
N ARG K 73 36.97 -75.65 -19.15
CA ARG K 73 36.91 -74.20 -19.10
C ARG K 73 38.18 -73.63 -18.50
N GLY K 74 38.41 -72.35 -18.74
CA GLY K 74 39.64 -71.70 -18.35
C GLY K 74 39.67 -71.33 -16.89
N ILE K 75 40.60 -70.43 -16.56
CA ILE K 75 40.88 -70.06 -15.18
C ILE K 75 40.36 -68.67 -14.84
N ASN K 76 39.48 -68.11 -15.66
CA ASN K 76 39.01 -66.74 -15.48
C ASN K 76 37.61 -66.72 -14.89
N GLY K 77 37.42 -65.93 -13.84
CA GLY K 77 36.12 -65.75 -13.25
C GLY K 77 35.53 -67.00 -12.63
N VAL K 78 36.33 -67.73 -11.84
CA VAL K 78 35.92 -68.99 -11.25
C VAL K 78 35.56 -68.76 -9.79
N SER K 79 34.41 -69.27 -9.37
CA SER K 79 33.97 -69.12 -8.00
C SER K 79 34.90 -69.89 -7.06
N PRO K 80 35.03 -69.46 -5.81
CA PRO K 80 36.03 -70.07 -4.91
C PRO K 80 35.82 -71.55 -4.65
N LYS K 81 34.56 -71.99 -4.52
CA LYS K 81 34.30 -73.41 -4.27
C LYS K 81 34.71 -74.26 -5.46
N VAL K 82 34.31 -73.82 -6.66
CA VAL K 82 34.67 -74.54 -7.87
C VAL K 82 36.19 -74.56 -8.06
N ARG K 83 36.84 -73.42 -7.82
CA ARG K 83 38.29 -73.34 -7.95
C ARG K 83 38.98 -74.29 -6.97
N LYS K 84 38.51 -74.32 -5.72
CA LYS K 84 39.10 -75.21 -4.73
C LYS K 84 38.94 -76.67 -5.13
N VAL K 85 37.75 -77.04 -5.61
CA VAL K 85 37.54 -78.44 -6.02
C VAL K 85 38.42 -78.79 -7.20
N LEU K 86 38.53 -77.90 -8.19
CA LEU K 86 39.37 -78.18 -9.34
C LEU K 86 40.83 -78.29 -8.95
N GLN K 87 41.25 -77.55 -7.92
CA GLN K 87 42.59 -77.74 -7.37
C GLN K 87 42.71 -79.10 -6.70
N LEU K 88 41.65 -79.56 -6.04
CA LEU K 88 41.67 -80.87 -5.42
C LEU K 88 41.64 -82.01 -6.42
N LEU K 89 41.15 -81.75 -7.63
CA LEU K 89 41.15 -82.75 -8.69
C LEU K 89 42.40 -82.71 -9.54
N ARG K 90 43.36 -81.86 -9.17
CA ARG K 90 44.58 -81.62 -9.93
C ARG K 90 44.29 -81.15 -11.36
N LEU K 91 43.24 -80.33 -11.52
CA LEU K 91 42.88 -79.77 -12.82
C LEU K 91 42.99 -78.25 -12.69
N ARG K 92 44.20 -77.73 -12.86
CA ARG K 92 44.48 -76.32 -12.69
C ARG K 92 44.69 -75.59 -14.00
N GLN K 93 44.46 -76.26 -15.12
CA GLN K 93 44.63 -75.66 -16.44
C GLN K 93 43.63 -76.33 -17.37
N ILE K 94 43.20 -75.61 -18.40
CA ILE K 94 42.21 -76.15 -19.33
C ILE K 94 42.79 -77.36 -20.05
N PHE K 95 41.93 -78.35 -20.31
CA PHE K 95 42.30 -79.60 -20.98
C PHE K 95 43.38 -80.38 -20.22
N ASN K 96 43.26 -80.42 -18.90
CA ASN K 96 43.94 -81.45 -18.13
C ASN K 96 42.99 -82.62 -17.89
N GLY K 97 43.56 -83.77 -17.64
CA GLY K 97 42.79 -84.96 -17.36
C GLY K 97 43.32 -85.67 -16.13
N THR K 98 42.41 -86.37 -15.45
CA THR K 98 42.76 -87.09 -14.25
C THR K 98 41.80 -88.26 -14.09
N PHE K 99 42.35 -89.41 -13.72
CA PHE K 99 41.53 -90.56 -13.37
C PHE K 99 41.01 -90.38 -11.95
N VAL K 100 39.69 -90.41 -11.79
CA VAL K 100 39.04 -90.19 -10.50
C VAL K 100 38.31 -91.46 -10.12
N LYS K 101 38.65 -92.00 -8.95
CA LYS K 101 37.93 -93.16 -8.44
C LYS K 101 36.55 -92.73 -7.95
N LEU K 102 35.52 -93.48 -8.34
CA LEU K 102 34.16 -93.05 -8.12
C LEU K 102 33.58 -93.62 -6.82
N ASN K 103 33.02 -92.73 -6.01
CA ASN K 103 32.24 -93.07 -4.83
C ASN K 103 31.36 -91.86 -4.52
N LYS K 104 30.61 -91.94 -3.43
CA LYS K 104 29.68 -90.86 -3.11
C LYS K 104 30.39 -89.52 -2.93
N ALA K 105 31.53 -89.52 -2.24
CA ALA K 105 32.28 -88.29 -2.02
C ALA K 105 32.77 -87.71 -3.35
N SER K 106 33.39 -88.54 -4.17
CA SER K 106 33.90 -88.06 -5.44
C SER K 106 32.77 -87.70 -6.40
N ILE K 107 31.66 -88.41 -6.37
CA ILE K 107 30.55 -88.08 -7.26
C ILE K 107 29.97 -86.71 -6.90
N ASN K 108 29.76 -86.45 -5.61
CA ASN K 108 29.27 -85.13 -5.21
C ASN K 108 30.29 -84.04 -5.55
N MET K 109 31.57 -84.35 -5.34
CA MET K 109 32.64 -83.41 -5.65
C MET K 109 32.65 -83.07 -7.14
N LEU K 110 32.40 -84.06 -8.00
CA LEU K 110 32.28 -83.82 -9.43
C LEU K 110 31.00 -83.07 -9.77
N ARG K 111 29.94 -83.28 -9.00
CA ARG K 111 28.70 -82.54 -9.23
C ARG K 111 28.90 -81.06 -8.99
N ILE K 112 29.79 -80.70 -8.05
CA ILE K 112 30.03 -79.27 -7.79
C ILE K 112 30.59 -78.57 -9.01
N VAL K 113 31.56 -79.18 -9.68
CA VAL K 113 32.27 -78.54 -10.78
C VAL K 113 31.74 -79.00 -12.14
N GLU K 114 30.50 -79.44 -12.21
CA GLU K 114 29.91 -79.97 -13.43
C GLU K 114 30.03 -79.05 -14.65
N PRO K 115 29.72 -77.75 -14.58
CA PRO K 115 29.87 -76.92 -15.78
C PRO K 115 31.31 -76.75 -16.24
N TYR K 116 32.28 -76.99 -15.37
CA TYR K 116 33.68 -76.75 -15.67
C TYR K 116 34.43 -77.97 -16.18
N ILE K 117 33.83 -79.15 -16.15
CA ILE K 117 34.49 -80.38 -16.53
C ILE K 117 33.62 -81.17 -17.51
N ALA K 118 34.26 -82.09 -18.21
CA ALA K 118 33.59 -83.09 -19.03
C ALA K 118 34.21 -84.43 -18.67
N TRP K 119 33.39 -85.33 -18.12
CA TRP K 119 33.93 -86.58 -17.61
C TRP K 119 33.09 -87.75 -18.07
N GLY K 120 33.63 -88.94 -17.89
CA GLY K 120 32.96 -90.14 -18.31
C GLY K 120 33.69 -91.37 -17.82
N TYR K 121 33.35 -92.49 -18.42
CA TYR K 121 33.88 -93.78 -17.99
C TYR K 121 34.79 -94.35 -19.06
N PRO K 122 36.10 -94.26 -18.92
CA PRO K 122 37.01 -94.73 -19.97
C PRO K 122 37.01 -96.24 -20.08
N ASN K 123 37.27 -96.72 -21.29
CA ASN K 123 37.48 -98.13 -21.51
C ASN K 123 38.97 -98.43 -21.37
N LEU K 124 39.38 -99.63 -21.74
CA LEU K 124 40.77 -100.01 -21.57
C LEU K 124 41.68 -99.29 -22.56
N LYS K 125 41.25 -99.14 -23.81
CA LYS K 125 42.09 -98.53 -24.83
C LYS K 125 42.40 -97.09 -24.50
N SER K 126 41.43 -96.36 -23.95
CA SER K 126 41.69 -95.00 -23.55
C SER K 126 42.78 -94.93 -22.48
N VAL K 127 42.72 -95.84 -21.51
CA VAL K 127 43.73 -95.88 -20.46
C VAL K 127 45.10 -96.21 -21.03
N ASN K 128 45.17 -97.19 -21.93
CA ASN K 128 46.45 -97.55 -22.52
C ASN K 128 47.04 -96.38 -23.29
N GLU K 129 46.24 -95.74 -24.14
CA GLU K 129 46.76 -94.62 -24.92
C GLU K 129 47.20 -93.48 -24.01
N LEU K 130 46.42 -93.20 -22.97
CA LEU K 130 46.75 -92.11 -22.07
C LEU K 130 48.07 -92.36 -21.36
N ILE K 131 48.21 -93.54 -20.75
CA ILE K 131 49.41 -93.84 -19.98
C ILE K 131 50.62 -93.93 -20.89
N TYR K 132 50.45 -94.45 -22.10
CA TYR K 132 51.61 -94.69 -22.95
C TYR K 132 52.03 -93.44 -23.72
N LYS K 133 51.10 -92.56 -24.07
CA LYS K 133 51.47 -91.39 -24.85
C LYS K 133 51.71 -90.16 -23.98
N ARG K 134 50.87 -89.94 -22.96
CA ARG K 134 50.98 -88.74 -22.15
C ARG K 134 51.23 -89.08 -20.68
N GLY K 135 51.78 -90.25 -20.40
CA GLY K 135 52.05 -90.66 -19.05
C GLY K 135 53.34 -90.08 -18.49
N TYR K 136 53.21 -89.18 -17.53
CA TYR K 136 54.35 -88.58 -16.85
C TYR K 136 54.24 -88.88 -15.36
N GLY K 137 55.38 -89.16 -14.74
CA GLY K 137 55.43 -89.47 -13.32
C GLY K 137 55.89 -88.28 -12.51
N LYS K 138 55.30 -88.14 -11.32
CA LYS K 138 55.72 -87.12 -10.36
C LYS K 138 56.78 -87.74 -9.47
N ILE K 139 57.98 -87.86 -10.02
CA ILE K 139 59.11 -88.47 -9.33
C ILE K 139 59.93 -87.37 -8.69
N ASN K 140 59.81 -87.23 -7.37
CA ASN K 140 60.50 -86.19 -6.59
C ASN K 140 60.11 -84.81 -7.13
N LYS K 141 58.81 -84.56 -7.12
CA LYS K 141 58.21 -83.27 -7.45
C LYS K 141 58.58 -82.79 -8.86
N LYS K 142 58.95 -83.70 -9.75
CA LYS K 142 59.35 -83.35 -11.10
C LYS K 142 58.55 -84.16 -12.11
N ARG K 143 58.03 -83.49 -13.12
CA ARG K 143 57.27 -84.15 -14.17
C ARG K 143 58.25 -84.92 -15.06
N ILE K 144 58.44 -86.20 -14.77
CA ILE K 144 59.37 -87.05 -15.48
C ILE K 144 58.58 -88.01 -16.37
N ALA K 145 58.94 -88.08 -17.64
CA ALA K 145 58.26 -88.95 -18.58
C ALA K 145 58.51 -90.41 -18.25
N LEU K 146 57.48 -91.24 -18.39
CA LEU K 146 57.60 -92.67 -18.12
C LEU K 146 58.24 -93.34 -19.33
N THR K 147 59.55 -93.20 -19.43
CA THR K 147 60.31 -93.76 -20.54
C THR K 147 60.91 -95.12 -20.23
N ASP K 148 61.12 -95.44 -18.95
CA ASP K 148 61.69 -96.71 -18.54
C ASP K 148 60.85 -97.24 -17.39
N ASN K 149 60.80 -98.57 -17.27
CA ASN K 149 60.08 -99.20 -16.18
C ASN K 149 60.73 -98.97 -14.83
N ALA K 150 62.03 -98.65 -14.80
CA ALA K 150 62.71 -98.41 -13.55
C ALA K 150 62.17 -97.18 -12.84
N LEU K 151 61.72 -96.19 -13.61
CA LEU K 151 61.12 -94.99 -13.01
C LEU K 151 59.86 -95.34 -12.23
N ILE K 152 59.03 -96.23 -12.77
CA ILE K 152 57.86 -96.68 -12.04
C ILE K 152 58.28 -97.56 -10.86
N ALA K 153 59.27 -98.42 -11.07
CA ALA K 153 59.65 -99.39 -10.06
C ALA K 153 60.23 -98.73 -8.82
N ARG K 154 61.03 -97.69 -8.99
CA ARG K 154 61.67 -97.06 -7.84
C ARG K 154 60.66 -96.33 -6.97
N SER K 155 59.64 -95.72 -7.57
CA SER K 155 58.69 -94.92 -6.82
C SER K 155 57.49 -95.70 -6.32
N LEU K 156 57.11 -96.78 -7.02
CA LEU K 156 55.90 -97.52 -6.67
C LEU K 156 56.16 -99.00 -6.48
N GLY K 157 57.41 -99.43 -6.41
CA GLY K 157 57.69 -100.85 -6.25
C GLY K 157 57.27 -101.38 -4.89
N LYS K 158 57.20 -100.51 -3.89
CA LYS K 158 56.76 -100.92 -2.57
C LYS K 158 55.29 -101.32 -2.55
N TYR K 159 54.54 -100.95 -3.57
CA TYR K 159 53.14 -101.34 -3.69
C TYR K 159 52.94 -102.45 -4.72
N GLY K 160 54.01 -103.06 -5.20
CA GLY K 160 53.91 -104.12 -6.17
C GLY K 160 53.79 -103.66 -7.60
N ILE K 161 53.75 -102.35 -7.84
CA ILE K 161 53.66 -101.80 -9.20
C ILE K 161 55.09 -101.59 -9.67
N ILE K 162 55.50 -102.33 -10.71
CA ILE K 162 56.90 -102.31 -11.12
C ILE K 162 57.06 -102.11 -12.62
N CYS K 163 55.96 -101.86 -13.33
CA CYS K 163 56.05 -101.68 -14.77
C CYS K 163 54.90 -100.81 -15.25
N MET K 164 54.89 -100.53 -16.55
CA MET K 164 53.78 -99.83 -17.16
C MET K 164 52.50 -100.65 -17.06
N GLU K 165 52.61 -101.96 -17.28
CA GLU K 165 51.45 -102.83 -17.25
C GLU K 165 50.82 -102.88 -15.86
N ASP K 166 51.64 -102.93 -14.82
CA ASP K 166 51.11 -102.93 -13.46
C ASP K 166 50.40 -101.62 -13.15
N LEU K 167 50.96 -100.50 -13.60
CA LEU K 167 50.30 -99.21 -13.39
C LEU K 167 48.97 -99.16 -14.11
N ILE K 168 48.92 -99.65 -15.35
CA ILE K 168 47.66 -99.68 -16.10
C ILE K 168 46.66 -100.62 -15.42
N HIS K 169 47.13 -101.72 -14.85
CA HIS K 169 46.23 -102.62 -14.14
C HIS K 169 45.66 -101.97 -12.89
N GLU K 170 46.48 -101.18 -12.19
CA GLU K 170 45.98 -100.49 -11.00
C GLU K 170 45.06 -99.34 -11.36
N ILE K 171 45.21 -98.77 -12.56
CA ILE K 171 44.34 -97.67 -12.95
C ILE K 171 43.01 -98.20 -13.48
N TYR K 172 43.06 -99.11 -14.47
CA TYR K 172 41.84 -99.65 -15.06
C TYR K 172 41.01 -100.38 -14.02
N THR K 173 41.54 -101.46 -13.48
CA THR K 173 40.95 -102.09 -12.31
C THR K 173 41.37 -101.26 -11.11
N VAL K 174 40.43 -100.53 -10.52
CA VAL K 174 40.77 -99.66 -9.40
C VAL K 174 41.19 -100.56 -8.24
N GLY K 175 42.49 -100.62 -7.98
CA GLY K 175 43.05 -101.58 -7.07
C GLY K 175 43.15 -101.06 -5.66
N LYS K 176 43.79 -101.86 -4.80
CA LYS K 176 43.95 -101.47 -3.42
C LYS K 176 44.84 -100.25 -3.28
N ARG K 177 45.85 -100.14 -4.13
CA ARG K 177 46.77 -99.01 -4.13
C ARG K 177 46.49 -98.04 -5.27
N PHE K 178 45.21 -97.81 -5.59
CA PHE K 178 44.88 -96.88 -6.66
C PHE K 178 45.29 -95.47 -6.33
N LYS K 179 45.18 -95.08 -5.05
CA LYS K 179 45.47 -93.69 -4.68
C LYS K 179 46.92 -93.34 -4.98
N GLU K 180 47.84 -94.21 -4.57
CA GLU K 180 49.26 -93.97 -4.81
C GLU K 180 49.58 -94.01 -6.29
N ALA K 181 49.00 -94.96 -7.02
CA ALA K 181 49.27 -95.08 -8.45
C ALA K 181 48.76 -93.86 -9.21
N ASN K 182 47.58 -93.35 -8.84
CA ASN K 182 47.01 -92.21 -9.55
C ASN K 182 47.71 -90.92 -9.16
N ASN K 183 48.06 -90.75 -7.88
CA ASN K 183 48.76 -89.54 -7.48
C ASN K 183 50.19 -89.54 -7.97
N PHE K 184 50.75 -90.71 -8.26
CA PHE K 184 52.07 -90.77 -8.88
C PHE K 184 52.04 -90.14 -10.27
N LEU K 185 50.97 -90.38 -11.03
CA LEU K 185 50.84 -89.81 -12.35
C LEU K 185 50.61 -88.32 -12.27
N TRP K 186 51.35 -87.57 -13.07
CA TRP K 186 51.05 -86.17 -13.27
C TRP K 186 49.71 -86.05 -14.01
N PRO K 187 48.94 -84.99 -13.76
CA PRO K 187 47.74 -84.77 -14.55
C PRO K 187 48.07 -84.63 -16.03
N PHE K 188 47.21 -85.22 -16.86
CA PHE K 188 47.51 -85.36 -18.28
C PHE K 188 47.37 -84.04 -19.00
N LYS K 189 48.37 -83.70 -19.81
CA LYS K 189 48.36 -82.47 -20.59
C LYS K 189 47.79 -82.79 -21.97
N LEU K 190 46.47 -82.94 -22.02
CA LEU K 190 45.80 -83.23 -23.27
C LEU K 190 45.77 -82.01 -24.17
N SER K 191 45.82 -82.24 -25.47
CA SER K 191 45.77 -81.15 -26.43
C SER K 191 44.35 -80.66 -26.60
N SER K 192 44.17 -79.68 -27.48
CA SER K 192 42.84 -79.25 -27.85
C SER K 192 42.15 -80.37 -28.61
N PRO K 193 40.82 -80.47 -28.49
CA PRO K 193 40.10 -81.53 -29.20
C PRO K 193 40.13 -81.27 -30.70
N ARG K 194 40.75 -82.18 -31.44
CA ARG K 194 40.75 -82.07 -32.89
C ARG K 194 39.35 -82.35 -33.41
N GLY K 195 38.93 -81.56 -34.39
CA GLY K 195 37.57 -81.63 -34.88
C GLY K 195 36.60 -80.74 -34.15
N GLY K 196 37.06 -80.01 -33.14
CA GLY K 196 36.23 -79.02 -32.49
C GLY K 196 35.37 -79.58 -31.39
N MET K 197 34.58 -78.69 -30.82
CA MET K 197 33.66 -78.98 -29.74
C MET K 197 32.24 -78.67 -30.18
N LYS K 198 31.27 -79.25 -29.48
CA LYS K 198 29.88 -78.91 -29.76
C LYS K 198 29.54 -77.57 -29.12
N LYS K 199 29.61 -77.50 -27.80
CA LYS K 199 29.42 -76.25 -27.06
C LYS K 199 29.94 -76.46 -25.65
N LYS K 200 30.90 -75.65 -25.23
CA LYS K 200 31.51 -75.90 -23.92
C LYS K 200 30.69 -75.32 -22.77
N THR K 201 29.74 -74.43 -23.06
CA THR K 201 29.08 -73.70 -21.99
C THR K 201 27.79 -74.36 -21.52
N THR K 202 27.33 -75.41 -22.19
CA THR K 202 26.11 -76.11 -21.80
C THR K 202 26.42 -77.56 -21.48
N HIS K 203 25.46 -78.22 -20.85
CA HIS K 203 25.61 -79.61 -20.46
C HIS K 203 25.60 -80.52 -21.68
N PHE K 204 26.18 -81.72 -21.51
CA PHE K 204 26.25 -82.67 -22.62
C PHE K 204 24.86 -83.11 -23.06
N VAL K 205 23.95 -83.33 -22.11
CA VAL K 205 22.63 -83.82 -22.45
C VAL K 205 21.81 -82.78 -23.17
N GLU K 206 22.17 -81.50 -23.07
CA GLU K 206 21.49 -80.44 -23.82
C GLU K 206 22.32 -79.98 -25.01
N GLY K 207 23.09 -80.90 -25.60
CA GLY K 207 23.81 -80.63 -26.81
C GLY K 207 25.21 -80.09 -26.65
N GLY K 208 25.67 -79.86 -25.43
CA GLY K 208 26.96 -79.25 -25.19
C GLY K 208 28.04 -80.28 -24.94
N ASP K 209 29.01 -79.90 -24.11
CA ASP K 209 30.11 -80.78 -23.75
C ASP K 209 30.31 -80.95 -22.26
N ALA K 210 29.79 -80.06 -21.43
CA ALA K 210 30.00 -80.16 -19.99
C ALA K 210 29.22 -81.34 -19.43
N GLY K 211 29.59 -81.75 -18.23
CA GLY K 211 28.86 -82.79 -17.54
C GLY K 211 29.38 -84.18 -17.85
N ASN K 212 28.54 -85.16 -17.56
CA ASN K 212 28.90 -86.57 -17.65
C ASN K 212 28.35 -87.16 -18.95
N ARG K 213 29.22 -87.34 -19.93
CA ARG K 213 28.97 -88.25 -21.04
C ARG K 213 29.49 -89.62 -20.62
N GLU K 214 28.59 -90.60 -20.52
CA GLU K 214 28.96 -91.75 -19.69
C GLU K 214 29.98 -92.66 -20.37
N ASP K 215 29.81 -92.99 -21.65
CA ASP K 215 30.91 -93.67 -22.33
C ASP K 215 31.46 -92.89 -23.50
N GLN K 216 30.81 -91.82 -23.91
CA GLN K 216 31.30 -91.04 -25.03
C GLN K 216 32.51 -90.24 -24.68
N ILE K 217 33.08 -90.38 -23.48
CA ILE K 217 34.34 -89.73 -23.17
C ILE K 217 35.49 -90.34 -23.96
N ASN K 218 35.32 -91.57 -24.45
CA ASN K 218 36.39 -92.20 -25.21
C ASN K 218 36.58 -91.52 -26.56
N ARG K 219 35.50 -91.09 -27.20
CA ARG K 219 35.62 -90.34 -28.43
C ARG K 219 36.38 -89.05 -28.22
N LEU K 220 36.05 -88.33 -27.14
CA LEU K 220 36.77 -87.11 -26.81
C LEU K 220 38.23 -87.39 -26.52
N ILE K 221 38.52 -88.54 -25.91
CA ILE K 221 39.90 -88.88 -25.62
C ILE K 221 40.66 -89.15 -26.92
N ARG K 222 40.06 -89.88 -27.85
CA ARG K 222 40.72 -90.15 -29.12
C ARG K 222 40.98 -88.85 -29.88
N ARG K 223 40.01 -87.95 -29.91
CA ARG K 223 40.25 -86.66 -30.55
C ARG K 223 41.12 -85.75 -29.71
N MET K 224 41.42 -86.12 -28.47
CA MET K 224 42.03 -85.23 -27.50
C MET K 224 43.55 -85.39 -27.41
N ASN K 225 44.03 -86.61 -27.22
CA ASN K 225 45.47 -86.83 -27.18
C ASN K 225 46.01 -87.36 -28.50
N LYS L 1 68.92 88.74 47.65
CA LYS L 1 69.29 90.11 47.31
C LYS L 1 69.74 90.21 45.85
N VAL L 2 70.41 89.17 45.38
CA VAL L 2 70.98 89.12 44.04
C VAL L 2 70.46 87.92 43.26
N VAL L 3 69.46 87.21 43.79
CA VAL L 3 68.97 86.00 43.14
C VAL L 3 68.36 86.36 41.79
N ASN L 4 68.72 85.59 40.78
CA ASN L 4 68.21 85.80 39.44
C ASN L 4 66.71 85.56 39.43
N PRO L 5 65.90 86.54 39.01
CA PRO L 5 64.44 86.32 39.00
C PRO L 5 64.00 85.22 38.06
N LEU L 6 64.82 84.84 37.09
CA LEU L 6 64.44 83.74 36.21
C LEU L 6 64.42 82.40 36.92
N PHE L 7 65.17 82.25 38.00
CA PHE L 7 65.18 80.99 38.73
C PHE L 7 63.84 80.77 39.41
N GLU L 8 63.25 79.60 39.20
CA GLU L 8 61.95 79.29 39.76
C GLU L 8 61.88 77.82 40.10
N LYS L 9 61.02 77.49 41.04
CA LYS L 9 60.73 76.10 41.35
C LYS L 9 59.81 75.54 40.28
N ARG L 10 60.10 74.31 39.84
CA ARG L 10 59.32 73.63 38.82
C ARG L 10 58.92 72.27 39.36
N PRO L 11 58.06 72.25 40.39
CA PRO L 11 57.74 70.97 41.04
C PRO L 11 56.85 70.12 40.15
N LYS L 12 56.96 68.81 40.29
CA LYS L 12 56.12 67.87 39.59
C LYS L 12 55.40 67.01 40.62
N ASN L 13 54.07 66.91 40.48
CA ASN L 13 53.29 66.01 41.31
C ASN L 13 53.26 64.64 40.69
N PHE L 14 53.47 63.62 41.50
CA PHE L 14 53.50 62.23 41.05
C PHE L 14 52.20 61.51 41.36
N GLY L 15 51.08 62.20 41.27
CA GLY L 15 49.80 61.56 41.49
C GLY L 15 49.45 60.63 40.36
N ILE L 16 48.39 59.85 40.58
CA ILE L 16 47.91 58.94 39.54
C ILE L 16 47.49 59.76 38.33
N GLY L 17 47.99 59.36 37.16
CA GLY L 17 47.70 60.08 35.93
C GLY L 17 48.46 61.38 35.74
N GLN L 18 49.24 61.78 36.73
CA GLN L 18 50.04 63.00 36.69
C GLN L 18 51.39 62.67 36.04
N ASP L 19 52.37 63.54 36.23
CA ASP L 19 53.72 63.34 35.73
C ASP L 19 54.24 61.96 36.11
N ILE L 20 55.05 61.37 35.23
CA ILE L 20 55.41 59.96 35.39
C ILE L 20 56.29 59.78 36.62
N GLN L 21 56.30 58.54 37.12
CA GLN L 21 56.92 58.25 38.39
C GLN L 21 58.44 58.43 38.34
N PRO L 22 59.04 58.86 39.43
CA PRO L 22 60.50 58.91 39.49
C PRO L 22 61.10 57.51 39.56
N LYS L 23 62.35 57.43 39.14
CA LYS L 23 63.08 56.15 39.16
C LYS L 23 63.49 55.87 40.60
N ARG L 24 62.60 55.22 41.34
CA ARG L 24 62.81 54.94 42.75
C ARG L 24 63.30 53.52 42.95
N ASP L 25 63.62 53.20 44.20
CA ASP L 25 64.13 51.87 44.55
C ASP L 25 63.03 50.83 44.39
N LEU L 26 63.35 49.73 43.71
CA LEU L 26 62.40 48.66 43.49
C LEU L 26 62.98 47.31 43.88
N THR L 27 63.88 47.29 44.86
CA THR L 27 64.55 46.05 45.23
C THR L 27 63.57 45.02 45.75
N ARG L 28 62.43 45.46 46.30
CA ARG L 28 61.46 44.51 46.80
C ARG L 28 60.68 43.83 45.68
N PHE L 29 60.71 44.38 44.48
CA PHE L 29 59.84 43.92 43.40
C PHE L 29 60.64 43.46 42.19
N VAL L 30 61.72 42.72 42.42
CA VAL L 30 62.65 42.36 41.35
C VAL L 30 62.42 40.91 40.96
N LYS L 31 62.37 40.67 39.65
CA LYS L 31 62.41 39.31 39.15
C LYS L 31 63.83 38.79 39.32
N TRP L 32 64.08 38.11 40.43
CA TRP L 32 65.42 37.68 40.80
C TRP L 32 65.82 36.43 40.03
N PRO L 33 67.12 36.16 39.94
CA PRO L 33 67.57 34.86 39.45
C PRO L 33 67.07 33.73 40.33
N ARG L 34 67.05 32.52 39.76
CA ARG L 34 66.45 31.41 40.47
C ARG L 34 67.22 31.02 41.72
N TYR L 35 68.54 31.20 41.72
CA TYR L 35 69.31 30.79 42.88
C TYR L 35 69.09 31.75 44.06
N ILE L 36 68.94 33.03 43.78
CA ILE L 36 68.65 33.99 44.85
C ILE L 36 67.29 33.71 45.45
N ARG L 37 66.29 33.45 44.60
CA ARG L 37 64.97 33.09 45.11
C ARG L 37 65.03 31.81 45.92
N LEU L 38 65.77 30.82 45.44
CA LEU L 38 65.82 29.54 46.14
C LEU L 38 66.44 29.70 47.53
N GLN L 39 67.54 30.45 47.63
CA GLN L 39 68.17 30.59 48.93
C GLN L 39 67.34 31.43 49.88
N ARG L 40 66.70 32.50 49.37
CA ARG L 40 65.83 33.30 50.21
C ARG L 40 64.62 32.50 50.69
N GLN L 41 64.01 31.71 49.81
CA GLN L 41 62.88 30.89 50.22
C GLN L 41 63.32 29.80 51.19
N ARG L 42 64.53 29.27 51.04
CA ARG L 42 65.00 28.31 52.03
C ARG L 42 65.12 28.96 53.39
N ALA L 43 65.62 30.20 53.42
CA ALA L 43 65.67 30.93 54.70
C ALA L 43 64.28 31.12 55.28
N ILE L 44 63.29 31.38 54.43
CA ILE L 44 61.93 31.60 54.92
C ILE L 44 61.32 30.30 55.44
N LEU L 45 61.45 29.22 54.67
CA LEU L 45 60.95 27.91 55.11
C LEU L 45 61.67 27.38 56.33
N TYR L 46 62.87 27.86 56.62
CA TYR L 46 63.44 27.50 57.92
C TYR L 46 62.75 28.20 59.08
N LYS L 47 61.92 29.20 58.81
CA LYS L 47 61.12 29.83 59.86
C LYS L 47 59.66 29.43 59.83
N ARG L 48 59.14 28.99 58.68
CA ARG L 48 57.76 28.51 58.66
C ARG L 48 57.60 27.18 59.39
N LEU L 49 58.50 26.23 59.11
CA LEU L 49 58.34 24.88 59.60
C LEU L 49 58.71 24.78 61.07
N LYS L 50 58.39 23.65 61.67
CA LYS L 50 58.79 23.35 63.04
C LYS L 50 60.16 22.68 63.00
N VAL L 51 61.20 23.44 63.30
CA VAL L 51 62.56 22.91 63.27
C VAL L 51 62.80 22.07 64.53
N PRO L 52 63.23 20.82 64.39
CA PRO L 52 63.45 20.00 65.57
C PRO L 52 64.58 20.56 66.43
N PRO L 53 64.53 20.34 67.74
CA PRO L 53 65.52 20.97 68.64
C PRO L 53 66.94 20.53 68.38
N ALA L 54 67.16 19.37 67.76
CA ALA L 54 68.52 18.97 67.40
C ALA L 54 69.10 19.90 66.36
N ILE L 55 68.27 20.46 65.48
CA ILE L 55 68.74 21.45 64.52
C ILE L 55 68.59 22.87 65.07
N ASN L 56 67.56 23.11 65.88
CA ASN L 56 67.32 24.45 66.39
C ASN L 56 68.38 24.88 67.39
N GLN L 57 69.13 23.96 67.97
CA GLN L 57 70.12 24.32 68.97
C GLN L 57 71.25 25.16 68.38
N PHE L 58 71.53 24.97 67.10
CA PHE L 58 72.62 25.72 66.47
C PHE L 58 72.26 27.18 66.23
N THR L 59 70.99 27.55 66.34
CA THR L 59 70.63 28.95 66.28
C THR L 59 71.10 29.69 67.52
N GLN L 60 71.02 29.03 68.68
CA GLN L 60 71.41 29.64 69.95
C GLN L 60 72.92 29.53 70.06
N ALA L 61 73.62 30.54 69.55
CA ALA L 61 75.07 30.55 69.46
C ALA L 61 75.65 31.54 70.46
N LEU L 62 76.97 31.62 70.48
CA LEU L 62 77.67 32.52 71.40
C LEU L 62 77.43 33.96 71.01
N ASP L 63 77.34 34.83 72.01
CA ASP L 63 77.20 36.25 71.73
C ASP L 63 78.55 36.84 71.30
N ARG L 64 78.51 38.11 70.90
CA ARG L 64 79.69 38.72 70.29
C ARG L 64 80.85 38.84 71.28
N GLN L 65 80.55 39.14 72.55
CA GLN L 65 81.62 39.31 73.53
C GLN L 65 82.32 37.99 73.82
N THR L 66 81.55 36.94 74.11
CA THR L 66 82.14 35.65 74.44
C THR L 66 82.85 35.06 73.23
N ALA L 67 82.27 35.20 72.04
CA ALA L 67 82.95 34.74 70.84
C ALA L 67 84.25 35.51 70.62
N THR L 68 84.23 36.82 70.90
CA THR L 68 85.42 37.62 70.71
C THR L 68 86.54 37.18 71.64
N GLN L 69 86.21 36.97 72.93
CA GLN L 69 87.27 36.55 73.84
C GLN L 69 87.72 35.12 73.55
N LEU L 70 86.81 34.26 73.07
CA LEU L 70 87.21 32.91 72.71
C LEU L 70 88.17 32.91 71.53
N LEU L 71 87.84 33.67 70.48
CA LEU L 71 88.72 33.73 69.31
C LEU L 71 90.03 34.42 69.63
N LYS L 72 90.02 35.40 70.55
CA LYS L 72 91.27 36.00 70.99
C LYS L 72 92.11 35.00 71.78
N LEU L 73 91.46 34.12 72.54
CA LEU L 73 92.18 33.02 73.19
C LEU L 73 92.64 31.98 72.18
N ALA L 74 91.78 31.66 71.21
CA ALA L 74 92.08 30.57 70.28
C ALA L 74 93.17 30.93 69.30
N HIS L 75 93.48 32.22 69.12
CA HIS L 75 94.53 32.60 68.19
C HIS L 75 95.91 32.19 68.69
N LYS L 76 96.06 31.96 69.98
CA LYS L 76 97.37 31.63 70.54
C LYS L 76 97.73 30.16 70.34
N TYR L 77 96.87 29.37 69.69
CA TYR L 77 97.12 27.95 69.49
C TYR L 77 96.76 27.55 68.07
N ARG L 78 96.98 28.44 67.11
CA ARG L 78 96.68 28.12 65.73
C ARG L 78 97.63 27.03 65.23
N PRO L 79 97.15 26.11 64.39
CA PRO L 79 98.07 25.14 63.78
C PRO L 79 99.12 25.84 62.94
N GLU L 80 100.33 25.30 62.96
CA GLU L 80 101.43 25.93 62.24
C GLU L 80 101.24 25.82 60.74
N THR L 81 101.54 26.90 60.03
CA THR L 81 101.43 26.91 58.58
C THR L 81 102.58 26.11 57.96
N LYS L 82 102.49 25.90 56.65
CA LYS L 82 103.50 25.08 55.98
C LYS L 82 104.85 25.78 55.92
N GLN L 83 104.88 27.11 55.81
CA GLN L 83 106.15 27.81 55.77
C GLN L 83 106.88 27.70 57.11
N GLU L 84 106.19 27.98 58.20
CA GLU L 84 106.84 27.86 59.50
C GLU L 84 107.06 26.40 59.89
N LYS L 85 106.27 25.46 59.36
CA LYS L 85 106.63 24.06 59.54
C LYS L 85 107.92 23.72 58.81
N LYS L 86 108.11 24.26 57.61
CA LYS L 86 109.37 24.05 56.91
C LYS L 86 110.52 24.65 57.71
N GLN L 87 110.32 25.83 58.29
CA GLN L 87 111.36 26.44 59.12
C GLN L 87 111.68 25.58 60.34
N ARG L 88 110.65 25.06 61.01
CA ARG L 88 110.88 24.22 62.18
C ARG L 88 111.61 22.93 61.80
N LEU L 89 111.20 22.30 60.70
CA LEU L 89 111.86 21.06 60.27
C LEU L 89 113.29 21.31 59.85
N LEU L 90 113.57 22.42 59.16
CA LEU L 90 114.94 22.74 58.79
C LEU L 90 115.79 23.03 60.03
N ALA L 91 115.21 23.73 61.01
CA ALA L 91 115.93 24.00 62.24
C ALA L 91 116.25 22.71 62.98
N ARG L 92 115.30 21.78 63.00
CA ARG L 92 115.56 20.48 63.60
C ARG L 92 116.60 19.67 62.82
N ALA L 93 116.60 19.79 61.49
CA ALA L 93 117.61 19.09 60.70
C ALA L 93 119.02 19.61 61.01
N GLU L 94 119.17 20.94 61.04
CA GLU L 94 120.46 21.52 61.40
C GLU L 94 120.84 21.19 62.84
N LYS L 95 119.86 21.18 63.74
CA LYS L 95 120.12 20.88 65.14
C LYS L 95 120.56 19.43 65.31
N LYS L 96 119.95 18.51 64.57
CA LYS L 96 120.36 17.11 64.65
C LYS L 96 121.73 16.89 64.01
N ALA L 97 122.00 17.58 62.91
CA ALA L 97 123.34 17.55 62.33
C ALA L 97 124.36 18.16 63.29
N ALA L 98 124.00 19.26 63.95
CA ALA L 98 124.90 19.92 64.89
C ALA L 98 124.08 20.59 65.97
N GLY L 99 124.23 20.14 67.21
CA GLY L 99 125.04 18.99 67.56
C GLY L 99 124.52 18.17 68.72
N LYS L 100 123.32 18.49 69.20
CA LYS L 100 122.83 17.84 70.42
C LYS L 100 122.21 16.48 70.12
N GLY L 101 121.12 16.46 69.37
CA GLY L 101 120.42 15.22 69.10
C GLY L 101 118.95 15.49 68.75
N ASP L 102 118.07 14.65 69.28
CA ASP L 102 116.65 14.68 68.91
C ASP L 102 115.92 15.82 69.62
N VAL L 103 115.82 15.74 70.94
CA VAL L 103 115.23 16.78 71.78
C VAL L 103 113.82 17.18 71.33
N PRO L 104 112.79 16.38 71.61
CA PRO L 104 111.43 16.81 71.27
C PRO L 104 111.02 18.13 71.89
N THR L 105 111.57 18.48 73.06
CA THR L 105 111.43 19.80 73.68
C THR L 105 109.97 20.21 73.87
N LYS L 106 109.15 19.27 74.34
CA LYS L 106 107.80 19.55 74.84
C LYS L 106 106.94 20.20 73.76
N ARG L 107 106.62 19.38 72.74
CA ARG L 107 105.77 19.72 71.61
C ARG L 107 104.60 20.59 72.05
N PRO L 108 104.48 21.81 71.50
CA PRO L 108 103.58 22.79 72.10
C PRO L 108 102.14 22.42 71.88
N PRO L 109 101.24 22.83 72.78
CA PRO L 109 99.82 22.56 72.58
C PRO L 109 99.29 23.28 71.36
N VAL L 110 98.29 22.69 70.73
CA VAL L 110 97.75 23.21 69.48
C VAL L 110 96.26 22.93 69.44
N LEU L 111 95.53 23.78 68.73
CA LEU L 111 94.10 23.59 68.55
C LEU L 111 93.86 22.45 67.56
N ARG L 112 93.13 21.43 67.99
CA ARG L 112 92.76 20.36 67.08
C ARG L 112 91.54 20.74 66.27
N ALA L 113 91.48 20.26 65.03
CA ALA L 113 90.44 20.65 64.10
C ALA L 113 89.96 19.43 63.33
N GLY L 114 88.78 19.57 62.71
CA GLY L 114 88.17 18.49 61.99
C GLY L 114 87.15 17.78 62.84
N VAL L 115 86.00 17.42 62.25
CA VAL L 115 84.93 16.82 63.04
C VAL L 115 85.32 15.44 63.54
N ASN L 116 86.04 14.67 62.73
CA ASN L 116 86.44 13.33 63.16
C ASN L 116 87.45 13.39 64.29
N THR L 117 88.43 14.28 64.18
CA THR L 117 89.43 14.43 65.24
C THR L 117 88.77 14.87 66.54
N VAL L 118 87.86 15.84 66.46
CA VAL L 118 87.20 16.35 67.65
C VAL L 118 86.31 15.28 68.27
N THR L 119 85.61 14.51 67.44
CA THR L 119 84.78 13.44 67.95
C THR L 119 85.61 12.39 68.67
N THR L 120 86.75 12.02 68.09
CA THR L 120 87.63 11.06 68.75
C THR L 120 88.14 11.61 70.08
N LEU L 121 88.52 12.88 70.11
CA LEU L 121 89.01 13.47 71.36
C LEU L 121 87.93 13.48 72.42
N VAL L 122 86.69 13.80 72.03
CA VAL L 122 85.60 13.82 73.00
C VAL L 122 85.34 12.42 73.52
N GLU L 123 85.30 11.43 72.62
CA GLU L 123 85.01 10.06 73.03
C GLU L 123 86.05 9.50 74.00
N ASN L 124 87.27 10.03 73.99
CA ASN L 124 88.32 9.62 74.91
C ASN L 124 88.44 10.54 76.11
N LYS L 125 87.56 11.54 76.23
CA LYS L 125 87.61 12.55 77.29
C LYS L 125 88.96 13.28 77.29
N LYS L 126 89.49 13.53 76.10
CA LYS L 126 90.71 14.29 75.93
C LYS L 126 90.46 15.72 75.50
N ALA L 127 89.20 16.14 75.42
CA ALA L 127 88.85 17.50 75.04
C ALA L 127 88.53 18.30 76.29
N GLN L 128 89.03 19.53 76.34
CA GLN L 128 88.69 20.44 77.42
C GLN L 128 87.58 21.41 77.06
N LEU L 129 87.55 21.87 75.81
CA LEU L 129 86.50 22.74 75.31
C LEU L 129 86.33 22.46 73.84
N VAL L 130 85.08 22.38 73.40
CA VAL L 130 84.75 22.07 72.01
C VAL L 130 83.98 23.25 71.42
N VAL L 131 84.41 23.73 70.27
CA VAL L 131 83.78 24.84 69.58
C VAL L 131 83.13 24.29 68.31
N ILE L 132 81.85 24.60 68.12
CA ILE L 132 81.07 24.09 67.01
C ILE L 132 80.58 25.27 66.18
N ALA L 133 80.63 25.12 64.86
CA ALA L 133 80.07 26.11 63.96
C ALA L 133 78.56 25.94 63.86
N HIS L 134 77.86 27.07 63.69
CA HIS L 134 76.41 27.07 63.65
C HIS L 134 75.82 26.87 62.26
N ASP L 135 76.64 26.90 61.21
CA ASP L 135 76.14 26.97 59.85
C ASP L 135 76.78 25.92 58.96
N VAL L 136 76.94 24.70 59.47
CA VAL L 136 77.40 23.60 58.63
C VAL L 136 76.28 23.23 57.67
N ASP L 137 76.58 23.23 56.37
CA ASP L 137 75.51 23.14 55.39
C ASP L 137 74.92 21.74 55.30
N PRO L 138 75.72 20.66 55.21
CA PRO L 138 75.15 19.33 55.44
C PRO L 138 74.99 19.10 56.93
N ILE L 139 73.88 19.54 57.52
CA ILE L 139 73.83 19.54 58.97
C ILE L 139 73.45 18.15 59.45
N GLU L 140 74.43 17.26 59.38
CA GLU L 140 74.46 16.00 60.10
C GLU L 140 75.83 15.73 60.68
N LEU L 141 76.86 16.43 60.22
CA LEU L 141 78.21 16.20 60.66
C LEU L 141 78.43 16.68 62.08
N VAL L 142 77.59 17.58 62.58
CA VAL L 142 77.75 18.13 63.91
C VAL L 142 76.50 18.06 64.76
N VAL L 143 75.41 17.44 64.28
CA VAL L 143 74.21 17.40 65.08
C VAL L 143 74.39 16.52 66.31
N PHE L 144 75.16 15.45 66.19
CA PHE L 144 75.39 14.57 67.32
C PHE L 144 76.38 15.14 68.32
N LEU L 145 77.18 16.13 67.92
CA LEU L 145 78.21 16.65 68.80
C LEU L 145 77.69 17.31 70.07
N PRO L 146 76.64 18.14 70.06
CA PRO L 146 76.16 18.67 71.35
C PRO L 146 75.72 17.60 72.32
N ALA L 147 74.92 16.62 71.88
CA ALA L 147 74.50 15.55 72.76
C ALA L 147 75.67 14.71 73.23
N LEU L 148 76.60 14.42 72.32
CA LEU L 148 77.76 13.62 72.70
C LEU L 148 78.62 14.34 73.72
N CYS L 149 78.85 15.64 73.51
CA CYS L 149 79.62 16.42 74.46
C CYS L 149 78.94 16.50 75.81
N ARG L 150 77.60 16.64 75.81
CA ARG L 150 76.87 16.66 77.06
C ARG L 150 77.02 15.33 77.80
N LYS L 151 76.87 14.22 77.08
CA LYS L 151 76.92 12.91 77.73
C LYS L 151 78.32 12.62 78.25
N MET L 152 79.34 12.98 77.47
CA MET L 152 80.72 12.79 77.92
C MET L 152 81.14 13.77 78.98
N GLY L 153 80.36 14.84 79.21
CA GLY L 153 80.68 15.82 80.20
C GLY L 153 81.59 16.94 79.73
N VAL L 154 82.12 16.85 78.52
CA VAL L 154 82.99 17.91 78.00
C VAL L 154 82.12 19.10 77.59
N PRO L 155 82.50 20.31 77.96
CA PRO L 155 81.73 21.49 77.57
C PRO L 155 81.82 21.76 76.08
N TYR L 156 80.80 22.43 75.57
CA TYR L 156 80.74 22.74 74.14
C TYR L 156 80.03 24.06 73.95
N CYS L 157 80.47 24.81 72.94
CA CYS L 157 79.86 26.08 72.58
C CYS L 157 79.61 26.11 71.08
N ILE L 158 78.56 26.81 70.70
CA ILE L 158 78.22 27.02 69.30
C ILE L 158 78.55 28.46 68.95
N ILE L 159 79.28 28.66 67.86
CA ILE L 159 79.75 29.98 67.47
C ILE L 159 79.25 30.29 66.06
N LYS L 160 79.22 31.58 65.74
CA LYS L 160 78.74 32.04 64.46
C LYS L 160 79.85 31.93 63.42
N GLY L 161 79.59 31.16 62.38
CA GLY L 161 80.47 31.16 61.22
C GLY L 161 81.52 30.06 61.21
N LYS L 162 81.36 29.10 60.31
CA LYS L 162 82.42 28.13 60.07
C LYS L 162 83.63 28.78 59.40
N ALA L 163 83.43 29.93 58.76
CA ALA L 163 84.54 30.61 58.10
C ALA L 163 85.55 31.13 59.10
N ARG L 164 85.08 31.58 60.27
CA ARG L 164 86.01 32.02 61.32
C ARG L 164 86.85 30.85 61.83
N LEU L 165 86.22 29.70 62.03
CA LEU L 165 86.97 28.51 62.43
C LEU L 165 87.95 28.10 61.34
N GLY L 166 87.56 28.24 60.08
CA GLY L 166 88.49 27.96 59.00
C GLY L 166 89.68 28.89 59.00
N ARG L 167 89.44 30.18 59.24
CA ARG L 167 90.54 31.14 59.35
C ARG L 167 91.43 30.80 60.53
N LEU L 168 90.87 30.22 61.59
CA LEU L 168 91.69 29.81 62.74
C LEU L 168 92.69 28.74 62.36
N VAL L 169 92.39 27.92 61.35
CA VAL L 169 93.24 26.80 60.97
C VAL L 169 93.83 26.99 59.59
N HIS L 170 93.89 28.23 59.10
CA HIS L 170 94.47 28.58 57.80
C HIS L 170 93.81 27.81 56.67
N ARG L 171 92.51 27.61 56.79
CA ARG L 171 91.73 26.93 55.76
C ARG L 171 90.50 27.76 55.45
N LYS L 172 89.72 27.29 54.47
CA LYS L 172 88.51 28.03 54.12
C LYS L 172 87.41 27.83 55.14
N THR L 173 87.25 26.60 55.65
CA THR L 173 86.11 26.25 56.48
C THR L 173 86.49 25.13 57.43
N CYS L 174 86.10 25.27 58.69
CA CYS L 174 86.26 24.21 59.69
C CYS L 174 84.97 24.08 60.47
N THR L 175 84.44 22.86 60.53
CA THR L 175 83.21 22.62 61.29
C THR L 175 83.44 22.84 62.78
N THR L 176 84.43 22.19 63.35
CA THR L 176 84.66 22.23 64.78
C THR L 176 86.15 22.29 65.07
N VAL L 177 86.49 22.96 66.16
CA VAL L 177 87.83 22.95 66.72
C VAL L 177 87.71 22.70 68.21
N ALA L 178 88.64 21.92 68.74
CA ALA L 178 88.58 21.50 70.13
C ALA L 178 89.82 21.96 70.87
N PHE L 179 89.64 22.25 72.15
CA PHE L 179 90.72 22.68 73.02
C PHE L 179 91.22 21.47 73.80
N THR L 180 92.43 21.04 73.50
CA THR L 180 93.16 20.07 74.32
C THR L 180 93.90 20.85 75.42
N GLN L 181 94.87 20.22 76.07
CA GLN L 181 95.62 20.86 77.14
C GLN L 181 96.20 22.20 76.66
N VAL L 182 96.36 23.11 77.62
CA VAL L 182 96.63 24.51 77.32
C VAL L 182 97.79 24.96 78.20
N ASN L 183 98.42 26.08 77.81
CA ASN L 183 99.55 26.61 78.57
C ASN L 183 99.11 27.13 79.94
N SER L 184 100.10 27.30 80.81
CA SER L 184 99.83 27.68 82.20
C SER L 184 99.23 29.08 82.28
N GLU L 185 99.78 30.03 81.52
CA GLU L 185 99.30 31.39 81.61
C GLU L 185 97.93 31.59 80.98
N ASP L 186 97.43 30.62 80.21
CA ASP L 186 96.12 30.70 79.60
C ASP L 186 95.07 29.91 80.35
N LYS L 187 95.40 29.37 81.52
CA LYS L 187 94.44 28.53 82.22
C LYS L 187 93.33 29.35 82.86
N GLY L 188 93.61 30.58 83.27
CA GLY L 188 92.56 31.43 83.82
C GLY L 188 91.53 31.83 82.79
N ALA L 189 91.97 32.22 81.60
CA ALA L 189 91.05 32.59 80.54
C ALA L 189 90.19 31.41 80.13
N LEU L 190 90.82 30.25 79.96
CA LEU L 190 90.08 29.04 79.65
C LEU L 190 89.12 28.69 80.78
N ALA L 191 89.49 28.98 82.02
CA ALA L 191 88.62 28.66 83.16
C ALA L 191 87.37 29.52 83.14
N LYS L 192 87.52 30.83 82.98
CA LYS L 192 86.31 31.66 82.97
C LYS L 192 85.46 31.37 81.75
N LEU L 193 86.10 31.11 80.61
CA LEU L 193 85.37 30.79 79.39
C LEU L 193 84.61 29.48 79.53
N VAL L 194 85.23 28.46 80.12
CA VAL L 194 84.56 27.18 80.29
C VAL L 194 83.43 27.29 81.30
N GLU L 195 83.59 28.12 82.33
CA GLU L 195 82.48 28.34 83.26
C GLU L 195 81.28 28.93 82.54
N ALA L 196 81.50 30.01 81.78
CA ALA L 196 80.41 30.64 81.06
C ALA L 196 79.78 29.68 80.06
N ILE L 197 80.60 28.94 79.32
CA ILE L 197 80.08 28.05 78.29
C ILE L 197 79.28 26.91 78.91
N ARG L 198 79.78 26.33 80.00
CA ARG L 198 79.05 25.24 80.66
C ARG L 198 77.71 25.74 81.17
N THR L 199 77.70 26.91 81.81
CA THR L 199 76.45 27.46 82.33
C THR L 199 75.46 27.72 81.19
N ASN L 200 75.96 28.20 80.05
CA ASN L 200 75.07 28.55 78.94
C ASN L 200 74.58 27.33 78.17
N TYR L 201 75.35 26.23 78.14
CA TYR L 201 75.02 25.11 77.26
C TYR L 201 74.76 23.81 78.01
N ASN L 202 75.69 23.35 78.84
CA ASN L 202 75.56 22.02 79.42
C ASN L 202 74.54 21.98 80.54
N ASP L 203 74.50 23.03 81.36
CA ASP L 203 73.61 23.03 82.51
C ASP L 203 72.14 23.15 82.11
N ARG L 204 71.85 23.67 80.93
CA ARG L 204 70.49 23.82 80.46
C ARG L 204 70.22 22.95 79.23
N TYR L 205 70.97 21.85 79.10
CA TYR L 205 70.77 20.95 77.97
C TYR L 205 69.43 20.25 78.02
N ASP L 206 68.85 20.12 79.22
CA ASP L 206 67.60 19.38 79.36
C ASP L 206 66.47 20.04 78.57
N GLU L 207 66.39 21.36 78.62
CA GLU L 207 65.37 22.08 77.87
C GLU L 207 65.85 22.54 76.50
N ILE L 208 67.12 22.35 76.17
CA ILE L 208 67.55 22.53 74.79
C ILE L 208 66.97 21.42 73.92
N ARG L 209 66.88 20.21 74.47
CA ARG L 209 66.35 19.07 73.73
C ARG L 209 64.89 19.25 73.36
N ARG L 210 64.16 20.11 74.05
CA ARG L 210 62.73 20.26 73.84
C ARG L 210 62.37 21.57 73.16
N HIS L 211 63.34 22.42 72.83
CA HIS L 211 63.06 23.74 72.30
C HIS L 211 62.95 23.65 70.79
N TRP L 212 61.73 23.47 70.30
CA TRP L 212 61.49 23.43 68.87
C TRP L 212 61.61 24.83 68.28
N GLY L 213 62.06 24.89 67.02
CA GLY L 213 62.27 26.14 66.33
C GLY L 213 61.21 26.42 65.28
N GLY L 214 61.35 27.60 64.68
CA GLY L 214 60.44 27.98 63.60
C GLY L 214 59.02 28.17 64.09
N ASN L 215 58.08 27.70 63.27
CA ASN L 215 56.64 27.80 63.57
C ASN L 215 56.20 29.24 63.73
N VAL L 216 56.78 30.13 62.94
CA VAL L 216 56.44 31.55 62.96
C VAL L 216 55.97 31.95 61.57
N LEU L 217 54.78 32.52 61.49
CA LEU L 217 54.20 32.93 60.23
C LEU L 217 54.85 34.22 59.72
N GLY L 218 54.54 34.56 58.48
CA GLY L 218 55.07 35.75 57.86
C GLY L 218 54.45 36.99 58.44
N PRO L 219 55.07 38.14 58.19
CA PRO L 219 54.56 39.40 58.75
C PRO L 219 53.15 39.74 58.31
N LYS L 220 52.78 39.42 57.06
CA LYS L 220 51.43 39.73 56.61
C LYS L 220 50.40 38.87 57.32
N SER L 221 50.68 37.58 57.48
CA SER L 221 49.73 36.71 58.18
C SER L 221 49.59 37.11 59.64
N VAL L 222 50.71 37.45 60.28
CA VAL L 222 50.67 37.89 61.67
C VAL L 222 49.88 39.19 61.79
N ALA L 223 50.12 40.13 60.88
CA ALA L 223 49.38 41.39 60.91
C ALA L 223 47.89 41.16 60.69
N ARG L 224 47.54 40.27 59.77
CA ARG L 224 46.14 40.01 59.47
C ARG L 224 45.42 39.38 60.66
N ILE L 225 46.04 38.38 61.28
CA ILE L 225 45.39 37.76 62.43
C ILE L 225 45.36 38.74 63.59
N ALA L 226 46.35 39.64 63.70
CA ALA L 226 46.28 40.69 64.70
C ALA L 226 45.12 41.62 64.44
N LYS L 227 44.86 41.95 63.18
CA LYS L 227 43.72 42.81 62.87
C LYS L 227 42.41 42.13 63.24
N LEU L 228 42.30 40.83 62.97
CA LEU L 228 41.10 40.10 63.38
C LEU L 228 40.94 40.08 64.90
N GLU L 229 42.03 39.82 65.62
CA GLU L 229 41.99 39.80 67.07
C GLU L 229 41.59 41.15 67.65
N LYS L 230 42.19 42.24 67.12
CA LYS L 230 41.82 43.57 67.59
C LYS L 230 40.38 43.90 67.25
N ALA L 231 39.91 43.45 66.07
CA ALA L 231 38.53 43.73 65.68
C ALA L 231 37.54 43.08 66.63
N LYS L 232 37.78 41.83 67.02
CA LYS L 232 36.83 41.23 67.95
C LYS L 232 37.03 41.72 69.38
N ALA L 233 38.28 42.02 69.77
CA ALA L 233 38.53 42.49 71.12
C ALA L 233 37.97 43.89 71.35
N LYS L 234 37.91 44.71 70.29
CA LYS L 234 37.44 46.08 70.47
C LYS L 234 35.97 46.13 70.79
N GLU L 235 35.17 45.24 70.19
CA GLU L 235 33.77 45.10 70.58
C GLU L 235 33.59 44.30 71.86
N LEU L 236 34.49 43.35 72.15
CA LEU L 236 34.40 42.64 73.42
C LEU L 236 34.67 43.56 74.60
N ALA L 237 35.53 44.56 74.41
CA ALA L 237 35.76 45.55 75.45
C ALA L 237 34.51 46.39 75.70
N THR L 238 33.76 46.72 74.64
CA THR L 238 32.48 47.38 74.81
C THR L 238 31.47 46.46 75.48
N LYS L 239 31.60 45.15 75.28
CA LYS L 239 30.75 44.21 75.99
C LYS L 239 31.02 44.25 77.50
N LEU L 240 32.29 44.25 77.89
CA LEU L 240 32.62 44.25 79.31
C LEU L 240 32.45 45.65 79.91
N GLY L 241 32.09 45.69 81.17
CA GLY L 241 31.88 46.95 81.86
C GLY L 241 30.45 47.44 81.79
N MET M 1 0.72 -76.71 -46.82
CA MET M 1 0.30 -77.59 -47.90
C MET M 1 0.64 -77.14 -49.30
N LYS M 2 1.23 -78.06 -50.07
CA LYS M 2 1.39 -77.94 -51.51
C LYS M 2 0.50 -78.98 -52.15
N THR M 3 -0.50 -78.53 -52.90
CA THR M 3 -1.41 -79.44 -53.58
C THR M 3 -0.70 -80.04 -54.79
N ILE M 4 -0.80 -81.36 -54.95
CA ILE M 4 -0.09 -82.03 -56.03
C ILE M 4 -0.58 -81.53 -57.39
N LEU M 5 -1.90 -81.52 -57.59
CA LEU M 5 -2.46 -81.14 -58.87
C LEU M 5 -3.79 -80.45 -58.65
N SER M 6 -4.00 -79.35 -59.36
CA SER M 6 -5.29 -78.67 -59.39
C SER M 6 -5.53 -78.21 -60.82
N ASN M 7 -6.62 -78.68 -61.42
CA ASN M 7 -6.91 -78.37 -62.81
C ASN M 7 -8.39 -78.10 -63.02
N GLN M 8 -8.69 -77.26 -64.01
CA GLN M 8 -10.03 -77.14 -64.55
C GLN M 8 -9.97 -77.19 -66.07
N THR M 9 -11.04 -77.69 -66.67
CA THR M 9 -11.10 -77.93 -68.10
C THR M 9 -12.14 -77.01 -68.72
N VAL M 10 -11.77 -76.33 -69.79
CA VAL M 10 -12.64 -75.41 -70.51
C VAL M 10 -13.01 -76.05 -71.84
N ASP M 11 -14.31 -76.10 -72.12
CA ASP M 11 -14.81 -76.62 -73.38
C ASP M 11 -14.90 -75.49 -74.40
N ILE M 12 -14.43 -75.76 -75.61
CA ILE M 12 -14.41 -74.78 -76.69
C ILE M 12 -15.53 -75.10 -77.67
N PRO M 13 -16.38 -74.16 -78.04
CA PRO M 13 -17.44 -74.42 -79.02
C PRO M 13 -16.87 -74.78 -80.38
N GLU M 14 -17.76 -75.21 -81.27
CA GLU M 14 -17.32 -75.69 -82.58
C GLU M 14 -16.95 -74.56 -83.52
N ASN M 15 -17.67 -73.44 -83.45
CA ASN M 15 -17.44 -72.34 -84.38
C ASN M 15 -16.13 -71.61 -84.10
N VAL M 16 -15.49 -71.90 -82.96
CA VAL M 16 -14.28 -71.22 -82.55
C VAL M 16 -13.21 -72.26 -82.27
N ASP M 17 -11.98 -71.97 -82.68
CA ASP M 17 -10.84 -72.78 -82.34
C ASP M 17 -9.85 -71.98 -81.49
N ILE M 18 -9.03 -72.70 -80.74
CA ILE M 18 -8.04 -72.08 -79.86
C ILE M 18 -6.68 -72.66 -80.21
N THR M 19 -5.71 -71.79 -80.43
CA THR M 19 -4.33 -72.18 -80.67
C THR M 19 -3.48 -71.76 -79.48
N LEU M 20 -2.64 -72.67 -79.00
CA LEU M 20 -1.73 -72.38 -77.91
C LEU M 20 -0.32 -72.23 -78.47
N LYS M 21 0.34 -71.13 -78.08
CA LYS M 21 1.75 -70.91 -78.36
C LYS M 21 2.42 -70.69 -77.01
N GLY M 22 2.82 -71.77 -76.36
CA GLY M 22 3.27 -71.71 -74.98
C GLY M 22 2.14 -71.34 -74.05
N ARG M 23 2.31 -70.27 -73.29
CA ARG M 23 1.23 -69.73 -72.46
C ARG M 23 0.53 -68.55 -73.13
N THR M 24 0.59 -68.47 -74.45
CA THR M 24 -0.18 -67.49 -75.22
C THR M 24 -1.39 -68.18 -75.83
N VAL M 25 -2.57 -67.66 -75.53
CA VAL M 25 -3.82 -68.22 -76.03
C VAL M 25 -4.32 -67.37 -77.18
N ILE M 26 -4.56 -68.00 -78.32
CA ILE M 26 -5.13 -67.34 -79.49
C ILE M 26 -6.50 -67.95 -79.73
N VAL M 27 -7.54 -67.11 -79.67
CA VAL M 27 -8.91 -67.55 -79.82
C VAL M 27 -9.47 -66.95 -81.09
N LYS M 28 -9.84 -67.80 -82.04
CA LYS M 28 -10.31 -67.37 -83.35
C LYS M 28 -11.77 -67.74 -83.50
N GLY M 29 -12.65 -66.76 -83.27
CA GLY M 29 -14.07 -66.98 -83.42
C GLY M 29 -14.62 -66.26 -84.64
N PRO M 30 -15.94 -66.34 -84.83
CA PRO M 30 -16.56 -65.64 -85.97
C PRO M 30 -16.37 -64.13 -85.94
N ARG M 31 -16.34 -63.53 -84.75
CA ARG M 31 -16.28 -62.08 -84.64
C ARG M 31 -14.88 -61.51 -84.71
N GLY M 32 -13.86 -62.34 -84.67
CA GLY M 32 -12.50 -61.83 -84.77
C GLY M 32 -11.53 -62.73 -84.02
N THR M 33 -10.42 -62.13 -83.60
CA THR M 33 -9.35 -62.83 -82.90
C THR M 33 -9.05 -62.10 -81.60
N LEU M 34 -8.98 -62.87 -80.51
CA LEU M 34 -8.54 -62.35 -79.22
C LEU M 34 -7.30 -63.12 -78.80
N ARG M 35 -6.19 -62.41 -78.67
CA ARG M 35 -4.92 -63.01 -78.27
C ARG M 35 -4.50 -62.45 -76.92
N ARG M 36 -4.20 -63.35 -75.99
CA ARG M 36 -3.79 -62.94 -74.64
C ARG M 36 -2.85 -64.00 -74.09
N ASP M 37 -1.67 -63.57 -73.67
CA ASP M 37 -0.69 -64.48 -73.08
C ASP M 37 -0.74 -64.41 -71.56
N PHE M 38 -0.31 -65.51 -70.94
CA PHE M 38 -0.34 -65.66 -69.49
C PHE M 38 1.00 -66.12 -68.99
N ASN M 39 2.07 -65.47 -69.45
CA ASN M 39 3.41 -65.87 -69.02
C ASN M 39 3.66 -65.55 -67.56
N HIS M 40 2.82 -64.72 -66.94
CA HIS M 40 3.01 -64.35 -65.55
C HIS M 40 2.46 -65.39 -64.58
N ILE M 41 1.79 -66.42 -65.07
CA ILE M 41 1.25 -67.48 -64.24
C ILE M 41 1.88 -68.79 -64.69
N ASN M 42 2.52 -69.50 -63.76
CA ASN M 42 3.23 -70.73 -64.06
C ASN M 42 2.25 -71.89 -64.06
N VAL M 43 1.51 -72.03 -65.16
CA VAL M 43 0.58 -73.12 -65.35
C VAL M 43 0.92 -73.81 -66.66
N GLU M 44 0.29 -74.95 -66.88
CA GLU M 44 0.44 -75.71 -68.11
C GLU M 44 -0.90 -75.70 -68.84
N LEU M 45 -0.89 -75.25 -70.09
CA LEU M 45 -2.09 -75.19 -70.92
C LEU M 45 -1.96 -76.21 -72.04
N SER M 46 -2.97 -77.07 -72.16
CA SER M 46 -2.93 -78.11 -73.18
C SER M 46 -4.33 -78.36 -73.72
N LEU M 47 -4.42 -78.49 -75.03
CA LEU M 47 -5.67 -78.87 -75.69
C LEU M 47 -5.76 -80.38 -75.75
N LEU M 48 -6.92 -80.93 -75.39
CA LEU M 48 -7.04 -82.37 -75.25
C LEU M 48 -7.56 -83.05 -76.51
N GLY M 49 -8.76 -82.69 -76.94
CA GLY M 49 -9.41 -83.40 -78.02
C GLY M 49 -9.30 -82.70 -79.36
N LYS M 50 -9.41 -83.50 -80.42
CA LYS M 50 -9.59 -83.02 -81.78
C LYS M 50 -11.04 -83.01 -82.19
N LYS M 51 -11.93 -83.29 -81.25
CA LYS M 51 -13.35 -83.53 -81.46
C LYS M 51 -14.24 -82.55 -80.71
N LYS M 52 -13.97 -82.31 -79.43
CA LYS M 52 -14.71 -81.36 -78.63
C LYS M 52 -13.89 -80.18 -78.16
N LYS M 53 -12.57 -80.22 -78.32
CA LYS M 53 -11.66 -79.11 -78.03
C LYS M 53 -11.75 -78.69 -76.55
N ARG M 54 -11.28 -79.60 -75.69
CA ARG M 54 -11.11 -79.26 -74.28
C ARG M 54 -9.79 -78.52 -74.10
N LEU M 55 -9.80 -77.49 -73.26
CA LEU M 55 -8.58 -76.82 -72.84
C LEU M 55 -8.40 -77.06 -71.35
N ARG M 56 -7.24 -77.59 -70.97
CA ARG M 56 -7.02 -78.08 -69.63
C ARG M 56 -5.84 -77.35 -68.99
N VAL M 57 -6.08 -76.79 -67.81
CA VAL M 57 -5.14 -75.90 -67.14
C VAL M 57 -4.66 -76.58 -65.87
N ASP M 58 -3.39 -77.00 -65.85
CA ASP M 58 -2.83 -77.69 -64.71
C ASP M 58 -1.99 -76.74 -63.87
N LYS M 59 -1.90 -77.02 -62.59
CA LYS M 59 -1.00 -76.33 -61.69
C LYS M 59 -0.43 -77.35 -60.71
N TRP M 60 0.84 -77.71 -60.90
CA TRP M 60 1.48 -78.74 -60.09
C TRP M 60 2.21 -78.10 -58.93
N TRP M 61 1.99 -78.63 -57.72
CA TRP M 61 2.73 -78.25 -56.52
C TRP M 61 2.58 -76.77 -56.22
N GLY M 62 1.33 -76.36 -56.06
CA GLY M 62 1.00 -74.96 -55.84
C GLY M 62 0.36 -74.74 -54.49
N ASN M 63 0.72 -73.63 -53.85
CA ASN M 63 0.08 -73.25 -52.59
C ASN M 63 -1.22 -72.51 -52.91
N ARG M 64 -1.90 -72.02 -51.87
CA ARG M 64 -3.25 -71.51 -52.03
C ARG M 64 -3.32 -70.32 -52.98
N LYS M 65 -2.37 -69.39 -52.84
CA LYS M 65 -2.38 -68.18 -53.66
C LYS M 65 -2.27 -68.50 -55.14
N GLU M 66 -1.39 -69.45 -55.50
CA GLU M 66 -1.25 -69.81 -56.89
C GLU M 66 -2.15 -70.96 -57.31
N LEU M 67 -2.91 -71.54 -56.38
CA LEU M 67 -4.05 -72.34 -56.80
C LEU M 67 -5.23 -71.47 -57.17
N ALA M 68 -5.30 -70.25 -56.65
CA ALA M 68 -6.39 -69.36 -57.00
C ALA M 68 -6.36 -68.92 -58.46
N THR M 69 -5.23 -69.08 -59.15
CA THR M 69 -5.10 -68.57 -60.52
C THR M 69 -5.68 -69.50 -61.57
N VAL M 70 -5.98 -70.75 -61.23
CA VAL M 70 -6.45 -71.70 -62.24
C VAL M 70 -7.82 -71.27 -62.77
N ARG M 71 -8.74 -70.97 -61.86
CA ARG M 71 -10.06 -70.53 -62.31
C ARG M 71 -10.02 -69.11 -62.87
N THR M 72 -9.06 -68.29 -62.44
CA THR M 72 -8.84 -67.01 -63.10
C THR M 72 -8.52 -67.20 -64.57
N ILE M 73 -7.60 -68.12 -64.86
CA ILE M 73 -7.22 -68.41 -66.24
C ILE M 73 -8.41 -68.94 -67.00
N CYS M 74 -9.16 -69.86 -66.38
CA CYS M 74 -10.31 -70.46 -67.05
C CYS M 74 -11.38 -69.42 -67.37
N SER M 75 -11.66 -68.52 -66.42
CA SER M 75 -12.63 -67.46 -66.66
C SER M 75 -12.15 -66.51 -67.75
N HIS M 76 -10.85 -66.19 -67.78
CA HIS M 76 -10.34 -65.33 -68.83
C HIS M 76 -10.47 -65.97 -70.21
N VAL M 77 -10.18 -67.27 -70.30
CA VAL M 77 -10.31 -67.94 -71.58
C VAL M 77 -11.78 -68.02 -71.99
N GLN M 78 -12.67 -68.27 -71.04
CA GLN M 78 -14.10 -68.28 -71.35
C GLN M 78 -14.56 -66.91 -71.81
N ASN M 79 -14.01 -65.85 -71.23
CA ASN M 79 -14.34 -64.50 -71.67
C ASN M 79 -13.85 -64.25 -73.09
N MET M 80 -12.65 -64.74 -73.43
CA MET M 80 -12.17 -64.60 -74.80
C MET M 80 -13.07 -65.34 -75.78
N ILE M 81 -13.49 -66.56 -75.42
CA ILE M 81 -14.39 -67.34 -76.27
C ILE M 81 -15.71 -66.60 -76.45
N LYS M 82 -16.25 -66.07 -75.35
CA LYS M 82 -17.53 -65.37 -75.40
C LYS M 82 -17.42 -64.11 -76.25
N GLY M 83 -16.28 -63.40 -76.14
CA GLY M 83 -16.11 -62.20 -76.93
C GLY M 83 -15.97 -62.45 -78.41
N VAL M 84 -15.27 -63.52 -78.78
CA VAL M 84 -15.12 -63.79 -80.21
C VAL M 84 -16.33 -64.51 -80.79
N THR M 85 -17.17 -65.13 -79.96
CA THR M 85 -18.35 -65.82 -80.45
C THR M 85 -19.61 -64.96 -80.40
N LEU M 86 -19.87 -64.32 -79.26
CA LEU M 86 -21.03 -63.45 -79.11
C LEU M 86 -20.68 -61.97 -79.07
N GLY M 87 -19.54 -61.61 -78.51
CA GLY M 87 -19.20 -60.22 -78.31
C GLY M 87 -19.74 -59.68 -76.99
N PHE M 88 -19.23 -58.52 -76.61
CA PHE M 88 -19.62 -57.89 -75.36
C PHE M 88 -20.23 -56.53 -75.64
N ARG M 89 -21.40 -56.28 -75.07
CA ARG M 89 -22.10 -55.02 -75.24
C ARG M 89 -22.47 -54.48 -73.87
N TYR M 90 -21.89 -53.34 -73.50
CA TYR M 90 -22.17 -52.68 -72.24
C TYR M 90 -23.10 -51.51 -72.51
N LYS M 91 -24.26 -51.51 -71.88
CA LYS M 91 -25.28 -50.49 -72.08
C LYS M 91 -25.22 -49.52 -70.91
N MET M 92 -25.01 -48.24 -71.19
CA MET M 92 -24.86 -47.23 -70.15
C MET M 92 -25.96 -46.20 -70.25
N ARG M 93 -26.72 -46.03 -69.17
CA ARG M 93 -27.69 -44.96 -69.06
C ARG M 93 -27.04 -43.73 -68.44
N SER M 94 -27.48 -42.56 -68.86
CA SER M 94 -27.03 -41.31 -68.28
C SER M 94 -28.17 -40.72 -67.45
N VAL M 95 -27.88 -40.40 -66.20
CA VAL M 95 -28.88 -39.83 -65.31
C VAL M 95 -28.58 -38.35 -65.11
N TYR M 96 -29.64 -37.58 -64.91
CA TYR M 96 -29.51 -36.16 -64.64
C TYR M 96 -30.79 -35.65 -64.02
N ALA M 97 -30.66 -34.62 -63.19
CA ALA M 97 -31.80 -33.98 -62.54
C ALA M 97 -32.28 -32.75 -63.30
N HIS M 98 -31.38 -31.82 -63.61
CA HIS M 98 -31.74 -30.58 -64.29
C HIS M 98 -31.10 -30.47 -65.67
N PHE M 99 -29.78 -30.58 -65.75
CA PHE M 99 -29.09 -30.38 -67.03
C PHE M 99 -29.04 -31.69 -67.81
N PRO M 100 -29.65 -31.77 -68.98
CA PRO M 100 -29.51 -33.00 -69.78
C PRO M 100 -28.10 -33.15 -70.31
N ILE M 101 -27.54 -34.34 -70.13
CA ILE M 101 -26.18 -34.62 -70.58
C ILE M 101 -26.20 -34.90 -72.08
N ASN M 102 -25.57 -34.04 -72.86
CA ASN M 102 -25.48 -34.21 -74.30
C ASN M 102 -24.21 -34.98 -74.64
N VAL M 103 -24.37 -36.18 -75.20
CA VAL M 103 -23.26 -37.03 -75.57
C VAL M 103 -23.22 -37.12 -77.08
N VAL M 104 -22.06 -36.80 -77.66
CA VAL M 104 -21.88 -36.81 -79.10
C VAL M 104 -20.74 -37.77 -79.42
N ILE M 105 -20.98 -38.69 -80.34
CA ILE M 105 -19.99 -39.67 -80.75
C ILE M 105 -19.17 -39.10 -81.89
N GLN M 106 -17.85 -39.09 -81.72
CA GLN M 106 -16.95 -38.67 -82.77
C GLN M 106 -16.58 -39.89 -83.63
N GLU M 107 -15.50 -39.76 -84.42
CA GLU M 107 -15.22 -40.69 -85.50
C GLU M 107 -15.18 -42.14 -85.03
N ASN M 108 -15.86 -43.00 -85.77
CA ASN M 108 -15.79 -44.45 -85.62
C ASN M 108 -16.17 -44.93 -84.23
N GLY M 109 -16.82 -44.08 -83.43
CA GLY M 109 -17.07 -44.43 -82.05
C GLY M 109 -15.85 -44.39 -81.16
N SER M 110 -14.74 -43.84 -81.64
CA SER M 110 -13.50 -43.83 -80.89
C SER M 110 -13.43 -42.73 -79.84
N LEU M 111 -13.99 -41.56 -80.12
CA LEU M 111 -13.95 -40.45 -79.19
C LEU M 111 -15.37 -40.08 -78.76
N VAL M 112 -15.57 -39.95 -77.47
CA VAL M 112 -16.85 -39.56 -76.88
C VAL M 112 -16.62 -38.32 -76.04
N GLU M 113 -17.42 -37.28 -76.30
CA GLU M 113 -17.35 -36.07 -75.51
C GLU M 113 -18.68 -35.81 -74.84
N ILE M 114 -18.61 -35.38 -73.58
CA ILE M 114 -19.77 -35.05 -72.78
C ILE M 114 -19.85 -33.54 -72.65
N ARG M 115 -20.97 -32.97 -73.07
CA ARG M 115 -21.08 -31.53 -73.22
C ARG M 115 -21.55 -30.84 -71.94
N ASN M 116 -22.73 -31.20 -71.46
CA ASN M 116 -23.42 -30.42 -70.44
C ASN M 116 -23.56 -31.19 -69.13
N PHE M 117 -22.50 -31.87 -68.70
CA PHE M 117 -22.56 -32.57 -67.43
C PHE M 117 -22.60 -31.55 -66.30
N LEU M 118 -23.71 -31.53 -65.57
CA LEU M 118 -23.93 -30.62 -64.45
C LEU M 118 -23.81 -29.16 -64.88
N GLY M 119 -24.10 -28.88 -66.14
CA GLY M 119 -24.20 -27.52 -66.61
C GLY M 119 -22.90 -26.77 -66.74
N GLU M 120 -21.75 -27.43 -66.66
CA GLU M 120 -20.51 -26.70 -66.75
C GLU M 120 -20.04 -26.60 -68.20
N LYS M 121 -19.17 -25.62 -68.46
CA LYS M 121 -18.69 -25.33 -69.80
C LYS M 121 -17.65 -26.33 -70.28
N TYR M 122 -17.05 -27.10 -69.39
CA TYR M 122 -15.97 -27.99 -69.78
C TYR M 122 -16.50 -29.19 -70.57
N ILE M 123 -15.73 -29.60 -71.58
CA ILE M 123 -16.09 -30.73 -72.43
C ILE M 123 -15.23 -31.92 -72.05
N ARG M 124 -15.86 -33.07 -71.82
CA ARG M 124 -15.17 -34.27 -71.37
C ARG M 124 -14.89 -35.16 -72.57
N ARG M 125 -13.77 -34.92 -73.24
CA ARG M 125 -13.36 -35.76 -74.37
C ARG M 125 -12.78 -37.07 -73.81
N VAL M 126 -13.50 -38.16 -74.01
CA VAL M 126 -13.08 -39.48 -73.55
C VAL M 126 -12.84 -40.36 -74.76
N ARG M 127 -11.67 -40.98 -74.83
CA ARG M 127 -11.27 -41.80 -75.97
C ARG M 127 -11.42 -43.28 -75.60
N MET M 128 -12.06 -44.03 -76.48
CA MET M 128 -12.28 -45.45 -76.23
C MET M 128 -11.00 -46.25 -76.42
N ARG M 129 -10.93 -47.39 -75.74
CA ARG M 129 -9.83 -48.30 -75.97
C ARG M 129 -9.94 -48.89 -77.38
N PRO M 130 -8.81 -49.27 -77.98
CA PRO M 130 -8.85 -49.82 -79.34
C PRO M 130 -9.68 -51.08 -79.41
N GLY M 131 -10.37 -51.26 -80.53
CA GLY M 131 -11.26 -52.39 -80.67
C GLY M 131 -12.61 -52.23 -80.01
N VAL M 132 -12.87 -51.07 -79.39
CA VAL M 132 -14.14 -50.79 -78.73
C VAL M 132 -14.77 -49.60 -79.43
N ALA M 133 -16.05 -49.73 -79.77
CA ALA M 133 -16.80 -48.67 -80.44
C ALA M 133 -17.98 -48.27 -79.56
N CYS M 134 -18.18 -46.97 -79.41
CA CYS M 134 -19.32 -46.44 -78.68
C CYS M 134 -20.39 -45.95 -79.64
N SER M 135 -21.61 -45.87 -79.14
CA SER M 135 -22.74 -45.41 -79.94
C SER M 135 -23.82 -44.90 -79.01
N VAL M 136 -24.76 -44.14 -79.59
CA VAL M 136 -25.92 -43.65 -78.88
C VAL M 136 -27.12 -44.52 -79.27
N SER M 137 -27.80 -45.05 -78.26
CA SER M 137 -28.90 -45.97 -78.52
C SER M 137 -30.10 -45.25 -79.14
N GLN M 138 -30.84 -45.98 -79.97
CA GLN M 138 -32.08 -45.49 -80.54
C GLN M 138 -33.31 -45.89 -79.73
N ALA M 139 -33.24 -47.02 -79.03
CA ALA M 139 -34.41 -47.51 -78.31
C ALA M 139 -34.76 -46.65 -77.11
N GLN M 140 -33.75 -46.05 -76.46
CA GLN M 140 -33.94 -45.24 -75.27
C GLN M 140 -33.46 -43.83 -75.52
N LYS M 141 -33.99 -42.89 -74.73
CA LYS M 141 -33.70 -41.47 -74.95
C LYS M 141 -32.24 -41.16 -74.71
N ASP M 142 -31.70 -41.55 -73.56
CA ASP M 142 -30.32 -41.22 -73.18
C ASP M 142 -29.60 -42.48 -72.72
N GLU M 143 -29.00 -43.18 -73.68
CA GLU M 143 -28.30 -44.41 -73.36
C GLU M 143 -27.18 -44.65 -74.35
N LEU M 144 -26.02 -45.04 -73.84
CA LEU M 144 -24.84 -45.32 -74.61
C LEU M 144 -24.65 -46.81 -74.78
N ILE M 145 -24.14 -47.21 -75.94
CA ILE M 145 -23.89 -48.61 -76.25
C ILE M 145 -22.42 -48.77 -76.58
N LEU M 146 -21.71 -49.52 -75.75
CA LEU M 146 -20.30 -49.84 -75.99
C LEU M 146 -20.20 -51.31 -76.34
N GLU M 147 -19.67 -51.59 -77.53
CA GLU M 147 -19.56 -52.97 -78.00
C GLU M 147 -18.12 -53.25 -78.43
N GLY M 148 -17.73 -54.50 -78.30
CA GLY M 148 -16.37 -54.90 -78.63
C GLY M 148 -16.21 -56.37 -78.36
N ASN M 149 -14.98 -56.84 -78.54
CA ASN M 149 -14.68 -58.25 -78.36
C ASN M 149 -14.02 -58.55 -77.02
N ASP M 150 -13.10 -57.70 -76.56
CA ASP M 150 -12.41 -57.92 -75.30
C ASP M 150 -13.23 -57.31 -74.17
N ILE M 151 -13.58 -58.14 -73.19
CA ILE M 151 -14.41 -57.66 -72.09
C ILE M 151 -13.67 -56.61 -71.27
N GLU M 152 -12.37 -56.81 -71.07
CA GLU M 152 -11.61 -55.86 -70.26
C GLU M 152 -11.54 -54.49 -70.93
N LEU M 153 -11.31 -54.45 -72.24
CA LEU M 153 -11.25 -53.16 -72.93
C LEU M 153 -12.60 -52.46 -72.91
N VAL M 154 -13.68 -53.20 -73.18
CA VAL M 154 -15.02 -52.61 -73.19
C VAL M 154 -15.38 -52.08 -71.82
N SER M 155 -15.14 -52.87 -70.78
CA SER M 155 -15.46 -52.44 -69.43
C SER M 155 -14.58 -51.30 -68.98
N ASN M 156 -13.32 -51.28 -69.41
CA ASN M 156 -12.43 -50.18 -69.08
C ASN M 156 -12.91 -48.88 -69.72
N SER M 157 -13.36 -48.95 -70.97
CA SER M 157 -13.90 -47.75 -71.60
C SER M 157 -15.18 -47.28 -70.90
N ALA M 158 -16.03 -48.23 -70.51
CA ALA M 158 -17.23 -47.86 -69.76
C ALA M 158 -16.86 -47.20 -68.44
N ALA M 159 -15.83 -47.71 -67.77
CA ALA M 159 -15.39 -47.11 -66.52
C ALA M 159 -14.78 -45.73 -66.75
N LEU M 160 -14.07 -45.54 -67.86
CA LEU M 160 -13.55 -44.22 -68.18
C LEU M 160 -14.67 -43.22 -68.37
N ILE M 161 -15.74 -43.60 -69.09
CA ILE M 161 -16.88 -42.73 -69.26
C ILE M 161 -17.54 -42.45 -67.91
N GLN M 162 -17.71 -43.49 -67.09
CA GLN M 162 -18.38 -43.33 -65.80
C GLN M 162 -17.60 -42.39 -64.89
N GLN M 163 -16.28 -42.53 -64.85
CA GLN M 163 -15.44 -41.72 -64.00
C GLN M 163 -15.23 -40.32 -64.55
N ALA M 164 -15.45 -40.11 -65.85
CA ALA M 164 -15.36 -38.76 -66.39
C ALA M 164 -16.43 -37.85 -65.80
N THR M 165 -17.66 -38.37 -65.66
CA THR M 165 -18.77 -37.60 -65.14
C THR M 165 -18.90 -37.88 -63.65
N THR M 166 -18.02 -37.25 -62.88
CA THR M 166 -17.99 -37.41 -61.43
C THR M 166 -18.25 -36.05 -60.79
N VAL M 167 -19.25 -35.99 -59.92
CA VAL M 167 -19.53 -34.76 -59.19
C VAL M 167 -18.40 -34.48 -58.21
N LYS M 168 -18.02 -33.21 -58.09
CA LYS M 168 -16.96 -32.82 -57.18
C LYS M 168 -17.43 -31.70 -56.26
N ASN M 169 -17.00 -31.77 -55.01
CA ASN M 169 -17.27 -30.76 -53.99
C ASN M 169 -18.76 -30.62 -53.71
N LYS M 170 -19.53 -31.69 -53.94
CA LYS M 170 -20.95 -31.71 -53.63
C LYS M 170 -21.29 -33.04 -52.99
N ASP M 171 -22.52 -33.14 -52.51
CA ASP M 171 -23.00 -34.37 -51.89
C ASP M 171 -23.37 -35.36 -53.00
N ILE M 172 -22.57 -36.42 -53.15
CA ILE M 172 -22.85 -37.40 -54.19
C ILE M 172 -24.11 -38.19 -53.91
N ARG M 173 -24.57 -38.24 -52.66
CA ARG M 173 -25.84 -38.88 -52.36
C ARG M 173 -27.02 -38.04 -52.77
N LYS M 174 -26.82 -36.74 -53.02
CA LYS M 174 -27.87 -35.88 -53.54
C LYS M 174 -27.68 -35.55 -55.01
N PHE M 175 -26.44 -35.27 -55.42
CA PHE M 175 -26.15 -34.95 -56.82
C PHE M 175 -25.73 -36.25 -57.51
N LEU M 176 -26.73 -37.07 -57.83
CA LEU M 176 -26.51 -38.38 -58.40
C LEU M 176 -26.18 -38.33 -59.89
N ASP M 177 -25.96 -37.16 -60.45
CA ASP M 177 -25.86 -36.99 -61.89
C ASP M 177 -24.64 -37.70 -62.45
N GLY M 178 -24.77 -38.24 -63.64
CA GLY M 178 -23.66 -38.89 -64.31
C GLY M 178 -24.15 -39.95 -65.27
N ILE M 179 -23.19 -40.71 -65.80
CA ILE M 179 -23.44 -41.82 -66.69
C ILE M 179 -23.00 -43.09 -65.99
N TYR M 180 -23.87 -44.09 -65.95
CA TYR M 180 -23.60 -45.33 -65.24
C TYR M 180 -23.93 -46.53 -66.12
N VAL M 181 -23.21 -47.62 -65.88
CA VAL M 181 -23.41 -48.83 -66.65
C VAL M 181 -24.73 -49.48 -66.25
N SER M 182 -25.67 -49.54 -67.19
CA SER M 182 -26.99 -50.09 -66.87
C SER M 182 -26.92 -51.60 -66.71
N GLU M 183 -26.39 -52.30 -67.71
CA GLU M 183 -26.22 -53.74 -67.61
C GLU M 183 -25.08 -54.17 -68.54
N LYS M 184 -24.49 -55.31 -68.21
CA LYS M 184 -23.36 -55.86 -68.95
C LYS M 184 -23.86 -57.06 -69.74
N GLY M 185 -24.22 -56.81 -71.00
CA GLY M 185 -24.75 -57.87 -71.84
C GLY M 185 -23.83 -58.25 -72.97
N THR M 186 -24.34 -59.01 -73.93
CA THR M 186 -23.59 -59.45 -75.09
C THR M 186 -24.26 -58.96 -76.36
N VAL M 187 -23.63 -59.28 -77.48
CA VAL M 187 -24.16 -58.98 -78.80
C VAL M 187 -24.70 -60.28 -79.37
N GLN M 188 -25.77 -60.16 -80.16
CA GLN M 188 -26.32 -61.23 -81.00
C GLN M 188 -27.07 -62.28 -80.18
N GLN M 189 -26.95 -62.23 -78.85
CA GLN M 189 -27.82 -62.95 -77.91
C GLN M 189 -27.64 -64.47 -78.00
N ALA M 190 -26.87 -64.94 -78.97
CA ALA M 190 -26.75 -66.37 -79.24
C ALA M 190 -26.08 -67.12 -78.09
N GLY N 1 -5.71 -36.70 -11.30
CA GLY N 1 -5.24 -36.80 -9.93
C GLY N 1 -4.45 -38.06 -9.66
N ARG N 2 -4.77 -39.14 -10.38
CA ARG N 2 -4.13 -40.42 -10.22
C ARG N 2 -3.06 -40.61 -11.28
N ARG N 3 -1.96 -41.25 -10.90
CA ARG N 3 -0.92 -41.59 -11.85
C ARG N 3 -1.42 -42.67 -12.82
N PRO N 4 -0.80 -42.79 -13.99
CA PRO N 4 -1.13 -43.91 -14.86
C PRO N 4 -0.78 -45.23 -14.21
N ALA N 5 -1.56 -46.27 -14.54
CA ALA N 5 -1.37 -47.57 -13.93
C ALA N 5 -0.05 -48.22 -14.32
N ARG N 6 0.63 -47.70 -15.34
CA ARG N 6 1.91 -48.26 -15.73
C ARG N 6 2.99 -48.02 -14.69
N CYS N 7 2.78 -47.08 -13.78
CA CYS N 7 3.75 -46.81 -12.72
C CYS N 7 3.64 -47.77 -11.55
N TYR N 8 2.58 -48.57 -11.49
CA TYR N 8 2.38 -49.51 -10.39
C TYR N 8 1.95 -50.88 -10.92
N ARG N 9 2.43 -51.25 -12.12
CA ARG N 9 1.98 -52.49 -12.72
C ARG N 9 2.65 -53.70 -12.10
N TYR N 10 3.93 -53.60 -11.77
CA TYR N 10 4.72 -54.76 -11.38
C TYR N 10 4.80 -54.87 -9.86
N CYS N 11 4.98 -56.10 -9.39
CA CYS N 11 5.10 -56.37 -7.96
C CYS N 11 6.56 -56.17 -7.55
N LYS N 12 6.95 -54.89 -7.45
CA LYS N 12 8.34 -54.60 -7.17
C LYS N 12 8.64 -54.64 -5.68
N ASN N 13 7.77 -54.05 -4.86
CA ASN N 13 8.03 -53.98 -3.43
C ASN N 13 7.48 -55.20 -2.71
N LYS N 14 7.82 -55.31 -1.43
CA LYS N 14 7.19 -56.29 -0.57
C LYS N 14 5.76 -55.86 -0.28
N PRO N 15 4.90 -56.80 0.13
CA PRO N 15 3.53 -56.43 0.47
C PRO N 15 3.50 -55.37 1.57
N TYR N 16 2.63 -54.39 1.39
CA TYR N 16 2.55 -53.23 2.29
C TYR N 16 1.10 -53.05 2.71
N PRO N 17 0.62 -53.91 3.61
CA PRO N 17 -0.80 -53.87 3.95
C PRO N 17 -1.16 -52.67 4.81
N LYS N 18 -2.42 -52.29 4.74
CA LYS N 18 -2.98 -51.26 5.62
C LYS N 18 -3.02 -51.81 7.03
N SER N 19 -2.12 -51.32 7.89
CA SER N 19 -1.96 -51.89 9.22
C SER N 19 -1.75 -50.74 10.19
N ARG N 20 -1.29 -51.08 11.40
CA ARG N 20 -0.97 -50.07 12.40
C ARG N 20 0.31 -49.31 12.09
N PHE N 21 1.13 -49.80 11.16
CA PHE N 21 2.25 -49.03 10.67
C PHE N 21 1.84 -48.13 9.51
N CYS N 22 1.19 -48.71 8.51
CA CYS N 22 0.72 -47.98 7.34
C CYS N 22 -0.68 -47.46 7.65
N ARG N 23 -0.73 -46.28 8.25
CA ARG N 23 -2.00 -45.66 8.62
C ARG N 23 -2.26 -44.45 7.75
N GLY N 24 -3.52 -44.04 7.70
CA GLY N 24 -3.91 -42.98 6.78
C GLY N 24 -4.09 -43.42 5.36
N VAL N 25 -4.43 -44.68 5.14
CA VAL N 25 -4.61 -45.22 3.79
C VAL N 25 -5.98 -44.80 3.27
N PRO N 26 -6.10 -44.27 2.06
CA PRO N 26 -7.42 -43.97 1.51
C PRO N 26 -8.23 -45.24 1.32
N ASP N 27 -9.54 -45.10 1.43
CA ASP N 27 -10.43 -46.23 1.19
C ASP N 27 -10.36 -46.63 -0.27
N ALA N 28 -10.40 -47.92 -0.53
CA ALA N 28 -10.26 -48.44 -1.88
C ALA N 28 -11.48 -48.08 -2.73
N LYS N 29 -11.27 -48.04 -4.04
CA LYS N 29 -12.35 -47.71 -4.96
C LYS N 29 -13.41 -48.79 -4.98
N ILE N 30 -13.04 -50.03 -4.67
CA ILE N 30 -13.97 -51.15 -4.69
C ILE N 30 -14.41 -51.47 -3.26
N ARG N 31 -15.72 -51.61 -3.08
CA ARG N 31 -16.29 -52.02 -1.81
C ARG N 31 -17.25 -53.19 -1.94
N ILE N 32 -17.84 -53.41 -3.12
CA ILE N 32 -18.78 -54.48 -3.37
C ILE N 32 -18.06 -55.56 -4.17
N PHE N 33 -18.11 -56.79 -3.68
CA PHE N 33 -17.43 -57.89 -4.34
C PHE N 33 -18.39 -58.94 -4.87
N ASP N 34 -19.66 -58.87 -4.54
CA ASP N 34 -20.65 -59.84 -5.01
C ASP N 34 -21.86 -59.12 -5.55
N LEU N 35 -22.31 -59.54 -6.74
CA LEU N 35 -23.49 -58.97 -7.38
C LEU N 35 -24.31 -60.10 -7.99
N GLY N 36 -25.49 -59.73 -8.50
CA GLY N 36 -26.47 -60.72 -8.88
C GLY N 36 -27.17 -61.25 -7.65
N ARG N 37 -27.81 -62.40 -7.80
CA ARG N 37 -28.43 -63.04 -6.63
C ARG N 37 -27.34 -63.75 -5.86
N LYS N 38 -26.82 -63.09 -4.83
CA LYS N 38 -25.95 -63.77 -3.89
C LYS N 38 -26.69 -64.86 -3.13
N LYS N 39 -28.00 -64.68 -2.95
CA LYS N 39 -28.83 -65.61 -2.20
C LYS N 39 -29.17 -66.87 -2.98
N ALA N 40 -28.73 -66.97 -4.24
CA ALA N 40 -29.08 -68.10 -5.07
C ALA N 40 -28.57 -69.40 -4.46
N LYS N 41 -29.39 -70.45 -4.57
CA LYS N 41 -29.01 -71.74 -4.02
C LYS N 41 -27.88 -72.36 -4.82
N VAL N 42 -27.37 -73.48 -4.33
CA VAL N 42 -26.20 -74.10 -4.96
C VAL N 42 -26.58 -74.71 -6.30
N ASP N 43 -27.71 -75.43 -6.34
CA ASP N 43 -28.10 -76.12 -7.56
C ASP N 43 -28.81 -75.21 -8.55
N GLU N 44 -29.03 -73.95 -8.22
CA GLU N 44 -29.62 -73.02 -9.18
C GLU N 44 -28.64 -72.61 -10.26
N PHE N 45 -27.37 -72.42 -9.90
CA PHE N 45 -26.34 -71.95 -10.82
C PHE N 45 -25.24 -72.99 -10.88
N PRO N 46 -25.37 -73.99 -11.75
CA PRO N 46 -24.34 -75.03 -11.84
C PRO N 46 -23.08 -74.56 -12.55
N LEU N 47 -23.23 -73.74 -13.56
CA LEU N 47 -22.10 -73.30 -14.37
C LEU N 47 -21.27 -72.29 -13.60
N GLY N 48 -19.95 -72.35 -13.77
CA GLY N 48 -19.06 -71.38 -13.17
C GLY N 48 -17.96 -70.98 -14.12
N GLY N 49 -17.83 -69.68 -14.39
CA GLY N 49 -16.81 -69.19 -15.30
C GLY N 49 -15.84 -68.25 -14.65
N HIS N 50 -14.55 -68.58 -14.70
CA HIS N 50 -13.50 -67.77 -14.08
C HIS N 50 -12.76 -66.95 -15.12
N MET N 51 -12.14 -65.88 -14.66
CA MET N 51 -11.16 -65.15 -15.44
C MET N 51 -9.82 -65.24 -14.74
N VAL N 52 -8.81 -65.72 -15.45
CA VAL N 52 -7.53 -66.10 -14.88
C VAL N 52 -6.45 -65.21 -15.46
N SER N 53 -5.66 -64.58 -14.60
CA SER N 53 -4.54 -63.78 -15.06
C SER N 53 -3.43 -64.68 -15.60
N ASP N 54 -2.73 -64.18 -16.61
CA ASP N 54 -1.58 -64.86 -17.18
C ASP N 54 -0.26 -64.20 -16.79
N GLU N 55 -0.29 -63.18 -15.94
CA GLU N 55 0.90 -62.45 -15.55
C GLU N 55 0.93 -62.27 -14.04
N TYR N 56 2.13 -62.11 -13.51
CA TYR N 56 2.31 -61.80 -12.09
C TYR N 56 2.46 -60.29 -11.98
N GLU N 57 1.36 -59.60 -11.70
CA GLU N 57 1.33 -58.15 -11.74
C GLU N 57 0.45 -57.62 -10.62
N GLN N 58 0.25 -56.31 -10.61
CA GLN N 58 -0.61 -55.64 -9.65
C GLN N 58 -1.80 -55.05 -10.40
N LEU N 59 -3.00 -55.22 -9.86
CA LEU N 59 -4.21 -54.67 -10.42
C LEU N 59 -4.74 -53.60 -9.49
N SER N 60 -4.95 -52.40 -10.00
CA SER N 60 -5.45 -51.31 -9.18
C SER N 60 -6.89 -51.59 -8.77
N SER N 61 -7.27 -51.05 -7.61
CA SER N 61 -8.63 -51.20 -7.15
C SER N 61 -9.62 -50.54 -8.09
N GLU N 62 -9.21 -49.42 -8.72
CA GLU N 62 -10.08 -48.76 -9.68
C GLU N 62 -10.37 -49.66 -10.88
N ALA N 63 -9.35 -50.37 -11.35
CA ALA N 63 -9.54 -51.28 -12.48
C ALA N 63 -10.48 -52.42 -12.10
N LEU N 64 -10.35 -52.94 -10.88
CA LEU N 64 -11.27 -53.98 -10.42
C LEU N 64 -12.69 -53.47 -10.36
N GLU N 65 -12.88 -52.25 -9.87
CA GLU N 65 -14.21 -51.64 -9.84
C GLU N 65 -14.78 -51.49 -11.25
N ALA N 66 -13.95 -51.03 -12.20
CA ALA N 66 -14.42 -50.85 -13.56
C ALA N 66 -14.80 -52.18 -14.21
N ALA N 67 -13.96 -53.21 -14.04
CA ALA N 67 -14.26 -54.51 -14.61
C ALA N 67 -15.50 -55.12 -13.98
N ARG N 68 -15.67 -54.96 -12.67
CA ARG N 68 -16.87 -55.46 -12.01
C ARG N 68 -18.12 -54.78 -12.54
N ILE N 69 -18.08 -53.45 -12.71
CA ILE N 69 -19.22 -52.73 -13.24
C ILE N 69 -19.53 -53.17 -14.66
N CYS N 70 -18.50 -53.34 -15.49
CA CYS N 70 -18.71 -53.74 -16.88
C CYS N 70 -19.35 -55.12 -16.97
N ALA N 71 -18.80 -56.09 -16.25
CA ALA N 71 -19.34 -57.44 -16.28
C ALA N 71 -20.76 -57.46 -15.72
N ASN N 72 -21.02 -56.71 -14.64
CA ASN N 72 -22.35 -56.68 -14.07
C ASN N 72 -23.36 -56.10 -15.05
N LYS N 73 -23.00 -55.01 -15.74
CA LYS N 73 -23.92 -54.42 -16.70
C LYS N 73 -24.22 -55.39 -17.82
N TYR N 74 -23.19 -56.05 -18.36
CA TYR N 74 -23.46 -56.96 -19.48
C TYR N 74 -24.31 -58.15 -19.03
N MET N 75 -24.06 -58.67 -17.82
CA MET N 75 -24.86 -59.80 -17.36
C MET N 75 -26.29 -59.38 -17.03
N VAL N 76 -26.50 -58.14 -16.58
CA VAL N 76 -27.85 -57.66 -16.38
C VAL N 76 -28.59 -57.54 -17.71
N LYS N 77 -27.93 -56.99 -18.73
CA LYS N 77 -28.57 -56.92 -20.03
C LYS N 77 -28.85 -58.30 -20.61
N SER N 78 -27.90 -59.22 -20.49
CA SER N 78 -28.04 -60.51 -21.18
C SER N 78 -28.90 -61.48 -20.39
N CYS N 79 -28.46 -61.86 -19.18
CA CYS N 79 -29.10 -62.90 -18.41
C CYS N 79 -30.11 -62.35 -17.40
N GLY N 80 -30.37 -61.06 -17.41
CA GLY N 80 -31.30 -60.47 -16.48
C GLY N 80 -30.64 -60.16 -15.15
N ARG N 81 -31.37 -59.43 -14.31
CA ARG N 81 -30.81 -58.98 -13.05
C ARG N 81 -30.76 -60.08 -11.99
N ASP N 82 -31.37 -61.23 -12.23
CA ASP N 82 -31.46 -62.28 -11.23
C ASP N 82 -31.00 -63.63 -11.76
N GLY N 83 -30.33 -63.65 -12.90
CA GLY N 83 -29.91 -64.89 -13.52
C GLY N 83 -28.45 -65.25 -13.37
N PHE N 84 -27.69 -64.51 -12.56
CA PHE N 84 -26.27 -64.73 -12.45
C PHE N 84 -25.82 -64.32 -11.06
N HIS N 85 -24.69 -64.88 -10.63
CA HIS N 85 -24.02 -64.43 -9.42
C HIS N 85 -22.55 -64.26 -9.73
N MET N 86 -22.02 -63.08 -9.44
CA MET N 86 -20.65 -62.73 -9.76
C MET N 86 -19.87 -62.44 -8.49
N ARG N 87 -18.65 -62.93 -8.43
CA ARG N 87 -17.78 -62.74 -7.26
C ARG N 87 -16.42 -62.30 -7.74
N VAL N 88 -15.91 -61.21 -7.16
CA VAL N 88 -14.57 -60.74 -7.45
C VAL N 88 -13.63 -61.38 -6.43
N ARG N 89 -12.58 -62.04 -6.92
CA ARG N 89 -11.72 -62.86 -6.08
C ARG N 89 -10.38 -62.21 -5.77
N LEU N 90 -10.28 -60.89 -5.86
CA LEU N 90 -9.06 -60.20 -5.46
C LEU N 90 -9.43 -58.97 -4.64
N HIS N 91 -8.81 -58.82 -3.48
CA HIS N 91 -9.05 -57.70 -2.61
C HIS N 91 -7.81 -56.81 -2.60
N PRO N 92 -7.96 -55.51 -2.83
CA PRO N 92 -6.79 -54.64 -2.91
C PRO N 92 -6.13 -54.39 -1.56
N PHE N 93 -5.34 -55.36 -1.11
CA PHE N 93 -4.73 -55.31 0.20
C PHE N 93 -3.35 -54.66 0.24
N HIS N 94 -2.79 -54.33 -0.92
CA HIS N 94 -1.42 -53.82 -1.01
C HIS N 94 -1.48 -52.32 -1.27
N VAL N 95 -0.81 -51.54 -0.42
CA VAL N 95 -0.87 -50.08 -0.47
C VAL N 95 0.34 -49.56 -1.23
N ILE N 96 0.10 -48.74 -2.23
CA ILE N 96 1.16 -48.15 -3.02
C ILE N 96 1.38 -46.73 -2.56
N ARG N 97 2.62 -46.26 -2.69
CA ARG N 97 3.03 -44.97 -2.15
C ARG N 97 3.46 -44.04 -3.27
N ILE N 98 3.30 -42.74 -3.04
CA ILE N 98 3.74 -41.71 -3.97
C ILE N 98 4.64 -40.73 -3.24
N ASN N 99 5.77 -40.41 -3.83
CA ASN N 99 6.65 -39.35 -3.33
C ASN N 99 6.25 -38.10 -4.11
N LYS N 100 5.33 -37.34 -3.54
CA LYS N 100 4.72 -36.23 -4.27
C LYS N 100 5.70 -35.07 -4.37
N MET N 101 5.94 -34.62 -5.60
CA MET N 101 6.77 -33.45 -5.88
C MET N 101 5.88 -32.26 -6.17
N LEU N 102 6.52 -31.09 -6.28
CA LEU N 102 5.81 -29.87 -6.63
C LEU N 102 5.95 -29.62 -8.12
N SER N 103 4.82 -29.56 -8.82
CA SER N 103 4.81 -29.40 -10.28
C SER N 103 4.80 -27.92 -10.68
N CYS N 104 5.70 -27.15 -10.11
CA CYS N 104 5.82 -25.73 -10.40
C CYS N 104 7.27 -25.41 -10.76
N ALA N 105 7.46 -24.26 -11.40
CA ALA N 105 8.78 -23.90 -11.90
C ALA N 105 9.72 -23.51 -10.77
N GLY N 106 10.13 -24.49 -9.96
CA GLY N 106 11.06 -24.22 -8.89
C GLY N 106 11.57 -25.47 -8.18
N ALA N 107 12.89 -25.55 -8.03
CA ALA N 107 13.51 -26.55 -7.17
C ALA N 107 13.94 -25.97 -5.83
N ASP N 108 14.08 -24.64 -5.73
CA ASP N 108 14.30 -23.98 -4.45
C ASP N 108 13.09 -24.06 -3.55
N ARG N 109 11.90 -24.31 -4.10
CA ARG N 109 10.68 -24.41 -3.32
C ARG N 109 10.67 -25.75 -2.58
N LEU N 110 11.62 -25.90 -1.65
CA LEU N 110 11.75 -27.03 -0.73
C LEU N 110 11.51 -28.37 -1.41
N GLN N 111 11.92 -28.51 -2.66
CA GLN N 111 11.68 -29.78 -3.34
C GLN N 111 12.55 -30.88 -2.76
N THR N 112 13.79 -30.55 -2.41
CA THR N 112 14.76 -31.40 -1.72
C THR N 112 15.11 -32.66 -2.52
N GLY N 113 14.55 -32.81 -3.71
CA GLY N 113 14.89 -33.95 -4.56
C GLY N 113 14.52 -35.28 -3.92
N MET N 114 15.51 -36.16 -3.81
CA MET N 114 15.32 -37.52 -3.35
C MET N 114 15.57 -37.68 -1.85
N ARG N 115 15.77 -36.58 -1.14
CA ARG N 115 15.96 -36.65 0.31
C ARG N 115 14.61 -36.88 0.98
N GLY N 116 14.57 -37.85 1.89
CA GLY N 116 13.31 -38.21 2.54
C GLY N 116 12.32 -38.72 1.52
N ALA N 117 12.77 -39.62 0.66
CA ALA N 117 12.01 -40.02 -0.50
C ALA N 117 10.81 -40.90 -0.19
N PHE N 118 10.71 -41.44 1.03
CA PHE N 118 9.64 -42.38 1.32
C PHE N 118 8.28 -41.70 1.19
N GLY N 119 7.41 -42.30 0.38
CA GLY N 119 6.17 -41.67 -0.01
C GLY N 119 5.03 -41.89 0.96
N LYS N 120 3.92 -41.32 0.63
CA LYS N 120 2.64 -41.33 1.30
C LYS N 120 1.68 -42.27 0.59
N PRO N 121 0.76 -42.91 1.33
CA PRO N 121 -0.15 -43.88 0.69
C PRO N 121 -1.02 -43.27 -0.38
N GLN N 122 -0.82 -43.70 -1.63
CA GLN N 122 -1.55 -43.15 -2.75
C GLN N 122 -2.82 -43.92 -3.04
N GLY N 123 -2.80 -45.22 -2.83
CA GLY N 123 -3.95 -46.05 -3.13
C GLY N 123 -3.66 -47.49 -2.78
N THR N 124 -4.60 -48.36 -3.14
CA THR N 124 -4.48 -49.79 -2.86
C THR N 124 -4.63 -50.58 -4.15
N VAL N 125 -3.78 -51.59 -4.31
CA VAL N 125 -3.83 -52.47 -5.47
C VAL N 125 -3.89 -53.90 -4.98
N ALA N 126 -4.33 -54.79 -5.87
CA ALA N 126 -4.40 -56.21 -5.60
C ALA N 126 -3.32 -56.93 -6.38
N ARG N 127 -2.54 -57.76 -5.70
CA ARG N 127 -1.50 -58.54 -6.33
C ARG N 127 -2.09 -59.83 -6.87
N VAL N 128 -1.76 -60.16 -8.11
CA VAL N 128 -2.28 -61.35 -8.76
C VAL N 128 -1.12 -62.17 -9.29
N HIS N 129 -1.25 -63.49 -9.20
CA HIS N 129 -0.24 -64.42 -9.69
C HIS N 129 -0.72 -65.08 -10.96
N ILE N 130 0.21 -65.76 -11.63
CA ILE N 130 -0.13 -66.52 -12.81
C ILE N 130 -0.99 -67.71 -12.40
N GLY N 131 -2.13 -67.87 -13.07
CA GLY N 131 -3.05 -68.92 -12.70
C GLY N 131 -4.00 -68.57 -11.59
N GLN N 132 -4.05 -67.31 -11.18
CA GLN N 132 -4.95 -66.88 -10.12
C GLN N 132 -6.23 -66.31 -10.72
N VAL N 133 -7.36 -66.68 -10.12
CA VAL N 133 -8.65 -66.24 -10.61
C VAL N 133 -8.91 -64.82 -10.15
N ILE N 134 -9.35 -63.97 -11.07
CA ILE N 134 -9.70 -62.59 -10.76
C ILE N 134 -11.19 -62.42 -10.51
N MET N 135 -12.02 -62.84 -11.47
CA MET N 135 -13.46 -62.69 -11.39
C MET N 135 -14.12 -64.03 -11.66
N SER N 136 -15.19 -64.33 -10.94
CA SER N 136 -15.92 -65.57 -11.10
C SER N 136 -17.40 -65.28 -11.21
N ILE N 137 -18.03 -65.82 -12.25
CA ILE N 137 -19.46 -65.66 -12.48
C ILE N 137 -20.09 -67.05 -12.56
N ARG N 138 -21.15 -67.26 -11.79
CA ARG N 138 -21.91 -68.50 -11.88
C ARG N 138 -23.33 -68.17 -12.34
N THR N 139 -23.90 -69.06 -13.14
CA THR N 139 -25.24 -68.86 -13.69
C THR N 139 -25.76 -70.20 -14.18
N LYS N 140 -26.86 -70.16 -14.93
CA LYS N 140 -27.45 -71.36 -15.51
C LYS N 140 -26.49 -71.96 -16.52
N LEU N 141 -26.74 -73.24 -16.87
CA LEU N 141 -25.88 -73.91 -17.82
C LEU N 141 -26.05 -73.39 -19.24
N GLN N 142 -27.13 -72.67 -19.53
CA GLN N 142 -27.42 -72.20 -20.87
C GLN N 142 -27.03 -70.74 -21.09
N ASN N 143 -26.33 -70.13 -20.13
CA ASN N 143 -25.79 -68.79 -20.29
C ASN N 143 -24.27 -68.80 -20.45
N GLU N 144 -23.71 -69.89 -20.98
CA GLU N 144 -22.26 -70.03 -21.04
C GLU N 144 -21.64 -68.96 -21.93
N GLU N 145 -22.19 -68.79 -23.14
CA GLU N 145 -21.65 -67.80 -24.06
C GLU N 145 -21.82 -66.40 -23.52
N HIS N 146 -22.90 -66.14 -22.78
CA HIS N 146 -23.07 -64.85 -22.14
C HIS N 146 -21.97 -64.60 -21.12
N VAL N 147 -21.62 -65.62 -20.36
CA VAL N 147 -20.54 -65.49 -19.37
C VAL N 147 -19.22 -65.23 -20.08
N ILE N 148 -18.96 -65.96 -21.16
CA ILE N 148 -17.73 -65.76 -21.92
C ILE N 148 -17.64 -64.33 -22.42
N GLU N 149 -18.74 -63.82 -22.97
CA GLU N 149 -18.72 -62.46 -23.49
C GLU N 149 -18.55 -61.42 -22.39
N ALA N 150 -19.21 -61.61 -21.25
CA ALA N 150 -19.08 -60.67 -20.15
C ALA N 150 -17.66 -60.64 -19.61
N LEU N 151 -17.04 -61.82 -19.47
CA LEU N 151 -15.67 -61.86 -19.00
C LEU N 151 -14.70 -61.31 -20.04
N ARG N 152 -14.99 -61.51 -21.33
CA ARG N 152 -14.13 -60.97 -22.37
C ARG N 152 -14.18 -59.45 -22.37
N ARG N 153 -15.37 -58.88 -22.15
CA ARG N 153 -15.49 -57.43 -22.10
C ARG N 153 -14.77 -56.86 -20.88
N ALA N 154 -14.82 -57.56 -19.75
CA ALA N 154 -14.16 -57.07 -18.55
C ALA N 154 -12.64 -57.18 -18.64
N LYS N 155 -12.12 -57.97 -19.58
CA LYS N 155 -10.67 -58.10 -19.73
C LYS N 155 -10.03 -56.80 -20.16
N PHE N 156 -10.77 -55.96 -20.90
CA PHE N 156 -10.22 -54.75 -21.46
C PHE N 156 -9.92 -53.67 -20.43
N LYS N 157 -10.34 -53.87 -19.19
CA LYS N 157 -10.09 -52.91 -18.13
C LYS N 157 -8.82 -53.21 -17.33
N PHE N 158 -8.06 -54.22 -17.75
CA PHE N 158 -6.91 -54.71 -16.99
C PHE N 158 -5.63 -54.60 -17.80
N PRO N 159 -4.49 -54.40 -17.14
CA PRO N 159 -3.24 -54.18 -17.88
C PRO N 159 -2.72 -55.40 -18.64
N GLY N 160 -2.62 -56.52 -17.96
CA GLY N 160 -1.98 -57.69 -18.51
C GLY N 160 -2.90 -58.57 -19.31
N ARG N 161 -2.46 -59.80 -19.53
CA ARG N 161 -3.21 -60.80 -20.28
C ARG N 161 -4.02 -61.66 -19.32
N GLN N 162 -5.27 -61.93 -19.70
CA GLN N 162 -6.16 -62.76 -18.90
C GLN N 162 -6.77 -63.84 -19.78
N LYS N 163 -7.09 -64.97 -19.16
CA LYS N 163 -7.73 -66.08 -19.83
C LYS N 163 -9.13 -66.30 -19.26
N ILE N 164 -10.05 -66.69 -20.13
CA ILE N 164 -11.41 -67.01 -19.74
C ILE N 164 -11.55 -68.52 -19.67
N HIS N 165 -11.93 -69.03 -18.50
CA HIS N 165 -11.98 -70.47 -18.28
C HIS N 165 -13.32 -70.84 -17.68
N ILE N 166 -13.92 -71.90 -18.21
CA ILE N 166 -15.15 -72.47 -17.68
C ILE N 166 -14.77 -73.65 -16.80
N SER N 167 -15.02 -73.53 -15.50
CA SER N 167 -14.52 -74.52 -14.57
C SER N 167 -15.35 -75.80 -14.63
N LYS N 168 -14.73 -76.89 -14.20
CA LYS N 168 -15.40 -78.17 -14.04
C LYS N 168 -16.02 -78.34 -12.67
N LYS N 169 -15.82 -77.38 -11.76
CA LYS N 169 -16.49 -77.39 -10.48
C LYS N 169 -17.92 -76.91 -10.62
N TRP N 170 -18.81 -77.47 -9.81
CA TRP N 170 -20.21 -77.06 -9.81
C TRP N 170 -20.33 -75.73 -9.09
N GLY N 171 -20.60 -74.67 -9.84
CA GLY N 171 -20.82 -73.38 -9.22
C GLY N 171 -19.57 -72.87 -8.54
N PHE N 172 -19.75 -72.23 -7.40
CA PHE N 172 -18.64 -71.67 -6.64
C PHE N 172 -18.05 -72.66 -5.64
N THR N 173 -18.56 -73.89 -5.59
CA THR N 173 -17.99 -74.88 -4.70
C THR N 173 -16.69 -75.43 -5.28
N LYS N 174 -16.02 -76.27 -4.49
CA LYS N 174 -14.76 -76.87 -4.88
C LYS N 174 -14.92 -78.29 -5.39
N PHE N 175 -16.15 -78.74 -5.63
CA PHE N 175 -16.43 -80.11 -6.01
C PHE N 175 -16.82 -80.18 -7.48
N ASN N 176 -16.44 -81.28 -8.12
CA ASN N 176 -16.62 -81.43 -9.55
C ASN N 176 -18.10 -81.47 -9.91
N ALA N 177 -18.41 -80.99 -11.12
CA ALA N 177 -19.80 -80.90 -11.55
C ALA N 177 -20.43 -82.28 -11.73
N ASP N 178 -19.66 -83.23 -12.28
CA ASP N 178 -20.22 -84.56 -12.54
C ASP N 178 -20.52 -85.33 -11.26
N GLU N 179 -19.63 -85.25 -10.27
CA GLU N 179 -19.82 -85.99 -9.03
C GLU N 179 -20.68 -85.25 -8.03
N PHE N 180 -21.05 -84.00 -8.32
CA PHE N 180 -21.81 -83.20 -7.37
C PHE N 180 -23.17 -83.82 -7.06
N GLU N 181 -23.89 -84.25 -8.10
CA GLU N 181 -25.22 -84.82 -7.89
C GLU N 181 -25.14 -86.11 -7.11
N ASP N 182 -24.14 -86.95 -7.41
CA ASP N 182 -23.98 -88.20 -6.68
C ASP N 182 -23.65 -87.92 -5.21
N MET N 183 -22.76 -86.97 -4.96
CA MET N 183 -22.39 -86.66 -3.57
C MET N 183 -23.55 -86.05 -2.79
N VAL N 184 -24.35 -85.20 -3.42
CA VAL N 184 -25.48 -84.63 -2.70
C VAL N 184 -26.59 -85.66 -2.53
N ALA N 185 -26.66 -86.66 -3.41
CA ALA N 185 -27.66 -87.71 -3.24
C ALA N 185 -27.31 -88.60 -2.05
N LYS N 186 -26.02 -88.88 -1.85
CA LYS N 186 -25.56 -89.70 -0.74
C LYS N 186 -25.12 -88.88 0.46
N LYS N 187 -25.51 -87.60 0.50
CA LYS N 187 -25.50 -86.77 1.71
C LYS N 187 -24.10 -86.50 2.24
N CYS N 188 -23.11 -86.40 1.37
CA CYS N 188 -21.85 -85.80 1.79
C CYS N 188 -21.78 -84.31 1.47
N LEU N 189 -22.83 -83.75 0.88
CA LEU N 189 -22.92 -82.33 0.62
C LEU N 189 -24.33 -81.88 0.99
N ILE N 190 -24.44 -81.01 1.98
CA ILE N 190 -25.71 -80.41 2.36
C ILE N 190 -25.70 -78.96 1.91
N PRO N 191 -26.69 -78.50 1.16
CA PRO N 191 -26.66 -77.11 0.67
C PRO N 191 -26.89 -76.13 1.78
N ASP N 192 -26.15 -75.02 1.73
CA ASP N 192 -26.42 -73.87 2.59
C ASP N 192 -25.90 -72.61 1.93
N GLY N 193 -26.77 -71.60 1.84
CA GLY N 193 -26.39 -70.39 1.13
C GLY N 193 -26.02 -70.70 -0.31
N CYS N 194 -24.88 -70.17 -0.74
CA CYS N 194 -24.41 -70.40 -2.10
C CYS N 194 -23.41 -71.54 -2.19
N GLY N 195 -23.17 -72.28 -1.10
CA GLY N 195 -22.18 -73.33 -1.10
C GLY N 195 -22.70 -74.58 -0.41
N VAL N 196 -21.84 -75.58 -0.34
CA VAL N 196 -22.20 -76.84 0.28
C VAL N 196 -21.22 -77.15 1.40
N LYS N 197 -21.74 -77.76 2.46
CA LYS N 197 -20.94 -78.22 3.58
C LYS N 197 -20.57 -79.68 3.35
N TYR N 198 -19.28 -79.96 3.32
CA TYR N 198 -18.82 -81.33 3.17
C TYR N 198 -19.02 -82.08 4.48
N VAL N 199 -19.82 -83.13 4.44
CA VAL N 199 -20.14 -83.89 5.66
C VAL N 199 -19.32 -85.17 5.64
N PRO N 200 -18.27 -85.26 6.45
CA PRO N 200 -17.42 -86.46 6.43
C PRO N 200 -18.07 -87.59 7.22
N SER N 201 -17.52 -88.78 7.01
CA SER N 201 -17.98 -89.96 7.73
C SER N 201 -17.18 -90.19 9.00
N HIS N 202 -17.05 -89.14 9.82
CA HIS N 202 -16.43 -89.28 11.13
C HIS N 202 -16.95 -88.17 12.03
N GLY N 203 -17.01 -88.48 13.33
CA GLY N 203 -17.61 -87.60 14.29
C GLY N 203 -18.67 -88.35 15.06
N PRO N 204 -19.50 -87.63 15.83
CA PRO N 204 -20.56 -88.30 16.58
C PRO N 204 -21.58 -88.95 15.65
N LEU N 205 -22.15 -90.06 16.11
CA LEU N 205 -23.24 -90.67 15.37
C LEU N 205 -24.52 -89.84 15.43
N ASP N 206 -24.61 -88.91 16.38
CA ASP N 206 -25.81 -88.08 16.46
C ASP N 206 -25.95 -87.18 15.24
N LYS N 207 -24.85 -86.59 14.78
CA LYS N 207 -24.92 -85.79 13.57
C LYS N 207 -25.14 -86.66 12.34
N TRP N 208 -24.84 -87.95 12.42
CA TRP N 208 -25.20 -88.86 11.34
C TRP N 208 -26.69 -89.17 11.34
N ARG N 209 -27.27 -89.41 12.51
CA ARG N 209 -28.67 -89.81 12.57
C ARG N 209 -29.63 -88.63 12.55
N VAL N 210 -29.16 -87.40 12.71
CA VAL N 210 -30.02 -86.27 12.37
C VAL N 210 -30.18 -86.18 10.85
N LEU N 211 -29.14 -86.53 10.11
CA LEU N 211 -29.30 -86.85 8.71
C LEU N 211 -29.90 -88.25 8.57
N HIS N 212 -30.19 -88.64 7.34
CA HIS N 212 -30.88 -89.90 7.05
C HIS N 212 -32.17 -89.99 7.87
N SER N 213 -32.86 -88.86 7.99
CA SER N 213 -34.05 -88.77 8.80
C SER N 213 -34.92 -87.61 8.36
N LYS O 6 -31.94 -96.49 48.63
CA LYS O 6 -32.03 -96.15 47.21
C LYS O 6 -31.03 -95.07 46.84
N GLU O 7 -30.91 -94.05 47.69
CA GLU O 7 -30.03 -92.92 47.44
C GLU O 7 -28.78 -93.02 48.30
N ASN O 8 -27.63 -92.81 47.67
CA ASN O 8 -26.35 -92.85 48.38
C ASN O 8 -26.31 -91.72 49.39
N PRO O 9 -25.98 -91.99 50.66
CA PRO O 9 -25.99 -90.92 51.67
C PRO O 9 -25.01 -89.79 51.39
N MET O 10 -24.00 -90.02 50.55
CA MET O 10 -22.99 -89.00 50.31
C MET O 10 -23.41 -87.98 49.26
N ARG O 11 -24.57 -88.15 48.65
CA ARG O 11 -25.09 -87.17 47.70
C ARG O 11 -26.05 -86.18 48.35
N GLU O 12 -26.19 -86.23 49.67
CA GLU O 12 -27.16 -85.38 50.36
C GLU O 12 -26.75 -83.92 50.28
N LEU O 13 -27.68 -83.07 49.84
CA LEU O 13 -27.43 -81.64 49.76
C LEU O 13 -27.31 -81.06 51.17
N ARG O 14 -26.49 -80.02 51.28
CA ARG O 14 -26.27 -79.35 52.55
C ARG O 14 -25.85 -77.92 52.28
N ILE O 15 -25.90 -77.11 53.33
CA ILE O 15 -25.46 -75.72 53.24
C ILE O 15 -23.94 -75.67 53.40
N ARG O 16 -23.26 -75.09 52.41
CA ARG O 16 -21.84 -74.86 52.55
C ARG O 16 -21.57 -73.61 53.37
N LYS O 17 -22.13 -72.48 52.94
CA LYS O 17 -22.01 -71.22 53.65
C LYS O 17 -23.25 -70.39 53.36
N LEU O 18 -23.26 -69.16 53.86
CA LEU O 18 -24.45 -68.32 53.68
C LEU O 18 -24.11 -66.96 53.11
N CYS O 19 -22.94 -66.41 53.45
CA CYS O 19 -22.38 -65.24 52.78
C CYS O 19 -23.31 -64.02 52.89
N LEU O 20 -23.51 -63.56 54.12
CA LEU O 20 -24.24 -62.31 54.33
C LEU O 20 -23.45 -61.14 53.76
N ASN O 21 -24.18 -60.15 53.24
CA ASN O 21 -23.52 -59.00 52.61
C ASN O 21 -24.37 -57.75 52.77
N ILE O 22 -23.75 -56.67 53.21
CA ILE O 22 -24.38 -55.37 53.34
C ILE O 22 -23.57 -54.37 52.54
N CYS O 23 -24.19 -53.80 51.50
CA CYS O 23 -23.49 -52.86 50.63
C CYS O 23 -23.92 -51.44 50.99
N VAL O 24 -23.27 -50.90 52.03
CA VAL O 24 -23.45 -49.50 52.37
C VAL O 24 -22.91 -48.65 51.23
N GLY O 25 -23.63 -47.59 50.88
CA GLY O 25 -23.24 -46.78 49.74
C GLY O 25 -21.87 -46.14 49.91
N GLU O 26 -21.58 -45.62 51.10
CA GLU O 26 -20.32 -44.94 51.33
C GLU O 26 -19.61 -45.51 52.56
N SER O 27 -18.53 -44.87 52.99
CA SER O 27 -17.75 -45.31 54.14
C SER O 27 -18.09 -44.46 55.36
N GLY O 28 -17.31 -44.64 56.41
CA GLY O 28 -17.41 -43.79 57.58
C GLY O 28 -18.16 -44.46 58.72
N ASP O 29 -19.02 -43.69 59.39
CA ASP O 29 -19.67 -44.19 60.59
C ASP O 29 -20.78 -45.18 60.24
N ARG O 30 -21.46 -44.96 59.12
CA ARG O 30 -22.53 -45.85 58.68
C ARG O 30 -22.00 -47.27 58.46
N LEU O 31 -20.82 -47.38 57.86
CA LEU O 31 -20.22 -48.70 57.65
C LEU O 31 -19.89 -49.37 58.98
N THR O 32 -19.47 -48.57 59.97
CA THR O 32 -19.19 -49.13 61.29
C THR O 32 -20.46 -49.65 61.94
N ARG O 33 -21.57 -48.91 61.84
CA ARG O 33 -22.84 -49.43 62.33
C ARG O 33 -23.25 -50.69 61.59
N ALA O 34 -23.02 -50.75 60.27
CA ALA O 34 -23.37 -51.97 59.53
C ALA O 34 -22.56 -53.16 60.01
N ALA O 35 -21.26 -52.95 60.26
CA ALA O 35 -20.43 -54.01 60.83
C ALA O 35 -20.96 -54.42 62.20
N LYS O 36 -21.45 -53.46 62.97
CA LYS O 36 -22.05 -53.79 64.26
C LYS O 36 -23.31 -54.64 64.09
N VAL O 37 -24.13 -54.30 63.09
CA VAL O 37 -25.32 -55.11 62.79
C VAL O 37 -24.92 -56.54 62.49
N LEU O 38 -23.89 -56.72 61.66
CA LEU O 38 -23.39 -58.06 61.42
C LEU O 38 -22.88 -58.72 62.69
N GLU O 39 -22.31 -57.92 63.59
CA GLU O 39 -21.80 -58.47 64.84
C GLU O 39 -22.93 -59.04 65.69
N GLN O 40 -24.07 -58.35 65.77
CA GLN O 40 -25.19 -58.96 66.49
C GLN O 40 -25.75 -60.16 65.73
N LEU O 41 -25.88 -60.03 64.41
CA LEU O 41 -26.58 -61.07 63.65
C LEU O 41 -25.79 -62.38 63.64
N THR O 42 -24.46 -62.31 63.61
CA THR O 42 -23.65 -63.50 63.50
C THR O 42 -22.88 -63.85 64.76
N GLY O 43 -22.64 -62.89 65.64
CA GLY O 43 -21.73 -63.12 66.75
C GLY O 43 -20.34 -63.44 66.26
N GLN O 44 -19.91 -62.77 65.21
CA GLN O 44 -18.75 -63.19 64.44
C GLN O 44 -18.28 -62.00 63.62
N THR O 45 -17.04 -61.55 63.87
CA THR O 45 -16.61 -60.26 63.35
C THR O 45 -16.56 -60.27 61.82
N PRO O 46 -17.03 -59.21 61.18
CA PRO O 46 -17.00 -59.16 59.72
C PRO O 46 -15.75 -58.50 59.17
N VAL O 47 -15.65 -58.43 57.84
CA VAL O 47 -14.60 -57.69 57.16
C VAL O 47 -15.23 -56.75 56.15
N PHE O 48 -14.50 -55.69 55.81
CA PHE O 48 -14.97 -54.69 54.88
C PHE O 48 -14.40 -54.96 53.49
N SER O 49 -15.08 -54.43 52.48
CA SER O 49 -14.65 -54.57 51.10
C SER O 49 -14.37 -53.19 50.53
N LYS O 50 -13.25 -53.06 49.83
CA LYS O 50 -12.85 -51.79 49.25
C LYS O 50 -13.38 -51.66 47.83
N ALA O 51 -13.40 -50.42 47.35
CA ALA O 51 -13.84 -50.14 45.98
C ALA O 51 -12.78 -50.59 45.00
N ARG O 52 -13.18 -51.41 44.04
CA ARG O 52 -12.24 -51.83 43.00
C ARG O 52 -11.78 -50.64 42.17
N TYR O 53 -12.73 -49.89 41.62
CA TYR O 53 -12.45 -48.72 40.80
C TYR O 53 -13.06 -47.49 41.45
N THR O 54 -13.01 -46.37 40.73
CA THR O 54 -13.60 -45.13 41.19
C THR O 54 -14.74 -44.77 40.25
N VAL O 55 -15.94 -44.59 40.80
CA VAL O 55 -17.11 -44.16 40.05
C VAL O 55 -17.60 -42.85 40.66
N ARG O 56 -17.68 -41.81 39.84
CA ARG O 56 -18.17 -40.53 40.33
C ARG O 56 -19.68 -40.55 40.55
N SER O 57 -20.40 -41.42 39.83
CA SER O 57 -21.85 -41.47 39.97
C SER O 57 -22.24 -41.91 41.38
N PHE O 58 -21.52 -42.86 41.94
CA PHE O 58 -21.82 -43.35 43.28
C PHE O 58 -21.03 -42.62 44.35
N GLY O 59 -20.19 -41.66 43.98
CA GLY O 59 -19.42 -40.91 44.96
C GLY O 59 -18.42 -41.76 45.70
N ILE O 60 -17.83 -42.74 45.02
CA ILE O 60 -16.86 -43.64 45.64
C ILE O 60 -15.53 -43.50 44.93
N ARG O 61 -14.47 -43.53 45.71
CA ARG O 61 -13.10 -43.51 45.21
C ARG O 61 -12.48 -44.89 45.37
N ARG O 62 -11.44 -45.15 44.60
CA ARG O 62 -10.78 -46.45 44.63
C ARG O 62 -10.19 -46.70 46.01
N ASN O 63 -10.22 -47.97 46.42
CA ASN O 63 -9.64 -48.46 47.67
C ASN O 63 -10.35 -47.90 48.89
N GLU O 64 -11.58 -47.44 48.74
CA GLU O 64 -12.37 -46.93 49.85
C GLU O 64 -13.36 -47.99 50.28
N LYS O 65 -13.48 -48.18 51.59
CA LYS O 65 -14.34 -49.23 52.14
C LYS O 65 -15.80 -48.96 51.84
N ILE O 66 -16.41 -49.79 50.99
CA ILE O 66 -17.82 -49.62 50.63
C ILE O 66 -18.72 -50.47 51.51
N ALA O 67 -18.52 -51.78 51.48
CA ALA O 67 -19.47 -52.72 52.03
C ALA O 67 -18.86 -53.49 53.19
N VAL O 68 -19.70 -54.31 53.82
CA VAL O 68 -19.28 -55.19 54.90
C VAL O 68 -19.97 -56.53 54.68
N HIS O 69 -19.24 -57.62 54.96
CA HIS O 69 -19.77 -58.94 54.68
C HIS O 69 -19.05 -59.96 55.56
N CYS O 70 -19.69 -61.10 55.74
CA CYS O 70 -19.11 -62.20 56.50
C CYS O 70 -19.80 -63.49 56.10
N THR O 71 -19.06 -64.58 56.16
CA THR O 71 -19.58 -65.91 55.82
C THR O 71 -19.77 -66.72 57.09
N VAL O 72 -20.93 -67.37 57.20
CA VAL O 72 -21.25 -68.21 58.35
C VAL O 72 -21.50 -69.63 57.85
N ARG O 73 -20.95 -70.60 58.58
CA ARG O 73 -21.03 -72.00 58.20
C ARG O 73 -21.49 -72.83 59.40
N GLY O 74 -22.06 -73.98 59.10
CA GLY O 74 -22.51 -74.87 60.14
C GLY O 74 -23.92 -74.61 60.60
N ALA O 75 -24.19 -74.85 61.89
CA ALA O 75 -25.54 -74.66 62.41
C ALA O 75 -25.96 -73.20 62.33
N LYS O 76 -25.06 -72.28 62.70
CA LYS O 76 -25.36 -70.86 62.66
C LYS O 76 -25.91 -70.45 61.30
N ALA O 77 -25.36 -71.04 60.23
CA ALA O 77 -25.87 -70.80 58.89
C ALA O 77 -27.34 -71.20 58.79
N GLU O 78 -27.72 -72.35 59.35
CA GLU O 78 -29.11 -72.76 59.15
C GLU O 78 -30.07 -71.94 60.00
N GLU O 79 -29.67 -71.49 61.20
CA GLU O 79 -30.56 -70.59 61.92
C GLU O 79 -30.73 -69.26 61.19
N ILE O 80 -29.63 -68.66 60.72
CA ILE O 80 -29.77 -67.38 60.03
C ILE O 80 -30.56 -67.56 58.73
N LEU O 81 -30.39 -68.69 58.05
CA LEU O 81 -31.11 -68.92 56.81
C LEU O 81 -32.60 -69.09 57.06
N GLU O 82 -32.98 -69.83 58.10
CA GLU O 82 -34.40 -69.98 58.36
C GLU O 82 -35.02 -68.66 58.83
N LYS O 83 -34.25 -67.83 59.54
CA LYS O 83 -34.76 -66.50 59.89
C LYS O 83 -34.99 -65.66 58.64
N GLY O 84 -34.02 -65.67 57.73
CA GLY O 84 -34.16 -64.92 56.49
C GLY O 84 -35.31 -65.38 55.64
N LEU O 85 -35.59 -66.68 55.64
CA LEU O 85 -36.75 -67.19 54.91
C LEU O 85 -38.05 -66.91 55.65
N LYS O 86 -38.00 -66.85 56.98
CA LYS O 86 -39.17 -66.42 57.76
C LYS O 86 -39.56 -65.00 57.41
N VAL O 87 -38.58 -64.12 57.23
CA VAL O 87 -38.88 -62.77 56.77
C VAL O 87 -39.50 -62.81 55.38
N ARG O 88 -38.96 -63.63 54.49
CA ARG O 88 -39.46 -63.79 53.14
C ARG O 88 -40.70 -64.67 53.06
N GLU O 89 -41.22 -65.11 54.20
CA GLU O 89 -42.41 -65.97 54.27
C GLU O 89 -42.24 -67.25 53.46
N TYR O 90 -41.01 -67.75 53.38
CA TYR O 90 -40.70 -69.05 52.77
C TYR O 90 -41.14 -69.11 51.31
N GLU O 91 -41.02 -68.00 50.60
CA GLU O 91 -41.32 -67.94 49.18
C GLU O 91 -40.21 -67.22 48.44
N LEU O 92 -39.84 -67.75 47.28
CA LEU O 92 -38.79 -67.17 46.47
C LEU O 92 -39.22 -67.17 45.00
N ARG O 93 -38.65 -66.24 44.25
CA ARG O 93 -38.92 -66.15 42.83
C ARG O 93 -38.21 -67.28 42.08
N LYS O 94 -38.65 -67.54 40.85
CA LYS O 94 -37.98 -68.53 40.02
C LYS O 94 -36.56 -68.11 39.70
N ASN O 95 -36.34 -66.83 39.42
CA ASN O 95 -35.05 -66.33 39.00
C ASN O 95 -34.08 -66.06 40.15
N ASN O 96 -34.45 -66.42 41.38
CA ASN O 96 -33.55 -66.28 42.50
C ASN O 96 -32.51 -67.39 42.57
N PHE O 97 -32.62 -68.40 41.73
CA PHE O 97 -31.75 -69.56 41.76
C PHE O 97 -30.73 -69.46 40.63
N SER O 98 -29.45 -69.40 40.98
CA SER O 98 -28.42 -69.41 39.97
C SER O 98 -28.31 -70.78 39.33
N ASP O 99 -27.90 -70.81 38.07
CA ASP O 99 -27.81 -72.05 37.33
C ASP O 99 -26.75 -72.99 37.88
N THR O 100 -25.86 -72.52 38.75
CA THR O 100 -24.85 -73.35 39.36
C THR O 100 -25.38 -74.20 40.51
N GLY O 101 -26.63 -73.99 40.92
CA GLY O 101 -27.22 -74.78 41.96
C GLY O 101 -27.33 -74.14 43.31
N ASN O 102 -27.12 -72.82 43.41
CA ASN O 102 -27.23 -72.11 44.66
C ASN O 102 -28.03 -70.84 44.43
N PHE O 103 -28.70 -70.37 45.47
CA PHE O 103 -29.66 -69.28 45.36
C PHE O 103 -29.41 -68.23 46.44
N GLY O 104 -30.19 -67.17 46.40
CA GLY O 104 -30.05 -66.09 47.35
C GLY O 104 -31.22 -65.13 47.26
N PHE O 105 -31.30 -64.27 48.27
CA PHE O 105 -32.39 -63.29 48.37
C PHE O 105 -31.91 -62.16 49.25
N GLY O 106 -32.68 -61.07 49.25
CA GLY O 106 -32.33 -59.90 50.02
C GLY O 106 -33.38 -59.57 51.05
N ILE O 107 -32.91 -59.00 52.16
CA ILE O 107 -33.77 -58.61 53.28
C ILE O 107 -33.67 -57.10 53.43
N GLN O 108 -34.81 -56.43 53.43
CA GLN O 108 -34.83 -54.97 53.42
C GLN O 108 -34.53 -54.38 54.79
N GLU O 109 -34.98 -55.03 55.86
CA GLU O 109 -34.79 -54.52 57.22
C GLU O 109 -34.17 -55.61 58.07
N HIS O 110 -33.11 -55.29 58.79
CA HIS O 110 -32.50 -56.26 59.69
C HIS O 110 -33.19 -56.34 61.04
N ILE O 111 -34.09 -55.39 61.34
CA ILE O 111 -34.67 -55.30 62.67
C ILE O 111 -35.91 -56.17 62.84
N ASP O 112 -36.36 -56.83 61.79
CA ASP O 112 -37.52 -57.71 61.87
C ASP O 112 -37.16 -59.19 61.96
N LEU O 113 -35.89 -59.51 62.14
CA LEU O 113 -35.44 -60.88 62.35
C LEU O 113 -34.37 -60.90 63.44
N GLY O 114 -34.69 -61.48 64.59
CA GLY O 114 -33.71 -61.70 65.63
C GLY O 114 -33.23 -60.45 66.32
N ILE O 115 -32.70 -59.52 65.52
CA ILE O 115 -32.06 -58.33 66.07
C ILE O 115 -33.11 -57.35 66.55
N LYS O 116 -32.97 -56.90 67.80
CA LYS O 116 -33.78 -55.82 68.34
C LYS O 116 -33.20 -54.48 67.91
N TYR O 117 -34.09 -53.51 67.68
CA TYR O 117 -33.63 -52.19 67.27
C TYR O 117 -32.86 -51.52 68.40
N ASP O 118 -31.77 -50.86 68.03
CA ASP O 118 -31.02 -50.02 68.95
C ASP O 118 -31.06 -48.59 68.43
N PRO O 119 -31.26 -47.60 69.32
CA PRO O 119 -31.35 -46.21 68.85
C PRO O 119 -30.11 -45.74 68.11
N SER O 120 -28.93 -46.21 68.48
CA SER O 120 -27.71 -45.82 67.79
C SER O 120 -27.48 -46.58 66.49
N ILE O 121 -28.20 -47.68 66.29
CA ILE O 121 -27.97 -48.58 65.17
C ILE O 121 -29.11 -48.40 64.17
N GLY O 122 -28.76 -48.29 62.89
CA GLY O 122 -29.73 -47.95 61.86
C GLY O 122 -30.72 -49.04 61.51
N ILE O 123 -31.21 -48.99 60.27
CA ILE O 123 -32.27 -49.85 59.77
C ILE O 123 -31.77 -50.68 58.60
N TYR O 124 -30.50 -51.07 58.66
CA TYR O 124 -29.79 -51.63 57.51
C TYR O 124 -30.47 -52.88 56.96
N GLY O 125 -30.48 -53.00 55.63
CA GLY O 125 -30.81 -54.24 54.98
C GLY O 125 -29.57 -55.04 54.67
N LEU O 126 -29.76 -56.16 53.98
CA LEU O 126 -28.65 -57.08 53.77
C LEU O 126 -29.01 -58.07 52.68
N ASP O 127 -28.01 -58.87 52.29
CA ASP O 127 -28.16 -59.92 51.30
C ASP O 127 -27.95 -61.28 51.95
N PHE O 128 -28.71 -62.26 51.50
CA PHE O 128 -28.48 -63.66 51.81
C PHE O 128 -28.12 -64.36 50.52
N TYR O 129 -27.04 -65.14 50.52
CA TYR O 129 -26.74 -65.94 49.34
C TYR O 129 -26.18 -67.29 49.81
N VAL O 130 -27.08 -68.25 50.01
CA VAL O 130 -26.69 -69.58 50.44
C VAL O 130 -26.01 -70.31 49.29
N VAL O 131 -24.95 -71.05 49.61
CA VAL O 131 -24.21 -71.85 48.64
C VAL O 131 -24.42 -73.31 49.01
N LEU O 132 -25.05 -74.06 48.10
CA LEU O 132 -25.34 -75.46 48.36
C LEU O 132 -24.12 -76.33 48.04
N GLY O 133 -24.10 -77.52 48.62
CA GLY O 133 -22.99 -78.42 48.39
C GLY O 133 -23.34 -79.83 48.77
N ARG O 134 -22.45 -80.75 48.40
CA ARG O 134 -22.51 -82.16 48.73
C ARG O 134 -21.22 -82.56 49.41
N PRO O 135 -21.22 -83.64 50.17
CA PRO O 135 -19.96 -84.20 50.67
C PRO O 135 -19.03 -84.52 49.51
N GLY O 136 -17.89 -83.84 49.48
CA GLY O 136 -16.94 -84.01 48.39
C GLY O 136 -16.68 -82.77 47.57
N PHE O 137 -17.38 -81.66 47.85
CA PHE O 137 -17.11 -80.43 47.14
C PHE O 137 -15.79 -79.80 47.55
N SER O 138 -15.23 -80.21 48.68
CA SER O 138 -14.03 -79.56 49.21
C SER O 138 -12.80 -79.86 48.39
N ILE O 139 -12.86 -80.85 47.50
CA ILE O 139 -11.68 -81.20 46.71
C ILE O 139 -11.33 -80.08 45.73
N ALA O 140 -12.31 -79.29 45.29
CA ALA O 140 -11.98 -78.16 44.44
C ALA O 140 -11.30 -77.04 45.21
N ASP O 141 -11.26 -77.12 46.54
CA ASP O 141 -10.72 -76.08 47.38
C ASP O 141 -9.45 -76.47 48.12
N LYS O 142 -9.06 -77.74 48.08
CA LYS O 142 -7.90 -78.21 48.82
C LYS O 142 -6.61 -77.83 48.10
N LYS O 143 -5.49 -78.01 48.80
CA LYS O 143 -4.17 -77.63 48.27
C LYS O 143 -3.52 -78.76 47.49
N ARG O 144 -3.48 -79.97 48.05
CA ARG O 144 -2.80 -81.09 47.42
C ARG O 144 -3.81 -81.97 46.72
N ARG O 145 -3.49 -82.36 45.48
CA ARG O 145 -4.35 -83.21 44.66
C ARG O 145 -5.75 -82.61 44.49
N THR O 146 -5.81 -81.30 44.28
CA THR O 146 -7.07 -80.65 44.00
C THR O 146 -7.62 -81.10 42.65
N GLY O 147 -8.93 -81.06 42.50
CA GLY O 147 -9.54 -81.47 41.26
C GLY O 147 -11.00 -81.08 41.21
N CYS O 148 -11.56 -81.16 40.00
CA CYS O 148 -12.97 -80.86 39.81
C CYS O 148 -13.83 -82.00 40.33
N ILE O 149 -15.11 -81.71 40.51
CA ILE O 149 -15.99 -82.64 41.22
C ILE O 149 -16.74 -83.60 40.32
N GLY O 150 -16.79 -83.34 39.03
CA GLY O 150 -17.51 -84.30 38.18
C GLY O 150 -18.95 -83.93 37.98
N ALA O 151 -19.46 -84.24 36.79
CA ALA O 151 -20.75 -83.70 36.35
C ALA O 151 -21.91 -84.26 37.15
N LYS O 152 -21.88 -85.55 37.46
CA LYS O 152 -23.02 -86.16 38.13
C LYS O 152 -23.19 -85.65 39.55
N HIS O 153 -22.09 -85.29 40.20
CA HIS O 153 -22.11 -84.90 41.60
C HIS O 153 -22.45 -83.43 41.78
N ARG O 154 -22.57 -82.68 40.69
CA ARG O 154 -22.88 -81.26 40.76
C ARG O 154 -24.33 -81.05 41.21
N ILE O 155 -24.71 -79.78 41.32
CA ILE O 155 -26.05 -79.38 41.71
C ILE O 155 -26.62 -78.49 40.62
N SER O 156 -27.80 -78.82 40.13
CA SER O 156 -28.48 -78.01 39.13
C SER O 156 -29.44 -77.05 39.81
N LYS O 157 -29.99 -76.13 39.01
CA LYS O 157 -30.99 -75.20 39.51
C LYS O 157 -32.22 -75.95 40.01
N GLU O 158 -32.66 -76.96 39.26
CA GLU O 158 -33.86 -77.69 39.64
C GLU O 158 -33.67 -78.46 40.93
N GLU O 159 -32.48 -79.05 41.13
CA GLU O 159 -32.24 -79.76 42.38
C GLU O 159 -32.18 -78.81 43.56
N ALA O 160 -31.59 -77.63 43.37
CA ALA O 160 -31.60 -76.62 44.43
C ALA O 160 -33.02 -76.23 44.79
N MET O 161 -33.85 -75.98 43.77
CA MET O 161 -35.25 -75.66 44.03
C MET O 161 -35.94 -76.78 44.77
N ARG O 162 -35.68 -78.03 44.37
CA ARG O 162 -36.33 -79.18 45.00
C ARG O 162 -35.97 -79.25 46.47
N TRP O 163 -34.66 -79.22 46.78
CA TRP O 163 -34.21 -79.19 48.16
C TRP O 163 -34.87 -78.05 48.93
N PHE O 164 -35.08 -76.92 48.26
CA PHE O 164 -35.77 -75.81 48.92
C PHE O 164 -37.20 -76.19 49.30
N GLN O 165 -37.93 -76.89 48.41
CA GLN O 165 -39.27 -77.32 48.83
C GLN O 165 -39.20 -78.34 49.95
N GLN O 166 -38.44 -79.44 49.78
CA GLN O 166 -38.55 -80.51 50.78
C GLN O 166 -37.95 -80.12 52.12
N LYS O 167 -37.07 -79.13 52.17
CA LYS O 167 -36.52 -78.77 53.47
C LYS O 167 -37.28 -77.60 54.11
N TYR O 168 -37.44 -76.50 53.38
CA TYR O 168 -38.02 -75.28 53.92
C TYR O 168 -39.45 -75.05 53.47
N ASP O 169 -40.19 -76.13 53.16
CA ASP O 169 -41.56 -76.11 52.64
C ASP O 169 -41.82 -74.95 51.70
N GLY O 170 -40.89 -74.72 50.77
CA GLY O 170 -40.85 -73.48 50.03
C GLY O 170 -41.81 -73.42 48.86
N ILE O 171 -41.99 -72.19 48.37
CA ILE O 171 -42.86 -71.91 47.23
C ILE O 171 -42.05 -71.13 46.22
N ILE O 172 -42.06 -71.58 44.97
CA ILE O 172 -41.34 -70.93 43.89
C ILE O 172 -42.36 -70.22 43.01
N LEU O 173 -42.43 -68.91 43.13
CA LEU O 173 -43.35 -68.16 42.30
C LEU O 173 -42.81 -68.08 40.87
N PRO O 174 -43.68 -68.13 39.86
CA PRO O 174 -43.22 -68.25 38.48
C PRO O 174 -42.78 -66.92 37.86
N GLY O 175 -41.54 -66.51 38.14
CA GLY O 175 -41.01 -65.30 37.55
C GLY O 175 -39.63 -64.94 38.07
N ALA P 1 53.45 -37.76 12.74
CA ALA P 1 52.50 -38.86 12.75
C ALA P 1 53.18 -40.15 13.15
N PRO P 2 52.73 -40.75 14.25
CA PRO P 2 53.34 -42.01 14.71
C PRO P 2 53.06 -43.13 13.73
N SER P 3 53.94 -44.13 13.75
CA SER P 3 53.83 -45.28 12.86
C SER P 3 54.17 -46.53 13.65
N ARG P 4 53.15 -47.33 13.96
CA ARG P 4 53.29 -48.62 14.63
C ARG P 4 54.00 -48.41 15.97
N ASN P 5 54.71 -49.44 16.44
CA ASN P 5 55.45 -49.32 17.68
C ASN P 5 56.64 -48.38 17.48
N GLY P 6 56.92 -47.58 18.51
CA GLY P 6 58.04 -46.66 18.42
C GLY P 6 58.12 -45.75 19.63
N MET P 7 59.33 -45.32 19.96
CA MET P 7 59.55 -44.48 21.12
C MET P 7 58.99 -43.08 20.85
N VAL P 8 58.35 -42.50 21.86
CA VAL P 8 57.90 -41.12 21.77
C VAL P 8 59.12 -40.22 21.94
N LEU P 9 59.45 -39.46 20.89
CA LEU P 9 60.66 -38.67 20.86
C LEU P 9 60.32 -37.20 20.97
N LYS P 10 61.17 -36.44 21.67
CA LYS P 10 60.98 -35.02 21.86
C LYS P 10 62.25 -34.29 21.43
N PRO P 11 62.42 -34.07 20.13
CA PRO P 11 63.59 -33.33 19.65
C PRO P 11 63.51 -31.88 20.08
N HIS P 12 64.63 -31.34 20.55
CA HIS P 12 64.71 -29.93 20.91
C HIS P 12 65.26 -29.12 19.74
N PHE P 13 64.56 -29.21 18.62
CA PHE P 13 64.91 -28.51 17.40
C PHE P 13 63.77 -27.63 16.93
N HIS P 14 63.09 -26.97 17.86
CA HIS P 14 62.02 -26.04 17.54
C HIS P 14 62.42 -24.59 17.75
N LYS P 15 63.71 -24.32 17.91
CA LYS P 15 64.16 -23.02 18.40
C LYS P 15 65.24 -22.41 17.53
N ASP P 16 65.22 -22.69 16.23
CA ASP P 16 66.10 -22.07 15.24
C ASP P 16 67.57 -22.28 15.63
N TRP P 17 67.96 -23.55 15.58
CA TRP P 17 69.24 -24.00 16.09
C TRP P 17 70.39 -23.82 15.11
N GLN P 18 70.11 -23.54 13.84
CA GLN P 18 71.16 -23.57 12.84
C GLN P 18 72.09 -22.37 12.94
N ARG P 19 71.62 -21.24 13.46
CA ARG P 19 72.51 -20.10 13.64
C ARG P 19 73.45 -20.27 14.81
N ARG P 20 73.17 -21.18 15.73
CA ARG P 20 74.07 -21.48 16.85
C ARG P 20 74.46 -22.94 16.74
N VAL P 21 75.48 -23.21 15.94
CA VAL P 21 76.06 -24.55 15.81
C VAL P 21 77.56 -24.40 16.05
N ALA P 22 78.08 -25.19 16.98
CA ALA P 22 79.49 -25.17 17.32
C ALA P 22 80.17 -26.32 16.59
N THR P 23 80.99 -25.99 15.59
CA THR P 23 81.77 -26.99 14.88
C THR P 23 83.16 -27.06 15.49
N TRP P 24 83.70 -28.26 15.56
CA TRP P 24 84.96 -28.53 16.25
C TRP P 24 86.11 -28.74 15.29
N PHE P 25 86.10 -28.07 14.14
CA PHE P 25 87.19 -28.24 13.19
C PHE P 25 88.48 -27.61 13.68
N ASN P 26 88.42 -26.70 14.65
CA ASN P 26 89.62 -26.13 15.23
C ASN P 26 90.11 -26.90 16.44
N GLN P 27 89.51 -28.06 16.73
CA GLN P 27 89.96 -28.87 17.86
C GLN P 27 91.40 -29.33 17.75
N PRO P 28 91.89 -29.88 16.63
CA PRO P 28 93.32 -30.20 16.56
C PRO P 28 94.20 -28.98 16.68
N ALA P 29 93.81 -27.87 16.06
CA ALA P 29 94.57 -26.64 16.19
C ALA P 29 94.55 -26.13 17.62
N ARG P 30 93.41 -26.27 18.30
CA ARG P 30 93.33 -25.87 19.69
C ARG P 30 94.24 -26.71 20.56
N LYS P 31 94.30 -28.01 20.31
CA LYS P 31 95.20 -28.87 21.06
C LYS P 31 96.66 -28.50 20.81
N ILE P 32 97.00 -28.18 19.57
CA ILE P 32 98.35 -27.76 19.25
C ILE P 32 98.70 -26.47 19.98
N ARG P 33 97.77 -25.51 19.98
CA ARG P 33 98.01 -24.25 20.66
C ARG P 33 98.17 -24.44 22.16
N ARG P 34 97.35 -25.31 22.75
CA ARG P 34 97.49 -25.59 24.18
C ARG P 34 98.83 -26.25 24.48
N ARG P 35 99.27 -27.19 23.64
CA ARG P 35 100.56 -27.83 23.87
C ARG P 35 101.70 -26.83 23.75
N LYS P 36 101.63 -25.94 22.76
CA LYS P 36 102.66 -24.93 22.60
C LYS P 36 102.70 -23.99 23.80
N ALA P 37 101.53 -23.60 24.31
CA ALA P 37 101.48 -22.76 25.50
C ALA P 37 102.04 -23.48 26.72
N ARG P 38 101.75 -24.78 26.84
CA ARG P 38 102.30 -25.55 27.95
C ARG P 38 103.82 -25.60 27.89
N GLN P 39 104.38 -25.86 26.70
CA GLN P 39 105.82 -25.90 26.56
C GLN P 39 106.45 -24.54 26.81
N ALA P 40 105.79 -23.48 26.35
CA ALA P 40 106.30 -22.14 26.59
C ALA P 40 106.31 -21.80 28.08
N LYS P 41 105.25 -22.14 28.79
CA LYS P 41 105.23 -21.88 30.23
C LYS P 41 106.31 -22.70 30.92
N ALA P 42 106.46 -23.97 30.56
CA ALA P 42 107.45 -24.81 31.20
C ALA P 42 108.86 -24.29 30.96
N ARG P 43 109.12 -23.73 29.78
CA ARG P 43 110.41 -23.12 29.54
C ARG P 43 110.56 -21.81 30.28
N ARG P 44 109.45 -21.11 30.53
CA ARG P 44 109.54 -19.83 31.25
C ARG P 44 109.96 -20.04 32.70
N ILE P 45 109.31 -20.98 33.39
CA ILE P 45 109.68 -21.32 34.76
C ILE P 45 110.64 -22.51 34.65
N ALA P 46 111.95 -22.21 34.64
CA ALA P 46 112.90 -23.23 34.22
C ALA P 46 113.04 -24.36 35.24
N PRO P 47 113.39 -24.13 36.52
CA PRO P 47 113.55 -25.27 37.41
C PRO P 47 112.27 -25.63 38.17
N ARG P 48 111.29 -24.72 38.14
CA ARG P 48 110.05 -24.94 38.86
C ARG P 48 109.25 -26.05 38.19
N PRO P 49 108.39 -26.75 38.93
CA PRO P 49 107.63 -27.86 38.34
C PRO P 49 106.70 -27.39 37.25
N ALA P 50 106.47 -28.26 36.26
CA ALA P 50 105.69 -27.89 35.09
C ALA P 50 104.24 -27.64 35.44
N SER P 51 103.62 -28.55 36.21
CA SER P 51 102.22 -28.40 36.54
C SER P 51 101.97 -27.21 37.46
N GLY P 52 102.87 -26.97 38.42
CA GLY P 52 102.74 -25.82 39.27
C GLY P 52 102.75 -26.15 40.74
N PRO P 53 101.99 -25.40 41.52
CA PRO P 53 102.04 -25.56 42.97
C PRO P 53 101.51 -26.91 43.41
N ILE P 54 102.06 -27.39 44.53
CA ILE P 54 101.58 -28.63 45.11
C ILE P 54 100.16 -28.44 45.65
N ARG P 55 99.33 -29.44 45.45
CA ARG P 55 97.93 -29.38 45.85
C ARG P 55 97.67 -30.34 47.02
N PRO P 56 96.69 -30.05 47.87
CA PRO P 56 96.49 -30.85 49.07
C PRO P 56 95.73 -32.14 48.81
N ILE P 57 95.74 -33.00 49.82
CA ILE P 57 94.92 -34.21 49.85
C ILE P 57 93.50 -33.82 50.22
N VAL P 58 92.54 -34.22 49.39
CA VAL P 58 91.16 -33.74 49.49
C VAL P 58 90.19 -34.88 49.21
N ARG P 59 89.30 -35.15 50.15
CA ARG P 59 88.25 -36.14 49.99
C ARG P 59 87.05 -35.51 49.30
N CYS P 60 86.46 -36.26 48.37
CA CYS P 60 85.34 -35.73 47.60
C CYS P 60 84.08 -35.61 48.48
N PRO P 61 83.25 -34.59 48.22
CA PRO P 61 82.16 -34.29 49.15
C PRO P 61 81.09 -35.35 49.34
N THR P 62 80.35 -35.72 48.30
CA THR P 62 79.06 -36.36 48.53
C THR P 62 79.23 -37.82 48.92
N VAL P 63 78.09 -38.50 49.13
CA VAL P 63 78.16 -39.89 49.56
C VAL P 63 78.55 -40.80 48.40
N ARG P 64 78.39 -40.34 47.16
CA ARG P 64 78.79 -41.14 46.02
C ARG P 64 80.31 -41.26 45.92
N TYR P 65 81.03 -40.21 46.31
CA TYR P 65 82.46 -40.12 46.04
C TYR P 65 83.33 -40.01 47.28
N HIS P 66 82.76 -40.05 48.48
CA HIS P 66 83.59 -39.80 49.66
C HIS P 66 84.59 -40.90 49.94
N THR P 67 84.46 -42.05 49.27
CA THR P 67 85.51 -43.05 49.37
C THR P 67 86.74 -42.66 48.56
N LYS P 68 86.57 -41.78 47.59
CA LYS P 68 87.65 -41.35 46.71
C LYS P 68 88.27 -40.06 47.23
N VAL P 69 89.59 -39.96 47.08
CA VAL P 69 90.34 -38.78 47.47
C VAL P 69 90.94 -38.17 46.22
N ARG P 70 91.07 -36.84 46.21
CA ARG P 70 91.55 -36.14 45.04
C ARG P 70 92.45 -35.00 45.47
N ALA P 71 92.77 -34.11 44.52
CA ALA P 71 93.58 -32.94 44.78
C ALA P 71 92.68 -31.71 44.93
N GLY P 72 93.05 -30.83 45.86
CA GLY P 72 92.27 -29.65 46.16
C GLY P 72 92.87 -28.38 45.61
N ARG P 73 92.24 -27.27 45.96
CA ARG P 73 92.69 -25.98 45.44
C ARG P 73 94.00 -25.55 46.07
N GLY P 74 94.10 -25.66 47.38
CA GLY P 74 95.31 -25.25 48.08
C GLY P 74 95.23 -25.65 49.54
N PHE P 75 96.37 -25.56 50.21
CA PHE P 75 96.45 -25.98 51.59
C PHE P 75 95.74 -24.99 52.51
N SER P 76 95.05 -25.54 53.51
CA SER P 76 94.37 -24.69 54.48
C SER P 76 95.37 -23.98 55.37
N LEU P 77 94.92 -22.87 55.97
CA LEU P 77 95.82 -22.08 56.81
C LEU P 77 96.23 -22.82 58.07
N GLU P 78 95.37 -23.70 58.59
CA GLU P 78 95.74 -24.49 59.75
C GLU P 78 96.88 -25.44 59.43
N GLU P 79 96.82 -26.09 58.26
CA GLU P 79 97.91 -26.95 57.82
C GLU P 79 99.21 -26.18 57.75
N LEU P 80 99.16 -24.95 57.22
CA LEU P 80 100.35 -24.13 57.12
C LEU P 80 100.88 -23.73 58.48
N ARG P 81 100.00 -23.31 59.39
CA ARG P 81 100.50 -22.81 60.68
C ARG P 81 100.94 -23.92 61.60
N VAL P 82 100.51 -25.17 61.39
CA VAL P 82 101.06 -26.25 62.18
C VAL P 82 102.27 -26.89 61.48
N ALA P 83 102.40 -26.71 60.17
CA ALA P 83 103.59 -27.16 59.48
C ALA P 83 104.74 -26.17 59.56
N GLY P 84 104.52 -24.99 60.14
CA GLY P 84 105.57 -24.02 60.34
C GLY P 84 105.83 -23.09 59.18
N ILE P 85 104.90 -22.97 58.23
CA ILE P 85 105.09 -22.18 57.03
C ILE P 85 104.19 -20.95 57.10
N HIS P 86 104.77 -19.79 56.85
CA HIS P 86 103.97 -18.57 56.75
C HIS P 86 103.08 -18.62 55.53
N LYS P 87 101.86 -18.09 55.67
CA LYS P 87 100.88 -18.21 54.59
C LYS P 87 101.24 -17.33 53.39
N LYS P 88 102.05 -16.29 53.59
CA LYS P 88 102.49 -15.47 52.47
C LYS P 88 103.79 -15.98 51.85
N VAL P 89 104.59 -16.73 52.60
CA VAL P 89 105.81 -17.32 52.04
C VAL P 89 105.50 -18.59 51.25
N ALA P 90 104.38 -19.25 51.55
CA ALA P 90 104.07 -20.53 50.92
C ALA P 90 103.88 -20.38 49.43
N ARG P 91 103.21 -19.32 48.99
CA ARG P 91 102.98 -19.13 47.56
C ARG P 91 104.26 -18.81 46.81
N THR P 92 105.28 -18.31 47.50
CA THR P 92 106.55 -18.02 46.85
C THR P 92 107.36 -19.28 46.56
N ILE P 93 107.16 -20.34 47.34
CA ILE P 93 107.91 -21.57 47.19
C ILE P 93 107.05 -22.69 46.59
N GLY P 94 106.00 -22.33 45.85
CA GLY P 94 105.25 -23.32 45.12
C GLY P 94 104.25 -24.11 45.92
N ILE P 95 103.72 -23.55 46.99
CA ILE P 95 102.68 -24.19 47.78
C ILE P 95 101.38 -23.42 47.58
N SER P 96 100.41 -24.06 46.95
CA SER P 96 99.10 -23.46 46.80
C SER P 96 98.40 -23.38 48.15
N VAL P 97 97.76 -22.25 48.42
CA VAL P 97 97.06 -22.08 49.68
C VAL P 97 95.60 -21.73 49.39
N ASP P 98 94.75 -22.07 50.35
CA ASP P 98 93.30 -21.87 50.23
C ASP P 98 92.79 -21.35 51.56
N PRO P 99 92.70 -20.03 51.72
CA PRO P 99 92.31 -19.48 53.02
C PRO P 99 90.90 -19.83 53.46
N ARG P 100 90.03 -20.22 52.54
CA ARG P 100 88.63 -20.43 52.87
C ARG P 100 88.29 -21.88 53.16
N ARG P 101 89.27 -22.78 53.17
CA ARG P 101 89.04 -24.18 53.50
C ARG P 101 89.32 -24.43 54.97
N ARG P 102 88.40 -25.10 55.65
CA ARG P 102 88.60 -25.50 57.03
C ARG P 102 88.97 -26.97 57.10
N ASN P 103 89.38 -27.38 58.30
CA ASN P 103 89.76 -28.77 58.57
C ASN P 103 88.81 -29.30 59.64
N LYS P 104 87.81 -30.07 59.21
CA LYS P 104 86.79 -30.57 60.12
C LYS P 104 87.31 -31.72 60.99
N SER P 105 88.26 -32.50 60.49
CA SER P 105 88.77 -33.66 61.20
C SER P 105 90.28 -33.64 61.22
N THR P 106 90.85 -34.26 62.26
CA THR P 106 92.29 -34.22 62.46
C THR P 106 93.07 -35.13 61.53
N GLU P 107 92.46 -36.22 61.05
CA GLU P 107 93.21 -37.18 60.24
C GLU P 107 93.62 -36.56 58.91
N SER P 108 92.70 -35.86 58.24
CA SER P 108 93.05 -35.16 57.02
C SER P 108 94.06 -34.06 57.28
N LEU P 109 93.96 -33.40 58.43
CA LEU P 109 94.95 -32.41 58.81
C LEU P 109 96.33 -33.02 58.89
N GLN P 110 96.46 -34.15 59.58
CA GLN P 110 97.76 -34.79 59.71
C GLN P 110 98.28 -35.25 58.36
N ALA P 111 97.41 -35.79 57.51
CA ALA P 111 97.85 -36.22 56.19
C ALA P 111 98.39 -35.05 55.38
N ASN P 112 97.69 -33.92 55.41
CA ASN P 112 98.14 -32.78 54.63
C ASN P 112 99.40 -32.15 55.20
N VAL P 113 99.56 -32.14 56.53
CA VAL P 113 100.79 -31.56 57.06
C VAL P 113 101.98 -32.48 56.83
N GLN P 114 101.78 -33.80 56.84
CA GLN P 114 102.88 -34.67 56.45
C GLN P 114 103.23 -34.50 54.99
N ARG P 115 102.20 -34.26 54.15
CA ARG P 115 102.46 -33.94 52.75
C ARG P 115 103.29 -32.68 52.61
N LEU P 116 102.94 -31.64 53.38
CA LEU P 116 103.70 -30.39 53.32
C LEU P 116 105.13 -30.58 53.80
N LYS P 117 105.31 -31.30 54.90
CA LYS P 117 106.65 -31.48 55.44
C LYS P 117 107.52 -32.31 54.49
N GLU P 118 106.94 -33.32 53.85
CA GLU P 118 107.71 -34.12 52.91
C GLU P 118 108.06 -33.30 51.66
N TYR P 119 107.13 -32.45 51.21
CA TYR P 119 107.42 -31.58 50.09
C TYR P 119 108.53 -30.60 50.43
N ARG P 120 108.50 -30.04 51.64
CA ARG P 120 109.56 -29.13 52.07
C ARG P 120 110.89 -29.86 52.18
N SER P 121 110.85 -31.15 52.54
CA SER P 121 112.07 -31.95 52.54
C SER P 121 112.61 -32.13 51.13
N LYS P 122 111.73 -32.36 50.15
CA LYS P 122 112.19 -32.55 48.77
C LYS P 122 112.52 -31.26 48.05
N LEU P 123 112.24 -30.11 48.63
CA LEU P 123 112.38 -28.85 47.92
C LEU P 123 113.84 -28.45 47.77
N ILE P 124 114.21 -28.01 46.57
CA ILE P 124 115.49 -27.36 46.32
C ILE P 124 115.20 -25.89 46.08
N LEU P 125 115.87 -25.02 46.83
CA LEU P 125 115.57 -23.59 46.82
C LEU P 125 116.81 -22.82 46.39
N PHE P 126 116.67 -22.03 45.33
CA PHE P 126 117.78 -21.23 44.82
C PHE P 126 117.88 -19.91 45.59
N PRO P 127 119.10 -19.47 45.91
CA PRO P 127 119.26 -18.14 46.52
C PRO P 127 118.93 -17.05 45.52
N ARG P 128 118.59 -15.87 46.05
CA ARG P 128 118.23 -14.76 45.18
C ARG P 128 119.40 -14.33 44.31
N LYS P 129 120.60 -14.26 44.88
CA LYS P 129 121.80 -13.99 44.11
C LYS P 129 122.62 -15.27 43.99
N PRO P 130 122.82 -15.79 42.78
CA PRO P 130 123.54 -17.06 42.63
C PRO P 130 124.96 -17.03 43.18
N SER P 131 125.62 -15.89 43.13
CA SER P 131 126.98 -15.77 43.63
C SER P 131 127.04 -15.52 45.13
N ALA P 132 125.90 -15.33 45.79
CA ALA P 132 125.85 -15.05 47.23
C ALA P 132 124.86 -16.00 47.89
N PRO P 133 125.28 -17.24 48.15
CA PRO P 133 124.38 -18.19 48.81
C PRO P 133 124.18 -17.86 50.27
N LYS P 134 123.00 -17.34 50.62
CA LYS P 134 122.82 -16.80 51.96
C LYS P 134 122.25 -17.85 52.91
N LYS P 135 121.05 -18.33 52.65
CA LYS P 135 120.44 -19.34 53.51
C LYS P 135 119.58 -20.36 52.78
N GLY P 136 119.51 -20.32 51.44
CA GLY P 136 118.61 -21.20 50.74
C GLY P 136 119.01 -22.66 50.74
N ASP P 137 120.02 -23.01 49.94
CA ASP P 137 120.42 -24.40 49.72
C ASP P 137 121.89 -24.45 49.31
N SER P 138 122.46 -25.65 49.39
CA SER P 138 123.86 -25.83 49.06
C SER P 138 124.04 -26.01 47.56
N SER P 139 125.17 -25.51 47.05
CA SER P 139 125.42 -25.54 45.62
C SER P 139 125.70 -26.94 45.11
N ALA P 140 126.18 -27.84 45.98
CA ALA P 140 126.51 -29.19 45.54
C ALA P 140 125.26 -29.94 45.08
N GLU P 141 124.16 -29.79 45.81
CA GLU P 141 122.95 -30.53 45.49
C GLU P 141 122.01 -29.79 44.56
N GLU P 142 122.31 -28.55 44.18
CA GLU P 142 121.50 -27.83 43.22
C GLU P 142 122.19 -27.68 41.87
N LEU P 143 123.40 -28.23 41.71
CA LEU P 143 124.09 -28.12 40.44
C LEU P 143 123.45 -29.00 39.38
N LYS P 144 123.46 -30.32 39.61
CA LYS P 144 122.95 -31.27 38.65
C LYS P 144 121.70 -31.99 39.11
N LEU P 145 121.26 -31.76 40.34
CA LEU P 145 120.03 -32.40 40.82
C LEU P 145 118.79 -31.56 40.57
N ALA P 146 118.95 -30.32 40.09
CA ALA P 146 117.82 -29.44 39.85
C ALA P 146 117.18 -29.80 38.51
N THR P 147 116.00 -30.40 38.56
CA THR P 147 115.32 -30.89 37.37
C THR P 147 113.93 -30.31 37.27
N GLN P 148 113.54 -29.94 36.05
CA GLN P 148 112.15 -29.67 35.74
C GLN P 148 111.31 -30.89 36.07
N LEU P 149 110.26 -30.70 36.85
CA LEU P 149 109.40 -31.79 37.30
C LEU P 149 108.16 -31.83 36.41
N THR P 150 107.95 -32.96 35.75
CA THR P 150 106.81 -33.14 34.86
C THR P 150 105.67 -33.84 35.60
N GLY P 151 104.45 -33.48 35.21
CA GLY P 151 103.27 -34.03 35.84
C GLY P 151 102.94 -33.31 37.13
N PRO P 152 101.86 -33.72 37.78
CA PRO P 152 101.50 -33.12 39.08
C PRO P 152 102.55 -33.41 40.14
N VAL P 153 102.71 -32.46 41.05
CA VAL P 153 103.69 -32.59 42.12
C VAL P 153 103.11 -33.51 43.19
N MET P 154 103.80 -34.62 43.47
CA MET P 154 103.38 -35.61 44.45
C MET P 154 101.95 -36.04 44.18
N PRO P 155 101.73 -36.84 43.13
CA PRO P 155 100.35 -37.11 42.69
C PRO P 155 99.52 -37.79 43.76
N VAL P 156 98.23 -37.47 43.77
CA VAL P 156 97.30 -38.02 44.74
C VAL P 156 96.89 -39.42 44.27
N ARG P 157 97.05 -40.40 45.14
CA ARG P 157 96.75 -41.78 44.82
C ARG P 157 95.76 -42.35 45.84
N ASN P 158 94.84 -43.17 45.38
CA ASN P 158 93.96 -43.91 46.27
C ASN P 158 94.72 -45.09 46.85
N VAL P 159 94.93 -45.09 48.17
CA VAL P 159 95.60 -46.18 48.86
C VAL P 159 94.54 -47.01 49.56
N TYR P 160 94.65 -48.33 49.43
CA TYR P 160 93.71 -49.27 50.01
C TYR P 160 94.48 -50.12 51.02
N LYS P 161 94.28 -49.84 52.30
CA LYS P 161 94.95 -50.58 53.36
C LYS P 161 94.42 -52.01 53.35
N LYS P 162 95.26 -52.95 52.91
CA LYS P 162 94.85 -54.35 52.87
C LYS P 162 94.70 -54.89 54.28
N GLU P 163 93.65 -55.68 54.48
CA GLU P 163 93.43 -56.43 55.70
C GLU P 163 93.53 -57.92 55.39
N LYS P 164 94.27 -58.65 56.23
CA LYS P 164 94.58 -60.04 55.98
C LYS P 164 93.43 -60.95 56.37
N ALA P 165 93.46 -62.17 55.82
CA ALA P 165 92.46 -63.18 56.17
C ALA P 165 92.63 -63.57 57.63
N ARG P 166 91.50 -63.80 58.31
CA ARG P 166 91.51 -64.13 59.72
C ARG P 166 90.40 -65.13 60.01
N VAL P 167 90.57 -65.87 61.10
CA VAL P 167 89.56 -66.83 61.51
C VAL P 167 88.36 -66.08 62.08
N ILE P 168 87.17 -66.40 61.59
CA ILE P 168 85.98 -65.63 61.91
C ILE P 168 85.58 -65.93 63.35
N THR P 169 85.46 -64.89 64.16
CA THR P 169 85.05 -65.06 65.55
C THR P 169 83.55 -65.33 65.64
N GLU P 170 83.13 -65.83 66.80
CA GLU P 170 81.73 -66.15 67.00
C GLU P 170 80.87 -64.88 67.04
N GLU P 171 81.38 -63.81 67.64
CA GLU P 171 80.56 -62.61 67.77
C GLU P 171 80.36 -61.92 66.43
N GLU P 172 81.21 -62.21 65.44
CA GLU P 172 80.91 -61.81 64.08
C GLU P 172 79.88 -62.74 63.45
N LYS P 173 79.93 -64.02 63.78
CA LYS P 173 78.97 -64.96 63.23
C LYS P 173 77.56 -64.73 63.75
N ASN P 174 77.43 -64.30 65.00
CA ASN P 174 76.12 -64.05 65.58
C ASN P 174 75.59 -62.66 65.28
N PHE P 175 76.38 -61.82 64.63
CA PHE P 175 75.94 -60.47 64.31
C PHE P 175 74.83 -60.51 63.26
N LYS P 176 73.83 -59.63 63.42
CA LYS P 176 72.65 -59.60 62.57
C LYS P 176 72.66 -58.27 61.82
N ALA P 177 73.30 -58.25 60.65
CA ALA P 177 73.48 -56.99 59.95
C ALA P 177 72.18 -56.45 59.39
N PHE P 178 71.35 -57.32 58.81
CA PHE P 178 70.07 -56.85 58.27
C PHE P 178 69.16 -56.34 59.38
N ALA P 179 69.07 -57.10 60.47
CA ALA P 179 68.25 -56.68 61.59
C ALA P 179 68.77 -55.39 62.20
N SER P 180 70.09 -55.27 62.32
CA SER P 180 70.68 -54.05 62.87
C SER P 180 70.37 -52.86 61.98
N LEU P 181 70.49 -53.01 60.67
CA LEU P 181 70.18 -51.90 59.76
C LEU P 181 68.73 -51.51 59.83
N ARG P 182 67.83 -52.50 59.85
CA ARG P 182 66.41 -52.20 59.91
C ARG P 182 66.06 -51.49 61.21
N MET P 183 66.60 -51.95 62.32
CA MET P 183 66.31 -51.30 63.59
C MET P 183 66.97 -49.93 63.69
N ALA P 184 68.13 -49.74 63.07
CA ALA P 184 68.73 -48.42 63.04
C ALA P 184 67.87 -47.44 62.26
N ARG P 185 67.34 -47.87 61.12
CA ARG P 185 66.43 -47.03 60.37
C ARG P 185 65.19 -46.71 61.19
N ALA P 186 64.64 -47.71 61.88
CA ALA P 186 63.45 -47.49 62.69
C ALA P 186 63.72 -46.51 63.81
N ASN P 187 64.85 -46.64 64.49
CA ASN P 187 65.18 -45.72 65.58
C ASN P 187 65.40 -44.31 65.07
N ALA P 188 66.09 -44.17 63.93
CA ALA P 188 66.27 -42.84 63.35
C ALA P 188 64.94 -42.21 62.96
N ARG P 189 64.01 -43.03 62.47
CA ARG P 189 62.70 -42.50 62.09
C ARG P 189 61.89 -42.10 63.32
N LEU P 190 61.90 -42.92 64.36
CA LEU P 190 60.99 -42.75 65.48
C LEU P 190 61.64 -42.07 66.69
N PHE P 191 62.84 -41.52 66.53
CA PHE P 191 63.51 -40.90 67.67
C PHE P 191 62.73 -39.71 68.21
N GLY P 192 62.37 -38.76 67.34
CA GLY P 192 61.74 -37.55 67.81
C GLY P 192 60.38 -37.77 68.42
N ILE P 193 59.55 -38.59 67.75
CA ILE P 193 58.22 -38.87 68.27
C ILE P 193 58.29 -39.65 69.58
N ARG P 194 59.29 -40.52 69.73
CA ARG P 194 59.47 -41.21 71.00
C ARG P 194 59.82 -40.24 72.11
N ALA P 195 60.68 -39.26 71.80
CA ALA P 195 61.02 -38.24 72.80
C ALA P 195 59.79 -37.44 73.19
N LYS P 196 58.96 -37.07 72.20
CA LYS P 196 57.75 -36.31 72.51
C LYS P 196 56.77 -37.12 73.34
N ARG P 197 56.60 -38.41 73.03
CA ARG P 197 55.70 -39.24 73.81
C ARG P 197 56.22 -39.45 75.23
N ALA P 198 57.53 -39.61 75.38
CA ALA P 198 58.10 -39.74 76.72
C ALA P 198 57.91 -38.46 77.52
N LYS P 199 58.10 -37.30 76.88
CA LYS P 199 57.87 -36.03 77.56
C LYS P 199 56.41 -35.86 77.94
N GLU P 200 55.50 -36.26 77.07
CA GLU P 200 54.08 -36.21 77.39
C GLU P 200 53.74 -37.10 78.57
N ALA P 201 54.28 -38.33 78.58
CA ALA P 201 54.04 -39.24 79.68
C ALA P 201 54.60 -38.69 80.99
N ALA P 202 55.79 -38.06 80.92
CA ALA P 202 56.37 -37.44 82.10
C ALA P 202 55.49 -36.31 82.62
N GLU P 203 54.92 -35.51 81.71
CA GLU P 203 54.01 -34.44 82.13
C GLU P 203 52.76 -35.01 82.79
N GLN P 204 52.21 -36.09 82.22
CA GLN P 204 51.07 -36.74 82.87
C GLN P 204 51.46 -37.41 84.18
N ASP P 205 52.73 -37.78 84.32
CA ASP P 205 53.15 -38.51 85.51
C ASP P 205 53.29 -37.61 86.73
N VAL P 206 53.64 -36.34 86.52
CA VAL P 206 53.94 -35.45 87.63
C VAL P 206 52.67 -34.78 88.14
N GLU P 207 51.52 -35.16 87.58
CA GLU P 207 50.25 -34.65 88.06
C GLU P 207 49.19 -35.75 88.21
N LYS P 208 49.60 -37.02 88.16
CA LYS P 208 48.62 -38.10 88.26
C LYS P 208 48.08 -38.23 89.67
N LYS P 209 48.91 -38.01 90.69
CA LYS P 209 48.51 -38.16 92.09
C LYS P 209 48.14 -36.80 92.64
N LYS P 210 46.85 -36.58 92.87
CA LYS P 210 46.35 -35.32 93.41
C LYS P 210 44.99 -35.50 94.06
N VAL Q 1 2.59 -79.99 -71.53
CA VAL Q 1 3.97 -79.50 -71.57
C VAL Q 1 4.92 -80.59 -71.12
N PHE Q 2 4.67 -81.13 -69.93
CA PHE Q 2 5.54 -82.14 -69.36
C PHE Q 2 5.36 -83.48 -70.07
N ARG Q 3 6.44 -84.25 -70.11
CA ARG Q 3 6.42 -85.58 -70.71
C ARG Q 3 6.87 -86.67 -69.76
N ARG Q 4 7.74 -86.37 -68.79
CA ARG Q 4 8.20 -87.34 -67.81
C ARG Q 4 7.56 -87.01 -66.47
N PHE Q 5 7.06 -88.03 -65.78
CA PHE Q 5 6.35 -87.86 -64.54
C PHE Q 5 6.94 -88.78 -63.48
N VAL Q 6 6.88 -88.33 -62.23
CA VAL Q 6 7.25 -89.19 -61.11
C VAL Q 6 6.08 -90.09 -60.79
N GLU Q 7 6.27 -91.39 -60.96
CA GLU Q 7 5.18 -92.34 -60.77
C GLU Q 7 5.78 -93.70 -60.48
N VAL Q 8 4.91 -94.63 -60.09
CA VAL Q 8 5.36 -95.98 -59.75
C VAL Q 8 5.87 -96.66 -60.99
N GLY Q 9 7.08 -97.21 -60.90
CA GLY Q 9 7.70 -97.86 -62.01
C GLY Q 9 8.55 -96.96 -62.88
N ARG Q 10 8.57 -95.67 -62.62
CA ARG Q 10 9.39 -94.76 -63.40
C ARG Q 10 10.87 -94.99 -63.08
N VAL Q 11 11.67 -95.15 -64.12
CA VAL Q 11 13.10 -95.38 -63.97
C VAL Q 11 13.80 -94.03 -63.93
N ALA Q 12 14.55 -93.79 -62.87
CA ALA Q 12 15.27 -92.53 -62.68
C ALA Q 12 16.77 -92.80 -62.67
N TYR Q 13 17.53 -91.80 -63.08
CA TYR Q 13 18.98 -91.87 -63.11
C TYR Q 13 19.54 -91.07 -61.94
N VAL Q 14 20.32 -91.71 -61.09
CA VAL Q 14 20.87 -91.07 -59.90
C VAL Q 14 22.11 -90.29 -60.31
N SER Q 15 22.04 -88.96 -60.19
CA SER Q 15 23.13 -88.11 -60.67
C SER Q 15 24.21 -87.87 -59.63
N PHE Q 16 23.84 -87.62 -58.37
CA PHE Q 16 24.83 -87.46 -57.32
C PHE Q 16 24.37 -88.22 -56.08
N GLY Q 17 25.26 -88.27 -55.09
CA GLY Q 17 25.03 -89.02 -53.89
C GLY Q 17 25.85 -90.29 -53.86
N PRO Q 18 25.57 -91.16 -52.90
CA PRO Q 18 26.30 -92.44 -52.84
C PRO Q 18 26.07 -93.32 -54.05
N HIS Q 19 24.89 -93.29 -54.65
CA HIS Q 19 24.53 -94.21 -55.73
C HIS Q 19 24.60 -93.53 -57.09
N ALA Q 20 25.49 -92.55 -57.25
CA ALA Q 20 25.52 -91.75 -58.45
C ALA Q 20 25.86 -92.60 -59.68
N GLY Q 21 25.15 -92.35 -60.77
CA GLY Q 21 25.41 -93.06 -62.00
C GLY Q 21 24.73 -94.40 -62.14
N LYS Q 22 23.77 -94.73 -61.30
CA LYS Q 22 23.08 -96.00 -61.36
C LYS Q 22 21.61 -95.77 -61.67
N LEU Q 23 21.01 -96.75 -62.34
CA LEU Q 23 19.58 -96.72 -62.65
C LEU Q 23 18.80 -97.30 -61.49
N VAL Q 24 17.64 -96.69 -61.20
CA VAL Q 24 16.75 -97.14 -60.14
C VAL Q 24 15.32 -97.05 -60.62
N ALA Q 25 14.44 -97.75 -59.94
CA ALA Q 25 13.02 -97.74 -60.24
C ALA Q 25 12.26 -97.20 -59.04
N ILE Q 26 11.33 -96.29 -59.30
CA ILE Q 26 10.52 -95.71 -58.24
C ILE Q 26 9.46 -96.72 -57.83
N VAL Q 27 9.38 -97.02 -56.54
CA VAL Q 27 8.43 -97.99 -56.02
C VAL Q 27 7.25 -97.31 -55.33
N ASP Q 28 7.51 -96.25 -54.56
CA ASP Q 28 6.45 -95.51 -53.91
C ASP Q 28 6.93 -94.09 -53.66
N VAL Q 29 5.98 -93.20 -53.39
CA VAL Q 29 6.27 -91.78 -53.20
C VAL Q 29 6.09 -91.41 -51.74
N ILE Q 30 7.05 -90.65 -51.22
CA ILE Q 30 7.05 -90.19 -49.84
C ILE Q 30 7.10 -88.68 -49.85
N ASP Q 31 6.13 -88.04 -49.19
CA ASP Q 31 6.13 -86.63 -48.79
C ASP Q 31 6.85 -85.66 -49.72
N GLN Q 32 6.55 -85.73 -51.02
CA GLN Q 32 6.89 -84.76 -52.08
C GLN Q 32 8.38 -84.50 -52.23
N ASN Q 33 9.22 -85.17 -51.46
CA ASN Q 33 10.66 -84.92 -51.53
C ASN Q 33 11.41 -86.22 -51.75
N ARG Q 34 10.87 -87.32 -51.24
CA ARG Q 34 11.55 -88.60 -51.23
C ARG Q 34 10.69 -89.63 -51.95
N ALA Q 35 11.24 -90.83 -52.10
CA ALA Q 35 10.52 -91.90 -52.77
C ALA Q 35 11.23 -93.22 -52.47
N LEU Q 36 10.45 -94.30 -52.40
CA LEU Q 36 11.07 -95.61 -52.37
C LEU Q 36 11.74 -95.90 -53.69
N VAL Q 37 12.96 -96.39 -53.60
CA VAL Q 37 13.87 -96.51 -54.73
C VAL Q 37 14.53 -97.88 -54.65
N ASP Q 38 14.46 -98.63 -55.74
CA ASP Q 38 15.00 -99.99 -55.72
C ASP Q 38 15.60 -100.23 -57.10
N GLY Q 39 16.92 -100.42 -57.14
CA GLY Q 39 17.54 -100.97 -58.31
C GLY Q 39 17.88 -102.42 -58.09
N PRO Q 40 17.04 -103.32 -58.60
CA PRO Q 40 17.30 -104.75 -58.38
C PRO Q 40 18.45 -105.28 -59.21
N CYS Q 41 18.62 -104.78 -60.43
CA CYS Q 41 19.68 -105.24 -61.32
C CYS Q 41 20.81 -104.23 -61.45
N THR Q 42 20.72 -103.08 -60.79
CA THR Q 42 21.78 -102.09 -60.80
C THR Q 42 22.45 -101.94 -59.45
N GLN Q 43 22.26 -102.92 -58.57
CA GLN Q 43 22.92 -102.99 -57.26
C GLN Q 43 22.57 -101.78 -56.40
N VAL Q 44 21.28 -101.46 -56.32
CA VAL Q 44 20.77 -100.39 -55.47
C VAL Q 44 19.63 -100.99 -54.65
N ARG Q 45 19.90 -101.28 -53.39
CA ARG Q 45 18.88 -101.86 -52.54
C ARG Q 45 17.80 -100.82 -52.21
N ARG Q 46 16.68 -101.31 -51.69
CA ARG Q 46 15.55 -100.44 -51.39
C ARG Q 46 15.91 -99.43 -50.31
N GLN Q 47 15.56 -98.18 -50.56
CA GLN Q 47 15.84 -97.09 -49.63
C GLN Q 47 15.04 -95.88 -50.07
N ALA Q 48 15.15 -94.82 -49.29
CA ALA Q 48 14.51 -93.55 -49.61
C ALA Q 48 15.52 -92.62 -50.26
N MET Q 49 15.11 -91.99 -51.36
CA MET Q 49 15.99 -91.15 -52.14
C MET Q 49 15.30 -89.83 -52.42
N PRO Q 50 15.98 -88.71 -52.19
CA PRO Q 50 15.38 -87.41 -52.52
C PRO Q 50 15.22 -87.24 -54.03
N PHE Q 51 14.23 -86.44 -54.40
CA PHE Q 51 13.98 -86.17 -55.80
C PHE Q 51 15.03 -85.28 -56.44
N LYS Q 52 15.90 -84.65 -55.65
CA LYS Q 52 16.85 -83.70 -56.20
C LYS Q 52 18.03 -84.39 -56.86
N CYS Q 53 18.31 -85.64 -56.50
CA CYS Q 53 19.39 -86.40 -57.13
C CYS Q 53 18.89 -87.35 -58.20
N MET Q 54 17.63 -87.23 -58.60
CA MET Q 54 17.03 -88.09 -59.61
C MET Q 54 16.94 -87.32 -60.92
N GLN Q 55 17.20 -88.02 -62.02
CA GLN Q 55 17.00 -87.47 -63.36
C GLN Q 55 16.16 -88.48 -64.11
N LEU Q 56 14.89 -88.13 -64.34
CA LEU Q 56 13.94 -89.09 -64.85
C LEU Q 56 14.28 -89.51 -66.28
N THR Q 57 14.18 -90.80 -66.53
CA THR Q 57 14.35 -91.35 -67.86
C THR Q 57 12.99 -91.52 -68.52
N ASP Q 58 12.96 -92.18 -69.67
CA ASP Q 58 11.74 -92.37 -70.44
C ASP Q 58 11.18 -93.78 -70.29
N PHE Q 59 11.67 -94.56 -69.33
CA PHE Q 59 11.23 -95.93 -69.12
C PHE Q 59 10.24 -96.02 -67.96
N ILE Q 60 9.19 -96.80 -68.15
CA ILE Q 60 8.21 -97.10 -67.11
C ILE Q 60 8.11 -98.61 -66.96
N LEU Q 61 8.21 -99.08 -65.72
CA LEU Q 61 7.98 -100.48 -65.42
C LEU Q 61 6.59 -100.63 -64.82
N LYS Q 62 5.92 -101.72 -65.15
CA LYS Q 62 4.54 -101.95 -64.72
C LYS Q 62 4.53 -102.97 -63.60
N PHE Q 63 4.67 -102.48 -62.37
CA PHE Q 63 4.47 -103.28 -61.17
C PHE Q 63 3.65 -102.46 -60.19
N PRO Q 64 2.87 -103.09 -59.33
CA PRO Q 64 2.10 -102.34 -58.34
C PRO Q 64 3.01 -101.66 -57.32
N HIS Q 65 2.47 -100.62 -56.69
CA HIS Q 65 3.27 -99.83 -55.76
C HIS Q 65 3.56 -100.64 -54.51
N SER Q 66 4.75 -100.41 -53.95
CA SER Q 66 5.24 -101.10 -52.75
C SER Q 66 5.31 -102.61 -52.94
N ALA Q 67 5.53 -103.07 -54.17
CA ALA Q 67 5.76 -104.48 -54.41
C ALA Q 67 7.14 -104.87 -53.90
N HIS Q 68 7.31 -106.16 -53.63
CA HIS Q 68 8.58 -106.65 -53.09
C HIS Q 68 9.69 -106.60 -54.14
N GLN Q 69 10.87 -107.03 -53.72
CA GLN Q 69 12.05 -107.02 -54.58
C GLN Q 69 11.86 -107.92 -55.78
N LYS Q 70 11.15 -109.04 -55.61
CA LYS Q 70 11.01 -110.03 -56.67
C LYS Q 70 10.32 -109.45 -57.90
N TYR Q 71 9.15 -108.83 -57.69
CA TYR Q 71 8.36 -108.36 -58.82
C TYR Q 71 9.03 -107.19 -59.51
N VAL Q 72 9.71 -106.32 -58.76
CA VAL Q 72 10.48 -105.26 -59.38
C VAL Q 72 11.60 -105.83 -60.23
N ARG Q 73 12.29 -106.86 -59.74
CA ARG Q 73 13.36 -107.47 -60.51
C ARG Q 73 12.81 -108.16 -61.76
N GLN Q 74 11.67 -108.84 -61.66
CA GLN Q 74 11.08 -109.46 -62.84
C GLN Q 74 10.66 -108.43 -63.87
N ALA Q 75 10.08 -107.31 -63.41
CA ALA Q 75 9.70 -106.27 -64.35
C ALA Q 75 10.92 -105.58 -64.94
N TRP Q 76 12.05 -105.58 -64.23
CA TRP Q 76 13.26 -105.00 -64.78
C TRP Q 76 13.90 -105.92 -65.82
N GLN Q 77 14.01 -107.21 -65.50
CA GLN Q 77 14.65 -108.15 -66.42
C GLN Q 77 13.84 -108.33 -67.69
N LYS Q 78 12.54 -108.61 -67.54
CA LYS Q 78 11.65 -108.59 -68.69
C LYS Q 78 11.55 -107.15 -69.18
N ALA Q 79 11.53 -106.97 -70.50
CA ALA Q 79 11.74 -105.65 -71.12
C ALA Q 79 13.02 -105.03 -70.57
N ASP Q 80 14.12 -105.68 -70.94
CA ASP Q 80 15.43 -105.51 -70.31
C ASP Q 80 15.81 -104.03 -70.31
N ILE Q 81 15.86 -103.43 -69.12
CA ILE Q 81 16.15 -102.01 -69.02
C ILE Q 81 17.63 -101.75 -69.21
N ASN Q 82 18.49 -102.72 -68.91
CA ASN Q 82 19.92 -102.49 -69.01
C ASN Q 82 20.34 -102.22 -70.45
N THR Q 83 19.96 -103.12 -71.36
CA THR Q 83 20.33 -102.94 -72.76
C THR Q 83 19.62 -101.75 -73.38
N LYS Q 84 18.34 -101.55 -73.04
CA LYS Q 84 17.60 -100.42 -73.58
C LYS Q 84 18.23 -99.10 -73.14
N TRP Q 85 18.66 -99.02 -71.89
CA TRP Q 85 19.35 -97.83 -71.40
C TRP Q 85 20.67 -97.64 -72.13
N ALA Q 86 21.47 -98.71 -72.23
CA ALA Q 86 22.77 -98.58 -72.88
C ALA Q 86 22.65 -98.27 -74.37
N ALA Q 87 21.49 -98.49 -74.97
CA ALA Q 87 21.30 -98.14 -76.36
C ALA Q 87 20.96 -96.67 -76.57
N THR Q 88 20.61 -95.95 -75.51
CA THR Q 88 20.15 -94.58 -75.65
C THR Q 88 21.32 -93.62 -75.81
N ARG Q 89 21.02 -92.43 -76.33
CA ARG Q 89 22.04 -91.41 -76.51
C ARG Q 89 22.54 -90.87 -75.17
N TRP Q 90 21.67 -90.86 -74.16
CA TRP Q 90 22.05 -90.40 -72.83
C TRP Q 90 23.16 -91.27 -72.26
N ALA Q 91 23.00 -92.59 -72.32
CA ALA Q 91 24.00 -93.49 -71.74
C ALA Q 91 25.31 -93.45 -72.51
N LYS Q 92 25.25 -93.34 -73.83
CA LYS Q 92 26.49 -93.28 -74.58
C LYS Q 92 27.20 -91.95 -74.38
N LYS Q 93 26.45 -90.88 -74.14
CA LYS Q 93 27.08 -89.63 -73.73
C LYS Q 93 27.77 -89.78 -72.39
N ILE Q 94 27.14 -90.49 -71.45
CA ILE Q 94 27.74 -90.71 -70.14
C ILE Q 94 29.04 -91.48 -70.27
N GLU Q 95 29.01 -92.58 -71.02
CA GLU Q 95 30.22 -93.39 -71.13
C GLU Q 95 31.28 -92.69 -71.96
N ALA Q 96 30.89 -91.82 -72.89
CA ALA Q 96 31.87 -91.01 -73.61
C ALA Q 96 32.57 -90.04 -72.67
N ARG Q 97 31.82 -89.43 -71.75
CA ARG Q 97 32.47 -88.60 -70.74
C ARG Q 97 33.44 -89.42 -69.91
N GLU Q 98 33.04 -90.64 -69.53
CA GLU Q 98 33.97 -91.48 -68.77
C GLU Q 98 35.24 -91.75 -69.55
N ARG Q 99 35.12 -92.24 -70.79
CA ARG Q 99 36.31 -92.65 -71.51
C ARG Q 99 37.13 -91.47 -72.01
N LYS Q 100 36.55 -90.27 -72.04
CA LYS Q 100 37.38 -89.09 -72.23
C LYS Q 100 38.12 -88.74 -70.95
N ALA Q 101 37.51 -88.99 -69.79
CA ALA Q 101 38.16 -88.67 -68.52
C ALA Q 101 39.40 -89.51 -68.31
N LYS Q 102 39.34 -90.81 -68.62
CA LYS Q 102 40.47 -91.71 -68.37
C LYS Q 102 41.40 -91.82 -69.57
N MET Q 103 41.46 -90.80 -70.40
CA MET Q 103 42.31 -90.78 -71.58
C MET Q 103 43.71 -90.30 -71.18
N THR Q 104 44.72 -91.16 -71.36
CA THR Q 104 46.05 -90.86 -70.88
C THR Q 104 46.80 -89.97 -71.87
N ASP Q 105 48.05 -89.68 -71.54
CA ASP Q 105 48.84 -88.72 -72.31
C ASP Q 105 49.13 -89.24 -73.72
N PHE Q 106 49.44 -90.54 -73.84
CA PHE Q 106 49.66 -91.11 -75.16
C PHE Q 106 48.39 -91.09 -75.99
N ASP Q 107 47.26 -91.45 -75.40
CA ASP Q 107 46.00 -91.35 -76.12
C ASP Q 107 45.66 -89.90 -76.43
N ARG Q 108 46.03 -88.96 -75.57
CA ARG Q 108 45.84 -87.55 -75.88
C ARG Q 108 46.63 -87.17 -77.12
N PHE Q 109 47.87 -87.63 -77.22
CA PHE Q 109 48.69 -87.33 -78.40
C PHE Q 109 48.09 -87.93 -79.66
N LYS Q 110 47.65 -89.19 -79.57
CA LYS Q 110 47.07 -89.84 -80.75
C LYS Q 110 45.77 -89.17 -81.17
N VAL Q 111 44.95 -88.78 -80.20
CA VAL Q 111 43.72 -88.05 -80.49
C VAL Q 111 44.04 -86.71 -81.14
N MET Q 112 45.09 -86.04 -80.64
CA MET Q 112 45.49 -84.76 -81.24
C MET Q 112 45.87 -84.94 -82.70
N LYS Q 113 46.64 -85.99 -83.00
CA LYS Q 113 47.05 -86.21 -84.39
C LYS Q 113 45.86 -86.54 -85.27
N ALA Q 114 44.99 -87.44 -84.81
CA ALA Q 114 43.83 -87.83 -85.61
C ALA Q 114 42.90 -86.65 -85.83
N LYS Q 115 42.65 -85.86 -84.79
CA LYS Q 115 41.77 -84.71 -84.90
C LYS Q 115 42.36 -83.65 -85.81
N LYS Q 116 43.69 -83.46 -85.73
CA LYS Q 116 44.37 -82.55 -86.65
C LYS Q 116 44.10 -82.93 -88.10
N MET Q 117 44.35 -84.19 -88.44
CA MET Q 117 44.21 -84.59 -89.84
C MET Q 117 42.75 -84.57 -90.28
N ARG Q 118 41.85 -85.02 -89.40
CA ARG Q 118 40.41 -85.01 -89.71
C ARG Q 118 39.90 -83.60 -89.96
N ASN Q 119 40.27 -82.67 -89.08
CA ASN Q 119 39.83 -81.29 -89.26
C ASN Q 119 40.40 -80.69 -90.52
N ARG Q 120 41.65 -81.01 -90.85
CA ARG Q 120 42.22 -80.48 -92.09
C ARG Q 120 41.46 -80.98 -93.31
N ILE Q 121 41.11 -82.27 -93.33
CA ILE Q 121 40.36 -82.81 -94.46
C ILE Q 121 38.99 -82.15 -94.56
N ILE Q 122 38.30 -82.03 -93.43
CA ILE Q 122 36.97 -81.46 -93.43
C ILE Q 122 37.00 -80.01 -93.88
N LYS Q 123 37.98 -79.23 -93.41
CA LYS Q 123 38.07 -77.83 -93.77
C LYS Q 123 38.41 -77.67 -95.25
N ASN Q 124 39.28 -78.54 -95.78
CA ASN Q 124 39.58 -78.52 -97.20
C ASN Q 124 38.32 -78.77 -98.03
N GLU Q 125 37.53 -79.76 -97.62
CA GLU Q 125 36.35 -80.07 -98.43
C GLU Q 125 35.28 -79.00 -98.26
N VAL Q 126 35.24 -78.33 -97.10
CA VAL Q 126 34.36 -77.17 -96.92
C VAL Q 126 34.76 -76.07 -97.88
N LYS Q 127 36.06 -75.82 -98.02
CA LYS Q 127 36.52 -74.81 -98.96
C LYS Q 127 36.13 -75.18 -100.38
N LYS Q 128 36.21 -76.47 -100.71
CA LYS Q 128 35.74 -76.94 -102.02
C LYS Q 128 34.26 -76.62 -102.21
N LEU Q 129 33.45 -76.89 -101.18
CA LEU Q 129 32.01 -76.62 -101.28
C LEU Q 129 31.71 -75.12 -101.36
N GLN Q 130 32.49 -74.29 -100.68
CA GLN Q 130 32.30 -72.85 -100.78
C GLN Q 130 32.62 -72.35 -102.18
N LYS Q 131 33.71 -72.84 -102.77
CA LYS Q 131 34.02 -72.43 -104.14
C LYS Q 131 33.01 -72.99 -105.14
N ALA Q 132 32.41 -74.14 -104.82
CA ALA Q 132 31.38 -74.67 -105.71
C ALA Q 132 30.09 -73.86 -105.62
N ALA Q 133 29.67 -73.50 -104.40
CA ALA Q 133 28.43 -72.77 -104.20
C ALA Q 133 28.58 -71.28 -104.45
N LEU Q 134 29.80 -70.80 -104.64
CA LEU Q 134 30.00 -69.42 -105.06
C LEU Q 134 29.65 -69.22 -106.53
N LEU Q 135 29.59 -70.31 -107.30
CA LEU Q 135 29.39 -70.22 -108.74
C LEU Q 135 27.91 -70.06 -109.09
N LYS Q 136 27.30 -69.04 -108.48
CA LYS Q 136 25.89 -68.72 -108.67
C LYS Q 136 25.75 -67.34 -109.29
N ALA Q 137 25.05 -67.27 -110.42
CA ALA Q 137 24.77 -66.00 -111.09
C ALA Q 137 23.61 -66.21 -112.04
N SER Q 138 22.49 -65.51 -111.81
CA SER Q 138 21.32 -65.68 -112.65
C SER Q 138 20.40 -64.48 -112.46
N PRO Q 139 19.74 -63.99 -113.53
CA PRO Q 139 18.80 -62.86 -113.45
C PRO Q 139 17.57 -63.18 -112.59
N GLY R 1 85.94 9.46 64.87
CA GLY R 1 84.89 8.48 64.71
C GLY R 1 83.54 9.07 64.40
N ALA R 2 83.53 10.24 63.75
CA ALA R 2 82.28 10.92 63.44
C ALA R 2 81.48 10.17 62.38
N TYR R 3 82.17 9.67 61.35
CA TYR R 3 81.48 9.04 60.22
C TYR R 3 80.58 7.90 60.67
N LYS R 4 80.94 7.20 61.74
CA LYS R 4 80.05 6.21 62.32
C LYS R 4 78.76 6.86 62.82
N TYR R 5 78.87 8.02 63.45
CA TYR R 5 77.68 8.71 63.92
C TYR R 5 76.79 9.16 62.76
N ILE R 6 77.39 9.71 61.69
CA ILE R 6 76.58 10.09 60.53
C ILE R 6 75.94 8.85 59.90
N GLN R 7 76.69 7.75 59.79
CA GLN R 7 76.16 6.53 59.22
C GLN R 7 74.96 6.01 60.00
N GLU R 8 75.08 5.99 61.33
CA GLU R 8 73.97 5.52 62.14
C GLU R 8 72.81 6.51 62.11
N LEU R 9 73.10 7.80 62.01
CA LEU R 9 72.04 8.80 61.95
C LEU R 9 71.21 8.64 60.69
N TRP R 10 71.85 8.40 59.55
CA TRP R 10 71.13 8.29 58.30
C TRP R 10 70.30 7.01 58.20
N ARG R 11 70.45 6.09 59.14
CA ARG R 11 69.61 4.91 59.21
C ARG R 11 68.30 5.16 59.93
N LYS R 12 68.05 6.41 60.31
CA LYS R 12 66.88 6.77 61.09
C LYS R 12 66.02 7.74 60.30
N LYS R 13 65.75 7.41 59.04
CA LYS R 13 65.14 8.34 58.11
C LYS R 13 63.72 8.74 58.49
N GLN R 14 63.07 8.03 59.42
CA GLN R 14 61.76 8.44 59.89
C GLN R 14 61.83 9.19 61.21
N SER R 15 63.02 9.48 61.74
CA SER R 15 63.11 10.32 62.91
C SER R 15 62.75 11.75 62.54
N ASP R 16 62.44 12.55 63.55
CA ASP R 16 61.98 13.91 63.31
C ASP R 16 63.07 14.75 62.63
N VAL R 17 64.30 14.65 63.10
CA VAL R 17 65.39 15.44 62.54
C VAL R 17 65.65 15.05 61.09
N MET R 18 65.69 13.75 60.81
CA MET R 18 65.96 13.32 59.45
C MET R 18 64.77 13.57 58.54
N ARG R 19 63.54 13.45 59.05
CA ARG R 19 62.38 13.78 58.24
C ARG R 19 62.39 15.25 57.85
N PHE R 20 62.69 16.14 58.79
CA PHE R 20 62.76 17.55 58.47
C PHE R 20 63.85 17.83 57.44
N LEU R 21 65.03 17.26 57.66
CA LEU R 21 66.14 17.50 56.73
C LEU R 21 65.81 16.98 55.33
N LEU R 22 65.24 15.78 55.25
CA LEU R 22 64.95 15.20 53.94
C LEU R 22 63.86 15.97 53.23
N ARG R 23 62.82 16.42 53.95
CA ARG R 23 61.77 17.19 53.27
C ARG R 23 62.29 18.54 52.79
N VAL R 24 63.12 19.21 53.60
CA VAL R 24 63.66 20.50 53.19
C VAL R 24 64.56 20.34 51.97
N ARG R 25 65.43 19.32 51.99
CA ARG R 25 66.31 19.10 50.85
C ARG R 25 65.53 18.68 49.61
N CYS R 26 64.48 17.88 49.78
CA CYS R 26 63.69 17.46 48.64
C CYS R 26 62.96 18.63 48.01
N TRP R 27 62.48 19.57 48.83
CA TRP R 27 61.95 20.80 48.27
C TRP R 27 63.04 21.57 47.55
N GLN R 28 64.22 21.68 48.17
CA GLN R 28 65.30 22.46 47.58
C GLN R 28 65.79 21.83 46.28
N TYR R 29 65.90 20.50 46.24
CA TYR R 29 66.37 19.83 45.04
C TYR R 29 65.35 19.96 43.91
N ARG R 30 64.07 20.04 44.26
CA ARG R 30 63.00 20.11 43.26
C ARG R 30 63.04 21.41 42.49
N GLN R 31 63.60 22.46 43.07
CA GLN R 31 63.62 23.78 42.46
C GLN R 31 64.79 23.97 41.50
N LEU R 32 65.65 22.96 41.37
CA LEU R 32 66.80 23.00 40.48
C LEU R 32 66.50 22.21 39.20
N SER R 33 67.50 22.12 38.35
CA SER R 33 67.37 21.40 37.09
C SER R 33 67.38 19.90 37.34
N ALA R 34 66.96 19.15 36.31
CA ALA R 34 66.97 17.70 36.43
C ALA R 34 68.38 17.17 36.60
N LEU R 35 69.33 17.70 35.84
CA LEU R 35 70.74 17.36 35.97
C LEU R 35 71.50 18.60 36.39
N HIS R 36 72.27 18.47 37.45
CA HIS R 36 72.88 19.63 38.09
C HIS R 36 74.07 19.17 38.91
N ARG R 37 75.21 19.82 38.72
CA ARG R 37 76.40 19.44 39.46
C ARG R 37 76.30 19.90 40.91
N ALA R 38 76.57 18.99 41.83
CA ALA R 38 76.64 19.32 43.25
C ALA R 38 78.02 19.84 43.61
N PRO R 39 78.10 20.93 44.38
CA PRO R 39 79.42 21.46 44.77
C PRO R 39 80.22 20.51 45.62
N ARG R 40 79.57 19.64 46.37
CA ARG R 40 80.21 18.67 47.23
C ARG R 40 79.21 17.55 47.49
N PRO R 41 79.68 16.36 47.90
CA PRO R 41 78.75 15.29 48.24
C PRO R 41 77.90 15.66 49.44
N THR R 42 76.59 15.52 49.27
CA THR R 42 75.67 15.83 50.36
C THR R 42 75.83 14.86 51.53
N ARG R 43 76.08 13.58 51.23
CA ARG R 43 76.35 12.57 52.25
C ARG R 43 77.82 12.16 52.10
N PRO R 44 78.75 12.86 52.73
CA PRO R 44 80.17 12.51 52.54
C PRO R 44 80.52 11.11 53.01
N ASP R 45 79.90 10.64 54.09
CA ASP R 45 80.21 9.30 54.58
C ASP R 45 79.77 8.23 53.58
N LYS R 46 78.57 8.36 53.03
CA LYS R 46 78.10 7.39 52.04
C LYS R 46 78.92 7.49 50.76
N ALA R 47 79.26 8.71 50.36
CA ALA R 47 80.06 8.89 49.15
C ALA R 47 81.40 8.21 49.28
N ARG R 48 82.10 8.44 50.39
CA ARG R 48 83.41 7.81 50.56
C ARG R 48 83.27 6.33 50.80
N ARG R 49 82.13 5.88 51.34
CA ARG R 49 81.87 4.46 51.45
C ARG R 49 81.70 3.81 50.09
N LEU R 50 81.21 4.57 49.11
CA LEU R 50 81.00 4.06 47.76
C LEU R 50 82.20 4.28 46.86
N GLY R 51 83.28 4.84 47.37
CA GLY R 51 84.51 4.99 46.60
C GLY R 51 84.96 6.41 46.36
N TYR R 52 84.29 7.42 46.90
CA TYR R 52 84.68 8.81 46.66
C TYR R 52 85.81 9.20 47.60
N LYS R 53 86.67 10.10 47.11
CA LYS R 53 87.73 10.69 47.91
C LYS R 53 87.76 12.18 47.65
N ALA R 54 87.99 12.96 48.70
CA ALA R 54 87.96 14.42 48.59
C ALA R 54 89.27 14.90 48.00
N LYS R 55 89.42 14.71 46.70
CA LYS R 55 90.58 15.20 45.98
C LYS R 55 90.13 15.63 44.58
N GLN R 56 91.00 16.35 43.89
CA GLN R 56 90.67 16.82 42.56
C GLN R 56 90.52 15.65 41.60
N GLY R 57 89.53 15.75 40.72
CA GLY R 57 89.16 14.68 39.80
C GLY R 57 87.87 14.00 40.14
N TYR R 58 87.43 14.06 41.39
CA TYR R 58 86.14 13.53 41.80
C TYR R 58 85.12 14.66 41.77
N VAL R 59 84.01 14.45 41.07
CA VAL R 59 82.92 15.42 41.04
C VAL R 59 81.61 14.69 41.29
N ILE R 60 80.63 15.45 41.76
CA ILE R 60 79.32 14.92 42.14
C ILE R 60 78.25 15.61 41.32
N TYR R 61 77.36 14.82 40.72
CA TYR R 61 76.24 15.33 39.96
C TYR R 61 74.95 14.83 40.58
N ARG R 62 74.05 15.75 40.90
CA ARG R 62 72.74 15.40 41.44
C ARG R 62 71.75 15.18 40.30
N ILE R 63 71.11 14.03 40.28
CA ILE R 63 70.25 13.63 39.19
C ILE R 63 68.84 13.43 39.72
N ARG R 64 67.86 13.97 39.00
CA ARG R 64 66.45 13.82 39.35
C ARG R 64 65.78 12.99 38.27
N VAL R 65 65.11 11.92 38.67
CA VAL R 65 64.42 11.03 37.75
C VAL R 65 62.96 10.93 38.15
N ARG R 66 62.11 10.65 37.17
CA ARG R 66 60.70 10.47 37.44
C ARG R 66 60.44 9.07 37.97
N ARG R 67 59.57 8.98 38.96
CA ARG R 67 59.24 7.71 39.58
C ARG R 67 58.12 7.00 38.84
N GLY R 68 57.98 5.71 39.12
CA GLY R 68 56.90 4.92 38.58
C GLY R 68 57.40 3.91 37.57
N GLY R 69 56.44 3.16 37.04
CA GLY R 69 56.72 2.11 36.09
C GLY R 69 56.93 2.64 34.69
N ARG R 70 57.07 1.71 33.76
CA ARG R 70 57.40 2.01 32.37
C ARG R 70 56.16 1.74 31.50
N LYS R 71 55.49 2.81 31.10
CA LYS R 71 54.36 2.66 30.20
C LYS R 71 54.84 2.33 28.80
N ARG R 72 54.22 1.34 28.18
CA ARG R 72 54.63 0.92 26.84
C ARG R 72 54.35 2.03 25.83
N PRO R 73 55.33 2.45 25.05
CA PRO R 73 55.12 3.58 24.11
C PRO R 73 54.47 3.14 22.81
N VAL R 74 53.21 2.71 22.90
CA VAL R 74 52.46 2.27 21.73
C VAL R 74 51.36 3.29 21.46
N PRO R 75 51.01 3.55 20.19
CA PRO R 75 49.99 4.56 19.89
C PRO R 75 48.63 4.10 20.36
N LYS R 76 48.00 4.90 21.22
CA LYS R 76 46.65 4.65 21.72
C LYS R 76 46.55 3.33 22.46
N GLY R 77 47.67 2.85 23.01
CA GLY R 77 47.67 1.60 23.73
C GLY R 77 47.52 0.36 22.87
N ALA R 78 47.61 0.51 21.55
CA ALA R 78 47.36 -0.59 20.62
C ALA R 78 48.64 -1.39 20.45
N THR R 79 48.76 -2.50 21.17
CA THR R 79 49.86 -3.45 21.00
C THR R 79 49.31 -4.60 20.17
N TYR R 80 49.48 -4.51 18.86
CA TYR R 80 48.93 -5.49 17.93
C TYR R 80 49.61 -6.83 18.14
N GLY R 81 48.88 -7.78 18.71
CA GLY R 81 49.45 -9.09 18.98
C GLY R 81 48.51 -9.91 19.83
N LYS R 82 49.06 -10.98 20.38
CA LYS R 82 48.29 -11.89 21.19
C LYS R 82 47.96 -11.25 22.54
N PRO R 83 46.89 -11.71 23.20
CA PRO R 83 46.45 -11.04 24.45
C PRO R 83 47.47 -11.07 25.57
N VAL R 84 48.45 -11.97 25.52
CA VAL R 84 49.49 -11.97 26.55
C VAL R 84 50.38 -10.75 26.44
N HIS R 85 50.39 -10.08 25.28
CA HIS R 85 51.20 -8.90 25.05
C HIS R 85 50.36 -7.65 24.89
N HIS R 86 49.16 -7.64 25.47
CA HIS R 86 48.29 -6.47 25.45
C HIS R 86 48.59 -5.50 26.57
N GLY R 87 49.53 -5.84 27.46
CA GLY R 87 49.77 -4.99 28.62
C GLY R 87 50.39 -3.67 28.23
N VAL R 88 49.83 -2.58 28.76
CA VAL R 88 50.37 -1.24 28.56
C VAL R 88 50.75 -0.60 29.88
N ASN R 89 49.82 -0.57 30.82
CA ASN R 89 50.11 -0.14 32.18
C ASN R 89 50.60 -1.33 33.00
N GLN R 90 51.07 -1.03 34.21
CA GLN R 90 51.61 -2.02 35.13
C GLN R 90 52.83 -2.76 34.56
N LEU R 91 53.56 -2.13 33.65
CA LEU R 91 54.79 -2.71 33.12
C LEU R 91 55.99 -2.03 33.76
N LYS R 92 56.95 -2.83 34.20
CA LYS R 92 58.06 -2.35 35.01
C LYS R 92 59.36 -2.45 34.22
N PHE R 93 60.15 -1.39 34.29
CA PHE R 93 61.46 -1.36 33.65
C PHE R 93 62.38 -2.38 34.29
N ALA R 94 63.26 -2.97 33.49
CA ALA R 94 64.13 -4.03 33.98
C ALA R 94 65.30 -3.52 34.82
N ARG R 95 65.55 -2.21 34.81
CA ARG R 95 66.66 -1.64 35.56
C ARG R 95 66.12 -0.60 36.55
N SER R 96 66.79 -0.50 37.69
CA SER R 96 66.33 0.38 38.75
C SER R 96 66.49 1.84 38.35
N LEU R 97 65.71 2.69 39.02
CA LEU R 97 65.78 4.13 38.72
C LEU R 97 67.15 4.70 39.06
N GLN R 98 67.85 4.09 40.04
CA GLN R 98 69.22 4.50 40.30
C GLN R 98 70.10 4.27 39.09
N SER R 99 69.94 3.12 38.43
CA SER R 99 70.71 2.85 37.23
C SER R 99 70.38 3.86 36.13
N VAL R 100 69.13 4.26 36.04
CA VAL R 100 68.74 5.28 35.06
C VAL R 100 69.41 6.61 35.37
N ALA R 101 69.47 6.96 36.65
CA ALA R 101 70.13 8.21 37.05
C ALA R 101 71.62 8.18 36.71
N GLU R 102 72.28 7.07 36.99
CA GLU R 102 73.70 6.95 36.64
C GLU R 102 73.88 7.02 35.13
N GLU R 103 72.99 6.39 34.38
CA GLU R 103 73.06 6.43 32.93
C GLU R 103 72.96 7.86 32.41
N ARG R 104 72.02 8.62 32.94
CA ARG R 104 71.84 9.99 32.48
C ARG R 104 73.02 10.86 32.84
N ALA R 105 73.53 10.73 34.07
CA ALA R 105 74.69 11.51 34.48
C ALA R 105 75.91 11.17 33.62
N GLY R 106 76.11 9.89 33.33
CA GLY R 106 77.23 9.51 32.48
C GLY R 106 77.07 9.96 31.05
N ARG R 107 75.83 9.91 30.53
CA ARG R 107 75.60 10.34 29.16
C ARG R 107 75.86 11.82 28.99
N HIS R 108 75.43 12.65 29.94
CA HIS R 108 75.72 14.07 29.83
C HIS R 108 77.23 14.33 29.90
N CYS R 109 77.88 13.80 30.93
CA CYS R 109 79.32 13.97 31.11
C CYS R 109 80.03 12.75 30.55
N GLY R 110 80.15 12.72 29.23
CA GLY R 110 80.79 11.60 28.57
C GLY R 110 82.29 11.54 28.77
N ALA R 111 82.91 12.68 29.07
CA ALA R 111 84.35 12.70 29.30
C ALA R 111 84.74 12.09 30.64
N LEU R 112 83.83 12.06 31.59
CA LEU R 112 84.10 11.52 32.92
C LEU R 112 83.70 10.06 33.00
N ARG R 113 84.03 9.44 34.12
CA ARG R 113 83.70 8.04 34.37
C ARG R 113 82.80 7.95 35.58
N VAL R 114 81.70 7.23 35.44
CA VAL R 114 80.78 7.03 36.55
C VAL R 114 81.35 5.97 37.48
N LEU R 115 81.43 6.30 38.77
CA LEU R 115 81.92 5.36 39.76
C LEU R 115 80.80 4.69 40.53
N ASN R 116 79.95 5.49 41.19
CA ASN R 116 78.84 4.97 41.98
C ASN R 116 77.83 6.08 42.16
N SER R 117 76.78 5.79 42.93
CA SER R 117 75.75 6.76 43.22
C SER R 117 75.03 6.37 44.50
N TYR R 118 74.34 7.33 45.09
CA TYR R 118 73.65 7.09 46.35
C TYR R 118 72.38 7.90 46.40
N TRP R 119 71.48 7.49 47.29
CA TRP R 119 70.14 8.05 47.41
C TRP R 119 70.17 9.25 48.36
N VAL R 120 69.66 10.38 47.90
CA VAL R 120 69.66 11.60 48.71
C VAL R 120 68.26 12.07 49.08
N GLY R 121 67.21 11.51 48.50
CA GLY R 121 65.87 11.95 48.82
C GLY R 121 64.89 11.57 47.73
N GLU R 122 63.63 11.36 48.09
CA GLU R 122 62.62 11.04 47.12
C GLU R 122 61.35 11.84 47.42
N ASP R 123 60.59 12.10 46.36
CA ASP R 123 59.29 12.74 46.43
C ASP R 123 58.27 11.75 45.88
N SER R 124 57.01 12.18 45.76
CA SER R 124 56.01 11.32 45.15
C SER R 124 56.33 11.07 43.69
N THR R 125 56.79 12.09 42.97
CA THR R 125 57.01 11.99 41.55
C THR R 125 58.46 12.19 41.14
N TYR R 126 59.38 12.28 42.11
CA TYR R 126 60.79 12.42 41.77
C TYR R 126 61.65 11.66 42.76
N LYS R 127 62.66 10.97 42.24
CA LYS R 127 63.72 10.38 43.03
C LYS R 127 65.02 11.11 42.72
N PHE R 128 65.78 11.43 43.76
CA PHE R 128 67.01 12.18 43.60
C PHE R 128 68.20 11.31 43.97
N PHE R 129 69.18 11.25 43.07
CA PHE R 129 70.41 10.52 43.29
C PHE R 129 71.59 11.44 43.01
N GLU R 130 72.68 11.20 43.72
CA GLU R 130 73.93 11.90 43.48
C GLU R 130 74.96 10.90 42.98
N VAL R 131 75.57 11.19 41.85
CA VAL R 131 76.44 10.25 41.15
C VAL R 131 77.88 10.66 41.36
N ILE R 132 78.72 9.71 41.72
CA ILE R 132 80.15 9.95 41.88
C ILE R 132 80.80 9.79 40.51
N LEU R 133 81.18 10.90 39.90
CA LEU R 133 81.93 10.89 38.66
C LEU R 133 83.40 11.04 38.95
N ILE R 134 84.23 10.54 38.05
CA ILE R 134 85.68 10.62 38.16
C ILE R 134 86.22 11.12 36.83
N ASP R 135 87.10 12.12 36.89
CA ASP R 135 87.79 12.57 35.69
C ASP R 135 88.98 11.67 35.44
N PRO R 136 89.01 10.90 34.35
CA PRO R 136 90.12 9.96 34.14
C PRO R 136 91.41 10.62 33.69
N PHE R 137 91.38 11.88 33.27
CA PHE R 137 92.55 12.53 32.72
C PHE R 137 93.15 13.58 33.64
N HIS R 138 92.61 13.76 34.83
CA HIS R 138 93.28 14.60 35.82
C HIS R 138 94.50 13.88 36.35
N LYS R 139 95.55 14.63 36.61
CA LYS R 139 96.82 14.03 36.99
C LYS R 139 96.76 13.40 38.37
N ALA R 140 95.95 13.95 39.27
CA ALA R 140 95.79 13.33 40.59
C ALA R 140 95.20 11.93 40.47
N ILE R 141 94.19 11.77 39.61
CA ILE R 141 93.62 10.45 39.37
C ILE R 141 94.59 9.59 38.59
N ARG R 142 95.23 10.17 37.58
CA ARG R 142 96.00 9.39 36.63
C ARG R 142 97.34 8.91 37.21
N ARG R 143 97.93 9.68 38.12
CA ARG R 143 99.23 9.32 38.68
C ARG R 143 99.14 8.42 39.90
N ASN R 144 97.94 8.15 40.41
CA ASN R 144 97.81 7.43 41.67
C ASN R 144 97.35 6.02 41.41
N PRO R 145 98.06 4.99 41.88
CA PRO R 145 97.56 3.63 41.75
C PRO R 145 96.35 3.42 42.64
N ASP R 146 95.66 2.30 42.39
CA ASP R 146 94.37 1.95 42.96
C ASP R 146 93.25 2.86 42.46
N THR R 147 93.55 3.82 41.59
CA THR R 147 92.52 4.50 40.82
C THR R 147 92.96 4.67 39.37
N GLN R 148 94.08 4.08 38.98
CA GLN R 148 94.44 4.02 37.56
C GLN R 148 93.54 3.07 36.79
N TRP R 149 92.83 2.17 37.48
CA TRP R 149 92.01 1.19 36.79
C TRP R 149 90.90 1.85 36.00
N ILE R 150 90.31 2.91 36.54
CA ILE R 150 89.20 3.57 35.88
C ILE R 150 89.67 4.39 34.68
N THR R 151 90.97 4.65 34.59
CA THR R 151 91.53 5.33 33.43
C THR R 151 91.62 4.43 32.21
N LYS R 152 91.49 3.12 32.38
CA LYS R 152 91.65 2.19 31.27
C LYS R 152 90.53 2.38 30.24
N PRO R 153 90.81 2.12 28.97
CA PRO R 153 89.73 2.21 27.96
C PRO R 153 88.59 1.25 28.19
N VAL R 154 88.86 0.07 28.75
CA VAL R 154 87.83 -0.94 28.95
C VAL R 154 86.80 -0.52 29.99
N HIS R 155 87.08 0.53 30.76
CA HIS R 155 86.22 0.97 31.84
C HIS R 155 85.45 2.23 31.51
N LYS R 156 85.27 2.55 30.23
CA LYS R 156 84.51 3.73 29.87
C LYS R 156 83.03 3.39 29.74
N HIS R 157 82.19 4.29 30.24
CA HIS R 157 80.73 4.14 30.22
C HIS R 157 80.31 2.83 30.88
N ARG R 158 80.72 2.66 32.13
CA ARG R 158 80.31 1.49 32.89
C ARG R 158 78.80 1.48 33.12
N GLU R 159 78.22 2.66 33.29
CA GLU R 159 76.81 2.79 33.61
C GLU R 159 75.90 2.29 32.50
N MET R 160 76.37 2.26 31.26
CA MET R 160 75.56 1.82 30.15
C MET R 160 75.86 0.40 29.72
N ARG R 161 76.67 -0.31 30.49
CA ARG R 161 76.89 -1.74 30.27
C ARG R 161 76.53 -2.54 31.52
N GLY R 162 75.96 -1.89 32.53
CA GLY R 162 75.62 -2.55 33.77
C GLY R 162 76.81 -2.98 34.61
N LEU R 163 77.87 -2.18 34.64
CA LEU R 163 79.04 -2.52 35.43
C LEU R 163 79.13 -1.75 36.74
N THR R 164 78.32 -0.72 36.91
CA THR R 164 78.25 -0.03 38.19
C THR R 164 77.44 -0.87 39.17
N SER R 165 77.52 -0.49 40.46
CA SER R 165 76.84 -1.26 41.48
C SER R 165 75.33 -1.25 41.28
N ALA R 166 74.76 -0.10 40.96
CA ALA R 166 73.31 -0.04 40.74
C ALA R 166 72.91 -0.78 39.48
N GLY R 167 73.70 -0.66 38.41
CA GLY R 167 73.38 -1.36 37.18
C GLY R 167 73.64 -2.85 37.21
N ARG R 168 74.53 -3.30 38.09
CA ARG R 168 74.81 -4.72 38.22
C ARG R 168 73.67 -5.48 38.88
N LYS R 169 72.86 -4.77 39.69
CA LYS R 169 71.81 -5.44 40.43
C LYS R 169 70.73 -5.99 39.51
N SER R 170 70.49 -5.35 38.36
CA SER R 170 69.44 -5.78 37.46
C SER R 170 69.83 -6.97 36.60
N ARG R 171 71.10 -7.36 36.60
CA ARG R 171 71.58 -8.43 35.74
C ARG R 171 71.40 -9.81 36.35
N GLY R 172 70.99 -9.90 37.61
CA GLY R 172 70.79 -11.19 38.23
C GLY R 172 72.06 -11.99 38.44
N LEU R 173 73.15 -11.33 38.79
CA LEU R 173 74.40 -12.01 39.05
C LEU R 173 74.50 -12.40 40.52
N GLY R 174 75.36 -13.36 40.78
CA GLY R 174 75.55 -13.85 42.14
C GLY R 174 76.01 -15.29 42.10
N LYS R 175 76.22 -15.83 43.29
CA LYS R 175 76.68 -17.20 43.45
C LYS R 175 75.60 -18.03 44.13
N GLY R 176 75.29 -19.16 43.55
CA GLY R 176 74.46 -20.14 44.22
C GLY R 176 73.25 -20.54 43.39
N HIS R 177 72.36 -21.28 44.05
CA HIS R 177 71.20 -21.85 43.38
C HIS R 177 70.20 -20.80 42.93
N LYS R 178 70.26 -19.59 43.49
CA LYS R 178 69.32 -18.56 43.09
C LYS R 178 69.71 -17.86 41.81
N PHE R 179 70.96 -18.02 41.36
CA PHE R 179 71.46 -17.26 40.21
C PHE R 179 72.00 -18.19 39.13
N HIS R 180 71.21 -19.20 38.77
CA HIS R 180 71.58 -20.07 37.66
C HIS R 180 71.31 -19.45 36.30
N HIS R 181 70.59 -18.32 36.25
CA HIS R 181 70.29 -17.71 34.97
C HIS R 181 71.54 -17.16 34.30
N THR R 182 72.54 -16.78 35.06
CA THR R 182 73.68 -16.03 34.56
C THR R 182 74.99 -16.76 34.76
N ILE R 183 74.97 -18.09 34.64
CA ILE R 183 76.21 -18.86 34.68
C ILE R 183 76.91 -18.70 33.34
N GLY R 184 78.01 -17.97 33.33
CA GLY R 184 78.70 -17.69 32.10
C GLY R 184 79.03 -16.21 31.98
N GLY R 185 78.51 -15.42 32.91
CA GLY R 185 78.75 -13.98 32.97
C GLY R 185 77.51 -13.15 32.81
N SER R 186 76.52 -13.65 32.06
CA SER R 186 75.30 -12.89 31.81
C SER R 186 74.20 -13.86 31.40
N ARG R 187 72.98 -13.33 31.33
CA ARG R 187 71.87 -14.14 30.84
C ARG R 187 72.09 -14.55 29.38
N ARG R 188 72.63 -13.64 28.57
CA ARG R 188 72.84 -13.94 27.16
C ARG R 188 73.91 -15.00 26.98
N ALA R 189 74.99 -14.95 27.75
CA ALA R 189 76.04 -15.96 27.64
C ALA R 189 75.54 -17.33 28.05
N ALA R 190 74.78 -17.39 29.15
CA ALA R 190 74.21 -18.67 29.57
C ALA R 190 73.23 -19.20 28.54
N TRP R 191 72.41 -18.33 27.97
CA TRP R 191 71.47 -18.75 26.94
C TRP R 191 72.20 -19.30 25.73
N ARG R 192 73.26 -18.61 25.29
CA ARG R 192 74.01 -19.09 24.13
C ARG R 192 74.66 -20.43 24.41
N ARG R 193 75.25 -20.58 25.60
CA ARG R 193 75.90 -21.84 25.94
C ARG R 193 74.90 -22.98 25.99
N ARG R 194 73.72 -22.74 26.57
CA ARG R 194 72.74 -23.80 26.71
C ARG R 194 71.98 -24.08 25.43
N ASN R 195 71.93 -23.14 24.50
CA ASN R 195 71.18 -23.29 23.27
C ASN R 195 72.06 -23.50 22.06
N THR R 196 73.33 -23.85 22.25
CA THR R 196 74.24 -24.14 21.16
C THR R 196 74.44 -25.65 21.06
N LEU R 197 74.24 -26.19 19.87
CA LEU R 197 74.38 -27.62 19.62
C LEU R 197 75.83 -27.91 19.30
N GLN R 198 76.57 -28.42 20.28
CA GLN R 198 77.99 -28.72 20.09
C GLN R 198 78.12 -29.94 19.20
N LEU R 199 78.42 -29.71 17.93
CA LEU R 199 78.65 -30.80 16.98
C LEU R 199 80.15 -31.05 16.93
N HIS R 200 80.58 -32.12 17.59
CA HIS R 200 81.98 -32.50 17.62
C HIS R 200 82.41 -33.02 16.25
N ARG R 201 83.70 -33.33 16.12
CA ARG R 201 84.15 -33.93 14.89
C ARG R 201 83.76 -35.39 14.80
N TYR R 202 83.62 -36.08 15.94
CA TYR R 202 83.24 -37.48 15.98
C TYR R 202 81.91 -37.62 16.72
N ARG R 203 80.95 -38.25 16.06
CA ARG R 203 79.64 -38.50 16.66
C ARG R 203 79.28 -39.99 16.62
N GLU S 1 41.83 -65.66 -64.30
CA GLU S 1 42.59 -66.12 -65.46
C GLU S 1 43.46 -65.01 -66.03
N VAL S 2 43.78 -65.10 -67.32
CA VAL S 2 44.67 -64.16 -67.96
C VAL S 2 43.97 -63.26 -68.97
N GLN S 3 42.80 -63.66 -69.48
CA GLN S 3 42.08 -62.88 -70.47
C GLN S 3 41.03 -62.00 -69.80
N VAL S 4 40.43 -61.13 -70.61
CA VAL S 4 39.37 -60.24 -70.15
C VAL S 4 38.08 -61.05 -70.03
N LEU S 5 37.41 -60.93 -68.90
CA LEU S 5 36.18 -61.67 -68.62
C LEU S 5 35.00 -60.76 -68.91
N VAL S 6 34.27 -61.06 -69.99
CA VAL S 6 33.13 -60.27 -70.42
C VAL S 6 31.87 -60.95 -69.91
N LEU S 7 31.12 -60.27 -69.04
CA LEU S 7 29.91 -60.80 -68.46
C LEU S 7 28.71 -60.05 -69.03
N ASP S 8 27.73 -60.79 -69.52
CA ASP S 8 26.48 -60.20 -69.98
C ASP S 8 25.64 -59.81 -68.78
N GLY S 9 25.12 -58.59 -68.79
CA GLY S 9 24.38 -58.11 -67.65
C GLY S 9 22.92 -58.52 -67.59
N ARG S 10 22.37 -59.05 -68.67
CA ARG S 10 20.95 -59.33 -68.72
C ARG S 10 20.62 -60.58 -67.90
N GLY S 11 19.58 -60.47 -67.07
CA GLY S 11 19.11 -61.59 -66.28
C GLY S 11 19.86 -61.86 -65.01
N HIS S 12 20.82 -61.01 -64.66
CA HIS S 12 21.66 -61.23 -63.49
C HIS S 12 21.21 -60.33 -62.35
N LEU S 13 21.23 -60.87 -61.14
CA LEU S 13 20.85 -60.09 -59.97
C LEU S 13 21.98 -59.16 -59.59
N LEU S 14 21.61 -57.97 -59.09
CA LEU S 14 22.59 -56.91 -58.87
C LEU S 14 23.60 -57.31 -57.81
N GLY S 15 23.14 -57.73 -56.63
CA GLY S 15 24.06 -58.03 -55.54
C GLY S 15 24.90 -59.25 -55.80
N ARG S 16 24.31 -60.30 -56.36
CA ARG S 16 25.04 -61.54 -56.59
C ARG S 16 26.15 -61.34 -57.61
N LEU S 17 25.81 -60.72 -58.75
CA LEU S 17 26.82 -60.41 -59.75
C LEU S 17 27.86 -59.45 -59.21
N ALA S 18 27.43 -58.49 -58.38
CA ALA S 18 28.39 -57.56 -57.80
C ALA S 18 29.38 -58.27 -56.90
N ALA S 19 28.92 -59.23 -56.10
CA ALA S 19 29.83 -59.99 -55.25
C ALA S 19 30.80 -60.81 -56.07
N ILE S 20 30.30 -61.48 -57.11
CA ILE S 20 31.18 -62.29 -57.96
C ILE S 20 32.25 -61.41 -58.61
N VAL S 21 31.85 -60.26 -59.14
CA VAL S 21 32.79 -59.36 -59.80
C VAL S 21 33.78 -58.79 -58.80
N ALA S 22 33.32 -58.43 -57.61
CA ALA S 22 34.21 -57.87 -56.59
C ALA S 22 35.25 -58.87 -56.15
N LYS S 23 34.88 -60.15 -56.09
CA LYS S 23 35.91 -61.16 -55.80
C LYS S 23 36.82 -61.39 -57.00
N GLN S 24 36.31 -61.24 -58.23
CA GLN S 24 37.14 -61.47 -59.40
C GLN S 24 38.20 -60.39 -59.57
N VAL S 25 37.80 -59.12 -59.51
CA VAL S 25 38.76 -58.05 -59.76
C VAL S 25 39.78 -57.94 -58.64
N LEU S 26 39.46 -58.44 -57.44
CA LEU S 26 40.45 -58.46 -56.37
C LEU S 26 41.49 -59.54 -56.56
N LEU S 27 41.21 -60.53 -57.39
CA LEU S 27 42.18 -61.56 -57.74
C LEU S 27 43.01 -61.20 -58.95
N GLY S 28 43.05 -59.91 -59.31
CA GLY S 28 43.81 -59.47 -60.46
C GLY S 28 43.29 -59.96 -61.79
N ARG S 29 41.97 -59.93 -61.98
CA ARG S 29 41.36 -60.36 -63.22
C ARG S 29 40.58 -59.22 -63.84
N LYS S 30 40.70 -59.06 -65.15
CA LYS S 30 39.98 -58.02 -65.87
C LYS S 30 38.54 -58.48 -66.08
N VAL S 31 37.59 -57.65 -65.66
CA VAL S 31 36.17 -57.96 -65.77
C VAL S 31 35.50 -56.82 -66.53
N VAL S 32 34.66 -57.16 -67.49
CA VAL S 32 33.85 -56.19 -68.22
C VAL S 32 32.41 -56.64 -68.16
N VAL S 33 31.53 -55.77 -67.67
CA VAL S 33 30.10 -56.07 -67.59
C VAL S 33 29.41 -55.21 -68.62
N VAL S 34 28.84 -55.85 -69.64
CA VAL S 34 28.11 -55.14 -70.68
C VAL S 34 26.63 -55.31 -70.41
N ARG S 35 25.83 -54.43 -71.01
CA ARG S 35 24.38 -54.44 -70.89
C ARG S 35 23.94 -54.39 -69.42
N CYS S 36 24.42 -53.36 -68.73
CA CYS S 36 24.08 -53.18 -67.32
C CYS S 36 22.63 -52.78 -67.11
N GLU S 37 21.91 -52.42 -68.17
CA GLU S 37 20.49 -52.10 -68.05
C GLU S 37 19.60 -53.34 -67.98
N GLY S 38 20.13 -54.52 -68.29
CA GLY S 38 19.40 -55.75 -68.18
C GLY S 38 19.50 -56.42 -66.84
N ILE S 39 20.21 -55.80 -65.89
CA ILE S 39 20.38 -56.38 -64.56
C ILE S 39 19.06 -56.33 -63.82
N ASN S 40 18.68 -57.46 -63.23
CA ASN S 40 17.45 -57.54 -62.46
C ASN S 40 17.74 -57.30 -60.99
N ILE S 41 16.74 -56.79 -60.28
CA ILE S 41 16.80 -56.57 -58.84
C ILE S 41 15.60 -57.24 -58.22
N SER S 42 15.83 -58.05 -57.19
CA SER S 42 14.74 -58.75 -56.53
C SER S 42 13.82 -57.78 -55.81
N GLY S 43 12.57 -58.18 -55.66
CA GLY S 43 11.56 -57.29 -55.10
C GLY S 43 10.88 -56.48 -56.19
N ASN S 44 9.64 -56.07 -55.91
CA ASN S 44 8.87 -55.37 -56.92
C ASN S 44 9.50 -54.00 -57.21
N PHE S 45 9.09 -53.42 -58.34
CA PHE S 45 9.77 -52.24 -58.85
C PHE S 45 9.63 -51.05 -57.92
N TYR S 46 8.45 -50.86 -57.33
CA TYR S 46 8.22 -49.66 -56.52
C TYR S 46 9.07 -49.66 -55.26
N ARG S 47 9.28 -50.82 -54.65
CA ARG S 47 10.14 -50.90 -53.48
C ARG S 47 11.57 -50.48 -53.81
N ASN S 48 12.10 -50.98 -54.93
CA ASN S 48 13.47 -50.64 -55.31
C ASN S 48 13.57 -49.17 -55.72
N LYS S 49 12.53 -48.65 -56.37
CA LYS S 49 12.50 -47.21 -56.66
C LYS S 49 12.52 -46.39 -55.38
N LEU S 50 11.75 -46.82 -54.38
CA LEU S 50 11.76 -46.12 -53.10
C LEU S 50 13.14 -46.19 -52.44
N LYS S 51 13.81 -47.33 -52.56
CA LYS S 51 15.15 -47.44 -51.98
C LYS S 51 16.13 -46.51 -52.67
N TYR S 52 16.06 -46.41 -53.99
CA TYR S 52 16.96 -45.50 -54.69
C TYR S 52 16.61 -44.04 -54.41
N LEU S 53 15.33 -43.73 -54.25
CA LEU S 53 14.96 -42.36 -53.88
C LEU S 53 15.44 -42.02 -52.48
N ALA S 54 15.38 -42.98 -51.56
CA ALA S 54 15.94 -42.77 -50.23
C ALA S 54 17.44 -42.55 -50.31
N PHE S 55 18.12 -43.22 -51.24
CA PHE S 55 19.52 -42.92 -51.48
C PHE S 55 19.70 -41.49 -52.00
N LEU S 56 18.80 -41.05 -52.88
CA LEU S 56 18.85 -39.68 -53.39
C LEU S 56 18.67 -38.66 -52.27
N ARG S 57 17.89 -38.99 -51.25
CA ARG S 57 17.70 -38.06 -50.15
C ARG S 57 18.99 -37.81 -49.38
N LYS S 58 19.89 -38.79 -49.34
CA LYS S 58 21.11 -38.66 -48.56
C LYS S 58 22.10 -37.75 -49.28
N ARG S 59 22.06 -36.45 -48.97
CA ARG S 59 22.99 -35.50 -49.53
C ARG S 59 23.55 -34.64 -48.42
N MET S 60 24.72 -34.06 -48.67
CA MET S 60 25.37 -33.22 -47.67
C MET S 60 24.62 -31.91 -47.54
N ASN S 61 24.04 -31.68 -46.36
CA ASN S 61 23.17 -30.53 -46.16
C ASN S 61 23.92 -29.21 -46.28
N THR S 62 25.16 -29.18 -45.80
CA THR S 62 25.96 -27.95 -45.88
C THR S 62 26.33 -27.61 -47.32
N ASN S 63 26.75 -28.60 -48.08
CA ASN S 63 27.20 -28.39 -49.46
C ASN S 63 27.00 -29.68 -50.22
N PRO S 64 25.89 -29.80 -50.95
CA PRO S 64 25.63 -31.06 -51.67
C PRO S 64 26.63 -31.38 -52.76
N SER S 65 27.40 -30.40 -53.23
CA SER S 65 28.38 -30.67 -54.26
C SER S 65 29.54 -31.51 -53.74
N ARG S 66 29.72 -31.58 -52.43
CA ARG S 66 30.71 -32.48 -51.84
C ARG S 66 30.11 -33.81 -51.41
N GLY S 67 28.79 -33.94 -51.42
CA GLY S 67 28.13 -35.06 -50.80
C GLY S 67 28.20 -36.31 -51.63
N PRO S 68 27.35 -37.30 -51.33
CA PRO S 68 27.31 -38.50 -52.15
C PRO S 68 26.91 -38.15 -53.58
N TYR S 69 27.61 -38.72 -54.53
CA TYR S 69 27.38 -38.48 -55.95
C TYR S 69 26.46 -39.59 -56.44
N HIS S 70 25.19 -39.27 -56.58
CA HIS S 70 24.19 -40.27 -56.95
C HIS S 70 24.25 -40.47 -58.46
N PHE S 71 24.92 -41.53 -58.90
CA PHE S 71 25.04 -41.80 -60.32
C PHE S 71 23.76 -42.44 -60.83
N ARG S 72 23.31 -42.00 -62.00
CA ARG S 72 22.00 -42.41 -62.50
C ARG S 72 22.07 -43.48 -63.58
N ALA S 73 23.17 -43.60 -64.30
CA ALA S 73 23.27 -44.61 -65.34
C ALA S 73 23.36 -46.00 -64.72
N PRO S 74 22.72 -47.01 -65.32
CA PRO S 74 22.80 -48.37 -64.77
C PRO S 74 24.22 -48.89 -64.66
N SER S 75 25.09 -48.58 -65.62
CA SER S 75 26.48 -48.98 -65.51
C SER S 75 27.13 -48.36 -64.29
N ARG S 76 26.88 -47.07 -64.06
CA ARG S 76 27.49 -46.41 -62.91
C ARG S 76 26.86 -46.88 -61.60
N ILE S 77 25.58 -47.22 -61.62
CA ILE S 77 24.94 -47.79 -60.43
C ILE S 77 25.59 -49.12 -60.06
N PHE S 78 25.77 -50.00 -61.06
CA PHE S 78 26.40 -51.28 -60.78
C PHE S 78 27.85 -51.09 -60.35
N TRP S 79 28.54 -50.13 -60.95
CA TRP S 79 29.91 -49.84 -60.55
C TRP S 79 29.99 -49.39 -59.10
N ARG S 80 29.06 -48.53 -58.68
CA ARG S 80 29.04 -48.10 -57.28
C ARG S 80 28.70 -49.26 -56.35
N THR S 81 27.80 -50.14 -56.78
CA THR S 81 27.46 -51.32 -55.97
C THR S 81 28.68 -52.21 -55.79
N VAL S 82 29.45 -52.44 -56.85
CA VAL S 82 30.67 -53.22 -56.72
C VAL S 82 31.70 -52.51 -55.85
N ARG S 83 31.80 -51.18 -56.01
CA ARG S 83 32.76 -50.41 -55.22
C ARG S 83 32.46 -50.49 -53.74
N GLY S 84 31.18 -50.51 -53.37
CA GLY S 84 30.82 -50.74 -51.98
C GLY S 84 31.20 -52.11 -51.47
N MET S 85 31.53 -53.04 -52.36
CA MET S 85 31.89 -54.40 -52.02
C MET S 85 33.40 -54.60 -52.04
N LEU S 86 34.17 -53.52 -52.08
CA LEU S 86 35.60 -53.52 -52.24
C LEU S 86 36.25 -52.65 -51.18
N PRO S 87 37.52 -52.87 -50.88
CA PRO S 87 38.23 -51.91 -50.02
C PRO S 87 38.73 -50.72 -50.83
N HIS S 88 37.80 -49.92 -51.34
CA HIS S 88 38.12 -48.92 -52.35
C HIS S 88 38.87 -47.73 -51.79
N LYS S 89 39.10 -47.65 -50.49
CA LYS S 89 39.87 -46.56 -49.90
C LYS S 89 41.32 -46.94 -49.67
N THR S 90 41.77 -48.08 -50.22
CA THR S 90 43.16 -48.48 -50.18
C THR S 90 43.68 -48.61 -51.60
N LYS S 91 45.00 -48.63 -51.73
CA LYS S 91 45.61 -48.73 -53.06
C LYS S 91 45.24 -50.05 -53.73
N ARG S 92 45.18 -51.13 -52.96
CA ARG S 92 44.82 -52.43 -53.52
C ARG S 92 43.40 -52.44 -54.05
N GLY S 93 42.46 -51.88 -53.28
CA GLY S 93 41.09 -51.82 -53.75
C GLY S 93 40.92 -50.91 -54.95
N GLN S 94 41.62 -49.78 -54.96
CA GLN S 94 41.54 -48.88 -56.11
C GLN S 94 42.13 -49.53 -57.35
N ALA S 95 43.22 -50.28 -57.19
CA ALA S 95 43.78 -51.00 -58.32
C ALA S 95 42.83 -52.08 -58.82
N ALA S 96 42.14 -52.76 -57.88
CA ALA S 96 41.14 -53.73 -58.28
C ALA S 96 39.94 -53.07 -58.96
N LEU S 97 39.59 -51.87 -58.50
CA LEU S 97 38.50 -51.14 -59.13
C LEU S 97 38.83 -50.76 -60.57
N ASP S 98 40.09 -50.43 -60.85
CA ASP S 98 40.50 -50.06 -62.20
C ASP S 98 40.46 -51.23 -63.17
N ARG S 99 40.32 -52.45 -62.68
CA ARG S 99 40.23 -53.62 -63.56
C ARG S 99 38.80 -53.91 -63.99
N LEU S 100 37.83 -53.12 -63.55
CA LEU S 100 36.44 -53.34 -63.88
C LEU S 100 35.93 -52.22 -64.78
N LYS S 101 35.35 -52.60 -65.91
CA LYS S 101 34.70 -51.65 -66.82
C LYS S 101 33.24 -52.06 -66.96
N VAL S 102 32.35 -51.08 -66.88
CA VAL S 102 30.92 -51.30 -66.98
C VAL S 102 30.36 -50.46 -68.11
N PHE S 103 29.40 -51.02 -68.85
CA PHE S 103 28.82 -50.35 -69.98
C PHE S 103 27.31 -50.54 -69.99
N ASP S 104 26.62 -49.60 -70.62
CA ASP S 104 25.22 -49.73 -70.96
C ASP S 104 25.13 -50.13 -72.42
N GLY S 105 24.34 -51.16 -72.69
CA GLY S 105 24.40 -51.74 -74.01
C GLY S 105 25.72 -52.48 -74.17
N ILE S 106 26.03 -52.80 -75.42
CA ILE S 106 27.28 -53.51 -75.70
C ILE S 106 28.08 -52.70 -76.71
N PRO S 107 29.17 -52.07 -76.29
CA PRO S 107 29.95 -51.21 -77.20
C PRO S 107 30.68 -52.03 -78.24
N PRO S 108 31.18 -51.38 -79.29
CA PRO S 108 31.85 -52.09 -80.39
C PRO S 108 33.06 -52.91 -79.98
N PRO S 109 33.82 -52.52 -78.94
CA PRO S 109 34.90 -53.43 -78.51
C PRO S 109 34.42 -54.80 -78.07
N TYR S 110 33.18 -54.93 -77.62
CA TYR S 110 32.72 -56.15 -76.98
C TYR S 110 31.47 -56.76 -77.61
N ASP S 111 30.88 -56.14 -78.62
CA ASP S 111 29.71 -56.73 -79.24
C ASP S 111 30.07 -57.83 -80.24
N LYS S 112 31.34 -57.93 -80.62
CA LYS S 112 31.81 -58.97 -81.52
C LYS S 112 32.50 -60.09 -80.78
N LYS S 113 32.21 -60.27 -79.50
CA LYS S 113 32.89 -61.26 -78.67
C LYS S 113 31.87 -62.07 -77.90
N LYS S 114 32.23 -63.29 -77.56
CA LYS S 114 31.37 -64.13 -76.73
C LYS S 114 31.32 -63.58 -75.32
N ARG S 115 30.15 -63.67 -74.70
CA ARG S 115 29.92 -63.11 -73.38
C ARG S 115 29.61 -64.21 -72.38
N MET S 116 30.26 -64.15 -71.22
CA MET S 116 30.06 -65.14 -70.18
C MET S 116 28.75 -64.89 -69.45
N VAL S 117 28.32 -65.87 -68.66
CA VAL S 117 27.15 -65.76 -67.80
C VAL S 117 27.49 -66.43 -66.47
N VAL S 118 27.12 -65.78 -65.38
CA VAL S 118 27.34 -66.34 -64.04
C VAL S 118 26.04 -66.98 -63.55
N PRO S 119 25.94 -68.31 -63.53
CA PRO S 119 24.69 -68.94 -63.09
C PRO S 119 24.33 -68.64 -61.64
N ALA S 120 25.32 -68.49 -60.77
CA ALA S 120 25.05 -68.21 -59.36
C ALA S 120 24.42 -66.84 -59.14
N ALA S 121 24.40 -65.99 -60.17
CA ALA S 121 23.78 -64.69 -60.08
C ALA S 121 22.54 -64.56 -60.95
N LEU S 122 22.16 -65.61 -61.66
CA LEU S 122 21.04 -65.52 -62.58
C LEU S 122 19.72 -65.50 -61.83
N LYS S 123 18.82 -64.61 -62.27
CA LYS S 123 17.51 -64.52 -61.65
C LYS S 123 16.70 -65.78 -61.87
N VAL S 124 16.99 -66.54 -62.93
CA VAL S 124 16.22 -67.73 -63.24
C VAL S 124 16.40 -68.81 -62.18
N VAL S 125 17.58 -68.89 -61.58
CA VAL S 125 17.84 -69.97 -60.63
C VAL S 125 17.83 -69.43 -59.21
N ARG S 126 18.16 -68.16 -59.03
CA ARG S 126 18.31 -67.61 -57.69
C ARG S 126 17.01 -67.01 -57.15
N LEU S 127 15.97 -66.94 -57.96
CA LEU S 127 14.73 -66.30 -57.54
C LEU S 127 13.56 -67.22 -57.85
N LYS S 128 12.58 -67.25 -56.96
CA LYS S 128 11.41 -68.07 -57.18
C LYS S 128 10.59 -67.49 -58.34
N PRO S 129 9.95 -68.34 -59.13
CA PRO S 129 9.20 -67.84 -60.31
C PRO S 129 8.04 -66.94 -59.95
N THR S 130 7.50 -67.03 -58.74
CA THR S 130 6.36 -66.22 -58.36
C THR S 130 6.73 -64.86 -57.80
N ARG S 131 8.02 -64.60 -57.55
CA ARG S 131 8.41 -63.34 -56.96
C ARG S 131 8.51 -62.24 -58.01
N LYS S 132 8.39 -61.00 -57.56
CA LYS S 132 8.49 -59.84 -58.41
C LYS S 132 9.91 -59.31 -58.41
N PHE S 133 10.32 -58.78 -59.56
CA PHE S 133 11.65 -58.23 -59.72
C PHE S 133 11.56 -56.92 -60.49
N ALA S 134 12.66 -56.17 -60.45
CA ALA S 134 12.74 -54.87 -61.11
C ALA S 134 13.88 -54.89 -62.12
N TYR S 135 13.69 -54.14 -63.20
CA TYR S 135 14.72 -53.96 -64.21
C TYR S 135 15.57 -52.75 -63.84
N LEU S 136 16.89 -52.91 -63.92
CA LEU S 136 17.77 -51.76 -63.65
C LEU S 136 17.60 -50.69 -64.71
N GLY S 137 17.27 -51.07 -65.95
CA GLY S 137 17.07 -50.07 -66.98
C GLY S 137 15.87 -49.18 -66.71
N ARG S 138 14.75 -49.78 -66.30
CA ARG S 138 13.58 -48.98 -65.97
C ARG S 138 13.79 -48.19 -64.69
N LEU S 139 14.44 -48.79 -63.70
CA LEU S 139 14.69 -48.08 -62.45
C LEU S 139 15.57 -46.86 -62.68
N ALA S 140 16.65 -47.02 -63.43
CA ALA S 140 17.54 -45.90 -63.68
C ALA S 140 16.86 -44.83 -64.52
N HIS S 141 16.06 -45.23 -65.51
CA HIS S 141 15.44 -44.26 -66.40
C HIS S 141 14.48 -43.35 -65.65
N GLU S 142 13.74 -43.90 -64.69
CA GLU S 142 12.75 -43.11 -63.97
C GLU S 142 13.33 -42.42 -62.75
N VAL S 143 14.63 -42.52 -62.51
CA VAL S 143 15.27 -41.78 -61.43
C VAL S 143 16.27 -40.76 -61.97
N GLY S 144 16.37 -40.62 -63.29
CA GLY S 144 17.16 -39.54 -63.84
C GLY S 144 17.95 -39.86 -65.09
N TRP S 145 18.08 -41.13 -65.43
CA TRP S 145 18.88 -41.51 -66.59
C TRP S 145 18.21 -41.03 -67.87
N LYS S 146 19.00 -40.49 -68.78
CA LYS S 146 18.49 -39.78 -69.94
C LYS S 146 18.60 -40.59 -71.24
N TYR S 147 19.37 -41.66 -71.26
CA TYR S 147 19.73 -42.33 -72.50
C TYR S 147 19.17 -43.74 -72.57
N GLN S 148 17.93 -43.92 -72.13
CA GLN S 148 17.30 -45.23 -72.28
C GLN S 148 16.89 -45.46 -73.73
N ALA S 149 16.33 -44.45 -74.38
CA ALA S 149 15.81 -44.63 -75.74
C ALA S 149 16.93 -44.85 -76.74
N VAL S 150 18.00 -44.06 -76.66
CA VAL S 150 19.11 -44.22 -77.61
C VAL S 150 19.81 -45.54 -77.37
N THR S 151 19.92 -45.97 -76.12
CA THR S 151 20.49 -47.29 -75.84
C THR S 151 19.62 -48.39 -76.42
N ALA S 152 18.30 -48.24 -76.33
CA ALA S 152 17.40 -49.22 -76.93
C ALA S 152 17.55 -49.29 -78.44
N THR S 153 17.64 -48.13 -79.09
CA THR S 153 17.79 -48.10 -80.55
C THR S 153 19.10 -48.74 -80.98
N LEU S 154 20.20 -48.38 -80.31
CA LEU S 154 21.47 -48.95 -80.67
C LEU S 154 21.52 -50.44 -80.37
N GLU S 155 20.81 -50.87 -79.32
CA GLU S 155 20.78 -52.29 -78.99
C GLU S 155 19.98 -53.09 -80.00
N GLU S 156 18.89 -52.53 -80.52
CA GLU S 156 18.18 -53.28 -81.55
C GLU S 156 18.95 -53.31 -82.86
N LYS S 157 19.71 -52.25 -83.18
CA LYS S 157 20.62 -52.33 -84.33
C LYS S 157 21.65 -53.44 -84.13
N ARG S 158 22.24 -53.49 -82.93
CA ARG S 158 23.24 -54.51 -82.64
C ARG S 158 22.65 -55.90 -82.75
N LYS S 159 21.43 -56.08 -82.26
CA LYS S 159 20.77 -57.37 -82.34
C LYS S 159 20.50 -57.77 -83.77
N GLU S 160 20.15 -56.82 -84.64
CA GLU S 160 19.95 -57.15 -86.05
C GLU S 160 21.25 -57.61 -86.70
N LYS S 161 22.34 -56.89 -86.45
CA LYS S 161 23.61 -57.29 -87.03
C LYS S 161 24.07 -58.64 -86.49
N ALA S 162 23.84 -58.89 -85.20
CA ALA S 162 24.17 -60.19 -84.64
C ALA S 162 23.31 -61.29 -85.26
N LYS S 163 22.06 -60.98 -85.59
CA LYS S 163 21.21 -61.97 -86.26
C LYS S 163 21.77 -62.34 -87.62
N ILE S 164 22.24 -61.34 -88.37
CA ILE S 164 22.87 -61.61 -89.67
C ILE S 164 24.09 -62.51 -89.49
N HIS S 165 24.93 -62.17 -88.50
CA HIS S 165 26.12 -62.98 -88.27
C HIS S 165 25.77 -64.41 -87.88
N TYR S 166 24.74 -64.59 -87.05
CA TYR S 166 24.36 -65.93 -86.65
C TYR S 166 23.77 -66.72 -87.80
N ARG S 167 23.06 -66.04 -88.69
CA ARG S 167 22.57 -66.70 -89.89
C ARG S 167 23.72 -67.21 -90.75
N LYS S 168 24.77 -66.39 -90.90
CA LYS S 168 25.96 -66.85 -91.61
C LYS S 168 26.59 -68.04 -90.91
N LYS S 169 26.68 -67.99 -89.58
CA LYS S 169 27.26 -69.10 -88.84
C LYS S 169 26.45 -70.38 -88.99
N LYS S 170 25.12 -70.26 -89.00
CA LYS S 170 24.28 -71.43 -89.22
C LYS S 170 24.51 -72.02 -90.60
N GLN S 171 24.66 -71.16 -91.61
CA GLN S 171 24.93 -71.66 -92.95
C GLN S 171 26.27 -72.39 -93.00
N LEU S 172 27.29 -71.83 -92.34
CA LEU S 172 28.59 -72.51 -92.30
C LEU S 172 28.51 -73.83 -91.54
N MET S 173 27.72 -73.89 -90.47
CA MET S 173 27.59 -75.15 -89.75
C MET S 173 26.86 -76.20 -90.57
N ARG S 174 25.86 -75.77 -91.33
CA ARG S 174 25.19 -76.69 -92.26
C ARG S 174 26.17 -77.23 -93.28
N LEU S 175 27.02 -76.35 -93.83
CA LEU S 175 28.01 -76.79 -94.80
C LEU S 175 29.05 -77.69 -94.16
N ARG S 176 29.37 -77.47 -92.89
CA ARG S 176 30.30 -78.34 -92.17
C ARG S 176 29.71 -79.74 -91.97
N LYS S 177 28.44 -79.81 -91.59
CA LYS S 177 27.79 -81.11 -91.45
C LYS S 177 27.70 -81.81 -92.80
N GLN S 178 27.41 -81.05 -93.85
CA GLN S 178 27.44 -81.61 -95.20
C GLN S 178 28.84 -82.10 -95.56
N ALA S 179 29.88 -81.42 -95.10
CA ALA S 179 31.24 -81.87 -95.36
C ALA S 179 31.51 -83.21 -94.68
N GLU S 180 31.13 -83.32 -93.40
CA GLU S 180 31.28 -84.61 -92.71
C GLU S 180 30.46 -85.69 -93.40
N LYS S 181 29.36 -85.31 -94.05
CA LYS S 181 28.58 -86.28 -94.81
C LYS S 181 29.24 -86.64 -96.13
N ASN S 182 30.01 -85.73 -96.72
CA ASN S 182 30.60 -85.99 -98.03
C ASN S 182 31.78 -86.93 -97.95
N VAL S 183 32.56 -86.85 -96.88
CA VAL S 183 33.76 -87.68 -96.73
C VAL S 183 33.61 -88.53 -95.47
N GLU S 184 33.51 -89.84 -95.66
CA GLU S 184 33.68 -90.79 -94.57
C GLU S 184 34.81 -91.77 -94.79
N LYS S 185 34.99 -92.25 -96.02
CA LYS S 185 36.04 -93.23 -96.31
C LYS S 185 37.42 -92.70 -95.98
N LYS S 186 37.60 -91.37 -95.99
CA LYS S 186 38.87 -90.77 -95.61
C LYS S 186 38.78 -90.01 -94.30
N ILE S 187 37.72 -90.23 -93.52
CA ILE S 187 37.55 -89.56 -92.23
C ILE S 187 37.30 -90.60 -91.14
N ASP S 188 36.71 -91.74 -91.52
CA ASP S 188 36.25 -92.70 -90.52
C ASP S 188 37.39 -93.34 -89.75
N LYS S 189 38.57 -93.47 -90.37
CA LYS S 189 39.70 -94.06 -89.67
C LYS S 189 40.22 -93.15 -88.57
N TYR S 190 39.90 -91.85 -88.63
CA TYR S 190 40.14 -90.96 -87.49
C TYR S 190 38.89 -90.75 -86.67
N THR S 191 37.71 -90.87 -87.28
CA THR S 191 36.47 -90.73 -86.53
C THR S 191 36.35 -91.82 -85.48
N GLU S 192 36.72 -93.05 -85.82
CA GLU S 192 36.67 -94.12 -84.84
C GLU S 192 37.73 -93.94 -83.76
N VAL S 193 38.85 -93.31 -84.10
CA VAL S 193 39.85 -92.99 -83.09
C VAL S 193 39.28 -91.98 -82.10
N LEU S 194 38.59 -90.97 -82.59
CA LEU S 194 37.96 -89.99 -81.71
C LEU S 194 36.87 -90.64 -80.87
N LYS S 195 36.06 -91.50 -81.48
CA LYS S 195 34.99 -92.20 -80.76
C LYS S 195 35.54 -93.12 -79.69
N THR S 196 36.69 -93.74 -79.94
CA THR S 196 37.30 -94.64 -78.96
C THR S 196 37.69 -93.91 -77.69
N HIS S 197 37.98 -92.61 -77.81
CA HIS S 197 38.51 -91.84 -76.70
C HIS S 197 37.56 -90.73 -76.28
N GLY S 198 36.26 -91.02 -76.29
CA GLY S 198 35.29 -90.12 -75.69
C GLY S 198 34.87 -88.97 -76.56
N LEU S 199 35.77 -88.48 -77.40
CA LEU S 199 35.45 -87.39 -78.31
C LEU S 199 34.42 -87.86 -79.33
N LEU S 200 33.52 -86.95 -79.71
CA LEU S 200 32.63 -87.15 -80.85
C LEU S 200 31.77 -88.40 -80.67
N VAL S 201 30.83 -88.29 -79.74
CA VAL S 201 29.79 -89.30 -79.54
C VAL S 201 29.20 -89.73 -80.88
N VAL T 1 87.98 -18.04 -49.20
CA VAL T 1 86.87 -18.24 -48.28
C VAL T 1 86.10 -19.48 -48.71
N ARG T 2 85.71 -20.30 -47.73
CA ARG T 2 85.01 -21.55 -48.03
C ARG T 2 83.61 -21.25 -48.54
N TYR T 3 83.38 -21.50 -49.83
CA TYR T 3 82.05 -21.49 -50.40
C TYR T 3 81.40 -22.85 -50.22
N SER T 4 80.08 -22.87 -50.35
CA SER T 4 79.40 -24.13 -50.55
C SER T 4 79.36 -24.43 -52.04
N LEU T 5 79.38 -25.72 -52.38
CA LEU T 5 79.33 -26.16 -53.78
C LEU T 5 80.50 -25.59 -54.57
N ASP T 6 81.69 -26.07 -54.23
CA ASP T 6 82.88 -25.64 -54.96
C ASP T 6 82.77 -26.00 -56.44
N PRO T 7 83.30 -25.16 -57.33
CA PRO T 7 83.15 -25.42 -58.76
C PRO T 7 83.92 -26.66 -59.18
N GLU T 8 83.43 -27.29 -60.24
CA GLU T 8 84.05 -28.52 -60.74
C GLU T 8 85.48 -28.26 -61.20
N ASN T 9 85.72 -27.12 -61.84
CA ASN T 9 87.07 -26.73 -62.17
C ASN T 9 87.28 -25.28 -61.73
N PRO T 10 88.22 -25.04 -60.81
CA PRO T 10 88.46 -23.67 -60.36
C PRO T 10 89.41 -22.93 -61.26
N THR T 11 89.21 -23.06 -62.57
CA THR T 11 89.99 -22.35 -63.57
C THR T 11 89.14 -21.54 -64.51
N LYS T 12 87.97 -22.05 -64.89
CA LYS T 12 87.06 -21.34 -65.76
C LYS T 12 85.86 -20.78 -65.00
N SER T 13 86.04 -20.51 -63.71
CA SER T 13 84.96 -20.05 -62.85
C SER T 13 85.42 -18.84 -62.06
N CYS T 14 84.48 -17.96 -61.75
CA CYS T 14 84.74 -16.81 -60.89
C CYS T 14 83.69 -16.78 -59.79
N LYS T 15 84.06 -16.19 -58.66
CA LYS T 15 83.23 -16.20 -57.47
C LYS T 15 82.91 -14.79 -57.02
N SER T 16 81.84 -14.67 -56.24
CA SER T 16 81.52 -13.43 -55.55
C SER T 16 80.74 -13.76 -54.29
N ARG T 17 80.82 -12.86 -53.32
CA ARG T 17 80.29 -13.11 -51.99
C ARG T 17 79.87 -11.78 -51.37
N GLY T 18 78.81 -11.82 -50.59
CA GLY T 18 78.40 -10.68 -49.80
C GLY T 18 77.93 -11.14 -48.44
N SER T 19 78.21 -10.31 -47.44
CA SER T 19 77.87 -10.63 -46.06
C SER T 19 77.18 -9.46 -45.39
N ASN T 20 76.14 -9.77 -44.61
CA ASN T 20 75.38 -8.77 -43.85
C ASN T 20 74.85 -7.67 -44.76
N LEU T 21 74.25 -8.06 -45.87
CA LEU T 21 73.68 -7.10 -46.80
C LEU T 21 72.27 -6.72 -46.36
N ARG T 22 72.02 -5.42 -46.27
CA ARG T 22 70.77 -4.89 -45.72
C ARG T 22 69.65 -4.98 -46.77
N VAL T 23 69.28 -6.22 -47.09
CA VAL T 23 68.12 -6.49 -47.92
C VAL T 23 67.32 -7.60 -47.24
N HIS T 24 66.04 -7.68 -47.61
CA HIS T 24 65.19 -8.70 -47.04
C HIS T 24 65.58 -10.07 -47.58
N PHE T 25 65.65 -11.05 -46.68
CA PHE T 25 66.15 -12.36 -47.07
C PHE T 25 65.19 -13.06 -48.03
N LYS T 26 63.89 -12.92 -47.81
CA LYS T 26 62.93 -13.68 -48.60
C LYS T 26 62.85 -13.18 -50.03
N ASN T 27 62.77 -11.86 -50.21
CA ASN T 27 62.74 -11.30 -51.56
C ASN T 27 64.01 -11.64 -52.32
N THR T 28 65.15 -11.54 -51.66
CA THR T 28 66.41 -11.85 -52.30
C THR T 28 66.53 -13.33 -52.64
N ARG T 29 66.01 -14.20 -51.76
CA ARG T 29 66.00 -15.62 -52.06
C ARG T 29 65.18 -15.92 -53.30
N GLU T 30 64.00 -15.32 -53.40
CA GLU T 30 63.16 -15.53 -54.57
C GLU T 30 63.83 -15.00 -55.84
N THR T 31 64.44 -13.82 -55.75
CA THR T 31 65.12 -13.26 -56.91
C THR T 31 66.29 -14.13 -57.35
N ALA T 32 67.06 -14.64 -56.38
CA ALA T 32 68.21 -15.49 -56.70
C ALA T 32 67.75 -16.80 -57.33
N GLN T 33 66.66 -17.37 -56.84
CA GLN T 33 66.13 -18.57 -57.49
C GLN T 33 65.63 -18.25 -58.90
N ALA T 34 65.10 -17.05 -59.11
CA ALA T 34 64.66 -16.68 -60.45
C ALA T 34 65.83 -16.58 -61.41
N ILE T 35 66.96 -16.01 -60.97
CA ILE T 35 68.07 -15.79 -61.89
C ILE T 35 69.06 -16.94 -61.94
N LYS T 36 68.76 -18.06 -61.29
CA LYS T 36 69.69 -19.17 -61.26
C LYS T 36 69.76 -19.86 -62.63
N GLY T 37 70.97 -20.14 -63.09
CA GLY T 37 71.15 -20.83 -64.34
C GLY T 37 71.11 -19.96 -65.57
N MET T 38 70.86 -18.67 -65.43
CA MET T 38 70.80 -17.80 -66.58
C MET T 38 72.20 -17.44 -67.06
N HIS T 39 72.29 -17.05 -68.33
CA HIS T 39 73.48 -16.38 -68.82
C HIS T 39 73.59 -15.01 -68.16
N ILE T 40 74.82 -14.52 -68.05
CA ILE T 40 75.05 -13.30 -67.26
C ILE T 40 74.39 -12.09 -67.92
N ARG T 41 74.42 -12.01 -69.25
CA ARG T 41 73.75 -10.90 -69.91
C ARG T 41 72.24 -11.00 -69.74
N LYS T 42 71.70 -12.20 -69.89
CA LYS T 42 70.28 -12.41 -69.66
C LYS T 42 69.89 -12.08 -68.22
N ALA T 43 70.73 -12.49 -67.27
CA ALA T 43 70.45 -12.20 -65.87
C ALA T 43 70.48 -10.70 -65.60
N THR T 44 71.44 -9.99 -66.20
CA THR T 44 71.55 -8.56 -65.97
C THR T 44 70.35 -7.82 -66.54
N LYS T 45 69.95 -8.14 -67.76
CA LYS T 45 68.80 -7.44 -68.34
C LYS T 45 67.50 -7.86 -67.64
N TYR T 46 67.42 -9.10 -67.16
CA TYR T 46 66.28 -9.51 -66.36
C TYR T 46 66.18 -8.70 -65.07
N LEU T 47 67.30 -8.52 -64.37
CA LEU T 47 67.26 -7.75 -63.13
C LEU T 47 66.92 -6.29 -63.38
N LYS T 48 67.44 -5.73 -64.48
CA LYS T 48 67.09 -4.36 -64.83
C LYS T 48 65.60 -4.24 -65.14
N ASP T 49 65.04 -5.22 -65.85
CA ASP T 49 63.60 -5.21 -66.12
C ASP T 49 62.78 -5.34 -64.84
N VAL T 50 63.27 -6.16 -63.90
CA VAL T 50 62.57 -6.30 -62.62
C VAL T 50 62.55 -4.97 -61.90
N THR T 51 63.67 -4.24 -61.92
CA THR T 51 63.68 -2.89 -61.37
C THR T 51 62.76 -1.96 -62.13
N LEU T 52 62.57 -2.19 -63.42
CA LEU T 52 61.69 -1.36 -64.23
C LEU T 52 60.25 -1.85 -64.25
N GLN T 53 59.94 -2.91 -63.50
CA GLN T 53 58.60 -3.47 -63.40
C GLN T 53 58.06 -3.92 -64.76
N LYS T 54 58.95 -4.50 -65.57
CA LYS T 54 58.53 -5.14 -66.82
C LYS T 54 58.65 -6.65 -66.79
N GLN T 55 59.43 -7.21 -65.87
CA GLN T 55 59.47 -8.63 -65.62
C GLN T 55 59.42 -8.84 -64.12
N CYS T 56 58.76 -9.90 -63.69
CA CYS T 56 58.58 -10.14 -62.27
C CYS T 56 59.32 -11.41 -61.85
N VAL T 57 59.75 -11.43 -60.59
CA VAL T 57 60.31 -12.65 -60.03
C VAL T 57 59.15 -13.45 -59.42
N PRO T 58 59.12 -14.77 -59.60
CA PRO T 58 58.03 -15.56 -59.03
C PRO T 58 58.28 -15.84 -57.56
N PHE T 59 57.28 -15.56 -56.73
CA PHE T 59 57.36 -15.86 -55.30
C PHE T 59 56.74 -17.23 -55.07
N ARG T 60 57.59 -18.24 -54.92
CA ARG T 60 57.14 -19.63 -54.89
C ARG T 60 57.05 -20.19 -53.48
N ARG T 61 58.10 -20.03 -52.67
CA ARG T 61 58.07 -20.53 -51.31
C ARG T 61 57.53 -19.49 -50.33
N TYR T 62 58.09 -18.28 -50.38
CA TYR T 62 57.67 -17.20 -49.50
C TYR T 62 56.64 -16.35 -50.23
N ASN T 63 55.43 -16.88 -50.33
CA ASN T 63 54.37 -16.26 -51.12
C ASN T 63 53.14 -15.92 -50.31
N GLY T 64 53.18 -16.01 -48.99
CA GLY T 64 52.00 -15.73 -48.19
C GLY T 64 51.58 -14.28 -48.28
N GLY T 65 50.44 -14.04 -48.94
CA GLY T 65 49.96 -12.70 -49.12
C GLY T 65 50.48 -11.98 -50.34
N VAL T 66 51.44 -12.57 -51.06
CA VAL T 66 51.98 -11.94 -52.26
C VAL T 66 50.89 -11.91 -53.33
N GLY T 67 50.70 -10.74 -53.94
CA GLY T 67 49.63 -10.57 -54.89
C GLY T 67 49.91 -11.26 -56.21
N ARG T 68 48.85 -11.40 -56.99
CA ARG T 68 48.92 -12.01 -58.31
C ARG T 68 49.24 -10.93 -59.34
N CYS T 69 50.08 -11.29 -60.31
CA CYS T 69 50.41 -10.38 -61.39
C CYS T 69 50.34 -11.12 -62.71
N ALA T 70 50.15 -10.36 -63.80
CA ALA T 70 50.10 -10.96 -65.12
C ALA T 70 51.46 -11.50 -65.54
N GLN T 71 52.54 -10.85 -65.13
CA GLN T 71 53.88 -11.26 -65.54
C GLN T 71 54.31 -12.59 -64.93
N ALA T 72 53.59 -13.09 -63.93
CA ALA T 72 53.94 -14.37 -63.33
C ALA T 72 53.66 -15.54 -64.25
N LYS T 73 52.86 -15.35 -65.30
CA LYS T 73 52.62 -16.40 -66.27
C LYS T 73 53.81 -16.64 -67.18
N GLN T 74 54.81 -15.75 -67.16
CA GLN T 74 56.06 -16.04 -67.85
C GLN T 74 56.74 -17.26 -67.25
N TRP T 75 56.71 -17.36 -65.93
CA TRP T 75 57.04 -18.59 -65.23
C TRP T 75 55.78 -19.43 -65.10
N GLY T 76 55.90 -20.57 -64.43
CA GLY T 76 54.73 -21.40 -64.28
C GLY T 76 54.00 -21.10 -62.99
N TRP T 77 53.84 -19.83 -62.67
CA TRP T 77 53.37 -19.44 -61.35
C TRP T 77 52.27 -18.39 -61.51
N THR T 78 51.67 -18.05 -60.37
CA THR T 78 50.60 -17.06 -60.31
C THR T 78 50.99 -15.81 -59.56
N GLN T 79 51.83 -15.93 -58.53
CA GLN T 79 52.26 -14.81 -57.71
C GLN T 79 53.60 -14.28 -58.19
N GLY T 80 53.81 -12.99 -57.98
CA GLY T 80 55.07 -12.37 -58.37
C GLY T 80 55.14 -10.95 -57.88
N ARG T 81 56.36 -10.43 -57.84
CA ARG T 81 56.62 -9.08 -57.36
C ARG T 81 57.84 -8.54 -58.07
N TRP T 82 58.23 -7.32 -57.72
CA TRP T 82 59.33 -6.62 -58.36
C TRP T 82 60.25 -6.00 -57.32
N PRO T 83 60.99 -6.82 -56.57
CA PRO T 83 61.85 -6.27 -55.51
C PRO T 83 63.01 -5.45 -56.06
N LYS T 84 62.96 -4.14 -55.85
CA LYS T 84 64.02 -3.27 -56.39
C LYS T 84 65.33 -3.45 -55.65
N LYS T 85 65.27 -3.54 -54.32
CA LYS T 85 66.50 -3.59 -53.54
C LYS T 85 67.25 -4.90 -53.77
N SER T 86 66.52 -6.03 -53.80
CA SER T 86 67.16 -7.31 -54.06
C SER T 86 67.78 -7.35 -55.44
N ALA T 87 67.06 -6.82 -56.43
CA ALA T 87 67.58 -6.80 -57.79
C ALA T 87 68.81 -5.91 -57.89
N GLU T 88 68.81 -4.78 -57.19
CA GLU T 88 69.97 -3.90 -57.23
C GLU T 88 71.18 -4.53 -56.57
N PHE T 89 70.98 -5.19 -55.42
CA PHE T 89 72.09 -5.85 -54.75
C PHE T 89 72.66 -6.97 -55.61
N LEU T 90 71.79 -7.76 -56.24
CA LEU T 90 72.28 -8.79 -57.13
C LEU T 90 72.98 -8.19 -58.36
N LEU T 91 72.52 -7.05 -58.85
CA LEU T 91 73.21 -6.41 -59.98
C LEU T 91 74.60 -5.96 -59.59
N HIS T 92 74.74 -5.36 -58.41
CA HIS T 92 76.06 -4.94 -57.95
C HIS T 92 76.99 -6.14 -57.78
N MET T 93 76.47 -7.23 -57.21
CA MET T 93 77.32 -8.39 -57.00
C MET T 93 77.64 -9.09 -58.32
N LEU T 94 76.74 -9.02 -59.30
CA LEU T 94 77.03 -9.51 -60.63
C LEU T 94 78.15 -8.71 -61.30
N LYS T 95 78.11 -7.38 -61.16
CA LYS T 95 79.21 -6.58 -61.71
C LYS T 95 80.53 -6.90 -61.03
N ASN T 96 80.51 -7.08 -59.71
CA ASN T 96 81.72 -7.46 -59.01
C ASN T 96 82.25 -8.81 -59.50
N ALA T 97 81.35 -9.77 -59.71
CA ALA T 97 81.79 -11.08 -60.17
C ALA T 97 82.32 -11.02 -61.60
N GLU T 98 81.72 -10.19 -62.44
CA GLU T 98 82.22 -10.05 -63.80
C GLU T 98 83.60 -9.39 -63.80
N SER T 99 83.81 -8.43 -62.90
CA SER T 99 85.14 -7.85 -62.75
C SER T 99 86.15 -8.91 -62.28
N ASN T 100 85.73 -9.79 -61.38
CA ASN T 100 86.62 -10.87 -60.95
C ASN T 100 86.94 -11.81 -62.11
N ALA T 101 85.95 -12.09 -62.96
CA ALA T 101 86.19 -12.92 -64.13
C ALA T 101 87.17 -12.26 -65.08
N GLU T 102 87.05 -10.95 -65.26
CA GLU T 102 88.01 -10.22 -66.09
C GLU T 102 89.40 -10.27 -65.49
N LEU T 103 89.50 -10.16 -64.16
CA LEU T 103 90.80 -10.26 -63.50
C LEU T 103 91.42 -11.64 -63.71
N LYS T 104 90.60 -12.69 -63.65
CA LYS T 104 91.11 -14.03 -63.90
C LYS T 104 91.41 -14.30 -65.37
N GLY T 105 91.18 -13.33 -66.25
CA GLY T 105 91.52 -13.50 -67.65
C GLY T 105 90.70 -14.53 -68.39
N LEU T 106 89.39 -14.57 -68.14
CA LEU T 106 88.49 -15.44 -68.87
C LEU T 106 87.36 -14.59 -69.42
N ASP T 107 86.90 -14.92 -70.63
CA ASP T 107 85.92 -14.09 -71.31
C ASP T 107 84.58 -14.10 -70.57
N VAL T 108 83.93 -12.94 -70.57
CA VAL T 108 82.72 -12.74 -69.77
C VAL T 108 81.45 -13.02 -70.55
N ASP T 109 81.52 -13.25 -71.85
CA ASP T 109 80.33 -13.38 -72.67
C ASP T 109 79.70 -14.77 -72.63
N SER T 110 80.27 -15.70 -71.86
CA SER T 110 79.70 -17.03 -71.73
C SER T 110 79.51 -17.44 -70.27
N LEU T 111 79.53 -16.49 -69.35
CA LEU T 111 79.34 -16.83 -67.94
C LEU T 111 77.90 -17.20 -67.67
N VAL T 112 77.73 -18.22 -66.83
CA VAL T 112 76.42 -18.75 -66.47
C VAL T 112 76.37 -18.85 -64.95
N ILE T 113 75.28 -18.40 -64.35
CA ILE T 113 75.16 -18.46 -62.91
C ILE T 113 74.79 -19.88 -62.51
N GLU T 114 75.80 -20.73 -62.29
CA GLU T 114 75.47 -22.12 -61.99
C GLU T 114 75.06 -22.30 -60.53
N HIS T 115 75.60 -21.49 -59.63
CA HIS T 115 75.32 -21.59 -58.22
C HIS T 115 75.04 -20.21 -57.66
N ILE T 116 73.99 -20.12 -56.85
CA ILE T 116 73.66 -18.88 -56.14
C ILE T 116 72.94 -19.27 -54.87
N GLN T 117 73.33 -18.66 -53.76
CA GLN T 117 72.83 -19.07 -52.46
C GLN T 117 72.65 -17.85 -51.57
N VAL T 118 71.48 -17.75 -50.95
CA VAL T 118 71.16 -16.66 -50.03
C VAL T 118 70.99 -17.26 -48.65
N ASN T 119 71.78 -16.79 -47.69
CA ASN T 119 71.78 -17.28 -46.33
C ASN T 119 71.31 -16.18 -45.39
N LYS T 120 70.63 -16.57 -44.32
CA LYS T 120 70.23 -15.59 -43.32
C LYS T 120 71.43 -15.06 -42.57
N ALA T 121 71.47 -13.76 -42.40
CA ALA T 121 72.48 -13.04 -41.63
C ALA T 121 71.96 -12.76 -40.23
N PRO T 122 72.83 -12.46 -39.27
CA PRO T 122 72.35 -12.12 -37.93
C PRO T 122 71.43 -10.92 -37.96
N LYS T 123 70.33 -11.01 -37.20
CA LYS T 123 69.30 -9.98 -37.23
C LYS T 123 69.72 -8.76 -36.41
N MET T 124 69.15 -7.61 -36.75
CA MET T 124 69.50 -6.34 -36.13
C MET T 124 68.35 -5.86 -35.26
N ARG T 125 68.68 -5.42 -34.05
CA ARG T 125 67.70 -5.09 -33.02
C ARG T 125 67.16 -3.67 -33.22
N ARG T 126 65.83 -3.55 -33.25
CA ARG T 126 65.15 -2.27 -33.17
C ARG T 126 63.87 -2.46 -32.37
N ARG T 127 63.23 -1.35 -32.02
CA ARG T 127 62.07 -1.38 -31.14
C ARG T 127 60.87 -0.73 -31.81
N THR T 128 59.69 -1.26 -31.54
CA THR T 128 58.44 -0.64 -31.91
C THR T 128 57.56 -0.58 -30.68
N TYR T 129 56.64 0.37 -30.68
CA TYR T 129 55.86 0.71 -29.50
C TYR T 129 54.41 0.33 -29.72
N ARG T 130 53.83 -0.37 -28.76
CA ARG T 130 52.49 -0.95 -28.90
C ARG T 130 51.55 -0.31 -27.88
N ALA T 131 50.35 -0.89 -27.79
CA ALA T 131 49.21 -0.18 -27.22
C ALA T 131 49.38 0.12 -25.74
N HIS T 132 49.73 -0.88 -24.94
CA HIS T 132 49.52 -0.71 -23.51
C HIS T 132 50.84 -0.64 -22.76
N GLY T 133 51.77 0.16 -23.26
CA GLY T 133 53.07 0.26 -22.65
C GLY T 133 53.96 -0.92 -22.96
N ARG T 134 53.80 -1.52 -24.12
CA ARG T 134 54.52 -2.73 -24.50
C ARG T 134 55.54 -2.42 -25.58
N ILE T 135 56.65 -3.16 -25.55
CA ILE T 135 57.73 -3.03 -26.51
C ILE T 135 57.78 -4.32 -27.31
N ASN T 136 57.83 -4.20 -28.63
CA ASN T 136 57.90 -5.38 -29.47
C ASN T 136 59.10 -5.30 -30.39
N PRO T 137 59.63 -6.43 -30.83
CA PRO T 137 60.78 -6.42 -31.74
C PRO T 137 60.45 -5.81 -33.08
N TYR T 138 61.48 -5.26 -33.71
CA TYR T 138 61.39 -4.67 -35.04
C TYR T 138 62.57 -5.15 -35.88
N MET T 139 62.79 -6.46 -35.89
CA MET T 139 64.02 -7.04 -36.41
C MET T 139 64.12 -6.84 -37.92
N SER T 140 65.36 -6.70 -38.39
CA SER T 140 65.65 -6.80 -39.81
C SER T 140 66.23 -8.18 -40.09
N SER T 141 66.11 -8.61 -41.35
CA SER T 141 66.61 -9.90 -41.78
C SER T 141 67.58 -9.70 -42.94
N PRO T 142 68.81 -9.28 -42.66
CA PRO T 142 69.80 -9.15 -43.73
C PRO T 142 70.23 -10.53 -44.21
N CYS T 143 71.08 -10.60 -45.23
CA CYS T 143 71.39 -11.89 -45.78
C CYS T 143 72.83 -11.94 -46.29
N HIS T 144 73.41 -13.13 -46.25
CA HIS T 144 74.66 -13.42 -46.95
C HIS T 144 74.35 -14.04 -48.30
N ILE T 145 75.03 -13.55 -49.34
CA ILE T 145 74.80 -14.02 -50.69
C ILE T 145 76.13 -14.45 -51.28
N GLU T 146 76.16 -15.63 -51.87
CA GLU T 146 77.32 -16.11 -52.60
C GLU T 146 76.87 -16.66 -53.94
N MET T 147 77.74 -16.57 -54.93
CA MET T 147 77.42 -17.18 -56.21
C MET T 147 78.71 -17.49 -56.96
N ILE T 148 78.59 -18.39 -57.93
CA ILE T 148 79.70 -18.83 -58.76
C ILE T 148 79.27 -18.74 -60.21
N LEU T 149 80.12 -18.17 -61.05
CA LEU T 149 79.85 -18.03 -62.46
C LEU T 149 80.81 -18.90 -63.24
N THR T 150 80.30 -19.75 -64.12
CA THR T 150 81.12 -20.62 -64.94
C THR T 150 80.78 -20.44 -66.40
N GLU T 151 81.73 -20.80 -67.27
CA GLU T 151 81.53 -20.61 -68.69
C GLU T 151 80.86 -21.84 -69.31
N LYS T 152 80.08 -21.59 -70.36
CA LYS T 152 79.46 -22.64 -71.15
C LYS T 152 79.00 -22.08 -72.49
N GLU T 153 79.56 -22.59 -73.58
CA GLU T 153 79.19 -22.08 -74.90
C GLU T 153 79.48 -23.10 -75.99
N GLY U 1 46.32 -70.12 -19.53
CA GLY U 1 47.16 -70.03 -18.35
C GLY U 1 46.96 -71.17 -17.40
N VAL U 2 47.65 -71.14 -16.27
CA VAL U 2 47.58 -72.18 -15.27
C VAL U 2 47.36 -71.52 -13.91
N ASP U 3 46.63 -72.19 -13.03
CA ASP U 3 46.09 -71.57 -11.83
C ASP U 3 46.96 -71.93 -10.63
N ILE U 4 48.06 -71.19 -10.46
CA ILE U 4 48.90 -71.27 -9.28
C ILE U 4 49.27 -69.87 -8.83
N ARG U 5 49.15 -69.59 -7.54
CA ARG U 5 49.66 -68.36 -6.97
C ARG U 5 51.18 -68.43 -6.88
N HIS U 6 51.84 -67.36 -7.29
CA HIS U 6 53.30 -67.34 -7.38
C HIS U 6 53.95 -66.54 -6.27
N ASN U 7 53.23 -66.26 -5.18
CA ASN U 7 53.74 -65.38 -4.14
C ASN U 7 54.62 -66.09 -3.14
N LYS U 8 54.79 -67.40 -3.26
CA LYS U 8 55.49 -68.18 -2.25
C LYS U 8 56.50 -69.11 -2.92
N ASP U 9 56.71 -68.95 -4.22
CA ASP U 9 57.64 -69.80 -4.96
C ASP U 9 59.07 -69.62 -4.48
N ARG U 10 59.48 -68.39 -4.24
CA ARG U 10 60.85 -68.07 -3.86
C ARG U 10 61.00 -68.22 -2.36
N LYS U 11 61.50 -69.37 -1.93
CA LYS U 11 61.74 -69.59 -0.51
C LYS U 11 62.86 -68.68 -0.03
N VAL U 12 62.68 -68.08 1.14
CA VAL U 12 63.62 -67.13 1.72
C VAL U 12 64.47 -67.86 2.74
N ARG U 13 65.76 -67.94 2.49
CA ARG U 13 66.70 -68.68 3.33
C ARG U 13 68.10 -68.30 2.91
N ARG U 14 69.04 -68.50 3.83
CA ARG U 14 70.44 -68.16 3.58
C ARG U 14 71.07 -69.27 2.75
N LYS U 15 71.42 -68.97 1.50
CA LYS U 15 72.17 -69.88 0.65
C LYS U 15 73.67 -69.72 0.79
N GLU U 16 74.10 -68.69 1.52
CA GLU U 16 75.52 -68.37 1.69
C GLU U 16 75.60 -67.32 2.79
N PRO U 17 76.76 -67.18 3.43
CA PRO U 17 76.92 -66.11 4.41
C PRO U 17 76.93 -64.75 3.74
N LYS U 18 76.30 -63.78 4.39
CA LYS U 18 76.42 -62.39 3.95
C LYS U 18 77.81 -61.83 4.20
N SER U 19 78.56 -62.43 5.12
CA SER U 19 79.87 -61.91 5.46
C SER U 19 80.84 -62.09 4.31
N GLN U 20 81.86 -61.23 4.28
CA GLN U 20 82.97 -61.38 3.34
C GLN U 20 84.22 -61.91 4.02
N ASP U 21 84.08 -62.49 5.21
CA ASP U 21 85.21 -63.06 5.93
C ASP U 21 85.74 -64.23 5.13
N ILE U 22 86.99 -64.15 4.70
CA ILE U 22 87.55 -65.19 3.83
C ILE U 22 87.76 -66.49 4.59
N TYR U 23 88.10 -66.43 5.88
CA TYR U 23 88.20 -67.65 6.67
C TYR U 23 86.85 -68.32 6.79
N LEU U 24 85.80 -67.53 7.06
CA LEU U 24 84.46 -68.09 7.17
C LEU U 24 84.03 -68.73 5.86
N ARG U 25 84.31 -68.06 4.75
CA ARG U 25 84.00 -68.64 3.45
C ARG U 25 84.79 -69.90 3.18
N LEU U 26 86.02 -69.98 3.68
CA LEU U 26 86.82 -71.20 3.51
C LEU U 26 86.20 -72.38 4.24
N LEU U 27 85.84 -72.20 5.51
CA LEU U 27 85.24 -73.35 6.17
C LEU U 27 83.80 -73.60 5.72
N VAL U 28 83.13 -72.59 5.15
CA VAL U 28 81.86 -72.84 4.48
C VAL U 28 82.07 -73.73 3.26
N LYS U 29 83.15 -73.50 2.51
CA LYS U 29 83.50 -74.39 1.40
C LYS U 29 83.74 -75.81 1.91
N LEU U 30 84.50 -75.93 2.99
CA LEU U 30 84.81 -77.25 3.55
C LEU U 30 83.54 -77.99 3.94
N TYR U 31 82.67 -77.34 4.69
CA TYR U 31 81.47 -78.04 5.13
C TYR U 31 80.41 -78.17 4.04
N ARG U 32 80.45 -77.34 3.01
CA ARG U 32 79.62 -77.58 1.84
C ARG U 32 80.00 -78.90 1.18
N PHE U 33 81.30 -79.11 1.00
CA PHE U 33 81.76 -80.39 0.46
C PHE U 33 81.39 -81.54 1.37
N LEU U 34 81.56 -81.36 2.69
CA LEU U 34 81.25 -82.43 3.62
C LEU U 34 79.77 -82.79 3.61
N ALA U 35 78.89 -81.79 3.62
CA ALA U 35 77.47 -82.07 3.59
C ALA U 35 77.04 -82.69 2.27
N ARG U 36 77.65 -82.29 1.16
CA ARG U 36 77.28 -82.86 -0.12
C ARG U 36 77.74 -84.30 -0.26
N ARG U 37 78.93 -84.62 0.24
CA ARG U 37 79.53 -85.92 0.01
C ARG U 37 79.43 -86.86 1.20
N THR U 38 78.61 -86.54 2.19
CA THR U 38 78.34 -87.43 3.31
C THR U 38 76.85 -87.50 3.56
N ASN U 39 76.42 -88.55 4.24
CA ASN U 39 75.04 -88.69 4.65
C ASN U 39 74.78 -88.11 6.03
N SER U 40 75.78 -87.52 6.66
CA SER U 40 75.60 -86.96 8.00
C SER U 40 74.76 -85.71 7.94
N THR U 41 73.66 -85.70 8.70
CA THR U 41 72.85 -84.49 8.81
C THR U 41 73.47 -83.46 9.74
N PHE U 42 74.43 -83.88 10.58
CA PHE U 42 75.16 -82.93 11.40
C PHE U 42 75.91 -81.93 10.55
N ASN U 43 76.53 -82.40 9.47
CA ASN U 43 77.20 -81.49 8.55
C ASN U 43 76.22 -80.52 7.93
N GLN U 44 75.01 -80.98 7.62
CA GLN U 44 73.99 -80.08 7.08
C GLN U 44 73.62 -79.01 8.10
N VAL U 45 73.43 -79.39 9.37
CA VAL U 45 73.07 -78.43 10.39
C VAL U 45 74.18 -77.41 10.58
N VAL U 46 75.43 -77.88 10.64
CA VAL U 46 76.56 -76.98 10.82
C VAL U 46 76.67 -76.02 9.64
N LEU U 47 76.52 -76.54 8.42
CA LEU U 47 76.61 -75.69 7.23
C LEU U 47 75.53 -74.62 7.22
N LYS U 48 74.30 -74.99 7.56
CA LYS U 48 73.26 -73.97 7.56
C LYS U 48 73.37 -73.03 8.74
N ARG U 49 74.08 -73.43 9.80
CA ARG U 49 74.37 -72.49 10.88
C ARG U 49 75.48 -71.51 10.51
N LEU U 50 76.45 -71.94 9.71
CA LEU U 50 77.50 -71.04 9.27
C LEU U 50 76.94 -69.90 8.42
N PHE U 51 75.82 -70.13 7.76
CA PHE U 51 75.20 -69.09 6.96
C PHE U 51 74.55 -68.01 7.80
N MET U 52 74.24 -68.31 9.06
CA MET U 52 73.34 -67.48 9.85
C MET U 52 73.99 -66.18 10.27
N SER U 53 73.16 -65.19 10.54
CA SER U 53 73.61 -63.88 10.99
C SER U 53 74.03 -63.96 12.45
N ARG U 54 74.55 -62.83 12.96
CA ARG U 54 75.08 -62.83 14.32
C ARG U 54 73.96 -62.97 15.35
N THR U 55 72.80 -62.38 15.08
CA THR U 55 71.68 -62.54 16.00
C THR U 55 71.15 -63.96 15.99
N ASN U 56 71.30 -64.67 14.88
CA ASN U 56 70.92 -66.07 14.79
C ASN U 56 72.02 -67.00 15.30
N ARG U 57 73.15 -66.47 15.71
CA ARG U 57 74.22 -67.24 16.34
C ARG U 57 74.54 -66.60 17.68
N PRO U 58 73.65 -66.78 18.67
CA PRO U 58 73.87 -66.14 19.96
C PRO U 58 75.07 -66.73 20.66
N PRO U 59 75.78 -65.95 21.47
CA PRO U 59 76.92 -66.49 22.21
C PRO U 59 76.48 -67.53 23.23
N LEU U 60 77.32 -68.54 23.40
CA LEU U 60 77.09 -69.60 24.36
C LEU U 60 77.99 -69.38 25.57
N SER U 61 77.37 -69.23 26.74
CA SER U 61 78.14 -69.02 27.95
C SER U 61 78.87 -70.30 28.35
N LEU U 62 79.92 -70.12 29.15
CA LEU U 62 80.64 -71.28 29.67
C LEU U 62 79.75 -72.11 30.59
N SER U 63 78.94 -71.43 31.42
CA SER U 63 78.11 -72.14 32.39
C SER U 63 77.07 -73.01 31.70
N ARG U 64 76.44 -72.50 30.65
CA ARG U 64 75.43 -73.29 29.94
C ARG U 64 76.06 -74.49 29.24
N MET U 65 77.24 -74.31 28.65
CA MET U 65 77.94 -75.42 28.03
C MET U 65 78.33 -76.48 29.05
N ILE U 66 78.82 -76.04 30.21
CA ILE U 66 79.16 -76.97 31.29
C ILE U 66 77.92 -77.73 31.73
N ARG U 67 76.79 -77.02 31.88
CA ARG U 67 75.55 -77.64 32.30
C ARG U 67 75.08 -78.68 31.29
N LYS U 68 75.19 -78.38 30.00
CA LYS U 68 74.70 -79.31 29.00
C LYS U 68 75.63 -80.51 28.86
N MET U 69 76.94 -80.32 29.00
CA MET U 69 77.86 -81.45 28.96
C MET U 69 77.72 -82.34 30.18
N LYS U 70 77.20 -81.82 31.28
CA LYS U 70 77.13 -82.56 32.54
C LYS U 70 75.92 -83.49 32.58
N LEU U 71 75.07 -83.46 31.56
CA LEU U 71 73.94 -84.36 31.49
C LEU U 71 74.42 -85.81 31.34
N PRO U 72 73.61 -86.77 31.78
CA PRO U 72 74.05 -88.17 31.73
C PRO U 72 74.31 -88.65 30.31
N GLY U 73 75.36 -89.44 30.15
CA GLY U 73 75.68 -90.06 28.88
C GLY U 73 76.50 -89.20 27.94
N ARG U 74 76.62 -87.91 28.21
CA ARG U 74 77.36 -87.00 27.34
C ARG U 74 78.82 -86.87 27.77
N GLU U 75 79.31 -87.82 28.56
CA GLU U 75 80.72 -87.84 28.92
C GLU U 75 81.57 -88.15 27.70
N ASN U 76 82.83 -87.70 27.76
CA ASN U 76 83.85 -87.69 26.70
C ASN U 76 83.28 -87.47 25.30
N LYS U 77 82.42 -86.47 25.17
CA LYS U 77 81.86 -86.07 23.89
C LYS U 77 82.30 -84.66 23.57
N THR U 78 82.29 -84.31 22.29
CA THR U 78 82.70 -83.00 21.83
C THR U 78 81.51 -82.05 21.82
N ALA U 79 81.69 -80.88 22.42
CA ALA U 79 80.67 -79.84 22.40
C ALA U 79 80.91 -78.92 21.21
N VAL U 80 79.95 -78.85 20.31
CA VAL U 80 80.07 -78.07 19.09
C VAL U 80 79.05 -76.95 19.13
N VAL U 81 79.52 -75.73 18.89
CA VAL U 81 78.64 -74.57 18.76
C VAL U 81 79.15 -73.73 17.59
N VAL U 82 78.22 -73.25 16.77
CA VAL U 82 78.57 -72.33 15.69
C VAL U 82 78.32 -70.93 16.25
N GLY U 83 79.36 -70.39 16.87
CA GLY U 83 79.24 -69.10 17.54
C GLY U 83 80.44 -68.88 18.44
N THR U 84 80.20 -68.12 19.50
CA THR U 84 81.25 -67.71 20.43
C THR U 84 81.03 -68.35 21.79
N ILE U 85 82.05 -69.04 22.30
CA ILE U 85 82.08 -69.42 23.70
C ILE U 85 82.41 -68.21 24.54
N THR U 86 81.60 -67.96 25.56
CA THR U 86 81.71 -66.78 26.38
C THR U 86 81.92 -67.19 27.83
N ASP U 87 82.86 -66.55 28.49
CA ASP U 87 83.14 -66.88 29.88
C ASP U 87 81.97 -66.53 30.78
N ASP U 88 81.68 -67.40 31.73
CA ASP U 88 80.73 -67.12 32.80
C ASP U 88 81.51 -67.08 34.11
N VAL U 89 81.55 -65.90 34.73
CA VAL U 89 82.25 -65.78 36.01
C VAL U 89 81.42 -66.29 37.18
N ARG U 90 80.17 -66.66 36.93
CA ARG U 90 79.32 -67.20 37.99
C ARG U 90 79.62 -68.66 38.29
N VAL U 91 80.30 -69.36 37.40
CA VAL U 91 80.74 -70.73 37.67
C VAL U 91 82.16 -70.68 38.20
N GLN U 92 82.47 -71.55 39.15
CA GLN U 92 83.78 -71.56 39.79
C GLN U 92 84.67 -72.69 39.33
N GLU U 93 84.11 -73.88 39.10
CA GLU U 93 84.89 -75.04 38.67
C GLU U 93 84.54 -75.41 37.24
N VAL U 94 85.56 -75.68 36.45
CA VAL U 94 85.43 -76.00 35.03
C VAL U 94 86.01 -77.40 34.82
N PRO U 95 85.23 -78.36 34.34
CA PRO U 95 85.75 -79.70 34.11
C PRO U 95 86.54 -79.75 32.80
N LYS U 96 87.10 -80.92 32.52
CA LYS U 96 87.80 -81.14 31.27
C LYS U 96 86.79 -81.21 30.13
N LEU U 97 86.81 -80.21 29.26
CA LEU U 97 85.88 -80.12 28.13
C LEU U 97 86.64 -80.14 26.82
N LYS U 98 86.05 -80.77 25.81
CA LYS U 98 86.60 -80.81 24.46
C LYS U 98 85.61 -80.09 23.56
N VAL U 99 85.93 -78.85 23.21
CA VAL U 99 84.98 -77.93 22.60
C VAL U 99 85.46 -77.50 21.24
N CYS U 100 84.54 -77.42 20.28
CA CYS U 100 84.78 -76.80 18.98
C CYS U 100 83.85 -75.61 18.82
N ALA U 101 84.42 -74.45 18.51
CA ALA U 101 83.63 -73.24 18.40
C ALA U 101 84.23 -72.32 17.36
N LEU U 102 83.39 -71.43 16.83
CA LEU U 102 83.85 -70.46 15.85
C LEU U 102 84.77 -69.44 16.50
N ARG U 103 84.44 -69.01 17.71
CA ARG U 103 85.27 -68.09 18.48
C ARG U 103 85.22 -68.49 19.94
N VAL U 104 86.32 -68.26 20.65
CA VAL U 104 86.39 -68.47 22.09
C VAL U 104 86.96 -67.21 22.72
N THR U 105 86.28 -66.71 23.75
CA THR U 105 86.77 -65.56 24.49
C THR U 105 88.09 -65.90 25.16
N SER U 106 88.99 -64.91 25.21
CA SER U 106 90.32 -65.13 25.76
C SER U 106 90.27 -65.61 27.19
N ARG U 107 89.40 -65.03 28.01
CA ARG U 107 89.27 -65.49 29.39
C ARG U 107 88.64 -66.87 29.45
N ALA U 108 87.60 -67.10 28.64
CA ALA U 108 87.00 -68.42 28.55
C ALA U 108 87.99 -69.45 28.05
N ARG U 109 88.78 -69.08 27.05
CA ARG U 109 89.82 -69.97 26.53
C ARG U 109 90.84 -70.29 27.61
N SER U 110 91.24 -69.29 28.39
CA SER U 110 92.20 -69.52 29.46
C SER U 110 91.63 -70.48 30.51
N ARG U 111 90.37 -70.29 30.89
CA ARG U 111 89.77 -71.17 31.88
C ARG U 111 89.65 -72.59 31.34
N ILE U 112 89.29 -72.74 30.06
CA ILE U 112 89.17 -74.08 29.49
C ILE U 112 90.52 -74.77 29.45
N LEU U 113 91.57 -74.05 29.04
CA LEU U 113 92.88 -74.67 28.90
C LEU U 113 93.50 -74.99 30.25
N ARG U 114 93.40 -74.08 31.22
CA ARG U 114 93.95 -74.35 32.54
C ARG U 114 93.21 -75.46 33.27
N ALA U 115 92.00 -75.78 32.85
CA ALA U 115 91.26 -76.91 33.40
C ALA U 115 91.58 -78.21 32.69
N GLY U 116 92.54 -78.20 31.78
CA GLY U 116 92.89 -79.40 31.04
C GLY U 116 92.06 -79.66 29.81
N GLY U 117 91.31 -78.67 29.34
CA GLY U 117 90.44 -78.85 28.20
C GLY U 117 91.14 -78.71 26.88
N LYS U 118 90.38 -78.94 25.81
CA LYS U 118 90.86 -78.85 24.45
C LYS U 118 89.91 -77.99 23.64
N ILE U 119 90.46 -77.14 22.79
CA ILE U 119 89.68 -76.26 21.93
C ILE U 119 90.02 -76.57 20.49
N LEU U 120 88.99 -76.79 19.67
CA LEU U 120 89.17 -77.15 18.28
C LEU U 120 88.50 -76.11 17.39
N THR U 121 89.16 -75.76 16.29
CA THR U 121 88.45 -75.04 15.26
C THR U 121 87.69 -76.04 14.39
N PHE U 122 86.78 -75.52 13.56
CA PHE U 122 85.90 -76.42 12.83
C PHE U 122 86.63 -77.22 11.78
N ASP U 123 87.74 -76.71 11.25
CA ASP U 123 88.59 -77.54 10.39
C ASP U 123 89.20 -78.67 11.18
N GLN U 124 89.64 -78.40 12.41
CA GLN U 124 90.15 -79.46 13.27
C GLN U 124 89.07 -80.47 13.60
N LEU U 125 87.83 -80.00 13.78
CA LEU U 125 86.72 -80.93 14.00
C LEU U 125 86.47 -81.78 12.77
N ALA U 126 86.55 -81.18 11.58
CA ALA U 126 86.35 -81.93 10.35
C ALA U 126 87.39 -83.02 10.20
N LEU U 127 88.65 -82.70 10.54
CA LEU U 127 89.68 -83.74 10.56
C LEU U 127 89.42 -84.77 11.65
N ASP U 128 88.80 -84.36 12.76
CA ASP U 128 88.57 -85.27 13.88
C ASP U 128 87.36 -86.16 13.62
N SER U 129 86.18 -85.57 13.50
CA SER U 129 84.94 -86.30 13.25
C SER U 129 84.27 -85.70 12.03
N PRO U 130 84.63 -86.15 10.83
CA PRO U 130 84.03 -85.58 9.61
C PRO U 130 82.53 -85.75 9.54
N LYS U 131 81.99 -86.83 10.08
CA LYS U 131 80.55 -87.02 10.14
C LYS U 131 79.93 -86.41 11.39
N GLY U 132 80.73 -85.85 12.28
CA GLY U 132 80.20 -85.34 13.52
C GLY U 132 79.86 -86.42 14.53
N CYS U 133 80.51 -87.57 14.44
CA CYS U 133 80.26 -88.64 15.39
C CYS U 133 80.83 -88.29 16.75
N GLY U 134 80.09 -88.66 17.79
CA GLY U 134 80.50 -88.37 19.15
C GLY U 134 80.53 -86.89 19.49
N THR U 135 79.56 -86.14 19.01
CA THR U 135 79.52 -84.70 19.22
C THR U 135 78.17 -84.32 19.81
N VAL U 136 78.14 -83.20 20.52
CA VAL U 136 76.93 -82.65 21.08
C VAL U 136 76.80 -81.23 20.56
N LEU U 137 75.91 -81.03 19.59
CA LEU U 137 75.73 -79.73 18.94
C LEU U 137 74.88 -78.85 19.83
N LEU U 138 75.45 -77.76 20.33
CA LEU U 138 74.78 -76.85 21.23
C LEU U 138 74.43 -75.55 20.51
N SER U 139 73.71 -74.69 21.20
CA SER U 139 73.34 -73.38 20.70
C SER U 139 73.09 -72.46 21.89
N GLY U 140 73.43 -71.19 21.72
CA GLY U 140 73.17 -70.22 22.76
C GLY U 140 71.71 -69.86 22.79
N PRO U 141 71.29 -69.14 23.82
CA PRO U 141 69.89 -68.74 23.91
C PRO U 141 69.49 -67.79 22.79
N ARG U 142 68.65 -68.26 21.87
CA ARG U 142 68.35 -67.48 20.68
C ARG U 142 67.52 -66.25 21.02
N LYS U 143 66.62 -66.38 21.98
CA LYS U 143 65.73 -65.29 22.35
C LYS U 143 66.25 -64.52 23.56
N GLY U 144 67.48 -64.77 23.97
CA GLY U 144 68.12 -63.98 25.00
C GLY U 144 68.64 -62.68 24.44
N ARG U 145 67.74 -61.75 24.16
CA ARG U 145 68.10 -60.46 23.59
C ARG U 145 67.07 -59.43 24.05
N GLU U 146 67.47 -58.17 24.04
CA GLU U 146 66.58 -57.12 24.52
C GLU U 146 65.40 -56.93 23.58
N VAL U 147 65.57 -57.19 22.29
CA VAL U 147 64.52 -56.91 21.33
C VAL U 147 63.29 -57.77 21.58
N TYR U 148 63.48 -58.95 22.18
CA TYR U 148 62.35 -59.85 22.39
C TYR U 148 61.47 -59.45 23.56
N ARG U 149 61.95 -58.58 24.44
CA ARG U 149 61.09 -58.04 25.46
C ARG U 149 60.09 -57.05 24.89
N HIS U 150 60.38 -56.48 23.73
CA HIS U 150 59.48 -55.56 23.06
C HIS U 150 58.60 -56.26 22.04
N PHE U 151 58.96 -57.46 21.60
CA PHE U 151 58.17 -58.19 20.64
C PHE U 151 57.05 -58.94 21.33
N GLY U 152 55.89 -58.99 20.68
CA GLY U 152 54.74 -59.66 21.21
C GLY U 152 53.51 -58.79 21.06
N LYS U 153 52.49 -59.11 21.85
CA LYS U 153 51.27 -58.34 21.83
C LYS U 153 51.54 -56.94 22.36
N ALA U 154 50.77 -55.96 21.86
CA ALA U 154 51.06 -54.57 22.13
C ALA U 154 50.98 -54.27 23.63
N PRO U 155 51.83 -53.37 24.13
CA PRO U 155 51.84 -53.08 25.56
C PRO U 155 50.52 -52.53 26.08
N GLY U 156 49.81 -51.77 25.25
CA GLY U 156 48.58 -51.15 25.69
C GLY U 156 47.37 -52.00 25.42
N THR U 157 47.54 -53.31 25.49
CA THR U 157 46.47 -54.26 25.29
C THR U 157 46.40 -55.17 26.52
N PRO U 158 45.23 -55.74 26.81
CA PRO U 158 45.12 -56.61 27.99
C PRO U 158 46.02 -57.83 27.85
N HIS U 159 46.53 -58.27 29.00
CA HIS U 159 47.24 -59.53 29.17
C HIS U 159 48.57 -59.57 28.41
N SER U 160 49.13 -58.41 28.08
CA SER U 160 50.41 -58.33 27.42
C SER U 160 51.44 -57.76 28.39
N HIS U 161 52.58 -58.41 28.50
CA HIS U 161 53.66 -58.01 29.39
C HIS U 161 54.90 -57.65 28.58
N THR U 162 54.73 -56.91 27.50
CA THR U 162 55.83 -56.56 26.62
C THR U 162 56.34 -55.17 26.97
N LYS U 163 57.65 -55.02 26.92
CA LYS U 163 58.29 -53.79 27.37
C LYS U 163 58.06 -52.68 26.35
N PRO U 164 57.47 -51.55 26.74
CA PRO U 164 57.32 -50.44 25.81
C PRO U 164 58.63 -49.72 25.58
N TYR U 165 58.70 -49.00 24.47
CA TYR U 165 59.87 -48.21 24.15
C TYR U 165 59.77 -46.88 24.86
N VAL U 166 60.65 -46.65 25.83
CA VAL U 166 60.68 -45.41 26.60
C VAL U 166 62.10 -44.87 26.59
N ARG U 167 62.22 -43.55 26.49
CA ARG U 167 63.55 -42.94 26.55
C ARG U 167 64.11 -42.93 27.96
N SER U 168 63.24 -42.86 28.98
CA SER U 168 63.68 -42.89 30.36
C SER U 168 62.70 -43.72 31.17
N LYS U 169 63.18 -44.26 32.28
CA LYS U 169 62.38 -45.08 33.18
C LYS U 169 62.21 -44.33 34.50
N GLY U 170 60.96 -44.05 34.85
CA GLY U 170 60.68 -43.34 36.07
C GLY U 170 59.19 -43.19 36.24
N ARG U 171 58.80 -42.59 37.37
CA ARG U 171 57.38 -42.46 37.68
C ARG U 171 56.65 -41.50 36.74
N LYS U 172 57.38 -40.68 35.99
CA LYS U 172 56.76 -39.75 35.06
C LYS U 172 56.62 -40.32 33.66
N PHE U 173 57.17 -41.49 33.38
CA PHE U 173 57.32 -41.98 32.02
C PHE U 173 56.40 -43.18 31.79
N GLU U 174 55.22 -42.89 31.25
CA GLU U 174 54.23 -43.88 30.84
C GLU U 174 53.80 -44.76 32.00
N ARG U 175 53.18 -44.12 33.00
CA ARG U 175 52.66 -44.85 34.14
C ARG U 175 51.28 -44.38 34.58
N ALA U 176 50.67 -43.39 33.94
CA ALA U 176 49.45 -42.82 34.49
C ALA U 176 48.15 -43.37 33.93
N ARG U 177 47.85 -43.14 32.65
CA ARG U 177 46.54 -43.45 32.08
C ARG U 177 46.64 -44.65 31.17
N GLY U 178 45.99 -45.74 31.55
CA GLY U 178 46.17 -47.01 30.91
C GLY U 178 47.10 -47.94 31.65
N ARG U 179 47.62 -47.51 32.79
CA ARG U 179 48.48 -48.35 33.61
C ARG U 179 47.91 -48.63 34.99
N ARG U 180 46.99 -47.81 35.47
CA ARG U 180 46.36 -48.02 36.77
C ARG U 180 44.90 -47.63 36.67
N ALA U 181 44.07 -48.29 37.47
CA ALA U 181 42.64 -48.01 37.44
C ALA U 181 42.30 -46.64 38.03
N SER U 182 43.23 -46.03 38.77
CA SER U 182 42.97 -44.72 39.34
C SER U 182 43.00 -43.62 38.29
N ARG U 183 43.52 -43.89 37.09
CA ARG U 183 43.56 -42.93 35.99
C ARG U 183 42.98 -43.61 34.75
N GLY U 184 41.66 -43.61 34.65
CA GLY U 184 40.98 -44.14 33.49
C GLY U 184 40.79 -45.65 33.50
N TYR U 185 41.85 -46.38 33.19
CA TYR U 185 41.77 -47.83 33.05
C TYR U 185 43.14 -48.42 33.27
N LYS U 186 43.20 -49.74 33.36
CA LYS U 186 44.49 -50.40 33.57
C LYS U 186 44.86 -51.40 32.49
N ASN U 187 43.89 -52.16 31.99
CA ASN U 187 44.07 -53.34 31.13
C ASN U 187 45.39 -54.10 31.30
N SER V 1 75.27 24.75 -52.51
CA SER V 1 75.02 23.37 -52.09
C SER V 1 73.92 23.32 -51.04
N MET V 2 74.17 23.98 -49.91
CA MET V 2 73.19 24.09 -48.84
C MET V 2 73.36 25.45 -48.21
N LEU V 3 72.30 26.26 -48.20
CA LEU V 3 72.40 27.67 -47.83
C LEU V 3 71.48 28.01 -46.65
N ARG V 4 71.28 27.09 -45.72
CA ARG V 4 70.47 27.37 -44.56
C ARG V 4 71.11 28.46 -43.69
N LEU V 5 72.42 28.33 -43.46
CA LEU V 5 73.14 29.31 -42.64
C LEU V 5 73.10 30.69 -43.28
N GLN V 6 73.31 30.76 -44.60
CA GLN V 6 73.32 32.04 -45.27
C GLN V 6 71.94 32.70 -45.26
N LYS V 7 70.88 31.90 -45.44
CA LYS V 7 69.53 32.45 -45.37
C LYS V 7 69.24 33.00 -43.98
N ARG V 8 69.61 32.25 -42.93
CA ARG V 8 69.38 32.74 -41.57
C ARG V 8 70.16 34.01 -41.30
N LEU V 9 71.43 34.05 -41.70
CA LEU V 9 72.25 35.22 -41.45
C LEU V 9 71.74 36.43 -42.21
N ALA V 10 71.30 36.24 -43.45
CA ALA V 10 70.79 37.35 -44.23
C ALA V 10 69.48 37.86 -43.65
N SER V 11 68.63 36.95 -43.14
CA SER V 11 67.41 37.37 -42.48
C SER V 11 67.72 38.19 -41.23
N SER V 12 68.75 37.79 -40.49
CA SER V 12 69.11 38.56 -39.28
C SER V 12 69.69 39.92 -39.64
N VAL V 13 70.55 39.98 -40.66
CA VAL V 13 71.21 41.23 -41.01
C VAL V 13 70.22 42.22 -41.62
N LEU V 14 69.36 41.75 -42.51
CA LEU V 14 68.37 42.63 -43.13
C LEU V 14 67.25 43.01 -42.18
N ARG V 15 67.20 42.43 -40.99
CA ARG V 15 66.11 42.63 -40.03
C ARG V 15 64.76 42.23 -40.61
N CYS V 16 64.77 41.34 -41.58
CA CYS V 16 63.56 40.83 -42.19
C CYS V 16 63.32 39.39 -41.74
N GLY V 17 62.13 38.91 -42.00
CA GLY V 17 61.86 37.51 -41.82
C GLY V 17 62.53 36.69 -42.91
N LYS V 18 62.61 35.39 -42.66
CA LYS V 18 63.20 34.49 -43.64
C LYS V 18 62.33 34.36 -44.88
N LYS V 19 61.05 34.73 -44.77
CA LYS V 19 60.17 34.75 -45.94
C LYS V 19 60.67 35.74 -46.97
N LYS V 20 61.12 36.91 -46.54
CA LYS V 20 61.40 38.02 -47.44
C LYS V 20 62.82 38.04 -47.98
N VAL V 21 63.69 37.18 -47.53
CA VAL V 21 65.05 37.18 -48.03
C VAL V 21 65.12 36.35 -49.31
N TRP V 22 65.83 36.88 -50.31
CA TRP V 22 65.94 36.25 -51.62
C TRP V 22 67.41 36.02 -51.91
N LEU V 23 67.79 34.76 -52.11
CA LEU V 23 69.14 34.41 -52.50
C LEU V 23 69.16 34.13 -54.00
N ASP V 24 70.19 34.60 -54.68
CA ASP V 24 70.27 34.41 -56.12
C ASP V 24 70.46 32.93 -56.42
N PRO V 25 69.55 32.28 -57.15
CA PRO V 25 69.75 30.86 -57.45
C PRO V 25 70.91 30.59 -58.39
N ASN V 26 71.21 31.52 -59.29
CA ASN V 26 72.30 31.32 -60.23
C ASN V 26 73.65 31.40 -59.55
N GLU V 27 73.81 32.33 -58.61
CA GLU V 27 75.07 32.48 -57.89
C GLU V 27 75.06 31.70 -56.59
N THR V 28 74.73 30.41 -56.68
CA THR V 28 74.69 29.57 -55.48
C THR V 28 76.07 29.40 -54.86
N ASN V 29 77.09 29.18 -55.70
CA ASN V 29 78.44 28.97 -55.17
C ASN V 29 78.97 30.21 -54.47
N GLU V 30 78.64 31.39 -54.99
CA GLU V 30 79.13 32.62 -54.38
C GLU V 30 78.52 32.85 -53.01
N ILE V 31 77.22 32.56 -52.87
CA ILE V 31 76.57 32.76 -51.58
C ILE V 31 77.10 31.76 -50.56
N ALA V 32 77.39 30.54 -51.00
CA ALA V 32 77.90 29.51 -50.10
C ALA V 32 79.25 29.90 -49.48
N ASN V 33 80.00 30.79 -50.13
CA ASN V 33 81.26 31.26 -49.57
C ASN V 33 81.07 32.20 -48.39
N ALA V 34 79.87 32.73 -48.20
CA ALA V 34 79.61 33.72 -47.15
C ALA V 34 79.32 33.00 -45.85
N ASN V 35 80.26 33.06 -44.91
CA ASN V 35 80.09 32.43 -43.61
C ASN V 35 80.07 33.44 -42.47
N SER V 36 79.99 34.72 -42.77
CA SER V 36 79.94 35.73 -41.72
C SER V 36 78.99 36.84 -42.15
N ARG V 37 78.53 37.60 -41.16
CA ARG V 37 77.56 38.67 -41.42
C ARG V 37 78.18 39.79 -42.26
N GLN V 38 79.49 39.95 -42.21
CA GLN V 38 80.14 40.96 -43.04
C GLN V 38 80.06 40.60 -44.52
N GLN V 39 80.32 39.33 -44.87
CA GLN V 39 80.19 38.92 -46.26
C GLN V 39 78.73 38.95 -46.70
N ILE V 40 77.80 38.69 -45.78
CA ILE V 40 76.38 38.82 -46.11
C ILE V 40 76.04 40.26 -46.42
N ARG V 41 76.57 41.20 -45.62
CA ARG V 41 76.38 42.62 -45.92
C ARG V 41 76.97 42.97 -47.27
N LYS V 42 78.14 42.42 -47.57
CA LYS V 42 78.78 42.70 -48.86
C LYS V 42 77.93 42.19 -50.01
N LEU V 43 77.36 40.98 -49.86
CA LEU V 43 76.51 40.43 -50.92
C LEU V 43 75.23 41.23 -51.07
N ILE V 44 74.66 41.69 -49.96
CA ILE V 44 73.45 42.52 -50.03
C ILE V 44 73.75 43.82 -50.75
N LYS V 45 74.90 44.42 -50.44
CA LYS V 45 75.33 45.62 -51.16
C LYS V 45 75.55 45.34 -52.64
N ASP V 46 76.09 44.16 -52.95
CA ASP V 46 76.40 43.82 -54.33
C ASP V 46 75.17 43.38 -55.11
N GLY V 47 74.07 43.10 -54.44
CA GLY V 47 72.82 42.78 -55.11
C GLY V 47 72.51 41.31 -55.27
N LEU V 48 73.34 40.42 -54.73
CA LEU V 48 73.04 38.99 -54.81
C LEU V 48 71.96 38.57 -53.82
N ILE V 49 71.84 39.27 -52.69
CA ILE V 49 70.81 38.99 -51.71
C ILE V 49 69.94 40.23 -51.62
N ILE V 50 68.64 40.07 -51.83
CA ILE V 50 67.71 41.20 -51.79
C ILE V 50 66.58 40.89 -50.84
N ARG V 51 65.96 41.94 -50.31
CA ARG V 51 64.79 41.80 -49.46
C ARG V 51 63.55 41.90 -50.34
N LYS V 52 62.74 40.85 -50.35
CA LYS V 52 61.54 40.83 -51.17
C LYS V 52 60.51 41.82 -50.63
N PRO V 53 59.70 42.41 -51.51
CA PRO V 53 58.69 43.35 -51.05
C PRO V 53 57.58 42.65 -50.28
N VAL V 54 56.91 43.44 -49.44
CA VAL V 54 55.82 42.92 -48.62
C VAL V 54 54.66 42.52 -49.52
N THR V 55 54.08 41.35 -49.24
CA THR V 55 52.90 40.90 -49.97
C THR V 55 51.77 41.91 -49.81
N VAL V 56 51.14 42.25 -50.94
CA VAL V 56 50.17 43.34 -50.93
C VAL V 56 48.89 42.87 -50.24
N HIS V 57 48.46 43.64 -49.24
CA HIS V 57 47.17 43.49 -48.60
C HIS V 57 46.49 44.83 -48.71
N SER V 58 45.77 45.04 -49.81
CA SER V 58 45.15 46.33 -50.09
C SER V 58 43.93 46.55 -49.22
N ARG V 59 43.65 47.82 -48.94
CA ARG V 59 42.44 48.23 -48.25
C ARG V 59 41.50 49.02 -49.15
N ALA V 60 41.74 49.02 -50.47
CA ALA V 60 40.90 49.79 -51.38
C ALA V 60 39.47 49.27 -51.39
N ARG V 61 39.30 47.95 -51.39
CA ARG V 61 37.98 47.36 -51.27
C ARG V 61 37.32 47.75 -49.96
N CYS V 62 38.11 47.73 -48.87
CA CYS V 62 37.60 48.10 -47.56
C CYS V 62 37.15 49.55 -47.55
N ARG V 63 37.94 50.44 -48.16
CA ARG V 63 37.58 51.85 -48.20
C ARG V 63 36.34 52.08 -49.05
N LYS V 64 36.21 51.35 -50.16
CA LYS V 64 35.00 51.44 -50.97
C LYS V 64 33.77 51.04 -50.19
N ASN V 65 33.85 49.91 -49.48
CA ASN V 65 32.73 49.45 -48.68
C ASN V 65 32.43 50.43 -47.55
N THR V 66 33.47 51.02 -46.96
CA THR V 66 33.26 51.99 -45.89
C THR V 66 32.58 53.24 -46.41
N LEU V 67 32.96 53.71 -47.60
CA LEU V 67 32.26 54.85 -48.19
C LEU V 67 30.80 54.52 -48.48
N ALA V 68 30.54 53.31 -48.95
CA ALA V 68 29.16 52.88 -49.16
C ALA V 68 28.38 52.90 -47.84
N ARG V 69 29.01 52.44 -46.76
CA ARG V 69 28.33 52.42 -45.47
C ARG V 69 28.11 53.83 -44.94
N ARG V 70 29.04 54.75 -45.21
CA ARG V 70 28.85 56.15 -44.84
C ARG V 70 27.65 56.74 -45.58
N LYS V 71 27.50 56.41 -46.86
CA LYS V 71 26.26 56.78 -47.54
C LYS V 71 25.05 56.07 -46.97
N GLY V 72 25.25 54.94 -46.29
CA GLY V 72 24.15 54.22 -45.66
C GLY V 72 23.90 52.83 -46.19
N ARG V 73 24.65 52.36 -47.18
CA ARG V 73 24.41 51.04 -47.74
C ARG V 73 24.88 49.95 -46.78
N HIS V 74 24.41 48.73 -47.04
CA HIS V 74 24.75 47.53 -46.28
C HIS V 74 24.40 47.63 -44.80
N MET V 75 23.52 48.56 -44.42
CA MET V 75 23.09 48.63 -43.04
C MET V 75 21.80 47.83 -42.82
N GLY V 76 20.71 48.29 -43.41
CA GLY V 76 19.46 47.56 -43.48
C GLY V 76 19.00 46.92 -42.19
N ILE V 77 18.30 45.79 -42.32
CA ILE V 77 17.86 45.00 -41.18
C ILE V 77 18.52 43.62 -41.19
N GLY V 78 18.69 43.03 -42.37
CA GLY V 78 19.35 41.76 -42.53
C GLY V 78 20.85 41.81 -42.55
N LYS V 79 21.45 42.93 -42.17
CA LYS V 79 22.90 43.03 -42.04
C LYS V 79 23.32 43.28 -40.60
N ARG V 80 22.40 43.20 -39.65
CA ARG V 80 22.69 43.45 -38.24
C ARG V 80 22.70 42.13 -37.50
N LYS V 81 23.80 41.84 -36.82
CA LYS V 81 23.93 40.62 -36.05
C LYS V 81 23.92 40.85 -34.55
N GLY V 82 24.08 42.08 -34.10
CA GLY V 82 24.05 42.36 -32.68
C GLY V 82 22.84 43.13 -32.26
N THR V 83 22.53 43.09 -30.96
CA THR V 83 21.39 43.82 -30.43
C THR V 83 21.62 45.32 -30.63
N ALA V 84 20.52 46.07 -30.72
CA ALA V 84 20.62 47.52 -30.89
C ALA V 84 21.42 48.16 -29.77
N ASN V 85 21.28 47.63 -28.55
CA ASN V 85 22.13 48.08 -27.46
C ASN V 85 23.59 47.74 -27.71
N ALA V 86 23.86 46.54 -28.24
CA ALA V 86 25.24 46.16 -28.54
C ALA V 86 25.83 47.01 -29.64
N ARG V 87 25.04 47.33 -30.67
CA ARG V 87 25.54 48.17 -31.75
C ARG V 87 25.69 49.62 -31.33
N MET V 88 24.80 50.12 -30.48
CA MET V 88 24.88 51.49 -29.97
C MET V 88 24.25 51.50 -28.59
N PRO V 89 25.06 51.54 -27.53
CA PRO V 89 24.51 51.46 -26.18
C PRO V 89 23.62 52.64 -25.84
N GLU V 90 22.54 52.37 -25.11
CA GLU V 90 21.68 53.45 -24.63
C GLU V 90 22.40 54.30 -23.59
N LYS V 91 23.31 53.71 -22.83
CA LYS V 91 24.04 54.48 -21.84
C LYS V 91 24.91 55.53 -22.51
N VAL V 92 25.59 55.18 -23.60
CA VAL V 92 26.42 56.15 -24.31
C VAL V 92 25.55 57.22 -24.95
N THR V 93 24.39 56.84 -25.48
CA THR V 93 23.46 57.83 -26.01
C THR V 93 23.02 58.81 -24.93
N TRP V 94 22.69 58.30 -23.75
CA TRP V 94 22.29 59.17 -22.65
C TRP V 94 23.44 60.07 -22.22
N MET V 95 24.66 59.54 -22.17
CA MET V 95 25.81 60.35 -21.80
C MET V 95 26.02 61.49 -22.77
N ARG V 96 25.97 61.19 -24.07
CA ARG V 96 26.15 62.23 -25.07
C ARG V 96 25.05 63.27 -24.96
N ARG V 97 23.80 62.82 -24.77
CA ARG V 97 22.68 63.75 -24.68
C ARG V 97 22.81 64.66 -23.48
N MET V 98 23.13 64.09 -22.32
CA MET V 98 23.28 64.89 -21.10
C MET V 98 24.43 65.88 -21.24
N ARG V 99 25.56 65.44 -21.80
CA ARG V 99 26.68 66.34 -21.96
C ARG V 99 26.33 67.49 -22.89
N ILE V 100 25.66 67.20 -24.00
CA ILE V 100 25.30 68.25 -24.96
C ILE V 100 24.35 69.25 -24.30
N LEU V 101 23.30 68.75 -23.65
CA LEU V 101 22.29 69.63 -23.09
C LEU V 101 22.84 70.42 -21.91
N ARG V 102 23.69 69.81 -21.09
CA ARG V 102 24.27 70.53 -19.97
C ARG V 102 25.25 71.59 -20.44
N ARG V 103 26.04 71.30 -21.47
CA ARG V 103 26.93 72.32 -22.01
C ARG V 103 26.13 73.47 -22.60
N LEU V 104 25.02 73.16 -23.29
CA LEU V 104 24.16 74.21 -23.81
C LEU V 104 23.59 75.07 -22.69
N LEU V 105 23.11 74.44 -21.63
CA LEU V 105 22.54 75.21 -20.52
C LEU V 105 23.59 76.06 -19.83
N ARG V 106 24.79 75.52 -19.63
CA ARG V 106 25.84 76.29 -18.99
C ARG V 106 26.25 77.49 -19.85
N ARG V 107 26.35 77.29 -21.17
CA ARG V 107 26.69 78.40 -22.04
C ARG V 107 25.57 79.42 -22.12
N TYR V 108 24.32 78.99 -21.96
CA TYR V 108 23.22 79.94 -21.90
C TYR V 108 23.24 80.73 -20.60
N ARG V 109 23.61 80.09 -19.50
CA ARG V 109 23.71 80.79 -18.22
C ARG V 109 24.87 81.78 -18.22
N GLU V 110 25.99 81.40 -18.81
CA GLU V 110 27.15 82.28 -18.84
C GLU V 110 26.90 83.53 -19.67
N SER V 111 26.16 83.40 -20.76
CA SER V 111 25.85 84.54 -21.62
C SER V 111 24.60 85.28 -21.19
N LYS V 112 24.07 84.97 -20.00
CA LYS V 112 22.96 85.67 -19.38
C LYS V 112 21.67 85.60 -20.19
N LYS V 113 21.50 84.57 -21.01
CA LYS V 113 20.20 84.33 -21.62
C LYS V 113 19.22 83.79 -20.59
N ILE V 114 19.71 83.01 -19.62
CA ILE V 114 18.89 82.45 -18.56
C ILE V 114 19.52 82.81 -17.22
N ASP V 115 18.69 82.90 -16.19
CA ASP V 115 19.18 83.20 -14.86
C ASP V 115 19.47 81.90 -14.11
N ARG V 116 19.92 82.02 -12.87
CA ARG V 116 20.29 80.84 -12.08
C ARG V 116 19.10 79.93 -11.84
N HIS V 117 17.95 80.53 -11.50
CA HIS V 117 16.81 79.73 -11.08
C HIS V 117 16.21 78.96 -12.25
N MET V 118 16.04 79.64 -13.38
CA MET V 118 15.51 78.94 -14.55
C MET V 118 16.52 77.96 -15.11
N TYR V 119 17.82 78.25 -14.97
CA TYR V 119 18.83 77.25 -15.30
C TYR V 119 18.68 76.01 -14.44
N HIS V 120 18.45 76.19 -13.13
CA HIS V 120 18.35 75.03 -12.26
C HIS V 120 17.12 74.20 -12.58
N SER V 121 15.99 74.86 -12.83
CA SER V 121 14.79 74.12 -13.22
C SER V 121 15.00 73.37 -14.53
N LEU V 122 15.64 74.02 -15.50
CA LEU V 122 15.89 73.35 -16.78
C LEU V 122 16.90 72.23 -16.64
N TYR V 123 17.88 72.36 -15.73
CA TYR V 123 18.83 71.29 -15.48
C TYR V 123 18.12 70.07 -14.90
N LEU V 124 17.23 70.29 -13.94
CA LEU V 124 16.48 69.18 -13.39
C LEU V 124 15.55 68.57 -14.44
N LYS V 125 15.06 69.39 -15.37
CA LYS V 125 14.17 68.85 -16.40
C LYS V 125 14.92 68.04 -17.45
N VAL V 126 16.12 68.50 -17.85
CA VAL V 126 16.89 67.70 -18.80
C VAL V 126 17.34 66.41 -18.13
N LYS V 127 17.63 66.44 -16.83
CA LYS V 127 17.92 65.19 -16.13
C LYS V 127 16.68 64.32 -16.04
N GLY V 128 15.50 64.93 -16.08
CA GLY V 128 14.25 64.21 -16.09
C GLY V 128 13.80 63.73 -17.46
N ASN V 129 14.61 63.96 -18.49
CA ASN V 129 14.35 63.46 -19.84
C ASN V 129 13.02 63.98 -20.40
N VAL V 130 12.94 65.30 -20.50
CA VAL V 130 11.81 65.95 -21.14
C VAL V 130 12.19 66.73 -22.38
N PHE V 131 13.48 66.78 -22.70
CA PHE V 131 13.96 67.40 -23.94
C PHE V 131 14.77 66.37 -24.71
N LYS V 132 14.33 66.09 -25.93
CA LYS V 132 14.91 65.01 -26.71
C LYS V 132 16.26 65.37 -27.30
N ASN V 133 16.49 66.64 -27.62
CA ASN V 133 17.72 67.04 -28.29
C ASN V 133 18.01 68.50 -27.96
N LYS V 134 18.93 69.09 -28.70
CA LYS V 134 19.34 70.47 -28.46
C LYS V 134 18.28 71.45 -28.95
N ARG V 135 17.69 71.19 -30.10
CA ARG V 135 16.76 72.14 -30.70
C ARG V 135 15.47 72.27 -29.91
N ILE V 136 14.95 71.16 -29.37
CA ILE V 136 13.74 71.23 -28.57
C ILE V 136 13.97 72.03 -27.30
N LEU V 137 15.10 71.79 -26.62
CA LEU V 137 15.42 72.56 -25.44
C LEU V 137 15.60 74.03 -25.79
N MET V 138 16.20 74.31 -26.95
CA MET V 138 16.40 75.68 -27.38
C MET V 138 15.07 76.40 -27.60
N GLU V 139 14.13 75.76 -28.30
CA GLU V 139 12.85 76.42 -28.56
C GLU V 139 12.02 76.52 -27.28
N HIS V 140 12.13 75.55 -26.37
CA HIS V 140 11.46 75.67 -25.09
C HIS V 140 12.01 76.84 -24.28
N ILE V 141 13.33 77.03 -24.31
CA ILE V 141 13.93 78.18 -23.66
C ILE V 141 13.41 79.47 -24.28
N HIS V 142 13.25 79.49 -25.59
CA HIS V 142 12.73 80.69 -26.24
C HIS V 142 11.30 80.98 -25.80
N LYS V 143 10.46 79.95 -25.70
CA LYS V 143 9.09 80.15 -25.23
C LYS V 143 9.08 80.65 -23.80
N LEU V 144 9.92 80.08 -22.94
CA LEU V 144 10.02 80.54 -21.56
C LEU V 144 10.47 81.98 -21.48
N LYS V 145 11.43 82.37 -22.31
CA LYS V 145 11.90 83.75 -22.31
C LYS V 145 10.80 84.70 -22.77
N ALA V 146 10.04 84.31 -23.80
CA ALA V 146 8.96 85.17 -24.28
C ALA V 146 7.90 85.35 -23.20
N ASP V 147 7.48 84.26 -22.56
CA ASP V 147 6.46 84.34 -21.52
C ASP V 147 6.96 85.16 -20.35
N LYS V 148 8.22 84.95 -19.94
CA LYS V 148 8.77 85.69 -18.81
C LYS V 148 8.88 87.17 -19.12
N ALA V 149 9.25 87.52 -20.36
CA ALA V 149 9.30 88.92 -20.74
C ALA V 149 7.93 89.57 -20.72
N ARG V 150 6.91 88.87 -21.23
CA ARG V 150 5.56 89.41 -21.19
C ARG V 150 5.10 89.64 -19.75
N LYS V 151 5.34 88.66 -18.88
CA LYS V 151 4.94 88.81 -17.48
C LYS V 151 5.72 89.93 -16.81
N LYS V 152 7.00 90.08 -17.15
CA LYS V 152 7.79 91.16 -16.57
C LYS V 152 7.26 92.53 -16.99
N LEU V 153 6.89 92.68 -18.26
CA LEU V 153 6.34 93.95 -18.71
C LEU V 153 5.02 94.26 -18.01
N LEU V 154 4.13 93.28 -17.91
CA LEU V 154 2.88 93.54 -17.19
C LEU V 154 3.14 93.86 -15.72
N ALA V 155 4.06 93.13 -15.10
CA ALA V 155 4.33 93.32 -13.67
C ALA V 155 4.89 94.71 -13.40
N ASP V 156 5.88 95.14 -14.19
CA ASP V 156 6.46 96.44 -13.90
C ASP V 156 5.56 97.59 -14.36
N GLN V 157 4.65 97.36 -15.31
CA GLN V 157 3.68 98.39 -15.64
C GLN V 157 2.68 98.57 -14.50
N ALA V 158 2.17 97.47 -13.95
CA ALA V 158 1.28 97.57 -12.80
C ALA V 158 2.00 98.15 -11.60
N GLU V 159 3.29 97.81 -11.43
CA GLU V 159 4.07 98.37 -10.35
C GLU V 159 4.28 99.87 -10.52
N ALA V 160 4.45 100.32 -11.77
CA ALA V 160 4.54 101.75 -12.02
C ALA V 160 3.25 102.45 -11.63
N ARG V 161 2.10 101.85 -11.97
CA ARG V 161 0.83 102.45 -11.56
C ARG V 161 0.69 102.50 -10.03
N ARG V 162 1.08 101.41 -9.35
CA ARG V 162 1.02 101.40 -7.90
C ARG V 162 1.94 102.45 -7.29
N SER V 163 3.16 102.59 -7.84
CA SER V 163 4.10 103.57 -7.32
C SER V 163 3.60 104.99 -7.55
N LYS V 164 2.97 105.25 -8.69
CA LYS V 164 2.32 106.54 -8.89
C LYS V 164 1.28 106.82 -7.83
N THR V 165 0.40 105.85 -7.56
CA THR V 165 -0.66 106.07 -6.59
C THR V 165 -0.09 106.29 -5.19
N LYS V 166 0.92 105.50 -4.81
CA LYS V 166 1.50 105.65 -3.48
C LYS V 166 2.24 106.98 -3.35
N GLU V 167 2.95 107.40 -4.39
CA GLU V 167 3.61 108.69 -4.36
C GLU V 167 2.61 109.83 -4.24
N ALA V 168 1.51 109.76 -4.98
CA ALA V 168 0.49 110.79 -4.87
C ALA V 168 -0.15 110.81 -3.50
N ARG V 169 -0.43 109.62 -2.94
CA ARG V 169 -1.04 109.54 -1.63
C ARG V 169 -0.13 110.10 -0.56
N LYS V 170 1.13 109.63 -0.51
CA LYS V 170 2.04 110.03 0.57
C LYS V 170 2.42 111.50 0.54
N ARG V 171 1.87 112.29 -0.38
CA ARG V 171 2.05 113.72 -0.34
C ARG V 171 0.75 114.52 -0.38
N ARG V 172 -0.37 113.91 -0.78
CA ARG V 172 -1.63 114.64 -0.73
C ARG V 172 -1.99 115.01 0.70
N GLU V 173 -1.84 114.10 1.65
CA GLU V 173 -2.10 114.49 3.02
C GLU V 173 -1.01 115.39 3.60
N GLU V 174 0.22 115.36 3.09
CA GLU V 174 1.21 116.25 3.71
C GLU V 174 0.96 117.69 3.31
N ARG V 175 0.64 117.96 2.03
CA ARG V 175 0.31 119.37 1.76
C ARG V 175 -1.09 119.72 2.26
N LEU V 176 -2.00 118.74 2.40
CA LEU V 176 -3.27 119.03 3.03
C LEU V 176 -3.07 119.47 4.47
N GLN V 177 -2.24 118.75 5.23
CA GLN V 177 -2.01 119.10 6.63
C GLN V 177 -1.17 120.35 6.76
N ALA V 178 -0.31 120.64 5.78
CA ALA V 178 0.35 121.94 5.75
C ALA V 178 -0.68 123.06 5.60
N LYS V 179 -1.72 122.82 4.79
CA LYS V 179 -2.83 123.75 4.73
C LYS V 179 -3.62 123.80 6.03
N LYS V 180 -3.66 122.67 6.76
CA LYS V 180 -4.46 122.61 7.98
C LYS V 180 -3.78 123.36 9.13
N GLU V 181 -2.59 122.91 9.52
CA GLU V 181 -1.97 123.36 10.76
C GLU V 181 -1.22 124.68 10.61
N GLU V 182 -1.44 125.42 9.51
CA GLU V 182 -0.78 126.71 9.35
C GLU V 182 -1.35 127.78 10.26
N ILE V 183 -2.55 127.58 10.81
CA ILE V 183 -3.14 128.53 11.75
C ILE V 183 -2.67 128.27 13.17
N ILE V 184 -2.57 127.00 13.56
CA ILE V 184 -2.22 126.65 14.93
C ILE V 184 -0.81 127.11 15.27
N LYS V 185 0.11 127.03 14.30
CA LYS V 185 1.49 127.42 14.54
C LYS V 185 1.64 128.91 14.81
N THR V 186 0.82 129.75 14.18
CA THR V 186 0.95 131.19 14.27
C THR V 186 -0.10 131.87 15.14
N LEU V 187 -1.16 131.15 15.51
CA LEU V 187 -2.23 131.67 16.36
C LEU V 187 -2.87 132.90 15.73
N LYS W 1 17.55 -79.39 -25.04
CA LYS W 1 17.84 -80.63 -25.71
C LYS W 1 18.06 -80.39 -27.19
N ALA W 2 19.21 -80.79 -27.71
CA ALA W 2 19.51 -80.61 -29.13
C ALA W 2 18.93 -81.78 -29.92
N SER W 3 19.33 -81.91 -31.17
CA SER W 3 18.80 -82.95 -32.04
C SER W 3 19.88 -83.37 -33.03
N GLY W 4 19.45 -84.03 -34.10
CA GLY W 4 20.31 -84.67 -35.09
C GLY W 4 19.39 -85.52 -35.94
N THR W 5 19.71 -86.80 -36.10
CA THR W 5 18.71 -87.78 -36.47
C THR W 5 18.41 -88.63 -35.24
N LEU W 6 17.17 -88.52 -34.75
CA LEU W 6 16.83 -89.12 -33.48
C LEU W 6 16.77 -90.64 -33.61
N ARG W 7 16.94 -91.31 -32.48
CA ARG W 7 16.87 -92.77 -32.42
C ARG W 7 15.96 -93.16 -31.28
N GLU W 8 15.07 -94.12 -31.54
CA GLU W 8 14.19 -94.59 -30.49
C GLU W 8 14.95 -95.45 -29.49
N TYR W 9 14.61 -95.30 -28.21
CA TYR W 9 15.24 -96.05 -27.14
C TYR W 9 14.17 -96.65 -26.25
N LYS W 10 14.37 -97.89 -25.85
CA LYS W 10 13.51 -98.55 -24.87
C LYS W 10 14.22 -98.46 -23.54
N VAL W 11 13.87 -97.47 -22.73
CA VAL W 11 14.51 -97.24 -21.44
C VAL W 11 13.62 -97.82 -20.36
N VAL W 12 14.16 -98.75 -19.59
CA VAL W 12 13.43 -99.40 -18.50
C VAL W 12 14.17 -99.10 -17.21
N GLY W 13 13.43 -98.64 -16.20
CA GLY W 13 14.02 -98.31 -14.92
C GLY W 13 13.11 -98.72 -13.78
N ARG W 14 13.64 -98.58 -12.57
CA ARG W 14 12.88 -98.88 -11.36
C ARG W 14 13.56 -98.19 -10.19
N CYS W 15 12.85 -98.12 -9.07
CA CYS W 15 13.43 -97.59 -7.86
C CYS W 15 14.47 -98.54 -7.28
N LEU W 16 15.31 -98.00 -6.41
CA LEU W 16 16.19 -98.85 -5.63
C LEU W 16 15.38 -99.63 -4.60
N PRO W 17 15.69 -100.91 -4.40
CA PRO W 17 14.94 -101.69 -3.40
C PRO W 17 15.09 -101.10 -2.01
N THR W 18 14.00 -101.12 -1.27
CA THR W 18 13.88 -100.53 0.05
C THR W 18 13.25 -101.54 1.00
N PRO W 19 13.46 -101.37 2.32
CA PRO W 19 12.78 -102.27 3.27
C PRO W 19 11.33 -101.90 3.49
N LYS W 20 10.64 -101.56 2.40
CA LYS W 20 9.21 -101.31 2.30
C LYS W 20 8.60 -102.09 1.17
N CYS W 21 9.33 -102.25 0.06
CA CYS W 21 8.99 -103.20 -1.00
C CYS W 21 10.31 -103.62 -1.63
N HIS W 22 10.65 -104.90 -1.48
CA HIS W 22 11.95 -105.37 -1.94
C HIS W 22 12.03 -105.50 -3.45
N THR W 23 10.89 -105.52 -4.14
CA THR W 23 10.85 -105.61 -5.60
C THR W 23 9.98 -104.46 -6.11
N PRO W 24 10.54 -103.27 -6.25
CA PRO W 24 9.77 -102.15 -6.76
C PRO W 24 9.38 -102.39 -8.23
N PRO W 25 8.26 -101.84 -8.66
CA PRO W 25 7.80 -102.11 -10.03
C PRO W 25 8.72 -101.50 -11.07
N LEU W 26 8.76 -102.14 -12.23
CA LEU W 26 9.55 -101.68 -13.36
C LEU W 26 8.68 -100.88 -14.31
N TYR W 27 9.24 -99.80 -14.83
CA TYR W 27 8.54 -98.94 -15.77
C TYR W 27 9.36 -98.77 -17.03
N ARG W 28 8.69 -98.70 -18.17
CA ARG W 28 9.32 -98.70 -19.47
C ARG W 28 8.81 -97.50 -20.27
N MET W 29 9.71 -96.83 -20.97
CA MET W 29 9.34 -95.68 -21.77
C MET W 29 10.06 -95.75 -23.12
N ARG W 30 9.41 -95.19 -24.14
CA ARG W 30 10.02 -95.01 -25.44
C ARG W 30 10.50 -93.56 -25.54
N ILE W 31 11.81 -93.39 -25.69
CA ILE W 31 12.44 -92.07 -25.70
C ILE W 31 13.08 -91.86 -27.05
N PHE W 32 12.85 -90.68 -27.63
CA PHE W 32 13.43 -90.30 -28.90
C PHE W 32 14.49 -89.25 -28.63
N ALA W 33 15.76 -89.66 -28.72
CA ALA W 33 16.88 -88.84 -28.34
C ALA W 33 18.00 -89.02 -29.36
N PRO W 34 18.92 -88.05 -29.47
CA PRO W 34 20.09 -88.27 -30.34
C PRO W 34 20.95 -89.44 -29.92
N ASN W 35 21.07 -89.71 -28.63
CA ASN W 35 21.91 -90.80 -28.15
C ASN W 35 21.33 -91.31 -26.83
N HIS W 36 21.98 -92.35 -26.30
CA HIS W 36 21.42 -93.05 -25.16
C HIS W 36 21.59 -92.28 -23.84
N VAL W 37 22.60 -91.42 -23.75
CA VAL W 37 22.78 -90.64 -22.53
C VAL W 37 21.62 -89.66 -22.36
N VAL W 38 21.31 -88.92 -23.43
CA VAL W 38 20.16 -88.03 -23.41
C VAL W 38 18.88 -88.83 -23.24
N ALA W 39 18.84 -90.05 -23.77
CA ALA W 39 17.66 -90.89 -23.58
C ALA W 39 17.45 -91.21 -22.11
N LYS W 40 18.53 -91.55 -21.40
CA LYS W 40 18.41 -91.82 -19.97
C LYS W 40 17.98 -90.57 -19.21
N SER W 41 18.55 -89.42 -19.55
CA SER W 41 18.17 -88.18 -18.87
C SER W 41 16.69 -87.85 -19.09
N ARG W 42 16.21 -88.00 -20.33
CA ARG W 42 14.80 -87.74 -20.61
C ARG W 42 13.91 -88.74 -19.91
N PHE W 43 14.35 -90.00 -19.81
CA PHE W 43 13.59 -90.99 -19.06
C PHE W 43 13.41 -90.55 -17.61
N TRP W 44 14.50 -90.12 -16.99
CA TRP W 44 14.42 -89.69 -15.59
C TRP W 44 13.52 -88.47 -15.46
N TYR W 45 13.60 -87.54 -16.41
CA TYR W 45 12.76 -86.35 -16.37
C TYR W 45 11.28 -86.71 -16.45
N PHE W 46 10.94 -87.59 -17.40
CA PHE W 46 9.53 -87.95 -17.58
C PHE W 46 9.00 -88.75 -16.41
N VAL W 47 9.78 -89.70 -15.89
CA VAL W 47 9.29 -90.47 -14.75
C VAL W 47 9.26 -89.61 -13.49
N SER W 48 10.08 -88.58 -13.39
CA SER W 48 9.97 -87.66 -12.27
C SER W 48 8.69 -86.85 -12.38
N GLN W 49 8.25 -86.51 -13.59
CA GLN W 49 6.92 -85.94 -13.73
C GLN W 49 5.83 -86.93 -13.34
N LEU W 50 5.94 -88.17 -13.84
CA LEU W 50 4.85 -89.13 -13.65
C LEU W 50 4.88 -89.75 -12.26
N LYS W 51 5.95 -90.47 -11.95
CA LYS W 51 6.08 -91.12 -10.66
C LYS W 51 6.89 -90.24 -9.72
N LYS W 52 7.06 -90.72 -8.49
CA LYS W 52 7.90 -90.02 -7.52
C LYS W 52 9.29 -90.65 -7.47
N MET W 53 9.97 -90.58 -8.61
CA MET W 53 11.27 -91.21 -8.79
C MET W 53 12.31 -90.17 -9.18
N LYS W 54 13.53 -90.40 -8.71
CA LYS W 54 14.66 -89.56 -9.04
C LYS W 54 15.79 -90.43 -9.55
N LYS W 55 16.74 -89.81 -10.25
CA LYS W 55 17.89 -90.55 -10.72
C LYS W 55 18.68 -91.14 -9.57
N SER W 56 18.75 -90.43 -8.44
CA SER W 56 19.48 -90.93 -7.28
C SER W 56 18.73 -92.04 -6.57
N SER W 57 17.41 -91.92 -6.46
CA SER W 57 16.61 -92.90 -5.73
C SER W 57 16.32 -94.16 -6.52
N GLY W 58 16.53 -94.15 -7.83
CA GLY W 58 16.25 -95.32 -8.63
C GLY W 58 17.42 -95.71 -9.50
N GLU W 59 17.20 -96.67 -10.41
CA GLU W 59 18.25 -97.12 -11.32
C GLU W 59 17.61 -97.49 -12.65
N ILE W 60 18.41 -97.44 -13.70
CA ILE W 60 17.97 -97.81 -15.03
C ILE W 60 18.48 -99.23 -15.31
N VAL W 61 17.54 -100.14 -15.58
CA VAL W 61 17.90 -101.54 -15.76
C VAL W 61 18.11 -101.92 -17.21
N TYR W 62 17.57 -101.14 -18.15
CA TYR W 62 17.78 -101.42 -19.57
C TYR W 62 17.62 -100.14 -20.37
N CYS W 63 18.53 -99.94 -21.32
CA CYS W 63 18.45 -98.81 -22.23
C CYS W 63 19.02 -99.29 -23.57
N GLY W 64 18.14 -99.76 -24.44
CA GLY W 64 18.55 -100.27 -25.72
C GLY W 64 17.80 -99.59 -26.85
N GLN W 65 18.46 -99.51 -28.00
CA GLN W 65 17.86 -98.87 -29.16
C GLN W 65 16.79 -99.77 -29.75
N VAL W 66 15.68 -99.16 -30.18
CA VAL W 66 14.57 -99.87 -30.79
C VAL W 66 14.72 -99.70 -32.30
N PHE W 67 15.25 -100.71 -32.96
CA PHE W 67 15.37 -100.67 -34.41
C PHE W 67 13.98 -100.70 -35.05
N GLU W 68 13.87 -100.05 -36.21
CA GLU W 68 12.60 -100.03 -36.92
C GLU W 68 12.29 -101.42 -37.47
N LYS W 69 11.09 -101.90 -37.19
CA LYS W 69 10.71 -103.26 -37.56
C LYS W 69 10.36 -103.41 -39.03
N SER W 70 10.27 -102.32 -39.77
CA SER W 70 10.04 -102.38 -41.20
C SER W 70 10.47 -101.08 -41.86
N PRO W 71 11.78 -100.86 -42.03
CA PRO W 71 12.26 -99.60 -42.61
C PRO W 71 12.14 -99.52 -44.11
N LEU W 72 11.46 -100.45 -44.76
CA LEU W 72 11.25 -100.40 -46.21
C LEU W 72 9.78 -100.28 -46.59
N ARG W 73 8.91 -99.98 -45.63
CA ARG W 73 7.48 -99.82 -45.89
C ARG W 73 7.07 -98.40 -45.54
N VAL W 74 6.44 -97.71 -46.49
CA VAL W 74 5.95 -96.37 -46.23
C VAL W 74 4.70 -96.47 -45.35
N LYS W 75 4.67 -95.70 -44.28
CA LYS W 75 3.57 -95.80 -43.34
C LYS W 75 3.31 -94.42 -42.74
N ASN W 76 2.09 -94.27 -42.21
CA ASN W 76 1.62 -93.02 -41.66
C ASN W 76 1.83 -93.02 -40.15
N PHE W 77 2.43 -91.96 -39.64
CA PHE W 77 2.68 -91.83 -38.22
C PHE W 77 1.84 -90.68 -37.66
N GLY W 78 1.03 -90.97 -36.65
CA GLY W 78 0.32 -89.95 -35.91
C GLY W 78 1.01 -89.72 -34.58
N ILE W 79 1.38 -88.47 -34.34
CA ILE W 79 2.15 -88.10 -33.16
C ILE W 79 1.31 -87.18 -32.30
N TRP W 80 0.96 -87.64 -31.10
CA TRP W 80 0.36 -86.80 -30.08
C TRP W 80 1.46 -86.20 -29.23
N LEU W 81 1.34 -84.90 -28.96
CA LEU W 81 2.39 -84.22 -28.21
C LEU W 81 1.80 -83.01 -27.51
N ARG W 82 2.57 -82.49 -26.57
CA ARG W 82 2.28 -81.21 -25.95
C ARG W 82 3.55 -80.38 -25.94
N TYR W 83 3.40 -79.07 -26.02
CA TYR W 83 4.55 -78.18 -26.05
C TYR W 83 4.15 -76.86 -25.44
N ASP W 84 5.15 -76.09 -25.03
CA ASP W 84 4.95 -74.78 -24.44
C ASP W 84 5.14 -73.71 -25.50
N SER W 85 4.12 -72.90 -25.72
CA SER W 85 4.24 -71.76 -26.62
C SER W 85 4.74 -70.56 -25.82
N ARG W 86 4.69 -69.37 -26.43
CA ARG W 86 5.06 -68.18 -25.67
C ARG W 86 3.98 -67.75 -24.69
N SER W 87 2.78 -68.34 -24.77
CA SER W 87 1.68 -67.89 -23.93
C SER W 87 0.88 -69.07 -23.37
N GLY W 88 1.48 -70.24 -23.26
CA GLY W 88 0.80 -71.35 -22.64
C GLY W 88 1.26 -72.67 -23.26
N THR W 89 0.59 -73.73 -22.82
CA THR W 89 0.87 -75.09 -23.26
C THR W 89 -0.31 -75.60 -24.08
N HIS W 90 -0.03 -76.35 -25.15
CA HIS W 90 -1.04 -76.85 -26.04
C HIS W 90 -0.77 -78.30 -26.36
N ASN W 91 -1.84 -79.04 -26.64
CA ASN W 91 -1.73 -80.43 -27.07
C ASN W 91 -2.03 -80.50 -28.56
N MET W 92 -1.12 -81.10 -29.32
CA MET W 92 -1.26 -81.20 -30.76
C MET W 92 -1.15 -82.64 -31.23
N TYR W 93 -1.84 -82.92 -32.33
CA TYR W 93 -1.74 -84.19 -33.04
C TYR W 93 -1.29 -83.91 -34.46
N ARG W 94 -0.16 -84.47 -34.85
CA ARG W 94 0.45 -84.21 -36.14
C ARG W 94 0.69 -85.52 -36.86
N GLU W 95 0.68 -85.47 -38.19
CA GLU W 95 0.83 -86.66 -39.01
C GLU W 95 2.00 -86.49 -39.97
N TYR W 96 2.71 -87.59 -40.23
CA TYR W 96 3.86 -87.58 -41.11
C TYR W 96 3.96 -88.92 -41.84
N ARG W 97 4.70 -88.91 -42.94
CA ARG W 97 4.95 -90.12 -43.73
C ARG W 97 6.45 -90.38 -43.74
N ASP W 98 6.85 -91.54 -43.23
CA ASP W 98 8.26 -91.87 -43.21
C ASP W 98 8.42 -93.38 -43.09
N LEU W 99 9.62 -93.86 -43.40
CA LEU W 99 9.90 -95.28 -43.31
C LEU W 99 10.11 -95.72 -41.87
N THR W 100 10.77 -94.89 -41.07
CA THR W 100 11.09 -95.25 -39.70
C THR W 100 10.32 -94.35 -38.73
N THR W 101 10.07 -94.90 -37.53
CA THR W 101 9.39 -94.12 -36.50
C THR W 101 10.23 -92.93 -36.05
N ALA W 102 11.53 -93.17 -35.83
CA ALA W 102 12.41 -92.09 -35.40
C ALA W 102 12.56 -91.03 -36.49
N GLY W 103 12.48 -91.42 -37.75
CA GLY W 103 12.46 -90.44 -38.82
C GLY W 103 11.24 -89.54 -38.75
N ALA W 104 10.08 -90.13 -38.47
CA ALA W 104 8.87 -89.33 -38.30
C ALA W 104 8.98 -88.40 -37.11
N VAL W 105 9.56 -88.88 -36.01
CA VAL W 105 9.73 -88.04 -34.83
C VAL W 105 10.67 -86.88 -35.12
N THR W 106 11.77 -87.14 -35.84
CA THR W 106 12.67 -86.07 -36.22
C THR W 106 11.99 -85.07 -37.13
N GLN W 107 11.20 -85.56 -38.10
CA GLN W 107 10.36 -84.69 -38.91
C GLN W 107 9.48 -83.82 -38.04
N CYS W 108 8.89 -84.41 -36.99
CA CYS W 108 8.02 -83.67 -36.12
C CYS W 108 8.76 -82.57 -35.38
N TYR W 109 9.96 -82.86 -34.90
CA TYR W 109 10.74 -81.85 -34.19
C TYR W 109 11.10 -80.70 -35.11
N ARG W 110 11.56 -81.02 -36.33
CA ARG W 110 11.90 -79.97 -37.29
C ARG W 110 10.66 -79.16 -37.67
N ASP W 111 9.53 -79.83 -37.82
CA ASP W 111 8.31 -79.17 -38.27
C ASP W 111 7.78 -78.25 -37.18
N MET W 112 7.81 -78.70 -35.92
CA MET W 112 7.41 -77.83 -34.83
C MET W 112 8.34 -76.63 -34.70
N GLY W 113 9.66 -76.85 -34.83
CA GLY W 113 10.57 -75.73 -34.81
C GLY W 113 10.35 -74.75 -35.95
N ALA W 114 9.95 -75.27 -37.11
CA ALA W 114 9.74 -74.42 -38.27
C ALA W 114 8.46 -73.62 -38.17
N ARG W 115 7.38 -74.26 -37.74
CA ARG W 115 6.07 -73.62 -37.79
C ARG W 115 5.71 -72.87 -36.54
N HIS W 116 6.08 -73.38 -35.36
CA HIS W 116 5.68 -72.76 -34.11
C HIS W 116 6.85 -72.21 -33.32
N ARG W 117 8.06 -72.24 -33.89
CA ARG W 117 9.28 -71.80 -33.23
C ARG W 117 9.50 -72.52 -31.91
N ALA W 118 9.08 -73.78 -31.84
CA ALA W 118 9.09 -74.54 -30.61
C ALA W 118 10.42 -75.27 -30.48
N ARG W 119 11.23 -74.86 -29.51
CA ARG W 119 12.50 -75.52 -29.27
C ARG W 119 12.26 -76.90 -28.66
N ALA W 120 13.25 -77.78 -28.82
CA ALA W 120 13.06 -79.18 -28.47
C ALA W 120 12.89 -79.40 -26.98
N HIS W 121 13.31 -78.47 -26.13
CA HIS W 121 13.07 -78.62 -24.70
C HIS W 121 11.63 -78.33 -24.33
N SER W 122 10.87 -77.67 -25.20
CA SER W 122 9.47 -77.41 -24.94
C SER W 122 8.57 -78.57 -25.33
N ILE W 123 8.99 -79.38 -26.29
CA ILE W 123 8.13 -80.41 -26.88
C ILE W 123 8.17 -81.65 -26.00
N GLN W 124 6.99 -82.17 -25.66
CA GLN W 124 6.84 -83.39 -24.88
C GLN W 124 6.02 -84.36 -25.71
N ILE W 125 6.70 -85.21 -26.49
CA ILE W 125 5.99 -86.20 -27.27
C ILE W 125 5.40 -87.25 -26.36
N MET W 126 4.10 -87.48 -26.48
CA MET W 126 3.39 -88.37 -25.59
C MET W 126 2.85 -89.62 -26.27
N LYS W 127 2.81 -89.67 -27.59
CA LYS W 127 2.36 -90.87 -28.28
C LYS W 127 2.74 -90.84 -29.76
N VAL W 128 3.47 -91.84 -30.21
CA VAL W 128 3.75 -92.02 -31.63
C VAL W 128 3.15 -93.36 -32.04
N GLU W 129 2.23 -93.31 -32.98
CA GLU W 129 1.53 -94.52 -33.42
C GLU W 129 1.47 -94.57 -34.93
N GLU W 130 1.77 -95.73 -35.50
CA GLU W 130 1.55 -95.96 -36.91
C GLU W 130 0.06 -96.10 -37.14
N ILE W 131 -0.49 -95.25 -38.00
CA ILE W 131 -1.92 -95.22 -38.27
C ILE W 131 -2.15 -95.61 -39.72
N ALA W 132 -3.35 -96.14 -39.98
CA ALA W 132 -3.69 -96.54 -41.33
C ALA W 132 -3.95 -95.31 -42.20
N ALA W 133 -3.93 -95.53 -43.52
CA ALA W 133 -4.22 -94.45 -44.44
C ALA W 133 -5.66 -93.99 -44.36
N SER W 134 -6.57 -94.87 -43.93
CA SER W 134 -7.97 -94.49 -43.81
C SER W 134 -8.28 -93.71 -42.54
N LYS W 135 -7.36 -93.71 -41.57
CA LYS W 135 -7.57 -93.01 -40.31
C LYS W 135 -6.83 -91.68 -40.25
N CYS W 136 -6.22 -91.27 -41.35
CA CYS W 136 -5.51 -90.00 -41.38
C CYS W 136 -6.49 -88.83 -41.38
N ARG W 137 -6.03 -87.70 -40.86
CA ARG W 137 -6.82 -86.47 -40.85
C ARG W 137 -6.16 -85.32 -41.58
N ARG W 138 -4.84 -85.31 -41.72
CA ARG W 138 -4.14 -84.17 -42.29
C ARG W 138 -4.17 -84.25 -43.80
N PRO W 139 -4.68 -83.24 -44.51
CA PRO W 139 -4.79 -83.34 -45.97
C PRO W 139 -3.45 -83.47 -46.66
N ALA W 140 -2.39 -82.85 -46.12
CA ALA W 140 -1.08 -82.94 -46.75
C ALA W 140 -0.51 -84.35 -46.71
N VAL W 141 -1.09 -85.23 -45.91
CA VAL W 141 -0.63 -86.60 -45.79
C VAL W 141 -1.58 -87.49 -46.58
N LYS W 142 -2.84 -87.07 -46.70
CA LYS W 142 -3.83 -87.88 -47.39
C LYS W 142 -3.65 -87.83 -48.91
N GLN W 143 -3.08 -86.74 -49.43
CA GLN W 143 -3.00 -86.60 -50.88
C GLN W 143 -2.02 -87.57 -51.53
N PHE W 144 -1.17 -88.23 -50.75
CA PHE W 144 -0.26 -89.22 -51.29
C PHE W 144 -0.87 -90.61 -51.28
N HIS W 145 -2.09 -90.76 -50.76
CA HIS W 145 -2.79 -92.05 -50.76
C HIS W 145 -3.54 -92.19 -52.07
N ASP W 146 -2.77 -92.41 -53.13
CA ASP W 146 -3.30 -92.63 -54.47
C ASP W 146 -2.52 -93.76 -55.10
N SER W 147 -3.20 -94.83 -55.49
CA SER W 147 -2.53 -95.95 -56.12
C SER W 147 -1.96 -95.61 -57.48
N LYS W 148 -2.46 -94.54 -58.11
CA LYS W 148 -1.92 -94.08 -59.38
C LYS W 148 -1.38 -92.67 -59.24
N ILE W 149 -0.58 -92.43 -58.20
CA ILE W 149 0.03 -91.12 -58.01
C ILE W 149 0.98 -90.82 -59.17
N LYS W 150 1.02 -89.55 -59.56
CA LYS W 150 1.77 -89.13 -60.73
C LYS W 150 1.97 -87.62 -60.74
N PHE W 151 3.21 -87.16 -60.93
CA PHE W 151 3.46 -85.73 -61.04
C PHE W 151 4.81 -85.46 -61.68
N PRO W 152 4.99 -84.32 -62.34
CA PRO W 152 6.31 -83.98 -62.87
C PRO W 152 7.12 -83.20 -61.86
N LEU W 153 8.36 -82.88 -62.22
CA LEU W 153 9.17 -81.96 -61.43
C LEU W 153 9.28 -80.65 -62.19
N PRO W 154 8.42 -79.68 -61.91
CA PRO W 154 8.17 -78.58 -62.85
C PRO W 154 9.36 -77.68 -63.14
N HIS W 155 9.94 -77.08 -62.09
CA HIS W 155 10.93 -76.02 -62.24
C HIS W 155 12.19 -76.48 -61.53
N ARG W 156 13.05 -77.18 -62.26
CA ARG W 156 14.24 -77.78 -61.66
C ARG W 156 15.34 -76.73 -61.58
N VAL W 157 15.59 -76.23 -60.38
CA VAL W 157 16.61 -75.21 -60.16
C VAL W 157 17.98 -75.85 -60.23
N LEU W 158 18.88 -75.23 -60.98
CA LEU W 158 20.28 -75.67 -61.00
C LEU W 158 20.88 -75.56 -59.62
N ARG W 159 21.58 -76.62 -59.20
CA ARG W 159 22.31 -76.58 -57.95
C ARG W 159 23.82 -76.53 -58.12
N ARG W 160 24.33 -76.94 -59.28
CA ARG W 160 25.75 -76.85 -59.61
C ARG W 160 26.10 -75.45 -60.12
N GLN W 161 25.76 -74.43 -59.33
CA GLN W 161 25.88 -73.06 -59.79
C GLN W 161 27.33 -72.58 -59.86
N HIS W 162 28.23 -73.20 -59.10
CA HIS W 162 29.61 -72.76 -59.06
C HIS W 162 30.57 -73.70 -59.78
N LYS W 163 30.07 -74.81 -60.32
CA LYS W 163 30.87 -75.73 -61.12
C LYS W 163 30.16 -75.93 -62.45
N PRO W 164 30.48 -75.12 -63.46
CA PRO W 164 31.44 -74.02 -63.49
C PRO W 164 30.86 -72.72 -62.97
N ARG W 165 31.70 -71.80 -62.50
CA ARG W 165 31.21 -70.52 -62.03
C ARG W 165 30.87 -69.58 -63.18
N PHE W 166 31.65 -69.61 -64.24
CA PHE W 166 31.44 -68.77 -65.42
C PHE W 166 31.23 -69.65 -66.63
N THR W 167 30.24 -69.30 -67.45
CA THR W 167 29.88 -70.12 -68.59
C THR W 167 29.19 -69.26 -69.63
N THR W 168 29.09 -69.79 -70.85
CA THR W 168 28.37 -69.09 -71.90
C THR W 168 26.88 -69.43 -71.88
N LYS W 169 26.55 -70.72 -71.87
CA LYS W 169 25.16 -71.13 -71.96
C LYS W 169 24.43 -70.86 -70.65
N ARG W 170 23.19 -70.41 -70.77
CA ARG W 170 22.33 -70.21 -69.62
C ARG W 170 21.64 -71.53 -69.26
N PRO W 171 21.41 -71.79 -67.98
CA PRO W 171 20.86 -73.08 -67.57
C PRO W 171 19.43 -73.27 -68.03
N ASN W 172 19.06 -74.53 -68.22
CA ASN W 172 17.69 -74.92 -68.53
C ASN W 172 17.03 -75.47 -67.28
N THR W 173 15.77 -75.14 -67.08
CA THR W 173 15.02 -75.62 -65.92
C THR W 173 13.98 -76.67 -66.29
N PHE W 174 13.78 -76.94 -67.57
CA PHE W 174 12.80 -77.93 -68.02
C PHE W 174 13.49 -79.26 -68.23
N PHE W 175 12.99 -80.29 -67.56
CA PHE W 175 13.53 -81.64 -67.71
C PHE W 175 12.40 -82.66 -67.67
N THR X 1 23.85 -48.31 11.49
CA THR X 1 22.53 -47.88 11.91
C THR X 1 21.90 -48.94 12.80
N ASN X 2 22.32 -50.19 12.60
CA ASN X 2 21.92 -51.26 13.51
C ASN X 2 22.39 -50.96 14.93
N THR X 3 21.49 -51.14 15.89
CA THR X 3 21.87 -50.98 17.27
C THR X 3 22.78 -52.12 17.69
N LYS X 4 23.46 -51.93 18.82
CA LYS X 4 24.40 -52.91 19.33
C LYS X 4 23.86 -53.63 20.56
N GLY X 5 22.54 -53.76 20.66
CA GLY X 5 21.96 -54.41 21.82
C GLY X 5 22.35 -55.88 21.88
N LYS X 6 22.50 -56.38 23.11
CA LYS X 6 22.95 -57.74 23.31
C LYS X 6 21.94 -58.79 22.82
N ARG X 7 20.71 -58.39 22.54
CA ARG X 7 19.69 -59.34 22.12
C ARG X 7 18.95 -58.88 20.88
N ARG X 8 19.60 -58.06 20.06
CA ARG X 8 18.96 -57.56 18.85
C ARG X 8 18.84 -58.66 17.80
N GLY X 9 17.65 -58.80 17.23
CA GLY X 9 17.41 -59.84 16.25
C GLY X 9 17.12 -61.20 16.81
N THR X 10 17.01 -61.32 18.13
CA THR X 10 16.77 -62.60 18.79
C THR X 10 15.30 -62.82 19.09
N ARG X 11 14.41 -62.27 18.26
CA ARG X 11 12.97 -62.37 18.53
C ARG X 11 12.50 -63.81 18.45
N TYR X 12 13.00 -64.57 17.49
CA TYR X 12 12.62 -65.96 17.34
C TYR X 12 13.65 -66.94 17.87
N MET X 13 14.92 -66.55 17.90
CA MET X 13 15.96 -67.53 18.20
C MET X 13 15.98 -67.90 19.69
N PHE X 14 15.75 -66.93 20.57
CA PHE X 14 15.68 -67.21 22.00
C PHE X 14 14.28 -67.57 22.47
N SER X 15 13.27 -67.50 21.59
CA SER X 15 11.92 -67.81 21.99
C SER X 15 11.74 -69.31 22.19
N ARG X 16 10.77 -69.67 23.00
CA ARG X 16 10.46 -71.06 23.24
C ARG X 16 9.71 -71.66 22.05
N PRO X 17 9.86 -72.95 21.80
CA PRO X 17 9.09 -73.60 20.75
C PRO X 17 7.61 -73.61 21.10
N PHE X 18 6.80 -74.02 20.11
CA PHE X 18 5.35 -74.01 20.28
C PHE X 18 4.93 -75.06 21.30
N ARG X 19 4.12 -74.64 22.26
CA ARG X 19 3.59 -75.51 23.31
C ARG X 19 4.71 -76.20 24.08
N LYS X 20 5.84 -75.53 24.22
CA LYS X 20 6.94 -76.01 25.06
C LYS X 20 7.38 -74.92 26.02
N HIS X 21 6.47 -74.02 26.37
CA HIS X 21 6.74 -72.96 27.31
C HIS X 21 6.67 -73.52 28.73
N GLY X 22 6.75 -72.64 29.73
CA GLY X 22 6.54 -73.07 31.10
C GLY X 22 7.78 -73.54 31.81
N VAL X 23 7.60 -74.51 32.70
CA VAL X 23 8.69 -74.97 33.56
C VAL X 23 9.74 -75.69 32.74
N VAL X 24 10.99 -75.35 32.97
CA VAL X 24 12.09 -76.05 32.30
C VAL X 24 12.15 -77.49 32.82
N PRO X 25 12.20 -78.48 31.94
CA PRO X 25 12.32 -79.88 32.41
C PRO X 25 13.60 -80.07 33.22
N LEU X 26 13.50 -80.84 34.29
CA LEU X 26 14.60 -80.95 35.24
C LEU X 26 15.77 -81.79 34.73
N ALA X 27 15.53 -82.73 33.82
CA ALA X 27 16.61 -83.61 33.38
C ALA X 27 17.74 -82.85 32.71
N THR X 28 17.48 -81.62 32.26
CA THR X 28 18.56 -80.76 31.78
C THR X 28 19.47 -80.30 32.91
N TYR X 29 19.05 -80.47 34.16
CA TYR X 29 19.91 -80.10 35.28
C TYR X 29 20.71 -81.27 35.84
N MET X 30 20.22 -82.50 35.75
CA MET X 30 20.99 -83.63 36.23
C MET X 30 21.96 -84.19 35.19
N ARG X 31 22.20 -83.46 34.11
CA ARG X 31 23.29 -83.83 33.21
C ARG X 31 24.63 -83.57 33.89
N ILE X 32 25.61 -84.42 33.58
CA ILE X 32 26.95 -84.30 34.14
C ILE X 32 27.88 -83.80 33.05
N TYR X 33 28.50 -82.65 33.29
CA TYR X 33 29.42 -82.03 32.34
C TYR X 33 30.81 -82.02 32.95
N LYS X 34 31.66 -82.93 32.51
CA LYS X 34 33.06 -82.94 32.91
C LYS X 34 33.81 -81.87 32.11
N LYS X 35 35.09 -81.71 32.39
CA LYS X 35 35.91 -80.88 31.54
C LYS X 35 36.35 -81.68 30.31
N GLY X 36 36.50 -80.98 29.19
CA GLY X 36 36.99 -81.61 28.00
C GLY X 36 35.95 -82.32 27.17
N ASP X 37 34.68 -82.29 27.55
CA ASP X 37 33.65 -82.87 26.71
C ASP X 37 33.03 -81.81 25.82
N ILE X 38 32.23 -82.26 24.86
CA ILE X 38 31.72 -81.42 23.78
C ILE X 38 30.25 -81.13 24.04
N VAL X 39 29.87 -79.85 23.98
CA VAL X 39 28.51 -79.43 24.24
C VAL X 39 28.05 -78.53 23.10
N ASP X 40 26.73 -78.45 22.94
CA ASP X 40 26.09 -77.60 21.95
C ASP X 40 25.32 -76.50 22.67
N ILE X 41 25.58 -75.26 22.30
CA ILE X 41 24.98 -74.11 22.96
C ILE X 41 23.64 -73.79 22.32
N LYS X 42 22.59 -73.71 23.14
CA LYS X 42 21.26 -73.39 22.65
C LYS X 42 20.79 -72.01 23.09
N GLY X 43 20.73 -71.75 24.39
CA GLY X 43 20.25 -70.45 24.82
C GLY X 43 18.75 -70.27 24.81
N MET X 44 18.02 -71.01 25.64
CA MET X 44 16.59 -70.78 25.76
C MET X 44 16.32 -69.46 26.46
N GLY X 45 15.12 -68.92 26.22
CA GLY X 45 14.74 -67.65 26.80
C GLY X 45 14.05 -67.72 28.14
N THR X 46 13.71 -68.91 28.62
CA THR X 46 13.05 -69.03 29.92
C THR X 46 13.97 -68.57 31.04
N VAL X 47 15.25 -68.92 30.98
CA VAL X 47 16.22 -68.55 31.99
C VAL X 47 17.06 -67.43 31.42
N GLN X 48 16.91 -66.22 31.96
CA GLN X 48 17.65 -65.07 31.47
C GLN X 48 19.04 -64.94 32.06
N LYS X 49 19.37 -65.73 33.07
CA LYS X 49 20.70 -65.67 33.68
C LYS X 49 21.64 -66.60 32.95
N GLY X 50 22.88 -66.14 32.76
CA GLY X 50 23.88 -66.97 32.13
C GLY X 50 23.63 -67.29 30.68
N MET X 51 22.86 -66.46 29.99
CA MET X 51 22.60 -66.72 28.58
C MET X 51 23.84 -66.38 27.75
N PRO X 52 24.13 -67.16 26.71
CA PRO X 52 25.20 -66.80 25.78
C PRO X 52 24.77 -65.66 24.88
N HIS X 53 25.74 -65.09 24.18
CA HIS X 53 25.41 -64.11 23.18
C HIS X 53 24.84 -64.80 21.94
N LYS X 54 24.16 -64.02 21.11
CA LYS X 54 23.48 -64.58 19.94
C LYS X 54 24.46 -65.17 18.94
N CYS X 55 25.74 -64.81 19.01
CA CYS X 55 26.73 -65.36 18.11
C CYS X 55 27.19 -66.75 18.51
N TYR X 56 26.81 -67.23 19.68
CA TYR X 56 27.18 -68.57 20.13
C TYR X 56 26.03 -69.57 20.09
N HIS X 57 24.81 -69.11 19.81
CA HIS X 57 23.70 -70.03 19.62
C HIS X 57 23.99 -70.91 18.42
N GLY X 58 23.86 -72.22 18.60
CA GLY X 58 24.10 -73.16 17.53
C GLY X 58 25.55 -73.54 17.32
N LYS X 59 26.48 -72.92 18.02
CA LYS X 59 27.87 -73.30 17.94
C LYS X 59 28.16 -74.45 18.90
N THR X 60 29.29 -75.11 18.67
CA THR X 60 29.68 -76.28 19.43
C THR X 60 31.07 -76.06 20.00
N GLY X 61 31.23 -76.29 21.31
CA GLY X 61 32.50 -76.05 21.94
C GLY X 61 32.89 -77.15 22.91
N ARG X 62 33.96 -76.92 23.67
CA ARG X 62 34.48 -77.90 24.60
C ARG X 62 34.55 -77.30 25.99
N VAL X 63 34.04 -78.03 26.97
CA VAL X 63 33.93 -77.52 28.34
C VAL X 63 35.30 -77.57 29.00
N TYR X 64 35.74 -76.44 29.55
CA TYR X 64 37.03 -76.36 30.21
C TYR X 64 36.94 -76.04 31.70
N ASN X 65 35.76 -75.67 32.21
CA ASN X 65 35.61 -75.28 33.59
C ASN X 65 34.18 -75.53 34.03
N VAL X 66 34.02 -76.08 35.22
CA VAL X 66 32.70 -76.41 35.77
C VAL X 66 32.52 -75.64 37.06
N THR X 67 31.40 -74.94 37.19
CA THR X 67 31.08 -74.14 38.36
C THR X 67 29.78 -74.65 38.97
N GLN X 68 29.24 -73.88 39.93
CA GLN X 68 28.07 -74.33 40.67
C GLN X 68 26.86 -74.51 39.76
N HIS X 69 26.59 -73.52 38.91
CA HIS X 69 25.43 -73.57 38.03
C HIS X 69 25.76 -73.51 36.56
N ALA X 70 26.98 -73.18 36.18
CA ALA X 70 27.34 -72.98 34.79
C ALA X 70 28.62 -73.74 34.48
N VAL X 71 29.04 -73.65 33.23
CA VAL X 71 30.29 -74.24 32.75
C VAL X 71 31.02 -73.19 31.93
N GLY X 72 32.33 -73.42 31.77
CA GLY X 72 33.15 -72.62 30.88
C GLY X 72 33.40 -73.40 29.60
N ILE X 73 33.13 -72.77 28.47
CA ILE X 73 33.19 -73.41 27.17
C ILE X 73 34.20 -72.68 26.31
N VAL X 74 35.10 -73.43 25.67
CA VAL X 74 35.99 -72.87 24.65
C VAL X 74 35.33 -73.13 23.30
N VAL X 75 34.85 -72.07 22.66
CA VAL X 75 34.10 -72.17 21.43
C VAL X 75 34.71 -71.24 20.39
N ASN X 76 34.86 -71.75 19.17
CA ASN X 76 35.48 -70.98 18.10
C ASN X 76 34.51 -69.95 17.54
N LYS X 77 34.96 -68.71 17.42
CA LYS X 77 34.20 -67.63 16.81
C LYS X 77 35.02 -67.05 15.67
N GLN X 78 34.36 -66.75 14.55
CA GLN X 78 35.04 -66.19 13.40
C GLN X 78 34.83 -64.68 13.39
N VAL X 79 35.94 -63.94 13.39
CA VAL X 79 35.91 -62.49 13.35
C VAL X 79 36.77 -62.06 12.16
N LYS X 80 36.11 -61.52 11.13
CA LYS X 80 36.76 -61.13 9.88
C LYS X 80 37.49 -62.36 9.34
N GLY X 81 38.80 -62.36 9.24
CA GLY X 81 39.52 -63.47 8.65
C GLY X 81 40.40 -64.20 9.63
N LYS X 82 39.90 -64.41 10.84
CA LYS X 82 40.67 -65.13 11.85
C LYS X 82 39.70 -65.86 12.77
N ILE X 83 40.10 -67.04 13.20
CA ILE X 83 39.31 -67.84 14.12
C ILE X 83 39.97 -67.75 15.49
N LEU X 84 39.26 -67.19 16.45
CA LEU X 84 39.77 -67.10 17.82
C LEU X 84 38.84 -67.88 18.74
N ALA X 85 39.42 -68.71 19.59
CA ALA X 85 38.66 -69.61 20.44
C ALA X 85 38.24 -68.87 21.69
N LYS X 86 37.02 -68.35 21.69
CA LYS X 86 36.51 -67.58 22.81
C LYS X 86 36.16 -68.50 23.97
N ARG X 87 36.36 -67.98 25.17
CA ARG X 87 35.94 -68.66 26.39
C ARG X 87 34.74 -67.93 26.97
N ILE X 88 33.63 -68.65 27.13
CA ILE X 88 32.38 -68.06 27.56
C ILE X 88 31.82 -68.84 28.73
N ASN X 89 31.07 -68.15 29.58
CA ASN X 89 30.39 -68.76 30.72
C ASN X 89 28.91 -68.87 30.41
N VAL X 90 28.39 -70.09 30.37
CA VAL X 90 27.01 -70.34 30.00
C VAL X 90 26.39 -71.26 31.05
N ARG X 91 25.23 -70.87 31.57
CA ARG X 91 24.53 -71.72 32.51
C ARG X 91 24.01 -72.97 31.83
N ILE X 92 23.88 -74.04 32.61
CA ILE X 92 23.64 -75.37 32.07
C ILE X 92 22.28 -75.52 31.39
N GLU X 93 21.37 -74.56 31.56
CA GLU X 93 20.11 -74.63 30.85
C GLU X 93 20.30 -74.49 29.34
N HIS X 94 21.32 -73.75 28.93
CA HIS X 94 21.51 -73.38 27.54
C HIS X 94 22.43 -74.31 26.77
N ILE X 95 22.87 -75.42 27.37
CA ILE X 95 23.77 -76.34 26.69
C ILE X 95 23.22 -77.75 26.77
N LYS X 96 23.72 -78.61 25.88
CA LYS X 96 23.43 -80.04 25.92
C LYS X 96 24.61 -80.76 25.27
N HIS X 97 24.74 -82.05 25.58
CA HIS X 97 25.85 -82.83 25.07
C HIS X 97 25.75 -83.00 23.57
N SER X 98 26.92 -83.15 22.93
CA SER X 98 26.99 -83.34 21.49
C SER X 98 27.00 -84.83 21.18
N LYS X 99 26.01 -85.28 20.40
CA LYS X 99 25.91 -86.70 20.10
C LYS X 99 26.93 -87.16 19.07
N SER X 100 27.53 -86.24 18.33
CA SER X 100 28.59 -86.61 17.40
C SER X 100 29.79 -87.18 18.14
N ARG X 101 30.17 -86.53 19.25
CA ARG X 101 31.24 -87.07 20.09
C ARG X 101 30.90 -88.45 20.61
N ASP X 102 29.67 -88.64 21.09
CA ASP X 102 29.29 -89.94 21.65
C ASP X 102 29.31 -91.03 20.59
N SER X 103 28.85 -90.70 19.39
CA SER X 103 28.92 -91.66 18.29
C SER X 103 30.37 -92.01 17.96
N PHE X 104 31.25 -91.00 17.96
CA PHE X 104 32.65 -91.29 17.68
C PHE X 104 33.27 -92.19 18.76
N LEU X 105 32.97 -91.92 20.03
CA LEU X 105 33.54 -92.73 21.09
C LEU X 105 33.01 -94.16 21.05
N LYS X 106 31.72 -94.34 20.74
CA LYS X 106 31.24 -95.71 20.65
C LYS X 106 31.83 -96.42 19.44
N ARG X 107 32.08 -95.69 18.36
CA ARG X 107 32.78 -96.28 17.23
C ARG X 107 34.20 -96.70 17.61
N VAL X 108 34.87 -95.89 18.44
CA VAL X 108 36.20 -96.25 18.91
C VAL X 108 36.16 -97.50 19.77
N LYS X 109 35.17 -97.60 20.67
CA LYS X 109 35.04 -98.79 21.50
C LYS X 109 34.81 -100.02 20.65
N GLU X 110 33.92 -99.91 19.66
CA GLU X 110 33.69 -101.03 18.75
C GLU X 110 34.95 -101.38 17.97
N ASN X 111 35.71 -100.38 17.53
CA ASN X 111 36.92 -100.64 16.77
C ASN X 111 37.95 -101.38 17.61
N ASP X 112 38.11 -100.98 18.87
CA ASP X 112 39.07 -101.64 19.74
C ASP X 112 38.63 -103.08 20.05
N GLN X 113 37.34 -103.28 20.29
CA GLN X 113 36.84 -104.64 20.49
C GLN X 113 37.04 -105.49 19.25
N LYS X 114 36.80 -104.92 18.06
CA LYS X 114 36.99 -105.63 16.82
C LYS X 114 38.45 -106.00 16.61
N LYS X 115 39.37 -105.08 16.93
CA LYS X 115 40.79 -105.39 16.82
C LYS X 115 41.18 -106.52 17.76
N LYS X 116 40.71 -106.48 19.01
CA LYS X 116 41.04 -107.53 19.96
C LYS X 116 40.51 -108.88 19.48
N GLU X 117 39.25 -108.91 19.04
CA GLU X 117 38.67 -110.17 18.57
C GLU X 117 39.37 -110.66 17.31
N ALA X 118 39.71 -109.76 16.38
CA ALA X 118 40.37 -110.16 15.15
C ALA X 118 41.77 -110.69 15.40
N LYS X 119 42.51 -110.06 16.32
CA LYS X 119 43.82 -110.59 16.68
C LYS X 119 43.68 -111.92 17.40
N GLU X 120 42.55 -112.14 18.07
CA GLU X 120 42.26 -113.48 18.60
C GLU X 120 42.08 -114.49 17.47
N LYS X 121 41.23 -114.17 16.49
CA LYS X 121 40.87 -115.12 15.45
C LYS X 121 41.70 -115.00 14.18
N GLY X 122 42.67 -114.08 14.15
CA GLY X 122 43.64 -114.07 13.07
C GLY X 122 43.20 -113.43 11.76
N THR X 123 41.93 -113.58 11.40
CA THR X 123 41.44 -113.09 10.13
C THR X 123 41.32 -111.56 10.15
N TRP X 124 41.84 -110.92 9.11
CA TRP X 124 41.81 -109.47 9.00
C TRP X 124 40.38 -108.96 8.84
N VAL X 125 40.14 -107.76 9.37
CA VAL X 125 38.84 -107.11 9.28
C VAL X 125 39.04 -105.64 8.93
N GLN X 126 38.01 -105.04 8.35
CA GLN X 126 38.05 -103.65 7.91
C GLN X 126 37.59 -102.73 9.02
N LEU X 127 38.34 -101.65 9.26
CA LEU X 127 38.01 -100.66 10.27
C LEU X 127 37.73 -99.28 9.71
N LYS X 128 38.56 -98.79 8.79
CA LYS X 128 38.32 -97.50 8.17
C LYS X 128 37.03 -97.54 7.36
N ARG X 129 36.04 -96.77 7.79
CA ARG X 129 34.76 -96.78 7.09
C ARG X 129 34.90 -96.12 5.72
N GLN X 130 34.23 -96.68 4.74
CA GLN X 130 34.40 -96.25 3.37
C GLN X 130 33.21 -95.41 2.92
N PRO X 131 33.40 -94.53 1.94
CA PRO X 131 32.27 -93.84 1.33
C PRO X 131 31.42 -94.83 0.55
N ALA X 132 30.19 -94.43 0.27
CA ALA X 132 29.21 -95.29 -0.40
C ALA X 132 29.75 -95.78 -1.73
N PRO X 133 30.07 -97.07 -1.84
CA PRO X 133 30.70 -97.57 -3.05
C PRO X 133 29.69 -97.69 -4.18
N PRO X 134 30.15 -97.72 -5.43
CA PRO X 134 29.22 -98.00 -6.53
C PRO X 134 28.58 -99.36 -6.38
N ARG X 135 27.31 -99.44 -6.76
CA ARG X 135 26.56 -100.68 -6.65
C ARG X 135 27.13 -101.74 -7.57
N GLU X 136 27.20 -102.97 -7.06
CA GLU X 136 27.68 -104.10 -7.83
C GLU X 136 26.59 -104.59 -8.79
N ALA X 137 27.00 -105.43 -9.74
CA ALA X 137 26.08 -105.93 -10.75
C ALA X 137 25.07 -106.89 -10.13
N HIS X 138 23.86 -106.86 -10.66
CA HIS X 138 22.76 -107.67 -10.13
C HIS X 138 21.76 -107.93 -11.23
N PHE X 139 20.87 -108.87 -10.96
CA PHE X 139 19.83 -109.26 -11.91
C PHE X 139 18.48 -108.76 -11.44
N VAL X 140 17.63 -108.37 -12.39
CA VAL X 140 16.30 -107.86 -12.09
C VAL X 140 15.30 -108.83 -12.70
N ARG X 141 14.60 -109.58 -11.85
CA ARG X 141 13.62 -110.55 -12.34
C ARG X 141 12.37 -109.83 -12.79
N THR X 142 11.92 -110.13 -14.00
CA THR X 142 10.65 -109.61 -14.47
C THR X 142 9.47 -110.36 -13.87
N ASN X 143 9.66 -111.64 -13.52
CA ASN X 143 8.61 -112.50 -12.95
C ASN X 143 7.39 -112.58 -13.87
N GLY X 144 7.64 -112.60 -15.18
CA GLY X 144 6.57 -112.75 -16.13
C GLY X 144 5.60 -111.60 -16.21
N LYS X 145 5.95 -110.45 -15.62
CA LYS X 145 5.13 -109.26 -15.69
C LYS X 145 5.84 -108.24 -16.55
N GLU X 146 5.18 -107.79 -17.60
CA GLU X 146 5.79 -106.81 -18.48
C GLU X 146 5.92 -105.48 -17.74
N PRO X 147 7.06 -104.81 -17.81
CA PRO X 147 7.18 -103.48 -17.20
C PRO X 147 6.17 -102.51 -17.80
N GLU X 148 5.50 -101.77 -16.93
CA GLU X 148 4.42 -100.90 -17.35
C GLU X 148 4.95 -99.77 -18.20
N LEU X 149 4.27 -99.51 -19.31
CA LEU X 149 4.65 -98.43 -20.20
C LEU X 149 4.03 -97.13 -19.69
N LEU X 150 4.76 -96.04 -19.80
CA LEU X 150 4.33 -94.75 -19.29
C LEU X 150 4.38 -93.71 -20.40
N GLU X 151 3.28 -92.98 -20.58
CA GLU X 151 3.29 -91.83 -21.47
C GLU X 151 3.18 -90.56 -20.64
N PRO X 152 3.74 -89.45 -21.10
CA PRO X 152 3.39 -88.16 -20.49
C PRO X 152 1.93 -87.85 -20.70
N ILE X 153 1.33 -87.18 -19.72
CA ILE X 153 -0.11 -86.91 -19.71
C ILE X 153 -0.43 -85.72 -20.61
N PRO X 154 -1.64 -85.64 -21.15
CA PRO X 154 -2.03 -84.44 -21.91
C PRO X 154 -2.13 -83.24 -20.99
N TYR X 155 -1.99 -82.06 -21.58
CA TYR X 155 -2.14 -80.83 -20.82
C TYR X 155 -3.62 -80.50 -20.66
N GLU X 156 -3.98 -80.00 -19.49
CA GLU X 156 -5.29 -79.41 -19.28
C GLU X 156 -5.18 -78.36 -18.19
N PHE X 157 -5.92 -77.26 -18.35
CA PHE X 157 -5.90 -76.19 -17.36
C PHE X 157 -6.86 -76.55 -16.24
N MET X 158 -6.34 -76.74 -15.04
CA MET X 158 -7.16 -77.19 -13.91
C MET X 158 -7.45 -76.08 -12.91
N ALA X 159 -6.57 -75.09 -12.79
CA ALA X 159 -6.72 -74.04 -11.79
C ALA X 159 -5.87 -72.84 -12.14
N GLN Y 1 55.08 79.89 -54.92
CA GLN Y 1 53.89 79.05 -55.02
C GLN Y 1 53.94 78.19 -56.28
N VAL Y 2 54.84 78.52 -57.19
CA VAL Y 2 55.02 77.77 -58.43
C VAL Y 2 55.81 76.52 -58.11
N LEU Y 3 55.28 75.36 -58.53
CA LEU Y 3 55.91 74.09 -58.19
C LEU Y 3 57.11 73.82 -59.11
N LYS Y 4 56.86 73.75 -60.42
CA LYS Y 4 57.90 73.66 -61.44
C LYS Y 4 58.76 72.41 -61.20
N PHE Y 5 58.13 71.26 -61.39
CA PHE Y 5 58.87 70.00 -61.40
C PHE Y 5 59.52 69.79 -62.76
N THR Y 6 60.24 68.69 -62.89
CA THR Y 6 60.88 68.39 -64.16
C THR Y 6 61.19 66.90 -64.25
N LEU Y 7 61.46 66.45 -65.46
CA LEU Y 7 61.86 65.09 -65.73
C LEU Y 7 63.02 65.09 -66.71
N ASP Y 8 63.92 64.14 -66.56
CA ASP Y 8 65.10 64.04 -67.39
C ASP Y 8 64.98 62.74 -68.17
N CYS Y 9 65.04 62.83 -69.50
CA CYS Y 9 65.08 61.67 -70.38
C CYS Y 9 66.21 61.87 -71.39
N THR Y 10 67.43 61.47 -71.00
CA THR Y 10 68.58 61.53 -71.88
C THR Y 10 69.01 60.15 -72.36
N HIS Y 11 69.30 59.24 -71.43
CA HIS Y 11 69.87 57.94 -71.81
C HIS Y 11 68.98 57.14 -72.76
N PRO Y 12 67.67 56.98 -72.54
CA PRO Y 12 66.87 56.27 -73.55
C PRO Y 12 66.74 57.05 -74.84
N VAL Y 13 66.71 58.38 -74.79
CA VAL Y 13 66.63 59.15 -76.02
C VAL Y 13 67.93 59.08 -76.80
N GLU Y 14 69.08 59.21 -76.12
CA GLU Y 14 70.34 59.15 -76.83
C GLU Y 14 70.69 57.74 -77.28
N ASP Y 15 70.15 56.72 -76.59
CA ASP Y 15 70.27 55.36 -77.08
C ASP Y 15 69.27 55.06 -78.19
N GLY Y 16 68.27 55.91 -78.37
CA GLY Y 16 67.37 55.82 -79.50
C GLY Y 16 66.14 54.97 -79.31
N ILE Y 17 65.95 54.35 -78.15
CA ILE Y 17 64.78 53.50 -77.96
C ILE Y 17 63.50 54.33 -77.96
N MET Y 18 63.50 55.46 -77.27
CA MET Y 18 62.33 56.33 -77.21
C MET Y 18 62.73 57.75 -77.56
N ASP Y 19 61.72 58.62 -77.67
CA ASP Y 19 61.95 60.03 -77.93
C ASP Y 19 61.03 60.86 -77.04
N ALA Y 20 61.43 62.11 -76.81
CA ALA Y 20 60.69 62.96 -75.89
C ALA Y 20 59.52 63.67 -76.56
N ALA Y 21 59.47 63.70 -77.89
CA ALA Y 21 58.33 64.31 -78.57
C ALA Y 21 57.07 63.48 -78.33
N ASN Y 22 57.17 62.16 -78.54
CA ASN Y 22 56.06 61.27 -78.22
C ASN Y 22 55.77 61.31 -76.73
N PHE Y 23 56.79 61.50 -75.90
CA PHE Y 23 56.55 61.59 -74.46
C PHE Y 23 55.67 62.77 -74.12
N GLU Y 24 56.05 63.98 -74.57
CA GLU Y 24 55.22 65.14 -74.25
C GLU Y 24 53.83 64.99 -74.85
N GLN Y 25 53.74 64.54 -76.11
CA GLN Y 25 52.43 64.36 -76.72
C GLN Y 25 51.62 63.28 -76.04
N PHE Y 26 52.26 62.43 -75.23
CA PHE Y 26 51.52 61.56 -74.33
C PHE Y 26 51.07 62.30 -73.08
N LEU Y 27 51.85 63.28 -72.61
CA LEU Y 27 51.48 63.97 -71.38
C LEU Y 27 50.16 64.73 -71.51
N GLN Y 28 50.07 65.67 -72.46
CA GLN Y 28 49.10 66.78 -72.33
C GLN Y 28 47.67 66.30 -72.12
N GLU Y 29 47.33 65.13 -72.66
CA GLU Y 29 45.98 64.61 -72.53
C GLU Y 29 45.81 63.71 -71.30
N ARG Y 30 46.84 63.59 -70.46
CA ARG Y 30 46.77 62.70 -69.31
C ARG Y 30 46.86 63.39 -67.96
N ILE Y 31 47.41 64.60 -67.87
CA ILE Y 31 47.45 65.28 -66.59
C ILE Y 31 46.03 65.68 -66.20
N LYS Y 32 45.62 65.25 -65.01
CA LYS Y 32 44.30 65.59 -64.48
C LYS Y 32 44.45 66.74 -63.51
N VAL Y 33 44.06 67.93 -63.94
CA VAL Y 33 43.91 69.07 -63.04
C VAL Y 33 42.48 69.04 -62.53
N ASN Y 34 42.32 68.81 -61.23
CA ASN Y 34 41.03 68.60 -60.60
C ASN Y 34 40.27 67.44 -61.23
N GLY Y 35 41.00 66.41 -61.65
CA GLY Y 35 40.39 65.22 -62.20
C GLY Y 35 40.02 65.27 -63.66
N LYS Y 36 40.28 66.38 -64.35
CA LYS Y 36 39.94 66.51 -65.76
C LYS Y 36 41.20 66.43 -66.60
N ALA Y 37 41.22 65.47 -67.53
CA ALA Y 37 42.35 65.32 -68.43
C ALA Y 37 42.19 66.23 -69.64
N GLY Y 38 43.28 66.43 -70.36
CA GLY Y 38 43.28 67.29 -71.52
C GLY Y 38 43.39 68.76 -71.15
N ASN Y 39 43.76 69.56 -72.14
CA ASN Y 39 43.85 71.03 -72.11
C ASN Y 39 44.68 71.57 -70.95
N LEU Y 40 45.45 70.68 -70.30
CA LEU Y 40 46.34 71.04 -69.19
C LEU Y 40 45.57 71.77 -68.08
N GLY Y 41 44.33 71.36 -67.87
CA GLY Y 41 43.49 72.06 -66.91
C GLY Y 41 43.19 73.49 -67.31
N GLY Y 42 42.89 73.73 -68.58
CA GLY Y 42 42.64 75.08 -69.03
C GLY Y 42 43.87 75.94 -69.14
N GLY Y 43 45.05 75.33 -69.29
CA GLY Y 43 46.27 76.09 -69.43
C GLY Y 43 46.90 76.55 -68.15
N VAL Y 44 46.44 76.06 -66.99
CA VAL Y 44 47.05 76.47 -65.73
C VAL Y 44 48.46 75.92 -65.61
N VAL Y 45 48.69 74.70 -66.10
CA VAL Y 45 50.00 74.06 -66.04
C VAL Y 45 50.56 73.99 -67.45
N THR Y 46 51.86 74.24 -67.57
CA THR Y 46 52.52 74.27 -68.86
C THR Y 46 53.48 73.09 -69.00
N ILE Y 47 53.93 72.88 -70.22
CA ILE Y 47 54.75 71.73 -70.58
C ILE Y 47 55.72 72.15 -71.68
N GLU Y 48 57.00 71.83 -71.52
CA GLU Y 48 57.98 72.23 -72.53
C GLU Y 48 59.20 71.32 -72.44
N ARG Y 49 60.01 71.37 -73.51
CA ARG Y 49 61.17 70.51 -73.67
C ARG Y 49 62.44 71.34 -73.83
N SER Y 50 63.57 70.71 -73.53
CA SER Y 50 64.90 71.21 -73.86
C SER Y 50 65.59 70.25 -74.82
N LYS Y 51 64.77 69.62 -75.68
CA LYS Y 51 65.14 68.67 -76.71
C LYS Y 51 65.55 67.33 -76.13
N SER Y 52 65.73 67.27 -74.81
CA SER Y 52 65.83 66.00 -74.10
C SER Y 52 65.26 66.07 -72.70
N LYS Y 53 64.62 67.17 -72.31
CA LYS Y 53 64.42 67.51 -70.90
C LYS Y 53 63.01 68.06 -70.76
N ILE Y 54 62.07 67.22 -70.34
CA ILE Y 54 60.67 67.60 -70.20
C ILE Y 54 60.43 68.10 -68.78
N THR Y 55 59.67 69.18 -68.66
CA THR Y 55 59.43 69.78 -67.35
C THR Y 55 57.99 70.26 -67.25
N VAL Y 56 57.44 70.17 -66.04
CA VAL Y 56 56.07 70.57 -65.77
C VAL Y 56 56.10 71.73 -64.78
N THR Y 57 55.30 72.76 -65.04
CA THR Y 57 55.17 73.90 -64.15
C THR Y 57 53.74 74.01 -63.67
N SER Y 58 53.57 74.26 -62.37
CA SER Y 58 52.25 74.37 -61.79
C SER Y 58 52.24 75.48 -60.75
N GLU Y 59 51.17 76.28 -60.77
CA GLU Y 59 50.87 77.22 -59.70
C GLU Y 59 49.62 76.80 -58.93
N VAL Y 60 49.24 75.54 -59.05
CA VAL Y 60 48.18 74.94 -58.24
C VAL Y 60 48.78 73.75 -57.52
N PRO Y 61 48.19 73.31 -56.40
CA PRO Y 61 48.73 72.13 -55.72
C PRO Y 61 48.74 70.91 -56.63
N PHE Y 62 49.88 70.23 -56.65
CA PHE Y 62 50.16 69.24 -57.67
C PHE Y 62 51.27 68.34 -57.16
N SER Y 63 51.35 67.13 -57.71
CA SER Y 63 52.24 66.12 -57.16
C SER Y 63 53.38 65.81 -58.12
N LYS Y 64 54.46 65.26 -57.55
CA LYS Y 64 55.59 64.75 -58.31
C LYS Y 64 55.48 63.25 -58.51
N ARG Y 65 54.94 62.55 -57.51
CA ARG Y 65 54.59 61.14 -57.69
C ARG Y 65 53.58 60.96 -58.79
N TYR Y 66 52.77 61.98 -59.09
CA TYR Y 66 51.93 61.93 -60.28
C TYR Y 66 52.77 61.85 -61.54
N LEU Y 67 53.86 62.61 -61.59
CA LEU Y 67 54.77 62.50 -62.72
C LEU Y 67 55.39 61.12 -62.80
N LYS Y 68 55.77 60.56 -61.66
CA LYS Y 68 56.33 59.21 -61.67
C LYS Y 68 55.31 58.20 -62.18
N TYR Y 69 54.06 58.35 -61.75
CA TYR Y 69 53.00 57.43 -62.16
C TYR Y 69 52.73 57.53 -63.66
N LEU Y 70 52.66 58.76 -64.19
CA LEU Y 70 52.45 58.93 -65.62
C LEU Y 70 53.63 58.40 -66.42
N THR Y 71 54.85 58.60 -65.92
CA THR Y 71 56.02 58.09 -66.62
C THR Y 71 56.03 56.57 -66.64
N LYS Y 72 55.69 55.93 -65.53
CA LYS Y 72 55.61 54.48 -65.50
C LYS Y 72 54.53 53.98 -66.44
N LYS Y 73 53.40 54.69 -66.50
CA LYS Y 73 52.33 54.33 -67.43
C LYS Y 73 52.81 54.41 -68.87
N TYR Y 74 53.54 55.48 -69.21
CA TYR Y 74 54.08 55.61 -70.55
C TYR Y 74 55.07 54.50 -70.87
N LEU Y 75 55.94 54.18 -69.91
CA LEU Y 75 56.93 53.13 -70.12
C LEU Y 75 56.27 51.77 -70.33
N LYS Y 76 55.21 51.49 -69.58
CA LYS Y 76 54.51 50.23 -69.80
C LYS Y 76 53.78 50.24 -71.13
N LYS Y 77 53.34 51.42 -71.58
CA LYS Y 77 52.68 51.49 -72.89
C LYS Y 77 53.61 51.04 -74.01
N ASN Y 78 54.88 51.42 -73.93
CA ASN Y 78 55.86 51.08 -74.96
C ASN Y 78 56.75 49.91 -74.54
N ASN Y 79 56.32 49.15 -73.53
CA ASN Y 79 57.04 47.97 -73.05
C ASN Y 79 58.45 48.31 -72.59
N LEU Y 80 58.64 49.53 -72.08
CA LEU Y 80 59.94 49.99 -71.63
C LEU Y 80 60.19 49.68 -70.16
N ARG Y 81 59.19 49.18 -69.45
CA ARG Y 81 59.31 48.94 -68.02
C ARG Y 81 60.31 47.84 -67.70
N ASP Y 82 60.59 46.95 -68.64
CA ASP Y 82 61.54 45.88 -68.42
C ASP Y 82 63.00 46.32 -68.58
N TRP Y 83 63.25 47.54 -69.03
CA TRP Y 83 64.59 48.06 -69.20
C TRP Y 83 64.85 49.33 -68.42
N LEU Y 84 63.88 50.22 -68.32
CA LEU Y 84 64.08 51.53 -67.71
C LEU Y 84 63.48 51.57 -66.31
N ARG Y 85 63.77 52.67 -65.61
CA ARG Y 85 63.43 52.79 -64.20
C ARG Y 85 63.50 54.26 -63.82
N VAL Y 86 62.40 54.83 -63.35
CA VAL Y 86 62.36 56.23 -62.99
C VAL Y 86 63.00 56.40 -61.62
N VAL Y 87 64.01 57.27 -61.54
CA VAL Y 87 64.79 57.48 -60.32
C VAL Y 87 64.84 58.97 -60.03
N ALA Y 88 64.53 59.34 -58.80
CA ALA Y 88 64.62 60.73 -58.37
C ALA Y 88 66.09 61.08 -58.18
N ASN Y 89 66.69 61.70 -59.20
CA ASN Y 89 68.08 62.15 -59.08
C ASN Y 89 68.25 63.22 -58.01
N SER Y 90 67.19 63.98 -57.74
CA SER Y 90 67.18 64.97 -56.67
C SER Y 90 65.72 65.31 -56.39
N LYS Y 91 65.51 66.26 -55.49
CA LYS Y 91 64.20 66.88 -55.40
C LYS Y 91 63.92 67.64 -56.70
N GLU Y 92 62.64 67.76 -57.03
CA GLU Y 92 62.14 68.52 -58.18
C GLU Y 92 62.42 67.83 -59.51
N SER Y 93 63.20 66.75 -59.53
CA SER Y 93 63.60 66.15 -60.80
C SER Y 93 63.48 64.63 -60.74
N TYR Y 94 63.16 64.05 -61.89
CA TYR Y 94 63.24 62.62 -62.14
C TYR Y 94 64.16 62.34 -63.31
N GLU Y 95 64.78 61.18 -63.29
CA GLU Y 95 65.66 60.71 -64.36
C GLU Y 95 65.47 59.22 -64.49
N LEU Y 96 65.08 58.75 -65.67
CA LEU Y 96 64.85 57.33 -65.89
C LEU Y 96 66.11 56.71 -66.48
N ARG Y 97 66.61 55.67 -65.82
CA ARG Y 97 67.88 55.06 -66.15
C ARG Y 97 67.72 53.55 -66.19
N TYR Y 98 68.63 52.89 -66.89
CA TYR Y 98 68.54 51.46 -67.11
C TYR Y 98 68.90 50.71 -65.83
N PHE Y 99 68.42 49.48 -65.74
CA PHE Y 99 68.83 48.59 -64.66
C PHE Y 99 70.31 48.23 -64.82
N GLN Y 100 70.95 47.90 -63.70
CA GLN Y 100 72.35 47.53 -63.68
C GLN Y 100 72.49 46.03 -63.43
N ILE Y 101 73.34 45.39 -64.21
CA ILE Y 101 73.54 43.94 -64.11
C ILE Y 101 74.40 43.60 -62.91
N SER Z 1 -15.31 -6.37 -68.01
CA SER Z 1 -15.16 -5.43 -66.91
C SER Z 1 -13.82 -4.70 -66.97
N GLY Z 2 -12.80 -5.32 -66.38
CA GLY Z 2 -11.48 -4.73 -66.37
C GLY Z 2 -10.92 -4.56 -64.97
N ALA Z 3 -9.73 -5.09 -64.74
CA ALA Z 3 -9.10 -5.06 -63.42
C ALA Z 3 -8.05 -3.97 -63.36
N LYS Z 4 -8.03 -3.24 -62.24
CA LYS Z 4 -7.11 -2.11 -62.08
C LYS Z 4 -5.66 -2.59 -62.13
N PHE Z 5 -4.84 -1.87 -62.90
CA PHE Z 5 -3.43 -2.19 -62.97
C PHE Z 5 -2.70 -1.77 -61.70
N ARG Z 6 -1.49 -2.28 -61.54
CA ARG Z 6 -0.66 -1.89 -60.41
C ARG Z 6 -0.18 -0.46 -60.57
N ILE Z 7 -0.20 0.30 -59.46
CA ILE Z 7 0.29 1.67 -59.42
C ILE Z 7 1.21 1.82 -58.23
N SER Z 8 1.99 2.91 -58.25
CA SER Z 8 2.87 3.21 -57.13
C SER Z 8 2.05 3.49 -55.88
N LEU Z 9 2.50 2.95 -54.75
CA LEU Z 9 1.65 2.90 -53.57
C LEU Z 9 1.67 4.22 -52.81
N GLY Z 10 2.83 4.60 -52.26
CA GLY Z 10 3.03 5.93 -51.74
C GLY Z 10 2.35 6.27 -50.43
N LEU Z 11 1.36 5.50 -49.98
CA LEU Z 11 0.64 5.79 -48.74
C LEU Z 11 0.66 4.59 -47.83
N PRO Z 12 1.67 4.44 -46.99
CA PRO Z 12 1.75 3.31 -46.07
C PRO Z 12 0.84 3.52 -44.87
N VAL Z 13 0.86 2.54 -43.97
CA VAL Z 13 0.11 2.65 -42.72
C VAL Z 13 0.71 3.75 -41.87
N GLY Z 14 -0.15 4.55 -41.24
CA GLY Z 14 0.28 5.68 -40.47
C GLY Z 14 0.20 6.99 -41.22
N ALA Z 15 -0.02 6.94 -42.53
CA ALA Z 15 -0.20 8.16 -43.30
C ALA Z 15 -1.55 8.76 -42.99
N VAL Z 16 -1.57 10.04 -42.66
CA VAL Z 16 -2.81 10.77 -42.47
C VAL Z 16 -3.05 11.62 -43.71
N ILE Z 17 -4.24 11.49 -44.28
CA ILE Z 17 -4.56 12.11 -45.56
C ILE Z 17 -5.82 12.95 -45.38
N ASN Z 18 -6.03 13.84 -46.33
CA ASN Z 18 -7.15 14.76 -46.23
C ASN Z 18 -8.47 14.04 -46.40
N CYS Z 19 -9.53 14.66 -45.90
CA CYS Z 19 -10.90 14.21 -46.08
C CYS Z 19 -11.52 15.04 -47.19
N ALA Z 20 -12.02 14.38 -48.22
CA ALA Z 20 -12.50 15.07 -49.41
C ALA Z 20 -14.01 15.15 -49.50
N ASP Z 21 -14.74 14.65 -48.52
CA ASP Z 21 -16.19 14.62 -48.59
C ASP Z 21 -16.79 15.66 -47.64
N ASN Z 22 -18.12 15.64 -47.52
CA ASN Z 22 -18.85 16.53 -46.62
C ASN Z 22 -19.30 15.82 -45.35
N THR Z 23 -18.56 14.78 -44.93
CA THR Z 23 -18.92 14.05 -43.73
C THR Z 23 -18.76 14.91 -42.48
N GLY Z 24 -17.80 15.83 -42.50
CA GLY Z 24 -17.44 16.61 -41.34
C GLY Z 24 -16.09 16.24 -40.76
N ALA Z 25 -15.52 15.13 -41.18
CA ALA Z 25 -14.16 14.77 -40.81
C ALA Z 25 -13.17 15.62 -41.59
N LYS Z 26 -11.99 15.82 -41.01
CA LYS Z 26 -10.98 16.65 -41.63
C LYS Z 26 -9.75 15.88 -42.11
N ASN Z 27 -9.47 14.70 -41.56
CA ASN Z 27 -8.38 13.89 -42.04
C ASN Z 27 -8.66 12.44 -41.72
N LEU Z 28 -7.91 11.55 -42.37
CA LEU Z 28 -8.07 10.11 -42.21
C LEU Z 28 -6.70 9.49 -41.97
N TYR Z 29 -6.53 8.89 -40.80
CA TYR Z 29 -5.28 8.24 -40.42
C TYR Z 29 -5.37 6.78 -40.83
N ILE Z 30 -4.59 6.39 -41.82
CA ILE Z 30 -4.67 5.05 -42.38
C ILE Z 30 -4.07 4.05 -41.39
N ILE Z 31 -4.89 3.08 -40.96
CA ILE Z 31 -4.43 2.07 -40.02
C ILE Z 31 -4.16 0.73 -40.70
N SER Z 32 -4.76 0.47 -41.85
CA SER Z 32 -4.50 -0.75 -42.61
C SER Z 32 -5.13 -0.61 -43.98
N VAL Z 33 -4.74 -1.51 -44.88
CA VAL Z 33 -5.21 -1.52 -46.26
C VAL Z 33 -5.92 -2.83 -46.52
N LYS Z 34 -7.09 -2.74 -47.16
CA LYS Z 34 -7.87 -3.93 -47.45
C LYS Z 34 -7.20 -4.75 -48.55
N GLY Z 35 -7.26 -6.07 -48.41
CA GLY Z 35 -6.74 -6.94 -49.44
C GLY Z 35 -5.24 -7.06 -49.51
N ILE Z 36 -4.53 -6.78 -48.41
CA ILE Z 36 -3.08 -6.87 -48.37
C ILE Z 36 -2.69 -8.11 -47.57
N LYS Z 37 -1.96 -9.02 -48.22
CA LYS Z 37 -1.52 -10.23 -47.54
C LYS Z 37 -0.37 -9.91 -46.60
N GLY Z 38 0.76 -9.45 -47.15
CA GLY Z 38 1.84 -9.00 -46.31
C GLY Z 38 3.22 -9.53 -46.65
N ARG Z 39 4.19 -9.14 -45.82
CA ARG Z 39 5.60 -9.48 -45.94
C ARG Z 39 6.27 -8.99 -44.66
N LEU Z 40 7.28 -9.73 -44.21
CA LEU Z 40 7.93 -9.37 -42.96
C LEU Z 40 8.51 -7.97 -43.03
N ASN Z 41 8.18 -7.15 -42.03
CA ASN Z 41 8.60 -5.77 -41.84
C ASN Z 41 8.09 -4.82 -42.91
N ARG Z 42 7.30 -5.28 -43.87
CA ARG Z 42 6.78 -4.41 -44.92
C ARG Z 42 5.49 -3.75 -44.47
N LEU Z 43 5.41 -2.44 -44.64
CA LEU Z 43 4.20 -1.70 -44.29
C LEU Z 43 3.15 -1.88 -45.38
N PRO Z 44 1.89 -2.12 -45.01
CA PRO Z 44 0.82 -2.15 -46.00
C PRO Z 44 0.55 -0.76 -46.54
N ALA Z 45 0.61 -0.61 -47.86
CA ALA Z 45 0.48 0.68 -48.50
C ALA Z 45 -0.66 0.66 -49.51
N ALA Z 46 -1.14 1.85 -49.86
CA ALA Z 46 -2.31 1.97 -50.72
C ALA Z 46 -2.15 3.10 -51.72
N GLY Z 47 -2.50 2.81 -52.97
CA GLY Z 47 -2.63 3.83 -53.99
C GLY Z 47 -4.05 4.34 -54.08
N VAL Z 48 -4.32 5.06 -55.18
CA VAL Z 48 -5.68 5.56 -55.40
C VAL Z 48 -6.59 4.40 -55.78
N GLY Z 49 -7.83 4.46 -55.34
CA GLY Z 49 -8.79 3.41 -55.58
C GLY Z 49 -8.76 2.27 -54.59
N ASP Z 50 -7.84 2.29 -53.64
CA ASP Z 50 -7.70 1.21 -52.68
C ASP Z 50 -8.60 1.45 -51.47
N MET Z 51 -9.34 0.42 -51.08
CA MET Z 51 -10.06 0.47 -49.81
C MET Z 51 -9.07 0.40 -48.67
N VAL Z 52 -9.19 1.33 -47.72
CA VAL Z 52 -8.35 1.33 -46.53
C VAL Z 52 -9.26 1.42 -45.31
N MET Z 53 -8.71 1.03 -44.18
CA MET Z 53 -9.34 1.28 -42.90
C MET Z 53 -8.65 2.47 -42.26
N ALA Z 54 -9.43 3.48 -41.90
CA ALA Z 54 -8.86 4.72 -41.41
C ALA Z 54 -9.66 5.22 -40.21
N THR Z 55 -8.97 5.94 -39.33
CA THR Z 55 -9.59 6.60 -38.20
C THR Z 55 -9.35 8.08 -38.32
N VAL Z 56 -10.40 8.88 -38.19
CA VAL Z 56 -10.26 10.31 -38.31
C VAL Z 56 -9.66 10.85 -37.01
N LYS Z 57 -8.65 11.71 -37.15
CA LYS Z 57 -7.95 12.24 -35.99
C LYS Z 57 -8.49 13.58 -35.55
N LYS Z 58 -8.93 14.42 -36.49
CA LYS Z 58 -9.61 15.66 -36.15
C LYS Z 58 -10.87 15.76 -37.01
N GLY Z 59 -11.89 16.37 -36.45
CA GLY Z 59 -13.14 16.52 -37.13
C GLY Z 59 -14.30 16.42 -36.18
N LYS Z 60 -15.45 16.06 -36.72
CA LYS Z 60 -16.68 16.03 -35.95
C LYS Z 60 -16.59 14.94 -34.88
N PRO Z 61 -16.91 15.25 -33.62
CA PRO Z 61 -16.50 14.37 -32.51
C PRO Z 61 -17.04 12.96 -32.56
N GLU Z 62 -18.24 12.74 -33.11
CA GLU Z 62 -18.83 11.41 -33.10
C GLU Z 62 -18.34 10.55 -34.26
N LEU Z 63 -17.23 10.91 -34.89
CA LEU Z 63 -16.56 10.05 -35.85
C LEU Z 63 -15.16 9.65 -35.42
N ARG Z 64 -14.61 10.28 -34.39
CA ARG Z 64 -13.19 10.17 -34.12
C ARG Z 64 -12.81 8.86 -33.43
N LYS Z 65 -13.68 8.32 -32.59
CA LYS Z 65 -13.37 7.07 -31.87
C LYS Z 65 -13.88 5.84 -32.60
N LYS Z 66 -13.63 5.72 -33.90
CA LYS Z 66 -14.11 4.56 -34.65
C LYS Z 66 -13.16 4.28 -35.80
N VAL Z 67 -13.30 3.08 -36.35
CA VAL Z 67 -12.59 2.66 -37.56
C VAL Z 67 -13.57 2.67 -38.71
N HIS Z 68 -13.18 3.29 -39.81
CA HIS Z 68 -14.06 3.39 -40.97
C HIS Z 68 -13.38 2.81 -42.21
N PRO Z 69 -14.14 2.18 -43.10
CA PRO Z 69 -13.60 1.83 -44.42
C PRO Z 69 -13.53 3.07 -45.29
N ALA Z 70 -12.40 3.25 -45.97
CA ALA Z 70 -12.16 4.46 -46.73
C ALA Z 70 -11.47 4.12 -48.04
N VAL Z 71 -11.62 5.01 -49.02
CA VAL Z 71 -11.06 4.81 -50.35
C VAL Z 71 -10.19 6.00 -50.70
N VAL Z 72 -8.96 5.75 -51.08
CA VAL Z 72 -8.02 6.80 -51.47
C VAL Z 72 -8.38 7.30 -52.86
N ILE Z 73 -8.59 8.61 -52.98
CA ILE Z 73 -9.02 9.19 -54.25
C ILE Z 73 -7.94 10.05 -54.90
N ARG Z 74 -7.04 10.64 -54.12
CA ARG Z 74 -5.93 11.42 -54.64
C ARG Z 74 -4.67 11.02 -53.89
N GLN Z 75 -3.52 11.17 -54.55
CA GLN Z 75 -2.26 10.86 -53.90
C GLN Z 75 -1.18 11.76 -54.47
N ARG Z 76 -0.14 11.99 -53.65
CA ARG Z 76 0.97 12.84 -54.04
C ARG Z 76 2.09 12.09 -54.72
N LYS Z 77 1.99 10.77 -54.83
CA LYS Z 77 3.01 9.95 -55.45
C LYS Z 77 2.68 9.76 -56.92
N SER Z 78 3.67 9.99 -57.79
CA SER Z 78 3.47 9.79 -59.21
C SER Z 78 3.24 8.32 -59.52
N TYR Z 79 2.32 8.05 -60.44
CA TYR Z 79 2.05 6.68 -60.85
C TYR Z 79 1.81 6.63 -62.35
N ARG Z 80 2.36 5.59 -62.98
CA ARG Z 80 2.21 5.42 -64.42
C ARG Z 80 0.82 4.86 -64.76
N ARG Z 81 0.24 5.38 -65.83
CA ARG Z 81 -1.13 5.06 -66.21
C ARG Z 81 -1.22 4.22 -67.47
N LYS Z 82 -0.17 3.45 -67.76
CA LYS Z 82 -0.14 2.50 -68.88
C LYS Z 82 -0.28 3.18 -70.24
N ASP Z 83 -0.37 4.51 -70.26
CA ASP Z 83 -0.28 5.27 -71.49
C ASP Z 83 0.91 6.23 -71.46
N GLY Z 84 1.89 5.94 -70.63
CA GLY Z 84 3.09 6.76 -70.52
C GLY Z 84 2.93 7.99 -69.66
N VAL Z 85 1.75 8.22 -69.10
CA VAL Z 85 1.48 9.44 -68.35
C VAL Z 85 1.78 9.16 -66.89
N PHE Z 86 2.67 9.96 -66.30
CA PHE Z 86 2.94 9.93 -64.87
C PHE Z 86 2.11 11.03 -64.24
N LEU Z 87 1.18 10.66 -63.37
CA LEU Z 87 0.24 11.58 -62.76
C LEU Z 87 0.43 11.60 -61.25
N TYR Z 88 0.48 12.80 -60.67
CA TYR Z 88 0.45 12.93 -59.22
C TYR Z 88 -0.42 14.14 -58.88
N PHE Z 89 -1.08 14.06 -57.73
CA PHE Z 89 -1.99 15.11 -57.31
C PHE Z 89 -1.30 16.04 -56.32
N GLU Z 90 -2.00 17.13 -55.99
CA GLU Z 90 -1.44 18.09 -55.06
C GLU Z 90 -1.47 17.58 -53.62
N ASP Z 91 -2.46 16.77 -53.28
CA ASP Z 91 -2.58 16.28 -51.91
C ASP Z 91 -3.13 14.86 -51.93
N ASN Z 92 -2.87 14.14 -50.83
CA ASN Z 92 -3.46 12.82 -50.62
C ASN Z 92 -4.84 13.01 -50.00
N ALA Z 93 -5.84 12.41 -50.61
CA ALA Z 93 -7.21 12.56 -50.12
C ALA Z 93 -7.93 11.23 -50.21
N GLY Z 94 -8.97 11.10 -49.40
CA GLY Z 94 -9.82 9.93 -49.40
C GLY Z 94 -11.20 10.28 -48.92
N VAL Z 95 -12.13 9.34 -49.09
CA VAL Z 95 -13.51 9.53 -48.68
C VAL Z 95 -13.92 8.36 -47.78
N ILE Z 96 -14.92 8.62 -46.95
CA ILE Z 96 -15.43 7.62 -46.01
C ILE Z 96 -16.55 6.86 -46.70
N VAL Z 97 -16.42 5.54 -46.76
CA VAL Z 97 -17.37 4.67 -47.40
C VAL Z 97 -17.73 3.54 -46.43
N ASN Z 98 -18.56 2.62 -46.89
CA ASN Z 98 -18.87 1.40 -46.15
C ASN Z 98 -18.31 0.21 -46.92
N ASN Z 99 -18.62 -1.00 -46.45
CA ASN Z 99 -18.10 -2.19 -47.09
C ASN Z 99 -18.61 -2.31 -48.52
N LYS Z 100 -19.88 -2.00 -48.75
CA LYS Z 100 -20.44 -2.13 -50.09
C LYS Z 100 -19.84 -1.13 -51.08
N GLY Z 101 -19.45 0.05 -50.62
CA GLY Z 101 -18.70 0.99 -51.43
C GLY Z 101 -19.29 2.38 -51.50
N GLU Z 102 -20.57 2.56 -51.21
CA GLU Z 102 -21.15 3.90 -51.28
C GLU Z 102 -20.61 4.77 -50.16
N MET Z 103 -20.49 6.06 -50.44
CA MET Z 103 -19.92 7.00 -49.49
C MET Z 103 -20.88 7.28 -48.36
N LYS Z 104 -20.33 7.52 -47.17
CA LYS Z 104 -21.14 8.05 -46.08
C LYS Z 104 -21.58 9.48 -46.37
N GLY Z 105 -20.69 10.28 -46.94
CA GLY Z 105 -21.02 11.64 -47.32
C GLY Z 105 -21.80 11.69 -48.62
N SER Z 106 -22.02 12.90 -49.10
CA SER Z 106 -22.83 13.12 -50.29
C SER Z 106 -22.13 13.86 -51.41
N ALA Z 107 -21.05 14.58 -51.14
CA ALA Z 107 -20.35 15.34 -52.16
C ALA Z 107 -18.85 15.21 -51.95
N ILE Z 108 -18.09 15.50 -53.00
CA ILE Z 108 -16.63 15.41 -52.98
C ILE Z 108 -16.06 16.75 -53.40
N THR Z 109 -15.01 17.18 -52.72
CA THR Z 109 -14.29 18.40 -53.06
C THR Z 109 -13.03 18.05 -53.83
N GLY Z 110 -12.84 18.69 -54.98
CA GLY Z 110 -11.66 18.48 -55.78
C GLY Z 110 -11.79 17.30 -56.71
N PRO Z 111 -10.76 17.05 -57.51
CA PRO Z 111 -10.80 15.96 -58.49
C PRO Z 111 -10.63 14.60 -57.82
N VAL Z 112 -10.92 13.57 -58.60
CA VAL Z 112 -10.74 12.19 -58.18
C VAL Z 112 -9.96 11.46 -59.27
N ALA Z 113 -9.11 10.52 -58.87
CA ALA Z 113 -8.32 9.78 -59.84
C ALA Z 113 -9.22 8.95 -60.73
N LYS Z 114 -8.78 8.78 -61.98
CA LYS Z 114 -9.58 8.01 -62.94
C LYS Z 114 -9.71 6.56 -62.49
N GLU Z 115 -8.64 6.00 -61.93
CA GLU Z 115 -8.68 4.62 -61.46
C GLU Z 115 -9.67 4.43 -60.33
N CYS Z 116 -9.67 5.35 -59.37
CA CYS Z 116 -10.61 5.27 -58.25
C CYS Z 116 -12.04 5.42 -58.73
N ALA Z 117 -12.27 6.34 -59.68
CA ALA Z 117 -13.61 6.53 -60.23
C ALA Z 117 -14.08 5.29 -60.98
N ASP Z 118 -13.18 4.67 -61.76
CA ASP Z 118 -13.55 3.44 -62.47
C ASP Z 118 -13.88 2.33 -61.49
N LEU Z 119 -13.08 2.17 -60.45
CA LEU Z 119 -13.24 1.04 -59.55
C LEU Z 119 -14.39 1.22 -58.56
N TRP Z 120 -14.79 2.46 -58.29
CA TRP Z 120 -15.91 2.74 -57.38
C TRP Z 120 -16.89 3.66 -58.08
N PRO Z 121 -17.93 3.11 -58.71
CA PRO Z 121 -18.90 3.97 -59.41
C PRO Z 121 -19.66 4.92 -58.49
N ARG Z 122 -19.89 4.52 -57.23
CA ARG Z 122 -20.63 5.38 -56.31
C ARG Z 122 -19.83 6.64 -55.99
N ILE Z 123 -18.51 6.51 -55.80
CA ILE Z 123 -17.68 7.68 -55.62
C ILE Z 123 -17.66 8.54 -56.88
N ALA Z 124 -17.58 7.90 -58.04
CA ALA Z 124 -17.54 8.63 -59.30
C ALA Z 124 -18.82 9.41 -59.55
N SER Z 125 -19.95 8.92 -59.03
CA SER Z 125 -21.20 9.63 -59.21
C SER Z 125 -21.17 10.98 -58.50
N ASN Z 126 -20.54 11.05 -57.33
CA ASN Z 126 -20.42 12.29 -56.58
C ASN Z 126 -19.22 13.12 -56.99
N ALA Z 127 -18.44 12.67 -57.98
CA ALA Z 127 -17.20 13.33 -58.31
C ALA Z 127 -17.45 14.65 -59.01
N GLY Z 128 -16.86 15.73 -58.49
CA GLY Z 128 -16.97 17.01 -59.16
C GLY Z 128 -16.25 17.03 -60.49
N SER Z 129 -15.03 16.48 -60.53
CA SER Z 129 -14.25 16.41 -61.75
C SER Z 129 -13.43 15.13 -61.73
N ILE Z 130 -13.07 14.66 -62.92
CA ILE Z 130 -12.34 13.41 -63.09
C ILE Z 130 -10.92 13.75 -63.52
N ALA Z 131 -9.94 13.23 -62.82
CA ALA Z 131 -8.56 13.45 -63.20
C ALA Z 131 -7.86 12.14 -63.56
N MET AA 1 1.93 10.09 -81.34
CA MET AA 1 0.82 10.00 -82.28
C MET AA 1 -0.48 10.42 -81.58
N LYS AA 2 -0.45 10.38 -80.25
CA LYS AA 2 -1.61 10.73 -79.44
C LYS AA 2 -1.79 12.25 -79.43
N VAL AA 3 -2.67 12.72 -78.55
CA VAL AA 3 -2.89 14.16 -78.42
C VAL AA 3 -1.62 14.81 -77.91
N GLU AA 4 -1.18 15.86 -78.58
CA GLU AA 4 0.05 16.55 -78.23
C GLU AA 4 -0.24 17.66 -77.23
N LEU AA 5 0.57 17.72 -76.18
CA LEU AA 5 0.37 18.66 -75.09
C LEU AA 5 1.54 19.63 -75.01
N CYS AA 6 1.25 20.82 -74.49
CA CYS AA 6 2.25 21.84 -74.23
C CYS AA 6 2.53 21.90 -72.73
N SER AA 7 3.46 22.76 -72.33
CA SER AA 7 3.98 22.74 -70.98
C SER AA 7 4.04 24.14 -70.37
N PHE AA 8 4.71 24.22 -69.22
CA PHE AA 8 5.19 25.50 -68.68
C PHE AA 8 5.97 26.28 -69.72
N SER AA 9 6.91 25.63 -70.38
CA SER AA 9 7.74 26.27 -71.39
C SER AA 9 7.08 26.35 -72.76
N GLY AA 10 5.91 25.74 -72.92
CA GLY AA 10 5.25 25.76 -74.21
C GLY AA 10 5.82 24.79 -75.23
N TYR AA 11 6.52 23.76 -74.78
CA TYR AA 11 7.12 22.79 -75.68
C TYR AA 11 6.19 21.61 -75.90
N LYS AA 12 6.35 20.95 -77.04
CA LYS AA 12 5.62 19.72 -77.29
C LYS AA 12 6.09 18.63 -76.35
N ILE AA 13 5.14 17.89 -75.79
CA ILE AA 13 5.43 16.77 -74.91
C ILE AA 13 4.98 15.50 -75.60
N TYR AA 14 5.93 14.74 -76.11
CA TYR AA 14 5.63 13.50 -76.78
C TYR AA 14 5.19 12.43 -75.79
N PRO AA 15 4.46 11.41 -76.23
CA PRO AA 15 3.98 10.39 -75.31
C PRO AA 15 5.11 9.70 -74.58
N GLY AA 16 4.88 9.42 -73.30
CA GLY AA 16 5.88 8.78 -72.49
C GLY AA 16 6.93 9.71 -71.92
N HIS AA 17 6.78 11.02 -72.07
CA HIS AA 17 7.73 11.98 -71.56
C HIS AA 17 7.05 12.88 -70.54
N GLY AA 18 7.84 13.32 -69.55
CA GLY AA 18 7.36 14.30 -68.61
C GLY AA 18 6.36 13.75 -67.62
N ARG AA 19 5.78 14.68 -66.87
CA ARG AA 19 4.82 14.37 -65.81
C ARG AA 19 3.62 15.28 -65.94
N ARG AA 20 2.48 14.81 -65.43
CA ARG AA 20 1.23 15.54 -65.43
C ARG AA 20 0.85 15.86 -64.00
N TYR AA 21 0.50 17.10 -63.73
CA TYR AA 21 0.24 17.57 -62.37
C TYR AA 21 -1.21 18.01 -62.25
N ALA AA 22 -1.94 17.37 -61.35
CA ALA AA 22 -3.33 17.69 -61.08
C ALA AA 22 -3.43 18.45 -59.77
N ARG AA 23 -4.04 19.62 -59.80
CA ARG AA 23 -4.18 20.42 -58.60
C ARG AA 23 -5.52 20.15 -57.92
N THR AA 24 -5.58 20.54 -56.64
CA THR AA 24 -6.81 20.36 -55.87
C THR AA 24 -7.92 21.28 -56.36
N ASP AA 25 -7.57 22.50 -56.80
CA ASP AA 25 -8.58 23.45 -57.21
C ASP AA 25 -9.29 23.06 -58.50
N GLY AA 26 -8.79 22.05 -59.21
CA GLY AA 26 -9.46 21.51 -60.38
C GLY AA 26 -8.64 21.53 -61.65
N LYS AA 27 -7.73 22.48 -61.81
CA LYS AA 27 -6.95 22.59 -63.03
C LYS AA 27 -5.77 21.63 -63.00
N VAL AA 28 -5.49 21.03 -64.15
CA VAL AA 28 -4.42 20.05 -64.32
C VAL AA 28 -3.37 20.64 -65.25
N PHE AA 29 -2.11 20.33 -64.98
CA PHE AA 29 -1.00 20.80 -65.79
C PHE AA 29 -0.11 19.63 -66.17
N GLN AA 30 0.67 19.82 -67.23
CA GLN AA 30 1.68 18.85 -67.63
C GLN AA 30 2.96 19.60 -67.99
N PHE AA 31 4.09 18.94 -67.75
CA PHE AA 31 5.40 19.55 -67.90
C PHE AA 31 6.30 18.67 -68.74
N LEU AA 32 7.22 19.31 -69.47
CA LEU AA 32 8.11 18.58 -70.35
C LEU AA 32 9.16 17.81 -69.57
N ASN AA 33 9.79 18.44 -68.58
CA ASN AA 33 10.80 17.79 -67.77
C ASN AA 33 10.77 18.38 -66.37
N ALA AA 34 11.70 17.91 -65.54
CA ALA AA 34 11.72 18.33 -64.15
C ALA AA 34 12.17 19.78 -63.98
N LYS AA 35 12.87 20.34 -64.97
CA LYS AA 35 13.25 21.75 -64.89
C LYS AA 35 12.01 22.64 -64.97
N CYS AA 36 11.14 22.39 -65.94
CA CYS AA 36 9.91 23.17 -66.06
C CYS AA 36 9.01 22.95 -64.87
N GLU AA 37 8.93 21.70 -64.39
CA GLU AA 37 8.10 21.41 -63.22
C GLU AA 37 8.62 22.14 -61.99
N SER AA 38 9.94 22.17 -61.81
CA SER AA 38 10.51 22.88 -60.68
C SER AA 38 10.28 24.38 -60.78
N ALA AA 39 10.38 24.93 -61.99
CA ALA AA 39 10.10 26.35 -62.16
C ALA AA 39 8.64 26.66 -61.86
N PHE AA 40 7.73 25.82 -62.35
CA PHE AA 40 6.30 26.06 -62.11
C PHE AA 40 5.96 25.92 -60.64
N LEU AA 41 6.52 24.91 -59.96
CA LEU AA 41 6.22 24.70 -58.55
C LEU AA 41 6.89 25.75 -57.67
N SER AA 42 7.86 26.49 -58.20
CA SER AA 42 8.42 27.64 -57.52
C SER AA 42 7.68 28.92 -57.87
N LYS AA 43 6.54 28.81 -58.55
CA LYS AA 43 5.68 29.94 -58.91
C LYS AA 43 6.46 31.03 -59.65
N ARG AA 44 7.33 30.61 -60.55
CA ARG AA 44 8.05 31.56 -61.40
C ARG AA 44 7.21 31.88 -62.63
N ASN AA 45 7.47 33.05 -63.20
CA ASN AA 45 6.73 33.52 -64.36
C ASN AA 45 7.46 33.08 -65.62
N PRO AA 46 6.84 32.27 -66.49
CA PRO AA 46 7.51 31.89 -67.74
C PRO AA 46 7.76 33.06 -68.68
N ARG AA 47 7.08 34.19 -68.47
CA ARG AA 47 7.32 35.37 -69.29
C ARG AA 47 8.66 36.03 -68.98
N GLN AA 48 9.35 35.60 -67.94
CA GLN AA 48 10.64 36.16 -67.56
C GLN AA 48 11.78 35.16 -67.67
N ILE AA 49 11.51 33.96 -68.19
CA ILE AA 49 12.51 32.91 -68.34
C ILE AA 49 12.86 32.83 -69.82
N ASN AA 50 14.14 33.09 -70.13
CA ASN AA 50 14.53 33.43 -71.49
C ASN AA 50 14.37 32.28 -72.49
N TRP AA 51 14.31 31.04 -72.04
CA TRP AA 51 14.21 29.91 -72.95
C TRP AA 51 12.78 29.41 -73.12
N THR AA 52 11.80 30.07 -72.53
CA THR AA 52 10.41 29.65 -72.65
C THR AA 52 9.76 30.30 -73.86
N VAL AA 53 8.77 29.61 -74.43
CA VAL AA 53 8.12 30.08 -75.65
C VAL AA 53 7.34 31.37 -75.38
N LEU AA 54 6.72 31.48 -74.19
CA LEU AA 54 5.99 32.70 -73.86
C LEU AA 54 6.92 33.91 -73.81
N TYR AA 55 8.12 33.74 -73.26
CA TYR AA 55 9.10 34.82 -73.29
C TYR AA 55 9.49 35.15 -74.72
N ARG AA 56 9.68 34.13 -75.56
CA ARG AA 56 10.07 34.37 -76.94
C ARG AA 56 9.02 35.17 -77.68
N ARG AA 57 7.74 34.84 -77.48
CA ARG AA 57 6.70 35.57 -78.21
C ARG AA 57 6.46 36.94 -77.62
N LYS AA 58 6.68 37.12 -76.32
CA LYS AA 58 6.43 38.42 -75.70
C LYS AA 58 7.44 39.46 -76.18
N HIS AA 59 8.65 39.03 -76.49
CA HIS AA 59 9.71 39.93 -76.92
C HIS AA 59 9.84 39.97 -78.44
N LYS AA 60 8.89 39.38 -79.17
CA LYS AA 60 8.90 39.33 -80.63
C LYS AA 60 10.16 38.67 -81.17
N LYS AA 61 10.68 37.68 -80.44
CA LYS AA 61 11.93 37.05 -80.82
C LYS AA 61 11.74 36.18 -82.06
N GLY AA 62 12.74 36.20 -82.93
CA GLY AA 62 12.68 35.41 -84.17
C GLY AA 62 11.83 35.98 -85.27
N GLN AA 63 10.60 36.38 -84.96
CA GLN AA 63 9.68 36.88 -85.97
C GLN AA 63 9.13 38.25 -85.54
N THR AA 72 -2.72 48.00 -95.13
CA THR AA 72 -2.70 49.20 -95.95
C THR AA 72 -4.08 49.86 -95.97
N ARG AA 73 -4.25 50.86 -96.84
CA ARG AA 73 -5.46 51.67 -96.90
C ARG AA 73 -6.34 51.18 -98.04
N ARG AA 74 -7.60 50.88 -97.73
CA ARG AA 74 -8.53 50.32 -98.69
C ARG AA 74 -9.90 50.98 -98.54
N ALA AA 75 -10.60 51.12 -99.65
CA ALA AA 75 -11.97 51.65 -99.66
C ALA AA 75 -12.64 51.21 -100.95
N VAL AA 76 -13.67 50.37 -100.83
CA VAL AA 76 -14.37 49.83 -101.99
C VAL AA 76 -15.87 50.07 -101.81
N LYS AA 77 -16.51 50.54 -102.88
CA LYS AA 77 -17.96 50.77 -102.89
C LYS AA 77 -18.50 50.35 -104.25
N PHE AA 78 -19.62 49.65 -104.25
CA PHE AA 78 -20.19 49.10 -105.47
C PHE AA 78 -21.59 49.67 -105.71
N GLN AA 79 -22.14 49.35 -106.88
CA GLN AA 79 -23.49 49.69 -107.25
C GLN AA 79 -24.34 48.43 -107.27
N ARG AA 80 -25.61 48.56 -106.86
CA ARG AA 80 -26.53 47.43 -106.86
C ARG AA 80 -27.93 47.97 -107.10
N ALA AA 81 -28.81 47.09 -107.59
CA ALA AA 81 -30.19 47.46 -107.87
C ALA AA 81 -30.94 47.77 -106.58
N ILE AA 82 -32.06 48.45 -106.74
CA ILE AA 82 -32.98 48.77 -105.65
C ILE AA 82 -34.36 48.27 -106.05
N THR AA 83 -35.10 47.73 -105.08
CA THR AA 83 -36.47 47.31 -105.33
C THR AA 83 -37.28 48.50 -105.83
N GLY AA 84 -37.68 48.45 -107.11
CA GLY AA 84 -38.33 49.57 -107.76
C GLY AA 84 -37.44 50.34 -108.71
N ALA AA 85 -36.14 50.05 -108.75
CA ALA AA 85 -35.22 50.74 -109.66
C ALA AA 85 -34.02 49.82 -109.91
N SER AA 86 -34.00 49.19 -111.08
CA SER AA 86 -32.91 48.31 -111.45
C SER AA 86 -31.65 49.12 -111.74
N LEU AA 87 -30.59 48.41 -112.16
CA LEU AA 87 -29.36 49.08 -112.57
C LEU AA 87 -29.63 50.03 -113.74
N ALA AA 88 -30.40 49.56 -114.72
CA ALA AA 88 -30.75 50.40 -115.85
C ALA AA 88 -31.53 51.63 -115.42
N ASP AA 89 -32.49 51.46 -114.51
CA ASP AA 89 -33.29 52.60 -114.06
C ASP AA 89 -32.44 53.63 -113.33
N ILE AA 90 -31.57 53.18 -112.43
CA ILE AA 90 -30.78 54.14 -111.65
C ILE AA 90 -29.76 54.83 -112.53
N MET AA 91 -29.14 54.10 -113.47
CA MET AA 91 -28.18 54.76 -114.34
C MET AA 91 -28.87 55.71 -115.31
N ALA AA 92 -30.10 55.40 -115.71
CA ALA AA 92 -30.86 56.30 -116.56
C ALA AA 92 -31.23 57.57 -115.81
N LYS AA 93 -31.65 57.44 -114.57
CA LYS AA 93 -32.02 58.61 -113.78
C LYS AA 93 -30.81 59.49 -113.49
N ARG AA 94 -29.67 58.87 -113.16
CA ARG AA 94 -28.51 59.67 -112.75
C ARG AA 94 -27.74 60.24 -113.94
N ASN AA 95 -27.92 59.71 -115.15
CA ASN AA 95 -27.21 60.20 -116.32
C ASN AA 95 -28.00 61.23 -117.10
N GLN AA 96 -28.91 61.96 -116.43
CA GLN AA 96 -29.61 63.08 -117.04
C GLN AA 96 -28.80 64.37 -116.97
N LYS AA 97 -27.49 64.26 -116.79
CA LYS AA 97 -26.63 65.43 -116.64
C LYS AA 97 -26.62 66.40 -117.83
N PRO AA 98 -26.57 65.95 -119.12
CA PRO AA 98 -26.35 66.95 -120.19
C PRO AA 98 -27.53 67.90 -120.40
N GLU AA 99 -27.72 68.80 -119.44
CA GLU AA 99 -28.73 69.86 -119.46
C GLU AA 99 -30.16 69.33 -119.49
N VAL AA 100 -30.36 68.02 -119.32
CA VAL AA 100 -31.71 67.52 -119.11
C VAL AA 100 -32.22 67.93 -117.74
N ARG AA 101 -31.36 67.86 -116.72
CA ARG AA 101 -31.69 68.38 -115.41
C ARG AA 101 -32.01 69.87 -115.47
N LYS AA 102 -31.34 70.60 -116.36
CA LYS AA 102 -31.67 72.00 -116.57
C LYS AA 102 -33.08 72.15 -117.12
N ALA AA 103 -33.48 71.26 -118.03
CA ALA AA 103 -34.84 71.30 -118.56
C ALA AA 103 -35.87 71.02 -117.46
N GLN AA 104 -35.59 70.02 -116.61
CA GLN AA 104 -36.50 69.76 -115.50
C GLN AA 104 -36.57 70.94 -114.55
N ARG AA 105 -35.42 71.56 -114.24
CA ARG AA 105 -35.42 72.71 -113.34
C ARG AA 105 -36.23 73.86 -113.91
N GLU AA 106 -36.03 74.17 -115.19
CA GLU AA 106 -36.72 75.31 -115.78
C GLU AA 106 -38.21 75.04 -115.92
N GLN AA 107 -38.61 73.80 -116.25
CA GLN AA 107 -40.03 73.52 -116.34
C GLN AA 107 -40.69 73.56 -114.96
N ALA AA 108 -39.99 73.07 -113.92
CA ALA AA 108 -40.54 73.17 -112.58
C ALA AA 108 -40.63 74.62 -112.13
N ILE AA 109 -39.64 75.44 -112.49
CA ILE AA 109 -39.66 76.86 -112.12
C ILE AA 109 -40.86 77.56 -112.77
N ARG AA 110 -41.08 77.33 -114.06
CA ARG AA 110 -42.21 78.00 -114.71
C ARG AA 110 -43.54 77.46 -114.19
N ALA AA 111 -43.62 76.17 -113.91
CA ALA AA 111 -44.85 75.60 -113.35
C ALA AA 111 -45.18 76.21 -112.00
N ALA AA 112 -44.18 76.27 -111.11
CA ALA AA 112 -44.37 76.96 -109.84
C ALA AA 112 -44.61 78.44 -110.03
N LYS AA 113 -44.19 79.02 -111.15
CA LYS AA 113 -44.46 80.42 -111.41
C LYS AA 113 -45.95 80.65 -111.68
N GLU AA 114 -46.57 79.82 -112.53
CA GLU AA 114 -48.01 80.00 -112.66
C GLU AA 114 -48.75 79.58 -111.41
N ALA AA 115 -48.17 78.65 -110.63
CA ALA AA 115 -48.75 78.34 -109.33
C ALA AA 115 -48.74 79.56 -108.41
N LYS AA 116 -47.62 80.30 -108.40
CA LYS AA 116 -47.53 81.53 -107.60
C LYS AA 116 -48.49 82.60 -108.11
N LYS AA 117 -48.67 82.69 -109.43
CA LYS AA 117 -49.66 83.61 -109.98
C LYS AA 117 -51.06 83.25 -109.53
N ALA AA 118 -51.37 81.95 -109.50
CA ALA AA 118 -52.68 81.51 -109.00
C ALA AA 118 -52.83 81.83 -107.51
N LYS AA 119 -51.76 81.63 -106.74
CA LYS AA 119 -51.81 81.96 -105.31
C LYS AA 119 -52.03 83.45 -105.09
N GLN AA 120 -51.36 84.30 -105.89
CA GLN AA 120 -51.56 85.73 -105.77
C GLN AA 120 -52.97 86.15 -106.19
N ALA AA 121 -53.50 85.52 -107.25
CA ALA AA 121 -54.85 85.85 -107.71
C ALA AA 121 -55.90 85.45 -106.68
N SER AA 122 -55.73 84.30 -106.05
CA SER AA 122 -56.70 83.80 -105.08
C SER AA 122 -56.36 84.17 -103.63
N LYS AA 123 -55.30 84.93 -103.40
CA LYS AA 123 -54.82 85.22 -102.05
C LYS AA 123 -55.24 86.60 -101.57
N LYS AA 124 -54.87 87.64 -102.32
CA LYS AA 124 -55.24 89.01 -101.95
C LYS AA 124 -56.70 89.30 -102.28
N LYS BA 1 74.02 53.96 50.83
CA LYS BA 1 72.88 54.82 50.52
C LYS BA 1 72.76 55.03 49.02
N LYS BA 2 73.85 54.81 48.29
CA LYS BA 2 73.87 55.00 46.85
C LYS BA 2 73.59 53.71 46.06
N LYS BA 3 73.52 52.57 46.72
CA LYS BA 3 73.15 51.33 46.04
C LYS BA 3 71.65 51.32 45.84
N ILE BA 4 71.21 51.74 44.65
CA ILE BA 4 69.80 51.79 44.29
C ILE BA 4 69.60 50.95 43.04
N ARG BA 5 68.49 50.22 42.99
CA ARG BA 5 68.12 49.42 41.83
C ARG BA 5 66.81 49.99 41.30
N THR BA 6 66.91 50.81 40.27
CA THR BA 6 65.76 51.54 39.75
C THR BA 6 64.89 50.72 38.81
N SER BA 7 65.32 49.50 38.45
CA SER BA 7 64.55 48.69 37.53
C SER BA 7 64.12 47.39 38.19
N PRO BA 8 62.96 46.86 37.84
CA PRO BA 8 62.51 45.57 38.39
C PRO BA 8 63.04 44.35 37.66
N THR BA 9 64.01 44.52 36.76
CA THR BA 9 64.59 43.42 36.00
C THR BA 9 66.02 43.20 36.46
N PHE BA 10 66.39 41.95 36.67
CA PHE BA 10 67.77 41.58 36.98
C PHE BA 10 68.43 41.10 35.70
N ARG BA 11 69.62 41.63 35.43
CA ARG BA 11 70.40 41.26 34.27
C ARG BA 11 71.73 40.67 34.71
N ARG BA 12 72.34 39.89 33.83
CA ARG BA 12 73.64 39.34 34.11
C ARG BA 12 74.67 40.46 34.16
N PRO BA 13 75.45 40.58 35.23
CA PRO BA 13 76.44 41.66 35.30
C PRO BA 13 77.56 41.46 34.30
N LYS BA 14 78.18 42.56 33.90
CA LYS BA 14 79.23 42.52 32.90
C LYS BA 14 80.55 42.13 33.54
N THR BA 15 81.07 40.97 33.14
CA THR BA 15 82.35 40.47 33.63
C THR BA 15 83.36 40.48 32.50
N LEU BA 16 84.59 40.89 32.79
CA LEU BA 16 85.58 41.03 31.74
C LEU BA 16 85.97 39.68 31.16
N ARG BA 17 86.32 39.68 29.89
CA ARG BA 17 86.74 38.48 29.16
C ARG BA 17 88.18 38.65 28.71
N LEU BA 18 89.04 37.73 29.14
CA LEU BA 18 90.44 37.79 28.76
C LEU BA 18 90.62 37.35 27.31
N ARG BA 19 91.60 37.96 26.64
CA ARG BA 19 91.97 37.52 25.32
C ARG BA 19 92.82 36.27 25.41
N ARG BA 20 92.77 35.45 24.37
CA ARG BA 20 93.53 34.21 24.36
C ARG BA 20 95.02 34.50 24.33
N GLN BA 21 95.75 33.92 25.28
CA GLN BA 21 97.20 34.02 25.35
C GLN BA 21 97.75 32.61 25.45
N PRO BA 22 97.67 31.83 24.38
CA PRO BA 22 98.00 30.41 24.46
C PRO BA 22 99.48 30.20 24.74
N LYS BA 23 99.75 29.13 25.48
CA LYS BA 23 101.13 28.80 25.82
C LYS BA 23 101.86 28.11 24.69
N TYR BA 24 101.18 27.77 23.60
CA TYR BA 24 101.80 27.18 22.44
C TYR BA 24 100.89 27.41 21.25
N PRO BA 25 101.40 27.75 20.08
CA PRO BA 25 100.54 27.83 18.90
C PRO BA 25 100.07 26.44 18.49
N ARG BA 26 98.79 26.35 18.13
CA ARG BA 26 98.21 25.06 17.79
C ARG BA 26 98.80 24.51 16.49
N LYS BA 27 99.01 25.37 15.50
CA LYS BA 27 99.71 25.02 14.29
C LYS BA 27 101.11 25.62 14.34
N SER BA 28 102.12 24.79 14.10
CA SER BA 28 103.51 25.21 14.29
C SER BA 28 103.88 26.34 13.34
N ALA BA 29 103.44 26.25 12.09
CA ALA BA 29 103.78 27.25 11.09
C ALA BA 29 102.53 27.62 10.31
N PRO BA 30 102.43 28.86 9.85
CA PRO BA 30 101.30 29.24 9.00
C PRO BA 30 101.39 28.53 7.66
N ARG BA 31 100.29 27.89 7.28
CA ARG BA 31 100.25 27.16 6.01
C ARG BA 31 100.45 28.14 4.86
N ARG BA 32 101.29 27.75 3.90
CA ARG BA 32 101.63 28.67 2.82
C ARG BA 32 100.44 28.85 1.89
N ASN BA 33 100.44 29.97 1.19
CA ASN BA 33 99.33 30.34 0.32
C ASN BA 33 99.44 29.54 -0.97
N LYS BA 34 98.61 28.49 -1.08
CA LYS BA 34 98.61 27.65 -2.26
C LYS BA 34 98.17 28.44 -3.50
N LEU BA 35 97.13 29.25 -3.36
CA LEU BA 35 96.56 30.00 -4.47
C LEU BA 35 97.33 31.32 -4.59
N ASP BA 36 98.49 31.23 -5.22
CA ASP BA 36 99.32 32.40 -5.45
C ASP BA 36 99.04 32.95 -6.84
N HIS BA 37 99.82 33.94 -7.26
CA HIS BA 37 99.62 34.52 -8.59
C HIS BA 37 99.89 33.51 -9.69
N TYR BA 38 100.82 32.59 -9.45
CA TYR BA 38 101.10 31.56 -10.45
C TYR BA 38 99.94 30.59 -10.56
N ALA BA 39 99.33 30.23 -9.44
CA ALA BA 39 98.20 29.31 -9.47
C ALA BA 39 96.96 29.97 -10.04
N ILE BA 40 96.82 31.28 -9.86
CA ILE BA 40 95.61 31.97 -10.33
C ILE BA 40 95.53 31.93 -11.85
N ILE BA 41 96.61 32.32 -12.53
CA ILE BA 41 96.64 32.34 -13.99
C ILE BA 41 97.16 30.97 -14.43
N LYS BA 42 96.27 30.10 -14.86
CA LYS BA 42 96.70 28.76 -15.28
C LYS BA 42 97.33 28.80 -16.67
N PHE BA 43 96.56 29.18 -17.67
CA PHE BA 43 97.07 29.28 -19.04
C PHE BA 43 96.20 30.24 -19.82
N PRO BA 44 96.72 30.86 -20.86
CA PRO BA 44 95.89 31.74 -21.70
C PRO BA 44 95.05 30.93 -22.68
N LEU BA 45 93.97 31.56 -23.13
CA LEU BA 45 93.06 30.95 -24.07
C LEU BA 45 93.31 31.53 -25.46
N THR BA 46 93.24 30.66 -26.48
CA THR BA 46 93.76 31.02 -27.80
C THR BA 46 92.80 30.65 -28.92
N THR BA 47 91.49 30.74 -28.68
CA THR BA 47 90.51 30.41 -29.71
C THR BA 47 90.42 31.53 -30.74
N GLU BA 48 89.47 31.40 -31.66
CA GLU BA 48 89.19 32.49 -32.58
C GLU BA 48 88.63 33.70 -31.83
N SER BA 49 87.72 33.46 -30.88
CA SER BA 49 87.16 34.56 -30.10
C SER BA 49 88.21 35.23 -29.24
N ALA BA 50 89.13 34.43 -28.68
CA ALA BA 50 90.20 35.01 -27.86
C ALA BA 50 91.08 35.93 -28.68
N MET BA 51 91.47 35.50 -29.88
CA MET BA 51 92.28 36.35 -30.74
C MET BA 51 91.52 37.57 -31.22
N LYS BA 52 90.22 37.43 -31.46
CA LYS BA 52 89.39 38.58 -31.81
C LYS BA 52 89.38 39.60 -30.68
N LYS BA 53 89.25 39.13 -29.45
CA LYS BA 53 89.30 40.02 -28.28
C LYS BA 53 90.66 40.67 -28.15
N ILE BA 54 91.74 39.91 -28.42
CA ILE BA 54 93.08 40.49 -28.38
C ILE BA 54 93.20 41.63 -29.36
N GLU BA 55 92.79 41.40 -30.61
CA GLU BA 55 93.07 42.35 -31.67
C GLU BA 55 92.08 43.51 -31.70
N ASP BA 56 90.91 43.38 -31.09
CA ASP BA 56 89.90 44.44 -31.17
C ASP BA 56 89.62 45.09 -29.82
N ASN BA 57 89.23 44.32 -28.81
CA ASN BA 57 88.78 44.88 -27.55
C ASN BA 57 89.91 45.16 -26.57
N ASN BA 58 91.17 44.95 -26.97
CA ASN BA 58 92.32 45.13 -26.10
C ASN BA 58 92.23 44.26 -24.86
N THR BA 59 91.58 43.12 -24.99
CA THR BA 59 91.19 42.29 -23.85
C THR BA 59 91.95 40.97 -23.90
N LEU BA 60 92.77 40.72 -22.89
CA LEU BA 60 93.39 39.42 -22.73
C LEU BA 60 92.37 38.42 -22.20
N VAL BA 61 92.45 37.18 -22.66
CA VAL BA 61 91.57 36.11 -22.23
C VAL BA 61 92.43 35.04 -21.57
N PHE BA 62 92.13 34.75 -20.30
CA PHE BA 62 92.86 33.73 -19.56
C PHE BA 62 91.90 32.74 -18.94
N ILE BA 63 92.35 31.51 -18.80
CA ILE BA 63 91.66 30.50 -18.01
C ILE BA 63 92.29 30.51 -16.64
N VAL BA 64 91.52 30.92 -15.63
CA VAL BA 64 92.03 31.15 -14.30
C VAL BA 64 91.51 30.06 -13.37
N ASP BA 65 92.03 30.06 -12.15
CA ASP BA 65 91.53 29.15 -11.14
C ASP BA 65 90.09 29.50 -10.77
N VAL BA 66 89.30 28.48 -10.44
CA VAL BA 66 87.90 28.69 -10.16
C VAL BA 66 87.67 29.44 -8.85
N LYS BA 67 88.63 29.41 -7.94
CA LYS BA 67 88.48 30.05 -6.64
C LYS BA 67 89.02 31.48 -6.60
N ALA BA 68 89.54 31.98 -7.71
CA ALA BA 68 90.09 33.33 -7.76
C ALA BA 68 88.99 34.32 -8.13
N ASN BA 69 88.92 35.41 -7.38
CA ASN BA 69 87.97 36.47 -7.70
C ASN BA 69 88.62 37.48 -8.64
N LYS BA 70 87.89 38.55 -8.94
CA LYS BA 70 88.37 39.53 -9.91
C LYS BA 70 89.59 40.29 -9.40
N HIS BA 71 89.60 40.64 -8.11
CA HIS BA 71 90.73 41.38 -7.57
C HIS BA 71 92.01 40.55 -7.59
N GLN BA 72 91.92 39.27 -7.24
CA GLN BA 72 93.09 38.42 -7.27
C GLN BA 72 93.62 38.25 -8.70
N ILE BA 73 92.72 38.08 -9.66
CA ILE BA 73 93.15 37.99 -11.06
C ILE BA 73 93.84 39.26 -11.50
N LYS BA 74 93.26 40.41 -11.14
CA LYS BA 74 93.84 41.70 -11.51
C LYS BA 74 95.26 41.85 -10.95
N GLN BA 75 95.42 41.55 -9.66
CA GLN BA 75 96.73 41.67 -9.04
C GLN BA 75 97.72 40.67 -9.62
N ALA BA 76 97.26 39.46 -9.93
CA ALA BA 76 98.15 38.45 -10.49
C ALA BA 76 98.65 38.87 -11.88
N VAL BA 77 97.76 39.39 -12.72
CA VAL BA 77 98.18 39.84 -14.04
C VAL BA 77 99.16 40.99 -13.93
N LYS BA 78 98.89 41.95 -13.03
CA LYS BA 78 99.88 43.01 -12.82
C LYS BA 78 101.22 42.46 -12.38
N LYS BA 79 101.22 41.51 -11.44
CA LYS BA 79 102.49 41.05 -10.90
C LYS BA 79 103.30 40.29 -11.95
N LEU BA 80 102.69 39.31 -12.60
CA LEU BA 80 103.45 38.39 -13.43
C LEU BA 80 103.37 38.70 -14.92
N TYR BA 81 102.81 39.85 -15.30
CA TYR BA 81 102.96 40.33 -16.67
C TYR BA 81 103.38 41.79 -16.74
N ASP BA 82 103.47 42.49 -15.61
CA ASP BA 82 103.96 43.87 -15.55
C ASP BA 82 103.16 44.80 -16.43
N ILE BA 83 101.84 44.59 -16.47
CA ILE BA 83 100.93 45.36 -17.30
C ILE BA 83 99.72 45.77 -16.45
N ASP BA 84 99.05 46.84 -16.88
CA ASP BA 84 97.94 47.41 -16.12
C ASP BA 84 96.61 47.03 -16.75
N VAL BA 85 95.64 46.73 -15.89
CA VAL BA 85 94.32 46.27 -16.28
C VAL BA 85 93.28 47.28 -15.82
N ALA BA 86 92.30 47.54 -16.69
CA ALA BA 86 91.20 48.45 -16.35
C ALA BA 86 90.07 47.71 -15.65
N LYS BA 87 89.57 46.62 -16.25
CA LYS BA 87 88.52 45.85 -15.62
C LYS BA 87 88.68 44.39 -16.00
N VAL BA 88 88.08 43.53 -15.19
CA VAL BA 88 88.11 42.09 -15.40
C VAL BA 88 86.68 41.57 -15.42
N ASN BA 89 86.32 40.85 -16.46
CA ASN BA 89 85.02 40.20 -16.57
C ASN BA 89 85.23 38.69 -16.50
N THR BA 90 84.47 38.02 -15.66
CA THR BA 90 84.74 36.65 -15.27
C THR BA 90 83.51 35.80 -15.45
N LEU BA 91 83.66 34.67 -16.15
CA LEU BA 91 82.61 33.69 -16.28
C LEU BA 91 83.19 32.31 -16.02
N ILE BA 92 82.33 31.40 -15.57
CA ILE BA 92 82.69 30.01 -15.36
C ILE BA 92 82.19 29.20 -16.54
N ARG BA 93 83.12 28.56 -17.24
CA ARG BA 93 82.79 27.85 -18.46
C ARG BA 93 81.93 26.63 -18.17
N PRO BA 94 81.17 26.16 -19.15
CA PRO BA 94 80.34 24.97 -18.93
C PRO BA 94 81.15 23.74 -18.57
N ASP BA 95 82.39 23.64 -19.01
CA ASP BA 95 83.20 22.46 -18.76
C ASP BA 95 83.90 22.49 -17.41
N GLY BA 96 83.75 23.55 -16.63
CA GLY BA 96 84.23 23.60 -15.26
C GLY BA 96 85.19 24.75 -14.98
N GLU BA 97 86.06 25.07 -15.94
CA GLU BA 97 87.06 26.10 -15.69
C GLU BA 97 86.44 27.49 -15.67
N LYS BA 98 87.18 28.43 -15.09
CA LYS BA 98 86.80 29.83 -15.04
C LYS BA 98 87.59 30.59 -16.09
N LYS BA 99 86.90 31.44 -16.83
CA LYS BA 99 87.52 32.24 -17.89
C LYS BA 99 87.43 33.71 -17.51
N ALA BA 100 88.54 34.42 -17.66
CA ALA BA 100 88.61 35.82 -17.29
C ALA BA 100 88.95 36.65 -18.52
N TYR BA 101 88.13 37.66 -18.79
CA TYR BA 101 88.41 38.64 -19.82
C TYR BA 101 89.10 39.83 -19.16
N VAL BA 102 90.33 40.10 -19.56
CA VAL BA 102 91.18 41.07 -18.90
C VAL BA 102 91.41 42.20 -19.89
N ARG BA 103 90.69 43.31 -19.71
CA ARG BA 103 90.86 44.48 -20.56
C ARG BA 103 92.00 45.33 -20.01
N LEU BA 104 93.00 45.57 -20.84
CA LEU BA 104 94.19 46.29 -20.39
C LEU BA 104 93.90 47.78 -20.26
N ALA BA 105 94.84 48.49 -19.65
CA ALA BA 105 94.73 49.93 -19.54
C ALA BA 105 94.85 50.57 -20.92
N PRO BA 106 94.32 51.78 -21.10
CA PRO BA 106 94.40 52.42 -22.42
C PRO BA 106 95.82 52.62 -22.92
N ASP BA 107 96.79 52.75 -22.02
CA ASP BA 107 98.16 52.97 -22.43
C ASP BA 107 98.91 51.69 -22.72
N TYR BA 108 98.26 50.53 -22.64
CA TYR BA 108 98.88 49.25 -22.96
C TYR BA 108 98.20 48.64 -24.16
N ASP BA 109 99.00 48.28 -25.17
CA ASP BA 109 98.52 47.53 -26.31
C ASP BA 109 98.43 46.05 -25.93
N ALA BA 110 97.26 45.45 -26.17
CA ALA BA 110 97.12 44.04 -25.83
C ALA BA 110 97.78 43.12 -26.84
N LEU BA 111 97.90 43.56 -28.10
CA LEU BA 111 98.48 42.69 -29.12
C LEU BA 111 99.96 42.45 -28.88
N ASP BA 112 100.73 43.50 -28.54
CA ASP BA 112 102.15 43.30 -28.32
C ASP BA 112 102.43 42.53 -27.03
N VAL BA 113 101.59 42.73 -26.00
CA VAL BA 113 101.70 41.92 -24.79
C VAL BA 113 101.42 40.46 -25.12
N ALA BA 114 100.40 40.21 -25.94
CA ALA BA 114 100.11 38.85 -26.38
C ALA BA 114 101.27 38.26 -27.16
N ASN BA 115 101.97 39.09 -27.94
CA ASN BA 115 103.12 38.62 -28.70
C ASN BA 115 104.28 38.25 -27.79
N LYS BA 116 104.59 39.10 -26.80
CA LYS BA 116 105.74 38.83 -25.94
C LYS BA 116 105.47 37.68 -24.99
N ILE BA 117 104.22 37.52 -24.53
CA ILE BA 117 103.88 36.35 -23.73
C ILE BA 117 104.03 35.08 -24.56
N GLY BA 118 103.59 35.13 -25.82
CA GLY BA 118 103.74 34.00 -26.70
C GLY BA 118 102.43 33.30 -26.99
N ILE BA 119 101.35 34.07 -27.12
CA ILE BA 119 100.03 33.51 -27.35
C ILE BA 119 99.48 33.91 -28.71
N ILE BA 120 100.29 34.55 -29.54
CA ILE BA 120 99.86 34.93 -30.88
C ILE BA 120 99.70 33.67 -31.74
N MET CA 1 110.63 -32.32 -0.76
CA MET CA 1 109.74 -31.31 -1.32
C MET CA 1 109.65 -30.09 -0.43
N LYS CA 2 108.73 -29.19 -0.75
CA LYS CA 2 108.56 -27.96 0.02
C LYS CA 2 108.03 -28.26 1.40
N PHE CA 3 108.73 -27.78 2.43
CA PHE CA 3 108.30 -27.95 3.81
C PHE CA 3 107.93 -26.65 4.50
N ASN CA 4 108.29 -25.51 3.94
CA ASN CA 4 108.03 -24.24 4.58
C ASN CA 4 106.54 -23.93 4.50
N PRO CA 5 105.83 -23.75 5.62
CA PRO CA 5 104.39 -23.52 5.54
C PRO CA 5 104.01 -22.11 5.11
N PHE CA 6 104.98 -21.24 4.85
CA PHE CA 6 104.69 -19.87 4.48
C PHE CA 6 104.94 -19.58 3.01
N VAL CA 7 105.38 -20.57 2.25
CA VAL CA 7 105.43 -20.48 0.79
C VAL CA 7 104.38 -21.43 0.25
N THR CA 8 103.65 -20.97 -0.75
CA THR CA 8 102.52 -21.73 -1.26
C THR CA 8 102.92 -22.56 -2.47
N SER CA 9 102.31 -23.73 -2.58
CA SER CA 9 102.40 -24.55 -3.77
C SER CA 9 101.15 -24.44 -4.63
N ASP CA 10 100.24 -23.54 -4.27
CA ASP CA 10 99.01 -23.36 -5.02
C ASP CA 10 99.31 -22.88 -6.43
N ARG CA 11 98.66 -23.48 -7.41
CA ARG CA 11 98.92 -23.14 -8.81
C ARG CA 11 98.41 -21.74 -9.13
N SER CA 12 97.19 -21.43 -8.70
CA SER CA 12 96.62 -20.12 -8.97
C SER CA 12 97.39 -19.02 -8.27
N LYS CA 13 97.79 -19.25 -7.02
CA LYS CA 13 98.55 -18.24 -6.29
C LYS CA 13 99.89 -17.98 -6.94
N ASN CA 14 100.59 -19.04 -7.35
CA ASN CA 14 101.88 -18.86 -8.02
C ASN CA 14 101.72 -18.16 -9.35
N ARG CA 15 100.66 -18.48 -10.10
CA ARG CA 15 100.45 -17.81 -11.37
C ARG CA 15 100.10 -16.34 -11.19
N LYS CA 16 99.33 -16.01 -10.15
CA LYS CA 16 99.11 -14.61 -9.82
C LYS CA 16 100.41 -13.91 -9.47
N ARG CA 17 101.22 -14.52 -8.61
CA ARG CA 17 102.49 -13.93 -8.21
C ARG CA 17 103.45 -13.79 -9.38
N HIS CA 18 103.27 -14.59 -10.43
CA HIS CA 18 104.13 -14.49 -11.59
C HIS CA 18 103.66 -13.41 -12.55
N PHE CA 19 102.36 -13.40 -12.86
CA PHE CA 19 101.86 -12.45 -13.85
C PHE CA 19 101.63 -11.06 -13.28
N ASN CA 20 101.64 -10.89 -11.97
CA ASN CA 20 101.43 -9.59 -11.35
C ASN CA 20 102.65 -9.12 -10.59
N ALA CA 21 103.82 -9.64 -10.93
CA ALA CA 21 105.03 -9.26 -10.23
C ALA CA 21 105.46 -7.84 -10.64
N PRO CA 22 106.02 -7.09 -9.70
CA PRO CA 22 106.62 -5.81 -10.07
C PRO CA 22 107.89 -6.00 -10.88
N SER CA 23 108.30 -4.93 -11.57
CA SER CA 23 109.40 -5.04 -12.51
C SER CA 23 110.72 -5.38 -11.82
N HIS CA 24 110.88 -4.96 -10.57
CA HIS CA 24 112.15 -5.21 -9.89
C HIS CA 24 112.36 -6.68 -9.56
N ILE CA 25 111.29 -7.47 -9.51
CA ILE CA 25 111.44 -8.92 -9.44
C ILE CA 25 111.09 -9.61 -10.75
N ARG CA 26 110.40 -8.94 -11.66
CA ARG CA 26 110.35 -9.42 -13.04
C ARG CA 26 111.75 -9.48 -13.62
N ARG CA 27 112.65 -8.62 -13.14
CA ARG CA 27 114.06 -8.73 -13.51
C ARG CA 27 114.65 -10.06 -13.05
N LYS CA 28 114.35 -10.47 -11.82
CA LYS CA 28 114.88 -11.73 -11.31
C LYS CA 28 114.26 -12.92 -12.03
N ILE CA 29 112.97 -12.86 -12.32
CA ILE CA 29 112.31 -13.95 -13.01
C ILE CA 29 112.91 -14.14 -14.40
N MET CA 30 113.16 -13.02 -15.10
CA MET CA 30 113.71 -13.07 -16.45
C MET CA 30 115.23 -13.23 -16.41
N SER CA 31 115.67 -14.33 -15.81
CA SER CA 31 117.09 -14.64 -15.71
C SER CA 31 117.48 -15.62 -16.79
N SER CA 32 118.78 -15.63 -17.10
CA SER CA 32 119.30 -16.44 -18.19
C SER CA 32 120.54 -17.18 -17.73
N PRO CA 33 120.78 -18.38 -18.26
CA PRO CA 33 122.01 -19.09 -17.92
C PRO CA 33 123.21 -18.49 -18.64
N LEU CA 34 124.37 -18.62 -18.02
CA LEU CA 34 125.61 -18.20 -18.66
C LEU CA 34 126.16 -19.35 -19.50
N SER CA 35 127.03 -19.01 -20.43
CA SER CA 35 127.67 -20.04 -21.22
C SER CA 35 128.61 -20.87 -20.36
N LYS CA 36 129.03 -22.02 -20.89
CA LYS CA 36 129.94 -22.89 -20.14
C LYS CA 36 131.25 -22.18 -19.86
N GLU CA 37 131.73 -21.38 -20.81
CA GLU CA 37 132.94 -20.60 -20.58
C GLU CA 37 132.73 -19.58 -19.46
N LEU CA 38 131.57 -18.92 -19.45
CA LEU CA 38 131.29 -17.95 -18.40
C LEU CA 38 131.01 -18.64 -17.07
N ARG CA 39 130.34 -19.80 -17.11
CA ARG CA 39 130.12 -20.55 -15.88
C ARG CA 39 131.43 -21.05 -15.29
N GLN CA 40 132.40 -21.36 -16.14
CA GLN CA 40 133.72 -21.73 -15.64
C GLN CA 40 134.47 -20.51 -15.11
N LYS CA 41 134.47 -19.41 -15.86
CA LYS CA 41 135.21 -18.22 -15.47
C LYS CA 41 134.61 -17.58 -14.22
N TYR CA 42 133.30 -17.35 -14.24
CA TYR CA 42 132.58 -16.85 -13.07
C TYR CA 42 131.84 -18.03 -12.47
N ASN CA 43 132.08 -18.31 -11.18
CA ASN CA 43 131.50 -19.49 -10.55
C ASN CA 43 130.02 -19.27 -10.24
N VAL CA 44 129.27 -18.92 -11.28
CA VAL CA 44 127.83 -18.73 -11.21
C VAL CA 44 127.19 -19.47 -12.37
N ARG CA 45 125.89 -19.71 -12.24
CA ARG CA 45 125.13 -20.46 -13.23
C ARG CA 45 124.17 -19.58 -14.03
N SER CA 46 123.36 -18.78 -13.36
CA SER CA 46 122.37 -17.94 -13.99
C SER CA 46 122.66 -16.48 -13.70
N MET CA 47 121.95 -15.60 -14.42
CA MET CA 47 122.12 -14.16 -14.28
C MET CA 47 120.89 -13.48 -14.85
N PRO CA 48 120.38 -12.42 -14.22
CA PRO CA 48 119.31 -11.66 -14.85
C PRO CA 48 119.76 -11.05 -16.17
N ILE CA 49 118.85 -11.01 -17.12
CA ILE CA 49 119.19 -10.50 -18.46
C ILE CA 49 119.33 -8.99 -18.39
N ARG CA 50 120.14 -8.44 -19.29
CA ARG CA 50 120.59 -7.06 -19.20
C ARG CA 50 120.53 -6.44 -20.59
N LYS CA 51 120.61 -5.11 -20.64
CA LYS CA 51 120.33 -4.36 -21.85
C LYS CA 51 121.25 -4.75 -23.00
N ASP CA 52 122.55 -4.76 -22.78
CA ASP CA 52 123.52 -4.79 -23.87
C ASP CA 52 124.52 -5.93 -23.73
N ASP CA 53 124.05 -7.14 -23.44
CA ASP CA 53 124.93 -8.29 -23.41
C ASP CA 53 124.69 -9.15 -24.65
N GLU CA 54 125.59 -10.11 -24.86
CA GLU CA 54 125.61 -10.93 -26.06
C GLU CA 54 125.06 -12.31 -25.75
N VAL CA 55 124.06 -12.74 -26.51
CA VAL CA 55 123.40 -14.01 -26.27
C VAL CA 55 123.27 -14.78 -27.58
N GLN CA 56 123.00 -16.07 -27.46
CA GLN CA 56 122.59 -16.89 -28.58
C GLN CA 56 121.36 -17.69 -28.19
N VAL CA 57 120.47 -17.88 -29.15
CA VAL CA 57 119.19 -18.54 -28.92
C VAL CA 57 119.38 -20.04 -29.12
N VAL CA 58 118.90 -20.83 -28.16
CA VAL CA 58 119.10 -22.27 -28.18
C VAL CA 58 117.81 -23.04 -28.39
N ARG CA 59 116.66 -22.39 -28.36
CA ARG CA 59 115.40 -23.06 -28.60
C ARG CA 59 114.55 -22.19 -29.52
N GLY CA 60 113.68 -22.84 -30.29
CA GLY CA 60 112.75 -22.14 -31.14
C GLY CA 60 113.19 -22.10 -32.59
N HIS CA 61 112.53 -21.22 -33.34
CA HIS CA 61 112.81 -21.09 -34.77
C HIS CA 61 114.17 -20.46 -35.02
N TYR CA 62 114.67 -19.65 -34.09
CA TYR CA 62 115.93 -18.92 -34.26
C TYR CA 62 117.10 -19.61 -33.57
N LYS CA 63 117.07 -20.94 -33.47
CA LYS CA 63 118.21 -21.68 -32.96
C LYS CA 63 119.43 -21.44 -33.83
N GLY CA 64 120.57 -21.24 -33.19
CA GLY CA 64 121.79 -21.05 -33.93
C GLY CA 64 122.90 -20.58 -33.03
N GLN CA 65 124.10 -20.55 -33.59
CA GLN CA 65 125.28 -20.10 -32.88
C GLN CA 65 125.64 -18.66 -33.18
N GLN CA 66 124.86 -17.97 -34.00
CA GLN CA 66 125.12 -16.56 -34.24
C GLN CA 66 124.88 -15.77 -32.95
N ILE CA 67 125.72 -14.78 -32.70
CA ILE CA 67 125.72 -14.03 -31.45
C ILE CA 67 125.06 -12.68 -31.72
N GLY CA 68 123.97 -12.42 -31.04
CA GLY CA 68 123.22 -11.18 -31.24
C GLY CA 68 123.15 -10.37 -29.95
N LYS CA 69 123.31 -9.07 -30.09
CA LYS CA 69 123.24 -8.18 -28.94
C LYS CA 69 121.78 -7.96 -28.54
N VAL CA 70 121.51 -8.07 -27.24
CA VAL CA 70 120.19 -7.69 -26.74
C VAL CA 70 120.00 -6.19 -26.95
N VAL CA 71 118.81 -5.80 -27.35
CA VAL CA 71 118.56 -4.40 -27.70
C VAL CA 71 117.37 -3.85 -26.92
N GLN CA 72 116.59 -4.74 -26.30
CA GLN CA 72 115.45 -4.30 -25.49
C GLN CA 72 115.03 -5.42 -24.58
N VAL CA 73 114.68 -5.07 -23.34
CA VAL CA 73 114.16 -6.00 -22.36
C VAL CA 73 112.76 -5.55 -22.03
N TYR CA 74 111.76 -6.25 -22.56
CA TYR CA 74 110.36 -5.85 -22.41
C TYR CA 74 109.78 -6.66 -21.25
N ARG CA 75 110.04 -6.17 -20.03
CA ARG CA 75 109.68 -6.93 -18.84
C ARG CA 75 108.17 -7.09 -18.70
N LYS CA 76 107.39 -6.18 -19.26
CA LYS CA 76 105.95 -6.30 -19.17
C LYS CA 76 105.45 -7.50 -19.96
N LYS CA 77 106.05 -7.77 -21.11
CA LYS CA 77 105.70 -8.92 -21.93
C LYS CA 77 106.62 -10.11 -21.68
N TYR CA 78 107.51 -10.03 -20.69
CA TYR CA 78 108.36 -11.14 -20.27
C TYR CA 78 109.25 -11.64 -21.42
N VAL CA 79 109.69 -10.74 -22.30
CA VAL CA 79 110.47 -11.12 -23.47
C VAL CA 79 111.64 -10.16 -23.61
N ILE CA 80 112.58 -10.55 -24.48
CA ILE CA 80 113.72 -9.73 -24.85
C ILE CA 80 113.81 -9.71 -26.36
N TYR CA 81 114.43 -8.67 -26.89
CA TYR CA 81 114.67 -8.52 -28.31
C TYR CA 81 116.16 -8.66 -28.61
N ILE CA 82 116.46 -9.23 -29.78
CA ILE CA 82 117.83 -9.49 -30.19
C ILE CA 82 117.98 -8.94 -31.60
N GLU CA 83 119.23 -8.58 -31.96
CA GLU CA 83 119.47 -7.90 -33.23
C GLU CA 83 118.96 -8.71 -34.43
N ARG CA 84 119.52 -9.88 -34.65
CA ARG CA 84 119.16 -10.65 -35.83
C ARG CA 84 117.92 -11.51 -35.63
N VAL CA 85 117.33 -11.50 -34.45
CA VAL CA 85 116.07 -12.20 -34.20
C VAL CA 85 114.97 -11.22 -34.60
N GLN CA 86 114.59 -11.27 -35.86
CA GLN CA 86 113.56 -10.38 -36.39
C GLN CA 86 112.95 -11.00 -37.62
N ARG CA 87 111.71 -10.61 -37.90
CA ARG CA 87 110.97 -11.17 -39.02
C ARG CA 87 110.46 -10.04 -39.90
N GLU CA 88 110.13 -10.39 -41.13
CA GLU CA 88 109.59 -9.44 -42.10
C GLU CA 88 108.07 -9.50 -42.06
N LYS CA 89 107.44 -8.34 -41.91
CA LYS CA 89 105.98 -8.29 -41.91
C LYS CA 89 105.49 -7.81 -43.27
N ALA CA 90 104.18 -7.57 -43.38
CA ALA CA 90 103.56 -7.35 -44.68
C ALA CA 90 103.99 -6.03 -45.29
N ASN CA 91 103.95 -4.95 -44.52
CA ASN CA 91 104.13 -3.61 -45.09
C ASN CA 91 105.58 -3.26 -45.37
N GLY CA 92 106.49 -4.23 -45.36
CA GLY CA 92 107.87 -3.95 -45.73
C GLY CA 92 108.79 -3.60 -44.59
N THR CA 93 108.28 -3.43 -43.38
CA THR CA 93 109.11 -3.17 -42.22
C THR CA 93 109.53 -4.49 -41.59
N THR CA 94 110.54 -4.42 -40.73
CA THR CA 94 111.05 -5.57 -40.00
C THR CA 94 110.81 -5.36 -38.52
N VAL CA 95 110.19 -6.35 -37.87
CA VAL CA 95 109.84 -6.26 -36.46
C VAL CA 95 110.69 -7.26 -35.68
N HIS CA 96 111.02 -6.89 -34.45
CA HIS CA 96 111.72 -7.79 -33.55
C HIS CA 96 110.77 -8.84 -33.01
N VAL CA 97 111.29 -10.05 -32.86
CA VAL CA 97 110.51 -11.18 -32.34
C VAL CA 97 110.93 -11.39 -30.90
N GLY CA 98 110.00 -11.18 -29.97
CA GLY CA 98 110.31 -11.33 -28.56
C GLY CA 98 110.37 -12.78 -28.17
N ILE CA 99 111.47 -13.17 -27.53
CA ILE CA 99 111.67 -14.53 -27.07
C ILE CA 99 112.00 -14.51 -25.59
N HIS CA 100 111.71 -15.62 -24.93
CA HIS CA 100 111.88 -15.68 -23.48
C HIS CA 100 113.36 -15.69 -23.12
N PRO CA 101 113.75 -15.01 -22.05
CA PRO CA 101 115.17 -15.00 -21.65
C PRO CA 101 115.67 -16.35 -21.14
N SER CA 102 114.80 -17.26 -20.73
CA SER CA 102 115.27 -18.56 -20.30
C SER CA 102 115.62 -19.46 -21.46
N LYS CA 103 115.26 -19.08 -22.68
CA LYS CA 103 115.56 -19.85 -23.87
C LYS CA 103 116.80 -19.36 -24.60
N VAL CA 104 117.55 -18.43 -24.01
CA VAL CA 104 118.81 -17.98 -24.55
C VAL CA 104 119.90 -18.32 -23.55
N VAL CA 105 121.15 -18.09 -23.95
CA VAL CA 105 122.29 -18.25 -23.06
C VAL CA 105 123.24 -17.08 -23.30
N ILE CA 106 123.72 -16.47 -22.21
CA ILE CA 106 124.59 -15.31 -22.30
C ILE CA 106 126.01 -15.77 -22.63
N THR CA 107 126.58 -15.20 -23.69
CA THR CA 107 127.93 -15.54 -24.10
C THR CA 107 128.95 -14.48 -23.75
N ARG CA 108 128.56 -13.20 -23.77
CA ARG CA 108 129.44 -12.11 -23.36
C ARG CA 108 128.60 -11.17 -22.52
N LEU CA 109 129.09 -10.80 -21.35
CA LEU CA 109 128.30 -10.09 -20.37
C LEU CA 109 128.46 -8.58 -20.52
N LYS CA 110 127.47 -7.85 -19.98
CA LYS CA 110 127.52 -6.39 -19.92
C LYS CA 110 127.93 -6.00 -18.50
N LEU CA 111 129.14 -5.47 -18.36
CA LEU CA 111 129.77 -5.32 -17.06
C LEU CA 111 129.74 -3.87 -16.58
N ASP CA 112 129.54 -3.70 -15.29
CA ASP CA 112 129.82 -2.46 -14.57
C ASP CA 112 130.07 -2.84 -13.11
N LYS CA 113 130.11 -1.84 -12.22
CA LYS CA 113 130.39 -2.14 -10.83
C LYS CA 113 129.29 -3.00 -10.21
N ASP CA 114 128.04 -2.70 -10.52
CA ASP CA 114 126.93 -3.45 -9.94
C ASP CA 114 126.96 -4.90 -10.38
N ARG CA 115 127.01 -5.15 -11.70
CA ARG CA 115 126.97 -6.52 -12.20
C ARG CA 115 128.12 -7.33 -11.65
N LYS CA 116 129.32 -6.75 -11.60
CA LYS CA 116 130.45 -7.43 -10.98
C LYS CA 116 130.14 -7.77 -9.53
N LYS CA 117 129.56 -6.82 -8.79
CA LYS CA 117 129.28 -7.06 -7.38
C LYS CA 117 128.31 -8.23 -7.19
N ILE CA 118 127.25 -8.31 -7.99
CA ILE CA 118 126.34 -9.46 -7.89
C ILE CA 118 127.05 -10.75 -8.32
N LEU CA 119 127.95 -10.68 -9.30
CA LEU CA 119 128.69 -11.90 -9.65
C LEU CA 119 129.53 -12.39 -8.48
N GLU CA 120 130.25 -11.49 -7.80
CA GLU CA 120 131.02 -11.97 -6.65
C GLU CA 120 130.13 -12.42 -5.52
N ARG CA 121 128.97 -11.79 -5.32
CA ARG CA 121 128.08 -12.24 -4.25
C ARG CA 121 127.56 -13.64 -4.52
N LYS CA 122 127.15 -13.91 -5.76
CA LYS CA 122 126.70 -15.25 -6.12
C LYS CA 122 127.82 -16.26 -5.98
N ALA CA 123 129.03 -15.90 -6.43
CA ALA CA 123 130.15 -16.82 -6.31
C ALA CA 123 130.46 -17.13 -4.86
N LYS CA 124 130.43 -16.11 -3.99
CA LYS CA 124 130.71 -16.33 -2.57
C LYS CA 124 129.64 -17.21 -1.93
N SER CA 125 128.37 -17.00 -2.29
CA SER CA 125 127.33 -17.85 -1.75
C SER CA 125 127.52 -19.29 -2.19
N ARG CA 126 127.90 -19.51 -3.45
CA ARG CA 126 128.12 -20.86 -3.92
C ARG CA 126 129.31 -21.51 -3.23
N GLN CA 127 130.37 -20.74 -2.98
CA GLN CA 127 131.52 -21.26 -2.24
C GLN CA 127 131.12 -21.66 -0.83
N VAL CA 128 130.39 -20.78 -0.13
CA VAL CA 128 129.94 -21.10 1.22
C VAL CA 128 129.08 -22.35 1.20
N GLY CA 129 128.24 -22.49 0.18
CA GLY CA 129 127.44 -23.70 0.05
C GLY CA 129 128.28 -24.94 -0.13
N LYS CA 130 129.36 -24.86 -0.92
CA LYS CA 130 130.13 -26.07 -1.16
C LYS CA 130 131.03 -26.44 0.02
N GLU CA 131 131.53 -25.47 0.79
CA GLU CA 131 132.14 -25.90 2.06
C GLU CA 131 131.10 -26.30 3.10
N LYS CA 132 129.84 -25.89 2.93
CA LYS CA 132 128.83 -26.33 3.89
C LYS CA 132 128.49 -27.81 3.68
N GLY CA 133 128.32 -28.21 2.43
CA GLY CA 133 127.98 -29.58 2.13
C GLY CA 133 129.12 -30.57 2.13
N LYS CA 134 130.36 -30.09 2.30
CA LYS CA 134 131.50 -30.99 2.29
C LYS CA 134 131.57 -31.82 3.56
N GLY DA 1 33.74 94.87 24.08
CA GLY DA 1 33.69 95.06 22.64
C GLY DA 1 34.95 94.62 21.95
N LYS DA 2 35.63 95.55 21.27
CA LYS DA 2 36.88 95.24 20.61
C LYS DA 2 37.97 94.94 21.63
N PHE DA 3 38.76 93.91 21.35
CA PHE DA 3 39.88 93.52 22.19
C PHE DA 3 41.21 93.48 21.47
N MET DA 4 41.22 93.49 20.14
CA MET DA 4 42.48 93.54 19.40
C MET DA 4 43.12 94.90 19.56
N LYS DA 5 43.99 95.04 20.54
CA LYS DA 5 44.63 96.30 20.87
C LYS DA 5 46.15 96.12 20.86
N PRO DA 6 46.90 97.19 20.61
CA PRO DA 6 48.35 97.11 20.75
C PRO DA 6 48.74 96.71 22.17
N GLY DA 7 49.76 95.87 22.27
CA GLY DA 7 50.18 95.34 23.54
C GLY DA 7 49.53 94.03 23.93
N LYS DA 8 48.55 93.56 23.16
CA LYS DA 8 47.89 92.30 23.47
C LYS DA 8 48.71 91.13 22.95
N VAL DA 9 48.83 90.09 23.77
CA VAL DA 9 49.58 88.90 23.41
C VAL DA 9 48.66 87.95 22.66
N VAL DA 10 49.11 87.49 21.50
CA VAL DA 10 48.33 86.61 20.63
C VAL DA 10 49.18 85.40 20.24
N LEU DA 11 48.50 84.29 19.96
CA LEU DA 11 49.14 83.10 19.42
C LEU DA 11 49.03 83.10 17.90
N VAL DA 12 50.13 82.80 17.23
CA VAL DA 12 50.14 82.69 15.78
C VAL DA 12 49.72 81.28 15.41
N LEU DA 13 48.64 81.17 14.64
CA LEU DA 13 48.04 79.88 14.32
C LEU DA 13 48.51 79.29 13.02
N ALA DA 14 48.93 80.11 12.05
CA ALA DA 14 49.30 79.64 10.73
C ALA DA 14 50.61 80.29 10.31
N GLY DA 15 51.29 79.65 9.37
CA GLY DA 15 52.53 80.17 8.83
C GLY DA 15 53.75 79.47 9.36
N ARG DA 16 54.90 80.04 9.02
CA ARG DA 16 56.17 79.49 9.51
C ARG DA 16 56.27 79.57 11.01
N TYR DA 17 55.69 80.61 11.61
CA TYR DA 17 55.75 80.84 13.05
C TYR DA 17 54.50 80.34 13.75
N SER DA 18 53.95 79.22 13.29
CA SER DA 18 52.77 78.66 13.91
C SER DA 18 53.05 78.26 15.35
N GLY DA 19 52.17 78.69 16.25
CA GLY DA 19 52.29 78.35 17.65
C GLY DA 19 53.16 79.28 18.47
N ARG DA 20 53.81 80.26 17.85
CA ARG DA 20 54.65 81.20 18.59
C ARG DA 20 53.79 82.17 19.37
N LYS DA 21 54.31 82.63 20.50
CA LYS DA 21 53.66 83.70 21.25
C LYS DA 21 54.17 85.05 20.76
N ALA DA 22 53.24 85.99 20.59
CA ALA DA 22 53.55 87.23 19.91
C ALA DA 22 52.66 88.32 20.46
N VAL DA 23 53.07 89.57 20.26
CA VAL DA 23 52.34 90.73 20.77
C VAL DA 23 51.97 91.63 19.60
N ILE DA 24 50.74 92.15 19.64
CA ILE DA 24 50.26 93.03 18.58
C ILE DA 24 50.87 94.41 18.74
N VAL DA 25 51.45 94.92 17.66
CA VAL DA 25 52.02 96.26 17.67
C VAL DA 25 50.99 97.29 17.25
N LYS DA 26 50.26 97.01 16.18
CA LYS DA 26 49.30 97.96 15.63
C LYS DA 26 48.19 97.18 14.96
N ASN DA 27 46.95 97.42 15.38
CA ASN DA 27 45.80 96.78 14.76
C ASN DA 27 45.20 97.71 13.71
N ILE DA 28 44.83 97.13 12.58
CA ILE DA 28 44.30 97.88 11.44
C ILE DA 28 42.81 97.62 11.25
N ASP DA 29 42.41 96.35 11.29
CA ASP DA 29 41.06 95.80 11.40
C ASP DA 29 40.01 96.53 10.56
N ASP DA 30 40.43 97.12 9.45
CA ASP DA 30 39.49 97.63 8.47
C ASP DA 30 39.90 97.38 7.02
N GLY DA 31 41.14 97.02 6.75
CA GLY DA 31 41.60 96.88 5.38
C GLY DA 31 42.11 98.17 4.80
N THR DA 32 43.22 98.11 4.08
CA THR DA 32 43.85 99.30 3.50
C THR DA 32 44.05 99.16 2.01
N SER DA 33 43.09 98.55 1.32
CA SER DA 33 43.03 98.46 -0.14
C SER DA 33 44.15 97.61 -0.72
N ASP DA 34 45.06 97.15 0.14
CA ASP DA 34 46.07 96.16 -0.20
C ASP DA 34 45.89 94.87 0.57
N ARG DA 35 45.39 94.95 1.78
CA ARG DA 35 44.96 93.80 2.57
C ARG DA 35 43.53 94.07 2.96
N PRO DA 36 42.57 93.71 2.10
CA PRO DA 36 41.16 94.05 2.36
C PRO DA 36 40.61 93.40 3.61
N TYR DA 37 41.27 92.37 4.13
CA TYR DA 37 40.83 91.74 5.36
C TYR DA 37 41.24 92.59 6.56
N SER DA 38 41.01 92.07 7.76
CA SER DA 38 41.45 92.70 8.99
C SER DA 38 42.80 92.12 9.38
N HIS DA 39 43.81 92.97 9.48
CA HIS DA 39 45.17 92.54 9.77
C HIS DA 39 45.74 93.40 10.88
N ALA DA 40 46.89 92.99 11.39
CA ALA DA 40 47.55 93.72 12.47
C ALA DA 40 49.03 93.43 12.45
N LEU DA 41 49.84 94.47 12.58
CA LEU DA 41 51.27 94.30 12.71
C LEU DA 41 51.57 93.67 14.07
N VAL DA 42 52.31 92.56 14.05
CA VAL DA 42 52.53 91.76 15.24
C VAL DA 42 54.02 91.44 15.36
N ALA DA 43 54.59 91.67 16.53
CA ALA DA 43 55.98 91.35 16.82
C ALA DA 43 56.01 90.16 17.77
N GLY DA 44 56.75 89.13 17.41
CA GLY DA 44 56.79 87.93 18.22
C GLY DA 44 58.19 87.39 18.38
N ILE DA 45 58.33 86.21 18.98
CA ILE DA 45 59.63 85.60 19.20
C ILE DA 45 59.67 84.26 18.49
N ASP DA 46 60.72 84.05 17.70
CA ASP DA 46 60.90 82.81 16.96
C ASP DA 46 61.61 81.78 17.83
N ARG DA 47 62.77 82.14 18.36
CA ARG DA 47 63.53 81.27 19.25
C ARG DA 47 63.29 81.71 20.69
N TYR DA 48 62.69 80.84 21.48
CA TYR DA 48 62.44 81.15 22.87
C TYR DA 48 63.73 81.03 23.67
N PRO DA 49 63.89 81.82 24.73
CA PRO DA 49 65.05 81.64 25.60
C PRO DA 49 64.99 80.30 26.31
N ARG DA 50 66.16 79.73 26.55
CA ARG DA 50 66.23 78.41 27.17
C ARG DA 50 66.04 78.52 28.68
N LYS DA 51 65.65 77.39 29.27
CA LYS DA 51 65.51 77.33 30.72
C LYS DA 51 66.88 77.46 31.38
N VAL DA 52 66.95 78.30 32.41
CA VAL DA 52 68.18 78.55 33.14
C VAL DA 52 67.97 78.18 34.61
N THR DA 53 68.93 77.46 35.16
CA THR DA 53 68.87 77.00 36.54
C THR DA 53 70.01 77.61 37.34
N ALA DA 54 69.99 77.38 38.65
CA ALA DA 54 70.88 78.08 39.56
C ALA DA 54 72.34 77.73 39.30
N ALA DA 55 72.65 76.46 39.12
CA ALA DA 55 74.04 76.02 39.01
C ALA DA 55 74.43 75.87 37.54
N MET DA 56 74.56 77.01 36.86
CA MET DA 56 74.94 76.94 35.45
C MET DA 56 76.11 77.84 35.09
N GLY DA 57 76.19 79.03 35.67
CA GLY DA 57 77.28 79.93 35.35
C GLY DA 57 76.80 81.11 34.52
N LYS DA 58 77.33 82.30 34.82
CA LYS DA 58 76.78 83.54 34.28
C LYS DA 58 76.86 83.59 32.76
N LYS DA 59 77.98 83.17 32.19
CA LYS DA 59 78.12 83.21 30.73
C LYS DA 59 77.11 82.29 30.06
N LYS DA 60 76.84 81.13 30.66
CA LYS DA 60 75.85 80.22 30.10
C LYS DA 60 74.44 80.77 30.27
N ILE DA 61 74.19 81.46 31.39
CA ILE DA 61 72.90 82.13 31.58
C ILE DA 61 72.67 83.16 30.49
N ALA DA 62 73.69 83.98 30.22
CA ALA DA 62 73.56 85.02 29.20
C ALA DA 62 73.44 84.42 27.82
N LYS DA 63 74.13 83.31 27.56
CA LYS DA 63 74.00 82.64 26.27
C LYS DA 63 72.59 82.09 26.07
N ARG DA 64 71.99 81.55 27.12
CA ARG DA 64 70.68 80.93 27.01
C ARG DA 64 69.52 81.91 27.16
N SER DA 65 69.80 83.19 27.42
CA SER DA 65 68.77 84.21 27.46
C SER DA 65 68.65 84.96 26.14
N LYS DA 66 69.36 84.51 25.10
CA LYS DA 66 69.24 85.15 23.80
C LYS DA 66 67.90 84.80 23.17
N ILE DA 67 67.29 85.79 22.52
CA ILE DA 67 65.95 85.65 21.95
C ILE DA 67 66.00 86.11 20.49
N LYS DA 68 65.50 85.27 19.59
CA LYS DA 68 65.38 85.62 18.18
C LYS DA 68 63.94 85.99 17.89
N SER DA 69 63.70 87.24 17.56
CA SER DA 69 62.36 87.75 17.38
C SER DA 69 61.99 87.78 15.90
N PHE DA 70 60.76 88.20 15.63
CA PHE DA 70 60.28 88.39 14.28
C PHE DA 70 59.18 89.44 14.28
N VAL DA 71 58.98 90.08 13.14
CA VAL DA 71 57.86 90.99 12.95
C VAL DA 71 57.10 90.55 11.71
N LYS DA 72 55.78 90.50 11.81
CA LYS DA 72 54.94 90.02 10.73
C LYS DA 72 53.62 90.77 10.75
N VAL DA 73 52.94 90.77 9.61
CA VAL DA 73 51.57 91.23 9.50
C VAL DA 73 50.70 90.01 9.29
N TYR DA 74 49.70 89.84 10.15
CA TYR DA 74 48.91 88.62 10.18
C TYR DA 74 47.43 88.94 10.03
N ASN DA 75 46.73 88.12 9.26
CA ASN DA 75 45.28 88.15 9.24
C ASN DA 75 44.74 87.66 10.57
N TYR DA 76 43.67 88.27 11.06
CA TYR DA 76 43.12 87.90 12.36
C TYR DA 76 42.70 86.44 12.41
N ASN DA 77 42.31 85.86 11.28
CA ASN DA 77 41.94 84.44 11.26
C ASN DA 77 43.13 83.55 11.56
N HIS DA 78 44.35 84.06 11.49
CA HIS DA 78 45.54 83.31 11.80
C HIS DA 78 46.11 83.67 13.16
N LEU DA 79 45.33 84.36 14.00
CA LEU DA 79 45.77 84.80 15.32
C LEU DA 79 44.77 84.34 16.37
N MET DA 80 45.28 83.89 17.50
CA MET DA 80 44.45 83.51 18.65
C MET DA 80 44.67 84.51 19.77
N PRO DA 81 43.73 85.41 20.03
CA PRO DA 81 43.93 86.40 21.09
C PRO DA 81 43.93 85.75 22.46
N THR DA 82 44.63 86.39 23.39
CA THR DA 82 44.69 85.92 24.77
C THR DA 82 44.24 87.03 25.71
N ARG DA 83 44.06 86.66 26.97
CA ARG DA 83 43.74 87.64 28.00
C ARG DA 83 44.97 88.38 28.50
N TYR DA 84 46.16 87.88 28.19
CA TYR DA 84 47.39 88.51 28.65
C TYR DA 84 47.76 89.68 27.76
N SER DA 85 48.58 90.57 28.32
CA SER DA 85 49.09 91.71 27.57
C SER DA 85 50.42 92.12 28.19
N VAL DA 86 51.34 92.55 27.33
CA VAL DA 86 52.64 93.03 27.76
C VAL DA 86 52.80 94.48 27.34
N ASP DA 87 53.20 95.32 28.28
CA ASP DA 87 53.41 96.74 28.00
C ASP DA 87 54.86 97.02 27.61
N ILE DA 88 55.37 96.25 26.67
CA ILE DA 88 56.74 96.40 26.21
C ILE DA 88 56.77 97.56 25.22
N PRO DA 89 57.54 98.61 25.47
CA PRO DA 89 57.47 99.82 24.65
C PRO DA 89 58.24 99.68 23.34
N LEU DA 90 57.62 99.01 22.39
CA LEU DA 90 58.20 98.91 21.06
C LEU DA 90 58.21 100.28 20.40
N ASP DA 91 59.24 100.55 19.62
CA ASP DA 91 59.37 101.82 18.94
C ASP DA 91 58.55 101.78 17.65
N LYS DA 92 57.55 102.66 17.55
CA LYS DA 92 56.70 102.65 16.37
C LYS DA 92 57.41 103.21 15.15
N THR DA 93 58.36 104.11 15.35
CA THR DA 93 59.04 104.73 14.21
C THR DA 93 59.89 103.73 13.45
N VAL DA 94 60.46 102.74 14.14
CA VAL DA 94 61.21 101.68 13.49
C VAL DA 94 60.30 100.53 13.09
N VAL DA 95 59.43 100.10 14.00
CA VAL DA 95 58.53 98.97 13.74
C VAL DA 95 57.21 99.56 13.29
N ASN DA 96 57.06 99.69 11.97
CA ASN DA 96 55.83 100.18 11.37
C ASN DA 96 55.46 99.28 10.20
N LYS DA 97 54.42 99.67 9.46
CA LYS DA 97 53.87 98.76 8.45
C LYS DA 97 54.77 98.66 7.22
N ASP DA 98 55.40 99.76 6.81
CA ASP DA 98 56.22 99.76 5.61
C ASP DA 98 57.64 99.27 5.86
N VAL DA 99 57.85 98.51 6.92
CA VAL DA 99 59.17 97.96 7.21
C VAL DA 99 59.47 96.77 6.31
N PHE DA 100 58.44 96.15 5.75
CA PHE DA 100 58.62 94.92 4.98
C PHE DA 100 59.14 95.18 3.57
N ARG DA 101 59.09 96.42 3.10
CA ARG DA 101 59.50 96.73 1.74
C ARG DA 101 61.00 96.90 1.59
N ASP DA 102 61.74 96.91 2.69
CA ASP DA 102 63.20 97.01 2.62
C ASP DA 102 63.81 96.07 3.64
N PRO DA 103 64.68 95.13 3.21
CA PRO DA 103 65.25 94.17 4.16
C PRO DA 103 66.07 94.80 5.27
N ALA DA 104 66.75 95.91 5.00
CA ALA DA 104 67.52 96.57 6.05
C ALA DA 104 66.62 97.08 7.16
N LEU DA 105 65.49 97.69 6.77
CA LEU DA 105 64.54 98.15 7.78
C LEU DA 105 63.98 96.98 8.58
N LYS DA 106 63.68 95.87 7.92
CA LYS DA 106 63.15 94.72 8.64
C LYS DA 106 64.17 94.18 9.63
N ARG DA 107 65.44 94.13 9.23
CA ARG DA 107 66.48 93.71 10.15
C ARG DA 107 66.58 94.64 11.34
N LYS DA 108 66.51 95.95 11.10
CA LYS DA 108 66.57 96.91 12.22
C LYS DA 108 65.38 96.75 13.15
N ALA DA 109 64.19 96.57 12.60
CA ALA DA 109 63.00 96.41 13.43
C ALA DA 109 63.07 95.13 14.24
N ARG DA 110 63.54 94.05 13.62
CA ARG DA 110 63.67 92.78 14.32
C ARG DA 110 64.71 92.87 15.42
N ARG DA 111 65.81 93.58 15.18
CA ARG DA 111 66.82 93.81 16.22
C ARG DA 111 66.25 94.62 17.38
N GLU DA 112 65.48 95.65 17.09
CA GLU DA 112 64.93 96.48 18.16
C GLU DA 112 63.92 95.69 18.98
N ALA DA 113 63.06 94.92 18.32
CA ALA DA 113 62.15 94.05 19.04
C ALA DA 113 62.91 93.04 19.88
N LYS DA 114 64.00 92.49 19.33
CA LYS DA 114 64.79 91.52 20.05
C LYS DA 114 65.41 92.12 21.31
N VAL DA 115 65.97 93.32 21.22
CA VAL DA 115 66.64 93.88 22.39
C VAL DA 115 65.62 94.28 23.46
N LYS DA 116 64.46 94.82 23.05
CA LYS DA 116 63.43 95.12 24.03
C LYS DA 116 62.89 93.86 24.69
N PHE DA 117 62.71 92.80 23.90
CA PHE DA 117 62.21 91.54 24.46
C PHE DA 117 63.22 90.90 25.40
N GLU DA 118 64.51 90.99 25.07
CA GLU DA 118 65.52 90.46 25.98
C GLU DA 118 65.57 91.26 27.26
N GLU DA 119 65.40 92.58 27.18
CA GLU DA 119 65.36 93.39 28.40
C GLU DA 119 64.17 93.01 29.27
N ARG DA 120 63.00 92.82 28.66
CA ARG DA 120 61.81 92.46 29.44
C ARG DA 120 61.90 91.04 30.00
N TYR DA 121 62.51 90.12 29.24
CA TYR DA 121 62.64 88.75 29.72
C TYR DA 121 63.49 88.67 30.97
N LYS DA 122 64.55 89.47 31.03
CA LYS DA 122 65.31 89.61 32.26
C LYS DA 122 64.40 90.22 33.32
N THR DA 123 64.76 89.99 34.59
CA THR DA 123 64.00 90.32 35.78
C THR DA 123 62.72 89.51 35.90
N GLY DA 124 62.49 88.54 35.02
CA GLY DA 124 61.40 87.59 35.20
C GLY DA 124 60.01 88.18 35.19
N LYS DA 125 59.72 89.09 34.25
CA LYS DA 125 58.41 89.68 34.12
C LYS DA 125 57.72 89.12 32.89
N ASN DA 126 56.38 89.07 32.96
CA ASN DA 126 55.55 88.50 31.89
C ASN DA 126 55.97 87.06 31.59
N LYS DA 127 56.14 86.27 32.66
CA LYS DA 127 56.76 84.97 32.54
C LYS DA 127 55.97 84.01 31.66
N TRP DA 128 54.67 84.23 31.50
CA TRP DA 128 53.92 83.38 30.58
C TRP DA 128 54.26 83.69 29.13
N PHE DA 129 54.55 84.96 28.83
CA PHE DA 129 54.82 85.33 27.44
C PHE DA 129 56.10 84.71 26.92
N PHE DA 130 57.11 84.57 27.76
CA PHE DA 130 58.41 84.09 27.33
C PHE DA 130 58.57 82.58 27.46
N GLN DA 131 57.52 81.88 27.85
CA GLN DA 131 57.54 80.43 27.95
C GLN DA 131 56.90 79.84 26.71
N LYS DA 132 57.57 78.86 26.11
CA LYS DA 132 57.09 78.26 24.88
C LYS DA 132 55.82 77.47 25.14
N LEU DA 133 54.82 77.66 24.28
CA LEU DA 133 53.59 76.90 24.40
C LEU DA 133 53.84 75.45 24.03
N ARG DA 134 53.39 74.53 24.88
CA ARG DA 134 53.58 73.10 24.64
C ARG DA 134 52.32 72.54 24.01
N PHE DA 135 52.41 72.15 22.75
CA PHE DA 135 51.27 71.59 22.03
C PHE DA 135 51.71 70.40 21.20
N PRO EA 1 77.00 -43.49 2.01
CA PRO EA 1 77.01 -43.79 0.58
C PRO EA 1 75.66 -43.56 -0.07
N SER EA 2 75.51 -42.45 -0.78
CA SER EA 2 74.25 -42.18 -1.46
C SER EA 2 74.03 -43.09 -2.66
N ARG EA 3 75.06 -43.80 -3.11
CA ARG EA 3 74.91 -44.69 -4.25
C ARG EA 3 74.24 -46.01 -3.88
N LEU EA 4 74.11 -46.31 -2.59
CA LEU EA 4 73.45 -47.53 -2.14
C LEU EA 4 72.03 -47.29 -1.68
N ARG EA 5 71.50 -46.10 -1.87
CA ARG EA 5 70.21 -45.75 -1.30
C ARG EA 5 69.08 -45.88 -2.31
N LYS EA 6 67.86 -45.91 -1.77
CA LYS EA 6 66.65 -46.19 -2.52
C LYS EA 6 66.31 -45.09 -3.51
N THR EA 7 66.84 -43.88 -3.32
CA THR EA 7 66.59 -42.80 -4.26
C THR EA 7 67.18 -43.09 -5.63
N ARG EA 8 68.32 -43.78 -5.67
CA ARG EA 8 68.95 -44.07 -6.95
C ARG EA 8 68.16 -45.07 -7.77
N LYS EA 9 67.32 -45.87 -7.12
CA LYS EA 9 66.48 -46.82 -7.84
C LYS EA 9 65.11 -46.28 -8.19
N LEU EA 10 64.76 -45.09 -7.71
CA LEU EA 10 63.46 -44.51 -7.96
C LEU EA 10 63.47 -43.49 -9.09
N ARG EA 11 64.58 -43.34 -9.79
CA ARG EA 11 64.64 -42.40 -10.90
C ARG EA 11 63.81 -42.92 -12.06
N GLY EA 12 62.93 -42.07 -12.59
CA GLY EA 12 62.04 -42.46 -13.64
C GLY EA 12 60.65 -42.85 -13.18
N HIS EA 13 60.46 -43.07 -11.88
CA HIS EA 13 59.15 -43.33 -11.31
C HIS EA 13 58.63 -42.03 -10.73
N VAL EA 14 57.51 -41.54 -11.25
CA VAL EA 14 57.13 -40.15 -11.03
C VAL EA 14 56.82 -39.90 -9.56
N SER EA 15 56.22 -40.88 -8.88
CA SER EA 15 55.77 -40.67 -7.52
C SER EA 15 56.88 -40.81 -6.49
N HIS EA 16 58.04 -41.33 -6.89
CA HIS EA 16 59.18 -41.51 -5.99
C HIS EA 16 58.82 -42.38 -4.80
N GLY EA 17 58.01 -43.40 -5.03
CA GLY EA 17 57.69 -44.34 -3.97
C GLY EA 17 56.72 -43.84 -2.94
N HIS EA 18 55.99 -42.75 -3.22
CA HIS EA 18 55.04 -42.20 -2.26
C HIS EA 18 53.61 -42.24 -2.76
N GLY EA 19 53.35 -42.86 -3.89
CA GLY EA 19 51.97 -43.05 -4.31
C GLY EA 19 51.47 -41.92 -5.17
N ARG EA 20 50.50 -42.25 -6.03
CA ARG EA 20 49.87 -41.27 -6.89
C ARG EA 20 48.63 -40.64 -6.27
N ILE EA 21 47.93 -41.37 -5.41
CA ILE EA 21 46.67 -40.89 -4.85
C ILE EA 21 46.92 -40.01 -3.65
N GLY EA 22 47.52 -40.59 -2.60
CA GLY EA 22 47.74 -39.83 -1.38
C GLY EA 22 48.90 -38.89 -1.43
N LYS EA 23 49.84 -39.12 -2.35
CA LYS EA 23 51.00 -38.25 -2.58
C LYS EA 23 51.87 -38.12 -1.35
N HIS EA 24 52.90 -37.29 -1.43
CA HIS EA 24 53.73 -36.95 -0.29
C HIS EA 24 53.52 -35.47 0.01
N ARG EA 25 52.72 -35.19 1.02
CA ARG EA 25 52.42 -33.84 1.42
C ARG EA 25 53.21 -33.47 2.66
N LYS EA 26 53.13 -32.21 3.07
CA LYS EA 26 54.01 -31.67 4.10
C LYS EA 26 53.83 -32.36 5.45
N HIS EA 27 52.67 -32.18 6.07
CA HIS EA 27 52.41 -32.74 7.40
C HIS EA 27 50.94 -33.09 7.53
N PRO EA 28 50.50 -34.18 6.89
CA PRO EA 28 49.13 -34.65 7.12
C PRO EA 28 49.06 -35.37 8.46
N GLY EA 29 48.18 -34.90 9.33
CA GLY EA 29 48.03 -35.47 10.65
C GLY EA 29 48.66 -34.68 11.77
N GLY EA 30 49.46 -33.67 11.46
CA GLY EA 30 50.05 -32.82 12.47
C GLY EA 30 51.56 -32.95 12.52
N ARG EA 31 52.16 -32.13 13.38
CA ARG EA 31 53.60 -32.06 13.54
C ARG EA 31 54.00 -32.67 14.88
N GLY EA 32 55.00 -33.55 14.86
CA GLY EA 32 55.46 -34.17 16.08
C GLY EA 32 54.42 -35.07 16.67
N ASN EA 33 54.21 -34.93 17.98
CA ASN EA 33 53.20 -35.72 18.70
C ASN EA 33 51.87 -35.00 18.73
N ALA EA 34 51.41 -34.54 17.58
CA ALA EA 34 50.15 -33.83 17.51
C ALA EA 34 48.99 -34.80 17.64
N GLY EA 35 47.95 -34.38 18.34
CA GLY EA 35 46.73 -35.18 18.43
C GLY EA 35 46.92 -36.51 19.13
N GLY EA 36 47.72 -36.54 20.19
CA GLY EA 36 47.89 -37.77 20.93
C GLY EA 36 46.65 -38.23 21.65
N LEU EA 37 45.68 -37.35 21.83
CA LEU EA 37 44.44 -37.68 22.49
C LEU EA 37 43.24 -37.61 21.56
N HIS EA 38 43.42 -37.14 20.33
CA HIS EA 38 42.28 -36.92 19.45
C HIS EA 38 42.26 -37.84 18.24
N HIS EA 39 43.27 -37.79 17.38
CA HIS EA 39 43.25 -38.60 16.18
C HIS EA 39 44.41 -39.56 16.07
N HIS EA 40 45.41 -39.46 16.93
CA HIS EA 40 46.40 -40.50 17.11
C HIS EA 40 46.22 -41.21 18.44
N ARG EA 41 45.00 -41.22 18.96
CA ARG EA 41 44.73 -41.80 20.27
C ARG EA 41 44.96 -43.31 20.27
N ILE EA 42 44.60 -43.98 19.18
CA ILE EA 42 44.73 -45.43 19.12
C ILE EA 42 46.19 -45.83 19.22
N ASN EA 43 47.07 -45.13 18.52
CA ASN EA 43 48.49 -45.46 18.57
C ASN EA 43 49.06 -45.25 19.96
N PHE EA 44 48.71 -44.15 20.61
CA PHE EA 44 49.24 -43.86 21.93
C PHE EA 44 48.71 -44.85 22.96
N ASP EA 45 47.42 -45.19 22.87
CA ASP EA 45 46.86 -46.17 23.78
C ASP EA 45 47.45 -47.55 23.57
N LYS EA 46 47.69 -47.92 22.31
CA LYS EA 46 48.13 -49.26 21.99
C LYS EA 46 49.60 -49.47 22.32
N TYR EA 47 50.44 -48.45 22.11
CA TYR EA 47 51.87 -48.64 22.27
C TYR EA 47 52.49 -47.86 23.42
N HIS EA 48 51.82 -46.85 23.95
CA HIS EA 48 52.36 -46.08 25.08
C HIS EA 48 51.29 -45.92 26.15
N PRO EA 49 50.92 -47.00 26.84
CA PRO EA 49 49.96 -46.86 27.93
C PRO EA 49 50.58 -46.13 29.11
N GLY EA 50 49.76 -45.33 29.79
CA GLY EA 50 50.25 -44.55 30.91
C GLY EA 50 50.87 -43.22 30.54
N TYR EA 51 50.83 -42.84 29.27
CA TYR EA 51 51.55 -41.65 28.82
C TYR EA 51 50.97 -40.38 29.41
N PHE EA 52 49.66 -40.30 29.59
CA PHE EA 52 48.98 -39.05 29.97
C PHE EA 52 48.63 -39.07 31.45
N GLY EA 53 49.05 -38.03 32.16
CA GLY EA 53 48.64 -37.81 33.53
C GLY EA 53 49.82 -37.75 34.49
N LYS EA 54 49.49 -37.51 35.76
CA LYS EA 54 50.47 -37.45 36.84
C LYS EA 54 50.25 -38.60 37.81
N VAL EA 55 51.35 -39.22 38.22
CA VAL EA 55 51.35 -40.22 39.28
C VAL EA 55 52.48 -39.89 40.24
N GLY EA 56 52.18 -39.89 41.54
CA GLY EA 56 53.23 -39.81 42.53
C GLY EA 56 53.54 -38.41 43.00
N MET EA 57 54.50 -38.37 43.91
CA MET EA 57 54.94 -37.12 44.52
C MET EA 57 56.06 -36.51 43.70
N LYS EA 58 56.01 -35.19 43.53
CA LYS EA 58 57.10 -34.47 42.86
C LYS EA 58 58.07 -33.95 43.91
N HIS EA 59 59.35 -34.13 43.64
CA HIS EA 59 60.40 -33.77 44.58
C HIS EA 59 61.36 -32.81 43.89
N TYR EA 60 61.33 -31.55 44.30
CA TYR EA 60 62.20 -30.54 43.72
C TYR EA 60 63.64 -30.78 44.14
N HIS EA 61 64.57 -30.46 43.23
CA HIS EA 61 66.00 -30.54 43.48
C HIS EA 61 66.42 -31.95 43.90
N LEU EA 62 66.11 -32.91 43.04
CA LEU EA 62 66.59 -34.26 43.27
C LEU EA 62 68.09 -34.30 43.05
N LYS EA 63 68.81 -34.83 44.03
CA LYS EA 63 70.26 -35.02 43.93
C LYS EA 63 70.50 -36.51 43.77
N ARG EA 64 70.96 -36.92 42.58
CA ARG EA 64 71.20 -38.32 42.31
C ARG EA 64 72.31 -38.90 43.16
N ASN EA 65 73.22 -38.06 43.66
CA ASN EA 65 74.33 -38.57 44.47
C ASN EA 65 73.86 -39.08 45.81
N GLN EA 66 72.80 -38.49 46.37
CA GLN EA 66 72.37 -38.86 47.72
C GLN EA 66 71.93 -40.31 47.80
N SER EA 67 71.22 -40.79 46.79
CA SER EA 67 70.72 -42.15 46.76
C SER EA 67 71.62 -43.11 45.99
N PHE EA 68 72.87 -42.74 45.78
CA PHE EA 68 73.81 -43.60 45.05
C PHE EA 68 74.14 -44.82 45.90
N CYS EA 69 73.65 -45.98 45.49
CA CYS EA 69 73.90 -47.23 46.20
C CYS EA 69 73.95 -48.37 45.18
N PRO EA 70 75.07 -48.52 44.49
CA PRO EA 70 75.21 -49.64 43.54
C PRO EA 70 75.24 -50.97 44.28
N THR EA 71 74.78 -52.00 43.59
CA THR EA 71 74.58 -53.30 44.20
C THR EA 71 75.41 -54.37 43.50
N VAL EA 72 75.73 -55.42 44.24
CA VAL EA 72 76.42 -56.58 43.71
C VAL EA 72 75.72 -57.84 44.20
N ASN EA 73 75.56 -58.82 43.32
CA ASN EA 73 74.93 -60.05 43.72
C ASN EA 73 75.93 -60.99 44.39
N LEU EA 74 75.42 -62.07 44.96
CA LEU EA 74 76.29 -63.01 45.66
C LEU EA 74 77.07 -63.90 44.70
N ASP EA 75 76.51 -64.20 43.53
CA ASP EA 75 77.21 -65.07 42.60
C ASP EA 75 78.43 -64.40 41.98
N LYS EA 76 78.39 -63.08 41.81
CA LYS EA 76 79.52 -62.33 41.29
C LYS EA 76 80.43 -61.83 42.40
N LEU EA 77 80.16 -62.21 43.65
CA LEU EA 77 80.89 -61.63 44.77
C LEU EA 77 82.37 -61.99 44.73
N TRP EA 78 82.69 -63.24 44.42
CA TRP EA 78 84.08 -63.68 44.49
C TRP EA 78 84.92 -63.11 43.37
N THR EA 79 84.31 -62.48 42.37
CA THR EA 79 85.08 -61.87 41.30
C THR EA 79 85.75 -60.56 41.74
N LEU EA 80 85.36 -60.01 42.88
CA LEU EA 80 85.96 -58.77 43.34
C LEU EA 80 87.34 -58.95 43.93
N VAL EA 81 87.75 -60.18 44.19
CA VAL EA 81 89.10 -60.47 44.67
C VAL EA 81 89.81 -61.31 43.62
N SER EA 82 91.14 -61.35 43.73
CA SER EA 82 91.93 -62.15 42.82
C SER EA 82 91.71 -63.64 43.07
N GLU EA 83 91.91 -64.44 42.02
CA GLU EA 83 91.78 -65.88 42.17
C GLU EA 83 92.81 -66.44 43.14
N GLN EA 84 93.92 -65.73 43.33
CA GLN EA 84 94.92 -66.14 44.31
C GLN EA 84 94.32 -66.12 45.71
N THR EA 85 93.52 -65.09 46.02
CA THR EA 85 92.81 -65.06 47.29
C THR EA 85 91.89 -66.26 47.45
N ARG EA 86 91.15 -66.59 46.39
CA ARG EA 86 90.21 -67.69 46.44
C ARG EA 86 90.89 -69.02 46.68
N VAL EA 87 91.95 -69.30 45.93
CA VAL EA 87 92.63 -70.59 46.08
C VAL EA 87 93.34 -70.67 47.43
N ASN EA 88 93.90 -69.55 47.89
CA ASN EA 88 94.56 -69.54 49.19
C ASN EA 88 93.57 -69.82 50.30
N ALA EA 89 92.37 -69.23 50.21
CA ALA EA 89 91.35 -69.50 51.21
C ALA EA 89 90.83 -70.92 51.12
N ALA EA 90 90.67 -71.44 49.90
CA ALA EA 90 90.08 -72.76 49.71
C ALA EA 90 91.00 -73.86 50.23
N LYS EA 91 92.29 -73.78 49.91
CA LYS EA 91 93.22 -74.82 50.30
C LYS EA 91 93.79 -74.63 51.69
N ASN EA 92 93.34 -73.59 52.40
CA ASN EA 92 93.92 -73.27 53.70
C ASN EA 92 93.58 -74.34 54.73
N LYS EA 93 94.60 -74.78 55.47
CA LYS EA 93 94.37 -75.81 56.48
C LYS EA 93 93.58 -75.26 57.67
N THR EA 94 93.89 -74.03 58.09
CA THR EA 94 93.19 -73.42 59.20
C THR EA 94 91.84 -72.88 58.73
N GLY EA 95 91.11 -72.24 59.64
CA GLY EA 95 89.80 -71.74 59.34
C GLY EA 95 89.80 -70.28 58.91
N ALA EA 96 90.96 -69.77 58.50
CA ALA EA 96 91.06 -68.38 58.11
C ALA EA 96 90.23 -68.08 56.87
N ALA EA 97 89.50 -66.97 56.90
CA ALA EA 97 88.64 -66.57 55.80
C ALA EA 97 89.03 -65.18 55.31
N PRO EA 98 89.05 -64.98 53.99
CA PRO EA 98 89.44 -63.67 53.46
C PRO EA 98 88.34 -62.66 53.68
N ILE EA 99 88.71 -61.38 53.53
CA ILE EA 99 87.79 -60.27 53.72
C ILE EA 99 87.62 -59.57 52.39
N ILE EA 100 86.37 -59.45 51.94
CA ILE EA 100 86.04 -58.83 50.66
C ILE EA 100 85.31 -57.52 50.96
N ASP EA 101 85.92 -56.41 50.59
CA ASP EA 101 85.35 -55.08 50.81
C ASP EA 101 84.75 -54.62 49.48
N VAL EA 102 83.42 -54.64 49.38
CA VAL EA 102 82.77 -54.30 48.14
C VAL EA 102 82.77 -52.80 47.90
N VAL EA 103 82.89 -51.99 48.96
CA VAL EA 103 82.96 -50.55 48.78
C VAL EA 103 84.26 -50.17 48.07
N ARG EA 104 85.33 -50.91 48.34
CA ARG EA 104 86.57 -50.73 47.60
C ARG EA 104 86.36 -51.06 46.13
N SER EA 105 85.54 -52.06 45.84
CA SER EA 105 85.18 -52.39 44.47
C SER EA 105 84.17 -51.42 43.89
N GLY EA 106 83.60 -50.53 44.70
CA GLY EA 106 82.63 -49.57 44.20
C GLY EA 106 81.19 -50.00 44.32
N TYR EA 107 80.88 -51.00 45.13
CA TYR EA 107 79.53 -51.45 45.39
C TYR EA 107 79.17 -51.17 46.83
N TYR EA 108 77.93 -50.75 47.07
CA TYR EA 108 77.49 -50.41 48.41
C TYR EA 108 76.58 -51.46 49.04
N LYS EA 109 75.68 -52.04 48.27
CA LYS EA 109 74.75 -53.04 48.79
C LYS EA 109 75.08 -54.40 48.22
N VAL EA 110 74.97 -55.44 49.05
CA VAL EA 110 75.17 -56.82 48.63
C VAL EA 110 73.80 -57.45 48.49
N LEU EA 111 73.43 -57.81 47.27
CA LEU EA 111 72.17 -58.48 47.00
C LEU EA 111 72.36 -59.99 47.03
N GLY EA 112 71.25 -60.71 47.13
CA GLY EA 112 71.27 -62.12 47.43
C GLY EA 112 71.04 -63.08 46.28
N LYS EA 113 71.12 -62.64 45.04
CA LYS EA 113 70.88 -63.54 43.92
C LYS EA 113 72.04 -64.51 43.76
N GLY EA 114 71.71 -65.75 43.44
CA GLY EA 114 72.71 -66.76 43.25
C GLY EA 114 73.08 -67.47 44.53
N LYS EA 115 74.08 -68.32 44.43
CA LYS EA 115 74.56 -69.11 45.55
C LYS EA 115 76.05 -68.92 45.71
N LEU EA 116 76.56 -69.27 46.89
CA LEU EA 116 77.96 -69.11 47.19
C LEU EA 116 78.67 -70.45 47.21
N PRO EA 117 79.95 -70.49 46.87
CA PRO EA 117 80.75 -71.68 47.17
C PRO EA 117 80.87 -71.86 48.67
N LYS EA 118 80.97 -73.12 49.09
CA LYS EA 118 80.92 -73.44 50.50
C LYS EA 118 82.32 -73.24 51.10
N GLN EA 119 82.60 -71.99 51.47
CA GLN EA 119 83.81 -71.64 52.20
C GLN EA 119 83.61 -70.29 52.86
N PRO EA 120 84.10 -70.11 54.08
CA PRO EA 120 83.80 -68.87 54.82
C PRO EA 120 84.49 -67.66 54.21
N VAL EA 121 83.88 -66.50 54.44
CA VAL EA 121 84.36 -65.24 53.89
C VAL EA 121 83.72 -64.11 54.69
N ILE EA 122 84.48 -63.02 54.86
CA ILE EA 122 84.00 -61.82 55.54
C ILE EA 122 83.72 -60.77 54.48
N VAL EA 123 82.52 -60.19 54.53
CA VAL EA 123 82.07 -59.24 53.52
C VAL EA 123 81.86 -57.88 54.20
N LYS EA 124 82.58 -56.87 53.72
CA LYS EA 124 82.46 -55.51 54.20
C LYS EA 124 81.55 -54.74 53.25
N ALA EA 125 80.35 -54.41 53.70
CA ALA EA 125 79.41 -53.68 52.85
C ALA EA 125 78.64 -52.68 53.69
N LYS EA 126 78.11 -51.66 53.00
CA LYS EA 126 77.28 -50.69 53.68
C LYS EA 126 75.91 -51.27 54.03
N PHE EA 127 75.29 -51.98 53.10
CA PHE EA 127 73.97 -52.56 53.30
C PHE EA 127 73.98 -54.01 52.84
N PHE EA 128 73.19 -54.82 53.53
CA PHE EA 128 73.03 -56.23 53.21
C PHE EA 128 71.56 -56.55 53.04
N SER EA 129 71.26 -57.38 52.05
CA SER EA 129 69.93 -57.96 51.95
C SER EA 129 69.79 -59.09 52.97
N ARG EA 130 68.55 -59.38 53.34
CA ARG EA 130 68.31 -60.41 54.33
C ARG EA 130 68.73 -61.78 53.81
N ARG EA 131 68.36 -62.09 52.57
CA ARG EA 131 68.74 -63.38 52.01
C ARG EA 131 70.24 -63.44 51.71
N ALA EA 132 70.84 -62.31 51.35
CA ALA EA 132 72.29 -62.27 51.20
C ALA EA 132 72.98 -62.58 52.51
N GLU EA 133 72.51 -61.98 53.60
CA GLU EA 133 73.06 -62.30 54.91
C GLU EA 133 72.88 -63.77 55.27
N GLU EA 134 71.69 -64.31 54.99
CA GLU EA 134 71.44 -65.71 55.31
C GLU EA 134 72.37 -66.64 54.53
N LYS EA 135 72.60 -66.32 53.25
CA LYS EA 135 73.47 -67.17 52.44
C LYS EA 135 74.92 -67.04 52.87
N ILE EA 136 75.35 -65.84 53.28
CA ILE EA 136 76.72 -65.69 53.78
C ILE EA 136 76.91 -66.44 55.08
N LYS EA 137 75.93 -66.37 55.98
CA LYS EA 137 76.02 -67.11 57.23
C LYS EA 137 76.01 -68.61 57.00
N SER EA 138 75.25 -69.07 56.00
CA SER EA 138 75.11 -70.52 55.79
C SER EA 138 76.42 -71.16 55.39
N VAL EA 139 77.32 -70.42 54.76
CA VAL EA 139 78.60 -70.97 54.35
C VAL EA 139 79.64 -70.66 55.42
N GLY EA 140 79.17 -70.32 56.62
CA GLY EA 140 80.06 -70.06 57.72
C GLY EA 140 80.70 -68.70 57.72
N GLY EA 141 80.35 -67.83 56.77
CA GLY EA 141 80.92 -66.51 56.71
C GLY EA 141 80.30 -65.58 57.72
N ALA EA 142 80.72 -64.32 57.65
CA ALA EA 142 80.20 -63.27 58.51
C ALA EA 142 80.03 -62.00 57.70
N CYS EA 143 79.07 -61.18 58.12
CA CYS EA 143 78.82 -59.88 57.50
C CYS EA 143 79.16 -58.79 58.49
N VAL EA 144 79.85 -57.76 58.03
CA VAL EA 144 80.17 -56.60 58.84
C VAL EA 144 79.78 -55.35 58.05
N LEU EA 145 79.53 -54.27 58.79
CA LEU EA 145 79.03 -53.04 58.20
C LEU EA 145 80.09 -51.95 58.24
N VAL EA 146 80.08 -51.10 57.21
CA VAL EA 146 80.97 -49.96 57.10
C VAL EA 146 80.13 -48.72 56.83
N ALA EA 147 80.71 -47.57 57.15
CA ALA EA 147 80.01 -46.29 56.98
C ALA EA 147 80.72 -45.38 55.98
N ALA FA 1 30.87 -34.16 -1.67
CA ALA FA 1 29.62 -34.27 -0.94
C ALA FA 1 29.49 -35.67 -0.33
N LYS FA 2 28.43 -36.38 -0.69
CA LYS FA 2 28.19 -37.69 -0.11
C LYS FA 2 29.16 -38.72 -0.67
N SER FA 3 29.27 -39.84 0.02
CA SER FA 3 30.17 -40.92 -0.36
C SER FA 3 29.56 -42.23 0.10
N LYS FA 4 30.23 -43.32 -0.28
CA LYS FA 4 29.76 -44.65 0.09
C LYS FA 4 29.82 -44.84 1.60
N ASN FA 5 28.84 -45.58 2.12
CA ASN FA 5 28.63 -45.70 3.57
C ASN FA 5 29.35 -46.91 4.15
N HIS FA 6 29.13 -48.08 3.58
CA HIS FA 6 29.69 -49.31 4.12
C HIS FA 6 29.61 -50.41 3.07
N THR FA 7 30.62 -51.27 3.01
CA THR FA 7 30.51 -52.50 2.25
C THR FA 7 31.45 -53.54 2.82
N THR FA 8 31.10 -54.81 2.63
CA THR FA 8 31.97 -55.93 2.91
C THR FA 8 32.49 -56.56 1.63
N HIS FA 9 32.34 -55.88 0.50
CA HIS FA 9 32.82 -56.41 -0.77
C HIS FA 9 34.32 -56.58 -0.73
N ASN FA 10 34.80 -57.69 -1.31
CA ASN FA 10 36.21 -58.02 -1.48
C ASN FA 10 36.85 -58.42 -0.15
N GLN FA 11 36.10 -58.29 0.95
CA GLN FA 11 36.66 -58.59 2.26
C GLN FA 11 36.97 -60.07 2.41
N SER FA 12 36.12 -60.93 1.85
CA SER FA 12 36.35 -62.37 1.97
C SER FA 12 37.62 -62.79 1.23
N ARG FA 13 37.87 -62.19 0.07
CA ARG FA 13 39.11 -62.47 -0.65
C ARG FA 13 40.32 -62.05 0.15
N LYS FA 14 40.24 -60.89 0.81
CA LYS FA 14 41.34 -60.45 1.67
C LYS FA 14 41.54 -61.41 2.82
N TRP FA 15 40.45 -61.90 3.41
CA TRP FA 15 40.56 -62.83 4.51
C TRP FA 15 41.22 -64.13 4.07
N HIS FA 16 40.88 -64.61 2.89
CA HIS FA 16 41.34 -65.91 2.42
C HIS FA 16 42.65 -65.83 1.65
N ARG FA 17 43.20 -64.64 1.42
CA ARG FA 17 44.50 -64.56 0.75
C ARG FA 17 45.60 -65.18 1.60
N ASN FA 18 45.61 -64.88 2.90
CA ASN FA 18 46.51 -65.53 3.83
C ASN FA 18 45.85 -66.70 4.53
N GLY FA 19 44.70 -67.14 4.05
CA GLY FA 19 43.97 -68.20 4.69
C GLY FA 19 43.24 -67.71 5.93
N ILE FA 20 42.37 -68.56 6.44
CA ILE FA 20 41.70 -68.33 7.72
C ILE FA 20 42.15 -69.47 8.63
N LYS FA 21 43.20 -69.23 9.40
CA LYS FA 21 43.78 -70.27 10.24
C LYS FA 21 42.90 -70.52 11.46
N LYS FA 22 42.53 -71.78 11.65
CA LYS FA 22 41.92 -72.20 12.90
C LYS FA 22 42.94 -72.01 14.03
N PRO FA 23 42.47 -71.76 15.26
CA PRO FA 23 43.41 -71.44 16.34
C PRO FA 23 44.37 -72.59 16.61
N ARG FA 24 45.61 -72.23 16.92
CA ARG FA 24 46.67 -73.21 17.11
C ARG FA 24 46.42 -73.94 18.42
N SER FA 25 45.84 -75.14 18.33
CA SER FA 25 45.50 -75.91 19.51
C SER FA 25 46.61 -76.90 19.83
N GLN FA 26 47.06 -76.91 21.08
CA GLN FA 26 48.15 -77.76 21.52
C GLN FA 26 47.74 -78.49 22.79
N ARG FA 27 48.54 -79.47 23.16
CA ARG FA 27 48.36 -80.14 24.44
C ARG FA 27 48.61 -79.16 25.57
N TYR FA 28 48.04 -79.48 26.75
CA TYR FA 28 48.22 -78.68 27.96
C TYR FA 28 47.70 -77.26 27.77
N GLU FA 29 46.38 -77.16 27.65
CA GLU FA 29 45.72 -75.87 27.63
C GLU FA 29 45.96 -75.13 28.94
N SER FA 30 45.93 -73.80 28.87
CA SER FA 30 46.19 -72.96 30.03
C SER FA 30 45.05 -73.06 31.05
N LEU FA 31 45.38 -72.74 32.30
CA LEU FA 31 44.45 -72.82 33.41
C LEU FA 31 43.89 -71.45 33.79
N LYS FA 32 43.84 -70.52 32.85
CA LYS FA 32 43.29 -69.20 33.14
C LYS FA 32 41.77 -69.27 33.05
N GLY FA 33 41.11 -68.71 34.07
CA GLY FA 33 39.67 -68.72 34.14
C GLY FA 33 39.06 -69.90 34.86
N VAL FA 34 39.87 -70.89 35.23
CA VAL FA 34 39.36 -72.01 36.00
C VAL FA 34 39.06 -71.55 37.42
N ASP FA 35 38.15 -72.25 38.08
CA ASP FA 35 37.66 -71.90 39.41
C ASP FA 35 38.82 -71.83 40.40
N PRO FA 36 39.03 -70.70 41.07
CA PRO FA 36 40.18 -70.57 41.98
C PRO FA 36 40.20 -71.56 43.12
N LYS FA 37 39.04 -71.98 43.63
CA LYS FA 37 39.01 -73.01 44.67
C LYS FA 37 39.57 -74.32 44.16
N PHE FA 38 39.10 -74.75 42.98
CA PHE FA 38 39.61 -75.95 42.35
C PHE FA 38 41.10 -75.81 42.02
N LEU FA 39 41.50 -74.62 41.56
CA LEU FA 39 42.91 -74.40 41.23
C LEU FA 39 43.79 -74.53 42.45
N ARG FA 40 43.40 -73.93 43.58
CA ARG FA 40 44.26 -73.99 44.74
C ARG FA 40 44.30 -75.40 45.31
N ASN FA 41 43.19 -76.12 45.24
CA ASN FA 41 43.24 -77.52 45.68
C ASN FA 41 44.14 -78.36 44.78
N MET FA 42 44.09 -78.14 43.47
CA MET FA 42 44.94 -78.93 42.60
C MET FA 42 46.40 -78.57 42.75
N ARG FA 43 46.69 -77.30 43.06
CA ARG FA 43 48.05 -76.91 43.43
C ARG FA 43 48.51 -77.66 44.67
N PHE FA 44 47.63 -77.76 45.68
CA PHE FA 44 47.99 -78.51 46.88
C PHE FA 44 48.22 -79.97 46.60
N ALA FA 45 47.39 -80.56 45.72
CA ALA FA 45 47.55 -81.96 45.35
C ALA FA 45 48.87 -82.18 44.63
N LYS FA 46 49.23 -81.27 43.71
CA LYS FA 46 50.47 -81.41 42.96
C LYS FA 46 51.69 -81.31 43.87
N LYS FA 47 51.62 -80.42 44.87
CA LYS FA 47 52.73 -80.23 45.78
C LYS FA 47 53.01 -81.49 46.58
N HIS FA 48 51.96 -82.17 47.02
CA HIS FA 48 52.10 -83.34 47.87
C HIS FA 48 52.21 -84.63 47.09
N ASN FA 49 52.27 -84.57 45.76
CA ASN FA 49 52.66 -85.75 44.99
C ASN FA 49 54.06 -86.21 45.34
N LYS FA 50 54.88 -85.29 45.87
CA LYS FA 50 56.21 -85.61 46.35
C LYS FA 50 56.18 -86.74 47.37
N LYS FA 51 55.36 -86.59 48.40
CA LYS FA 51 55.24 -87.64 49.40
C LYS FA 51 54.50 -88.84 48.84
N GLY FA 52 54.65 -89.96 49.53
CA GLY FA 52 54.08 -91.20 49.04
C GLY FA 52 54.70 -91.75 47.79
N LEU FA 53 55.82 -91.18 47.34
CA LEU FA 53 56.45 -91.63 46.11
C LEU FA 53 56.99 -93.04 46.25
N LYS FA 54 57.60 -93.34 47.39
CA LYS FA 54 58.17 -94.67 47.62
C LYS FA 54 57.13 -95.76 47.40
N LYS FA 55 55.90 -95.51 47.86
CA LYS FA 55 54.79 -96.40 47.56
C LYS FA 55 54.59 -96.51 46.05
N MET FA 56 54.72 -95.40 45.33
CA MET FA 56 54.47 -95.40 43.90
C MET FA 56 55.46 -96.28 43.17
N GLN FA 57 56.76 -96.13 43.44
CA GLN FA 57 57.67 -97.04 42.73
C GLN FA 57 57.65 -98.44 43.29
N ALA FA 58 57.21 -98.65 44.53
CA ALA FA 58 57.04 -100.01 45.02
C ALA FA 58 55.95 -100.73 44.24
N ASN FA 59 54.79 -100.08 44.08
CA ASN FA 59 53.73 -100.65 43.26
C ASN FA 59 54.18 -100.83 41.82
N ASN FA 60 54.90 -99.84 41.28
CA ASN FA 60 55.38 -99.96 39.91
C ASN FA 60 56.32 -101.15 39.75
N ALA FA 61 57.25 -101.34 40.69
CA ALA FA 61 58.22 -102.42 40.57
C ALA FA 61 57.55 -103.78 40.71
N LYS FA 62 56.60 -103.92 41.65
CA LYS FA 62 55.93 -105.21 41.79
C LYS FA 62 55.05 -105.50 40.59
N ALA FA 63 54.43 -104.47 40.00
CA ALA FA 63 53.63 -104.68 38.79
C ALA FA 63 54.52 -105.07 37.62
N MET FA 64 55.68 -104.42 37.48
CA MET FA 64 56.64 -104.80 36.45
C MET FA 64 57.07 -106.24 36.62
N SER FA 65 57.38 -106.65 37.85
CA SER FA 65 57.83 -108.02 38.08
C SER FA 65 56.73 -109.03 37.77
N ALA FA 66 55.50 -108.75 38.20
CA ALA FA 66 54.40 -109.68 37.94
C ALA FA 66 54.10 -109.80 36.46
N ARG FA 67 54.01 -108.67 35.75
CA ARG FA 67 53.74 -108.73 34.32
C ARG FA 67 54.89 -109.37 33.56
N ALA FA 68 56.14 -109.10 33.98
CA ALA FA 68 57.29 -109.67 33.30
C ALA FA 68 57.37 -111.18 33.51
N GLU FA 69 57.04 -111.65 34.71
CA GLU FA 69 57.05 -113.09 34.92
C GLU FA 69 55.84 -113.77 34.27
N ALA FA 70 54.75 -113.04 34.07
CA ALA FA 70 53.63 -113.60 33.31
C ALA FA 70 53.97 -113.70 31.83
N ILE FA 71 54.67 -112.69 31.29
CA ILE FA 71 55.02 -112.69 29.87
C ILE FA 71 56.01 -113.81 29.56
N LYS FA 72 57.03 -113.95 30.39
CA LYS FA 72 58.05 -114.97 30.19
C LYS FA 72 57.58 -116.37 30.55
N ALA FA 73 56.40 -116.51 31.14
CA ALA FA 73 55.87 -117.82 31.52
C ALA FA 73 55.37 -118.53 30.26
N LEU FA 74 56.32 -119.05 29.49
CA LEU FA 74 56.00 -119.84 28.32
C LEU FA 74 55.87 -121.31 28.72
N VAL FA 75 55.00 -122.02 27.99
CA VAL FA 75 54.72 -123.46 28.14
C VAL FA 75 54.78 -123.97 29.58
N VAL FA 88 52.50 -126.05 -4.74
CA VAL FA 88 52.10 -126.03 -6.14
C VAL FA 88 53.14 -125.32 -6.99
N SER FA 89 52.83 -125.10 -8.26
CA SER FA 89 53.75 -124.45 -9.18
C SER FA 89 53.65 -122.93 -9.06
N ARG FA 90 52.48 -122.37 -9.36
CA ARG FA 90 52.19 -120.94 -9.23
C ARG FA 90 53.22 -120.11 -10.00
N LYS FA 91 53.17 -120.25 -11.33
CA LYS FA 91 54.21 -119.76 -12.21
C LYS FA 91 54.54 -118.29 -11.96
N LEU FA 92 53.50 -117.45 -11.86
CA LEU FA 92 53.74 -116.03 -11.61
C LEU FA 92 54.29 -115.81 -10.21
N ASP FA 93 53.79 -116.55 -9.22
CA ASP FA 93 54.33 -116.45 -7.87
C ASP FA 93 55.78 -116.92 -7.82
N ARG FA 94 56.09 -118.00 -8.54
CA ARG FA 94 57.47 -118.49 -8.57
C ARG FA 94 58.38 -117.47 -9.24
N LEU FA 95 57.93 -116.85 -10.32
CA LEU FA 95 58.74 -115.86 -11.00
C LEU FA 95 58.96 -114.63 -10.12
N ALA FA 96 57.94 -114.22 -9.37
CA ALA FA 96 58.13 -113.13 -8.42
C ALA FA 96 59.09 -113.52 -7.32
N TYR FA 97 59.11 -114.79 -6.93
CA TYR FA 97 60.10 -115.26 -5.95
C TYR FA 97 61.51 -115.19 -6.52
N ILE FA 98 61.68 -115.62 -7.77
CA ILE FA 98 63.01 -115.60 -8.39
C ILE FA 98 63.47 -114.16 -8.57
N ALA FA 99 62.56 -113.26 -8.94
CA ALA FA 99 62.92 -111.89 -9.24
C ALA FA 99 63.37 -111.09 -8.03
N HIS FA 100 63.19 -111.62 -6.83
CA HIS FA 100 63.63 -110.90 -5.64
C HIS FA 100 65.15 -110.83 -5.63
N PRO FA 101 65.73 -109.67 -5.28
CA PRO FA 101 67.19 -109.55 -5.29
C PRO FA 101 67.90 -110.44 -4.28
N LYS FA 102 67.20 -110.91 -3.24
CA LYS FA 102 67.85 -111.71 -2.20
C LYS FA 102 67.27 -113.10 -2.08
N LEU FA 103 65.95 -113.24 -2.10
CA LEU FA 103 65.35 -114.56 -1.97
C LEU FA 103 65.60 -115.42 -3.20
N GLY FA 104 65.76 -114.80 -4.37
CA GLY FA 104 65.89 -115.54 -5.61
C GLY FA 104 67.31 -115.60 -6.15
N LYS FA 105 68.30 -115.39 -5.30
CA LYS FA 105 69.69 -115.43 -5.75
C LYS FA 105 70.09 -116.85 -6.17
N ARG FA 106 69.83 -117.83 -5.31
CA ARG FA 106 70.23 -119.20 -5.60
C ARG FA 106 69.44 -119.77 -6.77
N ALA FA 107 68.18 -119.37 -6.94
CA ALA FA 107 67.39 -119.87 -8.05
C ALA FA 107 67.96 -119.40 -9.38
N ARG FA 108 68.28 -118.11 -9.50
CA ARG FA 108 68.82 -117.63 -10.76
C ARG FA 108 70.24 -118.11 -10.99
N ALA FA 109 71.01 -118.33 -9.90
CA ALA FA 109 72.29 -118.99 -10.07
C ALA FA 109 72.11 -120.40 -10.64
N ARG FA 110 71.10 -121.13 -10.14
CA ARG FA 110 70.84 -122.48 -10.63
C ARG FA 110 70.46 -122.46 -12.10
N ILE FA 111 69.60 -121.52 -12.51
CA ILE FA 111 69.19 -121.53 -13.91
C ILE FA 111 70.34 -121.08 -14.80
N ALA FA 112 71.22 -120.21 -14.31
CA ALA FA 112 72.41 -119.86 -15.09
C ALA FA 112 73.33 -121.06 -15.27
N LYS FA 113 73.57 -121.82 -14.20
CA LYS FA 113 74.40 -123.02 -14.31
C LYS FA 113 73.75 -124.04 -15.24
N GLY FA 114 72.42 -124.16 -15.18
CA GLY FA 114 71.73 -125.07 -16.08
C GLY FA 114 71.85 -124.67 -17.53
N LEU FA 115 71.78 -123.37 -17.80
CA LEU FA 115 71.92 -122.90 -19.18
C LEU FA 115 73.34 -123.06 -19.68
N ARG FA 116 74.33 -122.96 -18.78
CA ARG FA 116 75.72 -123.09 -19.19
C ARG FA 116 76.10 -124.54 -19.50
N LEU FA 117 76.02 -125.41 -18.50
CA LEU FA 117 76.54 -126.77 -18.63
C LEU FA 117 75.49 -127.68 -19.26
N CYS FA 118 75.95 -128.62 -20.08
CA CYS FA 118 75.09 -129.64 -20.66
C CYS FA 118 75.68 -131.00 -20.31
N ARG FA 119 74.86 -131.84 -19.67
CA ARG FA 119 75.31 -133.15 -19.25
C ARG FA 119 74.31 -134.21 -19.68
N PRO FA 120 74.77 -135.40 -20.02
CA PRO FA 120 73.86 -136.46 -20.48
C PRO FA 120 73.02 -137.02 -19.34
N LYS FA 121 72.10 -137.90 -19.72
CA LYS FA 121 71.20 -138.59 -18.81
C LYS FA 121 70.38 -137.62 -17.98
N LYS GA 1 9.50 75.34 29.11
CA LYS GA 1 9.04 76.69 28.84
C LYS GA 1 10.16 77.58 28.29
N SER GA 2 11.34 77.49 28.92
CA SER GA 2 12.45 78.31 28.49
C SER GA 2 12.88 77.95 27.07
N LEU GA 3 12.78 76.67 26.71
CA LEU GA 3 13.13 76.25 25.35
C LEU GA 3 12.19 76.86 24.32
N GLU GA 4 10.88 76.73 24.52
CA GLU GA 4 9.94 77.32 23.57
C GLU GA 4 9.96 78.83 23.64
N SER GA 5 10.21 79.41 24.81
CA SER GA 5 10.34 80.86 24.92
C SER GA 5 11.51 81.37 24.10
N ILE GA 6 12.66 80.70 24.19
CA ILE GA 6 13.82 81.17 23.43
C ILE GA 6 13.66 80.83 21.96
N ASN GA 7 12.92 79.78 21.62
CA ASN GA 7 12.61 79.52 20.21
C ASN GA 7 11.76 80.63 19.62
N SER GA 8 10.74 81.08 20.35
CA SER GA 8 9.92 82.18 19.87
C SER GA 8 10.72 83.48 19.81
N ARG GA 9 11.55 83.75 20.82
CA ARG GA 9 12.38 84.94 20.80
C ARG GA 9 13.36 84.92 19.63
N LEU GA 10 13.95 83.76 19.36
CA LEU GA 10 14.86 83.63 18.24
C LEU GA 10 14.15 83.78 16.91
N GLN GA 11 12.90 83.30 16.83
CA GLN GA 11 12.12 83.49 15.62
C GLN GA 11 11.83 84.97 15.40
N LEU GA 12 11.55 85.70 16.47
CA LEU GA 12 11.30 87.13 16.34
C LEU GA 12 12.57 87.94 16.12
N VAL GA 13 13.73 87.43 16.55
CA VAL GA 13 15.00 88.03 16.15
C VAL GA 13 15.15 87.95 14.63
N MET GA 14 14.80 86.81 14.06
CA MET GA 14 14.70 86.68 12.62
C MET GA 14 13.61 87.61 12.11
N LYS GA 15 13.83 88.17 10.92
CA LYS GA 15 12.88 88.99 10.18
C LYS GA 15 12.72 90.37 10.82
N SER GA 16 13.28 90.57 12.01
CA SER GA 16 13.17 91.85 12.70
C SER GA 16 14.48 92.37 13.26
N GLY GA 17 15.53 91.56 13.31
CA GLY GA 17 16.79 91.99 13.84
C GLY GA 17 17.93 91.60 12.90
N LYS GA 18 19.13 92.02 13.28
CA LYS GA 18 20.33 91.69 12.52
C LYS GA 18 21.05 90.54 13.22
N TYR GA 19 21.42 89.54 12.42
CA TYR GA 19 22.03 88.32 12.94
C TYR GA 19 23.07 87.87 11.93
N VAL GA 20 23.75 86.78 12.24
CA VAL GA 20 24.69 86.18 11.30
C VAL GA 20 24.78 84.70 11.63
N LEU GA 21 24.88 83.88 10.58
CA LEU GA 21 24.84 82.43 10.73
C LEU GA 21 26.17 81.84 10.31
N GLY GA 22 26.69 80.94 11.13
CA GLY GA 22 27.93 80.25 10.85
C GLY GA 22 29.03 80.66 11.80
N TYR GA 23 30.21 80.09 11.56
CA TYR GA 23 31.33 80.17 12.48
C TYR GA 23 32.32 81.28 12.14
N LYS GA 24 32.81 81.30 10.88
CA LYS GA 24 33.76 82.33 10.49
C LYS GA 24 33.15 83.71 10.64
N GLN GA 25 31.90 83.87 10.21
CA GLN GA 25 31.25 85.16 10.29
C GLN GA 25 31.06 85.60 11.74
N THR GA 26 30.67 84.67 12.62
CA THR GA 26 30.46 85.08 14.00
C THR GA 26 31.78 85.39 14.71
N LEU GA 27 32.87 84.71 14.32
CA LEU GA 27 34.17 85.13 14.84
C LEU GA 27 34.52 86.52 14.36
N LYS GA 28 34.28 86.81 13.08
CA LYS GA 28 34.55 88.14 12.55
C LYS GA 28 33.73 89.19 13.27
N MET GA 29 32.49 88.86 13.62
CA MET GA 29 31.65 89.83 14.32
C MET GA 29 32.06 89.99 15.77
N ILE GA 30 32.49 88.93 16.43
CA ILE GA 30 32.94 89.03 17.81
C ILE GA 30 34.19 89.88 17.91
N ARG GA 31 35.19 89.59 17.06
CA ARG GA 31 36.43 90.35 17.14
C ARG GA 31 36.28 91.78 16.64
N GLN GA 32 35.20 92.08 15.92
CA GLN GA 32 34.86 93.46 15.65
C GLN GA 32 34.05 94.09 16.77
N GLY GA 33 33.72 93.32 17.81
CA GLY GA 33 33.13 93.86 19.01
C GLY GA 33 31.74 94.44 18.84
N LYS GA 34 30.89 93.81 18.03
CA LYS GA 34 29.52 94.27 17.91
C LYS GA 34 28.53 93.12 17.84
N ALA GA 35 28.91 91.93 18.34
CA ALA GA 35 27.97 90.84 18.55
C ALA GA 35 27.52 90.88 19.99
N LYS GA 36 26.20 90.88 20.20
CA LYS GA 36 25.65 91.03 21.54
C LYS GA 36 25.29 89.71 22.20
N LEU GA 37 24.85 88.71 21.44
CA LEU GA 37 24.61 87.39 21.98
C LEU GA 37 25.09 86.37 20.97
N VAL GA 38 25.66 85.27 21.46
CA VAL GA 38 26.14 84.20 20.62
C VAL GA 38 25.53 82.89 21.11
N ILE GA 39 24.94 82.14 20.18
CA ILE GA 39 24.20 80.93 20.50
C ILE GA 39 24.90 79.73 19.89
N LEU GA 40 25.12 78.70 20.70
CA LEU GA 40 25.82 77.49 20.29
C LEU GA 40 24.90 76.28 20.43
N ALA GA 41 24.95 75.39 19.44
CA ALA GA 41 24.32 74.09 19.59
C ALA GA 41 25.19 73.19 20.45
N ASN GA 42 24.56 72.25 21.14
CA ASN GA 42 25.34 71.33 21.96
C ASN GA 42 26.11 70.33 21.11
N ASN GA 43 25.81 70.26 19.82
CA ASN GA 43 26.50 69.42 18.87
C ASN GA 43 27.84 70.01 18.46
N CYS GA 44 28.12 71.23 18.91
CA CYS GA 44 29.32 71.95 18.48
C CYS GA 44 30.57 71.18 18.88
N PRO GA 45 31.61 71.18 18.05
CA PRO GA 45 32.88 70.58 18.46
C PRO GA 45 33.41 71.28 19.71
N ALA GA 46 34.00 70.49 20.59
CA ALA GA 46 34.35 70.97 21.91
C ALA GA 46 35.39 72.08 21.84
N LEU GA 47 36.38 71.93 20.96
CA LEU GA 47 37.37 72.99 20.80
C LEU GA 47 36.72 74.26 20.27
N ARG GA 48 35.81 74.13 19.31
CA ARG GA 48 35.11 75.31 18.80
C ARG GA 48 34.26 75.96 19.88
N LYS GA 49 33.58 75.14 20.69
CA LYS GA 49 32.77 75.68 21.77
C LYS GA 49 33.62 76.46 22.76
N SER GA 50 34.75 75.88 23.18
CA SER GA 50 35.64 76.56 24.10
C SER GA 50 36.25 77.82 23.49
N GLU GA 51 36.56 77.78 22.19
CA GLU GA 51 37.13 78.96 21.54
C GLU GA 51 36.12 80.08 21.46
N ILE GA 52 34.86 79.77 21.13
CA ILE GA 52 33.81 80.79 21.12
C ILE GA 52 33.63 81.35 22.53
N GLU GA 53 33.67 80.49 23.55
CA GLU GA 53 33.53 80.98 24.91
C GLU GA 53 34.67 81.92 25.28
N TYR GA 54 35.90 81.59 24.90
CA TYR GA 54 37.04 82.45 25.21
C TYR GA 54 36.94 83.77 24.48
N TYR GA 55 36.55 83.74 23.20
CA TYR GA 55 36.36 84.97 22.44
C TYR GA 55 35.29 85.84 23.09
N ALA GA 56 34.21 85.21 23.56
CA ALA GA 56 33.13 85.96 24.18
C ALA GA 56 33.57 86.59 25.50
N MET GA 57 34.33 85.85 26.31
CA MET GA 57 34.86 86.43 27.55
C MET GA 57 35.80 87.58 27.25
N LEU GA 58 36.58 87.48 26.18
CA LEU GA 58 37.41 88.61 25.77
C LEU GA 58 36.58 89.80 25.34
N ALA GA 59 35.50 89.56 24.60
CA ALA GA 59 34.64 90.62 24.10
C ALA GA 59 33.47 90.91 25.03
N LYS GA 60 33.47 90.33 26.23
CA LYS GA 60 32.46 90.52 27.28
C LYS GA 60 31.04 90.45 26.72
N THR GA 61 30.81 89.47 25.86
CA THR GA 61 29.48 89.19 25.33
C THR GA 61 29.01 87.84 25.85
N GLY GA 62 27.70 87.61 25.72
CA GLY GA 62 27.10 86.42 26.30
C GLY GA 62 27.03 85.25 25.33
N VAL GA 63 27.17 84.05 25.88
CA VAL GA 63 27.07 82.81 25.14
C VAL GA 63 25.94 81.99 25.75
N HIS GA 64 24.98 81.60 24.91
CA HIS GA 64 23.90 80.71 25.33
C HIS GA 64 24.05 79.38 24.62
N HIS GA 65 24.08 78.30 25.39
CA HIS GA 65 24.19 76.96 24.82
C HIS GA 65 22.79 76.46 24.50
N TYR GA 66 22.49 76.38 23.21
CA TYR GA 66 21.15 76.02 22.77
C TYR GA 66 20.87 74.55 23.08
N SER GA 67 19.67 74.29 23.59
CA SER GA 67 19.27 72.93 23.94
C SER GA 67 18.65 72.21 22.75
N GLY GA 68 19.44 72.06 21.70
CA GLY GA 68 19.05 71.30 20.53
C GLY GA 68 20.26 70.66 19.90
N ASN GA 69 20.39 70.71 18.58
CA ASN GA 69 21.68 70.60 17.92
C ASN GA 69 21.62 71.47 16.69
N ASN GA 70 22.64 71.39 15.84
CA ASN GA 70 22.70 72.29 14.69
C ASN GA 70 21.53 72.08 13.74
N ILE GA 71 20.91 70.90 13.76
CA ILE GA 71 19.81 70.63 12.83
C ILE GA 71 18.59 71.47 13.19
N GLU GA 72 18.08 71.34 14.41
CA GLU GA 72 16.95 72.21 14.74
C GLU GA 72 17.36 73.54 15.34
N LEU GA 73 18.66 73.80 15.51
CA LEU GA 73 19.07 75.19 15.59
C LEU GA 73 18.90 75.88 14.24
N GLY GA 74 19.23 75.17 13.15
CA GLY GA 74 18.95 75.71 11.83
C GLY GA 74 17.46 75.80 11.55
N THR GA 75 16.71 74.78 11.95
CA THR GA 75 15.27 74.81 11.77
C THR GA 75 14.62 75.92 12.60
N ALA GA 76 15.12 76.14 13.81
CA ALA GA 76 14.57 77.21 14.64
C ALA GA 76 14.83 78.58 14.05
N CYS GA 77 15.86 78.71 13.21
CA CYS GA 77 16.18 79.96 12.56
C CYS GA 77 15.36 80.19 11.29
N GLY GA 78 14.50 79.26 10.92
CA GLY GA 78 13.78 79.36 9.67
C GLY GA 78 14.55 78.93 8.46
N LYS GA 79 15.76 78.40 8.64
CA LYS GA 79 16.62 77.98 7.55
C LYS GA 79 16.53 76.47 7.36
N TYR GA 80 16.87 76.03 6.15
CA TYR GA 80 16.88 74.61 5.81
C TYR GA 80 18.29 74.03 5.83
N TYR GA 81 19.26 74.79 6.34
CA TYR GA 81 20.63 74.33 6.48
C TYR GA 81 21.01 74.35 7.95
N ARG GA 82 21.94 73.48 8.33
CA ARG GA 82 22.36 73.43 9.72
C ARG GA 82 23.21 74.64 10.07
N VAL GA 83 22.90 75.27 11.19
CA VAL GA 83 23.76 76.30 11.76
C VAL GA 83 24.19 75.82 13.13
N CYS GA 84 25.50 75.87 13.37
CA CYS GA 84 26.06 75.44 14.64
C CYS GA 84 26.38 76.60 15.57
N THR GA 85 26.60 77.78 15.02
CA THR GA 85 26.98 78.95 15.81
C THR GA 85 26.41 80.19 15.14
N LEU GA 86 25.85 81.10 15.93
CA LEU GA 86 25.28 82.30 15.37
C LEU GA 86 25.42 83.44 16.36
N ALA GA 87 25.34 84.66 15.85
CA ALA GA 87 25.47 85.86 16.65
C ALA GA 87 24.28 86.78 16.40
N ILE GA 88 23.97 87.61 17.39
CA ILE GA 88 22.88 88.58 17.29
C ILE GA 88 23.49 89.97 17.34
N ILE GA 89 23.26 90.75 16.30
CA ILE GA 89 23.81 92.10 16.21
C ILE GA 89 22.93 93.10 16.94
N ASP GA 90 21.61 93.05 16.70
CA ASP GA 90 20.66 93.73 17.54
C ASP GA 90 19.40 92.88 17.60
N PRO GA 91 18.83 92.69 18.78
CA PRO GA 91 17.65 91.83 18.90
C PRO GA 91 16.39 92.44 18.28
N GLY GA 92 16.05 93.66 18.68
CA GLY GA 92 14.79 94.24 18.29
C GLY GA 92 13.56 93.65 18.96
N ASP GA 93 13.75 92.73 19.92
CA ASP GA 93 12.60 92.07 20.54
C ASP GA 93 12.76 91.84 22.04
N SER GA 94 13.70 92.53 22.69
CA SER GA 94 14.00 92.34 24.12
C SER GA 94 14.45 90.91 24.42
N ASP GA 95 15.11 90.26 23.46
CA ASP GA 95 15.86 89.05 23.80
C ASP GA 95 17.06 89.40 24.65
N ILE GA 96 17.66 90.55 24.41
CA ILE GA 96 18.76 91.07 25.21
C ILE GA 96 18.25 92.25 26.01
N ILE GA 97 18.38 92.16 27.33
CA ILE GA 97 17.95 93.25 28.20
C ILE GA 97 19.02 94.33 28.20
N ARG GA 98 18.61 95.56 27.95
CA ARG GA 98 19.55 96.68 27.81
C ARG GA 98 20.23 97.00 29.13
N ASN HA 1 63.91 14.51 -89.25
CA ASN HA 1 64.79 15.20 -88.33
C ASN HA 1 64.32 14.96 -86.90
N GLU HA 2 65.25 15.09 -85.95
CA GLU HA 2 64.97 14.82 -84.55
C GLU HA 2 65.07 16.06 -83.67
N VAL HA 3 65.06 17.26 -84.26
CA VAL HA 3 65.22 18.49 -83.48
C VAL HA 3 64.01 19.35 -83.83
N VAL HA 4 62.90 18.68 -84.14
CA VAL HA 4 61.68 19.37 -84.54
C VAL HA 4 61.03 20.04 -83.33
N THR HA 5 60.07 20.92 -83.59
CA THR HA 5 59.26 21.50 -82.53
C THR HA 5 57.89 21.81 -83.08
N ARG HA 6 56.88 21.68 -82.22
CA ARG HA 6 55.49 21.77 -82.63
C ARG HA 6 54.66 22.33 -81.50
N GLU HA 7 53.50 22.87 -81.85
CA GLU HA 7 52.54 23.34 -80.85
C GLU HA 7 51.31 22.45 -80.88
N TYR HA 8 50.98 21.89 -79.73
CA TYR HA 8 49.78 21.10 -79.51
C TYR HA 8 48.89 21.82 -78.51
N THR HA 9 47.62 21.43 -78.51
CA THR HA 9 46.71 21.81 -77.44
C THR HA 9 46.23 20.54 -76.75
N ILE HA 10 46.13 20.62 -75.43
CA ILE HA 10 45.93 19.43 -74.60
C ILE HA 10 44.59 19.58 -73.88
N ASN HA 11 43.70 18.61 -74.09
CA ASN HA 11 42.45 18.56 -73.35
C ASN HA 11 42.74 17.99 -71.97
N ILE HA 12 43.12 18.87 -71.04
CA ILE HA 12 43.34 18.44 -69.68
C ILE HA 12 42.03 18.02 -69.04
N HIS HA 13 40.93 18.69 -69.38
CA HIS HA 13 39.62 18.32 -68.84
C HIS HA 13 39.29 16.87 -69.16
N LYS HA 14 39.75 16.38 -70.31
CA LYS HA 14 39.51 14.99 -70.66
C LYS HA 14 40.37 14.05 -69.84
N ARG HA 15 41.58 14.49 -69.46
CA ARG HA 15 42.54 13.59 -68.84
C ARG HA 15 42.47 13.57 -67.31
N ILE HA 16 42.03 14.65 -66.67
CA ILE HA 16 41.95 14.68 -65.21
C ILE HA 16 40.53 14.42 -64.72
N HIS HA 17 39.66 13.90 -65.58
CA HIS HA 17 38.28 13.69 -65.19
C HIS HA 17 38.17 12.60 -64.13
N GLY HA 18 37.44 12.88 -63.07
CA GLY HA 18 37.27 11.93 -61.99
C GLY HA 18 38.35 11.97 -60.93
N VAL HA 19 39.35 12.81 -61.08
CA VAL HA 19 40.45 12.88 -60.13
C VAL HA 19 40.04 13.76 -58.95
N GLY HA 20 40.48 13.39 -57.75
CA GLY HA 20 40.09 14.11 -56.56
C GLY HA 20 40.61 15.53 -56.55
N PHE HA 21 40.02 16.34 -55.67
CA PHE HA 21 40.29 17.78 -55.66
C PHE HA 21 41.75 18.08 -55.32
N LYS HA 22 42.31 17.37 -54.36
CA LYS HA 22 43.69 17.62 -53.94
C LYS HA 22 44.71 16.98 -54.87
N LYS HA 23 44.28 16.37 -55.97
CA LYS HA 23 45.21 15.72 -56.88
C LYS HA 23 44.97 16.07 -58.34
N ARG HA 24 44.22 17.12 -58.64
CA ARG HA 24 43.94 17.44 -60.03
C ARG HA 24 45.12 18.13 -60.72
N ALA HA 25 45.81 19.02 -60.03
CA ALA HA 25 46.93 19.72 -60.68
C ALA HA 25 48.20 18.86 -60.75
N PRO HA 26 48.59 18.13 -59.70
CA PRO HA 26 49.72 17.18 -59.90
C PRO HA 26 49.44 16.14 -60.96
N ARG HA 27 48.22 15.61 -61.00
CA ARG HA 27 47.87 14.68 -62.07
C ARG HA 27 47.89 15.39 -63.41
N ALA HA 28 47.53 16.67 -63.45
CA ALA HA 28 47.62 17.40 -64.70
C ALA HA 28 49.06 17.46 -65.19
N LEU HA 29 50.00 17.80 -64.30
CA LEU HA 29 51.41 17.83 -64.70
C LEU HA 29 51.87 16.47 -65.19
N LYS HA 30 51.46 15.40 -64.51
CA LYS HA 30 51.83 14.07 -64.97
C LYS HA 30 51.20 13.75 -66.33
N GLU HA 31 50.02 14.30 -66.62
CA GLU HA 31 49.39 14.04 -67.91
C GLU HA 31 50.09 14.78 -69.04
N ILE HA 32 50.50 16.04 -68.82
CA ILE HA 32 51.32 16.69 -69.84
C ILE HA 32 52.65 15.95 -70.03
N ARG HA 33 53.24 15.47 -68.94
CA ARG HA 33 54.48 14.72 -69.09
C ARG HA 33 54.27 13.45 -69.93
N LYS HA 34 53.20 12.72 -69.65
CA LYS HA 34 52.91 11.52 -70.43
C LYS HA 34 52.59 11.86 -71.88
N PHE HA 35 51.88 12.96 -72.10
CA PHE HA 35 51.56 13.40 -73.46
C PHE HA 35 52.81 13.68 -74.25
N ALA HA 36 53.77 14.38 -73.64
CA ALA HA 36 55.03 14.67 -74.32
C ALA HA 36 55.81 13.39 -74.59
N MET HA 37 55.84 12.47 -73.61
CA MET HA 37 56.55 11.21 -73.79
C MET HA 37 55.94 10.39 -74.93
N LYS HA 38 54.62 10.48 -75.10
CA LYS HA 38 53.99 9.75 -76.19
C LYS HA 38 54.24 10.43 -77.53
N GLU HA 39 54.13 11.76 -77.58
CA GLU HA 39 54.23 12.46 -78.85
C GLU HA 39 55.66 12.44 -79.39
N MET HA 40 56.64 12.76 -78.55
CA MET HA 40 58.00 12.84 -79.02
C MET HA 40 58.79 11.56 -78.82
N GLY HA 41 58.27 10.60 -78.06
CA GLY HA 41 58.97 9.35 -77.87
C GLY HA 41 60.28 9.48 -77.13
N THR HA 42 60.38 10.44 -76.21
CA THR HA 42 61.57 10.64 -75.42
C THR HA 42 61.21 10.55 -73.95
N PRO HA 43 61.78 9.61 -73.19
CA PRO HA 43 61.45 9.51 -71.76
C PRO HA 43 61.78 10.75 -70.96
N ASP HA 44 62.85 11.46 -71.30
CA ASP HA 44 63.27 12.63 -70.55
C ASP HA 44 62.50 13.84 -71.06
N VAL HA 45 61.57 14.33 -70.26
CA VAL HA 45 60.72 15.46 -70.61
C VAL HA 45 60.85 16.52 -69.53
N ARG HA 46 61.18 17.74 -69.95
CA ARG HA 46 61.31 18.87 -69.03
C ARG HA 46 60.14 19.82 -69.24
N ILE HA 47 59.55 20.26 -68.15
CA ILE HA 47 58.40 21.16 -68.17
C ILE HA 47 58.86 22.52 -67.71
N ASP HA 48 58.62 23.54 -68.53
CA ASP HA 48 58.99 24.90 -68.16
C ASP HA 48 58.25 25.32 -66.90
N THR HA 49 58.93 26.08 -66.05
CA THR HA 49 58.31 26.56 -64.82
C THR HA 49 57.16 27.52 -65.09
N ARG HA 50 57.19 28.22 -66.24
CA ARG HA 50 56.05 29.04 -66.61
C ARG HA 50 54.82 28.18 -66.90
N LEU HA 51 55.02 27.01 -67.51
CA LEU HA 51 53.90 26.10 -67.71
C LEU HA 51 53.38 25.56 -66.39
N ASN HA 52 54.26 25.24 -65.45
CA ASN HA 52 53.83 24.78 -64.14
C ASN HA 52 53.02 25.87 -63.44
N LYS HA 53 53.45 27.13 -63.57
CA LYS HA 53 52.66 28.23 -63.07
C LYS HA 53 51.31 28.31 -63.76
N ALA HA 54 51.29 28.04 -65.08
CA ALA HA 54 50.05 28.18 -65.85
C ALA HA 54 49.04 27.11 -65.47
N VAL HA 55 49.48 25.89 -65.20
CA VAL HA 55 48.56 24.85 -64.76
C VAL HA 55 48.03 25.18 -63.37
N TRP HA 56 48.91 25.62 -62.47
CA TRP HA 56 48.53 25.96 -61.12
C TRP HA 56 47.92 27.34 -60.99
N ALA HA 57 47.51 27.95 -62.11
CA ALA HA 57 47.04 29.32 -62.08
C ALA HA 57 45.76 29.46 -61.26
N LYS HA 58 44.85 28.49 -61.38
CA LYS HA 58 43.57 28.54 -60.69
C LYS HA 58 43.51 27.57 -59.52
N GLY HA 59 44.63 27.32 -58.88
CA GLY HA 59 44.65 26.47 -57.71
C GLY HA 59 44.94 25.02 -58.04
N ILE HA 60 44.58 24.15 -57.10
CA ILE HA 60 44.90 22.74 -57.21
C ILE HA 60 43.74 21.91 -57.78
N ARG HA 61 42.51 22.39 -57.70
CA ARG HA 61 41.38 21.62 -58.17
C ARG HA 61 40.69 22.22 -59.38
N ASN HA 62 40.78 23.51 -59.60
CA ASN HA 62 40.15 24.13 -60.76
C ASN HA 62 41.17 24.30 -61.89
N VAL HA 63 41.74 23.18 -62.30
CA VAL HA 63 42.75 23.20 -63.37
C VAL HA 63 42.09 23.66 -64.66
N PRO HA 64 42.76 24.46 -65.49
CA PRO HA 64 42.18 24.88 -66.77
C PRO HA 64 41.87 23.70 -67.68
N TYR HA 65 40.82 23.87 -68.48
CA TYR HA 65 40.38 22.78 -69.36
C TYR HA 65 41.36 22.51 -70.48
N ARG HA 66 41.91 23.55 -71.08
CA ARG HA 66 42.81 23.40 -72.20
C ARG HA 66 44.02 24.31 -72.01
N ILE HA 67 45.20 23.82 -72.41
CA ILE HA 67 46.40 24.63 -72.45
C ILE HA 67 47.13 24.36 -73.76
N ARG HA 68 47.41 25.43 -74.51
CA ARG HA 68 48.24 25.33 -75.70
C ARG HA 68 49.70 25.29 -75.28
N VAL HA 69 50.38 24.19 -75.60
CA VAL HA 69 51.78 24.05 -75.25
C VAL HA 69 52.61 24.02 -76.52
N ARG HA 70 53.92 23.97 -76.38
CA ARG HA 70 54.84 23.81 -77.49
C ARG HA 70 55.89 22.78 -77.12
N LEU HA 71 55.91 21.66 -77.82
CA LEU HA 71 56.89 20.62 -77.54
C LEU HA 71 58.10 20.79 -78.45
N SER HA 72 59.27 20.96 -77.86
CA SER HA 72 60.52 21.03 -78.58
C SER HA 72 61.35 19.81 -78.22
N ARG HA 73 61.75 19.04 -79.22
CA ARG HA 73 62.71 17.96 -79.04
C ARG HA 73 64.09 18.49 -79.36
N LYS HA 74 65.02 18.36 -78.42
CA LYS HA 74 66.33 18.96 -78.54
C LYS HA 74 67.41 17.95 -78.20
N ARG HA 75 68.62 18.24 -78.69
CA ARG HA 75 69.76 17.39 -78.39
C ARG HA 75 70.09 17.43 -76.90
N ASN HA 76 70.19 16.26 -76.30
CA ASN HA 76 70.65 16.13 -74.91
C ASN HA 76 72.17 16.01 -74.85
N GLU HA 77 72.85 15.97 -75.99
CA GLU HA 77 74.26 15.61 -76.05
C GLU HA 77 75.13 16.67 -75.40
N ASP HA 78 75.10 16.71 -74.08
CA ASP HA 78 75.94 17.58 -73.29
C ASP HA 78 76.89 16.81 -72.37
N GLU HA 79 76.63 15.53 -72.15
CA GLU HA 79 77.39 14.71 -71.21
C GLU HA 79 77.10 13.25 -71.50
N ASP HA 80 77.72 12.36 -70.73
CA ASP HA 80 77.41 10.93 -70.80
C ASP HA 80 76.01 10.71 -70.26
N SER HA 81 75.05 10.49 -71.15
CA SER HA 81 73.67 10.30 -70.76
C SER HA 81 73.10 9.05 -71.42
N PRO HA 82 72.18 8.36 -70.74
CA PRO HA 82 71.57 7.17 -71.35
C PRO HA 82 70.79 7.46 -72.63
N ASN HA 83 70.13 8.62 -72.71
CA ASN HA 83 69.44 9.02 -73.92
C ASN HA 83 69.99 10.34 -74.44
N LYS HA 84 69.84 10.54 -75.74
CA LYS HA 84 70.47 11.68 -76.41
C LYS HA 84 69.47 12.75 -76.83
N LEU HA 85 68.18 12.55 -76.59
CA LEU HA 85 67.16 13.53 -76.92
C LEU HA 85 66.29 13.79 -75.70
N TYR HA 86 65.69 14.97 -75.65
CA TYR HA 86 64.74 15.27 -74.59
C TYR HA 86 63.70 16.24 -75.13
N THR HA 87 62.56 16.29 -74.44
CA THR HA 87 61.44 17.14 -74.84
C THR HA 87 61.28 18.25 -73.81
N LEU HA 88 61.37 19.49 -74.26
CA LEU HA 88 61.16 20.65 -73.42
C LEU HA 88 59.81 21.25 -73.75
N VAL HA 89 58.97 21.41 -72.73
CA VAL HA 89 57.57 21.76 -72.92
C VAL HA 89 57.35 23.15 -72.39
N THR HA 90 57.00 24.08 -73.28
CA THR HA 90 56.69 25.44 -72.89
C THR HA 90 55.19 25.66 -72.88
N TYR HA 91 54.79 26.86 -72.49
CA TYR HA 91 53.40 27.27 -72.43
C TYR HA 91 53.19 28.44 -73.38
N VAL HA 92 52.18 28.31 -74.24
CA VAL HA 92 51.86 29.32 -75.23
C VAL HA 92 50.56 29.99 -74.82
N PRO HA 93 50.58 31.26 -74.40
CA PRO HA 93 49.32 31.94 -74.05
C PRO HA 93 48.47 32.17 -75.28
N VAL HA 94 47.19 31.81 -75.19
CA VAL HA 94 46.25 32.01 -76.28
C VAL HA 94 44.98 32.65 -75.72
N THR HA 95 44.25 33.32 -76.61
CA THR HA 95 42.98 33.94 -76.24
C THR HA 95 41.78 33.05 -76.48
N THR HA 96 41.86 32.13 -77.44
CA THR HA 96 40.77 31.21 -77.71
C THR HA 96 41.34 29.89 -78.21
N PHE HA 97 40.58 28.83 -77.99
CA PHE HA 97 40.97 27.49 -78.44
C PHE HA 97 40.17 27.02 -79.64
N LYS HA 98 39.32 27.88 -80.21
CA LYS HA 98 38.50 27.48 -81.33
C LYS HA 98 39.34 27.43 -82.60
N ASN HA 99 39.28 26.28 -83.28
CA ASN HA 99 39.98 26.08 -84.55
C ASN HA 99 41.50 26.19 -84.40
N LEU HA 100 42.03 25.57 -83.35
CA LEU HA 100 43.47 25.47 -83.15
C LEU HA 100 43.92 24.05 -83.49
N GLN HA 101 44.66 23.91 -84.59
CA GLN HA 101 45.18 22.62 -85.02
C GLN HA 101 46.51 22.35 -84.34
N THR HA 102 47.14 21.24 -84.73
CA THR HA 102 48.52 20.96 -84.37
C THR HA 102 49.40 21.36 -85.54
N VAL HA 103 50.35 22.27 -85.30
CA VAL HA 103 51.11 22.89 -86.36
C VAL HA 103 52.59 22.73 -86.10
N ASN HA 104 53.37 22.60 -87.17
CA ASN HA 104 54.82 22.63 -87.07
C ASN HA 104 55.30 24.07 -87.02
N VAL HA 105 56.20 24.35 -86.09
CA VAL HA 105 56.81 25.66 -85.94
C VAL HA 105 58.30 25.54 -86.22
N ASP HA 106 58.85 26.54 -86.89
CA ASP HA 106 60.26 26.58 -87.21
C ASP HA 106 61.05 27.18 -86.04
N GLU HA 107 62.31 27.52 -86.28
CA GLU HA 107 63.15 28.11 -85.26
C GLU HA 107 62.68 29.52 -84.90
N ALA IA 1 92.94 -67.74 -46.07
CA ALA IA 1 93.07 -66.29 -45.99
C ALA IA 1 92.80 -65.79 -44.58
N ALA IA 2 91.54 -65.48 -44.29
CA ALA IA 2 91.16 -64.98 -42.98
C ALA IA 2 91.31 -66.05 -41.93
N LEU IA 3 91.71 -65.62 -40.72
CA LEU IA 3 91.85 -66.53 -39.60
C LEU IA 3 90.48 -67.01 -39.15
N ARG IA 4 90.38 -68.30 -38.82
CA ARG IA 4 89.04 -68.84 -38.60
C ARG IA 4 88.84 -69.24 -37.15
N PRO IA 5 87.61 -69.13 -36.64
CA PRO IA 5 87.34 -69.55 -35.26
C PRO IA 5 87.35 -71.05 -35.11
N LEU IA 6 87.26 -71.53 -33.86
CA LEU IA 6 87.21 -72.96 -33.62
C LEU IA 6 85.96 -73.57 -34.25
N VAL IA 7 84.80 -73.02 -33.93
CA VAL IA 7 83.53 -73.43 -34.52
C VAL IA 7 82.79 -72.18 -34.95
N LYS IA 8 81.90 -72.35 -35.93
CA LYS IA 8 81.07 -71.25 -36.42
C LYS IA 8 79.62 -71.71 -36.39
N PRO IA 9 78.99 -71.71 -35.22
CA PRO IA 9 77.57 -72.05 -35.15
C PRO IA 9 76.73 -70.98 -35.82
N LYS IA 10 75.56 -71.40 -36.28
CA LYS IA 10 74.66 -70.50 -36.98
C LYS IA 10 73.93 -69.63 -35.96
N ILE IA 11 74.18 -68.33 -36.01
CA ILE IA 11 73.69 -67.41 -35.00
C ILE IA 11 72.21 -67.11 -35.25
N VAL IA 12 71.40 -67.22 -34.21
CA VAL IA 12 69.99 -66.87 -34.25
C VAL IA 12 69.80 -65.61 -33.44
N LYS IA 13 69.28 -64.56 -34.08
CA LYS IA 13 68.90 -63.34 -33.40
C LYS IA 13 67.39 -63.30 -33.31
N LYS IA 14 66.87 -63.25 -32.08
CA LYS IA 14 65.43 -63.19 -31.90
C LYS IA 14 64.86 -61.91 -32.48
N ARG IA 15 65.54 -60.79 -32.27
CA ARG IA 15 65.14 -59.53 -32.86
C ARG IA 15 66.36 -58.81 -33.40
N THR IA 16 66.26 -58.31 -34.63
CA THR IA 16 67.38 -57.66 -35.30
C THR IA 16 67.31 -56.14 -35.21
N LYS IA 17 66.11 -55.56 -35.23
CA LYS IA 17 65.96 -54.13 -35.12
C LYS IA 17 66.26 -53.66 -33.69
N LYS IA 18 66.13 -52.37 -33.47
CA LYS IA 18 66.38 -51.77 -32.17
C LYS IA 18 65.08 -51.45 -31.46
N PHE IA 19 65.13 -51.46 -30.13
CA PHE IA 19 64.01 -51.02 -29.31
C PHE IA 19 64.13 -49.52 -29.16
N ILE IA 20 63.30 -48.79 -29.88
CA ILE IA 20 63.32 -47.34 -29.82
C ILE IA 20 62.36 -46.88 -28.72
N ARG IA 21 62.66 -45.72 -28.15
CA ARG IA 21 61.81 -45.15 -27.13
C ARG IA 21 60.48 -44.69 -27.74
N HIS IA 22 59.42 -44.82 -26.94
CA HIS IA 22 58.11 -44.37 -27.38
C HIS IA 22 58.13 -42.87 -27.68
N GLN IA 23 57.51 -42.51 -28.81
CA GLN IA 23 57.39 -41.12 -29.26
C GLN IA 23 58.74 -40.47 -29.50
N SER IA 24 59.81 -41.25 -29.69
CA SER IA 24 61.09 -40.67 -30.06
C SER IA 24 61.08 -40.17 -31.49
N ASP IA 25 60.14 -40.63 -32.30
CA ASP IA 25 60.03 -40.17 -33.68
C ASP IA 25 59.42 -38.77 -33.75
N ARG IA 26 58.57 -38.42 -32.80
CA ARG IA 26 57.87 -37.14 -32.84
C ARG IA 26 58.67 -35.98 -32.27
N TYR IA 27 59.76 -36.25 -31.56
CA TYR IA 27 60.50 -35.19 -30.88
C TYR IA 27 62.00 -35.39 -31.03
N VAL IA 28 62.69 -34.28 -31.27
CA VAL IA 28 64.15 -34.30 -31.19
C VAL IA 28 64.61 -34.44 -29.75
N LYS IA 29 63.91 -33.81 -28.81
CA LYS IA 29 64.29 -33.87 -27.40
C LYS IA 29 64.19 -35.26 -26.82
N ILE IA 30 63.45 -36.16 -27.46
CA ILE IA 30 63.30 -37.54 -27.01
C ILE IA 30 64.27 -38.38 -27.81
N LYS IA 31 65.41 -38.69 -27.20
CA LYS IA 31 66.38 -39.55 -27.86
C LYS IA 31 65.87 -40.98 -27.91
N ARG IA 32 66.44 -41.76 -28.83
CA ARG IA 32 65.92 -43.10 -29.10
C ARG IA 32 66.37 -44.13 -28.07
N ASN IA 33 67.18 -43.73 -27.08
CA ASN IA 33 67.52 -44.63 -26.00
C ASN IA 33 66.26 -45.10 -25.28
N TRP IA 34 66.18 -46.39 -25.01
CA TRP IA 34 64.96 -46.95 -24.45
C TRP IA 34 64.70 -46.42 -23.05
N ARG IA 35 63.44 -46.04 -22.80
CA ARG IA 35 62.98 -45.72 -21.46
C ARG IA 35 61.64 -46.40 -21.26
N LYS IA 36 61.48 -47.04 -20.12
CA LYS IA 36 60.24 -47.76 -19.86
C LYS IA 36 59.10 -46.77 -19.67
N PRO IA 37 58.03 -46.87 -20.46
CA PRO IA 37 56.90 -45.94 -20.27
C PRO IA 37 56.15 -46.26 -19.00
N ARG IA 38 56.00 -45.26 -18.13
CA ARG IA 38 55.32 -45.45 -16.85
C ARG IA 38 54.09 -44.58 -16.72
N GLY IA 39 53.56 -44.09 -17.84
CA GLY IA 39 52.34 -43.32 -17.78
C GLY IA 39 51.14 -44.19 -17.45
N ILE IA 40 50.15 -43.56 -16.82
CA ILE IA 40 48.97 -44.31 -16.38
C ILE IA 40 48.15 -44.78 -17.58
N ASP IA 41 48.07 -43.96 -18.62
CA ASP IA 41 47.30 -44.28 -19.82
C ASP IA 41 48.17 -44.68 -21.00
N ASN IA 42 49.44 -44.94 -20.76
CA ASN IA 42 50.37 -45.20 -21.85
C ASN IA 42 50.03 -46.51 -22.56
N ARG IA 43 49.72 -46.42 -23.85
CA ARG IA 43 49.31 -47.62 -24.57
C ARG IA 43 50.49 -48.53 -24.89
N VAL IA 44 51.70 -47.99 -24.98
CA VAL IA 44 52.87 -48.84 -25.17
C VAL IA 44 53.14 -49.66 -23.92
N ARG IA 45 53.04 -49.02 -22.75
CA ARG IA 45 53.22 -49.73 -21.49
C ARG IA 45 52.15 -50.80 -21.31
N ARG IA 46 50.90 -50.49 -21.71
CA ARG IA 46 49.81 -51.43 -21.61
C ARG IA 46 49.88 -52.54 -22.64
N ARG IA 47 50.81 -52.45 -23.60
CA ARG IA 47 51.03 -53.48 -24.62
C ARG IA 47 49.83 -53.63 -25.55
N PHE IA 48 49.39 -52.51 -26.11
CA PHE IA 48 48.36 -52.56 -27.13
C PHE IA 48 48.94 -53.03 -28.46
N LYS IA 49 48.10 -53.65 -29.28
CA LYS IA 49 48.56 -54.21 -30.54
C LYS IA 49 48.93 -53.11 -31.52
N GLY IA 50 49.94 -53.38 -32.32
CA GLY IA 50 50.42 -52.41 -33.29
C GLY IA 50 51.26 -51.29 -32.74
N GLN IA 51 51.67 -51.37 -31.48
CA GLN IA 51 52.44 -50.32 -30.84
C GLN IA 51 53.92 -50.70 -30.79
N ILE IA 52 54.70 -49.84 -30.16
CA ILE IA 52 56.13 -50.07 -30.02
C ILE IA 52 56.37 -51.19 -29.03
N LEU IA 53 57.22 -52.14 -29.42
CA LEU IA 53 57.53 -53.28 -28.56
C LEU IA 53 58.43 -52.87 -27.40
N MET IA 54 58.20 -53.48 -26.24
CA MET IA 54 59.11 -53.18 -25.15
C MET IA 54 60.11 -54.32 -24.96
N PRO IA 55 61.35 -53.98 -24.63
CA PRO IA 55 62.35 -55.01 -24.31
C PRO IA 55 61.96 -55.80 -23.08
N ASN IA 56 62.25 -57.09 -23.12
CA ASN IA 56 62.10 -57.96 -21.95
C ASN IA 56 63.12 -59.08 -22.06
N ILE IA 57 63.15 -59.93 -21.05
CA ILE IA 57 64.18 -60.96 -20.99
C ILE IA 57 63.94 -62.06 -22.01
N GLY IA 58 62.73 -62.13 -22.59
CA GLY IA 58 62.44 -63.14 -23.59
C GLY IA 58 63.20 -62.97 -24.89
N TYR IA 59 63.70 -61.77 -25.17
CA TYR IA 59 64.49 -61.50 -26.36
C TYR IA 59 65.96 -61.84 -26.18
N GLY IA 60 66.32 -62.52 -25.10
CA GLY IA 60 67.73 -62.77 -24.84
C GLY IA 60 68.35 -63.67 -25.91
N SER IA 61 69.60 -63.39 -26.23
CA SER IA 61 70.32 -64.21 -27.19
C SER IA 61 70.69 -65.55 -26.56
N ASN IA 62 70.91 -66.54 -27.42
CA ASN IA 62 71.39 -67.83 -26.97
C ASN IA 62 72.73 -67.67 -26.27
N LYS IA 63 72.88 -68.35 -25.13
CA LYS IA 63 74.10 -68.19 -24.34
C LYS IA 63 75.31 -68.74 -25.06
N LYS IA 64 75.13 -69.69 -25.98
CA LYS IA 64 76.27 -70.21 -26.73
C LYS IA 64 76.77 -69.20 -27.76
N THR IA 65 75.86 -68.46 -28.38
CA THR IA 65 76.21 -67.49 -29.41
C THR IA 65 76.10 -66.05 -28.94
N LYS IA 66 75.95 -65.81 -27.64
CA LYS IA 66 75.87 -64.45 -27.15
C LYS IA 66 77.21 -63.75 -27.30
N HIS IA 67 77.15 -62.45 -27.59
CA HIS IA 67 78.30 -61.57 -27.74
C HIS IA 67 79.22 -61.96 -28.89
N MET IA 68 78.81 -62.91 -29.73
CA MET IA 68 79.65 -63.33 -30.83
C MET IA 68 79.54 -62.37 -32.00
N LEU IA 69 80.69 -62.06 -32.60
CA LEU IA 69 80.72 -61.25 -33.79
C LEU IA 69 80.20 -62.05 -34.98
N PRO IA 70 79.83 -61.38 -36.08
CA PRO IA 70 79.45 -62.13 -37.29
C PRO IA 70 80.53 -63.05 -37.79
N SER IA 71 81.80 -62.71 -37.54
CA SER IA 71 82.90 -63.57 -37.96
C SER IA 71 82.99 -64.85 -37.15
N GLY IA 72 82.25 -64.96 -36.06
CA GLY IA 72 82.34 -66.10 -35.18
C GLY IA 72 83.26 -65.92 -34.00
N PHE IA 73 84.09 -64.89 -34.01
CA PHE IA 73 84.96 -64.59 -32.89
C PHE IA 73 84.21 -63.77 -31.85
N ARG IA 74 84.85 -63.56 -30.71
CA ARG IA 74 84.36 -62.66 -29.69
C ARG IA 74 85.40 -61.58 -29.44
N LYS IA 75 84.93 -60.37 -29.20
CA LYS IA 75 85.77 -59.18 -29.19
C LYS IA 75 86.47 -59.03 -27.85
N PHE IA 76 87.71 -58.51 -27.91
CA PHE IA 76 88.43 -58.13 -26.71
C PHE IA 76 89.26 -56.90 -27.01
N LEU IA 77 89.14 -55.87 -26.17
CA LEU IA 77 89.79 -54.59 -26.42
C LEU IA 77 91.18 -54.57 -25.83
N VAL IA 78 92.18 -54.31 -26.66
CA VAL IA 78 93.56 -54.21 -26.20
C VAL IA 78 94.05 -52.78 -26.40
N HIS IA 79 95.02 -52.39 -25.58
CA HIS IA 79 95.61 -51.06 -25.66
C HIS IA 79 97.07 -51.06 -26.06
N ASN IA 80 97.81 -52.11 -25.73
CA ASN IA 80 99.22 -52.17 -26.05
C ASN IA 80 99.60 -53.61 -26.34
N VAL IA 81 100.90 -53.85 -26.51
CA VAL IA 81 101.38 -55.17 -26.87
C VAL IA 81 101.19 -56.14 -25.70
N LYS IA 82 101.37 -55.66 -24.47
CA LYS IA 82 101.31 -56.56 -23.32
C LYS IA 82 99.93 -57.16 -23.15
N GLU IA 83 98.88 -56.37 -23.39
CA GLU IA 83 97.52 -56.91 -23.27
C GLU IA 83 97.13 -57.82 -24.42
N LEU IA 84 98.06 -58.16 -25.32
CA LEU IA 84 97.74 -59.02 -26.45
C LEU IA 84 98.08 -60.47 -26.19
N GLU IA 85 99.10 -60.76 -25.37
CA GLU IA 85 99.48 -62.14 -25.13
C GLU IA 85 98.49 -62.90 -24.25
N VAL IA 86 97.51 -62.21 -23.66
CA VAL IA 86 96.48 -62.93 -22.92
C VAL IA 86 95.54 -63.69 -23.84
N LEU IA 87 95.57 -63.40 -25.14
CA LEU IA 87 94.82 -64.17 -26.13
C LEU IA 87 95.71 -65.19 -26.84
N LEU IA 88 96.91 -65.45 -26.32
CA LEU IA 88 97.75 -66.50 -26.89
C LEU IA 88 97.06 -67.86 -26.79
N MET IA 89 96.44 -68.15 -25.66
CA MET IA 89 95.73 -69.40 -25.45
C MET IA 89 94.25 -69.28 -25.74
N CYS IA 90 93.75 -68.08 -26.05
CA CYS IA 90 92.38 -67.86 -26.47
C CYS IA 90 92.29 -67.56 -27.96
N ASN IA 91 93.19 -68.15 -28.75
CA ASN IA 91 93.38 -67.76 -30.13
C ASN IA 91 92.14 -68.09 -30.97
N LYS IA 92 91.64 -69.31 -30.85
CA LYS IA 92 90.60 -69.79 -31.76
C LYS IA 92 89.21 -69.35 -31.35
N SER IA 93 89.07 -68.60 -30.27
CA SER IA 93 87.77 -68.14 -29.80
C SER IA 93 87.63 -66.64 -29.66
N TYR IA 94 88.72 -65.91 -29.50
CA TYR IA 94 88.67 -64.48 -29.19
C TYR IA 94 89.54 -63.71 -30.17
N CYS IA 95 89.04 -62.56 -30.60
CA CYS IA 95 89.79 -61.63 -31.44
C CYS IA 95 90.17 -60.41 -30.61
N ALA IA 96 90.95 -59.52 -31.22
CA ALA IA 96 91.46 -58.34 -30.52
C ALA IA 96 91.07 -57.07 -31.26
N GLU IA 97 90.80 -56.02 -30.50
CA GLU IA 97 90.63 -54.68 -31.05
C GLU IA 97 91.63 -53.73 -30.42
N ILE IA 98 92.39 -53.04 -31.26
CA ILE IA 98 93.17 -51.91 -30.78
C ILE IA 98 92.23 -50.78 -30.41
N ALA IA 99 92.45 -50.20 -29.22
CA ALA IA 99 91.58 -49.13 -28.75
C ALA IA 99 91.72 -47.91 -29.65
N HIS IA 100 90.68 -47.06 -29.62
CA HIS IA 100 90.63 -45.94 -30.57
C HIS IA 100 91.73 -44.92 -30.31
N ASN IA 101 92.17 -44.79 -29.07
CA ASN IA 101 93.12 -43.74 -28.71
C ASN IA 101 94.57 -44.16 -28.86
N VAL IA 102 94.82 -45.36 -29.39
CA VAL IA 102 96.19 -45.81 -29.59
C VAL IA 102 96.75 -45.17 -30.86
N SER IA 103 97.99 -44.72 -30.79
CA SER IA 103 98.62 -44.07 -31.93
C SER IA 103 98.91 -45.07 -33.04
N SER IA 104 99.27 -44.53 -34.20
CA SER IA 104 99.47 -45.37 -35.39
C SER IA 104 100.74 -46.21 -35.26
N LYS IA 105 101.83 -45.61 -34.83
CA LYS IA 105 103.09 -46.34 -34.74
C LYS IA 105 103.01 -47.46 -33.71
N ASN IA 106 102.20 -47.30 -32.68
CA ASN IA 106 102.02 -48.37 -31.71
C ASN IA 106 101.15 -49.48 -32.25
N ARG IA 107 100.08 -49.12 -32.97
CA ARG IA 107 99.21 -50.17 -33.49
C ARG IA 107 99.85 -50.93 -34.64
N LYS IA 108 100.86 -50.36 -35.30
CA LYS IA 108 101.67 -51.15 -36.22
C LYS IA 108 102.33 -52.31 -35.49
N ALA IA 109 102.96 -52.03 -34.35
CA ALA IA 109 103.59 -53.09 -33.57
C ALA IA 109 102.56 -54.06 -33.04
N ILE IA 110 101.40 -53.56 -32.64
CA ILE IA 110 100.36 -54.43 -32.11
C ILE IA 110 99.89 -55.42 -33.17
N VAL IA 111 99.62 -54.94 -34.39
CA VAL IA 111 99.14 -55.85 -35.42
C VAL IA 111 100.25 -56.80 -35.88
N GLU IA 112 101.50 -56.35 -35.86
CA GLU IA 112 102.60 -57.25 -36.18
C GLU IA 112 102.67 -58.40 -35.18
N ARG IA 113 102.59 -58.07 -33.88
CA ARG IA 113 102.63 -59.10 -32.86
C ARG IA 113 101.43 -60.04 -32.98
N ALA IA 114 100.25 -59.48 -33.26
CA ALA IA 114 99.06 -60.31 -33.39
C ALA IA 114 99.18 -61.27 -34.56
N ALA IA 115 99.74 -60.81 -35.68
CA ALA IA 115 99.98 -61.72 -36.79
C ALA IA 115 101.00 -62.78 -36.42
N GLN IA 116 102.00 -62.41 -35.62
CA GLN IA 116 102.96 -63.41 -35.13
C GLN IA 116 102.27 -64.45 -34.26
N LEU IA 117 101.42 -64.01 -33.33
CA LEU IA 117 100.75 -64.91 -32.41
C LEU IA 117 99.52 -65.55 -33.00
N ALA IA 118 99.21 -65.26 -34.27
CA ALA IA 118 98.01 -65.75 -34.95
C ALA IA 118 96.74 -65.33 -34.20
N ILE IA 119 96.67 -64.06 -33.82
CA ILE IA 119 95.49 -63.48 -33.20
C ILE IA 119 94.81 -62.58 -34.21
N ARG IA 120 93.50 -62.74 -34.36
CA ARG IA 120 92.76 -61.97 -35.36
C ARG IA 120 92.41 -60.59 -34.81
N VAL IA 121 92.59 -59.58 -35.65
CA VAL IA 121 92.26 -58.21 -35.33
C VAL IA 121 91.10 -57.78 -36.22
N THR IA 122 90.07 -57.19 -35.63
CA THR IA 122 88.93 -56.74 -36.42
C THR IA 122 89.19 -55.40 -37.09
N ASN IA 123 90.19 -54.65 -36.66
CA ASN IA 123 90.58 -53.39 -37.30
C ASN IA 123 92.09 -53.40 -37.53
N PRO IA 124 92.58 -54.26 -38.40
CA PRO IA 124 94.04 -54.38 -38.56
C PRO IA 124 94.64 -53.23 -39.35
N ASN IA 125 93.88 -52.65 -40.27
CA ASN IA 125 94.32 -51.49 -41.04
C ASN IA 125 93.46 -50.31 -40.64
N ALA IA 126 93.84 -49.65 -39.55
CA ALA IA 126 93.01 -48.64 -38.93
C ALA IA 126 93.64 -47.26 -38.82
N ARG IA 127 94.97 -47.16 -38.85
CA ARG IA 127 95.62 -45.85 -38.89
C ARG IA 127 96.81 -45.95 -39.84
N LEU IA 128 96.56 -45.71 -41.13
CA LEU IA 128 97.58 -45.73 -42.16
C LEU IA 128 97.03 -45.22 -43.48
N SER JA 1 58.55 -74.08 -75.40
CA SER JA 1 58.01 -75.39 -75.77
C SER JA 1 56.69 -75.64 -75.08
N GLY JA 2 56.61 -75.29 -73.80
CA GLY JA 2 55.37 -75.49 -73.06
C GLY JA 2 55.41 -74.74 -71.75
N ARG JA 3 54.23 -74.65 -71.13
CA ARG JA 3 54.11 -73.87 -69.90
C ARG JA 3 54.77 -74.59 -68.72
N LEU JA 4 54.55 -75.89 -68.59
CA LEU JA 4 55.23 -76.75 -67.59
C LEU JA 4 55.05 -76.28 -66.16
N TRP JA 5 54.07 -75.41 -65.88
CA TRP JA 5 53.70 -75.11 -64.51
C TRP JA 5 52.24 -74.69 -64.49
N SER JA 6 51.61 -74.85 -63.34
CA SER JA 6 50.23 -74.46 -63.16
C SER JA 6 50.17 -72.99 -62.78
N LYS JA 7 49.06 -72.35 -63.15
CA LYS JA 7 48.85 -70.95 -62.81
C LYS JA 7 48.20 -70.84 -61.44
N ALA JA 8 48.80 -70.04 -60.57
CA ALA JA 8 48.28 -69.77 -59.24
C ALA JA 8 48.22 -68.27 -59.03
N ILE JA 9 47.35 -67.87 -58.10
CA ILE JA 9 47.14 -66.47 -57.77
C ILE JA 9 47.44 -66.27 -56.29
N PHE JA 10 48.32 -65.34 -56.00
CA PHE JA 10 48.59 -64.93 -54.62
C PHE JA 10 47.40 -64.11 -54.14
N ALA JA 11 46.47 -64.77 -53.44
CA ALA JA 11 45.29 -64.06 -52.94
C ALA JA 11 45.62 -63.19 -51.75
N GLY JA 12 46.48 -63.66 -50.86
CA GLY JA 12 46.84 -62.90 -49.68
C GLY JA 12 47.45 -63.81 -48.65
N TYR JA 13 47.82 -63.19 -47.53
CA TYR JA 13 48.42 -63.94 -46.44
C TYR JA 13 47.37 -64.66 -45.61
N LYS JA 14 47.80 -65.71 -44.93
CA LYS JA 14 46.97 -66.29 -43.87
C LYS JA 14 46.71 -65.25 -42.81
N ARG JA 15 45.46 -65.15 -42.38
CA ARG JA 15 45.08 -64.04 -41.53
C ARG JA 15 43.83 -64.38 -40.77
N GLY JA 16 43.62 -63.65 -39.68
CA GLY JA 16 42.31 -63.52 -39.07
C GLY JA 16 41.60 -62.36 -39.72
N LEU JA 17 40.63 -61.81 -38.99
CA LEU JA 17 40.02 -60.59 -39.51
C LEU JA 17 40.94 -59.40 -39.31
N ARG JA 18 41.58 -59.28 -38.15
CA ARG JA 18 42.41 -58.12 -37.84
C ARG JA 18 43.83 -58.52 -37.45
N ASN JA 19 44.28 -59.72 -37.82
CA ASN JA 19 45.65 -60.14 -37.62
C ASN JA 19 46.12 -60.85 -38.86
N GLN JA 20 47.33 -60.52 -39.32
CA GLN JA 20 47.86 -61.00 -40.58
C GLN JA 20 49.15 -61.77 -40.33
N ARG JA 21 49.16 -63.05 -40.69
CA ARG JA 21 50.33 -63.90 -40.54
C ARG JA 21 51.05 -63.94 -41.88
N GLU JA 22 52.07 -63.09 -42.01
CA GLU JA 22 52.75 -62.92 -43.29
C GLU JA 22 53.71 -64.06 -43.61
N HIS JA 23 54.04 -64.91 -42.64
CA HIS JA 23 55.01 -65.95 -42.92
C HIS JA 23 54.46 -67.03 -43.85
N THR JA 24 53.15 -67.07 -44.09
CA THR JA 24 52.57 -67.99 -45.04
C THR JA 24 51.55 -67.27 -45.91
N ALA JA 25 51.38 -67.78 -47.13
CA ALA JA 25 50.55 -67.14 -48.14
C ALA JA 25 49.47 -68.11 -48.61
N LEU JA 26 48.37 -67.56 -49.11
CA LEU JA 26 47.26 -68.35 -49.62
C LEU JA 26 47.21 -68.21 -51.14
N LEU JA 27 47.30 -69.34 -51.84
CA LEU JA 27 47.36 -69.36 -53.28
C LEU JA 27 46.06 -69.88 -53.86
N LYS JA 28 45.78 -69.50 -55.10
CA LYS JA 28 44.58 -69.92 -55.82
C LYS JA 28 45.01 -70.60 -57.10
N ILE JA 29 45.10 -71.91 -57.09
CA ILE JA 29 45.48 -72.66 -58.28
C ILE JA 29 44.30 -72.73 -59.22
N GLU JA 30 44.52 -72.36 -60.48
CA GLU JA 30 43.45 -72.34 -61.47
C GLU JA 30 42.98 -73.76 -61.78
N GLY JA 31 41.66 -73.92 -61.88
CA GLY JA 31 41.06 -75.20 -62.15
C GLY JA 31 40.80 -76.06 -60.93
N VAL JA 32 41.26 -75.63 -59.76
CA VAL JA 32 41.11 -76.36 -58.51
C VAL JA 32 40.16 -75.57 -57.65
N TYR JA 33 38.91 -76.02 -57.55
CA TYR JA 33 37.90 -75.28 -56.82
C TYR JA 33 37.19 -76.13 -55.77
N ALA JA 34 37.78 -77.27 -55.42
CA ALA JA 34 37.27 -78.09 -54.34
C ALA JA 34 38.45 -78.55 -53.49
N ARG JA 35 38.19 -78.81 -52.21
CA ARG JA 35 39.28 -79.15 -51.31
C ARG JA 35 39.92 -80.49 -51.67
N ASP JA 36 39.12 -81.45 -52.13
CA ASP JA 36 39.65 -82.77 -52.44
C ASP JA 36 40.56 -82.76 -53.67
N GLU JA 37 40.47 -81.73 -54.52
CA GLU JA 37 41.33 -81.66 -55.69
C GLU JA 37 42.71 -81.13 -55.37
N THR JA 38 42.95 -80.65 -54.15
CA THR JA 38 44.22 -80.06 -53.78
C THR JA 38 45.26 -81.09 -53.35
N GLU JA 39 44.90 -82.37 -53.29
CA GLU JA 39 45.86 -83.38 -52.85
C GLU JA 39 47.02 -83.50 -53.82
N PHE JA 40 46.78 -83.24 -55.11
CA PHE JA 40 47.84 -83.36 -56.11
C PHE JA 40 48.94 -82.34 -55.86
N TYR JA 41 48.58 -81.13 -55.46
CA TYR JA 41 49.50 -80.01 -55.36
C TYR JA 41 50.18 -79.89 -54.01
N LEU JA 42 49.91 -80.80 -53.08
CA LEU JA 42 50.56 -80.71 -51.78
C LEU JA 42 52.04 -81.04 -51.91
N GLY JA 43 52.89 -80.15 -51.42
CA GLY JA 43 54.31 -80.34 -51.49
C GLY JA 43 54.97 -79.86 -52.76
N LYS JA 44 54.19 -79.40 -53.74
CA LYS JA 44 54.78 -78.92 -54.98
C LYS JA 44 55.55 -77.63 -54.77
N ARG JA 45 56.68 -77.51 -55.45
CA ARG JA 45 57.50 -76.31 -55.33
C ARG JA 45 56.85 -75.17 -56.10
N CYS JA 46 56.64 -74.04 -55.42
CA CYS JA 46 56.02 -72.89 -56.04
C CYS JA 46 57.03 -71.74 -56.08
N ALA JA 47 56.92 -70.93 -57.14
CA ALA JA 47 57.87 -69.85 -57.39
C ALA JA 47 57.11 -68.57 -57.68
N TYR JA 48 57.54 -67.48 -57.06
CA TYR JA 48 57.07 -66.14 -57.41
C TYR JA 48 58.16 -65.49 -58.26
N VAL JA 49 57.90 -65.35 -59.55
CA VAL JA 49 58.87 -64.87 -60.51
C VAL JA 49 58.53 -63.43 -60.88
N TYR JA 50 59.51 -62.55 -60.79
CA TYR JA 50 59.30 -61.14 -61.07
C TYR JA 50 60.57 -60.55 -61.68
N LYS JA 51 60.46 -59.32 -62.15
CA LYS JA 51 61.57 -58.59 -62.72
C LYS JA 51 61.94 -57.41 -61.82
N ALA JA 52 63.17 -56.95 -61.97
CA ALA JA 52 63.71 -55.87 -61.15
C ALA JA 52 64.56 -54.97 -62.04
N LYS JA 53 65.36 -54.12 -61.42
CA LYS JA 53 66.16 -53.12 -62.12
C LYS JA 53 67.60 -53.55 -62.35
N ASN JA 54 68.23 -54.20 -61.36
CA ASN JA 54 69.61 -54.63 -61.50
C ASN JA 54 69.66 -56.10 -61.92
N ASN JA 55 70.65 -56.41 -62.74
CA ASN JA 55 70.83 -57.79 -63.19
C ASN JA 55 71.26 -58.68 -62.03
N THR JA 56 70.72 -59.90 -62.01
CA THR JA 56 71.09 -60.91 -61.04
C THR JA 56 71.49 -62.18 -61.78
N VAL JA 57 72.40 -62.93 -61.17
CA VAL JA 57 72.91 -64.13 -61.83
C VAL JA 57 71.80 -65.15 -62.00
N THR JA 58 71.76 -65.75 -63.18
CA THR JA 58 70.79 -66.79 -63.51
C THR JA 58 71.52 -68.13 -63.54
N PRO JA 59 71.07 -69.13 -62.79
CA PRO JA 59 71.72 -70.45 -62.85
C PRO JA 59 71.61 -71.02 -64.25
N GLY JA 60 72.76 -71.31 -64.86
CA GLY JA 60 72.80 -71.78 -66.22
C GLY JA 60 72.36 -70.76 -67.25
N GLY JA 61 72.82 -69.52 -67.12
CA GLY JA 61 72.52 -68.51 -68.11
C GLY JA 61 73.16 -67.19 -67.76
N LYS JA 62 73.04 -66.25 -68.69
CA LYS JA 62 73.51 -64.90 -68.45
C LYS JA 62 72.67 -64.22 -67.38
N PRO JA 63 73.25 -63.25 -66.65
CA PRO JA 63 72.44 -62.47 -65.72
C PRO JA 63 71.35 -61.69 -66.45
N ASN JA 64 70.20 -61.57 -65.80
CA ASN JA 64 69.05 -60.87 -66.37
C ASN JA 64 68.32 -60.17 -65.24
N LYS JA 65 67.12 -59.66 -65.54
CA LYS JA 65 66.33 -58.95 -64.55
C LYS JA 65 65.45 -59.87 -63.73
N THR JA 66 65.36 -61.15 -64.08
CA THR JA 66 64.45 -62.06 -63.40
C THR JA 66 64.98 -62.47 -62.04
N ARG JA 67 64.11 -62.40 -61.02
CA ARG JA 67 64.40 -62.88 -59.68
C ARG JA 67 63.28 -63.81 -59.26
N VAL JA 68 63.60 -64.73 -58.35
CA VAL JA 68 62.62 -65.70 -57.87
C VAL JA 68 62.63 -65.72 -56.34
N ILE JA 69 61.45 -65.74 -55.75
CA ILE JA 69 61.29 -66.11 -54.35
C ILE JA 69 60.67 -67.50 -54.34
N TRP JA 70 61.46 -68.50 -53.97
CA TRP JA 70 61.00 -69.88 -54.01
C TRP JA 70 60.13 -70.20 -52.80
N GLY JA 71 59.36 -71.27 -52.94
CA GLY JA 71 58.50 -71.71 -51.87
C GLY JA 71 57.96 -73.09 -52.18
N LYS JA 72 56.98 -73.51 -51.37
CA LYS JA 72 56.34 -74.78 -51.66
C LYS JA 72 54.97 -74.81 -50.99
N VAL JA 73 54.05 -75.55 -51.62
CA VAL JA 73 52.70 -75.69 -51.09
C VAL JA 73 52.72 -76.64 -49.90
N THR JA 74 52.14 -76.20 -48.78
CA THR JA 74 52.17 -76.99 -47.55
C THR JA 74 50.87 -77.77 -47.34
N ARG JA 75 49.74 -77.08 -47.29
CA ARG JA 75 48.47 -77.73 -47.00
C ARG JA 75 47.36 -77.00 -47.72
N ALA JA 76 46.22 -77.67 -47.81
CA ALA JA 76 45.05 -77.06 -48.40
C ALA JA 76 44.41 -76.08 -47.41
N HIS JA 77 43.77 -75.06 -47.95
CA HIS JA 77 43.10 -74.04 -47.15
C HIS JA 77 41.64 -73.99 -47.55
N GLY JA 78 40.77 -73.86 -46.56
CA GLY JA 78 39.36 -73.76 -46.85
C GLY JA 78 38.79 -75.03 -47.46
N ASN JA 79 37.60 -74.89 -48.05
CA ASN JA 79 36.93 -75.96 -48.75
C ASN JA 79 36.92 -75.79 -50.26
N SER JA 80 37.54 -74.72 -50.78
CA SER JA 80 37.32 -74.29 -52.16
C SER JA 80 38.61 -74.20 -52.95
N GLY JA 81 39.52 -75.14 -52.73
CA GLY JA 81 40.71 -75.19 -53.55
C GLY JA 81 41.80 -74.21 -53.17
N MET JA 82 41.65 -73.46 -52.09
CA MET JA 82 42.74 -72.66 -51.59
C MET JA 82 43.86 -73.57 -51.08
N VAL JA 83 45.10 -73.12 -51.23
CA VAL JA 83 46.24 -73.81 -50.65
C VAL JA 83 47.11 -72.80 -49.92
N ARG JA 84 47.98 -73.32 -49.05
CA ARG JA 84 48.92 -72.50 -48.30
C ARG JA 84 50.34 -72.79 -48.75
N ALA JA 85 51.17 -71.76 -48.79
CA ALA JA 85 52.55 -71.90 -49.22
C ALA JA 85 53.47 -71.19 -48.25
N LYS JA 86 54.60 -71.83 -47.96
CA LYS JA 86 55.69 -71.23 -47.20
C LYS JA 86 56.81 -70.89 -48.18
N PHE JA 87 57.27 -69.65 -48.15
CA PHE JA 87 58.34 -69.21 -49.03
C PHE JA 87 59.61 -68.96 -48.23
N ARG JA 88 60.75 -68.99 -48.91
CA ARG JA 88 62.02 -68.70 -48.24
C ARG JA 88 62.04 -67.29 -47.69
N SER JA 89 61.35 -66.36 -48.35
CA SER JA 89 61.15 -65.02 -47.84
C SER JA 89 59.67 -64.70 -47.98
N ASN JA 90 59.11 -64.00 -47.00
CA ASN JA 90 57.70 -63.64 -47.04
C ASN JA 90 57.41 -62.81 -48.29
N LEU JA 91 56.35 -63.17 -48.98
CA LEU JA 91 56.04 -62.55 -50.26
C LEU JA 91 55.72 -61.07 -50.07
N PRO JA 92 56.25 -60.21 -50.93
CA PRO JA 92 55.89 -58.79 -50.85
C PRO JA 92 54.41 -58.60 -51.15
N ALA JA 93 53.81 -57.61 -50.51
CA ALA JA 93 52.38 -57.39 -50.67
C ALA JA 93 52.02 -56.82 -52.04
N LYS JA 94 53.00 -56.40 -52.83
CA LYS JA 94 52.72 -55.97 -54.20
C LYS JA 94 52.39 -57.13 -55.12
N ALA JA 95 52.59 -58.37 -54.67
CA ALA JA 95 52.30 -59.54 -55.48
C ALA JA 95 50.89 -60.06 -55.29
N ILE JA 96 50.07 -59.42 -54.46
CA ILE JA 96 48.71 -59.88 -54.22
C ILE JA 96 47.90 -59.73 -55.50
N GLY JA 97 47.38 -60.84 -56.01
CA GLY JA 97 46.71 -60.82 -57.28
C GLY JA 97 47.61 -60.96 -58.47
N HIS JA 98 48.81 -61.50 -58.30
CA HIS JA 98 49.76 -61.68 -59.38
C HIS JA 98 50.12 -63.15 -59.50
N ARG JA 99 50.90 -63.46 -60.53
CA ARG JA 99 51.14 -64.84 -60.92
C ARG JA 99 52.13 -65.52 -59.99
N ILE JA 100 51.74 -66.70 -59.50
CA ILE JA 100 52.62 -67.62 -58.80
C ILE JA 100 52.63 -68.90 -59.61
N ARG JA 101 53.83 -69.41 -59.93
CA ARG JA 101 53.93 -70.67 -60.65
C ARG JA 101 54.04 -71.82 -59.66
N VAL JA 102 53.35 -72.91 -59.97
CA VAL JA 102 53.44 -74.15 -59.22
C VAL JA 102 54.16 -75.14 -60.12
N MET JA 103 55.38 -75.53 -59.75
CA MET JA 103 56.34 -76.03 -60.72
C MET JA 103 56.26 -77.54 -60.94
N LEU JA 104 55.41 -78.25 -60.23
CA LEU JA 104 55.18 -79.69 -60.41
C LEU JA 104 56.41 -80.54 -60.12
N TYR JA 105 57.42 -80.00 -59.41
CA TYR JA 105 58.70 -80.71 -59.35
C TYR JA 105 58.61 -81.98 -58.51
N PRO JA 106 58.32 -81.93 -57.19
CA PRO JA 106 58.28 -83.19 -56.44
C PRO JA 106 57.05 -84.00 -56.81
N SER JA 107 57.15 -84.73 -57.92
CA SER JA 107 56.01 -85.50 -58.42
C SER JA 107 55.86 -86.79 -57.63
N ARG JA 108 54.63 -87.06 -57.20
CA ARG JA 108 54.29 -88.31 -56.53
C ARG JA 108 53.57 -89.27 -57.45
N ILE JA 109 53.51 -88.98 -58.74
CA ILE JA 109 52.81 -89.84 -59.67
C ILE JA 109 53.80 -90.60 -60.56
N VAL KA 1 51.79 44.52 -36.92
CA VAL KA 1 52.42 45.49 -36.04
C VAL KA 1 53.44 44.79 -35.16
N GLN KA 2 54.34 45.57 -34.57
CA GLN KA 2 55.36 44.99 -33.71
C GLN KA 2 54.74 44.42 -32.44
N ARG KA 3 55.18 43.23 -32.06
CA ARG KA 3 54.77 42.63 -30.80
C ARG KA 3 55.96 42.59 -29.86
N LEU KA 4 55.69 42.82 -28.59
CA LEU KA 4 56.74 43.10 -27.61
C LEU KA 4 57.06 41.86 -26.78
N THR KA 5 58.23 41.89 -26.16
CA THR KA 5 58.67 40.83 -25.27
C THR KA 5 59.26 41.46 -24.00
N TYR KA 6 59.22 40.71 -22.92
CA TYR KA 6 59.89 41.13 -21.71
C TYR KA 6 61.40 41.14 -21.93
N ARG KA 7 62.09 42.02 -21.20
CA ARG KA 7 63.54 42.11 -21.29
C ARG KA 7 64.25 41.44 -20.12
N ARG KA 8 63.52 41.08 -19.08
CA ARG KA 8 64.07 40.39 -17.92
C ARG KA 8 63.41 39.04 -17.78
N ARG KA 9 64.00 38.18 -16.95
CA ARG KA 9 63.57 36.80 -16.85
C ARG KA 9 62.33 36.60 -16.01
N LEU KA 10 61.80 37.65 -15.39
CA LEU KA 10 60.51 37.56 -14.71
C LEU KA 10 59.42 37.58 -15.77
N SER KA 11 58.68 36.48 -15.89
CA SER KA 11 57.74 36.29 -16.98
C SER KA 11 56.29 36.34 -16.52
N TYR KA 12 56.01 36.98 -15.40
CA TYR KA 12 54.66 37.07 -14.85
C TYR KA 12 54.31 38.52 -14.61
N ASN KA 13 53.02 38.83 -14.69
CA ASN KA 13 52.55 40.20 -14.54
C ASN KA 13 52.34 40.54 -13.06
N THR KA 14 53.42 40.41 -12.31
CA THR KA 14 53.39 40.70 -10.88
C THR KA 14 53.52 42.20 -10.66
N ALA KA 15 53.49 42.61 -9.39
CA ALA KA 15 53.54 44.04 -9.07
C ALA KA 15 54.90 44.64 -9.32
N SER KA 16 55.95 43.82 -9.32
CA SER KA 16 57.30 44.29 -9.58
C SER KA 16 57.71 44.17 -11.03
N ASN KA 17 56.75 43.88 -11.92
CA ASN KA 17 57.03 43.59 -13.32
C ASN KA 17 56.15 44.44 -14.22
N LYS KA 18 56.09 45.73 -13.92
CA LYS KA 18 55.27 46.66 -14.68
C LYS KA 18 56.13 47.38 -15.71
N THR KA 19 55.62 47.49 -16.93
CA THR KA 19 56.35 48.06 -18.04
C THR KA 19 55.55 49.20 -18.65
N ARG KA 20 56.24 50.04 -19.41
CA ARG KA 20 55.60 51.03 -20.26
C ARG KA 20 56.29 51.04 -21.61
N LEU KA 21 55.56 51.50 -22.62
CA LEU KA 21 56.04 51.47 -23.99
C LEU KA 21 56.83 52.74 -24.29
N SER KA 22 58.03 52.57 -24.82
CA SER KA 22 58.86 53.70 -25.23
C SER KA 22 59.41 53.44 -26.63
N ARG KA 23 59.55 54.52 -27.39
CA ARG KA 23 60.06 54.45 -28.75
C ARG KA 23 61.52 54.89 -28.76
N THR KA 24 62.40 54.00 -29.17
CA THR KA 24 63.83 54.26 -29.14
C THR KA 24 64.25 55.15 -30.30
N PRO KA 25 65.43 55.77 -30.21
CA PRO KA 25 65.98 56.46 -31.39
C PRO KA 25 66.21 55.54 -32.57
N GLY KA 26 66.28 54.24 -32.35
CA GLY KA 26 66.35 53.25 -33.42
C GLY KA 26 65.02 52.91 -34.03
N ASN KA 27 63.98 53.69 -33.70
CA ASN KA 27 62.65 53.55 -34.30
C ASN KA 27 62.06 52.17 -34.04
N ARG KA 28 62.00 51.79 -32.77
CA ARG KA 28 61.27 50.61 -32.38
C ARG KA 28 60.71 50.80 -30.98
N ILE KA 29 59.70 50.00 -30.67
CA ILE KA 29 59.03 50.04 -29.38
C ILE KA 29 59.65 48.99 -28.48
N VAL KA 30 59.95 49.36 -27.24
CA VAL KA 30 60.54 48.47 -26.26
C VAL KA 30 59.81 48.65 -24.93
N TYR KA 31 60.07 47.73 -24.01
CA TYR KA 31 59.59 47.88 -22.65
C TYR KA 31 60.56 48.66 -21.78
N LEU KA 32 60.03 49.61 -21.04
CA LEU KA 32 60.76 50.28 -19.97
C LEU KA 32 60.10 49.89 -18.65
N TYR KA 33 60.88 49.32 -17.75
CA TYR KA 33 60.35 48.82 -16.49
C TYR KA 33 60.20 49.98 -15.52
N THR KA 34 58.96 50.36 -15.24
CA THR KA 34 58.68 51.54 -14.44
C THR KA 34 58.89 51.25 -12.96
N LYS KA 35 59.08 52.33 -12.21
CA LYS KA 35 59.13 52.27 -10.76
C LYS KA 35 57.74 52.39 -10.18
N LYS KA 36 57.58 51.93 -8.94
CA LYS KA 36 56.28 51.99 -8.30
C LYS KA 36 55.92 53.43 -7.95
N VAL KA 37 54.63 53.65 -7.71
CA VAL KA 37 54.10 54.98 -7.43
C VAL KA 37 54.29 55.29 -5.96
N GLY KA 38 54.96 56.39 -5.65
CA GLY KA 38 55.10 56.83 -4.29
C GLY KA 38 53.84 57.53 -3.78
N LYS KA 39 53.78 57.68 -2.47
CA LYS KA 39 52.65 58.30 -1.81
C LYS KA 39 53.15 59.41 -0.88
N ALA KA 40 52.40 60.49 -0.82
CA ALA KA 40 52.70 61.55 0.12
C ALA KA 40 52.43 61.05 1.54
N PRO KA 41 53.07 61.65 2.54
CA PRO KA 41 52.79 61.24 3.92
C PRO KA 41 51.34 61.50 4.31
N LYS KA 42 50.80 60.59 5.10
CA LYS KA 42 49.52 60.83 5.74
C LYS KA 42 49.75 61.55 7.06
N SER KA 43 48.82 62.43 7.40
CA SER KA 43 48.99 63.30 8.57
C SER KA 43 49.04 62.48 9.85
N ALA KA 44 49.92 62.90 10.76
CA ALA KA 44 50.06 62.22 12.05
C ALA KA 44 48.87 62.40 12.96
N CYS KA 45 47.97 63.34 12.64
CA CYS KA 45 46.74 63.48 13.42
C CYS KA 45 45.90 62.21 13.35
N GLY KA 46 45.88 61.56 12.20
CA GLY KA 46 45.11 60.35 12.03
C GLY KA 46 43.62 60.57 11.90
N VAL KA 47 43.19 61.82 11.75
CA VAL KA 47 41.77 62.12 11.66
C VAL KA 47 41.37 62.33 10.21
N CYS KA 48 41.93 63.35 9.59
CA CYS KA 48 41.53 63.68 8.24
C CYS KA 48 42.28 62.83 7.21
N PRO KA 49 41.62 62.49 6.09
CA PRO KA 49 42.20 61.52 5.16
C PRO KA 49 43.15 62.08 4.12
N GLY KA 50 43.22 63.40 3.95
CA GLY KA 50 44.09 63.95 2.93
C GLY KA 50 45.55 63.75 3.27
N ARG KA 51 46.36 63.61 2.23
CA ARG KA 51 47.80 63.48 2.37
C ARG KA 51 48.44 64.87 2.34
N LEU KA 52 49.59 64.98 3.00
CA LEU KA 52 50.22 66.28 3.18
C LEU KA 52 50.71 66.86 1.86
N ARG KA 53 50.72 68.19 1.79
CA ARG KA 53 51.13 68.91 0.60
C ARG KA 53 52.54 69.45 0.78
N GLY KA 54 53.19 69.71 -0.34
CA GLY KA 54 54.55 70.22 -0.35
C GLY KA 54 55.63 69.18 -0.21
N VAL KA 55 55.26 67.92 -0.02
CA VAL KA 55 56.21 66.83 0.16
C VAL KA 55 56.17 65.96 -1.09
N ARG KA 56 57.34 65.70 -1.66
CA ARG KA 56 57.42 64.89 -2.86
C ARG KA 56 57.01 63.46 -2.55
N ALA KA 57 56.20 62.88 -3.43
CA ALA KA 57 55.65 61.54 -3.23
C ALA KA 57 56.48 60.55 -4.03
N VAL KA 58 57.42 59.88 -3.36
CA VAL KA 58 58.30 58.91 -3.98
C VAL KA 58 58.38 57.67 -3.07
N ARG KA 59 59.10 56.66 -3.54
CA ARG KA 59 59.28 55.44 -2.76
C ARG KA 59 60.13 55.74 -1.53
N PRO KA 60 59.97 54.95 -0.46
CA PRO KA 60 60.65 55.30 0.81
C PRO KA 60 62.16 55.36 0.72
N LYS KA 61 62.79 54.51 -0.09
CA LYS KA 61 64.24 54.53 -0.14
C LYS KA 61 64.78 55.62 -1.04
N VAL KA 62 63.90 56.35 -1.74
CA VAL KA 62 64.33 57.51 -2.52
C VAL KA 62 64.47 58.75 -1.64
N LEU KA 63 63.85 58.75 -0.46
CA LEU KA 63 63.96 59.89 0.45
C LEU KA 63 65.38 60.09 0.96
N MET KA 64 66.26 59.11 0.81
CA MET KA 64 67.65 59.29 1.20
C MET KA 64 68.32 60.39 0.38
N ARG KA 65 68.07 60.39 -0.93
CA ARG KA 65 68.75 61.29 -1.85
C ARG KA 65 67.95 62.54 -2.17
N LEU KA 66 66.87 62.79 -1.45
CA LEU KA 66 66.17 64.06 -1.55
C LEU KA 66 66.72 65.02 -0.50
N SER KA 67 66.69 66.30 -0.82
CA SER KA 67 67.13 67.30 0.14
C SER KA 67 66.11 67.44 1.26
N LYS KA 68 66.51 68.16 2.31
CA LYS KA 68 65.64 68.32 3.47
C LYS KA 68 64.34 69.04 3.10
N THR KA 69 64.44 70.06 2.25
CA THR KA 69 63.27 70.87 1.90
C THR KA 69 62.22 70.03 1.21
N LYS KA 70 62.62 69.14 0.31
CA LYS KA 70 61.69 68.32 -0.44
C LYS KA 70 60.99 67.27 0.41
N LYS KA 71 61.20 67.25 1.72
CA LYS KA 71 60.58 66.26 2.59
C LYS KA 71 59.85 66.86 3.78
N HIS KA 72 59.74 68.17 3.88
CA HIS KA 72 58.97 68.78 4.95
C HIS KA 72 58.43 70.13 4.49
N VAL KA 73 57.73 70.80 5.39
CA VAL KA 73 57.15 72.11 5.15
C VAL KA 73 57.62 73.03 6.27
N SER KA 74 57.91 74.29 5.93
CA SER KA 74 58.47 75.25 6.88
C SER KA 74 57.39 75.66 7.87
N ARG KA 75 57.14 74.78 8.84
CA ARG KA 75 56.14 75.00 9.86
C ARG KA 75 56.35 73.97 10.96
N ALA KA 76 55.90 74.32 12.16
CA ALA KA 76 55.89 73.35 13.25
C ALA KA 76 55.06 72.13 12.84
N TYR KA 77 55.59 70.94 13.13
CA TYR KA 77 55.04 69.68 12.64
C TYR KA 77 54.96 69.67 11.12
N GLY KA 78 55.93 70.30 10.45
CA GLY KA 78 55.90 70.38 9.00
C GLY KA 78 56.32 69.07 8.38
N GLY KA 79 55.49 68.54 7.49
CA GLY KA 79 55.76 67.26 6.89
C GLY KA 79 55.38 66.08 7.73
N SER KA 80 54.88 66.29 8.94
CA SER KA 80 54.34 65.23 9.79
C SER KA 80 52.86 65.40 10.05
N MET KA 81 52.40 66.64 10.19
CA MET KA 81 51.00 66.93 10.47
C MET KA 81 50.51 68.03 9.56
N CYS KA 82 49.24 67.94 9.16
CA CYS KA 82 48.64 68.96 8.32
C CYS KA 82 48.44 70.24 9.10
N ALA KA 83 48.34 71.36 8.38
CA ALA KA 83 48.23 72.66 9.02
C ALA KA 83 46.94 72.78 9.82
N LYS KA 84 45.85 72.20 9.33
CA LYS KA 84 44.56 72.31 10.00
C LYS KA 84 44.63 71.74 11.41
N CYS KA 85 45.15 70.53 11.53
CA CYS KA 85 45.23 69.92 12.86
C CYS KA 85 46.32 70.52 13.72
N VAL KA 86 47.29 71.22 13.11
CA VAL KA 86 48.22 72.00 13.91
C VAL KA 86 47.53 73.20 14.54
N ARG KA 87 46.70 73.92 13.77
CA ARG KA 87 45.89 74.98 14.38
C ARG KA 87 44.98 74.42 15.45
N ASP KA 88 44.36 73.27 15.16
CA ASP KA 88 43.55 72.56 16.13
C ASP KA 88 44.30 72.32 17.43
N ARG KA 89 45.53 71.80 17.33
CA ARG KA 89 46.29 71.46 18.52
C ARG KA 89 46.75 72.69 19.28
N ILE KA 90 47.14 73.75 18.56
CA ILE KA 90 47.55 74.98 19.24
C ILE KA 90 46.40 75.54 20.05
N LYS KA 91 45.23 75.66 19.42
CA LYS KA 91 44.07 76.18 20.13
C LYS KA 91 43.67 75.28 21.29
N ARG KA 92 43.71 73.96 21.08
CA ARG KA 92 43.33 73.01 22.12
C ARG KA 92 44.26 73.12 23.33
N ALA KA 93 45.56 73.15 23.08
CA ALA KA 93 46.53 73.27 24.17
C ALA KA 93 46.33 74.56 24.94
N PHE KA 94 46.23 75.68 24.22
CA PHE KA 94 46.08 76.97 24.88
C PHE KA 94 44.81 77.02 25.71
N LEU KA 95 43.70 76.53 25.17
CA LEU KA 95 42.43 76.63 25.87
C LEU KA 95 42.38 75.69 27.06
N ILE KA 96 42.98 74.50 26.97
CA ILE KA 96 42.98 73.62 28.11
C ILE KA 96 43.89 74.15 29.22
N GLU KA 97 45.03 74.74 28.86
CA GLU KA 97 45.86 75.37 29.89
C GLU KA 97 45.15 76.54 30.55
N GLU KA 98 44.43 77.34 29.75
CA GLU KA 98 43.65 78.42 30.33
C GLU KA 98 42.57 77.88 31.24
N GLN KA 99 41.95 76.76 30.86
CA GLN KA 99 40.93 76.17 31.73
C GLN KA 99 41.54 75.65 33.01
N LYS KA 100 42.77 75.12 32.93
CA LYS KA 100 43.46 74.68 34.14
C LYS KA 100 43.72 75.85 35.08
N ILE KA 101 44.15 77.00 34.54
CA ILE KA 101 44.41 78.11 35.43
C ILE KA 101 43.09 78.67 35.99
N VAL KA 102 42.01 78.62 35.20
CA VAL KA 102 40.71 79.05 35.72
C VAL KA 102 40.24 78.16 36.85
N VAL KA 103 40.34 76.84 36.67
CA VAL KA 103 39.87 75.95 37.74
C VAL KA 103 40.79 76.02 38.96
N LYS KA 104 42.09 76.25 38.75
CA LYS KA 104 42.97 76.47 39.89
C LYS KA 104 42.57 77.70 40.68
N VAL KA 105 42.29 78.81 39.99
CA VAL KA 105 41.87 80.02 40.68
C VAL KA 105 40.53 79.80 41.38
N LEU KA 106 39.62 79.07 40.72
CA LEU KA 106 38.31 78.83 41.28
C LEU KA 106 38.40 78.02 42.56
N LYS KA 107 39.22 76.97 42.56
CA LYS KA 107 39.41 76.18 43.77
C LYS KA 107 40.14 76.97 44.84
N ALA KA 108 41.11 77.80 44.45
CA ALA KA 108 41.86 78.59 45.43
C ALA KA 108 40.96 79.61 46.11
N GLN KA 109 40.02 80.19 45.39
CA GLN KA 109 39.10 81.15 45.98
C GLN KA 109 37.86 80.49 46.58
N ALA KA 110 37.66 79.18 46.35
CA ALA KA 110 36.54 78.47 46.95
C ALA KA 110 36.90 77.81 48.28
N GLN KA 111 38.15 77.87 48.71
CA GLN KA 111 38.54 77.35 50.02
C GLN KA 111 38.56 78.43 51.10
N SER KA 112 38.09 79.63 50.79
CA SER KA 112 38.13 80.74 51.74
C SER KA 112 37.22 80.53 52.95
N GLN KA 113 36.34 79.53 52.91
CA GLN KA 113 35.45 79.21 54.02
C GLN KA 113 35.80 77.84 54.58
N LYS KA 114 35.90 77.75 55.90
CA LYS KA 114 36.19 76.47 56.56
C LYS KA 114 35.05 75.48 56.41
N ALA LA 1 119.41 17.88 -17.41
CA ALA LA 1 119.91 18.90 -16.50
C ALA LA 1 119.00 19.02 -15.29
N LYS LA 2 118.68 17.89 -14.68
CA LYS LA 2 117.74 17.87 -13.57
C LYS LA 2 118.39 18.38 -12.29
N ILE LA 3 117.54 18.73 -11.33
CA ILE LA 3 117.96 19.12 -10.00
C ILE LA 3 117.71 17.96 -9.06
N LYS LA 4 118.50 17.90 -7.99
CA LYS LA 4 118.43 16.82 -7.03
C LYS LA 4 118.09 17.36 -5.65
N ALA LA 5 117.60 16.47 -4.79
CA ALA LA 5 117.29 16.86 -3.42
C ALA LA 5 118.53 16.87 -2.53
N ARG LA 6 119.60 16.20 -2.94
CA ARG LA 6 120.79 16.13 -2.09
C ARG LA 6 121.44 17.49 -1.96
N ASP LA 7 121.68 18.17 -3.08
CA ASP LA 7 122.38 19.45 -3.05
C ASP LA 7 121.50 20.62 -2.68
N LEU LA 8 120.17 20.46 -2.70
CA LEU LA 8 119.31 21.55 -2.30
C LEU LA 8 119.30 21.78 -0.80
N ARG LA 9 119.62 20.76 0.00
CA ARG LA 9 119.50 20.88 1.44
C ARG LA 9 120.53 21.83 2.03
N GLY LA 10 121.72 21.90 1.43
CA GLY LA 10 122.74 22.80 1.94
C GLY LA 10 122.44 24.26 1.69
N LYS LA 11 121.66 24.57 0.68
CA LYS LA 11 121.36 25.94 0.32
C LYS LA 11 120.38 26.55 1.32
N LYS LA 12 120.28 27.88 1.31
CA LYS LA 12 119.45 28.61 2.25
C LYS LA 12 118.17 29.07 1.56
N LYS LA 13 117.32 29.76 2.33
CA LYS LA 13 115.93 29.96 1.93
C LYS LA 13 115.80 30.84 0.69
N GLU LA 14 116.63 31.87 0.57
CA GLU LA 14 116.44 32.88 -0.47
C GLU LA 14 116.60 32.28 -1.86
N GLU LA 15 117.70 31.58 -2.12
CA GLU LA 15 117.88 31.01 -3.44
C GLU LA 15 116.97 29.81 -3.69
N LEU LA 16 116.55 29.10 -2.65
CA LEU LA 16 115.51 28.08 -2.85
C LEU LA 16 114.21 28.71 -3.32
N LEU LA 17 113.83 29.84 -2.72
CA LEU LA 17 112.64 30.54 -3.19
C LEU LA 17 112.84 31.07 -4.60
N LYS LA 18 114.04 31.55 -4.92
CA LYS LA 18 114.32 32.04 -6.25
C LYS LA 18 114.22 30.92 -7.28
N GLN LA 19 114.73 29.74 -6.95
CA GLN LA 19 114.66 28.61 -7.87
C GLN LA 19 113.23 28.11 -8.02
N LEU LA 20 112.45 28.15 -6.94
CA LEU LA 20 111.03 27.81 -7.05
C LEU LA 20 110.31 28.79 -7.97
N ASP LA 21 110.62 30.08 -7.84
CA ASP LA 21 110.02 31.08 -8.72
C ASP LA 21 110.42 30.85 -10.17
N ASP LA 22 111.69 30.54 -10.42
CA ASP LA 22 112.14 30.28 -11.78
C ASP LA 22 111.43 29.06 -12.37
N LEU LA 23 111.28 28.01 -11.57
CA LEU LA 23 110.59 26.82 -12.04
C LEU LA 23 109.12 27.11 -12.33
N LYS LA 24 108.49 27.92 -11.49
CA LYS LA 24 107.10 28.31 -11.74
C LYS LA 24 106.98 29.09 -13.04
N VAL LA 25 107.93 30.01 -13.29
CA VAL LA 25 107.93 30.75 -14.54
C VAL LA 25 108.04 29.80 -15.73
N GLU LA 26 109.02 28.89 -15.67
CA GLU LA 26 109.24 27.98 -16.79
C GLU LA 26 108.02 27.09 -17.03
N LEU LA 27 107.38 26.64 -15.96
CA LEU LA 27 106.14 25.89 -16.10
C LEU LA 27 105.05 26.73 -16.76
N SER LA 28 105.01 28.03 -16.45
CA SER LA 28 104.01 28.89 -17.08
C SER LA 28 104.24 28.97 -18.59
N GLN LA 29 105.48 29.19 -19.03
CA GLN LA 29 105.67 29.21 -20.48
C GLN LA 29 105.47 27.83 -21.10
N LEU LA 30 105.73 26.76 -20.35
CA LEU LA 30 105.45 25.44 -20.89
C LEU LA 30 103.96 25.24 -21.11
N ARG LA 31 103.13 25.75 -20.19
CA ARG LA 31 101.69 25.67 -20.38
C ARG LA 31 101.23 26.53 -21.56
N VAL LA 32 101.84 27.70 -21.72
CA VAL LA 32 101.53 28.55 -22.88
C VAL LA 32 101.87 27.81 -24.17
N ALA LA 33 103.01 27.12 -24.20
CA ALA LA 33 103.36 26.32 -25.36
C ALA LA 33 102.38 25.17 -25.56
N LYS LA 34 101.90 24.59 -24.45
CA LYS LA 34 100.97 23.47 -24.55
C LYS LA 34 99.66 23.90 -25.19
N VAL LA 35 99.15 25.07 -24.83
CA VAL LA 35 97.86 25.48 -25.40
C VAL LA 35 97.99 26.07 -26.80
N THR LA 36 99.20 26.39 -27.25
CA THR LA 36 99.42 26.93 -28.59
C THR LA 36 100.18 25.94 -29.47
N GLY LA 37 99.94 24.65 -29.26
CA GLY LA 37 100.63 23.62 -30.02
C GLY LA 37 102.00 23.32 -29.48
N GLY LA 38 102.95 24.22 -29.74
CA GLY LA 38 104.29 24.07 -29.19
C GLY LA 38 105.04 22.90 -29.79
N ALA LA 39 105.96 22.36 -29.01
CA ALA LA 39 106.78 21.24 -29.42
C ALA LA 39 106.61 20.09 -28.44
N ALA LA 40 106.79 18.87 -28.95
CA ALA LA 40 106.64 17.69 -28.10
C ALA LA 40 107.67 17.66 -26.99
N SER LA 41 108.85 18.23 -27.22
CA SER LA 41 109.86 18.32 -26.17
C SER LA 41 109.37 19.19 -25.03
N LYS LA 42 108.75 20.32 -25.34
CA LYS LA 42 108.20 21.18 -24.29
C LYS LA 42 107.03 20.51 -23.58
N LEU LA 43 106.21 19.76 -24.31
CA LEU LA 43 105.12 19.02 -23.66
C LEU LA 43 105.68 17.98 -22.69
N SER LA 44 106.74 17.29 -23.09
CA SER LA 44 107.37 16.32 -22.19
C SER LA 44 108.14 17.01 -21.08
N LYS LA 45 108.44 18.29 -21.21
CA LYS LA 45 109.15 19.01 -20.16
C LYS LA 45 108.24 19.49 -19.03
N ILE LA 46 106.92 19.34 -19.17
CA ILE LA 46 106.01 19.79 -18.12
C ILE LA 46 106.18 18.94 -16.87
N ARG LA 47 106.25 17.62 -17.04
CA ARG LA 47 106.35 16.73 -15.89
C ARG LA 47 107.65 16.96 -15.14
N VAL LA 48 108.74 17.21 -15.87
CA VAL LA 48 110.04 17.44 -15.24
C VAL LA 48 109.98 18.68 -14.35
N VAL LA 49 109.41 19.77 -14.87
CA VAL LA 49 109.35 21.01 -14.11
C VAL LA 49 108.39 20.88 -12.94
N ARG LA 50 107.29 20.16 -13.11
CA ARG LA 50 106.37 19.96 -12.01
C ARG LA 50 107.03 19.16 -10.88
N LYS LA 51 107.77 18.10 -11.23
CA LYS LA 51 108.48 17.34 -10.21
C LYS LA 51 109.59 18.17 -9.57
N SER LA 52 110.23 19.06 -10.34
CA SER LA 52 111.24 19.94 -9.76
C SER LA 52 110.62 20.90 -8.74
N ILE LA 53 109.44 21.44 -9.07
CA ILE LA 53 108.72 22.30 -8.13
C ILE LA 53 108.38 21.52 -6.86
N ALA LA 54 107.90 20.29 -7.03
CA ALA LA 54 107.57 19.47 -5.87
C ALA LA 54 108.80 19.21 -5.02
N ARG LA 55 109.95 18.94 -5.66
CA ARG LA 55 111.19 18.69 -4.93
C ARG LA 55 111.62 19.91 -4.12
N VAL LA 56 111.61 21.08 -4.77
CA VAL LA 56 112.02 22.30 -4.09
C VAL LA 56 111.09 22.58 -2.92
N LEU LA 57 109.79 22.44 -3.14
CA LEU LA 57 108.82 22.75 -2.09
C LEU LA 57 108.95 21.79 -0.92
N THR LA 58 109.18 20.50 -1.19
CA THR LA 58 109.30 19.58 -0.06
C THR LA 58 110.62 19.75 0.68
N VAL LA 59 111.68 20.18 -0.02
CA VAL LA 59 112.92 20.49 0.68
C VAL LA 59 112.71 21.68 1.61
N ILE LA 60 112.01 22.70 1.12
CA ILE LA 60 111.72 23.88 1.94
C ILE LA 60 110.90 23.49 3.17
N ASN LA 61 109.85 22.69 2.96
CA ASN LA 61 108.98 22.32 4.06
C ASN LA 61 109.71 21.44 5.07
N GLN LA 62 110.53 20.50 4.61
CA GLN LA 62 111.28 19.66 5.53
C GLN LA 62 112.28 20.48 6.34
N THR LA 63 112.97 21.43 5.70
CA THR LA 63 113.93 22.26 6.42
C THR LA 63 113.24 23.09 7.48
N GLN LA 64 112.10 23.71 7.12
CA GLN LA 64 111.38 24.52 8.09
C GLN LA 64 110.84 23.68 9.23
N LYS LA 65 110.35 22.48 8.92
CA LYS LA 65 109.78 21.62 9.96
C LYS LA 65 110.85 21.12 10.93
N GLU LA 66 112.03 20.78 10.41
CA GLU LA 66 113.09 20.35 11.32
C GLU LA 66 113.65 21.52 12.11
N ASN LA 67 113.65 22.73 11.55
CA ASN LA 67 113.98 23.90 12.35
C ASN LA 67 112.98 24.09 13.51
N LEU LA 68 111.70 23.93 13.23
CA LEU LA 68 110.69 24.06 14.28
C LEU LA 68 110.84 22.96 15.32
N ARG LA 69 111.15 21.75 14.89
CA ARG LA 69 111.39 20.66 15.84
C ARG LA 69 112.57 20.95 16.73
N LYS LA 70 113.64 21.53 16.17
CA LYS LA 70 114.76 21.96 16.99
C LYS LA 70 114.32 23.04 17.98
N PHE LA 71 113.51 23.99 17.53
CA PHE LA 71 113.14 25.11 18.37
C PHE LA 71 112.27 24.67 19.54
N TYR LA 72 111.34 23.74 19.31
CA TYR LA 72 110.39 23.34 20.34
C TYR LA 72 110.88 22.16 21.18
N LYS LA 73 112.10 21.68 20.95
CA LYS LA 73 112.61 20.58 21.74
C LYS LA 73 112.86 21.02 23.17
N GLY LA 74 112.40 20.22 24.13
CA GLY LA 74 112.54 20.54 25.52
C GLY LA 74 111.52 21.51 26.08
N LYS LA 75 110.59 21.99 25.25
CA LYS LA 75 109.56 22.90 25.72
C LYS LA 75 108.40 22.12 26.30
N LYS LA 76 107.72 22.75 27.27
CA LYS LA 76 106.63 22.10 27.98
C LYS LA 76 105.48 21.77 27.03
N TYR LA 77 105.13 22.69 26.15
CA TYR LA 77 104.02 22.53 25.24
C TYR LA 77 104.49 22.70 23.80
N LYS LA 78 103.99 21.84 22.93
CA LYS LA 78 104.38 21.80 21.53
C LYS LA 78 103.14 21.88 20.66
N PRO LA 79 103.28 22.40 19.45
CA PRO LA 79 102.14 22.40 18.52
C PRO LA 79 101.68 21.00 18.21
N LEU LA 80 100.38 20.87 17.94
CA LEU LA 80 99.77 19.55 17.77
C LEU LA 80 100.36 18.82 16.58
N ASP LA 81 100.87 19.54 15.57
CA ASP LA 81 101.48 18.89 14.42
C ASP LA 81 102.93 18.51 14.65
N LEU LA 82 103.51 18.86 15.80
CA LEU LA 82 104.83 18.38 16.16
C LEU LA 82 104.79 17.23 17.14
N ARG LA 83 103.70 17.05 17.86
CA ARG LA 83 103.56 15.94 18.78
C ARG LA 83 103.44 14.63 17.99
N PRO LA 84 103.81 13.51 18.58
CA PRO LA 84 103.63 12.22 17.90
C PRO LA 84 102.17 11.94 17.59
N LYS LA 85 101.94 11.33 16.43
CA LYS LA 85 100.60 11.03 15.96
C LYS LA 85 100.45 9.53 15.83
N LYS LA 86 100.79 8.80 16.89
CA LYS LA 86 100.68 7.36 16.88
C LYS LA 86 99.27 6.91 16.53
N THR LA 87 98.33 7.19 17.42
CA THR LA 87 96.95 6.75 17.34
C THR LA 87 96.22 7.39 18.50
N ARG LA 88 94.98 7.83 18.27
CA ARG LA 88 94.21 8.49 19.31
C ARG LA 88 94.16 7.64 20.57
N ALA LA 89 93.82 6.36 20.43
CA ALA LA 89 93.78 5.46 21.57
C ALA LA 89 95.16 5.32 22.22
N MET LA 90 96.21 5.22 21.40
CA MET LA 90 97.54 5.08 21.95
C MET LA 90 98.10 6.37 22.52
N ARG LA 91 97.49 7.51 22.20
CA ARG LA 91 97.83 8.75 22.87
C ARG LA 91 97.07 8.93 24.17
N ARG LA 92 95.88 8.33 24.29
CA ARG LA 92 95.11 8.44 25.52
C ARG LA 92 95.67 7.61 26.66
N ARG LA 93 96.38 6.52 26.38
CA ARG LA 93 96.77 5.58 27.41
C ARG LA 93 97.86 6.17 28.29
N LEU LA 94 98.15 5.46 29.38
CA LEU LA 94 99.13 5.92 30.36
C LEU LA 94 100.54 5.87 29.78
N ASN LA 95 101.37 6.83 30.18
CA ASN LA 95 102.76 6.76 29.77
C ASN LA 95 103.50 5.76 30.65
N LYS LA 96 104.79 5.56 30.34
CA LYS LA 96 105.56 4.53 31.04
C LYS LA 96 105.70 4.84 32.52
N HIS LA 97 105.99 6.10 32.86
CA HIS LA 97 106.28 6.46 34.24
C HIS LA 97 105.07 6.23 35.14
N GLU LA 98 103.89 6.61 34.69
CA GLU LA 98 102.69 6.40 35.48
C GLU LA 98 102.08 5.04 35.23
N GLU LA 99 102.72 4.21 34.41
CA GLU LA 99 102.33 2.82 34.27
C GLU LA 99 103.08 1.92 35.25
N ASN LA 100 104.38 2.16 35.44
CA ASN LA 100 105.20 1.24 36.21
C ASN LA 100 105.34 1.62 37.67
N LEU LA 101 104.66 2.66 38.14
CA LEU LA 101 104.75 3.02 39.54
C LEU LA 101 103.75 2.24 40.38
N LYS LA 102 104.12 1.97 41.63
CA LYS LA 102 103.35 1.12 42.52
C LYS LA 102 103.11 1.84 43.84
N THR LA 103 102.08 1.41 44.55
CA THR LA 103 101.84 1.93 45.89
C THR LA 103 102.91 1.40 46.84
N LYS LA 104 103.01 2.06 48.00
CA LYS LA 104 103.94 1.59 49.02
C LYS LA 104 103.59 0.19 49.50
N LYS LA 105 102.29 -0.13 49.56
CA LYS LA 105 101.86 -1.47 49.96
C LYS LA 105 102.35 -2.53 48.98
N GLN LA 106 102.23 -2.25 47.68
CA GLN LA 106 102.63 -3.22 46.68
C GLN LA 106 104.13 -3.50 46.74
N GLN LA 107 104.93 -2.44 46.85
CA GLN LA 107 106.37 -2.66 46.89
C GLN LA 107 106.81 -3.26 48.21
N ARG LA 108 106.09 -2.98 49.30
CA ARG LA 108 106.37 -3.65 50.56
C ARG LA 108 106.10 -5.15 50.43
N LYS LA 109 104.99 -5.51 49.78
CA LYS LA 109 104.68 -6.93 49.56
C LYS LA 109 105.73 -7.59 48.69
N GLU LA 110 106.18 -6.90 47.63
CA GLU LA 110 107.22 -7.48 46.77
C GLU LA 110 108.54 -7.63 47.51
N ARG LA 111 108.91 -6.65 48.32
CA ARG LA 111 110.15 -6.72 49.06
C ARG LA 111 110.12 -7.84 50.09
N LEU LA 112 109.01 -7.98 50.81
CA LEU LA 112 108.94 -8.97 51.88
C LEU LA 112 108.87 -10.38 51.33
N TYR LA 113 108.04 -10.60 50.32
CA TYR LA 113 107.76 -11.95 49.80
C TYR LA 113 107.98 -11.96 48.30
N PRO LA 114 109.23 -11.97 47.86
CA PRO LA 114 109.52 -12.08 46.43
C PRO LA 114 109.30 -13.51 45.95
N LEU LA 115 109.05 -13.62 44.64
CA LEU LA 115 108.93 -14.93 44.04
C LEU LA 115 110.29 -15.60 43.97
N ARG LA 116 110.39 -16.79 44.54
CA ARG LA 116 111.66 -17.50 44.62
C ARG LA 116 111.90 -18.34 43.38
N LYS LA 117 113.13 -18.80 43.24
CA LYS LA 117 113.51 -19.79 42.24
C LYS LA 117 113.74 -21.11 42.96
N TYR LA 118 113.14 -22.18 42.45
CA TYR LA 118 113.13 -23.42 43.21
C TYR LA 118 112.90 -24.60 42.28
N ALA LA 119 113.23 -25.78 42.79
CA ALA LA 119 113.00 -27.03 42.08
C ALA LA 119 112.64 -28.11 43.08
N VAL LA 120 111.95 -29.14 42.60
CA VAL LA 120 111.50 -30.25 43.43
C VAL LA 120 112.12 -31.53 42.89
N LYS LA 121 112.82 -32.25 43.77
CA LYS LA 121 113.40 -33.52 43.40
C LYS LA 121 112.30 -34.53 43.05
N ALA LA 122 112.52 -35.30 42.00
CA ALA LA 122 111.54 -36.27 41.55
C ALA LA 122 111.39 -37.40 42.56
N ALA MA 1 81.56 -57.75 65.92
CA ALA MA 1 81.40 -57.32 67.29
C ALA MA 1 79.96 -56.90 67.56
N LEU MA 2 79.74 -56.22 68.68
CA LEU MA 2 78.38 -55.84 69.06
C LEU MA 2 77.84 -54.75 68.15
N ARG MA 3 78.62 -53.70 67.90
CA ARG MA 3 78.22 -52.63 67.02
C ARG MA 3 79.30 -52.33 65.98
N TYR MA 4 78.85 -51.87 64.83
CA TYR MA 4 79.66 -51.45 63.70
C TYR MA 4 79.19 -50.09 63.22
N PRO MA 5 80.06 -49.29 62.62
CA PRO MA 5 79.61 -48.05 61.99
C PRO MA 5 78.63 -48.35 60.87
N MET MA 6 77.60 -47.52 60.77
CA MET MA 6 76.52 -47.74 59.81
C MET MA 6 76.34 -46.51 58.93
N ALA MA 7 75.81 -46.73 57.74
CA ALA MA 7 75.44 -45.65 56.85
C ALA MA 7 74.06 -45.08 57.17
N VAL MA 8 73.33 -45.69 58.11
CA VAL MA 8 72.03 -45.22 58.54
C VAL MA 8 72.00 -45.22 60.07
N GLY MA 9 70.96 -44.61 60.61
CA GLY MA 9 70.72 -44.65 62.04
C GLY MA 9 70.97 -43.31 62.69
N LEU MA 10 70.95 -43.32 64.02
CA LEU MA 10 71.19 -42.09 64.76
C LEU MA 10 72.67 -41.72 64.76
N ASN MA 11 73.55 -42.71 64.82
CA ASN MA 11 74.98 -42.48 64.88
C ASN MA 11 75.66 -42.79 63.55
N LYS MA 12 74.97 -42.49 62.45
CA LYS MA 12 75.48 -42.84 61.14
C LYS MA 12 76.71 -42.02 60.79
N GLY MA 13 77.45 -42.48 59.79
CA GLY MA 13 78.58 -41.76 59.27
C GLY MA 13 79.90 -42.41 59.65
N HIS MA 14 80.92 -42.11 58.86
CA HIS MA 14 82.26 -42.57 59.13
C HIS MA 14 82.81 -41.90 60.39
N LYS MA 15 83.60 -42.65 61.15
CA LYS MA 15 84.08 -42.18 62.45
C LYS MA 15 85.45 -41.55 62.28
N VAL MA 16 85.52 -40.23 62.46
CA VAL MA 16 86.77 -39.50 62.45
C VAL MA 16 86.83 -38.65 63.71
N THR MA 17 88.03 -38.22 64.05
CA THR MA 17 88.25 -37.39 65.22
C THR MA 17 88.05 -35.93 64.85
N LYS MA 18 87.07 -35.30 65.49
CA LYS MA 18 86.75 -33.91 65.19
C LYS MA 18 87.91 -33.00 65.53
N ASN MA 19 88.22 -32.07 64.62
CA ASN MA 19 89.33 -31.14 64.80
C ASN MA 19 88.79 -29.85 65.40
N VAL MA 20 89.01 -29.67 66.69
CA VAL MA 20 88.53 -28.47 67.38
C VAL MA 20 89.49 -27.32 67.10
N SER MA 21 88.93 -26.13 66.91
CA SER MA 21 89.73 -24.96 66.60
C SER MA 21 88.96 -23.71 66.99
N LYS MA 22 89.69 -22.61 67.07
CA LYS MA 22 89.05 -21.32 67.27
C LYS MA 22 88.18 -20.99 66.06
N PRO MA 23 86.96 -20.51 66.26
CA PRO MA 23 86.08 -20.23 65.13
C PRO MA 23 86.66 -19.18 64.19
N ARG MA 24 86.43 -19.38 62.90
CA ARG MA 24 86.95 -18.49 61.89
C ARG MA 24 86.33 -17.11 62.03
N HIS MA 25 87.13 -16.07 61.75
CA HIS MA 25 86.77 -14.71 62.14
C HIS MA 25 85.55 -14.15 61.43
N SER MA 26 85.18 -14.70 60.28
CA SER MA 26 83.97 -14.21 59.61
C SER MA 26 82.73 -14.53 60.42
N ARG MA 27 82.77 -15.60 61.22
CA ARG MA 27 81.63 -15.96 62.06
C ARG MA 27 81.38 -14.92 63.14
N ARG MA 28 82.37 -14.11 63.47
CA ARG MA 28 82.22 -13.09 64.50
C ARG MA 28 81.28 -11.97 64.08
N ARG MA 29 80.99 -11.84 62.79
CA ARG MA 29 80.23 -10.71 62.26
C ARG MA 29 78.91 -10.52 62.99
N GLY MA 30 78.55 -9.25 63.20
CA GLY MA 30 77.28 -8.90 63.79
C GLY MA 30 77.31 -8.72 65.29
N ARG MA 31 78.39 -9.11 65.96
CA ARG MA 31 78.48 -8.93 67.40
C ARG MA 31 78.49 -7.46 67.77
N LEU MA 32 77.75 -7.12 68.81
CA LEU MA 32 77.70 -5.75 69.30
C LEU MA 32 78.91 -5.45 70.16
N THR MA 33 79.62 -4.38 69.83
CA THR MA 33 80.77 -3.93 70.60
C THR MA 33 80.33 -2.82 71.55
N LYS MA 34 81.20 -2.50 72.50
CA LYS MA 34 80.87 -1.46 73.46
C LYS MA 34 80.75 -0.11 72.77
N HIS MA 35 81.69 0.19 71.87
CA HIS MA 35 81.67 1.48 71.19
C HIS MA 35 80.49 1.60 70.24
N THR MA 36 80.19 0.53 69.50
CA THR MA 36 79.03 0.57 68.61
C THR MA 36 77.73 0.69 69.39
N LYS MA 37 77.64 0.00 70.52
CA LYS MA 37 76.48 0.14 71.38
C LYS MA 37 76.33 1.57 71.88
N PHE MA 38 77.45 2.19 72.27
CA PHE MA 38 77.40 3.58 72.72
C PHE MA 38 76.94 4.50 71.60
N VAL MA 39 77.46 4.31 70.39
CA VAL MA 39 77.07 5.14 69.26
C VAL MA 39 75.59 4.99 68.95
N ARG MA 40 75.10 3.74 68.94
CA ARG MA 40 73.69 3.51 68.65
C ARG MA 40 72.80 4.11 69.73
N ASP MA 41 73.21 4.01 71.00
CA ASP MA 41 72.41 4.61 72.07
C ASP MA 41 72.38 6.13 71.95
N MET MA 42 73.52 6.73 71.60
CA MET MA 42 73.55 8.18 71.41
C MET MA 42 72.65 8.62 70.27
N ILE MA 43 72.70 7.90 69.14
CA ILE MA 43 71.85 8.25 68.02
C ILE MA 43 70.38 8.03 68.35
N ARG MA 44 70.08 7.00 69.13
CA ARG MA 44 68.71 6.80 69.59
C ARG MA 44 68.25 7.96 70.45
N GLU MA 45 69.11 8.46 71.33
CA GLU MA 45 68.73 9.58 72.18
C GLU MA 45 68.55 10.85 71.37
N VAL MA 46 69.38 11.06 70.35
CA VAL MA 46 69.27 12.26 69.52
C VAL MA 46 68.00 12.20 68.66
N CYS MA 47 67.74 11.05 68.03
CA CYS MA 47 66.64 10.94 67.08
C CYS MA 47 65.30 10.83 67.79
N GLY MA 48 65.11 9.78 68.57
CA GLY MA 48 63.81 9.47 69.12
C GLY MA 48 63.32 8.14 68.60
N PHE MA 49 62.10 8.11 68.06
CA PHE MA 49 61.56 6.89 67.50
C PHE MA 49 60.77 7.20 66.24
N ALA MA 50 60.69 6.22 65.36
CA ALA MA 50 59.82 6.32 64.20
C ALA MA 50 58.37 6.29 64.66
N PRO MA 51 57.46 6.89 63.89
CA PRO MA 51 56.05 6.95 64.34
C PRO MA 51 55.43 5.60 64.63
N TYR MA 52 55.74 4.57 63.82
CA TYR MA 52 55.15 3.26 64.10
C TYR MA 52 55.68 2.68 65.39
N GLU MA 53 56.94 2.97 65.73
CA GLU MA 53 57.47 2.55 67.02
C GLU MA 53 56.71 3.20 68.17
N ARG MA 54 56.37 4.48 68.03
CA ARG MA 54 55.60 5.15 69.07
C ARG MA 54 54.19 4.58 69.17
N ARG MA 55 53.57 4.22 68.04
CA ARG MA 55 52.26 3.60 68.12
C ARG MA 55 52.33 2.23 68.78
N ALA MA 56 53.37 1.47 68.49
CA ALA MA 56 53.55 0.18 69.15
C ALA MA 56 53.75 0.36 70.65
N MET MA 57 54.47 1.41 71.04
CA MET MA 57 54.62 1.72 72.46
C MET MA 57 53.27 2.08 73.09
N GLU MA 58 52.43 2.80 72.35
CA GLU MA 58 51.10 3.12 72.85
C GLU MA 58 50.27 1.86 73.07
N LEU MA 59 50.37 0.91 72.14
CA LEU MA 59 49.66 -0.36 72.32
C LEU MA 59 50.21 -1.13 73.51
N LEU MA 60 51.53 -1.20 73.65
CA LEU MA 60 52.12 -1.94 74.76
C LEU MA 60 51.92 -1.25 76.10
N LYS MA 61 51.60 0.05 76.09
CA LYS MA 61 51.37 0.75 77.35
C LYS MA 61 50.06 0.31 78.00
N VAL MA 62 49.03 0.09 77.20
CA VAL MA 62 47.76 -0.42 77.71
C VAL MA 62 47.79 -1.95 77.64
N SER MA 63 48.96 -2.49 77.33
CA SER MA 63 49.22 -3.93 77.32
C SER MA 63 48.28 -4.68 76.37
N LYS MA 64 48.16 -4.17 75.14
CA LYS MA 64 47.60 -4.96 74.05
C LYS MA 64 48.72 -5.58 73.24
N ASP MA 65 49.35 -6.59 73.85
CA ASP MA 65 50.58 -7.14 73.29
C ASP MA 65 50.34 -7.91 72.00
N LYS MA 66 49.18 -8.54 71.84
CA LYS MA 66 48.94 -9.28 70.60
C LYS MA 66 48.73 -8.33 69.43
N ARG MA 67 47.92 -7.29 69.62
CA ARG MA 67 47.81 -6.26 68.58
C ARG MA 67 49.13 -5.57 68.35
N ALA MA 68 49.93 -5.37 69.40
CA ALA MA 68 51.24 -4.78 69.22
C ALA MA 68 52.12 -5.64 68.32
N LEU MA 69 52.15 -6.94 68.58
CA LEU MA 69 52.96 -7.84 67.76
C LEU MA 69 52.43 -7.92 66.34
N LYS MA 70 51.11 -7.96 66.17
CA LYS MA 70 50.54 -8.04 64.83
C LYS MA 70 50.83 -6.76 64.04
N PHE MA 71 50.73 -5.61 64.69
CA PHE MA 71 51.03 -4.34 64.04
C PHE MA 71 52.50 -4.24 63.66
N ILE MA 72 53.39 -4.65 64.56
CA ILE MA 72 54.81 -4.61 64.26
C ILE MA 72 55.15 -5.60 63.17
N LYS MA 73 54.49 -6.75 63.14
CA LYS MA 73 54.69 -7.73 62.08
C LYS MA 73 54.23 -7.17 60.74
N LYS MA 74 53.13 -6.43 60.75
CA LYS MA 74 52.68 -5.77 59.53
C LYS MA 74 53.68 -4.72 59.07
N ARG MA 75 54.24 -3.95 60.00
CA ARG MA 75 55.14 -2.87 59.62
C ARG MA 75 56.49 -3.41 59.16
N VAL MA 76 57.18 -4.17 60.01
CA VAL MA 76 58.50 -4.67 59.67
C VAL MA 76 58.41 -5.76 58.60
N GLY MA 77 57.67 -6.83 58.88
CA GLY MA 77 57.41 -7.84 57.86
C GLY MA 77 57.50 -9.30 58.27
N THR MA 78 58.36 -9.66 59.20
CA THR MA 78 58.52 -11.05 59.58
C THR MA 78 58.29 -11.22 61.08
N HIS MA 79 58.00 -12.46 61.47
CA HIS MA 79 57.66 -12.74 62.86
C HIS MA 79 58.87 -12.62 63.77
N ILE MA 80 60.03 -13.07 63.33
CA ILE MA 80 61.22 -13.05 64.17
C ILE MA 80 61.66 -11.62 64.43
N ARG MA 81 61.73 -10.82 63.35
CA ARG MA 81 62.06 -9.41 63.49
C ARG MA 81 61.04 -8.69 64.36
N ALA MA 82 59.76 -9.00 64.18
CA ALA MA 82 58.73 -8.36 64.98
C ALA MA 82 58.86 -8.71 66.46
N LYS MA 83 59.17 -9.97 66.77
CA LYS MA 83 59.36 -10.36 68.17
C LYS MA 83 60.54 -9.62 68.77
N ARG MA 84 61.65 -9.54 68.04
CA ARG MA 84 62.81 -8.82 68.55
C ARG MA 84 62.51 -7.35 68.77
N LYS MA 85 61.78 -6.74 67.81
CA LYS MA 85 61.45 -5.33 67.92
C LYS MA 85 60.51 -5.06 69.08
N ARG MA 86 59.52 -5.93 69.29
CA ARG MA 86 58.61 -5.78 70.42
C ARG MA 86 59.36 -5.92 71.73
N GLU MA 87 60.32 -6.85 71.79
CA GLU MA 87 61.17 -6.97 72.97
C GLU MA 87 61.93 -5.68 73.24
N GLU MA 88 62.53 -5.09 72.19
CA GLU MA 88 63.30 -3.87 72.38
C GLU MA 88 62.41 -2.71 72.85
N LEU MA 89 61.23 -2.57 72.25
CA LEU MA 89 60.36 -1.47 72.64
C LEU MA 89 59.81 -1.67 74.04
N SER MA 90 59.53 -2.91 74.43
CA SER MA 90 59.12 -3.16 75.81
C SER MA 90 60.24 -2.85 76.78
N ASN MA 91 61.48 -3.16 76.41
CA ASN MA 91 62.62 -2.81 77.24
C ASN MA 91 62.75 -1.29 77.39
N VAL MA 92 62.51 -0.55 76.30
CA VAL MA 92 62.53 0.91 76.39
C VAL MA 92 61.43 1.41 77.30
N LEU MA 93 60.23 0.84 77.19
CA LEU MA 93 59.12 1.25 78.05
C LEU MA 93 59.45 1.01 79.52
N ALA MA 94 59.96 -0.18 79.83
CA ALA MA 94 60.32 -0.48 81.21
C ALA MA 94 61.44 0.44 81.71
N ALA MA 95 62.40 0.74 80.83
CA ALA MA 95 63.48 1.63 81.20
C ALA MA 95 62.95 3.01 81.57
N MET MA 96 62.01 3.54 80.79
CA MET MA 96 61.48 4.86 81.16
C MET MA 96 60.54 4.79 82.35
N ARG MA 97 59.85 3.67 82.56
CA ARG MA 97 59.06 3.52 83.78
C ARG MA 97 59.94 3.58 85.01
N LYS MA 98 61.07 2.88 84.99
CA LYS MA 98 62.00 2.92 86.12
C LYS MA 98 62.75 4.25 86.20
N ALA MA 99 62.95 4.93 85.07
CA ALA MA 99 63.54 6.27 85.12
C ALA MA 99 62.60 7.24 85.79
N ALA MA 100 61.30 7.14 85.50
CA ALA MA 100 60.29 7.95 86.16
C ALA MA 100 60.00 7.48 87.58
N ALA MA 101 60.45 6.28 87.95
CA ALA MA 101 60.29 5.82 89.32
C ALA MA 101 61.06 6.70 90.29
N LYS MA 102 62.27 7.10 89.91
CA LYS MA 102 63.06 8.03 90.73
C LYS MA 102 63.19 9.38 90.04
N THR NA 1 42.88 12.02 -14.88
CA THR NA 1 43.51 10.78 -15.33
C THR NA 1 44.72 10.41 -14.50
N LYS NA 2 44.64 9.28 -13.82
CA LYS NA 2 45.69 8.88 -12.90
C LYS NA 2 46.93 8.36 -13.60
N GLY NA 3 46.86 8.12 -14.91
CA GLY NA 3 47.97 7.51 -15.62
C GLY NA 3 48.87 8.45 -16.37
N THR NA 4 48.79 8.41 -17.70
CA THR NA 4 49.70 9.18 -18.54
C THR NA 4 49.55 10.67 -18.37
N SER NA 5 48.32 11.14 -18.15
CA SER NA 5 48.09 12.58 -18.06
C SER NA 5 48.68 13.16 -16.78
N SER NA 6 48.66 12.40 -15.69
CA SER NA 6 49.18 12.90 -14.42
C SER NA 6 50.70 12.84 -14.34
N PHE NA 7 51.36 12.16 -15.26
CA PHE NA 7 52.82 12.13 -15.27
C PHE NA 7 53.43 13.35 -15.92
N GLY NA 8 52.63 14.20 -16.54
CA GLY NA 8 53.16 15.41 -17.11
C GLY NA 8 53.27 16.57 -16.16
N LYS NA 9 52.64 16.46 -14.99
CA LYS NA 9 52.58 17.55 -14.05
C LYS NA 9 53.76 17.56 -13.08
N ARG NA 10 54.60 16.54 -13.11
CA ARG NA 10 55.71 16.46 -12.16
C ARG NA 10 56.87 17.29 -12.68
N ARG NA 11 57.05 18.46 -12.07
CA ARG NA 11 58.11 19.39 -12.43
C ARG NA 11 58.78 20.00 -11.22
N ASN NA 12 58.62 19.40 -10.04
CA ASN NA 12 59.15 19.94 -8.79
C ASN NA 12 59.88 18.82 -8.06
N LYS NA 13 61.21 18.96 -7.95
CA LYS NA 13 62.00 17.91 -7.33
C LYS NA 13 61.71 17.83 -5.84
N THR NA 14 61.56 16.61 -5.34
CA THR NA 14 61.42 16.40 -3.90
C THR NA 14 62.78 16.29 -3.24
N HIS NA 15 63.66 15.49 -3.80
CA HIS NA 15 64.97 15.21 -3.22
C HIS NA 15 66.06 15.89 -4.02
N THR NA 16 67.15 16.21 -3.34
CA THR NA 16 68.34 16.76 -3.97
C THR NA 16 69.56 16.03 -3.44
N LEU NA 17 70.74 16.41 -3.94
CA LEU NA 17 71.97 15.77 -3.51
C LEU NA 17 72.31 16.17 -2.09
N CYS NA 18 72.60 15.17 -1.26
CA CYS NA 18 72.96 15.38 0.13
C CYS NA 18 74.44 15.74 0.24
N ARG NA 19 74.76 16.74 1.07
CA ARG NA 19 76.16 17.14 1.20
C ARG NA 19 76.97 16.08 1.92
N ARG NA 20 76.38 15.37 2.87
CA ARG NA 20 76.92 14.11 3.34
C ARG NA 20 76.50 13.03 2.37
N CYS NA 21 77.33 11.99 2.23
CA CYS NA 21 76.99 10.74 1.53
C CYS NA 21 76.66 10.92 0.06
N GLY NA 22 76.63 12.16 -0.44
CA GLY NA 22 76.45 12.46 -1.85
C GLY NA 22 75.34 11.76 -2.61
N SER NA 23 74.30 11.31 -1.92
CA SER NA 23 73.20 10.61 -2.56
C SER NA 23 72.02 11.55 -2.73
N LYS NA 24 71.25 11.34 -3.79
CA LYS NA 24 70.11 12.19 -4.13
C LYS NA 24 68.88 11.77 -3.33
N ALA NA 25 68.98 11.91 -2.01
CA ALA NA 25 67.91 11.54 -1.11
C ALA NA 25 67.70 12.59 -0.03
N TYR NA 26 68.26 13.77 -0.21
CA TYR NA 26 68.09 14.84 0.77
C TYR NA 26 66.73 15.48 0.53
N HIS NA 27 65.78 15.17 1.40
CA HIS NA 27 64.45 15.74 1.28
C HIS NA 27 64.51 17.24 1.51
N LEU NA 28 64.14 18.00 0.49
CA LEU NA 28 64.23 19.46 0.58
C LEU NA 28 63.26 20.02 1.60
N GLN NA 29 62.04 19.48 1.63
CA GLN NA 29 61.01 20.05 2.48
C GLN NA 29 61.18 19.64 3.93
N LYS NA 30 61.66 18.42 4.18
CA LYS NA 30 61.92 17.94 5.53
C LYS NA 30 63.32 18.25 6.03
N SER NA 31 64.23 18.65 5.14
CA SER NA 31 65.61 18.99 5.47
C SER NA 31 66.31 17.82 6.17
N THR NA 32 66.21 16.65 5.57
CA THR NA 32 66.91 15.46 6.06
C THR NA 32 67.13 14.51 4.90
N CYS NA 33 68.21 13.75 4.97
CA CYS NA 33 68.53 12.79 3.93
C CYS NA 33 67.88 11.46 4.23
N GLY NA 34 67.15 10.93 3.25
CA GLY NA 34 66.46 9.68 3.45
C GLY NA 34 67.36 8.47 3.48
N LYS NA 35 68.63 8.62 3.12
CA LYS NA 35 69.58 7.52 3.15
C LYS NA 35 70.49 7.55 4.37
N CYS NA 36 71.04 8.72 4.68
CA CYS NA 36 71.98 8.84 5.80
C CYS NA 36 71.42 9.60 6.99
N GLY NA 37 70.36 10.38 6.82
CA GLY NA 37 69.89 11.24 7.88
C GLY NA 37 70.93 12.30 8.20
N TYR NA 38 71.18 13.21 7.26
CA TYR NA 38 72.32 14.10 7.37
C TYR NA 38 72.31 15.02 8.59
N PRO NA 39 71.24 15.77 8.88
CA PRO NA 39 71.33 16.69 10.03
C PRO NA 39 71.52 15.98 11.35
N ALA NA 40 71.15 14.71 11.43
CA ALA NA 40 71.45 13.91 12.61
C ALA NA 40 72.96 13.65 12.70
N LYS NA 41 73.46 13.57 13.93
CA LYS NA 41 74.89 13.35 14.13
C LYS NA 41 75.32 11.98 13.65
N ARG NA 42 74.46 10.98 13.79
CA ARG NA 42 74.83 9.60 13.49
C ARG NA 42 74.31 9.18 12.12
N LYS NA 43 75.06 8.29 11.49
CA LYS NA 43 74.67 7.74 10.19
C LYS NA 43 73.46 6.85 10.32
N ARG NA 44 72.55 6.92 9.36
CA ARG NA 44 71.37 6.08 9.33
C ARG NA 44 71.75 4.69 8.83
N LYS NA 45 71.45 3.67 9.62
CA LYS NA 45 71.91 2.32 9.31
C LYS NA 45 71.00 1.33 10.01
N TYR NA 46 70.50 0.36 9.25
CA TYR NA 46 69.54 -0.61 9.76
C TYR NA 46 69.98 -2.01 9.40
N ASN NA 47 69.75 -2.95 10.33
CA ASN NA 47 70.19 -4.32 10.13
C ASN NA 47 69.23 -5.14 9.28
N TRP NA 48 68.06 -4.62 8.97
CA TRP NA 48 67.18 -5.33 8.05
C TRP NA 48 67.57 -5.13 6.60
N SER NA 49 68.62 -4.37 6.33
CA SER NA 49 69.15 -4.19 4.98
C SER NA 49 70.65 -4.39 5.03
N ALA NA 50 71.09 -5.64 4.90
CA ALA NA 50 72.52 -5.91 4.89
C ALA NA 50 73.15 -5.50 3.57
N LYS NA 51 72.37 -5.55 2.48
CA LYS NA 51 72.86 -5.07 1.20
C LYS NA 51 73.15 -3.57 1.24
N ALA NA 52 72.28 -2.80 1.90
CA ALA NA 52 72.51 -1.38 2.03
C ALA NA 52 73.74 -1.07 2.87
N LYS NA 53 73.96 -1.83 3.94
CA LYS NA 53 75.18 -1.67 4.73
C LYS NA 53 76.40 -2.00 3.90
N ARG NA 54 76.33 -3.06 3.12
CA ARG NA 54 77.47 -3.44 2.28
C ARG NA 54 77.73 -2.43 1.17
N ARG NA 55 76.71 -1.68 0.75
CA ARG NA 55 76.92 -0.69 -0.29
C ARG NA 55 77.77 0.48 0.19
N ASN NA 56 77.72 0.80 1.48
CA ASN NA 56 78.37 2.02 1.96
C ASN NA 56 79.11 1.78 3.27
N THR NA 57 79.73 0.62 3.43
CA THR NA 57 80.50 0.35 4.63
C THR NA 57 81.95 0.80 4.45
N THR NA 58 82.76 0.58 5.48
CA THR NA 58 84.19 0.88 5.39
C THR NA 58 84.85 -0.06 4.40
N GLY NA 59 85.73 0.50 3.58
CA GLY NA 59 86.37 -0.23 2.51
C GLY NA 59 85.70 -0.05 1.17
N THR NA 60 84.45 0.41 1.15
CA THR NA 60 83.76 0.71 -0.10
C THR NA 60 84.22 2.03 -0.70
N GLY NA 61 84.98 2.83 0.02
CA GLY NA 61 85.46 4.09 -0.51
C GLY NA 61 86.96 4.12 -0.69
N ARG NA 62 87.60 5.13 -0.13
CA ARG NA 62 89.03 5.36 -0.34
C ARG NA 62 89.90 4.86 0.80
N MET NA 63 89.50 5.13 2.04
CA MET NA 63 90.27 4.82 3.23
C MET NA 63 91.67 5.43 3.15
N ARG NA 64 91.70 6.74 2.93
CA ARG NA 64 92.98 7.44 2.80
C ARG NA 64 93.81 7.31 4.07
N HIS NA 65 93.17 7.24 5.23
CA HIS NA 65 93.86 7.16 6.51
C HIS NA 65 93.98 5.73 7.02
N LEU NA 66 92.97 4.90 6.78
CA LEU NA 66 93.01 3.54 7.27
C LEU NA 66 94.04 2.70 6.55
N LYS NA 67 94.27 2.94 5.25
CA LYS NA 67 95.33 2.23 4.54
C LYS NA 67 96.68 2.49 5.18
N ILE NA 68 96.95 3.75 5.50
CA ILE NA 68 98.20 4.12 6.14
C ILE NA 68 98.28 3.54 7.55
N VAL NA 69 97.16 3.52 8.25
CA VAL NA 69 97.14 2.93 9.59
C VAL NA 69 97.48 1.45 9.53
N TYR NA 70 96.90 0.73 8.56
CA TYR NA 70 97.23 -0.68 8.41
C TYR NA 70 98.69 -0.88 8.02
N ARG NA 71 99.21 -0.03 7.14
CA ARG NA 71 100.63 -0.13 6.80
C ARG NA 71 101.51 0.25 7.98
N ARG NA 72 101.15 1.30 8.71
CA ARG NA 72 101.96 1.74 9.84
C ARG NA 72 101.89 0.79 11.02
N PHE NA 73 100.85 -0.04 11.11
CA PHE NA 73 100.75 -0.97 12.22
C PHE NA 73 101.81 -2.05 12.16
N ARG NA 74 102.21 -2.46 10.96
CA ARG NA 74 103.17 -3.53 10.80
C ARG NA 74 104.55 -3.19 11.35
N HIS NA 75 104.83 -1.92 11.62
CA HIS NA 75 106.09 -1.51 12.22
C HIS NA 75 105.88 -0.88 13.59
N GLY NA 76 104.73 -1.09 14.20
CA GLY NA 76 104.51 -0.59 15.54
C GLY NA 76 104.32 0.90 15.64
N PHE NA 77 103.87 1.54 14.56
CA PHE NA 77 103.60 2.98 14.53
C PHE NA 77 104.82 3.79 14.91
N ARG NA 78 105.99 3.39 14.39
CA ARG NA 78 107.21 4.13 14.66
C ARG NA 78 107.14 5.53 14.05
N GLU NA 79 107.66 6.51 14.76
CA GLU NA 79 107.68 7.88 14.29
C GLU NA 79 108.97 8.56 14.75
N GLY NA 80 109.31 9.65 14.08
CA GLY NA 80 110.51 10.38 14.43
C GLY NA 80 111.81 9.72 14.02
N THR NA 81 111.76 8.71 13.16
CA THR NA 81 112.94 8.01 12.70
C THR NA 81 112.97 7.99 11.18
N THR NA 82 114.15 7.68 10.65
CA THR NA 82 114.39 7.57 9.22
C THR NA 82 115.31 6.38 9.00
N PRO NA 83 115.35 5.85 7.78
CA PRO NA 83 116.35 4.82 7.49
C PRO NA 83 117.75 5.37 7.60
N LYS NA 84 118.70 4.51 7.93
CA LYS NA 84 120.08 4.93 8.06
C LYS NA 84 120.59 5.41 6.72
N PRO NA 85 121.04 6.66 6.60
CA PRO NA 85 121.41 7.20 5.29
C PRO NA 85 122.62 6.49 4.70
N LYS NA 86 122.62 6.39 3.38
CA LYS NA 86 123.70 5.74 2.67
C LYS NA 86 124.92 6.65 2.58
N PRO OA 1 73.01 65.11 -19.26
CA PRO OA 1 73.63 66.33 -19.79
C PRO OA 1 73.11 67.58 -19.12
N ARG OA 2 73.80 68.69 -19.34
CA ARG OA 2 73.38 69.98 -18.84
C ARG OA 2 73.52 71.00 -19.95
N LYS OA 3 72.57 71.93 -20.03
CA LYS OA 3 72.59 72.97 -21.05
C LYS OA 3 73.10 74.26 -20.43
N ILE OA 4 74.25 74.72 -20.90
CA ILE OA 4 74.83 75.96 -20.41
C ILE OA 4 74.02 77.13 -20.96
N GLU OA 5 73.65 78.05 -20.08
CA GLU OA 5 72.73 79.12 -20.48
C GLU OA 5 73.46 80.24 -21.21
N GLU OA 6 74.39 80.91 -20.54
CA GLU OA 6 75.13 82.01 -21.15
C GLU OA 6 76.61 81.68 -21.27
N ILE OA 7 77.35 82.61 -21.86
CA ILE OA 7 78.69 82.31 -22.37
C ILE OA 7 79.68 82.09 -21.23
N LYS OA 8 79.66 82.96 -20.22
CA LYS OA 8 80.71 82.94 -19.21
C LYS OA 8 80.66 81.69 -18.35
N ASP OA 9 79.46 81.12 -18.18
CA ASP OA 9 79.34 79.85 -17.48
C ASP OA 9 80.04 78.74 -18.26
N PHE OA 10 79.90 78.75 -19.59
CA PHE OA 10 80.61 77.78 -20.41
C PHE OA 10 82.11 78.00 -20.34
N LEU OA 11 82.54 79.26 -20.31
CA LEU OA 11 83.96 79.55 -20.15
C LEU OA 11 84.50 78.96 -18.85
N LEU OA 12 83.80 79.20 -17.74
CA LEU OA 12 84.28 78.69 -16.46
C LEU OA 12 84.21 77.17 -16.41
N THR OA 13 83.18 76.57 -17.02
CA THR OA 13 83.10 75.11 -17.06
C THR OA 13 84.25 74.51 -17.85
N ALA OA 14 84.59 75.11 -18.99
CA ALA OA 14 85.64 74.55 -19.84
C ALA OA 14 87.01 74.60 -19.19
N ARG OA 15 87.20 75.44 -18.18
CA ARG OA 15 88.50 75.62 -17.55
C ARG OA 15 88.70 74.74 -16.31
N ARG OA 16 87.73 73.90 -15.95
CA ARG OA 16 87.95 73.04 -14.80
C ARG OA 16 88.95 71.94 -15.12
N LYS OA 17 89.54 71.38 -14.07
CA LYS OA 17 90.62 70.43 -14.25
C LYS OA 17 90.12 69.11 -14.80
N ASP OA 18 88.84 68.81 -14.62
CA ASP OA 18 88.24 67.56 -15.06
C ASP OA 18 87.58 67.65 -16.42
N ALA OA 19 87.69 68.80 -17.10
CA ALA OA 19 87.19 68.91 -18.46
C ALA OA 19 88.10 68.14 -19.39
N LYS OA 20 87.57 67.08 -20.02
CA LYS OA 20 88.40 66.20 -20.82
C LYS OA 20 88.59 66.73 -22.24
N SER OA 21 87.51 67.20 -22.87
CA SER OA 21 87.56 67.62 -24.26
C SER OA 21 86.44 68.60 -24.52
N VAL OA 22 86.55 69.31 -25.65
CA VAL OA 22 85.50 70.18 -26.14
C VAL OA 22 85.22 69.82 -27.58
N LYS OA 23 83.95 69.63 -27.91
CA LYS OA 23 83.52 69.34 -29.26
C LYS OA 23 82.75 70.52 -29.82
N ILE OA 24 82.93 70.79 -31.11
CA ILE OA 24 82.15 71.80 -31.81
C ILE OA 24 81.37 71.10 -32.92
N LYS OA 25 80.05 71.24 -32.88
CA LYS OA 25 79.16 70.67 -33.88
C LYS OA 25 78.48 71.78 -34.64
N LYS OA 26 78.50 71.70 -35.95
CA LYS OA 26 77.93 72.74 -36.82
C LYS OA 26 76.59 72.23 -37.36
N ASN OA 27 75.51 72.88 -36.96
CA ASN OA 27 74.18 72.54 -37.45
C ASN OA 27 73.71 73.61 -38.43
N LYS OA 28 72.53 73.37 -39.01
CA LYS OA 28 71.99 74.27 -40.01
C LYS OA 28 71.52 75.57 -39.37
N ASP OA 29 71.08 75.52 -38.12
CA ASP OA 29 70.56 76.68 -37.42
C ASP OA 29 71.56 77.20 -36.38
N ASN OA 30 72.08 76.31 -35.54
CA ASN OA 30 72.88 76.71 -34.39
C ASN OA 30 74.25 76.05 -34.44
N VAL OA 31 75.11 76.47 -33.52
CA VAL OA 31 76.42 75.87 -33.30
C VAL OA 31 76.49 75.46 -31.84
N LYS OA 32 76.82 74.19 -31.59
CA LYS OA 32 76.84 73.64 -30.25
C LYS OA 32 78.28 73.39 -29.81
N PHE OA 33 78.61 73.87 -28.61
CA PHE OA 33 79.90 73.64 -27.99
C PHE OA 33 79.69 72.65 -26.85
N LYS OA 34 80.36 71.51 -26.93
CA LYS OA 34 80.12 70.39 -26.02
C LYS OA 34 81.40 70.11 -25.26
N VAL OA 35 81.41 70.42 -23.96
CA VAL OA 35 82.56 70.16 -23.11
C VAL OA 35 82.28 68.92 -22.27
N ARG OA 36 83.20 67.96 -22.30
CA ARG OA 36 83.03 66.69 -21.62
C ARG OA 36 83.67 66.78 -20.24
N CYS OA 37 82.84 66.96 -19.23
CA CYS OA 37 83.31 67.06 -17.86
C CYS OA 37 83.18 65.68 -17.20
N SER OA 38 83.39 65.64 -15.88
CA SER OA 38 83.44 64.35 -15.19
C SER OA 38 82.06 63.70 -15.14
N ARG OA 39 81.04 64.45 -14.74
CA ARG OA 39 79.72 63.87 -14.57
C ARG OA 39 78.79 64.12 -15.75
N TYR OA 40 78.71 65.34 -16.24
CA TYR OA 40 77.82 65.65 -17.36
C TYR OA 40 78.62 66.05 -18.59
N LEU OA 41 77.88 66.21 -19.68
CA LEU OA 41 78.38 66.80 -20.92
C LEU OA 41 77.63 68.12 -21.08
N TYR OA 42 78.34 69.22 -20.84
CA TYR OA 42 77.72 70.53 -20.89
C TYR OA 42 77.68 71.03 -22.32
N THR OA 43 76.49 71.42 -22.79
CA THR OA 43 76.30 71.90 -24.15
C THR OA 43 75.87 73.36 -24.11
N LEU OA 44 76.55 74.19 -24.89
CA LEU OA 44 76.17 75.57 -25.08
C LEU OA 44 75.70 75.75 -26.53
N VAL OA 45 74.49 76.26 -26.70
CA VAL OA 45 73.90 76.46 -28.02
C VAL OA 45 74.07 77.91 -28.41
N ILE OA 46 74.69 78.14 -29.57
CA ILE OA 46 74.90 79.49 -30.09
C ILE OA 46 74.09 79.64 -31.36
N THR OA 47 73.23 80.65 -31.39
CA THR OA 47 72.31 80.83 -32.51
C THR OA 47 72.99 81.47 -33.70
N ASP OA 48 73.71 82.57 -33.48
CA ASP OA 48 74.39 83.25 -34.58
C ASP OA 48 75.72 82.57 -34.85
N LYS OA 49 76.52 83.13 -35.75
CA LYS OA 49 77.76 82.50 -36.17
C LYS OA 49 79.00 83.15 -35.59
N GLU OA 50 79.15 84.47 -35.75
CA GLU OA 50 80.41 85.13 -35.41
C GLU OA 50 80.78 84.92 -33.95
N LYS OA 51 79.79 84.85 -33.06
CA LYS OA 51 80.07 84.52 -31.67
C LYS OA 51 80.64 83.13 -31.53
N ALA OA 52 80.26 82.20 -32.41
CA ALA OA 52 80.80 80.85 -32.31
C ALA OA 52 82.30 80.83 -32.60
N GLU OA 53 82.75 81.54 -33.63
CA GLU OA 53 84.20 81.59 -33.86
C GLU OA 53 84.93 82.45 -32.85
N LYS OA 54 84.25 83.47 -32.30
CA LYS OA 54 84.86 84.20 -31.19
C LYS OA 54 85.11 83.27 -30.00
N LEU OA 55 84.12 82.44 -29.67
CA LEU OA 55 84.29 81.45 -28.61
C LEU OA 55 85.34 80.41 -28.99
N LYS OA 56 85.38 80.00 -30.25
CA LYS OA 56 86.35 79.02 -30.70
C LYS OA 56 87.77 79.54 -30.54
N GLN OA 57 87.99 80.81 -30.85
CA GLN OA 57 89.28 81.42 -30.58
C GLN OA 57 89.55 81.53 -29.09
N SER OA 58 88.54 81.89 -28.31
CA SER OA 58 88.73 82.13 -26.88
C SER OA 58 88.78 80.85 -26.05
N LEU OA 59 88.80 79.68 -26.69
CA LEU OA 59 88.84 78.44 -25.95
C LEU OA 59 90.18 78.27 -25.25
N PRO OA 60 90.23 77.65 -24.08
CA PRO OA 60 91.51 77.46 -23.40
C PRO OA 60 92.36 76.45 -24.13
N PRO OA 61 93.67 76.65 -24.16
CA PRO OA 61 94.56 75.68 -24.81
C PRO OA 61 94.82 74.49 -23.88
N GLY OA 62 95.57 73.52 -24.41
CA GLY OA 62 95.87 72.33 -23.65
C GLY OA 62 94.71 71.38 -23.47
N LEU OA 63 93.72 71.45 -24.35
CA LEU OA 63 92.52 70.64 -24.21
C LEU OA 63 92.00 70.34 -25.61
N ALA OA 64 91.31 69.21 -25.75
CA ALA OA 64 90.89 68.74 -27.07
C ALA OA 64 89.76 69.58 -27.61
N VAL OA 65 89.91 70.05 -28.85
CA VAL OA 65 88.99 70.99 -29.49
C VAL OA 65 88.45 70.26 -30.72
N LYS OA 66 88.22 68.96 -30.58
CA LYS OA 66 87.85 68.10 -31.70
C LYS OA 66 86.63 68.62 -32.43
N GLU OA 67 86.72 68.66 -33.76
CA GLU OA 67 85.68 69.19 -34.62
C GLU OA 67 84.83 68.04 -35.13
N LEU OA 68 83.50 68.19 -35.07
CA LEU OA 68 82.59 67.12 -35.46
C LEU OA 68 82.17 67.19 -36.92
N LYS OA 69 82.84 68.02 -37.72
CA LYS OA 69 82.56 68.08 -39.16
C LYS OA 69 83.83 67.99 -39.97
N SER PA 1 67.74 24.16 -15.75
CA SER PA 1 67.20 25.48 -16.04
C SER PA 1 68.31 26.48 -16.25
N SER PA 2 67.94 27.69 -16.66
CA SER PA 2 68.92 28.76 -16.77
C SER PA 2 69.41 29.20 -15.40
N HIS PA 3 68.52 29.21 -14.42
CA HIS PA 3 68.87 29.53 -13.04
C HIS PA 3 69.33 28.26 -12.36
N LYS PA 4 70.64 28.13 -12.15
CA LYS PA 4 71.19 26.96 -11.49
C LYS PA 4 72.21 27.39 -10.44
N THR PA 5 72.37 26.56 -9.43
CA THR PA 5 73.35 26.84 -8.39
C THR PA 5 74.74 26.42 -8.85
N PHE PA 6 75.75 26.83 -8.10
CA PHE PA 6 77.12 26.51 -8.49
C PHE PA 6 77.41 25.02 -8.37
N ARG PA 7 76.87 24.36 -7.34
CA ARG PA 7 77.10 22.92 -7.20
C ARG PA 7 76.50 22.16 -8.37
N ILE PA 8 75.30 22.54 -8.80
CA ILE PA 8 74.68 21.87 -9.93
C ILE PA 8 75.49 22.11 -11.20
N LYS PA 9 75.98 23.34 -11.39
CA LYS PA 9 76.77 23.62 -12.57
C LYS PA 9 78.08 22.82 -12.57
N ARG PA 10 78.71 22.69 -11.41
CA ARG PA 10 79.92 21.88 -11.29
C ARG PA 10 79.65 20.42 -11.58
N PHE PA 11 78.54 19.91 -11.06
CA PHE PA 11 78.14 18.52 -11.31
C PHE PA 11 77.92 18.28 -12.80
N LEU PA 12 77.22 19.21 -13.45
CA LEU PA 12 76.99 19.10 -14.88
C LEU PA 12 78.29 19.19 -15.65
N ALA PA 13 79.22 20.03 -15.19
CA ALA PA 13 80.51 20.15 -15.84
C ALA PA 13 81.26 18.82 -15.80
N LYS PA 14 81.28 18.16 -14.64
CA LYS PA 14 81.96 16.89 -14.55
C LYS PA 14 81.29 15.83 -15.43
N LYS PA 15 79.96 15.75 -15.40
CA LYS PA 15 79.29 14.76 -16.24
C LYS PA 15 79.46 15.06 -17.72
N GLN PA 16 79.69 16.31 -18.08
CA GLN PA 16 80.00 16.64 -19.46
C GLN PA 16 81.43 16.22 -19.82
N LYS PA 17 82.36 16.42 -18.89
CA LYS PA 17 83.77 16.12 -19.15
C LYS PA 17 83.98 14.63 -19.41
N GLN PA 18 83.33 13.78 -18.63
CA GLN PA 18 83.54 12.34 -18.69
C GLN PA 18 82.60 11.65 -19.68
N ASN PA 19 82.06 12.38 -20.65
CA ASN PA 19 81.23 11.81 -21.70
C ASN PA 19 81.95 12.03 -23.02
N ARG PA 20 82.87 11.12 -23.36
CA ARG PA 20 83.77 11.31 -24.49
C ARG PA 20 84.30 9.95 -24.88
N PRO PA 21 84.53 9.69 -26.17
CA PRO PA 21 85.07 8.37 -26.57
C PRO PA 21 86.47 8.15 -26.03
N ILE PA 22 86.81 6.88 -25.82
CA ILE PA 22 88.12 6.51 -25.30
C ILE PA 22 89.17 6.85 -26.35
N PRO PA 23 90.40 7.14 -25.95
CA PRO PA 23 91.45 7.40 -26.95
C PRO PA 23 91.77 6.17 -27.78
N GLN PA 24 92.15 6.41 -29.02
CA GLN PA 24 92.46 5.32 -29.94
C GLN PA 24 93.67 4.54 -29.47
N TRP PA 25 94.67 5.22 -28.91
CA TRP PA 25 95.89 4.55 -28.50
C TRP PA 25 95.71 3.65 -27.27
N ILE PA 26 94.56 3.73 -26.60
CA ILE PA 26 94.26 2.78 -25.54
C ILE PA 26 94.18 1.37 -26.10
N ARG PA 27 93.55 1.22 -27.27
CA ARG PA 27 93.35 -0.09 -27.86
C ARG PA 27 94.66 -0.76 -28.26
N MET PA 28 95.74 0.00 -28.38
CA MET PA 28 97.03 -0.56 -28.73
C MET PA 28 97.83 -1.03 -27.52
N LYS PA 29 97.32 -0.81 -26.31
CA LYS PA 29 97.99 -1.29 -25.12
C LYS PA 29 97.98 -2.82 -25.06
N THR PA 30 98.88 -3.36 -24.26
CA THR PA 30 98.97 -4.80 -24.07
C THR PA 30 97.95 -5.26 -23.04
N GLY PA 31 97.13 -6.24 -23.42
CA GLY PA 31 96.09 -6.72 -22.53
C GLY PA 31 95.07 -5.66 -22.21
N ASN PA 32 94.60 -4.95 -23.23
CA ASN PA 32 93.71 -3.83 -23.00
C ASN PA 32 92.33 -4.30 -22.55
N LYS PA 33 91.69 -5.16 -23.34
CA LYS PA 33 90.37 -5.71 -23.08
C LYS PA 33 89.29 -4.63 -22.97
N ILE PA 34 89.49 -3.47 -23.58
CA ILE PA 34 88.47 -2.43 -23.65
C ILE PA 34 88.28 -2.08 -25.12
N ARG PA 35 87.04 -2.16 -25.59
CA ARG PA 35 86.71 -1.89 -26.98
C ARG PA 35 86.13 -0.49 -27.19
N TYR PA 36 85.39 0.02 -26.22
CA TYR PA 36 84.73 1.31 -26.33
C TYR PA 36 84.35 1.77 -24.94
N ASN PA 37 83.84 3.00 -24.87
CA ASN PA 37 83.39 3.56 -23.60
C ASN PA 37 81.98 3.08 -23.33
N SER PA 38 81.86 2.04 -22.50
CA SER PA 38 80.56 1.48 -22.18
C SER PA 38 79.73 2.36 -21.27
N LYS PA 39 80.31 3.43 -20.73
CA LYS PA 39 79.61 4.35 -19.84
C LYS PA 39 79.19 5.62 -20.56
N ARG PA 40 79.13 5.61 -21.88
CA ARG PA 40 78.66 6.78 -22.61
C ARG PA 40 77.21 7.05 -22.30
N ARG PA 41 76.88 8.32 -22.17
CA ARG PA 41 75.53 8.76 -21.85
C ARG PA 41 75.08 9.78 -22.89
N HIS PA 42 73.87 9.61 -23.38
CA HIS PA 42 73.24 10.61 -24.23
C HIS PA 42 72.19 11.37 -23.43
N TRP PA 43 72.05 12.66 -23.76
CA TRP PA 43 71.19 13.55 -22.97
C TRP PA 43 69.72 13.19 -23.09
N ARG PA 44 69.34 12.42 -24.10
CA ARG PA 44 67.94 12.09 -24.34
C ARG PA 44 67.56 10.68 -23.91
N ARG PA 45 68.42 9.69 -24.15
CA ARG PA 45 68.07 8.31 -23.87
C ARG PA 45 67.97 8.06 -22.37
N THR PA 46 68.93 8.55 -21.60
CA THR PA 46 68.89 8.43 -20.15
C THR PA 46 69.19 9.78 -19.52
N LYS PA 47 68.56 10.02 -18.38
CA LYS PA 47 68.67 11.29 -17.68
C LYS PA 47 69.66 11.18 -16.53
N LEU PA 48 70.12 12.33 -16.07
CA LEU PA 48 71.08 12.35 -14.96
C LEU PA 48 70.38 11.99 -13.66
N GLY PA 49 71.16 11.93 -12.59
CA GLY PA 49 70.60 11.59 -11.29
C GLY PA 49 69.64 12.63 -10.78
N LEU PA 50 70.01 13.92 -10.90
CA LEU PA 50 69.15 14.98 -10.43
C LEU PA 50 67.93 15.08 -11.33
N ILE QA 1 -35.79 -34.00 -62.05
CA ILE QA 1 -36.23 -35.20 -61.36
C ILE QA 1 -35.68 -36.44 -62.07
N ILE QA 2 -35.49 -37.50 -61.30
CA ILE QA 2 -34.96 -38.76 -61.81
C ILE QA 2 -36.00 -39.84 -61.55
N GLU QA 3 -36.31 -40.63 -62.57
CA GLU QA 3 -37.26 -41.70 -62.40
C GLU QA 3 -36.67 -42.77 -61.48
N PRO QA 4 -37.51 -43.48 -60.71
CA PRO QA 4 -36.99 -44.29 -59.59
C PRO QA 4 -35.98 -45.36 -59.96
N SER QA 5 -36.12 -46.01 -61.12
CA SER QA 5 -35.14 -47.05 -61.46
C SER QA 5 -33.78 -46.42 -61.81
N LEU QA 6 -33.79 -45.27 -62.47
CA LEU QA 6 -32.51 -44.61 -62.75
C LEU QA 6 -31.88 -44.07 -61.47
N ARG QA 7 -32.70 -43.60 -60.54
CA ARG QA 7 -32.17 -43.16 -59.25
C ARG QA 7 -31.60 -44.34 -58.47
N GLN QA 8 -32.23 -45.51 -58.57
CA GLN QA 8 -31.65 -46.72 -58.00
C GLN QA 8 -30.32 -47.07 -58.66
N LEU QA 9 -30.24 -46.91 -59.98
CA LEU QA 9 -28.99 -47.18 -60.68
C LEU QA 9 -27.88 -46.25 -60.20
N ALA QA 10 -28.19 -44.97 -60.02
CA ALA QA 10 -27.19 -44.04 -59.51
C ALA QA 10 -26.80 -44.36 -58.08
N GLN QA 11 -27.78 -44.73 -57.24
CA GLN QA 11 -27.47 -45.08 -55.86
C GLN QA 11 -26.70 -46.38 -55.75
N LYS QA 12 -26.77 -47.23 -56.77
CA LYS QA 12 -25.96 -48.45 -56.77
C LYS QA 12 -24.48 -48.14 -56.82
N TYR QA 13 -24.10 -46.99 -57.37
CA TYR QA 13 -22.71 -46.59 -57.43
C TYR QA 13 -22.35 -45.49 -56.45
N ASN QA 14 -23.32 -44.74 -55.94
CA ASN QA 14 -23.02 -43.63 -55.05
C ASN QA 14 -23.38 -43.85 -53.60
N CYS QA 15 -24.40 -44.66 -53.31
CA CYS QA 15 -24.96 -44.70 -51.96
C CYS QA 15 -24.85 -46.06 -51.27
N ASP QA 16 -25.29 -47.14 -51.91
CA ASP QA 16 -25.42 -48.42 -51.21
C ASP QA 16 -24.03 -49.08 -51.02
N LYS QA 17 -23.26 -48.50 -50.12
CA LYS QA 17 -21.89 -48.93 -49.91
C LYS QA 17 -21.56 -48.92 -48.42
N MET QA 18 -20.56 -49.72 -48.07
CA MET QA 18 -20.04 -49.77 -46.71
C MET QA 18 -18.89 -48.79 -46.57
N ILE QA 19 -18.72 -48.26 -45.35
CA ILE QA 19 -17.65 -47.33 -45.04
C ILE QA 19 -16.87 -47.89 -43.84
N CYS QA 20 -15.55 -47.88 -43.93
CA CYS QA 20 -14.71 -48.33 -42.83
C CYS QA 20 -14.70 -47.28 -41.72
N ARG QA 21 -14.93 -47.72 -40.49
CA ARG QA 21 -14.93 -46.79 -39.37
C ARG QA 21 -13.54 -46.24 -39.08
N LYS QA 22 -12.48 -46.94 -39.49
CA LYS QA 22 -11.13 -46.54 -39.14
C LYS QA 22 -10.48 -45.65 -40.20
N CYS QA 23 -10.79 -45.87 -41.47
CA CYS QA 23 -10.13 -45.13 -42.54
C CYS QA 23 -11.09 -44.59 -43.60
N TYR QA 24 -12.40 -44.67 -43.37
CA TYR QA 24 -13.41 -44.06 -44.22
C TYR QA 24 -13.40 -44.57 -45.66
N ALA QA 25 -12.87 -45.77 -45.89
CA ALA QA 25 -12.80 -46.29 -47.24
C ALA QA 25 -14.18 -46.70 -47.74
N ARG QA 26 -14.48 -46.36 -48.98
CA ARG QA 26 -15.75 -46.71 -49.60
C ARG QA 26 -15.67 -48.14 -50.11
N LEU QA 27 -16.48 -49.02 -49.52
CA LEU QA 27 -16.43 -50.45 -49.82
C LEU QA 27 -17.78 -50.93 -50.31
N HIS QA 28 -17.76 -52.02 -51.06
CA HIS QA 28 -18.97 -52.57 -51.65
C HIS QA 28 -19.92 -53.05 -50.56
N PRO QA 29 -21.22 -53.11 -50.86
CA PRO QA 29 -22.20 -53.34 -49.79
C PRO QA 29 -22.07 -54.66 -49.07
N ARG QA 30 -21.43 -55.66 -49.67
CA ARG QA 30 -21.28 -56.96 -49.04
C ARG QA 30 -19.93 -57.14 -48.38
N ALA QA 31 -19.18 -56.06 -48.17
CA ALA QA 31 -17.85 -56.17 -47.58
C ALA QA 31 -17.94 -56.55 -46.12
N VAL QA 32 -16.98 -57.36 -45.67
CA VAL QA 32 -16.86 -57.70 -44.27
C VAL QA 32 -15.59 -57.14 -43.64
N ASN QA 33 -14.49 -57.08 -44.39
CA ASN QA 33 -13.26 -56.44 -43.95
C ASN QA 33 -12.88 -55.36 -44.93
N CYS QA 34 -12.26 -54.29 -44.41
CA CYS QA 34 -11.76 -53.25 -45.29
C CYS QA 34 -10.62 -53.79 -46.14
N ARG QA 35 -10.55 -53.31 -47.37
CA ARG QA 35 -9.59 -53.82 -48.33
C ARG QA 35 -8.24 -53.14 -48.23
N LYS QA 36 -8.07 -52.19 -47.32
CA LYS QA 36 -6.90 -51.33 -47.30
C LYS QA 36 -5.95 -51.70 -46.19
N LYS QA 37 -4.66 -51.65 -46.50
CA LYS QA 37 -3.62 -52.06 -45.57
C LYS QA 37 -3.59 -51.15 -44.34
N LYS QA 38 -3.78 -49.85 -44.53
CA LYS QA 38 -3.45 -48.88 -43.49
C LYS QA 38 -4.36 -48.98 -42.27
N CYS QA 39 -5.55 -49.58 -42.40
CA CYS QA 39 -6.40 -49.81 -41.25
C CYS QA 39 -6.31 -51.25 -40.76
N GLY QA 40 -5.41 -52.06 -41.31
CA GLY QA 40 -5.25 -53.42 -40.87
C GLY QA 40 -6.35 -54.36 -41.31
N HIS QA 41 -7.04 -54.04 -42.41
CA HIS QA 41 -8.14 -54.86 -42.93
C HIS QA 41 -9.20 -55.08 -41.87
N THR QA 42 -9.54 -54.02 -41.14
CA THR QA 42 -10.44 -54.15 -40.01
C THR QA 42 -11.85 -54.47 -40.48
N ASN QA 43 -12.62 -55.05 -39.57
CA ASN QA 43 -14.02 -55.39 -39.80
C ASN QA 43 -14.98 -54.42 -39.12
N ASN QA 44 -14.48 -53.28 -38.66
CA ASN QA 44 -15.32 -52.23 -38.10
C ASN QA 44 -15.93 -51.43 -39.25
N LEU QA 45 -16.99 -51.97 -39.83
CA LEU QA 45 -17.61 -51.37 -40.99
C LEU QA 45 -19.00 -50.85 -40.62
N ARG QA 46 -19.38 -49.75 -41.25
CA ARG QA 46 -20.68 -49.16 -41.09
C ARG QA 46 -21.27 -48.84 -42.45
N PRO QA 47 -22.59 -48.86 -42.59
CA PRO QA 47 -23.19 -48.45 -43.86
C PRO QA 47 -22.98 -46.97 -44.13
N LYS QA 48 -22.90 -46.63 -45.41
CA LYS QA 48 -22.89 -45.22 -45.78
C LYS QA 48 -24.24 -44.62 -45.45
N LYS QA 49 -24.22 -43.47 -44.76
CA LYS QA 49 -25.45 -42.91 -44.23
C LYS QA 49 -26.32 -42.38 -45.36
N LYS QA 50 -27.62 -42.40 -45.11
CA LYS QA 50 -28.61 -42.01 -46.12
C LYS QA 50 -29.00 -40.55 -45.94
N VAL QA 51 -29.73 -40.03 -46.92
CA VAL QA 51 -30.15 -38.63 -46.91
C VAL QA 51 -31.56 -38.42 -46.37
N LYS QA 52 -32.22 -39.48 -45.93
CA LYS QA 52 -33.59 -39.37 -45.42
C LYS QA 52 -33.63 -38.60 -44.11
N MET RA 1 -28.54 22.95 14.47
CA MET RA 1 -27.34 23.22 15.25
C MET RA 1 -27.35 24.63 15.82
N ARG RA 2 -26.43 24.86 16.74
CA ARG RA 2 -26.06 26.23 17.09
C ARG RA 2 -25.46 26.91 15.87
N ALA RA 3 -25.77 28.19 15.69
CA ALA RA 3 -25.31 28.89 14.49
C ALA RA 3 -23.80 29.01 14.45
N LYS RA 4 -23.16 29.17 15.61
CA LYS RA 4 -21.71 29.23 15.64
C LYS RA 4 -21.07 27.92 15.19
N TRP RA 5 -21.64 26.80 15.62
CA TRP RA 5 -21.09 25.51 15.21
C TRP RA 5 -21.39 25.20 13.75
N ARG RA 6 -22.54 25.66 13.24
CA ARG RA 6 -22.80 25.58 11.80
C ARG RA 6 -21.79 26.40 11.02
N LYS RA 7 -21.45 27.58 11.53
CA LYS RA 7 -20.42 28.40 10.92
C LYS RA 7 -19.08 27.69 10.91
N LYS RA 8 -18.74 27.04 12.01
CA LYS RA 8 -17.48 26.29 12.07
C LYS RA 8 -17.48 25.12 11.09
N ARG RA 9 -18.60 24.40 11.00
CA ARG RA 9 -18.68 23.28 10.07
C ARG RA 9 -18.57 23.77 8.63
N MET RA 10 -19.20 24.91 8.33
CA MET RA 10 -19.09 25.45 6.98
C MET RA 10 -17.69 25.95 6.70
N ARG RA 11 -16.99 26.48 7.70
CA ARG RA 11 -15.59 26.87 7.51
C ARG RA 11 -14.73 25.65 7.21
N ARG RA 12 -14.96 24.55 7.92
CA ARG RA 12 -14.21 23.33 7.65
C ARG RA 12 -14.48 22.83 6.24
N LEU RA 13 -15.76 22.84 5.82
CA LEU RA 13 -16.10 22.39 4.48
C LEU RA 13 -15.50 23.30 3.43
N LYS RA 14 -15.46 24.61 3.71
CA LYS RA 14 -14.86 25.56 2.77
C LYS RA 14 -13.37 25.32 2.62
N ARG RA 15 -12.67 25.05 3.74
CA ARG RA 15 -11.26 24.71 3.65
C ARG RA 15 -11.03 23.43 2.87
N LYS RA 16 -11.89 22.43 3.07
CA LYS RA 16 -11.80 21.19 2.31
C LYS RA 16 -11.98 21.45 0.82
N ARG RA 17 -12.96 22.29 0.47
CA ARG RA 17 -13.19 22.63 -0.93
C ARG RA 17 -12.00 23.36 -1.52
N ARG RA 18 -11.40 24.27 -0.76
CA ARG RA 18 -10.22 24.97 -1.26
C ARG RA 18 -9.07 24.02 -1.50
N LYS RA 19 -8.87 23.05 -0.60
CA LYS RA 19 -7.87 22.02 -0.83
C LYS RA 19 -8.15 21.25 -2.11
N MET RA 20 -9.42 20.86 -2.31
CA MET RA 20 -9.77 20.06 -3.47
C MET RA 20 -9.54 20.83 -4.77
N ARG RA 21 -9.90 22.11 -4.77
CA ARG RA 21 -9.67 22.93 -5.97
C ARG RA 21 -8.19 23.16 -6.20
N GLN RA 22 -7.42 23.38 -5.12
CA GLN RA 22 -5.99 23.60 -5.27
C GLN RA 22 -5.29 22.36 -5.81
N ARG RA 23 -5.79 21.17 -5.46
CA ARG RA 23 -5.18 19.94 -5.92
C ARG RA 23 -5.22 19.83 -7.44
N SER RA 24 -6.31 20.27 -8.06
CA SER RA 24 -6.45 20.24 -9.51
C SER RA 24 -5.42 21.13 -10.20
N VAL SA 1 13.60 -40.36 44.37
CA VAL SA 1 13.74 -41.60 45.11
C VAL SA 1 13.75 -41.30 46.60
N ASN SA 2 13.62 -42.33 47.42
CA ASN SA 2 13.62 -42.18 48.87
C ASN SA 2 14.54 -43.24 49.46
N VAL SA 3 15.39 -42.83 50.39
CA VAL SA 3 16.23 -43.77 51.13
C VAL SA 3 16.15 -43.42 52.61
N PRO SA 4 16.21 -44.39 53.51
CA PRO SA 4 16.07 -44.08 54.94
C PRO SA 4 17.28 -43.35 55.49
N LYS SA 5 17.04 -42.62 56.56
CA LYS SA 5 18.13 -41.92 57.24
C LYS SA 5 19.07 -42.86 57.98
N THR SA 6 18.71 -44.12 58.14
CA THR SA 6 19.57 -45.10 58.77
C THR SA 6 19.49 -46.42 58.02
N ARG SA 7 20.57 -47.19 58.08
CA ARG SA 7 20.59 -48.50 57.43
C ARG SA 7 21.66 -49.34 58.10
N ARG SA 8 21.53 -50.65 57.93
CA ARG SA 8 22.49 -51.61 58.47
C ARG SA 8 23.26 -52.20 57.31
N THR SA 9 24.50 -51.75 57.13
CA THR SA 9 25.35 -52.21 56.04
C THR SA 9 26.75 -52.44 56.57
N PHE SA 10 27.63 -52.92 55.69
CA PHE SA 10 28.97 -53.33 56.09
C PHE SA 10 29.81 -52.13 56.49
N CYS SA 11 30.61 -52.30 57.54
CA CYS SA 11 31.59 -51.31 57.95
C CYS SA 11 32.99 -51.89 57.76
N LYS SA 12 33.83 -51.16 57.02
CA LYS SA 12 35.15 -51.68 56.70
C LYS SA 12 36.05 -51.70 57.91
N LYS SA 13 35.96 -50.70 58.78
CA LYS SA 13 36.80 -50.67 59.96
C LYS SA 13 36.35 -51.70 60.99
N CYS SA 14 35.05 -51.79 61.24
CA CYS SA 14 34.55 -52.80 62.16
C CYS SA 14 34.72 -54.19 61.57
N GLY SA 15 34.65 -54.32 60.24
CA GLY SA 15 34.75 -55.62 59.63
C GLY SA 15 33.49 -56.45 59.73
N LYS SA 16 32.35 -55.83 60.02
CA LYS SA 16 31.09 -56.54 60.15
C LYS SA 16 29.96 -55.57 59.87
N HIS SA 17 28.77 -56.12 59.64
CA HIS SA 17 27.61 -55.30 59.37
C HIS SA 17 27.22 -54.52 60.62
N GLN SA 18 27.03 -53.22 60.47
CA GLN SA 18 26.69 -52.33 61.57
C GLN SA 18 25.67 -51.32 61.09
N PRO SA 19 24.85 -50.79 62.00
CA PRO SA 19 23.95 -49.70 61.62
C PRO SA 19 24.73 -48.46 61.22
N HIS SA 20 24.19 -47.71 60.27
CA HIS SA 20 24.83 -46.53 59.76
C HIS SA 20 23.83 -45.38 59.72
N LYS SA 21 24.36 -44.16 59.66
CA LYS SA 21 23.56 -42.96 59.54
C LYS SA 21 23.73 -42.41 58.12
N VAL SA 22 22.62 -42.30 57.40
CA VAL SA 22 22.66 -41.97 55.98
C VAL SA 22 22.41 -40.47 55.82
N THR SA 23 23.35 -39.80 55.18
CA THR SA 23 23.26 -38.35 54.96
C THR SA 23 23.75 -38.05 53.54
N GLN SA 24 23.08 -37.10 52.89
CA GLN SA 24 23.51 -36.71 51.55
C GLN SA 24 24.82 -35.94 51.61
N TYR SA 25 25.69 -36.22 50.64
CA TYR SA 25 27.00 -35.59 50.55
C TYR SA 25 26.90 -34.31 49.72
N LYS SA 26 27.68 -33.31 50.11
CA LYS SA 26 27.77 -32.06 49.37
C LYS SA 26 29.24 -31.69 49.16
N LYS SA 27 29.51 -31.08 48.00
CA LYS SA 27 30.87 -30.65 47.67
C LYS SA 27 31.33 -29.58 48.64
N GLY SA 28 32.54 -29.75 49.16
CA GLY SA 28 33.10 -28.81 50.10
C GLY SA 28 33.62 -27.56 49.43
N LYS SA 29 34.08 -26.63 50.26
CA LYS SA 29 34.59 -25.36 49.77
C LYS SA 29 35.99 -25.54 49.20
N ASP SA 30 36.29 -24.77 48.15
CA ASP SA 30 37.60 -24.85 47.52
C ASP SA 30 38.67 -24.31 48.45
N SER SA 31 39.80 -25.03 48.52
CA SER SA 31 40.80 -24.74 49.54
C SER SA 31 41.54 -23.43 49.28
N LEU SA 32 41.70 -23.07 48.01
CA LEU SA 32 42.40 -21.87 47.54
C LEU SA 32 43.90 -22.02 47.75
N TYR SA 33 44.31 -23.08 48.45
CA TYR SA 33 45.70 -23.46 48.58
C TYR SA 33 45.96 -24.87 48.07
N ALA SA 34 44.99 -25.47 47.40
CA ALA SA 34 45.24 -26.70 46.68
C ALA SA 34 46.18 -26.43 45.52
N GLN SA 35 46.97 -27.44 45.16
CA GLN SA 35 48.06 -27.23 44.21
C GLN SA 35 47.54 -26.76 42.86
N GLY SA 36 46.42 -27.33 42.40
CA GLY SA 36 45.84 -26.89 41.15
C GLY SA 36 45.32 -25.47 41.23
N LYS SA 37 44.74 -25.09 42.37
CA LYS SA 37 44.27 -23.71 42.51
C LYS SA 37 45.43 -22.73 42.58
N ARG SA 38 46.53 -23.11 43.25
CA ARG SA 38 47.72 -22.27 43.26
C ARG SA 38 48.28 -22.10 41.85
N ARG SA 39 48.35 -23.20 41.09
CA ARG SA 39 48.84 -23.11 39.72
C ARG SA 39 47.92 -22.25 38.86
N TYR SA 40 46.61 -22.40 39.02
CA TYR SA 40 45.66 -21.59 38.28
C TYR SA 40 45.80 -20.10 38.62
N ASP SA 41 45.97 -19.79 39.90
CA ASP SA 41 46.09 -18.39 40.31
C ASP SA 41 47.40 -17.78 39.82
N ARG SA 42 48.47 -18.56 39.80
CA ARG SA 42 49.71 -18.07 39.22
C ARG SA 42 49.57 -17.86 37.72
N LYS SA 43 48.87 -18.78 37.04
CA LYS SA 43 48.70 -18.67 35.59
C LYS SA 43 47.83 -17.48 35.22
N GLN SA 44 46.82 -17.19 36.02
CA GLN SA 44 45.92 -16.08 35.73
C GLN SA 44 46.48 -14.72 36.11
N SER SA 45 47.58 -14.69 36.85
CA SER SA 45 48.20 -13.42 37.21
C SER SA 45 48.81 -12.77 35.99
N GLY SA 46 48.64 -11.46 35.86
CA GLY SA 46 49.24 -10.73 34.77
C GLY SA 46 48.32 -10.54 33.59
N TYR SA 47 48.88 -10.55 32.39
CA TYR SA 47 48.12 -10.37 31.17
C TYR SA 47 47.95 -11.70 30.45
N GLY SA 48 47.07 -11.70 29.45
CA GLY SA 48 46.80 -12.91 28.71
C GLY SA 48 45.35 -13.33 28.81
N GLY SA 49 44.65 -12.80 29.80
CA GLY SA 49 43.26 -13.15 29.97
C GLY SA 49 43.09 -14.54 30.54
N GLN SA 50 41.95 -15.15 30.21
CA GLN SA 50 41.66 -16.50 30.67
C GLN SA 50 42.62 -17.49 30.03
N THR SA 51 43.13 -18.42 30.83
CA THR SA 51 44.12 -19.37 30.38
C THR SA 51 43.66 -20.82 30.41
N LYS SA 52 42.52 -21.11 31.00
CA LYS SA 52 41.95 -22.46 31.07
C LYS SA 52 40.54 -22.43 30.52
N PRO SA 53 40.05 -23.55 29.99
CA PRO SA 53 38.71 -23.55 29.40
C PRO SA 53 37.62 -23.34 30.44
N ILE SA 54 36.57 -22.64 30.03
CA ILE SA 54 35.35 -22.47 30.81
C ILE SA 54 34.26 -23.24 30.11
N PHE SA 55 33.67 -24.22 30.81
CA PHE SA 55 32.91 -25.29 30.16
C PHE SA 55 31.72 -24.75 29.37
N ARG SA 56 30.74 -24.17 30.08
CA ARG SA 56 29.55 -23.51 29.49
C ARG SA 56 28.87 -24.32 28.39
N LYS SA 57 28.86 -25.65 28.51
CA LYS SA 57 28.10 -26.48 27.59
C LYS SA 57 27.37 -27.57 28.36
N LYS SA 58 26.74 -27.19 29.47
CA LYS SA 58 26.11 -28.15 30.36
C LYS SA 58 24.97 -28.89 29.66
N ALA SA 59 24.92 -30.21 29.86
CA ALA SA 59 23.92 -31.04 29.22
C ALA SA 59 23.16 -31.90 30.22
N LYS SA 60 23.81 -32.25 31.33
CA LYS SA 60 23.15 -33.03 32.36
C LYS SA 60 22.15 -32.18 33.12
N THR SA 61 21.05 -32.79 33.54
CA THR SA 61 20.07 -32.15 34.39
C THR SA 61 20.04 -32.73 35.79
N THR SA 62 20.84 -33.77 36.06
CA THR SA 62 20.88 -34.44 37.35
C THR SA 62 22.32 -34.59 37.80
N LYS SA 63 22.47 -35.10 39.02
CA LYS SA 63 23.76 -35.51 39.56
C LYS SA 63 23.61 -36.86 40.23
N LYS SA 64 24.71 -37.61 40.32
CA LYS SA 64 24.71 -38.86 41.07
C LYS SA 64 24.66 -38.53 42.55
N ILE SA 65 23.57 -38.89 43.21
CA ILE SA 65 23.43 -38.63 44.64
C ILE SA 65 24.41 -39.52 45.40
N VAL SA 66 25.10 -38.93 46.37
CA VAL SA 66 26.10 -39.65 47.16
C VAL SA 66 25.66 -39.63 48.60
N LEU SA 67 25.62 -40.81 49.22
CA LEU SA 67 25.20 -40.93 50.60
C LEU SA 67 26.44 -41.01 51.50
N ARG SA 68 26.41 -40.30 52.61
CA ARG SA 68 27.47 -40.34 53.62
C ARG SA 68 27.00 -41.27 54.73
N LEU SA 69 27.55 -42.49 54.77
CA LEU SA 69 27.18 -43.48 55.76
C LEU SA 69 28.17 -43.42 56.92
N GLU SA 70 27.68 -43.06 58.10
CA GLU SA 70 28.49 -42.97 59.30
C GLU SA 70 28.16 -44.15 60.21
N CYS SA 71 29.16 -44.96 60.52
CA CYS SA 71 28.98 -46.07 61.45
C CYS SA 71 28.60 -45.53 62.82
N VAL SA 72 27.60 -46.16 63.45
CA VAL SA 72 27.05 -45.66 64.71
C VAL SA 72 27.78 -46.30 65.89
N GLU SA 73 28.83 -47.05 65.61
CA GLU SA 73 29.66 -47.58 66.68
C GLU SA 73 30.36 -46.44 67.40
N PRO SA 74 30.24 -46.32 68.72
CA PRO SA 74 30.94 -45.24 69.43
C PRO SA 74 32.45 -45.27 69.26
N ASN SA 75 33.03 -46.45 69.11
CA ASN SA 75 34.48 -46.59 68.92
C ASN SA 75 34.89 -46.52 67.45
N CYS SA 76 33.93 -46.50 66.53
CA CYS SA 76 34.20 -46.47 65.09
C CYS SA 76 33.25 -45.48 64.45
N ARG SA 77 33.71 -44.25 64.23
CA ARG SA 77 32.92 -43.26 63.54
C ARG SA 77 33.30 -43.16 62.07
N SER SA 78 33.66 -44.27 61.46
CA SER SA 78 34.15 -44.27 60.08
C SER SA 78 33.04 -43.91 59.11
N LYS SA 79 33.38 -43.10 58.11
CA LYS SA 79 32.47 -42.71 57.06
C LYS SA 79 32.79 -43.47 55.78
N ARG SA 80 31.77 -43.72 54.99
CA ARG SA 80 31.94 -44.32 53.67
C ARG SA 80 31.12 -43.52 52.68
N MET SA 81 31.62 -43.45 51.45
CA MET SA 81 31.00 -42.68 50.39
C MET SA 81 30.29 -43.65 49.45
N LEU SA 82 28.97 -43.72 49.58
CA LEU SA 82 28.16 -44.62 48.76
C LEU SA 82 27.36 -43.82 47.76
N ALA SA 83 27.38 -44.26 46.50
CA ALA SA 83 26.73 -43.55 45.41
C ALA SA 83 25.56 -44.36 44.87
N ILE SA 84 24.46 -43.66 44.60
CA ILE SA 84 23.28 -44.27 43.98
C ILE SA 84 23.11 -43.66 42.59
N LYS SA 85 22.10 -44.11 41.85
CA LYS SA 85 21.95 -43.69 40.47
C LYS SA 85 21.44 -42.25 40.39
N ARG SA 86 21.35 -41.76 39.16
CA ARG SA 86 20.89 -40.39 38.91
C ARG SA 86 19.40 -40.26 39.16
N CYS SA 87 19.00 -39.13 39.77
CA CYS SA 87 17.60 -38.87 40.04
C CYS SA 87 17.37 -37.37 40.05
N LYS SA 88 16.14 -36.97 39.72
CA LYS SA 88 15.80 -35.55 39.73
C LYS SA 88 15.33 -35.10 41.12
N HIS SA 89 14.57 -35.93 41.81
CA HIS SA 89 14.09 -35.64 43.16
C HIS SA 89 14.69 -36.64 44.13
N PHE SA 90 15.25 -36.15 45.22
CA PHE SA 90 15.86 -36.99 46.24
C PHE SA 90 15.44 -36.51 47.61
N GLU SA 91 15.18 -37.45 48.51
CA GLU SA 91 14.80 -37.11 49.87
C GLU SA 91 15.25 -38.21 50.81
N LEU SA 92 15.60 -37.83 52.03
CA LEU SA 92 16.10 -38.73 53.05
C LEU SA 92 15.00 -38.97 54.08
N GLY SA 93 14.61 -40.23 54.25
CA GLY SA 93 13.64 -40.58 55.27
C GLY SA 93 12.28 -39.95 55.08
N GLY SA 94 11.77 -39.96 53.84
CA GLY SA 94 10.46 -39.44 53.55
C GLY SA 94 9.36 -40.37 54.02
N ASP SA 95 8.12 -39.92 53.80
CA ASP SA 95 6.98 -40.73 54.19
C ASP SA 95 6.91 -41.99 53.34
N LYS SA 96 6.78 -43.13 53.99
CA LYS SA 96 6.80 -44.41 53.28
C LYS SA 96 5.45 -44.66 52.62
N LYS SA 97 5.49 -45.19 51.40
CA LYS SA 97 4.26 -45.45 50.66
C LYS SA 97 3.48 -46.60 51.28
N ARG SA 98 2.16 -46.53 51.20
CA ARG SA 98 1.28 -47.57 51.70
C ARG SA 98 0.39 -48.05 50.56
N LYS SA 99 0.14 -49.36 50.53
CA LYS SA 99 -0.50 -49.96 49.36
C LYS SA 99 -2.01 -49.68 49.33
N GLY SA 100 -2.74 -50.16 50.33
CA GLY SA 100 -4.18 -50.09 50.28
C GLY SA 100 -4.78 -48.85 50.90
N GLN SA 101 -4.57 -47.69 50.27
CA GLN SA 101 -5.09 -46.43 50.76
C GLN SA 101 -5.85 -45.71 49.67
N VAL SA 102 -6.61 -44.71 50.08
CA VAL SA 102 -7.42 -43.92 49.17
C VAL SA 102 -6.59 -42.73 48.69
N ILE SA 103 -6.56 -42.53 47.37
CA ILE SA 103 -5.83 -41.39 46.82
C ILE SA 103 -6.57 -40.09 47.17
N GLN SA 104 -5.80 -39.01 47.25
CA GLN SA 104 -6.39 -37.68 47.45
C GLN SA 104 -7.27 -37.34 46.25
N PHE SA 105 -8.52 -36.98 46.52
CA PHE SA 105 -9.49 -36.76 45.46
C PHE SA 105 -9.39 -35.34 44.93
N ALA TA 1 9.44 55.01 -12.63
CA ALA TA 1 8.23 54.28 -12.28
C ALA TA 1 8.55 53.23 -11.21
N LYS TA 2 7.52 52.76 -10.52
CA LYS TA 2 7.70 51.64 -9.60
C LYS TA 2 8.06 50.39 -10.38
N ARG TA 3 9.08 49.68 -9.92
CA ARG TA 3 9.60 48.53 -10.65
C ARG TA 3 9.16 47.20 -10.05
N THR TA 4 9.00 47.13 -8.74
CA THR TA 4 8.61 45.90 -8.06
C THR TA 4 7.46 46.17 -7.12
N LYS TA 5 6.62 45.14 -6.92
CA LYS TA 5 5.44 45.28 -6.10
C LYS TA 5 5.77 45.20 -4.62
N LYS TA 6 6.48 44.16 -4.18
CA LYS TA 6 6.75 44.00 -2.76
C LYS TA 6 8.18 43.62 -2.41
N VAL TA 7 8.99 43.08 -3.32
CA VAL TA 7 10.31 42.61 -2.91
C VAL TA 7 11.23 43.78 -2.58
N GLY TA 8 11.19 44.84 -3.36
CA GLY TA 8 12.07 45.96 -3.10
C GLY TA 8 13.52 45.59 -3.32
N ILE TA 9 14.33 45.72 -2.27
CA ILE TA 9 15.77 45.55 -2.40
C ILE TA 9 16.17 44.09 -2.58
N VAL TA 10 15.34 43.14 -2.16
CA VAL TA 10 15.71 41.73 -2.22
C VAL TA 10 15.30 41.15 -3.57
N GLY TA 11 14.93 42.01 -4.51
CA GLY TA 11 14.72 41.56 -5.87
C GLY TA 11 15.98 41.04 -6.52
N LYS TA 12 17.15 41.45 -6.02
CA LYS TA 12 18.41 40.93 -6.51
C LYS TA 12 18.56 39.44 -6.25
N TYR TA 13 17.88 38.92 -5.24
CA TYR TA 13 17.99 37.51 -4.89
C TYR TA 13 17.16 36.61 -5.78
N GLY TA 14 16.34 37.17 -6.68
CA GLY TA 14 15.58 36.34 -7.59
C GLY TA 14 14.54 35.53 -6.85
N THR TA 15 14.26 34.35 -7.39
CA THR TA 15 13.28 33.46 -6.80
C THR TA 15 13.86 32.61 -5.68
N ARG TA 16 15.14 32.76 -5.38
CA ARG TA 16 15.82 31.83 -4.51
C ARG TA 16 15.53 32.10 -3.03
N TYR TA 17 15.88 31.13 -2.21
CA TYR TA 17 15.96 31.21 -0.74
C TYR TA 17 14.61 31.28 -0.06
N GLY TA 18 13.53 31.33 -0.81
CA GLY TA 18 12.24 31.30 -0.15
C GLY TA 18 11.72 32.67 0.20
N ALA TA 19 10.40 32.80 0.19
CA ALA TA 19 9.77 34.10 0.39
C ALA TA 19 10.01 34.64 1.79
N SER TA 20 9.84 33.80 2.81
CA SER TA 20 9.93 34.30 4.18
C SER TA 20 11.35 34.69 4.54
N LEU TA 21 12.34 33.93 4.07
CA LEU TA 21 13.73 34.30 4.34
C LEU TA 21 14.09 35.60 3.65
N ARG TA 22 13.62 35.81 2.42
CA ARG TA 22 13.87 37.08 1.74
C ARG TA 22 13.17 38.22 2.47
N LYS TA 23 11.94 38.00 2.94
CA LYS TA 23 11.22 39.04 3.66
C LYS TA 23 11.93 39.40 4.97
N MET TA 24 12.48 38.40 5.66
CA MET TA 24 13.23 38.66 6.89
C MET TA 24 14.51 39.43 6.60
N VAL TA 25 15.25 39.02 5.57
CA VAL TA 25 16.52 39.68 5.29
C VAL TA 25 16.30 41.07 4.69
N LYS TA 26 15.09 41.34 4.20
CA LYS TA 26 14.81 42.61 3.56
C LYS TA 26 15.08 43.78 4.49
N LYS TA 27 14.30 43.88 5.57
CA LYS TA 27 14.43 45.03 6.47
C LYS TA 27 15.82 45.13 7.06
N ILE TA 28 16.50 44.00 7.26
CA ILE TA 28 17.88 44.03 7.71
C ILE TA 28 18.77 44.69 6.67
N GLU TA 29 18.52 44.42 5.39
CA GLU TA 29 19.36 45.03 4.36
C GLU TA 29 19.07 46.52 4.19
N ILE TA 30 17.80 46.93 4.31
CA ILE TA 30 17.52 48.37 4.32
C ILE TA 30 18.22 49.03 5.51
N SER TA 31 18.13 48.44 6.69
CA SER TA 31 18.77 49.04 7.85
C SER TA 31 20.29 49.05 7.70
N GLN TA 32 20.84 48.02 7.08
CA GLN TA 32 22.28 47.91 6.93
C GLN TA 32 22.83 48.94 5.95
N HIS TA 33 22.21 49.06 4.79
CA HIS TA 33 22.73 49.92 3.74
C HIS TA 33 22.22 51.35 3.85
N ALA TA 34 21.48 51.68 4.90
CA ALA TA 34 20.96 53.02 5.06
C ALA TA 34 22.07 53.98 5.45
N LYS TA 35 21.76 55.26 5.30
CA LYS TA 35 22.61 56.35 5.77
C LYS TA 35 21.89 57.04 6.92
N TYR TA 36 22.46 56.95 8.10
CA TYR TA 36 21.89 57.59 9.27
C TYR TA 36 22.45 58.99 9.44
N THR TA 37 21.76 59.80 10.23
CA THR TA 37 22.29 61.09 10.60
C THR TA 37 23.38 60.92 11.64
N CYS TA 38 24.44 61.72 11.52
CA CYS TA 38 25.52 61.64 12.48
C CYS TA 38 25.25 62.61 13.62
N SER TA 39 25.22 62.09 14.84
CA SER TA 39 24.96 62.92 15.99
C SER TA 39 26.12 63.86 16.33
N PHE TA 40 27.29 63.65 15.74
CA PHE TA 40 28.44 64.49 16.03
C PHE TA 40 28.58 65.66 15.07
N CYS TA 41 28.05 65.54 13.85
CA CYS TA 41 28.18 66.60 12.87
C CYS TA 41 26.88 67.01 12.23
N GLY TA 42 25.81 66.24 12.36
CA GLY TA 42 24.54 66.59 11.78
C GLY TA 42 24.36 66.20 10.33
N LYS TA 43 25.38 65.63 9.69
CA LYS TA 43 25.27 65.23 8.30
C LYS TA 43 24.83 63.78 8.19
N THR TA 44 24.00 63.50 7.19
CA THR TA 44 23.46 62.17 6.98
C THR TA 44 24.46 61.34 6.17
N LYS TA 45 25.56 60.98 6.84
CA LYS TA 45 26.60 60.17 6.23
C LYS TA 45 27.13 59.13 7.20
N MET TA 46 26.31 58.68 8.14
CA MET TA 46 26.76 57.83 9.24
C MET TA 46 26.55 56.38 8.81
N LYS TA 47 27.38 55.95 7.87
CA LYS TA 47 27.18 54.66 7.21
C LYS TA 47 28.06 53.58 7.83
N ARG TA 48 27.83 52.34 7.39
CA ARG TA 48 28.52 51.19 7.95
C ARG TA 48 29.79 50.89 7.20
N ARG TA 49 30.84 50.57 7.94
CA ARG TA 49 32.11 50.11 7.37
C ARG TA 49 32.19 48.59 7.38
N ALA TA 50 32.08 47.98 8.56
CA ALA TA 50 32.01 46.54 8.69
C ALA TA 50 30.91 46.18 9.69
N VAL TA 51 30.80 44.91 10.04
CA VAL TA 51 29.75 44.50 10.97
C VAL TA 51 30.03 45.10 12.34
N GLY TA 52 29.09 45.89 12.84
CA GLY TA 52 29.25 46.55 14.11
C GLY TA 52 30.06 47.83 14.09
N ILE TA 53 30.57 48.24 12.94
CA ILE TA 53 31.42 49.42 12.83
C ILE TA 53 30.72 50.43 11.93
N TRP TA 54 30.48 51.62 12.47
CA TRP TA 54 29.81 52.67 11.74
C TRP TA 54 30.72 53.88 11.63
N HIS TA 55 30.84 54.43 10.43
CA HIS TA 55 31.75 55.51 10.14
C HIS TA 55 30.99 56.66 9.49
N CYS TA 56 31.37 57.89 9.85
CA CYS TA 56 30.81 59.08 9.23
C CYS TA 56 31.82 59.67 8.25
N GLY TA 57 31.39 59.93 7.03
CA GLY TA 57 32.29 60.38 5.99
C GLY TA 57 32.64 61.85 6.04
N SER TA 58 32.04 62.62 6.96
CA SER TA 58 32.33 64.04 7.07
C SER TA 58 33.32 64.34 8.20
N CYS TA 59 32.98 63.93 9.41
CA CYS TA 59 33.81 64.22 10.56
C CYS TA 59 34.80 63.11 10.89
N MET TA 60 34.86 62.06 10.06
CA MET TA 60 35.81 60.96 10.23
C MET TA 60 35.67 60.32 11.62
N LYS TA 61 34.44 60.19 12.08
CA LYS TA 61 34.16 59.62 13.39
C LYS TA 61 33.66 58.20 13.21
N THR TA 62 34.29 57.26 13.88
CA THR TA 62 33.92 55.85 13.83
C THR TA 62 33.25 55.47 15.15
N VAL TA 63 32.08 54.85 15.06
CA VAL TA 63 31.29 54.49 16.23
C VAL TA 63 30.99 53.00 16.19
N ALA TA 64 31.10 52.34 17.34
CA ALA TA 64 30.72 50.94 17.45
C ALA TA 64 29.22 50.85 17.70
N GLY TA 65 28.54 50.05 16.88
CA GLY TA 65 27.10 49.93 16.99
C GLY TA 65 26.60 48.54 16.69
N GLY TA 66 25.38 48.43 16.20
CA GLY TA 66 24.83 47.14 15.88
C GLY TA 66 25.36 46.58 14.59
N ALA TA 67 25.04 45.31 14.35
CA ALA TA 67 25.47 44.66 13.11
C ALA TA 67 24.80 45.30 11.91
N TRP TA 68 23.51 45.58 11.99
CA TRP TA 68 22.73 46.09 10.89
C TRP TA 68 22.19 47.49 11.16
N THR TA 69 21.66 47.71 12.36
CA THR TA 69 21.21 49.03 12.77
C THR TA 69 22.39 49.83 13.30
N TYR TA 70 22.22 51.16 13.31
CA TYR TA 70 23.24 52.01 13.92
C TYR TA 70 23.37 51.74 15.40
N ASN TA 71 22.25 51.60 16.09
CA ASN TA 71 22.25 51.28 17.51
C ASN TA 71 21.11 50.32 17.83
N THR TA 72 21.42 49.31 18.64
CA THR TA 72 20.44 48.32 19.03
C THR TA 72 19.62 48.85 20.21
N THR TA 73 18.32 48.53 20.21
CA THR TA 73 17.45 48.96 21.30
C THR TA 73 17.95 48.48 22.64
N SER TA 74 18.55 47.29 22.67
CA SER TA 74 19.20 46.79 23.87
C SER TA 74 20.22 47.79 24.38
N ALA TA 75 21.08 48.30 23.49
CA ALA TA 75 22.11 49.24 23.91
C ALA TA 75 21.54 50.56 24.38
N VAL TA 76 20.43 51.02 23.80
CA VAL TA 76 19.80 52.24 24.27
C VAL TA 76 19.29 52.07 25.68
N THR TA 77 18.62 50.95 25.95
CA THR TA 77 18.18 50.66 27.31
C THR TA 77 19.36 50.54 28.26
N VAL TA 78 20.46 49.95 27.78
CA VAL TA 78 21.65 49.81 28.62
C VAL TA 78 22.22 51.17 28.99
N LYS TA 79 22.33 52.07 28.01
CA LYS TA 79 22.86 53.40 28.28
C LYS TA 79 21.97 54.16 29.25
N SER TA 80 20.65 54.07 29.07
CA SER TA 80 19.74 54.74 29.99
C SER TA 80 19.85 54.16 31.40
N ALA TA 81 19.96 52.83 31.50
CA ALA TA 81 20.11 52.19 32.80
C ALA TA 81 21.40 52.61 33.48
N ILE TA 82 22.50 52.66 32.73
CA ILE TA 82 23.77 53.03 33.32
C ILE TA 82 23.76 54.49 33.76
N ARG TA 83 23.09 55.34 32.99
CA ARG TA 83 22.93 56.74 33.42
C ARG TA 83 22.15 56.82 34.72
N ARG TA 84 21.05 56.05 34.83
CA ARG TA 84 20.27 56.10 36.06
C ARG TA 84 21.05 55.57 37.26
N LEU TA 85 21.79 54.47 37.09
CA LEU TA 85 22.56 53.94 38.20
C LEU TA 85 23.74 54.85 38.56
N LYS TA 86 24.30 55.57 37.58
CA LYS TA 86 25.34 56.54 37.92
C LYS TA 86 24.77 57.67 38.75
N GLU TA 87 23.65 58.27 38.31
CA GLU TA 87 23.09 59.38 39.06
C GLU TA 87 22.45 58.91 40.36
N LEU TA 88 22.21 57.61 40.52
CA LEU TA 88 21.74 57.08 41.79
C LEU TA 88 22.89 56.76 42.74
N LYS TA 89 24.04 56.38 42.20
CA LYS TA 89 25.17 56.00 43.04
C LYS TA 89 25.72 57.20 43.81
N ASP TA 90 25.97 58.30 43.11
CA ASP TA 90 26.33 59.54 43.78
C ASP TA 90 25.08 60.37 44.05
N GLN TA 91 25.26 61.45 44.79
CA GLN TA 91 24.12 62.29 45.17
C GLN TA 91 24.48 63.77 45.15
N SER UA 1 98.26 -69.96 2.88
CA SER UA 1 98.06 -71.09 1.98
C SER UA 1 97.58 -70.63 0.61
N ALA UA 2 97.39 -71.60 -0.30
CA ALA UA 2 96.92 -71.26 -1.64
C ALA UA 2 95.48 -70.80 -1.61
N HIS UA 3 94.63 -71.49 -0.84
CA HIS UA 3 93.21 -71.14 -0.80
C HIS UA 3 93.00 -69.77 -0.16
N LEU UA 4 93.74 -69.49 0.92
CA LEU UA 4 93.58 -68.21 1.60
C LEU UA 4 94.00 -67.06 0.71
N GLN UA 5 95.19 -67.16 0.10
CA GLN UA 5 95.64 -66.13 -0.81
C GLN UA 5 94.71 -66.00 -2.01
N TRP UA 6 94.14 -67.12 -2.46
CA TRP UA 6 93.18 -67.04 -3.56
C TRP UA 6 91.97 -66.22 -3.15
N MET UA 7 91.45 -66.46 -1.96
CA MET UA 7 90.32 -65.66 -1.48
C MET UA 7 90.71 -64.20 -1.34
N VAL UA 8 91.99 -63.93 -1.08
CA VAL UA 8 92.44 -62.54 -1.05
C VAL UA 8 92.41 -61.92 -2.44
N VAL UA 9 92.93 -62.62 -3.45
CA VAL UA 9 93.22 -62.01 -4.73
C VAL UA 9 92.29 -62.50 -5.84
N ARG UA 10 91.22 -63.22 -5.52
CA ARG UA 10 90.33 -63.70 -6.56
C ARG UA 10 89.62 -62.58 -7.29
N ASN UA 11 89.52 -61.40 -6.68
CA ASN UA 11 88.84 -60.27 -7.29
C ASN UA 11 89.62 -58.97 -7.22
N CYS UA 12 90.64 -58.87 -6.37
CA CYS UA 12 91.45 -57.66 -6.24
C CYS UA 12 92.90 -58.03 -6.50
N SER UA 13 93.38 -57.71 -7.70
CA SER UA 13 94.76 -58.02 -8.06
C SER UA 13 95.16 -57.12 -9.22
N SER UA 14 96.44 -56.75 -9.24
CA SER UA 14 96.94 -55.92 -10.32
C SER UA 14 97.05 -56.67 -11.64
N PHE UA 15 97.13 -57.99 -11.61
CA PHE UA 15 97.18 -58.78 -12.82
C PHE UA 15 95.80 -59.11 -13.39
N LEU UA 16 94.74 -58.67 -12.73
CA LEU UA 16 93.39 -59.01 -13.13
C LEU UA 16 92.89 -58.03 -14.18
N ILE UA 17 92.35 -58.55 -15.28
CA ILE UA 17 91.77 -57.75 -16.35
C ILE UA 17 90.34 -58.22 -16.56
N LYS UA 18 89.38 -57.32 -16.35
CA LYS UA 18 87.96 -57.62 -16.49
C LYS UA 18 87.41 -56.74 -17.61
N ARG UA 19 87.27 -57.32 -18.80
CA ARG UA 19 86.84 -56.56 -19.96
C ARG UA 19 86.02 -57.44 -20.89
N ASN UA 20 85.02 -56.82 -21.51
CA ASN UA 20 84.23 -57.46 -22.57
C ASN UA 20 83.62 -58.78 -22.12
N LYS UA 21 83.06 -58.77 -20.90
CA LYS UA 21 82.46 -59.96 -20.29
C LYS UA 21 83.45 -61.12 -20.17
N GLN UA 22 84.73 -60.80 -20.06
CA GLN UA 22 85.79 -61.78 -19.95
C GLN UA 22 86.70 -61.40 -18.80
N THR UA 23 87.46 -62.37 -18.31
CA THR UA 23 88.43 -62.11 -17.27
C THR UA 23 89.75 -62.78 -17.64
N TYR UA 24 90.84 -62.08 -17.37
CA TYR UA 24 92.18 -62.56 -17.69
C TYR UA 24 93.12 -62.23 -16.54
N SER UA 25 94.21 -62.98 -16.47
CA SER UA 25 95.22 -62.78 -15.45
C SER UA 25 96.58 -62.73 -16.13
N THR UA 26 97.43 -61.80 -15.68
CA THR UA 26 98.68 -61.50 -16.38
C THR UA 26 99.92 -61.75 -15.52
N GLU UA 27 99.82 -62.55 -14.46
CA GLU UA 27 101.00 -62.89 -13.70
C GLU UA 27 101.88 -63.84 -14.52
N PRO UA 28 103.19 -63.87 -14.23
CA PRO UA 28 104.12 -64.56 -15.15
C PRO UA 28 103.84 -66.05 -15.36
N ASN UA 29 103.40 -66.78 -14.36
CA ASN UA 29 103.32 -68.23 -14.43
C ASN UA 29 101.89 -68.73 -14.64
N ASN UA 30 101.10 -68.00 -15.41
CA ASN UA 30 99.71 -68.34 -15.64
C ASN UA 30 99.56 -68.89 -17.05
N LEU UA 31 99.55 -70.21 -17.18
CA LEU UA 31 99.15 -70.83 -18.44
C LEU UA 31 97.67 -70.55 -18.67
N LYS UA 32 97.32 -70.31 -19.93
CA LYS UA 32 95.97 -69.94 -20.38
C LYS UA 32 95.61 -68.52 -19.95
N ALA UA 33 96.46 -67.90 -19.13
CA ALA UA 33 96.34 -66.49 -18.74
C ALA UA 33 94.97 -66.17 -18.13
N ARG UA 34 94.33 -67.17 -17.53
CA ARG UA 34 93.00 -66.96 -16.98
C ARG UA 34 93.07 -66.77 -15.47
N ASN UA 35 92.08 -66.08 -14.95
CA ASN UA 35 91.96 -65.87 -13.51
C ASN UA 35 91.25 -67.07 -12.92
N SER UA 36 92.03 -68.06 -12.48
CA SER UA 36 91.44 -69.24 -11.87
C SER UA 36 92.39 -69.76 -10.82
N PHE UA 37 91.83 -70.45 -9.82
CA PHE UA 37 92.63 -70.99 -8.73
C PHE UA 37 93.63 -72.02 -9.24
N ARG UA 38 93.20 -72.85 -10.18
CA ARG UA 38 94.07 -73.90 -10.69
C ARG UA 38 95.24 -73.31 -11.49
N TYR UA 39 94.96 -72.29 -12.30
CA TYR UA 39 95.96 -71.73 -13.21
C TYR UA 39 96.67 -70.51 -12.66
N ASN UA 40 96.36 -70.07 -11.45
CA ASN UA 40 97.03 -68.92 -10.88
C ASN UA 40 98.50 -69.25 -10.63
N GLY UA 41 99.38 -68.35 -11.00
CA GLY UA 41 100.80 -68.63 -10.96
C GLY UA 41 101.55 -68.04 -9.78
N LEU UA 42 100.84 -67.67 -8.72
CA LEU UA 42 101.49 -67.03 -7.60
C LEU UA 42 101.18 -67.72 -6.28
N ILE UA 43 99.94 -68.21 -6.15
CA ILE UA 43 99.48 -68.71 -4.87
C ILE UA 43 99.84 -70.15 -4.61
N HIS UA 44 100.29 -70.89 -5.61
CA HIS UA 44 100.53 -72.32 -5.45
C HIS UA 44 101.98 -72.59 -5.07
N ARG UA 45 102.16 -73.60 -4.22
CA ARG UA 45 103.49 -73.93 -3.72
C ARG UA 45 104.38 -74.45 -4.83
N LYS UA 46 103.80 -75.01 -5.88
CA LYS UA 46 104.54 -75.40 -7.07
C LYS UA 46 103.75 -75.04 -8.30
N THR UA 47 104.39 -74.38 -9.26
CA THR UA 47 103.77 -73.97 -10.51
C THR UA 47 104.76 -74.19 -11.64
N VAL UA 48 104.23 -74.19 -12.87
CA VAL UA 48 105.05 -74.23 -14.07
C VAL UA 48 104.71 -73.03 -14.94
N GLY UA 49 105.63 -72.66 -15.80
CA GLY UA 49 105.40 -71.55 -16.70
C GLY UA 49 106.24 -71.67 -17.95
N VAL UA 50 105.61 -71.50 -19.12
CA VAL UA 50 106.28 -71.64 -20.41
C VAL UA 50 106.30 -70.27 -21.06
N GLU UA 51 107.48 -69.72 -21.27
CA GLU UA 51 107.70 -68.43 -21.88
C GLU UA 51 108.64 -68.57 -23.06
N PRO UA 52 108.57 -67.67 -24.04
CA PRO UA 52 109.56 -67.70 -25.12
C PRO UA 52 110.94 -67.36 -24.60
N ALA UA 53 111.96 -67.89 -25.27
CA ALA UA 53 113.33 -67.61 -24.87
C ALA UA 53 113.66 -66.15 -25.14
N ALA UA 54 114.79 -65.70 -24.56
CA ALA UA 54 115.21 -64.32 -24.76
C ALA UA 54 115.45 -64.03 -26.23
N ASP UA 55 116.19 -64.90 -26.90
CA ASP UA 55 116.25 -64.88 -28.35
C ASP UA 55 115.00 -65.50 -28.95
N GLY UA 56 114.67 -65.10 -30.17
CA GLY UA 56 113.44 -65.54 -30.78
C GLY UA 56 113.45 -66.97 -31.28
N LYS UA 57 113.78 -67.91 -30.39
CA LYS UA 57 113.78 -69.33 -30.73
C LYS UA 57 113.84 -70.15 -29.46
N GLY UA 58 113.01 -71.19 -29.39
CA GLY UA 58 112.94 -72.04 -28.22
C GLY UA 58 112.06 -71.44 -27.13
N VAL UA 59 111.78 -72.26 -26.12
CA VAL UA 59 110.98 -71.85 -24.98
C VAL UA 59 111.80 -72.01 -23.72
N VAL UA 60 111.38 -71.34 -22.66
CA VAL UA 60 111.95 -71.52 -21.33
C VAL UA 60 110.85 -72.01 -20.42
N VAL UA 61 111.13 -73.08 -19.68
CA VAL UA 61 110.17 -73.69 -18.77
C VAL UA 61 110.60 -73.38 -17.36
N VAL UA 62 109.81 -72.58 -16.65
CA VAL UA 62 110.12 -72.18 -15.28
C VAL UA 62 109.27 -72.99 -14.33
N ILE UA 63 109.90 -73.49 -13.27
CA ILE UA 63 109.21 -74.27 -12.24
C ILE UA 63 109.60 -73.69 -10.89
N LYS UA 64 108.78 -73.97 -9.89
CA LYS UA 64 108.96 -73.43 -8.55
C LYS UA 64 109.52 -74.51 -7.64
N ARG UA 65 110.62 -74.17 -6.95
CA ARG UA 65 111.21 -75.07 -5.99
C ARG UA 65 110.44 -75.05 -4.67
N ARG UA 66 110.54 -76.15 -3.93
CA ARG UA 66 109.76 -76.27 -2.69
C ARG UA 66 110.35 -75.47 -1.54
N SER UA 67 111.65 -75.20 -1.57
CA SER UA 67 112.35 -74.75 -0.37
C SER UA 67 112.11 -73.26 -0.10
N GLY UA 68 112.52 -72.40 -1.03
CA GLY UA 68 112.42 -70.97 -0.80
C GLY UA 68 111.08 -70.39 -1.21
N GLN UA 69 110.04 -70.66 -0.43
CA GLN UA 69 108.73 -70.10 -0.77
C GLN UA 69 108.68 -68.60 -0.53
N ARG UA 70 109.31 -68.14 0.54
CA ARG UA 70 109.36 -66.73 0.88
C ARG UA 70 110.58 -66.03 0.28
N LYS UA 71 111.25 -66.68 -0.67
CA LYS UA 71 112.54 -66.22 -1.20
C LYS UA 71 112.41 -66.06 -2.70
N PRO UA 72 111.74 -65.02 -3.16
CA PRO UA 72 111.41 -64.93 -4.60
C PRO UA 72 112.62 -64.84 -5.51
N ALA UA 73 113.79 -64.48 -4.99
CA ALA UA 73 114.97 -64.37 -5.83
C ALA UA 73 115.39 -65.73 -6.38
N THR UA 74 115.33 -66.77 -5.56
CA THR UA 74 115.78 -68.10 -5.95
C THR UA 74 114.65 -69.12 -5.95
N SER UA 75 113.40 -68.67 -5.92
CA SER UA 75 112.29 -69.59 -5.82
C SER UA 75 111.95 -70.26 -7.14
N TYR UA 76 112.42 -69.73 -8.26
CA TYR UA 76 112.05 -70.21 -9.58
C TYR UA 76 113.28 -70.69 -10.31
N VAL UA 77 113.18 -71.86 -10.94
CA VAL UA 77 114.26 -72.45 -11.72
C VAL UA 77 113.82 -72.49 -13.17
N ARG UA 78 114.61 -71.86 -14.04
CA ARG UA 78 114.29 -71.73 -15.45
C ARG UA 78 115.27 -72.55 -16.27
N THR UA 79 114.74 -73.38 -17.17
CA THR UA 79 115.54 -74.12 -18.13
C THR UA 79 115.09 -73.75 -19.54
N THR UA 80 116.06 -73.50 -20.41
CA THR UA 80 115.78 -73.11 -21.78
C THR UA 80 115.72 -74.35 -22.66
N ILE UA 81 114.66 -74.47 -23.44
CA ILE UA 81 114.44 -75.62 -24.31
C ILE UA 81 114.51 -75.12 -25.73
N ASN UA 82 115.50 -75.57 -26.50
CA ASN UA 82 115.69 -75.09 -27.86
C ASN UA 82 115.90 -76.25 -28.81
N LYS UA 83 115.02 -77.24 -28.73
CA LYS UA 83 115.04 -78.41 -29.60
C LYS UA 83 113.90 -78.33 -30.60
N ASN UA 84 113.77 -79.37 -31.41
CA ASN UA 84 112.68 -79.45 -32.37
C ASN UA 84 111.35 -79.59 -31.62
N ALA UA 85 110.26 -79.41 -32.37
CA ALA UA 85 108.94 -79.30 -31.75
C ALA UA 85 108.58 -80.56 -30.98
N ARG UA 86 108.68 -81.72 -31.62
CA ARG UA 86 108.28 -82.96 -30.97
C ARG UA 86 109.15 -83.25 -29.75
N ALA UA 87 110.46 -83.05 -29.87
CA ALA UA 87 111.35 -83.29 -28.74
C ALA UA 87 111.11 -82.29 -27.62
N THR UA 88 110.86 -81.03 -27.96
CA THR UA 88 110.55 -80.02 -26.94
C THR UA 88 109.30 -80.38 -26.16
N LEU UA 89 108.23 -80.73 -26.87
CA LEU UA 89 106.99 -81.07 -26.20
C LEU UA 89 107.15 -82.35 -25.38
N SER UA 90 107.94 -83.30 -25.87
CA SER UA 90 108.20 -84.51 -25.09
C SER UA 90 108.98 -84.20 -23.82
N SER UA 91 109.93 -83.28 -23.91
CA SER UA 91 110.68 -82.89 -22.72
C SER UA 91 109.79 -82.22 -21.69
N ILE UA 92 108.90 -81.34 -22.13
CA ILE UA 92 107.96 -80.71 -21.20
C ILE UA 92 107.05 -81.75 -20.58
N ARG UA 93 106.57 -82.69 -21.39
CA ARG UA 93 105.71 -83.75 -20.89
C ARG UA 93 106.42 -84.58 -19.84
N HIS UA 94 107.69 -84.90 -20.06
CA HIS UA 94 108.45 -85.64 -19.07
C HIS UA 94 108.64 -84.84 -17.80
N MET UA 95 108.96 -83.54 -17.94
CA MET UA 95 109.15 -82.68 -16.77
C MET UA 95 107.91 -82.64 -15.89
N ILE UA 96 106.73 -82.63 -16.51
CA ILE UA 96 105.51 -82.50 -15.73
C ILE UA 96 104.99 -83.85 -15.25
N ARG UA 97 105.00 -84.87 -16.11
CA ARG UA 97 104.38 -86.14 -15.77
C ARG UA 97 105.31 -87.03 -14.95
N LYS UA 98 106.57 -87.15 -15.37
CA LYS UA 98 107.48 -88.07 -14.70
C LYS UA 98 107.78 -87.62 -13.28
N ASN UA 99 107.88 -86.31 -13.07
CA ASN UA 99 108.12 -85.79 -11.73
C ASN UA 99 106.85 -85.69 -10.90
N LYS UA 100 105.68 -85.95 -11.51
CA LYS UA 100 104.38 -85.69 -10.88
C LYS UA 100 104.29 -84.26 -10.38
N TYR UA 101 104.92 -83.34 -11.11
CA TYR UA 101 104.95 -81.93 -10.74
C TYR UA 101 103.75 -81.27 -11.40
N ARG UA 102 102.64 -81.23 -10.67
CA ARG UA 102 101.40 -80.65 -11.13
C ARG UA 102 100.92 -81.28 -12.42
N PRO UA 103 100.46 -82.54 -12.39
CA PRO UA 103 99.96 -83.18 -13.61
C PRO UA 103 98.70 -82.55 -14.17
N ASP UA 104 98.03 -81.68 -13.40
CA ASP UA 104 96.85 -80.99 -13.91
C ASP UA 104 97.21 -79.83 -14.84
N LEU UA 105 98.49 -79.53 -15.01
CA LEU UA 105 98.92 -78.48 -15.93
C LEU UA 105 99.67 -79.02 -17.12
N ARG UA 106 99.49 -80.30 -17.45
CA ARG UA 106 100.30 -80.91 -18.49
C ARG UA 106 99.90 -80.44 -19.87
N MET UA 107 98.64 -80.69 -20.27
CA MET UA 107 98.18 -80.25 -21.59
C MET UA 107 98.16 -78.74 -21.72
N ALA UA 108 97.97 -78.01 -20.62
CA ALA UA 108 98.06 -76.55 -20.71
C ALA UA 108 99.45 -76.13 -21.15
N ALA UA 109 100.48 -76.70 -20.55
CA ALA UA 109 101.84 -76.35 -20.93
C ALA UA 109 102.18 -76.86 -22.32
N ILE UA 110 101.68 -78.04 -22.68
CA ILE UA 110 101.91 -78.58 -24.03
C ILE UA 110 101.33 -77.65 -25.08
N ARG UA 111 100.09 -77.21 -24.86
CA ARG UA 111 99.43 -76.33 -25.82
C ARG UA 111 100.13 -74.97 -25.89
N ARG UA 112 100.53 -74.44 -24.74
CA ARG UA 112 101.21 -73.15 -24.75
C ARG UA 112 102.55 -73.23 -25.44
N ALA UA 113 103.31 -74.31 -25.20
CA ALA UA 113 104.57 -74.49 -25.89
C ALA UA 113 104.37 -74.60 -27.38
N SER UA 114 103.34 -75.33 -27.81
CA SER UA 114 103.06 -75.44 -29.23
C SER UA 114 102.73 -74.08 -29.84
N ALA UA 115 101.92 -73.29 -29.13
CA ALA UA 115 101.58 -71.96 -29.63
C ALA UA 115 102.80 -71.07 -29.75
N ILE UA 116 103.69 -71.12 -28.75
CA ILE UA 116 104.91 -70.31 -28.81
C ILE UA 116 105.80 -70.76 -29.96
N LEU UA 117 105.96 -72.07 -30.15
CA LEU UA 117 106.81 -72.57 -31.22
C LEU UA 117 106.27 -72.18 -32.58
N ARG UA 118 104.95 -72.19 -32.76
CA ARG UA 118 104.42 -71.73 -34.04
C ARG UA 118 104.52 -70.22 -34.19
N SER UA 119 104.51 -69.48 -33.08
CA SER UA 119 104.73 -68.04 -33.20
C SER UA 119 106.17 -67.71 -33.53
N GLN UA 120 107.12 -68.59 -33.21
CA GLN UA 120 108.52 -68.27 -33.39
C GLN UA 120 108.96 -68.32 -34.85
N LYS UA 121 108.49 -69.30 -35.61
CA LYS UA 121 108.94 -69.46 -36.99
C LYS UA 121 108.36 -68.36 -37.89
N PRO UA 122 109.04 -68.05 -39.00
CA PRO UA 122 108.60 -66.95 -39.85
C PRO UA 122 107.24 -67.21 -40.47
N VAL UA 123 106.50 -66.12 -40.68
CA VAL UA 123 105.18 -66.22 -41.27
C VAL UA 123 105.30 -66.58 -42.75
N MET UA 124 104.20 -67.10 -43.30
CA MET UA 124 104.16 -67.43 -44.71
C MET UA 124 104.01 -66.16 -45.55
N VAL UA 125 104.27 -66.30 -46.84
CA VAL UA 125 104.18 -65.17 -47.75
C VAL UA 125 102.91 -65.27 -48.59
N ASP VA 1 -33.38 -82.54 -31.97
CA ASP VA 1 -34.72 -82.01 -32.24
C ASP VA 1 -35.09 -82.19 -33.70
N ARG VA 2 -34.12 -81.98 -34.59
CA ARG VA 2 -34.38 -82.09 -36.01
C ARG VA 2 -34.60 -83.54 -36.43
N ALA VA 3 -33.74 -84.45 -35.97
CA ALA VA 3 -33.87 -85.86 -36.35
C ALA VA 3 -35.18 -86.44 -35.83
N THR VA 4 -35.59 -86.04 -34.63
CA THR VA 4 -36.88 -86.48 -34.10
C THR VA 4 -38.02 -85.98 -34.97
N TRP VA 5 -37.93 -84.73 -35.43
CA TRP VA 5 -38.92 -84.18 -36.35
C TRP VA 5 -38.96 -84.99 -37.65
N LYS VA 6 -37.79 -85.33 -38.18
CA LYS VA 6 -37.73 -86.08 -39.44
C LYS VA 6 -38.33 -87.47 -39.29
N SER VA 7 -38.03 -88.15 -38.18
CA SER VA 7 -38.59 -89.48 -37.95
C SER VA 7 -40.10 -89.41 -37.76
N ASN VA 8 -40.59 -88.41 -37.00
CA ASN VA 8 -42.03 -88.25 -36.84
C ASN VA 8 -42.70 -87.96 -38.18
N TYR VA 9 -42.05 -87.15 -39.02
CA TYR VA 9 -42.58 -86.85 -40.35
C TYR VA 9 -42.64 -88.11 -41.20
N PHE VA 10 -41.59 -88.94 -41.15
CA PHE VA 10 -41.60 -90.20 -41.92
C PHE VA 10 -42.74 -91.10 -41.45
N LEU VA 11 -42.91 -91.23 -40.13
CA LEU VA 11 -43.99 -92.07 -39.61
C LEU VA 11 -45.35 -91.53 -40.04
N LYS VA 12 -45.53 -90.22 -39.96
CA LYS VA 12 -46.78 -89.59 -40.41
C LYS VA 12 -47.03 -89.88 -41.87
N ILE VA 13 -46.01 -89.75 -42.72
CA ILE VA 13 -46.23 -89.91 -44.15
C ILE VA 13 -46.52 -91.36 -44.49
N ILE VA 14 -45.82 -92.31 -43.87
CA ILE VA 14 -46.08 -93.71 -44.19
C ILE VA 14 -47.48 -94.12 -43.72
N GLN VA 15 -47.88 -93.70 -42.52
CA GLN VA 15 -49.23 -94.06 -42.06
C GLN VA 15 -50.30 -93.34 -42.87
N LEU VA 16 -50.02 -92.12 -43.34
CA LEU VA 16 -51.02 -91.37 -44.10
C LEU VA 16 -51.13 -91.87 -45.53
N LEU VA 17 -50.04 -92.36 -46.11
CA LEU VA 17 -50.11 -92.93 -47.45
C LEU VA 17 -50.73 -94.32 -47.43
N ASP VA 18 -50.45 -95.11 -46.39
CA ASP VA 18 -51.11 -96.40 -46.25
C ASP VA 18 -52.59 -96.23 -45.92
N ASP VA 19 -52.94 -95.17 -45.18
CA ASP VA 19 -54.34 -94.89 -44.89
C ASP VA 19 -55.10 -94.55 -46.16
N TYR VA 20 -54.53 -93.70 -47.01
CA TYR VA 20 -55.22 -93.18 -48.19
C TYR VA 20 -54.50 -93.60 -49.45
N PRO VA 21 -54.87 -94.73 -50.07
CA PRO VA 21 -54.29 -95.08 -51.36
C PRO VA 21 -54.62 -94.10 -52.48
N LYS VA 22 -55.69 -93.32 -52.34
CA LYS VA 22 -56.07 -92.32 -53.33
C LYS VA 22 -55.37 -91.01 -53.01
N CYS VA 23 -54.56 -90.53 -53.94
CA CYS VA 23 -53.73 -89.35 -53.72
C CYS VA 23 -53.50 -88.64 -55.03
N PHE VA 24 -53.52 -87.31 -54.98
CA PHE VA 24 -53.19 -86.46 -56.12
C PHE VA 24 -51.98 -85.62 -55.72
N ILE VA 25 -51.06 -85.39 -56.66
CA ILE VA 25 -49.91 -84.55 -56.39
C ILE VA 25 -50.17 -83.17 -57.01
N VAL VA 26 -49.85 -82.12 -56.25
CA VAL VA 26 -50.22 -80.76 -56.60
C VAL VA 26 -48.97 -79.89 -56.64
N GLY VA 27 -48.87 -79.04 -57.66
CA GLY VA 27 -47.77 -78.11 -57.73
C GLY VA 27 -47.99 -76.89 -56.84
N ALA VA 28 -46.90 -76.44 -56.22
CA ALA VA 28 -46.95 -75.30 -55.29
C ALA VA 28 -46.18 -74.15 -55.90
N ASP VA 29 -46.90 -73.12 -56.33
CA ASP VA 29 -46.33 -71.89 -56.83
C ASP VA 29 -46.19 -70.91 -55.66
N ASN VA 30 -45.99 -69.62 -55.95
CA ASN VA 30 -45.95 -68.62 -54.90
C ASN VA 30 -47.36 -68.44 -54.32
N VAL VA 31 -47.67 -69.22 -53.29
CA VAL VA 31 -48.94 -69.15 -52.60
C VAL VA 31 -48.69 -68.69 -51.17
N GLY VA 32 -49.53 -67.76 -50.69
CA GLY VA 32 -49.33 -67.20 -49.37
C GLY VA 32 -49.68 -68.16 -48.26
N SER VA 33 -49.16 -67.86 -47.06
CA SER VA 33 -49.45 -68.70 -45.90
C SER VA 33 -50.92 -68.60 -45.51
N LYS VA 34 -51.51 -67.41 -45.67
CA LYS VA 34 -52.95 -67.29 -45.48
C LYS VA 34 -53.70 -68.13 -46.51
N GLN VA 35 -53.18 -68.20 -47.74
CA GLN VA 35 -53.83 -69.00 -48.77
C GLN VA 35 -53.79 -70.48 -48.44
N MET VA 36 -52.65 -70.98 -47.92
CA MET VA 36 -52.59 -72.38 -47.57
C MET VA 36 -53.41 -72.67 -46.31
N GLN VA 37 -53.53 -71.70 -45.39
CA GLN VA 37 -54.45 -71.88 -44.28
C GLN VA 37 -55.88 -71.97 -44.77
N GLN VA 38 -56.24 -71.17 -45.77
CA GLN VA 38 -57.57 -71.25 -46.35
C GLN VA 38 -57.81 -72.62 -46.98
N ILE VA 39 -56.80 -73.14 -47.70
CA ILE VA 39 -56.92 -74.46 -48.30
C ILE VA 39 -57.08 -75.52 -47.22
N ARG VA 40 -56.32 -75.41 -46.14
CA ARG VA 40 -56.41 -76.38 -45.05
C ARG VA 40 -57.80 -76.33 -44.40
N MET VA 41 -58.32 -75.12 -44.15
CA MET VA 41 -59.62 -74.99 -43.52
C MET VA 41 -60.74 -75.50 -44.42
N SER VA 42 -60.66 -75.21 -45.73
CA SER VA 42 -61.71 -75.64 -46.64
C SER VA 42 -61.55 -77.08 -47.11
N LEU VA 43 -60.44 -77.73 -46.78
CA LEU VA 43 -60.20 -79.10 -47.21
C LEU VA 43 -60.28 -80.12 -46.08
N ARG VA 44 -59.98 -79.72 -44.84
CA ARG VA 44 -59.91 -80.65 -43.71
C ARG VA 44 -61.25 -81.29 -43.39
N GLY VA 45 -62.37 -80.74 -43.86
CA GLY VA 45 -63.66 -81.33 -43.59
C GLY VA 45 -63.85 -82.70 -44.21
N LYS VA 46 -63.13 -83.00 -45.29
CA LYS VA 46 -63.22 -84.32 -45.91
C LYS VA 46 -61.88 -84.93 -46.29
N ALA VA 47 -60.81 -84.16 -46.45
CA ALA VA 47 -59.54 -84.70 -46.93
C ALA VA 47 -58.39 -83.91 -46.30
N VAL VA 48 -57.18 -84.25 -46.71
CA VAL VA 48 -55.97 -83.63 -46.17
C VAL VA 48 -54.95 -83.48 -47.28
N VAL VA 49 -54.18 -82.38 -47.21
CA VAL VA 49 -53.18 -82.06 -48.21
C VAL VA 49 -51.81 -82.00 -47.53
N LEU VA 50 -50.77 -82.34 -48.29
CA LEU VA 50 -49.41 -82.47 -47.78
C LEU VA 50 -48.45 -81.65 -48.63
N MET VA 51 -47.46 -81.04 -47.99
CA MET VA 51 -46.44 -80.26 -48.70
C MET VA 51 -45.22 -80.13 -47.81
N GLY VA 52 -44.03 -80.27 -48.39
CA GLY VA 52 -42.82 -80.23 -47.60
C GLY VA 52 -41.54 -80.43 -48.39
N LYS VA 53 -40.61 -81.22 -47.85
CA LYS VA 53 -39.30 -81.42 -48.45
C LYS VA 53 -39.34 -82.57 -49.44
N ASN VA 54 -38.97 -82.29 -50.70
CA ASN VA 54 -39.06 -83.30 -51.75
C ASN VA 54 -38.11 -84.45 -51.51
N THR VA 55 -36.93 -84.19 -50.95
CA THR VA 55 -36.01 -85.27 -50.62
C THR VA 55 -36.62 -86.20 -49.58
N MET VA 56 -37.27 -85.62 -48.56
CA MET VA 56 -37.98 -86.44 -47.57
C MET VA 56 -39.12 -87.21 -48.20
N MET VA 57 -39.84 -86.57 -49.13
CA MET VA 57 -40.92 -87.24 -49.87
C MET VA 57 -40.38 -88.46 -50.61
N ARG VA 58 -39.26 -88.29 -51.31
CA ARG VA 58 -38.66 -89.38 -52.07
C ARG VA 58 -38.20 -90.49 -51.15
N LYS VA 59 -37.60 -90.15 -50.01
CA LYS VA 59 -37.16 -91.17 -49.07
C LYS VA 59 -38.34 -91.93 -48.48
N ALA VA 60 -39.43 -91.22 -48.14
CA ALA VA 60 -40.59 -91.88 -47.57
C ALA VA 60 -41.23 -92.83 -48.58
N ILE VA 61 -41.31 -92.42 -49.84
CA ILE VA 61 -41.97 -93.27 -50.84
C ILE VA 61 -41.02 -94.26 -51.51
N ARG VA 62 -39.72 -94.20 -51.23
CA ARG VA 62 -38.78 -95.19 -51.76
C ARG VA 62 -38.34 -96.20 -50.72
N GLY VA 63 -37.84 -95.74 -49.58
CA GLY VA 63 -37.27 -96.65 -48.60
C GLY VA 63 -38.27 -97.65 -48.04
N HIS VA 64 -39.54 -97.27 -47.98
CA HIS VA 64 -40.58 -98.13 -47.43
C HIS VA 64 -41.58 -98.53 -48.52
N LEU VA 65 -41.07 -98.86 -49.70
CA LEU VA 65 -41.90 -99.38 -50.78
C LEU VA 65 -42.25 -100.85 -50.60
N GLU VA 66 -41.50 -101.57 -49.76
CA GLU VA 66 -41.71 -103.02 -49.64
C GLU VA 66 -43.05 -103.36 -49.02
N ASN VA 67 -43.70 -102.41 -48.34
CA ASN VA 67 -45.05 -102.68 -47.84
C ASN VA 67 -46.10 -102.57 -48.95
N ASN VA 68 -45.82 -101.81 -50.01
CA ASN VA 68 -46.75 -101.71 -51.13
C ASN VA 68 -46.00 -101.42 -52.44
N PRO VA 69 -45.99 -102.38 -53.38
CA PRO VA 69 -45.36 -102.11 -54.68
C PRO VA 69 -46.24 -101.24 -55.57
N ALA VA 70 -45.82 -101.07 -56.83
CA ALA VA 70 -46.46 -100.17 -57.79
C ALA VA 70 -46.48 -98.74 -57.25
N LEU VA 71 -45.34 -98.30 -56.74
CA LEU VA 71 -45.21 -96.97 -56.16
C LEU VA 71 -43.96 -96.23 -56.61
N GLU VA 72 -42.99 -96.92 -57.24
CA GLU VA 72 -41.70 -96.32 -57.56
C GLU VA 72 -41.77 -95.38 -58.75
N LYS VA 73 -42.82 -95.44 -59.57
CA LYS VA 73 -42.85 -94.59 -60.76
C LYS VA 73 -43.14 -93.13 -60.43
N LEU VA 74 -43.54 -92.82 -59.20
CA LEU VA 74 -43.62 -91.42 -58.77
C LEU VA 74 -42.24 -90.85 -58.48
N LEU VA 75 -41.28 -91.70 -58.11
CA LEU VA 75 -39.92 -91.26 -57.77
C LEU VA 75 -39.26 -90.41 -58.84
N PRO VA 76 -39.32 -90.72 -60.14
CA PRO VA 76 -38.77 -89.81 -61.15
C PRO VA 76 -39.71 -88.68 -61.55
N HIS VA 77 -40.77 -88.44 -60.80
CA HIS VA 77 -41.76 -87.43 -61.17
C HIS VA 77 -42.05 -86.41 -60.08
N ILE VA 78 -41.65 -86.66 -58.83
CA ILE VA 78 -41.85 -85.69 -57.75
C ILE VA 78 -40.67 -84.73 -57.72
N ARG VA 79 -40.77 -83.65 -58.49
CA ARG VA 79 -39.72 -82.64 -58.53
C ARG VA 79 -40.33 -81.25 -58.45
N GLY VA 80 -39.54 -80.30 -57.99
CA GLY VA 80 -40.02 -78.95 -57.80
C GLY VA 80 -40.85 -78.81 -56.54
N ASN VA 81 -41.30 -77.59 -56.28
CA ASN VA 81 -42.13 -77.35 -55.11
C ASN VA 81 -43.52 -77.95 -55.34
N VAL VA 82 -43.68 -79.21 -54.93
CA VAL VA 82 -44.94 -79.92 -55.08
C VAL VA 82 -45.30 -80.56 -53.75
N GLY VA 83 -46.43 -81.26 -53.75
CA GLY VA 83 -46.88 -81.97 -52.56
C GLY VA 83 -48.08 -82.82 -52.90
N PHE VA 84 -48.38 -83.74 -51.99
CA PHE VA 84 -49.53 -84.64 -52.16
C PHE VA 84 -50.78 -84.03 -51.54
N VAL VA 85 -51.93 -84.48 -52.03
CA VAL VA 85 -53.20 -84.31 -51.33
C VAL VA 85 -53.86 -85.68 -51.23
N PHE VA 86 -54.29 -86.03 -50.02
CA PHE VA 86 -54.86 -87.35 -49.73
C PHE VA 86 -56.36 -87.20 -49.63
N THR VA 87 -57.08 -87.71 -50.63
CA THR VA 87 -58.52 -87.56 -50.72
C THR VA 87 -59.17 -88.92 -50.88
N LYS VA 88 -60.38 -89.06 -50.32
CA LYS VA 88 -61.24 -90.21 -50.56
C LYS VA 88 -62.30 -89.94 -51.61
N GLU VA 89 -62.21 -88.82 -52.32
CA GLU VA 89 -63.17 -88.49 -53.36
C GLU VA 89 -62.57 -88.75 -54.73
N ASP VA 90 -63.45 -88.82 -55.73
CA ASP VA 90 -63.04 -89.08 -57.09
C ASP VA 90 -62.26 -87.90 -57.67
N LEU VA 91 -61.69 -88.12 -58.86
CA LEU VA 91 -60.79 -87.14 -59.46
C LEU VA 91 -61.53 -85.85 -59.80
N THR VA 92 -62.74 -85.96 -60.34
CA THR VA 92 -63.47 -84.78 -60.81
C THR VA 92 -63.82 -83.84 -59.67
N GLU VA 93 -64.32 -84.40 -58.55
CA GLU VA 93 -64.81 -83.55 -57.46
C GLU VA 93 -63.66 -82.84 -56.75
N ILE VA 94 -62.46 -83.43 -56.76
CA ILE VA 94 -61.32 -82.72 -56.19
C ILE VA 94 -60.76 -81.71 -57.17
N ARG VA 95 -60.65 -82.10 -58.45
CA ARG VA 95 -60.06 -81.21 -59.46
C ARG VA 95 -60.87 -79.94 -59.61
N ASP VA 96 -62.20 -80.05 -59.74
CA ASP VA 96 -63.00 -78.87 -60.01
C ASP VA 96 -63.04 -77.93 -58.80
N MET VA 97 -63.05 -78.48 -57.58
CA MET VA 97 -63.08 -77.61 -56.42
C MET VA 97 -61.73 -76.97 -56.16
N LEU VA 98 -60.62 -77.69 -56.43
CA LEU VA 98 -59.32 -77.09 -56.15
C LEU VA 98 -58.95 -76.08 -57.24
N LEU VA 99 -59.47 -76.25 -58.45
CA LEU VA 99 -59.37 -75.17 -59.44
C LEU VA 99 -60.40 -74.08 -59.17
N ALA VA 100 -61.45 -74.38 -58.41
CA ALA VA 100 -62.47 -73.38 -58.11
C ALA VA 100 -61.99 -72.37 -57.08
N ASN VA 101 -61.31 -72.82 -56.03
CA ASN VA 101 -60.88 -71.92 -54.96
C ASN VA 101 -59.49 -71.35 -55.20
N LYS VA 102 -59.31 -70.75 -56.37
CA LYS VA 102 -58.09 -70.01 -56.69
C LYS VA 102 -58.25 -68.58 -56.19
N VAL VA 103 -57.48 -68.22 -55.17
CA VAL VA 103 -57.50 -66.84 -54.67
C VAL VA 103 -56.88 -65.93 -55.73
N PRO VA 104 -57.54 -64.83 -56.10
CA PRO VA 104 -56.94 -63.91 -57.07
C PRO VA 104 -55.81 -63.09 -56.46
N ALA VA 105 -54.62 -63.68 -56.42
CA ALA VA 105 -53.47 -62.99 -55.83
C ALA VA 105 -53.10 -61.76 -56.65
N ALA VA 106 -52.76 -60.69 -55.95
CA ALA VA 106 -52.42 -59.42 -56.57
C ALA VA 106 -51.01 -59.49 -57.17
N ALA VA 107 -50.51 -58.36 -57.66
CA ALA VA 107 -49.20 -58.30 -58.30
C ALA VA 107 -48.17 -57.84 -57.26
N ARG VA 108 -47.54 -58.81 -56.60
CA ARG VA 108 -46.38 -58.51 -55.78
C ARG VA 108 -45.24 -58.01 -56.65
N ALA VA 109 -44.55 -56.96 -56.18
CA ALA VA 109 -43.42 -56.42 -56.92
C ALA VA 109 -42.29 -57.44 -56.98
N GLY VA 110 -41.77 -57.67 -58.17
CA GLY VA 110 -40.77 -58.70 -58.37
C GLY VA 110 -41.32 -60.05 -58.80
N ALA VA 111 -42.54 -60.09 -59.35
CA ALA VA 111 -43.15 -61.32 -59.81
C ALA VA 111 -43.36 -61.26 -61.31
N ILE VA 112 -42.94 -62.32 -62.00
CA ILE VA 112 -43.14 -62.41 -63.45
C ILE VA 112 -44.61 -62.61 -63.75
N ALA VA 113 -45.10 -61.99 -64.83
CA ALA VA 113 -46.50 -62.03 -65.21
C ALA VA 113 -46.65 -62.68 -66.59
N PRO VA 114 -46.79 -64.00 -66.65
CA PRO VA 114 -47.09 -64.64 -67.94
C PRO VA 114 -48.41 -64.18 -68.54
N CYS VA 115 -49.42 -63.98 -67.71
CA CYS VA 115 -50.72 -63.53 -68.19
C CYS VA 115 -50.70 -62.03 -68.45
N GLU VA 116 -51.51 -61.60 -69.41
CA GLU VA 116 -51.60 -60.20 -69.80
C GLU VA 116 -52.92 -59.62 -69.32
N VAL VA 117 -52.86 -58.42 -68.74
CA VAL VA 117 -54.04 -57.74 -68.22
C VAL VA 117 -54.02 -56.30 -68.72
N THR VA 118 -55.20 -55.81 -69.10
CA THR VA 118 -55.34 -54.49 -69.69
C THR VA 118 -56.37 -53.69 -68.90
N VAL VA 119 -55.97 -52.52 -68.42
CA VAL VA 119 -56.87 -51.65 -67.69
C VAL VA 119 -57.79 -50.94 -68.67
N PRO VA 120 -59.10 -50.88 -68.41
CA PRO VA 120 -59.99 -50.12 -69.29
C PRO VA 120 -60.10 -48.66 -68.87
N ALA VA 121 -60.92 -47.89 -69.60
CA ALA VA 121 -61.17 -46.49 -69.28
C ALA VA 121 -62.43 -46.41 -68.43
N GLN VA 122 -62.26 -46.18 -67.14
CA GLN VA 122 -63.38 -46.05 -66.21
C GLN VA 122 -62.91 -45.22 -65.02
N ASN VA 123 -63.89 -44.70 -64.28
CA ASN VA 123 -63.57 -43.87 -63.13
C ASN VA 123 -62.90 -44.69 -62.03
N THR VA 124 -61.88 -44.09 -61.40
CA THR VA 124 -61.17 -44.77 -60.32
C THR VA 124 -61.95 -44.77 -59.01
N GLY VA 125 -62.75 -43.74 -58.77
CA GLY VA 125 -63.50 -43.63 -57.54
C GLY VA 125 -62.72 -43.09 -56.37
N LEU VA 126 -61.45 -42.77 -56.54
CA LEU VA 126 -60.61 -42.23 -55.48
C LEU VA 126 -60.44 -40.72 -55.65
N GLY VA 127 -60.13 -40.06 -54.54
CA GLY VA 127 -59.92 -38.63 -54.54
C GLY VA 127 -58.67 -38.24 -55.31
N PRO VA 128 -58.59 -36.97 -55.72
CA PRO VA 128 -57.46 -36.51 -56.53
C PRO VA 128 -56.22 -36.13 -55.72
N GLU VA 129 -55.83 -37.00 -54.80
CA GLU VA 129 -54.59 -36.85 -54.04
C GLU VA 129 -53.69 -38.08 -54.18
N LYS VA 130 -53.91 -38.89 -55.21
CA LYS VA 130 -53.02 -39.99 -55.58
C LYS VA 130 -52.71 -39.97 -57.07
N THR VA 131 -52.63 -38.79 -57.67
CA THR VA 131 -52.30 -38.65 -59.08
C THR VA 131 -50.82 -38.80 -59.36
N SER VA 132 -50.00 -38.98 -58.33
CA SER VA 132 -48.56 -39.10 -58.53
C SER VA 132 -48.21 -40.33 -59.36
N PHE VA 133 -48.85 -41.47 -59.08
CA PHE VA 133 -48.63 -42.67 -59.87
C PHE VA 133 -49.08 -42.47 -61.31
N PHE VA 134 -50.23 -41.84 -61.50
CA PHE VA 134 -50.76 -41.61 -62.85
C PHE VA 134 -49.81 -40.74 -63.65
N GLN VA 135 -49.28 -39.68 -63.04
CA GLN VA 135 -48.42 -38.75 -63.77
C GLN VA 135 -47.02 -39.31 -63.97
N ALA VA 136 -46.54 -40.13 -63.04
CA ALA VA 136 -45.21 -40.71 -63.21
C ALA VA 136 -45.20 -41.82 -64.25
N LEU VA 137 -46.22 -42.68 -64.24
CA LEU VA 137 -46.23 -43.81 -65.16
C LEU VA 137 -46.56 -43.39 -66.59
N GLY VA 138 -47.14 -42.22 -66.77
CA GLY VA 138 -47.45 -41.74 -68.11
C GLY VA 138 -48.89 -41.94 -68.50
N ILE VA 139 -49.79 -41.75 -67.54
CA ILE VA 139 -51.23 -41.91 -67.76
C ILE VA 139 -51.88 -40.54 -67.71
N THR VA 140 -52.69 -40.25 -68.72
CA THR VA 140 -53.37 -38.95 -68.83
C THR VA 140 -54.71 -39.03 -68.11
N THR VA 141 -54.86 -38.26 -67.04
CA THR VA 141 -56.08 -38.23 -66.24
C THR VA 141 -56.50 -36.78 -66.03
N LYS VA 142 -57.81 -36.57 -65.92
CA LYS VA 142 -58.35 -35.23 -65.73
C LYS VA 142 -59.38 -35.26 -64.61
N ILE VA 143 -59.55 -34.11 -63.95
CA ILE VA 143 -60.46 -34.02 -62.82
C ILE VA 143 -61.89 -34.11 -63.32
N SER VA 144 -62.72 -34.89 -62.61
CA SER VA 144 -64.10 -35.10 -63.03
C SER VA 144 -64.91 -35.49 -61.81
N ARG VA 145 -65.78 -34.58 -61.35
CA ARG VA 145 -66.74 -34.84 -60.28
C ARG VA 145 -66.04 -35.30 -58.99
N GLY VA 146 -64.89 -34.69 -58.69
CA GLY VA 146 -64.15 -35.06 -57.50
C GLY VA 146 -63.50 -36.42 -57.56
N THR VA 147 -63.24 -36.93 -58.76
CA THR VA 147 -62.65 -38.26 -58.92
C THR VA 147 -61.63 -38.22 -60.06
N ILE VA 148 -60.78 -39.24 -60.09
CA ILE VA 148 -59.79 -39.41 -61.14
C ILE VA 148 -60.41 -40.27 -62.23
N GLU VA 149 -60.46 -39.73 -63.45
CA GLU VA 149 -61.12 -40.40 -64.56
C GLU VA 149 -60.10 -40.68 -65.66
N ILE VA 150 -60.09 -41.91 -66.15
CA ILE VA 150 -59.13 -42.34 -67.16
C ILE VA 150 -59.67 -41.94 -68.53
N LEU VA 151 -58.86 -41.21 -69.29
CA LEU VA 151 -59.28 -40.72 -70.59
C LEU VA 151 -59.00 -41.70 -71.73
N SER VA 152 -58.04 -42.59 -71.57
CA SER VA 152 -57.66 -43.47 -72.66
C SER VA 152 -57.21 -44.82 -72.10
N ASP VA 153 -57.28 -45.84 -72.95
CA ASP VA 153 -56.79 -47.16 -72.60
C ASP VA 153 -55.30 -47.26 -72.94
N VAL VA 154 -54.48 -47.56 -71.94
CA VAL VA 154 -53.04 -47.56 -72.10
C VAL VA 154 -52.51 -48.98 -71.89
N GLN VA 155 -51.47 -49.32 -72.65
CA GLN VA 155 -50.84 -50.64 -72.56
C GLN VA 155 -49.97 -50.65 -71.31
N LEU VA 156 -50.50 -51.22 -70.23
CA LEU VA 156 -49.81 -51.17 -68.94
C LEU VA 156 -48.79 -52.29 -68.80
N ILE VA 157 -49.07 -53.47 -69.36
CA ILE VA 157 -48.21 -54.64 -69.14
C ILE VA 157 -48.34 -55.57 -70.34
N LYS VA 158 -47.30 -56.35 -70.58
CA LYS VA 158 -47.31 -57.39 -71.60
C LYS VA 158 -47.16 -58.76 -70.93
N THR VA 159 -47.04 -59.80 -71.76
CA THR VA 159 -46.84 -61.14 -71.25
C THR VA 159 -45.38 -61.37 -70.91
N GLY VA 160 -45.12 -61.77 -69.67
CA GLY VA 160 -43.77 -62.09 -69.24
C GLY VA 160 -42.85 -60.89 -69.14
N ASP VA 161 -43.14 -59.99 -68.21
CA ASP VA 161 -42.31 -58.82 -67.96
C ASP VA 161 -42.29 -58.50 -66.48
N LYS VA 162 -41.28 -57.74 -66.07
CA LYS VA 162 -41.16 -57.31 -64.68
C LYS VA 162 -42.26 -56.31 -64.34
N VAL VA 163 -42.81 -56.45 -63.13
CA VAL VA 163 -43.87 -55.56 -62.65
C VAL VA 163 -43.24 -54.59 -61.65
N GLY VA 164 -43.22 -53.31 -62.01
CA GLY VA 164 -42.59 -52.32 -61.16
C GLY VA 164 -43.37 -52.07 -59.88
N ALA VA 165 -42.65 -51.59 -58.87
CA ALA VA 165 -43.27 -51.30 -57.58
C ALA VA 165 -44.31 -50.20 -57.70
N SER VA 166 -44.02 -49.15 -58.48
CA SER VA 166 -45.03 -48.16 -58.79
C SER VA 166 -46.19 -48.77 -59.56
N GLU VA 167 -45.88 -49.61 -60.55
CA GLU VA 167 -46.92 -50.32 -61.29
C GLU VA 167 -47.69 -51.27 -60.38
N ALA VA 168 -46.99 -51.96 -59.48
CA ALA VA 168 -47.66 -52.89 -58.57
C ALA VA 168 -48.59 -52.15 -57.62
N THR VA 169 -48.15 -51.01 -57.07
CA THR VA 169 -49.01 -50.27 -56.16
C THR VA 169 -50.15 -49.58 -56.88
N LEU VA 170 -49.96 -49.22 -58.15
CA LEU VA 170 -51.08 -48.71 -58.94
C LEU VA 170 -52.10 -49.80 -59.20
N LEU VA 171 -51.64 -51.03 -59.47
CA LEU VA 171 -52.56 -52.15 -59.60
C LEU VA 171 -53.28 -52.44 -58.29
N ASN VA 172 -52.59 -52.30 -57.16
CA ASN VA 172 -53.20 -52.53 -55.85
C ASN VA 172 -54.27 -51.50 -55.55
N MET VA 173 -53.95 -50.22 -55.73
CA MET VA 173 -54.91 -49.16 -55.42
C MET VA 173 -56.04 -49.13 -56.43
N LEU VA 174 -55.79 -49.58 -57.66
CA LEU VA 174 -56.81 -49.59 -58.71
C LEU VA 174 -57.95 -50.56 -58.39
N ASN VA 175 -57.70 -51.53 -57.51
CA ASN VA 175 -58.71 -52.48 -57.04
C ASN VA 175 -59.30 -53.28 -58.20
N ILE VA 176 -58.47 -53.62 -59.18
CA ILE VA 176 -58.84 -54.45 -60.31
C ILE VA 176 -57.94 -55.67 -60.31
N SER VA 177 -58.55 -56.83 -60.58
CA SER VA 177 -57.84 -58.09 -60.44
C SER VA 177 -56.72 -58.21 -61.47
N PRO VA 178 -55.47 -58.38 -61.05
CA PRO VA 178 -54.38 -58.63 -62.00
C PRO VA 178 -54.20 -60.12 -62.27
N PHE VA 179 -53.14 -60.46 -63.00
CA PHE VA 179 -52.78 -61.86 -63.22
C PHE VA 179 -52.63 -62.59 -61.90
N SER VA 180 -53.17 -63.81 -61.83
CA SER VA 180 -53.19 -64.53 -60.57
C SER VA 180 -53.02 -66.02 -60.82
N PHE VA 181 -52.66 -66.73 -59.76
CA PHE VA 181 -52.32 -68.14 -59.84
C PHE VA 181 -52.42 -68.72 -58.43
N GLY VA 182 -52.51 -70.04 -58.37
CA GLY VA 182 -52.72 -70.71 -57.10
C GLY VA 182 -52.35 -72.17 -57.11
N LEU VA 183 -53.00 -72.92 -56.22
CA LEU VA 183 -52.68 -74.33 -55.99
C LEU VA 183 -53.19 -75.16 -57.17
N VAL VA 184 -52.29 -75.50 -58.10
CA VAL VA 184 -52.64 -76.16 -59.34
C VAL VA 184 -52.08 -77.58 -59.33
N ILE VA 185 -52.93 -78.54 -59.70
CA ILE VA 185 -52.58 -79.96 -59.65
C ILE VA 185 -51.70 -80.30 -60.85
N GLN VA 186 -50.62 -81.04 -60.59
CA GLN VA 186 -49.73 -81.45 -61.68
C GLN VA 186 -50.23 -82.77 -62.30
N GLN VA 187 -50.34 -83.82 -61.49
CA GLN VA 187 -50.86 -85.09 -61.98
C GLN VA 187 -51.48 -85.84 -60.80
N VAL VA 188 -52.10 -86.98 -61.10
CA VAL VA 188 -52.77 -87.79 -60.09
C VAL VA 188 -52.03 -89.11 -59.96
N PHE VA 189 -52.45 -89.90 -58.97
CA PHE VA 189 -51.90 -91.24 -58.76
C PHE VA 189 -53.02 -92.10 -58.18
N ASP VA 190 -53.60 -92.95 -59.03
CA ASP VA 190 -54.77 -93.75 -58.67
C ASP VA 190 -54.37 -95.23 -58.66
N ASN VA 191 -53.87 -95.69 -57.51
CA ASN VA 191 -53.46 -97.09 -57.29
C ASN VA 191 -52.48 -97.56 -58.37
N GLY VA 192 -51.51 -96.71 -58.70
CA GLY VA 192 -50.50 -97.07 -59.67
C GLY VA 192 -50.84 -96.69 -61.10
N SER VA 193 -51.45 -95.52 -61.27
CA SER VA 193 -51.75 -94.99 -62.60
C SER VA 193 -51.51 -93.49 -62.60
N ILE VA 194 -51.22 -92.95 -63.79
CA ILE VA 194 -50.95 -91.52 -63.94
C ILE VA 194 -51.97 -90.95 -64.92
N TYR VA 195 -52.79 -90.02 -64.42
CA TYR VA 195 -53.66 -89.23 -65.29
C TYR VA 195 -53.49 -87.75 -64.96
N ASN VA 196 -54.27 -86.91 -65.61
CA ASN VA 196 -54.10 -85.47 -65.49
C ASN VA 196 -54.61 -84.96 -64.15
N PRO WA 1 -71.70 -48.86 -51.90
CA PRO WA 1 -71.38 -48.82 -50.47
C PRO WA 1 -71.85 -47.54 -49.81
N ASN WA 2 -72.85 -46.88 -50.42
CA ASN WA 2 -73.44 -45.64 -49.90
C ASN WA 2 -72.40 -44.54 -49.74
N GLU WA 3 -71.36 -44.56 -50.58
CA GLU WA 3 -70.31 -43.56 -50.72
C GLU WA 3 -69.39 -43.44 -49.50
N ILE WA 4 -69.58 -44.24 -48.45
CA ILE WA 4 -68.72 -44.17 -47.27
C ILE WA 4 -68.84 -45.48 -46.52
N LYS WA 5 -67.75 -45.88 -45.85
CA LYS WA 5 -67.71 -47.13 -45.11
C LYS WA 5 -66.94 -46.92 -43.81
N VAL WA 6 -67.10 -47.86 -42.88
CA VAL WA 6 -66.64 -47.71 -41.51
C VAL WA 6 -65.74 -48.88 -41.11
N VAL WA 7 -65.00 -49.42 -42.10
CA VAL WA 7 -64.17 -50.59 -41.87
C VAL WA 7 -63.13 -50.34 -40.79
N TYR WA 8 -62.56 -49.13 -40.78
CA TYR WA 8 -61.46 -48.76 -39.89
C TYR WA 8 -61.75 -48.98 -38.40
N LEU WA 9 -60.70 -49.05 -37.59
CA LEU WA 9 -60.76 -49.62 -36.25
C LEU WA 9 -60.20 -48.63 -35.23
N ARG WA 10 -60.61 -48.81 -33.97
CA ARG WA 10 -60.17 -48.01 -32.85
C ARG WA 10 -59.20 -48.80 -31.97
N CYS WA 11 -58.44 -48.04 -31.17
CA CYS WA 11 -57.68 -48.59 -30.05
C CYS WA 11 -57.82 -47.66 -28.86
N THR WA 12 -59.05 -47.19 -28.62
CA THR WA 12 -59.38 -46.37 -27.46
C THR WA 12 -60.56 -46.98 -26.72
N GLY WA 13 -60.51 -46.90 -25.39
CA GLY WA 13 -61.54 -47.51 -24.58
C GLY WA 13 -61.23 -47.31 -23.10
N GLY WA 14 -62.13 -47.81 -22.27
CA GLY WA 14 -62.02 -47.60 -20.85
C GLY WA 14 -62.65 -46.27 -20.46
N GLU WA 15 -61.80 -45.25 -20.27
CA GLU WA 15 -62.28 -43.90 -20.10
C GLU WA 15 -62.93 -43.40 -21.39
N VAL WA 16 -63.89 -42.48 -21.24
CA VAL WA 16 -64.52 -41.88 -22.41
C VAL WA 16 -63.50 -41.09 -23.22
N GLY WA 17 -62.69 -40.27 -22.55
CA GLY WA 17 -61.57 -39.61 -23.17
C GLY WA 17 -61.95 -38.47 -24.10
N ALA WA 18 -62.67 -38.79 -25.17
CA ALA WA 18 -63.15 -37.83 -26.16
C ALA WA 18 -62.00 -37.04 -26.80
N THR WA 19 -61.74 -35.83 -26.31
CA THR WA 19 -60.75 -34.97 -26.94
C THR WA 19 -59.34 -35.50 -26.76
N SER WA 20 -59.09 -36.25 -25.70
CA SER WA 20 -57.74 -36.77 -25.43
C SER WA 20 -57.39 -37.99 -26.27
N ALA WA 21 -58.33 -38.53 -27.03
CA ALA WA 21 -58.07 -39.71 -27.84
C ALA WA 21 -57.72 -39.33 -29.28
N LEU WA 22 -57.55 -40.35 -30.12
CA LEU WA 22 -57.20 -40.16 -31.53
C LEU WA 22 -58.39 -39.75 -32.38
N ALA WA 23 -59.60 -39.77 -31.82
CA ALA WA 23 -60.83 -39.67 -32.61
C ALA WA 23 -60.90 -38.48 -33.57
N PRO WA 24 -60.49 -37.25 -33.23
CA PRO WA 24 -60.52 -36.17 -34.23
C PRO WA 24 -59.64 -36.43 -35.43
N LYS WA 25 -58.59 -37.22 -35.30
CA LYS WA 25 -57.75 -37.56 -36.46
C LYS WA 25 -58.50 -38.48 -37.42
N ILE WA 26 -59.32 -39.39 -36.89
CA ILE WA 26 -60.14 -40.25 -37.74
C ILE WA 26 -61.19 -39.43 -38.48
N GLY WA 27 -61.68 -38.35 -37.85
CA GLY WA 27 -62.76 -37.53 -38.36
C GLY WA 27 -62.74 -37.21 -39.85
N PRO WA 28 -61.64 -36.67 -40.36
CA PRO WA 28 -61.58 -36.38 -41.81
C PRO WA 28 -61.69 -37.59 -42.71
N LEU WA 29 -61.45 -38.80 -42.22
CA LEU WA 29 -61.51 -39.99 -43.07
C LEU WA 29 -62.92 -40.20 -43.61
N GLY WA 30 -63.94 -40.01 -42.78
CA GLY WA 30 -65.30 -40.23 -43.20
C GLY WA 30 -66.19 -39.00 -43.12
N LEU WA 31 -65.86 -38.08 -42.23
CA LEU WA 31 -66.56 -36.83 -41.96
C LEU WA 31 -67.96 -37.04 -41.38
N SER WA 32 -68.39 -38.28 -41.19
CA SER WA 32 -69.70 -38.58 -40.63
C SER WA 32 -69.73 -38.46 -39.10
N PRO WA 33 -68.85 -39.19 -38.33
CA PRO WA 33 -69.05 -39.22 -36.87
C PRO WA 33 -68.87 -37.88 -36.17
N LYS WA 34 -67.69 -37.29 -36.29
CA LYS WA 34 -67.28 -36.11 -35.52
C LYS WA 34 -67.48 -36.40 -34.03
N LYS WA 35 -67.72 -35.34 -33.25
CA LYS WA 35 -67.92 -35.53 -31.81
C LYS WA 35 -69.24 -36.24 -31.52
N VAL WA 36 -70.30 -35.88 -32.25
CA VAL WA 36 -71.59 -36.56 -32.09
C VAL WA 36 -71.55 -38.01 -32.51
N GLY WA 37 -70.48 -38.43 -33.18
CA GLY WA 37 -70.29 -39.83 -33.53
C GLY WA 37 -69.41 -40.56 -32.55
N ASP WA 38 -68.27 -39.98 -32.17
CA ASP WA 38 -67.38 -40.71 -31.27
C ASP WA 38 -67.94 -40.78 -29.86
N ASP WA 39 -68.71 -39.76 -29.44
CA ASP WA 39 -69.34 -39.82 -28.12
C ASP WA 39 -70.36 -40.94 -28.05
N ILE WA 40 -71.19 -41.10 -29.08
CA ILE WA 40 -72.18 -42.18 -29.05
C ILE WA 40 -71.50 -43.52 -29.29
N ALA WA 41 -70.35 -43.52 -29.97
CA ALA WA 41 -69.59 -44.76 -30.12
C ALA WA 41 -69.05 -45.25 -28.79
N LYS WA 42 -68.55 -44.34 -27.97
CA LYS WA 42 -68.09 -44.69 -26.63
C LYS WA 42 -69.24 -44.88 -25.65
N ALA WA 43 -70.44 -44.36 -25.97
CA ALA WA 43 -71.57 -44.45 -25.06
C ALA WA 43 -71.96 -45.90 -24.78
N THR WA 44 -71.99 -46.73 -25.83
CA THR WA 44 -72.18 -48.16 -25.62
C THR WA 44 -70.88 -48.89 -25.38
N GLY WA 45 -69.75 -48.25 -25.70
CA GLY WA 45 -68.44 -48.86 -25.53
C GLY WA 45 -67.78 -48.48 -24.22
N ASP WA 46 -68.58 -48.01 -23.26
CA ASP WA 46 -68.03 -47.70 -21.94
C ASP WA 46 -67.51 -48.96 -21.25
N TRP WA 47 -68.23 -50.06 -21.37
CA TRP WA 47 -67.81 -51.34 -20.83
C TRP WA 47 -67.60 -52.35 -21.95
N LYS WA 48 -67.31 -53.59 -21.54
CA LYS WA 48 -67.07 -54.72 -22.43
C LYS WA 48 -65.95 -54.41 -23.45
N GLY WA 49 -64.74 -54.26 -22.92
CA GLY WA 49 -64.31 -54.40 -21.54
C GLY WA 49 -63.96 -53.06 -20.93
N LEU WA 50 -63.36 -53.09 -19.74
CA LEU WA 50 -62.87 -51.89 -19.08
C LEU WA 50 -61.46 -51.52 -19.50
N ARG WA 51 -61.02 -52.01 -20.65
CA ARG WA 51 -59.65 -51.86 -21.15
C ARG WA 51 -59.68 -51.07 -22.45
N ILE WA 52 -58.54 -51.09 -23.15
CA ILE WA 52 -58.37 -50.37 -24.42
C ILE WA 52 -59.51 -50.66 -25.40
N THR WA 53 -60.03 -51.89 -25.38
CA THR WA 53 -61.29 -52.24 -26.07
C THR WA 53 -61.21 -51.94 -27.56
N VAL WA 54 -60.33 -52.67 -28.25
CA VAL WA 54 -60.24 -52.56 -29.70
C VAL WA 54 -61.50 -53.20 -30.28
N LYS WA 55 -62.44 -52.38 -30.72
CA LYS WA 55 -63.77 -52.84 -31.09
C LYS WA 55 -64.19 -52.22 -32.41
N LEU WA 56 -64.84 -53.03 -33.25
CA LEU WA 56 -65.40 -52.54 -34.50
C LEU WA 56 -66.66 -51.73 -34.24
N THR WA 57 -67.07 -50.95 -35.24
CA THR WA 57 -68.30 -50.19 -35.18
C THR WA 57 -68.99 -50.23 -36.54
N ILE WA 58 -70.31 -50.06 -36.52
CA ILE WA 58 -71.13 -50.12 -37.73
C ILE WA 58 -71.85 -48.78 -37.87
N GLN WA 59 -71.67 -48.14 -39.02
CA GLN WA 59 -72.30 -46.85 -39.31
C GLN WA 59 -73.48 -47.04 -40.25
N ASN WA 60 -74.64 -46.56 -39.82
CA ASN WA 60 -75.85 -46.54 -40.64
C ASN WA 60 -76.16 -45.14 -41.16
N ARG WA 61 -75.12 -44.32 -41.34
CA ARG WA 61 -75.16 -42.97 -41.90
C ARG WA 61 -75.81 -41.95 -40.96
N GLN WA 62 -76.38 -42.40 -39.85
CA GLN WA 62 -76.89 -41.48 -38.85
C GLN WA 62 -76.39 -41.78 -37.45
N ALA WA 63 -76.26 -43.06 -37.09
CA ALA WA 63 -75.84 -43.48 -35.77
C ALA WA 63 -74.90 -44.68 -35.89
N GLN WA 64 -74.11 -44.90 -34.86
CA GLN WA 64 -73.12 -45.97 -34.85
C GLN WA 64 -73.43 -46.98 -33.75
N ILE WA 65 -73.39 -48.25 -34.11
CA ILE WA 65 -73.44 -49.35 -33.14
C ILE WA 65 -72.07 -50.03 -33.17
N GLU WA 66 -71.63 -50.53 -32.02
CA GLU WA 66 -70.26 -50.99 -31.84
C GLU WA 66 -70.25 -52.44 -31.41
N VAL WA 67 -69.38 -53.23 -32.03
CA VAL WA 67 -69.23 -54.65 -31.73
C VAL WA 67 -67.79 -54.90 -31.29
N VAL WA 68 -67.63 -55.63 -30.20
CA VAL WA 68 -66.33 -55.84 -29.57
C VAL WA 68 -65.89 -57.27 -29.86
N PRO WA 69 -64.80 -57.49 -30.60
CA PRO WA 69 -64.29 -58.85 -30.79
C PRO WA 69 -63.86 -59.45 -29.48
N SER WA 70 -64.00 -60.77 -29.37
CA SER WA 70 -63.71 -61.49 -28.13
C SER WA 70 -62.21 -61.77 -28.06
N ALA WA 71 -61.45 -60.72 -27.80
CA ALA WA 71 -60.02 -60.87 -27.58
C ALA WA 71 -59.77 -61.60 -26.27
N SER WA 72 -58.83 -62.54 -26.29
CA SER WA 72 -58.60 -63.40 -25.13
C SER WA 72 -58.13 -62.59 -23.93
N ALA WA 73 -57.09 -61.77 -24.14
CA ALA WA 73 -56.57 -60.95 -23.05
C ALA WA 73 -57.59 -59.91 -22.60
N LEU WA 74 -58.32 -59.32 -23.55
CA LEU WA 74 -59.35 -58.35 -23.20
C LEU WA 74 -60.46 -59.00 -22.38
N ILE WA 75 -60.93 -60.16 -22.82
CA ILE WA 75 -62.06 -60.78 -22.12
C ILE WA 75 -61.61 -61.33 -20.76
N ILE WA 76 -60.35 -61.76 -20.63
CA ILE WA 76 -59.88 -62.23 -19.33
C ILE WA 76 -59.53 -61.09 -18.39
N LYS WA 77 -59.18 -59.91 -18.91
CA LYS WA 77 -59.07 -58.75 -18.04
C LYS WA 77 -60.45 -58.23 -17.64
N ALA WA 78 -61.45 -58.40 -18.52
CA ALA WA 78 -62.82 -58.08 -18.15
C ALA WA 78 -63.34 -59.01 -17.05
N LEU WA 79 -63.02 -60.30 -17.16
CA LEU WA 79 -63.43 -61.25 -16.13
C LEU WA 79 -62.77 -60.94 -14.79
N LYS WA 80 -61.49 -60.58 -14.81
CA LYS WA 80 -60.79 -60.21 -13.60
C LYS WA 80 -61.28 -58.87 -13.08
N GLU WA 81 -60.92 -58.57 -11.84
CA GLU WA 81 -61.37 -57.33 -11.20
C GLU WA 81 -60.34 -56.82 -10.20
N ILE WA 98 -56.05 -69.68 -8.33
CA ILE WA 98 -57.39 -69.89 -8.86
C ILE WA 98 -57.33 -70.43 -10.29
N THR WA 99 -58.20 -71.39 -10.58
CA THR WA 99 -58.25 -72.05 -11.88
C THR WA 99 -59.23 -71.36 -12.84
N PHE WA 100 -60.44 -71.07 -12.37
CA PHE WA 100 -61.55 -70.51 -13.15
C PHE WA 100 -61.62 -71.12 -14.54
N ASP WA 101 -61.63 -72.45 -14.58
CA ASP WA 101 -61.66 -73.18 -15.85
C ASP WA 101 -62.95 -72.92 -16.61
N GLU WA 102 -64.08 -72.88 -15.90
CA GLU WA 102 -65.38 -72.82 -16.56
C GLU WA 102 -65.56 -71.52 -17.33
N ILE WA 103 -65.10 -70.39 -16.78
CA ILE WA 103 -65.34 -69.12 -17.43
C ILE WA 103 -64.53 -69.00 -18.72
N VAL WA 104 -63.34 -69.61 -18.76
CA VAL WA 104 -62.55 -69.56 -19.99
C VAL WA 104 -62.99 -70.64 -20.98
N ASN WA 105 -63.58 -71.75 -20.50
CA ASN WA 105 -64.21 -72.66 -21.45
C ASN WA 105 -65.46 -72.06 -22.08
N ILE WA 106 -66.16 -71.19 -21.36
CA ILE WA 106 -67.33 -70.52 -21.93
C ILE WA 106 -67.00 -69.16 -22.52
N ALA WA 107 -65.75 -68.71 -22.44
CA ALA WA 107 -65.34 -67.47 -23.07
C ALA WA 107 -64.94 -67.65 -24.53
N ARG WA 108 -64.86 -68.89 -25.01
CA ARG WA 108 -64.55 -69.17 -26.40
C ARG WA 108 -65.78 -69.47 -27.23
N GLN WA 109 -66.98 -69.39 -26.63
CA GLN WA 109 -68.19 -69.74 -27.37
C GLN WA 109 -68.61 -68.63 -28.33
N MET WA 110 -68.41 -67.37 -27.95
CA MET WA 110 -68.92 -66.24 -28.72
C MET WA 110 -67.89 -65.61 -29.65
N ARG WA 111 -66.69 -66.18 -29.74
CA ARG WA 111 -65.66 -65.66 -30.63
C ARG WA 111 -65.77 -66.29 -32.02
N HIS WA 112 -64.87 -65.88 -32.91
CA HIS WA 112 -64.92 -66.34 -34.29
C HIS WA 112 -64.54 -67.82 -34.41
N ARG WA 113 -63.75 -68.32 -33.47
CA ARG WA 113 -63.47 -69.75 -33.32
C ARG WA 113 -62.79 -70.35 -34.55
N SER WA 114 -62.01 -69.56 -35.28
CA SER WA 114 -61.30 -70.12 -36.44
C SER WA 114 -59.89 -70.56 -36.06
N LEU WA 115 -59.03 -69.59 -35.70
CA LEU WA 115 -57.73 -69.83 -35.05
C LEU WA 115 -56.83 -70.80 -35.85
N ALA WA 116 -57.19 -71.07 -37.11
CA ALA WA 116 -56.64 -72.19 -37.87
C ALA WA 116 -56.73 -73.48 -37.05
N ARG WA 117 -57.97 -73.85 -36.72
CA ARG WA 117 -58.23 -74.94 -35.79
C ARG WA 117 -58.25 -76.30 -36.48
N GLU WA 118 -58.17 -77.34 -35.67
CA GLU WA 118 -58.47 -78.70 -36.07
C GLU WA 118 -59.32 -79.46 -35.06
N LEU WA 119 -59.45 -78.96 -33.83
CA LEU WA 119 -60.22 -79.60 -32.78
C LEU WA 119 -60.64 -78.54 -31.79
N SER WA 120 -61.57 -78.91 -30.90
CA SER WA 120 -62.04 -77.95 -29.90
C SER WA 120 -60.99 -77.63 -28.85
N GLY WA 121 -59.97 -78.47 -28.72
CA GLY WA 121 -58.95 -78.26 -27.71
C GLY WA 121 -57.94 -77.18 -28.05
N THR WA 122 -57.82 -76.82 -29.34
CA THR WA 122 -56.82 -75.84 -29.74
C THR WA 122 -57.15 -74.42 -29.28
N ILE WA 123 -58.36 -74.17 -28.80
CA ILE WA 123 -58.71 -72.83 -28.33
C ILE WA 123 -58.47 -72.68 -26.85
N LYS WA 124 -58.84 -73.69 -26.05
CA LYS WA 124 -58.65 -73.62 -24.61
C LYS WA 124 -57.18 -73.53 -24.24
N GLU WA 125 -56.32 -74.28 -24.95
CA GLU WA 125 -54.89 -74.16 -24.70
C GLU WA 125 -54.37 -72.79 -25.08
N ILE WA 126 -54.91 -72.19 -26.15
CA ILE WA 126 -54.48 -70.87 -26.56
C ILE WA 126 -54.84 -69.84 -25.51
N LEU WA 127 -56.06 -69.91 -24.97
CA LEU WA 127 -56.49 -68.97 -23.96
C LEU WA 127 -55.90 -69.26 -22.58
N GLY WA 128 -55.44 -70.48 -22.33
CA GLY WA 128 -54.89 -70.79 -21.02
C GLY WA 128 -53.58 -70.07 -20.74
N THR WA 129 -52.65 -70.11 -21.70
CA THR WA 129 -51.36 -69.45 -21.55
C THR WA 129 -51.37 -68.03 -22.07
N ALA WA 130 -52.45 -67.59 -22.72
CA ALA WA 130 -52.67 -66.17 -22.94
C ALA WA 130 -53.00 -65.45 -21.64
N GLN WA 131 -53.32 -66.20 -20.58
CA GLN WA 131 -53.54 -65.69 -19.24
C GLN WA 131 -52.25 -65.62 -18.44
N SER WA 132 -51.09 -65.76 -19.09
CA SER WA 132 -49.81 -65.80 -18.37
C SER WA 132 -49.47 -64.46 -17.72
N VAL WA 133 -50.08 -63.37 -18.17
CA VAL WA 133 -49.82 -62.07 -17.58
C VAL WA 133 -50.69 -61.88 -16.35
N HIS WA 141 -49.39 -70.76 -11.86
CA HIS WA 141 -49.22 -70.43 -13.27
C HIS WA 141 -50.14 -71.29 -14.14
N PRO WA 142 -50.78 -70.66 -15.13
CA PRO WA 142 -51.65 -71.42 -16.04
C PRO WA 142 -50.86 -72.12 -17.14
N HIS WA 143 -49.75 -72.75 -16.78
CA HIS WA 143 -48.95 -73.50 -17.73
C HIS WA 143 -48.90 -74.98 -17.41
N ASP WA 144 -49.11 -75.36 -16.14
CA ASP WA 144 -49.34 -76.76 -15.81
C ASP WA 144 -50.61 -77.28 -16.44
N ILE WA 145 -51.59 -76.39 -16.67
CA ILE WA 145 -52.77 -76.77 -17.44
C ILE WA 145 -52.39 -77.05 -18.90
N ILE WA 146 -51.47 -76.26 -19.44
CA ILE WA 146 -51.03 -76.46 -20.82
C ILE WA 146 -50.30 -77.80 -20.97
N ASP WA 147 -49.56 -78.22 -19.94
CA ASP WA 147 -48.74 -79.42 -20.06
C ASP WA 147 -49.60 -80.68 -20.18
N ASP WA 148 -50.39 -80.98 -19.15
CA ASP WA 148 -51.25 -82.16 -19.13
C ASP WA 148 -52.69 -81.71 -18.97
N ILE WA 149 -53.43 -81.65 -20.08
CA ILE WA 149 -54.84 -81.32 -20.05
C ILE WA 149 -55.60 -82.47 -20.70
N ASN WA 150 -56.60 -83.00 -19.98
CA ASN WA 150 -57.35 -84.16 -20.45
C ASN WA 150 -58.84 -83.99 -20.23
N SER WA 151 -59.29 -82.88 -19.67
CA SER WA 151 -60.69 -82.63 -19.36
C SER WA 151 -61.26 -81.61 -20.33
N GLY WA 152 -62.45 -81.88 -20.82
CA GLY WA 152 -63.11 -81.00 -21.77
C GLY WA 152 -62.43 -80.94 -23.13
N ALA WA 153 -61.91 -82.06 -23.61
CA ALA WA 153 -61.34 -82.10 -24.95
C ALA WA 153 -62.41 -81.88 -26.01
N VAL WA 154 -63.59 -82.48 -25.83
CA VAL WA 154 -64.70 -82.32 -26.77
C VAL WA 154 -65.91 -81.81 -26.01
N GLU WA 155 -65.68 -81.00 -24.98
CA GLU WA 155 -66.79 -80.48 -24.17
C GLU WA 155 -67.70 -79.58 -24.99
N CYS WA 156 -67.11 -78.73 -25.85
CA CYS WA 156 -67.95 -77.87 -26.69
C CYS WA 156 -68.69 -78.64 -27.77
N PRO WA 157 -68.04 -79.47 -28.62
CA PRO WA 157 -68.86 -80.11 -29.64
C PRO WA 157 -69.65 -81.31 -29.10
N MET XA 1 -101.80 -12.93 59.52
CA MET XA 1 -102.28 -14.19 58.96
C MET XA 1 -101.58 -14.48 57.63
N ALA XA 2 -101.83 -15.68 57.08
CA ALA XA 2 -101.16 -16.08 55.85
C ALA XA 2 -101.75 -15.41 54.61
N VAL XA 3 -103.02 -15.02 54.64
CA VAL XA 3 -103.67 -14.51 53.44
C VAL XA 3 -103.21 -13.10 53.06
N GLN XA 4 -102.50 -12.41 53.95
CA GLN XA 4 -101.90 -11.13 53.63
C GLN XA 4 -100.39 -11.20 53.85
N ILE XA 5 -99.65 -10.46 53.02
CA ILE XA 5 -98.19 -10.44 53.09
C ILE XA 5 -97.74 -9.47 54.18
N SER XA 6 -96.45 -9.51 54.50
CA SER XA 6 -95.91 -8.69 55.59
C SER XA 6 -95.98 -7.21 55.23
N LYS XA 7 -95.77 -6.38 56.25
CA LYS XA 7 -95.81 -4.93 56.06
C LYS XA 7 -94.70 -4.48 55.12
N LYS XA 8 -93.51 -5.07 55.26
CA LYS XA 8 -92.40 -4.75 54.37
C LYS XA 8 -92.77 -5.06 52.92
N ARG XA 9 -93.25 -6.28 52.66
CA ARG XA 9 -93.63 -6.68 51.32
C ARG XA 9 -94.83 -5.87 50.82
N LYS XA 10 -95.78 -5.56 51.71
CA LYS XA 10 -96.93 -4.76 51.30
C LYS XA 10 -96.51 -3.38 50.83
N PHE XA 11 -95.61 -2.73 51.56
CA PHE XA 11 -95.16 -1.41 51.14
C PHE XA 11 -94.29 -1.47 49.90
N VAL XA 12 -93.51 -2.54 49.74
CA VAL XA 12 -92.74 -2.72 48.51
C VAL XA 12 -93.68 -2.84 47.31
N ALA XA 13 -94.75 -3.63 47.46
CA ALA XA 13 -95.73 -3.75 46.39
C ALA XA 13 -96.45 -2.44 46.14
N ASP XA 14 -96.69 -1.66 47.20
CA ASP XA 14 -97.31 -0.35 47.03
C ASP XA 14 -96.41 0.56 46.20
N GLY XA 15 -95.11 0.54 46.48
CA GLY XA 15 -94.18 1.31 45.68
C GLY XA 15 -94.13 0.85 44.24
N ILE XA 16 -94.19 -0.46 44.02
CA ILE XA 16 -94.24 -1.01 42.66
C ILE XA 16 -95.47 -0.49 41.94
N PHE XA 17 -96.62 -0.52 42.62
CA PHE XA 17 -97.85 0.03 42.09
C PHE XA 17 -97.66 1.48 41.67
N LYS XA 18 -97.10 2.29 42.57
CA LYS XA 18 -96.90 3.72 42.29
C LYS XA 18 -96.02 3.91 41.06
N ALA XA 19 -94.89 3.20 41.01
CA ALA XA 19 -93.94 3.36 39.92
C ALA XA 19 -94.55 2.93 38.58
N GLU XA 20 -95.22 1.78 38.55
CA GLU XA 20 -95.79 1.31 37.30
C GLU XA 20 -96.91 2.21 36.81
N LEU XA 21 -97.77 2.67 37.73
CA LEU XA 21 -98.82 3.61 37.35
C LEU XA 21 -98.24 4.90 36.82
N ASN XA 22 -97.18 5.40 37.46
CA ASN XA 22 -96.53 6.62 37.00
C ASN XA 22 -95.92 6.43 35.61
N GLU XA 23 -95.29 5.27 35.38
CA GLU XA 23 -94.70 5.00 34.07
C GLU XA 23 -95.77 4.95 32.98
N PHE XA 24 -96.89 4.27 33.26
CA PHE XA 24 -97.98 4.23 32.30
C PHE XA 24 -98.52 5.62 31.99
N LEU XA 25 -98.77 6.41 33.04
CA LEU XA 25 -99.33 7.74 32.82
C LEU XA 25 -98.33 8.66 32.12
N THR XA 26 -97.03 8.41 32.32
CA THR XA 26 -96.01 9.20 31.63
C THR XA 26 -95.98 8.86 30.15
N ARG XA 27 -95.96 7.57 29.82
CA ARG XA 27 -95.87 7.19 28.42
C ARG XA 27 -97.17 7.43 27.65
N GLU XA 28 -98.32 7.44 28.33
CA GLU XA 28 -99.60 7.55 27.63
C GLU XA 28 -100.15 8.98 27.61
N LEU XA 29 -99.99 9.72 28.71
CA LEU XA 29 -100.32 11.14 28.73
C LEU XA 29 -99.13 12.04 28.42
N ALA XA 30 -98.20 11.57 27.58
CA ALA XA 30 -97.04 12.37 27.22
C ALA XA 30 -97.46 13.66 26.53
N GLU XA 31 -98.06 13.55 25.34
CA GLU XA 31 -98.44 14.73 24.58
C GLU XA 31 -99.47 15.58 25.30
N ASP XA 32 -100.29 14.98 26.17
CA ASP XA 32 -101.35 15.69 26.85
C ASP XA 32 -100.83 16.74 27.83
N GLY XA 33 -99.64 16.56 28.39
CA GLY XA 33 -99.16 17.51 29.38
C GLY XA 33 -99.21 16.95 30.78
N TYR XA 34 -98.83 15.68 30.91
CA TYR XA 34 -98.74 15.02 32.19
C TYR XA 34 -97.74 15.72 33.10
N SER XA 35 -98.07 15.79 34.39
CA SER XA 35 -97.14 16.28 35.39
C SER XA 35 -96.86 15.26 36.48
N GLY XA 36 -97.89 14.65 37.05
CA GLY XA 36 -97.69 13.65 38.09
C GLY XA 36 -99.03 13.06 38.49
N VAL XA 37 -98.95 12.01 39.31
CA VAL XA 37 -100.13 11.30 39.80
C VAL XA 37 -100.07 11.25 41.32
N GLU XA 38 -101.24 11.40 41.95
CA GLU XA 38 -101.36 11.33 43.39
C GLU XA 38 -102.34 10.21 43.73
N VAL XA 39 -101.95 9.35 44.68
CA VAL XA 39 -102.73 8.17 45.04
C VAL XA 39 -103.20 8.32 46.48
N ARG XA 40 -104.44 7.92 46.73
CA ARG XA 40 -105.03 7.92 48.06
C ARG XA 40 -105.74 6.57 48.24
N VAL XA 41 -105.11 5.66 48.97
CA VAL XA 41 -105.56 4.28 49.07
C VAL XA 41 -106.19 4.07 50.45
N THR XA 42 -107.43 3.61 50.46
CA THR XA 42 -108.15 3.25 51.67
C THR XA 42 -108.66 1.82 51.52
N PRO XA 43 -108.85 1.10 52.62
CA PRO XA 43 -109.34 -0.29 52.53
C PRO XA 43 -110.68 -0.41 51.83
N THR XA 44 -111.58 0.56 51.99
CA THR XA 44 -112.88 0.48 51.33
C THR XA 44 -112.75 0.65 49.82
N ARG XA 45 -111.93 1.59 49.38
CA ARG XA 45 -111.80 1.93 47.97
C ARG XA 45 -110.52 2.75 47.79
N THR XA 46 -109.91 2.59 46.62
CA THR XA 46 -108.75 3.38 46.26
C THR XA 46 -109.18 4.58 45.43
N GLU XA 47 -108.27 5.54 45.29
CA GLU XA 47 -108.55 6.71 44.47
C GLU XA 47 -107.26 7.19 43.81
N ILE XA 48 -107.38 7.63 42.57
CA ILE XA 48 -106.26 8.11 41.78
C ILE XA 48 -106.54 9.55 41.39
N ILE XA 49 -105.57 10.43 41.63
CA ILE XA 49 -105.65 11.82 41.18
C ILE XA 49 -104.48 12.07 40.25
N ILE XA 50 -104.78 12.48 39.02
CA ILE XA 50 -103.78 12.73 37.99
C ILE XA 50 -103.63 14.23 37.83
N LEU XA 51 -102.39 14.71 37.90
CA LEU XA 51 -102.08 16.13 37.77
C LEU XA 51 -101.54 16.36 36.36
N ALA XA 52 -102.26 17.16 35.56
CA ALA XA 52 -101.85 17.43 34.19
C ALA XA 52 -102.37 18.80 33.77
N THR XA 53 -101.72 19.34 32.73
CA THR XA 53 -102.08 20.68 32.25
C THR XA 53 -103.42 20.67 31.52
N ARG XA 54 -103.62 19.71 30.62
CA ARG XA 54 -104.81 19.69 29.75
C ARG XA 54 -105.83 18.73 30.34
N THR XA 55 -106.57 19.23 31.34
CA THR XA 55 -107.66 18.44 31.89
C THR XA 55 -108.80 18.30 30.89
N GLN XA 56 -108.98 19.30 30.01
CA GLN XA 56 -110.02 19.22 28.99
C GLN XA 56 -109.65 18.25 27.87
N ASN XA 57 -108.38 17.88 27.76
CA ASN XA 57 -107.95 16.98 26.69
C ASN XA 57 -107.74 15.55 27.21
N VAL XA 58 -107.32 15.38 28.46
CA VAL XA 58 -107.29 14.05 29.06
C VAL XA 58 -108.70 13.50 29.21
N LEU XA 59 -109.70 14.39 29.28
CA LEU XA 59 -111.10 13.98 29.23
C LEU XA 59 -111.56 14.03 27.78
N GLY XA 60 -111.90 12.87 27.23
CA GLY XA 60 -112.29 12.76 25.84
C GLY XA 60 -113.71 13.24 25.59
N GLU XA 61 -114.36 12.61 24.61
CA GLU XA 61 -115.74 12.94 24.27
C GLU XA 61 -116.64 12.43 25.39
N LYS XA 62 -116.97 13.33 26.32
CA LYS XA 62 -117.71 12.99 27.54
C LYS XA 62 -116.98 11.87 28.30
N GLY XA 63 -115.80 12.23 28.79
CA GLY XA 63 -115.04 11.36 29.67
C GLY XA 63 -114.65 10.03 29.06
N ARG XA 64 -114.38 9.99 27.76
CA ARG XA 64 -114.05 8.74 27.10
C ARG XA 64 -112.66 8.24 27.53
N ARG XA 65 -111.67 9.13 27.49
CA ARG XA 65 -110.30 8.73 27.76
C ARG XA 65 -110.06 8.46 29.24
N ILE XA 66 -110.69 9.25 30.11
CA ILE XA 66 -110.61 8.95 31.53
C ILE XA 66 -111.30 7.62 31.83
N ARG XA 67 -112.37 7.30 31.10
CA ARG XA 67 -113.04 6.02 31.33
C ARG XA 67 -112.16 4.85 30.88
N GLU XA 68 -111.48 4.98 29.75
CA GLU XA 68 -110.61 3.88 29.33
C GLU XA 68 -109.41 3.74 30.27
N LEU XA 69 -108.90 4.86 30.79
CA LEU XA 69 -107.85 4.78 31.80
C LEU XA 69 -108.34 4.07 33.06
N THR XA 70 -109.56 4.39 33.51
CA THR XA 70 -110.12 3.74 34.68
C THR XA 70 -110.30 2.25 34.44
N ALA XA 71 -110.78 1.87 33.25
CA ALA XA 71 -110.93 0.45 32.93
C ALA XA 71 -109.58 -0.26 32.92
N VAL XA 72 -108.56 0.38 32.35
CA VAL XA 72 -107.23 -0.24 32.30
C VAL XA 72 -106.67 -0.46 33.69
N VAL XA 73 -106.69 0.58 34.52
CA VAL XA 73 -106.16 0.43 35.88
C VAL XA 73 -107.04 -0.51 36.69
N GLN XA 74 -108.30 -0.69 36.30
CA GLN XA 74 -109.15 -1.69 36.93
C GLN XA 74 -108.72 -3.10 36.55
N LYS XA 75 -108.39 -3.33 35.28
CA LYS XA 75 -108.13 -4.68 34.81
C LYS XA 75 -106.71 -5.14 35.12
N ARG XA 76 -105.70 -4.37 34.66
CA ARG XA 76 -104.33 -4.85 34.71
C ARG XA 76 -103.84 -5.08 36.14
N PHE XA 77 -104.18 -4.17 37.04
CA PHE XA 77 -103.78 -4.28 38.44
C PHE XA 77 -104.70 -5.19 39.25
N GLY XA 78 -105.76 -5.72 38.65
CA GLY XA 78 -106.60 -6.71 39.31
C GLY XA 78 -107.36 -6.18 40.52
N PHE XA 79 -107.80 -4.94 40.47
CA PHE XA 79 -108.58 -4.38 41.54
C PHE XA 79 -110.01 -4.92 41.48
N PRO XA 80 -110.74 -4.90 42.58
CA PRO XA 80 -112.19 -5.17 42.51
C PRO XA 80 -112.90 -4.10 41.68
N GLU XA 81 -113.89 -4.54 40.92
CA GLU XA 81 -114.58 -3.67 39.98
C GLU XA 81 -115.29 -2.54 40.70
N GLY XA 82 -115.19 -1.34 40.13
CA GLY XA 82 -115.83 -0.17 40.71
C GLY XA 82 -115.22 0.32 42.00
N SER XA 83 -113.94 0.02 42.24
CA SER XA 83 -113.26 0.46 43.45
C SER XA 83 -112.22 1.52 43.19
N VAL XA 84 -111.91 1.82 41.92
CA VAL XA 84 -110.94 2.84 41.57
C VAL XA 84 -111.66 3.96 40.82
N GLU XA 85 -111.38 5.19 41.21
CA GLU XA 85 -111.95 6.38 40.58
C GLU XA 85 -110.84 7.40 40.36
N LEU XA 86 -110.95 8.14 39.27
CA LEU XA 86 -109.88 9.00 38.79
C LEU XA 86 -110.38 10.42 38.63
N TYR XA 87 -109.65 11.38 39.18
CA TYR XA 87 -109.87 12.80 38.94
C TYR XA 87 -108.68 13.38 38.20
N ALA XA 88 -108.96 14.19 37.19
CA ALA XA 88 -107.93 14.95 36.48
C ALA XA 88 -107.87 16.33 37.11
N GLU XA 89 -106.77 16.61 37.81
CA GLU XA 89 -106.62 17.83 38.59
C GLU XA 89 -105.66 18.76 37.86
N LYS XA 90 -106.13 19.96 37.54
CA LYS XA 90 -105.26 20.93 36.88
C LYS XA 90 -104.25 21.47 37.88
N VAL XA 91 -102.97 21.45 37.49
CA VAL XA 91 -101.92 21.93 38.37
C VAL XA 91 -102.01 23.45 38.51
N ALA XA 92 -101.53 23.95 39.64
CA ALA XA 92 -101.44 25.38 39.89
C ALA XA 92 -100.02 25.83 39.56
N THR XA 93 -99.91 26.90 38.78
CA THR XA 93 -98.62 27.44 38.32
C THR XA 93 -97.82 26.35 37.59
N ARG XA 94 -98.36 25.96 36.43
CA ARG XA 94 -97.71 24.96 35.58
C ARG XA 94 -96.32 25.37 35.14
N GLY XA 95 -95.90 26.61 35.40
CA GLY XA 95 -94.54 27.05 35.18
C GLY XA 95 -93.54 26.54 36.20
N LEU XA 96 -93.97 25.74 37.18
CA LEU XA 96 -93.11 25.32 38.27
C LEU XA 96 -92.90 23.80 38.34
N CYS XA 97 -93.63 23.02 37.57
CA CYS XA 97 -93.49 21.56 37.59
C CYS XA 97 -92.64 21.16 36.39
N ALA XA 98 -91.39 20.78 36.65
CA ALA XA 98 -90.39 20.58 35.61
C ALA XA 98 -90.80 19.53 34.59
N ILE XA 99 -91.69 18.60 34.97
CA ILE XA 99 -92.19 17.62 34.02
C ILE XA 99 -92.92 18.31 32.88
N ALA XA 100 -93.72 19.32 33.21
CA ALA XA 100 -94.49 20.03 32.19
C ALA XA 100 -93.59 20.72 31.18
N GLN XA 101 -92.57 21.44 31.66
CA GLN XA 101 -91.70 22.15 30.72
C GLN XA 101 -90.80 21.20 29.97
N ALA XA 102 -90.38 20.10 30.60
CA ALA XA 102 -89.60 19.10 29.88
C ALA XA 102 -90.40 18.52 28.72
N GLU XA 103 -91.66 18.18 28.97
CA GLU XA 103 -92.50 17.65 27.90
C GLU XA 103 -92.79 18.70 26.84
N SER XA 104 -93.08 19.93 27.26
CA SER XA 104 -93.38 20.99 26.30
C SER XA 104 -92.19 21.28 25.41
N LEU XA 105 -90.98 21.29 25.98
CA LEU XA 105 -89.79 21.53 25.19
C LEU XA 105 -89.44 20.34 24.31
N ARG XA 106 -89.74 19.12 24.76
CA ARG XA 106 -89.60 17.96 23.90
C ARG XA 106 -90.52 18.06 22.69
N TYR XA 107 -91.78 18.47 22.92
CA TYR XA 107 -92.68 18.70 21.80
C TYR XA 107 -92.19 19.81 20.89
N LYS XA 108 -91.66 20.89 21.48
CA LYS XA 108 -91.15 21.99 20.69
C LYS XA 108 -90.00 21.55 19.79
N LEU XA 109 -89.10 20.72 20.33
CA LEU XA 109 -87.98 20.25 19.53
C LEU XA 109 -88.42 19.22 18.50
N LEU XA 110 -89.42 18.41 18.83
CA LEU XA 110 -89.98 17.47 17.85
C LEU XA 110 -90.72 18.21 16.74
N GLY XA 111 -91.20 19.41 17.01
CA GLY XA 111 -91.88 20.18 15.97
C GLY XA 111 -90.94 20.75 14.94
N GLY XA 112 -89.64 20.69 15.19
CA GLY XA 112 -88.67 21.20 14.25
C GLY XA 112 -88.14 22.57 14.64
N LEU XA 113 -88.55 23.05 15.82
CA LEU XA 113 -88.11 24.36 16.28
C LEU XA 113 -86.63 24.33 16.64
N ALA XA 114 -85.97 25.47 16.44
CA ALA XA 114 -84.57 25.59 16.80
C ALA XA 114 -84.40 25.47 18.31
N VAL XA 115 -83.36 24.75 18.73
CA VAL XA 115 -83.17 24.48 20.15
C VAL XA 115 -82.87 25.76 20.92
N ARG XA 116 -82.14 26.70 20.32
CA ARG XA 116 -81.76 27.92 21.01
C ARG XA 116 -82.98 28.78 21.34
N ARG XA 117 -83.82 29.04 20.34
CA ARG XA 117 -85.01 29.86 20.57
C ARG XA 117 -85.98 29.15 21.51
N ALA XA 118 -86.11 27.83 21.35
CA ALA XA 118 -87.04 27.09 22.20
C ALA XA 118 -86.60 27.11 23.66
N CYS XA 119 -85.30 26.94 23.91
CA CYS XA 119 -84.81 26.98 25.28
C CYS XA 119 -84.89 28.40 25.86
N TYR XA 120 -84.64 29.42 25.04
CA TYR XA 120 -84.84 30.79 25.49
C TYR XA 120 -86.28 31.02 25.92
N GLY XA 121 -87.23 30.56 25.10
CA GLY XA 121 -88.63 30.76 25.44
C GLY XA 121 -89.06 29.98 26.66
N VAL XA 122 -88.57 28.74 26.80
CA VAL XA 122 -88.90 27.93 27.96
C VAL XA 122 -88.36 28.59 29.23
N LEU XA 123 -87.12 29.07 29.19
CA LEU XA 123 -86.53 29.71 30.35
C LEU XA 123 -87.27 30.99 30.70
N ARG XA 124 -87.62 31.80 29.70
CA ARG XA 124 -88.34 33.04 29.97
C ARG XA 124 -89.72 32.75 30.55
N PHE XA 125 -90.40 31.74 30.02
CA PHE XA 125 -91.71 31.34 30.54
C PHE XA 125 -91.60 30.86 31.99
N ILE XA 126 -90.55 30.09 32.29
CA ILE XA 126 -90.35 29.61 33.64
C ILE XA 126 -90.08 30.78 34.59
N MET XA 127 -89.24 31.71 34.16
CA MET XA 127 -88.88 32.83 35.03
C MET XA 127 -90.06 33.76 35.26
N GLU XA 128 -90.89 33.98 34.24
CA GLU XA 128 -92.08 34.81 34.46
C GLU XA 128 -93.11 34.07 35.30
N SER XA 129 -93.09 32.74 35.28
CA SER XA 129 -93.95 31.99 36.18
C SER XA 129 -93.55 32.15 37.64
N GLY XA 130 -92.33 32.61 37.90
CA GLY XA 130 -91.92 32.94 39.24
C GLY XA 130 -91.08 31.86 39.89
N ALA XA 131 -89.76 32.02 39.89
CA ALA XA 131 -88.87 31.01 40.43
C ALA XA 131 -87.63 31.68 40.99
N LYS XA 132 -87.00 31.00 41.94
CA LYS XA 132 -85.71 31.46 42.46
C LYS XA 132 -84.60 31.30 41.44
N GLY XA 133 -84.84 30.52 40.39
CA GLY XA 133 -83.85 30.28 39.37
C GLY XA 133 -84.29 29.13 38.50
N CYS XA 134 -83.54 28.91 37.43
CA CYS XA 134 -83.87 27.84 36.51
C CYS XA 134 -82.61 27.40 35.78
N GLU XA 135 -82.70 26.23 35.14
CA GLU XA 135 -81.57 25.64 34.45
C GLU XA 135 -82.08 24.57 33.50
N VAL XA 136 -81.60 24.58 32.26
CA VAL XA 136 -81.96 23.57 31.28
C VAL XA 136 -80.69 23.00 30.66
N VAL XA 137 -80.73 21.71 30.35
CA VAL XA 137 -79.63 21.01 29.69
C VAL XA 137 -80.14 20.43 28.38
N VAL XA 138 -79.38 20.61 27.32
CA VAL XA 138 -79.63 19.94 26.05
C VAL XA 138 -78.32 19.32 25.60
N SER XA 139 -78.31 17.99 25.46
CA SER XA 139 -77.12 17.26 25.07
C SER XA 139 -77.46 16.22 24.02
N GLY XA 140 -76.58 16.03 23.07
CA GLY XA 140 -76.78 15.05 22.02
C GLY XA 140 -76.10 15.48 20.74
N LYS XA 141 -76.57 14.91 19.64
CA LYS XA 141 -75.97 15.16 18.32
C LYS XA 141 -76.52 16.46 17.75
N LEU XA 142 -76.17 17.56 18.40
CA LEU XA 142 -76.50 18.87 17.88
C LEU XA 142 -75.55 19.23 16.74
N ARG XA 143 -76.04 20.07 15.83
CA ARG XA 143 -75.30 20.52 14.66
C ARG XA 143 -74.86 19.32 13.82
N GLY XA 144 -73.63 18.84 14.05
CA GLY XA 144 -73.07 17.75 13.31
C GLY XA 144 -73.06 16.44 14.09
N GLN XA 145 -72.24 15.50 13.61
CA GLN XA 145 -72.18 14.18 14.22
C GLN XA 145 -71.60 14.24 15.63
N ARG XA 146 -70.61 15.10 15.85
CA ARG XA 146 -69.99 15.21 17.16
C ARG XA 146 -71.00 15.73 18.17
N ALA XA 147 -71.15 15.00 19.27
CA ALA XA 147 -72.11 15.39 20.29
C ALA XA 147 -71.62 16.60 21.05
N LYS XA 148 -72.57 17.45 21.45
CA LYS XA 148 -72.28 18.64 22.24
C LYS XA 148 -73.34 18.82 23.31
N SER XA 149 -72.94 19.40 24.43
CA SER XA 149 -73.83 19.69 25.53
C SER XA 149 -74.06 21.20 25.63
N MET XA 150 -75.32 21.59 25.72
CA MET XA 150 -75.69 22.99 25.87
C MET XA 150 -76.39 23.16 27.21
N LYS XA 151 -75.98 24.17 27.97
CA LYS XA 151 -76.53 24.41 29.29
C LYS XA 151 -76.82 25.89 29.48
N PHE XA 152 -78.06 26.20 29.83
CA PHE XA 152 -78.50 27.55 30.14
C PHE XA 152 -79.00 27.59 31.58
N VAL XA 153 -78.75 28.69 32.27
CA VAL XA 153 -79.05 28.79 33.69
C VAL XA 153 -79.20 30.26 34.05
N ASP XA 154 -80.12 30.55 34.97
CA ASP XA 154 -80.23 31.88 35.54
C ASP XA 154 -80.86 31.77 36.93
N GLY XA 155 -80.71 32.83 37.71
CA GLY XA 155 -81.25 32.86 39.05
C GLY XA 155 -80.41 32.04 40.02
N LEU XA 156 -81.01 31.79 41.18
CA LEU XA 156 -80.36 31.00 42.21
C LEU XA 156 -80.54 29.52 41.94
N MET XA 157 -79.52 28.73 42.28
CA MET XA 157 -79.57 27.29 42.03
C MET XA 157 -78.61 26.60 43.00
N ILE XA 158 -79.17 25.87 43.97
CA ILE XA 158 -78.37 25.10 44.89
C ILE XA 158 -78.05 23.75 44.26
N HIS XA 159 -77.01 23.10 44.77
CA HIS XA 159 -76.57 21.82 44.20
C HIS XA 159 -76.37 20.76 45.27
N SER XA 160 -75.98 21.15 46.47
CA SER XA 160 -75.51 20.22 47.48
C SER XA 160 -76.39 20.26 48.71
N GLY XA 161 -76.55 19.10 49.35
CA GLY XA 161 -77.22 19.01 50.62
C GLY XA 161 -78.68 18.61 50.54
N ASP XA 162 -79.25 18.47 51.72
CA ASP XA 162 -80.67 18.12 51.83
C ASP XA 162 -81.63 19.12 51.17
N PRO XA 163 -81.48 20.45 51.28
CA PRO XA 163 -82.53 21.35 50.78
C PRO XA 163 -82.81 21.26 49.29
N VAL XA 164 -81.96 20.59 48.50
CA VAL XA 164 -82.26 20.44 47.08
C VAL XA 164 -83.47 19.54 46.87
N ASN XA 165 -83.78 18.67 47.83
CA ASN XA 165 -84.84 17.68 47.64
C ASN XA 165 -86.22 18.34 47.57
N TYR XA 166 -86.45 19.37 48.38
CA TYR XA 166 -87.75 20.00 48.45
C TYR XA 166 -87.78 21.40 47.84
N TYR XA 167 -86.64 21.92 47.38
CA TYR XA 167 -86.60 23.20 46.68
C TYR XA 167 -86.51 23.03 45.17
N VAL XA 168 -85.62 22.18 44.68
CA VAL XA 168 -85.36 22.02 43.27
C VAL XA 168 -85.95 20.70 42.80
N ASP XA 169 -86.87 20.76 41.84
CA ASP XA 169 -87.37 19.59 41.14
C ASP XA 169 -86.61 19.38 39.83
N THR XA 170 -86.63 18.14 39.36
CA THR XA 170 -85.84 17.78 38.19
C THR XA 170 -86.63 16.82 37.30
N ALA XA 171 -86.62 17.09 36.00
CA ALA XA 171 -87.26 16.23 35.01
C ALA XA 171 -86.28 15.97 33.88
N VAL XA 172 -86.11 14.70 33.53
CA VAL XA 172 -85.25 14.29 32.43
C VAL XA 172 -86.10 13.54 31.43
N ARG XA 173 -86.11 14.00 30.18
CA ARG XA 173 -86.80 13.32 29.11
C ARG XA 173 -85.82 13.03 27.98
N HIS XA 174 -86.31 12.30 26.99
CA HIS XA 174 -85.51 11.93 25.83
C HIS XA 174 -86.31 12.22 24.58
N VAL XA 175 -85.64 12.68 23.53
CA VAL XA 175 -86.27 13.05 22.27
C VAL XA 175 -85.73 12.15 21.17
N LEU XA 176 -86.63 11.53 20.41
CA LEU XA 176 -86.25 10.70 19.29
C LEU XA 176 -86.28 11.54 18.02
N LEU XA 177 -85.11 11.89 17.52
CA LEU XA 177 -84.98 12.62 16.26
C LEU XA 177 -84.59 11.67 15.15
N ARG XA 178 -84.31 12.22 13.97
CA ARG XA 178 -83.85 11.40 12.86
C ARG XA 178 -82.39 11.01 13.00
N GLN XA 179 -81.61 11.76 13.78
CA GLN XA 179 -80.18 11.54 13.87
C GLN XA 179 -79.74 10.89 15.18
N GLY XA 180 -80.65 10.68 16.12
CA GLY XA 180 -80.31 10.08 17.38
C GLY XA 180 -81.26 10.53 18.46
N VAL XA 181 -80.74 10.58 19.70
CA VAL XA 181 -81.52 10.92 20.87
C VAL XA 181 -80.93 12.17 21.52
N LEU XA 182 -81.79 13.13 21.82
CA LEU XA 182 -81.41 14.35 22.53
C LEU XA 182 -81.85 14.24 23.98
N GLY XA 183 -80.91 14.43 24.89
CA GLY XA 183 -81.20 14.40 26.31
C GLY XA 183 -81.52 15.79 26.85
N ILE XA 184 -82.56 15.87 27.66
CA ILE XA 184 -83.04 17.14 28.20
C ILE XA 184 -83.17 17.03 29.70
N LYS XA 185 -82.74 18.08 30.40
CA LYS XA 185 -82.83 18.16 31.86
C LYS XA 185 -83.35 19.54 32.24
N VAL XA 186 -84.29 19.59 33.18
CA VAL XA 186 -84.86 20.85 33.66
C VAL XA 186 -84.80 20.85 35.17
N LYS XA 187 -84.10 21.84 35.74
CA LYS XA 187 -84.03 22.04 37.17
C LYS XA 187 -84.59 23.42 37.50
N ILE XA 188 -85.64 23.46 38.31
CA ILE XA 188 -86.31 24.70 38.67
C ILE XA 188 -86.34 24.78 40.20
N MET XA 189 -85.91 25.92 40.73
CA MET XA 189 -85.84 26.14 42.17
C MET XA 189 -87.13 26.83 42.60
N LEU XA 190 -88.00 26.09 43.29
CA LEU XA 190 -89.33 26.60 43.61
C LEU XA 190 -89.23 27.75 44.60
N PRO XA 191 -90.06 28.78 44.44
CA PRO XA 191 -90.05 29.88 45.40
C PRO XA 191 -90.61 29.46 46.75
N TRP XA 192 -90.15 30.15 47.79
CA TRP XA 192 -90.58 29.84 49.15
C TRP XA 192 -91.94 30.46 49.41
N ASP XA 193 -92.85 29.70 50.03
CA ASP XA 193 -94.16 30.23 50.37
C ASP XA 193 -94.66 29.54 51.64
N PRO XA 194 -95.24 30.29 52.58
CA PRO XA 194 -95.84 29.65 53.75
C PRO XA 194 -97.02 28.75 53.42
N THR XA 195 -97.72 29.03 52.33
CA THR XA 195 -98.84 28.18 51.92
C THR XA 195 -98.36 26.77 51.57
N GLY XA 196 -97.25 26.68 50.85
CA GLY XA 196 -96.72 25.39 50.42
C GLY XA 196 -97.35 24.83 49.16
N LYS XA 197 -98.34 25.52 48.58
CA LYS XA 197 -99.01 25.00 47.39
C LYS XA 197 -98.13 25.14 46.15
N ILE XA 198 -97.40 26.26 46.03
CA ILE XA 198 -96.56 26.49 44.86
C ILE XA 198 -95.09 26.20 45.13
N GLY XA 199 -94.69 26.05 46.39
CA GLY XA 199 -93.31 25.82 46.72
C GLY XA 199 -93.13 25.19 48.09
N PRO XA 200 -91.89 25.15 48.58
CA PRO XA 200 -91.63 24.56 49.88
C PRO XA 200 -92.15 25.43 51.01
N LYS XA 201 -92.35 24.81 52.17
CA LYS XA 201 -92.73 25.55 53.37
C LYS XA 201 -91.51 25.94 54.21
N LYS XA 202 -90.54 25.04 54.34
CA LYS XA 202 -89.36 25.34 55.14
C LYS XA 202 -88.52 26.41 54.44
N PRO XA 203 -87.92 27.32 55.19
CA PRO XA 203 -87.06 28.34 54.58
C PRO XA 203 -85.71 27.77 54.18
N LEU XA 204 -84.98 28.55 53.39
CA LEU XA 204 -83.63 28.19 53.00
C LEU XA 204 -82.79 28.07 54.26
N PRO XA 205 -82.02 26.99 54.43
CA PRO XA 205 -81.40 26.73 55.74
C PRO XA 205 -80.47 27.83 56.23
N ASP XA 206 -79.74 28.49 55.35
CA ASP XA 206 -78.85 29.57 55.76
C ASP XA 206 -79.47 30.95 55.58
N HIS XA 207 -80.71 31.04 55.11
CA HIS XA 207 -81.42 32.31 55.06
C HIS XA 207 -81.97 32.64 56.45
N VAL XA 208 -81.60 33.80 56.97
CA VAL XA 208 -82.04 34.24 58.29
C VAL XA 208 -82.81 35.54 58.12
N SER XA 209 -84.04 35.56 58.63
CA SER XA 209 -84.90 36.73 58.57
C SER XA 209 -85.06 37.31 59.98
N ILE XA 210 -85.08 38.63 60.06
CA ILE XA 210 -85.12 39.34 61.33
C ILE XA 210 -86.33 40.25 61.32
N VAL XA 211 -87.14 40.18 62.38
CA VAL XA 211 -88.31 41.04 62.49
C VAL XA 211 -87.85 42.48 62.67
N GLU XA 212 -88.57 43.41 62.05
CA GLU XA 212 -88.22 44.81 62.14
C GLU XA 212 -88.75 45.37 63.46
N PRO XA 213 -87.91 45.97 64.30
CA PRO XA 213 -88.35 46.36 65.64
C PRO XA 213 -89.31 47.54 65.62
N LYS XA 214 -90.07 47.66 66.71
CA LYS XA 214 -91.00 48.76 66.89
C LYS XA 214 -90.26 49.95 67.49
N ASP XA 215 -91.00 50.97 67.95
CA ASP XA 215 -90.35 52.12 68.53
C ASP XA 215 -89.98 51.89 70.00
N GLU XA 216 -90.99 51.71 70.86
CA GLU XA 216 -90.79 51.48 72.29
C GLU XA 216 -89.86 52.52 72.91
N ILE XA 217 -90.22 53.79 72.74
CA ILE XA 217 -89.30 54.87 73.08
C ILE XA 217 -89.34 55.18 74.57
N LEU XA 218 -90.49 55.61 75.06
CA LEU XA 218 -90.73 56.07 76.43
C LEU XA 218 -89.68 57.12 76.80
N PRO XA 219 -89.79 58.34 76.28
CA PRO XA 219 -88.81 59.39 76.61
C PRO XA 219 -89.23 60.33 77.73
N THR XA 220 -90.35 60.09 78.41
CA THR XA 220 -90.89 61.02 79.37
C THR XA 220 -90.61 60.55 80.80
N THR XA 221 -91.05 61.35 81.75
CA THR XA 221 -90.93 61.01 83.16
C THR XA 221 -91.81 59.81 83.48
N PRO XA 222 -91.42 58.99 84.47
CA PRO XA 222 -92.26 57.86 84.86
C PRO XA 222 -93.61 58.31 85.39
N ILE XA 223 -94.68 57.74 84.84
CA ILE XA 223 -96.05 58.06 85.19
C ILE XA 223 -96.77 56.78 85.60
N SER XA 224 -97.98 56.94 86.10
CA SER XA 224 -98.79 55.80 86.55
C SER XA 224 -100.18 55.92 85.94
N GLU XA 225 -100.61 54.87 85.24
CA GLU XA 225 -101.91 54.84 84.59
C GLU XA 225 -102.77 53.78 85.27
N GLN XA 226 -103.92 54.18 85.78
CA GLN XA 226 -104.86 53.27 86.43
C GLN XA 226 -105.79 52.68 85.38
N LYS XA 227 -105.81 51.36 85.27
CA LYS XA 227 -106.63 50.69 84.28
C LYS XA 227 -107.44 49.55 84.89
N ASP YA 1 -50.91 0.29 99.20
CA ASP YA 1 -52.23 -0.26 99.50
C ASP YA 1 -52.87 -0.81 98.22
N ILE YA 2 -52.29 -0.43 97.09
CA ILE YA 2 -52.84 -0.84 95.80
C ILE YA 2 -52.62 -2.34 95.58
N LYS YA 3 -51.36 -2.78 95.67
CA LYS YA 3 -51.00 -4.20 95.62
C LYS YA 3 -51.46 -4.84 94.30
N LEU YA 4 -50.83 -4.38 93.22
CA LEU YA 4 -51.14 -4.86 91.88
C LEU YA 4 -50.97 -6.37 91.80
N PHE YA 5 -51.97 -7.05 91.23
CA PHE YA 5 -52.07 -8.51 91.21
C PHE YA 5 -52.20 -9.09 92.61
N GLY YA 6 -52.72 -8.30 93.56
CA GLY YA 6 -52.92 -8.76 94.91
C GLY YA 6 -51.68 -8.75 95.79
N LYS YA 7 -50.56 -8.25 95.28
CA LYS YA 7 -49.29 -8.25 96.00
C LYS YA 7 -48.38 -7.23 95.33
N TRP YA 8 -47.08 -7.27 95.67
CA TRP YA 8 -46.07 -6.42 95.03
C TRP YA 8 -46.43 -4.94 95.15
N SER YA 9 -46.38 -4.46 96.39
CA SER YA 9 -46.71 -3.08 96.70
C SER YA 9 -45.92 -2.11 95.82
N THR YA 10 -46.48 -0.92 95.62
CA THR YA 10 -45.93 0.03 94.65
C THR YA 10 -45.25 1.23 95.29
N ASP YA 11 -45.45 1.46 96.58
CA ASP YA 11 -44.81 2.61 97.24
C ASP YA 11 -43.35 2.35 97.60
N ASP YA 12 -42.85 1.14 97.40
CA ASP YA 12 -41.46 0.82 97.67
C ASP YA 12 -40.56 1.00 96.45
N VAL YA 13 -41.13 1.39 95.32
CA VAL YA 13 -40.34 1.55 94.09
C VAL YA 13 -39.67 2.92 94.11
N GLN YA 14 -38.35 2.94 93.94
CA GLN YA 14 -37.58 4.17 93.85
C GLN YA 14 -36.91 4.23 92.48
N ILE YA 15 -36.78 5.44 91.96
CA ILE YA 15 -36.35 5.65 90.58
C ILE YA 15 -34.94 6.20 90.60
N ASN YA 16 -34.03 5.51 89.89
CA ASN YA 16 -32.62 5.87 89.96
C ASN YA 16 -32.34 7.18 89.22
N ASP YA 17 -32.99 7.40 88.08
CA ASP YA 17 -32.71 8.55 87.23
C ASP YA 17 -33.89 9.51 87.22
N ILE YA 18 -33.58 10.81 87.32
CA ILE YA 18 -34.64 11.83 87.34
C ILE YA 18 -35.18 12.15 85.96
N SER YA 19 -34.51 11.69 84.89
CA SER YA 19 -34.92 12.08 83.55
C SER YA 19 -36.14 11.32 83.06
N LEU YA 20 -36.54 10.26 83.74
CA LEU YA 20 -37.70 9.47 83.33
C LEU YA 20 -38.84 9.50 84.34
N GLN YA 21 -38.71 10.28 85.42
CA GLN YA 21 -39.68 10.19 86.51
C GLN YA 21 -41.06 10.70 86.12
N ASP YA 22 -41.17 11.53 85.09
CA ASP YA 22 -42.45 12.10 84.70
C ASP YA 22 -43.22 11.27 83.70
N TYR YA 23 -42.60 10.24 83.11
CA TYR YA 23 -43.24 9.46 82.05
C TYR YA 23 -43.49 8.01 82.44
N ILE YA 24 -43.05 7.58 83.61
CA ILE YA 24 -43.37 6.26 84.14
C ILE YA 24 -44.35 6.44 85.30
N ALA YA 25 -45.24 5.47 85.47
CA ALA YA 25 -46.44 5.66 86.28
C ALA YA 25 -46.60 4.54 87.31
N VAL YA 26 -45.53 4.26 88.06
CA VAL YA 26 -45.61 3.25 89.12
C VAL YA 26 -45.96 3.83 90.48
N LYS YA 27 -46.15 5.14 90.57
CA LYS YA 27 -46.43 5.78 91.85
C LYS YA 27 -47.89 5.51 92.24
N GLU YA 28 -48.21 5.76 93.52
CA GLU YA 28 -49.51 5.35 94.04
C GLU YA 28 -50.66 6.06 93.34
N LYS YA 29 -50.43 7.27 92.82
CA LYS YA 29 -51.45 7.99 92.09
C LYS YA 29 -51.80 7.29 90.78
N TYR YA 30 -50.91 6.43 90.29
CA TYR YA 30 -51.11 5.74 89.02
C TYR YA 30 -51.18 4.23 89.19
N ALA YA 31 -51.06 3.74 90.42
CA ALA YA 31 -51.05 2.31 90.67
C ALA YA 31 -52.48 1.78 90.69
N LYS YA 32 -52.78 0.84 89.79
CA LYS YA 32 -54.07 0.20 89.70
C LYS YA 32 -53.98 -1.24 90.18
N TYR YA 33 -55.14 -1.81 90.48
CA TYR YA 33 -55.17 -3.18 90.98
C TYR YA 33 -54.87 -4.18 89.87
N LEU YA 34 -55.06 -3.78 88.62
CA LEU YA 34 -54.97 -4.67 87.48
C LEU YA 34 -54.69 -3.85 86.23
N PRO YA 35 -53.71 -4.22 85.42
CA PRO YA 35 -53.37 -3.43 84.22
C PRO YA 35 -54.33 -3.68 83.06
N HIS YA 36 -55.59 -3.34 83.28
CA HIS YA 36 -56.60 -3.42 82.22
C HIS YA 36 -57.59 -2.31 82.47
N SER YA 37 -57.39 -1.17 81.81
CA SER YA 37 -58.22 0.01 82.03
C SER YA 37 -58.37 0.75 80.71
N ALA YA 38 -59.58 0.75 80.15
CA ALA YA 38 -59.86 1.47 78.91
C ALA YA 38 -60.07 2.95 79.23
N GLY YA 39 -58.97 3.61 79.57
CA GLY YA 39 -58.96 5.00 79.94
C GLY YA 39 -58.75 6.00 78.82
N ARG YA 40 -58.73 5.53 77.57
CA ARG YA 40 -58.55 6.38 76.40
C ARG YA 40 -57.21 7.12 76.46
N TYR YA 41 -56.13 6.34 76.49
CA TYR YA 41 -54.79 6.88 76.64
C TYR YA 41 -54.16 7.34 75.33
N ALA YA 42 -54.74 6.98 74.18
CA ALA YA 42 -54.23 7.39 72.89
C ALA YA 42 -55.01 8.56 72.31
N ALA YA 43 -55.86 9.20 73.10
CA ALA YA 43 -56.70 10.27 72.58
C ALA YA 43 -55.91 11.56 72.35
N LYS YA 44 -54.86 11.78 73.14
CA LYS YA 44 -54.14 13.04 73.07
C LYS YA 44 -52.64 12.77 73.22
N ARG YA 45 -51.85 13.69 72.68
CA ARG YA 45 -50.40 13.62 72.83
C ARG YA 45 -49.99 13.68 74.30
N PHE YA 46 -48.96 12.92 74.64
CA PHE YA 46 -48.37 12.82 75.97
C PHE YA 46 -49.31 12.20 77.00
N ARG YA 47 -50.46 11.68 76.57
CA ARG YA 47 -51.33 10.96 77.49
C ARG YA 47 -50.83 9.56 77.78
N LYS YA 48 -50.14 8.93 76.83
CA LYS YA 48 -49.60 7.60 77.08
C LYS YA 48 -48.54 7.59 78.18
N ALA YA 49 -47.93 8.74 78.45
CA ALA YA 49 -47.02 8.84 79.58
C ALA YA 49 -47.76 8.82 80.90
N GLN YA 50 -49.08 8.99 80.90
CA GLN YA 50 -49.87 8.96 82.11
C GLN YA 50 -50.48 7.59 82.39
N CYS YA 51 -50.37 6.66 81.45
CA CYS YA 51 -50.83 5.30 81.62
C CYS YA 51 -49.86 4.52 82.50
N PRO YA 52 -50.36 3.64 83.37
CA PRO YA 52 -49.46 2.76 84.14
C PRO YA 52 -48.64 1.88 83.20
N ILE YA 53 -47.33 1.84 83.44
CA ILE YA 53 -46.40 1.23 82.49
C ILE YA 53 -46.57 -0.27 82.42
N VAL YA 54 -47.17 -0.90 83.44
CA VAL YA 54 -47.49 -2.32 83.33
C VAL YA 54 -48.51 -2.54 82.22
N GLU YA 55 -49.53 -1.69 82.17
CA GLU YA 55 -50.51 -1.77 81.09
C GLU YA 55 -49.87 -1.41 79.75
N ARG YA 56 -48.88 -0.52 79.75
CA ARG YA 56 -48.14 -0.24 78.53
C ARG YA 56 -47.41 -1.49 78.03
N LEU YA 57 -46.78 -2.23 78.95
CA LEU YA 57 -46.15 -3.49 78.58
C LEU YA 57 -47.18 -4.48 78.04
N THR YA 58 -48.34 -4.55 78.69
CA THR YA 58 -49.38 -5.48 78.23
C THR YA 58 -49.82 -5.13 76.82
N ASN YA 59 -50.02 -3.84 76.54
CA ASN YA 59 -50.39 -3.43 75.19
C ASN YA 59 -49.30 -3.77 74.20
N SER YA 60 -48.04 -3.53 74.57
CA SER YA 60 -46.94 -3.62 73.63
C SER YA 60 -46.52 -5.05 73.32
N MET YA 61 -46.69 -5.99 74.25
CA MET YA 61 -46.15 -7.32 73.99
C MET YA 61 -47.06 -8.15 73.09
N MET YA 62 -48.36 -7.93 73.12
CA MET YA 62 -49.27 -8.69 72.25
C MET YA 62 -49.20 -8.11 70.84
N MET YA 63 -48.69 -8.92 69.90
CA MET YA 63 -48.43 -8.48 68.54
C MET YA 63 -48.49 -9.68 67.61
N HIS YA 64 -48.05 -9.47 66.37
CA HIS YA 64 -47.84 -10.52 65.37
C HIS YA 64 -49.14 -11.20 64.96
N GLY YA 65 -50.19 -10.41 64.78
CA GLY YA 65 -51.41 -10.89 64.16
C GLY YA 65 -52.24 -11.82 65.01
N ARG YA 66 -51.63 -12.92 65.46
CA ARG YA 66 -52.33 -13.86 66.32
C ARG YA 66 -52.72 -13.24 67.65
N ASN YA 67 -52.03 -12.18 68.08
CA ASN YA 67 -52.20 -11.61 69.41
C ASN YA 67 -52.46 -10.11 69.25
N ASN YA 68 -53.71 -9.76 69.04
CA ASN YA 68 -54.10 -8.35 68.98
C ASN YA 68 -55.23 -7.99 69.92
N GLY YA 69 -56.19 -8.88 70.17
CA GLY YA 69 -57.24 -8.60 71.12
C GLY YA 69 -57.04 -9.39 72.39
N LYS YA 70 -56.08 -10.31 72.37
CA LYS YA 70 -55.83 -11.15 73.54
C LYS YA 70 -55.13 -10.36 74.64
N LYS YA 71 -55.83 -9.39 75.22
CA LYS YA 71 -55.28 -8.65 76.34
C LYS YA 71 -55.45 -9.37 77.66
N LEU YA 72 -56.47 -10.22 77.79
CA LEU YA 72 -56.65 -10.99 79.01
C LEU YA 72 -55.55 -12.02 79.15
N MET YA 73 -55.29 -12.74 78.06
CA MET YA 73 -54.14 -13.63 77.98
C MET YA 73 -52.85 -12.87 78.27
N THR YA 74 -52.76 -11.63 77.77
CA THR YA 74 -51.58 -10.82 78.03
C THR YA 74 -51.43 -10.54 79.52
N VAL YA 75 -52.53 -10.20 80.20
CA VAL YA 75 -52.47 -9.92 81.62
C VAL YA 75 -52.04 -11.15 82.40
N ARG YA 76 -52.58 -12.32 82.04
CA ARG YA 76 -52.17 -13.54 82.73
C ARG YA 76 -50.70 -13.87 82.47
N ILE YA 77 -50.22 -13.65 81.25
CA ILE YA 77 -48.81 -13.86 80.94
C ILE YA 77 -47.93 -12.93 81.76
N VAL YA 78 -48.35 -11.67 81.87
CA VAL YA 78 -47.60 -10.68 82.65
C VAL YA 78 -47.56 -11.06 84.12
N LYS YA 79 -48.69 -11.54 84.66
CA LYS YA 79 -48.72 -11.98 86.05
C LYS YA 79 -47.76 -13.13 86.27
N HIS YA 80 -47.76 -14.10 85.36
CA HIS YA 80 -46.82 -15.22 85.47
C HIS YA 80 -45.37 -14.74 85.39
N ALA YA 81 -45.10 -13.74 84.55
CA ALA YA 81 -43.75 -13.22 84.43
C ALA YA 81 -43.29 -12.55 85.72
N PHE YA 82 -44.15 -11.74 86.34
CA PHE YA 82 -43.79 -11.18 87.65
C PHE YA 82 -43.60 -12.27 88.70
N GLU YA 83 -44.41 -13.33 88.64
CA GLU YA 83 -44.20 -14.45 89.56
C GLU YA 83 -42.81 -15.05 89.36
N ILE YA 84 -42.41 -15.25 88.10
CA ILE YA 84 -41.10 -15.83 87.82
C ILE YA 84 -39.98 -14.94 88.32
N ILE YA 85 -40.09 -13.62 88.07
CA ILE YA 85 -38.97 -12.76 88.45
C ILE YA 85 -38.90 -12.61 89.96
N HIS YA 86 -40.03 -12.64 90.67
CA HIS YA 86 -39.97 -12.64 92.12
C HIS YA 86 -39.35 -13.92 92.65
N LEU YA 87 -39.68 -15.07 92.04
CA LEU YA 87 -39.05 -16.31 92.49
C LEU YA 87 -37.58 -16.40 92.13
N LEU YA 88 -37.12 -15.64 91.11
CA LEU YA 88 -35.73 -15.74 90.69
C LEU YA 88 -34.82 -14.72 91.38
N THR YA 89 -35.17 -13.44 91.36
CA THR YA 89 -34.33 -12.41 91.98
C THR YA 89 -34.66 -12.18 93.45
N GLY YA 90 -35.95 -12.02 93.78
CA GLY YA 90 -36.37 -11.87 95.14
C GLY YA 90 -36.74 -10.45 95.55
N GLU YA 91 -36.34 -9.45 94.76
CA GLU YA 91 -36.67 -8.07 95.08
C GLU YA 91 -38.06 -7.75 94.54
N ASN YA 92 -38.43 -6.48 94.54
CA ASN YA 92 -39.75 -6.08 94.05
C ASN YA 92 -39.81 -6.30 92.55
N PRO YA 93 -40.74 -7.10 92.05
CA PRO YA 93 -40.83 -7.31 90.60
C PRO YA 93 -41.08 -6.04 89.81
N LEU YA 94 -41.86 -5.11 90.36
CA LEU YA 94 -42.09 -3.83 89.70
C LEU YA 94 -40.79 -3.04 89.58
N GLN YA 95 -39.96 -3.09 90.62
CA GLN YA 95 -38.66 -2.43 90.55
C GLN YA 95 -37.78 -3.08 89.48
N VAL YA 96 -37.89 -4.40 89.32
CA VAL YA 96 -37.16 -5.08 88.25
C VAL YA 96 -37.60 -4.55 86.90
N LEU YA 97 -38.92 -4.42 86.70
CA LEU YA 97 -39.42 -3.87 85.45
C LEU YA 97 -38.93 -2.44 85.23
N VAL YA 98 -38.93 -1.63 86.28
CA VAL YA 98 -38.52 -0.24 86.15
C VAL YA 98 -37.05 -0.14 85.77
N ASN YA 99 -36.19 -0.93 86.42
CA ASN YA 99 -34.77 -0.93 86.06
C ASN YA 99 -34.55 -1.50 84.66
N ALA YA 100 -35.34 -2.49 84.25
CA ALA YA 100 -35.23 -3.01 82.89
C ALA YA 100 -35.57 -1.93 81.87
N ILE YA 101 -36.63 -1.17 82.12
CA ILE YA 101 -37.01 -0.07 81.23
C ILE YA 101 -35.89 0.97 81.18
N ILE YA 102 -35.34 1.32 82.35
CA ILE YA 102 -34.32 2.36 82.41
C ILE YA 102 -33.05 1.91 81.67
N ASN YA 103 -32.66 0.66 81.86
CA ASN YA 103 -31.43 0.17 81.25
C ASN YA 103 -31.62 -0.28 79.80
N SER YA 104 -32.85 -0.34 79.31
CA SER YA 104 -33.09 -0.80 77.94
C SER YA 104 -33.22 0.34 76.92
N GLY YA 105 -33.87 1.45 77.29
CA GLY YA 105 -34.06 2.56 76.39
C GLY YA 105 -32.75 3.23 76.01
N PRO YA 106 -32.51 3.39 74.71
CA PRO YA 106 -31.22 3.95 74.26
C PRO YA 106 -31.18 5.47 74.47
N ARG YA 107 -30.06 5.95 74.97
CA ARG YA 107 -29.93 7.37 75.28
C ARG YA 107 -29.80 8.23 74.03
N GLU YA 108 -29.27 7.68 72.94
CA GLU YA 108 -29.04 8.44 71.73
C GLU YA 108 -29.36 7.59 70.51
N ASP YA 109 -29.95 8.20 69.49
CA ASP YA 109 -30.24 7.51 68.24
C ASP YA 109 -29.62 8.29 67.09
N SER YA 110 -29.87 7.85 65.86
CA SER YA 110 -29.38 8.51 64.66
C SER YA 110 -30.43 8.42 63.58
N THR YA 111 -30.71 9.54 62.92
CA THR YA 111 -31.72 9.57 61.87
C THR YA 111 -31.44 10.71 60.90
N ARG YA 112 -31.64 10.42 59.61
CA ARG YA 112 -31.54 11.40 58.53
C ARG YA 112 -32.10 10.74 57.26
N ILE YA 113 -31.94 11.41 56.11
CA ILE YA 113 -32.50 10.97 54.84
C ILE YA 113 -31.42 10.76 53.79
N GLY YA 114 -30.55 11.74 53.61
CA GLY YA 114 -29.73 11.82 52.41
C GLY YA 114 -28.57 10.85 52.34
N ARG YA 115 -27.43 11.34 51.82
CA ARG YA 115 -26.30 10.48 51.54
C ARG YA 115 -25.70 9.95 52.85
N ALA YA 116 -26.02 8.70 53.18
CA ALA YA 116 -25.67 8.13 54.47
C ALA YA 116 -24.20 7.75 54.52
N GLY YA 117 -23.53 8.19 55.58
CA GLY YA 117 -22.14 7.83 55.80
C GLY YA 117 -22.00 6.39 56.25
N THR YA 118 -22.60 6.05 57.39
CA THR YA 118 -22.68 4.67 57.83
C THR YA 118 -24.13 4.17 57.89
N VAL YA 119 -25.01 4.84 58.64
CA VAL YA 119 -26.41 4.48 58.70
C VAL YA 119 -27.25 5.73 58.44
N ARG YA 120 -27.03 6.77 59.23
CA ARG YA 120 -27.70 8.06 59.09
C ARG YA 120 -26.67 9.18 59.14
N ARG YA 121 -27.04 10.31 58.54
CA ARG YA 121 -26.09 11.41 58.41
C ARG YA 121 -25.78 12.06 59.76
N GLN YA 122 -26.74 12.06 60.68
CA GLN YA 122 -26.59 12.75 61.96
C GLN YA 122 -26.94 11.81 63.11
N ALA YA 123 -26.42 12.15 64.28
CA ALA YA 123 -26.73 11.46 65.54
C ALA YA 123 -27.49 12.43 66.42
N VAL YA 124 -28.69 12.02 66.84
CA VAL YA 124 -29.62 12.90 67.56
C VAL YA 124 -30.08 12.19 68.82
N ASP YA 125 -30.01 12.90 69.96
CA ASP YA 125 -30.47 12.34 71.22
C ASP YA 125 -31.99 12.22 71.23
N VAL YA 126 -32.50 11.45 72.19
CA VAL YA 126 -33.89 11.02 72.19
C VAL YA 126 -34.61 11.63 73.38
N SER YA 127 -35.92 11.75 73.24
CA SER YA 127 -36.77 12.24 74.32
C SER YA 127 -37.03 11.12 75.32
N PRO YA 128 -37.21 11.48 76.60
CA PRO YA 128 -37.55 10.44 77.60
C PRO YA 128 -38.83 9.69 77.29
N LEU YA 129 -39.82 10.32 76.66
CA LEU YA 129 -40.99 9.57 76.24
C LEU YA 129 -40.60 8.53 75.20
N ARG YA 130 -39.81 8.94 74.21
CA ARG YA 130 -39.28 7.97 73.26
C ARG YA 130 -38.39 6.93 73.93
N ARG YA 131 -37.71 7.33 75.01
CA ARG YA 131 -36.95 6.34 75.79
C ARG YA 131 -37.87 5.25 76.31
N VAL YA 132 -39.00 5.64 76.90
CA VAL YA 132 -39.95 4.65 77.42
C VAL YA 132 -40.48 3.79 76.29
N ASN YA 133 -40.86 4.42 75.18
CA ASN YA 133 -41.46 3.68 74.06
C ASN YA 133 -40.49 2.65 73.51
N GLN YA 134 -39.25 3.07 73.26
CA GLN YA 134 -38.27 2.16 72.67
C GLN YA 134 -37.87 1.07 73.65
N ALA YA 135 -37.77 1.40 74.94
CA ALA YA 135 -37.43 0.37 75.93
C ALA YA 135 -38.51 -0.70 76.01
N ILE YA 136 -39.78 -0.29 76.10
CA ILE YA 136 -40.86 -1.26 76.19
C ILE YA 136 -40.93 -2.10 74.92
N TRP YA 137 -40.80 -1.44 73.75
CA TRP YA 137 -40.90 -2.17 72.49
C TRP YA 137 -39.76 -3.18 72.35
N LEU YA 138 -38.55 -2.79 72.77
CA LEU YA 138 -37.41 -3.69 72.68
C LEU YA 138 -37.56 -4.88 73.62
N LEU YA 139 -38.03 -4.64 74.85
CA LEU YA 139 -38.23 -5.75 75.77
C LEU YA 139 -39.29 -6.72 75.25
N CYS YA 140 -40.40 -6.19 74.72
CA CYS YA 140 -41.43 -7.05 74.18
C CYS YA 140 -40.93 -7.82 72.96
N THR YA 141 -40.11 -7.19 72.12
CA THR YA 141 -39.55 -7.88 70.95
C THR YA 141 -38.63 -9.01 71.38
N GLY YA 142 -37.79 -8.76 72.40
CA GLY YA 142 -36.92 -9.82 72.89
C GLY YA 142 -37.69 -10.97 73.49
N ALA YA 143 -38.74 -10.67 74.25
CA ALA YA 143 -39.60 -11.73 74.78
C ALA YA 143 -40.26 -12.51 73.66
N ARG YA 144 -40.71 -11.82 72.60
CA ARG YA 144 -41.41 -12.48 71.51
C ARG YA 144 -40.51 -13.43 70.74
N GLU YA 145 -39.34 -12.94 70.30
CA GLU YA 145 -38.46 -13.79 69.52
C GLU YA 145 -37.54 -14.66 70.36
N ALA YA 146 -37.62 -14.58 71.69
CA ALA YA 146 -36.93 -15.55 72.53
C ALA YA 146 -37.76 -16.78 72.82
N ALA YA 147 -39.04 -16.78 72.45
CA ALA YA 147 -39.97 -17.85 72.78
C ALA YA 147 -40.62 -18.47 71.56
N PHE YA 148 -40.01 -18.34 70.39
CA PHE YA 148 -40.71 -18.72 69.16
C PHE YA 148 -40.69 -20.22 68.95
N ARG YA 149 -39.52 -20.81 68.80
CA ARG YA 149 -39.42 -22.21 68.39
C ARG YA 149 -38.69 -23.04 69.44
N ASN YA 150 -39.03 -22.84 70.71
CA ASN YA 150 -38.53 -23.69 71.77
C ASN YA 150 -39.66 -24.03 72.74
N ILE YA 151 -39.40 -25.03 73.58
CA ILE YA 151 -40.37 -25.47 74.57
C ILE YA 151 -40.63 -24.40 75.62
N LYS YA 152 -39.71 -23.47 75.81
CA LYS YA 152 -39.86 -22.46 76.85
C LYS YA 152 -41.01 -21.51 76.51
N THR YA 153 -41.77 -21.15 77.54
CA THR YA 153 -43.00 -20.38 77.35
C THR YA 153 -42.68 -18.89 77.24
N ILE YA 154 -43.72 -18.12 76.86
CA ILE YA 154 -43.57 -16.68 76.69
C ILE YA 154 -43.37 -15.99 78.04
N ALA YA 155 -44.02 -16.48 79.10
CA ALA YA 155 -43.87 -15.86 80.41
C ALA YA 155 -42.43 -15.95 80.90
N GLU YA 156 -41.82 -17.13 80.75
CA GLU YA 156 -40.43 -17.30 81.17
C GLU YA 156 -39.49 -16.41 80.37
N CYS YA 157 -39.73 -16.27 79.06
CA CYS YA 157 -38.85 -15.45 78.24
C CYS YA 157 -39.00 -13.98 78.56
N LEU YA 158 -40.22 -13.51 78.79
CA LEU YA 158 -40.39 -12.12 79.21
C LEU YA 158 -39.73 -11.90 80.56
N ALA YA 159 -39.83 -12.90 81.45
CA ALA YA 159 -39.26 -12.79 82.78
C ALA YA 159 -37.73 -12.67 82.72
N ASP YA 160 -37.08 -13.54 81.94
CA ASP YA 160 -35.62 -13.47 81.93
C ASP YA 160 -35.13 -12.29 81.10
N GLU YA 161 -35.91 -11.84 80.13
CA GLU YA 161 -35.60 -10.59 79.44
C GLU YA 161 -35.58 -9.42 80.41
N LEU YA 162 -36.61 -9.32 81.26
CA LEU YA 162 -36.64 -8.26 82.27
C LEU YA 162 -35.51 -8.42 83.28
N ILE YA 163 -35.23 -9.65 83.72
CA ILE YA 163 -34.17 -9.88 84.70
C ILE YA 163 -32.82 -9.45 84.15
N ASN YA 164 -32.52 -9.86 82.91
CA ASN YA 164 -31.25 -9.50 82.29
C ASN YA 164 -31.15 -8.00 82.06
N ALA YA 165 -32.23 -7.38 81.58
CA ALA YA 165 -32.20 -5.95 81.34
C ALA YA 165 -32.12 -5.14 82.62
N ALA YA 166 -32.56 -5.71 83.75
CA ALA YA 166 -32.47 -4.99 85.02
C ALA YA 166 -31.03 -4.71 85.40
N LYS YA 167 -30.13 -5.67 85.19
CA LYS YA 167 -28.74 -5.51 85.56
C LYS YA 167 -27.85 -5.14 84.38
N GLY YA 168 -27.91 -5.90 83.29
CA GLY YA 168 -27.06 -5.65 82.14
C GLY YA 168 -25.96 -6.69 82.01
N SER YA 169 -26.14 -7.63 81.09
CA SER YA 169 -25.17 -8.69 80.89
C SER YA 169 -24.93 -9.02 79.43
N SER YA 170 -25.47 -8.21 78.50
CA SER YA 170 -25.44 -8.49 77.06
C SER YA 170 -26.04 -9.86 76.74
N ASN YA 171 -27.00 -10.30 77.57
CA ASN YA 171 -27.71 -11.54 77.37
C ASN YA 171 -29.11 -11.35 76.82
N SER YA 172 -29.65 -10.14 76.89
CA SER YA 172 -31.00 -9.86 76.42
C SER YA 172 -30.95 -9.11 75.09
N TYR YA 173 -31.95 -9.37 74.25
CA TYR YA 173 -31.99 -8.78 72.92
C TYR YA 173 -32.15 -7.26 72.99
N ALA YA 174 -32.86 -6.76 74.00
CA ALA YA 174 -33.13 -5.33 74.11
C ALA YA 174 -31.85 -4.55 74.32
N ILE YA 175 -31.02 -4.94 75.29
CA ILE YA 175 -29.81 -4.17 75.54
C ILE YA 175 -28.75 -4.42 74.47
N LYS YA 176 -28.80 -5.54 73.78
CA LYS YA 176 -27.93 -5.73 72.61
C LYS YA 176 -28.28 -4.74 71.52
N LYS YA 177 -29.58 -4.59 71.22
CA LYS YA 177 -30.01 -3.59 70.25
C LYS YA 177 -29.67 -2.18 70.72
N LYS YA 178 -29.78 -1.93 72.03
CA LYS YA 178 -29.43 -0.62 72.57
C LYS YA 178 -27.94 -0.33 72.37
N ASP YA 179 -27.08 -1.31 72.65
CA ASP YA 179 -25.65 -1.11 72.44
C ASP YA 179 -25.34 -0.89 70.96
N GLU YA 180 -26.01 -1.63 70.07
CA GLU YA 180 -25.81 -1.42 68.65
C GLU YA 180 -26.20 -0.01 68.24
N LEU YA 181 -27.34 0.48 68.73
CA LEU YA 181 -27.78 1.82 68.35
C LEU YA 181 -26.87 2.89 68.93
N GLU YA 182 -26.37 2.68 70.16
CA GLU YA 182 -25.42 3.64 70.73
C GLU YA 182 -24.13 3.68 69.94
N ARG YA 183 -23.62 2.51 69.53
CA ARG YA 183 -22.41 2.49 68.71
C ARG YA 183 -22.65 3.16 67.37
N VAL YA 184 -23.82 2.95 66.77
CA VAL YA 184 -24.13 3.58 65.49
C VAL YA 184 -24.17 5.10 65.65
N ALA YA 185 -24.83 5.58 66.71
CA ALA YA 185 -24.89 7.02 66.95
C ALA YA 185 -23.51 7.60 67.20
N LYS YA 186 -22.66 6.89 67.95
CA LYS YA 186 -21.30 7.35 68.19
C LYS YA 186 -20.48 7.37 66.91
N SER YA 187 -20.73 6.44 65.98
CA SER YA 187 -20.03 6.46 64.71
C SER YA 187 -20.51 7.58 63.80
N ASN YA 188 -21.70 8.13 64.05
CA ASN YA 188 -22.28 9.16 63.21
C ASN YA 188 -22.34 10.51 63.93
N ARG YA 189 -21.41 10.75 64.84
CA ARG YA 189 -21.32 12.03 65.54
C ARG YA 189 -20.88 13.15 64.60
N MET ZA 1 -101.58 -16.25 11.39
CA MET ZA 1 -101.71 -17.08 12.58
C MET ZA 1 -102.94 -17.99 12.48
N LEU ZA 2 -102.73 -19.27 12.78
CA LEU ZA 2 -103.74 -20.30 12.55
C LEU ZA 2 -104.78 -20.39 13.66
N MET ZA 3 -104.90 -19.38 14.50
CA MET ZA 3 -105.82 -19.46 15.63
C MET ZA 3 -107.26 -19.41 15.14
N PRO ZA 4 -108.11 -20.35 15.55
CA PRO ZA 4 -109.40 -20.53 14.88
C PRO ZA 4 -110.42 -19.47 15.28
N LYS ZA 5 -111.59 -19.56 14.64
CA LYS ZA 5 -112.67 -18.61 14.91
C LYS ZA 5 -113.19 -18.75 16.34
N LYS ZA 6 -113.18 -19.97 16.89
CA LYS ZA 6 -113.83 -20.24 18.17
C LYS ZA 6 -113.29 -19.34 19.28
N ASN ZA 7 -112.00 -19.03 19.25
CA ASN ZA 7 -111.40 -18.14 20.23
C ASN ZA 7 -111.24 -16.72 19.71
N ARG ZA 8 -111.11 -16.56 18.39
CA ARG ZA 8 -111.00 -15.23 17.79
C ARG ZA 8 -112.24 -14.40 18.07
N ILE ZA 9 -113.41 -15.01 17.90
CA ILE ZA 9 -114.67 -14.31 18.18
C ILE ZA 9 -114.76 -13.95 19.65
N ALA ZA 10 -114.36 -14.88 20.53
CA ALA ZA 10 -114.42 -14.62 21.96
C ALA ZA 10 -113.55 -13.44 22.36
N ILE ZA 11 -112.33 -13.39 21.82
CA ILE ZA 11 -111.46 -12.24 22.01
C ILE ZA 11 -112.15 -10.97 21.50
N TYR ZA 12 -112.84 -11.07 20.36
CA TYR ZA 12 -113.47 -9.88 19.80
C TYR ZA 12 -114.61 -9.37 20.69
N GLU ZA 13 -115.45 -10.26 21.23
CA GLU ZA 13 -116.50 -9.70 22.09
C GLU ZA 13 -115.94 -9.24 23.43
N LEU ZA 14 -114.87 -9.84 23.94
CA LEU ZA 14 -114.25 -9.26 25.13
C LEU ZA 14 -113.70 -7.87 24.84
N LEU ZA 15 -113.12 -7.69 23.64
CA LEU ZA 15 -112.64 -6.37 23.26
C LEU ZA 15 -113.78 -5.39 22.99
N PHE ZA 16 -114.98 -5.89 22.71
CA PHE ZA 16 -116.09 -5.00 22.43
C PHE ZA 16 -116.93 -4.63 23.66
N LYS ZA 17 -117.09 -5.54 24.63
CA LYS ZA 17 -117.93 -5.24 25.79
C LYS ZA 17 -117.36 -4.07 26.58
N GLU ZA 18 -116.03 -3.97 26.67
CA GLU ZA 18 -115.36 -2.84 27.26
C GLU ZA 18 -114.29 -2.37 26.28
N GLY ZA 19 -114.08 -1.06 26.23
CA GLY ZA 19 -113.28 -0.47 25.16
C GLY ZA 19 -111.81 -0.84 25.17
N VAL ZA 20 -111.33 -1.45 26.26
CA VAL ZA 20 -109.91 -1.77 26.41
C VAL ZA 20 -109.80 -3.22 26.84
N MET ZA 21 -108.58 -3.76 26.69
CA MET ZA 21 -108.21 -5.02 27.30
C MET ZA 21 -106.69 -5.05 27.42
N VAL ZA 22 -106.21 -5.74 28.44
CA VAL ZA 22 -104.79 -5.71 28.82
C VAL ZA 22 -104.30 -7.14 29.00
N ALA ZA 23 -103.12 -7.43 28.45
CA ALA ZA 23 -102.50 -8.73 28.60
C ALA ZA 23 -101.01 -8.57 28.89
N LYS ZA 24 -100.47 -9.45 29.73
CA LYS ZA 24 -99.06 -9.40 30.08
C LYS ZA 24 -98.21 -9.88 28.91
N LYS ZA 25 -97.03 -9.27 28.75
CA LYS ZA 25 -96.16 -9.60 27.63
C LYS ZA 25 -95.39 -10.86 28.02
N ASP ZA 26 -96.06 -12.00 27.85
CA ASP ZA 26 -95.42 -13.32 27.88
C ASP ZA 26 -96.02 -14.13 26.74
N VAL ZA 27 -95.21 -14.40 25.70
CA VAL ZA 27 -95.71 -15.18 24.56
C VAL ZA 27 -95.85 -16.65 24.89
N HIS ZA 28 -95.40 -17.08 26.07
CA HIS ZA 28 -95.39 -18.50 26.41
C HIS ZA 28 -96.31 -18.84 27.56
N MET ZA 29 -96.91 -17.85 28.22
CA MET ZA 29 -97.73 -18.15 29.37
C MET ZA 29 -99.04 -18.80 28.91
N PRO ZA 30 -99.57 -19.78 29.65
CA PRO ZA 30 -100.54 -20.71 29.04
C PRO ZA 30 -101.91 -20.11 28.79
N LYS ZA 31 -102.37 -19.20 29.65
CA LYS ZA 31 -103.77 -18.80 29.61
C LYS ZA 31 -103.95 -17.34 29.99
N HIS ZA 32 -104.64 -16.60 29.12
CA HIS ZA 32 -105.06 -15.24 29.43
C HIS ZA 32 -105.94 -15.26 30.68
N PRO ZA 33 -105.71 -14.37 31.64
CA PRO ZA 33 -106.42 -14.49 32.94
C PRO ZA 33 -107.94 -14.38 32.84
N GLU ZA 34 -108.44 -13.38 32.11
CA GLU ZA 34 -109.88 -13.33 31.89
C GLU ZA 34 -110.28 -14.33 30.83
N LEU ZA 35 -111.60 -14.44 30.61
CA LEU ZA 35 -112.19 -15.47 29.74
C LEU ZA 35 -111.64 -16.86 30.08
N ALA ZA 36 -111.87 -17.24 31.33
CA ALA ZA 36 -111.24 -18.43 31.89
C ALA ZA 36 -111.65 -19.73 31.21
N ASP ZA 37 -112.76 -19.73 30.47
CA ASP ZA 37 -113.29 -20.96 29.89
C ASP ZA 37 -113.05 -21.07 28.39
N LYS ZA 38 -112.30 -20.15 27.78
CA LYS ZA 38 -112.18 -20.13 26.33
C LYS ZA 38 -110.93 -20.83 25.81
N ASN ZA 39 -109.93 -21.06 26.68
CA ASN ZA 39 -108.73 -21.83 26.37
C ASN ZA 39 -107.93 -21.24 25.20
N VAL ZA 40 -107.39 -20.04 25.42
CA VAL ZA 40 -106.48 -19.45 24.46
C VAL ZA 40 -105.24 -18.93 25.21
N PRO ZA 41 -104.04 -19.16 24.68
CA PRO ZA 41 -102.85 -18.56 25.27
C PRO ZA 41 -102.76 -17.08 24.95
N ASN ZA 42 -101.83 -16.42 25.63
CA ASN ZA 42 -101.68 -14.97 25.44
C ASN ZA 42 -101.11 -14.65 24.07
N LEU ZA 43 -100.37 -15.59 23.47
CA LEU ZA 43 -99.73 -15.34 22.18
C LEU ZA 43 -100.75 -15.00 21.11
N HIS ZA 44 -101.81 -15.81 20.99
CA HIS ZA 44 -102.81 -15.57 19.95
C HIS ZA 44 -103.52 -14.25 20.16
N VAL ZA 45 -103.89 -13.93 21.40
CA VAL ZA 45 -104.64 -12.70 21.62
C VAL ZA 45 -103.76 -11.48 21.34
N MET ZA 46 -102.49 -11.50 21.76
CA MET ZA 46 -101.68 -10.31 21.54
C MET ZA 46 -101.27 -10.17 20.08
N LYS ZA 47 -101.12 -11.27 19.35
CA LYS ZA 47 -100.85 -11.14 17.92
C LYS ZA 47 -102.08 -10.80 17.10
N ALA ZA 48 -103.26 -11.24 17.52
CA ALA ZA 48 -104.49 -10.74 16.88
C ALA ZA 48 -104.64 -9.25 17.11
N MET ZA 49 -104.32 -8.79 18.32
CA MET ZA 49 -104.35 -7.35 18.58
C MET ZA 49 -103.30 -6.63 17.74
N GLN ZA 50 -102.12 -7.22 17.55
CA GLN ZA 50 -101.12 -6.63 16.67
C GLN ZA 50 -101.63 -6.54 15.24
N SER ZA 51 -102.29 -7.59 14.76
CA SER ZA 51 -102.90 -7.54 13.44
C SER ZA 51 -103.96 -6.44 13.36
N LEU ZA 52 -104.67 -6.21 14.45
CA LEU ZA 52 -105.70 -5.17 14.44
C LEU ZA 52 -105.07 -3.78 14.48
N LYS ZA 53 -103.87 -3.65 15.07
CA LYS ZA 53 -103.06 -2.46 14.83
C LYS ZA 53 -102.74 -2.31 13.36
N SER ZA 54 -102.26 -3.38 12.74
CA SER ZA 54 -101.78 -3.31 11.37
C SER ZA 54 -102.88 -2.98 10.39
N ARG ZA 55 -104.15 -3.18 10.77
CA ARG ZA 55 -105.27 -2.66 10.00
C ARG ZA 55 -105.87 -1.41 10.62
N GLY ZA 56 -105.29 -0.90 11.70
CA GLY ZA 56 -105.58 0.44 12.16
C GLY ZA 56 -106.92 0.65 12.84
N TYR ZA 57 -107.42 -0.34 13.57
CA TYR ZA 57 -108.66 -0.18 14.32
C TYR ZA 57 -108.46 -0.11 15.83
N VAL ZA 58 -107.21 -0.07 16.29
CA VAL ZA 58 -106.90 -0.07 17.71
C VAL ZA 58 -105.48 0.44 17.87
N LYS ZA 59 -105.19 1.06 19.01
CA LYS ZA 59 -103.86 1.59 19.29
C LYS ZA 59 -103.49 1.24 20.73
N GLU ZA 60 -102.18 1.11 20.97
CA GLU ZA 60 -101.67 0.63 22.24
C GLU ZA 60 -100.66 1.60 22.84
N GLN ZA 61 -100.41 1.41 24.13
CA GLN ZA 61 -99.33 2.06 24.85
C GLN ZA 61 -98.63 0.98 25.67
N PHE ZA 62 -97.31 0.87 25.55
CA PHE ZA 62 -96.57 -0.20 26.20
C PHE ZA 62 -95.78 0.34 27.38
N ALA ZA 63 -96.14 -0.14 28.57
CA ALA ZA 63 -95.37 0.07 29.80
C ALA ZA 63 -94.40 -1.11 29.96
N TRP ZA 64 -93.89 -1.29 31.18
CA TRP ZA 64 -92.82 -2.23 31.50
C TRP ZA 64 -92.94 -3.60 30.83
N ARG ZA 65 -93.99 -4.35 31.15
CA ARG ZA 65 -94.22 -5.67 30.56
C ARG ZA 65 -95.71 -5.88 30.31
N HIS ZA 66 -96.40 -4.86 29.83
CA HIS ZA 66 -97.84 -4.98 29.63
C HIS ZA 66 -98.26 -4.06 28.50
N PHE ZA 67 -99.09 -4.59 27.61
CA PHE ZA 67 -99.76 -3.78 26.61
C PHE ZA 67 -101.05 -3.23 27.17
N TYR ZA 68 -101.50 -2.11 26.63
CA TYR ZA 68 -102.66 -1.39 27.14
C TYR ZA 68 -103.56 -0.96 26.01
N TRP ZA 69 -103.94 -1.95 25.18
CA TRP ZA 69 -104.65 -1.72 23.93
C TRP ZA 69 -105.88 -0.83 24.12
N TYR ZA 70 -105.99 0.20 23.26
CA TYR ZA 70 -107.11 1.13 23.27
C TYR ZA 70 -107.85 1.01 21.95
N LEU ZA 71 -109.08 0.49 21.99
CA LEU ZA 71 -109.91 0.46 20.79
C LEU ZA 71 -110.32 1.87 20.41
N THR ZA 72 -110.23 2.18 19.12
CA THR ZA 72 -110.43 3.53 18.62
C THR ZA 72 -111.81 3.69 17.98
N ASN ZA 73 -112.12 4.93 17.61
CA ASN ZA 73 -113.41 5.22 16.97
C ASN ZA 73 -113.52 4.54 15.60
N GLU ZA 74 -112.42 4.42 14.87
CA GLU ZA 74 -112.45 3.64 13.63
C GLU ZA 74 -112.73 2.18 13.91
N GLY ZA 75 -112.26 1.67 15.05
CA GLY ZA 75 -112.45 0.29 15.42
C GLY ZA 75 -113.87 -0.08 15.78
N ILE ZA 76 -114.79 0.88 15.80
CA ILE ZA 76 -116.17 0.59 16.14
C ILE ZA 76 -116.81 -0.24 15.04
N GLN ZA 77 -116.94 0.34 13.84
CA GLN ZA 77 -117.76 -0.28 12.81
C GLN ZA 77 -117.17 -1.59 12.31
N TYR ZA 78 -115.84 -1.74 12.34
CA TYR ZA 78 -115.24 -3.01 11.95
C TYR ZA 78 -115.69 -4.13 12.88
N LEU ZA 79 -115.67 -3.87 14.19
CA LEU ZA 79 -116.18 -4.86 15.12
C LEU ZA 79 -117.69 -5.01 15.00
N ARG ZA 80 -118.39 -3.94 14.63
CA ARG ZA 80 -119.85 -4.02 14.56
C ARG ZA 80 -120.31 -4.91 13.40
N ASP ZA 81 -119.67 -4.77 12.24
CA ASP ZA 81 -120.02 -5.60 11.11
C ASP ZA 81 -119.22 -6.90 11.06
N TYR ZA 82 -118.27 -7.11 11.96
CA TYR ZA 82 -117.69 -8.43 12.11
C TYR ZA 82 -118.46 -9.28 13.12
N LEU ZA 83 -119.02 -8.67 14.17
CA LEU ZA 83 -119.86 -9.37 15.12
C LEU ZA 83 -121.33 -9.35 14.74
N HIS ZA 84 -121.69 -8.56 13.72
CA HIS ZA 84 -123.04 -8.55 13.15
C HIS ZA 84 -124.10 -8.20 14.19
N LEU ZA 85 -123.98 -6.99 14.74
CA LEU ZA 85 -124.92 -6.55 15.75
C LEU ZA 85 -125.47 -5.17 15.41
N PRO ZA 86 -126.75 -4.93 15.66
CA PRO ZA 86 -127.41 -3.70 15.19
C PRO ZA 86 -126.85 -2.47 15.88
N PRO ZA 87 -126.94 -1.29 15.24
CA PRO ZA 87 -126.44 -0.04 15.86
C PRO ZA 87 -127.30 0.44 17.02
N GLU ZA 88 -127.34 -0.35 18.08
CA GLU ZA 88 -128.07 0.02 19.28
C GLU ZA 88 -127.23 -0.09 20.54
N ILE ZA 89 -126.33 -1.07 20.60
CA ILE ZA 89 -125.50 -1.32 21.79
C ILE ZA 89 -124.06 -0.97 21.45
N VAL ZA 90 -123.42 -0.24 22.36
CA VAL ZA 90 -122.05 0.26 22.16
C VAL ZA 90 -121.20 -0.22 23.33
N PRO ZA 91 -119.87 -0.18 23.24
CA PRO ZA 91 -119.03 -0.61 24.38
C PRO ZA 91 -119.31 0.21 25.64
N ALA ZA 92 -118.84 -0.33 26.76
CA ALA ZA 92 -119.10 0.27 28.07
C ALA ZA 92 -118.47 1.65 28.18
N THR ZA 93 -117.28 1.83 27.61
CA THR ZA 93 -116.57 3.10 27.74
C THR ZA 93 -117.22 4.22 26.95
N LEU ZA 94 -118.20 3.92 26.09
CA LEU ZA 94 -118.85 4.97 25.32
C LEU ZA 94 -119.93 5.68 26.12
N ARG ZA 95 -120.93 4.94 26.56
CA ARG ZA 95 -122.06 5.51 27.30
C ARG ZA 95 -122.21 4.80 28.64
N ARG ZA 96 -122.73 5.54 29.62
CA ARG ZA 96 -123.05 4.97 30.93
C ARG ZA 96 -124.23 5.74 31.51
N SER ZA 97 -125.27 5.02 31.90
CA SER ZA 97 -126.50 5.54 32.50
C SER ZA 97 -127.24 6.53 31.59
N ARG ZA 98 -126.91 6.58 30.30
CA ARG ZA 98 -127.56 7.51 29.38
C ARG ZA 98 -128.03 6.81 28.11
N VAL AB 1 -142.08 -17.65 -6.64
CA VAL AB 1 -140.77 -18.29 -6.59
C VAL AB 1 -139.76 -17.33 -5.96
N MET AB 2 -140.09 -16.03 -5.98
CA MET AB 2 -139.21 -15.04 -5.39
C MET AB 2 -139.32 -15.03 -3.87
N ASP AB 3 -140.52 -15.31 -3.35
CA ASP AB 3 -140.72 -15.31 -1.90
C ASP AB 3 -139.91 -16.42 -1.23
N VAL AB 4 -139.97 -17.63 -1.80
CA VAL AB 4 -139.16 -18.73 -1.26
C VAL AB 4 -137.68 -18.45 -1.48
N ASN AB 5 -137.34 -17.75 -2.57
CA ASN AB 5 -135.96 -17.38 -2.81
C ASN AB 5 -135.43 -16.48 -1.69
N THR AB 6 -136.21 -15.44 -1.34
CA THR AB 6 -135.82 -14.57 -0.25
C THR AB 6 -135.85 -15.29 1.10
N ALA AB 7 -136.74 -16.26 1.26
CA ALA AB 7 -136.77 -17.04 2.49
C ALA AB 7 -135.49 -17.83 2.68
N LEU AB 8 -135.07 -18.57 1.65
CA LEU AB 8 -133.78 -19.26 1.73
C LEU AB 8 -132.62 -18.30 1.86
N GLN AB 9 -132.71 -17.13 1.20
CA GLN AB 9 -131.66 -16.14 1.31
C GLN AB 9 -131.47 -15.68 2.75
N GLU AB 10 -132.55 -15.27 3.41
CA GLU AB 10 -132.41 -14.81 4.79
C GLU AB 10 -132.05 -15.95 5.73
N VAL AB 11 -132.51 -17.18 5.44
CA VAL AB 11 -132.12 -18.32 6.27
C VAL AB 11 -130.62 -18.55 6.19
N LEU AB 12 -130.05 -18.48 4.98
CA LEU AB 12 -128.61 -18.68 4.87
C LEU AB 12 -127.84 -17.47 5.41
N LYS AB 13 -128.43 -16.27 5.36
CA LYS AB 13 -127.80 -15.14 6.04
C LYS AB 13 -127.69 -15.40 7.54
N THR AB 14 -128.78 -15.85 8.16
CA THR AB 14 -128.73 -16.21 9.58
C THR AB 14 -127.75 -17.35 9.83
N ALA AB 15 -127.62 -18.26 8.86
CA ALA AB 15 -126.63 -19.33 8.98
C ALA AB 15 -125.21 -18.76 8.99
N LEU AB 16 -124.95 -17.74 8.17
CA LEU AB 16 -123.66 -17.05 8.23
C LEU AB 16 -123.47 -16.36 9.58
N ILE AB 17 -124.52 -15.77 10.12
CA ILE AB 17 -124.42 -15.14 11.44
C ILE AB 17 -124.02 -16.16 12.50
N HIS AB 18 -124.65 -17.33 12.47
CA HIS AB 18 -124.33 -18.40 13.39
C HIS AB 18 -123.28 -19.32 12.77
N ASP AB 19 -123.10 -20.51 13.35
CA ASP AB 19 -122.15 -21.48 12.87
C ASP AB 19 -122.78 -22.62 12.09
N GLY AB 20 -124.10 -22.61 11.90
CA GLY AB 20 -124.77 -23.71 11.23
C GLY AB 20 -124.75 -23.61 9.72
N LEU AB 21 -123.56 -23.57 9.13
CA LEU AB 21 -123.39 -23.40 7.70
C LEU AB 21 -122.73 -24.59 7.04
N ALA AB 22 -121.53 -24.98 7.51
CA ALA AB 22 -120.82 -26.18 7.08
C ALA AB 22 -120.62 -26.19 5.55
N ARG AB 23 -119.83 -25.22 5.10
CA ARG AB 23 -119.54 -25.07 3.67
C ARG AB 23 -118.61 -26.20 3.24
N GLY AB 24 -119.13 -27.16 2.48
CA GLY AB 24 -118.35 -28.26 1.97
C GLY AB 24 -119.09 -29.57 2.19
N ILE AB 25 -118.94 -30.49 1.24
CA ILE AB 25 -119.69 -31.74 1.31
C ILE AB 25 -119.19 -32.67 2.40
N ARG AB 26 -117.94 -32.53 2.84
CA ARG AB 26 -117.47 -33.32 3.97
C ARG AB 26 -118.23 -32.95 5.24
N GLU AB 27 -118.28 -31.65 5.56
CA GLU AB 27 -119.04 -31.20 6.71
C GLU AB 27 -120.55 -31.39 6.51
N ALA AB 28 -121.03 -31.27 5.27
CA ALA AB 28 -122.43 -31.52 4.99
C ALA AB 28 -122.80 -32.97 5.29
N ALA AB 29 -121.95 -33.91 4.86
CA ALA AB 29 -122.19 -35.32 5.15
C ALA AB 29 -122.08 -35.61 6.64
N LYS AB 30 -121.11 -34.98 7.32
CA LYS AB 30 -120.99 -35.15 8.76
C LYS AB 30 -122.24 -34.67 9.49
N ALA AB 31 -122.80 -33.54 9.05
CA ALA AB 31 -124.04 -33.04 9.64
C ALA AB 31 -125.21 -33.96 9.31
N LEU AB 32 -125.23 -34.51 8.10
CA LEU AB 32 -126.37 -35.31 7.66
C LEU AB 32 -126.43 -36.65 8.39
N ASP AB 33 -125.33 -37.40 8.40
CA ASP AB 33 -125.40 -38.74 8.97
C ASP AB 33 -125.46 -38.74 10.50
N LYS AB 34 -125.22 -37.59 11.12
CA LYS AB 34 -125.39 -37.43 12.57
C LYS AB 34 -126.80 -36.97 12.93
N ARG AB 35 -127.69 -36.83 11.94
CA ARG AB 35 -129.06 -36.33 12.06
C ARG AB 35 -129.06 -34.84 12.37
N GLN AB 36 -127.87 -34.26 12.56
CA GLN AB 36 -127.74 -32.85 12.89
C GLN AB 36 -127.73 -32.01 11.60
N ALA AB 37 -128.89 -32.00 10.94
CA ALA AB 37 -129.07 -31.21 9.73
C ALA AB 37 -130.54 -30.86 9.59
N HIS AB 38 -130.80 -29.77 8.88
CA HIS AB 38 -132.18 -29.35 8.66
C HIS AB 38 -132.48 -29.06 7.20
N LEU AB 39 -131.54 -28.50 6.46
CA LEU AB 39 -131.74 -28.13 5.06
C LEU AB 39 -130.53 -28.56 4.24
N CYS AB 40 -130.76 -28.82 2.96
CA CYS AB 40 -129.68 -29.17 2.04
C CYS AB 40 -130.03 -28.59 0.67
N VAL AB 41 -129.19 -27.68 0.17
CA VAL AB 41 -129.38 -27.10 -1.15
C VAL AB 41 -128.36 -27.71 -2.10
N LEU AB 42 -128.74 -27.83 -3.37
CA LEU AB 42 -127.88 -28.42 -4.39
C LEU AB 42 -127.77 -27.47 -5.56
N ALA AB 43 -126.58 -27.41 -6.15
CA ALA AB 43 -126.36 -26.63 -7.38
C ALA AB 43 -126.67 -27.53 -8.56
N SER AB 44 -127.75 -27.22 -9.28
CA SER AB 44 -128.13 -28.02 -10.45
C SER AB 44 -127.14 -27.85 -11.60
N ASN AB 45 -126.31 -26.81 -11.57
CA ASN AB 45 -125.25 -26.62 -12.56
C ASN AB 45 -123.94 -27.09 -11.95
N CYS AB 46 -123.72 -28.40 -11.97
CA CYS AB 46 -122.49 -28.99 -11.49
C CYS AB 46 -122.03 -30.03 -12.51
N ASP AB 47 -120.91 -29.74 -13.18
CA ASP AB 47 -120.49 -30.58 -14.30
C ASP AB 47 -120.02 -31.96 -13.89
N GLU AB 48 -119.70 -32.16 -12.63
CA GLU AB 48 -119.27 -33.49 -12.18
C GLU AB 48 -120.47 -34.41 -12.10
N PRO AB 49 -120.44 -35.57 -12.77
CA PRO AB 49 -121.64 -36.44 -12.81
C PRO AB 49 -122.05 -37.00 -11.46
N MET AB 50 -121.13 -37.68 -10.77
CA MET AB 50 -121.47 -38.37 -9.53
C MET AB 50 -121.54 -37.44 -8.33
N TYR AB 51 -121.18 -36.16 -8.49
CA TYR AB 51 -121.23 -35.21 -7.39
C TYR AB 51 -122.67 -35.00 -6.90
N VAL AB 52 -123.60 -34.82 -7.83
CA VAL AB 52 -124.96 -34.40 -7.47
C VAL AB 52 -125.84 -35.53 -6.96
N LYS AB 53 -125.42 -36.78 -7.12
CA LYS AB 53 -126.27 -37.90 -6.73
C LYS AB 53 -126.00 -38.41 -5.33
N LEU AB 54 -124.75 -38.35 -4.85
CA LEU AB 54 -124.44 -38.84 -3.51
C LEU AB 54 -125.16 -38.03 -2.44
N VAL AB 55 -125.12 -36.71 -2.57
CA VAL AB 55 -125.72 -35.84 -1.56
C VAL AB 55 -127.24 -36.03 -1.51
N GLU AB 56 -127.89 -36.12 -2.68
CA GLU AB 56 -129.33 -36.31 -2.68
C GLU AB 56 -129.72 -37.70 -2.20
N ALA AB 57 -128.91 -38.72 -2.51
CA ALA AB 57 -129.21 -40.05 -2.00
C ALA AB 57 -129.10 -40.10 -0.47
N LEU AB 58 -128.04 -39.50 0.08
CA LEU AB 58 -127.89 -39.47 1.52
C LEU AB 58 -129.00 -38.65 2.18
N CYS AB 59 -129.41 -37.55 1.52
CA CYS AB 59 -130.52 -36.76 2.04
C CYS AB 59 -131.82 -37.54 2.03
N ALA AB 60 -132.05 -38.34 0.98
CA ALA AB 60 -133.26 -39.15 0.91
C ALA AB 60 -133.24 -40.29 1.91
N GLU AB 61 -132.07 -40.82 2.24
CA GLU AB 61 -131.99 -41.90 3.22
C GLU AB 61 -132.44 -41.44 4.59
N HIS AB 62 -132.21 -40.19 4.95
CA HIS AB 62 -132.76 -39.58 6.13
C HIS AB 62 -134.00 -38.77 5.74
N GLN AB 63 -134.56 -38.02 6.69
CA GLN AB 63 -135.69 -37.13 6.42
C GLN AB 63 -135.18 -35.71 6.52
N ILE AB 64 -134.58 -35.22 5.43
CA ILE AB 64 -133.97 -33.91 5.35
C ILE AB 64 -134.42 -33.25 4.05
N ASN AB 65 -134.62 -31.93 4.10
CA ASN AB 65 -135.10 -31.20 2.94
C ASN AB 65 -134.11 -31.24 1.78
N LEU AB 66 -134.64 -31.29 0.56
CA LEU AB 66 -133.84 -31.29 -0.66
C LEU AB 66 -134.19 -30.06 -1.47
N ILE AB 67 -133.18 -29.26 -1.82
CA ILE AB 67 -133.36 -28.04 -2.60
C ILE AB 67 -132.33 -28.03 -3.71
N LYS AB 68 -132.75 -27.62 -4.91
CA LYS AB 68 -131.84 -27.40 -6.02
C LYS AB 68 -131.80 -25.91 -6.35
N VAL AB 69 -130.59 -25.34 -6.41
CA VAL AB 69 -130.39 -23.97 -6.84
C VAL AB 69 -129.75 -24.01 -8.22
N ASP AB 70 -130.04 -23.00 -9.04
CA ASP AB 70 -129.69 -23.03 -10.46
C ASP AB 70 -128.20 -22.84 -10.72
N ASP AB 71 -127.41 -22.37 -9.75
CA ASP AB 71 -126.00 -22.14 -10.01
C ASP AB 71 -125.21 -22.19 -8.70
N ASN AB 72 -123.92 -22.44 -8.84
CA ASN AB 72 -123.00 -22.54 -7.72
C ASN AB 72 -122.18 -21.28 -7.46
N LYS AB 73 -121.89 -20.50 -8.50
CA LYS AB 73 -121.16 -19.25 -8.31
C LYS AB 73 -122.03 -18.20 -7.63
N LYS AB 74 -123.27 -18.04 -8.09
CA LYS AB 74 -124.18 -17.12 -7.42
C LYS AB 74 -124.58 -17.62 -6.04
N LEU AB 75 -124.63 -18.94 -5.83
CA LEU AB 75 -124.83 -19.46 -4.49
C LEU AB 75 -123.63 -19.16 -3.61
N GLY AB 76 -122.42 -19.23 -4.17
CA GLY AB 76 -121.24 -18.87 -3.42
C GLY AB 76 -121.23 -17.41 -3.00
N GLU AB 77 -121.66 -16.52 -3.91
CA GLU AB 77 -121.85 -15.13 -3.52
C GLU AB 77 -122.96 -15.00 -2.47
N TRP AB 78 -123.98 -15.83 -2.56
CA TRP AB 78 -125.06 -15.81 -1.58
C TRP AB 78 -124.53 -16.21 -0.20
N VAL AB 79 -123.79 -17.32 -0.13
CA VAL AB 79 -123.24 -17.79 1.15
C VAL AB 79 -122.05 -16.95 1.58
N GLY AB 80 -121.68 -15.94 0.81
CA GLY AB 80 -120.58 -15.06 1.17
C GLY AB 80 -119.22 -15.72 1.16
N LEU AB 81 -118.96 -16.58 0.18
CA LEU AB 81 -117.64 -17.19 0.02
C LEU AB 81 -116.71 -16.28 -0.80
N CYS AB 82 -116.64 -15.02 -0.40
CA CYS AB 82 -115.83 -14.04 -1.11
C CYS AB 82 -115.41 -12.96 -0.12
N LYS AB 83 -114.70 -11.95 -0.64
CA LYS AB 83 -114.24 -10.84 0.19
C LYS AB 83 -115.39 -9.99 0.71
N ILE AB 84 -116.56 -10.09 0.08
CA ILE AB 84 -117.74 -9.29 0.40
C ILE AB 84 -117.38 -7.81 0.27
N ASP AB 85 -117.18 -7.37 -0.97
CA ASP AB 85 -116.79 -6.00 -1.31
C ASP AB 85 -117.69 -5.46 -2.41
N ARG AB 86 -119.00 -5.62 -2.23
CA ARG AB 86 -119.96 -5.26 -3.26
C ARG AB 86 -119.93 -3.77 -3.60
N GLU AB 87 -119.61 -2.92 -2.63
CA GLU AB 87 -119.68 -1.48 -2.82
C GLU AB 87 -118.68 -0.95 -3.83
N GLY AB 88 -117.55 -1.63 -4.02
CA GLY AB 88 -116.54 -1.15 -4.96
C GLY AB 88 -116.06 -2.18 -5.96
N LYS AB 89 -116.31 -3.46 -5.69
CA LYS AB 89 -115.71 -4.54 -6.47
C LYS AB 89 -116.76 -5.60 -6.76
N PRO AB 90 -116.59 -6.36 -7.85
CA PRO AB 90 -117.42 -7.56 -8.03
C PRO AB 90 -117.18 -8.63 -6.98
N ARG AB 91 -116.07 -8.58 -6.25
CA ARG AB 91 -115.77 -9.51 -5.15
C ARG AB 91 -115.77 -10.96 -5.63
N LYS AB 92 -114.76 -11.26 -6.45
CA LYS AB 92 -114.62 -12.58 -7.07
C LYS AB 92 -114.77 -13.69 -6.05
N VAL AB 93 -115.50 -14.73 -6.43
CA VAL AB 93 -116.02 -15.72 -5.48
C VAL AB 93 -115.62 -17.10 -5.97
N VAL AB 94 -115.56 -18.04 -5.03
CA VAL AB 94 -115.33 -19.46 -5.33
C VAL AB 94 -116.66 -20.16 -5.54
N GLY AB 95 -116.61 -21.34 -6.14
CA GLY AB 95 -117.82 -22.12 -6.39
C GLY AB 95 -118.28 -22.92 -5.19
N CYS AB 96 -119.48 -22.59 -4.69
CA CYS AB 96 -120.09 -23.29 -3.57
C CYS AB 96 -121.31 -24.04 -4.06
N SER AB 97 -121.36 -25.35 -3.80
CA SER AB 97 -122.42 -26.20 -4.31
C SER AB 97 -123.15 -26.97 -3.21
N CYS AB 98 -123.01 -26.55 -1.96
CA CYS AB 98 -123.68 -27.23 -0.85
C CYS AB 98 -123.72 -26.31 0.36
N VAL AB 99 -124.93 -26.04 0.86
CA VAL AB 99 -125.13 -25.31 2.10
C VAL AB 99 -126.14 -26.09 2.94
N VAL AB 100 -125.76 -26.41 4.18
CA VAL AB 100 -126.61 -27.16 5.09
C VAL AB 100 -126.85 -26.32 6.34
N VAL AB 101 -128.12 -26.14 6.70
CA VAL AB 101 -128.52 -25.22 7.76
C VAL AB 101 -128.70 -25.99 9.05
N LYS AB 102 -128.06 -25.51 10.13
CA LYS AB 102 -128.21 -26.09 11.46
C LYS AB 102 -128.60 -25.08 12.53
N ASP AB 103 -128.63 -23.78 12.22
CA ASP AB 103 -128.68 -22.78 13.27
C ASP AB 103 -130.10 -22.55 13.77
N TYR AB 104 -130.99 -22.05 12.91
CA TYR AB 104 -132.30 -21.53 13.31
C TYR AB 104 -132.18 -20.55 14.48
N GLY AB 105 -131.17 -19.69 14.41
CA GLY AB 105 -130.99 -18.71 15.47
C GLY AB 105 -132.11 -17.68 15.50
N LYS AB 106 -132.49 -17.18 14.33
CA LYS AB 106 -133.63 -16.28 14.19
C LYS AB 106 -134.45 -16.73 13.01
N GLU AB 107 -135.77 -16.80 13.18
CA GLU AB 107 -136.69 -17.30 12.17
C GLU AB 107 -137.63 -16.16 11.76
N SER AB 108 -137.29 -15.48 10.68
CA SER AB 108 -138.12 -14.40 10.14
C SER AB 108 -138.94 -14.88 8.95
N GLN AB 109 -138.27 -15.42 7.92
CA GLN AB 109 -138.94 -16.02 6.78
C GLN AB 109 -138.69 -17.52 6.70
N ALA AB 110 -138.10 -18.11 7.74
CA ALA AB 110 -137.87 -19.56 7.76
C ALA AB 110 -139.17 -20.35 7.79
N LYS AB 111 -140.26 -19.75 8.30
CA LYS AB 111 -141.56 -20.38 8.20
C LYS AB 111 -142.01 -20.52 6.75
N ASP AB 112 -141.61 -19.58 5.89
CA ASP AB 112 -141.88 -19.73 4.45
C ASP AB 112 -141.13 -20.93 3.89
N VAL AB 113 -139.89 -21.14 4.35
CA VAL AB 113 -139.14 -22.33 3.95
C VAL AB 113 -139.85 -23.59 4.45
N ILE AB 114 -140.36 -23.56 5.68
CA ILE AB 114 -141.07 -24.70 6.24
C ILE AB 114 -142.33 -25.00 5.42
N GLU AB 115 -143.07 -23.97 5.04
CA GLU AB 115 -144.28 -24.15 4.24
C GLU AB 115 -143.96 -24.67 2.85
N GLU AB 116 -142.86 -24.19 2.25
CA GLU AB 116 -142.45 -24.70 0.96
C GLU AB 116 -142.05 -26.17 1.04
N TYR AB 117 -141.35 -26.55 2.11
CA TYR AB 117 -141.01 -27.96 2.32
C TYR AB 117 -142.27 -28.80 2.49
N PHE AB 118 -143.26 -28.26 3.21
CA PHE AB 118 -144.54 -28.95 3.38
C PHE AB 118 -145.23 -29.15 2.04
N LYS AB 119 -145.22 -28.13 1.18
CA LYS AB 119 -145.82 -28.26 -0.14
C LYS AB 119 -145.05 -29.28 -0.99
N CYS AB 120 -143.72 -29.28 -0.88
CA CYS AB 120 -142.90 -30.20 -1.65
C CYS AB 120 -143.15 -31.65 -1.23
N LYS AB 121 -143.34 -31.88 0.07
CA LYS AB 121 -143.59 -33.23 0.57
C LYS AB 121 -145.03 -33.68 0.39
N LYS AB 122 -145.93 -32.78 0.02
CA LYS AB 122 -147.31 -33.17 -0.30
C LYS AB 122 -147.44 -33.50 -1.79
N THR BB 1 -67.79 -58.82 37.98
CA THR BB 1 -68.10 -58.98 39.40
C THR BB 1 -68.18 -57.61 40.08
N TYR BB 2 -69.29 -56.92 39.88
CA TYR BB 2 -69.44 -55.56 40.41
C TYR BB 2 -69.49 -55.54 41.93
N ARG BB 3 -70.14 -56.54 42.53
CA ARG BB 3 -70.18 -56.64 43.99
C ARG BB 3 -69.93 -58.08 44.42
N GLY BB 4 -69.03 -58.76 43.70
CA GLY BB 4 -68.75 -60.15 43.95
C GLY BB 4 -69.73 -61.12 43.32
N VAL BB 5 -70.83 -60.63 42.77
CA VAL BB 5 -71.84 -61.48 42.14
C VAL BB 5 -71.74 -61.31 40.63
N ASP BB 6 -71.80 -62.43 39.91
CA ASP BB 6 -71.55 -62.43 38.48
C ASP BB 6 -72.74 -61.82 37.72
N LEU BB 7 -72.44 -61.40 36.49
CA LEU BB 7 -73.41 -60.71 35.66
C LEU BB 7 -74.61 -61.59 35.31
N ASP BB 8 -74.48 -62.90 35.47
CA ASP BB 8 -75.61 -63.80 35.25
C ASP BB 8 -76.75 -63.49 36.22
N GLN BB 9 -76.43 -63.06 37.44
CA GLN BB 9 -77.44 -62.60 38.37
C GLN BB 9 -77.73 -61.11 38.26
N LEU BB 10 -76.78 -60.33 37.73
CA LEU BB 10 -77.04 -58.92 37.48
C LEU BB 10 -78.12 -58.74 36.42
N LEU BB 11 -78.10 -59.58 35.38
CA LEU BB 11 -79.00 -59.35 34.23
C LEU BB 11 -80.47 -59.49 34.62
N ASP BB 12 -80.80 -60.42 35.51
CA ASP BB 12 -82.19 -60.62 35.93
C ASP BB 12 -82.48 -59.98 37.28
N MET BB 13 -81.53 -59.22 37.83
CA MET BB 13 -81.73 -58.53 39.09
C MET BB 13 -82.61 -57.31 38.84
N SER BB 14 -83.78 -57.29 39.45
CA SER BB 14 -84.72 -56.20 39.21
C SER BB 14 -84.20 -54.92 39.84
N TYR BB 15 -84.85 -53.80 39.50
CA TYR BB 15 -84.34 -52.48 39.84
C TYR BB 15 -84.29 -52.27 41.34
N GLU BB 16 -85.31 -52.72 42.06
CA GLU BB 16 -85.40 -52.46 43.50
C GLU BB 16 -84.22 -53.06 44.24
N GLN BB 17 -83.88 -54.31 43.97
CA GLN BB 17 -82.73 -54.93 44.61
C GLN BB 17 -81.42 -54.60 43.93
N LEU BB 18 -81.45 -54.02 42.73
CA LEU BB 18 -80.23 -53.54 42.10
C LEU BB 18 -79.83 -52.17 42.63
N MET BB 19 -80.76 -51.46 43.29
CA MET BB 19 -80.42 -50.16 43.86
C MET BB 19 -79.32 -50.26 44.91
N GLN BB 20 -79.48 -51.14 45.88
CA GLN BB 20 -78.52 -51.18 46.98
C GLN BB 20 -77.18 -51.77 46.57
N LEU BB 21 -77.09 -52.39 45.39
CA LEU BB 21 -75.78 -52.75 44.87
C LEU BB 21 -75.05 -51.55 44.30
N TYR BB 22 -75.78 -50.63 43.70
CA TYR BB 22 -75.18 -49.42 43.16
C TYR BB 22 -74.76 -48.48 44.30
N SER BB 23 -73.93 -47.51 43.94
CA SER BB 23 -73.42 -46.56 44.92
C SER BB 23 -74.51 -45.56 45.30
N ALA BB 24 -74.14 -44.58 46.13
CA ALA BB 24 -75.14 -43.64 46.68
C ALA BB 24 -75.76 -42.79 45.58
N ARG BB 25 -74.95 -42.25 44.67
CA ARG BB 25 -75.48 -41.38 43.62
C ARG BB 25 -76.34 -42.16 42.66
N GLN BB 26 -75.89 -43.36 42.26
CA GLN BB 26 -76.67 -44.20 41.37
C GLN BB 26 -77.97 -44.65 42.05
N ARG BB 27 -77.90 -44.99 43.34
CA ARG BB 27 -79.10 -45.39 44.05
C ARG BB 27 -80.10 -44.26 44.16
N ARG BB 28 -79.61 -43.03 44.38
CA ARG BB 28 -80.51 -41.88 44.40
C ARG BB 28 -81.12 -41.65 43.02
N ARG BB 29 -80.35 -41.85 41.96
CA ARG BB 29 -80.88 -41.67 40.61
C ARG BB 29 -81.99 -42.67 40.32
N LEU BB 30 -81.77 -43.95 40.64
CA LEU BB 30 -82.82 -44.93 40.41
C LEU BB 30 -83.97 -44.79 41.40
N ASN BB 31 -83.73 -44.17 42.56
CA ASN BB 31 -84.80 -43.90 43.51
C ASN BB 31 -85.82 -42.95 42.91
N ARG BB 32 -85.34 -41.90 42.26
CA ARG BB 32 -86.19 -41.09 41.41
C ARG BB 32 -86.54 -41.89 40.16
N GLY BB 33 -87.71 -41.62 39.61
CA GLY BB 33 -88.17 -42.40 38.46
C GLY BB 33 -87.30 -42.19 37.24
N LEU BB 34 -87.26 -43.20 36.39
CA LEU BB 34 -86.61 -43.07 35.09
C LEU BB 34 -87.61 -42.54 34.07
N ARG BB 35 -87.11 -41.84 33.07
CA ARG BB 35 -87.93 -41.05 32.18
C ARG BB 35 -87.93 -41.66 30.78
N ARG BB 36 -88.81 -41.15 29.93
CA ARG BB 36 -89.18 -41.88 28.73
C ARG BB 36 -88.05 -41.90 27.71
N LYS BB 37 -87.13 -40.94 27.76
CA LYS BB 37 -85.99 -40.99 26.84
C LYS BB 37 -85.02 -42.09 27.24
N GLN BB 38 -84.75 -42.25 28.53
CA GLN BB 38 -83.92 -43.36 28.98
C GLN BB 38 -84.56 -44.71 28.66
N HIS BB 39 -85.88 -44.82 28.88
CA HIS BB 39 -86.56 -46.07 28.54
C HIS BB 39 -86.53 -46.31 27.03
N SER BB 40 -86.62 -45.25 26.23
CA SER BB 40 -86.49 -45.41 24.78
C SER BB 40 -85.11 -45.92 24.42
N LEU BB 41 -84.07 -45.40 25.10
CA LEU BB 41 -82.73 -45.92 24.88
C LEU BB 41 -82.64 -47.41 25.24
N LEU BB 42 -83.22 -47.79 26.37
CA LEU BB 42 -83.17 -49.19 26.79
C LEU BB 42 -83.89 -50.09 25.80
N LYS BB 43 -85.07 -49.69 25.32
CA LYS BB 43 -85.78 -50.55 24.37
C LYS BB 43 -85.05 -50.61 23.04
N ARG BB 44 -84.41 -49.51 22.62
CA ARG BB 44 -83.63 -49.55 21.38
C ARG BB 44 -82.43 -50.46 21.50
N LEU BB 45 -81.72 -50.40 22.63
CA LEU BB 45 -80.60 -51.33 22.82
C LEU BB 45 -81.08 -52.77 22.89
N ARG BB 46 -82.24 -53.00 23.51
CA ARG BB 46 -82.78 -54.35 23.57
C ARG BB 46 -83.09 -54.89 22.17
N LYS BB 47 -83.76 -54.08 21.35
CA LYS BB 47 -84.03 -54.48 19.98
C LYS BB 47 -82.75 -54.65 19.17
N ALA BB 48 -81.73 -53.84 19.46
CA ALA BB 48 -80.43 -54.02 18.81
C ALA BB 48 -79.82 -55.37 19.18
N LYS BB 49 -79.92 -55.76 20.44
CA LYS BB 49 -79.38 -57.05 20.85
C LYS BB 49 -80.16 -58.21 20.23
N LYS BB 50 -81.50 -58.11 20.21
CA LYS BB 50 -82.28 -59.22 19.66
C LYS BB 50 -82.14 -59.35 18.16
N GLU BB 51 -82.02 -58.23 17.44
CA GLU BB 51 -81.84 -58.31 15.98
C GLU BB 51 -80.39 -58.48 15.57
N ALA BB 52 -79.46 -58.42 16.52
CA ALA BB 52 -78.06 -58.66 16.19
C ALA BB 52 -77.85 -60.12 15.79
N PRO BB 53 -77.04 -60.40 14.79
CA PRO BB 53 -76.65 -61.77 14.51
C PRO BB 53 -75.89 -62.36 15.71
N PRO BB 54 -76.09 -63.63 15.99
CA PRO BB 54 -75.42 -64.23 17.16
C PRO BB 54 -73.90 -64.24 16.98
N MET BB 55 -73.21 -64.08 18.10
CA MET BB 55 -71.76 -63.97 18.16
C MET BB 55 -71.25 -62.84 17.26
N GLU BB 56 -71.99 -61.73 17.22
CA GLU BB 56 -71.58 -60.53 16.51
C GLU BB 56 -71.94 -59.32 17.36
N LYS BB 57 -71.04 -58.34 17.39
CA LYS BB 57 -71.33 -57.10 18.08
C LYS BB 57 -72.47 -56.37 17.36
N PRO BB 58 -73.50 -55.93 18.07
CA PRO BB 58 -74.67 -55.35 17.39
C PRO BB 58 -74.35 -54.02 16.73
N GLU BB 59 -75.33 -53.45 16.03
CA GLU BB 59 -75.11 -52.16 15.40
C GLU BB 59 -74.97 -51.06 16.45
N VAL BB 60 -74.31 -49.99 16.07
CA VAL BB 60 -74.09 -48.87 16.98
C VAL BB 60 -75.38 -48.06 17.10
N VAL BB 61 -75.64 -47.55 18.30
CA VAL BB 61 -76.78 -46.69 18.57
C VAL BB 61 -76.27 -45.36 19.08
N LYS BB 62 -76.94 -44.29 18.68
CA LYS BB 62 -76.51 -42.94 19.00
C LYS BB 62 -77.46 -42.32 20.01
N THR BB 63 -76.93 -41.39 20.80
CA THR BB 63 -77.74 -40.66 21.78
C THR BB 63 -76.97 -39.42 22.23
N HIS BB 64 -77.72 -38.43 22.71
CA HIS BB 64 -77.10 -37.30 23.40
C HIS BB 64 -77.08 -37.48 24.90
N LEU BB 65 -78.00 -38.27 25.46
CA LEU BB 65 -78.10 -38.40 26.90
C LEU BB 65 -76.92 -39.23 27.41
N ARG BB 66 -75.93 -38.53 27.95
CA ARG BB 66 -74.74 -39.15 28.50
C ARG BB 66 -74.80 -39.26 30.01
N ASP BB 67 -75.96 -38.97 30.59
CA ASP BB 67 -76.18 -39.09 32.03
C ASP BB 67 -76.72 -40.47 32.40
N MET BB 68 -77.01 -41.32 31.41
CA MET BB 68 -77.57 -42.63 31.70
C MET BB 68 -76.55 -43.50 32.45
N ILE BB 69 -77.01 -44.12 33.53
CA ILE BB 69 -76.18 -45.05 34.27
C ILE BB 69 -76.17 -46.39 33.53
N ILE BB 70 -75.01 -47.04 33.51
CA ILE BB 70 -74.90 -48.31 32.80
C ILE BB 70 -75.62 -49.40 33.57
N LEU BB 71 -76.49 -50.13 32.87
CA LEU BB 71 -77.24 -51.25 33.42
C LEU BB 71 -76.68 -52.58 32.92
N PRO BB 72 -76.78 -53.63 33.74
CA PRO BB 72 -76.28 -54.94 33.31
C PRO BB 72 -77.03 -55.52 32.13
N GLU BB 73 -78.29 -55.13 31.94
CA GLU BB 73 -79.10 -55.69 30.86
C GLU BB 73 -78.62 -55.26 29.49
N MET BB 74 -77.80 -54.21 29.39
CA MET BB 74 -77.34 -53.70 28.11
C MET BB 74 -75.83 -53.80 27.95
N VAL BB 75 -75.19 -54.73 28.67
CA VAL BB 75 -73.75 -54.93 28.54
C VAL BB 75 -73.45 -55.51 27.17
N GLY BB 76 -72.48 -54.92 26.48
CA GLY BB 76 -72.10 -55.38 25.16
C GLY BB 76 -72.74 -54.64 24.01
N SER BB 77 -73.44 -53.54 24.27
CA SER BB 77 -74.08 -52.78 23.21
C SER BB 77 -73.17 -51.66 22.74
N MET BB 78 -73.17 -51.42 21.43
CA MET BB 78 -72.40 -50.33 20.83
C MET BB 78 -73.23 -49.06 20.93
N VAL BB 79 -72.77 -48.12 21.76
CA VAL BB 79 -73.51 -46.90 22.04
C VAL BB 79 -72.67 -45.71 21.60
N GLY BB 80 -73.24 -44.87 20.76
CA GLY BB 80 -72.60 -43.63 20.37
C GLY BB 80 -72.98 -42.50 21.29
N VAL BB 81 -72.02 -41.98 22.05
CA VAL BB 81 -72.27 -40.96 23.05
C VAL BB 81 -71.76 -39.62 22.53
N TYR BB 82 -72.63 -38.63 22.53
CA TYR BB 82 -72.28 -37.30 22.03
C TYR BB 82 -71.29 -36.63 22.97
N ASN BB 83 -70.34 -35.89 22.40
CA ASN BB 83 -69.41 -35.10 23.18
C ASN BB 83 -69.60 -33.60 22.97
N GLY BB 84 -70.51 -33.21 22.07
CA GLY BB 84 -70.68 -31.84 21.66
C GLY BB 84 -70.50 -31.63 20.17
N LYS BB 85 -69.70 -32.47 19.53
CA LYS BB 85 -69.38 -32.37 18.11
C LYS BB 85 -69.88 -33.55 17.30
N THR BB 86 -69.59 -34.77 17.74
CA THR BB 86 -69.94 -35.97 16.99
C THR BB 86 -70.28 -37.08 17.98
N PHE BB 87 -70.71 -38.22 17.45
CA PHE BB 87 -71.09 -39.37 18.25
C PHE BB 87 -69.94 -40.36 18.32
N ASN BB 88 -69.59 -40.76 19.53
CA ASN BB 88 -68.44 -41.62 19.78
C ASN BB 88 -68.91 -42.97 20.28
N GLN BB 89 -68.54 -44.03 19.56
CA GLN BB 89 -68.90 -45.38 19.96
C GLN BB 89 -68.10 -45.84 21.17
N VAL BB 90 -68.65 -46.78 21.92
CA VAL BB 90 -67.97 -47.28 23.12
C VAL BB 90 -68.45 -48.70 23.41
N GLU BB 91 -67.49 -49.57 23.73
CA GLU BB 91 -67.79 -50.87 24.28
C GLU BB 91 -68.39 -50.72 25.68
N ILE BB 92 -69.31 -51.62 26.01
CA ILE BB 92 -69.85 -51.69 27.36
C ILE BB 92 -69.26 -52.95 27.99
N LYS BB 93 -68.25 -52.77 28.83
CA LYS BB 93 -67.55 -53.84 29.52
C LYS BB 93 -68.03 -53.91 30.97
N PRO BB 94 -68.29 -55.12 31.49
CA PRO BB 94 -69.12 -55.25 32.70
C PRO BB 94 -68.64 -54.57 33.98
N GLU BB 95 -67.46 -53.94 33.99
CA GLU BB 95 -67.10 -53.11 35.14
C GLU BB 95 -67.37 -51.63 34.90
N MET BB 96 -67.83 -51.26 33.70
CA MET BB 96 -68.35 -49.94 33.40
C MET BB 96 -69.74 -49.73 33.94
N ILE BB 97 -70.27 -50.72 34.67
CA ILE BB 97 -71.67 -50.72 35.10
C ILE BB 97 -71.94 -49.61 36.11
N GLY BB 98 -71.01 -49.36 37.04
CA GLY BB 98 -71.20 -48.33 38.03
C GLY BB 98 -70.63 -47.00 37.61
N HIS BB 99 -71.01 -46.53 36.42
CA HIS BB 99 -70.39 -45.37 35.81
C HIS BB 99 -71.42 -44.66 34.94
N TYR BB 100 -71.04 -43.49 34.44
CA TYR BB 100 -71.91 -42.72 33.56
C TYR BB 100 -71.44 -42.82 32.12
N LEU BB 101 -72.37 -42.60 31.20
CA LEU BB 101 -72.04 -42.59 29.78
C LEU BB 101 -71.08 -41.46 29.45
N GLY BB 102 -71.30 -40.28 30.04
CA GLY BB 102 -70.43 -39.14 29.76
C GLY BB 102 -69.01 -39.33 30.21
N GLU BB 103 -68.75 -40.28 31.10
CA GLU BB 103 -67.40 -40.53 31.59
C GLU BB 103 -66.52 -41.20 30.55
N PHE BB 104 -67.08 -41.66 29.43
CA PHE BB 104 -66.32 -42.36 28.41
C PHE BB 104 -66.37 -41.66 27.05
N SER BB 105 -66.98 -40.48 26.96
CA SER BB 105 -66.98 -39.66 25.75
C SER BB 105 -66.45 -38.29 26.15
N ILE BB 106 -65.12 -38.14 26.12
CA ILE BB 106 -64.50 -36.90 26.59
C ILE BB 106 -64.78 -35.79 25.58
N THR BB 107 -65.06 -34.60 26.09
CA THR BB 107 -65.48 -33.47 25.28
C THR BB 107 -64.32 -32.63 24.77
N TYR BB 108 -63.09 -33.02 25.06
CA TYR BB 108 -61.92 -32.25 24.68
C TYR BB 108 -60.76 -33.22 24.45
N LYS BB 109 -59.75 -32.74 23.75
CA LYS BB 109 -58.54 -33.52 23.57
C LYS BB 109 -57.40 -32.87 24.34
N PRO BB 110 -56.36 -33.64 24.71
CA PRO BB 110 -55.30 -33.08 25.56
C PRO BB 110 -54.61 -31.89 24.91
N VAL BB 111 -54.35 -30.86 25.70
CA VAL BB 111 -53.68 -29.68 25.19
C VAL BB 111 -52.19 -29.98 25.02
N LYS BB 112 -51.66 -29.64 23.86
CA LYS BB 112 -50.24 -29.76 23.56
C LYS BB 112 -49.71 -28.34 23.53
N HIS BB 113 -48.99 -27.95 24.59
CA HIS BB 113 -48.64 -26.55 24.79
C HIS BB 113 -47.72 -26.05 23.69
N GLY BB 114 -48.20 -25.07 22.92
CA GLY BB 114 -47.41 -24.41 21.92
C GLY BB 114 -46.58 -23.28 22.50
N ARG BB 115 -45.88 -22.59 21.63
CA ARG BB 115 -45.01 -21.50 22.05
C ARG BB 115 -45.85 -20.31 22.48
N PRO BB 116 -45.68 -19.80 23.70
CA PRO BB 116 -46.49 -18.66 24.14
C PRO BB 116 -46.26 -17.44 23.27
N GLY BB 117 -47.32 -16.66 23.08
CA GLY BB 117 -47.27 -15.51 22.20
C GLY BB 117 -46.93 -14.21 22.88
N ILE BB 118 -47.73 -13.17 22.61
CA ILE BB 118 -47.44 -11.84 23.10
C ILE BB 118 -47.53 -11.78 24.62
N GLY BB 119 -48.56 -12.43 25.19
CA GLY BB 119 -48.75 -12.38 26.62
C GLY BB 119 -47.66 -13.09 27.39
N ALA BB 120 -47.60 -12.76 28.69
CA ALA BB 120 -46.59 -13.28 29.62
C ALA BB 120 -45.17 -12.95 29.14
N THR BB 121 -44.89 -11.65 29.09
CA THR BB 121 -43.56 -11.18 28.70
C THR BB 121 -42.56 -11.35 29.83
N SER CB 1 -86.43 0.88 111.19
CA SER CB 1 -86.63 -0.47 111.70
C SER CB 1 -87.11 -1.41 110.59
N LYS CB 2 -88.25 -1.07 109.98
CA LYS CB 2 -88.82 -1.87 108.90
C LYS CB 2 -89.33 -0.96 107.79
N GLY CB 3 -88.53 0.03 107.43
CA GLY CB 3 -88.90 0.98 106.41
C GLY CB 3 -88.78 0.40 105.00
N PRO CB 4 -89.91 0.31 104.30
CA PRO CB 4 -89.89 -0.21 102.93
C PRO CB 4 -89.64 0.89 101.90
N LEU CB 5 -89.72 0.53 100.62
CA LEU CB 5 -89.52 1.47 99.51
C LEU CB 5 -88.15 2.15 99.58
N GLN CB 6 -87.15 1.37 99.97
CA GLN CB 6 -85.78 1.86 100.15
C GLN CB 6 -84.92 1.18 99.07
N SER CB 7 -84.91 1.78 97.89
CA SER CB 7 -84.28 1.15 96.73
C SER CB 7 -84.14 2.16 95.61
N VAL CB 8 -83.07 1.99 94.82
CA VAL CB 8 -82.87 2.74 93.59
C VAL CB 8 -82.46 1.75 92.51
N GLN CB 9 -82.63 2.16 91.26
CA GLN CB 9 -82.32 1.32 90.09
C GLN CB 9 -81.51 2.14 89.11
N VAL CB 10 -80.21 1.86 89.04
CA VAL CB 10 -79.27 2.66 88.26
C VAL CB 10 -78.51 1.74 87.32
N PHE CB 11 -78.36 2.16 86.06
CA PHE CB 11 -77.72 1.34 85.04
C PHE CB 11 -76.31 1.83 84.73
N GLY CB 12 -75.67 1.10 83.83
CA GLY CB 12 -74.36 1.48 83.32
C GLY CB 12 -74.15 0.84 81.96
N ARG CB 13 -73.60 1.63 81.04
CA ARG CB 13 -73.43 1.21 79.66
C ARG CB 13 -71.96 1.23 79.29
N LYS CB 14 -71.50 0.18 78.62
CA LYS CB 14 -70.11 0.13 78.17
C LYS CB 14 -70.05 -0.77 76.95
N LYS CB 15 -69.99 -0.15 75.76
CA LYS CB 15 -69.97 -0.87 74.48
C LYS CB 15 -71.22 -1.75 74.34
N THR CB 16 -72.36 -1.04 74.24
CA THR CB 16 -73.72 -1.61 74.11
C THR CB 16 -73.98 -2.75 75.10
N ALA CB 17 -73.31 -2.72 76.25
CA ALA CB 17 -73.52 -3.69 77.31
C ALA CB 17 -74.22 -2.97 78.47
N THR CB 18 -75.51 -3.24 78.64
CA THR CB 18 -76.27 -2.62 79.71
C THR CB 18 -76.25 -3.49 80.96
N ALA CB 19 -76.39 -2.84 82.11
CA ALA CB 19 -76.44 -3.55 83.39
C ALA CB 19 -77.14 -2.67 84.39
N VAL CB 20 -78.28 -3.14 84.92
CA VAL CB 20 -79.07 -2.39 85.87
C VAL CB 20 -78.79 -2.94 87.27
N ALA CB 21 -78.37 -2.07 88.17
CA ALA CB 21 -78.07 -2.45 89.54
C ALA CB 21 -79.26 -2.12 90.42
N HIS CB 22 -79.81 -3.14 91.08
CA HIS CB 22 -80.93 -2.99 92.00
C HIS CB 22 -80.37 -2.84 93.42
N CYS CB 23 -80.11 -1.61 93.82
CA CYS CB 23 -79.76 -1.33 95.21
C CYS CB 23 -81.01 -1.43 96.08
N LYS CB 24 -80.83 -1.94 97.29
CA LYS CB 24 -81.94 -2.11 98.21
C LYS CB 24 -81.39 -2.29 99.63
N ARG CB 25 -82.13 -1.77 100.60
CA ARG CB 25 -81.74 -1.89 102.00
C ARG CB 25 -81.70 -3.35 102.43
N GLY CB 26 -80.76 -3.67 103.30
CA GLY CB 26 -80.65 -4.99 103.87
C GLY CB 26 -79.21 -5.30 104.22
N ASN CB 27 -78.95 -6.58 104.43
CA ASN CB 27 -77.58 -7.02 104.68
C ASN CB 27 -76.72 -6.76 103.46
N GLY CB 28 -75.43 -6.52 103.70
CA GLY CB 28 -74.53 -6.18 102.62
C GLY CB 28 -74.12 -7.35 101.76
N LEU CB 29 -74.65 -7.42 100.54
CA LEU CB 29 -74.23 -8.44 99.59
C LEU CB 29 -74.41 -7.90 98.18
N ILE CB 30 -73.63 -8.43 97.26
CA ILE CB 30 -73.68 -8.04 95.85
C ILE CB 30 -73.77 -9.32 95.02
N LYS CB 31 -74.81 -9.42 94.21
CA LYS CB 31 -74.97 -10.55 93.30
C LYS CB 31 -75.24 -10.05 91.89
N VAL CB 32 -74.61 -10.70 90.92
CA VAL CB 32 -74.75 -10.35 89.51
C VAL CB 32 -75.36 -11.56 88.80
N ASN CB 33 -76.50 -11.34 88.15
CA ASN CB 33 -77.22 -12.39 87.41
C ASN CB 33 -77.55 -13.58 88.31
N GLY CB 34 -77.83 -13.31 89.58
CA GLY CB 34 -78.08 -14.35 90.55
C GLY CB 34 -76.84 -15.08 91.04
N ARG CB 35 -75.65 -14.60 90.68
CA ARG CB 35 -74.37 -15.19 91.03
C ARG CB 35 -73.56 -14.21 91.87
N PRO CB 36 -72.71 -14.71 92.77
CA PRO CB 36 -71.93 -13.80 93.63
C PRO CB 36 -70.95 -12.97 92.81
N LEU CB 37 -70.62 -11.79 93.35
CA LEU CB 37 -69.75 -10.87 92.65
C LEU CB 37 -68.38 -11.48 92.39
N GLU CB 38 -67.84 -12.20 93.36
CA GLU CB 38 -66.54 -12.83 93.20
C GLU CB 38 -66.59 -14.10 92.36
N MET CB 39 -67.75 -14.43 91.79
CA MET CB 39 -67.90 -15.66 91.01
C MET CB 39 -68.51 -15.30 89.65
N ILE CB 40 -67.65 -14.88 88.72
CA ILE CB 40 -68.03 -14.46 87.38
C ILE CB 40 -67.05 -15.11 86.42
N GLU CB 41 -67.50 -15.29 85.17
CA GLU CB 41 -66.75 -16.10 84.20
C GLU CB 41 -65.32 -15.62 83.96
N PRO CB 42 -65.04 -14.34 83.65
CA PRO CB 42 -63.63 -13.95 83.45
C PRO CB 42 -62.92 -13.73 84.77
N ARG CB 43 -62.41 -14.82 85.36
CA ARG CB 43 -61.71 -14.76 86.63
C ARG CB 43 -60.33 -14.14 86.54
N THR CB 44 -59.83 -13.89 85.33
CA THR CB 44 -58.62 -13.10 85.19
C THR CB 44 -58.83 -11.67 85.68
N LEU CB 45 -60.03 -11.13 85.47
CA LEU CB 45 -60.37 -9.76 85.82
C LEU CB 45 -61.21 -9.68 87.09
N GLN CB 46 -60.92 -10.52 88.08
CA GLN CB 46 -61.74 -10.55 89.29
C GLN CB 46 -61.65 -9.25 90.08
N TYR CB 47 -60.52 -8.54 89.99
CA TYR CB 47 -60.38 -7.32 90.78
C TYR CB 47 -61.23 -6.18 90.24
N LYS CB 48 -61.52 -6.18 88.94
CA LYS CB 48 -62.29 -5.09 88.35
C LYS CB 48 -63.69 -5.01 88.95
N LEU CB 49 -64.29 -6.17 89.23
CA LEU CB 49 -65.58 -6.17 89.90
C LEU CB 49 -65.44 -5.86 91.38
N LEU CB 50 -64.23 -5.99 91.93
CA LEU CB 50 -63.98 -5.69 93.33
C LEU CB 50 -63.47 -4.28 93.55
N GLU CB 51 -63.38 -3.46 92.49
CA GLU CB 51 -62.86 -2.11 92.66
C GLU CB 51 -63.69 -1.25 93.60
N PRO CB 52 -65.01 -1.09 93.41
CA PRO CB 52 -65.76 -0.24 94.36
C PRO CB 52 -65.74 -0.77 95.78
N VAL CB 53 -65.82 -2.09 95.93
CA VAL CB 53 -65.86 -2.68 97.26
C VAL CB 53 -64.55 -2.48 97.99
N LEU CB 54 -63.43 -2.67 97.29
CA LEU CB 54 -62.13 -2.51 97.94
C LEU CB 54 -61.78 -1.06 98.18
N LEU CB 55 -62.15 -0.17 97.26
CA LEU CB 55 -61.82 1.24 97.42
C LEU CB 55 -62.67 1.88 98.52
N LEU CB 56 -63.97 1.60 98.53
CA LEU CB 56 -64.87 2.25 99.48
C LEU CB 56 -64.95 1.51 100.81
N GLY CB 57 -64.61 0.23 100.83
CA GLY CB 57 -64.72 -0.53 102.05
C GLY CB 57 -66.06 -1.21 102.19
N LYS CB 58 -66.08 -2.32 102.94
CA LYS CB 58 -67.31 -3.07 103.12
C LYS CB 58 -68.30 -2.35 104.01
N GLU CB 59 -67.85 -1.38 104.81
CA GLU CB 59 -68.76 -0.66 105.70
C GLU CB 59 -69.75 0.20 104.92
N ARG CB 60 -69.32 0.75 103.79
CA ARG CB 60 -70.27 1.47 102.94
C ARG CB 60 -71.24 0.53 102.26
N PHE CB 61 -70.82 -0.72 102.04
CA PHE CB 61 -71.69 -1.74 101.46
C PHE CB 61 -72.48 -2.52 102.50
N ALA CB 62 -72.26 -2.24 103.79
CA ALA CB 62 -72.82 -3.08 104.84
C ALA CB 62 -74.34 -3.01 104.92
N GLY CB 63 -74.96 -1.96 104.39
CA GLY CB 63 -76.38 -1.80 104.53
C GLY CB 63 -77.15 -1.73 103.22
N VAL CB 64 -76.64 -2.40 102.19
CA VAL CB 64 -77.28 -2.37 100.88
C VAL CB 64 -77.27 -3.78 100.29
N ASP CB 65 -78.33 -4.10 99.54
CA ASP CB 65 -78.46 -5.36 98.81
C ASP CB 65 -78.42 -5.02 97.33
N ILE CB 66 -77.55 -5.68 96.58
CA ILE CB 66 -77.27 -5.34 95.20
C ILE CB 66 -77.59 -6.53 94.30
N ARG CB 67 -78.41 -6.29 93.29
CA ARG CB 67 -78.70 -7.29 92.26
C ARG CB 67 -78.56 -6.63 90.90
N VAL CB 68 -77.80 -7.26 90.00
CA VAL CB 68 -77.44 -6.68 88.71
C VAL CB 68 -77.89 -7.63 87.61
N ARG CB 69 -78.49 -7.07 86.56
CA ARG CB 69 -78.95 -7.84 85.41
C ARG CB 69 -78.32 -7.29 84.15
N VAL CB 70 -77.81 -8.19 83.30
CA VAL CB 70 -77.10 -7.83 82.07
C VAL CB 70 -77.70 -8.60 80.92
N LYS CB 71 -77.97 -7.90 79.81
CA LYS CB 71 -78.55 -8.53 78.63
C LYS CB 71 -77.87 -8.01 77.35
N GLY CB 72 -76.53 -8.05 77.33
CA GLY CB 72 -75.84 -7.62 76.14
C GLY CB 72 -74.35 -7.83 76.26
N GLY CB 73 -73.60 -7.18 75.37
CA GLY CB 73 -72.16 -7.06 75.46
C GLY CB 73 -71.37 -8.33 75.15
N GLY CB 74 -70.13 -8.33 75.61
CA GLY CB 74 -69.20 -9.42 75.39
C GLY CB 74 -68.76 -10.13 76.65
N HIS CB 75 -67.50 -9.95 77.07
CA HIS CB 75 -67.04 -10.50 78.35
C HIS CB 75 -66.52 -9.42 79.29
N VAL CB 76 -65.65 -8.54 78.82
CA VAL CB 76 -65.13 -7.50 79.69
C VAL CB 76 -66.06 -6.29 79.72
N ALA CB 77 -66.75 -6.01 78.62
CA ALA CB 77 -67.79 -5.00 78.64
C ALA CB 77 -68.86 -5.34 79.66
N GLN CB 78 -69.10 -6.64 79.87
CA GLN CB 78 -70.00 -7.11 80.90
C GLN CB 78 -69.59 -6.55 82.25
N ILE CB 79 -68.42 -6.99 82.75
CA ILE CB 79 -68.02 -6.67 84.11
C ILE CB 79 -67.79 -5.19 84.26
N TYR CB 80 -67.41 -4.50 83.18
CA TYR CB 80 -67.39 -3.05 83.23
C TYR CB 80 -68.79 -2.52 83.53
N ALA CB 81 -69.76 -2.89 82.70
CA ALA CB 81 -71.14 -2.45 82.92
C ALA CB 81 -71.61 -2.73 84.35
N ILE CB 82 -71.24 -3.88 84.91
CA ILE CB 82 -71.52 -4.13 86.32
C ILE CB 82 -70.84 -3.09 87.22
N ARG CB 83 -69.55 -2.83 87.00
CA ARG CB 83 -68.86 -1.98 87.99
C ARG CB 83 -69.33 -0.53 87.91
N GLN CB 84 -69.50 0.01 86.70
CA GLN CB 84 -70.12 1.34 86.61
C GLN CB 84 -71.55 1.34 87.12
N SER CB 85 -72.32 0.27 86.88
CA SER CB 85 -73.70 0.24 87.37
C SER CB 85 -73.75 0.28 88.88
N ILE CB 86 -72.90 -0.51 89.55
CA ILE CB 86 -72.94 -0.56 91.01
C ILE CB 86 -72.38 0.73 91.60
N SER CB 87 -71.35 1.31 90.99
CA SER CB 87 -70.81 2.57 91.50
C SER CB 87 -71.83 3.69 91.39
N LYS CB 88 -72.46 3.83 90.22
CA LYS CB 88 -73.48 4.85 90.06
C LYS CB 88 -74.70 4.57 90.92
N ALA CB 89 -75.03 3.29 91.15
CA ALA CB 89 -76.15 2.95 92.00
C ALA CB 89 -75.89 3.36 93.45
N LEU CB 90 -74.69 3.07 93.96
CA LEU CB 90 -74.39 3.42 95.34
C LEU CB 90 -74.27 4.94 95.52
N VAL CB 91 -73.73 5.65 94.53
CA VAL CB 91 -73.67 7.10 94.66
C VAL CB 91 -75.07 7.70 94.59
N ALA CB 92 -75.93 7.18 93.71
CA ALA CB 92 -77.30 7.67 93.67
C ALA CB 92 -78.03 7.37 94.98
N TYR CB 93 -77.76 6.20 95.56
CA TYR CB 93 -78.38 5.82 96.82
C TYR CB 93 -77.98 6.78 97.93
N TYR CB 94 -76.68 7.01 98.11
CA TYR CB 94 -76.24 7.96 99.12
C TYR CB 94 -76.63 9.39 98.80
N GLN CB 95 -76.90 9.69 97.53
CA GLN CB 95 -77.38 11.03 97.19
C GLN CB 95 -78.83 11.24 97.59
N LYS CB 96 -79.66 10.22 97.40
CA LYS CB 96 -81.09 10.44 97.55
C LYS CB 96 -81.61 10.17 98.96
N TYR CB 97 -81.00 9.24 99.69
CA TYR CB 97 -81.58 8.78 100.95
C TYR CB 97 -80.73 9.10 102.17
N VAL CB 98 -79.60 9.79 102.01
CA VAL CB 98 -78.79 10.24 103.14
C VAL CB 98 -78.06 11.50 102.67
N ASP CB 99 -77.41 12.19 103.61
CA ASP CB 99 -76.70 13.42 103.27
C ASP CB 99 -75.63 13.17 102.23
N GLU CB 100 -75.51 14.10 101.29
CA GLU CB 100 -74.58 13.97 100.16
C GLU CB 100 -73.16 14.39 100.50
N ALA CB 101 -72.83 14.61 101.77
CA ALA CB 101 -71.43 14.62 102.16
C ALA CB 101 -70.81 13.26 101.90
N SER CB 102 -71.53 12.19 102.23
CA SER CB 102 -71.10 10.85 101.86
C SER CB 102 -70.99 10.70 100.34
N LYS CB 103 -71.96 11.27 99.60
CA LYS CB 103 -71.90 11.29 98.14
C LYS CB 103 -70.60 11.90 97.64
N LYS CB 104 -70.25 13.08 98.15
CA LYS CB 104 -69.05 13.77 97.67
C LYS CB 104 -67.78 13.02 98.06
N GLU CB 105 -67.72 12.49 99.28
CA GLU CB 105 -66.52 11.83 99.77
C GLU CB 105 -66.45 10.35 99.41
N ILE CB 106 -67.39 9.83 98.62
CA ILE CB 106 -67.13 8.63 97.83
C ILE CB 106 -66.91 8.96 96.36
N LYS CB 107 -67.55 10.00 95.84
CA LYS CB 107 -67.38 10.40 94.44
C LYS CB 107 -65.96 10.85 94.17
N ASP CB 108 -65.32 11.54 95.11
CA ASP CB 108 -63.93 11.96 94.90
C ASP CB 108 -63.01 10.75 94.76
N ILE CB 109 -63.13 9.79 95.67
CA ILE CB 109 -62.31 8.60 95.61
C ILE CB 109 -62.52 7.87 94.28
N LEU CB 110 -63.78 7.79 93.84
CA LEU CB 110 -64.06 7.18 92.55
C LEU CB 110 -63.41 7.94 91.40
N ILE CB 111 -63.55 9.27 91.37
CA ILE CB 111 -63.18 10.02 90.18
C ILE CB 111 -61.66 10.11 90.04
N GLN CB 112 -60.94 10.40 91.13
CA GLN CB 112 -59.48 10.33 91.00
C GLN CB 112 -58.93 8.95 91.34
N TYR CB 113 -59.78 7.93 91.36
CA TYR CB 113 -59.27 6.60 91.04
C TYR CB 113 -59.39 6.32 89.55
N ASP CB 114 -60.60 6.39 89.01
CA ASP CB 114 -60.83 6.17 87.58
C ASP CB 114 -62.08 6.93 87.20
N ARG CB 115 -61.96 7.79 86.18
CA ARG CB 115 -63.08 8.64 85.80
C ARG CB 115 -64.26 7.84 85.29
N THR CB 116 -63.99 6.77 84.54
CA THR CB 116 -65.06 6.07 83.84
C THR CB 116 -66.02 5.37 84.78
N LEU CB 117 -65.62 5.15 86.04
CA LEU CB 117 -66.49 4.46 87.01
C LEU CB 117 -67.81 5.18 87.23
N LEU CB 118 -67.88 6.46 86.94
CA LEU CB 118 -69.13 7.21 87.02
C LEU CB 118 -69.60 7.75 85.68
N VAL CB 119 -68.69 8.14 84.79
CA VAL CB 119 -69.02 8.68 83.49
C VAL CB 119 -68.89 7.55 82.48
N ALA CB 120 -69.96 7.28 81.75
CA ALA CB 120 -69.95 6.18 80.79
C ALA CB 120 -68.99 6.48 79.65
N ASP CB 121 -68.35 5.43 79.15
CA ASP CB 121 -67.43 5.54 78.04
C ASP CB 121 -68.22 5.66 76.74
N PRO CB 122 -68.14 6.80 76.05
CA PRO CB 122 -69.10 7.07 74.97
C PRO CB 122 -68.83 6.32 73.68
N ARG CB 123 -67.59 5.96 73.40
CA ARG CB 123 -67.25 5.38 72.11
C ARG CB 123 -67.84 3.99 71.97
N ARG CB 124 -68.53 3.74 70.85
CA ARG CB 124 -69.17 2.46 70.60
C ARG CB 124 -68.56 1.71 69.42
N CYS CB 125 -68.59 2.30 68.22
CA CYS CB 125 -68.14 1.62 67.01
C CYS CB 125 -68.08 2.67 65.89
N GLU CB 126 -67.80 2.20 64.68
CA GLU CB 126 -67.85 3.06 63.50
C GLU CB 126 -68.17 2.18 62.31
N SER CB 127 -69.07 2.64 61.44
CA SER CB 127 -69.61 1.81 60.38
C SER CB 127 -68.54 1.44 59.35
N LYS CB 128 -68.72 0.26 58.75
CA LYS CB 128 -67.84 -0.20 57.69
C LYS CB 128 -68.23 0.46 56.37
N LYS CB 129 -67.24 0.86 55.59
CA LYS CB 129 -67.49 1.51 54.31
C LYS CB 129 -67.26 0.54 53.17
N PHE CB 130 -67.65 0.95 51.97
CA PHE CB 130 -67.70 0.08 50.80
C PHE CB 130 -66.41 0.09 49.99
N GLY CB 131 -65.28 0.37 50.61
CA GLY CB 131 -64.03 0.35 49.89
C GLY CB 131 -63.02 -0.60 50.51
N GLY CB 132 -63.33 -1.12 51.69
CA GLY CB 132 -62.44 -2.02 52.38
C GLY CB 132 -63.15 -2.89 53.37
N PRO CB 133 -62.41 -3.77 54.04
CA PRO CB 133 -63.06 -4.69 55.00
C PRO CB 133 -63.46 -4.00 56.28
N GLY CB 134 -62.64 -3.10 56.81
CA GLY CB 134 -62.90 -2.44 58.07
C GLY CB 134 -63.60 -1.11 57.89
N ALA CB 135 -63.67 -0.36 58.99
CA ALA CB 135 -64.30 0.95 58.96
C ALA CB 135 -63.42 1.99 58.29
N ARG CB 136 -62.10 1.86 58.45
CA ARG CB 136 -61.16 2.77 57.83
C ARG CB 136 -60.18 2.09 56.88
N ALA CB 137 -59.83 0.84 57.12
CA ALA CB 137 -58.91 0.14 56.23
C ALA CB 137 -59.55 -0.09 54.86
N ARG CB 138 -58.72 -0.06 53.84
CA ARG CB 138 -59.16 -0.25 52.46
C ARG CB 138 -58.56 -1.54 51.89
N TYR CB 139 -59.27 -2.12 50.93
CA TYR CB 139 -58.76 -3.28 50.22
C TYR CB 139 -57.44 -2.95 49.55
N GLN CB 140 -56.51 -3.91 49.60
CA GLN CB 140 -55.18 -3.70 49.04
C GLN CB 140 -55.28 -3.49 47.54
N LYS CB 141 -55.01 -2.26 47.10
CA LYS CB 141 -55.12 -1.92 45.69
C LYS CB 141 -53.87 -2.39 44.93
N SER CB 142 -54.02 -2.53 43.63
CA SER CB 142 -52.98 -3.09 42.78
C SER CB 142 -52.79 -2.22 41.54
N TYR CB 143 -51.59 -2.27 40.99
CA TYR CB 143 -51.22 -1.48 39.82
C TYR CB 143 -50.86 -2.31 38.61
N ARG CB 144 -50.30 -3.50 38.78
CA ARG CB 144 -49.88 -4.34 37.66
C ARG CB 144 -50.52 -5.73 37.74
N MET DB 1 -58.56 24.63 66.17
CA MET DB 1 -58.68 25.04 64.78
C MET DB 1 -60.11 24.86 64.27
N GLY DB 2 -60.37 25.36 63.07
CA GLY DB 2 -61.65 25.13 62.42
C GLY DB 2 -62.84 25.73 63.15
N ARG DB 3 -62.66 26.90 63.77
CA ARG DB 3 -63.74 27.60 64.44
C ARG DB 3 -63.96 28.98 63.83
N VAL DB 4 -63.89 29.07 62.51
CA VAL DB 4 -64.10 30.33 61.81
C VAL DB 4 -65.58 30.48 61.49
N ARG DB 5 -66.14 31.61 61.86
CA ARG DB 5 -67.53 31.90 61.53
C ARG DB 5 -67.63 32.54 60.16
N THR DB 6 -68.76 32.32 59.51
CA THR DB 6 -68.95 32.66 58.10
C THR DB 6 -69.79 33.93 57.99
N LYS DB 7 -70.04 34.34 56.73
CA LYS DB 7 -70.83 35.55 56.51
C LYS DB 7 -72.27 35.38 57.01
N THR DB 8 -72.84 34.19 56.82
CA THR DB 8 -74.25 34.01 57.15
C THR DB 8 -74.51 34.15 58.64
N VAL DB 9 -73.48 33.97 59.47
CA VAL DB 9 -73.65 34.21 60.89
C VAL DB 9 -73.15 35.59 61.28
N LYS DB 10 -72.05 36.07 60.69
CA LYS DB 10 -71.53 37.37 61.09
C LYS DB 10 -72.49 38.49 60.72
N LYS DB 11 -73.03 38.46 59.49
CA LYS DB 11 -74.00 39.47 59.09
C LYS DB 11 -75.26 39.41 59.93
N ALA DB 12 -75.75 38.19 60.21
CA ALA DB 12 -76.95 38.05 61.03
C ALA DB 12 -76.71 38.57 62.44
N ALA DB 13 -75.54 38.28 63.01
CA ALA DB 13 -75.22 38.77 64.34
C ALA DB 13 -75.15 40.29 64.37
N ARG DB 14 -74.50 40.89 63.37
CA ARG DB 14 -74.41 42.34 63.33
C ARG DB 14 -75.79 42.97 63.19
N VAL DB 15 -76.65 42.37 62.36
CA VAL DB 15 -77.99 42.92 62.15
C VAL DB 15 -78.81 42.85 63.43
N ILE DB 16 -78.81 41.69 64.09
CA ILE DB 16 -79.64 41.55 65.28
C ILE DB 16 -79.06 42.33 66.46
N ILE DB 17 -77.77 42.61 66.45
CA ILE DB 17 -77.21 43.47 67.48
C ILE DB 17 -77.62 44.92 67.24
N GLU DB 18 -77.48 45.40 66.01
CA GLU DB 18 -77.80 46.80 65.75
C GLU DB 18 -79.30 47.07 65.82
N LYS DB 19 -80.14 46.05 65.66
CA LYS DB 19 -81.58 46.29 65.79
C LYS DB 19 -82.03 46.22 67.24
N TYR DB 20 -81.50 45.29 68.03
CA TYR DB 20 -81.99 45.04 69.38
C TYR DB 20 -80.84 45.09 70.38
N TYR DB 21 -80.06 46.18 70.33
CA TYR DB 21 -79.01 46.37 71.32
C TYR DB 21 -79.58 46.45 72.73
N THR DB 22 -80.80 46.97 72.88
CA THR DB 22 -81.36 47.16 74.22
C THR DB 22 -81.63 45.82 74.90
N ARG DB 23 -82.32 44.92 74.22
CA ARG DB 23 -82.72 43.66 74.83
C ARG DB 23 -81.55 42.70 75.01
N LEU DB 24 -80.45 42.94 74.33
CA LEU DB 24 -79.36 41.96 74.28
C LEU DB 24 -78.53 42.00 75.55
N GLY DB 25 -77.97 40.84 75.92
CA GLY DB 25 -77.16 40.72 77.10
C GLY DB 25 -75.93 39.87 76.85
N ASN DB 26 -74.96 39.98 77.75
CA ASN DB 26 -73.69 39.29 77.61
C ASN DB 26 -73.80 37.79 77.84
N ASP DB 27 -74.88 37.31 78.46
CA ASP DB 27 -75.07 35.90 78.71
C ASP DB 27 -75.44 35.19 77.40
N PHE DB 28 -74.81 34.04 77.16
CA PHE DB 28 -75.08 33.29 75.94
C PHE DB 28 -76.51 32.77 75.91
N HIS DB 29 -76.98 32.27 77.05
CA HIS DB 29 -78.29 31.63 77.09
C HIS DB 29 -79.41 32.65 76.90
N THR DB 30 -79.24 33.86 77.44
CA THR DB 30 -80.24 34.91 77.23
C THR DB 30 -80.34 35.27 75.75
N ASN DB 31 -79.20 35.36 75.05
CA ASN DB 31 -79.25 35.69 73.63
C ASN DB 31 -79.83 34.55 72.80
N LYS DB 32 -79.48 33.31 73.13
CA LYS DB 32 -80.10 32.20 72.43
C LYS DB 32 -81.57 32.04 72.78
N ARG DB 33 -82.04 32.70 73.84
CA ARG DB 33 -83.47 32.70 74.12
C ARG DB 33 -84.20 33.91 73.53
N VAL DB 34 -83.49 35.00 73.23
CA VAL DB 34 -84.14 36.12 72.57
C VAL DB 34 -84.16 35.96 71.05
N CYS DB 35 -83.24 35.16 70.49
CA CYS DB 35 -83.15 35.06 69.05
C CYS DB 35 -84.36 34.38 68.41
N GLU DB 36 -85.12 33.59 69.18
CA GLU DB 36 -86.32 32.98 68.62
C GLU DB 36 -87.36 34.02 68.24
N GLU DB 37 -87.55 35.04 69.07
CA GLU DB 37 -88.56 36.04 68.76
C GLU DB 37 -88.02 37.26 68.04
N ILE DB 38 -86.72 37.54 68.12
CA ILE DB 38 -86.20 38.67 67.36
C ILE DB 38 -85.75 38.26 65.95
N ALA DB 39 -85.73 36.97 65.64
CA ALA DB 39 -85.34 36.51 64.31
C ALA DB 39 -85.90 35.13 64.08
N ILE DB 40 -85.89 34.70 62.82
CA ILE DB 40 -86.30 33.37 62.42
C ILE DB 40 -85.09 32.63 61.88
N ILE DB 41 -84.73 31.53 62.54
CA ILE DB 41 -83.55 30.75 62.19
C ILE DB 41 -84.00 29.32 61.90
N PRO DB 42 -83.68 28.77 60.73
CA PRO DB 42 -84.11 27.40 60.42
C PRO DB 42 -83.43 26.32 61.24
N SER DB 43 -82.30 26.61 61.88
CA SER DB 43 -81.48 25.57 62.51
C SER DB 43 -81.18 25.92 63.96
N LYS DB 44 -81.04 24.89 64.78
CA LYS DB 44 -80.64 25.07 66.18
C LYS DB 44 -79.15 25.37 66.28
N LYS DB 45 -78.33 24.73 65.44
CA LYS DB 45 -76.90 25.00 65.44
C LYS DB 45 -76.60 26.44 65.06
N LEU DB 46 -77.29 26.94 64.03
CA LEU DB 46 -77.18 28.36 63.72
C LEU DB 46 -77.67 29.22 64.87
N ARG DB 47 -78.68 28.76 65.60
CA ARG DB 47 -79.21 29.55 66.70
C ARG DB 47 -78.19 29.72 67.82
N ASN DB 48 -77.61 28.62 68.29
CA ASN DB 48 -76.64 28.77 69.36
C ASN DB 48 -75.34 29.41 68.87
N LYS DB 49 -74.96 29.16 67.61
CA LYS DB 49 -73.78 29.82 67.07
C LYS DB 49 -73.97 31.32 66.97
N ILE DB 50 -75.15 31.76 66.51
CA ILE DB 50 -75.42 33.17 66.40
C ILE DB 50 -75.44 33.80 67.78
N ALA DB 51 -75.97 33.09 68.78
CA ALA DB 51 -75.97 33.62 70.13
C ALA DB 51 -74.54 33.78 70.65
N GLY DB 52 -73.70 32.78 70.43
CA GLY DB 52 -72.32 32.87 70.90
C GLY DB 52 -71.55 34.01 70.27
N TYR DB 53 -71.67 34.16 68.95
CA TYR DB 53 -70.91 35.23 68.31
C TYR DB 53 -71.52 36.60 68.62
N VAL DB 54 -72.83 36.66 68.89
CA VAL DB 54 -73.42 37.89 69.39
C VAL DB 54 -72.85 38.26 70.75
N THR DB 55 -72.69 37.28 71.64
CA THR DB 55 -72.08 37.58 72.93
C THR DB 55 -70.67 38.09 72.77
N HIS DB 56 -69.89 37.46 71.89
CA HIS DB 56 -68.52 37.93 71.64
C HIS DB 56 -68.52 39.37 71.14
N LEU DB 57 -69.41 39.68 70.19
CA LEU DB 57 -69.48 41.04 69.68
C LEU DB 57 -69.94 42.02 70.76
N MET DB 58 -70.85 41.60 71.64
CA MET DB 58 -71.28 42.47 72.72
C MET DB 58 -70.13 42.81 73.64
N LYS DB 59 -69.33 41.81 74.00
CA LYS DB 59 -68.14 42.07 74.81
C LYS DB 59 -67.22 43.06 74.11
N ARG DB 60 -67.03 42.88 72.81
CA ARG DB 60 -66.23 43.85 72.05
C ARG DB 60 -66.89 45.23 72.05
N ILE DB 61 -68.22 45.29 72.20
CA ILE DB 61 -68.90 46.58 72.25
C ILE DB 61 -68.59 47.30 73.55
N GLN DB 62 -68.71 46.63 74.69
CA GLN DB 62 -68.40 47.43 75.87
C GLN DB 62 -66.90 47.60 76.07
N ARG DB 63 -66.06 46.87 75.34
CA ARG DB 63 -64.64 47.18 75.38
C ARG DB 63 -64.21 48.20 74.33
N GLY DB 64 -65.09 48.57 73.39
CA GLY DB 64 -64.75 49.55 72.39
C GLY DB 64 -65.80 49.72 71.31
N PRO DB 65 -65.62 50.72 70.43
CA PRO DB 65 -66.56 51.04 69.34
C PRO DB 65 -66.37 50.22 68.06
N VAL DB 66 -66.97 49.03 68.06
CA VAL DB 66 -66.90 48.14 66.91
C VAL DB 66 -67.65 48.76 65.72
N ARG DB 67 -67.25 48.34 64.50
CA ARG DB 67 -67.87 48.86 63.28
C ARG DB 67 -69.38 48.61 63.25
N GLY DB 68 -69.86 47.59 63.95
CA GLY DB 68 -71.29 47.38 64.10
C GLY DB 68 -71.91 48.60 64.77
N ILE DB 69 -72.96 49.15 64.15
CA ILE DB 69 -73.45 50.45 64.56
C ILE DB 69 -74.12 50.35 65.93
N SER DB 70 -74.00 51.42 66.72
CA SER DB 70 -74.54 51.42 68.07
C SER DB 70 -75.08 52.81 68.37
N ILE DB 71 -76.40 52.89 68.62
CA ILE DB 71 -77.06 54.19 68.73
C ILE DB 71 -76.49 55.00 69.89
N LYS DB 72 -76.28 54.36 71.05
CA LYS DB 72 -75.72 55.08 72.19
C LYS DB 72 -74.29 55.53 71.90
N LEU DB 73 -73.48 54.64 71.30
CA LEU DB 73 -72.11 55.01 70.95
C LEU DB 73 -72.09 56.11 69.89
N GLN DB 74 -73.02 56.05 68.93
CA GLN DB 74 -73.09 57.11 67.93
C GLN DB 74 -73.49 58.44 68.55
N GLU DB 75 -74.40 58.43 69.52
CA GLU DB 75 -74.74 59.68 70.20
C GLU DB 75 -73.55 60.21 70.98
N GLU DB 76 -72.77 59.32 71.60
CA GLU DB 76 -71.60 59.76 72.35
C GLU DB 76 -70.55 60.38 71.42
N GLU DB 77 -70.27 59.73 70.29
CA GLU DB 77 -69.31 60.31 69.36
C GLU DB 77 -69.86 61.58 68.72
N ARG DB 78 -71.17 61.65 68.50
CA ARG DB 78 -71.78 62.87 67.99
C ARG DB 78 -71.57 64.02 68.96
N GLU DB 79 -71.87 63.81 70.25
CA GLU DB 79 -71.71 64.89 71.20
C GLU DB 79 -70.25 65.24 71.43
N ARG DB 80 -69.33 64.27 71.28
CA ARG DB 80 -67.92 64.63 71.47
C ARG DB 80 -67.35 65.34 70.26
N ARG DB 81 -67.96 65.21 69.08
CA ARG DB 81 -67.44 65.92 67.91
C ARG DB 81 -67.97 67.35 67.81
N ASP DB 82 -69.30 67.51 67.77
CA ASP DB 82 -69.87 68.82 67.52
C ASP DB 82 -69.95 69.69 68.77
N ASN DB 83 -69.17 69.38 69.79
CA ASN DB 83 -69.15 70.16 71.02
C ASN DB 83 -67.70 70.26 71.47
N TYR DB 84 -67.52 70.63 72.74
CA TYR DB 84 -66.22 70.91 73.33
C TYR DB 84 -65.48 71.98 72.53
N VAL DB 85 -66.07 73.18 72.55
CA VAL DB 85 -65.38 74.39 72.12
C VAL DB 85 -64.91 75.11 73.38
N PRO DB 86 -63.59 75.20 73.61
CA PRO DB 86 -63.11 75.85 74.83
C PRO DB 86 -63.48 77.33 74.85
N GLU DB 87 -63.64 77.85 76.06
CA GLU DB 87 -63.99 79.26 76.21
C GLU DB 87 -62.95 80.18 75.58
N VAL DB 88 -61.70 79.73 75.49
CA VAL DB 88 -60.63 80.45 74.82
C VAL DB 88 -60.14 79.59 73.66
N SER DB 89 -59.91 80.22 72.52
CA SER DB 89 -59.54 79.51 71.31
C SER DB 89 -58.04 79.23 71.28
N ALA DB 90 -57.64 78.39 70.33
CA ALA DB 90 -56.25 78.22 69.97
C ALA DB 90 -55.79 79.25 68.96
N LEU DB 91 -56.66 80.21 68.62
CA LEU DB 91 -56.36 81.24 67.63
C LEU DB 91 -56.21 82.63 68.24
N ASP DB 92 -56.67 82.84 69.46
CA ASP DB 92 -56.71 84.17 70.07
C ASP DB 92 -55.66 84.34 71.16
N GLN DB 93 -54.48 83.76 70.96
CA GLN DB 93 -53.39 83.99 71.91
C GLN DB 93 -52.87 85.41 71.79
N GLU DB 94 -52.28 85.89 72.89
CA GLU DB 94 -51.89 87.29 72.95
C GLU DB 94 -50.76 87.62 71.98
N ILE DB 95 -49.74 86.77 71.90
CA ILE DB 95 -48.57 87.05 71.08
C ILE DB 95 -48.32 85.84 70.19
N ILE DB 96 -47.89 86.09 68.96
CA ILE DB 96 -47.73 85.04 67.97
C ILE DB 96 -46.29 85.04 67.48
N GLU DB 97 -45.90 83.97 66.80
CA GLU DB 97 -44.54 83.79 66.32
C GLU DB 97 -44.51 84.13 64.83
N VAL DB 98 -43.72 85.15 64.46
CA VAL DB 98 -43.59 85.59 63.09
C VAL DB 98 -42.12 85.83 62.80
N ASP DB 99 -41.68 85.48 61.59
CA ASP DB 99 -40.38 85.45 60.94
C ASP DB 99 -40.22 86.71 60.08
N PRO DB 100 -39.05 87.36 60.17
CA PRO DB 100 -38.83 88.61 59.40
C PRO DB 100 -39.20 88.57 57.92
N ASP DB 101 -39.12 87.43 57.22
CA ASP DB 101 -39.62 87.44 55.85
C ASP DB 101 -41.15 87.39 55.83
N THR DB 102 -41.75 86.60 56.72
CA THR DB 102 -43.19 86.65 56.89
C THR DB 102 -43.63 88.01 57.41
N LYS DB 103 -42.82 88.62 58.29
CA LYS DB 103 -43.05 90.00 58.67
C LYS DB 103 -42.99 90.92 57.45
N GLU DB 104 -42.08 90.64 56.53
CA GLU DB 104 -41.97 91.48 55.34
C GLU DB 104 -43.19 91.34 54.44
N MET DB 105 -43.71 90.13 54.29
CA MET DB 105 -44.90 89.97 53.45
C MET DB 105 -46.14 90.55 54.11
N LEU DB 106 -46.23 90.48 55.44
CA LEU DB 106 -47.30 91.18 56.13
C LEU DB 106 -47.15 92.70 55.98
N LYS DB 107 -45.91 93.19 56.01
CA LYS DB 107 -45.66 94.60 55.79
C LYS DB 107 -46.09 95.02 54.39
N LEU DB 108 -45.76 94.22 53.40
CA LEU DB 108 -46.22 94.44 52.03
C LEU DB 108 -47.71 94.25 51.88
N LEU DB 109 -48.38 93.62 52.85
CA LEU DB 109 -49.81 93.44 52.74
C LEU DB 109 -50.55 94.73 53.08
N ASP DB 110 -49.88 95.64 53.80
CA ASP DB 110 -50.26 96.87 54.50
C ASP DB 110 -50.77 96.57 55.90
N PHE DB 111 -50.63 95.33 56.37
CA PHE DB 111 -50.97 94.99 57.74
C PHE DB 111 -49.72 94.70 58.57
N GLY DB 112 -48.64 95.43 58.31
CA GLY DB 112 -47.48 95.36 59.17
C GLY DB 112 -47.68 96.20 60.43
N SER DB 113 -46.73 96.04 61.36
CA SER DB 113 -46.71 96.79 62.62
C SER DB 113 -48.00 96.59 63.40
N LEU DB 114 -48.21 95.34 63.81
CA LEU DB 114 -49.32 94.97 64.67
C LEU DB 114 -48.79 94.60 66.05
N SER DB 115 -49.51 95.04 67.09
CA SER DB 115 -49.06 94.81 68.45
C SER DB 115 -49.01 93.32 68.82
N ASN DB 116 -49.73 92.47 68.08
CA ASN DB 116 -49.67 91.04 68.31
C ASN DB 116 -48.48 90.38 67.63
N LEU DB 117 -47.69 91.14 66.89
CA LEU DB 117 -46.55 90.59 66.16
C LEU DB 117 -45.26 90.82 66.94
N GLN DB 118 -44.47 89.75 67.08
CA GLN DB 118 -43.12 89.85 67.61
C GLN DB 118 -42.15 89.17 66.66
N VAL DB 119 -41.01 89.79 66.43
CA VAL DB 119 -40.04 89.27 65.48
C VAL DB 119 -39.27 88.13 66.13
N THR DB 120 -39.42 86.93 65.58
CA THR DB 120 -38.65 85.79 66.02
C THR DB 120 -37.31 85.77 65.30
N GLN DB 121 -36.23 85.59 66.04
CA GLN DB 121 -34.90 85.59 65.44
C GLN DB 121 -34.75 84.39 64.51
N PRO DB 122 -34.46 84.60 63.23
CA PRO DB 122 -34.38 83.47 62.29
C PRO DB 122 -33.17 82.60 62.59
N THR DB 123 -33.29 81.33 62.20
CA THR DB 123 -32.22 80.38 62.44
C THR DB 123 -31.03 80.68 61.53
N VAL DB 124 -29.88 80.14 61.91
CA VAL DB 124 -28.63 80.31 61.18
C VAL DB 124 -28.05 78.94 60.92
N GLY DB 125 -27.67 78.67 59.67
CA GLY DB 125 -27.06 77.41 59.33
C GLY DB 125 -27.59 76.81 58.04
N MET DB 126 -28.88 77.02 57.77
CA MET DB 126 -29.54 76.52 56.56
C MET DB 126 -29.31 75.02 56.40
N ASN DB 127 -29.42 74.30 57.51
CA ASN DB 127 -29.02 72.90 57.60
C ASN DB 127 -30.19 71.94 57.59
N PHE DB 128 -31.20 72.22 56.77
CA PHE DB 128 -32.31 71.30 56.57
C PHE DB 128 -31.87 70.21 55.60
N LYS DB 129 -32.83 69.40 55.12
CA LYS DB 129 -32.62 68.27 54.21
C LYS DB 129 -31.96 67.10 54.93
N THR DB 130 -32.46 65.90 54.70
CA THR DB 130 -31.87 64.70 55.27
C THR DB 130 -30.60 64.33 54.53
N PRO DB 131 -29.66 63.64 55.19
CA PRO DB 131 -28.45 63.19 54.48
C PRO DB 131 -28.79 62.27 53.33
N ARG DB 132 -28.06 62.43 52.24
CA ARG DB 132 -28.38 61.73 51.00
C ARG DB 132 -27.87 60.31 51.02
N GLY DB 133 -28.73 59.37 50.63
CA GLY DB 133 -28.37 57.99 50.53
C GLY DB 133 -28.11 57.35 51.88
N PRO DB 134 -27.41 56.22 51.89
CA PRO DB 134 -27.06 55.59 53.17
C PRO DB 134 -25.91 56.32 53.86
N VAL DB 135 -25.64 55.93 55.11
CA VAL DB 135 -24.57 56.50 55.93
C VAL DB 135 -24.69 58.01 56.05
N MET EB 1 -45.78 -45.11 86.48
CA MET EB 1 -45.78 -43.72 86.06
C MET EB 1 -44.51 -42.98 86.48
N SER EB 2 -43.86 -42.35 85.50
CA SER EB 2 -42.58 -41.65 85.68
C SER EB 2 -41.51 -42.56 86.26
N LEU EB 3 -41.56 -43.85 85.93
CA LEU EB 3 -40.54 -44.78 86.37
C LEU EB 3 -39.35 -44.74 85.41
N VAL EB 4 -38.28 -45.44 85.79
CA VAL EB 4 -37.17 -45.65 84.88
C VAL EB 4 -37.66 -46.47 83.68
N ILE EB 5 -37.05 -46.21 82.52
CA ILE EB 5 -37.44 -46.88 81.28
C ILE EB 5 -37.33 -48.40 81.47
N PRO EB 6 -38.31 -49.18 81.03
CA PRO EB 6 -38.23 -50.64 81.27
C PRO EB 6 -37.14 -51.31 80.46
N GLU EB 7 -36.76 -52.49 80.93
CA GLU EB 7 -35.70 -53.26 80.26
C GLU EB 7 -36.10 -53.64 78.84
N LYS EB 8 -37.33 -54.10 78.66
CA LYS EB 8 -37.83 -54.53 77.35
C LYS EB 8 -38.51 -53.38 76.60
N PHE EB 9 -37.82 -52.25 76.53
CA PHE EB 9 -38.31 -51.07 75.84
C PHE EB 9 -37.63 -50.99 74.48
N GLN EB 10 -38.38 -51.32 73.43
CA GLN EB 10 -37.90 -51.12 72.08
C GLN EB 10 -38.27 -49.71 71.63
N HIS EB 11 -37.31 -49.00 71.04
CA HIS EB 11 -37.62 -47.67 70.54
C HIS EB 11 -38.40 -47.72 69.23
N ILE EB 12 -38.20 -48.76 68.44
CA ILE EB 12 -38.92 -48.96 67.19
C ILE EB 12 -39.53 -50.35 67.19
N LEU EB 13 -40.82 -50.42 66.89
CA LEU EB 13 -41.51 -51.70 66.77
C LEU EB 13 -41.46 -52.17 65.32
N ARG EB 14 -42.15 -53.29 65.04
CA ARG EB 14 -42.30 -53.81 63.69
C ARG EB 14 -43.71 -54.38 63.59
N VAL EB 15 -44.63 -53.60 63.04
CA VAL EB 15 -46.02 -54.00 62.90
C VAL EB 15 -46.30 -54.19 61.41
N LEU EB 16 -46.86 -55.34 61.06
CA LEU EB 16 -47.18 -55.72 59.69
C LEU EB 16 -45.92 -55.76 58.82
N ASN EB 17 -45.74 -54.75 57.97
CA ASN EB 17 -44.59 -54.70 57.07
C ASN EB 17 -43.75 -53.45 57.24
N THR EB 18 -44.20 -52.49 58.02
CA THR EB 18 -43.42 -51.29 58.32
C THR EB 18 -43.14 -51.24 59.81
N ASN EB 19 -42.54 -50.14 60.24
CA ASN EB 19 -42.17 -49.96 61.63
C ASN EB 19 -42.80 -48.71 62.21
N ILE EB 20 -43.06 -48.74 63.52
CA ILE EB 20 -43.61 -47.60 64.24
C ILE EB 20 -42.63 -47.22 65.33
N ASP EB 21 -42.76 -45.97 65.80
CA ASP EB 21 -41.89 -45.44 66.83
C ASP EB 21 -42.49 -45.75 68.19
N GLY EB 22 -41.77 -46.54 68.99
CA GLY EB 22 -42.20 -46.81 70.35
C GLY EB 22 -41.97 -45.66 71.31
N ARG EB 23 -41.32 -44.59 70.86
CA ARG EB 23 -41.03 -43.46 71.73
C ARG EB 23 -42.25 -42.60 71.97
N ARG EB 24 -43.12 -42.46 70.97
CA ARG EB 24 -44.28 -41.60 71.07
C ARG EB 24 -45.46 -42.35 71.69
N LYS EB 25 -46.59 -41.66 71.83
CA LYS EB 25 -47.78 -42.24 72.44
C LYS EB 25 -48.40 -43.30 71.54
N ILE EB 26 -49.12 -44.23 72.16
CA ILE EB 26 -49.69 -45.36 71.43
C ILE EB 26 -50.75 -44.91 70.42
N ALA EB 27 -51.51 -43.86 70.75
CA ALA EB 27 -52.57 -43.42 69.85
C ALA EB 27 -52.00 -42.76 68.60
N PHE EB 28 -50.81 -42.19 68.69
CA PHE EB 28 -50.22 -41.47 67.57
C PHE EB 28 -49.00 -42.16 66.98
N ALA EB 29 -48.47 -43.20 67.64
CA ALA EB 29 -47.38 -43.97 67.04
C ALA EB 29 -47.88 -44.81 65.88
N ILE EB 30 -49.01 -45.49 66.07
CA ILE EB 30 -49.53 -46.44 65.11
C ILE EB 30 -50.23 -45.71 63.97
N THR EB 31 -50.30 -44.38 64.06
CA THR EB 31 -50.73 -43.59 62.92
C THR EB 31 -49.70 -43.62 61.80
N ALA EB 32 -48.46 -44.01 62.10
CA ALA EB 32 -47.47 -44.24 61.06
C ALA EB 32 -47.83 -45.42 60.18
N ILE EB 33 -48.73 -46.29 60.64
CA ILE EB 33 -49.28 -47.33 59.78
C ILE EB 33 -50.15 -46.68 58.72
N LYS EB 34 -49.88 -46.99 57.45
CA LYS EB 34 -50.75 -46.53 56.37
C LYS EB 34 -52.10 -47.20 56.51
N GLY EB 35 -53.16 -46.42 56.31
CA GLY EB 35 -54.50 -46.92 56.52
C GLY EB 35 -55.04 -46.72 57.92
N VAL EB 36 -54.22 -46.22 58.84
CA VAL EB 36 -54.64 -45.98 60.22
C VAL EB 36 -54.54 -44.49 60.49
N GLY EB 37 -55.67 -43.88 60.87
CA GLY EB 37 -55.71 -42.50 61.29
C GLY EB 37 -55.85 -42.38 62.80
N ARG EB 38 -55.97 -41.13 63.25
CA ARG EB 38 -56.12 -40.88 64.67
C ARG EB 38 -57.42 -41.46 65.20
N ARG EB 39 -58.50 -41.32 64.42
CA ARG EB 39 -59.78 -41.92 64.81
C ARG EB 39 -59.69 -43.43 64.88
N TYR EB 40 -59.11 -44.05 63.85
CA TYR EB 40 -58.97 -45.51 63.83
C TYR EB 40 -58.09 -45.98 64.97
N ALA EB 41 -56.97 -45.31 65.20
CA ALA EB 41 -56.09 -45.68 66.30
C ALA EB 41 -56.80 -45.57 67.64
N HIS EB 42 -57.54 -44.49 67.84
CA HIS EB 42 -58.23 -44.29 69.11
C HIS EB 42 -59.31 -45.33 69.33
N VAL EB 43 -60.08 -45.66 68.28
CA VAL EB 43 -61.15 -46.64 68.47
C VAL EB 43 -60.57 -48.04 68.69
N VAL EB 44 -59.48 -48.38 67.98
CA VAL EB 44 -58.93 -49.72 68.15
C VAL EB 44 -58.14 -49.85 69.45
N LEU EB 45 -57.73 -48.74 70.06
CA LEU EB 45 -57.13 -48.83 71.38
C LEU EB 45 -58.19 -48.78 72.48
N ARG EB 46 -59.32 -48.11 72.23
CA ARG EB 46 -60.42 -48.17 73.19
C ARG EB 46 -61.05 -49.56 73.23
N LYS EB 47 -61.17 -50.20 72.07
CA LYS EB 47 -61.68 -51.57 72.04
C LYS EB 47 -60.61 -52.60 72.33
N ALA EB 48 -59.36 -52.19 72.50
CA ALA EB 48 -58.32 -53.09 72.99
C ALA EB 48 -58.22 -53.12 74.50
N ASP EB 49 -58.98 -52.25 75.18
CA ASP EB 49 -58.96 -52.13 76.64
C ASP EB 49 -57.54 -51.91 77.15
N ILE EB 50 -56.84 -50.97 76.51
CA ILE EB 50 -55.48 -50.61 76.87
C ILE EB 50 -55.46 -49.13 77.23
N ASP EB 51 -54.84 -48.81 78.35
CA ASP EB 51 -54.76 -47.42 78.80
C ASP EB 51 -53.95 -46.60 77.80
N LEU EB 52 -54.45 -45.41 77.47
CA LEU EB 52 -53.89 -44.61 76.39
C LEU EB 52 -52.74 -43.71 76.82
N THR EB 53 -52.43 -43.63 78.12
CA THR EB 53 -51.45 -42.68 78.61
C THR EB 53 -50.03 -43.24 78.58
N LYS EB 54 -49.79 -44.33 77.85
CA LYS EB 54 -48.48 -44.92 77.76
C LYS EB 54 -47.93 -44.80 76.35
N ARG EB 55 -46.62 -44.95 76.23
CA ARG EB 55 -45.96 -44.91 74.93
C ARG EB 55 -45.97 -46.29 74.29
N ALA EB 56 -45.68 -46.33 72.99
CA ALA EB 56 -45.81 -47.58 72.24
C ALA EB 56 -44.74 -48.58 72.65
N GLY EB 57 -43.55 -48.11 73.01
CA GLY EB 57 -42.45 -49.02 73.30
C GLY EB 57 -42.59 -49.77 74.61
N GLU EB 58 -43.33 -49.23 75.57
CA GLU EB 58 -43.47 -49.84 76.87
C GLU EB 58 -44.61 -50.87 76.92
N LEU EB 59 -45.03 -51.40 75.78
CA LEU EB 59 -45.98 -52.48 75.75
C LEU EB 59 -45.28 -53.83 75.82
N THR EB 60 -46.06 -54.86 76.10
CA THR EB 60 -45.61 -56.24 76.00
C THR EB 60 -46.28 -56.85 74.76
N GLU EB 61 -45.61 -57.86 74.17
CA GLU EB 61 -45.98 -58.32 72.84
C GLU EB 61 -47.42 -58.83 72.77
N ASP EB 62 -47.97 -59.30 73.89
CA ASP EB 62 -49.36 -59.78 73.86
C ASP EB 62 -50.34 -58.65 73.59
N GLU EB 63 -50.16 -57.47 74.20
CA GLU EB 63 -51.06 -56.37 73.91
C GLU EB 63 -50.95 -55.91 72.47
N VAL EB 64 -49.73 -55.83 71.93
CA VAL EB 64 -49.58 -55.32 70.58
C VAL EB 64 -50.11 -56.34 69.56
N GLU EB 65 -50.00 -57.64 69.85
CA GLU EB 65 -50.63 -58.60 68.95
C GLU EB 65 -52.14 -58.58 69.08
N ARG EB 66 -52.67 -58.28 70.27
CA ARG EB 66 -54.10 -58.02 70.41
C ARG EB 66 -54.53 -56.88 69.50
N VAL EB 67 -53.78 -55.78 69.52
CA VAL EB 67 -54.11 -54.62 68.69
C VAL EB 67 -53.98 -54.97 67.22
N ILE EB 68 -52.99 -55.80 66.87
CA ILE EB 68 -52.82 -56.24 65.49
C ILE EB 68 -54.05 -57.02 65.03
N THR EB 69 -54.50 -57.96 65.85
CA THR EB 69 -55.69 -58.74 65.50
C THR EB 69 -56.93 -57.87 65.40
N ILE EB 70 -57.03 -56.83 66.25
CA ILE EB 70 -58.16 -55.92 66.17
C ILE EB 70 -58.11 -55.13 64.86
N MET EB 71 -56.92 -54.65 64.48
CA MET EB 71 -56.78 -53.89 63.24
C MET EB 71 -57.11 -54.76 62.03
N GLN EB 72 -56.59 -55.99 61.99
CA GLN EB 72 -56.71 -56.81 60.79
C GLN EB 72 -58.16 -57.18 60.51
N ASN EB 73 -58.86 -57.70 61.50
CA ASN EB 73 -60.23 -58.18 61.32
C ASN EB 73 -61.10 -57.44 62.33
N PRO EB 74 -61.66 -56.29 61.94
CA PRO EB 74 -62.36 -55.45 62.91
C PRO EB 74 -63.87 -55.66 62.97
N ARG EB 75 -64.42 -56.45 62.05
CA ARG EB 75 -65.88 -56.58 61.97
C ARG EB 75 -66.45 -57.24 63.22
N GLN EB 76 -65.81 -58.31 63.70
CA GLN EB 76 -66.31 -59.04 64.86
C GLN EB 76 -66.06 -58.31 66.17
N TYR EB 77 -65.18 -57.33 66.17
CA TYR EB 77 -64.81 -56.60 67.38
C TYR EB 77 -65.59 -55.29 67.52
N LYS EB 78 -66.84 -55.29 67.07
CA LYS EB 78 -67.81 -54.21 67.31
C LYS EB 78 -67.42 -52.90 66.64
N ILE EB 79 -66.50 -52.93 65.68
CA ILE EB 79 -66.21 -51.72 64.91
C ILE EB 79 -67.42 -51.36 64.06
N PRO EB 80 -67.91 -50.14 64.12
CA PRO EB 80 -69.02 -49.74 63.26
C PRO EB 80 -68.69 -49.92 61.79
N ASP EB 81 -69.70 -50.31 61.03
CA ASP EB 81 -69.49 -50.68 59.63
C ASP EB 81 -69.09 -49.48 58.80
N TRP EB 82 -69.57 -48.30 59.16
CA TRP EB 82 -69.26 -47.09 58.42
C TRP EB 82 -67.84 -46.61 58.62
N PHE EB 83 -67.10 -47.21 59.55
CA PHE EB 83 -65.76 -46.75 59.88
C PHE EB 83 -64.71 -47.32 58.95
N LEU EB 84 -65.07 -48.28 58.10
CA LEU EB 84 -64.14 -49.03 57.27
C LEU EB 84 -63.69 -48.19 56.07
N ASN EB 85 -62.49 -48.51 55.56
CA ASN EB 85 -61.95 -47.77 54.43
C ASN EB 85 -62.53 -48.27 53.11
N ARG EB 86 -62.24 -49.51 52.76
CA ARG EB 86 -62.77 -50.10 51.53
C ARG EB 86 -64.15 -50.66 51.85
N GLN EB 87 -65.12 -49.75 51.81
CA GLN EB 87 -66.51 -50.14 51.98
C GLN EB 87 -67.09 -50.45 50.62
N LYS EB 88 -67.74 -51.61 50.50
CA LYS EB 88 -68.48 -51.98 49.30
C LYS EB 88 -67.57 -52.00 48.08
N ASP EB 89 -66.60 -52.93 48.12
CA ASP EB 89 -65.52 -52.96 47.15
C ASP EB 89 -66.07 -53.23 45.74
N VAL EB 90 -65.34 -52.73 44.74
CA VAL EB 90 -65.70 -53.01 43.36
C VAL EB 90 -65.45 -54.47 43.03
N LYS EB 91 -64.37 -55.05 43.56
CA LYS EB 91 -63.98 -56.40 43.20
C LYS EB 91 -64.96 -57.44 43.73
N ASP EB 92 -65.08 -57.53 45.06
CA ASP EB 92 -65.91 -58.54 45.68
C ASP EB 92 -67.14 -57.97 46.39
N GLY EB 93 -67.17 -56.67 46.66
CA GLY EB 93 -68.29 -56.10 47.38
C GLY EB 93 -68.37 -56.56 48.83
N LYS EB 94 -67.21 -56.77 49.46
CA LYS EB 94 -67.16 -57.14 50.86
C LYS EB 94 -66.58 -56.00 51.69
N TYR EB 95 -67.24 -55.71 52.81
CA TYR EB 95 -66.78 -54.69 53.73
C TYR EB 95 -65.49 -55.13 54.39
N SER EB 96 -64.40 -54.42 54.12
CA SER EB 96 -63.08 -54.80 54.61
C SER EB 96 -62.30 -53.56 55.01
N GLN EB 97 -61.31 -53.75 55.87
CA GLN EB 97 -60.43 -52.69 56.34
C GLN EB 97 -59.00 -53.03 55.96
N VAL EB 98 -58.29 -52.04 55.40
CA VAL EB 98 -56.94 -52.27 54.92
C VAL EB 98 -55.94 -51.56 55.81
N LEU EB 99 -54.73 -52.10 55.87
CA LEU EB 99 -53.77 -51.79 56.91
C LEU EB 99 -52.35 -51.57 56.43
N ALA EB 100 -52.00 -51.97 55.22
CA ALA EB 100 -50.60 -52.11 54.84
C ALA EB 100 -50.49 -51.82 53.35
N ASN EB 101 -49.41 -52.33 52.73
CA ASN EB 101 -49.27 -52.25 51.27
C ASN EB 101 -50.45 -52.86 50.52
N GLY EB 102 -51.36 -53.55 51.21
CA GLY EB 102 -52.66 -53.85 50.63
C GLY EB 102 -53.37 -52.59 50.18
N LEU EB 103 -53.26 -51.52 50.97
CA LEU EB 103 -53.79 -50.23 50.55
C LEU EB 103 -53.12 -49.76 49.26
N ASP EB 104 -51.80 -49.92 49.15
CA ASP EB 104 -51.09 -49.47 47.96
C ASP EB 104 -51.52 -50.25 46.73
N ASN EB 105 -51.56 -51.58 46.85
CA ASN EB 105 -51.90 -52.39 45.69
C ASN EB 105 -53.37 -52.20 45.31
N LYS EB 106 -54.25 -51.99 46.29
CA LYS EB 106 -55.62 -51.66 45.98
C LYS EB 106 -55.72 -50.34 45.22
N LEU EB 107 -54.93 -49.34 45.64
CA LEU EB 107 -54.95 -48.05 44.96
C LEU EB 107 -54.55 -48.20 43.49
N ARG EB 108 -53.42 -48.84 43.22
CA ARG EB 108 -53.07 -48.83 41.80
C ARG EB 108 -53.87 -49.86 41.01
N GLU EB 109 -54.50 -50.85 41.66
CA GLU EB 109 -55.36 -51.73 40.87
C GLU EB 109 -56.66 -51.02 40.50
N ASP EB 110 -57.20 -50.18 41.38
CA ASP EB 110 -58.40 -49.45 40.96
C ASP EB 110 -58.03 -48.36 39.97
N LEU EB 111 -56.82 -47.80 40.06
CA LEU EB 111 -56.36 -46.85 39.05
C LEU EB 111 -56.26 -47.51 37.67
N GLU EB 112 -55.66 -48.72 37.61
CA GLU EB 112 -55.54 -49.38 36.31
C GLU EB 112 -56.90 -49.90 35.84
N ARG EB 113 -57.81 -50.18 36.77
CA ARG EB 113 -59.19 -50.47 36.39
C ARG EB 113 -59.84 -49.28 35.73
N LEU EB 114 -59.62 -48.08 36.30
CA LEU EB 114 -60.18 -46.87 35.72
C LEU EB 114 -59.55 -46.55 34.37
N LYS EB 115 -58.25 -46.80 34.24
CA LYS EB 115 -57.59 -46.52 32.96
C LYS EB 115 -57.94 -47.56 31.90
N LYS EB 116 -58.21 -48.80 32.31
CA LYS EB 116 -58.57 -49.84 31.35
C LYS EB 116 -59.89 -49.53 30.66
N ILE EB 117 -60.90 -49.07 31.42
CA ILE EB 117 -62.16 -48.66 30.84
C ILE EB 117 -62.09 -47.28 30.23
N ARG EB 118 -60.95 -46.60 30.33
CA ARG EB 118 -60.72 -45.29 29.74
C ARG EB 118 -61.74 -44.27 30.24
N ALA EB 119 -62.12 -44.39 31.49
CA ALA EB 119 -63.04 -43.43 32.10
C ALA EB 119 -62.35 -42.08 32.26
N HIS EB 120 -63.16 -41.03 32.38
CA HIS EB 120 -62.61 -39.67 32.43
C HIS EB 120 -61.71 -39.48 33.64
N ARG EB 121 -62.14 -39.98 34.81
CA ARG EB 121 -61.30 -39.86 36.00
C ARG EB 121 -60.02 -40.66 35.84
N GLY EB 122 -60.12 -41.90 35.35
CA GLY EB 122 -58.92 -42.69 35.13
C GLY EB 122 -58.04 -42.11 34.05
N LEU EB 123 -58.64 -41.50 33.03
CA LEU EB 123 -57.86 -40.87 31.97
C LEU EB 123 -57.08 -39.67 32.51
N ARG EB 124 -57.73 -38.86 33.35
CA ARG EB 124 -57.04 -37.73 33.98
C ARG EB 124 -55.97 -38.22 34.93
N HIS EB 125 -56.20 -39.35 35.60
CA HIS EB 125 -55.18 -39.95 36.44
C HIS EB 125 -53.97 -40.37 35.61
N PHE EB 126 -54.22 -40.96 34.44
CA PHE EB 126 -53.14 -41.33 33.54
C PHE EB 126 -52.35 -40.10 33.08
N TRP EB 127 -53.06 -39.02 32.75
CA TRP EB 127 -52.39 -37.79 32.34
C TRP EB 127 -51.72 -37.06 33.51
N GLY EB 128 -52.02 -37.45 34.75
CA GLY EB 128 -51.48 -36.75 35.90
C GLY EB 128 -52.18 -35.47 36.25
N LEU EB 129 -53.30 -35.15 35.60
CA LEU EB 129 -54.02 -33.92 35.87
C LEU EB 129 -54.97 -34.09 37.04
N ARG EB 130 -55.67 -33.02 37.39
CA ARG EB 130 -56.65 -33.07 38.47
C ARG EB 130 -57.83 -33.92 38.05
N VAL EB 131 -58.45 -34.58 39.03
CA VAL EB 131 -59.61 -35.42 38.79
C VAL EB 131 -60.86 -34.97 39.52
N ARG EB 132 -60.75 -34.01 40.44
CA ARG EB 132 -61.89 -33.54 41.21
C ARG EB 132 -62.47 -32.25 40.67
N GLY EB 133 -62.28 -31.97 39.37
CA GLY EB 133 -62.88 -30.81 38.75
C GLY EB 133 -62.24 -29.49 39.09
N GLN EB 134 -61.03 -29.49 39.63
CA GLN EB 134 -60.37 -28.26 40.02
C GLN EB 134 -59.91 -27.47 38.79
N HIS EB 135 -59.43 -26.27 39.04
CA HIS EB 135 -58.91 -25.42 37.97
C HIS EB 135 -57.41 -25.60 37.85
N THR EB 136 -56.96 -26.04 36.68
CA THR EB 136 -55.54 -26.21 36.40
C THR EB 136 -54.96 -25.06 35.58
N LYS EB 137 -55.74 -24.00 35.36
CA LYS EB 137 -55.22 -22.84 34.64
C LYS EB 137 -54.10 -22.17 35.42
N THR EB 138 -54.29 -22.01 36.73
CA THR EB 138 -53.38 -21.19 37.53
C THR EB 138 -52.69 -21.94 38.65
N THR EB 139 -53.25 -23.06 39.13
CA THR EB 139 -52.72 -23.76 40.29
C THR EB 139 -52.20 -25.13 39.90
N GLY EB 140 -51.43 -25.72 40.81
CA GLY EB 140 -50.78 -26.99 40.55
C GLY EB 140 -49.55 -26.90 39.68
N ARG EB 141 -49.01 -25.69 39.49
CA ARG EB 141 -47.85 -25.52 38.61
C ARG EB 141 -46.60 -26.19 39.18
N ARG EB 142 -46.57 -26.42 40.49
CA ARG EB 142 -45.37 -26.97 41.11
C ARG EB 142 -45.13 -28.40 40.67
N GLY EB 143 -46.21 -29.16 40.43
CA GLY EB 143 -46.07 -30.52 39.94
C GLY EB 143 -45.55 -30.60 38.51
N ARG EB 144 -45.61 -29.50 37.77
CA ARG EB 144 -45.14 -29.47 36.39
C ARG EB 144 -43.75 -28.86 36.25
N THR EB 145 -43.53 -27.69 36.86
CA THR EB 145 -42.22 -27.05 36.84
C THR EB 145 -41.75 -26.76 38.26
N PRO FB 1 -77.34 -21.43 106.03
CA PRO FB 1 -76.87 -20.83 104.78
C PRO FB 1 -77.00 -21.77 103.59
N GLY FB 2 -78.14 -21.73 102.92
CA GLY FB 2 -78.36 -22.62 101.80
C GLY FB 2 -77.46 -22.31 100.63
N VAL FB 3 -77.08 -23.35 99.90
CA VAL FB 3 -76.18 -23.24 98.75
C VAL FB 3 -76.94 -23.73 97.53
N THR FB 4 -77.01 -22.88 96.51
CA THR FB 4 -77.69 -23.16 95.27
C THR FB 4 -76.65 -23.32 94.16
N VAL FB 5 -77.03 -24.02 93.09
CA VAL FB 5 -76.15 -24.30 91.96
C VAL FB 5 -75.46 -23.04 91.46
N LYS FB 6 -76.16 -21.90 91.49
CA LYS FB 6 -75.58 -20.65 91.03
C LYS FB 6 -74.56 -20.07 92.00
N ASP FB 7 -74.43 -20.63 93.21
CA ASP FB 7 -73.61 -20.04 94.25
C ASP FB 7 -72.22 -20.66 94.35
N VAL FB 8 -71.86 -21.59 93.45
CA VAL FB 8 -70.55 -22.23 93.44
C VAL FB 8 -69.98 -22.14 92.04
N ASN FB 9 -68.70 -22.48 91.92
CA ASN FB 9 -68.06 -22.52 90.61
C ASN FB 9 -68.62 -23.68 89.81
N GLN FB 10 -69.07 -23.38 88.58
CA GLN FB 10 -69.73 -24.38 87.76
C GLN FB 10 -68.78 -25.48 87.29
N GLN FB 11 -67.47 -25.21 87.27
CA GLN FB 11 -66.54 -26.16 86.68
C GLN FB 11 -66.37 -27.39 87.57
N GLU FB 12 -65.92 -27.20 88.81
CA GLU FB 12 -65.86 -28.36 89.69
C GLU FB 12 -67.25 -28.82 90.10
N PHE FB 13 -68.27 -27.97 89.96
CA PHE FB 13 -69.64 -28.44 90.15
C PHE FB 13 -69.99 -29.52 89.14
N VAL FB 14 -69.77 -29.25 87.85
CA VAL FB 14 -70.10 -30.24 86.83
C VAL FB 14 -69.14 -31.43 86.93
N ARG FB 15 -67.91 -31.20 87.39
CA ARG FB 15 -66.98 -32.31 87.60
C ARG FB 15 -67.47 -33.25 88.70
N ALA FB 16 -67.83 -32.70 89.85
CA ALA FB 16 -68.34 -33.52 90.95
C ALA FB 16 -69.69 -34.13 90.60
N LEU FB 17 -70.49 -33.45 89.77
CA LEU FB 17 -71.76 -34.04 89.36
C LEU FB 17 -71.53 -35.20 88.40
N ALA FB 18 -70.52 -35.10 87.54
CA ALA FB 18 -70.15 -36.22 86.70
C ALA FB 18 -69.69 -37.41 87.53
N ALA FB 19 -68.88 -37.15 88.56
CA ALA FB 19 -68.44 -38.23 89.45
C ALA FB 19 -69.62 -38.85 90.21
N PHE FB 20 -70.52 -38.00 90.69
CA PHE FB 20 -71.73 -38.45 91.38
C PHE FB 20 -72.58 -39.32 90.47
N LEU FB 21 -72.72 -38.90 89.22
CA LEU FB 21 -73.53 -39.66 88.26
C LEU FB 21 -72.82 -40.95 87.87
N LYS FB 22 -71.50 -40.95 87.91
CA LYS FB 22 -70.73 -42.19 87.79
C LYS FB 22 -71.10 -43.17 88.90
N LYS FB 23 -70.89 -42.77 90.15
CA LYS FB 23 -71.01 -43.73 91.24
C LYS FB 23 -72.44 -44.22 91.43
N SER FB 24 -73.42 -43.36 91.16
CA SER FB 24 -74.83 -43.77 91.17
C SER FB 24 -75.23 -44.19 89.76
N GLY FB 25 -74.76 -45.38 89.38
CA GLY FB 25 -74.90 -45.83 88.01
C GLY FB 25 -76.24 -46.48 87.69
N LYS FB 26 -77.14 -45.70 87.11
CA LYS FB 26 -78.42 -46.21 86.60
C LYS FB 26 -78.69 -45.72 85.19
N LEU FB 27 -77.64 -45.38 84.43
CA LEU FB 27 -77.77 -44.64 83.19
C LEU FB 27 -77.86 -45.58 82.00
N LYS FB 28 -78.51 -45.10 80.95
CA LYS FB 28 -78.57 -45.83 79.67
C LYS FB 28 -77.50 -45.25 78.75
N VAL FB 29 -76.27 -45.70 78.98
CA VAL FB 29 -75.15 -45.32 78.12
C VAL FB 29 -75.22 -46.15 76.85
N PRO FB 30 -75.31 -45.54 75.68
CA PRO FB 30 -75.37 -46.32 74.44
C PRO FB 30 -74.03 -46.97 74.13
N GLU FB 31 -74.09 -47.98 73.25
CA GLU FB 31 -72.90 -48.73 72.89
C GLU FB 31 -71.86 -47.87 72.20
N TRP FB 32 -72.29 -46.98 71.31
CA TRP FB 32 -71.38 -46.25 70.43
C TRP FB 32 -70.71 -45.06 71.09
N VAL FB 33 -70.70 -44.99 72.42
CA VAL FB 33 -70.00 -43.89 73.09
C VAL FB 33 -68.49 -43.96 72.89
N ASP FB 34 -67.94 -45.17 72.73
CA ASP FB 34 -66.51 -45.33 72.56
C ASP FB 34 -66.05 -45.22 71.11
N THR FB 35 -66.96 -45.01 70.17
CA THR FB 35 -66.63 -44.96 68.75
C THR FB 35 -66.90 -43.61 68.11
N VAL FB 36 -68.00 -42.95 68.46
CA VAL FB 36 -68.44 -41.79 67.71
C VAL FB 36 -67.76 -40.53 68.24
N LYS FB 37 -67.74 -39.50 67.40
CA LYS FB 37 -67.30 -38.18 67.80
C LYS FB 37 -68.44 -37.41 68.44
N LEU FB 38 -68.09 -36.38 69.21
CA LEU FB 38 -69.10 -35.62 69.92
C LEU FB 38 -69.77 -34.55 69.07
N ALA FB 39 -69.23 -34.24 67.90
CA ALA FB 39 -69.84 -33.20 67.08
C ALA FB 39 -69.40 -33.36 65.62
N LYS FB 40 -70.11 -32.66 64.75
CA LYS FB 40 -69.74 -32.58 63.34
C LYS FB 40 -68.32 -32.04 63.16
N HIS FB 41 -68.01 -30.95 63.86
CA HIS FB 41 -66.77 -30.22 63.64
C HIS FB 41 -65.58 -30.83 64.36
N LYS FB 42 -65.80 -31.64 65.39
CA LYS FB 42 -64.69 -32.26 66.10
C LYS FB 42 -63.95 -33.23 65.21
N GLU FB 43 -62.63 -33.31 65.42
CA GLU FB 43 -61.76 -34.14 64.59
C GLU FB 43 -61.22 -35.36 65.31
N LEU FB 44 -61.28 -35.38 66.65
CA LEU FB 44 -60.84 -36.52 67.43
C LEU FB 44 -61.89 -36.85 68.48
N ALA FB 45 -61.88 -38.12 68.90
CA ALA FB 45 -62.78 -38.56 69.96
C ALA FB 45 -62.37 -37.90 71.28
N PRO FB 46 -63.34 -37.68 72.19
CA PRO FB 46 -63.01 -37.04 73.47
C PRO FB 46 -61.99 -37.85 74.26
N TYR FB 47 -61.09 -37.13 74.92
CA TYR FB 47 -59.99 -37.78 75.63
C TYR FB 47 -60.49 -38.62 76.79
N ASP FB 48 -61.48 -38.12 77.52
CA ASP FB 48 -61.99 -38.86 78.67
C ASP FB 48 -62.75 -40.10 78.19
N GLU FB 49 -62.83 -41.08 79.07
CA GLU FB 49 -63.50 -42.34 78.75
C GLU FB 49 -64.98 -42.32 79.12
N ASN FB 50 -65.38 -41.52 80.09
CA ASN FB 50 -66.76 -41.47 80.57
C ASN FB 50 -67.38 -40.09 80.32
N TRP FB 51 -67.14 -39.55 79.13
CA TRP FB 51 -67.63 -38.23 78.78
C TRP FB 51 -69.16 -38.15 78.78
N PHE FB 52 -69.85 -39.29 78.72
CA PHE FB 52 -71.31 -39.27 78.71
C PHE FB 52 -71.86 -38.69 80.00
N TYR FB 53 -71.28 -39.05 81.15
CA TYR FB 53 -71.76 -38.51 82.42
C TYR FB 53 -71.42 -37.04 82.56
N THR FB 54 -70.26 -36.62 82.08
CA THR FB 54 -69.93 -35.19 82.09
C THR FB 54 -70.93 -34.41 81.24
N ARG FB 55 -71.26 -34.94 80.06
CA ARG FB 55 -72.20 -34.27 79.18
C ARG FB 55 -73.61 -34.23 79.78
N ALA FB 56 -74.01 -35.32 80.43
CA ALA FB 56 -75.31 -35.34 81.09
C ALA FB 56 -75.35 -34.38 82.27
N ALA FB 57 -74.25 -34.26 83.00
CA ALA FB 57 -74.18 -33.29 84.09
C ALA FB 57 -74.27 -31.87 83.58
N SER FB 58 -73.58 -31.57 82.48
CA SER FB 58 -73.69 -30.25 81.87
C SER FB 58 -75.11 -29.99 81.37
N THR FB 59 -75.75 -31.01 80.80
CA THR FB 59 -77.14 -30.87 80.36
C THR FB 59 -78.06 -30.58 81.52
N ALA FB 60 -77.86 -31.28 82.64
CA ALA FB 60 -78.67 -31.02 83.83
C ALA FB 60 -78.46 -29.61 84.36
N ARG FB 61 -77.21 -29.14 84.36
CA ARG FB 61 -76.91 -27.79 84.83
C ARG FB 61 -77.58 -26.75 83.94
N HIS FB 62 -77.47 -26.92 82.62
CA HIS FB 62 -78.09 -26.00 81.69
C HIS FB 62 -79.61 -26.01 81.81
N LEU FB 63 -80.19 -27.20 81.97
CA LEU FB 63 -81.64 -27.30 82.15
C LEU FB 63 -82.08 -26.65 83.46
N TYR FB 64 -81.23 -26.69 84.48
CA TYR FB 64 -81.52 -25.93 85.70
C TYR FB 64 -81.47 -24.44 85.43
N LEU FB 65 -80.52 -23.99 84.60
CA LEU FB 65 -80.42 -22.58 84.29
C LEU FB 65 -81.67 -22.07 83.59
N ARG FB 66 -82.20 -22.84 82.65
CA ARG FB 66 -83.41 -22.48 81.92
C ARG FB 66 -84.03 -23.73 81.34
N GLY FB 67 -85.36 -23.83 81.44
CA GLY FB 67 -86.07 -25.02 81.03
C GLY FB 67 -86.70 -24.91 79.65
N GLY FB 68 -87.31 -26.00 79.23
CA GLY FB 68 -87.94 -26.06 77.93
C GLY FB 68 -86.97 -26.23 76.77
N ALA FB 69 -85.70 -26.48 77.05
CA ALA FB 69 -84.69 -26.62 76.01
C ALA FB 69 -84.77 -27.99 75.38
N GLY FB 70 -84.86 -28.03 74.05
CA GLY FB 70 -84.96 -29.26 73.30
C GLY FB 70 -83.60 -29.75 72.81
N VAL FB 71 -83.64 -30.65 71.83
CA VAL FB 71 -82.42 -31.22 71.28
C VAL FB 71 -81.64 -30.16 70.50
N GLY FB 72 -82.35 -29.40 69.64
CA GLY FB 72 -81.66 -28.44 68.79
C GLY FB 72 -80.99 -27.33 69.56
N SER FB 73 -81.66 -26.79 70.57
CA SER FB 73 -81.05 -25.77 71.41
C SER FB 73 -79.83 -26.30 72.12
N MET FB 74 -79.85 -27.59 72.49
CA MET FB 74 -78.71 -28.16 73.19
C MET FB 74 -77.55 -28.43 72.26
N THR FB 75 -77.82 -28.76 70.99
CA THR FB 75 -76.74 -28.79 70.01
C THR FB 75 -76.18 -27.40 69.78
N LYS FB 76 -77.04 -26.37 69.86
CA LYS FB 76 -76.57 -24.99 69.83
C LYS FB 76 -75.68 -24.68 71.02
N ILE FB 77 -75.95 -25.32 72.16
CA ILE FB 77 -75.08 -25.15 73.33
C ILE FB 77 -73.68 -25.66 73.05
N TYR FB 78 -73.57 -26.88 72.53
CA TYR FB 78 -72.31 -27.59 72.43
C TYR FB 78 -71.67 -27.46 71.06
N GLY FB 79 -72.19 -26.60 70.21
CA GLY FB 79 -71.55 -26.33 68.93
C GLY FB 79 -70.22 -25.62 69.12
N GLY FB 80 -69.45 -25.59 68.04
CA GLY FB 80 -68.12 -25.04 68.13
C GLY FB 80 -67.62 -24.37 66.87
N ARG FB 81 -66.31 -24.21 66.79
CA ARG FB 81 -65.65 -23.49 65.70
C ARG FB 81 -65.17 -24.51 64.68
N GLN FB 82 -66.00 -24.75 63.66
CA GLN FB 82 -65.61 -25.65 62.57
C GLN FB 82 -64.56 -24.94 61.72
N ARG FB 83 -63.31 -25.42 61.79
CA ARG FB 83 -62.21 -24.75 61.11
C ARG FB 83 -62.28 -24.90 59.61
N ASN FB 84 -62.96 -25.93 59.10
CA ASN FB 84 -63.30 -26.09 57.69
C ASN FB 84 -62.06 -26.22 56.80
N GLY FB 85 -60.89 -26.45 57.39
CA GLY FB 85 -59.70 -26.62 56.58
C GLY FB 85 -59.29 -25.32 55.90
N VAL FB 86 -59.16 -25.37 54.59
CA VAL FB 86 -58.63 -24.24 53.83
C VAL FB 86 -59.61 -23.07 53.82
N MET FB 87 -60.91 -23.34 53.75
CA MET FB 87 -61.90 -22.30 53.79
C MET FB 87 -62.05 -21.78 55.23
N PRO FB 88 -62.47 -20.53 55.41
CA PRO FB 88 -62.52 -19.96 56.76
C PRO FB 88 -63.58 -20.61 57.61
N SER FB 89 -63.56 -20.25 58.89
CA SER FB 89 -64.35 -20.93 59.91
C SER FB 89 -65.85 -20.62 59.76
N HIS FB 90 -66.66 -21.62 60.11
CA HIS FB 90 -68.09 -21.46 60.25
C HIS FB 90 -68.52 -22.15 61.54
N PHE FB 91 -69.60 -21.66 62.13
CA PHE FB 91 -70.13 -22.25 63.35
C PHE FB 91 -71.06 -23.39 63.01
N SER FB 92 -70.84 -24.54 63.66
CA SER FB 92 -71.69 -25.70 63.48
C SER FB 92 -72.27 -26.10 64.84
N ARG FB 93 -73.04 -27.18 64.83
CA ARG FB 93 -73.80 -27.62 65.99
C ARG FB 93 -73.33 -28.99 66.44
N GLY FB 94 -73.68 -29.34 67.67
CA GLY FB 94 -73.29 -30.62 68.23
C GLY FB 94 -74.09 -31.77 67.64
N SER FB 95 -73.70 -32.98 68.04
CA SER FB 95 -74.37 -34.17 67.54
C SER FB 95 -75.78 -34.26 68.10
N LYS FB 96 -76.75 -34.51 67.22
CA LYS FB 96 -78.15 -34.53 67.63
C LYS FB 96 -78.47 -35.80 68.42
N SER FB 97 -77.99 -36.95 67.97
CA SER FB 97 -78.25 -38.19 68.70
C SER FB 97 -77.59 -38.18 70.06
N VAL FB 98 -76.42 -37.54 70.18
CA VAL FB 98 -75.74 -37.49 71.47
C VAL FB 98 -76.59 -36.74 72.49
N ALA FB 99 -77.06 -35.54 72.12
CA ALA FB 99 -77.88 -34.76 73.03
C ALA FB 99 -79.20 -35.46 73.32
N ARG FB 100 -79.80 -36.07 72.30
CA ARG FB 100 -81.06 -36.78 72.50
C ARG FB 100 -80.89 -37.92 73.49
N ARG FB 101 -79.87 -38.77 73.27
CA ARG FB 101 -79.67 -39.92 74.13
C ARG FB 101 -79.29 -39.49 75.55
N VAL FB 102 -78.55 -38.38 75.68
CA VAL FB 102 -78.30 -37.81 76.99
C VAL FB 102 -79.61 -37.42 77.66
N LEU FB 103 -80.54 -36.85 76.88
CA LEU FB 103 -81.83 -36.46 77.43
C LEU FB 103 -82.62 -37.67 77.91
N GLN FB 104 -82.70 -38.72 77.09
CA GLN FB 104 -83.45 -39.89 77.55
C GLN FB 104 -82.74 -40.61 78.68
N ALA FB 105 -81.42 -40.49 78.79
CA ALA FB 105 -80.75 -40.99 79.99
C ALA FB 105 -81.12 -40.15 81.21
N LEU FB 106 -81.32 -38.84 81.00
CA LEU FB 106 -81.69 -37.97 82.11
C LEU FB 106 -83.08 -38.29 82.63
N GLU FB 107 -84.06 -38.49 81.74
CA GLU FB 107 -85.34 -38.97 82.25
C GLU FB 107 -85.35 -40.46 82.51
N GLY FB 108 -84.28 -41.18 82.16
CA GLY FB 108 -84.12 -42.55 82.63
C GLY FB 108 -83.88 -42.60 84.13
N LEU FB 109 -83.14 -41.63 84.66
CA LEU FB 109 -82.94 -41.48 86.10
C LEU FB 109 -84.13 -40.81 86.77
N LYS FB 110 -85.12 -40.37 85.98
CA LYS FB 110 -86.30 -39.65 86.47
C LYS FB 110 -85.92 -38.35 87.17
N MET FB 111 -84.92 -37.65 86.65
CA MET FB 111 -84.58 -36.32 87.11
C MET FB 111 -85.01 -35.22 86.14
N VAL FB 112 -85.51 -35.60 84.97
CA VAL FB 112 -85.93 -34.66 83.93
C VAL FB 112 -87.28 -35.11 83.41
N GLU FB 113 -88.17 -34.15 83.15
CA GLU FB 113 -89.47 -34.45 82.57
C GLU FB 113 -89.75 -33.45 81.46
N LYS FB 114 -90.60 -33.85 80.52
CA LYS FB 114 -90.97 -32.98 79.43
C LYS FB 114 -91.87 -31.85 79.91
N ASP FB 115 -91.67 -30.67 79.33
CA ASP FB 115 -92.53 -29.53 79.58
C ASP FB 115 -93.89 -29.77 78.91
N GLN FB 116 -94.89 -28.98 79.32
CA GLN FB 116 -96.15 -29.02 78.60
C GLN FB 116 -96.02 -28.46 77.19
N ASP FB 117 -95.03 -27.61 76.95
CA ASP FB 117 -94.63 -27.26 75.60
C ASP FB 117 -93.43 -28.11 75.19
N GLY FB 118 -92.84 -27.77 74.04
CA GLY FB 118 -91.70 -28.54 73.56
C GLY FB 118 -90.47 -28.38 74.44
N GLY FB 119 -89.69 -29.45 74.53
CA GLY FB 119 -88.54 -29.47 75.40
C GLY FB 119 -88.84 -30.09 76.75
N ARG FB 120 -87.79 -30.18 77.56
CA ARG FB 120 -87.88 -30.81 78.88
C ARG FB 120 -87.14 -29.97 79.91
N LYS FB 121 -87.58 -30.09 81.17
CA LYS FB 121 -87.04 -29.34 82.29
C LYS FB 121 -86.82 -30.28 83.47
N LEU FB 122 -86.38 -29.71 84.59
CA LEU FB 122 -86.06 -30.49 85.79
C LEU FB 122 -87.30 -30.69 86.67
N THR FB 123 -87.29 -31.81 87.39
CA THR FB 123 -88.26 -32.20 88.41
C THR FB 123 -87.82 -31.69 89.77
N PRO FB 124 -88.74 -31.57 90.73
CA PRO FB 124 -88.35 -31.16 92.08
C PRO FB 124 -87.26 -32.01 92.73
N GLN FB 125 -87.25 -33.33 92.54
CA GLN FB 125 -86.19 -34.13 93.15
C GLN FB 125 -84.86 -33.95 92.44
N GLY FB 126 -84.89 -33.69 91.13
CA GLY FB 126 -83.66 -33.33 90.44
C GLY FB 126 -83.10 -32.01 90.91
N GLN FB 127 -83.97 -31.02 91.09
CA GLN FB 127 -83.54 -29.77 91.71
C GLN FB 127 -83.00 -30.02 93.11
N ARG FB 128 -83.61 -30.97 93.83
CA ARG FB 128 -83.18 -31.32 95.17
C ARG FB 128 -81.75 -31.85 95.19
N ASP FB 129 -81.45 -32.83 94.34
CA ASP FB 129 -80.11 -33.40 94.39
C ASP FB 129 -79.07 -32.49 93.74
N LEU FB 130 -79.48 -31.66 92.78
CA LEU FB 130 -78.58 -30.62 92.27
C LEU FB 130 -78.19 -29.65 93.38
N ASP FB 131 -79.16 -29.20 94.17
CA ASP FB 131 -78.83 -28.30 95.27
C ASP FB 131 -78.03 -29.00 96.36
N ARG FB 132 -78.29 -30.28 96.59
CA ARG FB 132 -77.52 -31.03 97.59
C ARG FB 132 -76.06 -31.14 97.16
N ILE FB 133 -75.82 -31.46 95.89
CA ILE FB 133 -74.44 -31.56 95.45
C ILE FB 133 -73.79 -30.18 95.38
N ALA FB 134 -74.58 -29.13 95.13
CA ALA FB 134 -74.05 -27.78 95.23
C ALA FB 134 -73.57 -27.48 96.65
N GLY FB 135 -74.39 -27.85 97.64
CA GLY FB 135 -73.99 -27.63 99.03
C GLY FB 135 -72.76 -28.43 99.40
N GLN FB 136 -72.68 -29.69 98.95
CA GLN FB 136 -71.53 -30.51 99.32
C GLN FB 136 -70.26 -30.04 98.62
N VAL FB 137 -70.36 -29.56 97.37
CA VAL FB 137 -69.16 -29.06 96.70
C VAL FB 137 -68.76 -27.72 97.29
N ALA FB 138 -69.71 -26.91 97.76
CA ALA FB 138 -69.36 -25.70 98.48
C ALA FB 138 -68.63 -26.01 99.77
N ALA FB 139 -69.10 -27.03 100.51
CA ALA FB 139 -68.41 -27.45 101.73
C ALA FB 139 -67.02 -27.97 101.43
N ALA FB 140 -66.87 -28.70 100.32
CA ALA FB 140 -65.56 -29.23 99.95
C ALA FB 140 -64.59 -28.12 99.55
N ASN FB 141 -65.06 -27.15 98.75
CA ASN FB 141 -64.17 -26.11 98.26
C ASN FB 141 -63.83 -25.10 99.35
N LYS FB 142 -64.81 -24.71 100.16
CA LYS FB 142 -64.57 -23.73 101.21
C LYS FB 142 -63.59 -24.25 102.24
N LYS FB 143 -63.77 -25.49 102.68
CA LYS FB 143 -62.78 -26.20 103.49
C LYS FB 143 -62.12 -27.32 102.71
CA ALA GB 1 -121.44 -4.65 73.56
C ALA GB 1 -120.03 -4.49 74.14
N ILE GB 2 -119.56 -5.52 74.83
CA ILE GB 2 -118.24 -5.51 75.44
C ILE GB 2 -117.22 -5.73 74.32
N HIS GB 3 -116.54 -4.66 73.92
CA HIS GB 3 -115.56 -4.73 72.85
C HIS GB 3 -114.27 -4.06 73.29
N ARG GB 4 -113.14 -4.65 72.89
CA ARG GB 4 -111.81 -4.14 73.19
C ARG GB 4 -111.03 -4.21 71.87
N ILE GB 5 -111.13 -3.16 71.06
CA ILE GB 5 -110.60 -3.20 69.71
C ILE GB 5 -109.19 -2.62 69.70
N ARG GB 6 -108.45 -2.95 68.63
CA ARG GB 6 -107.12 -2.43 68.41
C ARG GB 6 -107.08 -1.72 67.07
N ILE GB 7 -106.28 -0.65 66.99
CA ILE GB 7 -106.03 0.06 65.74
C ILE GB 7 -104.56 -0.09 65.40
N THR GB 8 -104.28 -0.55 64.20
CA THR GB 8 -102.91 -0.71 63.72
C THR GB 8 -102.69 0.25 62.57
N LEU GB 9 -101.81 1.25 62.78
CA LEU GB 9 -101.46 2.21 61.75
C LEU GB 9 -99.95 2.17 61.53
N THR GB 10 -99.55 2.20 60.27
CA THR GB 10 -98.13 2.12 59.92
C THR GB 10 -97.91 2.79 58.58
N SER GB 11 -96.78 3.48 58.45
CA SER GB 11 -96.43 4.14 57.20
C SER GB 11 -94.95 4.50 57.22
N ARG GB 12 -94.54 5.35 56.27
CA ARG GB 12 -93.15 5.58 55.95
C ARG GB 12 -92.55 6.77 56.70
N ASN GB 13 -93.29 7.86 56.85
CA ASN GB 13 -92.79 9.07 57.48
C ASN GB 13 -93.07 9.05 58.99
N VAL GB 14 -92.92 10.20 59.63
CA VAL GB 14 -93.12 10.33 61.06
C VAL GB 14 -94.21 11.33 61.39
N LYS GB 15 -94.20 12.49 60.74
CA LYS GB 15 -95.13 13.57 61.10
C LYS GB 15 -96.57 13.19 60.85
N SER GB 16 -96.84 12.51 59.73
CA SER GB 16 -98.21 12.08 59.43
C SER GB 16 -98.71 11.10 60.48
N LEU GB 17 -97.87 10.13 60.85
CA LEU GB 17 -98.26 9.17 61.88
C LEU GB 17 -98.49 9.87 63.22
N GLU GB 18 -97.62 10.81 63.57
CA GLU GB 18 -97.78 11.52 64.83
C GLU GB 18 -99.08 12.30 64.86
N LYS GB 19 -99.41 12.98 63.76
CA LYS GB 19 -100.61 13.81 63.78
C LYS GB 19 -101.88 12.98 63.70
N VAL GB 20 -101.86 11.84 63.00
CA VAL GB 20 -103.06 10.99 63.01
C VAL GB 20 -103.23 10.33 64.37
N CYS GB 21 -102.13 9.96 65.03
CA CYS GB 21 -102.24 9.47 66.39
C CYS GB 21 -102.82 10.54 67.30
N ALA GB 22 -102.34 11.78 67.18
CA ALA GB 22 -102.82 12.86 68.03
C ALA GB 22 -104.30 13.16 67.78
N ASP GB 23 -104.74 13.22 66.52
CA ASP GB 23 -106.12 13.61 66.30
C ASP GB 23 -107.07 12.46 66.64
N LEU GB 24 -106.64 11.20 66.42
CA LEU GB 24 -107.45 10.08 66.85
C LEU GB 24 -107.60 10.06 68.37
N ILE GB 25 -106.50 10.28 69.11
CA ILE GB 25 -106.61 10.21 70.56
C ILE GB 25 -107.38 11.41 71.12
N ARG GB 26 -107.25 12.61 70.52
CA ARG GB 26 -108.05 13.71 71.02
C ARG GB 26 -109.52 13.53 70.66
N GLY GB 27 -109.81 12.86 69.55
CA GLY GB 27 -111.20 12.51 69.26
C GLY GB 27 -111.73 11.52 70.27
N ALA GB 28 -110.90 10.57 70.69
CA ALA GB 28 -111.31 9.63 71.73
C ALA GB 28 -111.59 10.35 73.05
N LYS GB 29 -110.69 11.24 73.46
CA LYS GB 29 -110.89 11.95 74.73
C LYS GB 29 -112.11 12.85 74.67
N GLU GB 30 -112.23 13.67 73.63
CA GLU GB 30 -113.35 14.60 73.55
C GLU GB 30 -114.68 13.91 73.27
N LYS GB 31 -114.67 12.62 72.94
CA LYS GB 31 -115.89 11.84 72.85
C LYS GB 31 -116.09 10.95 74.08
N ASN GB 32 -115.33 11.21 75.15
CA ASN GB 32 -115.37 10.44 76.39
C ASN GB 32 -115.13 8.96 76.12
N LEU GB 33 -113.95 8.67 75.58
CA LEU GB 33 -113.56 7.32 75.22
C LEU GB 33 -112.15 7.09 75.77
N LYS GB 34 -112.06 6.32 76.86
CA LYS GB 34 -110.76 6.03 77.46
C LYS GB 34 -109.92 5.25 76.47
N VAL GB 35 -108.65 5.64 76.34
CA VAL GB 35 -107.76 5.06 75.34
C VAL GB 35 -106.51 4.54 76.04
N LYS GB 36 -106.09 3.34 75.64
CA LYS GB 36 -104.80 2.82 76.06
C LYS GB 36 -103.70 3.57 75.31
N GLY GB 37 -102.62 3.90 76.02
CA GLY GB 37 -101.58 4.75 75.48
C GLY GB 37 -100.93 4.17 74.24
N PRO GB 38 -100.53 5.06 73.32
CA PRO GB 38 -99.95 4.59 72.06
C PRO GB 38 -98.57 3.96 72.22
N VAL GB 39 -98.50 2.65 72.08
CA VAL GB 39 -97.22 1.96 72.07
C VAL GB 39 -96.62 2.10 70.68
N ARG GB 40 -95.30 2.17 70.63
CA ARG GB 40 -94.58 2.56 69.42
C ARG GB 40 -93.56 1.45 69.13
N MET GB 41 -93.87 0.62 68.13
CA MET GB 41 -93.04 -0.53 67.83
C MET GB 41 -91.75 -0.10 67.14
N PRO GB 42 -90.70 -0.92 67.22
CA PRO GB 42 -89.43 -0.54 66.59
C PRO GB 42 -89.58 -0.34 65.09
N THR GB 43 -88.85 0.65 64.58
CA THR GB 43 -88.96 1.02 63.17
C THR GB 43 -88.27 -0.01 62.29
N LYS GB 44 -88.89 -0.33 61.18
CA LYS GB 44 -88.35 -1.28 60.22
C LYS GB 44 -87.51 -0.53 59.19
N THR GB 45 -86.21 -0.81 59.16
CA THR GB 45 -85.30 -0.21 58.20
C THR GB 45 -85.09 -1.17 57.04
N LEU GB 46 -85.39 -0.71 55.84
CA LEU GB 46 -85.23 -1.50 54.63
C LEU GB 46 -83.92 -1.11 53.98
N ARG GB 47 -82.93 -1.99 54.04
CA ARG GB 47 -81.56 -1.67 53.64
C ARG GB 47 -81.22 -2.43 52.38
N ILE GB 48 -80.86 -1.69 51.33
CA ILE GB 48 -80.32 -2.25 50.10
C ILE GB 48 -79.10 -1.45 49.70
N THR GB 49 -77.98 -2.13 49.47
CA THR GB 49 -76.76 -1.51 48.98
C THR GB 49 -76.48 -2.08 47.59
N THR GB 50 -76.26 -1.19 46.62
CA THR GB 50 -76.07 -1.62 45.24
C THR GB 50 -74.99 -0.78 44.59
N ARG GB 51 -74.45 -1.32 43.50
CA ARG GB 51 -73.47 -0.60 42.71
C ARG GB 51 -74.09 0.63 42.06
N LYS GB 52 -73.31 1.71 42.02
CA LYS GB 52 -73.77 2.92 41.35
C LYS GB 52 -73.70 2.79 39.83
N THR GB 53 -72.64 2.17 39.33
CA THR GB 53 -72.45 2.10 37.89
C THR GB 53 -73.37 1.06 37.27
N PRO GB 54 -73.84 1.27 36.05
CA PRO GB 54 -74.59 0.23 35.32
C PRO GB 54 -73.74 -0.67 34.45
N CYS GB 55 -72.44 -0.41 34.34
CA CYS GB 55 -71.54 -1.21 33.52
C CYS GB 55 -70.65 -2.14 34.33
N GLY GB 56 -70.25 -1.74 35.54
CA GLY GB 56 -69.25 -2.46 36.28
C GLY GB 56 -67.88 -1.85 36.22
N GLU GB 57 -67.69 -0.79 35.42
CA GLU GB 57 -66.43 -0.07 35.33
C GLU GB 57 -66.51 1.17 36.22
N GLY GB 58 -65.48 1.37 37.03
CA GLY GB 58 -65.48 2.50 37.93
C GLY GB 58 -64.54 2.25 39.10
N SER GB 59 -64.88 2.85 40.24
CA SER GB 59 -64.07 2.74 41.44
C SER GB 59 -64.79 2.01 42.56
N LYS GB 60 -65.78 1.18 42.22
CA LYS GB 60 -66.54 0.38 43.19
C LYS GB 60 -67.19 1.25 44.25
N THR GB 61 -68.07 2.13 43.80
CA THR GB 61 -68.83 3.01 44.68
C THR GB 61 -70.23 2.41 44.87
N TRP GB 62 -70.53 2.02 46.10
CA TRP GB 62 -71.81 1.41 46.43
C TRP GB 62 -72.79 2.46 46.93
N ASP GB 63 -74.04 2.33 46.51
CA ASP GB 63 -75.10 3.26 46.90
C ASP GB 63 -76.11 2.51 47.75
N ARG GB 64 -76.52 3.10 48.86
CA ARG GB 64 -77.40 2.45 49.81
C ARG GB 64 -78.72 3.21 49.92
N PHE GB 65 -79.82 2.46 49.93
CA PHE GB 65 -81.16 3.02 50.01
C PHE GB 65 -81.82 2.59 51.31
N GLN GB 66 -82.64 3.48 51.87
CA GLN GB 66 -83.33 3.21 53.12
C GLN GB 66 -84.79 3.61 53.01
N MET GB 67 -85.66 2.69 53.42
CA MET GB 67 -87.09 2.95 53.54
C MET GB 67 -87.49 2.62 54.97
N ARG GB 68 -87.63 3.64 55.80
CA ARG GB 68 -87.98 3.44 57.20
C ARG GB 68 -89.49 3.21 57.32
N ILE GB 69 -89.87 2.07 57.89
CA ILE GB 69 -91.26 1.73 58.11
C ILE GB 69 -91.56 1.97 59.58
N HIS GB 70 -92.50 2.88 59.84
CA HIS GB 70 -92.86 3.27 61.20
C HIS GB 70 -94.26 2.76 61.51
N LYS GB 71 -94.45 2.22 62.71
CA LYS GB 71 -95.75 1.73 63.10
C LYS GB 71 -96.06 2.13 64.54
N ARG GB 72 -97.31 2.53 64.76
CA ARG GB 72 -97.83 2.81 66.08
C ARG GB 72 -99.07 1.96 66.33
N LEU GB 73 -99.22 1.51 67.57
CA LEU GB 73 -100.37 0.74 67.99
C LEU GB 73 -101.11 1.51 69.08
N ILE GB 74 -102.40 1.74 68.87
CA ILE GB 74 -103.25 2.45 69.82
C ILE GB 74 -104.46 1.58 70.10
N ASP GB 75 -104.75 1.36 71.38
CA ASP GB 75 -105.82 0.47 71.79
C ASP GB 75 -106.97 1.29 72.35
N LEU GB 76 -108.16 1.10 71.78
CA LEU GB 76 -109.35 1.84 72.17
C LEU GB 76 -110.29 0.91 72.94
N HIS GB 77 -110.67 1.33 74.13
CA HIS GB 77 -111.43 0.48 75.04
C HIS GB 77 -112.60 1.26 75.62
N SER GB 78 -113.73 0.58 75.80
CA SER GB 78 -114.91 1.19 76.37
C SER GB 78 -115.81 0.11 76.95
N PRO GB 79 -116.45 0.36 78.09
CA PRO GB 79 -117.45 -0.60 78.60
C PRO GB 79 -118.60 -0.81 77.63
N SER GB 80 -118.98 0.22 76.89
CA SER GB 80 -120.00 0.10 75.87
C SER GB 80 -119.35 -0.37 74.56
N GLU GB 81 -120.10 -0.30 73.46
CA GLU GB 81 -119.58 -0.67 72.16
C GLU GB 81 -118.59 0.38 71.65
N ILE GB 82 -117.91 0.06 70.56
CA ILE GB 82 -116.90 0.93 69.97
C ILE GB 82 -117.19 1.23 68.51
N VAL GB 83 -117.56 0.20 67.73
CA VAL GB 83 -117.64 0.37 66.28
C VAL GB 83 -118.83 1.26 65.90
N LYS GB 84 -119.97 1.08 66.56
CA LYS GB 84 -121.14 1.86 66.17
C LYS GB 84 -121.08 3.31 66.63
N GLN GB 85 -120.14 3.68 67.51
CA GLN GB 85 -120.09 5.07 67.95
C GLN GB 85 -119.10 5.91 67.16
N ILE GB 86 -117.99 5.33 66.71
CA ILE GB 86 -117.00 6.04 65.89
C ILE GB 86 -116.99 5.42 64.50
N THR GB 87 -117.09 6.26 63.48
CA THR GB 87 -117.13 5.80 62.10
C THR GB 87 -116.12 6.50 61.20
N SER GB 88 -115.87 7.79 61.43
CA SER GB 88 -114.90 8.52 60.63
C SER GB 88 -113.48 8.06 60.96
N ILE GB 89 -112.61 8.14 59.96
CA ILE GB 89 -111.21 7.77 60.12
C ILE GB 89 -110.30 8.98 59.97
N SER GB 90 -110.61 9.88 59.03
CA SER GB 90 -109.82 11.07 58.73
C SER GB 90 -108.36 10.70 58.46
N ILE GB 91 -108.17 9.94 57.38
CA ILE GB 91 -106.85 9.44 57.00
C ILE GB 91 -106.43 10.12 55.70
N GLU GB 92 -105.29 10.79 55.75
CA GLU GB 92 -104.69 11.39 54.57
C GLU GB 92 -103.99 10.32 53.73
N PRO GB 93 -103.78 10.59 52.44
CA PRO GB 93 -103.04 9.64 51.61
C PRO GB 93 -101.62 9.41 52.13
N GLY GB 94 -101.14 8.19 51.97
CA GLY GB 94 -99.85 7.79 52.47
C GLY GB 94 -99.89 7.06 53.80
N VAL GB 95 -101.07 6.83 54.36
CA VAL GB 95 -101.23 6.19 55.65
C VAL GB 95 -102.09 4.94 55.50
N GLU GB 96 -101.60 3.83 56.04
CA GLU GB 96 -102.31 2.56 56.04
C GLU GB 96 -102.77 2.23 57.46
N VAL GB 97 -104.02 1.78 57.60
CA VAL GB 97 -104.61 1.53 58.90
C VAL GB 97 -105.22 0.13 58.90
N GLU GB 98 -105.26 -0.47 60.09
CA GLU GB 98 -105.86 -1.78 60.29
C GLU GB 98 -106.55 -1.82 61.64
N VAL GB 99 -107.84 -2.17 61.65
CA VAL GB 99 -108.64 -2.22 62.86
C VAL GB 99 -108.93 -3.67 63.20
N THR GB 100 -108.47 -4.11 64.37
CA THR GB 100 -108.70 -5.46 64.87
C THR GB 100 -109.43 -5.38 66.19
N ILE GB 101 -109.80 -6.56 66.71
CA ILE GB 101 -110.56 -6.65 67.95
C ILE GB 101 -109.74 -7.45 68.97
N ALA GB 102 -110.29 -7.63 70.17
CA ALA GB 102 -109.61 -8.40 71.19
C ALA GB 102 -109.48 -9.87 70.79
N ASP GB 103 -110.52 -10.42 70.15
CA ASP GB 103 -110.48 -11.82 69.73
C ASP GB 103 -109.38 -12.07 68.71
N ALA GB 104 -109.21 -11.14 67.78
CA ALA GB 104 -108.14 -11.25 66.78
C ALA GB 104 -106.85 -10.65 67.33
N ARG HB 1 -27.82 -26.80 65.81
CA ARG HB 1 -29.26 -26.62 65.94
C ARG HB 1 -30.01 -27.49 64.92
N ASP HB 2 -30.04 -28.80 65.19
CA ASP HB 2 -30.75 -29.74 64.33
C ASP HB 2 -31.96 -30.33 65.03
N LYS HB 3 -31.76 -30.98 66.17
CA LYS HB 3 -32.84 -31.64 66.90
C LYS HB 3 -32.39 -31.80 68.35
N LEU HB 4 -33.35 -32.12 69.21
CA LEU HB 4 -33.08 -32.20 70.64
C LEU HB 4 -33.21 -33.60 71.23
N ASN HB 5 -33.73 -34.56 70.46
CA ASN HB 5 -33.85 -35.99 70.77
C ASN HB 5 -34.11 -36.27 72.24
N ASN HB 6 -35.08 -35.56 72.81
CA ASN HB 6 -35.32 -35.58 74.25
C ASN HB 6 -35.84 -36.94 74.70
N LEU HB 7 -35.40 -37.36 75.88
CA LEU HB 7 -35.87 -38.62 76.44
C LEU HB 7 -37.36 -38.53 76.77
N VAL HB 8 -38.09 -39.59 76.42
CA VAL HB 8 -39.52 -39.61 76.67
C VAL HB 8 -39.84 -40.18 78.05
N LEU HB 9 -38.99 -41.07 78.56
CA LEU HB 9 -39.12 -41.62 79.90
C LEU HB 9 -37.75 -41.61 80.56
N PHE HB 10 -37.76 -41.55 81.89
CA PHE HB 10 -36.52 -41.44 82.63
C PHE HB 10 -35.73 -42.74 82.57
N ASP HB 11 -34.42 -42.62 82.73
CA ASP HB 11 -33.55 -43.76 82.94
C ASP HB 11 -32.83 -43.59 84.29
N LYS HB 12 -31.88 -44.47 84.56
CA LYS HB 12 -31.18 -44.42 85.84
C LYS HB 12 -30.39 -43.13 85.99
N ALA HB 13 -29.73 -42.68 84.92
CA ALA HB 13 -28.84 -41.52 85.03
C ALA HB 13 -29.60 -40.22 85.17
N THR HB 14 -30.83 -40.14 84.67
CA THR HB 14 -31.60 -38.91 84.71
C THR HB 14 -32.61 -38.85 85.86
N TYR HB 15 -33.06 -40.01 86.35
CA TYR HB 15 -33.99 -40.00 87.48
C TYR HB 15 -33.34 -39.41 88.72
N ASP HB 16 -32.15 -39.89 89.07
CA ASP HB 16 -31.44 -39.34 90.22
C ASP HB 16 -30.95 -37.91 89.95
N LYS HB 17 -30.68 -37.59 88.68
CA LYS HB 17 -30.38 -36.19 88.33
C LYS HB 17 -31.55 -35.28 88.66
N LEU HB 18 -32.77 -35.71 88.32
CA LEU HB 18 -33.95 -34.95 88.70
C LEU HB 18 -34.11 -34.90 90.22
N CYS HB 19 -33.85 -36.02 90.89
CA CYS HB 19 -34.06 -36.09 92.33
C CYS HB 19 -33.11 -35.16 93.09
N LYS HB 20 -31.84 -35.08 92.67
CA LYS HB 20 -30.81 -34.54 93.55
C LYS HB 20 -30.58 -33.05 93.44
N GLU HB 21 -30.90 -32.39 92.32
CA GLU HB 21 -30.72 -30.93 92.33
C GLU HB 21 -31.89 -30.13 91.79
N VAL HB 22 -32.89 -30.73 91.15
CA VAL HB 22 -34.02 -29.94 90.64
C VAL HB 22 -34.78 -29.24 91.77
N PRO HB 23 -35.15 -29.92 92.91
CA PRO HB 23 -35.73 -29.18 94.04
C PRO HB 23 -34.68 -28.55 94.95
N ASN HB 24 -33.70 -27.88 94.35
CA ASN HB 24 -32.64 -27.23 95.13
C ASN HB 24 -32.48 -25.77 94.75
N TYR HB 25 -32.78 -25.41 93.50
CA TYR HB 25 -32.71 -24.02 93.08
C TYR HB 25 -34.09 -23.39 93.15
N LYS HB 26 -34.14 -22.09 92.81
CA LYS HB 26 -35.36 -21.31 93.03
C LYS HB 26 -36.47 -21.67 92.04
N LEU HB 27 -36.14 -21.76 90.75
CA LEU HB 27 -37.13 -21.86 89.69
C LEU HB 27 -37.23 -23.29 89.20
N ILE HB 28 -38.44 -23.86 89.25
CA ILE HB 28 -38.70 -25.20 88.75
C ILE HB 28 -39.94 -25.12 87.87
N THR HB 29 -39.73 -25.14 86.57
CA THR HB 29 -40.79 -25.16 85.57
C THR HB 29 -40.50 -26.31 84.61
N PRO HB 30 -41.53 -26.85 83.94
CA PRO HB 30 -41.25 -27.88 82.93
C PRO HB 30 -40.33 -27.41 81.82
N ALA HB 31 -40.32 -26.12 81.51
CA ALA HB 31 -39.42 -25.62 80.46
C ALA HB 31 -37.96 -25.73 80.87
N VAL HB 32 -37.61 -25.24 82.06
CA VAL HB 32 -36.21 -25.30 82.49
C VAL HB 32 -35.79 -26.73 82.78
N VAL HB 33 -36.70 -27.54 83.35
CA VAL HB 33 -36.39 -28.95 83.60
C VAL HB 33 -36.13 -29.66 82.28
N SER HB 34 -36.96 -29.38 81.28
CA SER HB 34 -36.76 -29.99 79.96
C SER HB 34 -35.44 -29.57 79.34
N GLU HB 35 -35.08 -28.29 79.44
CA GLU HB 35 -33.89 -27.80 78.76
C GLU HB 35 -32.60 -28.17 79.48
N ARG HB 36 -32.65 -28.44 80.80
CA ARG HB 36 -31.43 -28.81 81.51
C ARG HB 36 -31.33 -30.29 81.85
N LEU HB 37 -32.38 -31.08 81.60
CA LEU HB 37 -32.32 -32.52 81.86
C LEU HB 37 -32.46 -33.37 80.62
N LYS HB 38 -32.55 -32.77 79.43
CA LYS HB 38 -32.65 -33.50 78.15
C LYS HB 38 -33.85 -34.44 78.12
N ILE HB 39 -34.96 -34.03 78.74
CA ILE HB 39 -36.16 -34.87 78.78
C ILE HB 39 -37.25 -34.22 77.95
N ARG HB 40 -38.35 -34.95 77.77
CA ARG HB 40 -39.38 -34.55 76.80
C ARG HB 40 -40.04 -33.24 77.20
N GLY HB 41 -40.65 -33.19 78.38
CA GLY HB 41 -41.34 -32.00 78.83
C GLY HB 41 -42.71 -32.35 79.33
N SER HB 42 -43.39 -33.25 78.62
CA SER HB 42 -44.51 -33.96 79.23
C SER HB 42 -44.00 -34.87 80.33
N LEU HB 43 -42.85 -35.50 80.10
CA LEU HB 43 -42.13 -36.19 81.18
C LEU HB 43 -41.81 -35.24 82.32
N ALA HB 44 -41.45 -34.00 81.99
CA ALA HB 44 -41.18 -33.01 83.04
C ALA HB 44 -42.43 -32.74 83.86
N ARG HB 45 -43.59 -32.60 83.21
CA ARG HB 45 -44.82 -32.36 83.94
C ARG HB 45 -45.17 -33.54 84.83
N ALA HB 46 -45.05 -34.77 84.29
CA ALA HB 46 -45.35 -35.96 85.09
C ALA HB 46 -44.40 -36.08 86.29
N ALA HB 47 -43.11 -35.83 86.06
CA ALA HB 47 -42.13 -35.91 87.13
C ALA HB 47 -42.40 -34.86 88.19
N LEU HB 48 -42.73 -33.63 87.78
CA LEU HB 48 -42.95 -32.57 88.75
C LEU HB 48 -44.22 -32.81 89.56
N GLN HB 49 -45.27 -33.35 88.93
CA GLN HB 49 -46.46 -33.65 89.72
C GLN HB 49 -46.23 -34.85 90.63
N GLU HB 50 -45.37 -35.79 90.23
CA GLU HB 50 -44.99 -36.85 91.17
C GLU HB 50 -44.23 -36.30 92.36
N LEU HB 51 -43.33 -35.34 92.11
CA LEU HB 51 -42.62 -34.68 93.19
C LEU HB 51 -43.57 -33.90 94.09
N LEU HB 52 -44.62 -33.31 93.50
CA LEU HB 52 -45.67 -32.71 94.30
C LEU HB 52 -46.34 -33.75 95.20
N SER HB 53 -46.63 -34.92 94.64
CA SER HB 53 -47.27 -35.98 95.42
C SER HB 53 -46.39 -36.40 96.59
N LYS HB 54 -45.09 -36.54 96.35
CA LYS HB 54 -44.18 -36.83 97.45
C LYS HB 54 -43.99 -35.63 98.38
N GLY HB 55 -44.30 -34.43 97.92
CA GLY HB 55 -44.30 -33.26 98.78
C GLY HB 55 -42.95 -32.62 99.01
N LEU HB 56 -41.93 -32.98 98.25
CA LEU HB 56 -40.62 -32.35 98.37
C LEU HB 56 -40.48 -31.11 97.49
N ILE HB 57 -41.55 -30.73 96.78
CA ILE HB 57 -41.57 -29.50 95.98
C ILE HB 57 -42.88 -28.77 96.28
N LYS HB 58 -42.87 -27.45 96.08
CA LYS HB 58 -43.99 -26.59 96.43
C LYS HB 58 -44.59 -25.97 95.17
N LEU HB 59 -45.92 -25.98 95.10
CA LEU HB 59 -46.66 -25.42 93.98
C LEU HB 59 -47.20 -24.04 94.34
N VAL HB 60 -47.15 -23.12 93.37
CA VAL HB 60 -47.63 -21.75 93.56
C VAL HB 60 -48.69 -21.37 92.54
N SER HB 61 -48.46 -21.68 91.25
CA SER HB 61 -49.29 -21.13 90.18
C SER HB 61 -50.43 -22.06 89.78
N LYS HB 62 -50.11 -23.24 89.27
CA LYS HB 62 -51.09 -24.21 88.77
C LYS HB 62 -52.05 -23.56 87.77
N HIS HB 63 -51.48 -23.15 86.64
CA HIS HB 63 -52.25 -22.61 85.53
C HIS HB 63 -52.10 -23.52 84.32
N ARG HB 64 -53.12 -23.50 83.45
CA ARG HB 64 -53.15 -24.41 82.32
C ARG HB 64 -52.02 -24.17 81.34
N ALA HB 65 -51.52 -22.94 81.24
CA ALA HB 65 -50.47 -22.61 80.30
C ALA HB 65 -49.09 -22.59 80.91
N GLN HB 66 -48.95 -22.13 82.16
CA GLN HB 66 -47.67 -22.13 82.84
C GLN HB 66 -47.86 -22.64 84.26
N VAL HB 67 -47.17 -23.73 84.59
CA VAL HB 67 -47.11 -24.23 85.96
C VAL HB 67 -45.71 -23.96 86.50
N ILE HB 68 -45.64 -23.49 87.73
CA ILE HB 68 -44.40 -23.00 88.31
C ILE HB 68 -44.24 -23.62 89.69
N TYR HB 69 -43.02 -24.09 89.97
CA TYR HB 69 -42.70 -24.70 91.26
C TYR HB 69 -41.47 -24.02 91.83
N THR HB 70 -41.40 -23.98 93.16
CA THR HB 70 -40.25 -23.45 93.87
C THR HB 70 -39.91 -24.38 95.01
N ARG HB 71 -38.65 -24.35 95.43
CA ARG HB 71 -38.22 -25.24 96.50
C ARG HB 71 -38.86 -24.84 97.82
N ASN HB 72 -38.94 -25.79 98.74
CA ASN HB 72 -39.42 -25.50 100.08
C ASN HB 72 -38.44 -24.60 100.81
N THR HB 73 -38.97 -23.74 101.67
CA THR HB 73 -38.17 -22.72 102.31
C THR HB 73 -37.15 -23.34 103.28
N LYS HB 74 -35.93 -22.84 103.23
CA LYS HB 74 -34.85 -23.29 104.11
C LYS HB 74 -34.71 -22.34 105.29
N GLY HB 75 -34.59 -22.90 106.48
CA GLY HB 75 -34.47 -22.11 107.70
C GLY HB 75 -35.66 -22.26 108.61
N ARG IB 1 -11.20 10.26 80.84
CA ARG IB 1 -10.96 11.08 79.66
C ARG IB 1 -12.26 11.30 78.90
N VAL IB 2 -13.16 10.33 78.97
CA VAL IB 2 -14.45 10.44 78.31
C VAL IB 2 -15.34 11.38 79.09
N GLN IB 3 -16.17 12.12 78.37
CA GLN IB 3 -17.16 12.98 79.01
C GLN IB 3 -18.25 12.14 79.64
N PRO IB 4 -18.52 12.29 80.93
CA PRO IB 4 -19.61 11.52 81.54
C PRO IB 4 -20.97 12.06 81.12
N ILE IB 5 -22.00 11.22 81.30
CA ILE IB 5 -23.35 11.59 80.93
C ILE IB 5 -23.83 12.75 81.80
N LYS IB 6 -24.34 13.80 81.15
CA LYS IB 6 -24.84 14.97 81.86
C LYS IB 6 -26.25 15.28 81.39
N LEU IB 7 -27.07 15.76 82.33
CA LEU IB 7 -28.49 15.97 82.09
C LEU IB 7 -28.75 17.43 81.70
N ALA IB 8 -29.93 17.66 81.12
CA ALA IB 8 -30.36 19.00 80.76
C ALA IB 8 -31.87 19.03 80.65
N ARG IB 9 -32.45 20.22 80.84
CA ARG IB 9 -33.90 20.39 80.85
C ARG IB 9 -34.28 21.38 79.76
N VAL IB 10 -35.38 21.09 79.07
CA VAL IB 10 -35.80 21.88 77.91
C VAL IB 10 -36.49 23.16 78.39
N THR IB 11 -35.98 24.30 77.94
CA THR IB 11 -36.59 25.59 78.27
C THR IB 11 -37.56 26.08 77.21
N LYS IB 12 -37.21 25.95 75.93
CA LYS IB 12 -38.06 26.44 74.86
C LYS IB 12 -37.92 25.51 73.67
N VAL IB 13 -39.06 25.18 73.05
CA VAL IB 13 -39.09 24.32 71.87
C VAL IB 13 -39.04 25.24 70.64
N LEU IB 14 -38.10 24.99 69.74
CA LEU IB 14 -37.95 25.87 68.59
C LEU IB 14 -38.85 25.41 67.44
N GLY IB 15 -38.88 24.12 67.16
CA GLY IB 15 -39.75 23.60 66.14
C GLY IB 15 -39.18 22.33 65.52
N ARG IB 16 -39.91 21.81 64.55
CA ARG IB 16 -39.51 20.60 63.85
C ARG IB 16 -38.49 20.92 62.77
N THR IB 17 -37.64 19.95 62.47
CA THR IB 17 -36.58 20.12 61.48
C THR IB 17 -36.20 18.75 60.94
N GLY IB 18 -35.08 18.69 60.22
CA GLY IB 18 -34.60 17.46 59.64
C GLY IB 18 -35.22 17.08 58.31
N SER IB 19 -36.09 17.93 57.76
CA SER IB 19 -36.76 17.73 56.47
C SER IB 19 -37.69 16.54 56.45
N GLN IB 20 -38.00 15.94 57.60
CA GLN IB 20 -39.15 15.06 57.75
C GLN IB 20 -39.95 15.32 59.02
N GLY IB 21 -39.49 16.19 59.90
CA GLY IB 21 -40.19 16.47 61.13
C GLY IB 21 -39.95 15.46 62.24
N GLN IB 22 -39.12 14.45 62.00
CA GLN IB 22 -38.81 13.48 63.04
C GLN IB 22 -37.97 14.10 64.16
N CYS IB 23 -37.24 15.16 63.86
CA CYS IB 23 -36.36 15.82 64.82
C CYS IB 23 -36.98 17.14 65.26
N THR IB 24 -37.08 17.33 66.56
CA THR IB 24 -37.49 18.58 67.15
C THR IB 24 -36.25 19.28 67.69
N GLN IB 25 -36.07 20.55 67.36
CA GLN IB 25 -34.95 21.32 67.85
C GLN IB 25 -35.44 22.18 69.01
N VAL IB 26 -34.78 22.06 70.16
CA VAL IB 26 -35.22 22.71 71.38
C VAL IB 26 -34.01 23.39 72.03
N ARG IB 27 -34.29 24.21 73.04
CA ARG IB 27 -33.26 24.83 73.84
C ARG IB 27 -33.20 24.15 75.20
N VAL IB 28 -32.04 23.58 75.53
CA VAL IB 28 -31.86 22.84 76.76
C VAL IB 28 -31.05 23.70 77.73
N GLU IB 29 -30.94 23.20 78.97
CA GLU IB 29 -30.42 23.99 80.08
C GLU IB 29 -29.71 23.06 81.05
N PHE IB 30 -28.41 23.27 81.22
CA PHE IB 30 -27.59 22.42 82.07
C PHE IB 30 -27.93 22.64 83.54
N MET IB 31 -27.46 21.72 84.39
CA MET IB 31 -27.78 21.77 85.81
C MET IB 31 -26.62 22.20 86.70
N ASP IB 32 -25.37 21.83 86.38
CA ASP IB 32 -24.24 22.38 87.13
C ASP IB 32 -24.11 23.87 86.91
N ASP IB 33 -24.25 24.32 85.66
CA ASP IB 33 -24.29 25.74 85.33
C ASP IB 33 -25.71 26.04 84.90
N THR IB 34 -26.49 26.65 85.80
CA THR IB 34 -27.86 27.03 85.47
C THR IB 34 -27.93 28.10 84.40
N SER IB 35 -26.87 28.88 84.23
CA SER IB 35 -26.81 29.88 83.17
C SER IB 35 -26.31 29.31 81.85
N ARG IB 36 -25.95 28.02 81.81
CA ARG IB 36 -25.57 27.35 80.58
C ARG IB 36 -26.81 26.90 79.83
N SER IB 37 -26.88 27.23 78.54
CA SER IB 37 -28.04 26.87 77.73
C SER IB 37 -27.59 26.65 76.30
N ILE IB 38 -28.05 25.54 75.72
CA ILE IB 38 -27.66 25.14 74.37
C ILE IB 38 -28.92 24.81 73.60
N ILE IB 39 -28.96 25.17 72.32
CA ILE IB 39 -29.99 24.67 71.42
C ILE IB 39 -29.56 23.29 70.92
N ARG IB 40 -30.42 22.29 71.12
CA ARG IB 40 -30.12 20.93 70.69
C ARG IB 40 -31.33 20.34 70.02
N ASN IB 41 -31.11 19.71 68.87
CA ASN IB 41 -32.15 18.98 68.17
C ASN IB 41 -32.34 17.59 68.77
N VAL IB 42 -33.61 17.22 69.00
CA VAL IB 42 -33.96 15.98 69.70
C VAL IB 42 -35.06 15.28 68.93
N LYS IB 43 -35.23 13.99 69.22
CA LYS IB 43 -36.20 13.14 68.54
C LYS IB 43 -37.21 12.58 69.55
N GLY IB 44 -38.39 12.24 69.04
CA GLY IB 44 -39.46 11.76 69.88
C GLY IB 44 -40.40 12.88 70.28
N PRO IB 45 -41.47 12.53 71.00
CA PRO IB 45 -42.41 13.55 71.48
C PRO IB 45 -41.78 14.37 72.60
N VAL IB 46 -41.56 15.65 72.34
CA VAL IB 46 -40.83 16.53 73.24
C VAL IB 46 -41.73 17.67 73.66
N ARG IB 47 -41.79 17.90 74.98
CA ARG IB 47 -42.48 19.06 75.54
C ARG IB 47 -41.58 19.71 76.57
N GLU IB 48 -41.72 21.02 76.71
CA GLU IB 48 -40.85 21.77 77.61
C GLU IB 48 -41.07 21.34 79.06
N GLY IB 49 -39.98 21.35 79.83
CA GLY IB 49 -40.02 20.98 81.23
C GLY IB 49 -39.55 19.58 81.53
N ASP IB 50 -39.14 18.80 80.53
CA ASP IB 50 -38.62 17.47 80.75
C ASP IB 50 -37.09 17.48 80.72
N VAL IB 51 -36.50 16.38 81.17
CA VAL IB 51 -35.06 16.28 81.35
C VAL IB 51 -34.58 15.07 80.55
N LEU IB 52 -33.50 15.25 79.79
CA LEU IB 52 -32.94 14.18 78.99
C LEU IB 52 -31.43 14.11 79.20
N THR IB 53 -30.87 12.93 78.95
CA THR IB 53 -29.43 12.72 79.09
C THR IB 53 -28.71 13.24 77.85
N LEU IB 54 -27.53 13.82 78.08
CA LEU IB 54 -26.68 14.32 76.99
C LEU IB 54 -25.36 13.57 77.07
N LEU IB 55 -25.15 12.64 76.14
CA LEU IB 55 -23.90 11.90 76.09
C LEU IB 55 -22.73 12.83 75.81
N GLU IB 56 -22.92 13.79 74.90
CA GLU IB 56 -21.94 14.82 74.63
C GLU IB 56 -22.64 16.17 74.66
N SER IB 57 -21.95 17.17 75.21
CA SER IB 57 -22.59 18.45 75.48
C SER IB 57 -22.82 19.28 74.22
N GLU IB 58 -21.76 19.71 73.55
CA GLU IB 58 -21.88 20.64 72.43
C GLU IB 58 -21.64 19.92 71.12
N ARG IB 59 -22.67 19.86 70.29
CA ARG IB 59 -22.59 19.23 68.97
C ARG IB 59 -22.80 20.24 67.85
N GLU IB 60 -23.94 20.92 67.85
CA GLU IB 60 -24.31 21.79 66.74
C GLU IB 60 -25.34 22.80 67.23
N ALA IB 61 -25.39 23.94 66.55
CA ALA IB 61 -26.28 25.03 66.95
C ALA IB 61 -26.64 25.83 65.69
N ARG IB 62 -27.82 25.55 65.13
CA ARG IB 62 -28.32 26.31 64.00
C ARG IB 62 -29.75 26.72 64.26
N ARG IB 63 -30.13 27.88 63.75
CA ARG IB 63 -31.49 28.38 63.90
C ARG IB 63 -32.26 28.19 62.59
N LEU IB 64 -33.54 27.84 62.73
CA LEU IB 64 -34.40 27.63 61.57
C LEU IB 64 -34.58 28.93 60.78
N GLY JB 1 -91.34 -26.76 16.57
CA GLY JB 1 -92.12 -27.98 16.59
C GLY JB 1 -93.40 -27.84 17.37
N HIS JB 2 -93.99 -28.98 17.75
CA HIS JB 2 -95.24 -28.97 18.48
C HIS JB 2 -95.01 -28.59 19.93
N GLN JB 3 -96.08 -28.65 20.72
CA GLN JB 3 -96.02 -28.20 22.11
C GLN JB 3 -95.22 -29.15 22.99
N GLN JB 4 -95.01 -30.39 22.56
CA GLN JB 4 -94.25 -31.36 23.34
C GLN JB 4 -92.78 -31.03 23.42
N LEU JB 5 -92.30 -30.09 22.61
CA LEU JB 5 -90.89 -29.71 22.59
C LEU JB 5 -90.65 -28.22 22.71
N TYR JB 6 -91.59 -27.38 22.30
CA TYR JB 6 -91.32 -25.94 22.18
C TYR JB 6 -91.02 -25.30 23.53
N TRP JB 7 -91.76 -25.66 24.56
CA TRP JB 7 -91.58 -25.05 25.88
C TRP JB 7 -91.58 -26.10 26.97
N SER JB 8 -91.15 -27.33 26.64
CA SER JB 8 -91.18 -28.42 27.61
C SER JB 8 -89.96 -28.44 28.52
N HIS JB 9 -88.94 -27.65 28.23
CA HIS JB 9 -87.77 -27.63 29.10
C HIS JB 9 -88.13 -26.96 30.42
N PRO JB 10 -87.93 -27.62 31.55
CA PRO JB 10 -88.42 -27.07 32.83
C PRO JB 10 -87.66 -25.83 33.24
N ARG JB 11 -88.42 -24.75 33.47
CA ARG JB 11 -87.93 -23.56 34.15
C ARG JB 11 -88.71 -23.37 35.44
N LYS JB 12 -88.87 -24.47 36.18
CA LYS JB 12 -89.41 -24.44 37.53
C LYS JB 12 -88.50 -23.70 38.49
N PHE JB 13 -87.21 -23.60 38.18
CA PHE JB 13 -86.22 -23.08 39.12
C PHE JB 13 -85.14 -22.35 38.33
N GLY JB 14 -84.10 -21.94 39.05
CA GLY JB 14 -82.91 -21.40 38.42
C GLY JB 14 -83.06 -19.96 37.98
N GLN JB 15 -82.00 -19.46 37.36
CA GLN JB 15 -81.98 -18.07 36.91
C GLN JB 15 -82.85 -17.87 35.68
N GLY JB 16 -83.08 -18.93 34.90
CA GLY JB 16 -83.95 -18.83 33.76
C GLY JB 16 -85.43 -18.81 34.06
N SER JB 17 -85.81 -19.11 35.30
CA SER JB 17 -87.20 -19.02 35.71
C SER JB 17 -87.64 -17.60 35.99
N ARG JB 18 -86.70 -16.66 36.12
CA ARG JB 18 -87.00 -15.32 36.60
C ARG JB 18 -86.48 -14.28 35.62
N SER JB 19 -87.15 -13.14 35.61
CA SER JB 19 -86.80 -12.04 34.74
C SER JB 19 -87.19 -10.73 35.43
N CYS JB 20 -86.63 -9.63 34.94
CA CYS JB 20 -86.94 -8.34 35.51
C CYS JB 20 -88.40 -7.97 35.26
N ARG JB 21 -89.05 -7.44 36.29
CA ARG JB 21 -90.45 -7.03 36.15
C ARG JB 21 -90.60 -5.76 35.34
N VAL JB 22 -89.49 -5.08 35.01
CA VAL JB 22 -89.53 -3.85 34.24
C VAL JB 22 -88.96 -4.06 32.83
N CYS JB 23 -87.69 -4.44 32.74
CA CYS JB 23 -86.99 -4.53 31.46
C CYS JB 23 -86.83 -5.95 30.97
N SER JB 24 -87.37 -6.95 31.69
CA SER JB 24 -87.32 -8.36 31.30
C SER JB 24 -85.89 -8.85 31.13
N ASN JB 25 -84.95 -8.30 31.91
CA ASN JB 25 -83.58 -8.78 31.88
C ASN JB 25 -83.42 -9.95 32.85
N ARG JB 26 -82.33 -10.68 32.70
CA ARG JB 26 -82.04 -11.85 33.52
C ARG JB 26 -80.72 -11.70 34.27
N HIS JB 27 -80.31 -10.47 34.53
CA HIS JB 27 -79.06 -10.21 35.25
C HIS JB 27 -79.24 -9.04 36.21
N GLY JB 28 -78.65 -9.16 37.39
CA GLY JB 28 -78.75 -8.13 38.40
C GLY JB 28 -80.14 -7.93 38.96
N LEU JB 29 -80.86 -9.02 39.21
CA LEU JB 29 -82.19 -8.91 39.80
C LEU JB 29 -82.10 -8.52 41.27
N ILE JB 30 -83.22 -7.99 41.78
CA ILE JB 30 -83.36 -7.65 43.19
C ILE JB 30 -84.59 -8.42 43.67
N ARG JB 31 -84.40 -9.61 44.22
CA ARG JB 31 -85.50 -10.37 44.77
C ARG JB 31 -85.78 -10.04 46.22
N LYS JB 32 -84.98 -9.16 46.83
CA LYS JB 32 -85.14 -8.87 48.25
C LYS JB 32 -86.43 -8.10 48.48
N TYR JB 33 -87.16 -8.47 49.54
CA TYR JB 33 -88.48 -7.94 49.85
C TYR JB 33 -89.47 -8.13 48.71
N GLY JB 34 -89.30 -9.21 47.93
CA GLY JB 34 -90.21 -9.48 46.82
C GLY JB 34 -90.24 -8.39 45.77
N LEU JB 35 -89.08 -7.82 45.44
CA LEU JB 35 -89.05 -6.65 44.58
C LEU JB 35 -88.98 -7.05 43.11
N ASN JB 36 -88.15 -8.04 42.78
CA ASN JB 36 -88.09 -8.64 41.44
C ASN JB 36 -87.81 -7.60 40.35
N MET JB 37 -86.90 -6.68 40.63
CA MET JB 37 -86.56 -5.62 39.69
C MET JB 37 -85.06 -5.64 39.42
N CYS JB 38 -84.70 -5.27 38.19
CA CYS JB 38 -83.30 -5.20 37.83
C CYS JB 38 -82.59 -4.12 38.63
N ARG JB 39 -81.29 -4.33 38.84
CA ARG JB 39 -80.47 -3.38 39.60
C ARG JB 39 -80.51 -1.99 38.98
N GLN JB 40 -80.27 -1.91 37.67
CA GLN JB 40 -80.31 -0.63 36.99
C GLN JB 40 -81.72 -0.06 36.97
N CYS JB 41 -82.73 -0.91 36.77
CA CYS JB 41 -84.12 -0.45 36.87
C CYS JB 41 -84.46 -0.04 38.30
N PHE JB 42 -83.86 -0.69 39.29
CA PHE JB 42 -84.05 -0.25 40.67
C PHE JB 42 -83.51 1.16 40.87
N ARG JB 43 -82.32 1.44 40.36
CA ARG JB 43 -81.81 2.80 40.46
C ARG JB 43 -82.67 3.77 39.67
N GLN JB 44 -83.28 3.30 38.57
CA GLN JB 44 -84.16 4.15 37.79
C GLN JB 44 -85.42 4.53 38.56
N TYR JB 45 -86.01 3.59 39.28
CA TYR JB 45 -87.33 3.79 39.87
C TYR JB 45 -87.33 3.88 41.39
N ALA JB 46 -86.17 4.02 42.03
CA ALA JB 46 -86.12 3.99 43.50
C ALA JB 46 -86.94 5.12 44.12
N LYS JB 47 -86.87 6.34 43.56
CA LYS JB 47 -87.65 7.45 44.10
C LYS JB 47 -89.14 7.16 43.99
N ASP JB 48 -89.58 6.59 42.88
CA ASP JB 48 -90.99 6.23 42.74
C ASP JB 48 -91.38 5.15 43.73
N ILE JB 49 -90.50 4.18 43.96
CA ILE JB 49 -90.74 3.19 45.00
C ILE JB 49 -90.81 3.86 46.36
N GLY JB 50 -89.90 4.80 46.62
CA GLY JB 50 -89.80 5.47 47.91
C GLY JB 50 -88.50 5.20 48.63
N PHE JB 51 -87.58 4.43 48.06
CA PHE JB 51 -86.31 4.12 48.71
C PHE JB 51 -85.41 5.34 48.61
N ILE JB 52 -85.31 6.08 49.71
CA ILE JB 52 -84.57 7.33 49.73
C ILE JB 52 -83.23 7.11 50.42
N LYS JB 53 -82.34 8.08 50.25
CA LYS JB 53 -81.00 8.02 50.78
C LYS JB 53 -80.91 8.88 52.03
N LEU JB 54 -80.41 8.30 53.11
CA LEU JB 54 -80.11 9.05 54.33
C LEU JB 54 -78.64 9.08 54.64
N ASP JB 55 -77.98 7.93 54.70
CA ASP JB 55 -76.53 7.88 54.87
C ASP JB 55 -75.87 7.00 53.80
N TYR KB 1 -71.38 -20.08 6.77
CA TYR KB 1 -72.45 -21.07 6.72
C TYR KB 1 -71.88 -22.44 6.35
N THR KB 2 -72.04 -22.80 5.07
CA THR KB 2 -71.54 -24.05 4.50
C THR KB 2 -72.06 -25.24 5.29
N THR KB 3 -73.38 -25.42 5.22
CA THR KB 3 -74.02 -26.50 5.94
C THR KB 3 -73.68 -27.84 5.29
N PRO KB 4 -73.26 -28.85 6.06
CA PRO KB 4 -72.93 -30.14 5.44
C PRO KB 4 -74.10 -30.80 4.72
N LYS KB 5 -75.31 -30.68 5.26
CA LYS KB 5 -76.48 -31.29 4.64
C LYS KB 5 -77.16 -30.29 3.71
N LYS KB 6 -77.77 -30.82 2.65
CA LYS KB 6 -78.55 -29.99 1.76
C LYS KB 6 -79.79 -29.45 2.47
N ASN KB 7 -80.43 -28.47 1.85
CA ASN KB 7 -81.60 -27.84 2.43
C ASN KB 7 -82.71 -28.87 2.63
N LYS KB 8 -83.35 -28.83 3.79
CA LYS KB 8 -84.36 -29.82 4.13
C LYS KB 8 -85.62 -29.56 3.32
N HIS KB 9 -86.04 -30.55 2.53
CA HIS KB 9 -87.25 -30.41 1.74
C HIS KB 9 -88.48 -30.39 2.65
N LYS KB 10 -89.41 -29.50 2.33
CA LYS KB 10 -90.64 -29.35 3.12
C LYS KB 10 -91.72 -30.28 2.59
N ARG KB 11 -92.64 -30.65 3.49
CA ARG KB 11 -93.76 -31.50 3.10
C ARG KB 11 -94.70 -30.76 2.17
N LYS KB 12 -95.01 -31.39 1.05
CA LYS KB 12 -96.07 -30.95 0.16
C LYS KB 12 -97.23 -31.93 0.30
N LYS KB 13 -98.39 -31.41 0.69
CA LYS KB 13 -99.57 -32.25 0.82
C LYS KB 13 -99.95 -32.82 -0.54
N VAL KB 14 -100.45 -34.05 -0.54
CA VAL KB 14 -100.59 -34.85 -1.75
C VAL KB 14 -101.63 -34.28 -2.71
N LYS KB 15 -102.31 -33.21 -2.30
CA LYS KB 15 -103.31 -32.50 -3.11
C LYS KB 15 -104.42 -33.47 -3.56
N LEU KB 16 -105.13 -33.96 -2.56
CA LEU KB 16 -106.22 -34.89 -2.80
C LEU KB 16 -107.38 -34.19 -3.49
N ALA KB 17 -108.06 -34.91 -4.37
CA ALA KB 17 -109.25 -34.41 -5.03
C ALA KB 17 -110.43 -34.52 -4.07
N VAL KB 18 -111.66 -34.36 -4.60
CA VAL KB 18 -112.85 -34.51 -3.78
C VAL KB 18 -112.92 -35.93 -3.21
N LEU KB 19 -113.25 -36.03 -1.93
CA LEU KB 19 -113.12 -37.26 -1.16
C LEU KB 19 -113.99 -38.40 -1.72
N LYS KB 20 -115.31 -38.28 -1.63
CA LYS KB 20 -116.27 -39.18 -2.30
C LYS KB 20 -115.99 -40.66 -2.03
N TYR KB 21 -115.48 -41.01 -0.86
CA TYR KB 21 -115.10 -42.40 -0.60
C TYR KB 21 -116.24 -43.20 0.06
N TYR KB 22 -117.41 -43.13 -0.56
CA TYR KB 22 -118.57 -43.89 -0.13
C TYR KB 22 -119.52 -44.04 -1.31
N LYS KB 23 -120.05 -45.25 -1.49
CA LYS KB 23 -120.81 -45.58 -2.68
C LYS KB 23 -122.21 -46.07 -2.32
N VAL KB 24 -123.20 -45.55 -3.03
CA VAL KB 24 -124.57 -46.03 -2.94
C VAL KB 24 -124.83 -46.88 -4.18
N ASP KB 25 -125.66 -47.91 -4.01
CA ASP KB 25 -125.87 -48.91 -5.05
C ASP KB 25 -127.35 -49.08 -5.33
N GLU KB 26 -127.63 -49.57 -6.55
CA GLU KB 26 -128.97 -49.89 -7.07
C GLU KB 26 -130.00 -48.83 -6.69
N ASN KB 27 -129.77 -47.63 -7.23
CA ASN KB 27 -130.67 -46.47 -7.07
C ASN KB 27 -130.73 -46.01 -5.62
N GLY KB 28 -129.63 -46.16 -4.90
CA GLY KB 28 -129.51 -45.63 -3.57
C GLY KB 28 -129.67 -46.64 -2.45
N LYS KB 29 -128.54 -47.12 -1.94
CA LYS KB 29 -128.48 -47.93 -0.73
C LYS KB 29 -127.18 -47.58 -0.02
N ILE KB 30 -127.28 -47.19 1.25
CA ILE KB 30 -126.11 -46.70 1.97
C ILE KB 30 -125.12 -47.84 2.19
N SER KB 31 -123.84 -47.57 1.93
CA SER KB 31 -122.78 -48.53 2.16
C SER KB 31 -121.56 -47.76 2.66
N ARG KB 32 -121.37 -47.74 3.97
CA ARG KB 32 -120.15 -47.20 4.56
C ARG KB 32 -119.01 -48.16 4.23
N LEU KB 33 -118.22 -47.83 3.21
CA LEU KB 33 -117.05 -48.63 2.90
C LEU KB 33 -115.84 -48.24 3.75
N ARG KB 34 -116.05 -47.37 4.73
CA ARG KB 34 -115.00 -46.93 5.63
C ARG KB 34 -115.43 -47.17 7.07
N ARG KB 35 -114.47 -47.46 7.93
CA ARG KB 35 -114.76 -47.68 9.34
C ARG KB 35 -115.01 -46.34 10.03
N GLU KB 36 -115.81 -46.39 11.10
CA GLU KB 36 -116.26 -45.20 11.82
C GLU KB 36 -115.47 -45.05 13.12
N CYS KB 37 -115.30 -43.80 13.55
CA CYS KB 37 -114.70 -43.51 14.84
C CYS KB 37 -115.80 -43.47 15.89
N PRO KB 38 -115.82 -44.40 16.85
CA PRO KB 38 -116.97 -44.52 17.76
C PRO KB 38 -116.92 -43.65 19.00
N SER KB 39 -115.87 -42.85 19.19
CA SER KB 39 -115.76 -42.06 20.41
C SER KB 39 -116.69 -40.86 20.35
N ASP KB 40 -116.93 -40.27 21.52
CA ASP KB 40 -117.75 -39.07 21.61
C ASP KB 40 -117.02 -37.84 21.12
N GLU KB 41 -115.69 -37.80 21.27
CA GLU KB 41 -114.92 -36.66 20.78
C GLU KB 41 -114.76 -36.69 19.28
N CYS KB 42 -114.76 -37.88 18.66
CA CYS KB 42 -114.76 -37.98 17.21
C CYS KB 42 -116.15 -37.69 16.65
N GLY KB 43 -117.13 -38.48 17.04
CA GLY KB 43 -118.50 -38.33 16.57
C GLY KB 43 -118.93 -39.47 15.67
N ALA KB 44 -120.23 -39.53 15.43
CA ALA KB 44 -120.81 -40.58 14.58
C ALA KB 44 -120.57 -40.37 13.10
N GLY KB 45 -120.40 -39.12 12.67
CA GLY KB 45 -120.24 -38.85 11.24
C GLY KB 45 -118.82 -38.96 10.74
N VAL KB 46 -117.85 -38.98 11.64
CA VAL KB 46 -116.45 -39.02 11.23
C VAL KB 46 -116.03 -40.47 10.96
N PHE KB 47 -115.09 -40.63 10.05
CA PHE KB 47 -114.65 -41.94 9.57
C PHE KB 47 -113.20 -42.18 9.93
N MET KB 48 -112.86 -43.45 10.15
CA MET KB 48 -111.47 -43.85 10.35
C MET KB 48 -110.64 -43.66 9.07
N ALA KB 49 -109.35 -43.92 9.21
CA ALA KB 49 -108.47 -44.03 8.06
C ALA KB 49 -108.64 -45.40 7.42
N SER KB 50 -107.92 -45.63 6.32
CA SER KB 50 -108.00 -46.90 5.61
C SER KB 50 -106.61 -47.52 5.47
N HIS KB 51 -105.85 -47.54 6.56
CA HIS KB 51 -104.51 -48.09 6.51
C HIS KB 51 -104.57 -49.61 6.32
N PHE KB 52 -103.50 -50.16 5.74
CA PHE KB 52 -103.46 -51.58 5.43
C PHE KB 52 -103.37 -52.46 6.68
N ASP KB 53 -103.07 -51.88 7.84
CA ASP KB 53 -102.91 -52.65 9.05
C ASP KB 53 -103.75 -52.13 10.23
N ARG KB 54 -104.03 -50.83 10.29
CA ARG KB 54 -104.78 -50.27 11.39
C ARG KB 54 -105.83 -49.30 10.85
N HIS KB 55 -106.53 -48.63 11.77
CA HIS KB 55 -107.45 -47.57 11.44
C HIS KB 55 -107.22 -46.39 12.38
N TYR KB 56 -107.26 -45.19 11.83
CA TYR KB 56 -106.95 -43.97 12.58
C TYR KB 56 -108.12 -43.00 12.51
N CYS KB 57 -108.53 -42.49 13.67
CA CYS KB 57 -109.57 -41.49 13.75
C CYS KB 57 -108.91 -40.12 13.68
N GLY KB 58 -109.49 -39.22 12.89
CA GLY KB 58 -108.89 -37.90 12.73
C GLY KB 58 -108.79 -37.14 14.04
N LYS KB 59 -109.82 -37.23 14.87
CA LYS KB 59 -109.82 -36.56 16.17
C LYS KB 59 -109.55 -37.51 17.33
N CYS KB 60 -110.26 -38.65 17.38
CA CYS KB 60 -110.15 -39.51 18.54
C CYS KB 60 -108.79 -40.19 18.63
N CYS KB 61 -108.11 -40.36 17.49
CA CYS KB 61 -106.77 -40.94 17.40
C CYS KB 61 -106.72 -42.38 17.89
N LEU KB 62 -107.86 -42.98 18.20
CA LEU KB 62 -107.91 -44.39 18.57
C LEU KB 62 -107.46 -45.25 17.40
N THR KB 63 -106.55 -46.18 17.66
CA THR KB 63 -106.02 -47.05 16.64
C THR KB 63 -106.59 -48.45 16.83
N TYR KB 64 -107.24 -48.97 15.80
CA TYR KB 64 -107.83 -50.30 15.80
C TYR KB 64 -107.00 -51.16 14.85
N CYS KB 65 -106.18 -52.03 15.41
CA CYS KB 65 -105.28 -52.88 14.63
C CYS KB 65 -105.92 -54.25 14.44
N PHE KB 66 -105.88 -54.74 13.22
CA PHE KB 66 -106.34 -56.08 12.88
C PHE KB 66 -105.14 -56.92 12.47
N ASN KB 67 -104.96 -58.05 13.13
CA ASN KB 67 -103.84 -58.95 12.83
C ASN KB 67 -104.23 -59.96 11.77
N THR LB 1 -69.97 52.34 112.79
CA THR LB 1 -70.02 51.33 113.83
C THR LB 1 -70.49 49.99 113.28
N GLU LB 2 -71.61 50.02 112.55
CA GLU LB 2 -72.22 48.82 112.00
C GLU LB 2 -72.10 48.84 110.48
N GLN LB 3 -71.85 47.67 109.90
CA GLN LB 3 -71.70 47.52 108.47
C GLN LB 3 -72.11 46.09 108.10
N MET LB 4 -71.83 45.71 106.85
CA MET LB 4 -72.12 44.38 106.35
C MET LB 4 -70.80 43.69 106.05
N THR LB 5 -70.60 42.50 106.59
CA THR LB 5 -69.27 41.88 106.64
C THR LB 5 -69.28 40.51 105.97
N LEU LB 6 -68.07 40.02 105.69
CA LEU LB 6 -67.84 38.73 105.04
C LEU LB 6 -67.76 37.63 106.08
N ARG LB 7 -68.35 36.47 105.76
CA ARG LB 7 -68.33 35.36 106.72
C ARG LB 7 -67.85 34.04 106.13
N GLY LB 8 -68.24 33.74 104.89
CA GLY LB 8 -67.86 32.46 104.32
C GLY LB 8 -68.43 32.17 102.94
N THR LB 9 -67.90 31.12 102.30
CA THR LB 9 -68.35 30.71 100.99
C THR LB 9 -68.98 29.33 101.08
N LEU LB 10 -70.11 29.15 100.41
CA LEU LB 10 -70.81 27.88 100.39
C LEU LB 10 -70.58 27.21 99.04
N LYS LB 11 -70.18 25.94 99.08
CA LYS LB 11 -69.70 25.23 97.90
C LYS LB 11 -70.68 24.13 97.50
N GLY LB 12 -70.63 23.78 96.22
CA GLY LB 12 -71.38 22.62 95.74
C GLY LB 12 -72.18 22.86 94.48
N HIS LB 13 -72.23 24.10 94.02
CA HIS LB 13 -73.04 24.45 92.87
C HIS LB 13 -72.22 24.41 91.58
N ASN LB 14 -72.89 24.07 90.48
CA ASN LB 14 -72.27 23.97 89.17
C ASN LB 14 -73.04 24.85 88.20
N GLY LB 15 -73.29 26.09 88.61
CA GLY LB 15 -74.03 27.02 87.80
C GLY LB 15 -74.36 28.26 88.60
N TRP LB 16 -74.88 29.26 87.90
CA TRP LB 16 -75.19 30.53 88.54
C TRP LB 16 -76.38 30.33 89.49
N VAL LB 17 -76.23 30.81 90.72
CA VAL LB 17 -77.28 30.63 91.73
C VAL LB 17 -78.38 31.65 91.42
N THR LB 18 -79.42 31.21 90.72
CA THR LB 18 -80.43 32.14 90.22
C THR LB 18 -81.31 32.68 91.35
N GLN LB 19 -81.59 31.86 92.35
CA GLN LB 19 -82.53 32.27 93.39
C GLN LB 19 -82.12 31.69 94.74
N ILE LB 20 -82.36 32.48 95.79
CA ILE LB 20 -82.18 32.06 97.17
C ILE LB 20 -83.51 32.17 97.89
N ALA LB 21 -83.91 31.10 98.57
CA ALA LB 21 -85.14 31.07 99.35
C ALA LB 21 -84.81 30.76 100.80
N THR LB 22 -85.36 31.56 101.72
CA THR LB 22 -85.12 31.42 103.14
C THR LB 22 -86.44 31.23 103.87
N THR LB 23 -86.44 30.36 104.89
CA THR LB 23 -87.63 30.02 105.65
C THR LB 23 -87.51 30.49 107.09
N PRO LB 24 -88.63 30.92 107.70
CA PRO LB 24 -88.57 31.39 109.09
C PRO LB 24 -88.49 30.28 110.11
N GLN LB 25 -89.21 29.18 109.86
CA GLN LB 25 -89.29 28.10 110.83
C GLN LB 25 -87.99 27.32 110.94
N PHE LB 26 -87.13 27.36 109.93
CA PHE LB 26 -85.85 26.66 109.95
C PHE LB 26 -84.77 27.71 109.67
N PRO LB 27 -84.39 28.49 110.69
CA PRO LB 27 -83.39 29.55 110.46
C PRO LB 27 -82.05 29.04 109.98
N ASP LB 28 -81.62 27.87 110.46
CA ASP LB 28 -80.34 27.29 110.08
C ASP LB 28 -80.44 26.42 108.83
N MET LB 29 -81.47 26.61 108.02
CA MET LB 29 -81.64 25.83 106.81
C MET LB 29 -82.08 26.76 105.68
N ILE LB 30 -81.37 26.70 104.56
CA ILE LB 30 -81.75 27.43 103.35
C ILE LB 30 -81.63 26.47 102.17
N LEU LB 31 -82.17 26.90 101.03
CA LEU LB 31 -82.09 26.15 99.79
C LEU LB 31 -81.79 27.10 98.64
N SER LB 32 -81.07 26.59 97.65
CA SER LB 32 -80.57 27.42 96.56
C SER LB 32 -80.75 26.70 95.24
N ALA LB 33 -81.42 27.35 94.29
CA ALA LB 33 -81.50 26.87 92.93
C ALA LB 33 -80.28 27.35 92.15
N SER LB 34 -80.03 26.72 91.02
CA SER LB 34 -78.85 27.04 90.22
C SER LB 34 -79.09 26.65 88.78
N ARG LB 35 -78.13 27.02 87.92
CA ARG LB 35 -78.16 26.64 86.51
C ARG LB 35 -77.49 25.31 86.25
N ASP LB 36 -77.41 24.45 87.28
CA ASP LB 36 -76.95 23.07 87.13
C ASP LB 36 -78.12 22.09 87.13
N LYS LB 37 -79.34 22.60 86.96
CA LYS LB 37 -80.58 21.82 86.95
C LYS LB 37 -80.84 21.10 88.28
N THR LB 38 -80.15 21.50 89.34
CA THR LB 38 -80.38 20.97 90.68
C THR LB 38 -80.53 22.10 91.66
N ILE LB 39 -81.31 21.86 92.72
CA ILE LB 39 -81.54 22.82 93.78
C ILE LB 39 -80.94 22.25 95.05
N ILE LB 40 -80.00 22.98 95.64
CA ILE LB 40 -79.26 22.50 96.81
C ILE LB 40 -79.82 23.17 98.04
N MET LB 41 -80.27 22.37 98.99
CA MET LB 41 -80.72 22.87 100.29
C MET LB 41 -79.61 22.62 101.31
N TRP LB 42 -79.44 23.58 102.23
CA TRP LB 42 -78.26 23.63 103.08
C TRP LB 42 -78.62 23.51 104.55
N LYS LB 43 -77.69 22.94 105.31
CA LYS LB 43 -77.70 23.03 106.76
C LYS LB 43 -76.67 24.08 107.16
N LEU LB 44 -77.15 25.16 107.78
CA LEU LB 44 -76.28 26.29 108.11
C LEU LB 44 -75.43 25.89 109.31
N THR LB 45 -74.33 25.19 109.03
CA THR LB 45 -73.36 24.80 110.05
C THR LB 45 -72.34 25.92 110.18
N ARG LB 46 -72.68 26.91 111.01
CA ARG LB 46 -71.84 28.09 111.15
C ARG LB 46 -70.58 27.77 111.95
N ASP LB 47 -69.54 27.31 111.27
CA ASP LB 47 -68.29 26.96 111.92
C ASP LB 47 -67.11 27.51 111.13
N GLU LB 48 -65.91 27.32 111.68
CA GLU LB 48 -64.71 27.88 111.06
C GLU LB 48 -64.30 27.15 109.79
N THR LB 49 -64.78 25.92 109.58
CA THR LB 49 -64.49 25.21 108.33
C THR LB 49 -65.35 25.74 107.19
N ASN LB 50 -66.67 25.66 107.36
CA ASN LB 50 -67.62 26.21 106.40
C ASN LB 50 -68.76 26.87 107.16
N TYR LB 51 -69.55 27.68 106.45
CA TYR LB 51 -70.68 28.33 107.08
C TYR LB 51 -71.99 27.59 106.86
N GLY LB 52 -72.06 26.73 105.85
CA GLY LB 52 -73.24 25.91 105.61
C GLY LB 52 -72.88 24.74 104.74
N ILE LB 53 -73.58 23.62 104.96
CA ILE LB 53 -73.29 22.38 104.24
C ILE LB 53 -74.56 21.92 103.53
N PRO LB 54 -74.46 21.41 102.31
CA PRO LB 54 -75.64 20.83 101.65
C PRO LB 54 -76.12 19.59 102.40
N GLN LB 55 -77.42 19.36 102.36
CA GLN LB 55 -78.00 18.17 102.97
C GLN LB 55 -78.93 17.40 102.03
N ARG LB 56 -79.52 18.05 101.03
CA ARG LB 56 -80.28 17.35 100.00
C ARG LB 56 -80.16 18.11 98.70
N ALA LB 57 -80.24 17.38 97.59
CA ALA LB 57 -80.19 17.95 96.25
C ALA LB 57 -81.48 17.58 95.52
N LEU LB 58 -82.07 18.56 94.86
CA LEU LB 58 -83.36 18.40 94.19
C LEU LB 58 -83.12 18.24 92.70
N ARG LB 59 -83.49 17.07 92.16
CA ARG LB 59 -83.25 16.78 90.76
C ARG LB 59 -84.56 16.39 90.08
N GLY LB 60 -84.69 16.78 88.82
CA GLY LB 60 -85.91 16.54 88.08
C GLY LB 60 -86.27 17.63 87.08
N HIS LB 61 -85.61 18.78 87.14
CA HIS LB 61 -85.77 19.81 86.13
C HIS LB 61 -84.85 19.54 84.95
N SER LB 62 -85.40 19.61 83.73
CA SER LB 62 -84.64 19.26 82.54
C SER LB 62 -83.64 20.35 82.13
N HIS LB 63 -83.84 21.58 82.59
CA HIS LB 63 -83.00 22.70 82.17
C HIS LB 63 -82.71 23.56 83.40
N PHE LB 64 -82.22 24.77 83.18
CA PHE LB 64 -81.87 25.66 84.29
C PHE LB 64 -83.09 25.99 85.12
N VAL LB 65 -82.92 25.97 86.44
CA VAL LB 65 -83.99 26.32 87.36
C VAL LB 65 -83.86 27.80 87.70
N SER LB 66 -84.87 28.59 87.33
CA SER LB 66 -84.82 30.03 87.57
C SER LB 66 -85.24 30.36 88.99
N ASP LB 67 -86.47 30.05 89.35
CA ASP LB 67 -87.05 30.52 90.61
C ASP LB 67 -87.33 29.33 91.53
N VAL LB 68 -87.11 29.56 92.82
CA VAL LB 68 -87.47 28.61 93.86
C VAL LB 68 -88.16 29.38 94.98
N VAL LB 69 -89.27 28.83 95.47
CA VAL LB 69 -90.05 29.48 96.51
C VAL LB 69 -90.45 28.45 97.55
N ILE LB 70 -90.33 28.81 98.82
CA ILE LB 70 -90.71 27.94 99.94
C ILE LB 70 -92.22 27.99 100.14
N SER LB 71 -92.72 27.09 100.96
CA SER LB 71 -94.06 27.23 101.52
C SER LB 71 -93.97 27.92 102.88
N SER LB 72 -95.12 28.38 103.37
CA SER LB 72 -95.15 29.10 104.64
C SER LB 72 -94.75 28.18 105.80
N ASP LB 73 -95.19 26.93 105.76
CA ASP LB 73 -94.75 25.96 106.77
C ASP LB 73 -93.30 25.53 106.57
N GLY LB 74 -92.75 25.72 105.38
CA GLY LB 74 -91.35 25.46 105.11
C GLY LB 74 -90.99 24.02 104.84
N GLN LB 75 -91.96 23.11 104.82
CA GLN LB 75 -91.68 21.71 104.51
C GLN LB 75 -91.82 21.40 103.03
N PHE LB 76 -92.73 22.08 102.34
CA PHE LB 76 -92.93 21.88 100.90
C PHE LB 76 -92.16 22.93 100.12
N ALA LB 77 -91.61 22.51 98.98
CA ALA LB 77 -90.81 23.38 98.13
C ALA LB 77 -91.45 23.46 96.75
N LEU LB 78 -91.40 24.65 96.16
CA LEU LB 78 -91.96 24.91 94.84
C LEU LB 78 -90.92 25.62 93.98
N SER LB 79 -90.83 25.24 92.71
CA SER LB 79 -89.84 25.83 91.81
C SER LB 79 -90.29 25.67 90.37
N GLY LB 80 -89.84 26.60 89.54
CA GLY LB 80 -90.05 26.49 88.10
C GLY LB 80 -88.73 26.69 87.38
N SER LB 81 -88.55 25.95 86.29
CA SER LB 81 -87.28 25.90 85.59
C SER LB 81 -87.46 26.29 84.12
N TRP LB 82 -86.36 26.21 83.38
CA TRP LB 82 -86.37 26.52 81.95
C TRP LB 82 -86.96 25.39 81.11
N ASP LB 83 -87.25 24.24 81.71
CA ASP LB 83 -87.91 23.18 80.97
C ASP LB 83 -89.36 23.53 80.63
N GLY LB 84 -89.92 24.59 81.21
CA GLY LB 84 -91.30 24.92 81.04
C GLY LB 84 -92.23 24.28 82.03
N THR LB 85 -91.73 23.42 82.91
CA THR LB 85 -92.54 22.71 83.89
C THR LB 85 -92.10 23.07 85.29
N LEU LB 86 -93.07 23.39 86.14
CA LEU LB 86 -92.82 23.74 87.54
C LEU LB 86 -93.03 22.52 88.41
N ARG LB 87 -92.07 22.25 89.27
CA ARG LB 87 -92.10 21.08 90.16
C ARG LB 87 -92.27 21.53 91.59
N LEU LB 88 -93.20 20.90 92.31
CA LEU LB 88 -93.41 21.16 93.73
C LEU LB 88 -92.90 19.97 94.52
N TRP LB 89 -92.12 20.24 95.56
CA TRP LB 89 -91.33 19.23 96.24
C TRP LB 89 -91.77 19.10 97.70
N ASP LB 90 -91.25 18.06 98.34
CA ASP LB 90 -91.30 17.90 99.78
C ASP LB 90 -89.88 17.71 100.30
N LEU LB 91 -89.60 18.27 101.48
CA LEU LB 91 -88.23 18.23 101.98
C LEU LB 91 -87.91 16.95 102.74
N THR LB 92 -88.91 16.11 103.01
CA THR LB 92 -88.63 14.83 103.65
C THR LB 92 -87.89 13.89 102.72
N THR LB 93 -88.32 13.81 101.46
CA THR LB 93 -87.72 12.91 100.49
C THR LB 93 -87.08 13.60 99.30
N GLY LB 94 -87.21 14.93 99.18
CA GLY LB 94 -86.65 15.63 98.04
C GLY LB 94 -87.23 15.20 96.71
N THR LB 95 -88.52 14.87 96.70
CA THR LB 95 -89.17 14.32 95.52
C THR LB 95 -90.22 15.28 95.01
N THR LB 96 -90.37 15.33 93.69
CA THR LB 96 -91.40 16.17 93.06
C THR LB 96 -92.77 15.59 93.37
N THR LB 97 -93.47 16.21 94.31
CA THR LB 97 -94.80 15.75 94.66
C THR LB 97 -95.85 16.15 93.62
N ARG LB 98 -95.54 17.13 92.78
CA ARG LB 98 -96.54 17.64 91.85
C ARG LB 98 -95.82 18.49 90.80
N ARG LB 99 -96.20 18.27 89.53
CA ARG LB 99 -95.65 19.00 88.41
C ARG LB 99 -96.70 19.92 87.81
N PHE LB 100 -96.26 21.09 87.35
CA PHE LB 100 -97.13 22.06 86.68
C PHE LB 100 -96.74 22.15 85.22
N VAL LB 101 -97.70 21.95 84.33
CA VAL LB 101 -97.46 22.00 82.89
C VAL LB 101 -98.50 22.90 82.23
N GLY LB 102 -98.12 23.46 81.09
CA GLY LB 102 -98.99 24.37 80.37
C GLY LB 102 -98.25 25.52 79.70
N HIS LB 103 -97.08 25.88 80.23
CA HIS LB 103 -96.26 26.90 79.59
C HIS LB 103 -95.56 26.32 78.37
N THR LB 104 -95.58 27.07 77.28
CA THR LB 104 -94.92 26.65 76.05
C THR LB 104 -93.46 27.06 75.98
N LYS LB 105 -92.98 27.86 76.93
CA LYS LB 105 -91.61 28.38 76.90
C LYS LB 105 -91.03 28.27 78.31
N ASP LB 106 -89.86 28.89 78.49
CA ASP LB 106 -89.14 28.80 79.74
C ASP LB 106 -89.91 29.53 80.84
N VAL LB 107 -90.03 28.89 82.00
CA VAL LB 107 -90.64 29.52 83.17
C VAL LB 107 -89.55 30.16 83.99
N LEU LB 108 -89.65 31.47 84.19
CA LEU LB 108 -88.63 32.22 84.90
C LEU LB 108 -89.07 32.76 86.26
N SER LB 109 -90.37 32.80 86.52
CA SER LB 109 -90.87 33.41 87.75
C SER LB 109 -91.99 32.56 88.34
N VAL LB 110 -91.95 32.41 89.66
CA VAL LB 110 -93.03 31.78 90.42
C VAL LB 110 -93.21 32.55 91.71
N ALA LB 111 -94.46 32.75 92.12
CA ALA LB 111 -94.79 33.35 93.39
C ALA LB 111 -95.83 32.49 94.10
N PHE LB 112 -95.61 32.26 95.39
CA PHE LB 112 -96.46 31.38 96.18
C PHE LB 112 -97.31 32.24 97.11
N SER LB 113 -98.61 31.98 97.14
CA SER LB 113 -99.52 32.81 97.91
C SER LB 113 -99.36 32.55 99.40
N SER LB 114 -99.71 33.56 100.19
CA SER LB 114 -99.60 33.46 101.65
C SER LB 114 -100.55 32.42 102.21
N ASP LB 115 -101.78 32.37 101.69
CA ASP LB 115 -102.78 31.44 102.22
C ASP LB 115 -102.55 30.01 101.80
N ASN LB 116 -101.41 29.71 101.17
CA ASN LB 116 -100.99 28.34 100.88
C ASN LB 116 -101.96 27.63 99.94
N ARG LB 117 -102.62 28.38 99.07
CA ARG LB 117 -103.62 27.77 98.18
C ARG LB 117 -103.43 28.19 96.73
N GLN LB 118 -102.87 29.36 96.49
CA GLN LB 118 -102.76 29.91 95.15
C GLN LB 118 -101.30 29.89 94.68
N ILE LB 119 -101.10 29.56 93.41
CA ILE LB 119 -99.80 29.59 92.77
C ILE LB 119 -99.91 30.34 91.46
N VAL LB 120 -99.01 31.31 91.24
CA VAL LB 120 -98.96 32.07 90.01
C VAL LB 120 -97.61 31.85 89.36
N SER LB 121 -97.58 31.95 88.03
CA SER LB 121 -96.36 31.74 87.28
C SER LB 121 -96.33 32.66 86.07
N GLY LB 122 -95.14 33.20 85.79
CA GLY LB 122 -94.92 34.01 84.61
C GLY LB 122 -93.73 33.50 83.81
N SER LB 123 -93.93 33.26 82.53
CA SER LB 123 -92.94 32.58 81.70
C SER LB 123 -92.67 33.38 80.43
N ARG LB 124 -91.77 32.84 79.61
CA ARG LB 124 -91.41 33.46 78.34
C ARG LB 124 -92.53 33.41 77.31
N ASP LB 125 -93.60 32.65 77.59
CA ASP LB 125 -94.66 32.39 76.63
C ASP LB 125 -95.71 33.50 76.58
N LYS LB 126 -95.37 34.70 77.05
CA LYS LB 126 -96.21 35.90 77.02
C LYS LB 126 -97.47 35.76 77.85
N THR LB 127 -97.56 34.76 78.71
CA THR LB 127 -98.77 34.46 79.45
C THR LB 127 -98.45 34.25 80.92
N ILE LB 128 -99.29 34.83 81.79
CA ILE LB 128 -99.24 34.57 83.22
C ILE LB 128 -100.28 33.49 83.53
N LYS LB 129 -99.89 32.49 84.31
CA LYS LB 129 -100.72 31.33 84.58
C LYS LB 129 -100.97 31.23 86.08
N LEU LB 130 -102.22 30.99 86.45
CA LEU LB 130 -102.62 30.79 87.84
C LEU LB 130 -102.84 29.31 88.10
N TRP LB 131 -102.33 28.84 89.24
CA TRP LB 131 -102.39 27.43 89.58
C TRP LB 131 -102.92 27.26 90.99
N ASN LB 132 -103.42 26.06 91.27
CA ASN LB 132 -103.76 25.63 92.61
C ASN LB 132 -102.77 24.55 93.04
N THR LB 133 -102.92 24.09 94.29
CA THR LB 133 -102.11 22.96 94.74
C THR LB 133 -102.49 21.69 93.98
N LEU LB 134 -103.73 21.60 93.51
CA LEU LB 134 -104.23 20.42 92.82
C LEU LB 134 -103.69 20.27 91.41
N GLY LB 135 -102.69 21.05 91.01
CA GLY LB 135 -102.03 20.85 89.74
C GLY LB 135 -102.84 21.21 88.52
N VAL LB 136 -103.84 22.07 88.66
CA VAL LB 136 -104.69 22.49 87.55
C VAL LB 136 -104.53 23.99 87.37
N CYS LB 137 -104.27 24.41 86.13
CA CYS LB 137 -104.17 25.84 85.84
C CYS LB 137 -105.56 26.45 85.91
N LYS LB 138 -105.81 27.23 86.97
CA LYS LB 138 -107.14 27.80 87.17
C LYS LB 138 -107.47 28.84 86.11
N TYR LB 139 -106.54 29.74 85.84
CA TYR LB 139 -106.80 30.85 84.94
C TYR LB 139 -105.50 31.29 84.29
N THR LB 140 -105.55 31.56 83.00
CA THR LB 140 -104.41 32.06 82.25
C THR LB 140 -104.61 33.54 81.99
N VAL LB 141 -103.66 34.35 82.46
CA VAL LB 141 -103.74 35.81 82.34
C VAL LB 141 -103.06 36.19 81.02
N GLN LB 142 -103.84 36.21 79.95
CA GLN LB 142 -103.35 36.55 78.62
C GLN LB 142 -103.92 37.85 78.07
N ASP LB 143 -105.09 38.28 78.55
CA ASP LB 143 -105.71 39.49 78.03
C ASP LB 143 -105.03 40.72 78.61
N GLU LB 144 -104.56 41.61 77.73
CA GLU LB 144 -103.86 42.84 78.12
C GLU LB 144 -102.69 42.50 79.04
N SER LB 145 -101.91 41.49 78.65
CA SER LB 145 -100.76 41.07 79.42
C SER LB 145 -99.51 41.81 78.95
N HIS LB 146 -98.35 41.31 79.34
CA HIS LB 146 -97.09 41.90 78.89
C HIS LB 146 -96.84 41.57 77.43
N SER LB 147 -96.48 42.57 76.64
CA SER LB 147 -96.22 42.35 75.22
C SER LB 147 -94.96 41.53 75.00
N GLU LB 148 -94.03 41.59 75.94
CA GLU LB 148 -92.83 40.76 75.95
C GLU LB 148 -92.82 39.89 77.21
N TRP LB 149 -91.68 39.25 77.46
CA TRP LB 149 -91.53 38.30 78.55
C TRP LB 149 -91.94 38.85 79.91
N VAL LB 150 -92.26 37.96 80.84
CA VAL LB 150 -92.50 38.32 82.24
C VAL LB 150 -91.34 37.77 83.05
N SER LB 151 -90.60 38.66 83.71
CA SER LB 151 -89.38 38.27 84.39
C SER LB 151 -89.62 37.86 85.84
N CYS LB 152 -90.46 38.59 86.57
CA CYS LB 152 -90.68 38.30 87.97
C CYS LB 152 -92.12 38.63 88.34
N VAL LB 153 -92.71 37.76 89.17
CA VAL LB 153 -94.02 37.98 89.75
C VAL LB 153 -93.93 37.68 91.25
N ARG LB 154 -94.62 38.50 92.05
CA ARG LB 154 -94.67 38.31 93.48
C ARG LB 154 -96.09 38.57 93.98
N PHE LB 155 -96.41 37.95 95.11
CA PHE LB 155 -97.72 38.09 95.73
C PHE LB 155 -97.61 39.02 96.93
N SER LB 156 -98.62 39.86 97.12
CA SER LB 156 -98.62 40.83 98.21
C SER LB 156 -98.70 40.11 99.55
N PRO LB 157 -97.75 40.33 100.46
CA PRO LB 157 -97.81 39.66 101.77
C PRO LB 157 -99.03 40.05 102.59
N ASN LB 158 -99.62 41.21 102.31
CA ASN LB 158 -100.80 41.65 103.03
C ASN LB 158 -101.96 40.68 102.81
N SER LB 159 -102.62 40.30 103.91
CA SER LB 159 -103.77 39.41 103.81
C SER LB 159 -104.93 40.08 103.08
N SER LB 160 -105.07 41.39 103.24
CA SER LB 160 -106.08 42.14 102.51
C SER LB 160 -105.59 42.42 101.09
N ASN LB 161 -106.46 43.11 100.32
CA ASN LB 161 -106.30 43.62 98.95
C ASN LB 161 -105.36 42.77 98.09
N PRO LB 162 -105.73 41.52 97.80
CA PRO LB 162 -104.80 40.61 97.12
C PRO LB 162 -104.45 41.06 95.71
N ILE LB 163 -103.21 41.48 95.52
CA ILE LB 163 -102.70 41.89 94.22
C ILE LB 163 -101.32 41.29 94.03
N ILE LB 164 -101.03 40.89 92.80
CA ILE LB 164 -99.76 40.27 92.46
C ILE LB 164 -99.05 41.15 91.42
N VAL LB 165 -97.77 41.41 91.65
CA VAL LB 165 -97.00 42.25 90.75
C VAL LB 165 -96.50 41.39 89.59
N SER LB 166 -96.15 42.06 88.49
CA SER LB 166 -95.73 41.34 87.29
C SER LB 166 -94.87 42.27 86.45
N CYS LB 167 -93.56 42.07 86.49
CA CYS LB 167 -92.62 42.83 85.68
C CYS LB 167 -92.06 41.92 84.58
N GLY LB 168 -91.49 42.55 83.57
CA GLY LB 168 -90.91 41.78 82.48
C GLY LB 168 -90.18 42.65 81.48
N TRP LB 169 -90.03 42.09 80.28
CA TRP LB 169 -89.25 42.70 79.21
C TRP LB 169 -90.04 43.74 78.43
N ASP LB 170 -91.30 43.95 78.78
CA ASP LB 170 -92.12 44.98 78.14
C ASP LB 170 -91.90 46.36 78.72
N LYS LB 171 -91.03 46.47 79.73
CA LYS LB 171 -90.75 47.72 80.42
C LYS LB 171 -92.00 48.30 81.09
N LEU LB 172 -92.95 47.43 81.40
CA LEU LB 172 -94.20 47.81 82.06
C LEU LB 172 -94.42 46.88 83.24
N VAL LB 173 -94.69 47.45 84.40
CA VAL LB 173 -95.04 46.67 85.59
C VAL LB 173 -96.55 46.73 85.78
N LYS LB 174 -97.16 45.57 86.01
CA LYS LB 174 -98.59 45.44 86.19
C LYS LB 174 -98.89 44.74 87.50
N VAL LB 175 -99.93 45.19 88.19
CA VAL LB 175 -100.46 44.52 89.37
C VAL LB 175 -101.87 44.05 89.04
N TRP LB 176 -102.14 42.78 89.36
CA TRP LB 176 -103.41 42.15 89.01
C TRP LB 176 -104.15 41.83 90.29
N ASN LB 177 -105.39 42.29 90.38
CA ASN LB 177 -106.25 41.95 91.51
C ASN LB 177 -106.74 40.52 91.34
N LEU LB 178 -106.40 39.66 92.30
CA LEU LB 178 -106.83 38.27 92.25
C LEU LB 178 -108.32 38.11 92.47
N ALA LB 179 -109.01 39.17 92.91
CA ALA LB 179 -110.46 39.11 93.09
C ALA LB 179 -111.16 38.86 91.77
N ASN LB 180 -110.68 39.49 90.69
CA ASN LB 180 -111.26 39.32 89.37
C ASN LB 180 -110.26 38.80 88.35
N CYS LB 181 -109.01 38.58 88.74
CA CYS LB 181 -107.92 38.23 87.82
C CYS LB 181 -107.81 39.27 86.70
N LYS LB 182 -107.99 40.53 87.07
CA LYS LB 182 -108.01 41.62 86.12
C LYS LB 182 -107.00 42.70 86.52
N LEU LB 183 -106.67 43.55 85.57
CA LEU LB 183 -105.62 44.53 85.77
C LEU LB 183 -106.11 45.71 86.61
N LYS LB 184 -105.18 46.29 87.37
CA LYS LB 184 -105.48 47.40 88.27
C LYS LB 184 -104.88 48.71 87.76
N THR LB 185 -103.58 48.73 87.51
CA THR LB 185 -102.89 49.93 87.04
C THR LB 185 -101.70 49.52 86.20
N ASN LB 186 -101.22 50.47 85.40
CA ASN LB 186 -100.02 50.30 84.59
C ASN LB 186 -99.04 51.41 84.95
N HIS LB 187 -98.05 51.09 85.77
CA HIS LB 187 -97.00 52.03 86.11
C HIS LB 187 -95.99 52.08 84.98
N ILE LB 188 -95.76 53.28 84.46
CA ILE LB 188 -94.96 53.49 83.26
C ILE LB 188 -93.69 54.22 83.67
N GLY LB 189 -92.59 53.93 82.95
CA GLY LB 189 -91.36 54.63 83.24
C GLY LB 189 -90.08 53.81 83.13
N HIS LB 190 -90.20 52.54 82.78
CA HIS LB 190 -89.02 51.71 82.57
C HIS LB 190 -88.48 51.94 81.16
N THR LB 191 -87.23 52.39 81.06
CA THR LB 191 -86.59 52.61 79.78
C THR LB 191 -85.88 51.38 79.25
N GLY LB 192 -85.79 50.32 80.05
CA GLY LB 192 -85.16 49.09 79.61
C GLY LB 192 -85.89 47.91 80.22
N TYR LB 193 -85.50 46.71 79.79
CA TYR LB 193 -86.17 45.52 80.27
C TYR LB 193 -85.88 45.30 81.76
N LEU LB 194 -86.75 44.54 82.39
CA LEU LB 194 -86.69 44.31 83.83
C LEU LB 194 -86.32 42.87 84.13
N ASN LB 195 -85.67 42.68 85.27
CA ASN LB 195 -85.26 41.35 85.71
C ASN LB 195 -86.00 40.88 86.96
N THR LB 196 -86.39 41.79 87.84
CA THR LB 196 -86.99 41.39 89.10
C THR LB 196 -87.94 42.49 89.58
N VAL LB 197 -88.83 42.09 90.48
CA VAL LB 197 -89.73 43.01 91.18
C VAL LB 197 -90.06 42.39 92.53
N THR LB 198 -90.07 43.22 93.57
CA THR LB 198 -90.32 42.73 94.93
C THR LB 198 -91.35 43.62 95.61
N VAL LB 199 -92.05 43.03 96.58
CA VAL LB 199 -93.02 43.73 97.40
C VAL LB 199 -92.51 43.76 98.83
N SER LB 200 -92.59 44.93 99.46
CA SER LB 200 -92.20 45.07 100.84
C SER LB 200 -93.14 44.26 101.73
N PRO LB 201 -92.66 43.83 102.91
CA PRO LB 201 -93.52 43.04 103.80
C PRO LB 201 -94.79 43.73 104.22
N ASP LB 202 -94.76 45.06 104.39
CA ASP LB 202 -95.96 45.79 104.80
C ASP LB 202 -96.98 45.91 103.68
N GLY LB 203 -96.64 45.54 102.47
CA GLY LB 203 -97.54 45.69 101.34
C GLY LB 203 -97.78 47.12 100.92
N SER LB 204 -96.73 47.95 100.91
CA SER LB 204 -96.84 49.32 100.45
C SER LB 204 -95.82 49.71 99.38
N LEU LB 205 -94.73 48.97 99.23
CA LEU LB 205 -93.70 49.28 98.26
C LEU LB 205 -93.53 48.10 97.30
N CYS LB 206 -93.37 48.41 96.01
CA CYS LB 206 -93.27 47.40 94.96
C CYS LB 206 -92.10 47.72 94.04
N ALA LB 207 -90.93 47.96 94.64
CA ALA LB 207 -89.74 48.35 93.89
C ALA LB 207 -89.33 47.27 92.90
N SER LB 208 -88.82 47.71 91.74
CA SER LB 208 -88.34 46.82 90.71
C SER LB 208 -87.10 47.42 90.07
N GLY LB 209 -86.29 46.57 89.46
CA GLY LB 209 -85.09 47.00 88.79
C GLY LB 209 -84.89 46.26 87.49
N GLY LB 210 -84.06 46.83 86.64
CA GLY LB 210 -83.83 46.28 85.31
C GLY LB 210 -82.59 46.80 84.63
N LYS LB 211 -82.66 46.85 83.30
CA LYS LB 211 -81.48 47.18 82.51
C LYS LB 211 -81.12 48.66 82.59
N ASP LB 212 -82.09 49.52 82.90
CA ASP LB 212 -81.83 50.94 83.00
C ASP LB 212 -80.90 51.30 84.14
N GLY LB 213 -80.65 50.37 85.07
CA GLY LB 213 -79.72 50.58 86.14
C GLY LB 213 -80.26 51.36 87.32
N GLN LB 214 -81.50 51.81 87.25
CA GLN LB 214 -82.10 52.60 88.32
C GLN LB 214 -83.43 51.97 88.71
N ALA LB 215 -83.65 51.83 90.02
CA ALA LB 215 -84.90 51.26 90.53
C ALA LB 215 -85.83 52.37 90.95
N MET LB 216 -87.07 52.30 90.48
CA MET LB 216 -88.07 53.33 90.75
C MET LB 216 -89.10 52.81 91.73
N LEU LB 217 -89.50 53.66 92.66
CA LEU LB 217 -90.39 53.29 93.75
C LEU LB 217 -91.81 53.70 93.41
N TRP LB 218 -92.75 52.81 93.65
CA TRP LB 218 -94.17 53.07 93.43
C TRP LB 218 -94.92 52.98 94.75
N ASP LB 219 -96.24 53.09 94.65
CA ASP LB 219 -97.13 52.97 95.80
C ASP LB 219 -98.07 51.79 95.59
N LEU LB 220 -98.54 51.21 96.68
CA LEU LB 220 -99.47 50.09 96.62
C LEU LB 220 -100.84 50.40 97.20
N ASN LB 221 -100.93 51.31 98.18
CA ASN LB 221 -102.22 51.65 98.76
C ASN LB 221 -103.11 52.33 97.73
N GLU LB 222 -102.59 53.35 97.05
CA GLU LB 222 -103.30 54.05 96.00
C GLU LB 222 -102.84 53.63 94.60
N GLY LB 223 -101.53 53.65 94.38
CA GLY LB 223 -100.96 53.32 93.09
C GLY LB 223 -100.53 54.55 92.32
N LYS LB 224 -99.24 54.87 92.41
CA LYS LB 224 -98.65 56.03 91.75
C LYS LB 224 -97.15 55.94 91.92
N HIS LB 225 -96.44 56.81 91.21
CA HIS LB 225 -94.98 56.85 91.31
C HIS LB 225 -94.57 57.52 92.61
N LEU LB 226 -93.63 56.90 93.31
CA LEU LB 226 -93.24 57.36 94.64
C LEU LB 226 -91.83 57.97 94.64
N TYR LB 227 -90.83 57.21 94.20
CA TYR LB 227 -89.46 57.69 94.24
C TYR LB 227 -88.67 57.08 93.09
N THR LB 228 -87.58 57.75 92.73
CA THR LB 228 -86.66 57.27 91.71
C THR LB 228 -85.26 57.16 92.31
N LEU LB 229 -84.80 55.93 92.54
CA LEU LB 229 -83.48 55.65 93.05
C LEU LB 229 -82.56 55.26 91.89
N ASP LB 230 -81.28 55.59 92.02
CA ASP LB 230 -80.30 55.36 90.97
C ASP LB 230 -79.26 54.35 91.43
N GLY LB 231 -78.76 53.56 90.47
CA GLY LB 231 -77.75 52.58 90.77
C GLY LB 231 -76.59 52.67 89.77
N GLY LB 232 -75.50 51.99 90.12
CA GLY LB 232 -74.31 52.03 89.29
C GLY LB 232 -74.50 51.34 87.94
N ASP LB 233 -75.15 50.18 87.94
CA ASP LB 233 -75.30 49.39 86.73
C ASP LB 233 -76.60 48.59 86.84
N ILE LB 234 -76.72 47.56 86.00
CA ILE LB 234 -77.97 46.82 85.87
C ILE LB 234 -78.42 46.23 87.21
N ILE LB 235 -79.71 46.32 87.47
CA ILE LB 235 -80.32 45.76 88.68
C ILE LB 235 -81.00 44.46 88.24
N ASN LB 236 -80.47 43.33 88.68
CA ASN LB 236 -81.01 42.04 88.32
C ASN LB 236 -81.57 41.26 89.50
N ALA LB 237 -81.38 41.74 90.73
CA ALA LB 237 -81.98 41.09 91.88
C ALA LB 237 -82.40 42.16 92.88
N LEU LB 238 -83.38 41.81 93.71
CA LEU LB 238 -83.99 42.74 94.63
C LEU LB 238 -84.67 41.96 95.74
N CYS LB 239 -84.78 42.59 96.92
CA CYS LB 239 -85.56 42.08 98.04
C CYS LB 239 -85.58 43.13 99.14
N PHE LB 240 -86.67 43.15 99.90
CA PHE LB 240 -86.78 44.01 101.07
C PHE LB 240 -86.32 43.28 102.32
N SER LB 241 -85.80 44.05 103.28
CA SER LB 241 -85.47 43.49 104.58
C SER LB 241 -86.75 43.30 105.38
N PRO LB 242 -87.05 42.08 105.85
CA PRO LB 242 -88.30 41.89 106.61
C PRO LB 242 -88.30 42.61 107.94
N ASN LB 243 -87.13 42.80 108.54
CA ASN LB 243 -87.04 43.44 109.85
C ASN LB 243 -86.94 44.96 109.76
N ARG LB 244 -86.56 45.50 108.61
CA ARG LB 244 -86.31 46.92 108.46
C ARG LB 244 -87.07 47.45 107.25
N TYR LB 245 -86.76 48.70 106.88
CA TYR LB 245 -87.24 49.29 105.63
C TYR LB 245 -86.13 49.44 104.60
N TRP LB 246 -84.96 48.84 104.86
CA TRP LB 246 -83.83 48.95 103.95
C TRP LB 246 -84.09 48.17 102.67
N LEU LB 247 -83.49 48.67 101.58
CA LEU LB 247 -83.65 48.07 100.26
C LEU LB 247 -82.28 47.76 99.69
N CYS LB 248 -82.10 46.53 99.20
CA CYS LB 248 -80.83 46.09 98.64
C CYS LB 248 -81.05 45.56 97.23
N ALA LB 249 -80.23 46.03 96.29
CA ALA LB 249 -80.29 45.63 94.90
C ALA LB 249 -78.94 45.08 94.48
N ALA LB 250 -78.97 44.04 93.64
CA ALA LB 250 -77.76 43.44 93.11
C ALA LB 250 -77.23 44.33 92.00
N THR LB 251 -76.27 45.17 92.33
CA THR LB 251 -75.71 46.13 91.37
C THR LB 251 -74.56 45.46 90.60
N GLY LB 252 -74.94 44.50 89.77
CA GLY LB 252 -73.98 43.78 88.96
C GLY LB 252 -73.03 42.96 89.79
N PRO LB 253 -71.74 43.27 89.73
CA PRO LB 253 -70.75 42.61 90.57
C PRO LB 253 -70.66 43.16 91.98
N SER LB 254 -71.57 44.05 92.37
CA SER LB 254 -71.58 44.68 93.67
C SER LB 254 -72.96 44.56 94.29
N ILE LB 255 -72.99 44.65 95.62
CA ILE LB 255 -74.23 44.64 96.39
C ILE LB 255 -74.34 45.99 97.11
N LYS LB 256 -75.44 46.69 96.87
CA LYS LB 256 -75.65 48.02 97.42
C LYS LB 256 -76.91 48.04 98.26
N ILE LB 257 -76.78 48.48 99.51
CA ILE LB 257 -77.89 48.59 100.46
C ILE LB 257 -78.20 50.07 100.66
N TRP LB 258 -79.49 50.38 100.69
CA TRP LB 258 -79.99 51.75 100.81
C TRP LB 258 -80.88 51.86 102.05
N ASP LB 259 -80.81 53.02 102.70
CA ASP LB 259 -81.77 53.38 103.73
C ASP LB 259 -82.92 54.13 103.05
N LEU LB 260 -84.12 53.56 103.11
CA LEU LB 260 -85.25 54.11 102.37
C LEU LB 260 -85.59 55.52 102.84
N GLU LB 261 -85.57 55.75 104.15
CA GLU LB 261 -85.82 57.09 104.66
C GLU LB 261 -84.72 58.06 104.25
N GLY LB 262 -83.46 57.62 104.29
CA GLY LB 262 -82.35 58.48 103.95
C GLY LB 262 -82.04 58.58 102.47
N LYS LB 263 -82.51 57.62 101.67
CA LYS LB 263 -82.23 57.57 100.23
C LYS LB 263 -80.72 57.63 99.96
N ILE LB 264 -79.95 56.98 100.83
CA ILE LB 264 -78.50 57.11 100.80
C ILE LB 264 -77.88 55.72 100.94
N ILE LB 265 -76.65 55.59 100.43
CA ILE LB 265 -75.90 54.36 100.61
C ILE LB 265 -75.45 54.26 102.07
N VAL LB 266 -75.94 53.26 102.77
CA VAL LB 266 -75.44 53.00 104.11
C VAL LB 266 -74.23 52.06 104.08
N ASP LB 267 -74.18 51.14 103.11
CA ASP LB 267 -73.04 50.26 102.94
C ASP LB 267 -73.05 49.75 101.51
N GLU LB 268 -71.92 49.18 101.10
CA GLU LB 268 -71.75 48.61 99.77
C GLU LB 268 -70.82 47.42 99.87
N LEU LB 269 -71.07 46.40 99.05
CA LEU LB 269 -70.26 45.19 99.03
C LEU LB 269 -69.75 44.96 97.62
N LYS LB 270 -68.43 45.03 97.44
CA LYS LB 270 -67.78 44.86 96.14
C LYS LB 270 -67.10 43.51 96.00
N GLN LB 271 -67.46 42.55 96.86
CA GLN LB 271 -66.98 41.16 96.85
C GLN LB 271 -65.50 41.05 97.23
N GLU LB 272 -64.83 42.18 97.42
CA GLU LB 272 -63.43 42.24 97.86
C GLU LB 272 -62.50 41.42 96.96
N VAL LB 273 -62.67 41.57 95.65
CA VAL LB 273 -61.87 40.86 94.67
C VAL LB 273 -60.68 41.73 94.29
N ILE LB 274 -59.47 41.22 94.52
CA ILE LB 274 -58.25 41.98 94.23
C ILE LB 274 -57.49 41.31 93.10
N SER LB 275 -58.21 40.59 92.24
CA SER LB 275 -57.57 39.93 91.10
C SER LB 275 -56.95 40.94 90.15
N THR LB 276 -57.68 42.03 89.86
CA THR LB 276 -57.31 43.15 89.00
C THR LB 276 -56.56 42.73 87.73
N SER LB 277 -56.97 41.60 87.14
CA SER LB 277 -56.29 41.10 85.95
C SER LB 277 -56.60 41.94 84.71
N SER LB 278 -57.67 42.72 84.73
CA SER LB 278 -58.11 43.55 83.60
C SER LB 278 -58.36 42.71 82.36
N LYS LB 279 -58.78 41.46 82.55
CA LYS LB 279 -59.16 40.57 81.46
C LYS LB 279 -60.61 40.13 81.53
N ALA LB 280 -61.05 39.62 82.68
CA ALA LB 280 -62.41 39.15 82.87
C ALA LB 280 -63.13 40.04 83.86
N GLU LB 281 -64.39 40.33 83.58
CA GLU LB 281 -65.20 41.12 84.49
C GLU LB 281 -65.46 40.34 85.77
N PRO LB 282 -65.65 41.05 86.90
CA PRO LB 282 -65.99 40.35 88.13
C PRO LB 282 -67.34 39.68 88.02
N PRO LB 283 -67.57 38.62 88.78
CA PRO LB 283 -68.83 37.87 88.63
C PRO LB 283 -70.04 38.71 89.04
N GLN LB 284 -71.04 38.72 88.17
CA GLN LB 284 -72.27 39.45 88.44
C GLN LB 284 -73.08 38.74 89.52
N CYS LB 285 -73.85 39.53 90.27
CA CYS LB 285 -74.74 38.97 91.28
C CYS LB 285 -76.08 38.62 90.65
N THR LB 286 -76.54 37.40 90.90
CA THR LB 286 -77.76 36.89 90.29
C THR LB 286 -78.94 36.84 91.25
N SER LB 287 -78.73 36.42 92.49
CA SER LB 287 -79.81 36.27 93.45
C SER LB 287 -79.55 37.16 94.65
N LEU LB 288 -80.64 37.52 95.34
CA LEU LB 288 -80.55 38.32 96.56
C LEU LB 288 -81.73 37.95 97.45
N ALA LB 289 -81.46 37.66 98.72
CA ALA LB 289 -82.52 37.27 99.63
C ALA LB 289 -82.10 37.55 101.06
N TRP LB 290 -83.06 38.02 101.87
CA TRP LB 290 -82.88 38.20 103.29
C TRP LB 290 -83.45 37.00 104.04
N SER LB 291 -83.01 36.82 105.27
CA SER LB 291 -83.48 35.71 106.10
C SER LB 291 -84.72 36.15 106.89
N ALA LB 292 -85.11 35.32 107.85
CA ALA LB 292 -86.31 35.62 108.65
C ALA LB 292 -86.09 36.83 109.55
N ASP LB 293 -84.99 36.84 110.29
CA ASP LB 293 -84.73 37.93 111.23
C ASP LB 293 -84.17 39.17 110.57
N GLY LB 294 -83.83 39.10 109.27
CA GLY LB 294 -83.22 40.24 108.61
C GLY LB 294 -81.81 40.54 109.08
N GLN LB 295 -81.17 39.62 109.78
CA GLN LB 295 -79.82 39.84 110.28
C GLN LB 295 -78.77 39.46 109.26
N THR LB 296 -79.09 38.52 108.37
CA THR LB 296 -78.14 38.01 107.39
C THR LB 296 -78.74 38.06 105.99
N LEU LB 297 -77.92 38.46 105.02
CA LEU LB 297 -78.32 38.58 103.63
C LEU LB 297 -77.49 37.65 102.78
N PHE LB 298 -78.14 37.00 101.82
CA PHE LB 298 -77.51 36.00 100.96
C PHE LB 298 -77.57 36.47 99.51
N ALA LB 299 -76.45 36.31 98.79
CA ALA LB 299 -76.35 36.75 97.41
C ALA LB 299 -75.65 35.69 96.59
N GLY LB 300 -76.30 35.26 95.50
CA GLY LB 300 -75.70 34.31 94.59
C GLY LB 300 -75.09 35.00 93.38
N TYR LB 301 -74.03 34.39 92.85
CA TYR LB 301 -73.35 35.01 91.71
C TYR LB 301 -73.18 34.05 90.54
N THR LB 302 -72.45 34.50 89.52
CA THR LB 302 -72.18 33.73 88.32
C THR LB 302 -70.98 32.82 88.46
N ASP LB 303 -70.27 32.88 89.58
CA ASP LB 303 -69.10 32.04 89.82
C ASP LB 303 -69.46 30.70 90.46
N ASN LB 304 -70.72 30.26 90.30
CA ASN LB 304 -71.20 28.99 90.85
C ASN LB 304 -71.03 28.95 92.36
N LEU LB 305 -71.25 30.08 93.01
CA LEU LB 305 -71.02 30.25 94.43
C LEU LB 305 -72.15 31.05 95.04
N VAL LB 306 -72.40 30.86 96.32
CA VAL LB 306 -73.35 31.67 97.07
C VAL LB 306 -72.64 32.25 98.30
N ARG LB 307 -72.90 33.52 98.55
CA ARG LB 307 -72.19 34.33 99.52
C ARG LB 307 -73.07 34.55 100.74
N VAL LB 308 -72.47 34.49 101.93
CA VAL LB 308 -73.20 34.73 103.17
C VAL LB 308 -72.66 36.01 103.80
N TRP LB 309 -73.58 36.80 104.35
CA TRP LB 309 -73.23 38.08 104.96
C TRP LB 309 -73.87 38.17 106.34
N GLN LB 310 -73.15 38.77 107.28
CA GLN LB 310 -73.71 39.21 108.55
C GLN LB 310 -73.62 40.73 108.64
N VAL LB 311 -74.34 41.28 109.60
CA VAL LB 311 -74.23 42.70 109.94
C VAL LB 311 -73.38 42.82 111.20
N THR LB 312 -72.45 43.77 111.18
CA THR LB 312 -71.56 43.98 112.31
C THR LB 312 -72.33 44.60 113.46
N ILE LB 313 -72.15 44.05 114.66
CA ILE LB 313 -72.81 44.60 115.84
C ILE LB 313 -72.05 45.83 116.32
N GLY MB 1 -61.63 88.37 45.36
CA GLY MB 1 -62.36 89.49 45.89
C GLY MB 1 -61.90 90.82 45.33
N ALA MB 2 -62.70 91.40 44.46
CA ALA MB 2 -62.35 92.64 43.78
C ALA MB 2 -62.75 93.89 44.55
N LEU MB 3 -63.45 93.75 45.67
CA LEU MB 3 -64.01 94.88 46.38
C LEU MB 3 -63.22 95.19 47.64
N ASP MB 4 -63.44 96.39 48.18
CA ASP MB 4 -62.82 96.76 49.44
C ASP MB 4 -63.38 95.94 50.60
N VAL MB 5 -64.67 95.64 50.57
CA VAL MB 5 -65.26 94.80 51.61
C VAL MB 5 -64.70 93.39 51.53
N LEU MB 6 -64.29 92.96 50.35
CA LEU MB 6 -63.80 91.60 50.14
C LEU MB 6 -62.27 91.55 50.24
N GLN MB 7 -61.76 92.01 51.38
CA GLN MB 7 -60.33 91.97 51.64
C GLN MB 7 -60.09 91.38 53.03
N MET MB 8 -58.82 91.28 53.41
CA MET MB 8 -58.47 90.89 54.76
C MET MB 8 -59.00 91.87 55.79
N LYS MB 9 -59.38 91.34 56.94
CA LYS MB 9 -59.46 92.09 58.17
C LYS MB 9 -58.31 91.63 59.05
N GLU MB 10 -57.85 92.52 59.93
CA GLU MB 10 -56.73 92.18 60.79
C GLU MB 10 -57.03 90.97 61.66
N GLU MB 11 -58.29 90.79 62.07
CA GLU MB 11 -58.67 89.61 62.82
C GLU MB 11 -58.46 88.34 62.00
N ASP MB 12 -58.84 88.38 60.72
CA ASP MB 12 -58.62 87.24 59.84
C ASP MB 12 -57.14 86.93 59.71
N VAL MB 13 -56.33 87.96 59.45
CA VAL MB 13 -54.88 87.78 59.31
C VAL MB 13 -54.30 87.19 60.59
N LEU MB 14 -54.81 87.63 61.75
CA LEU MB 14 -54.40 87.01 63.01
C LEU MB 14 -54.74 85.52 63.01
N LYS MB 15 -55.92 85.16 62.50
CA LYS MB 15 -56.29 83.75 62.45
C LYS MB 15 -55.32 82.95 61.59
N PHE MB 16 -55.03 83.42 60.37
CA PHE MB 16 -54.10 82.68 59.53
C PHE MB 16 -52.72 82.59 60.16
N LEU MB 17 -52.22 83.70 60.71
CA LEU MB 17 -50.88 83.67 61.28
C LEU MB 17 -50.79 82.80 62.53
N ALA MB 18 -51.89 82.68 63.28
CA ALA MB 18 -51.89 81.81 64.45
C ALA MB 18 -51.98 80.34 64.06
N ALA MB 19 -52.79 80.01 63.05
CA ALA MB 19 -53.01 78.62 62.69
C ALA MB 19 -52.00 78.09 61.67
N GLY MB 20 -51.07 78.93 61.22
CA GLY MB 20 -50.15 78.50 60.19
C GLY MB 20 -50.55 79.02 58.83
N THR MB 21 -51.13 78.14 58.00
CA THR MB 21 -51.75 78.48 56.72
C THR MB 21 -50.78 79.10 55.71
N HIS MB 22 -49.51 79.23 56.08
CA HIS MB 22 -48.51 79.78 55.18
C HIS MB 22 -47.20 79.04 55.26
N LEU MB 23 -47.09 78.00 56.07
CA LEU MB 23 -45.86 77.25 56.27
C LEU MB 23 -45.92 76.02 55.37
N GLY MB 24 -45.52 76.19 54.13
CA GLY MB 24 -45.58 75.12 53.16
C GLY MB 24 -44.49 74.09 53.38
N GLY MB 25 -44.44 73.12 52.46
CA GLY MB 25 -43.43 72.09 52.50
C GLY MB 25 -42.11 72.59 51.94
N THR MB 26 -41.13 71.69 52.00
CA THR MB 26 -39.82 72.00 51.43
C THR MB 26 -39.73 71.73 49.94
N ASN MB 27 -40.78 71.20 49.32
CA ASN MB 27 -40.82 70.98 47.88
C ASN MB 27 -41.85 71.92 47.25
N LEU MB 28 -41.49 72.48 46.11
CA LEU MB 28 -42.35 73.40 45.38
C LEU MB 28 -42.77 72.80 44.06
N ASP MB 29 -44.08 72.76 43.82
CA ASP MB 29 -44.59 72.42 42.51
C ASP MB 29 -44.36 73.59 41.56
N PHE MB 30 -44.01 73.27 40.31
CA PHE MB 30 -43.71 74.34 39.36
C PHE MB 30 -44.94 75.18 39.06
N GLN MB 31 -46.13 74.61 39.23
CA GLN MB 31 -47.37 75.32 39.04
C GLN MB 31 -48.05 75.73 40.35
N MET MB 32 -47.38 75.52 41.48
CA MET MB 32 -47.65 76.25 42.71
C MET MB 32 -46.74 77.44 42.91
N GLU MB 33 -45.85 77.70 41.96
CA GLU MB 33 -44.82 78.71 42.17
C GLU MB 33 -45.40 80.12 42.24
N GLN MB 34 -46.48 80.39 41.52
CA GLN MB 34 -47.03 81.74 41.48
C GLN MB 34 -47.70 82.15 42.78
N TYR MB 35 -47.91 81.23 43.72
CA TYR MB 35 -48.50 81.55 45.00
C TYR MB 35 -47.49 81.68 46.13
N ILE MB 36 -46.20 81.62 45.82
CA ILE MB 36 -45.16 81.57 46.84
C ILE MB 36 -44.55 82.95 47.00
N TYR MB 37 -44.42 83.39 48.25
CA TYR MB 37 -43.75 84.65 48.54
C TYR MB 37 -42.23 84.48 48.55
N LYS MB 38 -41.72 83.68 49.47
CA LYS MB 38 -40.28 83.51 49.65
C LYS MB 38 -40.02 82.22 50.40
N ARG MB 39 -38.87 81.61 50.11
CA ARG MB 39 -38.44 80.41 50.81
C ARG MB 39 -37.55 80.81 51.99
N LYS MB 40 -37.85 80.25 53.16
CA LYS MB 40 -37.08 80.58 54.35
C LYS MB 40 -35.70 79.94 54.29
N SER MB 41 -34.92 80.20 55.34
CA SER MB 41 -33.60 79.58 55.47
C SER MB 41 -33.70 78.12 55.88
N ASP MB 42 -34.83 77.69 56.43
CA ASP MB 42 -35.04 76.29 56.80
C ASP MB 42 -35.75 75.51 55.71
N GLY MB 43 -35.87 76.07 54.51
CA GLY MB 43 -36.48 75.38 53.39
C GLY MB 43 -37.97 75.55 53.27
N ILE MB 44 -38.62 76.19 54.24
CA ILE MB 44 -40.07 76.34 54.22
C ILE MB 44 -40.44 77.40 53.20
N TYR MB 45 -41.40 77.07 52.33
CA TYR MB 45 -41.91 78.02 51.35
C TYR MB 45 -43.04 78.83 51.96
N ILE MB 46 -42.89 80.14 51.99
CA ILE MB 46 -43.92 81.02 52.53
C ILE MB 46 -44.90 81.37 51.42
N ILE MB 47 -46.18 81.17 51.71
CA ILE MB 47 -47.24 81.32 50.73
C ILE MB 47 -47.85 82.70 50.87
N ASN MB 48 -48.04 83.38 49.74
CA ASN MB 48 -48.63 84.71 49.75
C ASN MB 48 -50.05 84.67 50.29
N LEU MB 49 -50.38 85.62 51.16
CA LEU MB 49 -51.72 85.67 51.74
C LEU MB 49 -52.73 86.38 50.87
N LYS MB 50 -52.30 87.35 50.05
CA LYS MB 50 -53.19 87.95 49.07
C LYS MB 50 -53.77 86.86 48.19
N ARG MB 51 -52.91 85.97 47.70
CA ARG MB 51 -53.30 84.95 46.75
C ARG MB 51 -54.16 83.90 47.41
N THR MB 52 -53.85 83.51 48.64
CA THR MB 52 -54.70 82.58 49.35
C THR MB 52 -56.09 83.15 49.57
N TRP MB 53 -56.17 84.43 49.97
CA TRP MB 53 -57.46 85.07 50.15
C TRP MB 53 -58.24 85.11 48.85
N GLU MB 54 -57.57 85.46 47.75
CA GLU MB 54 -58.27 85.58 46.48
C GLU MB 54 -58.76 84.22 46.00
N LYS MB 55 -57.94 83.17 46.15
CA LYS MB 55 -58.38 81.85 45.73
C LYS MB 55 -59.51 81.34 46.61
N LEU MB 56 -59.50 81.67 47.90
CA LEU MB 56 -60.66 81.35 48.73
C LEU MB 56 -61.91 82.06 48.24
N LEU MB 57 -61.76 83.33 47.83
CA LEU MB 57 -62.90 84.07 47.29
C LEU MB 57 -63.43 83.44 46.01
N LEU MB 58 -62.53 83.03 45.11
CA LEU MB 58 -62.98 82.36 43.89
C LEU MB 58 -63.65 81.03 44.19
N ALA MB 59 -63.14 80.28 45.16
CA ALA MB 59 -63.81 79.04 45.54
C ALA MB 59 -65.20 79.31 46.09
N ALA MB 60 -65.33 80.37 46.90
CA ALA MB 60 -66.64 80.74 47.42
C ALA MB 60 -67.60 81.09 46.30
N ARG MB 61 -67.17 81.96 45.37
CA ARG MB 61 -68.01 82.36 44.26
C ARG MB 61 -68.36 81.19 43.36
N ALA MB 62 -67.47 80.18 43.28
CA ALA MB 62 -67.77 79.01 42.50
C ALA MB 62 -68.83 78.15 43.16
N ILE MB 63 -68.72 77.95 44.48
CA ILE MB 63 -69.64 77.01 45.11
C ILE MB 63 -70.99 77.67 45.42
N VAL MB 64 -71.06 79.00 45.38
CA VAL MB 64 -72.36 79.64 45.57
C VAL MB 64 -73.11 79.89 44.28
N ALA MB 65 -72.46 79.69 43.12
CA ALA MB 65 -73.18 79.83 41.86
C ALA MB 65 -74.14 78.68 41.61
N ILE MB 66 -74.11 77.64 42.43
CA ILE MB 66 -75.03 76.52 42.31
C ILE MB 66 -76.21 76.78 43.23
N GLU MB 67 -77.42 76.75 42.66
CA GLU MB 67 -78.61 77.08 43.44
C GLU MB 67 -78.87 76.05 44.53
N ASN MB 68 -78.71 74.77 44.22
CA ASN MB 68 -78.94 73.71 45.19
C ASN MB 68 -77.64 73.39 45.90
N PRO MB 69 -77.57 73.59 47.23
CA PRO MB 69 -76.33 73.26 47.95
C PRO MB 69 -76.01 71.78 48.03
N ALA MB 70 -76.88 70.90 47.53
CA ALA MB 70 -76.60 69.47 47.57
C ALA MB 70 -75.65 69.01 46.48
N ASP MB 71 -75.40 69.82 45.45
CA ASP MB 71 -74.53 69.43 44.35
C ASP MB 71 -73.06 69.78 44.58
N VAL MB 72 -72.73 70.44 45.69
CA VAL MB 72 -71.34 70.67 46.06
C VAL MB 72 -70.95 69.63 47.10
N SER MB 73 -69.87 68.92 46.85
CA SER MB 73 -69.47 67.78 47.67
C SER MB 73 -68.04 67.98 48.15
N VAL MB 74 -67.83 67.77 49.45
CA VAL MB 74 -66.53 67.91 50.07
C VAL MB 74 -66.08 66.54 50.55
N ILE MB 75 -64.82 66.21 50.29
CA ILE MB 75 -64.26 64.92 50.66
C ILE MB 75 -62.91 65.15 51.33
N SER MB 76 -62.69 64.50 52.47
CA SER MB 76 -61.42 64.53 53.18
C SER MB 76 -61.09 63.10 53.60
N SER MB 77 -60.26 62.42 52.80
CA SER MB 77 -59.89 61.05 53.12
C SER MB 77 -59.09 60.97 54.42
N ARG MB 78 -58.17 61.90 54.62
CA ARG MB 78 -57.41 61.93 55.86
C ARG MB 78 -58.29 62.39 57.01
N ASN MB 79 -57.98 61.86 58.20
CA ASN MB 79 -58.80 62.18 59.37
C ASN MB 79 -58.69 63.64 59.78
N THR MB 80 -57.59 64.31 59.40
CA THR MB 80 -57.38 65.72 59.74
C THR MB 80 -58.25 66.60 58.84
N GLY MB 81 -59.55 66.56 59.09
CA GLY MB 81 -60.47 67.35 58.29
C GLY MB 81 -61.81 66.68 58.06
N GLN MB 82 -61.96 65.43 58.48
CA GLN MB 82 -63.27 64.78 58.40
C GLN MB 82 -64.30 65.52 59.25
N ARG MB 83 -63.93 65.86 60.48
CA ARG MB 83 -64.80 66.71 61.29
C ARG MB 83 -65.06 68.03 60.58
N ALA MB 84 -64.03 68.61 59.97
CA ALA MB 84 -64.18 69.90 59.30
C ALA MB 84 -65.12 69.81 58.11
N VAL MB 85 -65.02 68.76 57.30
CA VAL MB 85 -65.90 68.67 56.14
C VAL MB 85 -67.32 68.35 56.57
N LEU MB 86 -67.50 67.57 57.64
CA LEU MB 86 -68.85 67.38 58.19
C LEU MB 86 -69.46 68.70 58.63
N LYS MB 87 -68.68 69.53 59.36
CA LYS MB 87 -69.22 70.81 59.80
C LYS MB 87 -69.48 71.74 58.62
N PHE MB 88 -68.61 71.72 57.62
CA PHE MB 88 -68.82 72.53 56.44
C PHE MB 88 -70.10 72.14 55.72
N ALA MB 89 -70.33 70.83 55.57
CA ALA MB 89 -71.55 70.36 54.92
C ALA MB 89 -72.78 70.72 55.73
N ALA MB 90 -72.68 70.64 57.06
CA ALA MB 90 -73.81 71.00 57.91
C ALA MB 90 -74.12 72.49 57.79
N ALA MB 91 -73.10 73.34 57.79
CA ALA MB 91 -73.33 74.78 57.79
C ALA MB 91 -73.78 75.28 56.43
N THR MB 92 -73.24 74.73 55.35
CA THR MB 92 -73.51 75.20 54.01
C THR MB 92 -74.51 74.35 53.26
N GLY MB 93 -75.04 73.30 53.87
CA GLY MB 93 -75.98 72.44 53.18
C GLY MB 93 -75.36 71.55 52.13
N ALA MB 94 -74.05 71.31 52.21
CA ALA MB 94 -73.35 70.51 51.21
C ALA MB 94 -73.58 69.04 51.50
N THR MB 95 -72.84 68.17 50.80
CA THR MB 95 -72.93 66.73 50.99
C THR MB 95 -71.58 66.19 51.40
N PRO MB 96 -71.43 65.65 52.61
CA PRO MB 96 -70.12 65.19 53.06
C PRO MB 96 -69.84 63.72 52.75
N ILE MB 97 -68.58 63.46 52.42
CA ILE MB 97 -68.04 62.11 52.32
C ILE MB 97 -66.72 62.08 53.09
N ALA MB 98 -66.67 61.29 54.16
CA ALA MB 98 -65.51 61.25 55.02
C ALA MB 98 -64.99 59.83 55.13
N GLY MB 99 -63.70 59.70 55.34
CA GLY MB 99 -63.09 58.40 55.42
C GLY MB 99 -62.83 57.84 54.05
N ARG MB 100 -63.15 56.56 53.87
CA ARG MB 100 -62.91 55.90 52.59
C ARG MB 100 -63.88 56.40 51.54
N PHE MB 101 -63.34 56.79 50.39
CA PHE MB 101 -64.14 57.15 49.22
C PHE MB 101 -64.17 55.94 48.30
N THR MB 102 -65.31 55.26 48.24
CA THR MB 102 -65.40 54.06 47.43
C THR MB 102 -65.35 54.42 45.95
N PRO MB 103 -64.60 53.67 45.15
CA PRO MB 103 -64.53 53.94 43.71
C PRO MB 103 -65.85 53.71 43.02
N GLY MB 104 -66.03 54.41 41.90
CA GLY MB 104 -67.27 54.32 41.16
C GLY MB 104 -68.42 55.11 41.76
N THR MB 105 -68.15 55.96 42.76
CA THR MB 105 -69.22 56.72 43.38
C THR MB 105 -69.86 57.69 42.40
N PHE MB 106 -69.05 58.32 41.54
CA PHE MB 106 -69.58 59.24 40.55
C PHE MB 106 -69.80 58.59 39.19
N THR MB 107 -69.26 57.39 38.96
CA THR MB 107 -69.31 56.76 37.66
C THR MB 107 -70.19 55.51 37.64
N ASN MB 108 -69.98 54.60 38.58
CA ASN MB 108 -70.78 53.37 38.64
C ASN MB 108 -72.18 53.73 39.13
N GLN MB 109 -73.16 53.64 38.24
CA GLN MB 109 -74.51 54.13 38.51
C GLN MB 109 -75.45 53.06 39.04
N ILE MB 110 -74.94 51.86 39.36
CA ILE MB 110 -75.82 50.79 39.80
C ILE MB 110 -76.14 50.93 41.28
N GLN MB 111 -75.12 51.03 42.12
CA GLN MB 111 -75.35 50.98 43.56
C GLN MB 111 -76.02 52.26 44.05
N ALA MB 112 -76.66 52.17 45.21
CA ALA MB 112 -77.35 53.32 45.79
C ALA MB 112 -76.39 54.40 46.24
N ALA MB 113 -75.12 54.06 46.50
CA ALA MB 113 -74.14 55.07 46.87
C ALA MB 113 -73.76 55.97 45.71
N PHE MB 114 -74.18 55.64 44.50
CA PHE MB 114 -73.89 56.48 43.33
C PHE MB 114 -74.50 57.85 43.50
N ARG MB 115 -73.69 58.88 43.25
CA ARG MB 115 -74.13 60.26 43.32
C ARG MB 115 -73.33 61.08 42.33
N GLU MB 116 -74.01 62.04 41.70
CA GLU MB 116 -73.41 62.85 40.64
C GLU MB 116 -73.52 64.33 41.00
N PRO MB 117 -72.54 64.89 41.68
CA PRO MB 117 -72.59 66.29 42.09
C PRO MB 117 -72.23 67.20 40.90
N ARG MB 118 -72.35 68.50 41.13
CA ARG MB 118 -72.02 69.48 40.11
C ARG MB 118 -70.73 70.23 40.40
N LEU MB 119 -70.10 69.96 41.53
CA LEU MB 119 -68.86 70.64 41.90
C LEU MB 119 -68.17 69.83 42.98
N LEU MB 120 -66.85 69.84 42.95
CA LEU MB 120 -66.04 69.06 43.87
C LEU MB 120 -65.14 69.98 44.67
N VAL MB 121 -65.07 69.75 45.99
CA VAL MB 121 -64.15 70.48 46.85
C VAL MB 121 -63.34 69.46 47.65
N VAL MB 122 -62.03 69.61 47.65
CA VAL MB 122 -61.11 68.58 48.09
C VAL MB 122 -60.17 69.13 49.14
N THR MB 123 -59.97 68.38 50.23
CA THR MB 123 -59.04 68.79 51.28
C THR MB 123 -57.60 68.67 50.82
N ASP MB 124 -57.24 67.56 50.18
CA ASP MB 124 -55.86 67.33 49.78
C ASP MB 124 -55.81 66.59 48.45
N PRO MB 125 -55.20 67.18 47.41
CA PRO MB 125 -55.15 66.51 46.11
C PRO MB 125 -54.41 65.19 46.12
N ARG MB 126 -53.37 65.05 46.95
CA ARG MB 126 -52.68 63.77 47.05
C ARG MB 126 -53.52 62.75 47.81
N ALA MB 127 -54.13 63.17 48.91
CA ALA MB 127 -54.92 62.23 49.70
C ALA MB 127 -56.25 61.90 49.03
N ASP MB 128 -56.77 62.81 48.22
CA ASP MB 128 -58.07 62.64 47.59
C ASP MB 128 -57.93 62.56 46.08
N HIS MB 129 -56.93 61.82 45.60
CA HIS MB 129 -56.71 61.73 44.16
C HIS MB 129 -57.81 60.94 43.48
N GLN MB 130 -58.46 60.01 44.20
CA GLN MB 130 -59.47 59.17 43.55
C GLN MB 130 -60.69 59.96 43.11
N PRO MB 131 -61.32 60.80 43.95
CA PRO MB 131 -62.40 61.64 43.40
C PRO MB 131 -61.90 62.65 42.38
N LEU MB 132 -60.62 63.02 42.46
CA LEU MB 132 -60.04 63.92 41.45
C LEU MB 132 -60.07 63.28 40.08
N THR MB 133 -59.54 62.06 39.96
CA THR MB 133 -59.56 61.36 38.69
C THR MB 133 -60.99 61.03 38.26
N GLU MB 134 -61.84 60.65 39.20
CA GLU MB 134 -63.24 60.38 38.89
C GLU MB 134 -63.97 61.64 38.44
N ALA MB 135 -63.50 62.81 38.84
CA ALA MB 135 -64.16 64.05 38.42
C ALA MB 135 -64.04 64.27 36.92
N SER MB 136 -63.00 63.71 36.30
CA SER MB 136 -62.81 63.89 34.86
C SER MB 136 -63.73 63.02 34.03
N TYR MB 137 -64.39 62.03 34.60
CA TYR MB 137 -65.26 61.17 33.82
C TYR MB 137 -66.68 61.69 33.73
N VAL MB 138 -67.04 62.69 34.53
CA VAL MB 138 -68.43 63.12 34.64
C VAL MB 138 -68.54 64.63 34.45
N ASN MB 139 -67.49 65.24 33.90
CA ASN MB 139 -67.42 66.69 33.67
C ASN MB 139 -67.64 67.46 34.98
N LEU MB 140 -66.77 67.18 35.93
CA LEU MB 140 -66.91 67.72 37.28
C LEU MB 140 -65.84 68.77 37.54
N PRO MB 141 -66.20 70.05 37.63
CA PRO MB 141 -65.23 71.04 38.11
C PRO MB 141 -64.85 70.76 39.55
N THR MB 142 -63.59 71.07 39.90
CA THR MB 142 -63.07 70.63 41.19
C THR MB 142 -62.20 71.71 41.82
N ILE MB 143 -62.53 72.05 43.06
CA ILE MB 143 -61.70 72.90 43.91
C ILE MB 143 -60.94 72.00 44.87
N ALA MB 144 -59.73 72.43 45.23
CA ALA MB 144 -58.94 71.69 46.21
C ALA MB 144 -58.13 72.66 47.05
N LEU MB 145 -57.83 72.24 48.28
CA LEU MB 145 -56.97 73.00 49.18
C LEU MB 145 -55.56 72.44 49.03
N CYS MB 146 -54.63 73.25 48.56
CA CYS MB 146 -53.34 72.75 48.11
C CYS MB 146 -52.18 73.34 48.91
N ASN MB 147 -51.17 72.50 49.12
CA ASN MB 147 -49.90 72.90 49.69
C ASN MB 147 -48.91 73.14 48.56
N THR MB 148 -47.70 73.57 48.93
CA THR MB 148 -46.68 73.89 47.94
C THR MB 148 -46.18 72.66 47.18
N ASP MB 149 -46.46 71.46 47.67
CA ASP MB 149 -46.05 70.22 47.02
C ASP MB 149 -47.24 69.52 46.37
N SER MB 150 -48.40 70.15 46.39
CA SER MB 150 -49.60 69.49 45.87
C SER MB 150 -49.61 69.55 44.35
N PRO MB 151 -49.84 68.43 43.67
CA PRO MB 151 -50.05 68.47 42.23
C PRO MB 151 -51.40 69.10 41.89
N LEU MB 152 -51.51 69.60 40.67
CA LEU MB 152 -52.73 70.27 40.22
C LEU MB 152 -53.28 69.64 38.94
N ARG MB 153 -53.19 68.31 38.82
CA ARG MB 153 -53.53 67.66 37.56
C ARG MB 153 -54.99 67.89 37.18
N TYR MB 154 -55.91 67.59 38.09
CA TYR MB 154 -57.33 67.84 37.86
C TYR MB 154 -57.87 68.93 38.78
N VAL MB 155 -57.00 69.70 39.39
CA VAL MB 155 -57.41 70.78 40.27
C VAL MB 155 -57.66 72.03 39.45
N ASP MB 156 -58.62 72.84 39.88
CA ASP MB 156 -59.04 74.00 39.10
C ASP MB 156 -58.97 75.30 39.87
N ILE MB 157 -59.34 75.31 41.15
CA ILE MB 157 -59.42 76.53 41.94
C ILE MB 157 -58.50 76.35 43.14
N ALA MB 158 -57.35 75.72 42.91
CA ALA MB 158 -56.40 75.37 43.97
C ALA MB 158 -56.14 76.53 44.92
N ILE MB 159 -56.46 76.33 46.19
CA ILE MB 159 -56.27 77.34 47.23
C ILE MB 159 -54.95 77.03 47.93
N PRO MB 160 -53.98 77.92 47.90
CA PRO MB 160 -52.66 77.67 48.49
C PRO MB 160 -52.57 78.08 49.97
N CYS MB 161 -53.05 77.23 50.87
CA CYS MB 161 -52.93 77.53 52.29
C CYS MB 161 -52.05 76.51 53.01
N ASN MB 162 -52.48 75.26 53.11
CA ASN MB 162 -51.78 74.20 53.83
C ASN MB 162 -52.64 72.94 53.74
N ASN MB 163 -52.01 71.80 53.98
CA ASN MB 163 -52.76 70.55 54.13
C ASN MB 163 -52.21 69.66 55.24
N LYS MB 164 -51.21 70.09 55.99
CA LYS MB 164 -50.54 69.22 56.94
C LYS MB 164 -51.00 69.46 58.37
N GLY MB 165 -51.33 70.71 58.72
CA GLY MB 165 -51.74 71.03 60.07
C GLY MB 165 -53.25 70.94 60.23
N ALA MB 166 -53.67 70.33 61.33
CA ALA MB 166 -55.10 70.27 61.63
C ALA MB 166 -55.67 71.64 61.89
N HIS MB 167 -54.91 72.50 62.57
CA HIS MB 167 -55.36 73.86 62.86
C HIS MB 167 -55.61 74.63 61.58
N SER MB 168 -54.66 74.58 60.64
CA SER MB 168 -54.79 75.31 59.39
C SER MB 168 -55.96 74.78 58.55
N VAL MB 169 -56.11 73.45 58.48
CA VAL MB 169 -57.17 72.87 57.68
C VAL MB 169 -58.53 73.25 58.24
N GLY MB 170 -58.69 73.12 59.56
CA GLY MB 170 -59.94 73.55 60.18
C GLY MB 170 -60.21 75.02 59.99
N LEU MB 171 -59.17 75.85 60.11
CA LEU MB 171 -59.34 77.29 59.94
C LEU MB 171 -59.79 77.62 58.53
N MET MB 172 -59.17 77.01 57.53
CA MET MB 172 -59.53 77.28 56.15
C MET MB 172 -60.94 76.82 55.85
N TRP MB 173 -61.32 75.65 56.35
CA TRP MB 173 -62.68 75.16 56.15
C TRP MB 173 -63.69 76.11 56.77
N TRP MB 174 -63.42 76.54 58.00
CA TRP MB 174 -64.29 77.47 58.69
C TRP MB 174 -64.37 78.80 57.96
N MET MB 175 -63.24 79.28 57.44
CA MET MB 175 -63.21 80.55 56.72
C MET MB 175 -64.02 80.47 55.44
N LEU MB 176 -63.89 79.37 54.71
CA LEU MB 176 -64.66 79.21 53.48
C LEU MB 176 -66.15 79.14 53.77
N ALA MB 177 -66.53 78.39 54.81
CA ALA MB 177 -67.94 78.33 55.19
C ALA MB 177 -68.46 79.69 55.59
N ARG MB 178 -67.67 80.45 56.36
CA ARG MB 178 -68.09 81.78 56.78
C ARG MB 178 -68.28 82.69 55.56
N GLU MB 179 -67.34 82.64 54.62
CA GLU MB 179 -67.47 83.50 53.44
C GLU MB 179 -68.71 83.16 52.63
N VAL MB 180 -68.93 81.87 52.36
CA VAL MB 180 -70.09 81.48 51.55
C VAL MB 180 -71.40 81.65 52.29
N LEU MB 181 -71.36 81.78 53.62
CA LEU MB 181 -72.58 82.11 54.34
C LEU MB 181 -72.80 83.62 54.43
N ARG MB 182 -71.72 84.40 54.56
CA ARG MB 182 -71.86 85.85 54.58
C ARG MB 182 -72.35 86.37 53.24
N MET MB 183 -71.82 85.85 52.14
CA MET MB 183 -72.19 86.45 50.86
C MET MB 183 -73.57 86.00 50.40
N ARG MB 184 -74.13 84.95 50.99
CA ARG MB 184 -75.53 84.63 50.78
C ARG MB 184 -76.36 85.32 51.86
N GLY MB 185 -77.63 84.97 51.96
CA GLY MB 185 -78.50 85.59 52.94
C GLY MB 185 -78.48 84.89 54.29
N THR MB 186 -77.30 84.66 54.83
CA THR MB 186 -77.16 83.99 56.12
C THR MB 186 -76.51 84.90 57.17
N ILE MB 187 -75.36 85.48 56.87
CA ILE MB 187 -74.68 86.38 57.79
C ILE MB 187 -74.72 87.78 57.21
N SER MB 188 -74.70 88.77 58.10
CA SER MB 188 -74.92 90.17 57.73
C SER MB 188 -73.63 90.92 57.43
N ARG MB 189 -72.50 90.23 57.32
CA ARG MB 189 -71.20 90.80 56.94
C ARG MB 189 -70.64 91.76 57.99
N GLU MB 190 -71.39 92.02 59.06
CA GLU MB 190 -70.96 92.97 60.08
C GLU MB 190 -70.37 92.26 61.30
N HIS MB 191 -71.17 91.46 61.96
CA HIS MB 191 -70.71 90.84 63.19
C HIS MB 191 -69.86 89.61 62.89
N PRO MB 192 -68.93 89.26 63.79
CA PRO MB 192 -68.18 88.01 63.61
C PRO MB 192 -69.11 86.82 63.68
N TRP MB 193 -68.75 85.77 62.95
CA TRP MB 193 -69.56 84.57 62.91
C TRP MB 193 -69.63 83.94 64.29
N GLU MB 194 -70.84 83.59 64.72
CA GLU MB 194 -71.00 82.96 66.03
C GLU MB 194 -70.32 81.60 66.07
N VAL MB 195 -70.22 80.92 64.93
CA VAL MB 195 -69.48 79.68 64.87
C VAL MB 195 -68.00 79.96 65.00
N MET MB 196 -67.36 79.28 65.92
CA MET MB 196 -65.98 79.42 66.36
C MET MB 196 -65.11 78.40 65.62
N PRO MB 197 -63.99 78.83 65.05
CA PRO MB 197 -63.23 77.95 64.13
C PRO MB 197 -62.69 76.69 64.77
N ASP MB 198 -62.63 76.62 66.11
CA ASP MB 198 -62.18 75.41 66.77
C ASP MB 198 -63.14 74.23 66.55
N LEU MB 199 -64.39 74.51 66.18
CA LEU MB 199 -65.35 73.45 65.92
C LEU MB 199 -64.93 72.60 64.72
N TYR MB 200 -64.20 73.18 63.78
CA TYR MB 200 -63.75 72.48 62.58
C TYR MB 200 -62.43 71.77 62.79
N PHE MB 201 -61.91 71.72 64.01
CA PHE MB 201 -60.57 71.21 64.25
C PHE MB 201 -60.60 69.72 64.50
N TYR MB 202 -59.75 68.99 63.81
CA TYR MB 202 -59.57 67.57 64.09
C TYR MB 202 -58.77 67.39 65.37
N ARG MB 203 -59.19 66.43 66.18
CA ARG MB 203 -58.59 66.18 67.49
C ARG MB 203 -58.08 64.76 67.57
N ASP MB 204 -56.85 64.60 68.05
CA ASP MB 204 -56.28 63.27 68.21
C ASP MB 204 -57.01 62.51 69.32
N PRO MB 205 -57.24 61.21 69.15
CA PRO MB 205 -58.03 60.45 70.13
C PRO MB 205 -57.48 60.52 71.55
N GLU MB 206 -56.17 60.69 71.72
CA GLU MB 206 -55.61 60.90 73.04
C GLU MB 206 -56.16 62.17 73.69
N GLU MB 207 -56.51 63.17 72.88
CA GLU MB 207 -57.13 64.37 73.41
C GLU MB 207 -58.57 64.11 73.82
N ILE MB 208 -59.29 63.32 73.03
CA ILE MB 208 -60.67 62.98 73.36
C ILE MB 208 -60.71 62.12 74.63
N GLU MB 209 -59.68 61.34 74.90
CA GLU MB 209 -59.75 60.49 76.08
C GLU MB 209 -59.29 61.20 77.35
N LYS MB 210 -58.95 62.49 77.30
CA LYS MB 210 -58.59 63.20 78.53
C LYS MB 210 -59.26 64.55 78.72
N GLU MB 211 -59.69 65.24 77.65
CA GLU MB 211 -60.08 66.63 77.81
C GLU MB 211 -61.40 66.77 78.58
N GLU MB 212 -62.43 65.99 78.21
CA GLU MB 212 -63.70 66.15 78.91
C GLU MB 212 -63.63 65.65 80.34
N GLN MB 213 -62.80 64.65 80.63
CA GLN MB 213 -62.70 64.21 82.02
C GLN MB 213 -61.93 65.24 82.86
N ALA MB 214 -60.89 65.86 82.28
CA ALA MB 214 -60.23 66.95 82.99
C ALA MB 214 -61.19 68.12 83.22
N ALA MB 215 -62.03 68.42 82.23
CA ALA MB 215 -63.02 69.47 82.38
C ALA MB 215 -64.05 69.11 83.44
N ALA MB 216 -64.43 67.83 83.52
CA ALA MB 216 -65.35 67.38 84.56
C ALA MB 216 -64.74 67.55 85.94
N GLU MB 217 -63.43 67.26 86.06
CA GLU MB 217 -62.75 67.50 87.34
C GLU MB 217 -62.71 68.99 87.67
N LYS MB 218 -62.48 69.83 86.67
CA LYS MB 218 -62.50 71.28 86.90
C LYS MB 218 -63.88 71.75 87.35
N ALA MB 219 -64.93 71.22 86.73
CA ALA MB 219 -66.29 71.66 87.07
C ALA MB 219 -66.74 71.14 88.44
N VAL MB 220 -66.34 69.91 88.79
CA VAL MB 220 -66.74 69.37 90.08
C VAL MB 220 -65.97 69.99 91.24
N THR MB 221 -64.81 70.58 90.97
CA THR MB 221 -64.01 71.21 92.02
C THR MB 221 -64.17 72.73 92.00
N VAL NB 1 12.62 7.89 70.00
CA VAL NB 1 11.74 7.35 71.02
C VAL NB 1 11.29 8.45 71.98
N VAL NB 2 12.25 8.95 72.76
CA VAL NB 2 11.96 10.02 73.71
C VAL NB 2 11.53 11.27 72.97
N ASP NB 3 10.52 11.95 73.50
CA ASP NB 3 10.04 13.15 72.84
C ASP NB 3 11.10 14.24 72.89
N PRO NB 4 11.27 14.99 71.79
CA PRO NB 4 12.31 16.04 71.78
C PRO NB 4 12.05 17.16 72.77
N PHE NB 5 10.84 17.27 73.29
CA PHE NB 5 10.51 18.33 74.24
C PHE NB 5 11.25 18.18 75.56
N SER NB 6 11.74 16.98 75.86
CA SER NB 6 12.64 16.85 77.01
C SER NB 6 13.95 17.59 76.77
N LYS NB 7 14.45 17.57 75.55
CA LYS NB 7 15.69 18.26 75.19
C LYS NB 7 15.52 19.77 75.03
N LYS NB 8 14.29 20.27 75.09
CA LYS NB 8 14.02 21.68 74.85
C LYS NB 8 14.07 22.45 76.17
N ASP NB 9 14.86 23.52 76.20
CA ASP NB 9 14.97 24.38 77.36
C ASP NB 9 14.35 25.73 77.04
N TRP NB 10 13.67 26.30 78.03
CA TRP NB 10 12.89 27.51 77.84
C TRP NB 10 13.73 28.75 78.08
N TYR NB 11 13.47 29.78 77.27
CA TYR NB 11 14.17 31.06 77.35
C TYR NB 11 13.15 32.17 77.46
N ASP NB 12 13.59 33.31 78.00
CA ASP NB 12 12.76 34.48 78.15
C ASP NB 12 13.13 35.53 77.10
N VAL NB 13 12.14 36.34 76.73
CA VAL NB 13 12.29 37.34 75.68
C VAL NB 13 12.10 38.71 76.30
N LYS NB 14 13.11 39.57 76.14
CA LYS NB 14 13.14 40.89 76.76
C LYS NB 14 12.92 41.96 75.71
N ALA NB 15 12.00 42.89 76.00
CA ALA NB 15 11.78 44.03 75.14
C ALA NB 15 12.81 45.12 75.40
N PRO NB 16 13.07 45.98 74.43
CA PRO NB 16 14.00 47.09 74.65
C PRO NB 16 13.42 48.12 75.62
N ALA NB 17 14.26 49.11 75.96
CA ALA NB 17 13.95 50.05 77.02
C ALA NB 17 12.80 50.99 76.69
N MET NB 18 12.37 51.08 75.43
CA MET NB 18 11.24 51.92 75.09
C MET NB 18 9.95 51.40 75.71
N PHE NB 19 9.92 50.12 76.08
CA PHE NB 19 8.70 49.41 76.45
C PHE NB 19 8.70 49.20 77.95
N ASN NB 20 7.71 49.79 78.63
CA ASN NB 20 7.64 49.67 80.09
C ASN NB 20 7.35 48.25 80.57
N ILE NB 21 6.84 47.38 79.71
CA ILE NB 21 6.85 45.94 79.96
C ILE NB 21 8.00 45.34 79.16
N ARG NB 22 8.89 44.64 79.83
CA ARG NB 22 10.09 44.09 79.21
C ARG NB 22 9.94 42.63 78.80
N ASN NB 23 9.35 41.80 79.67
CA ASN NB 23 9.22 40.37 79.39
C ASN NB 23 8.12 40.17 78.36
N ILE NB 24 8.52 39.84 77.13
CA ILE NB 24 7.54 39.52 76.09
C ILE NB 24 6.80 38.24 76.44
N GLY NB 25 7.54 37.23 76.86
CA GLY NB 25 7.00 35.90 77.08
C GLY NB 25 8.13 34.89 77.11
N LYS NB 26 7.79 33.66 76.74
CA LYS NB 26 8.74 32.55 76.82
C LYS NB 26 8.84 31.84 75.48
N THR NB 27 10.03 31.31 75.21
CA THR NB 27 10.30 30.55 73.99
C THR NB 27 11.18 29.37 74.37
N LEU NB 28 11.25 28.40 73.46
CA LEU NB 28 12.02 27.19 73.67
C LEU NB 28 12.99 26.98 72.52
N VAL NB 29 13.91 26.02 72.74
CA VAL NB 29 14.89 25.64 71.73
C VAL NB 29 15.46 24.30 72.12
N THR NB 30 15.91 23.54 71.13
CA THR NB 30 16.68 22.34 71.43
C THR NB 30 18.02 22.74 72.03
N ARG NB 31 18.44 22.01 73.06
CA ARG NB 31 19.70 22.30 73.73
C ARG NB 31 20.87 22.18 72.76
N THR NB 32 21.93 22.93 73.04
CA THR NB 32 23.12 22.91 72.20
C THR NB 32 23.72 21.50 72.19
N GLN NB 33 23.72 20.90 71.01
CA GLN NB 33 24.19 19.53 70.83
C GLN NB 33 25.06 19.48 69.59
N GLY NB 34 26.31 19.06 69.78
CA GLY NB 34 27.23 19.00 68.66
C GLY NB 34 27.54 20.39 68.14
N THR NB 35 27.73 20.49 66.83
CA THR NB 35 27.98 21.77 66.19
C THR NB 35 26.77 22.67 66.14
N LYS NB 36 25.58 22.14 66.45
CA LYS NB 36 24.36 22.94 66.45
C LYS NB 36 24.27 23.72 67.75
N ILE NB 37 24.19 25.04 67.65
CA ILE NB 37 24.16 25.93 68.80
C ILE NB 37 22.75 26.47 68.98
N ALA NB 38 22.26 26.44 70.22
CA ALA NB 38 20.94 27.00 70.49
C ALA NB 38 20.93 28.51 70.31
N SER NB 39 22.05 29.17 70.64
CA SER NB 39 22.13 30.62 70.49
C SER NB 39 21.93 31.03 69.04
N ASP NB 40 22.43 30.23 68.10
CA ASP NB 40 22.17 30.47 66.69
C ASP NB 40 20.68 30.35 66.39
N GLY NB 41 20.01 29.39 67.02
CA GLY NB 41 18.59 29.22 66.79
C GLY NB 41 17.76 30.38 67.29
N LEU NB 42 18.11 30.91 68.47
CA LEU NB 42 17.34 32.02 69.02
C LEU NB 42 17.51 33.29 68.20
N LYS NB 43 18.66 33.47 67.58
CA LYS NB 43 18.91 34.65 66.78
C LYS NB 43 17.99 34.67 65.56
N GLY NB 44 17.52 35.86 65.20
CA GLY NB 44 16.65 35.98 64.06
C GLY NB 44 15.29 35.35 64.22
N ARG NB 45 14.67 35.50 65.38
CA ARG NB 45 13.27 35.13 65.58
C ARG NB 45 12.44 36.40 65.74
N VAL NB 46 11.34 36.48 65.01
CA VAL NB 46 10.45 37.63 65.03
C VAL NB 46 9.27 37.30 65.93
N PHE NB 47 9.03 38.15 66.92
CA PHE NB 47 7.96 37.96 67.90
C PHE NB 47 6.90 39.01 67.65
N GLU NB 48 5.96 38.71 66.74
CA GLU NB 48 4.87 39.63 66.44
C GLU NB 48 4.00 39.74 67.69
N VAL NB 49 4.11 40.88 68.37
CA VAL NB 49 3.40 41.10 69.63
C VAL NB 49 2.66 42.42 69.51
N SER NB 50 1.52 42.51 70.20
CA SER NB 50 0.70 43.71 70.15
C SER NB 50 1.39 44.85 70.90
N LEU NB 51 0.71 46.00 70.93
CA LEU NB 51 1.22 47.15 71.66
C LEU NB 51 0.61 47.28 73.04
N ALA NB 52 -0.64 46.84 73.21
CA ALA NB 52 -1.32 47.01 74.49
C ALA NB 52 -0.77 46.08 75.56
N ASP NB 53 -0.15 44.97 75.18
CA ASP NB 53 0.58 44.16 76.14
C ASP NB 53 2.03 44.59 76.26
N LEU NB 54 2.44 45.62 75.52
CA LEU NB 54 3.76 46.22 75.63
C LEU NB 54 3.73 47.54 76.38
N GLN NB 55 2.65 48.30 76.22
CA GLN NB 55 2.46 49.57 76.92
C GLN NB 55 1.14 49.52 77.65
N ASN NB 56 1.08 50.20 78.81
CA ASN NB 56 0.02 50.00 79.78
C ASN NB 56 -1.37 50.28 79.24
N ASP NB 57 -1.64 51.53 78.86
CA ASP NB 57 -2.99 52.01 78.61
C ASP NB 57 -3.11 52.63 77.23
N GLU NB 58 -2.64 51.94 76.21
CA GLU NB 58 -2.65 52.44 74.85
C GLU NB 58 -3.36 51.45 73.92
N VAL NB 59 -3.35 51.76 72.63
CA VAL NB 59 -4.19 51.05 71.66
C VAL NB 59 -3.68 49.63 71.47
N ALA NB 60 -4.58 48.76 71.01
CA ALA NB 60 -4.28 47.35 70.84
C ALA NB 60 -4.23 46.92 69.38
N PHE NB 61 -4.69 47.76 68.44
CA PHE NB 61 -4.66 47.39 67.04
C PHE NB 61 -3.28 47.55 66.42
N ARG NB 62 -2.29 47.94 67.20
CA ARG NB 62 -0.92 48.13 66.73
C ARG NB 62 -0.07 46.95 67.20
N LYS NB 63 0.72 46.39 66.28
CA LYS NB 63 1.58 45.25 66.56
C LYS NB 63 3.02 45.59 66.18
N PHE NB 64 3.95 44.90 66.82
CA PHE NB 64 5.38 45.13 66.61
C PHE NB 64 6.11 43.82 66.43
N LYS NB 65 7.24 43.87 65.71
CA LYS NB 65 7.93 42.67 65.26
C LYS NB 65 8.95 42.16 66.28
N LEU NB 66 9.90 43.00 66.70
CA LEU NB 66 10.85 42.69 67.77
C LEU NB 66 11.67 41.43 67.47
N ILE NB 67 12.52 41.55 66.45
CA ILE NB 67 13.41 40.46 66.10
C ILE NB 67 14.51 40.32 67.15
N THR NB 68 15.01 39.10 67.33
CA THR NB 68 16.08 38.82 68.28
C THR NB 68 17.43 38.86 67.59
N GLU NB 69 18.36 39.62 68.16
CA GLU NB 69 19.73 39.65 67.64
C GLU NB 69 20.71 38.88 68.51
N ASP NB 70 20.47 38.76 69.82
CA ASP NB 70 21.43 38.12 70.69
C ASP NB 70 20.74 37.49 71.88
N VAL NB 71 21.46 36.62 72.57
CA VAL NB 71 21.00 35.95 73.78
C VAL NB 71 22.14 35.92 74.78
N GLN NB 72 21.82 36.17 76.05
CA GLN NB 72 22.78 36.02 77.13
C GLN NB 72 22.11 35.32 78.30
N GLY NB 73 22.79 34.33 78.86
CA GLY NB 73 22.22 33.58 79.97
C GLY NB 73 20.98 32.82 79.53
N LYS NB 74 19.83 33.25 80.04
CA LYS NB 74 18.55 32.63 79.72
C LYS NB 74 17.58 33.57 79.01
N ASN NB 75 17.87 34.85 78.94
CA ASN NB 75 16.94 35.79 78.32
C ASN NB 75 17.41 36.22 76.94
N CYS NB 76 16.45 36.54 76.09
CA CYS NB 76 16.72 36.99 74.73
C CYS NB 76 16.44 38.48 74.64
N LEU NB 77 17.39 39.22 74.07
CA LEU NB 77 17.27 40.65 73.92
C LEU NB 77 16.91 40.96 72.48
N THR NB 78 15.82 41.71 72.28
CA THR NB 78 15.27 41.99 70.98
C THR NB 78 15.54 43.45 70.59
N ASN NB 79 15.29 43.73 69.31
CA ASN NB 79 15.38 45.08 68.78
C ASN NB 79 14.22 45.28 67.81
N PHE NB 80 13.89 46.54 67.58
CA PHE NB 80 12.79 46.88 66.69
C PHE NB 80 13.03 46.31 65.30
N HIS NB 81 12.01 45.67 64.74
CA HIS NB 81 12.09 45.10 63.41
C HIS NB 81 11.01 45.59 62.47
N GLY NB 82 9.98 46.26 62.98
CA GLY NB 82 8.89 46.73 62.16
C GLY NB 82 7.60 46.72 62.96
N MET NB 83 6.59 47.41 62.42
CA MET NB 83 5.27 47.43 63.02
C MET NB 83 4.23 47.34 61.93
N ASP NB 84 3.06 46.81 62.29
CA ASP NB 84 1.93 46.70 61.39
C ASP NB 84 0.65 46.87 62.20
N LEU NB 85 -0.41 47.29 61.52
CA LEU NB 85 -1.71 47.43 62.15
C LEU NB 85 -2.54 46.19 61.86
N THR NB 86 -3.42 45.85 62.80
CA THR NB 86 -4.12 44.58 62.75
C THR NB 86 -5.05 44.50 61.54
N ARG NB 87 -5.34 43.26 61.14
CA ARG NB 87 -6.18 43.02 59.96
C ARG NB 87 -7.55 43.66 60.12
N ASP NB 88 -8.19 43.45 61.26
CA ASP NB 88 -9.55 43.94 61.46
C ASP NB 88 -9.59 45.47 61.52
N LYS NB 89 -8.56 46.10 62.08
CA LYS NB 89 -8.56 47.56 62.16
C LYS NB 89 -8.50 48.18 60.77
N MET NB 90 -7.62 47.65 59.91
CA MET NB 90 -7.56 48.13 58.54
C MET NB 90 -8.84 47.83 57.77
N CYS NB 91 -9.42 46.67 57.99
CA CYS NB 91 -10.65 46.34 57.25
C CYS NB 91 -11.82 47.20 57.70
N SER NB 92 -11.89 47.55 58.99
CA SER NB 92 -12.93 48.45 59.47
C SER NB 92 -12.69 49.87 59.02
N MET NB 93 -11.42 50.26 58.90
CA MET NB 93 -11.09 51.65 58.68
C MET NB 93 -11.44 52.10 57.27
N VAL NB 94 -11.42 51.17 56.31
CA VAL NB 94 -11.83 51.49 54.95
C VAL NB 94 -13.35 51.40 54.84
N LYS NB 95 -13.94 52.37 54.15
CA LYS NB 95 -15.39 52.41 53.94
C LYS NB 95 -15.64 52.90 52.53
N LYS NB 96 -16.92 52.95 52.15
CA LYS NB 96 -17.27 53.43 50.83
C LYS NB 96 -17.56 54.93 50.86
N TRP NB 97 -17.70 55.50 49.67
CA TRP NB 97 -18.01 56.92 49.48
C TRP NB 97 -16.97 57.81 50.16
N GLN NB 98 -15.71 57.39 50.07
CA GLN NB 98 -14.59 58.16 50.60
C GLN NB 98 -13.33 57.73 49.88
N THR NB 99 -12.30 58.56 49.99
CA THR NB 99 -11.04 58.36 49.29
C THR NB 99 -9.93 58.05 50.29
N MET NB 100 -9.14 57.02 50.00
CA MET NB 100 -7.93 56.80 50.78
C MET NB 100 -6.75 57.44 50.07
N ILE NB 101 -5.79 57.90 50.87
CA ILE NB 101 -4.50 58.37 50.38
C ILE NB 101 -3.43 57.49 51.00
N GLU NB 102 -2.68 56.80 50.15
CA GLU NB 102 -1.64 55.89 50.58
C GLU NB 102 -0.29 56.36 50.04
N ALA NB 103 0.76 56.18 50.82
CA ALA NB 103 2.08 56.63 50.43
C ALA NB 103 3.13 55.77 51.09
N HIS NB 104 4.36 55.88 50.58
CA HIS NB 104 5.50 55.17 51.13
C HIS NB 104 6.75 55.95 50.81
N VAL NB 105 7.81 55.69 51.60
CA VAL NB 105 9.10 56.30 51.34
C VAL NB 105 10.17 55.46 52.03
N ASP NB 106 11.30 55.29 51.35
CA ASP NB 106 12.47 54.66 51.92
C ASP NB 106 13.36 55.75 52.52
N VAL NB 107 13.48 55.77 53.84
CA VAL NB 107 14.20 56.83 54.54
C VAL NB 107 15.19 56.20 55.52
N LYS NB 108 16.39 56.77 55.59
CA LYS NB 108 17.47 56.24 56.41
C LYS NB 108 17.62 57.07 57.67
N THR NB 109 17.77 56.40 58.82
CA THR NB 109 17.93 57.08 60.08
C THR NB 109 19.36 57.62 60.21
N THR NB 110 19.63 58.27 61.34
CA THR NB 110 20.97 58.80 61.59
C THR NB 110 21.97 57.67 61.81
N ASP NB 111 21.55 56.59 62.47
CA ASP NB 111 22.44 55.51 62.85
C ASP NB 111 22.49 54.38 61.82
N GLY NB 112 21.81 54.52 60.69
CA GLY NB 112 21.93 53.56 59.61
C GLY NB 112 20.77 52.61 59.42
N TYR NB 113 19.66 52.80 60.13
CA TYR NB 113 18.48 51.99 59.90
C TYR NB 113 17.70 52.54 58.71
N LEU NB 114 17.39 51.68 57.75
CA LEU NB 114 16.57 52.04 56.60
C LEU NB 114 15.15 51.56 56.83
N LEU NB 115 14.18 52.45 56.64
CA LEU NB 115 12.79 52.15 56.92
C LEU NB 115 11.91 52.53 55.74
N ARG NB 116 10.85 51.75 55.55
CA ARG NB 116 9.84 52.01 54.52
C ARG NB 116 8.53 52.30 55.26
N LEU NB 117 8.27 53.57 55.52
CA LEU NB 117 7.07 53.96 56.25
C LEU NB 117 5.88 53.98 55.30
N PHE NB 118 4.85 53.21 55.64
CA PHE NB 118 3.57 53.24 54.93
C PHE NB 118 2.56 53.93 55.82
N CYS NB 119 1.92 54.97 55.31
CA CYS NB 119 0.88 55.67 56.03
C CYS NB 119 -0.34 55.83 55.14
N VAL NB 120 -1.52 55.81 55.76
CA VAL NB 120 -2.78 55.90 55.03
C VAL NB 120 -3.65 56.96 55.68
N GLY NB 121 -4.60 57.47 54.91
CA GLY NB 121 -5.55 58.44 55.42
C GLY NB 121 -6.81 58.41 54.57
N PHE NB 122 -7.93 58.71 55.20
CA PHE NB 122 -9.23 58.68 54.55
C PHE NB 122 -9.96 60.00 54.78
N THR NB 123 -10.59 60.50 53.73
CA THR NB 123 -11.29 61.77 53.82
C THR NB 123 -12.45 61.70 54.80
N LYS NB 124 -12.60 62.75 55.59
CA LYS NB 124 -13.64 62.82 56.60
C LYS NB 124 -14.79 63.70 56.11
N LYS NB 125 -16.01 63.19 56.22
CA LYS NB 125 -17.17 63.99 55.90
C LYS NB 125 -17.54 64.87 57.09
N ARG NB 126 -17.92 66.10 56.80
CA ARG NB 126 -18.24 67.05 57.85
C ARG NB 126 -19.61 66.70 58.46
N ASN NB 127 -19.81 67.12 59.71
CA ASN NB 127 -21.02 66.74 60.44
C ASN NB 127 -22.28 67.22 59.75
N ASN NB 128 -22.25 68.42 59.16
CA ASN NB 128 -23.42 68.97 58.50
C ASN NB 128 -23.52 68.59 57.04
N GLN NB 129 -22.61 67.74 56.55
CA GLN NB 129 -22.62 67.37 55.15
C GLN NB 129 -23.86 66.55 54.80
N ILE NB 130 -24.45 66.87 53.65
CA ILE NB 130 -25.60 66.13 53.14
C ILE NB 130 -25.22 65.19 52.01
N ARG NB 131 -24.20 65.51 51.22
CA ARG NB 131 -23.78 64.66 50.12
C ARG NB 131 -23.32 63.30 50.65
N LYS NB 132 -23.64 62.25 49.89
CA LYS NB 132 -23.28 60.90 50.30
C LYS NB 132 -21.77 60.69 50.28
N THR NB 133 -21.10 61.16 49.23
CA THR NB 133 -19.69 60.88 49.03
C THR NB 133 -18.84 62.09 49.40
N SER NB 134 -17.66 61.80 49.94
CA SER NB 134 -16.65 62.82 50.26
C SER NB 134 -15.39 62.43 49.49
N TYR NB 135 -15.31 62.85 48.25
CA TYR NB 135 -14.20 62.50 47.36
C TYR NB 135 -13.31 63.71 47.18
N ALA NB 136 -12.01 63.50 47.33
CA ALA NB 136 -11.03 64.53 47.04
C ALA NB 136 -10.60 64.42 45.58
N GLN NB 137 -10.46 65.56 44.93
CA GLN NB 137 -9.99 65.56 43.55
C GLN NB 137 -8.57 65.03 43.48
N HIS NB 138 -8.15 64.68 42.26
CA HIS NB 138 -6.85 64.03 42.07
C HIS NB 138 -5.71 64.92 42.56
N GLN NB 139 -5.78 66.22 42.26
CA GLN NB 139 -4.77 67.13 42.77
C GLN NB 139 -4.79 67.21 44.29
N GLN NB 140 -5.98 67.21 44.89
CA GLN NB 140 -6.08 67.24 46.35
C GLN NB 140 -5.32 66.08 46.95
N VAL NB 141 -5.54 64.87 46.42
CA VAL NB 141 -4.82 63.69 46.86
C VAL NB 141 -3.34 63.84 46.61
N ARG NB 142 -2.96 64.51 45.50
CA ARG NB 142 -1.54 64.60 45.18
C ARG NB 142 -0.80 65.48 46.17
N GLN NB 143 -1.34 66.67 46.50
CA GLN NB 143 -0.65 67.45 47.52
C GLN NB 143 -0.75 66.80 48.90
N ILE NB 144 -1.84 66.09 49.19
CA ILE NB 144 -1.92 65.39 50.46
C ILE NB 144 -0.81 64.35 50.57
N ARG NB 145 -0.61 63.58 49.49
CA ARG NB 145 0.41 62.55 49.48
C ARG NB 145 1.82 63.12 49.59
N LYS NB 146 2.11 64.19 48.84
CA LYS NB 146 3.44 64.75 48.94
C LYS NB 146 3.68 65.35 50.33
N LYS NB 147 2.66 65.98 50.92
CA LYS NB 147 2.81 66.57 52.24
C LYS NB 147 3.06 65.50 53.29
N MET NB 148 2.27 64.43 53.27
CA MET NB 148 2.45 63.37 54.24
C MET NB 148 3.81 62.69 54.07
N MET NB 149 4.26 62.50 52.81
CA MET NB 149 5.59 61.93 52.61
C MET NB 149 6.67 62.83 53.18
N GLU NB 150 6.60 64.14 52.91
CA GLU NB 150 7.70 65.01 53.31
C GLU NB 150 7.63 65.38 54.78
N ILE NB 151 6.55 65.07 55.50
CA ILE NB 151 6.57 65.25 56.94
C ILE NB 151 6.63 63.93 57.69
N MET NB 152 6.64 62.79 56.98
CA MET NB 152 7.03 61.55 57.63
C MET NB 152 8.46 61.15 57.31
N THR NB 153 9.10 61.80 56.33
CA THR NB 153 10.54 61.65 56.18
C THR NB 153 11.28 62.42 57.28
N ARG NB 154 11.05 63.74 57.33
CA ARG NB 154 11.84 64.63 58.18
C ARG NB 154 11.85 64.22 59.65
N GLU NB 155 10.91 63.38 60.07
CA GLU NB 155 10.92 62.82 61.41
C GLU NB 155 11.71 61.52 61.51
N VAL NB 156 12.57 61.24 60.54
CA VAL NB 156 13.35 60.01 60.55
C VAL NB 156 14.85 60.29 60.41
N GLN NB 157 15.25 61.02 59.37
CA GLN NB 157 16.67 61.23 59.17
C GLN NB 157 17.27 62.26 60.12
N THR NB 158 16.45 62.92 60.93
CA THR NB 158 16.92 63.91 61.86
C THR NB 158 17.18 63.33 63.25
N ASN NB 159 17.02 62.03 63.43
CA ASN NB 159 17.11 61.45 64.76
C ASN NB 159 17.40 59.95 64.68
N ASP NB 160 17.71 59.39 65.84
CA ASP NB 160 18.07 57.98 65.98
C ASP NB 160 16.82 57.10 65.93
N LEU NB 161 17.04 55.79 65.87
CA LEU NB 161 15.94 54.84 65.80
C LEU NB 161 15.12 54.84 67.08
N LYS NB 162 15.75 55.01 68.23
CA LYS NB 162 15.04 54.93 69.51
C LYS NB 162 13.97 56.02 69.62
N GLU NB 163 14.35 57.26 69.35
CA GLU NB 163 13.38 58.35 69.41
C GLU NB 163 12.54 58.46 68.15
N VAL NB 164 12.56 57.44 67.30
CA VAL NB 164 11.52 57.25 66.28
C VAL NB 164 10.52 56.20 66.73
N VAL NB 165 11.04 55.05 67.19
CA VAL NB 165 10.16 53.96 67.58
C VAL NB 165 9.35 54.34 68.81
N ASN NB 166 9.90 55.18 69.70
CA ASN NB 166 9.12 55.58 70.85
C ASN NB 166 8.01 56.56 70.46
N LYS NB 167 8.28 57.44 69.50
CA LYS NB 167 7.30 58.43 69.11
C LYS NB 167 6.24 57.87 68.17
N LEU NB 168 6.47 56.72 67.56
CA LEU NB 168 5.42 56.07 66.79
C LEU NB 168 4.62 55.07 67.61
N ILE NB 169 4.91 54.91 68.91
CA ILE NB 169 4.02 54.15 69.78
C ILE NB 169 2.64 54.80 69.90
N PRO NB 170 2.51 56.08 70.20
CA PRO NB 170 1.19 56.71 70.13
C PRO NB 170 0.85 57.29 68.76
N ASP NB 171 1.65 57.00 67.74
CA ASP NB 171 1.41 57.43 66.35
C ASP NB 171 1.27 58.94 66.26
N SER NB 172 2.27 59.65 66.79
CA SER NB 172 2.29 61.11 66.67
C SER NB 172 2.45 61.54 65.22
N ILE NB 173 3.11 60.72 64.40
CA ILE NB 173 3.37 61.06 63.01
C ILE NB 173 2.05 61.18 62.25
N GLY NB 174 1.20 60.16 62.37
CA GLY NB 174 -0.09 60.21 61.71
C GLY NB 174 -0.96 61.34 62.24
N LYS NB 175 -0.85 61.63 63.54
CA LYS NB 175 -1.65 62.70 64.13
C LYS NB 175 -1.24 64.06 63.57
N ASP NB 176 0.06 64.31 63.44
CA ASP NB 176 0.48 65.60 62.88
C ASP NB 176 0.24 65.66 61.37
N ILE NB 177 0.27 64.52 60.69
CA ILE NB 177 -0.14 64.51 59.29
C ILE NB 177 -1.61 64.90 59.19
N GLU NB 178 -2.44 64.36 60.08
CA GLU NB 178 -3.85 64.70 60.12
C GLU NB 178 -4.07 66.19 60.34
N LYS NB 179 -3.33 66.77 61.29
CA LYS NB 179 -3.49 68.20 61.57
C LYS NB 179 -3.06 69.04 60.38
N ALA NB 180 -1.95 68.67 59.73
CA ALA NB 180 -1.38 69.53 58.70
C ALA NB 180 -2.21 69.55 57.43
N CYS NB 181 -2.99 68.50 57.17
CA CYS NB 181 -3.73 68.37 55.93
C CYS NB 181 -5.14 68.93 56.00
N GLN NB 182 -5.53 69.52 57.13
CA GLN NB 182 -6.88 70.08 57.24
C GLN NB 182 -7.10 71.26 56.31
N SER NB 183 -6.03 71.92 55.88
CA SER NB 183 -6.13 73.01 54.92
C SER NB 183 -6.40 72.54 53.51
N ILE NB 184 -6.25 71.23 53.24
CA ILE NB 184 -6.52 70.69 51.92
C ILE NB 184 -7.87 70.00 51.93
N TYR NB 185 -8.00 68.97 52.77
CA TYR NB 185 -9.24 68.20 52.88
C TYR NB 185 -9.24 67.62 54.29
N PRO NB 186 -10.37 67.57 54.97
CA PRO NB 186 -10.39 66.96 56.31
C PRO NB 186 -10.07 65.47 56.24
N LEU NB 187 -9.22 65.03 57.16
CA LEU NB 187 -8.87 63.62 57.33
C LEU NB 187 -9.30 63.19 58.73
N HIS NB 188 -9.69 61.92 58.86
CA HIS NB 188 -10.08 61.42 60.18
C HIS NB 188 -9.21 60.26 60.64
N ASP NB 189 -8.98 59.27 59.80
CA ASP NB 189 -8.24 58.08 60.20
C ASP NB 189 -6.89 58.10 59.48
N VAL NB 190 -5.89 58.70 60.13
CA VAL NB 190 -4.54 58.77 59.62
C VAL NB 190 -3.65 58.01 60.58
N PHE NB 191 -2.96 56.99 60.07
CA PHE NB 191 -2.06 56.16 60.86
C PHE NB 191 -0.88 55.75 60.02
N VAL NB 192 0.26 55.55 60.66
CA VAL NB 192 1.39 54.92 60.01
C VAL NB 192 1.05 53.44 59.91
N ARG NB 193 0.56 53.02 58.74
CA ARG NB 193 0.00 51.69 58.61
C ARG NB 193 1.05 50.61 58.81
N LYS NB 194 2.26 50.83 58.28
CA LYS NB 194 3.29 49.82 58.35
C LYS NB 194 4.64 50.48 58.15
N VAL NB 195 5.64 49.97 58.85
CA VAL NB 195 7.04 50.26 58.56
C VAL NB 195 7.80 48.94 58.56
N LYS NB 196 8.71 48.78 57.61
CA LYS NB 196 9.48 47.57 57.49
C LYS NB 196 10.97 47.89 57.43
N MET NB 197 11.76 47.01 58.02
CA MET NB 197 13.20 47.21 58.12
C MET NB 197 13.88 46.68 56.87
N LEU NB 198 14.72 47.52 56.27
CA LEU NB 198 15.41 47.18 55.04
C LEU NB 198 16.90 46.95 55.22
N LYS NB 199 17.60 47.89 55.85
CA LYS NB 199 19.04 47.80 56.03
C LYS NB 199 19.37 48.06 57.49
N LYS NB 200 20.09 47.11 58.12
CA LYS NB 200 20.46 47.28 59.51
C LYS NB 200 21.96 47.48 59.66
N PRO NB 201 22.39 48.30 60.61
CA PRO NB 201 23.84 48.56 60.80
C PRO NB 201 24.56 47.55 61.68
N LYS NB 202 24.88 46.40 61.07
CA LYS NB 202 25.91 45.44 61.46
C LYS NB 202 25.78 44.86 62.87
N PHE NB 203 24.73 45.21 63.61
CA PHE NB 203 24.43 44.65 64.93
C PHE NB 203 25.63 44.87 65.88
N GLU NB 204 25.81 46.13 66.25
CA GLU NB 204 26.82 46.46 67.24
C GLU NB 204 26.22 46.26 68.63
N LEU NB 205 26.95 45.55 69.49
CA LEU NB 205 26.39 45.06 70.75
C LEU NB 205 26.04 46.19 71.71
N GLY NB 206 26.88 47.23 71.77
CA GLY NB 206 26.64 48.31 72.72
C GLY NB 206 25.37 49.08 72.43
N LYS NB 207 25.07 49.30 71.15
CA LYS NB 207 23.82 49.95 70.78
C LYS NB 207 22.63 49.13 71.26
N LEU NB 208 22.70 47.81 71.07
CA LEU NB 208 21.61 46.95 71.53
C LEU NB 208 21.48 47.00 73.05
N MET NB 209 22.60 46.96 73.77
CA MET NB 209 22.53 46.93 75.22
C MET NB 209 21.99 48.23 75.79
N GLU NB 210 22.45 49.38 75.27
CA GLU NB 210 21.88 50.63 75.72
C GLU NB 210 20.46 50.83 75.24
N LEU NB 211 20.06 50.14 74.17
CA LEU NB 211 18.67 50.17 73.76
C LEU NB 211 17.81 49.31 74.68
N HIS NB 212 18.43 48.34 75.35
CA HIS NB 212 17.76 47.57 76.39
C HIS NB 212 18.00 48.16 77.78
N GLY NB 213 19.26 48.31 78.15
CA GLY NB 213 19.59 48.84 79.46
C GLY NB 213 19.51 50.35 79.54
N GLU NB 214 20.43 50.97 80.28
CA GLU NB 214 20.45 52.42 80.42
C GLU NB 214 21.23 53.06 79.28
N GLU OB 1 -92.36 51.76 32.31
CA GLU OB 1 -91.60 50.63 32.81
C GLU OB 1 -90.10 50.94 32.79
N TRP OB 2 -89.75 52.16 32.42
CA TRP OB 2 -88.36 52.60 32.34
C TRP OB 2 -88.08 53.47 33.57
N MET OB 3 -87.30 52.94 34.50
CA MET OB 3 -86.95 53.69 35.69
C MET OB 3 -85.52 54.19 35.54
N PRO OB 4 -85.30 55.46 35.20
CA PRO OB 4 -83.93 55.94 35.03
C PRO OB 4 -83.30 56.34 36.35
N VAL OB 5 -82.00 56.06 36.46
CA VAL OB 5 -81.20 56.56 37.57
C VAL OB 5 -80.08 57.40 36.97
N THR OB 6 -80.39 58.68 36.75
CA THR OB 6 -79.49 59.71 36.26
C THR OB 6 -80.26 61.01 36.30
N LYS OB 7 -79.60 62.10 36.70
CA LYS OB 7 -80.24 63.40 36.62
C LYS OB 7 -80.60 63.73 35.18
N LEU OB 8 -79.68 63.49 34.24
CA LEU OB 8 -79.96 63.70 32.83
C LEU OB 8 -81.00 62.71 32.34
N GLY OB 9 -80.98 61.47 32.85
CA GLY OB 9 -82.01 60.52 32.51
C GLY OB 9 -83.38 60.93 33.01
N ARG OB 10 -83.43 61.51 34.22
CA ARG OB 10 -84.69 62.04 34.72
C ARG OB 10 -85.18 63.19 33.86
N LEU OB 11 -84.26 64.09 33.46
CA LEU OB 11 -84.66 65.22 32.63
C LEU OB 11 -85.16 64.78 31.26
N VAL OB 12 -84.52 63.77 30.66
CA VAL OB 12 -84.98 63.32 29.35
C VAL OB 12 -86.27 62.53 29.48
N LYS OB 13 -86.50 61.89 30.63
CA LYS OB 13 -87.74 61.13 30.82
C LYS OB 13 -88.96 62.04 30.79
N ASP OB 14 -88.95 63.09 31.61
CA ASP OB 14 -90.13 63.90 31.85
C ASP OB 14 -90.23 65.08 30.89
N MET OB 15 -89.70 64.94 29.67
CA MET OB 15 -89.91 65.89 28.58
C MET OB 15 -89.40 67.28 28.96
N LYS OB 16 -88.09 67.37 29.19
CA LYS OB 16 -87.45 68.63 29.54
C LYS OB 16 -86.29 69.00 28.64
N ILE OB 17 -85.53 68.02 28.15
CA ILE OB 17 -84.54 68.25 27.11
C ILE OB 17 -85.18 67.88 25.78
N LYS OB 18 -85.17 68.82 24.83
CA LYS OB 18 -85.99 68.64 23.64
C LYS OB 18 -85.28 67.86 22.54
N SER OB 19 -83.95 67.93 22.47
CA SER OB 19 -83.22 67.29 21.39
C SER OB 19 -82.02 66.55 22.00
N LEU OB 20 -81.16 66.04 21.13
CA LEU OB 20 -79.98 65.33 21.57
C LEU OB 20 -78.73 66.21 21.64
N GLU OB 21 -78.76 67.37 20.99
CA GLU OB 21 -77.56 68.16 20.81
C GLU OB 21 -77.22 69.05 21.99
N GLU OB 22 -78.17 69.27 22.91
CA GLU OB 22 -77.82 69.99 24.13
C GLU OB 22 -76.90 69.16 25.03
N ILE OB 23 -77.05 67.84 25.00
CA ILE OB 23 -76.10 66.98 25.70
C ILE OB 23 -74.75 66.99 24.98
N TYR OB 24 -74.78 66.88 23.65
CA TYR OB 24 -73.56 66.97 22.87
C TYR OB 24 -72.90 68.33 22.99
N LEU OB 25 -73.69 69.36 23.30
CA LEU OB 25 -73.12 70.69 23.54
C LEU OB 25 -72.20 70.69 24.75
N PHE OB 26 -72.61 70.01 25.83
CA PHE OB 26 -71.92 70.08 27.11
C PHE OB 26 -71.12 68.84 27.44
N SER OB 27 -70.98 67.91 26.50
CA SER OB 27 -70.14 66.71 26.67
C SER OB 27 -70.59 65.86 27.85
N LEU OB 28 -71.87 65.94 28.20
CA LEU OB 28 -72.38 65.16 29.32
C LEU OB 28 -72.43 63.69 28.95
N PRO OB 29 -71.86 62.80 29.76
CA PRO OB 29 -71.85 61.37 29.40
C PRO OB 29 -73.25 60.78 29.42
N ILE OB 30 -73.46 59.80 28.55
CA ILE OB 30 -74.71 59.05 28.48
C ILE OB 30 -74.47 57.70 29.11
N LYS OB 31 -75.20 57.40 30.19
CA LYS OB 31 -74.94 56.21 30.99
C LYS OB 31 -76.10 55.23 30.95
N GLU OB 32 -77.13 55.48 30.16
CA GLU OB 32 -78.19 54.50 29.96
C GLU OB 32 -78.67 54.59 28.53
N SER OB 33 -78.93 53.42 27.94
CA SER OB 33 -79.15 53.34 26.49
C SER OB 33 -80.46 53.98 26.07
N GLU OB 34 -81.48 53.95 26.93
CA GLU OB 34 -82.82 54.34 26.52
C GLU OB 34 -82.93 55.83 26.30
N ILE OB 35 -81.91 56.61 26.65
CA ILE OB 35 -81.96 58.05 26.46
C ILE OB 35 -82.13 58.39 24.97
N ILE OB 36 -81.41 57.69 24.10
CA ILE OB 36 -81.32 58.12 22.71
C ILE OB 36 -82.54 57.68 21.89
N ASP OB 37 -83.07 56.48 22.11
CA ASP OB 37 -84.22 56.06 21.32
C ASP OB 37 -85.50 56.75 21.77
N PHE OB 38 -85.45 57.44 22.91
CA PHE OB 38 -86.46 58.46 23.18
C PHE OB 38 -86.38 59.58 22.16
N PHE OB 39 -85.16 59.97 21.79
CA PHE OB 39 -84.94 61.00 20.79
C PHE OB 39 -84.90 60.44 19.37
N LEU OB 40 -84.10 59.40 19.15
CA LEU OB 40 -84.02 58.76 17.84
C LEU OB 40 -84.94 57.54 17.80
N GLY OB 41 -86.23 57.83 17.90
CA GLY OB 41 -87.25 56.80 17.91
C GLY OB 41 -87.52 56.18 16.56
N ALA OB 42 -87.31 54.87 16.45
CA ALA OB 42 -87.55 54.07 15.25
C ALA OB 42 -86.76 54.55 14.03
N SER OB 43 -85.72 55.36 14.24
CA SER OB 43 -84.86 55.81 13.16
C SER OB 43 -83.44 55.28 13.28
N LEU OB 44 -83.13 54.54 14.34
CA LEU OB 44 -81.79 54.00 14.56
C LEU OB 44 -81.69 52.66 13.85
N LYS OB 45 -81.08 52.65 12.68
CA LYS OB 45 -80.89 51.41 11.94
C LYS OB 45 -79.82 50.57 12.61
N ASP OB 46 -79.90 49.26 12.39
CA ASP OB 46 -79.03 48.29 13.04
C ASP OB 46 -78.39 47.38 12.02
N GLU OB 47 -77.12 47.05 12.24
CA GLU OB 47 -76.43 46.08 11.41
C GLU OB 47 -75.26 45.50 12.19
N VAL OB 48 -75.15 44.18 12.18
CA VAL OB 48 -74.08 43.49 12.88
C VAL OB 48 -72.88 43.36 11.95
N LEU OB 49 -71.71 43.72 12.44
CA LEU OB 49 -70.52 43.78 11.60
C LEU OB 49 -69.84 42.43 11.48
N LYS OB 50 -69.50 41.82 12.60
CA LYS OB 50 -68.83 40.52 12.60
C LYS OB 50 -69.00 39.89 13.98
N ILE OB 51 -69.06 38.57 14.00
CA ILE OB 51 -69.05 37.79 15.23
C ILE OB 51 -67.73 37.01 15.24
N MET OB 52 -66.90 37.26 16.25
CA MET OB 52 -65.62 36.58 16.32
C MET OB 52 -65.54 35.74 17.58
N PRO OB 53 -65.21 34.45 17.47
CA PRO OB 53 -65.12 33.54 18.62
C PRO OB 53 -63.75 33.51 19.31
N VAL OB 54 -63.52 34.49 20.20
CA VAL OB 54 -62.30 34.50 20.99
C VAL OB 54 -62.29 33.31 21.95
N GLN OB 55 -61.09 32.89 22.35
CA GLN OB 55 -60.93 31.69 23.16
C GLN OB 55 -59.93 31.96 24.26
N LYS OB 56 -60.25 31.53 25.47
CA LYS OB 56 -59.33 31.59 26.61
C LYS OB 56 -59.01 30.17 27.04
N GLN OB 57 -57.73 29.79 26.91
CA GLN OB 57 -57.30 28.46 27.29
C GLN OB 57 -57.35 28.30 28.80
N THR OB 58 -57.85 27.15 29.24
CA THR OB 58 -58.01 26.86 30.67
C THR OB 58 -57.49 25.48 31.02
N ARG OB 59 -57.77 25.04 32.24
CA ARG OB 59 -57.36 23.70 32.69
C ARG OB 59 -58.00 22.61 31.85
N ALA OB 60 -59.33 22.65 31.72
CA ALA OB 60 -60.07 21.64 30.98
C ALA OB 60 -60.36 22.15 29.58
N GLY OB 61 -59.33 22.09 28.73
CA GLY OB 61 -59.48 22.62 27.41
C GLY OB 61 -59.60 24.13 27.43
N GLN OB 62 -60.26 24.67 26.41
CA GLN OB 62 -60.48 26.09 26.28
C GLN OB 62 -61.96 26.37 26.08
N ARG OB 63 -62.39 27.55 26.52
CA ARG OB 63 -63.77 27.98 26.39
C ARG OB 63 -63.86 29.17 25.46
N THR OB 64 -64.98 29.27 24.74
CA THR OB 64 -65.17 30.25 23.69
C THR OB 64 -66.23 31.26 24.08
N ARG OB 65 -65.90 32.55 23.93
CA ARG OB 65 -66.87 33.61 23.98
C ARG OB 65 -66.94 34.29 22.62
N PHE OB 66 -68.08 34.90 22.34
CA PHE OB 66 -68.32 35.55 21.06
C PHE OB 66 -68.34 37.06 21.25
N LYS OB 67 -67.54 37.77 20.45
CA LYS OB 67 -67.48 39.22 20.50
C LYS OB 67 -68.25 39.77 19.31
N ALA OB 68 -69.26 40.58 19.60
CA ALA OB 68 -70.16 41.10 18.57
C ALA OB 68 -69.87 42.58 18.35
N PHE OB 69 -69.67 42.95 17.08
CA PHE OB 69 -69.54 44.33 16.69
C PHE OB 69 -70.84 44.77 16.05
N VAL OB 70 -71.45 45.82 16.60
CA VAL OB 70 -72.72 46.33 16.11
C VAL OB 70 -72.59 47.84 15.91
N ALA OB 71 -72.93 48.31 14.72
CA ALA OB 71 -72.99 49.73 14.42
C ALA OB 71 -74.43 50.16 14.27
N ILE OB 72 -74.80 51.24 14.96
CA ILE OB 72 -76.14 51.79 14.88
C ILE OB 72 -76.04 53.26 14.58
N GLY OB 73 -77.11 53.81 14.02
CA GLY OB 73 -77.13 55.23 13.70
C GLY OB 73 -78.10 55.57 12.59
N ASP OB 74 -78.83 56.66 12.77
CA ASP OB 74 -79.69 57.16 11.72
C ASP OB 74 -78.85 57.72 10.58
N TYR OB 75 -79.46 57.81 9.40
CA TYR OB 75 -78.76 58.29 8.22
C TYR OB 75 -78.82 59.80 8.10
N ASN OB 76 -78.57 60.50 9.22
CA ASN OB 76 -78.69 61.95 9.23
C ASN OB 76 -77.57 62.66 9.99
N GLY OB 77 -76.65 61.94 10.62
CA GLY OB 77 -75.57 62.61 11.33
C GLY OB 77 -75.20 62.02 12.67
N HIS OB 78 -75.81 60.90 13.04
CA HIS OB 78 -75.48 60.21 14.27
C HIS OB 78 -75.08 58.77 13.96
N VAL OB 79 -74.09 58.26 14.69
CA VAL OB 79 -73.61 56.90 14.47
C VAL OB 79 -72.99 56.41 15.77
N GLY OB 80 -73.04 55.11 15.99
CA GLY OB 80 -72.41 54.51 17.16
C GLY OB 80 -71.85 53.15 16.81
N LEU OB 81 -70.89 52.71 17.61
CA LEU OB 81 -70.26 51.42 17.43
C LEU OB 81 -70.17 50.72 18.79
N GLY OB 82 -70.60 49.46 18.83
CA GLY OB 82 -70.62 48.73 20.08
C GLY OB 82 -69.93 47.39 19.99
N VAL OB 83 -69.00 47.13 20.91
CA VAL OB 83 -68.22 45.91 20.94
C VAL OB 83 -68.48 45.22 22.28
N LYS OB 84 -69.12 44.06 22.24
CA LYS OB 84 -69.48 43.34 23.45
C LYS OB 84 -69.13 41.87 23.29
N CYS OB 85 -68.52 41.31 24.33
CA CYS OB 85 -68.09 39.91 24.32
C CYS OB 85 -68.89 39.15 25.38
N SER OB 86 -69.41 37.99 25.00
CA SER OB 86 -70.31 37.25 25.88
C SER OB 86 -70.23 35.76 25.56
N LYS OB 87 -70.75 34.95 26.49
CA LYS OB 87 -70.81 33.51 26.29
C LYS OB 87 -71.76 33.15 25.15
N GLU OB 88 -72.90 33.82 25.09
CA GLU OB 88 -73.94 33.53 24.11
C GLU OB 88 -73.91 34.55 22.99
N VAL OB 89 -74.36 34.13 21.81
CA VAL OB 89 -74.39 35.03 20.66
C VAL OB 89 -75.43 36.12 20.86
N ALA OB 90 -76.65 35.73 21.27
CA ALA OB 90 -77.72 36.70 21.42
C ALA OB 90 -77.42 37.72 22.51
N THR OB 91 -76.85 37.26 23.63
CA THR OB 91 -76.47 38.18 24.70
C THR OB 91 -75.42 39.16 24.21
N ALA OB 92 -74.45 38.67 23.45
CA ALA OB 92 -73.42 39.54 22.89
C ALA OB 92 -74.02 40.57 21.95
N ILE OB 93 -74.98 40.16 21.11
CA ILE OB 93 -75.60 41.08 20.17
C ILE OB 93 -76.36 42.17 20.92
N ARG OB 94 -77.14 41.78 21.92
CA ARG OB 94 -77.89 42.76 22.70
C ARG OB 94 -76.95 43.71 23.43
N GLY OB 95 -75.89 43.18 24.01
CA GLY OB 95 -74.93 44.03 24.70
C GLY OB 95 -74.23 44.99 23.76
N ALA OB 96 -73.88 44.52 22.56
CA ALA OB 96 -73.26 45.40 21.57
C ALA OB 96 -74.21 46.50 21.14
N ILE OB 97 -75.49 46.15 20.99
CA ILE OB 97 -76.50 47.17 20.65
C ILE OB 97 -76.58 48.21 21.75
N ILE OB 98 -76.61 47.78 23.01
CA ILE OB 98 -76.68 48.72 24.12
C ILE OB 98 -75.44 49.60 24.18
N LEU OB 99 -74.26 49.00 23.99
CA LEU OB 99 -73.02 49.76 24.05
C LEU OB 99 -72.93 50.77 22.92
N ALA OB 100 -73.37 50.40 21.72
CA ALA OB 100 -73.43 51.36 20.62
C ALA OB 100 -74.48 52.43 20.88
N LYS OB 101 -75.56 52.08 21.60
CA LYS OB 101 -76.53 53.09 22.00
C LYS OB 101 -75.91 54.10 22.95
N LEU OB 102 -75.01 53.63 23.82
CA LEU OB 102 -74.30 54.55 24.69
C LEU OB 102 -73.39 55.48 23.89
N SER OB 103 -72.66 54.93 22.93
CA SER OB 103 -71.64 55.69 22.20
C SER OB 103 -72.15 56.24 20.88
N ILE OB 104 -73.25 56.97 20.90
CA ILE OB 104 -73.75 57.65 19.70
C ILE OB 104 -73.14 59.04 19.66
N VAL OB 105 -72.45 59.37 18.57
CA VAL OB 105 -71.73 60.63 18.46
C VAL OB 105 -72.24 61.42 17.26
N PRO OB 106 -72.25 62.75 17.31
CA PRO OB 106 -72.69 63.53 16.16
C PRO OB 106 -71.62 63.56 15.08
N VAL OB 107 -72.07 63.81 13.85
CA VAL OB 107 -71.20 63.82 12.69
C VAL OB 107 -71.36 65.15 11.97
N ARG OB 108 -70.23 65.80 11.67
CA ARG OB 108 -70.24 67.06 10.94
C ARG OB 108 -70.08 66.80 9.45
N ARG OB 109 -70.99 67.36 8.66
CA ARG OB 109 -70.96 67.20 7.21
C ARG OB 109 -70.54 68.53 6.58
N GLY OB 110 -69.55 68.46 5.68
CA GLY OB 110 -69.05 69.62 4.98
C GLY OB 110 -69.38 69.58 3.50
N TYR OB 111 -68.67 70.42 2.75
CA TYR OB 111 -68.84 70.53 1.31
C TYR OB 111 -67.50 70.38 0.61
N TRP OB 112 -67.50 69.69 -0.53
CA TRP OB 112 -66.29 69.57 -1.33
C TRP OB 112 -65.90 70.91 -1.95
N GLY OB 113 -66.88 71.74 -2.26
CA GLY OB 113 -66.66 73.02 -2.88
C GLY OB 113 -67.95 73.53 -3.48
N ASN OB 114 -68.15 74.85 -3.51
CA ASN OB 114 -69.40 75.45 -3.97
C ASN OB 114 -70.57 74.94 -3.15
N LYS OB 115 -70.57 75.36 -1.88
CA LYS OB 115 -71.64 75.07 -0.94
C LYS OB 115 -72.99 75.45 -1.54
N ILE OB 116 -73.84 74.46 -1.81
CA ILE OB 116 -75.10 74.73 -2.53
C ILE OB 116 -76.29 74.40 -1.64
N GLY OB 117 -76.41 73.14 -1.25
CA GLY OB 117 -77.56 72.71 -0.48
C GLY OB 117 -77.18 72.00 0.79
N LYS OB 118 -77.76 70.83 1.03
CA LYS OB 118 -77.40 70.06 2.19
C LYS OB 118 -76.00 69.49 2.02
N PRO OB 119 -75.19 69.49 3.08
CA PRO OB 119 -73.81 69.01 2.96
C PRO OB 119 -73.78 67.51 2.68
N HIS OB 120 -72.72 67.09 2.00
CA HIS OB 120 -72.64 65.74 1.47
C HIS OB 120 -71.37 65.00 1.84
N THR OB 121 -70.39 65.64 2.45
CA THR OB 121 -69.10 65.02 2.67
C THR OB 121 -68.50 65.54 3.97
N VAL OB 122 -67.36 64.98 4.34
CA VAL OB 122 -66.63 65.41 5.53
C VAL OB 122 -66.11 66.82 5.29
N PRO OB 123 -66.03 67.66 6.33
CA PRO OB 123 -65.53 69.03 6.11
C PRO OB 123 -64.10 69.09 5.62
N CYS OB 124 -63.28 68.12 5.99
CA CYS OB 124 -61.87 68.10 5.60
C CYS OB 124 -61.38 66.66 5.73
N LYS OB 125 -60.13 66.44 5.38
CA LYS OB 125 -59.53 65.12 5.53
C LYS OB 125 -59.19 64.90 7.01
N VAL OB 126 -59.82 63.89 7.61
CA VAL OB 126 -59.62 63.56 9.01
C VAL OB 126 -59.02 62.16 9.07
N THR OB 127 -58.35 61.89 10.19
CA THR OB 127 -57.62 60.64 10.37
C THR OB 127 -58.16 59.89 11.58
N GLY OB 128 -58.47 58.61 11.39
CA GLY OB 128 -58.76 57.71 12.48
C GLY OB 128 -57.58 56.79 12.71
N ARG OB 129 -57.51 56.20 13.89
CA ARG OB 129 -56.37 55.37 14.24
C ARG OB 129 -56.76 54.41 15.36
N CYS OB 130 -56.59 53.12 15.11
CA CYS OB 130 -56.83 52.09 16.12
C CYS OB 130 -55.94 50.90 15.82
N GLY OB 131 -55.13 50.50 16.79
CA GLY OB 131 -54.13 49.47 16.52
C GLY OB 131 -53.15 49.99 15.49
N SER OB 132 -52.85 49.16 14.50
CA SER OB 132 -52.02 49.59 13.38
C SER OB 132 -52.84 50.11 12.22
N VAL OB 133 -54.16 50.20 12.37
CA VAL OB 133 -55.04 50.66 11.30
C VAL OB 133 -55.14 52.17 11.36
N LEU OB 134 -54.79 52.83 10.25
CA LEU OB 134 -54.97 54.26 10.07
C LEU OB 134 -55.99 54.46 8.95
N VAL OB 135 -57.02 55.25 9.23
CA VAL OB 135 -58.11 55.49 8.29
C VAL OB 135 -58.21 56.98 8.05
N ARG OB 136 -58.31 57.36 6.78
CA ARG OB 136 -58.40 58.76 6.36
C ARG OB 136 -59.67 58.96 5.54
N LEU OB 137 -60.32 60.10 5.73
CA LEU OB 137 -61.60 60.39 5.07
C LEU OB 137 -61.44 61.68 4.26
N ILE OB 138 -61.13 61.55 2.99
CA ILE OB 138 -60.96 62.71 2.11
C ILE OB 138 -62.33 63.16 1.61
N PRO OB 139 -62.63 64.46 1.63
CA PRO OB 139 -63.91 64.92 1.08
C PRO OB 139 -64.01 64.65 -0.41
N ALA OB 140 -65.24 64.44 -0.87
CA ALA OB 140 -65.50 64.08 -2.25
C ALA OB 140 -66.63 64.93 -2.81
N PRO OB 141 -66.64 65.16 -4.13
CA PRO OB 141 -67.73 65.93 -4.73
C PRO OB 141 -69.04 65.17 -4.70
N ARG OB 142 -70.11 65.87 -5.09
CA ARG OB 142 -71.45 65.30 -5.06
C ARG OB 142 -71.57 64.13 -6.01
N GLY OB 143 -72.19 63.05 -5.54
CA GLY OB 143 -72.54 61.93 -6.37
C GLY OB 143 -71.51 60.82 -6.45
N THR OB 144 -70.29 61.04 -5.95
CA THR OB 144 -69.29 59.98 -5.98
C THR OB 144 -69.63 58.85 -5.03
N GLY OB 145 -70.45 59.11 -4.02
CA GLY OB 145 -70.72 58.11 -3.02
C GLY OB 145 -69.51 57.88 -2.13
N ILE OB 146 -69.60 56.85 -1.31
CA ILE OB 146 -68.51 56.44 -0.45
C ILE OB 146 -67.66 55.43 -1.21
N VAL OB 147 -66.37 55.71 -1.33
CA VAL OB 147 -65.42 54.75 -1.88
C VAL OB 147 -64.50 54.31 -0.75
N SER OB 148 -64.61 53.04 -0.37
CA SER OB 148 -63.89 52.52 0.79
C SER OB 148 -64.09 51.01 0.84
N ALA OB 149 -63.57 50.40 1.91
CA ALA OB 149 -63.84 49.03 2.22
C ALA OB 149 -65.30 48.87 2.63
N PRO OB 150 -65.87 47.66 2.51
CA PRO OB 150 -67.31 47.50 2.76
C PRO OB 150 -67.76 47.92 4.15
N VAL OB 151 -66.95 47.70 5.18
CA VAL OB 151 -67.39 47.99 6.54
C VAL OB 151 -67.34 49.50 6.77
N PRO OB 152 -66.25 50.23 6.45
CA PRO OB 152 -66.36 51.69 6.43
C PRO OB 152 -67.43 52.20 5.51
N LYS OB 153 -67.68 51.54 4.39
CA LYS OB 153 -68.65 52.06 3.45
C LYS OB 153 -70.06 52.03 4.05
N LYS OB 154 -70.44 50.89 4.63
CA LYS OB 154 -71.76 50.82 5.28
C LYS OB 154 -71.81 51.78 6.47
N LEU OB 155 -70.72 51.88 7.22
CA LEU OB 155 -70.69 52.81 8.35
C LEU OB 155 -70.86 54.25 7.90
N LEU OB 156 -70.23 54.62 6.79
CA LEU OB 156 -70.29 55.98 6.29
C LEU OB 156 -71.66 56.32 5.72
N MET OB 157 -72.33 55.37 5.06
CA MET OB 157 -73.72 55.64 4.71
C MET OB 157 -74.58 55.80 5.96
N MET OB 158 -74.47 54.87 6.90
CA MET OB 158 -75.37 54.92 8.05
C MET OB 158 -74.96 55.96 9.08
N ALA OB 159 -73.82 56.61 8.88
CA ALA OB 159 -73.48 57.79 9.68
C ALA OB 159 -74.14 59.05 9.17
N GLY OB 160 -74.47 59.11 7.88
CA GLY OB 160 -75.06 60.30 7.28
C GLY OB 160 -74.21 60.94 6.20
N ILE OB 161 -72.98 60.48 6.00
CA ILE OB 161 -72.14 61.03 4.93
C ILE OB 161 -72.62 60.48 3.59
N ASP OB 162 -72.64 61.35 2.58
CA ASP OB 162 -73.08 60.96 1.25
C ASP OB 162 -71.93 60.60 0.32
N ASP OB 163 -70.87 61.40 0.30
CA ASP OB 163 -69.73 61.15 -0.57
C ASP OB 163 -68.45 61.29 0.23
N CYS OB 164 -67.45 60.45 -0.08
CA CYS OB 164 -66.18 60.50 0.64
C CYS OB 164 -65.11 59.67 -0.05
N TYR OB 165 -63.92 60.23 -0.21
CA TYR OB 165 -62.75 59.44 -0.56
C TYR OB 165 -62.09 58.95 0.72
N THR OB 166 -61.45 57.78 0.63
CA THR OB 166 -60.91 57.14 1.81
C THR OB 166 -59.51 56.62 1.55
N SER OB 167 -58.77 56.41 2.64
CA SER OB 167 -57.45 55.79 2.60
C SER OB 167 -57.28 54.95 3.85
N ALA OB 168 -56.69 53.77 3.69
CA ALA OB 168 -56.47 52.87 4.81
C ALA OB 168 -55.06 52.29 4.74
N ARG OB 169 -54.38 52.29 5.88
CA ARG OB 169 -53.07 51.66 6.01
C ARG OB 169 -53.05 50.80 7.27
N GLY OB 170 -52.31 49.71 7.20
CA GLY OB 170 -52.20 48.78 8.31
C GLY OB 170 -52.92 47.48 8.01
N CYS OB 171 -52.98 46.62 9.02
CA CYS OB 171 -53.64 45.32 8.89
C CYS OB 171 -55.14 45.55 8.91
N THR OB 172 -55.69 45.83 7.73
CA THR OB 172 -57.12 46.09 7.60
C THR OB 172 -57.97 44.86 7.79
N ALA OB 173 -57.36 43.67 7.83
CA ALA OB 173 -58.12 42.45 8.03
C ALA OB 173 -58.74 42.39 9.41
N THR OB 174 -58.14 43.08 10.38
CA THR OB 174 -58.70 43.12 11.72
C THR OB 174 -59.97 43.97 11.71
N LEU OB 175 -61.12 43.32 11.62
CA LEU OB 175 -62.37 44.05 11.42
C LEU OB 175 -62.70 44.95 12.61
N GLY OB 176 -62.43 44.48 13.83
CA GLY OB 176 -62.72 45.30 14.99
C GLY OB 176 -61.90 46.57 15.04
N ASN OB 177 -60.58 46.43 14.88
CA ASN OB 177 -59.72 47.61 14.90
C ASN OB 177 -59.99 48.51 13.71
N PHE OB 178 -60.29 47.93 12.56
CA PHE OB 178 -60.50 48.71 11.34
C PHE OB 178 -61.79 49.52 11.43
N ALA OB 179 -62.87 48.89 11.91
CA ALA OB 179 -64.11 49.62 12.16
C ALA OB 179 -63.94 50.66 13.25
N LYS OB 180 -63.17 50.34 14.29
CA LYS OB 180 -62.97 51.31 15.36
C LYS OB 180 -62.17 52.52 14.88
N ALA OB 181 -61.20 52.30 13.99
CA ALA OB 181 -60.45 53.41 13.42
C ALA OB 181 -61.36 54.28 12.54
N THR OB 182 -62.23 53.64 11.76
CA THR OB 182 -63.20 54.43 10.99
C THR OB 182 -64.10 55.24 11.90
N PHE OB 183 -64.56 54.64 13.00
CA PHE OB 183 -65.43 55.35 13.93
C PHE OB 183 -64.69 56.51 14.58
N ASP OB 184 -63.41 56.33 14.93
CA ASP OB 184 -62.62 57.41 15.49
C ASP OB 184 -62.47 58.54 14.49
N ALA OB 185 -62.24 58.22 13.22
CA ALA OB 185 -62.18 59.25 12.19
C ALA OB 185 -63.51 59.99 12.08
N ILE OB 186 -64.62 59.27 12.16
CA ILE OB 186 -65.93 59.90 12.08
C ILE OB 186 -66.19 60.77 13.30
N SER OB 187 -65.75 60.33 14.48
CA SER OB 187 -66.09 61.03 15.70
C SER OB 187 -65.46 62.41 15.77
N LYS OB 188 -64.23 62.56 15.28
CA LYS OB 188 -63.50 63.80 15.45
C LYS OB 188 -63.77 64.81 14.33
N THR OB 189 -64.93 64.71 13.67
CA THR OB 189 -65.30 65.73 12.70
C THR OB 189 -65.49 67.08 13.38
N TYR OB 190 -66.16 67.11 14.53
CA TYR OB 190 -66.28 68.35 15.28
C TYR OB 190 -65.02 68.71 16.05
N SER OB 191 -64.17 67.72 16.37
CA SER OB 191 -62.95 68.04 17.12
C SER OB 191 -62.04 68.94 16.31
N TYR OB 192 -62.09 68.87 14.99
CA TYR OB 192 -61.29 69.76 14.16
C TYR OB 192 -61.82 71.19 14.25
N LEU OB 193 -60.92 72.15 14.22
CA LEU OB 193 -61.26 73.56 14.30
C LEU OB 193 -61.14 74.20 12.93
N THR OB 194 -62.21 74.85 12.48
CA THR OB 194 -62.29 75.43 11.16
C THR OB 194 -62.65 76.91 11.26
N PRO OB 195 -62.27 77.73 10.28
CA PRO OB 195 -62.42 79.19 10.43
C PRO OB 195 -63.85 79.66 10.64
N ASP OB 196 -64.83 78.91 10.13
CA ASP OB 196 -66.22 79.28 10.40
C ASP OB 196 -66.59 79.13 11.86
N LEU OB 197 -65.84 78.35 12.61
CA LEU OB 197 -66.04 78.17 14.05
C LEU OB 197 -65.21 79.15 14.88
N TRP OB 198 -64.51 80.08 14.23
CA TRP OB 198 -63.64 80.99 14.94
C TRP OB 198 -64.39 81.99 15.80
N LYS OB 199 -65.69 82.17 15.57
CA LYS OB 199 -66.46 83.13 16.34
C LYS OB 199 -66.51 82.73 17.80
N GLU OB 200 -66.38 83.71 18.69
CA GLU OB 200 -66.34 83.46 20.12
C GLU OB 200 -67.65 82.84 20.58
N THR OB 201 -67.56 81.75 21.32
CA THR OB 201 -68.74 80.99 21.70
C THR OB 201 -69.50 81.70 22.82
N VAL OB 202 -70.79 81.88 22.64
CA VAL OB 202 -71.68 82.31 23.71
C VAL OB 202 -72.16 81.07 24.45
N PHE OB 203 -72.32 81.19 25.76
CA PHE OB 203 -72.62 80.06 26.62
C PHE OB 203 -74.08 80.11 27.06
N THR OB 204 -74.72 78.96 27.09
CA THR OB 204 -76.08 78.83 27.58
C THR OB 204 -76.07 78.30 29.02
N LYS OB 205 -77.26 78.16 29.59
CA LYS OB 205 -77.39 77.58 30.92
C LYS OB 205 -77.32 76.06 30.84
N SER OB 206 -76.59 75.46 31.77
CA SER OB 206 -76.51 74.02 31.84
C SER OB 206 -77.86 73.45 32.26
N PRO OB 207 -78.31 72.35 31.65
CA PRO OB 207 -79.57 71.74 32.08
C PRO OB 207 -79.57 71.32 33.52
N TYR OB 208 -78.40 71.04 34.09
CA TYR OB 208 -78.32 70.70 35.51
C TYR OB 208 -78.66 71.88 36.39
N GLN OB 209 -78.44 73.11 35.90
CA GLN OB 209 -78.66 74.29 36.72
C GLN OB 209 -79.85 75.13 36.30
N GLU OB 210 -80.31 75.03 35.06
CA GLU OB 210 -81.53 75.72 34.67
C GLU OB 210 -82.78 74.89 34.91
N PHE OB 211 -82.62 73.58 35.13
CA PHE OB 211 -83.67 72.70 35.61
C PHE OB 211 -83.29 72.11 36.97
N THR OB 212 -82.70 72.93 37.84
CA THR OB 212 -82.24 72.40 39.12
C THR OB 212 -83.40 72.15 40.08
N ASP OB 213 -84.40 73.03 40.09
CA ASP OB 213 -85.54 72.83 40.99
C ASP OB 213 -86.38 71.63 40.58
N HIS OB 214 -86.48 71.38 39.27
CA HIS OB 214 -87.27 70.26 38.80
C HIS OB 214 -86.57 68.96 39.17
N LEU OB 215 -85.25 68.92 39.03
CA LEU OB 215 -84.49 67.77 39.50
C LEU OB 215 -84.63 67.60 41.01
N VAL OB 216 -84.75 68.71 41.75
CA VAL OB 216 -84.98 68.60 43.19
C VAL OB 216 -86.31 67.92 43.47
N LYS OB 217 -87.38 68.39 42.82
CA LYS OB 217 -88.70 67.88 43.19
C LYS OB 217 -88.95 66.49 42.63
N THR OB 218 -88.28 66.10 41.55
CA THR OB 218 -88.48 64.78 40.95
C THR OB 218 -87.37 63.81 41.30
N HIS OB 219 -86.12 64.14 40.97
CA HIS OB 219 -84.98 63.25 41.21
C HIS OB 219 -84.58 63.41 42.67
N THR OB 220 -85.26 62.68 43.54
CA THR OB 220 -85.04 62.78 44.98
C THR OB 220 -83.70 62.19 45.38
N ALA PB 1 -34.48 56.86 -48.10
CA ALA PB 1 -34.81 56.80 -49.51
C ALA PB 1 -33.58 57.03 -50.37
N ARG PB 2 -33.60 56.49 -51.58
CA ARG PB 2 -32.50 56.67 -52.52
C ARG PB 2 -32.75 57.82 -53.49
N GLY PB 3 -33.78 58.62 -53.27
CA GLY PB 3 -34.06 59.74 -54.12
C GLY PB 3 -35.26 60.53 -53.62
N PRO PB 4 -35.71 61.51 -54.39
CA PRO PB 4 -36.86 62.31 -53.98
C PRO PB 4 -38.13 61.48 -53.95
N LYS PB 5 -39.02 61.85 -53.03
CA LYS PB 5 -40.29 61.17 -52.88
C LYS PB 5 -41.31 61.77 -53.85
N LYS PB 6 -42.09 60.90 -54.49
CA LYS PB 6 -43.16 61.32 -55.38
C LYS PB 6 -44.51 60.80 -54.91
N HIS PB 7 -44.61 60.37 -53.66
CA HIS PB 7 -45.85 59.92 -53.06
C HIS PB 7 -46.11 60.68 -51.78
N LEU PB 8 -47.39 60.90 -51.49
CA LEU PB 8 -47.78 61.61 -50.27
C LEU PB 8 -49.01 60.93 -49.70
N LYS PB 9 -48.92 60.50 -48.44
CA LYS PB 9 -50.03 59.80 -47.83
C LYS PB 9 -51.18 60.76 -47.53
N ARG PB 10 -52.37 60.18 -47.44
CA ARG PB 10 -53.57 60.99 -47.21
C ARG PB 10 -53.52 61.70 -45.86
N VAL PB 11 -53.07 60.99 -44.82
CA VAL PB 11 -53.03 61.59 -43.49
C VAL PB 11 -51.85 62.54 -43.33
N ALA PB 12 -50.79 62.37 -44.13
CA ALA PB 12 -49.62 63.23 -44.06
C ALA PB 12 -49.80 64.53 -44.84
N ALA PB 13 -50.94 64.72 -45.48
CA ALA PB 13 -51.21 65.92 -46.24
C ALA PB 13 -51.33 67.13 -45.32
N PRO PB 14 -51.13 68.34 -45.85
CA PRO PB 14 -51.33 69.54 -45.04
C PRO PB 14 -52.76 69.63 -44.50
N LYS PB 15 -52.87 70.15 -43.28
CA LYS PB 15 -54.16 70.17 -42.59
C LYS PB 15 -55.17 71.06 -43.32
N HIS PB 16 -54.72 72.21 -43.82
CA HIS PB 16 -55.64 73.16 -44.43
C HIS PB 16 -56.21 72.67 -45.75
N TRP PB 17 -55.68 71.59 -46.31
CA TRP PB 17 -56.28 71.01 -47.50
C TRP PB 17 -57.62 70.37 -47.21
N MET PB 18 -57.82 69.90 -45.98
CA MET PB 18 -59.09 69.33 -45.51
C MET PB 18 -59.52 68.10 -46.32
N LEU PB 19 -58.56 67.25 -46.66
CA LEU PB 19 -58.90 65.92 -47.12
C LEU PB 19 -59.30 65.06 -45.94
N ASP PB 20 -60.30 64.20 -46.16
CA ASP PB 20 -60.77 63.30 -45.11
C ASP PB 20 -59.84 62.10 -45.00
N LYS PB 21 -60.25 61.09 -44.24
CA LYS PB 21 -59.38 59.94 -43.99
C LYS PB 21 -59.76 58.70 -44.79
N LEU PB 22 -60.96 58.65 -45.35
CA LEU PB 22 -61.49 57.40 -45.89
C LEU PB 22 -61.58 57.36 -47.40
N THR PB 23 -61.50 58.50 -48.08
CA THR PB 23 -61.61 58.50 -49.54
C THR PB 23 -60.45 57.78 -50.18
N GLY PB 24 -59.24 57.95 -49.66
CA GLY PB 24 -58.10 57.29 -50.26
C GLY PB 24 -56.95 57.14 -49.29
N VAL PB 25 -55.89 56.52 -49.79
CA VAL PB 25 -54.69 56.28 -49.00
C VAL PB 25 -53.72 57.42 -49.24
N PHE PB 26 -53.74 57.98 -50.45
CA PHE PB 26 -52.73 58.92 -50.89
C PHE PB 26 -53.30 60.32 -51.06
N ALA PB 27 -52.42 61.30 -50.96
CA ALA PB 27 -52.71 62.70 -51.19
C ALA PB 27 -52.34 63.08 -52.62
N PRO PB 28 -52.80 64.23 -53.11
CA PRO PB 28 -52.47 64.63 -54.47
C PRO PB 28 -50.98 64.68 -54.80
N ARG PB 29 -50.11 64.97 -53.82
CA ARG PB 29 -48.68 65.14 -54.04
C ARG PB 29 -48.46 66.16 -55.14
N PRO PB 30 -48.64 67.44 -54.84
CA PRO PB 30 -48.58 68.46 -55.89
C PRO PB 30 -47.19 68.54 -56.51
N SER PB 31 -47.17 68.91 -57.79
CA SER PB 31 -45.90 69.07 -58.48
C SER PB 31 -45.13 70.26 -57.90
N THR PB 32 -43.84 70.30 -58.22
CA THR PB 32 -43.02 71.42 -57.78
C THR PB 32 -43.45 72.69 -58.47
N GLY PB 33 -43.30 73.83 -57.80
CA GLY PB 33 -43.77 75.07 -58.34
C GLY PB 33 -43.48 76.30 -57.51
N PRO PB 34 -44.21 77.38 -57.79
CA PRO PB 34 -43.92 78.67 -57.14
C PRO PB 34 -44.14 78.68 -55.64
N HIS PB 35 -44.94 77.76 -55.11
CA HIS PB 35 -45.25 77.73 -53.69
C HIS PB 35 -44.90 76.36 -53.13
N LYS PB 36 -44.52 76.35 -51.86
CA LYS PB 36 -44.22 75.10 -51.17
C LYS PB 36 -45.48 74.25 -51.06
N LEU PB 37 -45.30 72.94 -51.10
CA LEU PB 37 -46.44 72.03 -51.02
C LEU PB 37 -47.13 72.11 -49.66
N ARG PB 38 -46.47 72.69 -48.66
CA ARG PB 38 -47.10 72.84 -47.36
C ARG PB 38 -48.22 73.88 -47.41
N GLU PB 39 -48.02 74.97 -48.15
CA GLU PB 39 -49.01 76.05 -48.20
C GLU PB 39 -49.54 76.26 -49.61
N CYS PB 40 -49.45 75.25 -50.46
CA CYS PB 40 -50.08 75.32 -51.78
C CYS PB 40 -51.41 74.56 -51.76
N LEU PB 41 -52.31 74.97 -52.63
CA LEU PB 41 -53.59 74.30 -52.81
C LEU PB 41 -53.63 73.72 -54.22
N PRO PB 42 -53.31 72.44 -54.39
CA PRO PB 42 -53.28 71.87 -55.75
C PRO PB 42 -54.64 71.94 -56.41
N LEU PB 43 -54.61 72.07 -57.74
CA LEU PB 43 -55.84 72.35 -58.48
C LEU PB 43 -56.85 71.23 -58.37
N ILE PB 44 -56.39 69.99 -58.20
CA ILE PB 44 -57.30 68.86 -58.11
C ILE PB 44 -58.23 69.01 -56.91
N ILE PB 45 -57.68 69.29 -55.74
CA ILE PB 45 -58.53 69.44 -54.57
C ILE PB 45 -59.30 70.75 -54.63
N PHE PB 46 -58.72 71.80 -55.22
CA PHE PB 46 -59.43 73.07 -55.32
C PHE PB 46 -60.69 72.95 -56.15
N LEU PB 47 -60.64 72.15 -57.22
CA LEU PB 47 -61.80 71.98 -58.07
C LEU PB 47 -62.68 70.79 -57.67
N ARG PB 48 -62.20 69.91 -56.79
CA ARG PB 48 -62.98 68.75 -56.41
C ARG PB 48 -63.63 68.87 -55.04
N ASN PB 49 -63.06 69.65 -54.13
CA ASN PB 49 -63.57 69.75 -52.77
C ASN PB 49 -64.08 71.14 -52.42
N ARG PB 50 -63.58 72.18 -53.08
CA ARG PB 50 -64.00 73.54 -52.79
C ARG PB 50 -65.16 73.98 -53.69
N LEU PB 51 -64.99 73.82 -55.00
CA LEU PB 51 -65.99 74.27 -55.95
C LEU PB 51 -66.95 73.16 -56.37
N LYS PB 52 -66.58 71.90 -56.16
CA LYS PB 52 -67.41 70.75 -56.52
C LYS PB 52 -67.74 70.71 -58.00
N TYR PB 53 -66.84 71.25 -58.84
CA TYR PB 53 -67.06 71.19 -60.28
C TYR PB 53 -66.81 69.79 -60.83
N ALA PB 54 -66.00 68.99 -60.14
CA ALA PB 54 -65.66 67.64 -60.57
C ALA PB 54 -65.84 66.68 -59.40
N LEU PB 55 -66.14 65.42 -59.73
CA LEU PB 55 -66.36 64.40 -58.73
C LEU PB 55 -65.08 63.66 -58.36
N THR PB 56 -64.40 63.07 -59.33
CA THR PB 56 -63.19 62.30 -59.07
C THR PB 56 -62.03 62.89 -59.86
N GLY PB 57 -60.88 62.24 -59.79
CA GLY PB 57 -59.68 62.79 -60.40
C GLY PB 57 -59.72 62.80 -61.91
N ASP PB 58 -60.45 61.86 -62.52
CA ASP PB 58 -60.52 61.81 -63.98
C ASP PB 58 -61.32 62.98 -64.53
N GLU PB 59 -62.43 63.34 -63.89
CA GLU PB 59 -63.20 64.48 -64.35
C GLU PB 59 -62.41 65.78 -64.21
N VAL PB 60 -61.68 65.95 -63.10
CA VAL PB 60 -60.88 67.16 -62.96
C VAL PB 60 -59.68 67.14 -63.88
N LYS PB 61 -59.22 65.95 -64.29
CA LYS PB 61 -58.19 65.88 -65.34
C LYS PB 61 -58.76 66.34 -66.67
N LYS PB 62 -59.96 65.88 -67.00
CA LYS PB 62 -60.59 66.31 -68.25
C LYS PB 62 -60.91 67.80 -68.24
N ILE PB 63 -61.23 68.35 -67.07
CA ILE PB 63 -61.40 69.79 -66.93
C ILE PB 63 -60.08 70.51 -67.18
N CYS PB 64 -58.98 69.97 -66.64
CA CYS PB 64 -57.68 70.62 -66.81
C CYS PB 64 -57.22 70.56 -68.26
N MET PB 65 -57.39 69.42 -68.91
CA MET PB 65 -56.86 69.21 -70.25
C MET PB 65 -57.64 69.93 -71.35
N GLN PB 66 -58.84 70.41 -71.05
CA GLN PB 66 -59.67 71.05 -72.06
C GLN PB 66 -59.47 72.56 -72.14
N ARG PB 67 -58.37 73.08 -71.58
CA ARG PB 67 -57.87 74.41 -71.87
C ARG PB 67 -58.88 75.50 -71.44
N PHE PB 68 -59.24 75.47 -70.16
CA PHE PB 68 -60.07 76.51 -69.58
C PHE PB 68 -59.43 77.13 -68.34
N ILE PB 69 -58.66 76.32 -67.60
CA ILE PB 69 -58.08 76.80 -66.36
C ILE PB 69 -56.90 77.71 -66.68
N LYS PB 70 -57.00 78.96 -66.26
CA LYS PB 70 -55.94 79.95 -66.48
C LYS PB 70 -55.52 80.52 -65.12
N ILE PB 71 -54.27 80.28 -64.76
CA ILE PB 71 -53.70 80.77 -63.51
C ILE PB 71 -52.70 81.86 -63.86
N ASP PB 72 -52.75 82.98 -63.13
CA ASP PB 72 -52.01 84.22 -63.39
C ASP PB 72 -51.93 84.54 -64.88
N GLY PB 73 -53.04 84.37 -65.60
CA GLY PB 73 -53.09 84.68 -67.00
C GLY PB 73 -52.49 83.64 -67.92
N LYS PB 74 -52.02 82.51 -67.38
CA LYS PB 74 -51.48 81.43 -68.20
C LYS PB 74 -52.23 80.14 -67.90
N VAL PB 75 -52.41 79.32 -68.92
CA VAL PB 75 -53.12 78.07 -68.77
C VAL PB 75 -52.17 77.01 -68.23
N ARG PB 76 -52.57 76.36 -67.15
CA ARG PB 76 -51.83 75.23 -66.59
C ARG PB 76 -52.68 73.98 -66.75
N THR PB 77 -52.17 73.01 -67.49
CA THR PB 77 -52.86 71.74 -67.67
C THR PB 77 -52.45 70.70 -66.65
N ASP PB 78 -51.59 71.06 -65.70
CA ASP PB 78 -51.19 70.11 -64.66
C ASP PB 78 -52.35 69.83 -63.72
N ILE PB 79 -52.62 68.56 -63.49
CA ILE PB 79 -53.71 68.18 -62.60
C ILE PB 79 -53.35 68.49 -61.15
N THR PB 80 -52.07 68.47 -60.81
CA THR PB 80 -51.60 68.69 -59.45
C THR PB 80 -50.66 69.89 -59.37
N TYR PB 81 -51.02 70.97 -60.06
CA TYR PB 81 -50.21 72.18 -60.04
C TYR PB 81 -50.36 72.87 -58.70
N PRO PB 82 -49.26 73.31 -58.08
CA PRO PB 82 -49.38 74.04 -56.81
C PRO PB 82 -49.86 75.47 -57.01
N ALA PB 83 -51.11 75.74 -56.67
CA ALA PB 83 -51.65 77.08 -56.87
C ALA PB 83 -51.03 78.08 -55.90
N GLY PB 84 -51.10 77.78 -54.61
CA GLY PB 84 -50.44 78.62 -53.63
C GLY PB 84 -51.21 79.89 -53.32
N PHE PB 85 -50.46 80.89 -52.83
CA PHE PB 85 -51.07 82.08 -52.24
C PHE PB 85 -51.53 83.04 -53.32
N MET PB 86 -52.82 83.36 -53.29
CA MET PB 86 -53.47 84.47 -54.02
C MET PB 86 -53.07 84.56 -55.49
N ASP PB 87 -52.72 83.43 -56.10
CA ASP PB 87 -52.68 83.39 -57.56
C ASP PB 87 -54.10 83.45 -58.10
N VAL PB 88 -54.32 84.30 -59.09
CA VAL PB 88 -55.66 84.47 -59.62
C VAL PB 88 -56.04 83.25 -60.44
N ILE PB 89 -57.06 82.53 -60.00
CA ILE PB 89 -57.61 81.40 -60.73
C ILE PB 89 -58.80 81.90 -61.53
N SER PB 90 -58.73 81.73 -62.85
CA SER PB 90 -59.75 82.24 -63.76
C SER PB 90 -60.26 81.13 -64.65
N ILE PB 91 -61.58 81.03 -64.74
CA ILE PB 91 -62.26 80.15 -65.70
C ILE PB 91 -63.08 81.06 -66.59
N ASP PB 92 -62.57 81.34 -67.79
CA ASP PB 92 -63.25 82.29 -68.68
C ASP PB 92 -64.53 81.73 -69.26
N LYS PB 93 -64.72 80.41 -69.25
CA LYS PB 93 -65.93 79.83 -69.82
C LYS PB 93 -67.16 80.18 -69.00
N THR PB 94 -67.08 79.97 -67.69
CA THR PB 94 -68.21 80.24 -66.81
C THR PB 94 -68.21 81.66 -66.25
N GLY PB 95 -67.18 82.44 -66.55
CA GLY PB 95 -67.17 83.85 -66.18
C GLY PB 95 -67.09 84.17 -64.70
N GLU PB 96 -66.24 83.47 -63.96
CA GLU PB 96 -65.91 83.87 -62.60
C GLU PB 96 -64.41 83.69 -62.39
N ASN PB 97 -63.89 84.40 -61.39
CA ASN PB 97 -62.46 84.42 -61.10
C ASN PB 97 -62.26 84.19 -59.62
N PHE PB 98 -61.10 83.64 -59.27
CA PHE PB 98 -60.82 83.26 -57.89
C PHE PB 98 -59.49 83.82 -57.42
N ARG PB 99 -59.46 84.22 -56.15
CA ARG PB 99 -58.26 84.66 -55.46
C ARG PB 99 -58.10 83.81 -54.21
N LEU PB 100 -56.88 83.36 -53.96
CA LEU PB 100 -56.61 82.36 -52.91
C LEU PB 100 -56.02 83.07 -51.69
N ILE PB 101 -56.89 83.59 -50.83
CA ILE PB 101 -56.49 84.31 -49.63
C ILE PB 101 -56.88 83.48 -48.42
N TYR PB 102 -55.97 83.40 -47.45
CA TYR PB 102 -56.27 82.75 -46.18
C TYR PB 102 -57.46 83.41 -45.51
N ASP PB 103 -58.35 82.58 -44.96
CA ASP PB 103 -59.51 83.07 -44.23
C ASP PB 103 -59.08 83.43 -42.80
N THR PB 104 -60.06 83.71 -41.93
CA THR PB 104 -59.74 84.02 -40.55
C THR PB 104 -59.07 82.85 -39.84
N LYS PB 105 -59.39 81.63 -40.25
CA LYS PB 105 -58.81 80.42 -39.68
C LYS PB 105 -57.55 79.98 -40.43
N GLY PB 106 -57.08 80.79 -41.37
CA GLY PB 106 -55.89 80.46 -42.13
C GLY PB 106 -56.05 79.34 -43.12
N ARG PB 107 -57.16 79.32 -43.87
CA ARG PB 107 -57.40 78.32 -44.90
C ARG PB 107 -57.85 79.01 -46.17
N PHE PB 108 -57.56 78.39 -47.31
CA PHE PB 108 -57.85 78.99 -48.60
C PHE PB 108 -59.36 79.03 -48.82
N ALA PB 109 -59.94 80.21 -48.69
CA ALA PB 109 -61.37 80.39 -48.88
C ALA PB 109 -61.68 80.63 -50.36
N VAL PB 110 -62.90 80.31 -50.75
CA VAL PB 110 -63.36 80.54 -52.11
C VAL PB 110 -63.77 82.01 -52.24
N HIS PB 111 -62.82 82.84 -52.67
CA HIS PB 111 -63.04 84.27 -52.81
C HIS PB 111 -63.17 84.61 -54.28
N ARG PB 112 -64.33 85.13 -54.67
CA ARG PB 112 -64.64 85.43 -56.06
C ARG PB 112 -64.33 86.89 -56.34
N ILE PB 113 -63.65 87.14 -57.45
CA ILE PB 113 -63.13 88.47 -57.76
C ILE PB 113 -63.57 88.89 -59.16
N THR PB 114 -63.63 90.19 -59.35
CA THR PB 114 -63.98 90.74 -60.65
C THR PB 114 -62.82 90.55 -61.62
N PRO PB 115 -63.12 90.49 -62.93
CA PRO PB 115 -62.02 90.41 -63.91
C PRO PB 115 -61.08 91.60 -63.88
N GLU PB 116 -61.60 92.81 -63.60
CA GLU PB 116 -60.73 93.98 -63.57
C GLU PB 116 -59.76 93.92 -62.39
N GLU PB 117 -60.23 93.45 -61.23
CA GLU PB 117 -59.33 93.32 -60.10
C GLU PB 117 -58.40 92.13 -60.28
N ALA PB 118 -58.84 91.11 -61.02
CA ALA PB 118 -58.01 89.95 -61.31
C ALA PB 118 -56.84 90.30 -62.21
N LYS PB 119 -56.87 91.45 -62.89
CA LYS PB 119 -55.80 91.81 -63.80
C LYS PB 119 -54.48 92.03 -63.08
N TYR PB 120 -54.53 92.62 -61.89
CA TYR PB 120 -53.33 92.88 -61.10
C TYR PB 120 -53.25 91.91 -59.93
N LYS PB 121 -52.09 91.87 -59.30
CA LYS PB 121 -51.77 90.89 -58.28
C LYS PB 121 -50.61 91.38 -57.44
N LEU PB 122 -50.71 91.18 -56.13
CA LEU PB 122 -49.63 91.58 -55.23
C LEU PB 122 -48.61 90.46 -55.10
N CYS PB 123 -47.35 90.85 -54.89
CA CYS PB 123 -46.27 89.91 -54.66
C CYS PB 123 -45.33 90.48 -53.61
N LYS PB 124 -44.92 89.63 -52.67
CA LYS PB 124 -43.97 90.03 -51.65
C LYS PB 124 -42.57 89.68 -52.15
N VAL PB 125 -41.72 90.69 -52.32
CA VAL PB 125 -40.34 90.45 -52.70
C VAL PB 125 -39.64 89.62 -51.63
N ARG PB 126 -38.87 88.63 -52.05
CA ARG PB 126 -38.15 87.78 -51.12
C ARG PB 126 -36.66 88.11 -51.07
N LYS PB 127 -36.05 88.42 -52.20
CA LYS PB 127 -34.67 88.88 -52.21
C LYS PB 127 -34.48 89.85 -53.36
N ILE PB 128 -33.54 90.77 -53.19
CA ILE PB 128 -33.16 91.72 -54.21
C ILE PB 128 -31.65 91.61 -54.42
N PHE PB 129 -31.24 91.62 -55.68
CA PHE PB 129 -29.81 91.52 -56.01
C PHE PB 129 -29.60 92.07 -57.40
N VAL PB 130 -28.33 92.33 -57.73
CA VAL PB 130 -27.93 92.84 -59.02
C VAL PB 130 -27.19 91.73 -59.77
N GLY PB 131 -27.56 91.54 -61.04
CA GLY PB 131 -26.96 90.51 -61.87
C GLY PB 131 -25.80 91.05 -62.68
N THR PB 132 -25.41 90.27 -63.68
CA THR PB 132 -24.31 90.66 -64.55
C THR PB 132 -24.70 91.91 -65.34
N LYS PB 133 -23.67 92.61 -65.82
CA LYS PB 133 -23.80 93.89 -66.52
C LYS PB 133 -24.48 94.94 -65.65
N GLY PB 134 -24.38 94.80 -64.32
CA GLY PB 134 -24.98 95.76 -63.42
C GLY PB 134 -26.50 95.84 -63.52
N ILE PB 135 -27.16 94.70 -63.62
CA ILE PB 135 -28.60 94.63 -63.86
C ILE PB 135 -29.27 94.11 -62.59
N PRO PB 136 -30.11 94.90 -61.92
CA PRO PB 136 -30.79 94.41 -60.73
C PRO PB 136 -31.80 93.32 -61.07
N HIS PB 137 -32.03 92.45 -60.09
CA HIS PB 137 -32.97 91.35 -60.24
C HIS PB 137 -33.78 91.20 -58.96
N LEU PB 138 -35.09 91.05 -59.12
CA LEU PB 138 -36.02 90.93 -58.01
C LEU PB 138 -36.65 89.55 -58.01
N VAL PB 139 -36.85 89.00 -56.82
CA VAL PB 139 -37.51 87.71 -56.65
C VAL PB 139 -38.73 87.92 -55.76
N THR PB 140 -39.89 87.47 -56.24
CA THR PB 140 -41.14 87.63 -55.51
C THR PB 140 -41.28 86.51 -54.48
N HIS PB 141 -42.42 86.51 -53.79
CA HIS PB 141 -42.74 85.38 -52.91
C HIS PB 141 -43.02 84.12 -53.70
N ASP PB 142 -43.40 84.26 -54.97
CA ASP PB 142 -43.43 83.13 -55.89
C ASP PB 142 -42.02 82.87 -56.38
N ALA PB 143 -41.88 82.01 -57.38
CA ALA PB 143 -40.61 81.87 -58.06
C ALA PB 143 -40.42 82.90 -59.15
N ARG PB 144 -41.34 83.86 -59.26
CA ARG PB 144 -41.27 84.87 -60.30
C ARG PB 144 -40.05 85.75 -60.07
N THR PB 145 -39.28 85.98 -61.13
CA THR PB 145 -38.15 86.90 -61.07
C THR PB 145 -38.26 87.90 -62.20
N ILE PB 146 -37.80 89.12 -61.92
CA ILE PB 146 -37.84 90.21 -62.89
C ILE PB 146 -36.52 90.94 -62.88
N ARG PB 147 -36.27 91.69 -63.94
CA ARG PB 147 -35.13 92.58 -64.02
C ARG PB 147 -35.63 94.03 -64.04
N TYR PB 148 -34.74 94.93 -63.63
CA TYR PB 148 -34.99 96.37 -63.57
C TYR PB 148 -36.21 96.69 -62.72
N PRO PB 149 -36.18 96.47 -61.40
CA PRO PB 149 -37.27 96.94 -60.56
C PRO PB 149 -37.05 98.38 -60.12
N ASP PB 150 -38.01 98.95 -59.43
CA ASP PB 150 -37.81 100.28 -58.85
C ASP PB 150 -36.73 100.16 -57.77
N PRO PB 151 -35.66 100.96 -57.84
CA PRO PB 151 -34.59 100.82 -56.84
C PRO PB 151 -35.04 101.11 -55.42
N LEU PB 152 -36.16 101.82 -55.26
CA LEU PB 152 -36.67 102.10 -53.92
C LEU PB 152 -37.16 100.84 -53.22
N ILE PB 153 -37.47 99.79 -53.97
CA ILE PB 153 -37.95 98.55 -53.37
C ILE PB 153 -36.80 97.89 -52.62
N LYS PB 154 -37.03 97.62 -51.33
CA LYS PB 154 -36.09 96.92 -50.48
C LYS PB 154 -36.55 95.47 -50.30
N VAL PB 155 -35.90 94.75 -49.38
CA VAL PB 155 -36.28 93.39 -49.07
C VAL PB 155 -37.68 93.39 -48.45
N ASN PB 156 -38.38 92.25 -48.62
CA ASN PB 156 -39.70 91.90 -48.05
C ASN PB 156 -40.65 93.09 -47.95
N ASP PB 157 -40.74 93.83 -49.05
CA ASP PB 157 -41.83 94.76 -49.32
C ASP PB 157 -42.90 94.00 -50.12
N THR PB 158 -43.86 94.73 -50.68
CA THR PB 158 -44.84 94.14 -51.57
C THR PB 158 -44.92 94.95 -52.85
N ILE PB 159 -44.95 94.26 -53.98
CA ILE PB 159 -45.01 94.88 -55.30
C ILE PB 159 -46.33 94.55 -55.95
N GLN PB 160 -46.77 95.42 -56.85
CA GLN PB 160 -48.00 95.24 -57.60
C GLN PB 160 -47.64 94.67 -58.97
N ILE PB 161 -48.17 93.49 -59.27
CA ILE PB 161 -47.93 92.80 -60.53
C ILE PB 161 -49.24 92.72 -61.29
N ASP PB 162 -49.25 93.25 -62.52
CA ASP PB 162 -50.39 93.11 -63.41
C ASP PB 162 -50.14 91.94 -64.34
N LEU PB 163 -51.14 91.09 -64.50
CA LEU PB 163 -50.96 89.85 -65.25
C LEU PB 163 -50.85 90.13 -66.75
N GLU PB 164 -50.38 89.12 -67.48
CA GLU PB 164 -50.10 89.16 -68.92
C GLU PB 164 -49.04 90.19 -69.30
N THR PB 165 -48.46 90.87 -68.33
CA THR PB 165 -47.33 91.76 -68.56
C THR PB 165 -46.17 91.50 -67.62
N GLY PB 166 -46.43 91.18 -66.36
CA GLY PB 166 -45.38 90.86 -65.43
C GLY PB 166 -44.49 92.02 -65.05
N LYS PB 167 -44.98 93.25 -65.11
CA LYS PB 167 -44.19 94.42 -64.78
C LYS PB 167 -44.59 94.99 -63.43
N ILE PB 168 -43.82 95.99 -62.99
CA ILE PB 168 -44.13 96.74 -61.78
C ILE PB 168 -44.96 97.96 -62.15
N THR PB 169 -46.08 98.14 -61.45
CA THR PB 169 -46.87 99.35 -61.55
C THR PB 169 -46.76 100.18 -60.28
N ASP PB 170 -47.04 99.58 -59.13
CA ASP PB 170 -46.93 100.21 -57.83
C ASP PB 170 -46.24 99.24 -56.88
N PHE PB 171 -45.96 99.71 -55.67
CA PHE PB 171 -45.41 98.85 -54.63
C PHE PB 171 -45.75 99.45 -53.27
N ILE PB 172 -45.79 98.59 -52.26
CA ILE PB 172 -46.12 98.99 -50.90
C ILE PB 172 -44.87 98.77 -50.06
N LYS PB 173 -44.29 99.86 -49.58
CA LYS PB 173 -43.12 99.78 -48.71
C LYS PB 173 -43.49 99.16 -47.37
N PHE PB 174 -42.55 98.39 -46.82
CA PHE PB 174 -42.73 97.82 -45.49
C PHE PB 174 -42.35 98.88 -44.46
N ASP PB 175 -43.33 99.65 -44.04
CA ASP PB 175 -43.16 100.65 -42.99
C ASP PB 175 -44.17 100.39 -41.89
N THR PB 176 -43.87 100.94 -40.72
CA THR PB 176 -44.76 100.79 -39.57
C THR PB 176 -46.11 101.44 -39.86
N GLY PB 177 -47.18 100.73 -39.56
CA GLY PB 177 -48.52 101.25 -39.72
C GLY PB 177 -49.24 100.83 -40.98
N ASN PB 178 -48.71 99.86 -41.73
CA ASN PB 178 -49.31 99.40 -42.96
C ASN PB 178 -50.07 98.09 -42.75
N LEU PB 179 -51.19 97.94 -43.45
CA LEU PB 179 -51.97 96.72 -43.37
C LEU PB 179 -51.17 95.55 -43.93
N CYS PB 180 -51.38 94.36 -43.37
CA CYS PB 180 -50.60 93.20 -43.74
C CYS PB 180 -51.43 91.93 -43.60
N MET PB 181 -50.85 90.82 -44.03
CA MET PB 181 -51.37 89.48 -43.84
C MET PB 181 -50.33 88.62 -43.15
N VAL PB 182 -50.76 87.80 -42.21
CA VAL PB 182 -49.90 86.79 -41.60
C VAL PB 182 -50.01 85.51 -42.42
N THR PB 183 -48.87 85.01 -42.88
CA THR PB 183 -48.83 83.90 -43.84
C THR PB 183 -48.13 82.68 -43.25
N GLY PB 184 -48.40 82.38 -41.98
CA GLY PB 184 -47.87 81.18 -41.37
C GLY PB 184 -48.15 81.06 -39.89
N GLY PB 185 -48.07 79.84 -39.37
CA GLY PB 185 -48.21 79.61 -37.94
C GLY PB 185 -49.65 79.73 -37.45
N ALA PB 186 -49.76 79.93 -36.15
CA ALA PB 186 -51.08 79.96 -35.51
C ALA PB 186 -51.89 81.17 -35.95
N ASN PB 187 -51.24 82.32 -36.11
CA ASN PB 187 -51.92 83.55 -36.52
C ASN PB 187 -52.15 83.63 -38.02
N LEU PB 188 -52.08 82.49 -38.72
CA LEU PB 188 -52.28 82.46 -40.16
C LEU PB 188 -53.64 83.04 -40.55
N GLY PB 189 -53.63 83.91 -41.55
CA GLY PB 189 -54.86 84.51 -42.05
C GLY PB 189 -55.51 85.51 -41.12
N ARG PB 190 -54.74 86.44 -40.56
CA ARG PB 190 -55.29 87.49 -39.71
C ARG PB 190 -54.93 88.85 -40.30
N ILE PB 191 -55.95 89.63 -40.66
CA ILE PB 191 -55.73 90.99 -41.13
C ILE PB 191 -55.34 91.87 -39.96
N GLY PB 192 -54.30 92.67 -40.15
CA GLY PB 192 -53.90 93.60 -39.11
C GLY PB 192 -52.92 94.62 -39.65
N VAL PB 193 -52.55 95.54 -38.77
CA VAL PB 193 -51.69 96.67 -39.09
C VAL PB 193 -50.38 96.49 -38.35
N ILE PB 194 -49.26 96.72 -39.04
CA ILE PB 194 -47.95 96.64 -38.41
C ILE PB 194 -47.85 97.67 -37.30
N THR PB 195 -47.40 97.23 -36.13
CA THR PB 195 -47.23 98.11 -34.98
C THR PB 195 -45.78 98.27 -34.56
N ASN PB 196 -45.08 97.18 -34.27
CA ASN PB 196 -43.70 97.25 -33.83
C ASN PB 196 -42.92 96.09 -34.41
N ARG PB 197 -41.70 96.37 -34.85
CA ARG PB 197 -40.80 95.35 -35.40
C ARG PB 197 -39.52 95.39 -34.58
N GLU PB 198 -39.32 94.38 -33.75
CA GLU PB 198 -38.07 94.22 -33.02
C GLU PB 198 -37.23 93.19 -33.76
N ARG PB 199 -36.07 93.62 -34.24
CA ARG PB 199 -35.21 92.77 -35.06
C ARG PB 199 -34.21 92.03 -34.17
N HIS PB 200 -34.02 90.75 -34.46
CA HIS PB 200 -33.04 89.93 -33.75
C HIS PB 200 -31.94 89.53 -34.72
N PRO PB 201 -30.76 90.18 -34.65
CA PRO PB 201 -29.67 89.80 -35.55
C PRO PB 201 -29.26 88.35 -35.34
N GLY PB 202 -28.96 87.67 -36.43
CA GLY PB 202 -28.64 86.26 -36.34
C GLY PB 202 -29.82 85.37 -36.05
N SER PB 203 -31.04 85.91 -36.09
CA SER PB 203 -32.23 85.17 -35.75
C SER PB 203 -33.39 85.74 -36.56
N PHE PB 204 -34.61 85.40 -36.16
CA PHE PB 204 -35.81 85.82 -36.87
C PHE PB 204 -36.33 87.13 -36.30
N ASP PB 205 -36.66 88.07 -37.18
CA ASP PB 205 -37.34 89.27 -36.74
C ASP PB 205 -38.79 88.97 -36.41
N VAL PB 206 -39.25 89.46 -35.26
CA VAL PB 206 -40.60 89.26 -34.79
C VAL PB 206 -41.33 90.60 -34.84
N VAL PB 207 -42.49 90.62 -35.48
CA VAL PB 207 -43.28 91.84 -35.64
C VAL PB 207 -44.61 91.63 -34.95
N HIS PB 208 -45.12 92.71 -34.34
CA HIS PB 208 -46.39 92.70 -33.63
C HIS PB 208 -47.46 93.32 -34.52
N VAL PB 209 -48.58 92.62 -34.66
CA VAL PB 209 -49.64 93.01 -35.58
C VAL PB 209 -50.92 93.21 -34.79
N LYS PB 210 -51.58 94.35 -35.00
CA LYS PB 210 -52.83 94.69 -34.33
C LYS PB 210 -53.93 94.83 -35.36
N ASP PB 211 -55.09 94.24 -35.10
CA ASP PB 211 -56.20 94.26 -36.03
C ASP PB 211 -57.11 95.44 -35.73
N ALA PB 212 -58.28 95.47 -36.37
CA ALA PB 212 -59.21 96.58 -36.17
C ALA PB 212 -59.92 96.50 -34.83
N ASN PB 213 -60.05 95.30 -34.27
CA ASN PB 213 -60.71 95.13 -32.98
C ASN PB 213 -59.77 95.28 -31.79
N GLY PB 214 -58.51 95.61 -32.03
CA GLY PB 214 -57.56 95.79 -30.96
C GLY PB 214 -56.88 94.53 -30.49
N ASN PB 215 -57.23 93.38 -31.06
CA ASN PB 215 -56.58 92.13 -30.69
C ASN PB 215 -55.16 92.12 -31.25
N SER PB 216 -54.19 92.45 -30.42
CA SER PB 216 -52.79 92.46 -30.83
C SER PB 216 -52.24 91.05 -30.80
N PHE PB 217 -51.28 90.79 -31.70
CA PHE PB 217 -50.60 89.51 -31.76
C PHE PB 217 -49.28 89.74 -32.47
N ALA PB 218 -48.45 88.70 -32.50
CA ALA PB 218 -47.12 88.79 -33.08
C ALA PB 218 -46.84 87.55 -33.91
N THR PB 219 -45.86 87.67 -34.79
CA THR PB 219 -45.39 86.55 -35.61
C THR PB 219 -44.02 86.91 -36.16
N ARG PB 220 -43.41 85.94 -36.85
CA ARG PB 220 -42.12 86.18 -37.48
C ARG PB 220 -42.27 87.06 -38.71
N LEU PB 221 -41.18 87.79 -39.02
CA LEU PB 221 -41.22 88.72 -40.14
C LEU PB 221 -41.45 88.02 -41.47
N SER PB 222 -40.85 86.84 -41.64
CA SER PB 222 -40.96 86.10 -42.89
C SER PB 222 -42.39 85.62 -43.15
N ASN PB 223 -43.27 85.69 -42.16
CA ASN PB 223 -44.67 85.30 -42.30
C ASN PB 223 -45.56 86.52 -42.42
N ILE PB 224 -45.09 87.56 -43.10
CA ILE PB 224 -45.83 88.80 -43.29
C ILE PB 224 -46.00 89.05 -44.79
N PHE PB 225 -47.23 89.36 -45.19
CA PHE PB 225 -47.52 89.77 -46.56
C PHE PB 225 -48.27 91.09 -46.49
N VAL PB 226 -47.58 92.19 -46.83
CA VAL PB 226 -48.20 93.51 -46.79
C VAL PB 226 -49.18 93.62 -47.95
N ILE PB 227 -50.41 94.04 -47.65
CA ILE PB 227 -51.45 94.08 -48.67
C ILE PB 227 -52.11 95.45 -48.73
N GLY PB 228 -51.86 96.29 -47.74
CA GLY PB 228 -52.55 97.57 -47.65
C GLY PB 228 -51.59 98.71 -47.38
N LYS PB 229 -51.93 99.86 -47.94
CA LYS PB 229 -51.18 101.10 -47.71
C LYS PB 229 -51.77 101.78 -46.49
N GLY PB 230 -51.18 101.50 -45.33
CA GLY PB 230 -51.65 102.06 -44.08
C GLY PB 230 -52.82 101.30 -43.50
N ASN PB 231 -54.02 101.52 -44.04
CA ASN PB 231 -55.21 100.88 -43.51
C ASN PB 231 -56.06 100.30 -44.63
N LYS PB 232 -56.03 100.94 -45.79
CA LYS PB 232 -56.90 100.55 -46.90
C LYS PB 232 -56.28 99.39 -47.66
N PRO PB 233 -56.93 98.23 -47.72
CA PRO PB 233 -56.35 97.10 -48.46
C PRO PB 233 -56.36 97.35 -49.97
N TRP PB 234 -55.34 96.82 -50.63
CA TRP PB 234 -55.23 96.90 -52.09
C TRP PB 234 -55.81 95.68 -52.78
N ILE PB 235 -56.41 94.76 -52.03
CA ILE PB 235 -57.10 93.60 -52.56
C ILE PB 235 -58.45 93.49 -51.87
N SER PB 236 -59.34 92.70 -52.47
CA SER PB 236 -60.67 92.49 -51.91
C SER PB 236 -60.59 91.47 -50.78
N LEU PB 237 -60.96 91.88 -49.59
CA LEU PB 237 -60.88 90.99 -48.43
C LEU PB 237 -62.00 89.97 -48.46
N PRO PB 238 -61.74 88.74 -48.01
CA PRO PB 238 -62.80 87.72 -47.96
C PRO PB 238 -63.79 87.94 -46.83
N ARG PB 239 -64.69 86.99 -46.64
CA ARG PB 239 -65.68 87.09 -45.57
C ARG PB 239 -64.99 87.11 -44.21
N GLY PB 240 -65.52 87.93 -43.30
CA GLY PB 240 -64.95 88.07 -41.98
C GLY PB 240 -63.85 89.10 -41.88
N LYS PB 241 -63.39 89.64 -43.01
CA LYS PB 241 -62.37 90.69 -43.06
C LYS PB 241 -61.07 90.26 -42.39
N GLY PB 242 -60.82 88.96 -42.34
CA GLY PB 242 -59.58 88.45 -41.75
C GLY PB 242 -59.42 88.77 -40.28
N ILE PB 243 -60.52 88.76 -39.53
CA ILE PB 243 -60.51 89.00 -38.10
C ILE PB 243 -60.78 87.68 -37.41
N ARG PB 244 -59.73 87.08 -36.84
CA ARG PB 244 -59.90 85.85 -36.08
C ARG PB 244 -60.69 86.16 -34.82
N LEU PB 245 -61.78 85.42 -34.60
CA LEU PB 245 -62.60 85.57 -33.41
C LEU PB 245 -62.71 84.23 -32.71
N THR PB 246 -62.68 84.24 -31.39
CA THR PB 246 -62.66 83.00 -30.64
C THR PB 246 -64.02 82.30 -30.73
N ILE PB 247 -64.03 81.04 -30.30
CA ILE PB 247 -65.25 80.24 -30.32
C ILE PB 247 -66.32 80.82 -29.40
N ALA PB 248 -65.91 81.60 -28.40
CA ALA PB 248 -66.88 82.23 -27.50
C ALA PB 248 -67.78 83.19 -28.26
N GLU PB 249 -67.22 83.99 -29.16
CA GLU PB 249 -68.03 84.89 -29.99
C GLU PB 249 -68.34 84.30 -31.36
N GLU PB 250 -68.16 82.99 -31.52
CA GLU PB 250 -68.58 82.27 -32.71
C GLU PB 250 -69.82 81.42 -32.44
N ARG PB 251 -69.92 80.86 -31.23
CA ARG PB 251 -71.08 80.06 -30.89
C ARG PB 251 -72.36 80.88 -30.91
N ASP PB 252 -72.32 82.09 -30.35
CA ASP PB 252 -73.51 82.93 -30.36
C ASP PB 252 -73.85 83.43 -31.76
N LYS PB 253 -72.83 83.62 -32.61
CA LYS PB 253 -73.09 83.93 -34.02
C LYS PB 253 -73.84 82.79 -34.69
N ARG PB 254 -73.41 81.56 -34.44
CA ARG PB 254 -74.15 80.40 -34.95
C ARG PB 254 -75.57 80.34 -34.41
N LEU PB 255 -75.74 80.63 -33.12
CA LEU PB 255 -77.07 80.60 -32.53
C LEU PB 255 -77.98 81.67 -33.14
N ALA PB 256 -77.44 82.87 -33.35
CA ALA PB 256 -78.23 83.93 -33.96
C ALA PB 256 -78.58 83.60 -35.41
N ALA PB 257 -77.64 83.00 -36.14
CA ALA PB 257 -77.94 82.56 -37.50
C ALA PB 257 -79.03 81.50 -37.51
N LYS PB 258 -78.97 80.56 -36.55
CA LYS PB 258 -80.01 79.54 -36.44
C LYS PB 258 -81.37 80.17 -36.13
N GLN PB 259 -81.39 81.14 -35.21
CA GLN PB 259 -82.65 81.80 -34.84
C GLN PB 259 -83.22 82.58 -36.01
N SER PB 260 -82.37 83.26 -36.79
CA SER PB 260 -82.85 83.95 -37.98
C SER PB 260 -83.37 82.97 -39.01
N SER PB 261 -82.66 81.87 -39.23
CA SER PB 261 -83.09 80.86 -40.19
C SER PB 261 -84.22 79.98 -39.66
N GLY PB 262 -84.26 79.75 -38.36
CA GLY PB 262 -85.30 78.91 -37.78
C GLY PB 262 -86.64 79.61 -37.71
N MET QB 1 -18.12 20.51 -90.67
CA MET QB 1 -18.17 21.86 -90.13
C MET QB 1 -18.71 22.80 -91.20
N LYS QB 2 -19.81 23.48 -90.89
CA LYS QB 2 -20.54 24.26 -91.89
C LYS QB 2 -19.86 25.60 -92.14
N LEU QB 3 -20.02 26.13 -93.35
CA LEU QB 3 -19.37 27.36 -93.75
C LEU QB 3 -20.43 28.37 -94.17
N ASN QB 4 -20.52 29.48 -93.43
CA ASN QB 4 -21.36 30.59 -93.83
C ASN QB 4 -20.63 31.38 -94.91
N ILE QB 5 -21.21 31.43 -96.11
CA ILE QB 5 -20.59 32.06 -97.27
C ILE QB 5 -21.51 33.13 -97.80
N SER QB 6 -20.96 34.33 -98.04
CA SER QB 6 -21.73 35.45 -98.57
C SER QB 6 -20.85 36.30 -99.46
N PHE QB 7 -21.44 36.86 -100.51
CA PHE QB 7 -20.74 37.78 -101.39
C PHE QB 7 -21.31 39.18 -101.21
N PRO QB 8 -20.50 40.15 -100.77
CA PRO QB 8 -21.05 41.45 -100.34
C PRO QB 8 -21.74 42.24 -101.44
N ALA QB 9 -21.35 42.07 -102.71
CA ALA QB 9 -21.93 42.87 -103.77
C ALA QB 9 -23.15 42.22 -104.41
N THR QB 10 -23.60 41.07 -103.90
CA THR QB 10 -24.80 40.42 -104.42
C THR QB 10 -25.75 39.93 -103.33
N GLY QB 11 -25.36 39.97 -102.07
CA GLY QB 11 -26.18 39.33 -101.05
C GLY QB 11 -26.11 37.82 -101.23
N CYS QB 12 -27.26 37.17 -101.08
CA CYS QB 12 -27.44 35.75 -101.43
C CYS QB 12 -26.46 34.86 -100.67
N GLN QB 13 -26.48 34.96 -99.34
CA GLN QB 13 -25.61 34.13 -98.51
C GLN QB 13 -26.12 32.70 -98.49
N LYS QB 14 -25.19 31.75 -98.57
CA LYS QB 14 -25.54 30.34 -98.58
C LYS QB 14 -24.62 29.57 -97.65
N LEU QB 15 -25.12 28.44 -97.16
CA LEU QB 15 -24.39 27.58 -96.24
C LEU QB 15 -23.75 26.45 -97.04
N ILE QB 16 -22.45 26.26 -96.84
CA ILE QB 16 -21.68 25.26 -97.57
C ILE QB 16 -21.19 24.22 -96.57
N GLU QB 17 -21.41 22.95 -96.91
CA GLU QB 17 -21.06 21.83 -96.04
C GLU QB 17 -19.79 21.17 -96.57
N VAL QB 18 -18.81 21.02 -95.69
CA VAL QB 18 -17.60 20.26 -95.99
C VAL QB 18 -17.32 19.32 -94.81
N ASP QB 19 -16.51 18.29 -95.08
CA ASP QB 19 -16.10 17.38 -94.03
C ASP QB 19 -14.64 16.95 -94.15
N ASP QB 20 -13.90 17.50 -95.10
CA ASP QB 20 -12.50 17.14 -95.28
C ASP QB 20 -11.61 18.17 -94.59
N GLU QB 21 -10.81 17.71 -93.62
CA GLU QB 21 -9.91 18.61 -92.92
C GLU QB 21 -8.74 19.04 -93.80
N ARG QB 22 -8.43 18.29 -94.86
CA ARG QB 22 -7.46 18.76 -95.84
C ARG QB 22 -7.95 20.03 -96.51
N LYS QB 23 -9.23 20.05 -96.89
CA LYS QB 23 -9.81 21.25 -97.48
C LYS QB 23 -9.89 22.38 -96.47
N LEU QB 24 -10.02 22.05 -95.18
CA LEU QB 24 -10.20 23.05 -94.13
C LEU QB 24 -8.90 23.41 -93.43
N ARG QB 25 -7.80 22.70 -93.69
CA ARG QB 25 -6.56 22.98 -92.99
C ARG QB 25 -6.02 24.36 -93.32
N THR QB 26 -6.27 24.84 -94.54
CA THR QB 26 -5.81 26.17 -94.94
C THR QB 26 -6.43 27.27 -94.09
N PHE QB 27 -7.58 27.01 -93.47
CA PHE QB 27 -8.24 28.01 -92.65
C PHE QB 27 -7.74 28.02 -91.22
N TYR QB 28 -7.02 26.99 -90.80
CA TYR QB 28 -6.61 26.86 -89.41
C TYR QB 28 -5.58 27.93 -89.05
N GLU QB 29 -5.34 28.07 -87.74
CA GLU QB 29 -4.37 29.01 -87.15
C GLU QB 29 -4.49 30.42 -87.72
N LYS QB 30 -5.68 30.79 -88.21
CA LYS QB 30 -5.94 32.10 -88.75
C LYS QB 30 -6.85 32.90 -87.82
N ARG QB 31 -6.77 34.22 -87.92
CA ARG QB 31 -7.62 35.11 -87.16
C ARG QB 31 -8.65 35.74 -88.08
N MET QB 32 -9.56 36.53 -87.49
CA MET QB 32 -10.56 37.23 -88.28
C MET QB 32 -9.93 38.34 -89.11
N ALA QB 33 -10.72 38.87 -90.04
CA ALA QB 33 -10.36 40.00 -90.89
C ALA QB 33 -9.11 39.73 -91.72
N THR QB 34 -8.77 38.47 -91.92
CA THR QB 34 -7.60 38.07 -92.69
C THR QB 34 -8.06 37.52 -94.04
N GLU QB 35 -7.62 38.14 -95.12
CA GLU QB 35 -7.99 37.73 -96.46
C GLU QB 35 -7.00 36.68 -96.96
N VAL QB 36 -7.49 35.47 -97.19
CA VAL QB 36 -6.69 34.37 -97.69
C VAL QB 36 -7.42 33.75 -98.88
N ALA QB 37 -6.66 33.32 -99.89
CA ALA QB 37 -7.26 32.71 -101.07
C ALA QB 37 -7.77 31.32 -100.73
N ALA QB 38 -9.06 31.09 -100.97
CA ALA QB 38 -9.66 29.78 -100.68
C ALA QB 38 -9.60 28.86 -101.90
N ASP QB 39 -8.42 28.72 -102.48
CA ASP QB 39 -8.25 27.83 -103.62
C ASP QB 39 -8.11 26.37 -103.21
N ALA QB 40 -7.89 26.10 -101.93
CA ALA QB 40 -7.77 24.73 -101.44
C ALA QB 40 -9.10 23.99 -101.45
N LEU QB 41 -10.20 24.70 -101.67
CA LEU QB 41 -11.53 24.10 -101.67
C LEU QB 41 -11.93 23.63 -103.07
N GLY QB 42 -11.09 22.78 -103.68
CA GLY QB 42 -11.43 22.28 -104.98
C GLY QB 42 -11.22 23.33 -106.08
N GLU QB 43 -11.64 22.95 -107.28
CA GLU QB 43 -11.39 23.80 -108.45
C GLU QB 43 -12.35 24.98 -108.49
N GLU QB 44 -13.58 24.79 -108.00
CA GLU QB 44 -14.60 25.81 -108.19
C GLU QB 44 -14.28 27.09 -107.42
N TRP QB 45 -13.62 26.99 -106.27
CA TRP QB 45 -13.22 28.17 -105.52
C TRP QB 45 -11.78 28.58 -105.80
N LYS QB 46 -11.24 28.18 -106.95
CA LYS QB 46 -9.95 28.71 -107.38
C LYS QB 46 -10.09 30.22 -107.63
N GLY QB 47 -9.08 30.98 -107.21
CA GLY QB 47 -9.10 32.41 -107.45
C GLY QB 47 -10.09 33.18 -106.62
N TYR QB 48 -10.54 32.62 -105.50
CA TYR QB 48 -11.51 33.26 -104.64
C TYR QB 48 -10.84 33.62 -103.33
N VAL QB 49 -10.48 34.89 -103.17
CA VAL QB 49 -9.90 35.39 -101.94
C VAL QB 49 -11.03 35.61 -100.94
N VAL QB 50 -10.88 35.05 -99.75
CA VAL QB 50 -11.93 35.03 -98.75
C VAL QB 50 -11.38 35.54 -97.43
N ARG QB 51 -12.26 36.05 -96.58
CA ARG QB 51 -11.88 36.63 -95.29
C ARG QB 51 -12.57 35.85 -94.17
N ILE QB 52 -11.79 35.50 -93.14
CA ILE QB 52 -12.36 34.96 -91.90
C ILE QB 52 -13.17 36.06 -91.25
N SER QB 53 -14.49 35.90 -91.17
CA SER QB 53 -15.37 36.95 -90.68
C SER QB 53 -16.12 36.56 -89.42
N GLY QB 54 -15.86 35.38 -88.85
CA GLY QB 54 -16.48 35.01 -87.60
C GLY QB 54 -17.06 33.62 -87.68
N GLY QB 55 -17.93 33.32 -86.73
CA GLY QB 55 -18.55 32.00 -86.67
C GLY QB 55 -19.05 31.71 -85.26
N ASN QB 56 -19.23 30.42 -84.99
CA ASN QB 56 -19.70 29.95 -83.70
C ASN QB 56 -18.91 28.72 -83.29
N ASP QB 57 -18.83 28.49 -81.99
CA ASP QB 57 -18.07 27.37 -81.45
C ASP QB 57 -18.95 26.12 -81.46
N LYS QB 58 -18.39 24.99 -81.01
CA LYS QB 58 -19.12 23.73 -80.98
C LYS QB 58 -20.37 23.83 -80.12
N GLN QB 59 -20.26 24.49 -78.97
CA GLN QB 59 -21.38 24.66 -78.07
C GLN QB 59 -22.24 25.87 -78.43
N GLY QB 60 -21.90 26.57 -79.51
CA GLY QB 60 -22.69 27.70 -79.97
C GLY QB 60 -22.18 29.06 -79.53
N PHE QB 61 -20.98 29.15 -78.98
CA PHE QB 61 -20.47 30.43 -78.51
C PHE QB 61 -19.80 31.18 -79.64
N PRO QB 62 -20.26 32.39 -79.97
CA PRO QB 62 -19.67 33.12 -81.09
C PRO QB 62 -18.26 33.60 -80.78
N MET QB 63 -17.51 33.87 -81.84
CA MET QB 63 -16.14 34.35 -81.72
C MET QB 63 -16.11 35.87 -81.74
N LYS QB 64 -15.15 36.42 -81.01
CA LYS QB 64 -14.95 37.86 -80.91
C LYS QB 64 -13.59 38.22 -81.46
N GLN QB 65 -13.53 39.30 -82.24
CA GLN QB 65 -12.26 39.79 -82.76
C GLN QB 65 -11.40 40.32 -81.62
N GLY QB 66 -10.13 39.93 -81.61
CA GLY QB 66 -9.17 40.49 -80.68
C GLY QB 66 -8.94 39.70 -79.42
N VAL QB 67 -9.58 38.54 -79.26
CA VAL QB 67 -9.41 37.75 -78.04
C VAL QB 67 -8.01 37.18 -77.97
N LEU QB 68 -7.44 36.78 -79.12
CA LEU QB 68 -6.09 36.25 -79.22
C LEU QB 68 -5.91 34.98 -78.39
N THR QB 69 -6.84 34.04 -78.55
CA THR QB 69 -6.68 32.69 -78.04
C THR QB 69 -7.56 31.75 -78.84
N HIS QB 70 -7.31 30.46 -78.69
CA HIS QB 70 -8.21 29.43 -79.20
C HIS QB 70 -8.80 28.68 -78.01
N GLY QB 71 -10.08 28.92 -77.75
CA GLY QB 71 -10.74 28.45 -76.56
C GLY QB 71 -11.71 29.48 -76.05
N ARG QB 72 -12.39 29.10 -74.96
CA ARG QB 72 -13.47 29.91 -74.41
C ARG QB 72 -12.98 30.67 -73.18
N VAL QB 73 -13.24 31.97 -73.15
CA VAL QB 73 -12.91 32.82 -72.01
C VAL QB 73 -14.15 33.64 -71.67
N ARG QB 74 -14.16 34.18 -70.46
CA ARG QB 74 -15.28 34.97 -69.95
C ARG QB 74 -14.89 36.44 -69.92
N LEU QB 75 -15.77 37.29 -70.45
CA LEU QB 75 -15.51 38.72 -70.52
C LEU QB 75 -16.72 39.49 -69.99
N LEU QB 76 -16.44 40.53 -69.22
CA LEU QB 76 -17.49 41.45 -68.76
C LEU QB 76 -17.80 42.39 -69.91
N LEU QB 77 -18.78 42.02 -70.74
CA LEU QB 77 -19.08 42.76 -71.96
C LEU QB 77 -19.86 44.02 -71.66
N SER QB 78 -19.42 45.14 -72.22
CA SER QB 78 -20.06 46.42 -72.04
C SER QB 78 -20.97 46.73 -73.24
N LYS QB 79 -21.46 47.96 -73.30
CA LYS QB 79 -22.38 48.35 -74.36
C LYS QB 79 -21.67 48.46 -75.70
N GLY QB 80 -22.23 47.80 -76.71
CA GLY QB 80 -21.76 47.98 -78.08
C GLY QB 80 -20.42 47.35 -78.41
N HIS QB 81 -19.96 46.37 -77.62
CA HIS QB 81 -18.70 45.71 -77.98
C HIS QB 81 -18.93 44.61 -79.01
N SER QB 82 -19.59 43.52 -78.60
CA SER QB 82 -19.92 42.36 -79.41
C SER QB 82 -20.63 41.36 -78.52
N CYS QB 83 -21.38 40.46 -79.16
CA CYS QB 83 -21.91 39.25 -78.52
C CYS QB 83 -22.76 39.56 -77.29
N TYR QB 84 -23.32 40.76 -77.22
CA TYR QB 84 -24.02 41.21 -76.03
C TYR QB 84 -24.88 42.41 -76.38
N ARG QB 85 -26.10 42.42 -75.86
CA ARG QB 85 -26.94 43.59 -75.89
C ARG QB 85 -27.45 43.85 -74.48
N PRO QB 86 -27.30 45.06 -73.95
CA PRO QB 86 -27.69 45.32 -72.57
C PRO QB 86 -29.20 45.30 -72.40
N ARG QB 87 -29.67 44.66 -71.33
CA ARG QB 87 -31.09 44.66 -71.01
C ARG QB 87 -31.56 46.04 -70.57
N ARG QB 88 -30.81 46.67 -69.66
CA ARG QB 88 -31.07 48.03 -69.23
C ARG QB 88 -29.81 48.86 -69.42
N THR QB 89 -29.97 50.18 -69.30
CA THR QB 89 -28.87 51.08 -69.60
C THR QB 89 -27.74 50.93 -68.58
N GLY QB 90 -26.51 51.04 -69.08
CA GLY QB 90 -25.35 50.94 -68.23
C GLY QB 90 -25.02 49.56 -67.73
N GLU QB 91 -25.81 48.55 -68.09
CA GLU QB 91 -25.61 47.21 -67.58
C GLU QB 91 -24.46 46.52 -68.28
N ARG QB 92 -23.58 45.89 -67.50
CA ARG QB 92 -22.53 45.03 -68.01
C ARG QB 92 -22.72 43.64 -67.46
N LYS QB 93 -22.39 42.63 -68.26
CA LYS QB 93 -22.63 41.25 -67.88
C LYS QB 93 -21.48 40.37 -68.36
N ARG QB 94 -21.03 39.48 -67.48
CA ARG QB 94 -19.98 38.54 -67.84
C ARG QB 94 -20.56 37.45 -68.74
N LYS QB 95 -19.92 37.22 -69.88
CA LYS QB 95 -20.40 36.23 -70.83
C LYS QB 95 -19.23 35.42 -71.36
N SER QB 96 -19.52 34.19 -71.77
CA SER QB 96 -18.51 33.29 -72.32
C SER QB 96 -18.43 33.48 -73.83
N VAL QB 97 -17.24 33.78 -74.34
CA VAL QB 97 -17.02 34.01 -75.75
C VAL QB 97 -15.86 33.13 -76.22
N ARG QB 98 -15.83 32.87 -77.51
CA ARG QB 98 -14.82 32.02 -78.12
C ARG QB 98 -13.76 32.89 -78.78
N GLY QB 99 -12.51 32.43 -78.72
CA GLY QB 99 -11.41 33.25 -79.18
C GLY QB 99 -11.45 33.49 -80.68
N CYS QB 100 -10.69 34.50 -81.11
CA CYS QB 100 -10.69 34.91 -82.51
C CYS QB 100 -9.98 33.92 -83.42
N ILE QB 101 -8.99 33.19 -82.91
CA ILE QB 101 -8.29 32.22 -83.74
C ILE QB 101 -9.22 31.05 -84.05
N VAL QB 102 -9.29 30.68 -85.32
CA VAL QB 102 -10.13 29.57 -85.77
C VAL QB 102 -9.29 28.32 -85.84
N ASP QB 103 -9.92 27.19 -85.53
CA ASP QB 103 -9.29 25.88 -85.54
C ASP QB 103 -10.38 24.85 -85.84
N ALA QB 104 -10.09 23.58 -85.56
CA ALA QB 104 -11.04 22.53 -85.89
C ALA QB 104 -12.29 22.59 -85.03
N ASN QB 105 -12.17 23.11 -83.81
CA ASN QB 105 -13.25 23.00 -82.82
C ASN QB 105 -14.28 24.10 -83.04
N LEU QB 106 -14.92 24.06 -84.22
CA LEU QB 106 -15.95 25.00 -84.59
C LEU QB 106 -17.13 24.26 -85.20
N SER QB 107 -18.32 24.85 -85.07
CA SER QB 107 -19.48 24.34 -85.78
C SER QB 107 -19.67 25.06 -87.12
N VAL QB 108 -19.71 26.39 -87.09
CA VAL QB 108 -19.80 27.18 -88.32
C VAL QB 108 -18.64 28.16 -88.34
N LEU QB 109 -18.18 28.46 -89.55
CA LEU QB 109 -17.10 29.41 -89.77
C LEU QB 109 -17.55 30.38 -90.86
N ASN QB 110 -17.94 31.58 -90.46
CA ASN QB 110 -18.40 32.56 -91.42
C ASN QB 110 -17.25 33.00 -92.32
N LEU QB 111 -17.47 32.98 -93.63
CA LEU QB 111 -16.52 33.48 -94.59
C LEU QB 111 -17.19 34.46 -95.52
N VAL QB 112 -16.47 35.51 -95.87
CA VAL QB 112 -16.91 36.48 -96.88
C VAL QB 112 -15.81 36.60 -97.92
N ILE QB 113 -16.10 36.17 -99.14
CA ILE QB 113 -15.14 36.32 -100.23
C ILE QB 113 -15.02 37.79 -100.60
N VAL QB 114 -13.79 38.24 -100.83
CA VAL QB 114 -13.53 39.64 -101.07
C VAL QB 114 -13.58 39.97 -102.56
N LYS QB 115 -12.70 39.38 -103.35
CA LYS QB 115 -12.60 39.67 -104.77
C LYS QB 115 -13.19 38.53 -105.59
N LYS QB 116 -13.70 38.89 -106.77
CA LYS QB 116 -14.39 37.92 -107.61
C LYS QB 116 -13.40 36.96 -108.26
N GLY QB 117 -13.78 35.69 -108.33
CA GLY QB 117 -12.99 34.68 -108.99
C GLY QB 117 -13.28 34.62 -110.49
N GLU QB 118 -12.78 33.57 -111.12
CA GLU QB 118 -12.91 33.45 -112.57
C GLU QB 118 -14.32 33.07 -113.00
N LYS QB 119 -15.09 32.37 -112.17
CA LYS QB 119 -16.38 31.85 -112.56
C LYS QB 119 -17.41 32.16 -111.46
N ASP QB 120 -18.64 31.71 -111.68
CA ASP QB 120 -19.77 32.00 -110.80
C ASP QB 120 -20.13 30.79 -109.97
N ILE QB 121 -20.23 30.99 -108.65
CA ILE QB 121 -20.75 29.92 -107.79
C ILE QB 121 -22.25 29.78 -108.03
N PRO QB 122 -22.77 28.57 -108.22
CA PRO QB 122 -24.21 28.41 -108.45
C PRO QB 122 -25.01 28.81 -107.22
N GLY QB 123 -25.98 29.70 -107.43
CA GLY QB 123 -26.86 30.16 -106.38
C GLY QB 123 -26.30 31.27 -105.50
N LEU QB 124 -25.05 31.69 -105.71
CA LEU QB 124 -24.42 32.67 -104.84
C LEU QB 124 -24.24 34.02 -105.52
N THR QB 125 -23.54 34.05 -106.65
CA THR QB 125 -23.32 35.30 -107.37
C THR QB 125 -24.44 35.66 -108.34
N ASP QB 126 -25.22 34.69 -108.78
CA ASP QB 126 -26.34 34.93 -109.66
C ASP QB 126 -27.57 35.32 -108.84
N THR QB 127 -28.60 35.79 -109.55
CA THR QB 127 -29.85 36.24 -108.95
C THR QB 127 -29.59 37.27 -107.85
N THR QB 128 -28.94 38.35 -108.24
CA THR QB 128 -28.54 39.40 -107.32
C THR QB 128 -29.79 40.10 -106.78
N VAL QB 129 -30.14 39.80 -105.54
CA VAL QB 129 -31.31 40.46 -104.94
C VAL QB 129 -30.98 41.93 -104.70
N PRO QB 130 -31.85 42.85 -105.09
CA PRO QB 130 -31.60 44.27 -104.84
C PRO QB 130 -31.77 44.59 -103.36
N ARG QB 131 -31.12 45.66 -102.95
CA ARG QB 131 -31.41 46.22 -101.63
C ARG QB 131 -32.85 46.74 -101.62
N ARG QB 132 -33.51 46.56 -100.49
CA ARG QB 132 -34.96 46.76 -100.44
C ARG QB 132 -35.34 48.23 -100.63
N LEU QB 133 -34.87 49.08 -99.73
CA LEU QB 133 -35.31 50.47 -99.68
C LEU QB 133 -34.15 51.40 -100.05
N GLY QB 134 -34.49 52.49 -100.75
CA GLY QB 134 -33.51 53.46 -101.15
C GLY QB 134 -33.23 54.48 -100.08
N PRO QB 135 -32.41 55.46 -100.41
CA PRO QB 135 -32.02 56.46 -99.43
C PRO QB 135 -33.19 57.33 -98.99
N LYS QB 136 -33.13 57.76 -97.74
CA LYS QB 136 -34.14 58.64 -97.13
C LYS QB 136 -33.65 60.04 -96.90
N ARG QB 137 -32.38 60.21 -96.52
CA ARG QB 137 -31.80 61.54 -96.37
C ARG QB 137 -31.59 62.17 -97.74
N ALA QB 138 -32.03 63.43 -97.89
CA ALA QB 138 -32.09 64.06 -99.21
C ALA QB 138 -30.70 64.14 -99.86
N SER QB 139 -29.69 64.48 -99.07
CA SER QB 139 -28.33 64.53 -99.61
C SER QB 139 -27.86 63.16 -100.07
N ARG QB 140 -28.42 62.08 -99.52
CA ARG QB 140 -28.03 60.75 -99.96
C ARG QB 140 -28.62 60.45 -101.34
N ILE QB 141 -29.87 60.87 -101.60
CA ILE QB 141 -30.39 60.80 -102.96
C ILE QB 141 -29.56 61.67 -103.89
N ARG QB 142 -29.14 62.85 -103.41
CA ARG QB 142 -28.32 63.73 -104.24
C ARG QB 142 -27.01 63.05 -104.64
N LYS QB 143 -26.38 62.36 -103.70
CA LYS QB 143 -25.14 61.65 -104.02
C LYS QB 143 -25.40 60.43 -104.91
N LEU QB 144 -26.55 59.77 -104.72
CA LEU QB 144 -26.84 58.59 -105.52
C LEU QB 144 -27.10 58.94 -106.98
N PHE QB 145 -27.95 59.93 -107.23
CA PHE QB 145 -28.34 60.27 -108.59
C PHE QB 145 -27.61 61.50 -109.13
N ASN QB 146 -26.55 61.94 -108.45
CA ASN QB 146 -25.67 63.02 -108.91
C ASN QB 146 -26.46 64.33 -109.11
N LEU QB 147 -27.04 64.80 -108.02
CA LEU QB 147 -27.79 66.06 -108.03
C LEU QB 147 -26.84 67.21 -107.74
N SER QB 148 -26.95 68.28 -108.53
CA SER QB 148 -26.11 69.45 -108.27
C SER QB 148 -26.72 70.31 -107.16
N LYS QB 149 -27.87 70.94 -107.44
CA LYS QB 149 -28.57 71.76 -106.44
C LYS QB 149 -30.04 71.84 -106.84
N GLU QB 150 -30.88 71.05 -106.16
CA GLU QB 150 -32.34 71.15 -106.24
C GLU QB 150 -32.79 70.98 -107.70
N ASP QB 151 -32.64 69.75 -108.17
CA ASP QB 151 -33.07 69.37 -109.52
C ASP QB 151 -34.07 68.22 -109.40
N ASP QB 152 -35.35 68.56 -109.24
CA ASP QB 152 -36.44 67.58 -109.25
C ASP QB 152 -36.24 66.52 -108.17
N VAL QB 153 -35.95 66.98 -106.95
CA VAL QB 153 -35.68 66.07 -105.84
C VAL QB 153 -36.93 65.28 -105.49
N ARG QB 154 -38.11 65.90 -105.61
CA ARG QB 154 -39.35 65.23 -105.26
C ARG QB 154 -39.60 64.02 -106.15
N GLN QB 155 -39.28 64.13 -107.44
CA GLN QB 155 -39.51 63.03 -108.38
C GLN QB 155 -38.31 62.12 -108.56
N TYR QB 156 -37.18 62.41 -107.92
CA TYR QB 156 -36.04 61.50 -107.98
C TYR QB 156 -36.01 60.52 -106.83
N VAL QB 157 -36.97 60.57 -105.93
CA VAL QB 157 -37.05 59.61 -104.83
C VAL QB 157 -37.54 58.29 -105.39
N VAL QB 158 -36.99 57.19 -104.87
CA VAL QB 158 -37.34 55.86 -105.38
C VAL QB 158 -38.75 55.53 -104.91
N ARG QB 159 -39.67 55.41 -105.87
CA ARG QB 159 -41.05 55.02 -105.56
C ARG QB 159 -41.14 53.51 -105.53
N LYS QB 160 -41.46 52.97 -104.35
CA LYS QB 160 -41.51 51.53 -104.16
C LYS QB 160 -42.85 51.00 -104.64
N PRO QB 161 -42.90 50.13 -105.65
CA PRO QB 161 -44.17 49.51 -106.04
C PRO QB 161 -44.44 48.22 -105.28
N LEU QB 162 -45.65 48.07 -104.77
CA LEU QB 162 -46.05 46.91 -103.98
C LEU QB 162 -47.47 46.52 -104.33
N ASN QB 163 -47.76 45.22 -104.25
CA ASN QB 163 -49.07 44.72 -104.62
C ASN QB 163 -49.39 43.43 -103.88
N LYS QB 164 -50.68 43.10 -103.85
CA LYS QB 164 -51.16 41.82 -103.35
C LYS QB 164 -52.36 41.39 -104.17
N GLU QB 165 -52.87 40.21 -103.85
CA GLU QB 165 -54.02 39.66 -104.57
C GLU QB 165 -55.26 40.53 -104.35
N GLY QB 166 -55.55 40.87 -103.09
CA GLY QB 166 -56.64 41.78 -102.81
C GLY QB 166 -56.27 43.24 -102.89
N LYS QB 167 -54.98 43.54 -103.04
CA LYS QB 167 -54.51 44.92 -103.08
C LYS QB 167 -54.60 45.49 -104.48
N LYS QB 168 -55.28 46.63 -104.61
CA LYS QB 168 -55.21 47.41 -105.83
C LYS QB 168 -53.83 48.03 -105.97
N PRO QB 169 -53.28 48.09 -107.18
CA PRO QB 169 -51.90 48.56 -107.35
C PRO QB 169 -51.69 49.95 -106.78
N ARG QB 170 -50.54 50.14 -106.14
CA ARG QB 170 -50.21 51.37 -105.43
C ARG QB 170 -48.69 51.47 -105.32
N THR QB 171 -48.18 52.68 -105.43
CA THR QB 171 -46.77 52.94 -105.16
C THR QB 171 -46.61 53.47 -103.75
N LYS QB 172 -45.37 53.41 -103.25
CA LYS QB 172 -45.05 53.90 -101.92
C LYS QB 172 -43.88 54.88 -102.01
N ALA QB 173 -43.98 55.97 -101.26
CA ALA QB 173 -42.96 56.99 -101.24
C ALA QB 173 -42.63 57.37 -99.80
N PRO QB 174 -41.35 57.47 -99.45
CA PRO QB 174 -40.97 57.80 -98.07
C PRO QB 174 -41.12 59.29 -97.80
N LYS QB 175 -41.07 59.63 -96.51
CA LYS QB 175 -41.00 61.02 -96.10
C LYS QB 175 -39.53 61.40 -96.05
N ILE QB 176 -39.04 62.04 -97.11
CA ILE QB 176 -37.62 62.38 -97.21
C ILE QB 176 -37.28 63.50 -96.26
N GLN QB 177 -36.13 63.39 -95.60
CA GLN QB 177 -35.75 64.29 -94.53
C GLN QB 177 -34.48 65.07 -94.90
N ARG QB 178 -34.20 66.09 -94.08
CA ARG QB 178 -33.09 67.03 -94.27
C ARG QB 178 -33.21 67.73 -95.63
N LEU QB 179 -34.28 68.50 -95.75
CA LEU QB 179 -34.61 69.26 -96.94
C LEU QB 179 -34.55 70.75 -96.67
N VAL QB 180 -34.92 71.52 -97.70
CA VAL QB 180 -35.32 72.90 -97.55
C VAL QB 180 -36.83 72.98 -97.74
N THR QB 181 -37.52 73.63 -96.82
CA THR QB 181 -38.96 73.56 -96.76
C THR QB 181 -39.51 74.93 -96.40
N PRO QB 182 -40.69 75.28 -96.90
CA PRO QB 182 -41.38 76.47 -96.35
C PRO QB 182 -41.59 76.39 -94.86
N ARG QB 183 -41.74 75.19 -94.30
CA ARG QB 183 -41.89 75.04 -92.86
C ARG QB 183 -40.55 75.26 -92.14
N VAL QB 184 -39.46 74.75 -92.71
CA VAL QB 184 -38.15 74.94 -92.10
C VAL QB 184 -37.75 76.41 -92.15
N LEU QB 185 -37.94 77.04 -93.31
CA LEU QB 185 -37.70 78.48 -93.42
C LEU QB 185 -38.67 79.27 -92.54
N GLN QB 186 -39.88 78.75 -92.36
CA GLN QB 186 -40.82 79.35 -91.42
C GLN QB 186 -40.26 79.35 -90.01
N HIS QB 187 -39.70 78.21 -89.59
CA HIS QB 187 -39.12 78.12 -88.26
C HIS QB 187 -37.91 79.05 -88.12
N LYS QB 188 -37.09 79.14 -89.16
CA LYS QB 188 -35.93 80.02 -89.11
C LYS QB 188 -36.35 81.49 -89.00
N ARG QB 189 -37.35 81.89 -89.78
CA ARG QB 189 -37.84 83.26 -89.69
C ARG QB 189 -38.48 83.52 -88.33
N ARG QB 190 -39.15 82.51 -87.78
CA ARG QB 190 -39.76 82.64 -86.45
C ARG QB 190 -38.69 82.89 -85.39
N ARG QB 191 -37.61 82.12 -85.42
CA ARG QB 191 -36.59 82.30 -84.38
C ARG QB 191 -35.81 83.60 -84.59
N ILE QB 192 -35.62 84.02 -85.85
CA ILE QB 192 -35.05 85.35 -86.09
C ILE QB 192 -35.95 86.42 -85.51
N ALA QB 193 -37.27 86.25 -85.65
CA ALA QB 193 -38.21 87.20 -85.06
C ALA QB 193 -38.09 87.23 -83.54
N LEU QB 194 -37.99 86.04 -82.93
CA LEU QB 194 -37.75 85.96 -81.49
C LEU QB 194 -36.50 86.73 -81.08
N LYS QB 195 -35.42 86.59 -81.85
CA LYS QB 195 -34.22 87.37 -81.58
C LYS QB 195 -34.51 88.87 -81.67
N LYS QB 196 -35.30 89.28 -82.67
CA LYS QB 196 -35.58 90.70 -82.85
C LYS QB 196 -36.34 91.27 -81.65
N GLN QB 197 -37.46 90.64 -81.27
CA GLN QB 197 -38.21 91.23 -80.17
C GLN QB 197 -37.51 91.04 -78.84
N ARG QB 198 -36.69 90.01 -78.69
CA ARG QB 198 -35.90 89.88 -77.47
C ARG QB 198 -34.89 91.01 -77.35
N THR QB 199 -34.22 91.35 -78.46
CA THR QB 199 -33.26 92.45 -78.45
C THR QB 199 -33.94 93.77 -78.15
N LYS QB 200 -35.07 94.03 -78.80
CA LYS QB 200 -35.73 95.32 -78.56
C LYS QB 200 -36.31 95.38 -77.16
N LYS QB 201 -36.74 94.24 -76.61
CA LYS QB 201 -37.18 94.19 -75.23
C LYS QB 201 -36.05 94.57 -74.30
N ASN QB 202 -34.86 94.03 -74.53
CA ASN QB 202 -33.70 94.39 -73.72
C ASN QB 202 -33.42 95.88 -73.81
N LYS QB 203 -33.46 96.43 -75.03
CA LYS QB 203 -33.14 97.85 -75.21
C LYS QB 203 -34.17 98.74 -74.51
N GLU QB 204 -35.46 98.42 -74.65
CA GLU QB 204 -36.48 99.28 -74.06
C GLU QB 204 -36.51 99.15 -72.54
N GLU QB 205 -36.24 97.95 -72.02
CA GLU QB 205 -36.11 97.79 -70.57
C GLU QB 205 -34.93 98.60 -70.04
N ALA QB 206 -33.81 98.57 -70.77
CA ALA QB 206 -32.65 99.35 -70.35
C ALA QB 206 -32.96 100.84 -70.34
N ALA QB 207 -33.65 101.33 -71.37
CA ALA QB 207 -34.01 102.75 -71.41
C ALA QB 207 -34.96 103.11 -70.26
N GLU QB 208 -35.95 102.27 -69.99
CA GLU QB 208 -36.89 102.53 -68.91
C GLU QB 208 -36.16 102.61 -67.57
N TYR QB 209 -35.32 101.62 -67.27
CA TYR QB 209 -34.60 101.65 -66.02
C TYR QB 209 -33.62 102.81 -65.95
N ALA QB 210 -33.03 103.20 -67.09
CA ALA QB 210 -32.11 104.32 -67.08
C ALA QB 210 -32.83 105.60 -66.68
N LYS QB 211 -34.00 105.86 -67.27
CA LYS QB 211 -34.70 107.09 -66.91
C LYS QB 211 -35.24 107.03 -65.48
N LEU QB 212 -35.68 105.85 -65.03
CA LEU QB 212 -36.16 105.72 -63.66
C LEU QB 212 -35.04 105.95 -62.66
N LEU QB 213 -33.86 105.37 -62.90
CA LEU QB 213 -32.73 105.58 -62.01
C LEU QB 213 -32.27 107.02 -62.03
N ALA QB 214 -32.33 107.68 -63.20
CA ALA QB 214 -32.00 109.09 -63.26
C ALA QB 214 -32.96 109.92 -62.40
N LYS QB 215 -34.25 109.60 -62.47
CA LYS QB 215 -35.23 110.30 -61.65
C LYS QB 215 -34.97 110.08 -60.16
N ARG QB 216 -34.66 108.84 -59.77
CA ARG QB 216 -34.41 108.57 -58.35
C ARG QB 216 -33.14 109.25 -57.88
N MET QB 217 -32.10 109.27 -58.71
CA MET QB 217 -30.85 109.93 -58.33
C MET QB 217 -31.03 111.44 -58.21
N LYS QB 218 -31.79 112.05 -59.11
CA LYS QB 218 -32.04 113.48 -58.95
C LYS QB 218 -32.93 113.77 -57.75
N GLU QB 219 -33.82 112.84 -57.38
CA GLU QB 219 -34.57 112.99 -56.14
C GLU QB 219 -33.65 112.97 -54.93
N ALA QB 220 -32.68 112.06 -54.91
CA ALA QB 220 -31.71 112.01 -53.81
C ALA QB 220 -30.86 113.29 -53.78
N LYS QB 221 -30.43 113.77 -54.94
CA LYS QB 221 -29.68 115.02 -55.00
C LYS QB 221 -30.52 116.20 -54.53
N GLU QB 222 -31.82 116.19 -54.82
CA GLU QB 222 -32.68 117.27 -54.35
C GLU QB 222 -32.89 117.20 -52.85
N LYS QB 223 -32.95 115.99 -52.28
CA LYS QB 223 -32.94 115.86 -50.83
C LYS QB 223 -31.66 116.42 -50.22
N ARG QB 224 -30.52 116.13 -50.85
CA ARG QB 224 -29.25 116.62 -50.32
C ARG QB 224 -29.16 118.14 -50.42
N GLN QB 225 -29.61 118.71 -51.54
CA GLN QB 225 -29.68 120.16 -51.64
C GLN QB 225 -30.69 120.76 -50.68
N GLU QB 226 -31.75 120.01 -50.31
CA GLU QB 226 -32.68 120.50 -49.32
C GLU QB 226 -32.04 120.57 -47.94
N GLN QB 227 -31.26 119.55 -47.59
CA GLN QB 227 -30.49 119.60 -46.35
C GLN QB 227 -29.47 120.74 -46.39
N ILE QB 228 -28.86 120.96 -47.56
CA ILE QB 228 -27.93 122.08 -47.73
C ILE QB 228 -28.65 123.41 -47.49
N ALA QB 229 -29.85 123.56 -48.05
CA ALA QB 229 -30.65 124.76 -47.84
C ALA QB 229 -31.02 124.93 -46.37
N LYS QB 230 -31.38 123.83 -45.70
CA LYS QB 230 -31.73 123.90 -44.29
C LYS QB 230 -30.54 124.34 -43.44
N ARG QB 231 -29.35 123.81 -43.73
CA ARG QB 231 -28.19 124.19 -42.95
C ARG QB 231 -27.63 125.55 -43.33
N ARG QB 232 -27.98 126.07 -44.51
CA ARG QB 232 -27.50 127.39 -44.92
C ARG QB 232 -28.43 128.53 -44.56
N ARG QB 233 -29.75 128.30 -44.55
CA ARG QB 233 -30.70 129.39 -44.35
C ARG QB 233 -30.75 129.86 -42.90
N LEU QB 234 -30.22 129.09 -41.97
CA LEU QB 234 -30.24 129.43 -40.55
C LEU QB 234 -28.82 129.25 -40.01
N SER QB 235 -28.08 130.35 -39.93
CA SER QB 235 -26.71 130.32 -39.44
C SER QB 235 -26.36 131.43 -38.46
N SER QB 236 -27.20 132.45 -38.31
CA SER QB 236 -26.90 133.57 -37.42
C SER QB 236 -28.04 133.97 -36.49
N LEU QB 237 -29.29 133.67 -36.81
CA LEU QB 237 -30.42 134.16 -36.03
C LEU QB 237 -30.66 133.31 -34.78
N SER RB 1 -29.26 140.92 4.05
CA SER RB 1 -29.22 139.74 4.91
C SER RB 1 -27.80 139.20 5.01
N ALA RB 2 -27.50 138.54 6.13
CA ALA RB 2 -26.18 137.98 6.37
C ALA RB 2 -26.29 136.45 6.38
N LYS RB 3 -25.71 135.82 5.36
CA LYS RB 3 -25.70 134.36 5.24
C LYS RB 3 -24.30 133.95 4.84
N ILE RB 4 -23.50 133.54 5.84
CA ILE RB 4 -22.09 133.26 5.61
C ILE RB 4 -21.77 131.77 5.73
N VAL RB 5 -22.53 131.01 6.50
CA VAL RB 5 -22.25 129.59 6.73
C VAL RB 5 -23.47 128.80 6.27
N LYS RB 6 -23.45 128.41 4.99
CA LYS RB 6 -24.46 127.56 4.39
C LYS RB 6 -23.90 126.95 3.10
N PRO RB 7 -23.06 125.91 3.18
CA PRO RB 7 -22.71 125.17 1.96
C PRO RB 7 -23.57 123.94 1.74
N ASN RB 8 -24.00 123.72 0.50
CA ASN RB 8 -24.69 122.49 0.10
C ASN RB 8 -24.77 122.45 -1.42
N GLY RB 9 -25.55 121.50 -1.94
CA GLY RB 9 -25.63 121.31 -3.37
C GLY RB 9 -26.21 122.49 -4.12
N GLU RB 10 -27.32 123.03 -3.62
CA GLU RB 10 -27.96 124.18 -4.24
C GLU RB 10 -27.40 125.46 -3.65
N LYS RB 11 -27.47 126.53 -4.44
CA LYS RB 11 -27.02 127.83 -3.96
C LYS RB 11 -28.03 128.53 -3.06
N PRO RB 12 -29.32 128.73 -3.49
CA PRO RB 12 -30.20 129.59 -2.69
C PRO RB 12 -30.66 128.94 -1.40
N ASP RB 13 -31.41 129.69 -0.59
CA ASP RB 13 -31.91 129.20 0.68
C ASP RB 13 -33.23 129.88 1.01
N GLU RB 14 -33.97 129.26 1.92
CA GLU RB 14 -35.26 129.79 2.36
C GLU RB 14 -35.42 129.47 3.84
N PHE RB 15 -35.37 130.50 4.68
CA PHE RB 15 -35.46 130.43 6.14
C PHE RB 15 -34.23 129.76 6.74
N GLU RB 16 -33.35 129.26 5.89
CA GLU RB 16 -32.04 128.79 6.32
C GLU RB 16 -31.08 129.97 6.46
N SER RB 17 -31.37 131.06 5.76
CA SER RB 17 -30.65 132.30 6.01
C SER RB 17 -30.88 132.78 7.44
N GLY RB 18 -32.08 132.56 7.97
CA GLY RB 18 -32.35 132.92 9.35
C GLY RB 18 -31.53 132.12 10.34
N ILE RB 19 -31.40 130.81 10.11
CA ILE RB 19 -30.60 130.00 11.02
C ILE RB 19 -29.11 130.28 10.85
N SER RB 20 -28.66 130.58 9.63
CA SER RB 20 -27.28 130.99 9.44
C SER RB 20 -27.00 132.31 10.14
N GLN RB 21 -27.98 133.21 10.12
CA GLN RB 21 -27.88 134.45 10.91
C GLN RB 21 -27.73 134.12 12.39
N ALA RB 22 -28.72 133.42 12.95
CA ALA RB 22 -28.70 133.11 14.38
C ALA RB 22 -27.43 132.36 14.78
N LEU RB 23 -26.82 131.65 13.83
CA LEU RB 23 -25.53 131.02 14.10
C LEU RB 23 -24.39 132.04 14.05
N LEU RB 24 -24.48 133.05 13.19
CA LEU RB 24 -23.33 133.94 13.04
C LEU RB 24 -23.20 134.91 14.22
N GLU RB 25 -24.32 135.48 14.71
CA GLU RB 25 -24.21 136.23 15.96
C GLU RB 25 -24.31 135.36 17.19
N LEU RB 26 -24.02 134.06 17.06
CA LEU RB 26 -23.57 133.28 18.20
C LEU RB 26 -22.09 133.57 18.53
N GLU RB 27 -21.54 134.61 17.89
CA GLU RB 27 -20.20 135.12 18.12
C GLU RB 27 -20.03 135.49 19.60
N MET RB 28 -18.76 135.67 20.00
CA MET RB 28 -18.33 136.03 21.35
C MET RB 28 -19.11 135.33 22.44
N ASN RB 29 -19.37 134.04 22.25
CA ASN RB 29 -20.11 133.22 23.19
C ASN RB 29 -19.16 132.69 24.27
N SER RB 30 -19.64 131.74 25.06
CA SER RB 30 -18.86 131.19 26.18
C SER RB 30 -17.80 130.21 25.64
N ASP RB 31 -16.80 130.79 24.98
CA ASP RB 31 -15.61 130.08 24.51
C ASP RB 31 -15.99 128.92 23.59
N LEU RB 32 -16.63 129.28 22.47
CA LEU RB 32 -17.09 128.30 21.50
C LEU RB 32 -16.61 128.60 20.09
N LYS RB 33 -16.46 129.87 19.74
CA LYS RB 33 -16.22 130.25 18.35
C LYS RB 33 -14.89 129.73 17.81
N ALA RB 34 -13.96 129.38 18.69
CA ALA RB 34 -12.77 128.66 18.24
C ALA RB 34 -13.13 127.27 17.73
N GLN RB 35 -14.14 126.65 18.33
CA GLN RB 35 -14.63 125.34 17.92
C GLN RB 35 -15.93 125.44 17.15
N LEU RB 36 -16.27 126.61 16.63
CA LEU RB 36 -17.51 126.80 15.90
C LEU RB 36 -17.33 127.51 14.56
N ARG RB 37 -16.26 128.26 14.35
CA ARG RB 37 -16.06 128.93 13.07
C ARG RB 37 -15.75 127.95 11.95
N GLU RB 38 -15.07 126.84 12.26
CA GLU RB 38 -14.68 125.86 11.26
C GLU RB 38 -15.75 124.79 11.07
N LEU RB 39 -17.00 125.08 11.42
CA LEU RB 39 -18.09 124.12 11.30
C LEU RB 39 -19.17 124.70 10.40
N ASN RB 40 -19.83 123.85 9.65
CA ASN RB 40 -20.74 124.28 8.59
C ASN RB 40 -22.10 123.60 8.71
N ILE RB 41 -23.11 124.23 8.11
CA ILE RB 41 -24.48 123.75 8.12
C ILE RB 41 -24.95 123.60 6.68
N THR RB 42 -25.53 122.45 6.35
CA THR RB 42 -25.90 122.16 4.98
C THR RB 42 -27.37 122.41 4.66
N ALA RB 43 -28.27 122.24 5.63
CA ALA RB 43 -29.70 122.43 5.36
C ALA RB 43 -30.45 122.62 6.68
N ALA RB 44 -31.68 123.10 6.54
CA ALA RB 44 -32.58 123.30 7.68
C ALA RB 44 -34.01 123.34 7.15
N LYS RB 45 -34.96 123.12 8.07
CA LYS RB 45 -36.36 123.05 7.69
C LYS RB 45 -37.21 123.13 8.96
N GLU RB 46 -38.40 123.71 8.85
CA GLU RB 46 -39.34 123.82 9.94
C GLU RB 46 -40.54 122.92 9.69
N ILE RB 47 -40.89 122.11 10.70
CA ILE RB 47 -42.04 121.22 10.63
C ILE RB 47 -42.89 121.40 11.89
N GLU RB 48 -44.08 120.82 11.86
CA GLU RB 48 -45.04 120.88 12.95
C GLU RB 48 -45.09 119.55 13.67
N VAL RB 49 -45.05 119.58 15.00
CA VAL RB 49 -45.15 118.37 15.81
C VAL RB 49 -46.09 118.63 16.98
N GLY RB 50 -46.81 117.59 17.39
CA GLY RB 50 -47.68 117.65 18.54
C GLY RB 50 -48.93 118.45 18.32
N GLY RB 51 -49.03 119.60 18.98
CA GLY RB 51 -50.18 120.47 18.84
C GLY RB 51 -49.88 121.64 17.92
N GLY RB 52 -49.56 122.79 18.50
CA GLY RB 52 -49.09 123.93 17.74
C GLY RB 52 -47.62 124.18 18.00
N ARG RB 53 -46.84 123.11 18.10
CA ARG RB 53 -45.44 123.20 18.48
C ARG RB 53 -44.55 122.96 17.28
N LYS RB 54 -43.57 123.84 17.09
CA LYS RB 54 -42.67 123.78 15.95
C LYS RB 54 -41.34 123.13 16.35
N ALA RB 55 -40.84 122.27 15.48
CA ALA RB 55 -39.54 121.63 15.65
C ALA RB 55 -38.65 122.03 14.48
N ILE RB 56 -37.44 122.48 14.79
CA ILE RB 56 -36.48 122.92 13.79
C ILE RB 56 -35.45 121.83 13.57
N ILE RB 57 -35.18 121.52 12.30
CA ILE RB 57 -34.17 120.54 11.92
C ILE RB 57 -32.95 121.29 11.40
N ILE RB 58 -31.77 120.78 11.75
CA ILE RB 58 -30.51 121.30 11.24
C ILE RB 58 -29.70 120.13 10.72
N PHE RB 59 -29.38 120.15 9.44
CA PHE RB 59 -28.60 119.10 8.81
C PHE RB 59 -27.13 119.50 8.75
N VAL RB 60 -26.26 118.54 9.03
CA VAL RB 60 -24.82 118.75 8.95
C VAL RB 60 -24.22 117.67 8.06
N PRO RB 61 -23.10 117.92 7.39
CA PRO RB 61 -22.47 116.84 6.63
C PRO RB 61 -21.90 115.77 7.53
N VAL RB 62 -21.76 114.57 6.96
CA VAL RB 62 -21.26 113.42 7.73
C VAL RB 62 -19.86 113.65 8.30
N PRO RB 63 -18.87 114.17 7.54
CA PRO RB 63 -17.48 114.12 8.04
C PRO RB 63 -17.25 114.77 9.40
N GLN RB 64 -17.96 115.85 9.73
CA GLN RB 64 -17.82 116.47 11.05
C GLN RB 64 -19.11 116.39 11.85
N LEU RB 65 -19.88 115.32 11.65
CA LEU RB 65 -21.01 115.05 12.55
C LEU RB 65 -20.53 114.82 13.97
N LYS RB 66 -19.43 114.08 14.13
CA LYS RB 66 -18.86 113.87 15.46
C LYS RB 66 -18.34 115.16 16.07
N SER RB 67 -17.99 116.15 15.24
CA SER RB 67 -17.53 117.43 15.75
C SER RB 67 -18.66 118.26 16.33
N PHE RB 68 -19.88 118.12 15.79
CA PHE RB 68 -21.01 118.79 16.41
C PHE RB 68 -21.40 118.09 17.72
N GLN RB 69 -21.30 116.77 17.76
CA GLN RB 69 -21.78 116.03 18.91
C GLN RB 69 -20.96 116.31 20.17
N LYS RB 70 -19.68 116.65 20.02
CA LYS RB 70 -18.88 116.96 21.20
C LYS RB 70 -19.31 118.27 21.85
N ILE RB 71 -20.09 119.10 21.15
CA ILE RB 71 -20.58 120.36 21.72
C ILE RB 71 -22.10 120.49 21.65
N GLN RB 72 -22.79 119.53 21.02
CA GLN RB 72 -24.22 119.69 20.72
C GLN RB 72 -25.04 119.94 21.98
N VAL RB 73 -24.83 119.13 23.01
CA VAL RB 73 -25.58 119.23 24.25
C VAL RB 73 -25.42 120.60 24.89
N ARG RB 74 -24.38 121.34 24.51
CA ARG RB 74 -24.14 122.65 25.10
C ARG RB 74 -24.89 123.76 24.35
N LEU RB 75 -24.87 123.76 23.01
CA LEU RB 75 -25.48 124.86 22.29
C LEU RB 75 -26.93 124.59 21.87
N VAL RB 76 -27.47 123.40 22.14
CA VAL RB 76 -28.89 123.20 21.87
C VAL RB 76 -29.74 124.16 22.68
N ARG RB 77 -29.33 124.45 23.92
CA ARG RB 77 -30.10 125.37 24.75
C ARG RB 77 -30.07 126.80 24.19
N GLU RB 78 -28.92 127.26 23.71
CA GLU RB 78 -28.89 128.59 23.10
C GLU RB 78 -29.64 128.63 21.78
N LEU RB 79 -29.64 127.53 21.01
CA LEU RB 79 -30.51 127.47 19.85
C LEU RB 79 -31.97 127.56 20.24
N GLU RB 80 -32.34 126.94 21.36
CA GLU RB 80 -33.72 127.03 21.84
C GLU RB 80 -34.08 128.46 22.25
N LYS RB 81 -33.15 129.16 22.91
CA LYS RB 81 -33.43 130.55 23.27
C LYS RB 81 -33.48 131.47 22.06
N LYS RB 82 -32.68 131.19 21.02
CA LYS RB 82 -32.76 132.01 19.81
C LYS RB 82 -34.12 131.89 19.14
N PHE RB 83 -34.65 130.67 19.08
CA PHE RB 83 -35.95 130.39 18.48
C PHE RB 83 -36.86 129.87 19.59
N SER RB 84 -37.52 130.79 20.30
CA SER RB 84 -38.30 130.42 21.47
C SER RB 84 -39.47 129.53 21.10
N GLY RB 85 -39.81 128.60 21.99
CA GLY RB 85 -40.88 127.68 21.73
C GLY RB 85 -40.58 126.61 20.71
N LYS RB 86 -39.30 126.38 20.41
CA LYS RB 86 -38.89 125.42 19.40
C LYS RB 86 -37.84 124.48 19.97
N HIS RB 87 -37.95 123.20 19.62
CA HIS RB 87 -36.94 122.21 19.96
C HIS RB 87 -36.04 121.98 18.77
N VAL RB 88 -34.76 121.77 19.03
CA VAL RB 88 -33.72 121.76 18.00
C VAL RB 88 -33.06 120.39 17.99
N VAL RB 89 -32.95 119.80 16.80
CA VAL RB 89 -32.36 118.48 16.63
C VAL RB 89 -31.38 118.52 15.46
N PHE RB 90 -30.26 117.81 15.63
CA PHE RB 90 -29.15 117.83 14.69
C PHE RB 90 -29.03 116.44 14.06
N ILE RB 91 -29.46 116.30 12.82
CA ILE RB 91 -29.40 115.04 12.08
C ILE RB 91 -28.67 115.26 10.77
N ALA RB 92 -27.66 114.44 10.52
CA ALA RB 92 -26.84 114.57 9.33
C ALA RB 92 -27.56 114.05 8.09
N GLN RB 93 -27.08 114.49 6.93
CA GLN RB 93 -27.64 114.05 5.65
C GLN RB 93 -26.80 112.89 5.15
N ARG RB 94 -27.46 111.80 4.75
CA ARG RB 94 -26.77 110.53 4.52
C ARG RB 94 -26.86 110.01 3.10
N ARG RB 95 -27.57 110.67 2.20
CA ARG RB 95 -27.52 110.41 0.75
C ARG RB 95 -27.91 108.96 0.43
N ILE RB 96 -29.20 108.67 0.62
CA ILE RB 96 -29.77 107.40 0.19
C ILE RB 96 -29.36 107.08 -1.24
N LEU RB 97 -28.80 105.89 -1.43
CA LEU RB 97 -28.51 105.43 -2.76
C LEU RB 97 -29.53 104.37 -3.18
N PRO RB 98 -30.04 104.44 -4.40
CA PRO RB 98 -31.05 103.48 -4.84
C PRO RB 98 -30.51 102.07 -4.89
N LYS RB 99 -31.40 101.11 -4.64
CA LYS RB 99 -31.02 99.72 -4.75
C LYS RB 99 -30.80 99.36 -6.21
N PRO RB 100 -29.65 98.80 -6.57
CA PRO RB 100 -29.38 98.52 -7.99
C PRO RB 100 -30.23 97.37 -8.51
N THR RB 101 -31.26 97.71 -9.30
CA THR RB 101 -32.16 96.72 -9.84
C THR RB 101 -31.68 96.29 -11.22
N ARG RB 102 -32.51 95.54 -11.94
CA ARG RB 102 -32.16 95.06 -13.28
C ARG RB 102 -32.41 96.12 -14.35
N LYS RB 103 -32.54 97.38 -13.97
CA LYS RB 103 -32.69 98.48 -14.91
C LYS RB 103 -31.50 99.42 -14.86
N LYS RB 107 -22.23 105.03 -17.45
CA LYS RB 107 -22.37 103.60 -17.68
C LYS RB 107 -21.48 102.80 -16.74
N ASN RB 108 -21.19 103.35 -15.57
CA ASN RB 108 -20.31 102.68 -14.61
C ASN RB 108 -20.65 103.19 -13.21
N LYS RB 109 -21.32 102.36 -12.42
CA LYS RB 109 -21.64 102.67 -11.04
C LYS RB 109 -20.91 101.70 -10.12
N GLN RB 110 -20.23 102.24 -9.11
CA GLN RB 110 -19.52 101.42 -8.16
C GLN RB 110 -20.50 100.66 -7.27
N LYS RB 111 -19.99 99.64 -6.59
CA LYS RB 111 -20.80 98.87 -5.67
C LYS RB 111 -21.33 99.77 -4.56
N ARG RB 112 -22.60 99.63 -4.24
CA ARG RB 112 -23.23 100.50 -3.27
C ARG RB 112 -22.71 100.16 -1.87
N PRO RB 113 -22.06 101.10 -1.17
CA PRO RB 113 -21.56 100.80 0.16
C PRO RB 113 -22.69 100.60 1.16
N ARG RB 114 -22.39 99.84 2.21
CA ARG RB 114 -23.42 99.57 3.21
C ARG RB 114 -23.74 100.80 4.05
N SER RB 115 -22.86 101.79 4.07
CA SER RB 115 -23.20 103.05 4.73
C SER RB 115 -24.32 103.77 4.00
N ARG RB 116 -24.29 103.76 2.67
CA ARG RB 116 -25.34 104.39 1.87
C ARG RB 116 -26.62 103.60 1.86
N THR RB 117 -26.61 102.38 2.38
CA THR RB 117 -27.81 101.54 2.41
C THR RB 117 -28.91 102.20 3.24
N LEU RB 118 -30.15 102.05 2.74
CA LEU RB 118 -31.27 102.82 3.27
C LEU RB 118 -31.59 102.45 4.73
N THR RB 119 -31.59 101.15 5.07
CA THR RB 119 -31.88 100.78 6.45
C THR RB 119 -30.77 101.25 7.38
N ALA RB 120 -29.51 101.17 6.93
CA ALA RB 120 -28.41 101.71 7.70
C ALA RB 120 -28.58 103.21 7.91
N VAL RB 121 -29.00 103.92 6.87
CA VAL RB 121 -29.24 105.36 7.00
C VAL RB 121 -30.35 105.63 7.99
N HIS RB 122 -31.44 104.87 7.93
CA HIS RB 122 -32.59 105.16 8.79
C HIS RB 122 -32.28 104.90 10.25
N ASP RB 123 -31.66 103.75 10.57
CA ASP RB 123 -31.34 103.54 11.98
C ASP RB 123 -30.13 104.36 12.42
N ALA RB 124 -29.32 104.84 11.47
CA ALA RB 124 -28.26 105.79 11.83
C ALA RB 124 -28.84 107.13 12.24
N ILE RB 125 -29.77 107.67 11.43
CA ILE RB 125 -30.37 108.94 11.78
C ILE RB 125 -31.30 108.79 12.97
N LEU RB 126 -31.80 107.58 13.23
CA LEU RB 126 -32.44 107.33 14.51
C LEU RB 126 -31.44 107.43 15.65
N GLU RB 127 -30.22 106.93 15.43
CA GLU RB 127 -29.20 107.00 16.48
C GLU RB 127 -28.80 108.44 16.76
N ASP RB 128 -28.57 109.23 15.71
CA ASP RB 128 -28.11 110.59 15.89
C ASP RB 128 -29.21 111.59 16.22
N LEU RB 129 -30.48 111.20 16.07
CA LEU RB 129 -31.58 112.08 16.46
C LEU RB 129 -31.65 112.26 17.97
N VAL RB 130 -31.28 111.24 18.73
CA VAL RB 130 -31.48 111.25 20.17
C VAL RB 130 -30.13 111.27 20.88
N PHE RB 131 -29.17 111.98 20.28
CA PHE RB 131 -27.79 111.94 20.75
C PHE RB 131 -27.59 112.15 22.25
N PRO RB 132 -28.30 113.04 22.95
CA PRO RB 132 -28.15 113.09 24.42
C PRO RB 132 -28.44 111.76 25.09
N SER RB 133 -29.25 110.91 24.48
CA SER RB 133 -29.48 109.55 24.92
C SER RB 133 -28.81 108.57 23.95
N GLU RB 134 -29.01 107.27 24.20
CA GLU RB 134 -28.54 106.23 23.32
C GLU RB 134 -29.59 105.14 23.25
N ILE RB 135 -29.67 104.46 22.11
CA ILE RB 135 -30.60 103.35 21.95
C ILE RB 135 -29.99 102.11 22.61
N VAL RB 136 -30.69 101.56 23.60
CA VAL RB 136 -30.29 100.31 24.22
C VAL RB 136 -31.04 99.12 23.67
N GLY RB 137 -31.99 99.35 22.77
CA GLY RB 137 -32.77 98.27 22.19
C GLY RB 137 -33.91 98.77 21.33
N LYS RB 138 -34.31 97.98 20.34
CA LYS RB 138 -35.37 98.35 19.42
C LYS RB 138 -36.44 97.27 19.42
N ARG RB 139 -37.69 97.70 19.35
CA ARG RB 139 -38.82 96.80 19.28
C ARG RB 139 -39.73 97.22 18.14
N ILE RB 140 -40.05 96.29 17.24
CA ILE RB 140 -40.92 96.56 16.11
C ILE RB 140 -42.19 95.75 16.29
N ARG RB 141 -43.33 96.42 16.32
CA ARG RB 141 -44.62 95.80 16.54
C ARG RB 141 -45.46 95.88 15.27
N VAL RB 142 -46.00 94.74 14.84
CA VAL RB 142 -46.90 94.69 13.69
C VAL RB 142 -48.32 94.81 14.21
N LYS RB 143 -48.92 95.99 14.04
CA LYS RB 143 -50.19 96.31 14.71
C LYS RB 143 -51.37 95.76 13.91
N LEU RB 144 -51.41 94.43 13.82
CA LEU RB 144 -52.62 93.68 13.48
C LEU RB 144 -53.08 93.87 12.03
N ASP RB 145 -52.41 94.73 11.27
CA ASP RB 145 -52.81 94.96 9.89
C ASP RB 145 -51.63 95.26 8.98
N GLY RB 146 -50.41 94.87 9.37
CA GLY RB 146 -49.23 95.13 8.59
C GLY RB 146 -48.51 96.42 8.94
N SER RB 147 -49.18 97.33 9.63
CA SER RB 147 -48.53 98.56 10.08
C SER RB 147 -47.51 98.24 11.17
N ARG RB 148 -46.33 98.88 11.06
CA ARG RB 148 -45.23 98.63 11.98
C ARG RB 148 -45.06 99.83 12.91
N LEU RB 149 -44.94 99.54 14.21
CA LEU RB 149 -44.63 100.54 15.22
C LEU RB 149 -43.30 100.18 15.85
N ILE RB 150 -42.41 101.17 15.94
CA ILE RB 150 -41.06 100.96 16.47
C ILE RB 150 -41.00 101.55 17.87
N LYS RB 151 -40.72 100.70 18.86
CA LYS RB 151 -40.47 101.16 20.22
C LYS RB 151 -38.97 101.24 20.43
N VAL RB 152 -38.50 102.41 20.86
CA VAL RB 152 -37.08 102.69 21.05
C VAL RB 152 -36.82 102.83 22.54
N HIS RB 153 -35.86 102.04 23.04
CA HIS RB 153 -35.50 102.04 24.44
C HIS RB 153 -34.22 102.86 24.63
N LEU RB 154 -34.28 103.86 25.50
CA LEU RB 154 -33.16 104.76 25.69
C LEU RB 154 -32.33 104.34 26.90
N ASP RB 155 -31.32 105.15 27.22
CA ASP RB 155 -30.30 104.71 28.18
C ASP RB 155 -30.85 104.64 29.60
N LYS RB 156 -31.72 105.58 29.96
CA LYS RB 156 -32.35 105.71 31.28
C LYS RB 156 -31.33 106.20 32.31
N ALA RB 157 -30.06 106.27 31.91
CA ALA RB 157 -29.06 106.90 32.77
C ALA RB 157 -29.29 108.40 32.84
N GLN RB 158 -29.81 108.99 31.77
CA GLN RB 158 -30.19 110.39 31.75
C GLN RB 158 -31.69 110.51 31.52
N GLN RB 159 -32.34 111.32 32.37
CA GLN RB 159 -33.77 111.57 32.26
C GLN RB 159 -34.09 113.02 32.56
N ASN RB 160 -33.18 113.93 32.23
CA ASN RB 160 -33.36 115.33 32.57
C ASN RB 160 -33.54 116.27 31.38
N ASN RB 161 -33.16 115.85 30.16
CA ASN RB 161 -33.36 116.74 29.02
C ASN RB 161 -33.84 116.00 27.77
N VAL RB 162 -34.38 114.80 27.90
CA VAL RB 162 -34.82 114.04 26.74
C VAL RB 162 -36.28 113.62 26.93
N GLU RB 163 -36.69 113.45 28.19
CA GLU RB 163 -37.97 112.83 28.51
C GLU RB 163 -39.16 113.65 28.03
N HIS RB 164 -38.97 114.95 27.79
CA HIS RB 164 -40.06 115.81 27.36
C HIS RB 164 -40.10 115.99 25.85
N LYS RB 165 -39.06 115.58 25.14
CA LYS RB 165 -38.95 115.80 23.70
C LYS RB 165 -39.24 114.54 22.89
N VAL RB 166 -39.81 113.51 23.51
CA VAL RB 166 -40.03 112.25 22.81
C VAL RB 166 -41.06 112.41 21.70
N GLU RB 167 -42.08 113.24 21.93
CA GLU RB 167 -43.07 113.48 20.88
C GLU RB 167 -42.43 114.21 19.71
N THR RB 168 -41.53 115.16 19.99
CA THR RB 168 -40.83 115.85 18.91
C THR RB 168 -39.98 114.89 18.11
N PHE RB 169 -39.27 113.98 18.77
CA PHE RB 169 -38.45 113.00 18.05
C PHE RB 169 -39.33 112.08 17.20
N SER RB 170 -40.46 111.65 17.76
CA SER RB 170 -41.37 110.81 16.99
C SER RB 170 -41.90 111.55 15.76
N GLY RB 171 -42.28 112.82 15.94
CA GLY RB 171 -42.79 113.58 14.82
C GLY RB 171 -41.75 113.81 13.73
N VAL RB 172 -40.53 114.16 14.13
CA VAL RB 172 -39.51 114.40 13.12
C VAL RB 172 -39.14 113.10 12.41
N TYR RB 173 -39.08 111.98 13.15
CA TYR RB 173 -38.76 110.72 12.50
C TYR RB 173 -39.84 110.31 11.51
N LYS RB 174 -41.11 110.56 11.86
CA LYS RB 174 -42.16 110.38 10.87
C LYS RB 174 -41.97 111.33 9.70
N LYS RB 175 -41.41 112.52 9.95
CA LYS RB 175 -41.26 113.50 8.88
C LYS RB 175 -40.22 113.07 7.85
N LEU RB 176 -39.03 112.65 8.30
CA LEU RB 176 -38.00 112.33 7.31
C LEU RB 176 -37.82 110.83 7.10
N THR RB 177 -38.63 110.00 7.71
CA THR RB 177 -38.53 108.58 7.40
C THR RB 177 -39.85 107.99 6.95
N GLY RB 178 -40.96 108.41 7.56
CA GLY RB 178 -42.27 107.95 7.16
C GLY RB 178 -42.86 106.84 7.99
N LYS RB 179 -42.11 106.28 8.94
CA LYS RB 179 -42.62 105.21 9.79
C LYS RB 179 -42.74 105.70 11.23
N ASP RB 180 -43.85 105.35 11.86
CA ASP RB 180 -44.14 105.81 13.21
C ASP RB 180 -43.20 105.13 14.19
N VAL RB 181 -42.66 105.91 15.13
CA VAL RB 181 -41.72 105.41 16.13
C VAL RB 181 -42.12 105.95 17.49
N ASN RB 182 -42.15 105.08 18.49
CA ASN RB 182 -42.44 105.47 19.87
C ASN RB 182 -41.18 105.33 20.71
N PHE RB 183 -41.02 106.24 21.66
CA PHE RB 183 -39.87 106.27 22.56
C PHE RB 183 -40.30 105.89 23.96
N GLU RB 184 -39.50 105.03 24.60
CA GLU RB 184 -39.83 104.52 25.92
C GLU RB 184 -38.54 104.41 26.72
N PHE RB 185 -38.66 104.66 28.02
CA PHE RB 185 -37.52 104.57 28.93
C PHE RB 185 -37.68 103.35 29.82
N PRO RB 186 -36.89 102.29 29.62
CA PRO RB 186 -37.09 101.08 30.42
C PRO RB 186 -36.51 101.18 31.82
N GLU RB 187 -36.53 100.08 32.56
CA GLU RB 187 -35.93 100.04 33.89
C GLU RB 187 -34.42 99.81 33.76
N PHE RB 188 -33.78 99.48 34.89
CA PHE RB 188 -32.37 99.15 34.89
C PHE RB 188 -32.09 97.89 34.09
N GLN RB 189 -30.88 97.82 33.53
CA GLN RB 189 -30.46 96.64 32.79
C GLN RB 189 -29.30 95.94 33.49
N GLY SB 1 -15.67 51.30 -51.98
CA GLY SB 1 -14.31 51.70 -52.31
C GLY SB 1 -13.72 52.62 -51.26
N ILE SB 2 -12.91 53.58 -51.71
CA ILE SB 2 -12.37 54.57 -50.79
C ILE SB 2 -13.51 55.44 -50.28
N SER SB 3 -13.62 55.54 -48.96
CA SER SB 3 -14.73 56.22 -48.33
C SER SB 3 -14.26 57.46 -47.58
N ARG SB 4 -15.13 58.45 -47.54
CA ARG SB 4 -14.92 59.68 -46.77
C ARG SB 4 -15.89 59.78 -45.60
N ASP SB 5 -16.34 58.63 -45.11
CA ASP SB 5 -17.23 58.58 -43.97
C ASP SB 5 -16.53 59.05 -42.70
N ASN SB 6 -17.34 59.55 -41.77
CA ASN SB 6 -16.84 59.94 -40.46
C ASN SB 6 -17.15 58.90 -39.39
N TRP SB 7 -18.05 57.97 -39.65
CA TRP SB 7 -18.43 56.99 -38.64
C TRP SB 7 -17.43 55.86 -38.51
N HIS SB 8 -16.51 55.70 -39.47
CA HIS SB 8 -15.49 54.67 -39.32
C HIS SB 8 -14.42 55.08 -38.31
N LYS SB 9 -14.35 56.36 -37.96
CA LYS SB 9 -13.38 56.83 -36.99
C LYS SB 9 -13.80 56.47 -35.58
N ARG SB 10 -12.96 56.82 -34.62
CA ARG SB 10 -13.29 56.63 -33.22
C ARG SB 10 -14.01 57.86 -32.68
N ARG SB 11 -14.74 57.65 -31.58
CA ARG SB 11 -15.45 58.75 -30.96
C ARG SB 11 -14.46 59.70 -30.29
N LYS SB 12 -14.97 60.87 -29.91
CA LYS SB 12 -14.12 61.82 -29.20
C LYS SB 12 -13.68 61.26 -27.85
N THR SB 13 -14.58 60.60 -27.14
CA THR SB 13 -14.27 59.99 -25.86
C THR SB 13 -13.33 58.80 -25.98
N GLY SB 14 -13.08 58.31 -27.19
CA GLY SB 14 -12.26 57.15 -27.40
C GLY SB 14 -13.03 55.88 -27.71
N GLY SB 15 -14.34 55.89 -27.52
CA GLY SB 15 -15.13 54.70 -27.80
C GLY SB 15 -15.19 54.41 -29.29
N LYS SB 16 -15.37 53.12 -29.60
CA LYS SB 16 -15.44 52.67 -30.98
C LYS SB 16 -16.88 52.79 -31.45
N ARG SB 17 -17.07 53.32 -32.65
CA ARG SB 17 -18.39 53.55 -33.22
C ARG SB 17 -18.76 52.40 -34.15
N LYS SB 18 -19.86 51.74 -33.85
CA LYS SB 18 -20.38 50.68 -34.71
C LYS SB 18 -21.19 51.29 -35.85
N PRO SB 19 -20.92 50.92 -37.10
CA PRO SB 19 -21.71 51.46 -38.21
C PRO SB 19 -23.14 50.95 -38.15
N TYR SB 20 -24.07 51.80 -38.61
CA TYR SB 20 -25.47 51.40 -38.71
C TYR SB 20 -25.90 51.17 -40.14
N HIS SB 21 -25.09 51.56 -41.12
CA HIS SB 21 -25.33 51.27 -42.52
C HIS SB 21 -24.01 50.94 -43.19
N LYS SB 22 -24.09 50.24 -44.32
CA LYS SB 22 -22.89 49.96 -45.10
C LYS SB 22 -22.51 51.20 -45.91
N LYS SB 23 -21.43 51.08 -46.68
CA LYS SB 23 -20.87 52.23 -47.37
C LYS SB 23 -21.84 52.78 -48.40
N ARG SB 24 -21.98 54.10 -48.42
CA ARG SB 24 -22.84 54.78 -49.37
C ARG SB 24 -22.02 55.41 -50.47
N LYS SB 25 -22.69 55.68 -51.59
CA LYS SB 25 -21.98 56.23 -52.74
C LYS SB 25 -21.58 57.68 -52.52
N TYR SB 26 -22.48 58.50 -51.97
CA TYR SB 26 -22.19 59.93 -51.85
C TYR SB 26 -21.00 60.20 -50.96
N GLU SB 27 -20.68 59.29 -50.05
CA GLU SB 27 -19.45 59.39 -49.26
C GLU SB 27 -18.32 58.56 -49.87
N LEU SB 28 -18.02 58.75 -51.14
CA LEU SB 28 -16.93 58.03 -51.78
C LEU SB 28 -15.66 58.87 -51.82
N GLY SB 29 -14.57 58.20 -52.20
CA GLY SB 29 -13.32 58.88 -52.44
C GLY SB 29 -12.71 58.38 -53.73
N ARG SB 30 -11.74 59.14 -54.23
CA ARG SB 30 -11.09 58.78 -55.47
C ARG SB 30 -9.58 58.90 -55.33
N PRO SB 31 -8.82 58.15 -56.12
CA PRO SB 31 -7.36 58.20 -56.02
C PRO SB 31 -6.82 59.58 -56.37
N ALA SB 32 -5.66 59.90 -55.79
CA ALA SB 32 -5.00 61.17 -56.05
C ALA SB 32 -4.58 61.27 -57.51
N ALA SB 33 -4.61 62.50 -58.04
CA ALA SB 33 -4.24 62.71 -59.43
C ALA SB 33 -2.76 62.41 -59.66
N ASN SB 34 -1.90 62.83 -58.73
CA ASN SB 34 -0.44 62.73 -58.86
C ASN SB 34 0.03 63.40 -60.15
N THR SB 35 -0.22 64.70 -60.23
CA THR SB 35 0.08 65.45 -61.45
C THR SB 35 1.59 65.58 -61.62
N LYS SB 36 2.13 64.93 -62.65
CA LYS SB 36 3.54 65.00 -62.93
C LYS SB 36 3.83 66.12 -63.92
N ILE SB 37 5.05 66.15 -64.45
CA ILE SB 37 5.48 67.13 -65.44
C ILE SB 37 5.70 66.42 -66.76
N GLY SB 38 5.04 66.89 -67.81
CA GLY SB 38 5.17 66.29 -69.12
C GLY SB 38 4.15 66.81 -70.10
N PRO SB 39 3.94 66.08 -71.20
CA PRO SB 39 2.92 66.48 -72.16
C PRO SB 39 1.53 66.48 -71.52
N ARG SB 40 0.68 67.36 -72.01
CA ARG SB 40 -0.64 67.54 -71.41
C ARG SB 40 -1.46 66.26 -71.50
N ARG SB 41 -2.07 65.90 -70.36
CA ARG SB 41 -2.91 64.71 -70.29
C ARG SB 41 -3.91 64.93 -69.16
N ILE SB 42 -5.18 65.09 -69.51
CA ILE SB 42 -6.24 65.37 -68.55
C ILE SB 42 -7.35 64.36 -68.75
N HIS SB 43 -7.77 63.71 -67.67
CA HIS SB 43 -8.89 62.78 -67.69
C HIS SB 43 -10.11 63.42 -67.06
N THR SB 44 -11.27 63.15 -67.64
CA THR SB 44 -12.54 63.69 -67.17
C THR SB 44 -13.29 62.63 -66.38
N VAL SB 45 -13.70 62.98 -65.16
CA VAL SB 45 -14.44 62.09 -64.29
C VAL SB 45 -15.82 62.68 -64.04
N ARG SB 46 -16.83 61.81 -64.01
CA ARG SB 46 -18.19 62.24 -63.70
C ARG SB 46 -18.38 62.25 -62.19
N VAL SB 47 -18.91 63.34 -61.67
CA VAL SB 47 -19.01 63.53 -60.22
C VAL SB 47 -20.47 63.71 -59.83
N ARG SB 48 -20.71 63.96 -58.56
CA ARG SB 48 -22.05 64.14 -58.03
C ARG SB 48 -22.78 65.26 -58.76
N GLY SB 49 -24.03 65.01 -59.14
CA GLY SB 49 -24.80 65.98 -59.87
C GLY SB 49 -24.52 66.03 -61.35
N GLY SB 50 -23.75 65.09 -61.88
CA GLY SB 50 -23.43 65.07 -63.28
C GLY SB 50 -22.42 66.11 -63.72
N ASN SB 51 -21.80 66.80 -62.78
CA ASN SB 51 -20.83 67.83 -63.14
C ASN SB 51 -19.53 67.19 -63.59
N LYS SB 52 -18.61 68.05 -64.03
CA LYS SB 52 -17.37 67.62 -64.67
C LYS SB 52 -16.19 68.02 -63.80
N LYS SB 53 -15.26 67.09 -63.60
CA LYS SB 53 -14.00 67.38 -62.93
C LYS SB 53 -12.85 66.96 -63.82
N TYR SB 54 -11.77 67.75 -63.77
CA TYR SB 54 -10.61 67.57 -64.62
C TYR SB 54 -9.48 66.97 -63.80
N ARG SB 55 -8.93 65.85 -64.25
CA ARG SB 55 -7.79 65.22 -63.60
C ARG SB 55 -6.56 65.47 -64.45
N ALA SB 56 -5.81 66.51 -64.11
CA ALA SB 56 -4.55 66.77 -64.78
C ALA SB 56 -3.54 65.72 -64.33
N LEU SB 57 -3.37 64.66 -65.12
CA LEU SB 57 -2.38 63.66 -64.78
C LEU SB 57 -0.97 64.13 -65.09
N ARG SB 58 -0.78 64.86 -66.18
CA ARG SB 58 0.51 65.43 -66.53
C ARG SB 58 0.31 66.84 -67.05
N LEU SB 59 1.14 67.77 -66.60
CA LEU SB 59 1.07 69.16 -67.03
C LEU SB 59 2.46 69.67 -67.34
N ASP SB 60 2.50 70.68 -68.21
CA ASP SB 60 3.75 71.42 -68.44
C ASP SB 60 3.58 72.91 -68.55
N VAL SB 61 2.36 73.43 -68.69
CA VAL SB 61 2.13 74.84 -68.94
C VAL SB 61 0.98 75.30 -68.05
N GLY SB 62 1.09 76.53 -67.54
CA GLY SB 62 0.07 77.09 -66.67
C GLY SB 62 0.14 78.60 -66.69
N ASN SB 63 -0.74 79.21 -65.91
CA ASN SB 63 -0.82 80.66 -65.82
C ASN SB 63 -0.23 81.11 -64.49
N PHE SB 64 0.68 82.07 -64.54
CA PHE SB 64 1.33 82.56 -63.34
C PHE SB 64 1.42 84.08 -63.41
N SER SB 65 1.09 84.75 -62.32
CA SER SB 65 0.97 86.20 -62.29
C SER SB 65 2.15 86.82 -61.58
N TRP SB 66 2.70 87.88 -62.18
CA TRP SB 66 3.74 88.65 -61.50
C TRP SB 66 3.16 89.34 -60.27
N GLY SB 67 1.95 89.87 -60.38
CA GLY SB 67 1.29 90.49 -59.24
C GLY SB 67 1.60 91.97 -59.11
N SER SB 68 2.84 92.29 -58.75
CA SER SB 68 3.23 93.69 -58.61
C SER SB 68 3.15 94.41 -59.95
N GLU SB 69 3.57 93.76 -61.02
CA GLU SB 69 3.51 94.33 -62.36
C GLU SB 69 2.17 94.09 -63.05
N CYS SB 70 1.22 93.46 -62.34
CA CYS SB 70 -0.12 93.15 -62.85
C CYS SB 70 -0.09 92.47 -64.22
N CYS SB 71 0.98 91.72 -64.49
CA CYS SB 71 1.15 91.02 -65.75
C CYS SB 71 1.21 89.52 -65.48
N THR SB 72 0.38 88.77 -66.19
CA THR SB 72 0.39 87.32 -66.12
C THR SB 72 0.42 86.76 -67.54
N ARG SB 73 1.18 85.68 -67.70
CA ARG SB 73 1.33 85.05 -69.00
C ARG SB 73 1.29 83.54 -68.84
N LYS SB 74 0.99 82.87 -69.94
CA LYS SB 74 0.96 81.41 -70.01
C LYS SB 74 2.38 80.94 -70.31
N THR SB 75 3.00 80.27 -69.36
CA THR SB 75 4.41 79.89 -69.46
C THR SB 75 4.60 78.43 -69.07
N ARG SB 76 5.78 77.92 -69.41
CA ARG SB 76 6.14 76.54 -69.18
C ARG SB 76 6.62 76.33 -67.74
N ILE SB 77 6.26 75.20 -67.15
CA ILE SB 77 6.72 74.82 -65.82
C ILE SB 77 7.89 73.86 -65.98
N ILE SB 78 9.03 74.19 -65.37
CA ILE SB 78 10.19 73.32 -65.46
C ILE SB 78 10.09 72.16 -64.47
N ASP SB 79 10.05 72.47 -63.18
CA ASP SB 79 10.09 71.44 -62.16
C ASP SB 79 9.61 72.00 -60.84
N VAL SB 80 9.34 71.11 -59.89
CA VAL SB 80 8.96 71.48 -58.54
C VAL SB 80 10.22 71.54 -57.68
N VAL SB 81 10.41 72.66 -56.99
CA VAL SB 81 11.61 72.87 -56.20
C VAL SB 81 11.36 72.71 -54.70
N TYR SB 82 10.16 73.02 -54.22
CA TYR SB 82 9.88 72.91 -52.80
C TYR SB 82 8.41 72.59 -52.59
N ASN SB 83 8.13 71.78 -51.57
CA ASN SB 83 6.77 71.41 -51.21
C ASN SB 83 6.68 71.39 -49.70
N ALA SB 84 5.73 72.17 -49.15
CA ALA SB 84 5.65 72.32 -47.71
C ALA SB 84 5.09 71.10 -47.00
N SER SB 85 4.37 70.24 -47.71
CA SER SB 85 3.78 69.06 -47.07
C SER SB 85 4.78 67.90 -47.02
N ASN SB 86 5.26 67.46 -48.17
CA ASN SB 86 6.15 66.32 -48.26
C ASN SB 86 7.19 66.58 -49.33
N ASN SB 87 8.46 66.31 -49.00
CA ASN SB 87 9.54 66.44 -49.97
C ASN SB 87 9.62 65.25 -50.92
N GLU SB 88 8.88 64.18 -50.65
CA GLU SB 88 8.76 63.10 -51.63
C GLU SB 88 8.10 63.61 -52.89
N LEU SB 89 7.13 64.53 -52.75
CA LEU SB 89 6.53 65.18 -53.90
C LEU SB 89 7.55 66.05 -54.64
N VAL SB 90 8.49 66.64 -53.91
CA VAL SB 90 9.57 67.39 -54.56
C VAL SB 90 10.42 66.44 -55.39
N ARG SB 91 10.76 65.29 -54.84
CA ARG SB 91 11.61 64.34 -55.55
C ARG SB 91 10.93 63.84 -56.82
N THR SB 92 9.63 63.53 -56.73
CA THR SB 92 8.90 62.96 -57.85
C THR SB 92 8.15 63.99 -58.66
N LYS SB 93 8.31 65.28 -58.37
CA LYS SB 93 7.82 66.38 -59.19
C LYS SB 93 6.30 66.32 -59.37
N THR SB 94 5.58 66.48 -58.26
CA THR SB 94 4.13 66.46 -58.26
C THR SB 94 3.60 67.87 -58.06
N LEU SB 95 2.67 68.27 -58.91
CA LEU SB 95 2.06 69.60 -58.82
C LEU SB 95 0.84 69.54 -57.91
N VAL SB 96 0.89 70.28 -56.81
CA VAL SB 96 -0.22 70.39 -55.88
C VAL SB 96 -0.49 71.87 -55.63
N LYS SB 97 -1.49 72.14 -54.79
CA LYS SB 97 -2.07 73.47 -54.71
C LYS SB 97 -1.11 74.51 -54.15
N ASN SB 98 -0.07 74.10 -53.43
CA ASN SB 98 0.83 75.06 -52.82
C ASN SB 98 2.30 74.79 -53.06
N CYS SB 99 2.65 73.74 -53.80
CA CYS SB 99 4.06 73.51 -54.11
C CYS SB 99 4.58 74.59 -55.05
N ILE SB 100 5.78 75.09 -54.77
CA ILE SB 100 6.37 76.15 -55.57
C ILE SB 100 7.21 75.52 -56.67
N VAL SB 101 7.15 76.09 -57.86
CA VAL SB 101 7.72 75.50 -59.06
C VAL SB 101 8.51 76.55 -59.82
N LEU SB 102 9.45 76.08 -60.62
CA LEU SB 102 10.21 76.95 -61.50
C LEU SB 102 9.49 77.11 -62.83
N ILE SB 103 9.32 78.35 -63.27
CA ILE SB 103 8.67 78.64 -64.54
C ILE SB 103 9.60 79.51 -65.37
N ASP SB 104 9.43 79.44 -66.69
CA ASP SB 104 10.25 80.22 -67.61
C ASP SB 104 9.90 81.69 -67.47
N SER SB 105 10.91 82.54 -67.47
CA SER SB 105 10.73 83.98 -67.33
C SER SB 105 10.66 84.69 -68.67
N THR SB 106 10.60 83.95 -69.78
CA THR SB 106 10.60 84.56 -71.09
C THR SB 106 9.42 85.50 -71.33
N PRO SB 107 8.16 85.12 -71.10
CA PRO SB 107 7.07 86.05 -71.44
C PRO SB 107 7.01 87.27 -70.54
N TYR SB 108 7.34 87.13 -69.26
CA TYR SB 108 7.40 88.30 -68.37
C TYR SB 108 8.50 89.24 -68.80
N ARG SB 109 9.64 88.70 -69.22
CA ARG SB 109 10.71 89.52 -69.78
C ARG SB 109 10.25 90.24 -71.04
N GLN SB 110 9.53 89.52 -71.92
CA GLN SB 110 9.02 90.14 -73.14
C GLN SB 110 8.11 91.30 -72.81
N TRP SB 111 7.20 91.12 -71.85
CA TRP SB 111 6.34 92.21 -71.43
C TRP SB 111 7.15 93.35 -70.82
N TYR SB 112 8.18 93.01 -70.05
CA TYR SB 112 8.95 94.04 -69.36
C TYR SB 112 9.67 94.95 -70.33
N GLU SB 113 10.32 94.38 -71.35
CA GLU SB 113 10.90 95.25 -72.37
C GLU SB 113 9.84 95.91 -73.24
N SER SB 114 8.69 95.26 -73.46
CA SER SB 114 7.69 95.87 -74.33
C SER SB 114 6.97 97.04 -73.67
N HIS SB 115 6.95 97.10 -72.34
CA HIS SB 115 6.24 98.16 -71.65
C HIS SB 115 7.14 99.14 -70.91
N TYR SB 116 8.29 98.69 -70.42
CA TYR SB 116 9.24 99.55 -69.73
C TYR SB 116 10.45 99.93 -70.57
N ALA SB 117 10.85 99.05 -71.50
CA ALA SB 117 12.04 99.23 -72.32
C ALA SB 117 13.31 99.32 -71.47
N LEU SB 118 13.44 98.37 -70.55
CA LEU SB 118 14.65 98.18 -69.77
C LEU SB 118 15.24 96.80 -70.04
N PRO SB 119 16.55 96.70 -70.17
CA PRO SB 119 17.17 95.37 -70.39
C PRO SB 119 17.09 94.51 -69.15
N LEU SB 120 16.20 93.53 -69.17
CA LEU SB 120 15.99 92.61 -68.07
C LEU SB 120 16.41 91.21 -68.51
N GLY SB 121 17.24 90.57 -67.70
CA GLY SB 121 17.74 89.26 -68.06
C GLY SB 121 18.88 89.26 -69.04
N ARG SB 122 19.32 90.44 -69.48
CA ARG SB 122 20.45 90.55 -70.38
C ARG SB 122 21.73 90.72 -69.57
N LYS SB 123 22.84 90.26 -70.14
CA LYS SB 123 24.14 90.38 -69.50
C LYS SB 123 24.93 91.55 -70.06
N LYS SB 124 25.18 91.54 -71.38
CA LYS SB 124 25.91 92.61 -72.04
C LYS SB 124 25.24 93.09 -73.33
N GLY SB 125 24.19 92.41 -73.80
CA GLY SB 125 23.54 92.81 -75.04
C GLY SB 125 24.38 92.47 -76.26
N ALA SB 126 24.03 93.13 -77.36
CA ALA SB 126 24.73 92.99 -78.65
C ALA SB 126 24.76 91.54 -79.11
N LYS SB 127 23.66 90.84 -78.88
CA LYS SB 127 23.52 89.44 -79.29
C LYS SB 127 22.26 89.21 -80.11
N LEU SB 128 21.17 89.89 -79.78
CA LEU SB 128 19.88 89.73 -80.44
C LEU SB 128 19.42 91.05 -81.04
N THR SB 129 20.35 91.71 -81.74
CA THR SB 129 20.14 93.08 -82.20
C THR SB 129 18.85 93.37 -82.97
N PRO SB 130 18.38 92.53 -83.92
CA PRO SB 130 17.21 92.96 -84.72
C PRO SB 130 15.92 93.17 -83.94
N GLU SB 131 15.91 92.87 -82.64
CA GLU SB 131 14.76 93.17 -81.78
C GLU SB 131 15.09 94.16 -80.69
N GLU SB 132 16.20 93.94 -79.96
CA GLU SB 132 16.56 94.85 -78.89
C GLU SB 132 16.89 96.24 -79.44
N GLU SB 133 17.55 96.31 -80.60
CA GLU SB 133 17.89 97.60 -81.18
C GLU SB 133 16.63 98.40 -81.52
N GLU SB 134 15.64 97.74 -82.13
CA GLU SB 134 14.45 98.47 -82.54
C GLU SB 134 13.55 98.79 -81.35
N ILE SB 135 13.60 97.99 -80.28
CA ILE SB 135 12.73 98.27 -79.13
C ILE SB 135 13.37 99.17 -78.08
N LEU SB 136 14.68 99.40 -78.12
CA LEU SB 136 15.24 100.33 -77.15
C LEU SB 136 15.10 101.77 -77.62
N ASN SB 137 15.24 102.01 -78.92
CA ASN SB 137 15.25 103.37 -79.45
C ASN SB 137 13.88 103.78 -79.99
N LYS SB 138 13.38 103.03 -80.98
CA LYS SB 138 12.07 103.24 -81.61
C LYS SB 138 11.98 104.59 -82.33
N LYS SB 139 13.07 105.37 -82.36
CA LYS SB 139 13.16 106.70 -82.96
C LYS SB 139 11.90 107.52 -82.72
N ARG SB 140 11.40 107.50 -81.49
CA ARG SB 140 10.01 107.79 -81.18
C ARG SB 140 9.79 109.28 -80.93
N SER SB 141 8.56 109.72 -81.20
CA SER SB 141 8.17 111.11 -81.08
C SER SB 141 8.18 111.56 -79.61
N LYS SB 142 7.91 112.86 -79.42
CA LYS SB 142 8.12 113.49 -78.12
C LYS SB 142 7.11 113.00 -77.08
N LYS SB 143 5.85 112.81 -77.46
CA LYS SB 143 4.82 112.49 -76.49
C LYS SB 143 4.97 111.06 -75.97
N ILE SB 144 5.20 110.11 -76.87
CA ILE SB 144 5.34 108.72 -76.43
C ILE SB 144 6.63 108.54 -75.63
N GLN SB 145 7.70 109.23 -76.02
CA GLN SB 145 8.90 109.22 -75.18
C GLN SB 145 8.68 109.92 -73.86
N LYS SB 146 7.79 110.91 -73.82
CA LYS SB 146 7.43 111.51 -72.53
C LYS SB 146 6.75 110.49 -71.64
N LYS SB 147 5.83 109.70 -72.20
CA LYS SB 147 5.24 108.60 -71.46
C LYS SB 147 6.31 107.62 -70.98
N TYR SB 148 7.23 107.26 -71.87
CA TYR SB 148 8.24 106.25 -71.55
C TYR SB 148 9.18 106.72 -70.45
N ASP SB 149 9.69 107.94 -70.55
CA ASP SB 149 10.60 108.40 -69.50
C ASP SB 149 9.86 108.89 -68.26
N GLU SB 150 8.54 109.01 -68.32
CA GLU SB 150 7.77 109.10 -67.09
C GLU SB 150 7.66 107.75 -66.41
N ARG SB 151 7.62 106.67 -67.18
CA ARG SB 151 7.55 105.32 -66.61
C ARG SB 151 8.91 104.77 -66.18
N LYS SB 152 10.00 105.47 -66.50
CA LYS SB 152 11.33 104.98 -66.12
C LYS SB 152 11.53 104.96 -64.61
N LYS SB 153 11.02 105.99 -63.92
CA LYS SB 153 11.24 106.09 -62.48
C LYS SB 153 10.56 104.96 -61.71
N ASN SB 154 9.53 104.35 -62.28
CA ASN SB 154 8.90 103.18 -61.68
C ASN SB 154 9.63 101.88 -62.03
N ALA SB 155 10.53 101.92 -63.00
CA ALA SB 155 11.19 100.71 -63.50
C ALA SB 155 12.27 100.23 -62.54
N LYS SB 156 11.83 99.79 -61.37
CA LYS SB 156 12.71 99.21 -60.36
C LYS SB 156 12.22 97.82 -60.01
N ILE SB 157 13.11 96.84 -60.13
CA ILE SB 157 12.81 95.44 -59.83
C ILE SB 157 13.73 94.98 -58.71
N SER SB 158 13.17 94.20 -57.77
CA SER SB 158 13.95 93.71 -56.65
C SER SB 158 15.13 92.89 -57.14
N SER SB 159 16.19 92.86 -56.33
CA SER SB 159 17.42 92.20 -56.73
C SER SB 159 17.17 90.71 -56.98
N LEU SB 160 16.51 90.04 -56.04
CA LEU SB 160 16.31 88.59 -56.14
C LEU SB 160 15.60 88.21 -57.43
N LEU SB 161 14.58 88.99 -57.79
CA LEU SB 161 13.96 88.80 -59.10
C LEU SB 161 14.94 89.06 -60.23
N GLU SB 162 15.91 89.96 -60.04
CA GLU SB 162 16.87 90.24 -61.10
C GLU SB 162 17.80 89.05 -61.32
N GLU SB 163 18.33 88.45 -60.25
CA GLU SB 163 19.15 87.26 -60.47
C GLU SB 163 18.30 86.10 -60.97
N GLN SB 164 17.03 86.04 -60.59
CA GLN SB 164 16.15 85.03 -61.17
C GLN SB 164 16.01 85.19 -62.68
N PHE SB 165 15.84 86.44 -63.13
CA PHE SB 165 15.75 86.70 -64.57
C PHE SB 165 17.08 86.42 -65.26
N GLN SB 166 18.19 86.72 -64.60
CA GLN SB 166 19.49 86.33 -65.13
C GLN SB 166 19.59 84.83 -65.31
N GLN SB 167 19.07 84.07 -64.35
CA GLN SB 167 19.04 82.61 -64.47
C GLN SB 167 18.08 82.17 -65.57
N GLY SB 168 17.11 83.00 -65.92
CA GLY SB 168 16.14 82.66 -66.94
C GLY SB 168 14.94 81.89 -66.42
N LYS SB 169 14.89 81.58 -65.13
CA LYS SB 169 13.78 80.82 -64.55
C LYS SB 169 13.30 81.54 -63.29
N LEU SB 170 11.98 81.68 -63.16
CA LEU SB 170 11.36 82.21 -61.96
C LEU SB 170 10.73 81.09 -61.16
N LEU SB 171 10.89 81.16 -59.84
CA LEU SB 171 10.24 80.22 -58.94
C LEU SB 171 8.92 80.83 -58.47
N ALA SB 172 7.83 80.09 -58.68
CA ALA SB 172 6.49 80.61 -58.45
C ALA SB 172 5.67 79.55 -57.75
N CYS SB 173 4.65 80.00 -57.01
CA CYS SB 173 3.79 79.11 -56.25
C CYS SB 173 2.49 78.89 -56.98
N ILE SB 174 2.07 77.63 -57.06
CA ILE SB 174 0.77 77.29 -57.64
C ILE SB 174 -0.33 77.83 -56.75
N ALA SB 175 -1.45 78.23 -57.37
CA ALA SB 175 -2.62 78.69 -56.64
C ALA SB 175 -3.81 77.76 -56.75
N SER SB 176 -4.07 77.22 -57.95
CA SER SB 176 -5.21 76.35 -58.15
C SER SB 176 -4.90 74.93 -57.69
N ARG SB 177 -5.89 74.05 -57.81
CA ARG SB 177 -5.75 72.66 -57.35
C ARG SB 177 -5.68 71.74 -58.55
N PRO SB 178 -4.49 71.26 -58.93
CA PRO SB 178 -4.42 70.25 -59.98
C PRO SB 178 -5.11 68.96 -59.52
N GLY SB 179 -5.76 68.29 -60.46
CA GLY SB 179 -6.58 67.15 -60.13
C GLY SB 179 -7.99 67.49 -59.74
N GLN SB 180 -8.32 68.77 -59.64
CA GLN SB 180 -9.69 69.23 -59.48
C GLN SB 180 -10.13 70.12 -60.63
N CYS SB 181 -9.32 71.10 -60.99
CA CYS SB 181 -9.62 71.97 -62.13
C CYS SB 181 -8.82 71.60 -63.37
N GLY SB 182 -7.82 70.74 -63.26
CA GLY SB 182 -7.05 70.33 -64.41
C GLY SB 182 -6.12 71.39 -64.97
N ARG SB 183 -5.74 72.36 -64.16
CA ARG SB 183 -4.78 73.37 -64.56
C ARG SB 183 -3.91 73.72 -63.35
N ALA SB 184 -2.86 74.49 -63.61
CA ALA SB 184 -1.82 74.77 -62.63
C ALA SB 184 -1.60 76.26 -62.47
N ASP SB 185 -2.68 77.00 -62.26
CA ASP SB 185 -2.57 78.45 -62.12
C ASP SB 185 -1.79 78.80 -60.86
N GLY SB 186 -1.14 79.96 -60.89
CA GLY SB 186 -0.35 80.38 -59.75
C GLY SB 186 0.09 81.81 -59.89
N TYR SB 187 1.15 82.16 -59.15
CA TYR SB 187 1.64 83.53 -59.10
C TYR SB 187 3.13 83.51 -58.79
N VAL SB 188 3.84 84.51 -59.32
CA VAL SB 188 5.28 84.63 -59.12
C VAL SB 188 5.55 84.99 -57.66
N LEU SB 189 6.66 84.47 -57.12
CA LEU SB 189 7.03 84.73 -55.75
C LEU SB 189 8.01 85.88 -55.66
N GLU SB 190 7.64 86.94 -54.93
CA GLU SB 190 8.54 88.03 -54.66
C GLU SB 190 8.23 88.58 -53.27
N GLY SB 191 9.16 89.37 -52.75
CA GLY SB 191 8.98 89.96 -51.43
C GLY SB 191 9.44 89.05 -50.32
N LYS SB 192 8.80 89.16 -49.15
CA LYS SB 192 9.22 88.38 -47.99
C LYS SB 192 9.04 86.89 -48.22
N GLU SB 193 7.96 86.49 -48.91
CA GLU SB 193 7.73 85.08 -49.17
C GLU SB 193 8.83 84.50 -50.05
N LEU SB 194 9.32 85.28 -51.00
CA LEU SB 194 10.42 84.81 -51.84
C LEU SB 194 11.67 84.57 -51.01
N GLU SB 195 11.99 85.50 -50.11
CA GLU SB 195 13.14 85.31 -49.24
C GLU SB 195 12.98 84.10 -48.34
N PHE SB 196 11.77 83.89 -47.81
CA PHE SB 196 11.52 82.74 -46.96
C PHE SB 196 11.72 81.43 -47.72
N TYR SB 197 11.17 81.35 -48.94
CA TYR SB 197 11.32 80.13 -49.73
C TYR SB 197 12.76 79.92 -50.17
N LEU SB 198 13.48 81.00 -50.49
CA LEU SB 198 14.87 80.87 -50.86
C LEU SB 198 15.70 80.37 -49.69
N ARG SB 199 15.43 80.88 -48.49
CA ARG SB 199 16.13 80.39 -47.31
C ARG SB 199 15.79 78.93 -47.03
N LYS SB 200 14.53 78.54 -47.23
CA LYS SB 200 14.15 77.16 -47.04
C LYS SB 200 14.90 76.24 -48.01
N ILE SB 201 15.00 76.65 -49.27
CA ILE SB 201 15.68 75.81 -50.26
C ILE SB 201 17.17 75.76 -49.99
N LYS SB 202 17.77 76.90 -49.61
CA LYS SB 202 19.20 76.91 -49.32
C LYS SB 202 19.52 76.05 -48.09
N ALA SB 203 18.67 76.10 -47.06
CA ALA SB 203 18.86 75.22 -45.92
C ALA SB 203 18.64 73.76 -46.29
N ARG SB 204 17.75 73.50 -47.24
CA ARG SB 204 17.55 72.13 -47.72
C ARG SB 204 18.81 71.59 -48.39
N LYS SB 205 19.45 72.38 -49.24
CA LYS SB 205 20.64 71.93 -49.95
C LYS SB 205 21.68 73.03 -49.96
N GLY SB 206 22.88 72.70 -49.49
CA GLY SB 206 23.99 73.63 -49.49
C GLY SB 206 23.91 74.67 -48.39
N PRO TB 1 -50.42 51.84 -46.37
CA PRO TB 1 -51.17 50.66 -46.75
C PRO TB 1 -52.67 50.88 -46.85
N VAL TB 2 -53.44 50.21 -46.00
CA VAL TB 2 -54.90 50.21 -46.13
C VAL TB 2 -55.46 51.55 -45.72
N ALA TB 3 -56.74 51.78 -46.04
CA ALA TB 3 -57.43 53.03 -45.73
C ALA TB 3 -58.52 52.83 -44.68
N ARG TB 4 -58.34 51.87 -43.77
CA ARG TB 4 -59.27 51.66 -42.68
C ARG TB 4 -59.12 52.78 -41.65
N SER TB 5 -59.98 52.72 -40.62
CA SER TB 5 -59.98 53.70 -39.55
C SER TB 5 -59.49 53.14 -38.22
N TRP TB 6 -59.97 51.95 -37.85
CA TRP TB 6 -59.71 51.26 -36.59
C TRP TB 6 -59.68 52.19 -35.38
N VAL TB 7 -60.62 53.13 -35.31
CA VAL TB 7 -60.78 53.99 -34.15
C VAL TB 7 -62.07 53.59 -33.47
N CYS TB 8 -61.96 53.01 -32.28
CA CYS TB 8 -63.13 52.48 -31.58
C CYS TB 8 -62.84 52.45 -30.09
N ARG TB 9 -63.89 52.64 -29.29
CA ARG TB 9 -63.77 52.65 -27.84
C ARG TB 9 -64.90 51.85 -27.22
N LYS TB 10 -64.65 51.37 -26.01
CA LYS TB 10 -65.69 50.68 -25.25
C LYS TB 10 -66.65 51.69 -24.63
N THR TB 11 -67.82 51.19 -24.24
CA THR TB 11 -68.86 52.02 -23.65
C THR TB 11 -69.22 51.61 -22.23
N TYR TB 12 -68.63 50.55 -21.70
CA TYR TB 12 -68.97 50.05 -20.38
C TYR TB 12 -67.69 49.68 -19.64
N VAL TB 13 -67.79 49.63 -18.31
CA VAL TB 13 -66.68 49.28 -17.44
C VAL TB 13 -67.18 48.27 -16.42
N THR TB 14 -66.48 47.14 -16.32
CA THR TB 14 -66.85 46.12 -15.34
C THR TB 14 -66.57 46.60 -13.92
N PRO TB 15 -67.37 46.20 -12.95
CA PRO TB 15 -67.16 46.64 -11.57
C PRO TB 15 -65.87 46.09 -10.98
N ARG TB 16 -65.35 46.83 -9.99
CA ARG TB 16 -64.08 46.46 -9.36
C ARG TB 16 -64.18 45.10 -8.67
N ARG TB 17 -65.18 44.95 -7.79
CA ARG TB 17 -65.37 43.71 -7.08
C ARG TB 17 -66.72 43.11 -7.42
N PRO TB 18 -66.80 41.85 -7.79
CA PRO TB 18 -68.10 41.25 -8.09
C PRO TB 18 -68.73 40.64 -6.86
N PHE TB 19 -69.95 40.12 -7.03
CA PHE TB 19 -70.52 39.13 -6.13
C PHE TB 19 -70.77 39.69 -4.74
N GLU TB 20 -71.49 40.80 -4.65
CA GLU TB 20 -71.95 41.30 -3.36
C GLU TB 20 -73.35 41.85 -3.55
N LYS TB 21 -74.15 41.78 -2.48
CA LYS TB 21 -75.60 41.87 -2.63
C LYS TB 21 -76.07 43.29 -2.98
N SER TB 22 -75.37 44.32 -2.52
CA SER TB 22 -75.90 45.68 -2.65
C SER TB 22 -75.97 46.12 -4.11
N ARG TB 23 -74.83 46.14 -4.79
CA ARG TB 23 -74.81 46.57 -6.19
C ARG TB 23 -75.60 45.62 -7.07
N LEU TB 24 -75.56 44.31 -6.78
CA LEU TB 24 -76.32 43.36 -7.57
C LEU TB 24 -77.82 43.62 -7.47
N ASP TB 25 -78.31 43.89 -6.25
CA ASP TB 25 -79.71 44.21 -6.08
C ASP TB 25 -80.09 45.52 -6.74
N GLN TB 26 -79.23 46.53 -6.62
CA GLN TB 26 -79.51 47.81 -7.29
C GLN TB 26 -79.61 47.64 -8.80
N GLU TB 27 -78.66 46.91 -9.38
CA GLU TB 27 -78.66 46.72 -10.83
C GLU TB 27 -79.83 45.87 -11.28
N LEU TB 28 -80.20 44.85 -10.49
CA LEU TB 28 -81.38 44.05 -10.82
C LEU TB 28 -82.64 44.89 -10.77
N LYS TB 29 -82.76 45.76 -9.77
CA LYS TB 29 -83.92 46.64 -9.69
C LYS TB 29 -83.98 47.57 -10.89
N LEU TB 30 -82.85 48.14 -11.29
CA LEU TB 30 -82.83 49.01 -12.46
C LEU TB 30 -83.21 48.26 -13.73
N ILE TB 31 -82.68 47.05 -13.90
CA ILE TB 31 -83.00 46.24 -15.08
C ILE TB 31 -84.49 45.92 -15.11
N GLY TB 32 -85.05 45.53 -13.97
CA GLY TB 32 -86.46 45.20 -13.94
C GLY TB 32 -87.36 46.40 -14.17
N GLU TB 33 -86.99 47.56 -13.63
CA GLU TB 33 -87.85 48.72 -13.77
C GLU TB 33 -87.76 49.35 -15.15
N TYR TB 34 -86.59 49.28 -15.79
CA TYR TB 34 -86.42 49.90 -17.10
C TYR TB 34 -86.40 48.89 -18.24
N GLY TB 35 -86.62 47.62 -17.96
CA GLY TB 35 -86.73 46.61 -19.00
C GLY TB 35 -85.48 46.43 -19.85
N LEU TB 36 -84.33 46.33 -19.22
CA LEU TB 36 -83.06 46.19 -19.93
C LEU TB 36 -82.68 44.73 -20.07
N ARG TB 37 -81.96 44.42 -21.15
CA ARG TB 37 -81.65 43.03 -21.47
C ARG TB 37 -80.69 42.42 -20.44
N ASN TB 38 -79.58 43.09 -20.17
CA ASN TB 38 -78.56 42.54 -19.27
C ASN TB 38 -77.74 43.69 -18.70
N LYS TB 39 -76.61 43.36 -18.07
CA LYS TB 39 -75.86 44.35 -17.31
C LYS TB 39 -74.94 45.21 -18.17
N ARG TB 40 -74.83 44.94 -19.46
CA ARG TB 40 -73.94 45.74 -20.29
C ARG TB 40 -74.50 47.13 -20.52
N GLU TB 41 -75.81 47.27 -20.69
CA GLU TB 41 -76.40 48.58 -20.92
C GLU TB 41 -76.73 49.32 -19.63
N VAL TB 42 -76.58 48.71 -18.46
CA VAL TB 42 -76.60 49.49 -17.24
C VAL TB 42 -75.19 49.96 -16.88
N TRP TB 43 -74.17 49.12 -17.11
CA TRP TB 43 -72.81 49.59 -17.01
C TRP TB 43 -72.51 50.65 -18.06
N ARG TB 44 -73.16 50.58 -19.21
CA ARG TB 44 -72.94 51.57 -20.26
C ARG TB 44 -73.44 52.94 -19.84
N VAL TB 45 -74.66 53.01 -19.32
CA VAL TB 45 -75.18 54.29 -18.86
C VAL TB 45 -74.43 54.77 -17.62
N LYS TB 46 -73.99 53.84 -16.76
CA LYS TB 46 -73.16 54.24 -15.64
C LYS TB 46 -71.85 54.85 -16.11
N PHE TB 47 -71.25 54.26 -17.15
CA PHE TB 47 -70.00 54.81 -17.69
C PHE TB 47 -70.23 56.16 -18.35
N THR TB 48 -71.37 56.33 -19.03
CA THR TB 48 -71.67 57.63 -19.63
C THR TB 48 -71.81 58.70 -18.56
N LEU TB 49 -72.55 58.39 -17.49
CA LEU TB 49 -72.68 59.35 -16.40
C LEU TB 49 -71.34 59.59 -15.72
N ALA TB 50 -70.52 58.55 -15.60
CA ALA TB 50 -69.20 58.73 -14.99
C ALA TB 50 -68.34 59.66 -15.83
N LYS TB 51 -68.39 59.52 -17.16
CA LYS TB 51 -67.64 60.42 -18.03
C LYS TB 51 -68.16 61.84 -17.91
N ILE TB 52 -69.48 62.02 -17.86
CA ILE TB 52 -70.04 63.37 -17.73
C ILE TB 52 -69.63 63.99 -16.40
N ARG TB 53 -69.71 63.22 -15.32
CA ARG TB 53 -69.33 63.71 -14.00
C ARG TB 53 -67.85 64.04 -13.94
N LYS TB 54 -67.01 63.20 -14.56
CA LYS TB 54 -65.58 63.48 -14.58
C LYS TB 54 -65.28 64.77 -15.34
N ALA TB 55 -65.96 64.98 -16.48
CA ALA TB 55 -65.79 66.21 -17.22
C ALA TB 55 -66.24 67.42 -16.41
N ALA TB 56 -67.37 67.30 -15.71
CA ALA TB 56 -67.86 68.40 -14.88
C ALA TB 56 -66.89 68.71 -13.74
N ARG TB 57 -66.34 67.67 -13.11
CA ARG TB 57 -65.36 67.87 -12.05
C ARG TB 57 -64.10 68.56 -12.58
N GLU TB 58 -63.62 68.13 -13.75
CA GLU TB 58 -62.46 68.77 -14.35
C GLU TB 58 -62.73 70.23 -14.67
N LEU TB 59 -63.93 70.54 -15.17
CA LEU TB 59 -64.30 71.92 -15.43
C LEU TB 59 -64.35 72.72 -14.13
N LEU TB 60 -64.88 72.12 -13.06
CA LEU TB 60 -64.97 72.81 -11.79
C LEU TB 60 -63.59 73.09 -11.19
N THR TB 61 -62.62 72.23 -11.49
CA THR TB 61 -61.26 72.51 -11.02
C THR TB 61 -60.68 73.76 -11.66
N LEU TB 62 -61.09 74.07 -12.88
CA LEU TB 62 -60.64 75.29 -13.54
C LEU TB 62 -61.20 76.52 -12.84
N ASP TB 63 -60.42 77.60 -12.86
CA ASP TB 63 -60.82 78.84 -12.23
C ASP TB 63 -62.02 79.44 -12.95
N GLU TB 64 -62.83 80.18 -12.20
CA GLU TB 64 -64.01 80.82 -12.77
C GLU TB 64 -63.60 81.89 -13.77
N LYS TB 65 -64.49 82.14 -14.74
CA LYS TB 65 -64.34 83.11 -15.82
C LYS TB 65 -63.28 82.71 -16.83
N ASP TB 66 -62.76 81.50 -16.74
CA ASP TB 66 -61.86 80.98 -17.75
C ASP TB 66 -62.68 80.70 -19.00
N PRO TB 67 -62.33 81.27 -20.16
CA PRO TB 67 -63.14 81.03 -21.37
C PRO TB 67 -63.26 79.57 -21.76
N ARG TB 68 -62.22 78.76 -21.55
CA ARG TB 68 -62.36 77.32 -21.80
C ARG TB 68 -63.40 76.71 -20.89
N ARG TB 69 -63.36 77.05 -19.59
CA ARG TB 69 -64.33 76.54 -18.65
C ARG TB 69 -65.74 76.99 -19.03
N LEU TB 70 -65.91 78.27 -19.35
CA LEU TB 70 -67.23 78.78 -19.70
C LEU TB 70 -67.78 78.11 -20.95
N PHE TB 71 -66.94 77.98 -21.98
CA PHE TB 71 -67.39 77.41 -23.25
C PHE TB 71 -67.75 75.94 -23.08
N GLU TB 72 -66.87 75.15 -22.46
CA GLU TB 72 -67.18 73.75 -22.29
C GLU TB 72 -68.36 73.55 -21.34
N GLY TB 73 -68.48 74.39 -20.31
CA GLY TB 73 -69.59 74.25 -19.38
C GLY TB 73 -70.93 74.51 -20.03
N ASN TB 74 -71.04 75.61 -20.78
CA ASN TB 74 -72.36 75.87 -21.36
C ASN TB 74 -72.65 74.95 -22.53
N ALA TB 75 -71.61 74.47 -23.25
CA ALA TB 75 -71.85 73.44 -24.26
C ALA TB 75 -72.37 72.16 -23.63
N LEU TB 76 -71.75 71.73 -22.52
CA LEU TB 76 -72.17 70.50 -21.87
C LEU TB 76 -73.56 70.64 -21.27
N LEU TB 77 -73.88 71.80 -20.69
CA LEU TB 77 -75.22 72.03 -20.18
C LEU TB 77 -76.24 72.06 -21.31
N ARG TB 78 -75.87 72.64 -22.46
CA ARG TB 78 -76.76 72.63 -23.61
C ARG TB 78 -77.07 71.21 -24.05
N ARG TB 79 -76.04 70.36 -24.10
CA ARG TB 79 -76.27 68.96 -24.45
C ARG TB 79 -77.13 68.25 -23.41
N LEU TB 80 -76.92 68.59 -22.14
CA LEU TB 80 -77.68 67.92 -21.08
C LEU TB 80 -79.14 68.36 -21.04
N VAL TB 81 -79.44 69.57 -21.51
CA VAL TB 81 -80.84 69.99 -21.57
C VAL TB 81 -81.49 69.65 -22.89
N ARG TB 82 -80.71 69.41 -23.95
CA ARG TB 82 -81.29 68.90 -25.19
C ARG TB 82 -81.88 67.50 -24.98
N ILE TB 83 -81.17 66.64 -24.25
CA ILE TB 83 -81.68 65.31 -23.93
C ILE TB 83 -82.72 65.33 -22.82
N GLY TB 84 -82.91 66.47 -22.17
CA GLY TB 84 -83.99 66.64 -21.22
C GLY TB 84 -83.72 66.12 -19.82
N VAL TB 85 -82.52 65.63 -19.54
CA VAL TB 85 -82.23 65.07 -18.23
C VAL TB 85 -82.06 66.14 -17.16
N LEU TB 86 -81.90 67.39 -17.55
CA LEU TB 86 -81.58 68.47 -16.63
C LEU TB 86 -82.60 69.59 -16.78
N ASP TB 87 -82.89 70.24 -15.66
CA ASP TB 87 -83.81 71.37 -15.66
C ASP TB 87 -83.22 72.54 -16.45
N GLU TB 88 -84.10 73.26 -17.16
CA GLU TB 88 -83.67 74.45 -17.88
C GLU TB 88 -83.23 75.56 -16.91
N GLY TB 89 -83.79 75.58 -15.71
CA GLY TB 89 -83.36 76.51 -14.70
C GLY TB 89 -82.12 76.11 -13.94
N LYS TB 90 -81.61 74.91 -14.16
CA LYS TB 90 -80.42 74.43 -13.48
C LYS TB 90 -79.20 74.61 -14.39
N MET TB 91 -78.85 75.87 -14.60
CA MET TB 91 -77.72 76.25 -15.46
C MET TB 91 -76.46 76.45 -14.63
N LYS TB 92 -76.07 75.40 -13.90
CA LYS TB 92 -74.85 75.42 -13.10
C LYS TB 92 -74.14 74.10 -13.23
N LEU TB 93 -72.80 74.15 -13.14
CA LEU TB 93 -72.01 72.93 -13.23
C LEU TB 93 -72.18 72.06 -12.00
N ASP TB 94 -72.54 72.65 -10.86
CA ASP TB 94 -72.71 71.88 -9.64
C ASP TB 94 -73.85 70.88 -9.77
N TYR TB 95 -74.95 71.30 -10.44
CA TYR TB 95 -76.11 70.43 -10.57
C TYR TB 95 -75.85 69.27 -11.53
N ILE TB 96 -74.79 69.34 -12.33
CA ILE TB 96 -74.42 68.19 -13.15
C ILE TB 96 -74.00 67.03 -12.27
N LEU TB 97 -73.21 67.31 -11.23
CA LEU TB 97 -72.86 66.27 -10.26
C LEU TB 97 -74.04 65.83 -9.42
N GLY TB 98 -75.16 66.54 -9.48
CA GLY TB 98 -76.39 66.11 -8.85
C GLY TB 98 -77.26 65.21 -9.70
N LEU TB 99 -76.78 64.79 -10.86
CA LEU TB 99 -77.55 63.89 -11.71
C LEU TB 99 -77.36 62.44 -11.26
N LYS TB 100 -78.27 61.58 -11.74
CA LYS TB 100 -78.23 60.15 -11.47
C LYS TB 100 -78.44 59.39 -12.76
N ILE TB 101 -78.14 58.09 -12.72
CA ILE TB 101 -78.35 57.23 -13.88
C ILE TB 101 -79.83 57.09 -14.21
N GLU TB 102 -80.70 57.22 -13.21
CA GLU TB 102 -82.13 57.08 -13.46
C GLU TB 102 -82.66 58.18 -14.38
N ASP TB 103 -82.04 59.35 -14.35
CA ASP TB 103 -82.44 60.42 -15.26
C ASP TB 103 -82.16 60.03 -16.71
N PHE TB 104 -81.00 59.44 -16.98
CA PHE TB 104 -80.68 59.00 -18.33
C PHE TB 104 -81.59 57.86 -18.77
N LEU TB 105 -81.88 56.94 -17.85
CA LEU TB 105 -82.62 55.73 -18.21
C LEU TB 105 -84.04 56.06 -18.65
N GLU TB 106 -84.71 56.99 -17.96
CA GLU TB 106 -86.07 57.35 -18.34
C GLU TB 106 -86.14 58.16 -19.63
N ARG TB 107 -85.00 58.59 -20.17
CA ARG TB 107 -84.97 59.26 -21.46
C ARG TB 107 -84.77 58.30 -22.62
N ARG TB 108 -84.63 57.01 -22.36
CA ARG TB 108 -84.56 56.02 -23.43
C ARG TB 108 -85.89 55.96 -24.17
N LEU TB 109 -85.81 55.62 -25.46
CA LEU TB 109 -87.02 55.48 -26.28
C LEU TB 109 -87.94 54.41 -25.71
N GLN TB 110 -87.37 53.33 -25.19
CA GLN TB 110 -88.18 52.25 -24.62
C GLN TB 110 -89.01 52.74 -23.45
N THR TB 111 -88.42 53.58 -22.60
CA THR TB 111 -89.18 54.14 -21.48
C THR TB 111 -90.19 55.17 -21.97
N GLN TB 112 -89.85 55.94 -23.01
CA GLN TB 112 -90.73 57.00 -23.45
C GLN TB 112 -91.99 56.46 -24.11
N VAL TB 113 -91.87 55.41 -24.92
CA VAL TB 113 -93.07 54.87 -25.55
C VAL TB 113 -93.98 54.25 -24.51
N PHE TB 114 -93.42 53.76 -23.40
CA PHE TB 114 -94.24 53.25 -22.31
C PHE TB 114 -94.90 54.38 -21.54
N LYS TB 115 -94.18 55.49 -21.33
CA LYS TB 115 -94.75 56.63 -20.63
C LYS TB 115 -95.89 57.27 -21.43
N LEU TB 116 -95.73 57.35 -22.76
CA LEU TB 116 -96.74 57.98 -23.60
C LEU TB 116 -98.03 57.18 -23.69
N GLY TB 117 -98.06 55.96 -23.15
CA GLY TB 117 -99.22 55.12 -23.25
C GLY TB 117 -99.28 54.27 -24.50
N LEU TB 118 -98.29 54.39 -25.39
CA LEU TB 118 -98.26 53.59 -26.60
C LEU TB 118 -97.96 52.13 -26.32
N ALA TB 119 -97.52 51.79 -25.12
CA ALA TB 119 -97.24 50.42 -24.74
C ALA TB 119 -97.88 50.13 -23.39
N LYS TB 120 -98.21 48.86 -23.18
CA LYS TB 120 -98.82 48.43 -21.92
C LYS TB 120 -97.79 48.15 -20.84
N SER TB 121 -96.56 47.87 -21.20
CA SER TB 121 -95.50 47.58 -20.25
C SER TB 121 -94.17 47.93 -20.88
N ILE TB 122 -93.13 47.98 -20.04
CA ILE TB 122 -91.80 48.32 -20.54
C ILE TB 122 -91.25 47.22 -21.46
N HIS TB 123 -91.57 45.96 -21.17
CA HIS TB 123 -91.13 44.88 -22.05
C HIS TB 123 -91.93 44.86 -23.34
N HIS TB 124 -93.23 45.13 -23.24
CA HIS TB 124 -94.04 45.32 -24.45
C HIS TB 124 -93.52 46.49 -25.26
N ALA TB 125 -93.06 47.54 -24.58
CA ALA TB 125 -92.46 48.68 -25.27
C ALA TB 125 -91.19 48.26 -26.02
N ARG TB 126 -90.33 47.48 -25.36
CA ARG TB 126 -89.09 47.05 -26.01
C ARG TB 126 -89.37 46.18 -27.23
N VAL TB 127 -90.28 45.22 -27.09
CA VAL TB 127 -90.56 44.34 -28.23
C VAL TB 127 -91.29 45.12 -29.33
N LEU TB 128 -92.09 46.12 -28.96
CA LEU TB 128 -92.76 46.93 -29.97
C LEU TB 128 -91.76 47.79 -30.73
N ILE TB 129 -90.71 48.25 -30.07
CA ILE TB 129 -89.67 49.03 -30.75
C ILE TB 129 -88.83 48.14 -31.65
N ARG TB 130 -88.42 46.97 -31.13
CA ARG TB 130 -87.51 46.12 -31.89
C ARG TB 130 -88.15 45.49 -33.12
N GLN TB 131 -89.47 45.58 -33.27
CA GLN TB 131 -90.16 45.05 -34.45
C GLN TB 131 -90.60 46.15 -35.40
N ARG TB 132 -89.99 47.34 -35.30
CA ARG TB 132 -90.20 48.43 -36.25
C ARG TB 132 -91.66 48.91 -36.25
N HIS TB 133 -92.15 49.26 -35.07
CA HIS TB 133 -93.51 49.79 -34.94
C HIS TB 133 -93.53 51.23 -34.45
N ILE TB 134 -92.39 51.80 -34.10
CA ILE TB 134 -92.32 53.15 -33.54
C ILE TB 134 -91.52 54.02 -34.49
N ARG TB 135 -92.09 55.17 -34.85
CA ARG TB 135 -91.44 56.17 -35.66
C ARG TB 135 -91.21 57.44 -34.85
N VAL TB 136 -90.08 58.09 -35.09
CA VAL TB 136 -89.74 59.37 -34.48
C VAL TB 136 -89.64 60.41 -35.58
N ARG TB 137 -90.36 61.52 -35.42
CA ARG TB 137 -90.49 62.54 -36.46
C ARG TB 137 -91.02 61.91 -37.74
N LYS TB 138 -90.13 61.54 -38.64
CA LYS TB 138 -90.50 60.83 -39.86
C LYS TB 138 -89.70 59.57 -40.12
N GLN TB 139 -88.74 59.22 -39.26
CA GLN TB 139 -87.92 58.04 -39.43
C GLN TB 139 -88.28 57.01 -38.35
N VAL TB 140 -88.50 55.77 -38.77
CA VAL TB 140 -88.79 54.70 -37.82
C VAL TB 140 -87.51 54.30 -37.12
N VAL TB 141 -87.61 53.98 -35.84
CA VAL TB 141 -86.47 53.63 -35.00
C VAL TB 141 -86.70 52.23 -34.43
N ASN TB 142 -85.67 51.40 -34.50
CA ASN TB 142 -85.71 50.05 -33.95
C ASN TB 142 -84.66 49.84 -32.87
N ILE TB 143 -84.24 50.90 -32.21
CA ILE TB 143 -83.18 50.85 -31.19
C ILE TB 143 -83.80 51.24 -29.85
N PRO TB 144 -83.82 50.35 -28.86
CA PRO TB 144 -84.35 50.73 -27.54
C PRO TB 144 -83.56 51.85 -26.87
N SER TB 145 -82.25 51.90 -27.09
CA SER TB 145 -81.38 52.89 -26.44
C SER TB 145 -81.34 54.21 -27.18
N PHE TB 146 -82.32 54.50 -28.02
CA PHE TB 146 -82.40 55.78 -28.72
C PHE TB 146 -82.75 56.87 -27.72
N ILE TB 147 -81.78 57.68 -27.35
CA ILE TB 147 -82.01 58.74 -26.38
C ILE TB 147 -82.82 59.85 -27.04
N VAL TB 148 -84.00 60.11 -26.48
CA VAL TB 148 -84.96 61.02 -27.10
C VAL TB 148 -84.74 62.42 -26.56
N ARG TB 149 -84.52 63.38 -27.46
CA ARG TB 149 -84.39 64.76 -27.07
C ARG TB 149 -85.75 65.36 -26.76
N LEU TB 150 -85.73 66.56 -26.17
CA LEU TB 150 -86.98 67.23 -25.82
C LEU TB 150 -87.79 67.58 -27.07
N ASP TB 151 -87.12 68.03 -28.13
CA ASP TB 151 -87.83 68.42 -29.34
C ASP TB 151 -88.41 67.21 -30.07
N SER TB 152 -87.87 66.02 -29.83
CA SER TB 152 -88.38 64.80 -30.44
C SER TB 152 -89.42 64.10 -29.58
N GLN TB 153 -89.74 64.65 -28.41
CA GLN TB 153 -90.69 64.00 -27.50
C GLN TB 153 -92.08 63.93 -28.12
N LYS TB 154 -92.53 65.04 -28.71
CA LYS TB 154 -93.86 65.11 -29.30
C LYS TB 154 -93.95 64.37 -30.63
N HIS TB 155 -92.82 64.07 -31.26
CA HIS TB 155 -92.79 63.50 -32.60
C HIS TB 155 -92.67 61.99 -32.58
N ILE TB 156 -93.06 61.34 -31.50
CA ILE TB 156 -93.01 59.88 -31.39
C ILE TB 156 -94.40 59.33 -31.64
N ASP TB 157 -94.56 58.54 -32.71
CA ASP TB 157 -95.85 58.01 -33.10
C ASP TB 157 -95.67 56.57 -33.59
N PHE TB 158 -96.79 55.99 -34.04
CA PHE TB 158 -96.78 54.64 -34.59
C PHE TB 158 -96.43 54.67 -36.07
N SER TB 159 -95.68 53.68 -36.52
CA SER TB 159 -95.23 53.61 -37.90
C SER TB 159 -96.42 53.46 -38.85
N LEU TB 160 -96.30 54.07 -40.03
CA LEU TB 160 -97.35 53.95 -41.04
C LEU TB 160 -97.50 52.52 -41.52
N ARG TB 161 -96.37 51.83 -41.72
CA ARG TB 161 -96.42 50.45 -42.20
C ARG TB 161 -96.77 49.46 -41.11
N SER TB 162 -96.68 49.87 -39.84
CA SER TB 162 -97.00 48.97 -38.74
C SER TB 162 -98.51 48.71 -38.70
N PRO TB 163 -98.92 47.55 -38.22
CA PRO TB 163 -100.36 47.30 -38.05
C PRO TB 163 -100.91 47.91 -36.77
N TYR TB 164 -100.47 49.12 -36.46
CA TYR TB 164 -101.03 49.90 -35.36
C TYR TB 164 -101.28 51.35 -35.72
N GLY TB 165 -100.59 51.90 -36.72
CA GLY TB 165 -100.87 53.22 -37.24
C GLY TB 165 -101.66 53.08 -38.53
N GLY TB 166 -100.97 53.14 -39.66
CA GLY TB 166 -101.60 52.88 -40.93
C GLY TB 166 -101.96 51.41 -41.10
N GLY TB 167 -102.38 51.08 -42.31
CA GLY TB 167 -102.90 49.75 -42.59
C GLY TB 167 -101.84 48.68 -42.74
N ARG TB 168 -102.09 47.73 -43.65
CA ARG TB 168 -101.21 46.61 -43.93
C ARG TB 168 -100.98 45.77 -42.67
N PRO TB 169 -101.98 45.00 -42.23
CA PRO TB 169 -101.83 44.23 -40.98
C PRO TB 169 -100.76 43.16 -41.09
N GLY TB 170 -100.49 42.54 -39.93
CA GLY TB 170 -99.43 41.56 -39.84
C GLY TB 170 -99.76 40.26 -40.54
N ARG TB 171 -98.77 39.37 -40.60
CA ARG TB 171 -98.90 38.16 -41.40
C ARG TB 171 -99.86 37.16 -40.78
N VAL TB 172 -99.98 37.13 -39.45
CA VAL TB 172 -100.90 36.17 -38.84
C VAL TB 172 -102.34 36.64 -39.01
N LYS TB 173 -102.57 37.95 -39.03
CA LYS TB 173 -103.92 38.44 -39.31
C LYS TB 173 -104.36 38.06 -40.71
N ARG TB 174 -103.48 38.24 -41.70
CA ARG TB 174 -103.81 37.84 -43.06
C ARG TB 174 -103.97 36.32 -43.15
N LYS TB 175 -103.13 35.58 -42.42
CA LYS TB 175 -103.20 34.12 -42.46
C LYS TB 175 -104.50 33.60 -41.87
N ASN TB 176 -104.89 34.08 -40.70
CA ASN TB 176 -106.14 33.58 -40.14
C ASN TB 176 -107.36 34.18 -40.82
N ALA TB 177 -107.22 35.33 -41.48
CA ALA TB 177 -108.32 35.83 -42.32
C ALA TB 177 -108.54 34.93 -43.52
N LYS TB 178 -107.46 34.55 -44.22
CA LYS TB 178 -107.63 33.65 -45.35
C LYS TB 178 -108.04 32.27 -44.90
N LYS TB 179 -107.61 31.84 -43.71
CA LYS TB 179 -108.09 30.59 -43.14
C LYS TB 179 -109.58 30.64 -42.85
N GLY TB 180 -110.06 31.77 -42.32
CA GLY TB 180 -111.46 31.91 -42.01
C GLY TB 180 -112.34 31.96 -43.24
N GLN TB 181 -111.87 32.63 -44.30
CA GLN TB 181 -112.66 32.65 -45.53
C GLN TB 181 -112.60 31.31 -46.26
N GLY TB 182 -111.46 30.60 -46.18
CA GLY TB 182 -111.38 29.29 -46.79
C GLY TB 182 -112.24 28.26 -46.08
N GLY TB 183 -112.29 28.33 -44.75
CA GLY TB 183 -113.10 27.39 -43.99
C GLY TB 183 -114.59 27.66 -44.09
N ALA TB 184 -114.98 28.89 -44.44
CA ALA TB 184 -116.39 29.25 -44.58
C ALA TB 184 -116.48 30.36 -45.62
N GLY TB 185 -116.95 30.01 -46.81
CA GLY TB 185 -117.10 30.96 -47.89
C GLY TB 185 -118.17 32.00 -47.63
N ALA UB 1 6.35 86.32 -30.77
CA ALA UB 1 7.54 85.85 -31.45
C ALA UB 1 7.35 85.89 -32.96
N ASP UB 2 8.28 85.29 -33.69
CA ASP UB 2 8.20 85.25 -35.14
C ASP UB 2 7.03 84.39 -35.59
N ILE UB 3 6.45 84.74 -36.73
CA ILE UB 3 5.25 84.08 -37.22
C ILE UB 3 5.58 82.92 -38.15
N GLN UB 4 6.55 83.12 -39.04
CA GLN UB 4 6.88 82.12 -40.06
C GLN UB 4 7.69 80.99 -39.42
N THR UB 5 6.98 80.19 -38.62
CA THR UB 5 7.56 79.03 -37.97
C THR UB 5 7.08 77.71 -38.58
N GLU UB 6 6.50 77.77 -39.77
CA GLU UB 6 6.00 76.58 -40.45
C GLU UB 6 6.76 76.37 -41.75
N ARG UB 7 6.45 75.26 -42.42
CA ARG UB 7 7.13 74.95 -43.66
C ARG UB 7 6.64 75.83 -44.80
N ALA UB 8 5.35 76.10 -44.85
CA ALA UB 8 4.81 77.02 -45.84
C ALA UB 8 4.87 78.45 -45.32
N TYR UB 9 4.45 79.38 -46.17
CA TYR UB 9 4.39 80.78 -45.76
C TYR UB 9 3.07 81.06 -45.05
N GLN UB 10 3.17 81.81 -43.94
CA GLN UB 10 2.01 82.20 -43.16
C GLN UB 10 1.67 83.65 -43.51
N LYS UB 11 0.52 83.86 -44.15
CA LYS UB 11 0.11 85.22 -44.51
C LYS UB 11 -1.40 85.25 -44.68
N GLN UB 12 -1.94 86.46 -44.62
CA GLN UB 12 -3.37 86.65 -44.82
C GLN UB 12 -3.68 86.71 -46.30
N PRO UB 13 -4.65 85.91 -46.78
CA PRO UB 13 -4.95 85.91 -48.23
C PRO UB 13 -5.44 87.26 -48.74
N THR UB 14 -6.14 88.04 -47.92
CA THR UB 14 -6.66 89.33 -48.38
C THR UB 14 -5.52 90.30 -48.68
N ILE UB 15 -4.47 90.29 -47.87
CA ILE UB 15 -3.40 91.28 -47.99
C ILE UB 15 -2.44 90.85 -49.09
N PHE UB 16 -2.18 91.76 -50.03
CA PHE UB 16 -1.16 91.58 -51.06
C PHE UB 16 0.12 92.28 -50.59
N GLN UB 17 1.11 91.49 -50.20
CA GLN UB 17 2.30 92.05 -49.54
C GLN UB 17 3.14 92.86 -50.52
N ASN UB 18 3.28 92.39 -51.75
CA ASN UB 18 4.25 92.95 -52.69
C ASN UB 18 3.63 94.12 -53.46
N LYS UB 19 3.35 95.19 -52.72
CA LYS UB 19 2.75 96.38 -53.33
C LYS UB 19 3.88 97.28 -53.83
N LYS UB 20 4.55 96.79 -54.88
CA LYS UB 20 5.42 97.56 -55.78
C LYS UB 20 6.36 98.50 -55.04
N ARG UB 21 7.33 97.96 -54.31
CA ARG UB 21 8.30 98.77 -53.59
C ARG UB 21 9.05 99.72 -54.52
N VAL UB 22 8.80 101.02 -54.36
CA VAL UB 22 9.36 102.06 -55.24
C VAL UB 22 9.90 103.23 -54.42
N LEU UB 23 10.32 104.28 -55.11
CA LEU UB 23 11.01 105.40 -54.45
C LEU UB 23 10.03 106.32 -53.72
N LEU UB 24 8.81 106.47 -54.24
CA LEU UB 24 7.90 107.50 -53.73
C LEU UB 24 7.54 107.29 -52.27
N GLY UB 25 7.41 106.04 -51.83
CA GLY UB 25 7.28 105.72 -50.42
C GLY UB 25 8.66 105.55 -49.82
N GLU UB 26 8.75 105.77 -48.51
CA GLU UB 26 10.03 105.76 -47.81
C GLU UB 26 10.18 104.47 -47.03
N THR UB 27 11.13 103.63 -47.44
CA THR UB 27 11.50 102.43 -46.72
C THR UB 27 12.87 102.62 -46.08
N GLY UB 28 12.93 102.46 -44.77
CA GLY UB 28 11.77 102.10 -43.97
C GLY UB 28 11.52 103.01 -42.80
N LYS UB 29 10.59 102.62 -41.94
CA LYS UB 29 9.79 101.41 -42.04
C LYS UB 29 8.37 101.67 -42.51
N GLU UB 30 7.73 100.64 -43.08
CA GLU UB 30 6.31 100.64 -43.33
C GLU UB 30 5.72 99.37 -42.74
N LYS UB 31 4.56 99.48 -42.12
CA LYS UB 31 3.88 98.33 -41.53
C LYS UB 31 3.11 97.59 -42.61
N LEU UB 32 3.21 96.26 -42.58
CA LEU UB 32 2.38 95.44 -43.45
C LEU UB 32 0.91 95.56 -43.01
N PRO UB 33 0.00 95.88 -43.91
CA PRO UB 33 -1.41 96.05 -43.52
C PRO UB 33 -2.01 94.74 -43.01
N ARG UB 34 -2.96 94.88 -42.08
CA ARG UB 34 -3.62 93.75 -41.45
C ARG UB 34 -5.08 93.70 -41.85
N TYR UB 35 -5.55 92.50 -42.19
CA TYR UB 35 -6.94 92.28 -42.53
C TYR UB 35 -7.72 91.87 -41.29
N TYR UB 36 -8.86 92.52 -41.08
CA TYR UB 36 -9.74 92.15 -39.98
C TYR UB 36 -11.17 92.42 -40.39
N LYS UB 37 -12.09 91.74 -39.69
CA LYS UB 37 -13.51 91.91 -39.91
C LYS UB 37 -14.22 91.82 -38.56
N ASN UB 38 -15.37 92.46 -38.47
CA ASN UB 38 -16.21 92.34 -37.29
C ASN UB 38 -17.26 91.26 -37.50
N ILE UB 39 -17.62 90.60 -36.40
CA ILE UB 39 -18.58 89.50 -36.47
C ILE UB 39 -20.01 89.99 -36.29
N GLY UB 40 -20.20 91.20 -35.78
CA GLY UB 40 -21.53 91.64 -35.46
C GLY UB 40 -21.97 91.07 -34.13
N LEU UB 41 -23.29 91.02 -33.94
CA LEU UB 41 -23.90 90.54 -32.71
C LEU UB 41 -23.42 91.30 -31.47
N GLY UB 42 -22.92 92.52 -31.66
CA GLY UB 42 -22.45 93.33 -30.57
C GLY UB 42 -21.03 93.04 -30.12
N PHE UB 43 -20.34 92.09 -30.73
CA PHE UB 43 -18.99 91.74 -30.31
C PHE UB 43 -17.98 92.74 -30.86
N LYS UB 44 -16.99 93.07 -30.03
CA LYS UB 44 -15.97 94.05 -30.38
C LYS UB 44 -14.66 93.35 -30.70
N THR UB 45 -14.03 93.76 -31.79
CA THR UB 45 -12.74 93.19 -32.16
C THR UB 45 -11.67 93.70 -31.22
N PRO UB 46 -10.93 92.83 -30.54
CA PRO UB 46 -9.89 93.29 -29.61
C PRO UB 46 -8.77 94.00 -30.35
N LYS UB 47 -8.14 94.94 -29.64
CA LYS UB 47 -7.10 95.76 -30.25
C LYS UB 47 -5.90 94.93 -30.66
N GLU UB 48 -5.62 93.84 -29.94
CA GLU UB 48 -4.46 93.03 -30.29
C GLU UB 48 -4.68 92.31 -31.61
N ALA UB 49 -5.93 91.90 -31.89
CA ALA UB 49 -6.26 91.37 -33.19
C ALA UB 49 -6.08 92.42 -34.28
N ILE UB 50 -6.47 93.66 -33.99
CA ILE UB 50 -6.38 94.74 -34.97
C ILE UB 50 -4.92 95.02 -35.31
N GLU UB 51 -4.08 95.11 -34.30
CA GLU UB 51 -2.70 95.51 -34.53
C GLU UB 51 -1.73 94.42 -34.07
N GLY UB 52 -2.03 93.17 -34.42
CA GLY UB 52 -1.13 92.07 -34.18
C GLY UB 52 -0.42 91.66 -35.45
N THR UB 53 0.45 90.65 -35.30
CA THR UB 53 1.15 90.07 -36.43
C THR UB 53 0.88 88.59 -36.60
N TYR UB 54 0.04 88.00 -35.76
CA TYR UB 54 -0.21 86.56 -35.85
C TYR UB 54 -1.03 86.26 -37.09
N ILE UB 55 -0.91 85.01 -37.56
CA ILE UB 55 -1.72 84.50 -38.65
C ILE UB 55 -2.52 83.33 -38.12
N ASP UB 56 -3.85 83.39 -38.27
CA ASP UB 56 -4.72 82.33 -37.78
C ASP UB 56 -5.96 82.37 -38.65
N LYS UB 57 -6.05 81.43 -39.61
CA LYS UB 57 -7.18 81.38 -40.52
C LYS UB 57 -8.48 80.98 -39.83
N LYS UB 58 -8.41 80.49 -38.60
CA LYS UB 58 -9.60 80.12 -37.84
C LYS UB 58 -10.02 81.21 -36.86
N CYS UB 59 -9.22 82.27 -36.74
CA CYS UB 59 -9.59 83.38 -35.90
C CYS UB 59 -10.80 84.10 -36.49
N PRO UB 60 -11.79 84.46 -35.67
CA PRO UB 60 -12.98 85.14 -36.20
C PRO UB 60 -12.68 86.47 -36.84
N PHE UB 61 -11.65 87.15 -36.36
CA PHE UB 61 -11.31 88.50 -36.80
C PHE UB 61 -10.35 88.48 -37.98
N THR UB 62 -9.31 87.66 -37.92
CA THR UB 62 -8.25 87.64 -38.91
C THR UB 62 -8.20 86.32 -39.67
N GLY UB 63 -9.35 85.65 -39.82
CA GLY UB 63 -9.39 84.38 -40.50
C GLY UB 63 -10.64 84.23 -41.34
N ASN UB 64 -10.69 83.14 -42.08
CA ASN UB 64 -11.81 82.85 -42.98
C ASN UB 64 -12.84 81.96 -42.31
N VAL UB 65 -13.41 82.48 -41.22
CA VAL UB 65 -14.49 81.83 -40.50
C VAL UB 65 -15.57 82.86 -40.23
N SER UB 66 -16.83 82.43 -40.36
CA SER UB 66 -17.99 83.26 -40.05
C SER UB 66 -18.75 82.62 -38.91
N ILE UB 67 -19.16 83.44 -37.94
CA ILE UB 67 -19.80 82.97 -36.72
C ILE UB 67 -21.31 83.08 -36.90
N ARG UB 68 -22.00 81.95 -36.79
CA ARG UB 68 -23.45 81.94 -36.93
C ARG UB 68 -24.01 80.70 -36.25
N GLY UB 69 -25.22 80.83 -35.71
CA GLY UB 69 -25.88 79.72 -35.06
C GLY UB 69 -26.16 79.94 -33.59
N ARG UB 70 -25.64 79.07 -32.75
CA ARG UB 70 -25.86 79.13 -31.31
C ARG UB 70 -24.72 79.89 -30.64
N ILE UB 71 -25.07 80.93 -29.90
CA ILE UB 71 -24.11 81.69 -29.10
C ILE UB 71 -24.28 81.27 -27.66
N LEU UB 72 -23.16 80.92 -27.02
CA LEU UB 72 -23.22 80.32 -25.70
C LEU UB 72 -21.86 80.50 -25.02
N SER UB 73 -21.78 80.09 -23.76
CA SER UB 73 -20.63 80.36 -22.92
C SER UB 73 -20.14 79.07 -22.26
N GLY UB 74 -19.11 79.22 -21.46
CA GLY UB 74 -18.52 78.08 -20.76
C GLY UB 74 -17.37 78.54 -19.88
N VAL UB 75 -16.73 77.56 -19.26
CA VAL UB 75 -15.61 77.81 -18.34
C VAL UB 75 -14.39 77.07 -18.86
N VAL UB 76 -13.26 77.78 -18.95
CA VAL UB 76 -12.05 77.21 -19.50
C VAL UB 76 -11.49 76.16 -18.54
N THR UB 77 -11.16 74.98 -19.09
CA THR UB 77 -10.63 73.88 -18.30
C THR UB 77 -9.16 73.62 -18.58
N LYS UB 78 -8.80 73.38 -19.84
CA LYS UB 78 -7.42 73.07 -20.20
C LYS UB 78 -6.99 73.92 -21.39
N MET UB 79 -5.71 74.23 -21.42
CA MET UB 79 -5.12 75.05 -22.47
C MET UB 79 -3.90 74.35 -23.06
N LYS UB 80 -3.95 73.03 -23.13
CA LYS UB 80 -2.80 72.22 -23.50
C LYS UB 80 -2.64 72.03 -25.01
N MET UB 81 -3.62 72.46 -25.81
CA MET UB 81 -3.59 72.24 -27.24
C MET UB 81 -3.27 73.53 -27.99
N GLN UB 82 -2.78 73.35 -29.22
CA GLN UB 82 -2.30 74.46 -30.03
C GLN UB 82 -3.48 75.24 -30.60
N ARG UB 83 -3.55 76.53 -30.27
CA ARG UB 83 -4.54 77.46 -30.79
C ARG UB 83 -5.97 77.08 -30.43
N THR UB 84 -6.16 76.17 -29.49
CA THR UB 84 -7.49 75.70 -29.14
C THR UB 84 -7.48 75.17 -27.71
N ILE UB 85 -8.65 75.27 -27.07
CA ILE UB 85 -8.82 74.90 -25.67
C ILE UB 85 -10.10 74.06 -25.55
N VAL UB 86 -10.25 73.43 -24.39
CA VAL UB 86 -11.46 72.72 -24.05
C VAL UB 86 -12.14 73.45 -22.89
N ILE UB 87 -13.46 73.60 -22.98
CA ILE UB 87 -14.23 74.27 -21.95
C ILE UB 87 -15.32 73.34 -21.45
N ARG UB 88 -15.78 73.60 -20.24
CA ARG UB 88 -16.79 72.79 -19.59
C ARG UB 88 -18.05 73.62 -19.38
N ARG UB 89 -19.19 73.10 -19.85
CA ARG UB 89 -20.48 73.74 -19.67
C ARG UB 89 -21.28 72.99 -18.62
N ASP UB 90 -21.79 73.72 -17.64
CA ASP UB 90 -22.57 73.15 -16.55
C ASP UB 90 -24.04 73.48 -16.74
N TYR UB 91 -24.89 72.49 -16.57
CA TYR UB 91 -26.33 72.70 -16.65
C TYR UB 91 -27.01 71.68 -15.74
N LEU UB 92 -28.28 71.92 -15.45
CA LEU UB 92 -29.06 71.03 -14.60
C LEU UB 92 -30.09 70.31 -15.45
N HIS UB 93 -30.14 68.99 -15.31
CA HIS UB 93 -31.06 68.14 -16.05
C HIS UB 93 -32.25 67.80 -15.17
N TYR UB 94 -33.45 68.08 -15.65
CA TYR UB 94 -34.66 67.88 -14.86
C TYR UB 94 -35.15 66.44 -14.99
N ILE UB 95 -35.62 65.89 -13.88
CA ILE UB 95 -36.24 64.57 -13.85
C ILE UB 95 -37.68 64.74 -13.40
N ARG UB 96 -38.63 64.33 -14.24
CA ARG UB 96 -40.04 64.57 -13.96
C ARG UB 96 -40.48 63.83 -12.71
N LYS UB 97 -40.06 62.57 -12.58
CA LYS UB 97 -40.59 61.70 -11.54
C LYS UB 97 -40.22 62.20 -10.15
N TYR UB 98 -38.98 62.61 -9.96
CA TYR UB 98 -38.52 63.05 -8.66
C TYR UB 98 -38.68 64.54 -8.45
N ASN UB 99 -39.13 65.26 -9.47
CA ASN UB 99 -39.36 66.71 -9.44
C ASN UB 99 -38.09 67.48 -9.09
N ARG UB 100 -36.93 66.87 -9.29
CA ARG UB 100 -35.66 67.45 -8.90
C ARG UB 100 -34.74 67.51 -10.12
N PHE UB 101 -33.66 68.24 -9.99
CA PHE UB 101 -32.73 68.43 -11.08
C PHE UB 101 -31.54 67.50 -10.93
N GLU UB 102 -30.64 67.54 -11.91
CA GLU UB 102 -29.48 66.66 -11.95
C GLU UB 102 -28.32 67.44 -12.52
N LYS UB 103 -27.24 67.55 -11.74
CA LYS UB 103 -26.07 68.29 -12.20
C LYS UB 103 -25.35 67.49 -13.28
N ARG UB 104 -25.28 68.06 -14.48
CA ARG UB 104 -24.57 67.45 -15.59
C ARG UB 104 -23.57 68.43 -16.15
N HIS UB 105 -22.71 67.93 -17.04
CA HIS UB 105 -21.71 68.76 -17.68
C HIS UB 105 -21.36 68.16 -19.03
N LYS UB 106 -20.82 69.00 -19.90
CA LYS UB 106 -20.24 68.54 -21.15
C LYS UB 106 -18.97 69.32 -21.43
N ASN UB 107 -17.94 68.62 -21.91
CA ASN UB 107 -16.69 69.25 -22.29
C ASN UB 107 -16.71 69.56 -23.78
N MET UB 108 -16.45 70.82 -24.11
CA MET UB 108 -16.47 71.28 -25.48
C MET UB 108 -15.10 71.83 -25.85
N SER UB 109 -14.54 71.35 -26.97
CA SER UB 109 -13.29 71.86 -27.48
C SER UB 109 -13.58 73.02 -28.42
N VAL UB 110 -12.98 74.17 -28.14
CA VAL UB 110 -13.18 75.37 -28.95
C VAL UB 110 -11.81 75.91 -29.37
N HIS UB 111 -11.82 76.69 -30.43
CA HIS UB 111 -10.59 77.27 -30.96
C HIS UB 111 -10.32 78.61 -30.30
N LEU UB 112 -9.15 78.76 -29.71
CA LEU UB 112 -8.75 79.99 -29.03
C LEU UB 112 -7.78 80.76 -29.93
N SER UB 113 -8.22 81.92 -30.40
CA SER UB 113 -7.36 82.75 -31.23
C SER UB 113 -6.25 83.36 -30.39
N PRO UB 114 -5.08 83.63 -30.99
CA PRO UB 114 -4.02 84.32 -30.25
C PRO UB 114 -4.38 85.75 -29.86
N CYS UB 115 -5.50 86.28 -30.35
CA CYS UB 115 -5.93 87.62 -29.96
C CYS UB 115 -6.34 87.69 -28.49
N PHE UB 116 -6.58 86.55 -27.85
CA PHE UB 116 -6.83 86.49 -26.42
C PHE UB 116 -5.61 85.84 -25.78
N ARG UB 117 -4.75 86.66 -25.17
CA ARG UB 117 -3.53 86.15 -24.57
C ARG UB 117 -3.64 85.97 -23.06
N ASP UB 118 -4.46 86.77 -22.39
CA ASP UB 118 -4.64 86.65 -20.95
C ASP UB 118 -5.84 85.73 -20.63
N VAL UB 119 -5.67 84.46 -20.99
CA VAL UB 119 -6.67 83.42 -20.73
C VAL UB 119 -6.08 82.42 -19.75
N GLN UB 120 -6.82 82.13 -18.69
CA GLN UB 120 -6.36 81.23 -17.64
C GLN UB 120 -7.45 80.19 -17.37
N ILE UB 121 -7.08 79.14 -16.64
CA ILE UB 121 -8.05 78.11 -16.30
C ILE UB 121 -9.06 78.66 -15.30
N GLY UB 122 -10.34 78.60 -15.67
CA GLY UB 122 -11.41 79.13 -14.86
C GLY UB 122 -12.05 80.38 -15.40
N ASP UB 123 -11.47 81.01 -16.43
CA ASP UB 123 -12.06 82.21 -16.98
C ASP UB 123 -13.36 81.90 -17.71
N ILE UB 124 -14.31 82.82 -17.61
CA ILE UB 124 -15.58 82.68 -18.31
C ILE UB 124 -15.36 83.02 -19.78
N VAL UB 125 -15.69 82.10 -20.66
CA VAL UB 125 -15.44 82.25 -22.09
C VAL UB 125 -16.78 82.24 -22.82
N THR UB 126 -16.89 83.13 -23.81
CA THR UB 126 -18.07 83.20 -24.68
C THR UB 126 -17.66 82.66 -26.04
N VAL UB 127 -18.27 81.56 -26.46
CA VAL UB 127 -17.89 80.86 -27.66
C VAL UB 127 -18.98 81.00 -28.71
N GLY UB 128 -18.58 81.25 -29.95
CA GLY UB 128 -19.50 81.42 -31.06
C GLY UB 128 -19.52 80.19 -31.92
N GLU UB 129 -20.64 79.97 -32.60
CA GLU UB 129 -20.80 78.81 -33.46
C GLU UB 129 -20.36 79.14 -34.88
N CYS UB 130 -19.67 78.19 -35.49
CA CYS UB 130 -19.22 78.33 -36.86
C CYS UB 130 -19.20 76.96 -37.50
N ARG UB 131 -18.65 76.88 -38.71
CA ARG UB 131 -18.53 75.63 -39.42
C ARG UB 131 -17.55 74.72 -38.69
N PRO UB 132 -17.56 73.43 -38.98
CA PRO UB 132 -16.54 72.54 -38.39
C PRO UB 132 -15.14 72.99 -38.76
N LEU UB 133 -14.23 72.96 -37.78
CA LEU UB 133 -12.83 73.22 -38.06
C LEU UB 133 -11.95 72.00 -37.89
N SER UB 134 -12.37 71.05 -37.06
CA SER UB 134 -11.60 69.84 -36.84
C SER UB 134 -12.58 68.72 -36.53
N LYS UB 135 -12.04 67.58 -36.08
CA LYS UB 135 -12.90 66.43 -35.82
C LYS UB 135 -13.87 66.71 -34.68
N THR UB 136 -13.39 67.33 -33.61
CA THR UB 136 -14.21 67.60 -32.44
C THR UB 136 -14.41 69.09 -32.18
N VAL UB 137 -13.99 69.96 -33.09
CA VAL UB 137 -14.01 71.39 -32.89
C VAL UB 137 -15.05 71.99 -33.82
N ARG UB 138 -16.02 72.70 -33.24
CA ARG UB 138 -17.02 73.41 -34.03
C ARG UB 138 -17.34 74.79 -33.51
N PHE UB 139 -16.64 75.28 -32.49
CA PHE UB 139 -16.99 76.55 -31.88
C PHE UB 139 -15.74 77.38 -31.69
N ASN UB 140 -15.90 78.70 -31.70
CA ASN UB 140 -14.77 79.61 -31.63
C ASN UB 140 -15.00 80.67 -30.57
N VAL UB 141 -13.91 81.11 -29.94
CA VAL UB 141 -13.98 82.05 -28.83
C VAL UB 141 -14.22 83.46 -29.37
N LEU UB 142 -15.20 84.16 -28.80
CA LEU UB 142 -15.49 85.53 -29.16
C LEU UB 142 -15.21 86.54 -28.06
N LYS UB 143 -15.15 86.12 -26.80
CA LYS UB 143 -14.94 87.03 -25.70
C LYS UB 143 -14.36 86.27 -24.51
N VAL UB 144 -13.47 86.93 -23.77
CA VAL UB 144 -12.86 86.37 -22.57
C VAL UB 144 -13.05 87.35 -21.42
N THR UB 145 -13.54 86.85 -20.29
CA THR UB 145 -13.62 87.61 -19.05
C THR UB 145 -12.95 86.83 -17.93
N LYS UB 146 -12.46 87.57 -16.93
CA LYS UB 146 -11.75 86.96 -15.83
C LYS UB 146 -12.74 86.44 -14.78
N ALA UB 147 -12.23 85.59 -13.89
CA ALA UB 147 -13.04 84.96 -12.85
C ALA UB 147 -12.50 85.39 -11.48
N ALA UB 148 -13.00 86.53 -10.99
CA ALA UB 148 -12.64 87.07 -9.67
C ALA UB 148 -11.14 87.32 -9.54
N GLY UB 149 -10.47 87.61 -10.65
CA GLY UB 149 -9.05 87.85 -10.64
C GLY UB 149 -8.70 89.29 -10.96
N THR UB 150 -8.26 89.54 -12.20
CA THR UB 150 -7.86 90.85 -12.71
C THR UB 150 -6.72 91.46 -11.90
N LYS UB 151 -6.03 90.65 -11.10
CA LYS UB 151 -4.94 91.12 -10.26
C LYS UB 151 -4.15 89.91 -9.79
N LYS UB 152 -2.82 90.05 -9.76
CA LYS UB 152 -1.92 88.97 -9.39
C LYS UB 152 -1.13 89.39 -8.17
N GLN UB 153 -0.99 88.47 -7.21
CA GLN UB 153 -0.22 88.75 -6.00
C GLN UB 153 1.17 88.15 -6.10
N GLY VB 1 -21.74 71.79 17.77
CA GLY VB 1 -20.81 70.70 17.93
C GLY VB 1 -19.43 71.03 17.41
N ARG VB 2 -18.40 70.49 18.05
CA ARG VB 2 -17.03 70.75 17.63
C ARG VB 2 -16.74 70.04 16.32
N MET VB 3 -15.80 70.61 15.56
CA MET VB 3 -15.45 70.04 14.26
C MET VB 3 -14.90 68.63 14.40
N HIS VB 4 -13.99 68.43 15.35
CA HIS VB 4 -13.30 67.15 15.49
C HIS VB 4 -13.41 66.59 16.90
N ALA VB 5 -14.48 66.92 17.62
CA ALA VB 5 -14.74 66.40 18.95
C ALA VB 5 -16.23 66.30 19.16
N PRO VB 6 -16.70 65.35 19.98
CA PRO VB 6 -18.13 65.27 20.31
C PRO VB 6 -18.53 66.20 21.45
N GLY VB 7 -18.04 67.42 21.40
CA GLY VB 7 -18.36 68.43 22.40
C GLY VB 7 -19.34 69.44 21.81
N LYS VB 8 -20.26 69.90 22.64
CA LYS VB 8 -21.28 70.84 22.22
C LYS VB 8 -21.31 72.03 23.15
N GLY VB 9 -20.13 72.53 23.52
CA GLY VB 9 -20.05 73.63 24.45
C GLY VB 9 -20.55 74.93 23.85
N LEU VB 10 -20.82 75.88 24.73
CA LEU VB 10 -21.38 77.15 24.32
C LEU VB 10 -20.57 78.34 24.82
N SER VB 11 -19.47 78.10 25.54
CA SER VB 11 -18.69 79.17 26.14
C SER VB 11 -18.12 80.10 25.07
N GLN VB 12 -18.60 81.34 25.04
CA GLN VB 12 -18.20 82.31 24.04
C GLN VB 12 -18.50 83.70 24.58
N SER VB 13 -18.27 84.71 23.73
CA SER VB 13 -18.39 86.10 24.13
C SER VB 13 -19.70 86.68 23.63
N ALA VB 14 -20.42 87.37 24.52
CA ALA VB 14 -21.64 88.08 24.15
C ALA VB 14 -21.30 89.56 24.06
N LEU VB 15 -21.14 90.05 22.84
CA LEU VB 15 -20.87 91.46 22.62
C LEU VB 15 -22.08 92.28 23.04
N PRO VB 16 -21.89 93.34 23.82
CA PRO VB 16 -23.03 94.15 24.25
C PRO VB 16 -23.68 94.88 23.09
N TYR VB 17 -24.96 95.20 23.27
CA TYR VB 17 -25.71 95.90 22.24
C TYR VB 17 -25.21 97.32 22.02
N ARG VB 18 -24.60 97.93 23.03
CA ARG VB 18 -24.10 99.30 22.91
C ARG VB 18 -22.77 99.26 22.17
N ARG VB 19 -22.72 99.89 21.00
CA ARG VB 19 -21.50 99.89 20.21
C ARG VB 19 -20.63 101.13 20.42
N SER VB 20 -21.18 102.20 20.98
CA SER VB 20 -20.44 103.44 21.06
C SER VB 20 -19.33 103.36 22.09
N VAL VB 21 -18.38 104.27 21.98
CA VAL VB 21 -17.26 104.33 22.92
C VAL VB 21 -17.76 104.83 24.27
N PRO VB 22 -17.40 104.19 25.38
CA PRO VB 22 -17.83 104.70 26.68
C PRO VB 22 -17.22 106.05 26.99
N THR VB 23 -17.93 106.81 27.83
CA THR VB 23 -17.48 108.16 28.16
C THR VB 23 -16.20 108.16 28.97
N TRP VB 24 -15.97 107.14 29.80
CA TRP VB 24 -14.79 107.11 30.65
C TRP VB 24 -13.53 106.72 29.90
N LEU VB 25 -13.60 106.51 28.59
CA LEU VB 25 -12.43 106.13 27.81
C LEU VB 25 -11.87 107.37 27.13
N LYS VB 26 -10.73 107.85 27.64
CA LYS VB 26 -10.09 109.04 27.07
C LYS VB 26 -9.23 108.73 25.86
N LEU VB 27 -9.03 107.46 25.54
CA LEU VB 27 -8.18 107.09 24.41
C LEU VB 27 -8.85 107.48 23.09
N THR VB 28 -8.05 107.99 22.15
CA THR VB 28 -8.53 108.29 20.82
C THR VB 28 -8.03 107.22 19.84
N SER VB 29 -8.48 107.32 18.59
CA SER VB 29 -8.16 106.30 17.60
C SER VB 29 -6.67 106.25 17.31
N ASP VB 30 -6.03 107.41 17.20
CA ASP VB 30 -4.59 107.42 16.90
C ASP VB 30 -3.78 106.86 18.06
N ASP VB 31 -4.19 107.12 19.31
CA ASP VB 31 -3.46 106.58 20.45
C ASP VB 31 -3.52 105.06 20.48
N VAL VB 32 -4.71 104.49 20.28
CA VAL VB 32 -4.81 103.03 20.31
C VAL VB 32 -4.14 102.43 19.07
N LYS VB 33 -4.10 103.16 17.97
CA LYS VB 33 -3.31 102.71 16.83
C LYS VB 33 -1.82 102.67 17.17
N GLU VB 34 -1.35 103.67 17.91
CA GLU VB 34 0.05 103.64 18.32
C GLU VB 34 0.31 102.46 19.27
N GLN VB 35 -0.63 102.21 20.18
CA GLN VB 35 -0.50 101.05 21.08
C GLN VB 35 -0.47 99.75 20.30
N ILE VB 36 -1.35 99.61 19.29
CA ILE VB 36 -1.40 98.35 18.55
C ILE VB 36 -0.14 98.17 17.71
N TYR VB 37 0.41 99.27 17.18
CA TYR VB 37 1.66 99.16 16.44
C TYR VB 37 2.82 98.78 17.38
N LYS VB 38 2.86 99.37 18.57
CA LYS VB 38 3.91 99.02 19.53
C LYS VB 38 3.81 97.57 19.94
N LEU VB 39 2.59 97.07 20.17
CA LEU VB 39 2.42 95.67 20.53
C LEU VB 39 2.79 94.75 19.37
N ALA VB 40 2.53 95.18 18.13
CA ALA VB 40 2.96 94.40 16.98
C ALA VB 40 4.48 94.32 16.90
N LYS VB 41 5.16 95.43 17.20
CA LYS VB 41 6.61 95.41 17.26
C LYS VB 41 7.10 94.48 18.37
N LYS VB 42 6.36 94.36 19.46
CA LYS VB 42 6.68 93.38 20.49
C LYS VB 42 6.58 91.95 19.99
N GLY VB 43 5.92 91.71 18.86
CA GLY VB 43 5.80 90.38 18.32
C GLY VB 43 4.51 89.67 18.63
N LEU VB 44 3.52 90.37 19.17
CA LEU VB 44 2.24 89.76 19.52
C LEU VB 44 1.40 89.57 18.27
N THR VB 45 0.48 88.61 18.33
CA THR VB 45 -0.48 88.24 17.30
C THR VB 45 -1.85 88.82 17.67
N PRO VB 46 -2.68 89.18 16.67
CA PRO VB 46 -3.87 90.01 16.94
C PRO VB 46 -4.75 89.60 18.12
N SER VB 47 -4.86 88.31 18.42
CA SER VB 47 -5.58 87.90 19.62
C SER VB 47 -4.90 88.44 20.88
N GLN VB 48 -3.57 88.39 20.92
CA GLN VB 48 -2.86 88.89 22.09
C GLN VB 48 -2.97 90.41 22.22
N ILE VB 49 -2.91 91.12 21.10
CA ILE VB 49 -3.13 92.57 21.16
C ILE VB 49 -4.53 92.85 21.69
N GLY VB 50 -5.53 92.12 21.19
CA GLY VB 50 -6.89 92.35 21.67
C GLY VB 50 -7.03 92.13 23.15
N VAL VB 51 -6.48 91.03 23.66
CA VAL VB 51 -6.67 90.72 25.08
C VAL VB 51 -5.91 91.71 25.95
N ILE VB 52 -4.68 92.09 25.55
CA ILE VB 52 -3.94 93.03 26.39
C ILE VB 52 -4.59 94.41 26.33
N LEU VB 53 -5.12 94.82 25.18
CA LEU VB 53 -5.77 96.12 25.08
C LEU VB 53 -7.03 96.16 25.92
N ARG VB 54 -7.81 95.08 25.90
CA ARG VB 54 -9.01 95.03 26.73
C ARG VB 54 -8.67 94.98 28.21
N ASP VB 55 -7.65 94.20 28.58
CA ASP VB 55 -7.35 93.99 29.99
C ASP VB 55 -6.73 95.23 30.62
N SER VB 56 -5.75 95.83 29.94
CA SER VB 56 -4.96 96.88 30.58
C SER VB 56 -5.49 98.28 30.26
N HIS VB 57 -5.60 98.62 28.98
CA HIS VB 57 -5.94 99.97 28.57
C HIS VB 57 -7.44 100.25 28.58
N GLY VB 58 -8.26 99.25 28.89
CA GLY VB 58 -9.67 99.50 29.11
C GLY VB 58 -10.50 99.72 27.88
N VAL VB 59 -9.99 99.39 26.69
CA VAL VB 59 -10.78 99.52 25.47
C VAL VB 59 -11.67 98.30 25.31
N ALA VB 60 -12.93 98.53 24.94
CA ALA VB 60 -13.88 97.44 24.81
C ALA VB 60 -13.62 96.64 23.54
N GLN VB 61 -13.69 97.30 22.39
CA GLN VB 61 -13.41 96.69 21.10
C GLN VB 61 -12.58 97.67 20.28
N VAL VB 62 -11.57 97.15 19.59
CA VAL VB 62 -10.77 98.00 18.70
C VAL VB 62 -11.64 98.50 17.55
N ARG VB 63 -12.50 97.63 17.03
CA ARG VB 63 -13.35 98.00 15.90
C ARG VB 63 -14.35 99.10 16.28
N PHE VB 64 -14.78 99.12 17.55
CA PHE VB 64 -15.77 100.12 17.96
C PHE VB 64 -15.13 101.49 18.14
N VAL VB 65 -13.88 101.53 18.61
CA VAL VB 65 -13.25 102.81 18.89
C VAL VB 65 -12.50 103.37 17.68
N THR VB 66 -12.01 102.50 16.79
CA THR VB 66 -11.30 102.95 15.60
C THR VB 66 -12.12 102.86 14.32
N GLY VB 67 -12.98 101.87 14.20
CA GLY VB 67 -13.68 101.63 12.96
C GLY VB 67 -13.06 100.58 12.06
N ASN VB 68 -11.93 100.00 12.46
CA ASN VB 68 -11.30 98.94 11.70
C ASN VB 68 -10.87 97.84 12.66
N LYS VB 69 -10.92 96.60 12.18
CA LYS VB 69 -10.48 95.47 12.99
C LYS VB 69 -8.96 95.48 13.12
N ILE VB 70 -8.47 94.66 14.04
CA ILE VB 70 -7.04 94.64 14.35
C ILE VB 70 -6.22 94.21 13.13
N LEU VB 71 -6.61 93.09 12.52
CA LEU VB 71 -5.87 92.60 11.37
C LEU VB 71 -5.94 93.58 10.20
N ARG VB 72 -7.08 94.27 10.06
CA ARG VB 72 -7.19 95.30 9.03
C ARG VB 72 -6.15 96.38 9.24
N ILE VB 73 -6.00 96.84 10.49
CA ILE VB 73 -5.06 97.90 10.80
C ILE VB 73 -3.63 97.44 10.54
N LEU VB 74 -3.31 96.22 10.99
CA LEU VB 74 -1.96 95.70 10.79
C LEU VB 74 -1.62 95.53 9.32
N LYS VB 75 -2.57 95.00 8.54
CA LYS VB 75 -2.33 94.83 7.11
C LYS VB 75 -2.25 96.17 6.38
N SER VB 76 -3.00 97.16 6.85
CA SER VB 76 -2.91 98.50 6.26
C SER VB 76 -1.55 99.12 6.53
N LYS VB 77 -1.05 99.00 7.76
CA LYS VB 77 0.23 99.62 8.07
C LYS VB 77 1.40 98.85 7.47
N GLY VB 78 1.23 97.58 7.17
CA GLY VB 78 2.24 96.80 6.49
C GLY VB 78 3.04 95.87 7.36
N LEU VB 79 2.66 95.67 8.62
CA LEU VB 79 3.35 94.74 9.51
C LEU VB 79 2.43 93.61 9.97
N ALA VB 80 1.52 93.20 9.10
CA ALA VB 80 0.70 92.02 9.36
C ALA VB 80 1.55 90.75 9.24
N PRO VB 81 1.18 89.69 9.95
CA PRO VB 81 1.89 88.42 9.80
C PRO VB 81 1.74 87.84 8.40
N ASP VB 82 2.80 87.15 7.96
CA ASP VB 82 2.75 86.46 6.67
C ASP VB 82 1.71 85.34 6.66
N LEU VB 83 1.64 84.57 7.75
CA LEU VB 83 0.64 83.54 7.93
C LEU VB 83 -0.45 84.00 8.88
N PRO VB 84 -1.69 83.65 8.62
CA PRO VB 84 -2.77 83.98 9.57
C PRO VB 84 -2.56 83.29 10.90
N GLU VB 85 -3.03 83.95 11.96
CA GLU VB 85 -2.68 83.54 13.31
C GLU VB 85 -3.23 82.16 13.65
N ASP VB 86 -4.47 81.88 13.24
CA ASP VB 86 -5.03 80.55 13.50
C ASP VB 86 -4.32 79.48 12.69
N LEU VB 87 -4.03 79.75 11.42
CA LEU VB 87 -3.27 78.79 10.63
C LEU VB 87 -1.87 78.60 11.19
N TYR VB 88 -1.24 79.69 11.62
CA TYR VB 88 0.10 79.60 12.21
C TYR VB 88 0.08 78.73 13.46
N HIS VB 89 -0.92 78.91 14.32
CA HIS VB 89 -1.00 78.13 15.54
C HIS VB 89 -1.29 76.67 15.25
N LEU VB 90 -2.11 76.40 14.23
CA LEU VB 90 -2.34 75.01 13.83
C LEU VB 90 -1.06 74.36 13.32
N ILE VB 91 -0.27 75.09 12.52
CA ILE VB 91 1.00 74.55 12.04
C ILE VB 91 1.93 74.27 13.20
N LYS VB 92 2.00 75.19 14.17
CA LYS VB 92 2.86 75.00 15.33
C LYS VB 92 2.44 73.77 16.13
N LYS VB 93 1.12 73.60 16.33
CA LYS VB 93 0.63 72.44 17.05
C LYS VB 93 0.98 71.15 16.33
N ALA VB 94 0.80 71.11 15.00
CA ALA VB 94 1.13 69.90 14.24
C ALA VB 94 2.62 69.60 14.31
N VAL VB 95 3.46 70.63 14.25
CA VAL VB 95 4.91 70.43 14.38
C VAL VB 95 5.24 69.84 15.74
N ALA VB 96 4.61 70.35 16.80
CA ALA VB 96 4.86 69.83 18.15
C ALA VB 96 4.41 68.37 18.26
N VAL VB 97 3.27 68.04 17.68
CA VAL VB 97 2.79 66.66 17.72
C VAL VB 97 3.75 65.74 16.99
N ARG VB 98 4.24 66.15 15.82
CA ARG VB 98 5.20 65.30 15.12
C ARG VB 98 6.52 65.21 15.88
N LYS VB 99 6.92 66.27 16.55
CA LYS VB 99 8.11 66.21 17.40
C LYS VB 99 7.94 65.17 18.49
N HIS VB 100 6.77 65.14 19.12
CA HIS VB 100 6.53 64.13 20.15
C HIS VB 100 6.42 62.74 19.55
N LEU VB 101 5.93 62.63 18.32
CA LEU VB 101 5.62 61.33 17.75
C LEU VB 101 6.86 60.57 17.29
N GLU VB 102 7.90 61.28 16.85
CA GLU VB 102 9.09 60.60 16.35
C GLU VB 102 9.86 59.88 17.46
N ARG VB 103 9.58 60.17 18.72
CA ARG VB 103 10.14 59.43 19.83
C ARG VB 103 9.16 58.43 20.43
N ASN VB 104 7.90 58.81 20.61
CA ASN VB 104 6.87 57.92 21.13
C ASN VB 104 6.09 57.37 19.94
N ARG VB 105 6.61 56.30 19.37
CA ARG VB 105 6.00 55.72 18.18
C ARG VB 105 4.80 54.83 18.48
N LYS VB 106 4.59 54.45 19.74
CA LYS VB 106 3.40 53.70 20.09
C LYS VB 106 2.22 54.58 20.46
N ASP VB 107 2.43 55.90 20.55
CA ASP VB 107 1.36 56.82 20.92
C ASP VB 107 0.40 56.97 19.74
N LYS VB 108 -0.46 55.97 19.59
CA LYS VB 108 -1.45 56.02 18.51
C LYS VB 108 -2.49 57.10 18.76
N ASP VB 109 -2.73 57.46 20.03
CA ASP VB 109 -3.55 58.62 20.33
C ASP VB 109 -2.92 59.87 19.74
N ALA VB 110 -1.60 60.02 19.88
CA ALA VB 110 -0.92 61.16 19.30
C ALA VB 110 -1.05 61.15 17.77
N LYS VB 111 -0.95 59.98 17.16
CA LYS VB 111 -1.12 59.89 15.70
C LYS VB 111 -2.52 60.32 15.29
N PHE VB 112 -3.53 59.88 16.03
CA PHE VB 112 -4.91 60.26 15.72
C PHE VB 112 -5.14 61.75 15.86
N ARG VB 113 -4.63 62.34 16.95
CA ARG VB 113 -4.75 63.78 17.13
C ARG VB 113 -4.02 64.53 16.02
N LEU VB 114 -2.88 63.99 15.58
CA LEU VB 114 -2.15 64.59 14.47
C LEU VB 114 -2.98 64.57 13.19
N ILE VB 115 -3.66 63.46 12.93
CA ILE VB 115 -4.52 63.37 11.76
C ILE VB 115 -5.62 64.43 11.83
N LEU VB 116 -6.23 64.58 13.01
CA LEU VB 116 -7.27 65.61 13.16
C LEU VB 116 -6.72 67.00 12.91
N ILE VB 117 -5.55 67.31 13.47
CA ILE VB 117 -4.97 68.64 13.32
C ILE VB 117 -4.61 68.92 11.87
N GLU VB 118 -4.06 67.92 11.17
CA GLU VB 118 -3.68 68.13 9.79
C GLU VB 118 -4.89 68.26 8.88
N SER VB 119 -5.98 67.55 9.19
CA SER VB 119 -7.22 67.76 8.45
C SER VB 119 -7.72 69.19 8.63
N ARG VB 120 -7.67 69.69 9.86
CA ARG VB 120 -8.05 71.08 10.11
C ARG VB 120 -7.15 72.04 9.34
N ILE VB 121 -5.85 71.75 9.31
CA ILE VB 121 -4.90 72.61 8.60
C ILE VB 121 -5.24 72.66 7.13
N HIS VB 122 -5.52 71.51 6.54
CA HIS VB 122 -5.82 71.47 5.12
C HIS VB 122 -7.13 72.17 4.79
N ARG VB 123 -8.15 72.02 5.65
CA ARG VB 123 -9.40 72.73 5.42
C ARG VB 123 -9.21 74.24 5.50
N LEU VB 124 -8.47 74.71 6.51
CA LEU VB 124 -8.24 76.15 6.64
C LEU VB 124 -7.39 76.68 5.49
N ALA VB 125 -6.41 75.89 5.03
CA ALA VB 125 -5.58 76.31 3.92
C ALA VB 125 -6.40 76.37 2.63
N ARG VB 126 -7.33 75.44 2.45
CA ARG VB 126 -8.23 75.52 1.31
C ARG VB 126 -9.08 76.78 1.37
N TYR VB 127 -9.57 77.13 2.55
CA TYR VB 127 -10.34 78.36 2.70
C TYR VB 127 -9.49 79.58 2.37
N TYR VB 128 -8.25 79.62 2.85
CA TYR VB 128 -7.37 80.75 2.57
C TYR VB 128 -7.01 80.87 1.10
N LYS VB 129 -6.74 79.75 0.44
CA LYS VB 129 -6.44 79.82 -0.99
C LYS VB 129 -7.67 80.22 -1.79
N THR VB 130 -8.87 79.88 -1.30
CA THR VB 130 -10.08 80.38 -1.93
C THR VB 130 -10.19 81.90 -1.78
N LYS VB 131 -9.87 82.43 -0.60
CA LYS VB 131 -9.93 83.86 -0.35
C LYS VB 131 -8.75 84.62 -0.93
N ARG VB 132 -7.78 83.91 -1.52
CA ARG VB 132 -6.56 84.50 -2.09
C ARG VB 132 -5.70 85.18 -1.05
N VAL VB 133 -5.92 84.88 0.23
CA VAL VB 133 -4.99 85.34 1.26
C VAL VB 133 -3.64 84.66 1.09
N LEU VB 134 -3.65 83.38 0.86
CA LEU VB 134 -2.50 82.52 0.59
C LEU VB 134 -2.29 82.34 -0.90
N PRO VB 135 -1.06 82.11 -1.34
CA PRO VB 135 -0.83 81.85 -2.75
C PRO VB 135 -1.53 80.55 -3.18
N PRO VB 136 -1.98 80.48 -4.42
CA PRO VB 136 -2.69 79.27 -4.86
C PRO VB 136 -1.81 78.03 -4.87
N ASN VB 137 -0.50 78.18 -5.01
CA ASN VB 137 0.42 77.05 -4.99
C ASN VB 137 0.91 76.72 -3.60
N TRP VB 138 0.45 77.45 -2.58
CA TRP VB 138 0.89 77.19 -1.22
C TRP VB 138 0.39 75.83 -0.77
N LYS VB 139 1.30 75.04 -0.20
CA LYS VB 139 0.98 73.68 0.22
C LYS VB 139 1.65 73.39 1.55
N TYR VB 140 0.93 72.66 2.41
CA TYR VB 140 1.49 72.16 3.65
C TYR VB 140 2.30 70.89 3.40
N GLU VB 141 3.60 70.95 3.65
CA GLU VB 141 4.44 69.76 3.66
C GLU VB 141 4.76 69.41 5.11
N SER VB 142 4.65 68.13 5.45
CA SER VB 142 4.92 67.71 6.82
C SER VB 142 6.36 67.98 7.21
N SER VB 143 7.30 67.73 6.30
CA SER VB 143 8.71 67.84 6.64
C SER VB 143 9.16 69.28 6.74
N THR VB 144 8.82 70.10 5.74
CA THR VB 144 9.41 71.42 5.61
C THR VB 144 8.68 72.50 6.42
N ALA VB 145 7.57 72.16 7.07
CA ALA VB 145 6.84 73.16 7.83
C ALA VB 145 7.45 73.43 9.19
N SER VB 146 8.39 72.60 9.65
CA SER VB 146 8.99 72.79 10.96
C SER VB 146 9.75 74.11 11.04
N ALA VB 147 10.26 74.60 9.91
CA ALA VB 147 10.98 75.87 9.89
C ALA VB 147 10.06 77.07 9.79
N LEU VB 148 8.81 76.89 9.41
CA LEU VB 148 7.90 78.02 9.24
C LEU VB 148 7.37 78.54 10.57
N VAL VB 149 7.44 77.73 11.63
CA VAL VB 149 6.93 78.11 12.94
C VAL VB 149 8.01 77.85 13.98
N ALA VB 150 8.12 78.76 14.94
CA ALA VB 150 9.09 78.67 16.03
C ALA VB 150 10.53 78.48 15.53
N ILE WB 4 9.12 17.63 86.80
CA ILE WB 4 9.75 18.13 85.60
C ILE WB 4 8.73 18.85 84.70
N SER WB 5 7.61 18.18 84.41
CA SER WB 5 6.46 18.72 83.68
C SER WB 5 6.81 19.14 82.24
N LEU WB 6 8.05 18.95 81.83
CA LEU WB 6 8.55 19.29 80.49
C LEU WB 6 8.23 20.74 80.11
N GLY WB 7 8.10 21.62 81.10
CA GLY WB 7 7.71 22.98 80.85
C GLY WB 7 8.61 24.00 81.52
N PRO WB 8 8.36 25.27 81.29
CA PRO WB 8 9.19 26.33 81.87
C PRO WB 8 8.89 26.52 83.35
N GLN WB 9 9.84 27.15 84.02
CA GLN WB 9 9.67 27.53 85.43
C GLN WB 9 8.84 28.79 85.48
N VAL WB 10 7.63 28.69 86.04
CA VAL WB 10 6.67 29.78 86.03
C VAL WB 10 6.14 29.98 87.44
N ALA WB 11 5.61 31.17 87.69
CA ALA WB 11 4.96 31.46 88.95
C ALA WB 11 3.52 30.95 88.92
N GLU WB 12 2.80 31.13 90.03
CA GLU WB 12 1.41 30.75 90.07
C GLU WB 12 0.50 31.86 89.57
N GLY WB 13 0.80 33.11 89.93
CA GLY WB 13 -0.09 34.22 89.60
C GLY WB 13 -0.15 34.56 88.13
N GLU WB 14 0.90 34.27 87.37
CA GLU WB 14 0.94 34.61 85.96
C GLU WB 14 0.73 33.36 85.11
N ASN WB 15 0.61 33.56 83.81
CA ASN WB 15 0.38 32.49 82.86
C ASN WB 15 1.30 32.61 81.65
N VAL WB 16 1.59 31.46 81.05
CA VAL WB 16 2.50 31.37 79.91
C VAL WB 16 1.66 31.30 78.64
N PHE WB 17 2.18 31.91 77.56
CA PHE WB 17 1.41 32.12 76.34
C PHE WB 17 1.97 31.32 75.18
N GLY WB 18 1.07 30.81 74.34
CA GLY WB 18 1.40 30.26 73.05
C GLY WB 18 0.62 30.95 71.95
N VAL WB 19 0.79 30.42 70.73
CA VAL WB 19 0.10 30.94 69.55
C VAL WB 19 -0.55 29.77 68.83
N CYS WB 20 -1.83 29.91 68.51
CA CYS WB 20 -2.60 28.86 67.86
C CYS WB 20 -2.98 29.32 66.46
N HIS WB 21 -2.30 28.77 65.45
CA HIS WB 21 -2.59 29.09 64.05
C HIS WB 21 -3.68 28.13 63.57
N ILE WB 22 -4.93 28.57 63.65
CA ILE WB 22 -6.08 27.74 63.28
C ILE WB 22 -6.30 27.93 61.78
N PHE WB 23 -5.68 27.05 60.99
CA PHE WB 23 -5.99 26.96 59.57
C PHE WB 23 -7.17 26.01 59.39
N ALA WB 24 -8.37 26.56 59.38
CA ALA WB 24 -9.59 25.78 59.20
C ALA WB 24 -10.23 26.25 57.89
N SER WB 25 -9.78 25.66 56.80
CA SER WB 25 -10.37 25.90 55.49
C SER WB 25 -11.46 24.87 55.25
N PHE WB 26 -11.92 24.78 54.02
CA PHE WB 26 -12.73 23.63 53.66
C PHE WB 26 -11.81 22.44 53.42
N ASN WB 27 -12.40 21.24 53.52
CA ASN WB 27 -11.78 19.95 53.27
C ASN WB 27 -10.75 19.54 54.32
N ASP WB 28 -10.43 20.40 55.29
CA ASP WB 28 -9.56 20.06 56.40
C ASP WB 28 -9.62 21.16 57.44
N THR WB 29 -8.92 20.94 58.55
CA THR WB 29 -8.77 21.95 59.59
C THR WB 29 -7.48 21.68 60.35
N PHE WB 30 -6.82 22.78 60.75
CA PHE WB 30 -5.60 22.74 61.53
C PHE WB 30 -5.79 23.53 62.81
N VAL WB 31 -5.27 23.01 63.91
CA VAL WB 31 -5.31 23.72 65.19
C VAL WB 31 -3.87 23.83 65.69
N HIS WB 32 -2.95 24.00 64.74
CA HIS WB 32 -1.52 24.14 65.01
C HIS WB 32 -1.22 25.17 66.10
N VAL WB 33 -0.40 24.76 67.07
CA VAL WB 33 0.04 25.63 68.17
C VAL WB 33 1.56 25.68 68.17
N THR WB 34 2.10 26.89 68.18
CA THR WB 34 3.55 27.11 68.21
C THR WB 34 3.89 27.95 69.44
N ASP WB 35 5.14 28.38 69.52
CA ASP WB 35 5.56 29.27 70.60
C ASP WB 35 5.07 30.69 70.27
N LEU WB 36 5.52 31.66 71.04
CA LEU WB 36 5.08 33.04 70.80
C LEU WB 36 5.73 33.63 69.56
N SER WB 37 6.85 33.07 69.10
CA SER WB 37 7.48 33.54 67.87
C SER WB 37 6.96 32.83 66.64
N GLY WB 38 6.58 31.56 66.77
CA GLY WB 38 6.15 30.78 65.64
C GLY WB 38 7.21 29.93 65.01
N LYS WB 39 8.48 30.17 65.32
CA LYS WB 39 9.55 29.33 64.78
C LYS WB 39 9.49 27.93 65.37
N GLU WB 40 9.20 27.82 66.67
CA GLU WB 40 9.14 26.54 67.35
C GLU WB 40 7.68 26.14 67.53
N THR WB 41 7.32 24.98 67.00
CA THR WB 41 5.96 24.49 67.11
C THR WB 41 5.80 23.62 68.35
N ILE WB 42 4.58 23.62 68.89
CA ILE WB 42 4.27 22.90 70.12
C ILE WB 42 3.51 21.63 69.79
N CYS WB 43 2.32 21.78 69.22
CA CYS WB 43 1.47 20.65 68.88
C CYS WB 43 0.69 21.00 67.63
N ARG WB 44 0.43 19.98 66.81
CA ARG WB 44 -0.34 20.15 65.59
C ARG WB 44 -1.19 18.90 65.40
N VAL WB 45 -2.48 19.01 65.68
CA VAL WB 45 -3.43 17.93 65.45
C VAL WB 45 -4.44 18.40 64.43
N THR WB 46 -4.41 17.80 63.25
CA THR WB 46 -5.34 18.15 62.19
C THR WB 46 -6.62 17.36 62.34
N GLY WB 47 -7.74 17.97 61.93
CA GLY WB 47 -9.01 17.29 62.03
C GLY WB 47 -9.10 16.06 61.16
N GLY WB 48 -8.28 15.98 60.10
CA GLY WB 48 -8.30 14.83 59.22
C GLY WB 48 -7.82 13.56 59.89
N MET WB 49 -7.08 13.67 60.99
CA MET WB 49 -6.61 12.51 61.72
C MET WB 49 -7.40 12.26 63.00
N LYS WB 50 -8.60 12.83 63.10
CA LYS WB 50 -9.57 12.45 64.12
C LYS WB 50 -10.72 11.64 63.56
N VAL WB 51 -10.85 11.54 62.24
CA VAL WB 51 -11.88 10.73 61.60
C VAL WB 51 -11.22 9.84 60.56
N LYS WB 52 -11.91 8.75 60.22
CA LYS WB 52 -11.45 7.79 59.22
C LYS WB 52 -12.46 7.64 58.11
N ALA WB 53 -13.06 8.76 57.69
CA ALA WB 53 -14.10 8.76 56.67
C ALA WB 53 -13.80 9.62 55.46
N ASP WB 54 -12.81 10.51 55.53
CA ASP WB 54 -12.33 11.34 54.42
C ASP WB 54 -13.37 12.39 54.01
N ARG WB 55 -14.55 12.33 54.61
CA ARG WB 55 -15.62 13.30 54.40
C ARG WB 55 -15.75 14.29 55.54
N ASP WB 56 -15.38 13.87 56.76
CA ASP WB 56 -15.56 14.67 57.95
C ASP WB 56 -14.26 15.30 58.43
N GLU WB 57 -13.26 15.42 57.55
CA GLU WB 57 -12.00 16.05 57.93
C GLU WB 57 -12.21 17.51 58.30
N SER WB 58 -13.03 18.22 57.55
CA SER WB 58 -13.33 19.62 57.82
C SER WB 58 -14.57 19.80 58.70
N SER WB 59 -15.22 18.73 59.11
CA SER WB 59 -16.42 18.83 59.92
C SER WB 59 -16.08 19.45 61.28
N PRO WB 60 -17.03 20.18 61.87
CA PRO WB 60 -16.75 20.79 63.19
C PRO WB 60 -16.42 19.80 64.28
N TYR WB 61 -16.95 18.58 64.19
CA TYR WB 61 -16.66 17.56 65.20
C TYR WB 61 -15.19 17.20 65.24
N ALA WB 62 -14.59 16.98 64.06
CA ALA WB 62 -13.18 16.61 64.02
C ALA WB 62 -12.30 17.75 64.53
N ALA WB 63 -12.67 18.99 64.20
CA ALA WB 63 -11.96 20.13 64.74
C ALA WB 63 -12.09 20.18 66.25
N MET WB 64 -13.26 19.81 66.78
CA MET WB 64 -13.45 19.82 68.23
C MET WB 64 -12.55 18.78 68.91
N LEU WB 65 -12.46 17.58 68.34
CA LEU WB 65 -11.54 16.57 68.89
C LEU WB 65 -10.09 17.01 68.79
N ALA WB 66 -9.71 17.60 67.65
CA ALA WB 66 -8.34 18.08 67.51
C ALA WB 66 -8.03 19.15 68.54
N ALA WB 67 -9.00 20.03 68.79
CA ALA WB 67 -8.84 21.06 69.81
C ALA WB 67 -8.67 20.45 71.19
N GLN WB 68 -9.46 19.43 71.51
CA GLN WB 68 -9.29 18.76 72.81
C GLN WB 68 -7.90 18.15 72.94
N ASP WB 69 -7.43 17.48 71.89
CA ASP WB 69 -6.12 16.86 71.97
C ASP WB 69 -5.00 17.89 72.10
N VAL WB 70 -5.11 19.02 71.39
CA VAL WB 70 -4.08 20.04 71.48
C VAL WB 70 -4.12 20.73 72.85
N ALA WB 71 -5.31 20.98 73.40
CA ALA WB 71 -5.38 21.55 74.73
C ALA WB 71 -4.79 20.61 75.76
N GLN WB 72 -5.08 19.32 75.65
CA GLN WB 72 -4.50 18.35 76.58
C GLN WB 72 -3.00 18.26 76.40
N ARG WB 73 -2.51 18.39 75.16
CA ARG WB 73 -1.07 18.39 74.94
C ARG WB 73 -0.40 19.61 75.56
N CYS WB 74 -1.03 20.77 75.46
CA CYS WB 74 -0.49 21.97 76.08
C CYS WB 74 -0.47 21.84 77.60
N LYS WB 75 -1.51 21.24 78.18
CA LYS WB 75 -1.50 20.94 79.61
C LYS WB 75 -0.37 19.98 79.97
N GLU WB 76 -0.21 18.90 79.21
CA GLU WB 76 0.84 17.93 79.51
C GLU WB 76 2.20 18.38 79.01
N LEU WB 77 2.35 19.63 78.61
CA LEU WB 77 3.63 20.20 78.28
C LEU WB 77 3.95 21.47 79.05
N GLY WB 78 2.94 22.22 79.49
CA GLY WB 78 3.17 23.39 80.31
C GLY WB 78 2.87 24.71 79.65
N ILE WB 79 1.80 24.76 78.85
CA ILE WB 79 1.31 26.00 78.26
C ILE WB 79 -0.15 26.14 78.65
N THR WB 80 -0.53 27.34 79.10
CA THR WB 80 -1.89 27.57 79.59
C THR WB 80 -2.65 28.66 78.84
N ALA WB 81 -1.98 29.48 78.03
CA ALA WB 81 -2.65 30.54 77.28
C ALA WB 81 -2.20 30.49 75.83
N LEU WB 82 -3.11 30.91 74.93
CA LEU WB 82 -2.86 30.84 73.51
C LEU WB 82 -3.37 32.10 72.82
N HIS WB 83 -2.61 32.57 71.83
CA HIS WB 83 -3.10 33.55 70.88
C HIS WB 83 -3.69 32.81 69.68
N ILE WB 84 -4.79 33.32 69.17
CA ILE WB 84 -5.56 32.66 68.12
C ILE WB 84 -5.35 33.39 66.80
N LYS WB 85 -4.99 32.64 65.76
CA LYS WB 85 -4.79 33.19 64.42
C LYS WB 85 -5.59 32.32 63.45
N LEU WB 86 -6.81 32.75 63.13
CA LEU WB 86 -7.63 32.02 62.17
C LEU WB 86 -7.12 32.26 60.76
N ARG WB 87 -7.03 31.19 59.97
CA ARG WB 87 -6.55 31.27 58.60
C ARG WB 87 -7.44 30.44 57.71
N ALA WB 88 -7.98 31.07 56.67
CA ALA WB 88 -8.69 30.37 55.62
C ALA WB 88 -7.73 30.04 54.49
N THR WB 89 -8.25 29.61 53.34
CA THR WB 89 -7.40 29.22 52.22
C THR WB 89 -6.59 30.41 51.72
N GLY WB 90 -7.23 31.56 51.55
CA GLY WB 90 -6.53 32.75 51.14
C GLY WB 90 -6.10 32.69 49.68
N GLY WB 91 -5.23 33.63 49.32
CA GLY WB 91 -4.77 33.73 47.96
C GLY WB 91 -5.91 34.11 47.01
N ASN WB 92 -5.82 33.61 45.79
CA ASN WB 92 -6.89 33.83 44.83
C ASN WB 92 -8.16 33.05 45.17
N ARG WB 93 -8.09 32.14 46.12
CA ARG WB 93 -9.24 31.32 46.51
C ARG WB 93 -10.02 32.00 47.62
N THR WB 94 -10.92 31.26 48.26
CA THR WB 94 -11.86 31.85 49.21
C THR WB 94 -11.16 32.37 50.46
N LYS WB 95 -11.75 33.40 51.05
CA LYS WB 95 -11.27 34.01 52.29
C LYS WB 95 -12.11 33.63 53.49
N THR WB 96 -13.26 33.01 53.28
CA THR WB 96 -14.13 32.66 54.39
C THR WB 96 -13.60 31.42 55.10
N PRO WB 97 -13.38 31.48 56.41
CA PRO WB 97 -12.91 30.29 57.14
C PRO WB 97 -13.94 29.19 57.14
N GLY WB 98 -13.45 27.95 57.21
CA GLY WB 98 -14.29 26.79 57.13
C GLY WB 98 -15.08 26.57 58.41
N PRO WB 99 -15.92 25.53 58.39
CA PRO WB 99 -16.79 25.27 59.53
C PRO WB 99 -16.03 24.89 60.80
N GLY WB 100 -14.83 24.33 60.68
CA GLY WB 100 -14.13 23.83 61.84
C GLY WB 100 -13.56 24.88 62.76
N ALA WB 101 -13.39 26.11 62.27
CA ALA WB 101 -12.76 27.15 63.07
C ALA WB 101 -13.58 27.47 64.31
N GLN WB 102 -14.89 27.61 64.14
CA GLN WB 102 -15.74 28.05 65.23
C GLN WB 102 -15.80 27.02 66.34
N SER WB 103 -16.07 25.77 65.98
CA SER WB 103 -16.11 24.70 66.97
C SER WB 103 -14.74 24.48 67.59
N ALA WB 104 -13.67 24.62 66.80
CA ALA WB 104 -12.32 24.45 67.32
C ALA WB 104 -12.01 25.47 68.41
N LEU WB 105 -12.25 26.75 68.12
CA LEU WB 105 -11.98 27.78 69.12
C LEU WB 105 -12.88 27.62 70.34
N ARG WB 106 -14.15 27.22 70.12
CA ARG WB 106 -15.03 26.96 71.26
C ARG WB 106 -14.49 25.83 72.11
N ALA WB 107 -13.91 24.81 71.49
CA ALA WB 107 -13.38 23.69 72.24
C ALA WB 107 -12.10 24.04 72.98
N LEU WB 108 -11.25 24.90 72.41
CA LEU WB 108 -10.13 25.42 73.19
C LEU WB 108 -10.62 26.20 74.40
N ALA WB 109 -11.62 27.06 74.20
CA ALA WB 109 -12.14 27.85 75.32
C ALA WB 109 -12.72 26.95 76.40
N ARG WB 110 -13.37 25.86 75.99
CA ARG WB 110 -14.03 24.97 76.93
C ARG WB 110 -13.12 23.87 77.45
N SER WB 111 -11.86 23.82 77.02
CA SER WB 111 -10.91 22.85 77.53
C SER WB 111 -9.90 23.47 78.50
N GLY WB 112 -10.23 24.62 79.09
CA GLY WB 112 -9.38 25.24 80.08
C GLY WB 112 -8.33 26.18 79.53
N MET WB 113 -8.19 26.28 78.21
CA MET WB 113 -7.23 27.21 77.65
C MET WB 113 -7.62 28.65 77.95
N LYS WB 114 -6.62 29.47 78.22
CA LYS WB 114 -6.83 30.90 78.35
C LYS WB 114 -6.61 31.56 76.99
N ILE WB 115 -7.58 32.35 76.55
CA ILE WB 115 -7.58 32.92 75.22
C ILE WB 115 -7.04 34.35 75.29
N GLY WB 116 -6.04 34.64 74.47
CA GLY WB 116 -5.45 35.96 74.47
C GLY WB 116 -6.01 36.85 73.38
N ARG WB 117 -5.14 37.38 72.53
CA ARG WB 117 -5.58 38.14 71.38
C ARG WB 117 -6.18 37.22 70.32
N ILE WB 118 -7.07 37.77 69.51
CA ILE WB 118 -7.65 37.06 68.37
C ILE WB 118 -7.48 37.94 67.15
N GLU WB 119 -6.83 37.41 66.12
CA GLU WB 119 -6.66 38.14 64.87
C GLU WB 119 -6.83 37.19 63.70
N ASP WB 120 -7.11 37.76 62.54
CA ASP WB 120 -7.32 37.01 61.31
C ASP WB 120 -6.07 37.14 60.45
N VAL WB 121 -5.57 36.02 59.93
CA VAL WB 121 -4.34 36.01 59.15
C VAL WB 121 -4.54 35.34 57.80
N THR WB 122 -5.75 35.43 57.24
CA THR WB 122 -5.96 34.93 55.91
C THR WB 122 -5.09 35.71 54.92
N PRO WB 123 -4.44 35.05 53.98
CA PRO WB 123 -3.64 35.77 52.99
C PRO WB 123 -4.50 36.45 51.94
N ILE WB 124 -4.63 37.78 52.02
CA ILE WB 124 -5.28 38.56 50.98
C ILE WB 124 -4.20 39.07 50.03
N PRO WB 125 -4.29 38.77 48.74
CA PRO WB 125 -3.36 39.37 47.79
C PRO WB 125 -3.70 40.83 47.54
N SER WB 126 -2.66 41.64 47.37
CA SER WB 126 -2.89 42.98 46.84
C SER WB 126 -3.45 42.90 45.43
N ASP WB 127 -3.02 41.90 44.66
CA ASP WB 127 -3.74 41.22 43.59
C ASP WB 127 -2.96 40.00 43.11
N SER WB 128 -3.67 38.93 42.80
CA SER WB 128 -3.09 37.62 42.59
C SER WB 128 -3.10 37.25 41.12
N THR WB 129 -2.70 36.02 40.86
CA THR WB 129 -2.73 35.46 39.52
C THR WB 129 -4.16 35.08 39.17
N ARG WB 130 -4.32 34.43 38.01
CA ARG WB 130 -5.64 34.03 37.57
C ARG WB 130 -6.15 32.90 38.44
N ARG WB 131 -7.38 33.03 38.94
CA ARG WB 131 -7.98 32.01 39.77
C ARG WB 131 -8.34 30.78 38.93
N LYS WB 132 -8.19 29.60 39.52
CA LYS WB 132 -8.47 28.36 38.81
C LYS WB 132 -9.96 28.24 38.50
N GLY WB 133 -10.28 27.81 37.28
CA GLY WB 133 -11.65 27.49 36.95
C GLY WB 133 -12.13 27.99 35.60
N GLY WB 134 -11.32 28.78 34.91
CA GLY WB 134 -11.69 29.32 33.63
C GLY WB 134 -12.66 30.47 33.77
N ARG WB 135 -12.97 31.10 32.64
CA ARG WB 135 -13.84 32.26 32.65
C ARG WB 135 -15.31 31.90 32.77
N ARG WB 136 -15.67 30.66 32.48
CA ARG WB 136 -17.04 30.21 32.64
C ARG WB 136 -17.29 29.60 34.01
N GLY WB 137 -16.29 29.58 34.87
CA GLY WB 137 -16.49 29.12 36.23
C GLY WB 137 -16.47 27.61 36.34
N ARG WB 138 -16.96 27.15 37.48
CA ARG WB 138 -17.05 25.72 37.80
C ARG WB 138 -18.49 25.28 37.53
N ARG WB 139 -18.70 24.63 36.39
CA ARG WB 139 -20.04 24.25 35.98
C ARG WB 139 -20.53 23.07 36.78
N LEU WB 140 -21.52 23.30 37.65
CA LEU WB 140 -22.16 22.25 38.41
C LEU WB 140 -23.64 22.17 38.06
N MET XB 1 -71.25 74.89 8.10
CA MET XB 1 -72.55 75.56 8.05
C MET XB 1 -72.49 76.75 7.11
N GLN XB 2 -73.60 77.48 7.02
CA GLN XB 2 -73.69 78.72 6.24
C GLN XB 2 -73.36 78.45 4.77
N ASN XB 3 -74.27 77.71 4.14
CA ASN XB 3 -74.24 77.53 2.69
C ASN XB 3 -74.53 78.86 1.99
N ASP XB 4 -74.47 78.84 0.65
CA ASP XB 4 -74.68 80.07 -0.11
C ASP XB 4 -76.09 80.62 0.04
N ALA XB 5 -77.05 79.78 0.46
CA ALA XB 5 -78.40 80.27 0.71
C ALA XB 5 -78.41 81.29 1.85
N GLY XB 6 -77.63 81.03 2.90
CA GLY XB 6 -77.53 81.90 4.04
C GLY XB 6 -77.84 81.23 5.37
N GLU XB 7 -78.40 80.03 5.36
CA GLU XB 7 -78.85 79.38 6.58
C GLU XB 7 -77.73 78.55 7.20
N PHE XB 8 -77.70 78.53 8.54
CA PHE XB 8 -76.77 77.71 9.28
C PHE XB 8 -77.16 76.24 9.13
N VAL XB 9 -76.32 75.46 8.47
CA VAL XB 9 -76.57 74.03 8.32
C VAL XB 9 -75.56 73.29 9.19
N ASP XB 10 -75.96 73.03 10.43
CA ASP XB 10 -75.18 72.28 11.40
C ASP XB 10 -76.09 71.92 12.57
N LEU XB 11 -76.09 70.65 12.97
CA LEU XB 11 -77.03 70.24 14.01
C LEU XB 11 -76.70 70.81 15.38
N TYR XB 12 -75.47 71.28 15.60
CA TYR XB 12 -75.18 72.18 16.72
C TYR XB 12 -73.85 72.86 16.43
N VAL XB 13 -73.48 73.79 17.30
CA VAL XB 13 -72.16 74.40 17.31
C VAL XB 13 -71.49 74.03 18.63
N PRO XB 14 -70.26 73.54 18.62
CA PRO XB 14 -69.60 73.15 19.87
C PRO XB 14 -69.06 74.37 20.61
N ARG XB 15 -68.71 74.15 21.87
CA ARG XB 15 -68.07 75.18 22.65
C ARG XB 15 -66.57 75.15 22.45
N LYS XB 16 -65.95 76.32 22.56
CA LYS XB 16 -64.51 76.46 22.50
C LYS XB 16 -63.96 76.71 23.88
N CYS XB 17 -62.84 76.07 24.21
CA CYS XB 17 -62.18 76.30 25.47
C CYS XB 17 -61.81 77.78 25.59
N SER XB 18 -62.14 78.38 26.72
CA SER XB 18 -61.98 79.82 26.86
C SER XB 18 -60.54 80.22 27.13
N ALA XB 19 -59.63 79.26 27.28
CA ALA XB 19 -58.22 79.54 27.51
C ALA XB 19 -57.35 79.17 26.32
N SER XB 20 -57.41 77.91 25.88
CA SER XB 20 -56.58 77.45 24.77
C SER XB 20 -57.28 77.54 23.42
N ASN XB 21 -58.54 77.97 23.40
CA ASN XB 21 -59.30 78.16 22.16
C ASN XB 21 -59.37 76.86 21.34
N ARG XB 22 -59.78 75.78 22.00
CA ARG XB 22 -59.91 74.48 21.38
C ARG XB 22 -61.35 74.00 21.45
N ILE XB 23 -61.76 73.23 20.46
CA ILE XB 23 -63.12 72.69 20.43
C ILE XB 23 -63.27 71.62 21.49
N ILE XB 24 -64.27 71.79 22.35
CA ILE XB 24 -64.61 70.77 23.33
C ILE XB 24 -65.46 69.72 22.63
N GLY XB 25 -64.96 68.49 22.57
CA GLY XB 25 -65.65 67.45 21.84
C GLY XB 25 -66.91 67.00 22.54
N ALA XB 26 -67.76 66.32 21.76
CA ALA XB 26 -69.02 65.83 22.32
C ALA XB 26 -68.80 64.70 23.32
N LYS XB 27 -67.69 63.96 23.17
CA LYS XB 27 -67.36 62.87 24.07
C LYS XB 27 -66.19 63.20 24.99
N ASP XB 28 -65.80 64.47 25.09
CA ASP XB 28 -64.71 64.87 25.97
C ASP XB 28 -65.29 65.15 27.35
N HIS XB 29 -65.50 64.07 28.12
CA HIS XB 29 -66.05 64.19 29.45
C HIS XB 29 -65.09 64.81 30.44
N ALA XB 30 -63.80 64.92 30.09
CA ALA XB 30 -62.87 65.61 30.96
C ALA XB 30 -63.10 67.12 30.99
N SER XB 31 -63.75 67.67 29.97
CA SER XB 31 -64.02 69.10 29.93
C SER XB 31 -65.03 69.48 31.00
N ILE XB 32 -64.95 70.74 31.44
CA ILE XB 32 -65.80 71.26 32.50
C ILE XB 32 -66.31 72.64 32.11
N GLN XB 33 -67.28 73.11 32.88
CA GLN XB 33 -67.81 74.46 32.70
C GLN XB 33 -68.43 74.89 34.02
N MET XB 34 -67.85 75.89 34.66
CA MET XB 34 -68.39 76.40 35.92
C MET XB 34 -68.92 77.81 35.73
N ASN XB 35 -69.60 78.31 36.76
CA ASN XB 35 -70.06 79.68 36.81
C ASN XB 35 -69.34 80.39 37.94
N VAL XB 36 -68.72 81.51 37.62
CA VAL XB 36 -68.11 82.38 38.62
C VAL XB 36 -69.13 83.45 38.98
N ALA XB 37 -69.46 83.55 40.25
CA ALA XB 37 -70.52 84.43 40.74
C ALA XB 37 -69.90 85.77 41.11
N GLU XB 38 -70.43 86.85 40.55
CA GLU XB 38 -70.00 88.17 40.95
C GLU XB 38 -70.97 88.75 41.97
N VAL XB 39 -70.43 89.51 42.91
CA VAL XB 39 -71.20 90.04 44.03
C VAL XB 39 -71.51 91.52 43.77
N ASP XB 40 -72.49 92.02 44.51
CA ASP XB 40 -72.85 93.44 44.39
C ASP XB 40 -71.75 94.29 45.00
N LYS XB 41 -71.60 95.50 44.45
CA LYS XB 41 -70.45 96.34 44.77
C LYS XB 41 -70.47 96.81 46.22
N VAL XB 42 -71.65 97.20 46.73
CA VAL XB 42 -71.70 97.83 48.03
C VAL XB 42 -71.89 96.81 49.17
N THR XB 43 -72.53 95.68 48.91
CA THR XB 43 -72.81 94.71 49.95
C THR XB 43 -71.91 93.49 49.91
N GLY XB 44 -71.24 93.23 48.79
CA GLY XB 44 -70.51 91.97 48.67
C GLY XB 44 -71.44 90.78 48.71
N ARG XB 45 -72.62 90.91 48.12
CA ARG XB 45 -73.65 89.87 48.16
C ARG XB 45 -73.95 89.41 46.75
N PHE XB 46 -74.25 88.12 46.62
CA PHE XB 46 -74.64 87.56 45.33
C PHE XB 46 -75.90 88.25 44.82
N ASN XB 47 -75.86 88.67 43.55
CA ASN XB 47 -76.92 89.48 42.97
C ASN XB 47 -77.66 88.76 41.85
N GLY XB 48 -77.52 87.45 41.76
CA GLY XB 48 -78.19 86.69 40.72
C GLY XB 48 -77.35 86.40 39.50
N GLN XB 49 -76.94 87.43 38.76
CA GLN XB 49 -76.16 87.19 37.56
C GLN XB 49 -74.73 86.78 37.93
N PHE XB 50 -74.10 86.05 37.00
CA PHE XB 50 -72.80 85.43 37.24
C PHE XB 50 -71.99 85.55 35.96
N LYS XB 51 -70.86 84.84 35.92
CA LYS XB 51 -70.06 84.73 34.71
C LYS XB 51 -69.59 83.28 34.58
N THR XB 52 -69.58 82.78 33.35
CA THR XB 52 -69.33 81.37 33.09
C THR XB 52 -68.04 81.17 32.31
N TYR XB 53 -67.33 80.10 32.63
CA TYR XB 53 -66.02 79.78 32.08
C TYR XB 53 -66.04 78.35 31.56
N ALA XB 54 -65.21 78.06 30.56
CA ALA XB 54 -65.12 76.71 30.01
C ALA XB 54 -63.66 76.33 29.81
N ILE XB 55 -63.31 75.14 30.27
CA ILE XB 55 -61.97 74.60 30.11
C ILE XB 55 -62.07 73.22 29.47
N CYS XB 56 -61.32 73.00 28.40
CA CYS XB 56 -61.34 71.71 27.74
C CYS XB 56 -60.60 70.67 28.57
N GLY XB 57 -60.81 69.40 28.23
CA GLY XB 57 -60.22 68.33 29.01
C GLY XB 57 -58.71 68.30 28.98
N ALA XB 58 -58.11 68.70 27.85
CA ALA XB 58 -56.66 68.65 27.73
C ALA XB 58 -55.97 69.60 28.69
N ILE XB 59 -56.51 70.81 28.84
CA ILE XB 59 -55.88 71.80 29.71
C ILE XB 59 -55.96 71.38 31.17
N ARG XB 60 -57.14 70.96 31.62
CA ARG XB 60 -57.31 70.55 33.00
C ARG XB 60 -56.88 69.12 33.25
N ARG XB 61 -56.09 68.53 32.35
CA ARG XB 61 -55.42 67.27 32.61
C ARG XB 61 -53.91 67.43 32.68
N MET XB 62 -53.36 68.43 31.99
CA MET XB 62 -51.96 68.75 32.16
C MET XB 62 -51.68 69.44 33.50
N GLY XB 63 -52.59 70.28 33.96
CA GLY XB 63 -52.50 70.85 35.29
C GLY XB 63 -52.60 72.35 35.38
N GLU XB 64 -52.60 73.07 34.26
CA GLU XB 64 -52.60 74.52 34.28
C GLU XB 64 -54.00 75.11 34.28
N SER XB 65 -55.02 74.30 34.61
CA SER XB 65 -56.39 74.81 34.68
C SER XB 65 -56.51 75.90 35.74
N ASP XB 66 -55.77 75.75 36.84
CA ASP XB 66 -55.74 76.78 37.87
C ASP XB 66 -55.24 78.10 37.29
N ASP XB 67 -54.12 78.06 36.56
CA ASP XB 67 -53.56 79.28 36.01
C ASP XB 67 -54.51 79.90 34.99
N SER XB 68 -55.18 79.07 34.19
CA SER XB 68 -56.11 79.59 33.21
C SER XB 68 -57.29 80.28 33.87
N ILE XB 69 -57.88 79.65 34.89
CA ILE XB 69 -59.00 80.27 35.59
C ILE XB 69 -58.55 81.56 36.27
N LEU XB 70 -57.37 81.54 36.88
CA LEU XB 70 -56.83 82.74 37.52
C LEU XB 70 -56.64 83.86 36.52
N ARG XB 71 -56.10 83.55 35.34
CA ARG XB 71 -55.84 84.57 34.34
C ARG XB 71 -57.12 85.15 33.77
N LEU XB 72 -58.11 84.30 33.49
CA LEU XB 72 -59.36 84.83 32.97
C LEU XB 72 -60.12 85.63 34.02
N ALA XB 73 -60.01 85.24 35.30
CA ALA XB 73 -60.62 86.04 36.36
C ALA XB 73 -59.87 87.35 36.57
N LYS XB 74 -58.56 87.36 36.30
CA LYS XB 74 -57.83 88.62 36.20
C LYS XB 74 -58.38 89.48 35.08
N ALA XB 75 -58.68 88.85 33.94
CA ALA XB 75 -59.12 89.60 32.77
C ALA XB 75 -60.48 90.25 32.98
N ASP XB 76 -61.46 89.47 33.44
CA ASP XB 76 -62.81 90.04 33.55
C ASP XB 76 -62.96 90.96 34.76
N GLY XB 77 -62.09 90.84 35.75
CA GLY XB 77 -62.14 91.71 36.91
C GLY XB 77 -62.62 91.08 38.20
N ILE XB 78 -62.79 89.76 38.25
CA ILE XB 78 -63.16 89.10 39.49
C ILE XB 78 -62.03 89.23 40.52
N VAL XB 79 -60.80 89.01 40.09
CA VAL XB 79 -59.63 89.11 40.96
C VAL XB 79 -59.15 90.54 40.96
N SER XB 80 -58.80 91.04 42.15
CA SER XB 80 -58.20 92.37 42.25
C SER XB 80 -56.87 92.40 41.50
N LYS XB 81 -56.60 93.55 40.87
CA LYS XB 81 -55.39 93.69 40.06
C LYS XB 81 -54.12 93.61 40.88
N ASN XB 82 -54.18 93.90 42.18
CA ASN XB 82 -53.03 93.81 43.07
C ASN XB 82 -52.86 92.41 43.67
N PHE XB 83 -53.37 91.40 42.99
CA PHE XB 83 -53.28 89.99 43.39
C PHE XB 83 -51.85 89.51 43.64
N VAL YB 1 -25.89 71.31 11.10
CA VAL YB 1 -26.13 72.68 11.55
C VAL YB 1 -27.46 73.16 10.99
N ARG YB 2 -27.97 74.27 11.51
CA ARG YB 2 -29.22 74.81 11.02
C ARG YB 2 -29.05 75.31 9.59
N MET YB 3 -29.89 74.81 8.69
CA MET YB 3 -29.79 75.14 7.27
C MET YB 3 -31.03 75.81 6.71
N ASN YB 4 -32.17 75.71 7.39
CA ASN YB 4 -33.39 76.39 6.95
C ASN YB 4 -34.01 77.03 8.19
N VAL YB 5 -33.95 78.36 8.26
CA VAL YB 5 -34.43 79.06 9.44
C VAL YB 5 -35.96 79.03 9.50
N LEU YB 6 -36.61 79.21 8.34
CA LEU YB 6 -38.07 79.19 8.30
C LEU YB 6 -38.62 77.86 8.79
N ALA YB 7 -37.89 76.77 8.53
CA ALA YB 7 -38.35 75.45 8.94
C ALA YB 7 -38.45 75.35 10.46
N ASP YB 8 -37.38 75.73 11.16
CA ASP YB 8 -37.43 75.58 12.62
C ASP YB 8 -38.36 76.62 13.24
N ALA YB 9 -38.49 77.79 12.61
CA ALA YB 9 -39.46 78.77 13.09
C ALA YB 9 -40.87 78.21 13.04
N LEU YB 10 -41.25 77.65 11.89
CA LEU YB 10 -42.59 77.09 11.74
C LEU YB 10 -42.80 75.89 12.67
N LYS YB 11 -41.75 75.08 12.85
CA LYS YB 11 -41.85 73.95 13.78
C LYS YB 11 -42.06 74.43 15.21
N SER YB 12 -41.38 75.53 15.59
CA SER YB 12 -41.57 76.07 16.92
C SER YB 12 -43.00 76.58 17.11
N ILE YB 13 -43.55 77.26 16.10
CA ILE YB 13 -44.93 77.71 16.21
C ILE YB 13 -45.87 76.53 16.35
N ASN YB 14 -45.64 75.47 15.56
CA ASN YB 14 -46.53 74.31 15.61
C ASN YB 14 -46.44 73.60 16.96
N ASN YB 15 -45.24 73.47 17.52
CA ASN YB 15 -45.10 72.84 18.83
C ASN YB 15 -45.73 73.69 19.92
N ALA YB 16 -45.61 75.01 19.82
CA ALA YB 16 -46.27 75.88 20.81
C ALA YB 16 -47.78 75.74 20.75
N GLU YB 17 -48.34 75.67 19.54
CA GLU YB 17 -49.76 75.39 19.40
C GLU YB 17 -50.14 74.05 19.99
N LYS YB 18 -49.36 73.01 19.71
CA LYS YB 18 -49.67 71.69 20.23
C LYS YB 18 -49.49 71.62 21.74
N ARG YB 19 -48.77 72.57 22.33
CA ARG YB 19 -48.65 72.66 23.78
C ARG YB 19 -49.67 73.59 24.41
N GLY YB 20 -50.36 74.39 23.61
CA GLY YB 20 -51.30 75.36 24.15
C GLY YB 20 -50.68 76.66 24.63
N LYS YB 21 -49.40 76.90 24.32
CA LYS YB 21 -48.74 78.11 24.77
C LYS YB 21 -49.34 79.34 24.10
N ARG YB 22 -49.35 80.45 24.84
CA ARG YB 22 -49.87 81.70 24.31
C ARG YB 22 -48.85 82.46 23.48
N GLN YB 23 -47.57 82.37 23.83
CA GLN YB 23 -46.51 83.05 23.11
C GLN YB 23 -45.38 82.07 22.81
N VAL YB 24 -44.74 82.26 21.67
CA VAL YB 24 -43.58 81.46 21.28
C VAL YB 24 -42.49 82.42 20.84
N LEU YB 25 -41.24 81.97 21.00
CA LEU YB 25 -40.07 82.74 20.60
C LEU YB 25 -39.39 82.05 19.43
N ILE YB 26 -39.03 82.82 18.42
CA ILE YB 26 -38.26 82.34 17.28
C ILE YB 26 -36.91 83.04 17.32
N ARG YB 27 -35.83 82.26 17.47
CA ARG YB 27 -34.53 82.90 17.67
C ARG YB 27 -34.01 83.59 16.41
N PRO YB 28 -33.89 82.94 15.24
CA PRO YB 28 -33.36 83.66 14.09
C PRO YB 28 -34.45 84.34 13.28
N CYS YB 29 -34.27 85.62 12.96
CA CYS YB 29 -35.22 86.34 12.13
C CYS YB 29 -34.80 86.30 10.68
N SER YB 30 -35.77 86.50 9.80
CA SER YB 30 -35.52 86.66 8.38
C SER YB 30 -36.66 87.45 7.78
N LYS YB 31 -36.40 88.06 6.63
CA LYS YB 31 -37.47 88.72 5.90
C LYS YB 31 -38.52 87.70 5.47
N VAL YB 32 -38.08 86.50 5.10
CA VAL YB 32 -39.00 85.45 4.70
C VAL YB 32 -39.92 85.10 5.86
N ILE YB 33 -39.37 85.00 7.07
CA ILE YB 33 -40.19 84.70 8.24
C ILE YB 33 -41.19 85.81 8.48
N VAL YB 34 -40.76 87.06 8.38
CA VAL YB 34 -41.65 88.18 8.63
C VAL YB 34 -42.80 88.18 7.63
N ARG YB 35 -42.49 87.96 6.34
CA ARG YB 35 -43.54 87.94 5.33
C ARG YB 35 -44.49 86.78 5.55
N PHE YB 36 -43.96 85.60 5.90
CA PHE YB 36 -44.81 84.46 6.18
C PHE YB 36 -45.73 84.74 7.36
N LEU YB 37 -45.19 85.37 8.40
CA LEU YB 37 -46.00 85.65 9.59
C LEU YB 37 -47.06 86.69 9.33
N THR YB 38 -46.75 87.72 8.53
CA THR YB 38 -47.79 88.70 8.25
C THR YB 38 -48.85 88.14 7.32
N VAL YB 39 -48.47 87.21 6.43
CA VAL YB 39 -49.49 86.50 5.66
C VAL YB 39 -50.38 85.67 6.58
N MET YB 40 -49.77 84.99 7.56
CA MET YB 40 -50.57 84.20 8.50
C MET YB 40 -51.51 85.08 9.32
N MET YB 41 -51.04 86.25 9.75
CA MET YB 41 -51.87 87.04 10.67
C MET YB 41 -52.90 87.89 9.95
N LYS YB 42 -52.66 88.24 8.68
CA LYS YB 42 -53.70 88.91 7.92
C LYS YB 42 -54.89 87.99 7.67
N HIS YB 43 -54.68 86.68 7.72
CA HIS YB 43 -55.76 85.71 7.70
C HIS YB 43 -56.26 85.38 9.09
N GLY YB 44 -55.77 86.07 10.12
CA GLY YB 44 -56.29 85.96 11.45
C GLY YB 44 -55.82 84.77 12.25
N TYR YB 45 -54.92 83.95 11.70
CA TYR YB 45 -54.53 82.73 12.39
C TYR YB 45 -53.72 83.03 13.66
N ILE YB 46 -52.87 84.05 13.63
CA ILE YB 46 -52.05 84.40 14.78
C ILE YB 46 -52.22 85.89 15.08
N GLY YB 47 -51.89 86.26 16.32
CA GLY YB 47 -52.03 87.62 16.76
C GLY YB 47 -50.82 88.46 16.37
N GLU YB 48 -50.75 89.63 16.99
CA GLU YB 48 -49.64 90.54 16.72
C GLU YB 48 -48.34 89.95 17.24
N PHE YB 49 -47.32 89.97 16.40
CA PHE YB 49 -45.98 89.55 16.79
C PHE YB 49 -45.06 90.76 16.78
N GLU YB 50 -44.15 90.80 17.75
CA GLU YB 50 -43.23 91.91 17.92
C GLU YB 50 -41.81 91.40 17.78
N ILE YB 51 -41.02 92.06 16.93
CA ILE YB 51 -39.69 91.60 16.60
C ILE YB 51 -38.70 92.14 17.64
N ILE YB 52 -37.95 91.22 18.24
CA ILE YB 52 -36.89 91.58 19.16
C ILE YB 52 -35.65 91.91 18.34
N ASP YB 53 -35.07 93.08 18.59
CA ASP YB 53 -33.95 93.57 17.80
C ASP YB 53 -32.68 93.56 18.63
N ASP YB 54 -31.77 92.67 18.29
CA ASP YB 54 -30.37 92.84 18.65
C ASP YB 54 -29.58 93.12 17.37
N HIS YB 55 -28.31 93.49 17.56
CA HIS YB 55 -27.47 93.76 16.39
C HIS YB 55 -27.18 92.52 15.59
N ARG YB 56 -27.41 91.34 16.16
CA ARG YB 56 -27.37 90.09 15.43
C ARG YB 56 -28.67 89.92 14.65
N ALA YB 57 -28.93 88.72 14.14
CA ALA YB 57 -30.24 88.41 13.60
C ALA YB 57 -31.27 88.46 14.73
N GLY YB 58 -32.33 89.24 14.52
CA GLY YB 58 -33.28 89.51 15.56
C GLY YB 58 -34.10 88.28 15.94
N LYS YB 59 -34.91 88.45 16.98
CA LYS YB 59 -35.83 87.42 17.44
C LYS YB 59 -37.26 87.90 17.24
N ILE YB 60 -38.18 86.94 17.24
CA ILE YB 60 -39.61 87.24 17.10
C ILE YB 60 -40.33 86.55 18.24
N VAL YB 61 -41.23 87.28 18.90
CA VAL YB 61 -42.13 86.68 19.87
C VAL YB 61 -43.55 86.93 19.39
N VAL YB 62 -44.32 85.86 19.18
CA VAL YB 62 -45.62 85.93 18.54
C VAL YB 62 -46.71 85.70 19.58
N ASN YB 63 -47.76 86.50 19.53
CA ASN YB 63 -48.96 86.22 20.30
C ASN YB 63 -49.79 85.21 19.52
N LEU YB 64 -50.10 84.08 20.14
CA LEU YB 64 -50.79 83.00 19.45
C LEU YB 64 -52.27 83.01 19.85
N THR YB 65 -53.15 83.13 18.85
CA THR YB 65 -54.57 83.13 19.10
C THR YB 65 -55.14 81.72 19.33
N GLY YB 66 -54.35 80.68 19.07
CA GLY YB 66 -54.76 79.33 19.37
C GLY YB 66 -55.68 78.68 18.35
N ARG YB 67 -55.96 79.34 17.24
CA ARG YB 67 -56.85 78.82 16.22
C ARG YB 67 -56.09 78.16 15.07
N LEU YB 68 -54.78 77.98 15.23
CA LEU YB 68 -53.96 77.35 14.21
C LEU YB 68 -53.98 75.85 14.39
N ASN YB 69 -53.93 75.11 13.28
CA ASN YB 69 -53.86 73.66 13.31
C ASN YB 69 -52.49 73.14 12.91
N LYS YB 70 -51.95 73.63 11.79
CA LYS YB 70 -50.64 73.22 11.32
C LYS YB 70 -50.07 74.35 10.48
N CYS YB 71 -48.77 74.58 10.61
CA CYS YB 71 -48.06 75.62 9.87
C CYS YB 71 -46.77 75.05 9.28
N GLY YB 72 -46.88 73.91 8.62
CA GLY YB 72 -45.71 73.22 8.11
C GLY YB 72 -45.04 73.95 6.96
N VAL YB 73 -43.88 73.41 6.58
CA VAL YB 73 -43.05 74.01 5.54
C VAL YB 73 -42.69 72.94 4.52
N ILE YB 74 -42.58 73.36 3.26
CA ILE YB 74 -42.05 72.51 2.20
C ILE YB 74 -40.60 72.93 2.00
N SER YB 75 -39.68 72.06 2.36
CA SER YB 75 -38.29 72.46 2.52
C SER YB 75 -37.55 72.64 1.19
N PRO YB 76 -37.60 71.68 0.24
CA PRO YB 76 -37.06 72.00 -1.09
C PRO YB 76 -38.02 72.91 -1.84
N ARG YB 77 -37.57 74.14 -2.09
CA ARG YB 77 -38.45 75.17 -2.64
C ARG YB 77 -38.74 74.83 -4.11
N PHE YB 78 -39.71 73.94 -4.29
CA PHE YB 78 -40.09 73.51 -5.63
C PHE YB 78 -40.68 74.67 -6.41
N ASP YB 79 -40.37 74.70 -7.71
CA ASP YB 79 -41.01 75.65 -8.60
C ASP YB 79 -42.46 75.27 -8.81
N VAL YB 80 -43.37 76.19 -8.58
CA VAL YB 80 -44.80 75.91 -8.68
C VAL YB 80 -45.36 76.79 -9.78
N GLN YB 81 -45.67 76.19 -10.93
CA GLN YB 81 -46.34 76.90 -12.01
C GLN YB 81 -47.84 76.93 -11.73
N LEU YB 82 -48.54 77.78 -12.47
CA LEU YB 82 -49.97 77.94 -12.24
C LEU YB 82 -50.78 76.77 -12.77
N LYS YB 83 -50.24 76.01 -13.73
CA LYS YB 83 -50.98 74.86 -14.26
C LYS YB 83 -50.98 73.69 -13.28
N ASP YB 84 -49.96 73.58 -12.43
CA ASP YB 84 -49.85 72.49 -11.47
C ASP YB 84 -50.05 72.96 -10.03
N LEU YB 85 -50.65 74.13 -9.83
CA LEU YB 85 -50.90 74.60 -8.47
C LEU YB 85 -51.98 73.77 -7.78
N GLU YB 86 -52.98 73.32 -8.54
CA GLU YB 86 -54.11 72.64 -7.92
C GLU YB 86 -53.71 71.29 -7.35
N LYS YB 87 -52.72 70.63 -7.95
CA LYS YB 87 -52.25 69.36 -7.40
C LYS YB 87 -51.63 69.56 -6.02
N TRP YB 88 -50.78 70.57 -5.88
CA TRP YB 88 -50.28 70.95 -4.55
C TRP YB 88 -51.44 71.35 -3.65
N GLN YB 89 -52.46 71.98 -4.22
CA GLN YB 89 -53.57 72.50 -3.44
C GLN YB 89 -54.36 71.37 -2.78
N ASN YB 90 -54.58 70.27 -3.50
CA ASN YB 90 -55.28 69.16 -2.84
C ASN YB 90 -54.32 68.26 -2.09
N ASN YB 91 -53.01 68.31 -2.39
CA ASN YB 91 -52.06 67.50 -1.65
C ASN YB 91 -51.83 68.04 -0.23
N LEU YB 92 -51.66 69.35 -0.09
CA LEU YB 92 -51.32 69.92 1.19
C LEU YB 92 -52.50 70.51 1.95
N LEU YB 93 -53.60 70.82 1.27
CA LEU YB 93 -54.59 71.48 2.10
C LEU YB 93 -55.64 70.49 2.60
N PRO YB 94 -56.13 70.69 3.82
CA PRO YB 94 -57.20 69.81 4.31
C PRO YB 94 -58.47 69.86 3.49
N SER YB 95 -58.82 71.02 2.95
CA SER YB 95 -60.04 71.14 2.17
C SER YB 95 -59.94 72.39 1.29
N ARG YB 96 -60.90 72.50 0.38
CA ARG YB 96 -61.00 73.66 -0.48
C ARG YB 96 -61.70 74.85 0.17
N GLN YB 97 -62.25 74.66 1.37
CA GLN YB 97 -62.95 75.75 2.05
C GLN YB 97 -62.03 76.61 2.90
N PHE YB 98 -60.87 76.11 3.29
CA PHE YB 98 -59.95 76.88 4.11
C PHE YB 98 -58.54 76.33 3.88
N GLY YB 99 -57.58 76.87 4.64
CA GLY YB 99 -56.21 76.48 4.47
C GLY YB 99 -55.53 77.28 3.37
N PHE YB 100 -54.26 77.57 3.53
CA PHE YB 100 -53.53 78.36 2.56
C PHE YB 100 -52.17 77.75 2.30
N ILE YB 101 -51.67 77.98 1.09
CA ILE YB 101 -50.32 77.58 0.70
C ILE YB 101 -49.56 78.83 0.34
N VAL YB 102 -48.53 79.15 1.12
CA VAL YB 102 -47.75 80.36 0.93
C VAL YB 102 -46.56 80.03 0.05
N LEU YB 103 -46.41 80.77 -1.04
CA LEU YB 103 -45.31 80.58 -1.96
C LEU YB 103 -44.75 81.94 -2.32
N THR YB 104 -43.43 82.03 -2.41
CA THR YB 104 -42.80 83.25 -2.89
C THR YB 104 -43.06 83.38 -4.39
N THR YB 105 -43.33 84.60 -4.83
CA THR YB 105 -43.65 84.88 -6.22
C THR YB 105 -42.85 86.09 -6.68
N SER YB 106 -42.92 86.36 -7.98
CA SER YB 106 -42.26 87.53 -8.52
C SER YB 106 -42.85 88.82 -7.97
N ALA YB 107 -44.10 88.76 -7.50
CA ALA YB 107 -44.77 89.90 -6.89
C ALA YB 107 -44.62 89.93 -5.38
N GLY YB 108 -43.88 89.01 -4.79
CA GLY YB 108 -43.64 88.97 -3.37
C GLY YB 108 -44.04 87.64 -2.79
N ILE YB 109 -44.03 87.57 -1.47
CA ILE YB 109 -44.44 86.36 -0.75
C ILE YB 109 -45.93 86.47 -0.46
N MET YB 110 -46.69 85.46 -0.89
CA MET YB 110 -48.14 85.53 -0.77
C MET YB 110 -48.72 84.13 -0.78
N ASP YB 111 -49.96 84.02 -0.30
CA ASP YB 111 -50.66 82.75 -0.29
C ASP YB 111 -51.14 82.41 -1.70
N HIS YB 112 -51.74 81.21 -1.84
CA HIS YB 112 -52.06 80.72 -3.16
C HIS YB 112 -53.24 81.45 -3.79
N GLU YB 113 -54.17 81.96 -2.98
CA GLU YB 113 -55.39 82.53 -3.54
C GLU YB 113 -55.09 83.80 -4.33
N GLU YB 114 -54.39 84.77 -3.73
CA GLU YB 114 -54.10 85.99 -4.47
C GLU YB 114 -53.02 85.76 -5.52
N ALA YB 115 -52.15 84.77 -5.30
CA ALA YB 115 -51.19 84.40 -6.34
C ALA YB 115 -51.91 83.92 -7.58
N ARG YB 116 -52.96 83.12 -7.40
CA ARG YB 116 -53.80 82.74 -8.53
C ARG YB 116 -54.57 83.93 -9.07
N ARG YB 117 -54.99 84.85 -8.20
CA ARG YB 117 -55.78 85.99 -8.62
C ARG YB 117 -55.01 86.91 -9.55
N LYS YB 118 -53.75 87.18 -9.24
CA LYS YB 118 -52.94 88.06 -10.07
C LYS YB 118 -52.11 87.33 -11.10
N HIS YB 119 -52.38 86.03 -11.30
CA HIS YB 119 -51.81 85.25 -12.39
C HIS YB 119 -50.27 85.25 -12.38
N THR YB 120 -49.72 84.68 -11.31
CA THR YB 120 -48.28 84.49 -11.23
C THR YB 120 -47.97 83.28 -10.38
N GLY YB 121 -46.84 82.64 -10.68
CA GLY YB 121 -46.35 81.53 -9.90
C GLY YB 121 -45.04 81.86 -9.22
N GLY YB 122 -44.40 80.83 -8.70
CA GLY YB 122 -43.10 81.00 -8.08
C GLY YB 122 -42.75 79.80 -7.24
N LYS YB 123 -41.62 79.93 -6.54
CA LYS YB 123 -41.13 78.88 -5.68
C LYS YB 123 -42.07 78.68 -4.49
N ILE YB 124 -42.18 77.43 -4.04
CA ILE YB 124 -43.00 77.13 -2.87
C ILE YB 124 -42.28 77.59 -1.61
N LEU YB 125 -43.04 78.01 -0.61
CA LEU YB 125 -42.48 78.34 0.69
C LEU YB 125 -43.05 77.46 1.79
N GLY YB 126 -44.37 77.41 1.93
CA GLY YB 126 -44.96 76.63 2.99
C GLY YB 126 -46.47 76.70 2.94
N PHE YB 127 -47.09 76.23 4.01
CA PHE YB 127 -48.54 76.18 4.09
C PHE YB 127 -48.96 76.29 5.55
N PHE YB 128 -50.21 76.68 5.75
CA PHE YB 128 -50.77 76.74 7.10
C PHE YB 128 -52.27 76.56 7.02
N PHE YB 129 -52.83 75.90 8.04
CA PHE YB 129 -54.27 75.73 8.12
C PHE YB 129 -54.71 75.42 9.54
N GLY ZB 1 -32.62 59.17 7.50
CA GLY ZB 1 -33.53 59.88 6.61
C GLY ZB 1 -33.16 59.73 5.15
N LYS ZB 2 -33.59 60.68 4.33
CA LYS ZB 2 -33.32 60.66 2.90
C LYS ZB 2 -32.99 62.06 2.42
N CYS ZB 3 -32.31 62.12 1.28
CA CYS ZB 3 -31.96 63.40 0.70
C CYS ZB 3 -33.16 64.06 0.04
N ARG ZB 4 -33.21 65.39 0.09
CA ARG ZB 4 -34.33 66.11 -0.50
C ARG ZB 4 -33.89 67.37 -1.26
N GLY ZB 5 -32.61 67.48 -1.60
CA GLY ZB 5 -32.15 68.65 -2.31
C GLY ZB 5 -32.70 68.72 -3.73
N LEU ZB 6 -32.67 69.93 -4.29
CA LEU ZB 6 -33.28 70.15 -5.60
C LEU ZB 6 -32.50 69.48 -6.71
N ARG ZB 7 -31.21 69.20 -6.50
CA ARG ZB 7 -30.40 68.55 -7.52
C ARG ZB 7 -29.83 67.25 -7.01
N THR ZB 8 -30.66 66.49 -6.29
CA THR ZB 8 -30.32 65.17 -5.79
C THR ZB 8 -30.94 64.05 -6.61
N ALA ZB 9 -31.54 64.37 -7.75
CA ALA ZB 9 -32.30 63.37 -8.49
C ALA ZB 9 -31.43 62.23 -9.00
N ARG ZB 10 -30.15 62.50 -9.26
CA ARG ZB 10 -29.25 61.42 -9.68
C ARG ZB 10 -29.11 60.38 -8.58
N LYS ZB 11 -28.87 60.83 -7.35
CA LYS ZB 11 -28.77 59.89 -6.23
C LYS ZB 11 -30.07 59.15 -6.00
N LEU ZB 12 -31.19 59.86 -6.08
CA LEU ZB 12 -32.49 59.23 -5.85
C LEU ZB 12 -32.76 58.14 -6.89
N ARG ZB 13 -32.56 58.45 -8.17
CA ARG ZB 13 -32.85 57.47 -9.20
C ARG ZB 13 -31.86 56.31 -9.17
N SER ZB 14 -30.58 56.58 -8.88
CA SER ZB 14 -29.62 55.51 -8.79
C SER ZB 14 -29.93 54.59 -7.63
N HIS ZB 15 -30.35 55.15 -6.49
CA HIS ZB 15 -30.71 54.33 -5.35
C HIS ZB 15 -31.94 53.51 -5.64
N ARG ZB 16 -32.94 54.08 -6.32
CA ARG ZB 16 -34.11 53.30 -6.69
C ARG ZB 16 -33.74 52.15 -7.62
N ARG ZB 17 -32.89 52.43 -8.61
CA ARG ZB 17 -32.48 51.37 -9.53
C ARG ZB 17 -31.72 50.28 -8.81
N ASP ZB 18 -30.85 50.66 -7.88
CA ASP ZB 18 -30.06 49.66 -7.16
C ASP ZB 18 -30.96 48.83 -6.23
N GLN ZB 19 -31.97 49.46 -5.62
CA GLN ZB 19 -32.82 48.77 -4.67
C GLN ZB 19 -33.90 47.93 -5.32
N LYS ZB 20 -34.18 48.13 -6.61
CA LYS ZB 20 -35.19 47.29 -7.26
C LYS ZB 20 -34.72 45.87 -7.52
N TRP ZB 21 -33.45 45.58 -7.32
CA TRP ZB 21 -32.95 44.23 -7.53
C TRP ZB 21 -33.13 43.33 -6.32
N HIS ZB 22 -33.88 43.78 -5.31
CA HIS ZB 22 -34.00 43.02 -4.08
C HIS ZB 22 -35.35 42.34 -3.90
N ASP ZB 23 -36.39 42.77 -4.61
CA ASP ZB 23 -37.68 42.08 -4.56
C ASP ZB 23 -37.71 41.00 -5.62
N LYS ZB 24 -38.37 39.89 -5.29
CA LYS ZB 24 -38.25 38.68 -6.10
C LYS ZB 24 -38.84 38.86 -7.50
N GLN ZB 25 -39.88 39.69 -7.62
CA GLN ZB 25 -40.55 39.87 -8.91
C GLN ZB 25 -39.62 40.52 -9.92
N TYR ZB 26 -39.01 41.65 -9.57
CA TYR ZB 26 -38.13 42.35 -10.50
C TYR ZB 26 -36.90 41.51 -10.84
N LYS ZB 27 -36.34 40.84 -9.83
CA LYS ZB 27 -35.18 39.98 -10.05
C LYS ZB 27 -35.52 38.87 -11.04
N LYS ZB 28 -36.65 38.21 -10.83
CA LYS ZB 28 -37.09 37.16 -11.75
C LYS ZB 28 -37.32 37.70 -13.15
N ALA ZB 29 -37.93 38.88 -13.25
CA ALA ZB 29 -38.25 39.42 -14.57
C ALA ZB 29 -37.00 39.82 -15.34
N HIS ZB 30 -36.01 40.42 -14.67
CA HIS ZB 30 -34.94 41.11 -15.37
C HIS ZB 30 -33.58 40.46 -15.27
N LEU ZB 31 -33.40 39.37 -14.52
CA LEU ZB 31 -32.14 38.65 -14.64
C LEU ZB 31 -32.06 37.90 -15.96
N GLY ZB 32 -33.13 37.21 -16.33
CA GLY ZB 32 -33.12 36.32 -17.47
C GLY ZB 32 -32.70 34.90 -17.16
N THR ZB 33 -32.24 34.63 -15.94
CA THR ZB 33 -31.92 33.26 -15.56
C THR ZB 33 -33.17 32.45 -15.26
N ALA ZB 34 -34.23 33.09 -14.78
CA ALA ZB 34 -35.50 32.39 -14.62
C ALA ZB 34 -36.17 32.15 -15.96
N LEU ZB 35 -36.03 33.08 -16.89
CA LEU ZB 35 -36.48 32.85 -18.26
C LEU ZB 35 -35.70 31.70 -18.90
N LYS ZB 36 -34.40 31.62 -18.59
CA LYS ZB 36 -33.57 30.55 -19.11
C LYS ZB 36 -33.97 29.20 -18.53
N ALA ZB 37 -34.11 29.13 -17.20
CA ALA ZB 37 -34.45 27.88 -16.55
C ALA ZB 37 -35.91 27.49 -16.76
N ASN ZB 38 -36.73 28.40 -17.26
CA ASN ZB 38 -38.12 28.07 -17.56
C ASN ZB 38 -38.16 27.10 -18.73
N PRO ZB 39 -38.75 25.91 -18.57
CA PRO ZB 39 -38.85 24.99 -19.72
C PRO ZB 39 -39.64 25.56 -20.87
N PHE ZB 40 -40.64 26.40 -20.59
CA PHE ZB 40 -41.42 26.99 -21.67
C PHE ZB 40 -40.65 28.09 -22.38
N GLY ZB 41 -39.73 28.75 -21.68
CA GLY ZB 41 -39.00 29.85 -22.28
C GLY ZB 41 -39.87 31.04 -22.60
N GLY ZB 42 -40.74 31.42 -21.66
CA GLY ZB 42 -41.58 32.59 -21.85
C GLY ZB 42 -42.86 32.36 -22.59
N ALA ZB 43 -43.10 31.14 -23.07
CA ALA ZB 43 -44.34 30.81 -23.76
C ALA ZB 43 -45.41 30.41 -22.75
N SER ZB 44 -46.67 30.69 -23.09
CA SER ZB 44 -47.78 30.28 -22.24
C SER ZB 44 -48.02 28.78 -22.35
N HIS ZB 45 -47.93 28.24 -23.56
CA HIS ZB 45 -48.19 26.83 -23.82
C HIS ZB 45 -47.05 26.24 -24.62
N ALA ZB 46 -46.88 24.93 -24.52
CA ALA ZB 46 -45.90 24.22 -25.33
C ALA ZB 46 -46.39 22.81 -25.59
N LYS ZB 47 -45.89 22.23 -26.67
CA LYS ZB 47 -46.22 20.87 -27.06
C LYS ZB 47 -45.10 19.93 -26.66
N GLY ZB 48 -45.47 18.69 -26.33
CA GLY ZB 48 -44.49 17.70 -25.97
C GLY ZB 48 -44.99 16.31 -26.26
N ILE ZB 49 -44.06 15.36 -26.22
CA ILE ZB 49 -44.38 13.94 -26.40
C ILE ZB 49 -44.31 13.25 -25.05
N VAL ZB 50 -45.24 12.34 -24.82
CA VAL ZB 50 -45.33 11.65 -23.54
C VAL ZB 50 -44.31 10.52 -23.51
N LEU ZB 51 -43.53 10.46 -22.43
CA LEU ZB 51 -42.54 9.41 -22.27
C LEU ZB 51 -43.06 8.22 -21.50
N GLU ZB 52 -43.91 8.44 -20.51
CA GLU ZB 52 -44.42 7.38 -19.65
C GLU ZB 52 -45.59 7.94 -18.86
N LYS ZB 53 -46.21 7.07 -18.08
CA LYS ZB 53 -47.37 7.42 -17.25
C LYS ZB 53 -47.00 7.14 -15.81
N VAL ZB 54 -46.85 8.20 -15.02
CA VAL ZB 54 -46.36 8.09 -13.65
C VAL ZB 54 -47.43 8.57 -12.68
N GLY ZB 55 -47.40 7.97 -11.49
CA GLY ZB 55 -48.25 8.38 -10.38
C GLY ZB 55 -47.42 9.10 -9.34
N VAL ZB 56 -47.86 10.32 -9.00
CA VAL ZB 56 -47.14 11.17 -8.07
C VAL ZB 56 -47.89 11.14 -6.74
N GLU ZB 57 -47.18 10.75 -5.69
CA GLU ZB 57 -47.77 10.76 -4.35
C GLU ZB 57 -48.00 12.20 -3.90
N ALA ZB 58 -49.12 12.42 -3.21
CA ALA ZB 58 -49.46 13.75 -2.74
C ALA ZB 58 -48.69 14.09 -1.46
N LYS ZB 59 -48.93 15.28 -0.93
CA LYS ZB 59 -48.24 15.75 0.26
C LYS ZB 59 -48.75 15.01 1.48
N GLN ZB 60 -48.10 15.27 2.62
CA GLN ZB 60 -48.33 14.46 3.82
C GLN ZB 60 -49.77 14.51 4.36
N PRO ZB 61 -50.39 15.67 4.59
CA PRO ZB 61 -51.74 15.64 5.19
C PRO ZB 61 -52.78 14.99 4.30
N ASN ZB 62 -52.57 14.97 2.99
CA ASN ZB 62 -53.46 14.26 2.09
C ASN ZB 62 -52.90 12.87 1.80
N SER ZB 63 -53.66 12.10 1.03
CA SER ZB 63 -53.23 10.76 0.63
C SER ZB 63 -53.89 10.45 -0.70
N ALA ZB 64 -53.12 10.56 -1.78
CA ALA ZB 64 -53.64 10.26 -3.11
C ALA ZB 64 -52.47 10.01 -4.05
N ILE ZB 65 -52.76 9.33 -5.15
CA ILE ZB 65 -51.80 9.08 -6.21
C ILE ZB 65 -52.23 9.95 -7.39
N ARG ZB 66 -51.58 11.10 -7.55
CA ARG ZB 66 -51.91 12.00 -8.63
C ARG ZB 66 -51.42 11.45 -9.96
N LYS ZB 67 -52.16 11.75 -11.02
CA LYS ZB 67 -51.88 11.23 -12.36
C LYS ZB 67 -51.14 12.28 -13.17
N CYS ZB 68 -49.87 12.03 -13.42
CA CYS ZB 68 -49.01 12.93 -14.18
C CYS ZB 68 -48.33 12.16 -15.31
N VAL ZB 69 -47.84 12.90 -16.30
CA VAL ZB 69 -47.18 12.31 -17.47
C VAL ZB 69 -45.83 12.99 -17.66
N ARG ZB 70 -44.83 12.20 -18.03
CA ARG ZB 70 -43.48 12.71 -18.24
C ARG ZB 70 -43.36 13.15 -19.69
N VAL ZB 71 -43.10 14.44 -19.91
CA VAL ZB 71 -43.24 15.07 -21.21
C VAL ZB 71 -41.91 15.65 -21.64
N GLN ZB 72 -41.49 15.33 -22.87
CA GLN ZB 72 -40.36 15.97 -23.51
C GLN ZB 72 -40.85 16.89 -24.60
N LEU ZB 73 -40.47 18.16 -24.52
CA LEU ZB 73 -40.94 19.16 -25.47
C LEU ZB 73 -40.27 18.97 -26.81
N ILE ZB 74 -40.98 19.31 -27.89
CA ILE ZB 74 -40.38 19.27 -29.22
C ILE ZB 74 -39.24 20.26 -29.32
N LYS ZB 75 -39.46 21.50 -28.88
CA LYS ZB 75 -38.37 22.45 -28.77
C LYS ZB 75 -37.53 22.13 -27.55
N ASN ZB 76 -36.23 22.43 -27.66
CA ASN ZB 76 -35.20 22.43 -26.61
C ASN ZB 76 -35.15 21.14 -25.78
N GLY ZB 77 -35.81 20.08 -26.25
CA GLY ZB 77 -35.68 18.74 -25.70
C GLY ZB 77 -35.80 18.56 -24.20
N LYS ZB 78 -36.40 19.52 -23.51
CA LYS ZB 78 -36.45 19.47 -22.06
C LYS ZB 78 -37.54 18.51 -21.58
N LYS ZB 79 -37.29 17.86 -20.46
CA LYS ZB 79 -38.21 16.89 -19.88
C LYS ZB 79 -38.86 17.48 -18.65
N ILE ZB 80 -40.20 17.46 -18.62
CA ILE ZB 80 -40.99 18.01 -17.52
C ILE ZB 80 -42.02 16.97 -17.08
N THR ZB 81 -42.72 17.29 -16.01
CA THR ZB 81 -43.82 16.48 -15.51
C THR ZB 81 -45.08 17.34 -15.47
N ALA ZB 82 -46.15 16.86 -16.11
CA ALA ZB 82 -47.39 17.61 -16.24
C ALA ZB 82 -48.54 16.80 -15.67
N PHE ZB 83 -49.42 17.48 -14.94
CA PHE ZB 83 -50.55 16.84 -14.28
C PHE ZB 83 -51.70 16.63 -15.26
N VAL ZB 84 -52.50 15.61 -15.00
CA VAL ZB 84 -53.68 15.33 -15.81
C VAL ZB 84 -54.91 15.58 -14.94
N PRO ZB 85 -55.61 16.71 -15.11
CA PRO ZB 85 -56.54 17.20 -14.10
C PRO ZB 85 -57.99 16.75 -14.26
N ASN ZB 86 -58.21 15.45 -14.41
CA ASN ZB 86 -59.57 14.91 -14.43
C ASN ZB 86 -59.55 13.50 -13.84
N ASP ZB 87 -60.68 12.80 -13.99
CA ASP ZB 87 -60.87 11.50 -13.34
C ASP ZB 87 -60.24 10.36 -14.15
N GLY ZB 88 -60.73 10.15 -15.37
CA GLY ZB 88 -60.28 9.02 -16.16
C GLY ZB 88 -59.46 9.41 -17.37
N CYS ZB 89 -58.93 10.63 -17.37
CA CYS ZB 89 -58.19 11.11 -18.53
C CYS ZB 89 -56.81 10.50 -18.65
N LEU ZB 90 -56.32 9.78 -17.63
CA LEU ZB 90 -55.10 9.02 -17.81
C LEU ZB 90 -55.29 7.91 -18.83
N ASN ZB 91 -56.48 7.29 -18.84
CA ASN ZB 91 -56.82 6.31 -19.86
C ASN ZB 91 -56.90 6.94 -21.25
N PHE ZB 92 -57.15 8.24 -21.32
CA PHE ZB 92 -57.14 8.95 -22.60
C PHE ZB 92 -55.73 9.14 -23.14
N ILE ZB 93 -54.71 8.98 -22.30
CA ILE ZB 93 -53.33 9.25 -22.65
C ILE ZB 93 -52.64 7.93 -22.97
N GLU ZB 94 -51.89 7.90 -24.07
CA GLU ZB 94 -51.10 6.74 -24.45
C GLU ZB 94 -49.66 7.18 -24.69
N GLU ZB 95 -48.79 6.20 -24.92
CA GLU ZB 95 -47.39 6.47 -25.19
C GLU ZB 95 -47.23 7.25 -26.49
N ASN ZB 96 -46.21 8.11 -26.51
CA ASN ZB 96 -45.83 8.87 -27.70
C ASN ZB 96 -46.96 9.74 -28.23
N ASP ZB 97 -47.78 10.29 -27.34
CA ASP ZB 97 -48.80 11.24 -27.75
C ASP ZB 97 -48.23 12.66 -27.77
N GLU ZB 98 -48.71 13.44 -28.72
CA GLU ZB 98 -48.37 14.86 -28.82
C GLU ZB 98 -49.38 15.62 -27.98
N VAL ZB 99 -49.02 15.91 -26.74
CA VAL ZB 99 -49.90 16.60 -25.80
C VAL ZB 99 -49.54 18.08 -25.79
N LEU ZB 100 -50.48 18.89 -25.33
CA LEU ZB 100 -50.27 20.31 -25.10
C LEU ZB 100 -50.35 20.60 -23.62
N VAL ZB 101 -49.34 21.27 -23.09
CA VAL ZB 101 -49.25 21.54 -21.66
C VAL ZB 101 -49.23 23.05 -21.45
N ALA ZB 102 -49.75 23.46 -20.29
CA ALA ZB 102 -49.84 24.86 -19.91
C ALA ZB 102 -49.35 25.02 -18.48
N GLY ZB 103 -49.43 26.25 -17.97
CA GLY ZB 103 -49.08 26.49 -16.59
C GLY ZB 103 -50.06 25.81 -15.65
N PHE ZB 104 -49.56 25.45 -14.47
CA PHE ZB 104 -50.37 24.73 -13.51
C PHE ZB 104 -51.15 25.66 -12.61
N GLY ZB 105 -50.98 26.98 -12.77
CA GLY ZB 105 -51.86 27.91 -12.11
C GLY ZB 105 -51.23 29.14 -11.49
N ARG ZB 106 -50.00 29.03 -10.99
CA ARG ZB 106 -49.41 30.13 -10.23
C ARG ZB 106 -47.97 30.40 -10.68
N LYS ZB 107 -47.79 30.52 -12.00
CA LYS ZB 107 -46.60 31.14 -12.59
C LYS ZB 107 -45.31 30.40 -12.23
N GLY ZB 108 -45.24 29.15 -12.69
CA GLY ZB 108 -44.08 28.32 -12.43
C GLY ZB 108 -43.90 27.97 -10.97
N HIS ZB 109 -44.98 27.60 -10.29
CA HIS ZB 109 -44.94 27.28 -8.87
C HIS ZB 109 -45.84 26.08 -8.64
N ALA ZB 110 -45.41 25.19 -7.76
CA ALA ZB 110 -46.20 24.02 -7.41
C ALA ZB 110 -47.57 24.42 -6.86
N VAL ZB 111 -48.59 23.67 -7.25
CA VAL ZB 111 -49.98 23.97 -6.92
C VAL ZB 111 -50.55 22.84 -6.09
N GLY ZB 112 -51.19 23.18 -4.97
CA GLY ZB 112 -51.89 22.20 -4.18
C GLY ZB 112 -50.97 21.23 -3.48
N ASP ZB 113 -51.49 20.02 -3.25
CA ASP ZB 113 -50.78 18.97 -2.53
C ASP ZB 113 -49.85 18.15 -3.40
N ILE ZB 114 -49.65 18.55 -4.65
CA ILE ZB 114 -48.74 17.83 -5.54
C ILE ZB 114 -47.34 18.40 -5.34
N PRO ZB 115 -46.34 17.55 -5.09
CA PRO ZB 115 -44.98 18.06 -4.91
C PRO ZB 115 -44.27 18.27 -6.25
N GLY ZB 116 -43.86 19.50 -6.50
CA GLY ZB 116 -42.88 19.77 -7.54
C GLY ZB 116 -43.35 19.56 -8.96
N VAL ZB 117 -44.66 19.49 -9.19
CA VAL ZB 117 -45.21 19.43 -10.54
C VAL ZB 117 -45.74 20.80 -10.88
N ARG ZB 118 -45.38 21.29 -12.06
CA ARG ZB 118 -45.54 22.69 -12.41
C ARG ZB 118 -46.36 22.91 -13.67
N PHE ZB 119 -46.99 21.87 -14.22
CA PHE ZB 119 -47.70 21.97 -15.47
C PHE ZB 119 -48.90 21.04 -15.47
N LYS ZB 120 -49.86 21.33 -16.35
CA LYS ZB 120 -51.01 20.47 -16.54
C LYS ZB 120 -51.28 20.32 -18.03
N VAL ZB 121 -51.92 19.21 -18.38
CA VAL ZB 121 -52.15 18.84 -19.77
C VAL ZB 121 -53.51 19.36 -20.22
N VAL ZB 122 -53.53 20.05 -21.35
CA VAL ZB 122 -54.75 20.65 -21.89
C VAL ZB 122 -55.29 19.83 -23.05
N LYS ZB 123 -54.45 19.47 -24.00
CA LYS ZB 123 -54.86 18.73 -25.18
C LYS ZB 123 -53.97 17.52 -25.36
N VAL ZB 124 -54.51 16.51 -26.03
CA VAL ZB 124 -53.78 15.31 -26.41
C VAL ZB 124 -54.17 14.94 -27.84
N ALA ZB 125 -53.18 14.61 -28.66
CA ALA ZB 125 -53.41 14.23 -30.07
C ALA ZB 125 -54.17 15.32 -30.83
N ASN ZB 126 -53.96 16.57 -30.43
CA ASN ZB 126 -54.67 17.74 -30.96
C ASN ZB 126 -56.19 17.51 -30.81
N VAL ZB 127 -56.59 17.32 -29.56
CA VAL ZB 127 -57.99 17.40 -29.16
C VAL ZB 127 -58.02 17.56 -27.64
N SER ZB 128 -58.89 18.45 -27.17
CA SER ZB 128 -58.88 18.84 -25.76
C SER ZB 128 -59.32 17.70 -24.86
N LEU ZB 129 -58.68 17.60 -23.70
CA LEU ZB 129 -59.12 16.64 -22.70
C LEU ZB 129 -60.50 16.98 -22.17
N LEU ZB 130 -60.92 18.23 -22.27
CA LEU ZB 130 -62.26 18.62 -21.83
C LEU ZB 130 -63.33 17.94 -22.67
N ALA ZB 131 -63.16 17.92 -23.99
CA ALA ZB 131 -64.15 17.30 -24.86
C ALA ZB 131 -64.22 15.80 -24.63
N LEU ZB 132 -63.07 15.14 -24.49
CA LEU ZB 132 -63.05 13.71 -24.23
C LEU ZB 132 -63.68 13.38 -22.88
N TYR ZB 133 -63.38 14.19 -21.86
CA TYR ZB 133 -63.98 13.95 -20.54
C TYR ZB 133 -65.48 14.13 -20.58
N LYS ZB 134 -65.96 15.20 -21.23
CA LYS ZB 134 -67.39 15.39 -21.39
C LYS ZB 134 -68.00 14.47 -22.44
N GLY ZB 135 -67.17 13.76 -23.21
CA GLY ZB 135 -67.69 12.92 -24.27
C GLY ZB 135 -68.28 13.66 -25.44
N LYS ZB 136 -67.83 14.89 -25.68
CA LYS ZB 136 -68.37 15.67 -26.79
C LYS ZB 136 -67.85 15.21 -28.14
N LYS ZB 137 -66.61 14.74 -28.20
CA LYS ZB 137 -66.10 14.15 -29.44
C LYS ZB 137 -65.01 13.16 -29.11
N GLU ZB 138 -64.84 12.20 -30.03
CA GLU ZB 138 -64.16 10.94 -29.77
C GLU ZB 138 -62.68 11.04 -30.10
N ARG ZB 139 -61.91 10.09 -29.58
CA ARG ZB 139 -60.49 9.98 -29.89
C ARG ZB 139 -60.31 9.75 -31.39
N PRO ZB 140 -59.27 10.33 -31.99
CA PRO ZB 140 -59.02 10.14 -33.44
C PRO ZB 140 -58.44 8.77 -33.77
N ARG ZB 141 -59.32 7.77 -33.82
CA ARG ZB 141 -58.92 6.42 -34.15
C ARG ZB 141 -58.60 6.29 -35.64
N ASN AC 1 -96.39 53.74 -58.73
CA ASN AC 1 -96.50 54.79 -59.73
C ASN AC 1 -97.46 55.89 -59.27
N ASP AC 2 -98.44 55.51 -58.47
CA ASP AC 2 -99.44 56.47 -58.00
C ASP AC 2 -98.80 57.53 -57.11
N THR AC 3 -97.90 57.14 -56.22
CA THR AC 3 -97.28 58.05 -55.26
C THR AC 3 -95.76 57.91 -55.39
N VAL AC 4 -95.18 58.61 -56.35
CA VAL AC 4 -93.73 58.73 -56.51
C VAL AC 4 -93.43 60.18 -56.86
N THR AC 5 -92.47 60.78 -56.16
CA THR AC 5 -92.10 62.16 -56.40
C THR AC 5 -90.59 62.26 -56.61
N ILE AC 6 -90.18 63.32 -57.30
CA ILE AC 6 -88.78 63.67 -57.44
C ILE AC 6 -88.59 65.11 -56.98
N ARG AC 7 -87.59 65.31 -56.11
CA ARG AC 7 -87.30 66.63 -55.56
C ARG AC 7 -85.79 66.81 -55.58
N THR AC 8 -85.34 67.84 -56.29
CA THR AC 8 -83.91 68.07 -56.49
C THR AC 8 -83.37 69.06 -55.47
N ARG AC 9 -82.10 68.89 -55.13
CA ARG AC 9 -81.44 69.74 -54.15
C ARG AC 9 -79.95 69.72 -54.42
N LYS AC 10 -79.26 70.72 -53.86
CA LYS AC 10 -77.84 70.95 -54.13
C LYS AC 10 -77.58 71.04 -55.62
N PHE AC 11 -78.42 71.81 -56.31
CA PHE AC 11 -78.34 71.95 -57.74
C PHE AC 11 -77.27 72.98 -58.12
N MET AC 12 -76.48 72.64 -59.14
CA MET AC 12 -75.55 73.60 -59.71
C MET AC 12 -75.21 73.15 -61.13
N THR AC 13 -75.04 74.12 -62.02
CA THR AC 13 -74.68 73.87 -63.40
C THR AC 13 -73.23 74.25 -63.64
N ASN AC 14 -72.63 73.64 -64.65
CA ASN AC 14 -71.27 73.96 -65.03
C ASN AC 14 -71.10 73.84 -66.54
N ARG AC 15 -70.29 74.71 -67.11
CA ARG AC 15 -69.90 74.61 -68.50
C ARG AC 15 -68.60 73.85 -68.70
N LEU AC 16 -67.92 73.49 -67.60
CA LEU AC 16 -66.63 72.80 -67.72
C LEU AC 16 -66.80 71.44 -68.38
N LEU AC 17 -67.71 70.63 -67.85
CA LEU AC 17 -68.09 69.37 -68.50
C LEU AC 17 -69.39 69.52 -69.27
N GLN AC 18 -69.97 70.73 -69.25
CA GLN AC 18 -71.21 71.06 -69.95
C GLN AC 18 -72.36 70.16 -69.47
N ARG AC 19 -72.69 70.30 -68.19
CA ARG AC 19 -73.79 69.55 -67.60
C ARG AC 19 -74.48 70.40 -66.55
N LYS AC 20 -75.59 69.86 -66.04
CA LYS AC 20 -76.20 70.34 -64.81
C LYS AC 20 -76.32 69.15 -63.87
N GLN AC 21 -75.68 69.24 -62.71
CA GLN AC 21 -75.60 68.13 -61.79
C GLN AC 21 -76.35 68.46 -60.51
N MET AC 22 -76.88 67.41 -59.87
CA MET AC 22 -77.70 67.60 -58.68
C MET AC 22 -77.76 66.28 -57.91
N VAL AC 23 -78.19 66.37 -56.66
CA VAL AC 23 -78.52 65.20 -55.84
C VAL AC 23 -80.02 65.23 -55.58
N ILE AC 24 -80.64 64.06 -55.71
CA ILE AC 24 -82.09 63.96 -55.73
C ILE AC 24 -82.55 62.89 -54.74
N ASP AC 25 -83.82 63.01 -54.34
CA ASP AC 25 -84.48 62.03 -53.50
C ASP AC 25 -85.85 61.72 -54.08
N VAL AC 26 -86.29 60.48 -53.89
CA VAL AC 26 -87.60 60.04 -54.33
C VAL AC 26 -88.28 59.32 -53.17
N LEU AC 27 -89.61 59.44 -53.11
CA LEU AC 27 -90.40 58.92 -52.00
C LEU AC 27 -91.29 57.78 -52.49
N HIS AC 28 -90.89 56.56 -52.18
CA HIS AC 28 -91.74 55.39 -52.38
C HIS AC 28 -92.20 54.89 -51.02
N PRO AC 29 -93.46 55.11 -50.63
CA PRO AC 29 -93.87 54.82 -49.26
C PRO AC 29 -93.82 53.33 -48.90
N GLY AC 30 -94.46 52.50 -49.71
CA GLY AC 30 -94.51 51.08 -49.43
C GLY AC 30 -94.02 50.21 -50.57
N LYS AC 31 -93.23 50.80 -51.47
CA LYS AC 31 -92.68 50.11 -52.61
C LYS AC 31 -91.18 49.92 -52.42
N ALA AC 32 -90.60 49.09 -53.28
CA ALA AC 32 -89.15 48.88 -53.26
C ALA AC 32 -88.44 50.12 -53.76
N THR AC 33 -87.10 50.05 -53.79
CA THR AC 33 -86.33 51.14 -54.35
C THR AC 33 -86.65 51.27 -55.83
N VAL AC 34 -86.87 52.50 -56.28
CA VAL AC 34 -87.36 52.71 -57.65
C VAL AC 34 -86.24 52.39 -58.64
N PRO AC 35 -86.49 51.58 -59.66
CA PRO AC 35 -85.42 51.25 -60.62
C PRO AC 35 -84.97 52.49 -61.39
N LYS AC 36 -83.70 52.48 -61.79
CA LYS AC 36 -83.05 53.67 -62.32
C LYS AC 36 -83.73 54.21 -63.57
N THR AC 37 -84.41 53.35 -64.33
CA THR AC 37 -85.06 53.80 -65.55
C THR AC 37 -86.20 54.78 -65.25
N GLU AC 38 -86.97 54.51 -64.20
CA GLU AC 38 -88.06 55.42 -63.84
C GLU AC 38 -87.53 56.77 -63.36
N ILE AC 39 -86.45 56.78 -62.58
CA ILE AC 39 -85.82 58.05 -62.23
C ILE AC 39 -85.34 58.76 -63.49
N ARG AC 40 -84.79 58.00 -64.43
CA ARG AC 40 -84.28 58.57 -65.67
C ARG AC 40 -85.39 59.28 -66.43
N GLU AC 41 -86.54 58.62 -66.57
CA GLU AC 41 -87.63 59.22 -67.34
C GLU AC 41 -88.32 60.35 -66.56
N LYS AC 42 -88.42 60.26 -65.24
CA LYS AC 42 -88.99 61.38 -64.49
C LYS AC 42 -88.08 62.60 -64.54
N LEU AC 43 -86.77 62.40 -64.55
CA LEU AC 43 -85.88 63.55 -64.71
C LEU AC 43 -85.91 64.07 -66.14
N ALA AC 44 -86.12 63.19 -67.13
CA ALA AC 44 -86.29 63.65 -68.50
C ALA AC 44 -87.52 64.52 -68.65
N LYS AC 45 -88.64 64.11 -68.05
CA LYS AC 45 -89.86 64.91 -68.13
C LYS AC 45 -89.78 66.15 -67.24
N MET AC 46 -88.99 66.09 -66.17
CA MET AC 46 -88.91 67.23 -65.26
C MET AC 46 -88.17 68.40 -65.90
N TYR AC 47 -87.03 68.13 -66.52
CA TYR AC 47 -86.25 69.14 -67.19
C TYR AC 47 -86.57 69.25 -68.67
N LYS AC 48 -87.62 68.55 -69.11
CA LYS AC 48 -88.12 68.61 -70.49
C LYS AC 48 -87.04 68.14 -71.46
N THR AC 49 -86.39 67.03 -71.13
CA THR AC 49 -85.30 66.46 -71.92
C THR AC 49 -85.64 65.02 -72.29
N THR AC 50 -84.65 64.32 -72.87
CA THR AC 50 -84.85 62.94 -73.28
C THR AC 50 -84.21 61.99 -72.27
N PRO AC 51 -84.79 60.80 -72.08
CA PRO AC 51 -84.22 59.85 -71.12
C PRO AC 51 -83.08 59.03 -71.71
N ASP AC 52 -82.15 59.68 -72.39
CA ASP AC 52 -80.99 59.01 -72.94
C ASP AC 52 -79.71 59.73 -72.54
N VAL AC 53 -79.82 61.05 -72.32
CA VAL AC 53 -78.69 61.83 -71.88
C VAL AC 53 -78.63 61.90 -70.35
N ILE AC 54 -79.73 61.56 -69.68
CA ILE AC 54 -79.76 61.45 -68.23
C ILE AC 54 -78.80 60.36 -67.74
N PHE AC 55 -78.22 60.59 -66.57
CA PHE AC 55 -77.29 59.64 -65.96
C PHE AC 55 -77.41 59.77 -64.45
N VAL AC 56 -77.90 58.72 -63.79
CA VAL AC 56 -78.08 58.71 -62.35
C VAL AC 56 -77.41 57.45 -61.79
N PHE AC 57 -77.01 57.53 -60.52
CA PHE AC 57 -76.24 56.45 -59.90
C PHE AC 57 -76.29 56.63 -58.39
N GLY AC 58 -75.82 55.59 -57.69
CA GLY AC 58 -75.60 55.67 -56.26
C GLY AC 58 -76.85 55.95 -55.43
N PHE AC 59 -77.96 55.31 -55.78
CA PHE AC 59 -79.21 55.51 -55.05
C PHE AC 59 -79.19 54.66 -53.79
N ARG AC 60 -78.94 55.30 -52.66
CA ARG AC 60 -78.86 54.61 -51.38
C ARG AC 60 -80.14 54.86 -50.62
N THR AC 61 -80.74 53.79 -50.08
CA THR AC 61 -82.04 53.86 -49.45
C THR AC 61 -81.90 54.05 -47.95
N HIS AC 62 -82.60 55.03 -47.41
CA HIS AC 62 -82.59 55.27 -45.97
C HIS AC 62 -83.30 54.16 -45.23
N PHE AC 63 -83.07 54.10 -43.92
CA PHE AC 63 -83.64 53.06 -43.09
C PHE AC 63 -85.16 53.18 -43.06
N GLY AC 64 -85.83 52.03 -43.03
CA GLY AC 64 -87.27 52.00 -42.97
C GLY AC 64 -87.98 52.32 -44.26
N GLY AC 65 -87.26 52.39 -45.37
CA GLY AC 65 -87.87 52.73 -46.63
C GLY AC 65 -88.19 54.21 -46.72
N GLY AC 66 -89.00 54.54 -47.74
CA GLY AC 66 -89.39 55.92 -47.95
C GLY AC 66 -88.45 56.65 -48.89
N LYS AC 67 -87.55 57.43 -48.31
CA LYS AC 67 -86.66 58.28 -49.10
C LYS AC 67 -85.37 57.55 -49.44
N THR AC 68 -85.07 57.46 -50.72
CA THR AC 68 -83.76 57.02 -51.19
C THR AC 68 -83.13 58.14 -52.02
N THR AC 69 -81.81 58.25 -51.93
CA THR AC 69 -81.08 59.41 -52.42
C THR AC 69 -79.92 58.97 -53.30
N GLY AC 70 -79.74 59.67 -54.42
CA GLY AC 70 -78.66 59.38 -55.33
C GLY AC 70 -78.24 60.60 -56.10
N PHE AC 71 -77.11 60.48 -56.79
CA PHE AC 71 -76.52 61.57 -57.57
C PHE AC 71 -76.81 61.35 -59.05
N GLY AC 72 -77.23 62.41 -59.72
CA GLY AC 72 -77.52 62.33 -61.14
C GLY AC 72 -76.99 63.55 -61.88
N MET AC 73 -76.78 63.37 -63.18
CA MET AC 73 -76.37 64.46 -64.05
C MET AC 73 -77.27 64.50 -65.28
N ILE AC 74 -77.46 65.70 -65.81
CA ILE AC 74 -78.05 65.90 -67.12
C ILE AC 74 -77.04 66.64 -67.99
N TYR AC 75 -76.80 66.11 -69.19
CA TYR AC 75 -75.87 66.73 -70.12
C TYR AC 75 -76.63 67.45 -71.21
N ASP AC 76 -75.97 68.47 -71.78
CA ASP AC 76 -76.61 69.27 -72.82
C ASP AC 76 -76.85 68.45 -74.08
N SER AC 77 -75.93 67.54 -74.40
CA SER AC 77 -75.99 66.82 -75.67
C SER AC 77 -75.41 65.43 -75.49
N LEU AC 78 -75.69 64.56 -76.47
CA LEU AC 78 -75.23 63.18 -76.41
C LEU AC 78 -73.74 63.06 -76.71
N ASP AC 79 -73.20 63.95 -77.55
CA ASP AC 79 -71.77 63.90 -77.82
C ASP AC 79 -70.96 64.23 -76.57
N TYR AC 80 -71.36 65.28 -75.85
CA TYR AC 80 -70.72 65.58 -74.58
C TYR AC 80 -71.04 64.53 -73.53
N ALA AC 81 -72.14 63.79 -73.71
CA ALA AC 81 -72.40 62.65 -72.83
C ALA AC 81 -71.37 61.55 -73.05
N LYS AC 82 -71.10 61.21 -74.30
CA LYS AC 82 -70.14 60.15 -74.60
C LYS AC 82 -68.70 60.61 -74.37
N LYS AC 83 -68.43 61.90 -74.43
CA LYS AC 83 -67.05 62.38 -74.39
C LYS AC 83 -66.44 62.22 -73.01
N ASN AC 84 -67.01 62.89 -72.01
CA ASN AC 84 -66.42 62.97 -70.68
C ASN AC 84 -67.39 62.42 -69.64
N GLU AC 85 -67.35 61.11 -69.43
CA GLU AC 85 -68.09 60.44 -68.38
C GLU AC 85 -67.54 59.02 -68.34
N PRO AC 86 -67.33 58.41 -67.17
CA PRO AC 86 -66.66 57.10 -67.12
C PRO AC 86 -67.43 56.02 -67.85
N LYS AC 87 -66.64 55.06 -68.37
CA LYS AC 87 -67.15 54.11 -69.35
C LYS AC 87 -68.17 53.14 -68.76
N HIS AC 88 -68.07 52.84 -67.46
CA HIS AC 88 -68.94 51.83 -66.87
C HIS AC 88 -70.39 52.29 -66.85
N ARG AC 89 -70.63 53.58 -66.69
CA ARG AC 89 -72.01 54.06 -66.72
C ARG AC 89 -72.55 54.14 -68.14
N LEU AC 90 -71.67 54.32 -69.15
CA LEU AC 90 -72.10 54.11 -70.51
C LEU AC 90 -72.52 52.66 -70.72
N ALA AC 91 -71.72 51.72 -70.22
CA ALA AC 91 -72.03 50.31 -70.40
C ALA AC 91 -73.30 49.92 -69.63
N ARG AC 92 -73.59 50.61 -68.53
CA ARG AC 92 -74.86 50.41 -67.85
C ARG AC 92 -76.04 50.75 -68.77
N HIS AC 93 -75.88 51.79 -69.59
CA HIS AC 93 -76.85 52.12 -70.62
C HIS AC 93 -76.59 51.37 -71.93
N GLY AC 94 -75.54 50.56 -71.98
CA GLY AC 94 -75.22 49.79 -73.16
C GLY AC 94 -74.42 50.50 -74.22
N LEU AC 95 -74.06 51.76 -74.00
CA LEU AC 95 -73.32 52.54 -75.00
C LEU AC 95 -71.83 52.26 -74.99
N TYR AC 96 -71.35 51.42 -74.08
CA TYR AC 96 -69.96 51.01 -74.04
C TYR AC 96 -69.89 49.50 -73.93
N GLU AC 97 -68.87 48.92 -74.54
CA GLU AC 97 -68.65 47.47 -74.51
C GLU AC 97 -67.36 47.17 -73.75
N LYS AC 98 -67.45 46.26 -72.79
CA LYS AC 98 -66.32 45.81 -72.01
C LYS AC 98 -65.81 44.47 -72.51
N LYS AC 99 -66.08 44.17 -73.79
CA LYS AC 99 -65.73 42.88 -74.36
C LYS AC 99 -64.23 42.83 -74.56
N LYS AC 100 -63.53 42.25 -73.58
CA LYS AC 100 -62.07 42.21 -73.59
C LYS AC 100 -61.61 41.13 -72.63
N THR AC 101 -60.33 40.78 -72.72
CA THR AC 101 -59.78 39.71 -71.91
C THR AC 101 -59.70 40.12 -70.45
N SER AC 102 -59.59 39.12 -69.58
CA SER AC 102 -59.37 39.40 -68.17
C SER AC 102 -57.93 39.82 -67.95
N ARG AC 103 -57.70 40.46 -66.80
CA ARG AC 103 -56.39 41.02 -66.50
C ARG AC 103 -55.33 39.94 -66.35
N LYS AC 104 -55.72 38.74 -65.93
CA LYS AC 104 -54.76 37.65 -65.79
C LYS AC 104 -54.17 37.25 -67.12
N GLN AC 105 -55.01 36.98 -68.12
CA GLN AC 105 -54.51 36.61 -69.44
C GLN AC 105 -53.80 37.77 -70.12
N ARG AC 106 -54.23 39.01 -69.84
CA ARG AC 106 -53.52 40.17 -70.38
C ARG AC 106 -52.10 40.23 -69.84
N LYS AC 107 -51.92 39.98 -68.55
CA LYS AC 107 -50.58 39.94 -67.97
C LYS AC 107 -49.77 38.78 -68.53
N GLU AC 108 -50.41 37.62 -68.70
CA GLU AC 108 -49.73 36.47 -69.29
C GLU AC 108 -49.21 36.79 -70.69
N ARG AC 109 -50.07 37.41 -71.51
CA ARG AC 109 -49.68 37.80 -72.85
C ARG AC 109 -48.55 38.82 -72.83
N LYS AC 110 -48.66 39.82 -71.94
CA LYS AC 110 -47.65 40.87 -71.91
C LYS AC 110 -46.29 40.31 -71.52
N ASN AC 111 -46.26 39.37 -70.57
CA ASN AC 111 -44.98 38.80 -70.17
C ASN AC 111 -44.44 37.80 -71.18
N ARG AC 112 -45.32 37.05 -71.85
CA ARG AC 112 -44.85 36.18 -72.94
C ARG AC 112 -44.31 37.00 -74.09
N MET AC 113 -44.84 38.20 -74.30
CA MET AC 113 -44.33 39.11 -75.32
C MET AC 113 -42.89 39.48 -75.07
N LYS AC 114 -42.48 39.57 -73.80
CA LYS AC 114 -41.13 40.01 -73.48
C LYS AC 114 -40.07 38.97 -73.80
N LYS AC 115 -40.46 37.72 -74.05
CA LYS AC 115 -39.51 36.69 -74.40
C LYS AC 115 -39.09 36.73 -75.87
N VAL AC 116 -39.77 37.54 -76.68
CA VAL AC 116 -39.47 37.67 -78.11
C VAL AC 116 -39.02 39.11 -78.36
N ARG AC 117 -37.86 39.26 -78.99
CA ARG AC 117 -37.25 40.56 -79.21
C ARG AC 117 -37.45 41.00 -80.65
N GLY AC 118 -37.99 42.20 -80.83
CA GLY AC 118 -37.99 42.85 -82.12
C GLY AC 118 -38.95 42.28 -83.15
N THR AC 119 -38.77 41.01 -83.48
CA THR AC 119 -39.49 40.38 -84.59
C THR AC 119 -41.00 40.48 -84.41
N ALA AC 120 -41.63 41.31 -85.26
CA ALA AC 120 -43.03 41.66 -85.07
C ALA AC 120 -43.95 40.46 -85.22
N LYS AC 121 -43.70 39.63 -86.25
CA LYS AC 121 -44.55 38.47 -86.47
C LYS AC 121 -44.44 37.47 -85.34
N ALA AC 122 -43.22 37.28 -84.80
CA ALA AC 122 -43.06 36.43 -83.63
C ALA AC 122 -43.50 37.13 -82.35
N ASN AC 123 -43.40 38.46 -82.31
CA ASN AC 123 -43.86 39.19 -81.14
C ASN AC 123 -45.38 39.06 -80.98
N VAL AC 124 -46.11 39.12 -82.09
CA VAL AC 124 -47.56 38.94 -82.04
C VAL AC 124 -47.93 37.46 -82.05
N GLY AC 125 -47.09 36.60 -82.62
CA GLY AC 125 -47.36 35.17 -82.60
C GLY AC 125 -47.06 34.49 -81.29
N ALA AC 126 -46.48 35.22 -80.33
CA ALA AC 126 -46.18 34.64 -79.03
C ALA AC 126 -47.45 34.24 -78.29
N GLY AC 127 -48.46 35.11 -78.29
CA GLY AC 127 -49.69 34.85 -77.57
C GLY AC 127 -50.72 34.01 -78.30
N LYS AC 128 -50.47 33.68 -79.57
CA LYS AC 128 -51.45 32.91 -80.33
C LYS AC 128 -51.48 31.46 -79.88
N LYS AC 129 -50.30 30.87 -79.65
CA LYS AC 129 -50.24 29.43 -79.38
C LYS AC 129 -50.76 29.07 -77.99
N PRO AC 130 -50.20 29.57 -76.86
CA PRO AC 130 -50.66 29.09 -75.56
C PRO AC 130 -51.91 29.79 -75.09
N LYS AC 131 -53.07 29.34 -75.56
CA LYS AC 131 -54.34 29.92 -75.17
C LYS AC 131 -54.73 29.50 -73.75
N THR BC 1 -37.51 40.18 24.53
CA THR BC 1 -37.65 41.61 24.72
C THR BC 1 -36.70 42.12 25.80
N LYS BC 2 -36.43 43.43 25.81
CA LYS BC 2 -35.50 44.02 26.75
C LYS BC 2 -36.06 43.92 28.16
N LYS BC 3 -35.47 43.06 28.98
CA LYS BC 3 -36.00 42.79 30.30
C LYS BC 3 -35.72 43.93 31.27
N ARG BC 4 -34.52 44.51 31.22
CA ARG BC 4 -34.12 45.55 32.15
C ARG BC 4 -33.54 46.73 31.38
N ARG BC 5 -33.93 47.94 31.80
CA ARG BC 5 -33.48 49.14 31.10
C ARG BC 5 -31.97 49.32 31.20
N ASN BC 6 -31.39 48.98 32.35
CA ASN BC 6 -29.95 49.04 32.53
C ASN BC 6 -29.24 47.77 32.11
N ASN BC 7 -29.96 46.83 31.50
CA ASN BC 7 -29.43 45.56 31.03
C ASN BC 7 -28.86 44.72 32.19
N GLY BC 8 -29.40 44.92 33.39
CA GLY BC 8 -28.96 44.13 34.53
C GLY BC 8 -27.60 44.49 35.07
N ARG BC 9 -27.12 45.70 34.82
CA ARG BC 9 -25.80 46.11 35.27
C ARG BC 9 -25.80 47.62 35.43
N ALA BC 10 -24.66 48.16 35.87
CA ALA BC 10 -24.54 49.58 36.15
C ALA BC 10 -23.70 50.33 35.13
N LYS BC 11 -23.36 49.69 34.02
CA LYS BC 11 -22.51 50.33 33.00
C LYS BC 11 -23.33 51.36 32.24
N LYS BC 12 -22.96 52.64 32.36
CA LYS BC 12 -23.68 53.70 31.67
C LYS BC 12 -22.82 54.44 30.67
N GLY BC 13 -21.66 54.95 31.07
CA GLY BC 13 -20.82 55.67 30.14
C GLY BC 13 -19.48 55.02 29.93
N ARG BC 14 -19.46 53.69 29.95
CA ARG BC 14 -18.23 52.93 29.94
C ARG BC 14 -18.24 52.03 28.72
N GLY BC 15 -17.06 51.75 28.18
CA GLY BC 15 -16.98 50.82 27.08
C GLY BC 15 -16.64 49.43 27.57
N HIS BC 16 -15.86 49.35 28.65
CA HIS BC 16 -15.42 48.08 29.19
C HIS BC 16 -15.23 48.22 30.70
N VAL BC 17 -15.70 47.21 31.43
CA VAL BC 17 -15.53 47.14 32.88
C VAL BC 17 -14.70 45.91 33.19
N GLN BC 18 -13.68 46.09 34.02
CA GLN BC 18 -12.77 44.99 34.32
C GLN BC 18 -13.51 43.86 35.03
N PRO BC 19 -13.25 42.61 34.65
CA PRO BC 19 -14.00 41.50 35.24
C PRO BC 19 -13.44 41.07 36.58
N ILE BC 20 -14.27 40.33 37.31
CA ILE BC 20 -13.90 39.73 38.58
C ILE BC 20 -14.36 38.28 38.57
N ARG BC 21 -13.79 37.50 39.47
CA ARG BC 21 -14.14 36.08 39.59
C ARG BC 21 -15.16 35.89 40.70
N CYS BC 22 -16.18 35.09 40.40
CA CYS BC 22 -17.19 34.78 41.41
C CYS BC 22 -16.56 34.05 42.59
N THR BC 23 -16.96 34.44 43.79
CA THR BC 23 -16.39 33.80 44.98
C THR BC 23 -16.84 32.37 45.16
N ASN BC 24 -17.84 31.93 44.41
CA ASN BC 24 -18.37 30.57 44.52
C ASN BC 24 -17.83 29.66 43.42
N CYS BC 25 -18.01 30.03 42.16
CA CYS BC 25 -17.65 29.17 41.05
C CYS BC 25 -16.47 29.70 40.24
N ALA BC 26 -15.97 30.88 40.56
CA ALA BC 26 -14.84 31.50 39.86
C ALA BC 26 -15.18 31.76 38.38
N ARG BC 27 -16.34 32.36 38.15
CA ARG BC 27 -16.73 32.80 36.82
C ARG BC 27 -16.33 34.26 36.61
N CYS BC 28 -15.82 34.56 35.42
CA CYS BC 28 -15.48 35.93 35.08
C CYS BC 28 -16.75 36.75 34.91
N VAL BC 29 -17.00 37.65 35.85
CA VAL BC 29 -18.20 38.49 35.83
C VAL BC 29 -17.77 39.94 35.72
N PRO BC 30 -18.44 40.78 34.93
CA PRO BC 30 -18.18 42.22 34.99
C PRO BC 30 -18.45 42.75 36.38
N LYS BC 31 -17.62 43.70 36.80
CA LYS BC 31 -17.68 44.18 38.18
C LYS BC 31 -19.00 44.86 38.47
N ASP BC 32 -19.55 45.60 37.50
CA ASP BC 32 -20.82 46.27 37.72
C ASP BC 32 -22.01 45.33 37.55
N LYS BC 33 -21.81 44.11 37.06
CA LYS BC 33 -22.90 43.15 36.94
C LYS BC 33 -22.99 42.24 38.15
N ALA BC 34 -21.84 41.87 38.74
CA ALA BC 34 -21.83 40.92 39.83
C ALA BC 34 -22.53 41.47 41.05
N ILE BC 35 -23.15 40.57 41.81
CA ILE BC 35 -23.86 40.93 43.04
C ILE BC 35 -22.88 40.82 44.20
N LYS BC 36 -22.79 41.89 44.98
CA LYS BC 36 -21.78 42.02 46.02
C LYS BC 36 -22.44 42.01 47.39
N LYS BC 37 -21.89 41.23 48.30
CA LYS BC 37 -22.35 41.16 49.68
C LYS BC 37 -21.16 41.43 50.59
N PHE BC 38 -21.09 42.64 51.15
CA PHE BC 38 -20.01 42.99 52.07
C PHE BC 38 -20.45 42.56 53.45
N VAL BC 39 -20.12 41.31 53.81
CA VAL BC 39 -20.62 40.73 55.05
C VAL BC 39 -19.78 41.23 56.22
N ILE BC 40 -20.47 41.67 57.27
CA ILE BC 40 -19.84 42.07 58.53
C ILE BC 40 -20.33 41.09 59.56
N ARG BC 41 -19.48 40.13 59.92
CA ARG BC 41 -19.83 39.08 60.86
C ARG BC 41 -18.83 39.06 62.00
N ASN BC 42 -19.31 38.75 63.20
CA ASN BC 42 -18.42 38.57 64.32
C ASN BC 42 -17.53 37.35 64.09
N ILE BC 43 -16.30 37.42 64.58
CA ILE BC 43 -15.34 36.35 64.31
C ILE BC 43 -15.76 35.04 64.95
N VAL BC 44 -16.53 35.10 66.04
CA VAL BC 44 -17.08 33.90 66.66
C VAL BC 44 -18.60 34.00 66.62
N GLU BC 45 -19.24 32.84 66.71
CA GLU BC 45 -20.69 32.83 66.71
C GLU BC 45 -21.23 33.35 68.03
N ALA BC 46 -22.49 33.78 68.02
CA ALA BC 46 -23.13 34.25 69.24
C ALA BC 46 -23.33 33.14 70.26
N ALA BC 47 -23.24 31.88 69.83
CA ALA BC 47 -23.39 30.77 70.77
C ALA BC 47 -22.13 30.57 71.61
N ALA BC 48 -21.00 31.13 71.18
CA ALA BC 48 -19.73 30.91 71.86
C ALA BC 48 -19.06 32.21 72.30
N VAL BC 49 -19.76 33.34 72.25
CA VAL BC 49 -19.18 34.58 72.76
C VAL BC 49 -18.95 34.47 74.26
N ARG BC 50 -19.87 33.81 74.96
CA ARG BC 50 -19.72 33.64 76.40
C ARG BC 50 -18.52 32.78 76.75
N ASP BC 51 -18.32 31.68 76.01
CA ASP BC 51 -17.25 30.75 76.34
C ASP BC 51 -15.89 31.41 76.20
N ILE BC 52 -15.69 32.13 75.09
CA ILE BC 52 -14.43 32.84 74.89
C ILE BC 52 -14.33 34.02 75.86
N SER BC 53 -15.47 34.57 76.29
CA SER BC 53 -15.41 35.64 77.29
C SER BC 53 -14.91 35.12 78.62
N GLU BC 54 -15.38 33.96 79.07
CA GLU BC 54 -14.88 33.38 80.31
C GLU BC 54 -13.42 32.94 80.17
N ALA BC 55 -13.09 32.31 79.05
CA ALA BC 55 -11.72 31.84 78.84
C ALA BC 55 -10.74 32.98 78.54
N SER BC 56 -11.24 34.19 78.32
CA SER BC 56 -10.37 35.32 78.03
C SER BC 56 -9.53 35.70 79.25
N VAL BC 57 -8.33 36.19 78.99
CA VAL BC 57 -7.52 36.72 80.08
C VAL BC 57 -7.82 38.19 80.32
N PHE BC 58 -8.20 38.92 79.29
CA PHE BC 58 -8.60 40.31 79.46
C PHE BC 58 -10.02 40.38 80.00
N ASP BC 59 -10.27 41.40 80.83
CA ASP BC 59 -11.63 41.61 81.33
C ASP BC 59 -12.50 42.25 80.25
N ALA BC 60 -12.08 43.40 79.73
CA ALA BC 60 -12.80 44.09 78.67
C ALA BC 60 -12.03 43.89 77.36
N TYR BC 61 -12.32 42.78 76.70
CA TYR BC 61 -11.77 42.47 75.39
C TYR BC 61 -12.89 42.53 74.36
N VAL BC 62 -12.81 43.50 73.45
CA VAL BC 62 -13.79 43.65 72.38
C VAL BC 62 -13.42 42.67 71.27
N LEU BC 63 -14.35 41.80 70.94
CA LEU BC 63 -14.05 40.73 70.00
C LEU BC 63 -13.96 41.27 68.58
N PRO BC 64 -13.04 40.73 67.76
CA PRO BC 64 -12.86 41.26 66.41
C PRO BC 64 -14.01 40.85 65.49
N LYS BC 65 -14.11 41.59 64.39
CA LYS BC 65 -15.10 41.31 63.35
C LYS BC 65 -14.41 40.81 62.09
N LEU BC 66 -15.15 40.02 61.32
CA LEU BC 66 -14.66 39.44 60.08
C LEU BC 66 -15.23 40.24 58.93
N TYR BC 67 -14.36 40.77 58.07
CA TYR BC 67 -14.72 41.70 57.01
C TYR BC 67 -14.25 41.14 55.68
N VAL BC 68 -15.16 40.51 54.95
CA VAL BC 68 -14.86 39.94 53.64
C VAL BC 68 -15.91 40.42 52.65
N LYS BC 69 -15.47 40.87 51.49
CA LYS BC 69 -16.38 41.24 50.41
C LYS BC 69 -16.62 40.03 49.53
N LEU BC 70 -17.88 39.76 49.24
CA LEU BC 70 -18.28 38.61 48.43
C LEU BC 70 -18.78 39.08 47.08
N HIS BC 71 -18.43 38.34 46.02
CA HIS BC 71 -18.88 38.64 44.67
C HIS BC 71 -19.49 37.39 44.06
N TYR BC 72 -20.74 37.49 43.62
CA TYR BC 72 -21.44 36.38 43.00
C TYR BC 72 -21.84 36.72 41.58
N CYS BC 73 -21.68 35.76 40.68
CA CYS BC 73 -22.42 35.79 39.44
C CYS BC 73 -23.89 35.54 39.73
N VAL BC 74 -24.76 36.00 38.84
CA VAL BC 74 -26.19 35.88 39.11
C VAL BC 74 -26.65 34.44 39.09
N SER BC 75 -25.91 33.54 38.43
CA SER BC 75 -26.22 32.12 38.50
C SER BC 75 -26.06 31.61 39.94
N CYS BC 76 -24.89 31.85 40.53
CA CYS BC 76 -24.69 31.47 41.93
C CYS BC 76 -25.57 32.29 42.85
N ALA BC 77 -25.80 33.56 42.52
CA ALA BC 77 -26.62 34.41 43.39
C ALA BC 77 -28.04 33.88 43.50
N ILE BC 78 -28.63 33.46 42.38
CA ILE BC 78 -29.91 32.79 42.45
C ILE BC 78 -29.79 31.47 43.18
N HIS BC 79 -28.76 30.67 42.84
CA HIS BC 79 -28.64 29.37 43.47
C HIS BC 79 -28.33 29.48 44.96
N SER BC 80 -27.69 30.57 45.38
CA SER BC 80 -27.40 30.79 46.79
C SER BC 80 -28.53 31.51 47.51
N LYS BC 81 -29.62 31.81 46.81
CA LYS BC 81 -30.83 32.41 47.36
C LYS BC 81 -30.60 33.82 47.91
N VAL BC 82 -29.46 34.44 47.60
CA VAL BC 82 -29.22 35.79 48.07
C VAL BC 82 -30.11 36.79 47.34
N VAL BC 83 -30.40 36.53 46.06
CA VAL BC 83 -31.36 37.32 45.30
C VAL BC 83 -32.41 36.39 44.73
N ARG BC 84 -33.61 36.92 44.57
CA ARG BC 84 -34.76 36.12 44.18
C ARG BC 84 -35.42 36.76 42.96
N ASN BC 85 -36.06 35.92 42.15
CA ASN BC 85 -36.84 36.45 41.04
C ASN BC 85 -38.00 37.28 41.58
N ARG BC 86 -38.33 38.35 40.86
CA ARG BC 86 -39.35 39.29 41.29
C ARG BC 86 -40.32 39.54 40.15
N SER BC 87 -41.48 40.09 40.49
CA SER BC 87 -42.49 40.36 39.49
C SER BC 87 -42.03 41.44 38.52
N ARG BC 88 -42.82 41.67 37.47
CA ARG BC 88 -42.43 42.61 36.44
C ARG BC 88 -42.32 44.03 36.98
N GLU BC 89 -43.24 44.41 37.87
CA GLU BC 89 -43.19 45.74 38.46
C GLU BC 89 -42.25 45.80 39.66
N ALA BC 90 -42.14 44.70 40.42
CA ALA BC 90 -41.31 44.71 41.61
C ALA BC 90 -39.82 44.85 41.29
N ARG BC 91 -39.41 44.51 40.07
CA ARG BC 91 -38.02 44.65 39.68
C ARG BC 91 -37.58 46.11 39.61
N LYS BC 92 -38.52 47.04 39.46
CA LYS BC 92 -38.21 48.44 39.24
C LYS BC 92 -37.76 49.18 40.49
N ASP BC 93 -37.55 48.48 41.60
CA ASP BC 93 -37.05 49.10 42.81
C ASP BC 93 -35.58 48.75 43.05
N ARG BC 94 -34.89 49.63 43.78
CA ARG BC 94 -33.50 49.42 44.13
C ARG BC 94 -33.21 49.56 45.62
N THR BC 95 -34.24 49.78 46.43
CA THR BC 95 -34.03 49.92 47.87
C THR BC 95 -33.61 48.58 48.46
N PRO BC 96 -32.52 48.53 49.22
CA PRO BC 96 -32.12 47.26 49.81
C PRO BC 96 -33.14 46.78 50.82
N PRO BC 97 -33.28 45.47 51.01
CA PRO BC 97 -34.23 44.97 51.99
C PRO BC 97 -33.84 45.41 53.39
N PRO BC 98 -34.82 45.64 54.26
CA PRO BC 98 -34.51 46.10 55.61
C PRO BC 98 -33.74 45.07 56.41
N ARG BC 99 -32.96 45.57 57.37
CA ARG BC 99 -32.07 44.73 58.17
C ARG BC 99 -32.79 43.91 59.23
N PHE BC 100 -34.08 44.14 59.46
CA PHE BC 100 -34.84 43.50 60.52
C PHE BC 100 -34.16 43.69 61.88
N ARG BC 101 -33.96 44.96 62.23
CA ARG BC 101 -33.35 45.32 63.51
C ARG BC 101 -34.20 44.94 64.72
N PRO BC 102 -35.55 44.83 64.61
CA PRO BC 102 -36.13 44.24 65.82
C PRO BC 102 -36.32 42.73 65.69
N PRO CC 1 -48.12 76.58 33.68
CA PRO CC 1 -48.65 77.81 33.07
C PRO CC 1 -48.41 77.85 31.56
N LEU CC 2 -49.18 78.66 30.85
CA LEU CC 2 -49.13 78.70 29.40
C LEU CC 2 -48.93 80.10 28.81
N ALA CC 3 -48.85 81.13 29.64
CA ALA CC 3 -48.82 82.50 29.14
C ALA CC 3 -47.74 83.33 29.82
N LYS CC 4 -46.51 82.82 29.82
CA LYS CC 4 -45.39 83.63 30.29
C LYS CC 4 -45.27 84.90 29.45
N ASP CC 5 -44.90 85.99 30.11
CA ASP CC 5 -44.72 87.27 29.42
C ASP CC 5 -43.31 87.26 28.82
N LEU CC 6 -43.20 86.77 27.58
CA LEU CC 6 -41.91 86.73 26.91
C LEU CC 6 -41.45 88.12 26.47
N LEU CC 7 -42.39 89.05 26.23
CA LEU CC 7 -41.98 90.40 25.85
C LEU CC 7 -41.33 91.11 27.01
N HIS CC 8 -41.89 90.98 28.21
CA HIS CC 8 -41.48 91.76 29.38
C HIS CC 8 -41.22 90.82 30.54
N PRO CC 9 -40.08 90.14 30.54
CA PRO CC 9 -39.70 89.37 31.72
C PRO CC 9 -39.08 90.25 32.78
N SER CC 10 -39.24 89.86 34.03
CA SER CC 10 -38.66 90.60 35.13
C SER CC 10 -37.15 90.48 35.11
N PRO CC 11 -36.42 91.47 35.66
CA PRO CC 11 -34.96 91.47 35.50
C PRO CC 11 -34.25 90.28 36.12
N GLU CC 12 -34.79 89.69 37.20
CA GLU CC 12 -34.03 88.68 37.92
C GLU CC 12 -33.85 87.40 37.10
N GLU CC 13 -34.86 86.97 36.37
CA GLU CC 13 -34.66 85.78 35.55
C GLU CC 13 -33.84 86.07 34.30
N GLU CC 14 -33.70 87.34 33.91
CA GLU CC 14 -32.72 87.68 32.89
C GLU CC 14 -31.31 87.67 33.45
N LYS CC 15 -31.16 88.08 34.72
CA LYS CC 15 -29.84 88.03 35.35
C LYS CC 15 -29.38 86.60 35.55
N ARG CC 16 -30.28 85.71 35.98
CA ARG CC 16 -29.86 84.33 36.19
C ARG CC 16 -29.70 83.57 34.89
N LYS CC 17 -30.42 83.97 33.84
CA LYS CC 17 -30.39 83.23 32.59
C LYS CC 17 -29.03 83.40 31.92
N HIS CC 18 -28.69 82.44 31.07
CA HIS CC 18 -27.39 82.41 30.42
C HIS CC 18 -27.18 83.65 29.56
N LYS CC 19 -25.90 84.04 29.44
CA LYS CC 19 -25.53 85.29 28.77
C LYS CC 19 -25.98 85.31 27.31
N LYS CC 20 -26.04 84.15 26.67
CA LYS CC 20 -26.48 84.11 25.28
C LYS CC 20 -27.97 83.83 25.15
N LYS CC 21 -28.57 83.18 26.14
CA LYS CC 21 -29.98 82.83 26.06
C LYS CC 21 -30.91 83.94 26.50
N ARG CC 22 -30.37 85.10 26.89
CA ARG CC 22 -31.21 86.22 27.27
C ARG CC 22 -32.06 86.68 26.09
N LEU CC 23 -33.03 87.55 26.39
CA LEU CC 23 -33.86 88.13 25.33
C LEU CC 23 -33.00 88.93 24.36
N VAL CC 24 -32.15 89.80 24.89
CA VAL CC 24 -31.08 90.45 24.14
C VAL CC 24 -29.79 90.15 24.89
N GLN CC 25 -28.75 89.77 24.14
CA GLN CC 25 -27.49 89.36 24.77
C GLN CC 25 -26.89 90.50 25.58
N SER CC 26 -26.33 90.15 26.72
CA SER CC 26 -25.70 91.11 27.61
C SER CC 26 -24.55 90.43 28.33
N PRO CC 27 -23.33 90.92 28.18
CA PRO CC 27 -22.19 90.27 28.84
C PRO CC 27 -22.29 90.33 30.35
N ASN CC 28 -21.82 89.26 30.99
CA ASN CC 28 -21.78 89.21 32.45
C ASN CC 28 -20.59 89.96 33.02
N SER CC 29 -19.59 90.27 32.21
CA SER CC 29 -18.40 90.96 32.67
C SER CC 29 -18.61 92.46 32.58
N TYR CC 30 -17.60 93.21 33.02
CA TYR CC 30 -17.65 94.66 33.11
C TYR CC 30 -16.23 95.19 33.34
N PHE CC 31 -16.13 96.48 33.56
CA PHE CC 31 -14.87 97.15 33.83
C PHE CC 31 -14.95 97.85 35.18
N MET CC 32 -13.87 97.76 35.95
CA MET CC 32 -13.73 98.52 37.17
C MET CC 32 -12.43 99.29 37.14
N ASP CC 33 -12.44 100.46 37.78
CA ASP CC 33 -11.21 101.18 38.04
C ASP CC 33 -10.54 100.65 39.31
N VAL CC 34 -9.21 100.70 39.33
CA VAL CC 34 -8.43 100.13 40.42
C VAL CC 34 -7.54 101.20 41.02
N LYS CC 35 -7.61 101.36 42.33
CA LYS CC 35 -6.74 102.27 43.07
C LYS CC 35 -5.80 101.42 43.93
N CYS CC 36 -4.54 101.39 43.55
CA CYS CC 36 -3.55 100.70 44.36
C CYS CC 36 -3.19 101.55 45.57
N PRO CC 37 -3.04 100.96 46.76
CA PRO CC 37 -2.54 101.73 47.89
C PRO CC 37 -1.10 102.13 47.68
N GLY CC 38 -0.80 103.40 47.95
CA GLY CC 38 0.51 103.93 47.67
C GLY CC 38 0.72 104.35 46.24
N CYS CC 39 -0.27 104.20 45.38
CA CYS CC 39 -0.20 104.62 43.99
C CYS CC 39 -1.36 105.57 43.70
N TYR CC 40 -1.04 106.77 43.22
CA TYR CC 40 -2.07 107.78 43.05
C TYR CC 40 -2.84 107.62 41.74
N LYS CC 41 -2.25 106.96 40.75
CA LYS CC 41 -2.91 106.84 39.46
C LYS CC 41 -4.02 105.78 39.53
N ILE CC 42 -4.95 105.88 38.58
CA ILE CC 42 -6.11 105.01 38.52
C ILE CC 42 -6.08 104.27 37.19
N THR CC 43 -6.27 102.95 37.24
CA THR CC 43 -6.26 102.12 36.05
C THR CC 43 -7.58 101.37 35.91
N THR CC 44 -7.96 101.10 34.67
CA THR CC 44 -9.15 100.33 34.35
C THR CC 44 -8.72 98.94 33.91
N VAL CC 45 -9.30 97.92 34.52
CA VAL CC 45 -8.97 96.53 34.20
C VAL CC 45 -10.26 95.77 33.94
N PHE CC 46 -10.18 94.78 33.06
CA PHE CC 46 -11.33 93.93 32.76
C PHE CC 46 -11.67 93.05 33.96
N SER CC 47 -12.96 92.85 34.19
CA SER CC 47 -13.39 92.04 35.33
C SER CC 47 -12.99 90.58 35.16
N HIS CC 48 -12.88 90.13 33.92
CA HIS CC 48 -12.46 88.77 33.60
C HIS CC 48 -11.12 88.81 32.85
N ALA CC 49 -10.20 89.62 33.36
CA ALA CC 49 -8.92 89.84 32.68
C ALA CC 49 -8.11 88.56 32.60
N GLN CC 50 -7.62 88.25 31.40
CA GLN CC 50 -6.84 87.04 31.17
C GLN CC 50 -5.38 87.23 31.53
N THR CC 51 -4.92 88.46 31.71
CA THR CC 51 -3.51 88.74 31.92
C THR CC 51 -3.30 89.48 33.23
N VAL CC 52 -2.09 89.35 33.76
CA VAL CC 52 -1.68 90.12 34.92
C VAL CC 52 -1.51 91.57 34.51
N VAL CC 53 -2.20 92.46 35.22
CA VAL CC 53 -2.06 93.90 34.98
C VAL CC 53 -1.09 94.46 36.01
N LEU CC 54 -0.27 95.41 35.58
CA LEU CC 54 0.79 95.96 36.41
C LEU CC 54 0.65 97.47 36.53
N CYS CC 55 1.01 97.98 37.70
CA CYS CC 55 1.18 99.42 37.86
C CYS CC 55 2.36 99.90 37.03
N VAL CC 56 2.24 101.11 36.49
CA VAL CC 56 3.33 101.62 35.65
C VAL CC 56 4.35 102.38 36.49
N GLY CC 57 3.92 103.01 37.58
CA GLY CC 57 4.82 103.80 38.39
C GLY CC 57 5.39 103.04 39.57
N CYS CC 58 4.83 101.85 39.82
CA CYS CC 58 5.29 101.00 40.91
C CYS CC 58 5.35 99.57 40.41
N SER CC 59 6.25 98.78 41.00
CA SER CC 59 6.40 97.37 40.63
C SER CC 59 5.51 96.54 41.55
N THR CC 60 4.26 96.39 41.14
CA THR CC 60 3.28 95.62 41.91
C THR CC 60 2.31 94.94 40.97
N VAL CC 61 1.66 93.90 41.49
CA VAL CC 61 0.63 93.16 40.78
C VAL CC 61 -0.73 93.61 41.28
N LEU CC 62 -1.70 93.69 40.37
CA LEU CC 62 -3.04 94.15 40.72
C LEU CC 62 -4.10 93.07 40.62
N CYS CC 63 -4.03 92.21 39.61
CA CYS CC 63 -5.00 91.14 39.47
C CYS CC 63 -4.28 89.83 39.14
N GLN CC 64 -4.80 88.74 39.70
CA GLN CC 64 -4.35 87.40 39.35
C GLN CC 64 -5.39 86.76 38.45
N PRO CC 65 -5.06 86.44 37.21
CA PRO CC 65 -6.06 85.80 36.34
C PRO CC 65 -6.39 84.40 36.82
N THR CC 66 -7.69 84.11 36.88
CA THR CC 66 -8.19 82.81 37.30
C THR CC 66 -9.10 82.27 36.19
N GLY CC 67 -9.83 81.21 36.51
CA GLY CC 67 -10.70 80.60 35.52
C GLY CC 67 -11.82 81.53 35.08
N GLY CC 68 -12.50 82.15 36.04
CA GLY CC 68 -13.62 82.98 35.67
C GLY CC 68 -13.41 84.47 35.82
N LYS CC 69 -12.81 84.90 36.91
CA LYS CC 69 -12.64 86.32 37.20
C LYS CC 69 -11.23 86.55 37.73
N ALA CC 70 -10.62 87.64 37.28
CA ALA CC 70 -9.32 88.03 37.82
C ALA CC 70 -9.45 88.34 39.30
N ARG CC 71 -8.54 87.80 40.10
CA ARG CC 71 -8.60 87.93 41.55
C ARG CC 71 -7.78 89.15 41.96
N LEU CC 72 -8.46 90.22 42.35
CA LEU CC 72 -7.79 91.45 42.72
C LEU CC 72 -6.94 91.24 43.98
N THR CC 73 -5.74 91.80 43.96
CA THR CC 73 -4.85 91.71 45.09
C THR CC 73 -5.42 92.45 46.29
N GLU CC 74 -5.07 91.98 47.48
CA GLU CC 74 -5.66 92.50 48.70
C GLU CC 74 -5.26 93.96 48.93
N GLY CC 75 -6.21 94.75 49.41
CA GLY CC 75 -5.96 96.13 49.74
C GLY CC 75 -6.14 97.13 48.61
N CYS CC 76 -6.63 96.69 47.45
CA CYS CC 76 -6.80 97.57 46.29
C CYS CC 76 -8.27 97.89 46.10
N SER CC 77 -8.57 99.17 45.91
CA SER CC 77 -9.94 99.63 45.74
C SER CC 77 -10.44 99.34 44.33
N PHE CC 78 -11.76 99.27 44.19
CA PHE CC 78 -12.38 99.05 42.90
C PHE CC 78 -13.80 99.59 42.91
N ARG CC 79 -14.19 100.26 41.82
CA ARG CC 79 -15.53 100.77 41.67
C ARG CC 79 -16.03 100.48 40.26
N ARG CC 80 -17.35 100.38 40.13
CA ARG CC 80 -18.00 100.06 38.87
C ARG CC 80 -17.85 101.20 37.88
N LYS CC 81 -17.92 100.87 36.59
CA LYS CC 81 -17.87 101.84 35.49
C LYS CC 81 -19.24 101.92 34.85
N GLN CC 82 -20.00 102.97 35.20
CA GLN CC 82 -21.33 103.28 34.65
C GLN CC 82 -22.22 102.03 34.51
N HIS CC 83 -22.33 101.29 35.61
CA HIS CC 83 -23.00 99.99 35.65
C HIS CC 83 -22.41 99.01 34.64
N VAL DC 1 -42.33 3.03 -12.14
CA VAL DC 1 -43.54 3.49 -11.48
C VAL DC 1 -44.00 2.46 -10.45
N HIS DC 2 -44.61 2.94 -9.36
CA HIS DC 2 -45.12 2.05 -8.33
C HIS DC 2 -46.33 1.25 -8.80
N GLY DC 3 -46.90 1.59 -9.94
CA GLY DC 3 -47.98 0.79 -10.51
C GLY DC 3 -49.27 0.78 -9.73
N SER DC 4 -49.63 1.90 -9.10
CA SER DC 4 -50.96 2.06 -8.51
C SER DC 4 -51.90 2.79 -9.45
N LEU DC 5 -51.58 2.83 -10.73
CA LEU DC 5 -52.30 3.63 -11.72
C LEU DC 5 -53.50 2.89 -12.30
N ALA DC 6 -53.77 1.66 -11.86
CA ALA DC 6 -54.88 0.89 -12.38
C ALA DC 6 -56.23 1.41 -11.91
N ARG DC 7 -56.26 2.35 -10.96
CA ARG DC 7 -57.51 2.82 -10.38
C ARG DC 7 -57.99 4.13 -10.98
N ALA DC 8 -57.42 4.56 -12.10
CA ALA DC 8 -57.82 5.81 -12.71
C ALA DC 8 -59.24 5.70 -13.26
N GLY DC 9 -60.02 6.76 -13.06
CA GLY DC 9 -61.40 6.77 -13.50
C GLY DC 9 -62.26 5.74 -12.81
N LYS DC 10 -62.04 5.52 -11.51
CA LYS DC 10 -62.74 4.48 -10.79
C LYS DC 10 -64.13 4.91 -10.39
N VAL DC 11 -64.23 5.98 -9.59
CA VAL DC 11 -65.53 6.39 -9.07
C VAL DC 11 -66.40 6.99 -10.17
N ARG DC 12 -65.79 7.61 -11.18
CA ARG DC 12 -66.58 8.04 -12.34
C ARG DC 12 -67.12 6.84 -13.10
N GLY DC 13 -66.33 5.77 -13.18
CA GLY DC 13 -66.80 4.57 -13.85
C GLY DC 13 -67.94 3.91 -13.11
N GLN DC 14 -67.84 3.82 -11.78
CA GLN DC 14 -68.86 3.14 -10.99
C GLN DC 14 -70.03 4.05 -10.61
N THR DC 15 -70.01 5.31 -11.01
CA THR DC 15 -71.14 6.18 -10.73
C THR DC 15 -72.34 5.75 -11.55
N PRO DC 16 -73.50 5.51 -10.93
CA PRO DC 16 -74.68 5.06 -11.69
C PRO DC 16 -75.15 6.13 -12.65
N LYS DC 17 -75.25 5.76 -13.93
CA LYS DC 17 -75.64 6.69 -14.96
C LYS DC 17 -77.13 6.99 -14.88
N VAL DC 18 -77.48 8.25 -14.68
CA VAL DC 18 -78.86 8.72 -14.74
C VAL DC 18 -78.92 9.93 -15.67
N ALA DC 19 -79.94 9.96 -16.51
CA ALA DC 19 -80.02 10.98 -17.54
C ALA DC 19 -80.63 12.27 -16.99
N LYS DC 20 -80.51 13.33 -17.78
CA LYS DC 20 -81.13 14.60 -17.46
C LYS DC 20 -82.56 14.61 -17.98
N GLN DC 21 -83.52 14.76 -17.09
CA GLN DC 21 -84.93 14.71 -17.47
C GLN DC 21 -85.28 15.90 -18.36
N GLU DC 22 -86.10 15.65 -19.36
CA GLU DC 22 -86.49 16.71 -20.28
C GLU DC 22 -87.35 17.75 -19.58
N LYS DC 23 -86.98 19.02 -19.75
CA LYS DC 23 -87.63 20.11 -19.05
C LYS DC 23 -88.00 21.21 -20.04
N LYS DC 24 -88.81 22.13 -19.58
CA LYS DC 24 -89.12 23.33 -20.35
C LYS DC 24 -87.86 24.14 -20.56
N LYS DC 25 -87.79 24.82 -21.71
CA LYS DC 25 -86.70 25.75 -21.94
C LYS DC 25 -86.75 26.88 -20.93
N LYS DC 26 -85.58 27.33 -20.50
CA LYS DC 26 -85.47 28.47 -19.61
C LYS DC 26 -85.42 29.75 -20.43
N LYS DC 27 -86.25 30.72 -20.07
CA LYS DC 27 -86.27 31.99 -20.80
C LYS DC 27 -84.92 32.69 -20.65
N THR DC 28 -84.48 33.33 -21.72
CA THR DC 28 -83.14 33.90 -21.79
C THR DC 28 -83.20 35.36 -22.20
N GLY DC 29 -82.05 36.02 -22.07
CA GLY DC 29 -81.94 37.42 -22.46
C GLY DC 29 -82.64 38.30 -21.46
N ARG DC 30 -83.44 39.24 -21.98
CA ARG DC 30 -84.22 40.12 -21.12
C ARG DC 30 -85.26 39.35 -20.32
N ALA DC 31 -85.76 38.24 -20.87
CA ALA DC 31 -86.81 37.48 -20.20
C ALA DC 31 -86.32 36.86 -18.89
N LYS DC 32 -85.09 36.35 -18.88
CA LYS DC 32 -84.55 35.79 -17.64
C LYS DC 32 -84.39 36.86 -16.57
N ARG DC 33 -83.92 38.03 -16.96
CA ARG DC 33 -83.78 39.14 -16.02
C ARG DC 33 -85.13 39.55 -15.46
N ARG DC 34 -86.14 39.64 -16.34
CA ARG DC 34 -87.49 39.97 -15.88
C ARG DC 34 -88.01 38.91 -14.91
N MET DC 35 -87.79 37.64 -15.24
CA MET DC 35 -88.26 36.54 -14.40
C MET DC 35 -87.65 36.61 -13.01
N GLN DC 36 -86.32 36.73 -12.93
CA GLN DC 36 -85.69 36.72 -11.62
C GLN DC 36 -85.95 38.02 -10.86
N TYR DC 37 -86.08 39.16 -11.55
CA TYR DC 37 -86.45 40.39 -10.88
C TYR DC 37 -87.83 40.27 -10.28
N ASN DC 38 -88.77 39.69 -11.02
CA ASN DC 38 -90.11 39.49 -10.49
C ASN DC 38 -90.09 38.52 -9.31
N ARG DC 39 -89.23 37.52 -9.38
CA ARG DC 39 -89.15 36.54 -8.28
C ARG DC 39 -88.62 37.18 -7.01
N ARG DC 40 -87.54 37.95 -7.12
CA ARG DC 40 -86.80 38.39 -5.93
C ARG DC 40 -87.04 39.85 -5.57
N PHE DC 41 -87.92 40.55 -6.25
CA PHE DC 41 -88.16 41.92 -5.84
C PHE DC 41 -89.64 42.23 -5.61
N VAL DC 42 -90.53 41.67 -6.40
CA VAL DC 42 -91.96 41.88 -6.18
C VAL DC 42 -92.60 40.59 -5.67
N ASN DC 43 -92.63 40.47 -4.34
CA ASN DC 43 -93.20 39.33 -3.63
C ASN DC 43 -93.27 39.67 -2.15
N VAL DC 44 -94.29 39.16 -1.49
CA VAL DC 44 -94.51 39.40 -0.06
C VAL DC 44 -94.80 38.07 0.60
N VAL DC 45 -94.00 37.72 1.62
CA VAL DC 45 -94.19 36.52 2.42
C VAL DC 45 -94.44 36.95 3.86
N PRO DC 46 -95.55 36.54 4.48
CA PRO DC 46 -95.78 36.84 5.90
C PRO DC 46 -95.23 35.80 6.86
N THR DC 47 -94.40 34.86 6.38
CA THR DC 47 -93.88 33.79 7.20
C THR DC 47 -92.47 34.12 7.67
N PHE DC 48 -92.14 33.72 8.89
CA PHE DC 48 -90.82 33.96 9.46
C PHE DC 48 -89.77 33.07 8.77
N GLY DC 49 -88.51 33.27 9.16
CA GLY DC 49 -87.43 32.52 8.56
C GLY DC 49 -86.17 33.33 8.36
N LYS DC 50 -86.25 34.62 8.71
CA LYS DC 50 -85.11 35.54 8.68
C LYS DC 50 -84.48 35.62 7.30
N LYS DC 51 -85.33 35.64 6.26
CA LYS DC 51 -84.92 35.82 4.87
C LYS DC 51 -83.92 34.75 4.43
N LYS DC 52 -84.39 33.51 4.42
CA LYS DC 52 -83.57 32.37 4.04
C LYS DC 52 -83.22 32.44 2.55
N GLY DC 53 -82.11 31.80 2.18
CA GLY DC 53 -81.58 31.88 0.84
C GLY DC 53 -82.48 31.29 -0.23
N PRO DC 54 -82.27 31.71 -1.48
CA PRO DC 54 -83.18 31.30 -2.56
C PRO DC 54 -83.12 29.82 -2.90
N ASN DC 55 -82.07 29.10 -2.51
CA ASN DC 55 -81.97 27.67 -2.74
C ASN DC 55 -82.04 26.90 -1.43
N ALA DC 56 -82.93 27.33 -0.54
CA ALA DC 56 -83.06 26.73 0.77
C ALA DC 56 -83.47 25.27 0.65
N ASN DC 57 -82.77 24.42 1.40
CA ASN DC 57 -83.09 22.99 1.45
C ASN DC 57 -84.00 22.72 2.64
N SER DC 58 -85.26 23.12 2.49
CA SER DC 58 -86.26 22.98 3.55
C SER DC 58 -87.02 21.67 3.42
P A2M EC 27 -53.37 34.97 -31.09
OP1 A2M EC 27 -53.29 34.95 -32.58
O5' A2M EC 27 -53.29 33.36 -30.28
C5' A2M EC 27 -52.14 32.68 -30.44
C4' A2M EC 27 -52.02 31.61 -29.37
O4' A2M EC 27 -51.89 32.21 -28.11
C3' A2M EC 27 -53.24 30.72 -29.32
O3' A2M EC 27 -53.18 29.88 -30.43
C2' A2M EC 27 -53.11 30.13 -27.93
O2' A2M EC 27 -52.12 29.15 -27.83
C1' A2M EC 27 -52.65 31.41 -27.22
CM' A2M EC 27 -51.95 28.77 -26.50
N9 A2M EC 27 -53.67 32.22 -26.63
C8 A2M EC 27 -54.23 33.44 -26.98
N7 A2M EC 27 -55.20 33.85 -26.14
C5 A2M EC 27 -55.25 32.81 -25.21
C6 A2M EC 27 -56.02 32.57 -24.09
N6 A2M EC 27 -56.98 33.48 -23.66
N1 A2M EC 27 -55.88 31.46 -23.33
C2 A2M EC 27 -54.94 30.59 -23.74
N3 A2M EC 27 -54.12 30.64 -24.80
C4 A2M EC 27 -54.32 31.79 -25.49
OP2 A2M EC 27 -54.67 35.32 -30.45
N1 PSU EC 93 -39.65 52.64 -56.43
C2 PSU EC 93 -40.71 51.84 -56.77
N3 PSU EC 93 -41.98 52.38 -56.83
C4 PSU EC 93 -42.18 53.72 -56.55
C5 PSU EC 93 -41.10 54.51 -56.21
C6 PSU EC 93 -39.84 53.95 -56.15
O2 PSU EC 93 -40.54 50.66 -57.03
O4 PSU EC 93 -43.32 54.17 -56.62
C1' PSU EC 93 -41.28 55.97 -55.89
C2' PSU EC 93 -42.03 56.08 -54.56
O2' PSU EC 93 -42.77 57.29 -54.55
C3' PSU EC 93 -40.89 56.13 -53.56
C4' PSU EC 93 -39.86 56.98 -54.29
O3' PSU EC 93 -41.25 56.68 -52.30
O4' PSU EC 93 -40.01 56.58 -55.69
C5' PSU EC 93 -38.43 56.77 -53.87
O5' PSU EC 93 -38.06 55.41 -53.98
P PSU EC 93 -36.64 54.90 -53.51
OP1 PSU EC 93 -36.34 55.55 -52.22
OP2 PSU EC 93 -36.69 53.42 -53.58
P A2M EC 99 -35.33 42.05 -35.05
OP1 A2M EC 99 -36.44 41.25 -34.43
O5' A2M EC 99 -34.39 41.22 -36.35
C5' A2M EC 99 -33.57 40.23 -35.95
C4' A2M EC 99 -32.32 40.27 -36.80
O4' A2M EC 99 -32.67 40.62 -38.12
C3' A2M EC 99 -31.33 41.31 -36.31
O3' A2M EC 99 -30.72 40.80 -35.18
C2' A2M EC 99 -30.53 41.60 -37.57
O2' A2M EC 99 -29.63 40.57 -37.92
C1' A2M EC 99 -31.72 41.57 -38.54
CM' A2M EC 99 -28.93 40.92 -39.08
N9 A2M EC 99 -32.37 42.84 -38.75
C8 A2M EC 99 -33.63 43.34 -38.42
N7 A2M EC 99 -33.81 44.61 -38.81
C5 A2M EC 99 -32.61 44.93 -39.44
C6 A2M EC 99 -32.12 46.05 -40.07
N6 A2M EC 99 -32.88 47.20 -40.18
N1 A2M EC 99 -30.87 46.11 -40.60
C2 A2M EC 99 -30.14 44.99 -40.49
N3 A2M EC 99 -30.44 43.81 -39.92
C4 A2M EC 99 -31.70 43.84 -39.40
OP2 A2M EC 99 -34.10 42.34 -34.23
N1 PSU EC 105 -29.63 57.78 -32.35
C2 PSU EC 105 -30.70 57.66 -31.49
N3 PSU EC 105 -31.83 56.99 -31.88
C4 PSU EC 105 -31.89 56.42 -33.13
C5 PSU EC 105 -30.81 56.55 -34.00
C6 PSU EC 105 -29.68 57.23 -33.58
O2 PSU EC 105 -30.65 58.17 -30.38
O4 PSU EC 105 -32.92 55.82 -33.46
C1' PSU EC 105 -30.84 55.93 -35.37
C2' PSU EC 105 -31.84 56.62 -36.28
O2' PSU EC 105 -32.35 55.66 -37.18
C3' PSU EC 105 -30.95 57.61 -37.01
C4' PSU EC 105 -29.66 56.83 -37.18
O3' PSU EC 105 -31.49 58.06 -38.23
O4' PSU EC 105 -29.57 56.04 -35.96
C5' PSU EC 105 -28.41 57.66 -37.34
O5' PSU EC 105 -28.25 58.56 -36.25
P PSU EC 105 -26.82 59.17 -35.91
OP1 PSU EC 105 -26.28 59.77 -37.15
OP2 PSU EC 105 -26.93 60.00 -34.69
N1 PSU EC 109 -34.60 70.41 -34.37
C2 PSU EC 109 -33.29 70.08 -34.67
N3 PSU EC 109 -32.26 70.85 -34.20
C4 PSU EC 109 -32.53 71.96 -33.44
C5 PSU EC 109 -33.85 72.29 -33.14
C6 PSU EC 109 -34.88 71.49 -33.61
O2 PSU EC 109 -33.06 69.08 -35.35
O4 PSU EC 109 -31.61 72.66 -33.01
C1' PSU EC 109 -34.14 73.49 -32.29
C2' PSU EC 109 -34.09 74.78 -33.10
O2' PSU EC 109 -33.62 75.82 -32.25
C3' PSU EC 109 -35.56 74.99 -33.43
C4' PSU EC 109 -36.25 74.49 -32.17
O3' PSU EC 109 -35.88 76.32 -33.76
O4' PSU EC 109 -35.44 73.38 -31.73
C5' PSU EC 109 -37.68 74.04 -32.33
O5' PSU EC 109 -37.78 73.07 -33.36
P PSU EC 109 -39.21 72.48 -33.77
OP1 PSU EC 109 -40.15 73.60 -33.77
OP2 PSU EC 109 -39.07 71.65 -34.98
N1 OMU EC 116 -26.24 70.46 -53.81
C2 OMU EC 116 -27.49 70.04 -53.07
N3 OMU EC 116 -28.18 71.02 -52.18
C4 OMU EC 116 -27.67 72.38 -52.02
C5 OMU EC 116 -26.43 72.78 -52.75
C6 OMU EC 116 -25.75 71.80 -53.63
O2 OMU EC 116 -27.91 68.91 -53.19
O4 OMU EC 116 -28.19 73.12 -51.35
C1' OMU EC 116 -25.50 69.52 -54.68
C2' OMU EC 116 -26.03 69.44 -56.10
O2' OMU EC 116 -25.90 68.12 -56.57
CM2 OMU EC 116 -26.55 67.14 -55.84
C3' OMU EC 116 -25.06 70.37 -56.84
C4' OMU EC 116 -23.75 70.16 -56.10
O3' OMU EC 116 -24.95 70.08 -58.22
O4' OMU EC 116 -24.15 69.92 -54.73
C5' OMU EC 116 -22.79 71.32 -56.13
O5' OMU EC 116 -23.38 72.49 -55.57
P OMU EC 116 -22.49 73.71 -55.08
OP1 OMU EC 116 -21.54 74.05 -56.20
OP2 OMU EC 116 -23.42 74.76 -54.52
N1 OMU EC 121 -40.91 77.10 -62.65
C2 OMU EC 121 -39.70 77.77 -62.05
N3 OMU EC 121 -38.33 77.26 -62.36
C4 OMU EC 121 -38.17 76.11 -63.25
C5 OMU EC 121 -39.37 75.45 -63.82
C6 OMU EC 121 -40.73 75.97 -63.51
O2 OMU EC 121 -39.84 78.74 -61.32
O4 OMU EC 121 -37.13 75.72 -63.48
C1' OMU EC 121 -42.27 77.61 -62.34
C2' OMU EC 121 -42.58 78.88 -63.12
O2' OMU EC 121 -43.50 79.65 -62.36
CM2 OMU EC 121 -42.91 80.40 -61.35
C3' OMU EC 121 -43.26 78.32 -64.35
C4' OMU EC 121 -44.08 77.18 -63.77
O3' OMU EC 121 -44.04 79.26 -65.06
O4' OMU EC 121 -43.22 76.64 -62.75
C5' OMU EC 121 -44.47 76.10 -64.74
O5' OMU EC 121 -43.36 75.71 -65.53
P OMU EC 121 -43.41 74.39 -66.41
OP1 OMU EC 121 -44.55 74.51 -67.38
OP2 OMU EC 121 -42.01 74.12 -66.94
P A2M EC 159 -31.14 24.45 -78.72
OP1 A2M EC 159 -32.42 25.07 -79.21
O5' A2M EC 159 -31.28 25.25 -77.06
C5' A2M EC 159 -32.51 25.36 -76.54
C4' A2M EC 159 -32.46 25.40 -74.99
O4' A2M EC 159 -31.32 24.73 -74.52
C3' A2M EC 159 -32.43 26.83 -74.48
O3' A2M EC 159 -33.77 27.16 -74.34
C2' A2M EC 159 -31.54 26.77 -73.24
O2' A2M EC 159 -32.24 26.48 -72.06
C1' A2M EC 159 -30.66 25.55 -73.63
CM' A2M EC 159 -31.42 25.82 -71.11
N9 A2M EC 159 -29.34 25.83 -74.16
C8 A2M EC 159 -28.90 26.48 -75.31
N7 A2M EC 159 -27.56 26.52 -75.41
C5 A2M EC 159 -27.13 25.85 -74.27
C6 A2M EC 159 -25.89 25.53 -73.76
N6 A2M EC 159 -24.73 25.88 -74.42
N1 A2M EC 159 -25.73 24.85 -72.58
C2 A2M EC 159 -26.88 24.50 -71.95
N3 A2M EC 159 -28.15 24.73 -72.30
C4 A2M EC 159 -28.22 25.41 -73.48
OP2 A2M EC 159 -29.87 24.72 -79.45
P A2M EC 166 -20.44 41.49 -91.71
OP1 A2M EC 166 -19.30 42.16 -92.41
O5' A2M EC 166 -21.40 41.31 -93.25
C5' A2M EC 166 -20.95 40.41 -94.13
C4' A2M EC 166 -22.05 40.09 -95.11
O4' A2M EC 166 -22.91 39.13 -94.55
C3' A2M EC 166 -22.86 41.32 -95.38
O3' A2M EC 166 -22.07 42.11 -96.20
C2' A2M EC 166 -24.16 40.73 -95.90
O2' A2M EC 166 -24.07 40.29 -97.22
C1' A2M EC 166 -24.22 39.51 -94.94
CM' A2M EC 166 -25.20 39.54 -97.55
N9 A2M EC 166 -25.02 39.66 -93.75
C8 A2M EC 166 -24.72 39.52 -92.39
N7 A2M EC 166 -25.78 39.76 -91.59
C5 A2M EC 166 -26.79 40.07 -92.49
C6 A2M EC 166 -28.13 40.41 -92.34
N6 A2M EC 166 -28.72 40.51 -91.10
N1 A2M EC 166 -28.93 40.67 -93.41
C2 A2M EC 166 -28.34 40.56 -94.63
N3 A2M EC 166 -27.08 40.25 -94.94
C4 A2M EC 166 -26.34 40.01 -93.83
OP2 A2M EC 166 -21.13 42.21 -90.60
N1 OMU EC 172 -36.06 66.21 -81.12
C2 OMU EC 172 -36.93 65.54 -80.06
N3 OMU EC 172 -38.36 65.90 -79.95
C4 OMU EC 172 -38.94 66.90 -80.84
C5 OMU EC 172 -38.07 67.56 -81.87
C6 OMU EC 172 -36.64 67.20 -81.99
O2 OMU EC 172 -36.44 64.71 -79.32
O4 OMU EC 172 -40.04 67.17 -80.76
C1' OMU EC 172 -34.63 65.88 -81.23
C2' OMU EC 172 -34.34 64.52 -81.86
O2' OMU EC 172 -34.55 63.45 -80.97
CM2 OMU EC 172 -34.82 62.26 -81.63
C3' OMU EC 172 -32.89 64.72 -82.28
C4' OMU EC 172 -32.91 66.18 -82.77
O3' OMU EC 172 -32.08 64.65 -81.11
O4' OMU EC 172 -34.01 66.82 -82.07
C5' OMU EC 172 -33.09 66.35 -84.25
O5' OMU EC 172 -34.44 66.16 -84.66
P OMU EC 172 -34.79 65.41 -86.02
OP1 OMU EC 172 -36.29 65.18 -86.05
OP2 OMU EC 172 -34.14 66.16 -87.14
N1 OMC EC 174 -24.77 61.00 -83.77
C2 OMC EC 174 -24.37 61.28 -85.09
N3 OMC EC 174 -25.07 62.20 -85.79
C4 OMC EC 174 -26.11 62.81 -85.27
C5 OMC EC 174 -26.55 62.55 -83.94
C6 OMC EC 174 -25.84 61.64 -83.25
O2 OMC EC 174 -23.41 60.71 -85.58
N4 OMC EC 174 -26.77 63.71 -86.01
C1' OMC EC 174 -24.07 60.01 -82.91
C2' OMC EC 174 -22.73 60.53 -82.37
O2' OMC EC 174 -21.79 59.46 -82.42
CM2 OMC EC 174 -21.06 59.43 -83.63
C3' OMC EC 174 -23.09 60.86 -80.93
C4' OMC EC 174 -24.14 59.83 -80.59
O4' OMC EC 174 -24.90 59.70 -81.81
O3' OMC EC 174 -21.97 60.82 -80.05
C5' OMC EC 174 -25.07 60.20 -79.46
O5' OMC EC 174 -25.75 61.41 -79.73
P OMC EC 174 -26.78 62.03 -78.68
OP1 OMC EC 174 -26.11 61.98 -77.32
OP2 OMC EC 174 -27.29 63.36 -79.22
N1 OMU EC 293 -30.20 68.29 -26.46
C2 OMU EC 293 -31.19 67.44 -27.21
N3 OMU EC 293 -30.78 66.75 -28.47
C4 OMU EC 293 -29.42 66.92 -28.97
C5 OMU EC 293 -28.45 67.76 -28.22
C6 OMU EC 293 -28.85 68.43 -26.97
O2 OMU EC 293 -32.32 67.31 -26.79
O4 OMU EC 293 -29.12 66.40 -29.94
C1' OMU EC 293 -30.60 68.94 -25.19
C2' OMU EC 293 -30.57 67.95 -24.03
O2' OMU EC 293 -31.55 68.35 -23.08
CM2 OMU EC 293 -32.87 68.14 -23.48
C3' OMU EC 293 -29.18 68.19 -23.50
C4' OMU EC 293 -29.06 69.70 -23.61
O3' OMU EC 293 -28.97 67.70 -22.18
O4' OMU EC 293 -29.69 69.98 -24.90
C5' OMU EC 293 -27.66 70.26 -23.59
O5' OMU EC 293 -26.83 69.66 -24.58
P OMU EC 293 -25.37 70.23 -24.87
OP1 OMU EC 293 -24.70 70.54 -23.57
OP2 OMU EC 293 -24.72 69.33 -25.89
N1 PSU EC 345 -27.46 44.75 -26.16
C2 PSU EC 345 -27.62 46.11 -26.34
N3 PSU EC 345 -28.78 46.73 -25.94
C4 PSU EC 345 -29.78 45.99 -25.34
C5 PSU EC 345 -29.61 44.61 -25.16
C6 PSU EC 345 -28.43 44.02 -25.57
O2 PSU EC 345 -26.74 46.76 -26.88
O4 PSU EC 345 -30.81 46.54 -24.98
C1' PSU EC 345 -30.68 43.80 -24.51
C2' PSU EC 345 -31.81 43.50 -25.49
O2' PSU EC 345 -33.03 43.42 -24.77
C3' PSU EC 345 -31.41 42.14 -26.01
C4' PSU EC 345 -30.82 41.48 -24.78
O3' PSU EC 345 -32.48 41.39 -26.56
O4' PSU EC 345 -30.15 42.56 -24.09
C5' PSU EC 345 -29.84 40.37 -25.05
O5' PSU EC 345 -28.80 40.81 -25.90
P PSU EC 345 -27.48 39.95 -26.10
OP1 PSU EC 345 -27.88 38.59 -26.52
OP2 PSU EC 345 -26.55 40.75 -26.92
N1 OMU EC 367 -51.39 50.20 -40.52
C2 OMU EC 367 -52.16 49.00 -41.04
N3 OMU EC 367 -52.88 48.10 -40.08
C4 OMU EC 367 -52.84 48.38 -38.66
C5 OMU EC 367 -52.07 49.57 -38.16
C6 OMU EC 367 -51.35 50.46 -39.11
O2 OMU EC 367 -52.19 48.77 -42.24
O4 OMU EC 367 -53.38 47.71 -37.92
C1' OMU EC 367 -50.68 51.09 -41.45
C2' OMU EC 367 -50.31 52.44 -40.86
O2' OMU EC 367 -51.39 53.34 -40.89
CM2 OMU EC 367 -51.15 54.53 -40.21
C3' OMU EC 367 -49.13 52.83 -41.73
C4' OMU EC 367 -48.46 51.49 -42.03
O3' OMU EC 367 -49.60 53.40 -42.94
O4' OMU EC 367 -49.47 50.46 -41.78
C5' OMU EC 367 -47.22 51.18 -41.23
O5' OMU EC 367 -47.28 51.77 -39.94
P OMU EC 367 -46.45 51.14 -38.73
OP1 OMU EC 367 -45.01 51.43 -38.96
OP2 OMU EC 367 -47.11 51.56 -37.43
P OMG EC 375 -31.59 38.51 -50.78
OP1 OMG EC 375 -30.21 38.68 -51.42
OP2 OMG EC 375 -32.81 38.32 -51.67
O5' OMG EC 375 -31.50 37.27 -49.80
C5' OMG EC 375 -31.84 37.39 -48.43
C4' OMG EC 375 -31.01 36.47 -47.57
O4' OMG EC 375 -30.75 35.24 -48.29
C3' OMG EC 375 -29.63 36.98 -47.19
O3' OMG EC 375 -29.64 37.88 -46.10
C2' OMG EC 375 -28.87 35.70 -46.92
O2' OMG EC 375 -29.24 35.16 -45.67
CM2 OMG EC 375 -28.47 34.03 -45.30
C1' OMG EC 375 -29.43 34.80 -48.02
N9 OMG EC 375 -28.65 34.89 -49.26
C8 OMG EC 375 -29.06 35.46 -50.45
N7 OMG EC 375 -28.12 35.39 -51.35
C5 OMG EC 375 -27.07 34.77 -50.74
C6 OMG EC 375 -25.78 34.44 -51.24
O6 OMG EC 375 -25.33 34.63 -52.35
N1 OMG EC 375 -25.02 33.81 -50.26
C2 OMG EC 375 -25.41 33.54 -48.99
N2 OMG EC 375 -24.53 32.92 -48.20
N3 OMG EC 375 -26.60 33.84 -48.53
C4 OMG EC 375 -27.37 34.45 -49.44
N1 OMC EC 401 -30.11 22.24 -65.12
C2 OMC EC 401 -28.80 22.44 -65.59
N3 OMC EC 401 -27.80 22.47 -64.70
C4 OMC EC 401 -28.02 22.33 -63.41
C5 OMC EC 401 -29.32 22.13 -62.89
C6 OMC EC 401 -30.32 22.10 -63.79
O2 OMC EC 401 -28.60 22.57 -66.79
N4 OMC EC 401 -26.97 22.37 -62.59
C1' OMC EC 401 -31.29 22.21 -66.02
C2' OMC EC 401 -31.39 20.93 -66.84
O2' OMC EC 401 -32.01 21.24 -68.08
CM2 OMC EC 401 -31.22 22.05 -68.92
C3' OMC EC 401 -32.31 20.08 -65.98
C4' OMC EC 401 -33.27 21.11 -65.39
O4' OMC EC 401 -32.46 22.30 -65.23
O3' OMC EC 401 -32.98 19.07 -66.71
C5' OMC EC 401 -33.89 20.74 -64.07
O5' OMC EC 401 -32.88 20.41 -63.12
P OMC EC 401 -33.27 20.08 -61.61
OP1 OMC EC 401 -34.31 18.97 -61.61
OP2 OMC EC 401 -31.97 19.88 -60.83
P A2M EC 407 -21.40 29.26 -69.20
OP1 A2M EC 407 -21.30 30.58 -69.90
O5' A2M EC 407 -23.18 29.42 -68.94
C5' A2M EC 407 -23.88 29.87 -69.99
C4' A2M EC 407 -25.33 29.40 -69.87
O4' A2M EC 407 -25.33 28.01 -69.62
C3' A2M EC 407 -26.04 30.07 -68.70
O3' A2M EC 407 -26.32 31.38 -69.09
C2' A2M EC 407 -27.16 29.08 -68.44
O2' A2M EC 407 -28.17 29.11 -69.41
C1' A2M EC 407 -26.31 27.81 -68.62
CM' A2M EC 407 -29.01 27.99 -69.28
N9 A2M EC 407 -25.67 27.30 -67.44
C8 A2M EC 407 -24.33 27.09 -67.10
N7 A2M EC 407 -24.18 26.59 -65.87
C5 A2M EC 407 -25.48 26.47 -65.40
C6 A2M EC 407 -26.05 26.03 -64.22
N6 A2M EC 407 -25.28 25.56 -63.17
N1 A2M EC 407 -27.39 26.02 -64.02
C2 A2M EC 407 -28.15 26.47 -65.05
N3 A2M EC 407 -27.78 26.93 -66.25
C4 A2M EC 407 -26.42 26.91 -66.38
OP2 A2M EC 407 -20.58 29.02 -67.96
P A2M EC 423 -48.89 26.00 -32.88
OP1 A2M EC 423 -49.96 25.50 -33.81
O5' A2M EC 423 -49.30 27.75 -33.21
C5' A2M EC 423 -50.60 28.09 -33.12
C4' A2M EC 423 -50.75 29.61 -32.98
O4' A2M EC 423 -50.04 30.02 -31.83
C3' A2M EC 423 -50.21 30.35 -34.20
O3' A2M EC 423 -51.27 30.44 -35.12
C2' A2M EC 423 -49.62 31.63 -33.60
O2' A2M EC 423 -50.54 32.68 -33.48
C1' A2M EC 423 -49.23 31.11 -32.21
CM' A2M EC 423 -49.87 33.90 -33.30
N9 A2M EC 423 -47.84 30.77 -32.02
C8 A2M EC 423 -47.13 29.58 -32.15
N7 A2M EC 423 -45.82 29.72 -31.88
C5 A2M EC 423 -45.69 31.07 -31.58
C6 A2M EC 423 -44.63 31.88 -31.22
N6 A2M EC 423 -43.36 31.38 -31.09
N1 A2M EC 423 -44.78 33.20 -30.96
C2 A2M EC 423 -46.04 33.69 -31.09
N3 A2M EC 423 -47.17 33.06 -31.43
C4 A2M EC 423 -46.94 31.74 -31.66
OP2 A2M EC 423 -47.47 25.60 -33.10
P OMG EC 448 -50.66 48.53 -50.64
OP1 OMG EC 448 -50.28 48.85 -49.21
OP2 OMG EC 448 -50.65 47.05 -51.09
O5' OMG EC 448 -52.10 49.12 -50.92
C5' OMG EC 448 -52.42 50.46 -50.62
C4' OMG EC 448 -53.49 50.99 -51.54
O4' OMG EC 448 -53.08 50.80 -52.92
C3' OMG EC 448 -54.84 50.30 -51.46
O3' OMG EC 448 -55.63 50.78 -50.39
C2' OMG EC 448 -55.43 50.59 -52.83
O2' OMG EC 448 -55.87 51.94 -52.89
CM2 OMG EC 448 -56.34 52.33 -54.16
C1' OMG EC 448 -54.20 50.45 -53.71
N9 OMG EC 448 -54.01 49.07 -54.20
C8 OMG EC 448 -52.99 48.21 -53.88
N7 OMG EC 448 -53.09 47.07 -54.48
C5 OMG EC 448 -54.21 47.18 -55.24
C6 OMG EC 448 -54.83 46.23 -56.12
O6 OMG EC 448 -54.46 45.10 -56.38
N1 OMG EC 448 -55.97 46.76 -56.69
C2 OMG EC 448 -56.47 48.02 -56.46
N2 OMG EC 448 -57.59 48.34 -57.12
N3 OMG EC 448 -55.91 48.87 -55.67
C4 OMG EC 448 -54.80 48.41 -55.08
N1 OMC EC 456 -58.61 40.48 -33.40
C2 OMC EC 456 -58.47 41.88 -33.49
N3 OMC EC 456 -59.23 42.54 -34.39
C4 OMC EC 456 -60.09 41.91 -35.15
C5 OMC EC 456 -60.27 40.50 -35.09
C6 OMC EC 456 -59.50 39.84 -34.20
O2 OMC EC 456 -57.67 42.45 -32.77
N4 OMC EC 456 -60.82 42.62 -36.02
C1' OMC EC 456 -57.81 39.70 -32.45
C2' OMC EC 456 -58.38 39.75 -31.03
O2' OMC EC 456 -57.30 39.72 -30.11
CM2 OMC EC 456 -57.05 40.97 -29.52
C3' OMC EC 456 -59.17 38.45 -30.97
C4' OMC EC 456 -58.31 37.51 -31.78
O4' OMC EC 456 -57.81 38.34 -32.86
O3' OMC EC 456 -59.43 38.00 -29.66
C5' OMC EC 456 -59.02 36.31 -32.36
O5' OMC EC 456 -60.43 36.41 -32.19
P OMC EC 456 -61.42 36.17 -33.40
OP1 OMC EC 456 -61.60 37.48 -34.15
OP2 OMC EC 456 -60.93 34.94 -34.16
P A2M EC 515 -73.64 43.44 -62.03
OP1 A2M EC 515 -74.04 42.01 -61.87
O5' A2M EC 515 -72.83 43.50 -60.40
C5' A2M EC 515 -73.38 42.77 -59.43
C4' A2M EC 515 -72.57 41.49 -59.24
O4' A2M EC 515 -71.21 41.75 -59.55
C3' A2M EC 515 -72.64 40.97 -57.81
O3' A2M EC 515 -73.82 40.23 -57.71
C2' A2M EC 515 -71.28 40.30 -57.64
O2' A2M EC 515 -71.16 39.06 -58.28
C1' A2M EC 515 -70.48 41.36 -58.41
CM' A2M EC 515 -69.81 38.68 -58.35
N9 A2M EC 515 -70.16 42.56 -57.69
C8 A2M EC 515 -70.36 43.91 -57.95
N7 A2M EC 515 -69.91 44.71 -56.97
C5 A2M EC 515 -69.40 43.82 -56.04
C6 A2M EC 515 -68.80 43.97 -54.81
N6 A2M EC 515 -68.58 45.21 -54.25
N1 A2M EC 515 -68.39 42.91 -54.06
C2 A2M EC 515 -68.60 41.69 -54.61
N3 A2M EC 515 -69.17 41.36 -55.78
C4 A2M EC 515 -69.55 42.48 -56.46
OP2 A2M EC 515 -74.71 44.45 -62.27
P OMG EC 540 -69.78 29.58 0.86
OP1 OMG EC 540 -70.96 30.51 1.06
OP2 OMG EC 540 -69.33 29.19 -0.55
O5' OMG EC 540 -68.53 30.20 1.62
C5' OMG EC 540 -68.67 30.83 2.88
C4' OMG EC 540 -67.32 31.25 3.41
O4' OMG EC 540 -66.43 30.11 3.34
C3' OMG EC 540 -66.61 32.33 2.61
O3' OMG EC 540 -67.00 33.62 3.03
C2' OMG EC 540 -65.13 32.05 2.89
O2' OMG EC 540 -64.72 32.75 4.05
CM2 OMG EC 540 -63.52 32.31 4.64
C1' OMG EC 540 -65.11 30.55 3.17
N9 OMG EC 540 -64.49 29.74 2.11
C8 OMG EC 540 -65.15 28.79 1.34
N7 OMG EC 540 -64.36 28.18 0.53
C5 OMG EC 540 -63.13 28.72 0.75
C6 OMG EC 540 -61.88 28.43 0.14
O6 OMG EC 540 -61.62 27.63 -0.73
N1 OMG EC 540 -60.87 29.23 0.68
C2 OMG EC 540 -61.04 30.16 1.67
N2 OMG EC 540 -59.93 30.83 2.05
N3 OMG EC 540 -62.19 30.42 2.22
C4 OMG EC 540 -63.19 29.68 1.74
N1 OMU EC 566 -67.85 2.74 4.47
C2 OMU EC 566 -68.62 1.81 3.56
N3 OMU EC 566 -67.88 0.75 2.80
C4 OMU EC 566 -66.44 0.64 2.94
C5 OMU EC 566 -65.70 1.57 3.86
C6 OMU EC 566 -66.43 2.62 4.61
O2 OMU EC 566 -69.83 1.92 3.44
O4 OMU EC 566 -65.87 -0.16 2.38
C1' OMU EC 566 -68.57 3.79 5.22
C2' OMU EC 566 -68.13 3.90 6.67
O2' OMU EC 566 -68.80 2.97 7.50
CM2 OMU EC 566 -68.36 3.02 8.83
C3' OMU EC 566 -68.46 5.36 6.96
C4' OMU EC 566 -68.03 6.03 5.66
O3' OMU EC 566 -69.87 5.49 7.11
O4' OMU EC 566 -68.27 5.05 4.63
C5' OMU EC 566 -66.58 6.44 5.62
O5' OMU EC 566 -66.05 6.71 6.91
P OMU EC 566 -64.76 5.95 7.44
OP1 OMU EC 566 -64.08 6.83 8.45
OP2 OMU EC 566 -65.16 4.55 7.80
P OMG EC 583 -70.69 38.83 -27.31
OP1 OMG EC 583 -71.63 39.95 -26.90
OP2 OMG EC 583 -69.73 39.05 -28.49
O5' OMG EC 583 -69.82 38.41 -26.05
C5' OMG EC 583 -70.37 38.48 -24.74
C4' OMG EC 583 -70.70 37.12 -24.20
O4' OMG EC 583 -70.80 36.15 -25.27
C3' OMG EC 583 -69.68 36.50 -23.27
O3' OMG EC 583 -69.71 37.05 -21.96
C2' OMG EC 583 -70.04 35.02 -23.31
O2' OMG EC 583 -71.19 34.77 -22.53
CM2 OMG EC 583 -71.67 33.45 -22.61
C1' OMG EC 583 -70.44 34.87 -24.79
N9 OMG EC 583 -69.33 34.36 -25.61
C8 OMG EC 583 -68.70 35.02 -26.63
N7 OMG EC 583 -67.76 34.30 -27.18
C5 OMG EC 583 -67.77 33.12 -26.49
C6 OMG EC 583 -66.97 31.96 -26.65
O6 OMG EC 583 -66.07 31.76 -27.45
N1 OMG EC 583 -67.33 30.98 -25.73
C2 OMG EC 583 -68.31 31.09 -24.80
N2 OMG EC 583 -68.49 30.02 -24.01
N3 OMG EC 583 -69.05 32.15 -24.66
C4 OMG EC 583 -68.75 33.13 -25.52
N1 PSU EC 588 -52.11 34.14 -18.05
C2 PSU EC 588 -52.55 35.08 -18.97
N3 PSU EC 588 -51.79 35.39 -20.07
C4 PSU EC 588 -50.58 34.77 -20.24
C5 PSU EC 588 -50.14 33.83 -19.32
C6 PSU EC 588 -50.93 33.51 -18.22
O2 PSU EC 588 -53.63 35.63 -18.81
O4 PSU EC 588 -49.88 35.04 -21.21
C1' PSU EC 588 -48.81 33.15 -19.54
C2' PSU EC 588 -47.69 34.05 -19.04
O2' PSU EC 588 -46.56 33.85 -19.88
C3' PSU EC 588 -47.43 33.48 -17.66
C4' PSU EC 588 -47.63 31.99 -17.89
O3' PSU EC 588 -46.16 33.80 -17.14
O4' PSU EC 588 -48.74 31.94 -18.83
C5' PSU EC 588 -47.95 31.16 -16.68
O5' PSU EC 588 -49.12 31.61 -16.02
P PSU EC 588 -50.00 30.62 -15.15
OP1 PSU EC 588 -49.17 30.02 -14.08
OP2 PSU EC 588 -51.25 31.34 -14.81
N1 PSU EC 590 -48.75 40.07 -16.05
C2 PSU EC 590 -50.12 40.16 -15.97
N3 PSU EC 590 -50.78 41.23 -16.52
C4 PSU EC 590 -50.07 42.23 -17.15
C5 PSU EC 590 -48.68 42.15 -17.20
C6 PSU EC 590 -48.05 41.05 -16.65
O2 PSU EC 590 -50.75 39.26 -15.43
O4 PSU EC 590 -50.65 43.20 -17.63
C1' PSU EC 590 -47.89 43.22 -17.87
C2' PSU EC 590 -47.69 44.43 -16.95
O2' PSU EC 590 -47.63 45.60 -17.75
C3' PSU EC 590 -46.33 44.13 -16.33
C4' PSU EC 590 -45.59 43.46 -17.49
O3' PSU EC 590 -45.66 45.28 -15.86
O4' PSU EC 590 -46.61 42.71 -18.19
C5' PSU EC 590 -44.47 42.53 -17.10
O5' PSU EC 590 -44.94 41.48 -16.29
P PSU EC 590 -44.13 40.12 -16.16
OP1 PSU EC 590 -42.74 40.47 -15.75
OP2 PSU EC 590 -44.88 39.12 -15.38
P A2M EC 607 -35.04 40.66 16.55
OP1 A2M EC 607 -34.05 39.57 16.70
O5' A2M EC 607 -36.39 40.34 15.40
C5' A2M EC 607 -37.11 41.39 15.01
C4' A2M EC 607 -38.30 40.88 14.25
O4' A2M EC 607 -39.34 41.78 14.46
C3' A2M EC 607 -38.00 40.81 12.78
O3' A2M EC 607 -37.36 39.60 12.59
C2' A2M EC 607 -39.38 40.99 12.16
O2' A2M EC 607 -39.98 39.76 11.88
C1' A2M EC 607 -40.13 41.68 13.32
CM' A2M EC 607 -41.28 39.96 11.40
N9 A2M EC 607 -40.70 42.97 13.06
C8 A2M EC 607 -40.19 44.14 12.51
N7 A2M EC 607 -41.10 45.13 12.49
C5 A2M EC 607 -42.22 44.56 13.05
C6 A2M EC 607 -43.49 45.00 13.32
N6 A2M EC 607 -43.89 46.29 13.02
N1 A2M EC 607 -44.44 44.23 13.89
C2 A2M EC 607 -44.04 42.97 14.18
N3 A2M EC 607 -42.87 42.37 14.00
C4 A2M EC 607 -42.00 43.22 13.43
OP2 A2M EC 607 -34.66 41.91 15.80
N1 PSU EC 620 -22.24 68.21 -1.53
C2 PSU EC 620 -22.05 68.50 -0.20
N3 PSU EC 620 -23.05 68.24 0.71
C4 PSU EC 620 -24.24 67.72 0.27
C5 PSU EC 620 -24.42 67.44 -1.07
C6 PSU EC 620 -23.41 67.70 -1.96
O2 PSU EC 620 -20.99 68.96 0.17
O4 PSU EC 620 -25.13 67.50 1.09
C1' PSU EC 620 -25.72 66.86 -1.55
C2' PSU EC 620 -26.81 67.93 -1.57
O2' PSU EC 620 -28.04 67.30 -1.25
C3' PSU EC 620 -26.79 68.36 -3.02
C4' PSU EC 620 -26.53 67.04 -3.74
O3' PSU EC 620 -28.00 68.97 -3.44
O4' PSU EC 620 -25.59 66.37 -2.86
C5' PSU EC 620 -25.94 67.18 -5.11
O5' PSU EC 620 -24.92 68.16 -5.14
P PSU EC 620 -23.86 68.20 -6.32
OP1 PSU EC 620 -24.56 68.58 -7.55
OP2 PSU EC 620 -22.74 69.00 -5.80
P OMG EC 622 -29.85 74.37 0.13
OP1 OMG EC 622 -31.30 74.52 -0.29
OP2 OMG EC 622 -28.73 74.42 -0.91
O5' OMG EC 622 -29.53 75.49 1.22
C5' OMG EC 622 -28.24 76.04 1.34
C4' OMG EC 622 -27.79 76.07 2.78
O4' OMG EC 622 -26.83 74.99 3.00
C3' OMG EC 622 -27.05 77.34 3.21
O3' OMG EC 622 -27.92 78.31 3.75
C2' OMG EC 622 -26.02 76.83 4.21
O2' OMG EC 622 -26.63 76.61 5.48
CM2 OMG EC 622 -25.69 76.50 6.53
C1' OMG EC 622 -25.67 75.48 3.62
N9 OMG EC 622 -24.62 75.57 2.59
C8 OMG EC 622 -24.75 75.25 1.26
N7 OMG EC 622 -23.65 75.44 0.61
C5 OMG EC 622 -22.76 75.88 1.53
C6 OMG EC 622 -21.39 76.25 1.40
O6 OMG EC 622 -20.70 76.25 0.39
N1 OMG EC 622 -20.86 76.66 2.62
C2 OMG EC 622 -21.53 76.71 3.80
N2 OMG EC 622 -20.83 77.13 4.87
N3 OMG EC 622 -22.78 76.37 3.93
C4 OMG EC 622 -23.34 75.98 2.78
N1 PSU EC 625 -27.51 88.32 4.44
C2 PSU EC 625 -26.38 88.61 3.73
N3 PSU EC 625 -25.77 89.84 3.87
C4 PSU EC 625 -26.30 90.77 4.72
C5 PSU EC 625 -27.45 90.47 5.43
C6 PSU EC 625 -28.04 89.23 5.28
O2 PSU EC 625 -25.90 87.78 2.97
O4 PSU EC 625 -25.76 91.87 4.84
C1' PSU EC 625 -28.05 91.48 6.37
C2' PSU EC 625 -28.78 92.57 5.58
O2' PSU EC 625 -28.65 93.79 6.28
C3' PSU EC 625 -30.21 92.07 5.65
C4' PSU EC 625 -30.29 91.47 7.04
O3' PSU EC 625 -31.18 93.07 5.44
O4' PSU EC 625 -28.98 90.86 7.23
C5' PSU EC 625 -31.37 90.44 7.24
O5' PSU EC 625 -31.30 89.42 6.27
P PSU EC 625 -32.27 88.15 6.34
OP1 PSU EC 625 -33.66 88.65 6.40
OP2 PSU EC 625 -31.85 87.22 5.28
N1 OMU EC 670 -24.26 91.36 -12.76
C2 OMU EC 670 -23.71 90.03 -12.29
N3 OMU EC 670 -24.27 89.38 -11.07
C4 OMU EC 670 -25.32 90.05 -10.32
C5 OMU EC 670 -25.84 91.37 -10.78
C6 OMU EC 670 -25.28 92.02 -11.99
O2 OMU EC 670 -22.83 89.47 -12.92
O4 OMU EC 670 -25.75 89.56 -9.38
C1' OMU EC 670 -23.71 92.04 -13.96
C2' OMU EC 670 -24.07 91.34 -15.27
O2' OMU EC 670 -22.95 91.43 -16.14
CM2 OMU EC 670 -21.81 90.75 -15.70
C3' OMU EC 670 -25.22 92.19 -15.78
C4' OMU EC 670 -24.85 93.58 -15.29
O3' OMU EC 670 -25.37 92.14 -17.19
O4' OMU EC 670 -24.25 93.34 -14.00
C5' OMU EC 670 -25.99 94.55 -15.14
O5' OMU EC 670 -25.82 95.39 -14.01
P OMU EC 670 -27.06 96.03 -13.26
OP1 OMU EC 670 -28.02 96.54 -14.30
OP2 OMU EC 670 -27.54 95.03 -12.22
N1 PSU EC 672 -30.16 86.20 -13.08
C2 PSU EC 672 -30.37 85.85 -11.76
N3 PSU EC 672 -29.86 84.68 -11.28
C4 PSU EC 672 -29.14 83.85 -12.10
C5 PSU EC 672 -28.95 84.20 -13.43
C6 PSU EC 672 -29.46 85.40 -13.90
O2 PSU EC 672 -31.01 86.59 -11.02
O4 PSU EC 672 -28.69 82.79 -11.67
C1' PSU EC 672 -28.16 83.30 -14.34
C2' PSU EC 672 -29.01 82.11 -14.78
O2' PSU EC 672 -28.16 81.01 -14.97
C3' PSU EC 672 -29.57 82.61 -16.10
C4' PSU EC 672 -28.39 83.39 -16.67
O3' PSU EC 672 -29.99 81.57 -16.97
O4' PSU EC 672 -27.79 84.01 -15.51
C5' PSU EC 672 -28.73 84.44 -17.69
O5' PSU EC 672 -27.71 84.56 -18.66
P PSU EC 672 -27.39 85.96 -19.34
OP1 PSU EC 672 -27.30 85.77 -20.80
OP2 PSU EC 672 -28.32 86.98 -18.79
N1 PSU EC 685 -54.39 62.83 -32.64
C2 PSU EC 685 -53.56 63.32 -31.65
N3 PSU EC 685 -53.02 62.46 -30.71
C4 PSU EC 685 -53.30 61.12 -30.78
C5 PSU EC 685 -54.14 60.63 -31.77
C6 PSU EC 685 -54.67 61.52 -32.70
O2 PSU EC 685 -53.31 64.53 -31.60
O4 PSU EC 685 -52.81 60.36 -29.95
C1' PSU EC 685 -54.48 59.17 -31.89
C2' PSU EC 685 -55.38 58.73 -30.74
O2' PSU EC 685 -55.11 57.37 -30.45
C3' PSU EC 685 -56.75 58.88 -31.39
C4' PSU EC 685 -56.50 58.44 -32.81
O3' PSU EC 685 -57.77 58.12 -30.74
O4' PSU EC 685 -55.16 58.93 -33.09
C5' PSU EC 685 -57.45 58.99 -33.83
O5' PSU EC 685 -57.50 60.41 -33.78
P PSU EC 685 -58.24 61.26 -34.90
OP1 PSU EC 685 -59.63 60.76 -35.03
OP2 PSU EC 685 -57.99 62.67 -34.55
N1 PSU EC 734 -35.43 86.35 -5.62
C2 PSU EC 734 -35.02 85.74 -6.78
N3 PSU EC 734 -35.04 84.36 -6.88
C4 PSU EC 734 -35.50 83.62 -5.82
C5 PSU EC 734 -35.91 84.24 -4.66
C6 PSU EC 734 -35.87 85.63 -4.58
O2 PSU EC 734 -34.62 86.40 -7.73
O4 PSU EC 734 -35.52 82.39 -5.92
C1' PSU EC 734 -36.41 83.43 -3.50
C2' PSU EC 734 -35.26 82.80 -2.72
O2' PSU EC 734 -35.68 81.56 -2.20
C3' PSU EC 734 -35.07 83.81 -1.59
C4' PSU EC 734 -36.49 84.26 -1.31
O3' PSU EC 734 -34.44 83.28 -0.45
O4' PSU EC 734 -37.13 84.26 -2.61
C5' PSU EC 734 -36.63 85.63 -0.69
O5' PSU EC 734 -35.92 86.60 -1.45
P PSU EC 734 -36.02 88.15 -1.11
OP1 PSU EC 734 -35.73 88.37 0.32
OP2 PSU EC 734 -35.25 88.87 -2.14
N1 PSU EC 737 -25.37 86.00 -6.26
C2 PSU EC 737 -25.93 87.11 -6.86
N3 PSU EC 737 -25.53 87.49 -8.11
C4 PSU EC 737 -24.55 86.78 -8.77
C5 PSU EC 737 -23.99 85.67 -8.15
C6 PSU EC 737 -24.41 85.29 -6.89
O2 PSU EC 737 -26.80 87.76 -6.28
O4 PSU EC 737 -24.18 87.11 -9.88
C1' PSU EC 737 -22.93 84.87 -8.86
C2' PSU EC 737 -21.56 85.54 -8.78
O2' PSU EC 737 -20.89 85.36 -10.01
C3' PSU EC 737 -20.89 84.73 -7.67
C4' PSU EC 737 -21.46 83.35 -7.86
O3' PSU EC 737 -19.47 84.75 -7.74
O4' PSU EC 737 -22.82 83.59 -8.28
C5' PSU EC 737 -21.44 82.47 -6.64
O5' PSU EC 737 -22.18 83.06 -5.58
P PSU EC 737 -22.48 82.25 -4.23
OP1 PSU EC 737 -21.20 81.64 -3.82
OP2 PSU EC 737 -23.19 83.16 -3.30
P OMG EC 738 -18.59 84.87 -6.41
OP1 OMG EC 738 -17.55 83.76 -6.42
OP2 OMG EC 738 -19.55 85.00 -5.23
O5' OMG EC 738 -17.86 86.27 -6.57
C5' OMG EC 738 -18.62 87.47 -6.64
C4' OMG EC 738 -18.31 88.26 -7.88
O4' OMG EC 738 -19.44 88.19 -8.78
C3' OMG EC 738 -18.04 89.74 -7.65
O3' OMG EC 738 -16.65 90.03 -7.65
C2' OMG EC 738 -18.80 90.46 -8.77
O2' OMG EC 738 -17.99 90.60 -9.92
CM2 OMG EC 738 -18.62 91.32 -10.95
C1' OMG EC 738 -19.91 89.47 -9.08
N9 OMG EC 738 -21.17 89.70 -8.36
C8 OMG EC 738 -21.75 88.90 -7.40
N7 OMG EC 738 -22.88 89.35 -6.98
C5 OMG EC 738 -23.08 90.51 -7.69
C6 OMG EC 738 -24.15 91.44 -7.65
O6 OMG EC 738 -25.16 91.41 -6.97
N1 OMG EC 738 -23.94 92.47 -8.55
C2 OMG EC 738 -22.86 92.62 -9.37
N2 OMG EC 738 -22.85 93.69 -10.16
N3 OMG EC 738 -21.87 91.76 -9.40
C4 OMG EC 738 -22.03 90.73 -8.56
N1 PSU EC 837 -2.77 10.32 44.73
C2 PSU EC 837 -3.10 11.04 45.85
N3 PSU EC 837 -2.74 12.37 45.96
C4 PSU EC 837 -2.06 12.97 44.92
C5 PSU EC 837 -1.73 12.24 43.79
C6 PSU EC 837 -2.11 10.91 43.72
O2 PSU EC 837 -3.71 10.50 46.77
O4 PSU EC 837 -1.75 14.16 45.01
C1' PSU EC 837 -0.99 12.88 42.65
C2' PSU EC 837 0.50 12.97 42.98
O2' PSU EC 837 1.03 14.12 42.34
C3' PSU EC 837 1.03 11.71 42.30
C4' PSU EC 837 0.17 11.62 41.06
O3' PSU EC 837 2.41 11.77 42.00
O4' PSU EC 837 -1.13 12.10 41.49
C5' PSU EC 837 0.02 10.23 40.47
O5' PSU EC 837 -0.53 9.33 41.41
P PSU EC 837 -0.82 7.81 41.03
OP1 PSU EC 837 0.29 7.30 40.20
OP2 PSU EC 837 -1.18 7.10 42.27
N1 PSU EC 875 3.71 57.86 39.47
C2 PSU EC 875 4.32 57.35 38.35
N3 PSU EC 875 5.67 57.54 38.13
C4 PSU EC 875 6.41 58.25 39.05
C5 PSU EC 875 5.79 58.77 40.17
C6 PSU EC 875 4.43 58.55 40.37
O2 PSU EC 875 3.65 56.71 37.54
O4 PSU EC 875 7.61 58.43 38.86
C1' PSU EC 875 6.59 59.55 41.17
C2' PSU EC 875 6.77 60.99 40.68
O2' PSU EC 875 8.02 61.47 41.16
C3' PSU EC 875 5.61 61.69 41.36
C4' PSU EC 875 5.53 60.97 42.70
O3' PSU EC 875 5.79 63.09 41.50
O4' PSU EC 875 5.88 59.60 42.39
C5' PSU EC 875 4.18 60.99 43.36
O5' PSU EC 875 3.19 60.50 42.47
P PSU EC 875 1.70 60.25 42.96
OP1 PSU EC 875 1.48 61.51 43.70
OP2 PSU EC 875 0.88 59.86 41.80
P A2M EC 902 -3.99 53.46 6.82
OP1 A2M EC 902 -2.69 52.72 6.68
O5' A2M EC 902 -4.29 54.19 8.44
C5' A2M EC 902 -3.41 55.11 8.86
C4' A2M EC 902 -3.84 55.65 10.21
O4' A2M EC 902 -4.99 56.44 10.04
C3' A2M EC 902 -4.22 54.52 11.15
O3' A2M EC 902 -3.05 53.94 11.62
C2' A2M EC 902 -5.15 55.24 12.10
O2' A2M EC 902 -4.50 56.13 12.98
C1' A2M EC 902 -5.89 56.04 11.03
CM' A2M EC 902 -5.42 56.98 13.57
N9 A2M EC 902 -7.00 55.38 10.43
C8 A2M EC 902 -7.21 54.81 9.18
N7 A2M EC 902 -8.43 54.28 9.03
C5 A2M EC 902 -9.02 54.52 10.26
C6 A2M EC 902 -10.27 54.25 10.80
N6 A2M EC 902 -11.24 53.58 10.07
N1 A2M EC 902 -10.62 54.59 12.05
C2 A2M EC 902 -9.66 55.24 12.76
N3 A2M EC 902 -8.42 55.58 12.41
C4 A2M EC 902 -8.16 55.20 11.14
OP2 A2M EC 902 -5.27 52.69 6.86
N1 PSU EC 916 4.78 33.07 34.58
C2 PSU EC 916 3.58 33.73 34.43
N3 PSU EC 916 2.80 34.00 35.53
C4 PSU EC 916 3.22 33.61 36.77
C5 PSU EC 916 4.42 32.94 36.93
C6 PSU EC 916 5.19 32.68 35.80
O2 PSU EC 916 3.21 34.06 33.31
O4 PSU EC 916 2.51 33.85 37.75
C1' PSU EC 916 4.91 32.51 38.28
C2' PSU EC 916 4.06 31.35 38.80
O2' PSU EC 916 4.01 31.43 40.22
C3' PSU EC 916 4.89 30.16 38.38
C4' PSU EC 916 6.31 30.65 38.58
O3' PSU EC 916 4.61 28.99 39.12
O4' PSU EC 916 6.24 32.05 38.19
C5' PSU EC 916 7.39 29.95 37.79
O5' PSU EC 916 6.84 29.25 36.68
P PSU EC 916 7.66 29.12 35.33
OP1 PSU EC 916 9.07 29.47 35.61
OP2 PSU EC 916 7.35 27.83 34.68
N1 PSU EC 917 2.14 30.75 35.01
C2 PSU EC 917 1.47 31.28 33.93
N3 PSU EC 917 0.23 31.87 34.10
C4 PSU EC 917 -0.33 31.91 35.36
C5 PSU EC 917 0.34 31.36 36.43
C6 PSU EC 917 1.60 30.78 36.23
O2 PSU EC 917 1.98 31.24 32.82
O4 PSU EC 917 -1.44 32.42 35.50
C1' PSU EC 917 -0.22 31.40 37.81
C2' PSU EC 917 -1.42 30.46 38.03
O2' PSU EC 917 -2.33 31.09 38.92
C3' PSU EC 917 -0.76 29.25 38.68
C4' PSU EC 917 0.36 29.88 39.51
O3' PSU EC 917 -1.65 28.50 39.47
O4' PSU EC 917 0.79 31.02 38.73
C5' PSU EC 917 1.54 28.98 39.77
O5' PSU EC 917 2.18 28.62 38.55
P PSU EC 917 3.59 27.90 38.54
OP1 PSU EC 917 3.46 26.80 39.53
OP2 PSU EC 917 3.98 27.61 37.14
N1 PSU EC 927 -16.57 7.93 34.94
C2 PSU EC 927 -16.85 8.12 33.60
N3 PSU EC 927 -17.93 8.88 33.23
C4 PSU EC 927 -18.73 9.44 34.19
C5 PSU EC 927 -18.46 9.23 35.54
C6 PSU EC 927 -17.35 8.47 35.89
O2 PSU EC 927 -16.12 7.63 32.74
O4 PSU EC 927 -19.70 10.12 33.85
C1' PSU EC 927 -19.33 9.84 36.59
C2' PSU EC 927 -20.68 9.15 36.75
O2' PSU EC 927 -21.66 10.14 37.01
C3' PSU EC 927 -20.45 8.29 37.99
C4' PSU EC 927 -19.51 9.13 38.82
O3' PSU EC 927 -21.65 7.97 38.68
O4' PSU EC 927 -18.67 9.79 37.84
C5' PSU EC 927 -18.67 8.38 39.82
O5' PSU EC 927 -18.09 7.23 39.23
P PSU EC 927 -16.94 6.42 39.98
OP1 PSU EC 927 -17.49 5.96 41.27
OP2 PSU EC 927 -16.32 5.42 39.07
N1 PSU EC 952 -11.80 43.61 14.42
C2 PSU EC 952 -11.49 43.29 15.72
N3 PSU EC 952 -11.72 42.03 16.20
C4 PSU EC 952 -12.27 41.09 15.37
C5 PSU EC 952 -12.60 41.40 14.06
C6 PSU EC 952 -12.34 42.68 13.60
O2 PSU EC 952 -11.00 44.13 16.46
O4 PSU EC 952 -12.48 39.96 15.81
C1' PSU EC 952 -13.19 40.36 13.17
C2' PSU EC 952 -14.65 40.03 13.49
O2' PSU EC 952 -14.78 38.62 13.60
C3' PSU EC 952 -15.38 40.53 12.24
C4' PSU EC 952 -14.35 40.35 11.14
O3' PSU EC 952 -16.58 39.81 11.97
O4' PSU EC 952 -13.10 40.68 11.80
C5' PSU EC 952 -14.54 41.20 9.92
O5' PSU EC 952 -14.68 42.56 10.24
P PSU EC 952 -13.58 43.61 9.76
OP1 PSU EC 952 -13.60 43.59 8.28
OP2 PSU EC 952 -13.68 44.90 10.45
N1 PSU EC 1045 -17.68 32.12 -5.31
C2 PSU EC 1045 -18.04 33.44 -5.26
N3 PSU EC 1045 -18.40 34.10 -6.40
C4 PSU EC 1045 -18.42 33.42 -7.60
C5 PSU EC 1045 -18.07 32.09 -7.65
C6 PSU EC 1045 -17.69 31.45 -6.47
O2 PSU EC 1045 -18.02 34.04 -4.18
O4 PSU EC 1045 -18.75 34.01 -8.64
C1' PSU EC 1045 -18.08 31.35 -8.96
C2' PSU EC 1045 -16.79 31.63 -9.71
O2' PSU EC 1045 -17.06 31.57 -11.10
C3' PSU EC 1045 -15.92 30.46 -9.28
C4' PSU EC 1045 -16.93 29.32 -9.23
O3' PSU EC 1045 -14.83 30.20 -10.12
O4' PSU EC 1045 -18.14 29.96 -8.74
C5' PSU EC 1045 -16.57 28.16 -8.34
O5' PSU EC 1045 -16.31 28.61 -7.02
P PSU EC 1045 -16.19 27.58 -5.81
OP1 PSU EC 1045 -15.29 26.49 -6.25
OP2 PSU EC 1045 -15.87 28.36 -4.61
N1 PSU EC 1048 -9.59 37.89 -5.27
C2 PSU EC 1048 -9.86 37.33 -4.05
N3 PSU EC 1048 -9.92 38.13 -2.93
C4 PSU EC 1048 -9.69 39.47 -3.04
C5 PSU EC 1048 -9.39 40.03 -4.27
C6 PSU EC 1048 -9.36 39.21 -5.39
O2 PSU EC 1048 -10.07 36.13 -3.95
O4 PSU EC 1048 -9.72 40.18 -2.04
C1' PSU EC 1048 -9.14 41.50 -4.42
C2' PSU EC 1048 -7.77 41.90 -3.88
O2' PSU EC 1048 -7.87 43.22 -3.36
C3' PSU EC 1048 -6.93 41.88 -5.15
C4' PSU EC 1048 -7.90 42.40 -6.19
O3' PSU EC 1048 -5.75 42.66 -5.05
O4' PSU EC 1048 -9.18 41.84 -5.79
C5' PSU EC 1048 -7.60 42.00 -7.62
O5' PSU EC 1048 -7.41 40.60 -7.74
P PSU EC 1048 -7.40 39.91 -9.16
OP1 PSU EC 1048 -6.41 40.67 -9.95
OP2 PSU EC 1048 -7.26 38.45 -8.99
N1 PSU EC 1103 -58.16 -19.08 41.42
C2 PSU EC 1103 -57.09 -18.20 41.29
N3 PSU EC 1103 -57.30 -16.85 41.38
C4 PSU EC 1103 -58.56 -16.36 41.60
C5 PSU EC 1103 -59.63 -17.23 41.73
C6 PSU EC 1103 -59.40 -18.60 41.63
O2 PSU EC 1103 -55.96 -18.65 41.10
O4 PSU EC 1103 -58.74 -15.15 41.68
C1' PSU EC 1103 -61.01 -16.70 41.97
C2' PSU EC 1103 -61.64 -16.27 40.64
O2' PSU EC 1103 -62.49 -15.17 40.88
C3' PSU EC 1103 -62.45 -17.51 40.28
C4' PSU EC 1103 -62.94 -17.98 41.63
O3' PSU EC 1103 -63.51 -17.25 39.37
O4' PSU EC 1103 -61.84 -17.70 42.53
C5' PSU EC 1103 -63.32 -19.44 41.72
O5' PSU EC 1103 -62.27 -20.27 41.26
P PSU EC 1103 -62.31 -21.84 41.49
OP1 PSU EC 1103 -63.61 -22.43 41.12
OP2 PSU EC 1103 -61.07 -22.40 40.91
N1 PSU EC 1115 -65.47 -13.38 27.43
C2 PSU EC 1115 -65.87 -13.04 28.69
N3 PSU EC 1115 -66.74 -11.99 28.89
C4 PSU EC 1115 -67.23 -11.29 27.79
C5 PSU EC 1115 -66.82 -11.65 26.52
C6 PSU EC 1115 -65.93 -12.70 26.35
O2 PSU EC 1115 -65.43 -13.65 29.66
O4 PSU EC 1115 -68.01 -10.36 27.96
C1' PSU EC 1115 -67.34 -10.90 25.32
C2' PSU EC 1115 -66.54 -9.62 25.08
O2' PSU EC 1115 -67.43 -8.65 24.54
C3' PSU EC 1115 -65.55 -10.08 24.02
C4' PSU EC 1115 -66.34 -11.08 23.20
O3' PSU EC 1115 -65.04 -9.03 23.23
O4' PSU EC 1115 -67.21 -11.72 24.17
C5' PSU EC 1115 -65.54 -12.11 22.48
O5' PSU EC 1115 -64.86 -12.97 23.38
P PSU EC 1115 -64.24 -14.35 22.90
OP1 PSU EC 1115 -63.41 -14.04 21.71
OP2 PSU EC 1115 -63.63 -15.02 24.08
O5' B8N EC 1119 -52.63 1.08 32.65
C5' B8N EC 1119 -53.00 0.18 33.68
C4' B8N EC 1119 -52.65 0.72 35.04
O4' B8N EC 1119 -51.57 1.67 34.89
C3' B8N EC 1119 -53.75 1.50 35.73
O3' B8N EC 1119 -54.63 0.67 36.44
C2' B8N EC 1119 -52.98 2.47 36.63
O2' B8N EC 1119 -52.62 1.82 37.84
C1' B8N EC 1119 -51.71 2.72 35.83
C5 B8N EC 1119 -51.68 4.10 35.05
C6 B8N EC 1119 -52.28 4.13 33.76
N1 B8N EC 1119 -52.17 5.52 33.05
C2 B8N EC 1119 -51.45 6.70 33.76
N3 B8N EC 1119 -50.88 6.55 35.04
C4 B8N EC 1119 -50.96 5.44 35.64
C34 B8N EC 1119 -49.71 10.30 34.67
CN1 B8N EC 1119 -52.75 5.72 31.72
N34 B8N EC 1119 -47.34 9.79 34.49
O2 B8N EC 1119 -51.39 7.75 33.19
O4 B8N EC 1119 -50.45 5.40 36.72
OP1 B8N EC 1119 -54.77 2.07 31.79
OP2 B8N EC 1119 -52.70 1.75 30.23
P B8N EC 1119 -53.57 1.27 31.37
C31 B8N EC 1119 -50.22 7.69 35.70
C32 B8N EC 1119 -48.87 7.99 35.03
C33 B8N EC 1119 -48.55 9.47 35.22
O36 B8N EC 1119 -49.98 10.27 33.44
O35 B8N EC 1119 -50.41 11.02 35.44
N1 OMC EC 1143 -89.84 -23.45 14.10
C2 OMC EC 1143 -89.20 -22.40 14.81
N3 OMC EC 1143 -88.07 -21.88 14.30
C4 OMC EC 1143 -87.54 -22.33 13.17
C5 OMC EC 1143 -88.14 -23.38 12.43
C6 OMC EC 1143 -89.27 -23.90 12.95
O2 OMC EC 1143 -89.69 -21.98 15.84
N4 OMC EC 1143 -86.43 -21.77 12.72
C1' OMC EC 1143 -91.08 -24.11 14.57
C2' OMC EC 1143 -92.32 -23.21 14.41
O2' OMC EC 1143 -93.20 -23.50 15.48
CM2 OMC EC 1143 -93.47 -22.38 16.30
C3' OMC EC 1143 -92.90 -23.74 13.10
C4' OMC EC 1143 -92.60 -25.22 13.18
O4' OMC EC 1143 -91.29 -25.28 13.80
O3' OMC EC 1143 -94.28 -23.48 12.94
C5' OMC EC 1143 -92.59 -25.95 11.86
O5' OMC EC 1143 -91.72 -27.07 11.90
P OMC EC 1143 -90.60 -27.27 10.80
OP1 OMC EC 1143 -91.25 -27.87 9.55
OP2 OMC EC 1143 -89.82 -25.97 10.68
N1 OMU EC 1159 -105.26 -26.33 3.89
C2 OMU EC 1159 -106.08 -27.12 4.89
N3 OMU EC 1159 -106.72 -28.40 4.47
C4 OMU EC 1159 -106.55 -28.88 3.11
C5 OMU EC 1159 -105.75 -28.09 2.13
C6 OMU EC 1159 -105.12 -26.82 2.55
O2 OMU EC 1159 -106.22 -26.73 6.04
O4 OMU EC 1159 -107.05 -29.85 2.78
C1' OMU EC 1159 -104.61 -25.05 4.26
C2' OMU EC 1159 -103.48 -25.25 5.28
O2' OMU EC 1159 -103.45 -24.11 6.14
CM2 OMU EC 1159 -104.54 -24.03 6.99
C3' OMU EC 1159 -102.26 -25.28 4.38
C4' OMU EC 1159 -102.61 -24.29 3.30
O3' OMU EC 1159 -101.06 -24.96 5.05
O4' OMU EC 1159 -104.04 -24.49 3.10
C5' OMU EC 1159 -101.88 -24.46 1.99
O5' OMU EC 1159 -102.63 -25.26 1.08
P OMU EC 1159 -102.61 -24.95 -0.49
OP1 OMU EC 1159 -101.18 -24.76 -0.91
OP2 OMU EC 1159 -103.46 -26.00 -1.16
N1 OMU EC 1197 -77.22 -9.83 26.02
C2 OMU EC 1197 -76.36 -10.29 27.17
N3 OMU EC 1197 -76.73 -9.94 28.58
C4 OMU EC 1197 -77.93 -9.15 28.83
C5 OMU EC 1197 -78.77 -8.70 27.69
C6 OMU EC 1197 -78.40 -9.05 26.29
O2 OMU EC 1197 -75.35 -10.95 26.96
O4 OMU EC 1197 -78.22 -8.89 29.90
C1' OMU EC 1197 -76.86 -10.15 24.64
C2' OMU EC 1197 -77.87 -11.03 23.91
O2' OMU EC 1197 -77.66 -12.39 24.19
CM2 OMU EC 1197 -78.58 -13.24 23.57
C3' OMU EC 1197 -77.65 -10.63 22.46
C4' OMU EC 1197 -77.28 -9.14 22.57
O3' OMU EC 1197 -76.53 -11.35 21.93
O4' OMU EC 1197 -76.81 -8.94 23.92
C5' OMU EC 1197 -78.40 -8.18 22.27
O5' OMU EC 1197 -79.62 -8.56 22.90
P OMU EC 1197 -81.01 -8.46 22.12
OP1 OMU EC 1197 -82.07 -9.09 22.98
OP2 OMU EC 1197 -81.18 -7.04 21.66
P OMG EC 1199 -71.88 -7.24 19.33
OP1 OMG EC 1199 -70.63 -7.79 19.99
OP2 OMG EC 1199 -72.92 -6.50 20.17
O5' OMG EC 1199 -71.43 -6.28 18.14
C5' OMG EC 1199 -70.59 -6.76 17.10
C4' OMG EC 1199 -70.39 -5.69 16.05
O4' OMG EC 1199 -71.61 -5.51 15.31
C3' OMG EC 1199 -70.05 -4.31 16.58
O3' OMG EC 1199 -68.68 -4.16 16.86
C2' OMG EC 1199 -70.54 -3.39 15.47
O2' OMG EC 1199 -69.54 -3.28 14.46
CM2 OMG EC 1199 -69.94 -2.57 13.30
C1' OMG EC 1199 -71.73 -4.17 14.89
N9 OMG EC 1199 -73.04 -3.66 15.32
C8 OMG EC 1199 -73.89 -4.25 16.21
N7 OMG EC 1199 -74.99 -3.59 16.37
C5 OMG EC 1199 -74.88 -2.51 15.54
C6 OMG EC 1199 -75.78 -1.43 15.28
O6 OMG EC 1199 -76.89 -1.24 15.76
N1 OMG EC 1199 -75.26 -0.55 14.34
C2 OMG EC 1199 -74.04 -0.67 13.73
N2 OMG EC 1199 -73.72 0.29 12.85
N3 OMG EC 1199 -73.21 -1.66 13.96
C4 OMG EC 1199 -73.67 -2.54 14.86
P 4AC EC 1208 -75.27 8.58 38.96
OP1 4AC EC 1208 -75.66 8.47 40.42
OP2 4AC EC 1208 -75.12 9.95 38.31
O5' 4AC EC 1208 -73.90 7.80 38.74
C5' 4AC EC 1208 -73.78 6.42 39.08
C4' 4AC EC 1208 -72.58 5.80 38.40
O4' 4AC EC 1208 -72.74 5.85 36.96
C3' 4AC EC 1208 -71.26 6.50 38.65
O3' 4AC EC 1208 -70.66 6.16 39.89
C2' 4AC EC 1208 -70.43 6.12 37.43
O2' 4AC EC 1208 -69.92 4.81 37.56
C1' 4AC EC 1208 -71.51 6.11 36.34
N1 4AC EC 1208 -71.61 7.42 35.65
C2 4AC EC 1208 -70.71 7.71 34.62
O2 4AC EC 1208 -69.86 6.87 34.30
N3 4AC EC 1208 -70.81 8.91 34.00
C4 4AC EC 1208 -71.73 9.79 34.37
N4 4AC EC 1208 -71.77 11.03 33.69
C5 4AC EC 1208 -72.64 9.52 35.41
C6 4AC EC 1208 -72.55 8.34 36.03
C7 4AC EC 1208 -70.97 11.50 32.72
O7 4AC EC 1208 -70.02 10.88 32.25
CM7 4AC EC 1208 -71.32 12.87 32.23
N1 PSU EC 1238 -54.56 33.60 56.99
C2 PSU EC 1238 -55.55 33.37 56.07
N3 PSU EC 1238 -56.83 33.10 56.48
C4 PSU EC 1238 -57.12 33.08 57.82
C5 PSU EC 1238 -56.11 33.31 58.75
C6 PSU EC 1238 -54.83 33.59 58.31
O2 PSU EC 1238 -55.29 33.39 54.87
O4 PSU EC 1238 -58.27 32.84 58.20
C1' PSU EC 1238 -56.41 33.30 60.22
C2' PSU EC 1238 -56.57 31.87 60.74
O2' PSU EC 1238 -57.54 31.87 61.77
C3' PSU EC 1238 -55.18 31.60 61.29
C4' PSU EC 1238 -54.80 32.95 61.87
O3' PSU EC 1238 -55.15 30.56 62.25
O4' PSU EC 1238 -55.36 33.89 60.92
C5' PSU EC 1238 -53.32 33.20 62.04
O5' PSU EC 1238 -52.61 33.01 60.82
P PSU EC 1238 -51.08 33.43 60.70
OP1 PSU EC 1238 -50.33 32.74 61.76
OP2 PSU EC 1238 -50.66 33.28 59.28
P A2M EC 1254 -76.02 36.21 47.38
OP1 A2M EC 1254 -77.05 36.00 48.44
O5' A2M EC 1254 -75.89 34.91 46.15
C5' A2M EC 1254 -76.83 34.92 45.18
C4' A2M EC 1254 -76.40 34.02 44.03
O4' A2M EC 1254 -75.50 34.73 43.19
C3' A2M EC 1254 -75.66 32.79 44.52
O3' A2M EC 1254 -76.58 31.95 45.13
C2' A2M EC 1254 -74.93 32.37 43.25
O2' A2M EC 1254 -75.77 31.87 42.24
C1' A2M EC 1254 -74.47 33.80 42.89
CM' A2M EC 1254 -75.11 31.90 41.00
N9 A2M EC 1254 -73.23 34.21 43.48
C8 A2M EC 1254 -72.92 35.10 44.52
N7 A2M EC 1254 -71.60 35.17 44.76
C5 A2M EC 1254 -71.05 34.29 43.84
C6 A2M EC 1254 -69.77 33.88 43.55
N6 A2M EC 1254 -68.69 34.37 44.24
N1 A2M EC 1254 -69.49 32.96 42.58
C2 A2M EC 1254 -70.57 32.48 41.91
N3 A2M EC 1254 -71.87 32.75 42.06
C4 A2M EC 1254 -72.06 33.67 43.05
OP2 A2M EC 1254 -74.57 36.11 47.74
N1 OMC EC 1262 -78.39 11.73 59.17
C2 OMC EC 1262 -77.04 11.35 59.13
N3 OMC EC 1262 -76.11 12.26 59.46
C4 OMC EC 1262 -76.44 13.49 59.81
C5 OMC EC 1262 -77.79 13.91 59.88
C6 OMC EC 1262 -78.72 12.99 59.54
O2 OMC EC 1262 -76.73 10.22 58.79
N4 OMC EC 1262 -75.47 14.34 60.14
C1' OMC EC 1262 -79.48 10.79 58.82
C2' OMC EC 1262 -79.75 9.77 59.92
O2' OMC EC 1262 -80.11 8.54 59.30
CM2 OMC EC 1262 -79.00 7.86 58.75
C3' OMC EC 1262 -80.96 10.37 60.61
C4' OMC EC 1262 -81.72 11.01 59.47
O4' OMC EC 1262 -80.67 11.52 58.61
O3' OMC EC 1262 -81.73 9.43 61.33
C5' OMC EC 1262 -82.69 12.11 59.83
O5' OMC EC 1262 -82.03 13.16 60.53
P OMC EC 1262 -82.69 14.60 60.64
OP1 OMC EC 1262 -84.05 14.44 61.31
OP2 OMC EC 1262 -81.66 15.54 61.25
N1 OMU EC 1313 -86.27 2.22 85.91
C2 OMU EC 1313 -86.10 0.73 86.11
N3 OMU EC 1313 -87.31 -0.15 86.22
C4 OMU EC 1313 -88.64 0.44 86.17
C5 OMU EC 1313 -88.79 1.92 85.99
C6 OMU EC 1313 -87.59 2.78 85.88
O2 OMU EC 1313 -84.99 0.23 86.14
O4 OMU EC 1313 -89.56 -0.22 86.27
C1' OMU EC 1313 -85.10 3.13 85.81
C2' OMU EC 1313 -84.35 2.96 84.48
O2' OMU EC 1313 -82.97 3.11 84.74
CM2 OMU EC 1313 -82.36 1.97 85.28
C3' OMU EC 1313 -84.87 4.15 83.67
C4' OMU EC 1313 -85.12 5.21 84.74
O3' OMU EC 1313 -83.95 4.60 82.68
O4' OMU EC 1313 -85.58 4.45 85.88
C5' OMU EC 1313 -86.14 6.25 84.37
O5' OMU EC 1313 -86.30 6.34 82.97
P OMU EC 1313 -87.72 6.70 82.33
OP1 OMU EC 1313 -88.25 7.93 83.00
OP2 OMU EC 1313 -87.57 6.68 80.83
P OMG EC 1361 -63.58 8.04 25.61
OP1 OMG EC 1361 -63.05 6.84 24.83
OP2 OMG EC 1361 -64.98 7.98 26.23
O5' OMG EC 1361 -62.54 8.39 26.74
C5' OMG EC 1361 -61.38 7.59 26.94
C4' OMG EC 1361 -61.42 6.89 28.26
O4' OMG EC 1361 -61.73 7.85 29.31
C3' OMG EC 1361 -62.50 5.82 28.41
O3' OMG EC 1361 -62.08 4.56 27.89
C2' OMG EC 1361 -62.79 5.81 29.89
O2' OMG EC 1361 -61.79 5.08 30.60
CM2 OMG EC 1361 -62.01 5.05 31.99
C1' OMG EC 1361 -62.63 7.28 30.24
N9 OMG EC 1361 -63.90 8.02 30.16
C8 OMG EC 1361 -64.21 9.00 29.27
N7 OMG EC 1361 -65.41 9.47 29.45
C5 OMG EC 1361 -65.90 8.77 30.49
C6 OMG EC 1361 -67.17 8.84 31.12
O6 OMG EC 1361 -68.09 9.58 30.85
N1 OMG EC 1361 -67.26 7.92 32.16
C2 OMG EC 1361 -66.30 7.05 32.55
N2 OMG EC 1361 -66.58 6.24 33.58
N3 OMG EC 1361 -65.13 6.98 31.97
C4 OMG EC 1361 -64.99 7.84 30.96
P G7M EC 1510 -38.28 -11.04 52.15
OP1 G7M EC 1510 -37.62 -10.83 53.49
OP2 G7M EC 1510 -39.54 -10.31 51.80
O5' G7M EC 1510 -37.20 -10.68 51.03
C5' G7M EC 1510 -35.87 -11.18 51.10
C4' G7M EC 1510 -35.16 -10.99 49.77
O4' G7M EC 1510 -35.70 -11.92 48.83
C3' G7M EC 1510 -35.37 -9.63 49.12
O3' G7M EC 1510 -34.43 -8.67 49.55
C2' G7M EC 1510 -35.33 -9.92 47.61
O2' G7M EC 1510 -34.04 -9.62 47.08
C1' G7M EC 1510 -35.53 -11.43 47.52
N9 G7M EC 1510 -36.69 -11.83 46.70
C8 G7M EC 1510 -37.64 -11.99 47.65
N7 G7M EC 1510 -38.76 -12.38 47.01
CN7 G7M EC 1510 -39.98 -12.65 47.76
C5 G7M EC 1510 -38.50 -12.48 45.71
C6 G7M EC 1510 -39.36 -12.87 44.51
O6 G7M EC 1510 -40.50 -13.17 44.66
N1 G7M EC 1510 -38.81 -12.87 43.19
C2 G7M EC 1510 -37.43 -12.50 43.00
N2 G7M EC 1510 -36.86 -12.50 41.66
N3 G7M EC 1510 -36.61 -12.13 44.15
C4 G7M EC 1510 -37.19 -12.13 45.52
N1 OMC EC 1574 -40.50 19.05 21.82
C2 OMC EC 1574 -39.12 19.04 22.12
N3 OMC EC 1574 -38.56 17.87 22.47
C4 OMC EC 1574 -39.24 16.76 22.53
C5 OMC EC 1574 -40.63 16.72 22.23
C6 OMC EC 1574 -41.20 17.89 21.90
O2 OMC EC 1574 -38.48 20.07 22.07
N4 OMC EC 1574 -38.61 15.65 22.89
C1' OMC EC 1574 -41.22 20.27 21.43
C2' OMC EC 1574 -40.75 20.81 20.08
O2' OMC EC 1574 -40.86 22.22 20.09
CM2 OMC EC 1574 -39.67 22.84 20.52
C3' OMC EC 1574 -41.78 20.20 19.13
C4' OMC EC 1574 -43.05 20.24 19.96
O4' OMC EC 1574 -42.60 19.97 21.31
O3' OMC EC 1574 -41.89 20.90 17.91
C5' OMC EC 1574 -44.11 19.24 19.58
O5' OMC EC 1574 -43.73 17.92 19.95
P OMC EC 1574 -44.79 16.75 20.06
OP1 OMC EC 1574 -45.71 16.85 18.86
OP2 OMC EC 1574 -44.04 15.47 20.38
C2 6MZ EC 1703 -35.70 21.88 21.92
C4 6MZ EC 1703 -33.45 21.95 22.53
C5 6MZ EC 1703 -33.49 20.66 22.82
O1P 6MZ EC 1703 -28.93 23.45 27.15
O2P 6MZ EC 1703 -29.20 21.02 26.22
N9 6MZ EC 1703 -32.21 22.38 22.79
N3 6MZ EC 1703 -34.55 22.57 22.08
N1 6MZ EC 1703 -35.74 20.57 22.21
C6 6MZ EC 1703 -34.66 19.96 22.66
N6 6MZ EC 1703 -34.79 18.51 22.94
C9 6MZ EC 1703 -34.38 17.97 24.24
N7 6MZ EC 1703 -32.28 20.29 23.25
C8 6MZ EC 1703 -31.48 21.37 23.24
O5' 6MZ EC 1703 -28.63 22.96 24.72
C5' 6MZ EC 1703 -28.65 24.35 24.48
C4' 6MZ EC 1703 -29.89 24.75 23.73
O4' 6MZ EC 1703 -30.28 23.69 22.84
C1' 6MZ EC 1703 -31.67 23.74 22.62
C2' 6MZ EC 1703 -32.27 24.76 23.60
O2' 6MZ EC 1703 -32.55 25.95 22.88
C3' 6MZ EC 1703 -31.12 24.98 24.58
O3' 6MZ EC 1703 -31.13 26.27 25.17
P 6MZ EC 1703 -28.46 22.39 26.21
O3P 6MZ EC 1703 -26.97 22.15 26.47
P 4AC EC 1713 -24.19 31.74 18.51
OP1 4AC EC 1713 -24.60 31.47 17.08
OP2 4AC EC 1713 -23.44 30.69 19.29
O5' 4AC EC 1713 -23.33 33.08 18.55
C5' 4AC EC 1713 -23.81 34.27 17.95
C4' 4AC EC 1713 -22.84 35.40 18.12
O4' 4AC EC 1713 -22.65 35.69 19.52
C3' 4AC EC 1713 -21.44 35.15 17.59
O3' 4AC EC 1713 -21.33 35.34 16.20
C2' 4AC EC 1713 -20.59 36.13 18.41
O2' 4AC EC 1713 -20.69 37.43 17.87
C1' 4AC EC 1713 -21.32 36.10 19.76
N1 4AC EC 1713 -20.69 35.18 20.73
C2 4AC EC 1713 -19.60 35.61 21.45
O2 4AC EC 1713 -19.17 36.77 21.26
N3 4AC EC 1713 -19.02 34.77 22.35
C4 4AC EC 1713 -19.51 33.56 22.53
N4 4AC EC 1713 -18.81 32.81 23.49
C5 4AC EC 1713 -20.63 33.09 21.81
C6 4AC EC 1713 -21.19 33.92 20.93
C7 4AC EC 1713 -19.04 31.54 23.93
O7 4AC EC 1713 -19.95 30.83 23.53
CM7 4AC EC 1713 -18.07 31.06 24.97
C2 MA6 EC 1721 -24.76 11.66 19.59
C4 MA6 EC 1721 -23.08 12.37 18.13
C5 MA6 EC 1721 -22.16 12.24 19.11
P MA6 EC 1721 -17.94 14.10 15.23
OP1 MA6 EC 1721 -17.33 15.03 14.20
OP2 MA6 EC 1721 -17.53 14.21 16.69
O5' MA6 EC 1721 -19.52 14.24 15.17
C5' MA6 EC 1721 -20.20 14.39 13.93
C4' MA6 EC 1721 -21.69 14.22 14.12
O4' MA6 EC 1721 -21.93 12.95 14.77
C1' MA6 EC 1721 -22.97 13.08 15.71
N9 MA6 EC 1721 -22.43 12.82 17.05
N3 MA6 EC 1721 -24.38 12.09 18.37
N1 MA6 EC 1721 -23.83 11.53 20.59
C6 MA6 EC 1721 -22.56 11.82 20.36
N6 MA6 EC 1721 -21.94 11.55 21.64
C9 MA6 EC 1721 -22.76 11.27 22.83
C10 MA6 EC 1721 -20.45 11.55 21.75
N7 MA6 EC 1721 -20.95 12.60 18.62
C8 MA6 EC 1721 -21.11 12.94 17.34
C2' MA6 EC 1721 -23.55 14.49 15.58
O2' MA6 EC 1721 -24.60 14.44 14.64
C3' MA6 EC 1721 -22.36 15.25 15.01
O3' MA6 EC 1721 -22.74 16.42 14.31
C2 MA6 EC 1722 -26.42 14.92 21.56
C4 MA6 EC 1722 -25.13 15.87 19.86
C5 MA6 EC 1722 -24.03 15.72 20.61
P MA6 EC 1722 -21.90 17.77 14.48
OP1 MA6 EC 1722 -21.22 18.04 13.15
OP2 MA6 EC 1722 -21.09 17.67 15.75
O5' MA6 EC 1722 -23.02 18.89 14.69
C5' MA6 EC 1722 -23.45 19.23 15.99
C4' MA6 EC 1722 -24.81 18.65 16.30
O4' MA6 EC 1722 -24.70 17.21 16.52
C1' MA6 EC 1722 -25.57 16.83 17.56
N9 MA6 EC 1722 -24.73 16.44 18.72
N3 MA6 EC 1722 -26.34 15.48 20.33
N1 MA6 EC 1722 -25.31 14.77 22.32
C6 MA6 EC 1722 -24.13 15.15 21.87
N6 MA6 EC 1722 -23.25 14.82 22.97
C9 MA6 EC 1722 -21.80 14.83 22.75
C10 MA6 EC 1722 -23.79 14.48 24.32
N7 MA6 EC 1722 -22.97 16.19 19.92
C8 MA6 EC 1722 -23.40 16.64 18.74
C2' MA6 EC 1722 -26.44 18.03 17.88
O2' MA6 EC 1722 -27.54 18.03 16.99
C3' MA6 EC 1722 -25.48 19.16 17.55
O3' MA6 EC 1722 -26.11 20.41 17.38
CA GLU GC 1 -60.52 13.05 -77.74
C GLU GC 1 -59.92 11.69 -77.36
N LYS GC 2 -59.39 11.60 -76.16
CA LYS GC 2 -58.75 10.38 -75.67
C LYS GC 2 -59.35 9.98 -74.34
N THR GC 3 -59.28 8.68 -74.03
CA THR GC 3 -59.83 8.11 -72.82
C THR GC 3 -58.71 7.52 -71.96
N HIS GC 4 -59.00 7.37 -70.67
CA HIS GC 4 -58.01 6.95 -69.68
C HIS GC 4 -58.35 5.57 -69.14
N ILE GC 5 -57.33 4.71 -69.02
CA ILE GC 5 -57.43 3.41 -68.37
C ILE GC 5 -56.22 3.23 -67.47
N ASN GC 6 -56.14 2.08 -66.81
CA ASN GC 6 -54.99 1.68 -66.03
C ASN GC 6 -54.69 0.21 -66.28
N ILE GC 7 -53.41 -0.12 -66.42
CA ILE GC 7 -52.96 -1.46 -66.76
C ILE GC 7 -51.89 -1.88 -65.77
N VAL GC 8 -52.01 -3.10 -65.25
CA VAL GC 8 -50.99 -3.69 -64.38
C VAL GC 8 -50.32 -4.83 -65.14
N VAL GC 9 -49.00 -4.92 -65.02
CA VAL GC 9 -48.24 -6.07 -65.51
C VAL GC 9 -47.93 -6.97 -64.33
N ILE GC 10 -48.32 -8.23 -64.43
CA ILE GC 10 -48.18 -9.21 -63.37
C ILE GC 10 -47.50 -10.45 -63.93
N GLY GC 11 -46.82 -11.18 -63.07
CA GLY GC 11 -46.11 -12.37 -63.52
C GLY GC 11 -45.17 -12.88 -62.45
N HIS GC 12 -44.12 -13.58 -62.90
CA HIS GC 12 -43.16 -14.21 -62.03
C HIS GC 12 -41.91 -13.34 -61.86
N VAL GC 13 -41.22 -13.57 -60.74
CA VAL GC 13 -39.99 -12.84 -60.45
C VAL GC 13 -38.92 -13.19 -61.47
N ASP GC 14 -38.09 -12.20 -61.83
CA ASP GC 14 -36.98 -12.29 -62.75
C ASP GC 14 -37.40 -12.53 -64.20
N SER GC 15 -38.69 -12.41 -64.50
CA SER GC 15 -39.15 -12.58 -65.88
C SER GC 15 -39.01 -11.32 -66.71
N GLY GC 16 -38.69 -10.18 -66.10
CA GLY GC 16 -38.44 -8.95 -66.81
C GLY GC 16 -39.63 -8.01 -66.95
N LYS GC 17 -40.33 -7.77 -65.84
CA LYS GC 17 -41.51 -6.90 -65.88
C LYS GC 17 -41.12 -5.46 -66.17
N SER GC 18 -40.24 -4.89 -65.33
CA SER GC 18 -39.85 -3.50 -65.51
C SER GC 18 -39.09 -3.29 -66.81
N THR GC 19 -38.28 -4.27 -67.23
CA THR GC 19 -37.55 -4.17 -68.48
C THR GC 19 -38.50 -4.07 -69.68
N THR GC 20 -39.46 -5.00 -69.78
CA THR GC 20 -40.40 -4.99 -70.89
C THR GC 20 -41.29 -3.76 -70.85
N THR GC 21 -41.74 -3.36 -69.65
CA THR GC 21 -42.55 -2.15 -69.52
C THR GC 21 -41.77 -0.91 -69.97
N GLY GC 22 -40.51 -0.80 -69.55
CA GLY GC 22 -39.71 0.35 -69.93
C GLY GC 22 -39.40 0.39 -71.42
N HIS GC 23 -39.17 -0.78 -72.03
CA HIS GC 23 -38.89 -0.77 -73.46
C HIS GC 23 -40.15 -0.54 -74.28
N LEU GC 24 -41.31 -0.98 -73.77
CA LEU GC 24 -42.59 -0.58 -74.34
C LEU GC 24 -42.79 0.93 -74.26
N ILE GC 25 -42.42 1.52 -73.12
CA ILE GC 25 -42.46 2.97 -72.97
C ILE GC 25 -41.55 3.65 -73.98
N TYR GC 26 -40.34 3.11 -74.16
CA TYR GC 26 -39.39 3.68 -75.12
C TYR GC 26 -39.92 3.61 -76.54
N LYS GC 27 -40.56 2.49 -76.90
CA LYS GC 27 -41.14 2.37 -78.24
C LYS GC 27 -42.28 3.37 -78.45
N CYS GC 28 -42.98 3.74 -77.38
CA CYS GC 28 -44.16 4.62 -77.48
C CYS GC 28 -43.83 6.06 -77.11
N GLY GC 29 -42.64 6.54 -77.43
CA GLY GC 29 -42.26 7.92 -77.19
C GLY GC 29 -42.17 8.31 -75.73
N GLY GC 30 -41.53 7.48 -74.90
CA GLY GC 30 -41.45 7.75 -73.48
C GLY GC 30 -40.46 8.81 -73.09
N ILE GC 31 -39.23 8.71 -73.58
CA ILE GC 31 -38.16 9.63 -73.22
C ILE GC 31 -37.13 9.61 -74.33
N ASP GC 32 -36.36 10.69 -74.45
CA ASP GC 32 -35.42 10.85 -75.54
C ASP GC 32 -34.26 9.84 -75.41
N LYS GC 33 -33.49 9.74 -76.50
CA LYS GC 33 -32.48 8.70 -76.63
C LYS GC 33 -31.25 8.94 -75.76
N ARG GC 34 -30.88 10.21 -75.52
CA ARG GC 34 -29.66 10.45 -74.77
C ARG GC 34 -29.84 10.25 -73.27
N THR GC 35 -31.03 10.52 -72.73
CA THR GC 35 -31.25 10.24 -71.31
C THR GC 35 -31.20 8.73 -71.04
N ILE GC 36 -31.82 7.93 -71.91
CA ILE GC 36 -31.75 6.48 -71.73
C ILE GC 36 -30.36 5.96 -72.09
N GLU GC 37 -29.62 6.68 -72.93
CA GLU GC 37 -28.20 6.36 -73.13
C GLU GC 37 -27.41 6.56 -71.86
N LYS GC 38 -27.69 7.64 -71.12
CA LYS GC 38 -27.10 7.85 -69.81
C LYS GC 38 -27.53 6.74 -68.84
N PHE GC 39 -28.79 6.29 -68.94
CA PHE GC 39 -29.27 5.19 -68.10
C PHE GC 39 -28.46 3.92 -68.35
N GLU GC 40 -28.25 3.57 -69.62
CA GLU GC 40 -27.43 2.41 -69.94
C GLU GC 40 -25.97 2.62 -69.56
N LYS GC 41 -25.50 3.88 -69.63
CA LYS GC 41 -24.16 4.21 -69.15
C LYS GC 41 -24.01 3.88 -67.67
N GLU GC 42 -24.99 4.27 -66.86
CA GLU GC 42 -25.00 3.93 -65.44
C GLU GC 42 -25.03 2.41 -65.25
N ALA GC 43 -25.92 1.73 -66.00
CA ALA GC 43 -26.08 0.29 -65.86
C ALA GC 43 -24.78 -0.44 -66.16
N ALA GC 44 -24.05 0.02 -67.17
CA ALA GC 44 -22.74 -0.57 -67.44
C ALA GC 44 -21.71 -0.16 -66.40
N GLU GC 45 -21.90 1.01 -65.77
CA GLU GC 45 -20.95 1.45 -64.73
C GLU GC 45 -20.96 0.51 -63.53
N MET GC 46 -22.15 0.20 -62.99
CA MET GC 46 -22.10 -0.65 -61.80
C MET GC 46 -22.19 -2.14 -62.13
N GLY GC 47 -22.77 -2.51 -63.27
CA GLY GC 47 -22.74 -3.90 -63.68
C GLY GC 47 -24.03 -4.48 -64.23
N LYS GC 48 -25.18 -4.03 -63.73
CA LYS GC 48 -26.45 -4.62 -64.15
C LYS GC 48 -26.82 -4.14 -65.55
N GLY GC 49 -26.12 -4.66 -66.56
CA GLY GC 49 -26.34 -4.18 -67.92
C GLY GC 49 -27.71 -4.54 -68.47
N SER GC 50 -28.14 -5.79 -68.26
CA SER GC 50 -29.45 -6.22 -68.74
C SER GC 50 -30.59 -5.62 -67.95
N PHE GC 51 -30.30 -4.95 -66.84
CA PHE GC 51 -31.31 -4.30 -66.02
C PHE GC 51 -31.48 -2.84 -66.38
N LYS GC 52 -31.13 -2.45 -67.61
CA LYS GC 52 -31.13 -1.04 -68.00
C LYS GC 52 -32.54 -0.52 -68.23
N TYR GC 53 -33.39 -1.29 -68.91
CA TYR GC 53 -34.77 -0.84 -69.15
C TYR GC 53 -35.59 -0.87 -67.87
N ALA GC 54 -35.15 -1.62 -66.86
CA ALA GC 54 -35.83 -1.63 -65.57
C ALA GC 54 -35.72 -0.28 -64.87
N TRP GC 55 -34.68 0.51 -65.18
CA TRP GC 55 -34.46 1.75 -64.45
C TRP GC 55 -35.49 2.82 -64.79
N VAL GC 56 -36.24 2.66 -65.88
CA VAL GC 56 -37.24 3.66 -66.25
C VAL GC 56 -38.35 3.71 -65.20
N LEU GC 57 -38.62 2.59 -64.55
CA LEU GC 57 -39.63 2.53 -63.49
C LEU GC 57 -39.07 2.21 -62.11
N ASP GC 58 -37.95 1.49 -62.04
CA ASP GC 58 -37.36 1.11 -60.74
C ASP GC 58 -36.38 2.20 -60.29
N LYS GC 59 -36.92 3.38 -60.02
CA LYS GC 59 -36.11 4.55 -59.72
C LYS GC 59 -35.51 4.55 -58.32
N LEU GC 60 -36.01 3.70 -57.42
CA LEU GC 60 -35.53 3.70 -56.04
C LEU GC 60 -34.13 3.13 -55.94
N LYS GC 61 -33.35 3.69 -55.02
CA LYS GC 61 -31.94 3.31 -54.89
C LYS GC 61 -31.78 1.88 -54.40
N ALA GC 62 -32.67 1.43 -53.51
CA ALA GC 62 -32.62 0.03 -53.06
C ALA GC 62 -32.88 -0.93 -54.22
N GLU GC 63 -33.87 -0.62 -55.06
CA GLU GC 63 -34.09 -1.39 -56.28
C GLU GC 63 -32.89 -1.31 -57.21
N ARG GC 64 -32.31 -0.11 -57.33
CA ARG GC 64 -31.18 0.10 -58.23
C ARG GC 64 -29.91 -0.60 -57.75
N GLU GC 65 -29.85 -0.98 -56.47
CA GLU GC 65 -28.68 -1.67 -55.93
C GLU GC 65 -28.88 -3.18 -55.90
N ARG GC 66 -30.00 -3.65 -55.34
CA ARG GC 66 -30.25 -5.09 -55.27
C ARG GC 66 -30.74 -5.67 -56.59
N GLY GC 67 -31.17 -4.84 -57.53
CA GLY GC 67 -31.77 -5.34 -58.76
C GLY GC 67 -33.07 -6.08 -58.53
N ILE GC 68 -33.86 -5.65 -57.55
CA ILE GC 68 -35.08 -6.33 -57.13
C ILE GC 68 -36.21 -5.32 -57.09
N THR GC 69 -37.33 -5.66 -57.73
CA THR GC 69 -38.48 -4.75 -57.77
C THR GC 69 -39.13 -4.62 -56.41
N ILE GC 70 -39.42 -3.38 -56.01
CA ILE GC 70 -39.98 -3.07 -54.70
C ILE GC 70 -41.29 -2.29 -54.80
N ASP GC 71 -41.26 -1.15 -55.48
CA ASP GC 71 -42.36 -0.20 -55.45
C ASP GC 71 -43.11 -0.16 -56.78
N ILE GC 72 -44.38 0.21 -56.70
CA ILE GC 72 -45.22 0.41 -57.89
C ILE GC 72 -44.87 1.75 -58.52
N SER GC 73 -44.65 1.73 -59.84
CA SER GC 73 -44.22 2.92 -60.56
C SER GC 73 -45.21 3.25 -61.67
N LEU GC 74 -45.25 4.53 -62.02
CA LEU GC 74 -46.11 5.03 -63.09
C LEU GC 74 -45.27 5.71 -64.16
N TRP GC 75 -45.64 5.48 -65.42
CA TRP GC 75 -45.05 6.17 -66.55
C TRP GC 75 -46.09 6.25 -67.66
N LYS GC 76 -46.10 7.37 -68.36
CA LYS GC 76 -47.10 7.65 -69.39
C LYS GC 76 -46.53 7.39 -70.78
N PHE GC 77 -47.30 6.69 -71.60
CA PHE GC 77 -46.97 6.49 -73.00
C PHE GC 77 -48.25 6.42 -73.82
N GLU GC 78 -48.34 7.25 -74.86
CA GLU GC 78 -49.52 7.34 -75.69
C GLU GC 78 -49.47 6.29 -76.79
N THR GC 79 -50.59 5.60 -77.01
CA THR GC 79 -50.66 4.49 -77.95
C THR GC 79 -51.48 4.88 -79.18
N SER GC 80 -51.69 3.91 -80.06
CA SER GC 80 -52.38 4.16 -81.32
C SER GC 80 -53.83 4.58 -81.10
N LYS GC 81 -54.52 3.90 -80.18
CA LYS GC 81 -55.93 4.17 -79.95
C LYS GC 81 -56.17 5.18 -78.83
N TYR GC 82 -55.56 4.96 -77.65
CA TYR GC 82 -55.92 5.76 -76.49
C TYR GC 82 -54.78 5.78 -75.49
N TYR GC 83 -54.86 6.76 -74.59
CA TYR GC 83 -53.89 6.94 -73.51
C TYR GC 83 -53.95 5.77 -72.52
N VAL GC 84 -52.79 5.40 -72.00
CA VAL GC 84 -52.71 4.33 -70.99
C VAL GC 84 -51.56 4.63 -70.04
N THR GC 85 -51.82 4.48 -68.75
CA THR GC 85 -50.80 4.52 -67.72
C THR GC 85 -50.67 3.12 -67.10
N ILE GC 86 -49.45 2.72 -66.81
CA ILE GC 86 -49.14 1.33 -66.53
C ILE GC 86 -48.72 1.16 -65.07
N ILE GC 87 -49.16 0.06 -64.47
CA ILE GC 87 -48.79 -0.33 -63.11
C ILE GC 87 -47.75 -1.42 -63.22
N ASP GC 88 -46.64 -1.26 -62.50
CA ASP GC 88 -45.53 -2.22 -62.51
C ASP GC 88 -45.50 -2.94 -61.15
N ALA GC 89 -46.02 -4.16 -61.12
CA ALA GC 89 -46.06 -4.92 -59.88
C ALA GC 89 -44.66 -5.33 -59.44
N PRO GC 90 -44.44 -5.48 -58.12
CA PRO GC 90 -43.12 -5.94 -57.64
C PRO GC 90 -42.83 -7.38 -58.01
N GLY GC 91 -43.77 -8.28 -57.71
CA GLY GC 91 -43.56 -9.69 -57.96
C GLY GC 91 -42.80 -10.44 -56.88
N HIS GC 92 -42.91 -10.00 -55.63
CA HIS GC 92 -42.30 -10.70 -54.51
C HIS GC 92 -43.31 -10.88 -53.39
N ARG GC 93 -43.17 -12.00 -52.68
CA ARG GC 93 -44.09 -12.33 -51.59
C ARG GC 93 -43.84 -11.49 -50.35
N ASP GC 94 -42.65 -10.89 -50.22
CA ASP GC 94 -42.42 -9.89 -49.18
C ASP GC 94 -43.14 -8.59 -49.52
N PHE GC 95 -43.39 -8.35 -50.81
CA PHE GC 95 -44.02 -7.13 -51.28
C PHE GC 95 -45.40 -7.44 -51.87
N ILE GC 96 -46.06 -8.47 -51.34
CA ILE GC 96 -47.35 -8.88 -51.87
C ILE GC 96 -48.40 -7.79 -51.64
N LYS GC 97 -48.30 -7.09 -50.50
CA LYS GC 97 -49.21 -5.98 -50.26
C LYS GC 97 -48.96 -4.84 -51.24
N ASN GC 98 -47.71 -4.61 -51.62
CA ASN GC 98 -47.43 -3.58 -52.63
C ASN GC 98 -48.05 -3.94 -53.97
N MET GC 99 -47.96 -5.21 -54.36
CA MET GC 99 -48.59 -5.68 -55.59
C MET GC 99 -50.10 -5.54 -55.52
N ILE GC 100 -50.69 -5.83 -54.35
CA ILE GC 100 -52.14 -5.72 -54.18
C ILE GC 100 -52.56 -4.26 -54.34
N THR GC 101 -51.82 -3.35 -53.73
CA THR GC 101 -52.08 -1.91 -53.85
C THR GC 101 -51.99 -1.47 -55.31
N GLY GC 102 -50.96 -1.91 -56.02
CA GLY GC 102 -50.81 -1.52 -57.43
C GLY GC 102 -51.89 -2.10 -58.32
N THR GC 103 -52.20 -3.39 -58.13
CA THR GC 103 -53.21 -4.05 -58.96
C THR GC 103 -54.60 -3.47 -58.69
N SER GC 104 -54.82 -2.92 -57.48
CA SER GC 104 -56.11 -2.32 -57.17
C SER GC 104 -56.44 -1.17 -58.12
N GLN GC 105 -55.46 -0.34 -58.44
CA GLN GC 105 -55.66 0.79 -59.35
C GLN GC 105 -55.25 0.43 -60.77
N ALA GC 106 -55.92 -0.59 -61.31
CA ALA GC 106 -55.64 -1.06 -62.66
C ALA GC 106 -56.91 -1.66 -63.26
N ASP GC 107 -57.24 -1.21 -64.48
CA ASP GC 107 -58.44 -1.72 -65.16
C ASP GC 107 -58.15 -3.04 -65.88
N CYS GC 108 -56.95 -3.18 -66.45
CA CYS GC 108 -56.55 -4.40 -67.13
C CYS GC 108 -55.29 -4.97 -66.48
N ALA GC 109 -55.08 -6.26 -66.70
CA ALA GC 109 -53.91 -6.96 -66.18
C ALA GC 109 -53.14 -7.58 -67.34
N VAL GC 110 -51.81 -7.57 -67.24
CA VAL GC 110 -50.93 -8.20 -68.22
C VAL GC 110 -50.17 -9.31 -67.51
N LEU GC 111 -50.46 -10.55 -67.89
CA LEU GC 111 -49.90 -11.72 -67.22
C LEU GC 111 -48.69 -12.20 -68.03
N ILE GC 112 -47.53 -11.58 -67.77
CA ILE GC 112 -46.33 -11.94 -68.50
C ILE GC 112 -45.79 -13.26 -67.96
N VAL GC 113 -45.56 -14.21 -68.86
CA VAL GC 113 -45.13 -15.56 -68.51
C VAL GC 113 -43.80 -15.83 -69.17
N ALA GC 114 -42.82 -16.28 -68.38
CA ALA GC 114 -41.51 -16.61 -68.92
C ALA GC 114 -41.57 -17.90 -69.71
N ALA GC 115 -40.81 -17.95 -70.81
CA ALA GC 115 -40.74 -19.13 -71.66
C ALA GC 115 -39.43 -19.89 -71.55
N GLY GC 116 -38.40 -19.28 -70.95
CA GLY GC 116 -37.14 -19.97 -70.78
C GLY GC 116 -37.26 -21.15 -69.83
N VAL GC 117 -36.36 -22.12 -70.01
CA VAL GC 117 -36.43 -23.33 -69.19
C VAL GC 117 -36.16 -22.98 -67.73
N GLY GC 118 -36.86 -23.66 -66.84
CA GLY GC 118 -36.71 -23.45 -65.41
C GLY GC 118 -37.56 -22.35 -64.80
N GLU GC 119 -37.55 -21.16 -65.40
CA GLU GC 119 -38.31 -20.05 -64.85
C GLU GC 119 -39.81 -20.30 -64.94
N PHE GC 120 -40.26 -20.86 -66.06
CA PHE GC 120 -41.68 -21.14 -66.24
C PHE GC 120 -42.19 -22.14 -65.20
N GLU GC 121 -41.44 -23.22 -64.97
CA GLU GC 121 -41.85 -24.21 -63.99
C GLU GC 121 -41.74 -23.68 -62.57
N ALA GC 122 -40.72 -22.86 -62.30
CA ALA GC 122 -40.59 -22.26 -60.97
C ALA GC 122 -41.72 -21.27 -60.69
N GLY GC 123 -42.24 -20.62 -61.72
CA GLY GC 123 -43.41 -19.77 -61.53
C GLY GC 123 -44.66 -20.54 -61.16
N ILE GC 124 -44.83 -21.73 -61.74
CA ILE GC 124 -46.01 -22.55 -61.47
C ILE GC 124 -45.64 -23.55 -60.38
N SER GC 125 -45.82 -23.13 -59.14
CA SER GC 125 -45.59 -23.99 -57.98
C SER GC 125 -46.26 -23.34 -56.77
N LYS GC 126 -46.29 -24.10 -55.66
CA LYS GC 126 -46.82 -23.56 -54.41
C LYS GC 126 -45.98 -22.39 -53.91
N ASN GC 127 -44.71 -22.36 -54.29
CA ASN GC 127 -43.82 -21.23 -54.04
C ASN GC 127 -43.94 -20.15 -55.10
N GLY GC 128 -44.79 -20.34 -56.10
CA GLY GC 128 -44.88 -19.44 -57.22
C GLY GC 128 -45.73 -18.22 -56.95
N GLN GC 129 -45.76 -17.33 -57.94
CA GLN GC 129 -46.54 -16.10 -57.89
C GLN GC 129 -47.51 -15.92 -59.03
N THR GC 130 -47.39 -16.70 -60.12
CA THR GC 130 -48.31 -16.56 -61.24
C THR GC 130 -49.73 -16.91 -60.84
N ARG GC 131 -49.89 -17.92 -59.98
CA ARG GC 131 -51.20 -18.20 -59.41
C ARG GC 131 -51.66 -17.04 -58.54
N GLU GC 132 -50.77 -16.51 -57.72
CA GLU GC 132 -51.12 -15.51 -56.70
C GLU GC 132 -51.62 -14.22 -57.36
N HIS GC 133 -50.87 -13.72 -58.35
CA HIS GC 133 -51.22 -12.47 -59.01
C HIS GC 133 -52.58 -12.57 -59.71
N ALA GC 134 -52.78 -13.64 -60.48
CA ALA GC 134 -54.04 -13.80 -61.21
C ALA GC 134 -55.21 -14.02 -60.27
N LEU GC 135 -55.01 -14.81 -59.21
CA LEU GC 135 -56.11 -15.06 -58.27
C LEU GC 135 -56.51 -13.79 -57.54
N LEU GC 136 -55.54 -13.01 -57.09
CA LEU GC 136 -55.89 -11.78 -56.37
C LEU GC 136 -56.35 -10.67 -57.31
N ALA GC 137 -55.99 -10.74 -58.60
CA ALA GC 137 -56.61 -9.83 -59.56
C ALA GC 137 -58.07 -10.21 -59.80
N TYR GC 138 -58.36 -11.51 -59.87
CA TYR GC 138 -59.74 -11.95 -59.96
C TYR GC 138 -60.52 -11.60 -58.69
N THR GC 139 -59.82 -11.57 -57.56
CA THR GC 139 -60.45 -11.23 -56.29
C THR GC 139 -60.73 -9.73 -56.20
N LEU GC 140 -59.80 -8.91 -56.65
CA LEU GC 140 -59.92 -7.46 -56.53
C LEU GC 140 -60.72 -6.82 -57.66
N GLY GC 141 -61.15 -7.59 -58.66
CA GLY GC 141 -62.06 -7.05 -59.65
C GLY GC 141 -61.46 -6.57 -60.96
N VAL GC 142 -60.65 -7.41 -61.61
CA VAL GC 142 -60.18 -7.14 -62.98
C VAL GC 142 -60.75 -8.22 -63.88
N LYS GC 143 -61.57 -7.82 -64.86
CA LYS GC 143 -62.27 -8.78 -65.71
C LYS GC 143 -61.42 -9.26 -66.87
N GLN GC 144 -61.02 -8.35 -67.75
CA GLN GC 144 -60.32 -8.68 -68.98
C GLN GC 144 -58.83 -8.51 -68.76
N LEU GC 145 -58.06 -9.58 -68.98
CA LEU GC 145 -56.61 -9.51 -68.93
C LEU GC 145 -56.01 -10.12 -70.19
N ILE GC 146 -54.70 -10.05 -70.26
CA ILE GC 146 -53.90 -10.65 -71.33
C ILE GC 146 -52.78 -11.44 -70.69
N VAL GC 147 -52.46 -12.59 -71.28
CA VAL GC 147 -51.34 -13.41 -70.85
C VAL GC 147 -50.23 -13.28 -71.90
N GLY GC 148 -49.11 -12.69 -71.50
CA GLY GC 148 -47.98 -12.46 -72.39
C GLY GC 148 -46.92 -13.51 -72.15
N VAL GC 149 -46.15 -13.83 -73.19
CA VAL GC 149 -45.09 -14.81 -73.12
C VAL GC 149 -43.77 -14.12 -73.47
N ASN GC 150 -42.78 -14.26 -72.61
CA ASN GC 150 -41.53 -13.52 -72.70
C ASN GC 150 -40.34 -14.47 -72.79
N LYS GC 151 -39.19 -13.91 -73.16
CA LYS GC 151 -37.91 -14.61 -73.21
C LYS GC 151 -37.92 -15.76 -74.21
N MET GC 152 -38.24 -15.43 -75.47
CA MET GC 152 -38.07 -16.40 -76.55
C MET GC 152 -36.62 -16.51 -77.00
N ASP GC 153 -35.76 -15.56 -76.63
CA ASP GC 153 -34.35 -15.63 -76.96
C ASP GC 153 -33.49 -16.33 -75.91
N SER GC 154 -34.07 -16.66 -74.75
CA SER GC 154 -33.34 -17.41 -73.72
C SER GC 154 -33.62 -18.90 -73.80
N THR GC 155 -34.76 -19.30 -74.33
CA THR GC 155 -35.12 -20.72 -74.41
C THR GC 155 -34.27 -21.41 -75.47
N GLU GC 156 -34.21 -22.74 -75.35
CA GLU GC 156 -33.43 -23.57 -76.27
C GLU GC 156 -34.35 -24.58 -76.96
N PRO GC 157 -34.51 -24.50 -78.29
CA PRO GC 157 -33.96 -23.51 -79.21
C PRO GC 157 -34.79 -22.22 -79.16
N PRO GC 158 -34.22 -21.08 -79.53
CA PRO GC 158 -34.97 -19.81 -79.46
C PRO GC 158 -36.12 -19.79 -80.45
N TYR GC 159 -37.18 -19.07 -80.07
CA TYR GC 159 -38.37 -18.87 -80.90
C TYR GC 159 -39.04 -20.19 -81.31
N SEP GC 160 -39.39 -21.00 -80.31
CA SEP GC 160 -39.98 -22.31 -80.56
CB SEP GC 160 -39.55 -23.28 -79.46
OG SEP GC 160 -40.43 -24.40 -79.39
C SEP GC 160 -41.50 -22.27 -80.64
O SEP GC 160 -42.16 -21.45 -79.99
P SEP GC 160 -39.77 -25.69 -80.08
O1P SEP GC 160 -40.80 -26.31 -81.14
O2P SEP GC 160 -39.44 -26.80 -78.94
O3P SEP GC 160 -38.41 -25.27 -80.83
N GLN GC 161 -42.08 -23.17 -81.45
CA GLN GC 161 -43.52 -23.25 -81.63
C GLN GC 161 -44.17 -24.17 -80.60
N LYS GC 162 -43.57 -25.36 -80.42
CA LYS GC 162 -44.06 -26.31 -79.43
C LYS GC 162 -44.01 -25.72 -78.03
N ARG GC 163 -42.95 -24.96 -77.74
CA ARG GC 163 -42.82 -24.30 -76.45
C ARG GC 163 -44.00 -23.37 -76.19
N TYR GC 164 -44.32 -22.52 -77.17
CA TYR GC 164 -45.40 -21.55 -76.99
C TYR GC 164 -46.75 -22.24 -76.91
N GLU GC 165 -46.95 -23.31 -77.68
CA GLU GC 165 -48.20 -24.06 -77.60
C GLU GC 165 -48.37 -24.69 -76.22
N GLU GC 166 -47.29 -25.26 -75.68
CA GLU GC 166 -47.34 -25.78 -74.31
C GLU GC 166 -47.64 -24.69 -73.30
N ILE GC 167 -47.04 -23.51 -73.50
CA ILE GC 167 -47.27 -22.38 -72.59
C ILE GC 167 -48.74 -21.98 -72.59
N VAL GC 168 -49.32 -21.84 -73.78
CA VAL GC 168 -50.72 -21.44 -73.86
C VAL GC 168 -51.62 -22.49 -73.25
N LYS GC 169 -51.35 -23.78 -73.53
CA LYS GC 169 -52.18 -24.83 -72.97
C LYS GC 169 -52.10 -24.88 -71.44
N GLU GC 170 -50.88 -24.76 -70.90
CA GLU GC 170 -50.72 -24.87 -69.45
C GLU GC 170 -51.23 -23.63 -68.74
N VAL GC 171 -51.22 -22.47 -69.39
CA VAL GC 171 -51.86 -21.29 -68.82
C VAL GC 171 -53.38 -21.46 -68.83
N SER GC 172 -53.93 -21.94 -69.95
CA SER GC 172 -55.39 -22.06 -70.09
C SER GC 172 -55.96 -23.06 -69.09
N THR GC 173 -55.29 -24.22 -68.93
CA THR GC 173 -55.84 -25.31 -68.16
C THR GC 173 -55.99 -25.00 -66.68
N TYR GC 174 -55.41 -23.91 -66.20
CA TYR GC 174 -55.66 -23.44 -64.84
C TYR GC 174 -56.31 -22.07 -64.77
N ILE GC 175 -56.15 -21.22 -65.80
CA ILE GC 175 -56.82 -19.93 -65.77
C ILE GC 175 -58.32 -20.11 -66.02
N LYS GC 176 -58.72 -21.25 -66.59
CA LYS GC 176 -60.14 -21.59 -66.61
C LYS GC 176 -60.66 -21.78 -65.19
N LYS GC 177 -59.87 -22.44 -64.33
CA LYS GC 177 -60.25 -22.57 -62.93
C LYS GC 177 -60.23 -21.22 -62.23
N ILE GC 178 -59.28 -20.36 -62.59
CA ILE GC 178 -59.21 -19.03 -61.98
C ILE GC 178 -60.42 -18.18 -62.38
N GLY GC 179 -60.71 -18.12 -63.68
CA GLY GC 179 -61.90 -17.42 -64.12
C GLY GC 179 -61.80 -16.59 -65.39
N TYR GC 180 -60.62 -16.54 -66.02
CA TYR GC 180 -60.46 -15.76 -67.24
C TYR GC 180 -60.58 -16.65 -68.48
N ASN GC 181 -61.34 -16.18 -69.47
CA ASN GC 181 -61.60 -16.94 -70.68
C ASN GC 181 -60.43 -16.79 -71.64
N PRO GC 182 -59.74 -17.88 -72.01
CA PRO GC 182 -58.70 -17.77 -73.04
C PRO GC 182 -59.26 -17.38 -74.41
N ASP GC 183 -60.56 -17.59 -74.66
CA ASP GC 183 -61.15 -17.10 -75.88
C ASP GC 183 -61.25 -15.58 -75.88
N THR GC 184 -61.31 -14.96 -74.69
CA THR GC 184 -61.26 -13.51 -74.59
C THR GC 184 -59.88 -13.01 -74.16
N VAL GC 185 -59.17 -13.76 -73.34
CA VAL GC 185 -57.82 -13.37 -72.92
C VAL GC 185 -56.86 -13.64 -74.08
N ALA GC 186 -56.22 -12.59 -74.57
CA ALA GC 186 -55.26 -12.74 -75.65
C ALA GC 186 -53.98 -13.37 -75.14
N PHE GC 187 -53.27 -14.04 -76.04
CA PHE GC 187 -51.98 -14.64 -75.76
C PHE GC 187 -50.97 -14.10 -76.76
N VAL GC 188 -49.91 -13.47 -76.26
CA VAL GC 188 -48.89 -12.86 -77.10
C VAL GC 188 -47.53 -13.40 -76.68
N PRO GC 189 -46.70 -13.85 -77.63
CA PRO GC 189 -45.28 -14.04 -77.31
C PRO GC 189 -44.49 -12.78 -77.62
N ILE GC 190 -43.68 -12.31 -76.65
CA ILE GC 190 -42.91 -11.08 -76.81
C ILE GC 190 -41.50 -11.30 -76.28
N SER GC 191 -40.65 -10.29 -76.47
CA SER GC 191 -39.32 -10.26 -75.87
C SER GC 191 -38.92 -8.79 -75.76
N GLY GC 192 -39.00 -8.25 -74.54
CA GLY GC 192 -38.71 -6.84 -74.35
C GLY GC 192 -37.27 -6.47 -74.60
N TRP GC 193 -36.33 -7.30 -74.11
CA TRP GC 193 -34.91 -6.97 -74.24
C TRP GC 193 -34.49 -6.95 -75.70
N ASN GC 194 -34.94 -7.94 -76.47
CA ASN GC 194 -34.67 -7.91 -77.91
C ASN GC 194 -35.57 -6.91 -78.62
N GLY GC 195 -36.80 -6.76 -78.15
CA GLY GC 195 -37.73 -5.83 -78.75
C GLY GC 195 -38.45 -6.40 -79.96
N ASP GC 196 -39.02 -7.59 -79.83
CA ASP GC 196 -39.74 -8.23 -80.91
C ASP GC 196 -41.22 -8.42 -80.59
N ASN GC 197 -42.04 -8.43 -81.63
CA ASN GC 197 -43.48 -8.64 -81.57
C ASN GC 197 -44.17 -7.63 -80.64
N MET GC 198 -43.57 -6.46 -80.43
CA MET GC 198 -44.11 -5.45 -79.53
C MET GC 198 -44.71 -4.28 -80.31
N LEU GC 199 -43.94 -3.64 -81.17
CA LEU GC 199 -44.42 -2.56 -82.02
C LEU GC 199 -44.63 -2.96 -83.46
N GLU GC 200 -43.83 -3.91 -83.96
CA GLU GC 200 -43.89 -4.38 -85.34
C GLU GC 200 -43.86 -5.90 -85.37
N PRO GC 201 -44.49 -6.51 -86.37
CA PRO GC 201 -44.51 -7.98 -86.43
C PRO GC 201 -43.11 -8.58 -86.52
N SER GC 202 -42.94 -9.73 -85.86
CA SER GC 202 -41.62 -10.32 -85.68
C SER GC 202 -41.13 -11.03 -86.94
N ALA GC 203 -39.82 -11.05 -87.10
CA ALA GC 203 -39.17 -11.78 -88.18
C ALA GC 203 -38.33 -12.95 -87.70
N ASN GC 204 -37.87 -12.95 -86.45
CA ASN GC 204 -37.15 -14.09 -85.91
C ASN GC 204 -38.08 -15.24 -85.53
N MET GC 205 -39.37 -14.98 -85.35
CA MET GC 205 -40.36 -16.03 -85.07
C MET GC 205 -41.56 -15.88 -86.00
N PRO GC 206 -41.43 -16.34 -87.25
CA PRO GC 206 -42.56 -16.26 -88.18
C PRO GC 206 -43.68 -17.25 -87.88
N TRP GC 207 -43.46 -18.22 -86.98
CA TRP GC 207 -44.48 -19.21 -86.70
C TRP GC 207 -45.72 -18.62 -86.04
N PHE GC 208 -45.58 -17.46 -85.39
CA PHE GC 208 -46.72 -16.80 -84.76
C PHE GC 208 -47.49 -16.03 -85.82
N LYS GC 209 -48.73 -16.45 -86.09
CA LYS GC 209 -49.57 -15.75 -87.06
C LYS GC 209 -50.20 -14.53 -86.43
N GLY GC 210 -51.00 -14.73 -85.39
CA GLY GC 210 -51.68 -13.65 -84.71
C GLY GC 210 -52.75 -14.14 -83.76
N TRP GC 211 -52.83 -13.52 -82.59
CA TRP GC 211 -53.83 -13.88 -81.61
C TRP GC 211 -55.22 -13.46 -82.09
N LYS GC 212 -56.24 -14.14 -81.57
CA LYS GC 212 -57.62 -13.78 -81.82
C LYS GC 212 -58.40 -13.79 -80.51
N VAL GC 213 -59.32 -12.85 -80.36
CA VAL GC 213 -60.19 -12.78 -79.20
C VAL GC 213 -61.63 -12.83 -79.67
N THR GC 214 -62.49 -13.42 -78.84
CA THR GC 214 -63.92 -13.55 -79.13
C THR GC 214 -64.70 -13.07 -77.91
N ARG GC 215 -64.96 -11.76 -77.87
CA ARG GC 215 -65.77 -11.17 -76.81
C ARG GC 215 -67.15 -10.82 -77.33
N LYS GC 216 -68.11 -10.67 -76.41
CA LYS GC 216 -69.45 -10.26 -76.80
C LYS GC 216 -69.46 -8.84 -77.33
N ASP GC 217 -68.70 -7.95 -76.70
CA ASP GC 217 -68.71 -6.53 -77.09
C ASP GC 217 -67.95 -6.30 -78.39
N GLY GC 218 -66.81 -6.95 -78.57
CA GLY GC 218 -66.01 -6.73 -79.77
C GLY GC 218 -65.03 -7.85 -80.06
N ASN GC 219 -64.82 -8.14 -81.34
CA ASN GC 219 -63.90 -9.18 -81.77
C ASN GC 219 -62.67 -8.53 -82.39
N ALA GC 220 -61.49 -8.93 -81.94
CA ALA GC 220 -60.24 -8.35 -82.39
C ALA GC 220 -59.22 -9.44 -82.68
N SER GC 221 -58.23 -9.08 -83.51
CA SER GC 221 -57.14 -10.00 -83.84
C SER GC 221 -55.97 -9.15 -84.34
N GLY GC 222 -54.84 -9.24 -83.65
CA GLY GC 222 -53.67 -8.47 -84.04
C GLY GC 222 -52.40 -9.29 -84.02
N THR GC 223 -51.25 -8.61 -84.17
CA THR GC 223 -49.96 -9.27 -84.16
C THR GC 223 -49.00 -8.71 -83.11
N THR GC 224 -49.15 -7.45 -82.72
CA THR GC 224 -48.27 -6.82 -81.74
C THR GC 224 -49.02 -6.57 -80.44
N LEU GC 225 -48.26 -6.34 -79.38
CA LEU GC 225 -48.87 -6.12 -78.07
C LEU GC 225 -49.56 -4.76 -77.97
N LEU GC 226 -49.18 -3.78 -78.81
CA LEU GC 226 -49.97 -2.56 -78.90
C LEU GC 226 -51.36 -2.84 -79.44
N GLU GC 227 -51.44 -3.72 -80.46
CA GLU GC 227 -52.73 -4.08 -81.05
C GLU GC 227 -53.61 -4.84 -80.06
N ALA GC 228 -53.04 -5.42 -79.02
CA ALA GC 228 -53.82 -6.06 -77.96
C ALA GC 228 -54.08 -5.11 -76.80
N LEU GC 229 -53.19 -4.16 -76.57
CA LEU GC 229 -53.41 -3.14 -75.54
C LEU GC 229 -54.51 -2.18 -75.95
N ASP GC 230 -54.70 -1.98 -77.26
CA ASP GC 230 -55.67 -1.01 -77.73
C ASP GC 230 -57.06 -1.61 -77.91
N CYS GC 231 -57.16 -2.92 -78.12
CA CYS GC 231 -58.45 -3.56 -78.32
C CYS GC 231 -59.17 -3.87 -77.02
N ILE GC 232 -58.57 -3.51 -75.88
CA ILE GC 232 -59.18 -3.76 -74.58
C ILE GC 232 -60.48 -2.97 -74.48
N LEU GC 233 -61.54 -3.65 -74.06
CA LEU GC 233 -62.86 -3.04 -74.03
C LEU GC 233 -62.90 -1.91 -73.01
N PRO GC 234 -63.51 -0.77 -73.37
CA PRO GC 234 -63.60 0.35 -72.42
C PRO GC 234 -64.52 0.01 -71.26
N PRO GC 235 -64.03 0.14 -70.03
CA PRO GC 235 -64.86 -0.21 -68.87
C PRO GC 235 -66.00 0.76 -68.66
N THR GC 236 -67.09 0.24 -68.09
CA THR GC 236 -68.23 1.07 -67.74
C THR GC 236 -67.87 1.98 -66.58
N ARG GC 237 -67.91 3.28 -66.81
CA ARG GC 237 -67.55 4.25 -65.77
C ARG GC 237 -68.81 4.74 -65.08
N PRO GC 238 -69.00 4.41 -63.80
CA PRO GC 238 -70.19 4.86 -63.05
C PRO GC 238 -70.03 6.26 -62.47
N THR GC 239 -70.12 7.26 -63.35
CA THR GC 239 -69.83 8.63 -62.98
C THR GC 239 -70.90 9.27 -62.11
N ASP GC 240 -72.12 8.73 -62.11
CA ASP GC 240 -73.20 9.29 -61.30
C ASP GC 240 -73.07 8.95 -59.81
N LYS GC 241 -72.36 7.87 -59.47
CA LYS GC 241 -72.20 7.49 -58.07
C LYS GC 241 -71.32 8.48 -57.32
N PRO GC 242 -71.44 8.54 -56.00
CA PRO GC 242 -70.65 9.51 -55.22
C PRO GC 242 -69.16 9.27 -55.34
N LEU GC 243 -68.41 10.37 -55.29
CA LEU GC 243 -66.98 10.34 -55.57
C LEU GC 243 -66.23 9.52 -54.52
N ARG GC 244 -65.31 8.69 -55.00
CA ARG GC 244 -64.45 7.88 -54.13
C ARG GC 244 -63.05 7.84 -54.74
N LEU GC 245 -62.03 8.02 -53.90
CA LEU GC 245 -60.64 8.02 -54.34
C LEU GC 245 -59.81 7.12 -53.44
N PRO GC 246 -59.63 5.86 -53.80
CA PRO GC 246 -58.67 5.02 -53.06
C PRO GC 246 -57.24 5.50 -53.26
N LEU GC 247 -56.65 6.04 -52.20
CA LEU GC 247 -55.38 6.76 -52.32
C LEU GC 247 -54.23 5.80 -52.55
N GLN GC 248 -53.37 6.13 -53.51
CA GLN GC 248 -52.15 5.36 -53.77
C GLN GC 248 -51.02 5.78 -52.83
N ASP GC 249 -50.56 7.01 -52.98
CA ASP GC 249 -49.38 7.51 -52.28
C ASP GC 249 -49.58 8.98 -51.95
N VAL GC 250 -48.76 9.48 -51.03
CA VAL GC 250 -48.79 10.89 -50.63
C VAL GC 250 -47.40 11.50 -50.84
N TYR GC 251 -47.37 12.70 -51.40
CA TYR GC 251 -46.13 13.39 -51.71
C TYR GC 251 -46.17 14.81 -51.17
N LYS GC 252 -45.00 15.32 -50.78
CA LYS GC 252 -44.84 16.67 -50.26
C LYS GC 252 -43.88 17.41 -51.18
N ILE GC 253 -44.43 17.99 -52.25
CA ILE GC 253 -43.63 18.70 -53.24
C ILE GC 253 -43.48 20.14 -52.81
N GLY GC 254 -42.24 20.63 -52.83
CA GLY GC 254 -41.95 22.00 -52.46
C GLY GC 254 -42.62 23.02 -53.35
N GLY GC 255 -43.37 23.93 -52.75
CA GLY GC 255 -44.05 24.98 -53.46
C GLY GC 255 -45.52 24.74 -53.71
N ILE GC 256 -45.92 23.48 -53.85
CA ILE GC 256 -47.32 23.14 -54.05
C ILE GC 256 -47.90 22.39 -52.85
N GLY GC 257 -47.08 21.86 -51.97
CA GLY GC 257 -47.56 21.26 -50.75
C GLY GC 257 -47.77 19.76 -50.83
N THR GC 258 -48.66 19.25 -49.99
CA THR GC 258 -48.97 17.83 -49.96
C THR GC 258 -50.07 17.53 -50.96
N VAL GC 259 -49.71 16.92 -52.08
CA VAL GC 259 -50.63 16.66 -53.19
C VAL GC 259 -50.93 15.16 -53.24
N PRO GC 260 -52.11 14.72 -52.84
CA PRO GC 260 -52.46 13.31 -52.97
C PRO GC 260 -52.55 12.89 -54.44
N VAL GC 261 -52.22 11.63 -54.69
CA VAL GC 261 -52.40 10.99 -55.99
C VAL GC 261 -53.18 9.72 -55.77
N GLY GC 262 -54.39 9.65 -56.33
CA GLY GC 262 -55.25 8.50 -56.15
C GLY GC 262 -56.16 8.30 -57.33
N ARG GC 263 -56.63 7.07 -57.49
CA ARG GC 263 -57.49 6.72 -58.62
C ARG GC 263 -58.89 7.25 -58.41
N VAL GC 264 -59.44 7.89 -59.44
CA VAL GC 264 -60.83 8.33 -59.40
C VAL GC 264 -61.71 7.13 -59.71
N GLU GC 265 -62.64 6.84 -58.80
CA GLU GC 265 -63.51 5.68 -58.94
C GLU GC 265 -64.86 6.06 -59.51
N THR GC 266 -65.55 6.98 -58.83
CA THR GC 266 -66.86 7.48 -59.25
C THR GC 266 -66.85 9.00 -59.11
N GLY GC 267 -67.85 9.64 -59.71
CA GLY GC 267 -67.95 11.08 -59.63
C GLY GC 267 -66.86 11.77 -60.44
N VAL GC 268 -66.79 13.09 -60.27
CA VAL GC 268 -65.80 13.93 -60.95
C VAL GC 268 -65.12 14.80 -59.91
N LEU GC 269 -63.79 14.81 -59.92
CA LEU GC 269 -62.99 15.66 -59.06
C LEU GC 269 -62.58 16.92 -59.82
N LYS GC 270 -62.73 18.08 -59.19
CA LYS GC 270 -62.53 19.36 -59.83
C LYS GC 270 -61.78 20.29 -58.88
N PRO GC 271 -61.07 21.28 -59.42
CA PRO GC 271 -60.51 22.33 -58.56
C PRO GC 271 -61.60 23.14 -57.89
N GLY GC 272 -61.33 23.55 -56.65
CA GLY GC 272 -62.28 24.34 -55.89
C GLY GC 272 -63.48 23.55 -55.40
N MET GC 273 -63.23 22.51 -54.60
CA MET GC 273 -64.31 21.66 -54.10
C MET GC 273 -63.81 20.94 -52.86
N VAL GC 274 -64.50 21.15 -51.73
CA VAL GC 274 -64.05 20.61 -50.45
C VAL GC 274 -64.21 19.10 -50.42
N VAL GC 275 -63.18 18.40 -49.95
CA VAL GC 275 -63.18 16.94 -49.89
C VAL GC 275 -62.82 16.50 -48.48
N THR GC 276 -63.17 15.25 -48.18
CA THR GC 276 -62.93 14.65 -46.88
C THR GC 276 -62.20 13.32 -47.05
N PHE GC 277 -61.53 12.90 -45.99
CA PHE GC 277 -60.84 11.61 -45.95
C PHE GC 277 -61.44 10.76 -44.84
N ALA GC 278 -61.79 9.52 -45.19
CA ALA GC 278 -62.45 8.63 -44.21
C ALA GC 278 -61.58 8.28 -43.00
N PRO GC 279 -60.31 7.85 -43.15
CA PRO GC 279 -59.60 7.38 -41.94
C PRO GC 279 -59.10 8.50 -41.05
N VAL GC 280 -58.80 9.68 -41.60
CA VAL GC 280 -58.21 10.76 -40.82
C VAL GC 280 -59.24 11.83 -40.43
N ASN GC 281 -60.41 11.83 -41.07
CA ASN GC 281 -61.54 12.75 -40.86
C ASN GC 281 -61.09 14.19 -40.58
N VAL GC 282 -60.35 14.72 -41.54
CA VAL GC 282 -59.97 16.14 -41.57
C VAL GC 282 -60.45 16.72 -42.89
N THR GC 283 -61.15 17.86 -42.81
CA THR GC 283 -61.68 18.51 -44.00
C THR GC 283 -60.61 19.35 -44.69
N THR GC 284 -60.71 19.44 -46.01
CA THR GC 284 -59.76 20.19 -46.81
C THR GC 284 -60.41 20.54 -48.14
N GLU GC 285 -59.86 21.57 -48.79
CA GLU GC 285 -60.42 22.13 -50.02
C GLU GC 285 -59.45 21.89 -51.17
N VAL GC 286 -59.94 21.32 -52.26
CA VAL GC 286 -59.10 21.05 -53.42
C VAL GC 286 -58.76 22.35 -54.13
N LYS GC 287 -57.48 22.55 -54.44
CA LYS GC 287 -57.03 23.73 -55.15
C LYS GC 287 -57.00 23.52 -56.66
N SER GC 288 -56.45 22.40 -57.12
CA SER GC 288 -56.26 22.14 -58.54
C SER GC 288 -56.25 20.64 -58.78
N VAL GC 289 -56.37 20.25 -60.04
CA VAL GC 289 -56.36 18.85 -60.45
C VAL GC 289 -55.41 18.70 -61.64
N GLU GC 290 -54.52 17.71 -61.57
CA GLU GC 290 -53.54 17.46 -62.63
C GLU GC 290 -53.34 15.95 -62.77
N MET GC 291 -52.77 15.55 -63.91
CA MET GC 291 -52.36 14.16 -64.11
C MET GC 291 -51.13 14.08 -64.99
N HIS GC 292 -50.15 13.27 -64.57
CA HIS GC 292 -48.98 12.89 -65.36
C HIS GC 292 -48.33 14.09 -66.05
N HIS GC 293 -47.95 15.08 -65.24
CA HIS GC 293 -47.31 16.31 -65.70
C HIS GC 293 -48.21 17.10 -66.66
N GLU GC 294 -49.53 16.95 -66.52
CA GLU GC 294 -50.51 17.70 -67.29
C GLU GC 294 -51.70 18.03 -66.39
N ALA GC 295 -52.42 19.10 -66.72
CA ALA GC 295 -53.46 19.61 -65.84
C ALA GC 295 -54.85 19.15 -66.29
N LEU GC 296 -55.79 19.19 -65.34
CA LEU GC 296 -57.19 18.85 -65.59
C LEU GC 296 -58.10 19.82 -64.86
N SER GC 297 -59.09 20.34 -65.57
CA SER GC 297 -60.19 21.03 -64.91
C SER GC 297 -61.25 20.07 -64.40
N GLU GC 298 -61.23 18.82 -64.88
CA GLU GC 298 -62.14 17.76 -64.44
C GLU GC 298 -61.36 16.45 -64.39
N ALA GC 299 -61.70 15.61 -63.41
CA ALA GC 299 -61.06 14.31 -63.25
C ALA GC 299 -62.10 13.23 -63.45
N LEU GC 300 -61.85 12.35 -64.42
CA LEU GC 300 -62.76 11.28 -64.82
C LEU GC 300 -62.41 9.97 -64.11
N PRO GC 301 -63.38 9.05 -63.98
CA PRO GC 301 -63.11 7.79 -63.28
C PRO GC 301 -62.04 6.96 -63.96
N GLY GC 302 -61.36 6.14 -63.16
CA GLY GC 302 -60.26 5.33 -63.65
C GLY GC 302 -59.06 6.14 -64.09
N ASP GC 303 -58.65 7.13 -63.29
CA ASP GC 303 -57.59 8.05 -63.65
C ASP GC 303 -56.63 8.23 -62.48
N ASN GC 304 -55.34 8.27 -62.79
CA ASN GC 304 -54.30 8.54 -61.79
C ASN GC 304 -54.02 10.04 -61.81
N VAL GC 305 -54.66 10.78 -60.90
CA VAL GC 305 -54.63 12.23 -60.89
C VAL GC 305 -53.92 12.72 -59.63
N GLY GC 306 -53.20 13.84 -59.78
CA GLY GC 306 -52.58 14.50 -58.64
C GLY GC 306 -53.22 15.84 -58.37
N PHE GC 307 -53.97 15.93 -57.28
CA PHE GC 307 -54.75 17.13 -56.95
C PHE GC 307 -54.26 17.72 -55.64
N ASN GC 308 -54.09 19.05 -55.63
CA ASN GC 308 -53.53 19.74 -54.48
C ASN GC 308 -54.65 20.15 -53.54
N VAL GC 309 -54.68 19.56 -52.35
CA VAL GC 309 -55.58 19.98 -51.29
C VAL GC 309 -54.82 20.92 -50.36
N LYS GC 310 -55.55 21.65 -49.53
CA LYS GC 310 -54.98 22.77 -48.78
C LYS GC 310 -54.88 22.43 -47.30
N ASN GC 311 -53.68 22.66 -46.74
CA ASN GC 311 -53.43 22.68 -45.30
C ASN GC 311 -53.61 21.30 -44.65
N VAL GC 312 -52.97 20.29 -45.22
CA VAL GC 312 -52.79 18.99 -44.58
C VAL GC 312 -51.34 18.56 -44.79
N SER GC 313 -50.72 18.04 -43.72
CA SER GC 313 -49.32 17.67 -43.78
C SER GC 313 -49.14 16.31 -44.45
N VAL GC 314 -47.88 15.98 -44.73
CA VAL GC 314 -47.57 14.69 -45.35
C VAL GC 314 -47.78 13.55 -44.36
N LYS GC 315 -47.56 13.81 -43.06
CA LYS GC 315 -47.70 12.75 -42.07
C LYS GC 315 -49.16 12.48 -41.73
N ASP GC 316 -50.02 13.50 -41.80
CA ASP GC 316 -51.42 13.32 -41.41
C ASP GC 316 -52.14 12.35 -42.33
N VAL GC 317 -51.92 12.47 -43.64
CA VAL GC 317 -52.55 11.59 -44.63
C VAL GC 317 -51.47 10.68 -45.18
N ARG GC 318 -51.65 9.37 -44.99
CA ARG GC 318 -50.68 8.37 -45.41
C ARG GC 318 -51.32 7.45 -46.44
N ARG GC 319 -50.61 6.37 -46.78
CA ARG GC 319 -51.01 5.55 -47.91
C ARG GC 319 -52.28 4.75 -47.63
N GLY GC 320 -53.16 4.68 -48.63
CA GLY GC 320 -54.28 3.77 -48.60
C GLY GC 320 -55.59 4.29 -48.07
N ASN GC 321 -55.75 5.61 -47.92
CA ASN GC 321 -57.00 6.14 -47.41
C ASN GC 321 -58.05 6.22 -48.52
N VAL GC 322 -59.26 6.63 -48.14
CA VAL GC 322 -60.37 6.84 -49.07
C VAL GC 322 -60.79 8.29 -48.96
N ALA GC 323 -60.87 8.98 -50.10
CA ALA GC 323 -61.32 10.36 -50.16
C ALA GC 323 -62.63 10.45 -50.91
N GLY GC 324 -63.36 11.54 -50.69
CA GLY GC 324 -64.65 11.71 -51.34
C GLY GC 324 -65.11 13.15 -51.30
N ASP GC 325 -66.22 13.39 -52.00
CA ASP GC 325 -66.85 14.70 -51.95
C ASP GC 325 -67.46 14.96 -50.58
N SER GC 326 -67.23 16.17 -50.05
CA SER GC 326 -67.79 16.53 -48.75
C SER GC 326 -69.27 16.87 -48.84
N LYS GC 327 -69.74 17.32 -50.01
CA LYS GC 327 -71.15 17.66 -50.16
C LYS GC 327 -72.02 16.41 -50.29
N ASN GC 328 -71.57 15.41 -51.03
CA ASN GC 328 -72.28 14.14 -51.13
C ASN GC 328 -72.00 13.30 -49.89
N ASP GC 329 -72.60 12.11 -49.82
CA ASP GC 329 -72.41 11.24 -48.67
C ASP GC 329 -70.95 10.80 -48.58
N PRO GC 330 -70.32 10.89 -47.41
CA PRO GC 330 -68.88 10.64 -47.32
C PRO GC 330 -68.60 9.19 -46.96
N PRO GC 331 -67.42 8.68 -47.31
CA PRO GC 331 -66.95 7.45 -46.66
C PRO GC 331 -66.66 7.72 -45.19
N MET GC 332 -67.14 6.80 -44.35
CA MET GC 332 -67.11 7.01 -42.91
C MET GC 332 -66.53 5.76 -42.24
N GLU GC 333 -65.89 5.97 -41.08
CA GLU GC 333 -65.28 4.89 -40.31
C GLU GC 333 -66.25 3.73 -40.10
N ALA GC 334 -65.80 2.53 -40.44
CA ALA GC 334 -66.61 1.32 -40.36
C ALA GC 334 -66.19 0.53 -39.12
N ALA GC 335 -67.01 0.59 -38.07
CA ALA GC 335 -66.76 -0.23 -36.89
C ALA GC 335 -66.83 -1.71 -37.24
N GLY GC 336 -67.81 -2.11 -38.04
CA GLY GC 336 -67.93 -3.47 -38.50
C GLY GC 336 -68.60 -3.52 -39.86
N PHE GC 337 -68.28 -4.58 -40.59
CA PHE GC 337 -68.88 -4.79 -41.91
C PHE GC 337 -69.02 -6.28 -42.13
N THR GC 338 -70.17 -6.70 -42.66
CA THR GC 338 -70.46 -8.10 -42.90
C THR GC 338 -69.91 -8.51 -44.26
N ALA GC 339 -68.99 -9.46 -44.28
CA ALA GC 339 -68.26 -9.85 -45.48
C ALA GC 339 -68.55 -11.30 -45.85
N GLN GC 340 -68.39 -11.60 -47.14
CA GLN GC 340 -68.65 -12.94 -47.67
C GLN GC 340 -67.32 -13.54 -48.10
N VAL GC 341 -66.62 -14.15 -47.15
CA VAL GC 341 -65.32 -14.75 -47.43
C VAL GC 341 -65.54 -16.15 -47.95
N ILE GC 342 -64.92 -16.45 -49.10
CA ILE GC 342 -64.99 -17.76 -49.73
C ILE GC 342 -63.64 -18.42 -49.56
N ILE GC 343 -63.59 -19.45 -48.72
CA ILE GC 343 -62.33 -20.08 -48.34
C ILE GC 343 -61.82 -20.92 -49.51
N LEU GC 344 -60.59 -20.67 -49.94
CA LEU GC 344 -60.01 -21.36 -51.09
C LEU GC 344 -58.99 -22.42 -50.68
N ASN GC 345 -57.98 -22.04 -49.91
CA ASN GC 345 -56.90 -22.96 -49.53
C ASN GC 345 -56.47 -22.62 -48.11
N HIS GC 346 -57.02 -23.33 -47.14
CA HIS GC 346 -56.61 -23.15 -45.75
C HIS GC 346 -56.49 -24.51 -45.07
N PRO GC 347 -55.29 -24.90 -44.65
CA PRO GC 347 -55.11 -26.20 -43.99
C PRO GC 347 -55.88 -26.32 -42.68
N GLY GC 348 -55.61 -25.39 -41.75
CA GLY GC 348 -56.28 -25.43 -40.48
C GLY GC 348 -57.72 -24.97 -40.57
N GLN GC 349 -58.46 -25.21 -39.49
CA GLN GC 349 -59.84 -24.76 -39.41
C GLN GC 349 -59.89 -23.28 -39.10
N ILE GC 350 -60.91 -22.61 -39.64
CA ILE GC 350 -61.12 -21.18 -39.43
C ILE GC 350 -62.29 -21.04 -38.46
N SER GC 351 -61.98 -20.79 -37.19
CA SER GC 351 -62.97 -20.43 -36.20
C SER GC 351 -62.94 -18.92 -35.96
N ALA GC 352 -63.87 -18.45 -35.14
CA ALA GC 352 -63.93 -17.03 -34.81
C ALA GC 352 -62.81 -16.70 -33.84
N GLY GC 353 -61.85 -15.89 -34.29
CA GLY GC 353 -60.75 -15.48 -33.42
C GLY GC 353 -59.40 -15.40 -34.11
N TYR GC 354 -59.21 -16.19 -35.17
CA TYR GC 354 -57.97 -16.11 -35.93
C TYR GC 354 -57.95 -14.83 -36.77
N ALA GC 355 -56.77 -14.23 -36.89
CA ALA GC 355 -56.63 -12.92 -37.50
C ALA GC 355 -55.78 -12.98 -38.76
N PRO GC 356 -56.38 -13.06 -39.94
CA PRO GC 356 -55.64 -12.85 -41.19
C PRO GC 356 -55.57 -11.36 -41.51
N VAL GC 357 -54.81 -11.03 -42.56
CA VAL GC 357 -54.72 -9.66 -43.03
C VAL GC 357 -55.74 -9.44 -44.13
N LEU GC 358 -56.61 -8.45 -43.94
CA LEU GC 358 -57.69 -8.15 -44.86
C LEU GC 358 -57.39 -6.84 -45.56
N ASP GC 359 -57.42 -6.85 -46.89
CA ASP GC 359 -56.98 -5.73 -47.70
C ASP GC 359 -58.14 -5.20 -48.57
N CYS GC 360 -58.94 -4.32 -47.98
CA CYS GC 360 -59.96 -3.59 -48.73
C CYS GC 360 -59.26 -2.52 -49.56
N HIS GC 361 -59.61 -2.46 -50.85
CA HIS GC 361 -58.97 -1.61 -51.85
C HIS GC 361 -57.45 -1.55 -51.73
N THR GC 362 -56.91 -0.44 -51.23
CA THR GC 362 -55.49 -0.18 -51.29
C THR GC 362 -54.72 -0.66 -50.06
N ALA GC 363 -55.10 -0.21 -48.87
CA ALA GC 363 -54.27 -0.37 -47.68
C ALA GC 363 -54.29 -1.81 -47.19
N HIS GC 364 -53.63 -2.06 -46.05
CA HIS GC 364 -53.45 -3.41 -45.54
C HIS GC 364 -53.48 -3.38 -44.02
N ILE GC 365 -54.56 -3.91 -43.45
CA ILE GC 365 -54.71 -4.04 -42.00
C ILE GC 365 -55.26 -5.43 -41.70
N ALA GC 366 -54.61 -6.13 -40.76
CA ALA GC 366 -55.15 -7.41 -40.30
C ALA GC 366 -56.45 -7.19 -39.55
N CYS GC 367 -57.45 -8.01 -39.88
CA CYS GC 367 -58.74 -7.94 -39.21
C CYS GC 367 -59.04 -9.29 -38.59
N LYS GC 368 -59.98 -9.29 -37.65
CA LYS GC 368 -60.25 -10.45 -36.81
C LYS GC 368 -61.69 -10.91 -36.99
N PHE GC 369 -61.87 -12.24 -37.00
CA PHE GC 369 -63.21 -12.81 -36.99
C PHE GC 369 -63.91 -12.51 -35.67
N ALA GC 370 -65.17 -12.09 -35.75
CA ALA GC 370 -66.02 -11.94 -34.57
C ALA GC 370 -66.87 -13.18 -34.35
N GLU GC 371 -67.73 -13.52 -35.31
CA GLU GC 371 -68.48 -14.76 -35.28
C GLU GC 371 -68.89 -15.10 -36.71
N LEU GC 372 -69.11 -16.39 -36.95
CA LEU GC 372 -69.49 -16.90 -38.26
C LEU GC 372 -71.00 -17.16 -38.25
N LYS GC 373 -71.73 -16.45 -39.11
CA LYS GC 373 -73.19 -16.49 -39.06
C LYS GC 373 -73.76 -17.72 -39.76
N GLU GC 374 -73.51 -17.84 -41.06
CA GLU GC 374 -74.10 -18.90 -41.86
C GLU GC 374 -73.07 -19.49 -42.82
N LYS GC 375 -73.22 -20.78 -43.12
CA LYS GC 375 -72.44 -21.44 -44.16
C LYS GC 375 -73.20 -21.37 -45.47
N ILE GC 376 -72.52 -20.92 -46.52
CA ILE GC 376 -73.11 -20.72 -47.84
C ILE GC 376 -72.31 -21.51 -48.86
N ASP GC 377 -73.01 -22.15 -49.79
CA ASP GC 377 -72.35 -22.90 -50.85
C ASP GC 377 -71.64 -21.95 -51.82
N ARG GC 378 -71.08 -22.54 -52.87
CA ARG GC 378 -70.04 -21.89 -53.65
C ARG GC 378 -70.57 -20.85 -54.64
N ARG GC 379 -71.88 -20.70 -54.80
CA ARG GC 379 -72.41 -19.68 -55.69
C ARG GC 379 -73.82 -19.28 -55.27
N SER GC 380 -74.24 -18.12 -55.77
CA SER GC 380 -75.61 -17.60 -55.79
C SER GC 380 -76.17 -17.21 -54.43
N GLY GC 381 -75.41 -17.36 -53.34
CA GLY GC 381 -75.94 -17.05 -52.03
C GLY GC 381 -77.07 -17.98 -51.61
N LYS GC 382 -76.85 -19.29 -51.79
CA LYS GC 382 -77.82 -20.30 -51.40
C LYS GC 382 -77.52 -20.76 -49.98
N LYS GC 383 -78.56 -20.80 -49.14
CA LYS GC 383 -78.39 -21.04 -47.72
C LYS GC 383 -78.25 -22.53 -47.42
N LEU GC 384 -77.26 -22.89 -46.59
CA LEU GC 384 -76.99 -24.28 -46.23
C LEU GC 384 -77.12 -24.55 -44.75
N GLU GC 385 -76.43 -23.80 -43.90
CA GLU GC 385 -76.32 -24.14 -42.48
C GLU GC 385 -76.17 -22.85 -41.67
N ASP GC 386 -76.56 -22.91 -40.40
CA ASP GC 386 -76.52 -21.76 -39.51
C ASP GC 386 -75.49 -21.98 -38.40
N GLY GC 387 -74.53 -21.06 -38.29
CA GLY GC 387 -73.57 -21.07 -37.22
C GLY GC 387 -72.67 -22.29 -37.18
N PRO GC 388 -71.78 -22.45 -38.16
CA PRO GC 388 -70.76 -23.49 -38.06
C PRO GC 388 -69.69 -23.12 -37.04
N LYS GC 389 -69.16 -24.14 -36.36
CA LYS GC 389 -68.13 -23.90 -35.36
C LYS GC 389 -66.82 -23.48 -36.00
N PHE GC 390 -66.52 -24.01 -37.19
CA PHE GC 390 -65.25 -23.72 -37.84
C PHE GC 390 -65.44 -23.73 -39.35
N LEU GC 391 -64.50 -23.12 -40.05
CA LEU GC 391 -64.52 -23.02 -41.51
C LEU GC 391 -63.29 -23.73 -42.10
N LYS GC 392 -63.49 -24.31 -43.27
CA LYS GC 392 -62.47 -25.14 -43.90
C LYS GC 392 -62.45 -24.82 -45.39
N SER GC 393 -61.34 -25.15 -46.04
CA SER GC 393 -61.12 -24.85 -47.45
C SER GC 393 -62.19 -25.47 -48.33
N GLY GC 394 -62.64 -24.71 -49.34
CA GLY GC 394 -63.66 -25.14 -50.25
C GLY GC 394 -65.07 -24.70 -49.92
N ASP GC 395 -65.24 -23.63 -49.16
CA ASP GC 395 -66.55 -23.20 -48.72
C ASP GC 395 -66.62 -21.68 -48.63
N ALA GC 396 -67.77 -21.13 -48.98
CA ALA GC 396 -68.08 -19.74 -48.78
C ALA GC 396 -68.76 -19.54 -47.44
N ALA GC 397 -68.64 -18.34 -46.89
CA ALA GC 397 -69.27 -18.06 -45.61
C ALA GC 397 -69.54 -16.57 -45.49
N ILE GC 398 -70.61 -16.25 -44.77
CA ILE GC 398 -70.93 -14.88 -44.40
C ILE GC 398 -70.47 -14.67 -42.96
N VAL GC 399 -69.75 -13.57 -42.72
CA VAL GC 399 -69.07 -13.35 -41.45
C VAL GC 399 -69.23 -11.90 -41.04
N ASP GC 400 -69.32 -11.67 -39.72
CA ASP GC 400 -69.22 -10.33 -39.16
C ASP GC 400 -67.79 -10.12 -38.66
N MET GC 401 -67.17 -9.02 -39.05
CA MET GC 401 -65.75 -8.80 -38.83
C MET GC 401 -65.54 -7.54 -38.01
N VAL GC 402 -64.58 -7.59 -37.09
CA VAL GC 402 -64.24 -6.46 -36.24
C VAL GC 402 -62.74 -6.20 -36.38
N PRO GC 403 -62.35 -5.25 -37.25
CA PRO GC 403 -60.93 -4.91 -37.36
C PRO GC 403 -60.38 -4.26 -36.10
N GLY GC 404 -59.10 -4.46 -35.87
CA GLY GC 404 -58.43 -3.85 -34.74
C GLY GC 404 -57.93 -2.45 -35.03
N LYS GC 405 -57.07 -2.33 -36.03
CA LYS GC 405 -56.66 -1.01 -36.51
C LYS GC 405 -57.79 -0.37 -37.30
N PRO GC 406 -58.08 0.92 -37.06
CA PRO GC 406 -59.22 1.55 -37.73
C PRO GC 406 -59.07 1.61 -39.24
N MET GC 407 -60.20 1.45 -39.93
CA MET GC 407 -60.26 1.48 -41.39
C MET GC 407 -61.70 1.74 -41.81
N CYS GC 408 -61.86 2.24 -43.03
CA CYS GC 408 -63.16 2.45 -43.64
C CYS GC 408 -63.29 1.53 -44.86
N VAL GC 409 -64.50 0.98 -45.02
CA VAL GC 409 -64.79 0.10 -46.15
C VAL GC 409 -66.13 0.50 -46.75
N GLU GC 410 -66.35 0.05 -47.97
CA GLU GC 410 -67.61 0.27 -48.68
C GLU GC 410 -68.06 -1.03 -49.33
N SER GC 411 -69.37 -1.11 -49.58
CA SER GC 411 -69.98 -2.33 -50.07
C SER GC 411 -69.77 -2.50 -51.57
N PHE GC 412 -70.10 -3.70 -52.06
CA PHE GC 412 -70.00 -4.04 -53.48
C PHE GC 412 -71.24 -3.63 -54.27
N SER GC 413 -72.29 -3.15 -53.59
CA SER GC 413 -73.51 -2.74 -54.29
C SER GC 413 -73.48 -1.27 -54.69
N ASP GC 414 -72.74 -0.41 -53.97
CA ASP GC 414 -72.66 1.00 -54.30
C ASP GC 414 -71.45 1.31 -55.17
N TYR GC 415 -70.26 0.92 -54.73
CA TYR GC 415 -69.02 1.15 -55.47
C TYR GC 415 -68.33 -0.19 -55.71
N PRO GC 416 -68.53 -0.80 -56.88
CA PRO GC 416 -68.03 -2.18 -57.10
C PRO GC 416 -66.54 -2.35 -56.91
N PRO GC 417 -65.68 -1.39 -57.30
CA PRO GC 417 -64.25 -1.56 -56.94
C PRO GC 417 -63.98 -1.58 -55.45
N LEU GC 418 -64.75 -0.83 -54.65
CA LEU GC 418 -64.54 -0.84 -53.21
C LEU GC 418 -65.01 -2.14 -52.57
N GLY GC 419 -65.98 -2.82 -53.18
CA GLY GC 419 -66.50 -4.04 -52.59
C GLY GC 419 -65.55 -5.22 -52.69
N ARG GC 420 -64.65 -5.20 -53.66
CA ARG GC 420 -63.69 -6.29 -53.84
C ARG GC 420 -62.59 -6.20 -52.79
N PHE GC 421 -62.32 -7.31 -52.12
CA PHE GC 421 -61.19 -7.39 -51.20
C PHE GC 421 -60.76 -8.85 -51.09
N ALA GC 422 -59.56 -9.05 -50.58
CA ALA GC 422 -58.99 -10.38 -50.43
C ALA GC 422 -58.71 -10.65 -48.95
N VAL GC 423 -58.46 -11.93 -48.64
CA VAL GC 423 -58.04 -12.36 -47.31
C VAL GC 423 -56.75 -13.15 -47.46
N ARG GC 424 -55.75 -12.82 -46.65
CA ARG GC 424 -54.44 -13.45 -46.72
C ARG GC 424 -54.02 -13.93 -45.33
N ASP GC 425 -53.49 -15.15 -45.28
CA ASP GC 425 -52.99 -15.70 -44.03
C ASP GC 425 -51.98 -16.79 -44.38
N MET GC 426 -51.17 -17.17 -43.38
CA MET GC 426 -50.09 -18.17 -43.48
C MET GC 426 -49.19 -17.92 -44.70
N ARG GC 427 -49.02 -16.66 -45.05
CA ARG GC 427 -48.20 -16.23 -46.20
C ARG GC 427 -48.71 -16.82 -47.52
N GLN GC 428 -50.01 -17.09 -47.58
CA GLN GC 428 -50.66 -17.56 -48.79
C GLN GC 428 -52.04 -16.92 -48.87
N THR GC 429 -52.86 -17.37 -49.81
CA THR GC 429 -54.21 -16.87 -50.00
C THR GC 429 -55.20 -17.83 -49.34
N VAL GC 430 -56.11 -17.30 -48.53
CA VAL GC 430 -56.93 -18.15 -47.66
C VAL GC 430 -58.42 -17.98 -47.93
N ALA GC 431 -58.83 -16.81 -48.41
CA ALA GC 431 -60.26 -16.58 -48.65
C ALA GC 431 -60.43 -15.45 -49.66
N VAL GC 432 -61.58 -15.46 -50.34
CA VAL GC 432 -62.00 -14.38 -51.21
C VAL GC 432 -63.26 -13.79 -50.62
N GLY GC 433 -63.23 -12.50 -50.32
CA GLY GC 433 -64.32 -11.85 -49.61
C GLY GC 433 -64.87 -10.66 -50.37
N VAL GC 434 -66.16 -10.43 -50.18
CA VAL GC 434 -66.81 -9.25 -50.71
C VAL GC 434 -67.65 -8.64 -49.60
N ILE GC 435 -67.82 -7.31 -49.66
CA ILE GC 435 -68.53 -6.56 -48.65
C ILE GC 435 -69.93 -6.28 -49.17
N LYS GC 436 -70.94 -6.65 -48.39
CA LYS GC 436 -72.33 -6.40 -48.74
C LYS GC 436 -73.10 -5.65 -47.65
N ALA GC 437 -72.58 -5.62 -46.43
CA ALA GC 437 -73.13 -4.81 -45.35
C ALA GC 437 -71.99 -4.11 -44.62
N VAL GC 438 -72.31 -2.98 -44.00
CA VAL GC 438 -71.31 -2.20 -43.28
C VAL GC 438 -72.05 -1.31 -42.27
N ASP GC 439 -71.41 -1.11 -41.12
CA ASP GC 439 -71.91 -0.22 -40.08
C ASP GC 439 -70.91 0.91 -39.86
N LYS GC 440 -71.40 2.14 -39.83
CA LYS GC 440 -70.59 3.32 -39.61
C LYS GC 440 -70.70 3.80 -38.17
N LYS GC 441 -69.85 4.75 -37.81
CA LYS GC 441 -69.84 5.30 -36.46
C LYS GC 441 -70.37 6.73 -36.42
MG MG HC . 29.45 1.07 -0.06
MG MG IC . 57.72 -37.34 -16.53
MG MG JC . 30.38 -10.23 -27.67
MG MG KC . 34.78 -44.38 1.47
MG MG LC . 91.34 28.15 26.16
MG MG MC . 44.97 -20.50 11.58
MG MG NC . 29.00 -17.31 -31.96
MG MG OC . 30.70 -34.57 -11.10
MG MG PC . 52.30 -62.36 -10.81
MG MG QC . 96.12 1.72 51.80
MG MG RC . 62.05 -20.96 27.13
MG MG SC . 71.63 -41.36 30.00
MG MG TC . 40.53 -22.48 -9.89
MG MG UC . 34.11 -34.78 -26.00
MG MG VC . 45.63 -39.63 -21.01
MG MG WC . 74.10 -19.68 -7.12
MG MG XC . 85.08 -20.21 -33.41
MG MG YC . 24.02 -2.17 -7.94
MG MG ZC . 60.34 -25.85 0.27
MG MG AD . 36.94 -18.79 -24.07
MG MG BD . 32.63 -20.70 -27.77
MG MG CD . 80.24 5.71 19.63
MG MG DD . 87.26 -6.87 32.50
MG MG ED . 77.99 -16.08 -12.22
MG MG FD . 27.83 6.17 1.12
MG MG GD . 43.86 -46.49 -16.44
MG MG HD . 47.80 -26.48 10.03
MG MG ID . 118.62 -23.43 -10.68
MG MG JD . 105.43 -26.28 -17.80
MG MG KD . 42.11 -39.73 -0.99
MG MG LD . 41.32 -17.27 -8.69
MG MG MD . 68.96 -7.39 17.01
MG MG ND . 35.12 -37.02 -12.57
MG MG OD . 56.10 -59.87 -14.26
MG MG PD . 56.10 -48.88 -10.73
MG MG QD . 46.85 -13.29 13.17
MG MG RD . 36.76 -6.75 16.34
MG MG SD . 50.55 -16.96 23.25
MG MG TD . 82.68 -45.17 37.21
MG MG UD . 60.83 -27.41 54.15
MG MG VD . 56.28 -18.78 0.22
MG MG WD . 84.39 -7.19 37.61
MG MG XD . 60.16 7.24 -15.20
MG MG YD . 20.84 -20.17 -26.86
MG MG ZD . 38.47 -25.70 -20.39
MG MG AE . 43.03 -45.03 -9.38
MG MG BE . 42.40 -34.36 -5.55
MG MG CE . 44.41 -58.47 -9.72
MG MG DE . 48.08 -23.54 14.76
MG MG EE . 108.65 -28.40 -13.83
MG MG FE . 43.80 30.63 -43.70
MG MG GE . 43.33 -28.58 -12.72
MG MG HE . 5.90 -54.15 -36.91
MG MG IE . 50.06 -4.89 -46.18
MG MG JE . 33.98 7.12 -13.13
MG MG KE . 53.30 4.57 -21.53
MG MG LE . 45.17 -7.98 -46.28
MG MG ME . 34.31 -65.73 -18.83
MG MG NE . 92.34 7.76 56.48
MG MG OE . 14.30 -62.68 10.90
MG MG PE . 18.52 18.53 -58.16
MG MG QE . 60.55 39.71 -6.24
MG MG RE . 24.94 7.93 -16.75
MG MG SE . 21.80 -65.81 5.52
MG MG TE . 30.20 9.15 -16.37
MG MG UE . 38.08 -30.82 8.26
MG MG VE . 66.56 34.32 4.69
MG MG WE . 37.96 -56.98 -30.00
MG MG XE . 5.49 -65.58 1.57
MG MG YE . 25.96 32.53 -13.04
MG MG ZE . 48.32 -24.30 -23.64
MG MG AF . 93.11 -26.78 -37.31
MG MG BF . 41.05 -79.04 -39.67
MG MG CF . 68.34 31.31 0.32
MG MG DF . 62.06 12.27 -21.91
MG MG EF . 70.76 34.86 -28.23
MG MG FF . 24.94 29.83 -17.44
MG MG GF . 32.78 -38.87 18.81
MG MG HF . 45.52 31.42 -49.00
MG MG IF . 20.00 18.99 -7.45
MG MG JF . 24.70 18.27 6.69
MG MG KF . 27.49 -0.12 -30.36
MG MG LF . 14.40 -1.03 12.55
MG MG MF . 64.86 4.91 -41.52
MG MG NF . 19.94 13.41 -29.88
MG MG OF . 70.53 -32.63 -8.48
MG MG PF . 46.25 6.27 -7.86
MG MG QF . 69.56 -31.36 -19.10
MG MG RF . 50.72 -70.76 -33.39
MG MG SF . 69.11 33.58 -23.52
MG MG TF . 40.75 26.63 -41.39
MG MG UF . 71.31 22.43 -34.11
MG MG VF . 46.90 15.08 -45.30
MG MG WF . 21.07 -63.09 9.96
MG MG XF . 27.02 -54.11 -32.16
MG MG YF . 54.24 14.28 -46.28
MG MG ZF . 76.85 14.12 -29.70
MG MG AG . 79.07 37.27 -13.58
MG MG BG . 70.25 -55.59 -31.38
MG MG CG . 64.36 -29.90 -21.33
MG MG DG . 12.54 11.12 -47.61
MG MG EG . 11.90 23.20 5.99
MG MG FG . 72.83 -80.79 -32.70
MG MG GG . 59.26 -48.01 12.93
MG MG HG . 32.06 3.17 -26.88
MG MG IG . 1.31 -37.17 -41.60
MG MG JG . 62.64 -80.46 27.75
MG MG KG . 32.36 -61.58 -39.57
MG MG LG . 37.11 -65.20 -48.58
MG MG MG . 44.56 -129.17 -17.01
MG MG NG . 51.41 19.58 -3.91
MG MG OG . 3.98 4.50 -26.26
MG MG PG . -5.95 -65.42 10.84
MG MG QG . 32.75 1.58 14.51
MG MG RG . 49.33 3.33 -44.66
MG MG SG . 20.18 -32.62 -62.31
MG MG TG . -2.27 1.80 -1.41
MG MG UG . 28.28 -10.47 25.91
MG MG VG . 7.98 -73.86 49.00
MG MG WG . -12.38 10.37 0.24
MG MG XG . 10.92 -3.74 -59.34
MG MG YG . 27.29 -41.22 -7.50
MG MG ZG . 75.97 0.26 -45.91
MG MG AH . 18.91 -59.81 36.92
MG MG BH . 7.49 -22.01 -39.37
MG MG CH . 19.58 8.89 -71.27
MG MG DH . 95.38 -28.87 34.72
MG MG EH . 7.03 12.61 16.22
MG MG FH . -1.65 -45.16 -65.33
MG MG GH . 114.81 -21.81 2.13
MG MG HH . -29.00 -42.54 -25.66
MG MG IH . 55.45 -69.51 36.35
MG MG JH . 56.09 30.16 -29.23
MG MG KH . 30.05 -64.97 48.02
MG MG LH . 6.20 1.80 -31.51
MG MG MH . 25.66 1.82 47.27
MG MG NH . -5.15 6.28 7.54
MG MG OH . -2.10 6.66 -10.38
MG MG PH . 11.89 -25.69 -52.13
MG MG QH . 7.51 -3.09 -33.42
MG MG RH . 30.97 -35.53 -37.15
MG MG SH . 1.06 -38.20 -19.05
MG MG TH . 45.99 -14.63 -45.36
MG MG UH . -5.02 -49.19 -55.76
MG MG VH . 32.06 -106.40 -40.59
MG MG WH . 55.99 14.24 -34.34
MG MG XH . -20.38 -27.86 -49.70
MG MG YH . 9.47 14.00 -48.61
MG MG ZH . 6.80 27.21 -20.42
MG MG AI . 5.78 -68.74 45.87
MG MG BI . 20.34 -1.81 -18.01
MG MG CI . 40.53 -13.50 11.28
MG MG DI . 53.16 15.36 -27.84
MG MG EI . 36.91 -34.37 19.56
MG MG FI . 40.76 -58.89 -18.53
MG MG GI . 5.42 1.97 -10.11
MG MG HI . 64.83 64.17 -28.68
MG MG II . 52.17 -69.87 -19.44
N1 SPM JI . 7.50 -67.57 19.36
C2 SPM JI . 7.71 -67.25 17.97
C3 SPM JI . 7.56 -68.52 17.14
C4 SPM JI . 8.41 -68.41 15.87
N5 SPM JI . 7.57 -68.06 14.75
C6 SPM JI . 8.41 -67.52 13.69
C7 SPM JI . 7.56 -67.18 12.48
C8 SPM JI . 8.21 -66.06 11.67
C9 SPM JI . 7.77 -66.22 10.23
N10 SPM JI . 8.16 -65.07 9.43
C11 SPM JI . 7.89 -65.38 8.05
C12 SPM JI . 8.30 -64.21 7.17
C13 SPM JI . 7.14 -63.21 7.09
N14 SPM JI . 7.68 -61.90 6.77
MG MG KI . 25.44 -47.23 -6.90
MG MG LI . 81.13 -22.85 -21.28
N1 SPD MI . 43.38 -28.92 19.84
C2 SPD MI . 42.84 -28.96 21.19
C3 SPD MI . 43.87 -29.57 22.12
C4 SPD MI . 43.25 -29.88 23.47
C5 SPD MI . 44.21 -30.81 24.22
N6 SPD MI . 43.73 -30.99 25.58
C7 SPD MI . 44.53 -32.01 26.23
C8 SPD MI . 44.23 -32.00 27.72
C9 SPD MI . 45.43 -32.54 28.47
N10 SPD MI . 45.16 -32.53 29.89
MG MG NI . 34.83 17.54 -80.06
N1 SPM OI . 38.25 -40.94 6.15
C2 SPM OI . 36.88 -40.42 6.08
C3 SPM OI . 36.08 -40.96 7.25
C4 SPM OI . 34.98 -39.97 7.61
N5 SPM OI . 34.03 -40.59 8.51
C6 SPM OI . 32.93 -41.14 7.76
C7 SPM OI . 31.71 -41.34 8.66
C8 SPM OI . 30.54 -41.85 7.84
C9 SPM OI . 29.93 -40.70 7.05
N10 SPM OI . 28.77 -40.20 7.76
C11 SPM OI . 27.61 -40.25 6.88
C12 SPM OI . 26.34 -40.30 7.72
C13 SPM OI . 25.74 -41.71 7.65
N14 SPM OI . 24.46 -41.70 8.33
N1 SPM PI . 56.23 -21.43 36.77
C2 SPM PI . 54.95 -21.05 36.21
C3 SPM PI . 54.95 -21.40 34.72
C4 SPM PI . 55.65 -20.30 33.94
N5 SPM PI . 55.65 -20.64 32.53
C6 SPM PI . 56.32 -19.59 31.79
C7 SPM PI . 55.29 -18.59 31.27
C8 SPM PI . 55.76 -18.04 29.93
C9 SPM PI . 56.98 -17.15 30.13
N10 SPM PI . 57.84 -17.24 28.98
C11 SPM PI . 57.21 -16.62 27.84
C12 SPM PI . 58.28 -16.04 26.93
C13 SPM PI . 59.51 -16.93 26.92
N14 SPM PI . 60.55 -16.28 26.15
MG MG QI . 59.71 58.79 -25.71
MG MG RI . 21.78 21.39 9.24
N1 SPM SI . 52.83 0.12 14.79
C2 SPM SI . 52.19 -1.12 14.41
C3 SPM SI . 51.14 -0.84 13.36
C4 SPM SI . 50.49 -2.14 12.91
N5 SPM SI . 49.59 -1.85 11.80
C6 SPM SI . 48.99 -3.06 11.31
C7 SPM SI . 47.63 -3.26 11.98
C8 SPM SI . 46.95 -4.44 11.32
C9 SPM SI . 45.74 -4.89 12.14
N10 SPM SI . 45.02 -5.86 11.33
C11 SPM SI . 43.88 -6.39 12.06
C12 SPM SI . 42.90 -5.29 12.42
C13 SPM SI . 41.52 -5.90 12.64
N14 SPM SI . 40.50 -4.88 12.53
MG MG TI . 36.75 15.77 -10.25
MG MG UI . 66.91 42.51 25.93
MG MG VI . 32.84 37.07 -52.97
MG MG WI . 13.79 45.88 -49.64
MG MG XI . 46.15 -33.40 -13.56
MG MG YI . -17.91 -62.68 -62.34
MG MG ZI . 56.46 -24.37 -21.32
MG MG AJ . 56.46 18.72 -1.17
MG MG BJ . 7.08 12.98 26.25
MG MG CJ . 33.88 40.85 -61.61
MG MG DJ . 94.59 -38.81 16.23
MG MG EJ . 34.17 77.70 -4.51
MG MG FJ . 11.98 21.25 -0.61
MG MG GJ . 71.83 61.08 -39.47
MG MG HJ . 85.83 -11.97 51.17
N1 SPD IJ . 39.31 13.64 -12.84
C2 SPD IJ . 39.74 14.11 -14.14
C3 SPD IJ . 39.26 13.15 -15.22
C4 SPD IJ . 39.32 13.84 -16.58
C5 SPD IJ . 38.18 13.29 -17.45
N6 SPD IJ . 38.38 13.64 -18.85
C7 SPD IJ . 37.22 13.18 -19.58
C8 SPD IJ . 37.39 13.42 -21.07
C9 SPD IJ . 36.19 12.83 -21.82
N10 SPD IJ . 36.06 13.45 -23.13
N1 SPD JJ . 81.75 -6.28 50.28
C2 SPD JJ . 82.53 -7.44 49.89
C3 SPD JJ . 82.08 -7.92 48.53
C4 SPD JJ . 82.45 -6.89 47.46
C5 SPD JJ . 81.98 -7.42 46.10
N6 SPD JJ . 82.86 -6.91 45.05
C7 SPD JJ . 82.19 -7.08 43.77
C8 SPD JJ . 82.88 -6.21 42.73
C9 SPD JJ . 82.10 -6.26 41.42
N10 SPD JJ . 82.54 -7.40 40.63
N1 SPD KJ . 34.27 25.94 -22.72
C2 SPD KJ . 32.97 26.10 -23.34
C3 SPD KJ . 32.36 24.73 -23.61
C4 SPD KJ . 30.95 24.91 -24.17
C5 SPD KJ . 30.01 23.89 -23.53
N6 SPD KJ . 28.66 24.41 -23.54
C7 SPD KJ . 28.13 24.31 -24.90
C8 SPD KJ . 26.72 24.88 -24.93
C9 SPD KJ . 26.13 24.66 -26.32
N10 SPD KJ . 24.76 25.15 -26.35
N1 SPD LJ . 26.30 -47.55 -21.55
C2 SPD LJ . 25.12 -47.72 -22.38
C3 SPD LJ . 25.16 -46.69 -23.50
C4 SPD LJ . 24.28 -47.14 -24.66
C5 SPD LJ . 23.87 -45.94 -25.51
N6 SPD LJ . 25.05 -45.20 -25.93
C7 SPD LJ . 24.63 -43.91 -26.44
C8 SPD LJ . 25.84 -43.13 -26.95
C9 SPD LJ . 25.34 -41.89 -27.71
N10 SPD LJ . 26.47 -41.09 -28.12
N1 SPD MJ . 77.02 25.20 31.43
C2 SPD MJ . 76.79 26.32 30.53
C3 SPD MJ . 78.11 26.66 29.82
C4 SPD MJ . 78.11 28.14 29.45
C5 SPD MJ . 77.37 28.35 28.13
N6 SPD MJ . 78.27 28.08 27.03
C7 SPD MJ . 78.18 29.14 26.05
C8 SPD MJ . 79.57 29.46 25.51
C9 SPD MJ . 79.48 30.64 24.54
N10 SPD MJ . 80.82 31.07 24.18
N1 SPD NJ . 62.86 -40.76 -40.72
C2 SPD NJ . 62.17 -42.03 -40.76
C3 SPD NJ . 61.80 -42.38 -42.21
C4 SPD NJ . 60.63 -41.53 -42.67
C5 SPD NJ . 59.68 -42.40 -43.50
N6 SPD NJ . 58.51 -41.64 -43.88
C7 SPD NJ . 57.48 -42.56 -44.32
C8 SPD NJ . 57.39 -42.56 -45.84
C9 SPD NJ . 56.04 -42.01 -46.26
N10 SPD NJ . 56.09 -41.65 -47.66
N1 SPM OJ . 15.09 -27.27 -52.79
C2 SPM OJ . 14.33 -28.43 -53.23
C3 SPM OJ . 15.16 -29.23 -54.23
C4 SPM OJ . 15.69 -30.51 -53.58
N5 SPM OJ . 16.06 -30.22 -52.21
C6 SPM OJ . 16.17 -31.46 -51.46
C7 SPM OJ . 15.76 -31.20 -50.01
C8 SPM OJ . 14.33 -30.65 -49.99
C9 SPM OJ . 13.81 -30.60 -48.56
N10 SPM OJ . 13.86 -31.93 -47.98
C11 SPM OJ . 12.69 -32.12 -47.15
C12 SPM OJ . 12.06 -33.48 -47.44
C13 SPM OJ . 10.87 -33.69 -46.51
N14 SPM OJ . 10.29 -35.00 -46.73
N1 SPD PJ . 3.34 -27.35 -60.27
C2 SPD PJ . 4.58 -27.98 -60.70
C3 SPD PJ . 5.54 -28.06 -59.52
C4 SPD PJ . 6.25 -26.73 -59.35
C5 SPD PJ . 7.03 -26.74 -58.04
N6 SPD PJ . 8.11 -27.72 -58.14
C7 SPD PJ . 8.65 -27.99 -56.81
C8 SPD PJ . 9.85 -28.92 -56.97
C9 SPD PJ . 10.72 -28.83 -55.71
N10 SPD PJ . 12.05 -29.33 -55.99
N1 SPD QJ . 61.90 -13.66 0.74
C2 SPD QJ . 62.20 -12.64 1.73
C3 SPD QJ . 63.67 -12.74 2.13
C4 SPD QJ . 64.51 -12.91 0.88
C5 SPD QJ . 65.95 -12.44 1.15
N6 SPD QJ . 66.38 -12.93 2.45
C7 SPD QJ . 67.14 -11.89 3.11
C8 SPD QJ . 68.60 -12.33 3.25
C9 SPD QJ . 68.75 -13.26 4.44
N10 SPD QJ . 68.35 -14.60 4.05
N1 SPM RJ . 0.34 13.43 -8.39
C2 SPM RJ . -0.78 13.73 -7.52
C3 SPM RJ . -0.27 14.01 -6.11
C4 SPM RJ . 0.57 12.83 -5.64
N5 SPM RJ . 1.26 13.19 -4.41
C6 SPM RJ . 2.28 12.20 -4.13
C7 SPM RJ . 3.66 12.81 -4.33
C8 SPM RJ . 4.14 13.43 -3.03
C9 SPM RJ . 4.71 12.34 -2.13
N10 SPM RJ . 6.16 12.37 -2.17
C11 SPM RJ . 6.65 13.56 -1.48
C12 SPM RJ . 8.12 13.37 -1.10
C13 SPM RJ . 8.33 11.99 -0.50
N14 SPM RJ . 9.61 11.93 0.18
N1 SPM SJ . 39.24 -31.85 -47.91
C2 SPM SJ . 40.21 -32.80 -47.42
C3 SPM SJ . 39.58 -34.19 -47.35
C4 SPM SJ . 40.62 -35.20 -46.86
N5 SPM SJ . 39.96 -36.38 -46.32
C6 SPM SJ . 39.33 -37.14 -47.38
C7 SPM SJ . 38.65 -38.37 -46.81
C8 SPM SJ . 39.62 -39.13 -45.90
C9 SPM SJ . 39.19 -40.59 -45.80
N10 SPM SJ . 39.98 -41.27 -44.79
C11 SPM SJ . 39.99 -42.69 -45.05
C12 SPM SJ . 41.19 -43.34 -44.36
C13 SPM SJ . 41.90 -44.28 -45.33
N14 SPM SJ . 42.99 -44.96 -44.65
MG MG TJ . 70.29 -29.64 -45.74
MG MG UJ . 11.19 -51.09 -3.62
MG MG VJ . 29.15 -67.36 -18.16
MG MG WJ . -10.82 -88.39 17.02
MG MG XJ . 14.46 -78.47 -11.01
MG MG YJ . 76.16 -25.48 -39.27
MG MG ZJ . 85.93 -34.71 -18.40
MG MG AK . 76.01 39.20 50.27
MG MG BK . 113.23 10.20 -4.61
MG MG CK . 23.54 3.68 10.32
N1 SPD DK . 51.17 7.09 33.62
C2 SPD DK . 52.57 7.03 33.21
C3 SPD DK . 53.44 6.69 34.42
C4 SPD DK . 54.89 6.60 33.98
C5 SPD DK . 55.80 6.78 35.21
N6 SPD DK . 57.12 6.27 34.92
C7 SPD DK . 58.02 7.36 34.64
C8 SPD DK . 59.46 6.88 34.76
C9 SPD DK . 59.67 5.67 33.85
N10 SPD DK . 59.28 6.02 32.50
MG MG EK . 52.60 1.65 -32.15
MG MG FK . 9.79 -5.81 -37.59
MG MG GK . 64.11 -38.94 -31.81
ZN ZN HK . 44.72 66.42 10.14
ZN ZN IK . 72.71 11.93 3.05
ZN ZN JK . -10.40 -49.27 -43.64
ZN ZN KK . 32.37 -49.16 62.23
ZN ZN LK . 29.52 62.96 11.35
ZN ZN MK . -20.64 31.81 40.49
MG MG NK . -36.26 35.53 26.99
MG MG OK . -42.48 47.55 5.00
MG MG PK . -72.06 18.79 -6.42
MG MG QK . -16.67 66.89 0.73
MG MG RK . -29.73 82.30 3.05
MG MG SK . -29.78 64.80 7.16
MG MG TK . -33.25 43.43 -32.79
MG MG UK . -30.90 49.51 -49.75
MG MG VK . -31.74 61.98 -67.11
MG MG WK . -4.48 13.19 47.78
MG MG XK . -33.38 41.16 13.38
MG MG YK . -36.18 37.25 1.25
MG MG ZK . -72.42 20.01 52.12
MG MG AL . -53.94 -33.73 66.68
MG MG BL . -26.67 24.68 37.75
MG MG CL . -37.14 66.31 -89.76
MG MG DL . -27.23 23.17 28.19
MG MG EL . 6.20 34.17 19.71
MG MG FL . -27.93 23.71 28.93
MG MG GL . -42.36 50.77 -34.00
MG MG HL . -25.61 23.53 26.42
MG MG IL . -26.41 45.14 -52.64
MG MG JL . -3.61 23.72 36.40
MG MG KL . -49.84 45.90 -10.98
MG MG LL . -5.06 41.29 20.88
MG MG ML . -18.23 46.30 24.21
MG MG NL . -41.56 53.08 -42.25
MG MG OL . -80.41 29.82 -30.45
#